data_9NMR
#
_entry.id   9NMR
#
_cell.length_a   1.00
_cell.length_b   1.00
_cell.length_c   1.00
_cell.angle_alpha   90.00
_cell.angle_beta   90.00
_cell.angle_gamma   90.00
#
_symmetry.space_group_name_H-M   'P 1'
#
loop_
_entity.id
_entity.type
_entity.pdbx_description
1 polymer 'Ryanodine receptor 1'
2 polymer 'Peptidyl-prolyl cis-trans isomerase FKBP1A'
3 non-polymer 'ZINC ION'
4 non-polymer 1,2-DIOLEOYL-SN-GLYCERO-3-PHOSPHOCHOLINE
#
loop_
_entity_poly.entity_id
_entity_poly.type
_entity_poly.pdbx_seq_one_letter_code
_entity_poly.pdbx_strand_id
1 'polypeptide(L)'
;MGDGGGEGEDEVQFLRTDDEVVLQCSATVLKEQLKLCLAAEGFGNRLCFLEPTSNAQNVPPDLAICCFILEQSLSVRALQ
EMLANTVEAGVESSQGGGHRTLLYGHAILLRHAHSRMYLSCLTTSRSMTDKLAFDVGLQEDATGEACWWTMHPASKQRSE
GEKVRVGDDLILVSVSSERYLHLSTASGELQVDASFMQTLWNMNPICSGCEEGFVTGGHVLRLFHGHMDECLTISPSDSD
DQRRLVYYEGGPVCTHARSLWRLEPLRISWSGSHLRWGQPLRIRHVTTGRYLGLTEDQGLVVVDASKAHTKATSFCFRIS
KEKLDVAPKRDVEGMGPPEIKYGESLCFVQHVASGLWLTYAAPDPKALRLGVLKKKAMLHQEGHMDDALSLTRCQQEESQ
AARMIYSTAGLYNQFIKGLDSFSGKPRGSGPPAGSALPIEGVILSLQDLIGYFEPPSEELQHEEKQTKLRSLRNRQSLFQ
EEGMLSLVLNCIDRLNVYTTAAHFAEFAGEEAAESWKEIVNLLYELLASLIRGNRTNCALFSTNLDWLVSKLDRLEASSG
ILEVLYCVLIESPEVLNIIQENHIKSIISLLDKHGRNHKVLDVLCSLCVCNGVAVRSNQDLITENLLPGRELLLQTNLIN
YVTSIRPNIFVGRAEGSTQYGKWYFEVMVDEVAPFLTAQATHLRVGWALSEGYSPYPGGGEGWGGNGVGDDLYSYGFDGL
HLWTGHVARPVTSPGQHLLAPEDVVSCCLDLSVPSISFRINGCPVQGVFESFNLDGLFFPVVSFSAGIKVRFLLGGRHGE
FKFLPPPGYAPCHEAVLPRERLHLQPIKEYRREGPRGPHLVGPSRCLSHLDFVPCPVDTIQIVLPPHLERIREKLAENIH
ELWALTRIEQGWTYGPVRDDNKRLHPCLVNFHSLPEPERNYNLQMSGETLKTLLALGCHVGMADEKAEDNLKKTKLPKTY
MMSNGYKPAPLDLSHVRLTPAQTTLVDRLAENGHNVWARDRVAQGWSYSAVQDIPARRNPRLVPYRLLDEATKRSNRDSL
CQAVRTLLGYGYNIEPPDQEPSQVDSQSRGDRARIFRAEKSYAVQSGRWYFEFEAVTTGEMRVGWARPELRPDVELGADD
LAYVFNGHRGQRWHLGSEPFGRPWQSGDVVGCMIDLTENTIIFTLNGEVLMSDSGSETAFRDIEIGDGFLPVCSLGPGQV
GHLNLGQDVSSLRFFAICGLQEGFEPFAINMQRPVTTWFSKSLPQFEPVPLEHPHYEVARMDGTVDTPPCLRLTHRTWGS
QNSLVEMLFLRLSLPVQFHQHFRCTAGATPLASPGLQPPAEDEARAAEPDTDYENLRRSAGGWGEAEGGKDGTAKEGTPG
GTAQAGVEAQPARAENEKDATTEKNKKRGFLFKAKKVAMMTQPPSTPALPRLPRDVVPADNRDDPEIILNTTTYYYSVRV
FAGQEPSCVWVGWVTPDYHQHDMSFDLSKVRAVTVTMGDEQGNVHSSLKCSNCYMVWGGDFVSPGQQGRISHTDLVIGCL
VDLATGLMTFTANGKESNTFFQVEPNTKLFPAVFVLPTHQNVVQFELGKQKNIMPLSAAMFLSERKNPAPQCPPRLEVQM
LMPVSWSRMPNHFLQVDTRRAGERLGWAVQCQEPLMMMALHIPEENRCMDILELSERLDLQRFHSHTLSLYRSVCALGNN
RVAHALCSHVDQAQLLHALEDARLPGPLRAGYYDLLISIHLESACRSRRSMLSEYIVPLTPETRAITLFPPGRSAEDGPR
RHGLPGVGVTTSLRPPHHFSPPCFVVALPAAGATEAPARLSPAIPLEALRDKALRMLGEAVRDGGQHARDPVGGSVEFQF
VPVLKLVSTLLVMGVFSDEDVKQILKMIEPEVFREEEEVEEEGEEEEEDEEEKEEDEEEEAHEKEDEEKEEAEDAAEEEK
EELEEGLLQMKLPESVKLQMCHLLEYFCDQELQHRVESLAAFAECYVDKMQGNQRGRYGLLMKAFTMSAAETARRTREFR
SPPQEQINMLLHFKNGADEEECPLPEEIRQELVNFHQDLLAHCGIQLEGEEEEPEEESTLGSRLMSLLEKVKLVKKTEEK
PEEEPAPEEHKPQSLQELVSHTVVRWAQEDFVQSPELVRAMFSLLHRQYDGLGELLRALPRAYTISVSSVEDTMSLLECL
GQIRSLLIVQMGPQEENLMIQSIGNIMNNKVFYQHPNLMRALGMHETVMEVMVNVLGGGESKEIRFPKMVTSCCRFLCYF
CRISRQNQRSMFDHLSYLLENSGIGLGMQGSTPLDVAAASVIDNNELALALQEQDLEKVVSYLAGCGLQSCPMLLAKGYP
DIGWNPCGGERYLDFLRFAVFVNGESVEENANVVVRLLIRKPECFGPALRGEGGSGLLAAIEEAIRISEDPARDGPGVRR
DRRREHFGEEPPEENRVHLGHAIMSFYAALIDLLGRCAPETHLIQAGKGEALRIRAILRSLVPLDDLVGIISLPLQIPTL
GKDGALVQPKMSASFVPDHKASMVLFLDRVYGIENQDFLLHVLDVGFLPDMRAAASLDTATFSTTEMALALNRYLCLAVL
PLITKCAPLFAGTEHRAIMVDSMLHTVYRLSRGRSLTKAQRDVIEDCLMALCRYIRPSMLQHLLRRLVFDVPILNEFAKM
PLKLLTNHYERCWKYYCLPTGWANFGVTSEEELHLTRKLFWGIFDSLAHKKYDQELYRIAMPCLCAIAGALPPDYVDASY
SSKTEKKATVDAEGNFDPRPVETLNVIIPEKLDSFINKFAEYTHEKWAFDKIQNNWSYGENIDEELKTHPMLRPYKTFSE
KDKEIYRWPIKESLKAMIAWEWTVEKAREGEEEKTEKKKTRKISQTAQTYDPREGYNPQPPDLSVVTLSRELQAMAEQLA
ENYHNTWGRKKKQELEAKGGGSHPLLVPYDTLTAKEKARDREKAQELLKFLQMNGYAVTRGLKDMELDTSSIEKRFAFGF
LQQLLRWMDISQEFIAHLEAVVSSGRVEKSPHEQEIKFFAKILLPLINQYFTNHCLYFLSTPAKVLGSGGHASNKEKEMI
TSLFCKLAALVRHRVSLFGTDAPAVVNCLHILARSLDARTVMKSGPEIVKAGLRSFFESASEDIEKMVENLRLGKVSQAR
TQVKGVGQNLTYTTVALLPVLTTLFQHIAQHQFGDDVILDDVQVSCYRTLCSIYSLGTTRNPYVEKLRPALGECLARLAA
AMPVAFLEPELNEYNACSVYTTKSPRERAILGLPNSVEEMCPDIPVLERLMAEIGGLAESGARYTEMPHVIEITLPMLCS
YLPRWWERGPEAPPPALPAGAPPPCTAVTSDHLNSLLGNILRIIVNNLGIDEASWMKRLAVFAQPIVSRARPELLRSHFI
PTIGRLRKRAGKVVAEEEQLRLEAKAEAEEGELLVRDEFSVLCRDLYALYPLLIRYVDNNRAHWLTEPNPNAEELFRMVG
EIFIYWSKSHNFKREEQNFVVQNEINNMSFLTADNKSKMAKAGDVQSGGSDQERTKKKRRGDRYSVQTSLIVATLKKMLP
IGLNMCAPTDQDLIVLAKARYALKDTDEEVREFLQNNLNLQGKVEGSPSLRWQMALYRGVPGREEDADDPEKIVRRVQEV
SAVLYHLDQTEHPYKSKKAVWHKLLSKQRRRAVVACFRMTPLYNLPTHRACNMFLESYKASWILTEDHSFEDRMIDDLSK
AGEQEEEEEEVEEKKPDPLHQLVLHFSRTALTEKSKLDEDYLYMAYADIMAKSCHLEEGGENGEEGGEEEEVEVSFEEKE
MEKQRLLYQQSRLHNRGAAEMVLQMISACKGETGAMVSSTLKLGISILNGGNAEVQQKMLDYLKDKKEVGFFQSIQALMQ
TCSVLDLNAFERQNKAEGLGMVNEDGTVINRQNGEKVMADDEFTQDLFRFLQLLCEGHNNDFQNYLRTQTGNTTTINIII
CTVDYLLRLQESISDFYWYYSGKDVIEEQGKRNFSKAMSVAKQVFNSLTEYIQGPCTGNQQSLAHSRLWDAVVGFLHVFA
HMMMKLAQDSSQIELLKELLDLQKDMVVMLLSLLEGNVVNGMIARQMVDMLVESSSNVEMILKFFDMFLKLKDIVGSEAF
QDYVTDPRGLISKKDFQKAMDSQKQFTGPEIQFLLSCSEADENEMINCEEFANRFQEPARDIGFNVAVLLTNLSEHVPHD
PRLRNFLELAESILEYFRPYLGRIEIMGASRRIERIYFEISETNRAQWEMPQVKESKRQFIFDVVNEGGESEKMEMFVSF
CEDTIFEMQIAAQISEPEGEPEEDEDEGAEEAEEGAAGSDGSGSAAAAGVWVWLAATAGRTLRGLSYRSLRRRVRRLRRL
TAREAATAVAALLWALVTRAGGAGAGAAAGALRLLWGSLFGGGLVDSAKKVTVTELLAGMPDPTGDEVHGQQPSGAGSDA
EGEGEGEGEGDAADGAGDEEAAADQAGTGGADGAVAVADGSPFRPEGAGGLGDMGDTTPVEPPTPEGSPILKRKLGVDGE
EEEPPPEPEPEPEPEPEKADTENGEKEVPEPPPEPPKKTPPPPPPKKEEAGGAGLEEFWGELEVQRVKFLNYLSRNFYTL
RFLALFLAFAINFILLFYKVSDSPPGEDDIEGSGAGDMSGAGSGDGSGWGSRAGEEVEGDEDENMVYYFLEESTGYMEPA
LRCLSLLHTLVAFLCIIGYNCLKVPLVIFKREKELARKLEFDGLYITEQPEDDDVKGQWDRLVLNTPSFPSNYWDKFVKR
KVLDKHGDIFGRERIAELLGMDLASLEITAHNERKPDPPPGLLTWIMSIDVKYQIWKFGVIFTDNSFLYLGWYMVMSLLG
HYNNFFFAAHLLDIAMGVKTLRTILSSVTHNGKQLVMTVGLLAVVVYLYTVVAFNFFRKFYNKSEDEDEPDMKCDDMMTC
YLFHMYVGVRAGGGIGDEIEDPAGDEYELYRVVFDITFFFFVIVILLAIIQGLIIDAFGELRDQQEQVKEDMETKCFICG
IGSDYFDTTPHGFETHTLEEHNLANYMFFLMYLINKDETEHTGQESYVWKMYQERCWDFFPAGDCFRKQYEDQLS
;
A,B,C,D
2 'polypeptide(L)'
;MGVQVETISPGDGRTFPKRGQTCVVHYTGMLEDGKKFDSSRDRNKPFKFTLGKQEVIRGWEEGVAQMSVGQRAKLIISSD
YAYGATGHPGIIPPHATLVFDVELLKLE
;
E,F,G,H
#
# COMPACT_ATOMS: atom_id res chain seq x y z
N GLU A 11 8.78 21.91 -12.22
CA GLU A 11 9.68 23.04 -12.03
C GLU A 11 10.28 23.48 -13.36
N VAL A 12 10.01 24.73 -13.74
CA VAL A 12 10.55 25.27 -14.98
C VAL A 12 12.07 25.30 -14.88
N GLN A 13 12.74 24.95 -15.98
CA GLN A 13 14.19 24.90 -16.01
C GLN A 13 14.76 26.12 -16.71
N PHE A 14 15.87 26.62 -16.18
CA PHE A 14 16.50 27.83 -16.68
C PHE A 14 17.82 27.49 -17.35
N LEU A 15 18.07 28.07 -18.51
CA LEU A 15 19.35 27.89 -19.16
C LEU A 15 20.44 28.61 -18.39
N ARG A 16 21.61 27.99 -18.34
CA ARG A 16 22.75 28.52 -17.60
C ARG A 16 23.99 28.40 -18.47
N THR A 17 24.97 29.27 -18.20
CA THR A 17 26.22 29.21 -18.93
C THR A 17 26.88 27.85 -18.72
N ASP A 18 27.79 27.51 -19.63
CA ASP A 18 28.47 26.21 -19.66
C ASP A 18 27.53 25.07 -20.01
N ASP A 19 26.34 25.37 -20.53
CA ASP A 19 25.39 24.36 -20.96
C ASP A 19 25.40 24.24 -22.47
N GLU A 20 25.36 23.00 -22.95
CA GLU A 20 25.28 22.74 -24.38
C GLU A 20 23.86 22.97 -24.86
N VAL A 21 23.72 23.58 -26.04
CA VAL A 21 22.41 23.89 -26.59
C VAL A 21 22.43 23.69 -28.10
N VAL A 22 21.24 23.59 -28.67
CA VAL A 22 21.04 23.60 -30.12
C VAL A 22 20.07 24.71 -30.45
N LEU A 23 20.43 25.54 -31.43
CA LEU A 23 19.56 26.61 -31.91
C LEU A 23 18.67 26.04 -33.00
N GLN A 24 17.38 25.93 -32.72
CA GLN A 24 16.42 25.29 -33.59
C GLN A 24 15.40 26.30 -34.11
N CYS A 25 14.94 26.07 -35.32
CA CYS A 25 13.93 26.91 -35.94
C CYS A 25 12.96 26.05 -36.72
N SER A 26 11.81 26.63 -37.05
CA SER A 26 10.74 25.91 -37.74
C SER A 26 10.46 26.57 -39.08
N ALA A 27 10.24 25.75 -40.10
CA ALA A 27 9.89 26.22 -41.44
C ALA A 27 8.78 25.35 -41.97
N THR A 28 7.73 25.96 -42.48
CA THR A 28 6.64 25.19 -43.07
C THR A 28 6.92 24.97 -44.55
N VAL A 29 7.02 23.70 -44.95
CA VAL A 29 7.25 23.33 -46.34
C VAL A 29 6.22 22.28 -46.72
N LEU A 30 5.52 22.51 -47.82
CA LEU A 30 4.51 21.58 -48.32
C LEU A 30 3.49 21.25 -47.22
N LYS A 31 3.06 22.30 -46.52
CA LYS A 31 2.06 22.17 -45.45
C LYS A 31 2.54 21.20 -44.37
N GLU A 32 3.85 21.07 -44.22
CA GLU A 32 4.45 20.16 -43.25
C GLU A 32 5.55 20.90 -42.50
N GLN A 33 5.33 21.09 -41.20
CA GLN A 33 6.34 21.76 -40.38
C GLN A 33 7.62 20.93 -40.36
N LEU A 34 8.75 21.61 -40.51
CA LEU A 34 10.06 20.98 -40.53
C LEU A 34 10.96 21.74 -39.58
N LYS A 35 11.66 21.03 -38.71
CA LYS A 35 12.51 21.64 -37.70
C LYS A 35 13.96 21.51 -38.11
N LEU A 36 14.71 22.60 -37.98
CA LEU A 36 16.09 22.68 -38.44
C LEU A 36 16.97 23.17 -37.29
N CYS A 37 18.21 22.71 -37.27
CA CYS A 37 19.18 23.13 -36.27
C CYS A 37 20.34 23.83 -36.94
N LEU A 38 20.79 24.94 -36.34
CA LEU A 38 21.95 25.63 -36.86
C LEU A 38 23.18 24.74 -36.73
N ALA A 39 23.96 24.63 -37.80
CA ALA A 39 25.11 23.74 -37.81
C ALA A 39 26.24 24.40 -38.59
N ALA A 40 27.46 23.93 -38.32
CA ALA A 40 28.64 24.38 -39.04
C ALA A 40 29.76 23.41 -38.77
N GLU A 41 30.69 23.32 -39.71
CA GLU A 41 31.82 22.40 -39.58
C GLU A 41 33.04 23.04 -38.95
N GLY A 42 33.26 24.34 -39.17
CA GLY A 42 34.40 25.01 -38.60
C GLY A 42 35.65 24.84 -39.45
N PHE A 43 36.25 23.65 -39.40
CA PHE A 43 37.43 23.37 -40.19
C PHE A 43 37.01 23.08 -41.63
N GLY A 44 37.51 23.88 -42.56
CA GLY A 44 37.21 23.66 -43.96
C GLY A 44 36.08 24.52 -44.46
N ASN A 45 35.13 24.85 -43.59
CA ASN A 45 33.97 25.65 -43.96
C ASN A 45 33.46 26.37 -42.73
N ARG A 46 33.63 27.69 -42.69
CA ARG A 46 33.19 28.47 -41.55
C ARG A 46 31.70 28.85 -41.62
N LEU A 47 31.08 28.72 -42.78
CA LEU A 47 29.70 29.16 -42.93
C LEU A 47 28.73 28.19 -42.25
N CYS A 48 27.65 28.73 -41.72
CA CYS A 48 26.62 27.96 -41.05
C CYS A 48 25.52 27.58 -42.02
N PHE A 49 25.03 26.36 -41.88
CA PHE A 49 23.89 25.86 -42.63
C PHE A 49 22.87 25.32 -41.65
N LEU A 50 21.82 24.71 -42.18
CA LEU A 50 20.71 24.19 -41.38
C LEU A 50 20.60 22.69 -41.57
N GLU A 51 20.57 21.95 -40.47
CA GLU A 51 20.46 20.50 -40.50
C GLU A 51 19.05 20.11 -40.09
N PRO A 52 18.24 19.50 -40.95
CA PRO A 52 16.90 19.08 -40.52
C PRO A 52 16.99 18.01 -39.44
N THR A 53 16.03 18.05 -38.52
CA THR A 53 15.96 17.10 -37.41
C THR A 53 14.53 16.62 -37.19
N SER A 54 13.71 16.68 -38.24
CA SER A 54 12.33 16.22 -38.17
C SER A 54 12.13 14.78 -38.60
N ASN A 55 12.99 14.26 -39.49
CA ASN A 55 12.91 12.88 -39.94
C ASN A 55 13.88 11.98 -39.19
N ALA A 56 14.23 12.34 -37.95
CA ALA A 56 15.24 11.60 -37.22
C ALA A 56 14.89 10.12 -37.11
N GLN A 57 13.60 9.80 -37.06
CA GLN A 57 13.21 8.41 -36.88
C GLN A 57 13.42 7.58 -38.14
N ASN A 58 13.78 8.23 -39.25
CA ASN A 58 14.23 7.52 -40.44
C ASN A 58 15.71 7.77 -40.75
N VAL A 59 16.13 9.02 -40.78
CA VAL A 59 17.51 9.37 -41.11
C VAL A 59 18.09 10.17 -39.95
N PRO A 60 19.01 9.61 -39.17
CA PRO A 60 19.55 10.36 -38.03
C PRO A 60 20.22 11.64 -38.47
N PRO A 61 20.08 12.73 -37.72
CA PRO A 61 20.75 13.96 -38.10
C PRO A 61 22.20 13.99 -37.66
N ASP A 62 22.99 14.81 -38.34
CA ASP A 62 24.39 15.02 -38.00
C ASP A 62 24.44 15.98 -36.83
N LEU A 63 24.12 15.48 -35.64
CA LEU A 63 23.92 16.32 -34.48
C LEU A 63 25.23 16.76 -33.82
N ALA A 64 26.35 16.16 -34.21
CA ALA A 64 27.62 16.47 -33.56
C ALA A 64 28.01 17.93 -33.78
N ILE A 65 27.75 18.46 -34.97
CA ILE A 65 28.21 19.79 -35.34
C ILE A 65 27.12 20.83 -35.09
N CYS A 66 26.05 20.43 -34.40
CA CYS A 66 24.95 21.32 -34.08
C CYS A 66 24.97 21.80 -32.64
N CYS A 67 26.02 21.50 -31.89
CA CYS A 67 26.06 21.72 -30.45
C CYS A 67 26.90 22.95 -30.15
N PHE A 68 26.34 23.87 -29.36
CA PHE A 68 27.03 25.09 -28.94
C PHE A 68 27.03 25.17 -27.42
N ILE A 69 28.15 25.62 -26.87
CA ILE A 69 28.30 25.86 -25.45
C ILE A 69 28.12 27.35 -25.18
N LEU A 70 27.30 27.66 -24.17
CA LEU A 70 27.09 29.05 -23.74
C LEU A 70 28.25 29.44 -22.83
N GLU A 71 29.30 29.99 -23.43
CA GLU A 71 30.51 30.28 -22.67
C GLU A 71 30.30 31.44 -21.70
N GLN A 72 29.61 32.49 -22.14
CA GLN A 72 29.44 33.68 -21.32
C GLN A 72 28.08 34.31 -21.60
N SER A 73 27.60 35.09 -20.63
CA SER A 73 26.35 35.83 -20.75
C SER A 73 26.47 37.09 -19.89
N LEU A 74 26.80 38.20 -20.52
CA LEU A 74 26.93 39.48 -19.85
C LEU A 74 25.81 40.42 -20.28
N SER A 75 25.58 41.44 -19.46
CA SER A 75 24.70 42.52 -19.87
C SER A 75 25.36 43.33 -20.97
N VAL A 76 24.56 44.13 -21.67
CA VAL A 76 25.10 44.91 -22.79
C VAL A 76 26.19 45.85 -22.28
N ARG A 77 25.96 46.48 -21.13
CA ARG A 77 26.93 47.44 -20.62
C ARG A 77 28.18 46.73 -20.13
N ALA A 78 28.02 45.58 -19.48
CA ALA A 78 29.18 44.80 -19.08
C ALA A 78 30.00 44.40 -20.30
N LEU A 79 29.33 44.03 -21.39
CA LEU A 79 30.03 43.69 -22.62
C LEU A 79 30.76 44.91 -23.18
N GLN A 80 30.12 46.07 -23.12
CA GLN A 80 30.78 47.29 -23.59
C GLN A 80 32.06 47.55 -22.81
N GLU A 81 32.00 47.42 -21.47
CA GLU A 81 33.19 47.64 -20.67
C GLU A 81 34.26 46.60 -20.98
N MET A 82 33.87 45.34 -21.12
CA MET A 82 34.84 44.29 -21.42
C MET A 82 35.53 44.55 -22.75
N LEU A 83 34.77 44.94 -23.77
CA LEU A 83 35.35 45.24 -25.07
C LEU A 83 36.26 46.46 -24.98
N ALA A 84 35.86 47.48 -24.23
CA ALA A 84 36.69 48.67 -24.09
C ALA A 84 38.03 48.31 -23.45
N ASN A 85 38.00 47.47 -22.42
CA ASN A 85 39.22 47.03 -21.76
C ASN A 85 40.19 46.42 -22.76
N HIS A 99 28.71 29.52 -13.30
CA HIS A 99 27.42 29.13 -13.87
C HIS A 99 26.37 30.19 -13.59
N ARG A 100 26.17 31.08 -14.56
CA ARG A 100 25.24 32.19 -14.43
C ARG A 100 24.02 31.94 -15.31
N THR A 101 22.84 32.24 -14.78
CA THR A 101 21.62 32.08 -15.54
C THR A 101 21.56 33.08 -16.69
N LEU A 102 20.84 32.70 -17.74
CA LEU A 102 20.66 33.59 -18.89
C LEU A 102 19.45 34.47 -18.65
N LEU A 103 19.65 35.78 -18.74
CA LEU A 103 18.60 36.76 -18.53
C LEU A 103 18.32 37.48 -19.84
N TYR A 104 17.05 37.67 -20.15
CA TYR A 104 16.68 38.34 -21.39
C TYR A 104 17.34 39.71 -21.46
N GLY A 105 17.86 40.04 -22.64
CA GLY A 105 18.56 41.29 -22.86
C GLY A 105 20.06 41.19 -22.66
N HIS A 106 20.56 40.08 -22.11
CA HIS A 106 21.99 39.88 -22.00
C HIS A 106 22.58 39.42 -23.32
N ALA A 107 23.90 39.55 -23.44
CA ALA A 107 24.62 39.17 -24.65
C ALA A 107 25.36 37.87 -24.38
N ILE A 108 25.16 36.88 -25.25
CA ILE A 108 25.68 35.54 -25.04
C ILE A 108 26.78 35.26 -26.04
N LEU A 109 27.71 34.40 -25.62
CA LEU A 109 28.83 33.94 -26.46
C LEU A 109 28.69 32.44 -26.62
N LEU A 110 28.77 31.95 -27.85
CA LEU A 110 28.56 30.54 -28.15
C LEU A 110 29.81 29.96 -28.78
N ARG A 111 30.36 28.91 -28.15
CA ARG A 111 31.42 28.12 -28.77
C ARG A 111 30.83 26.95 -29.53
N HIS A 112 31.26 26.76 -30.76
CA HIS A 112 31.01 25.50 -31.43
C HIS A 112 31.70 24.38 -30.65
N ALA A 113 30.92 23.36 -30.28
CA ALA A 113 31.45 22.32 -29.42
C ALA A 113 32.59 21.56 -30.11
N HIS A 114 32.45 21.28 -31.40
CA HIS A 114 33.45 20.50 -32.10
C HIS A 114 34.69 21.32 -32.42
N SER A 115 34.51 22.42 -33.15
CA SER A 115 35.65 23.20 -33.62
C SER A 115 36.18 24.17 -32.58
N ARG A 116 35.44 24.43 -31.50
CA ARG A 116 35.84 25.38 -30.48
C ARG A 116 35.89 26.80 -31.02
N MET A 117 35.24 27.06 -32.15
CA MET A 117 35.09 28.40 -32.69
C MET A 117 33.79 29.02 -32.18
N TYR A 118 33.63 30.30 -32.46
CA TYR A 118 32.53 31.09 -31.91
C TYR A 118 31.56 31.50 -33.00
N LEU A 119 30.27 31.29 -32.74
CA LEU A 119 29.23 31.77 -33.64
C LEU A 119 29.29 33.29 -33.73
N SER A 120 29.40 33.81 -34.94
CA SER A 120 29.58 35.24 -35.14
C SER A 120 28.85 35.66 -36.42
N CYS A 121 28.73 36.97 -36.58
CA CYS A 121 28.12 37.57 -37.78
C CYS A 121 29.27 38.00 -38.69
N LEU A 122 29.38 37.34 -39.84
CA LEU A 122 30.47 37.61 -40.75
C LEU A 122 30.21 38.86 -41.57
N THR A 123 31.29 39.49 -42.03
CA THR A 123 31.13 40.70 -42.83
C THR A 123 30.71 40.38 -44.26
N THR A 124 31.12 39.24 -44.79
CA THR A 124 30.78 38.88 -46.16
C THR A 124 29.31 38.51 -46.26
N SER A 125 28.82 38.46 -47.49
CA SER A 125 27.43 38.09 -47.76
C SER A 125 27.37 37.39 -49.11
N ARG A 126 27.03 36.10 -49.10
CA ARG A 126 26.88 35.33 -50.32
C ARG A 126 25.49 35.41 -50.92
N SER A 127 24.53 35.99 -50.19
CA SER A 127 23.15 36.02 -50.65
C SER A 127 23.00 36.95 -51.85
N MET A 128 22.35 36.45 -52.89
CA MET A 128 21.99 37.27 -54.05
C MET A 128 20.64 37.92 -53.91
N THR A 129 19.67 37.25 -53.29
CA THR A 129 18.34 37.83 -53.13
C THR A 129 18.38 39.04 -52.22
N ASP A 130 19.00 38.91 -51.05
CA ASP A 130 19.08 40.00 -50.09
C ASP A 130 20.44 40.67 -50.17
N LYS A 131 20.42 42.01 -50.19
CA LYS A 131 21.64 42.80 -50.27
C LYS A 131 22.02 43.45 -48.95
N LEU A 132 21.10 43.51 -47.99
CA LEU A 132 21.38 44.06 -46.67
C LEU A 132 21.72 43.00 -45.64
N ALA A 133 21.73 41.72 -46.04
CA ALA A 133 21.96 40.62 -45.13
C ALA A 133 23.42 40.17 -45.19
N PHE A 134 23.91 39.70 -44.06
CA PHE A 134 25.28 39.20 -43.94
C PHE A 134 25.27 37.71 -43.65
N ASP A 135 26.42 37.08 -43.82
CA ASP A 135 26.55 35.65 -43.56
C ASP A 135 26.86 35.40 -42.09
N VAL A 136 26.33 34.31 -41.57
CA VAL A 136 26.57 33.89 -40.19
C VAL A 136 27.44 32.64 -40.22
N GLY A 137 28.58 32.70 -39.55
CA GLY A 137 29.49 31.57 -39.51
C GLY A 137 30.28 31.53 -38.23
N LEU A 138 31.40 30.81 -38.25
CA LEU A 138 32.26 30.66 -37.09
C LEU A 138 33.54 31.46 -37.30
N GLN A 139 34.10 31.97 -36.21
CA GLN A 139 35.39 32.64 -36.24
C GLN A 139 36.27 32.11 -35.13
N GLU A 140 37.59 32.17 -35.38
CA GLU A 140 38.54 31.49 -34.48
C GLU A 140 38.59 32.14 -33.11
N ASP A 141 38.59 33.47 -33.05
CA ASP A 141 38.81 34.19 -31.82
C ASP A 141 37.51 34.77 -31.28
N ALA A 142 37.47 34.96 -29.96
CA ALA A 142 36.35 35.58 -29.28
C ALA A 142 36.49 37.09 -29.18
N THR A 143 37.52 37.65 -29.79
CA THR A 143 37.74 39.09 -29.76
C THR A 143 36.72 39.81 -30.64
N GLY A 144 36.48 41.07 -30.31
CA GLY A 144 35.52 41.86 -31.05
C GLY A 144 34.11 41.62 -30.59
N GLU A 145 33.19 42.36 -31.21
CA GLU A 145 31.77 42.27 -30.89
C GLU A 145 30.98 41.46 -31.90
N ALA A 146 31.64 40.89 -32.91
CA ALA A 146 30.92 40.10 -33.90
C ALA A 146 30.42 38.79 -33.33
N CYS A 147 31.07 38.27 -32.29
CA CYS A 147 30.73 36.98 -31.73
C CYS A 147 29.73 37.06 -30.59
N TRP A 148 29.07 38.20 -30.39
CA TRP A 148 28.15 38.40 -29.29
C TRP A 148 26.74 38.62 -29.83
N TRP A 149 25.77 37.97 -29.19
CA TRP A 149 24.38 38.05 -29.61
C TRP A 149 23.51 38.36 -28.39
N THR A 150 22.53 39.24 -28.58
CA THR A 150 21.61 39.60 -27.52
C THR A 150 20.29 38.85 -27.71
N MET A 151 19.81 38.26 -26.64
CA MET A 151 18.55 37.52 -26.64
C MET A 151 17.40 38.45 -26.26
N HIS A 152 16.31 38.40 -27.02
CA HIS A 152 15.15 39.20 -26.71
C HIS A 152 13.90 38.34 -26.80
N PRO A 153 12.88 38.63 -26.00
CA PRO A 153 11.68 37.80 -25.98
C PRO A 153 10.99 37.79 -27.33
N ALA A 154 10.48 36.63 -27.72
CA ALA A 154 9.75 36.51 -28.97
C ALA A 154 8.38 37.15 -28.87
N SER A 155 7.71 36.98 -27.74
CA SER A 155 6.38 37.54 -27.49
C SER A 155 6.44 38.45 -26.27
N LYS A 156 5.27 38.94 -25.86
CA LYS A 156 5.17 39.89 -24.77
C LYS A 156 5.03 39.23 -23.39
N GLN A 157 4.84 37.91 -23.33
CA GLN A 157 4.74 37.26 -22.02
C GLN A 157 6.05 37.37 -21.25
N ARG A 158 7.16 37.22 -21.95
CA ARG A 158 8.48 37.42 -21.37
C ARG A 158 8.87 38.88 -21.49
N SER A 159 9.82 39.31 -20.67
CA SER A 159 10.28 40.70 -20.67
C SER A 159 11.74 40.76 -20.25
N GLU A 160 12.37 41.88 -20.56
CA GLU A 160 13.79 42.04 -20.23
C GLU A 160 14.01 41.87 -18.74
N GLY A 161 15.13 41.24 -18.39
CA GLY A 161 15.45 41.00 -17.01
C GLY A 161 14.88 39.70 -16.47
N GLU A 162 14.05 39.03 -17.27
CA GLU A 162 13.55 37.73 -16.88
C GLU A 162 14.56 36.64 -17.23
N LYS A 163 14.49 35.53 -16.49
CA LYS A 163 15.33 34.39 -16.80
C LYS A 163 14.78 33.65 -18.01
N VAL A 164 15.67 33.24 -18.90
CA VAL A 164 15.27 32.53 -20.10
C VAL A 164 14.93 31.09 -19.72
N ARG A 165 13.66 30.73 -19.85
CA ARG A 165 13.21 29.40 -19.52
C ARG A 165 13.27 28.48 -20.75
N VAL A 166 13.72 27.25 -20.52
CA VAL A 166 13.86 26.28 -21.60
C VAL A 166 12.56 26.17 -22.35
N GLY A 167 12.65 26.07 -23.67
CA GLY A 167 11.47 26.00 -24.52
C GLY A 167 10.95 27.35 -24.96
N ASP A 168 11.55 28.44 -24.49
CA ASP A 168 11.11 29.77 -24.88
C ASP A 168 11.55 30.08 -26.31
N ASP A 169 10.70 30.83 -27.02
CA ASP A 169 11.06 31.38 -28.31
C ASP A 169 11.73 32.73 -28.09
N LEU A 170 12.90 32.91 -28.70
CA LEU A 170 13.68 34.12 -28.52
C LEU A 170 14.27 34.55 -29.84
N ILE A 171 14.51 35.84 -29.98
CA ILE A 171 15.14 36.41 -31.17
C ILE A 171 16.54 36.85 -30.80
N LEU A 172 17.49 36.56 -31.67
CA LEU A 172 18.90 36.84 -31.43
C LEU A 172 19.34 37.98 -32.34
N VAL A 173 19.90 39.03 -31.74
CA VAL A 173 20.35 40.20 -32.49
C VAL A 173 21.86 40.31 -32.37
N SER A 174 22.52 40.46 -33.52
CA SER A 174 23.97 40.60 -33.51
C SER A 174 24.37 41.95 -32.91
N VAL A 175 25.28 41.90 -31.94
CA VAL A 175 25.75 43.13 -31.31
C VAL A 175 26.51 44.01 -32.29
N SER A 176 27.16 43.42 -33.30
CA SER A 176 28.02 44.16 -34.19
C SER A 176 27.27 44.84 -35.33
N SER A 177 26.11 44.32 -35.72
CA SER A 177 25.40 44.82 -36.87
C SER A 177 23.90 45.02 -36.66
N GLU A 178 23.38 44.75 -35.46
CA GLU A 178 21.96 44.92 -35.18
C GLU A 178 21.10 44.20 -36.21
N ARG A 179 21.52 42.99 -36.57
CA ARG A 179 20.78 42.15 -37.51
C ARG A 179 20.29 40.89 -36.79
N TYR A 180 19.10 40.45 -37.18
CA TYR A 180 18.48 39.27 -36.60
C TYR A 180 19.11 38.01 -37.19
N LEU A 181 19.32 37.00 -36.35
CA LEU A 181 19.62 35.67 -36.85
C LEU A 181 18.39 35.15 -37.57
N HIS A 182 18.42 35.12 -38.89
CA HIS A 182 17.22 34.99 -39.69
C HIS A 182 17.28 33.75 -40.58
N LEU A 183 16.12 33.12 -40.73
CA LEU A 183 15.94 32.00 -41.64
C LEU A 183 15.49 32.52 -42.99
N SER A 184 16.27 32.28 -44.02
CA SER A 184 16.00 32.80 -45.36
C SER A 184 15.46 31.67 -46.23
N THR A 185 14.20 31.79 -46.64
CA THR A 185 13.57 30.84 -47.54
C THR A 185 13.49 31.36 -48.97
N ALA A 186 14.17 32.47 -49.26
CA ALA A 186 14.02 33.13 -50.56
C ALA A 186 14.33 32.17 -51.70
N SER A 187 15.50 31.54 -51.65
CA SER A 187 15.86 30.59 -52.68
C SER A 187 15.08 29.29 -52.48
N GLY A 188 15.35 28.32 -53.36
CA GLY A 188 14.72 27.02 -53.21
C GLY A 188 15.12 26.33 -51.91
N GLU A 189 16.40 26.38 -51.57
CA GLU A 189 16.91 25.75 -50.36
C GLU A 189 16.80 26.69 -49.18
N LEU A 190 16.80 26.11 -47.98
CA LEU A 190 16.68 26.86 -46.74
C LEU A 190 18.07 27.23 -46.24
N GLN A 191 18.29 28.51 -45.98
CA GLN A 191 19.57 29.02 -45.53
C GLN A 191 19.39 29.93 -44.33
N VAL A 192 20.51 30.21 -43.66
CA VAL A 192 20.54 31.03 -42.46
C VAL A 192 21.48 32.20 -42.69
N ASP A 193 21.04 33.39 -42.30
CA ASP A 193 21.85 34.59 -42.47
C ASP A 193 21.41 35.62 -41.44
N ALA A 194 22.18 36.70 -41.35
CA ALA A 194 21.86 37.81 -40.46
C ALA A 194 21.25 38.92 -41.31
N SER A 195 19.96 39.15 -41.14
CA SER A 195 19.22 40.15 -41.89
C SER A 195 18.41 41.02 -40.95
N PHE A 196 17.58 41.89 -41.53
CA PHE A 196 16.73 42.77 -40.76
C PHE A 196 15.34 42.21 -40.51
N MET A 197 15.02 41.05 -41.07
CA MET A 197 13.81 40.34 -40.73
C MET A 197 14.11 39.34 -39.61
N GLN A 198 13.17 39.21 -38.69
CA GLN A 198 13.38 38.43 -37.47
C GLN A 198 12.87 37.01 -37.65
N THR A 199 13.50 36.08 -36.94
CA THR A 199 13.09 34.70 -36.90
C THR A 199 13.12 34.22 -35.45
N LEU A 200 12.17 33.36 -35.10
CA LEU A 200 12.05 32.85 -33.74
C LEU A 200 12.86 31.57 -33.60
N TRP A 201 13.76 31.53 -32.62
CA TRP A 201 14.62 30.39 -32.38
C TRP A 201 14.30 29.78 -31.02
N ASN A 202 14.63 28.50 -30.87
CA ASN A 202 14.54 27.79 -29.60
C ASN A 202 15.93 27.30 -29.24
N MET A 203 16.36 27.56 -28.01
CA MET A 203 17.63 27.04 -27.53
C MET A 203 17.35 25.76 -26.77
N ASN A 204 17.23 24.66 -27.49
CA ASN A 204 16.93 23.42 -26.80
C ASN A 204 18.18 22.88 -26.10
N PRO A 205 18.09 22.58 -24.81
CA PRO A 205 19.28 22.13 -24.08
C PRO A 205 19.69 20.72 -24.49
N ILE A 206 20.99 20.46 -24.40
CA ILE A 206 21.55 19.16 -24.65
C ILE A 206 22.08 18.53 -23.37
N CYS A 207 22.82 19.31 -22.58
CA CYS A 207 23.28 18.86 -21.27
C CYS A 207 23.62 20.09 -20.45
N SER A 208 23.57 19.94 -19.13
CA SER A 208 23.90 21.01 -18.20
C SER A 208 25.16 20.65 -17.42
N GLY A 209 25.17 19.50 -16.75
CA GLY A 209 26.36 19.06 -16.04
C GLY A 209 26.28 17.58 -15.71
N CYS A 210 27.33 16.84 -16.04
CA CYS A 210 27.35 15.39 -15.88
C CYS A 210 28.07 15.03 -14.60
N GLU A 211 27.46 14.16 -13.80
CA GLU A 211 28.13 13.61 -12.63
C GLU A 211 29.43 12.94 -13.06
N GLU A 212 30.50 13.19 -12.32
CA GLU A 212 31.82 12.74 -12.73
C GLU A 212 31.85 11.23 -12.92
N GLY A 213 32.41 10.80 -14.05
CA GLY A 213 32.61 9.39 -14.32
C GLY A 213 31.42 8.67 -14.94
N PHE A 214 30.32 9.37 -15.18
CA PHE A 214 29.13 8.73 -15.73
C PHE A 214 28.99 9.02 -17.21
N VAL A 215 28.44 8.05 -17.94
CA VAL A 215 28.29 8.16 -19.38
C VAL A 215 27.02 8.95 -19.69
N THR A 216 27.11 9.86 -20.66
CA THR A 216 25.96 10.61 -21.13
C THR A 216 25.86 10.46 -22.64
N GLY A 217 24.66 10.65 -23.16
CA GLY A 217 24.46 10.60 -24.58
C GLY A 217 25.31 11.63 -25.31
N GLY A 218 25.66 11.29 -26.54
CA GLY A 218 26.44 12.21 -27.35
C GLY A 218 27.92 12.22 -27.07
N HIS A 219 28.41 11.29 -26.26
CA HIS A 219 29.85 11.14 -26.05
C HIS A 219 30.45 10.24 -27.12
N VAL A 220 31.71 10.51 -27.45
CA VAL A 220 32.54 9.62 -28.24
C VAL A 220 33.37 8.79 -27.26
N LEU A 221 33.45 7.49 -27.52
CA LEU A 221 34.07 6.57 -26.58
C LEU A 221 34.48 5.30 -27.30
N ARG A 222 35.08 4.39 -26.54
CA ARG A 222 35.50 3.09 -27.04
C ARG A 222 34.79 1.99 -26.27
N LEU A 223 34.36 0.97 -26.99
CA LEU A 223 33.64 -0.16 -26.41
C LEU A 223 34.60 -1.33 -26.27
N PHE A 224 35.12 -1.54 -25.07
CA PHE A 224 36.11 -2.58 -24.82
C PHE A 224 35.41 -3.86 -24.39
N HIS A 225 35.86 -4.98 -24.95
CA HIS A 225 35.27 -6.27 -24.61
C HIS A 225 35.59 -6.62 -23.17
N GLY A 226 34.61 -6.45 -22.28
CA GLY A 226 34.84 -6.59 -20.86
C GLY A 226 35.97 -5.67 -20.42
N HIS A 227 37.05 -6.26 -19.91
CA HIS A 227 38.29 -5.53 -19.62
C HIS A 227 39.45 -6.19 -20.35
N MET A 228 39.18 -6.79 -21.50
CA MET A 228 40.13 -7.66 -22.17
C MET A 228 40.87 -6.96 -23.31
N ASP A 229 41.18 -5.68 -23.15
CA ASP A 229 41.94 -4.89 -24.12
C ASP A 229 41.60 -5.28 -25.56
N GLU A 230 40.31 -5.51 -25.81
CA GLU A 230 39.76 -5.66 -27.15
C GLU A 230 38.62 -4.68 -27.30
N CYS A 231 38.63 -3.92 -28.38
CA CYS A 231 37.62 -2.91 -28.64
C CYS A 231 36.83 -3.27 -29.88
N LEU A 232 35.56 -2.85 -29.89
CA LEU A 232 34.74 -2.95 -31.08
C LEU A 232 35.24 -1.97 -32.13
N THR A 233 35.35 -2.43 -33.36
CA THR A 233 35.94 -1.61 -34.42
C THR A 233 35.46 -2.09 -35.77
N ILE A 234 35.88 -1.38 -36.81
CA ILE A 234 35.64 -1.79 -38.19
C ILE A 234 37.00 -2.00 -38.85
N SER A 235 36.99 -2.58 -40.04
CA SER A 235 38.24 -2.94 -40.70
C SER A 235 39.02 -1.68 -41.06
N PRO A 236 40.34 -1.79 -41.20
CA PRO A 236 41.13 -0.62 -41.56
C PRO A 236 40.71 -0.03 -42.90
N SER A 237 41.25 1.14 -43.19
CA SER A 237 40.93 1.81 -44.45
C SER A 237 41.46 0.99 -45.62
N ASP A 238 40.74 1.06 -46.74
CA ASP A 238 41.08 0.31 -47.94
C ASP A 238 41.10 -1.19 -47.66
N SER A 239 39.92 -1.70 -47.30
CA SER A 239 39.72 -3.11 -47.00
C SER A 239 38.69 -3.71 -47.95
N ASP A 240 38.81 -5.02 -48.17
CA ASP A 240 37.90 -5.69 -49.10
C ASP A 240 36.47 -5.65 -48.62
N ASP A 241 36.24 -5.66 -47.31
CA ASP A 241 34.89 -5.67 -46.77
C ASP A 241 34.19 -4.32 -46.88
N GLN A 242 34.82 -3.33 -47.50
CA GLN A 242 34.23 -2.00 -47.67
C GLN A 242 33.97 -1.32 -46.35
N ARG A 243 34.66 -1.75 -45.29
CA ARG A 243 34.50 -1.15 -43.96
C ARG A 243 33.05 -1.21 -43.50
N ARG A 244 32.40 -2.34 -43.79
CA ARG A 244 31.01 -2.55 -43.44
C ARG A 244 30.80 -3.59 -42.34
N LEU A 245 31.86 -4.23 -41.87
CA LEU A 245 31.77 -5.29 -40.88
C LEU A 245 32.39 -4.84 -39.57
N VAL A 246 31.93 -5.44 -38.48
CA VAL A 246 32.35 -5.08 -37.12
C VAL A 246 33.15 -6.23 -36.54
N TYR A 247 34.28 -5.91 -35.91
CA TYR A 247 35.15 -6.90 -35.30
C TYR A 247 35.53 -6.48 -33.89
N TYR A 248 36.07 -7.45 -33.16
CA TYR A 248 36.65 -7.26 -31.84
C TYR A 248 38.17 -7.31 -31.98
N GLU A 249 38.81 -6.15 -32.07
CA GLU A 249 40.24 -6.14 -32.31
C GLU A 249 40.98 -5.64 -31.07
N GLY A 250 42.17 -6.21 -30.84
CA GLY A 250 42.88 -5.94 -29.61
C GLY A 250 44.32 -5.52 -29.76
N GLY A 251 44.72 -5.15 -30.97
CA GLY A 251 46.08 -4.75 -31.21
C GLY A 251 46.31 -3.31 -30.77
N PRO A 252 47.04 -2.53 -31.57
CA PRO A 252 47.17 -1.10 -31.29
C PRO A 252 45.97 -0.27 -31.73
N VAL A 253 44.94 -0.91 -32.29
CA VAL A 253 43.73 -0.19 -32.67
C VAL A 253 43.05 0.44 -31.48
N CYS A 254 43.32 -0.06 -30.27
CA CYS A 254 42.74 0.51 -29.07
C CYS A 254 43.14 1.97 -28.86
N THR A 255 44.08 2.48 -29.65
CA THR A 255 44.46 3.88 -29.61
C THR A 255 44.24 4.59 -30.94
N HIS A 256 43.70 3.91 -31.94
CA HIS A 256 43.44 4.52 -33.24
C HIS A 256 42.05 5.16 -33.23
N ALA A 257 41.66 5.73 -34.37
CA ALA A 257 40.40 6.44 -34.51
C ALA A 257 39.27 5.58 -35.05
N ARG A 258 39.57 4.45 -35.66
CA ARG A 258 38.51 3.61 -36.19
C ARG A 258 37.81 2.77 -35.12
N SER A 259 38.22 2.90 -33.86
CA SER A 259 37.57 2.23 -32.74
C SER A 259 36.73 3.20 -31.91
N LEU A 260 36.46 4.40 -32.42
CA LEU A 260 35.70 5.41 -31.70
C LEU A 260 34.26 5.42 -32.18
N TRP A 261 33.33 5.38 -31.23
CA TRP A 261 31.90 5.40 -31.53
C TRP A 261 31.23 6.49 -30.71
N ARG A 262 30.22 7.11 -31.30
CA ARG A 262 29.44 8.16 -30.65
C ARG A 262 28.08 7.60 -30.29
N LEU A 263 27.63 7.89 -29.07
CA LEU A 263 26.33 7.42 -28.60
C LEU A 263 25.28 8.49 -28.86
N GLU A 264 24.23 8.15 -29.61
CA GLU A 264 23.21 9.11 -30.02
C GLU A 264 21.84 8.65 -29.55
N PRO A 265 21.34 9.17 -28.43
CA PRO A 265 19.99 8.80 -28.01
C PRO A 265 18.96 9.22 -29.04
N LEU A 266 17.81 8.52 -29.01
CA LEU A 266 16.74 8.79 -29.97
C LEU A 266 15.91 10.02 -29.60
N ARG A 267 16.57 11.17 -29.42
CA ARG A 267 15.92 12.40 -29.04
C ARG A 267 16.90 13.54 -29.24
N ILE A 268 16.38 14.72 -29.55
CA ILE A 268 17.24 15.89 -29.75
C ILE A 268 17.42 16.66 -28.46
N SER A 269 16.32 17.01 -27.81
CA SER A 269 16.42 17.74 -26.54
C SER A 269 16.90 16.81 -25.43
N TRP A 270 17.85 17.29 -24.64
CA TRP A 270 18.41 16.52 -23.53
C TRP A 270 19.05 15.23 -24.04
N SER A 271 19.54 15.26 -25.27
CA SER A 271 20.28 14.12 -25.80
C SER A 271 21.62 13.93 -25.12
N GLY A 272 22.08 14.92 -24.35
CA GLY A 272 23.28 14.81 -23.55
C GLY A 272 23.02 14.39 -22.13
N SER A 273 21.82 13.92 -21.81
CA SER A 273 21.50 13.51 -20.45
C SER A 273 22.23 12.23 -20.09
N HIS A 274 22.26 11.93 -18.79
CA HIS A 274 22.87 10.69 -18.33
C HIS A 274 22.22 9.50 -19.01
N LEU A 275 23.05 8.62 -19.55
CA LEU A 275 22.56 7.44 -20.22
C LEU A 275 22.03 6.45 -19.19
N ARG A 276 20.91 5.81 -19.52
CA ARG A 276 20.24 4.89 -18.61
C ARG A 276 20.18 3.49 -19.21
N TRP A 277 20.01 2.50 -18.34
CA TRP A 277 19.86 1.12 -18.80
C TRP A 277 18.57 0.98 -19.59
N GLY A 278 18.65 0.29 -20.73
CA GLY A 278 17.49 0.03 -21.55
C GLY A 278 17.04 1.18 -22.40
N GLN A 279 17.72 2.32 -22.35
CA GLN A 279 17.33 3.46 -23.15
C GLN A 279 17.74 3.24 -24.60
N PRO A 280 16.81 3.29 -25.56
CA PRO A 280 17.20 3.09 -26.95
C PRO A 280 18.16 4.17 -27.42
N LEU A 281 19.06 3.80 -28.33
CA LEU A 281 20.01 4.75 -28.87
C LEU A 281 20.65 4.17 -30.12
N ARG A 282 21.20 5.05 -30.95
CA ARG A 282 22.00 4.69 -32.10
C ARG A 282 23.47 4.76 -31.72
N ILE A 283 24.29 3.98 -32.41
CA ILE A 283 25.74 3.99 -32.21
C ILE A 283 26.37 4.33 -33.56
N ARG A 284 27.08 5.45 -33.61
CA ARG A 284 27.60 5.98 -34.86
C ARG A 284 29.10 5.80 -34.90
N HIS A 285 29.61 5.35 -36.04
CA HIS A 285 31.06 5.29 -36.23
C HIS A 285 31.56 6.67 -36.62
N VAL A 286 32.37 7.27 -35.76
CA VAL A 286 32.71 8.69 -35.93
C VAL A 286 33.46 8.91 -37.25
N THR A 287 34.46 8.08 -37.54
CA THR A 287 35.32 8.36 -38.68
C THR A 287 34.59 8.17 -40.00
N THR A 288 33.76 7.13 -40.11
CA THR A 288 33.05 6.86 -41.35
C THR A 288 31.64 7.42 -41.38
N GLY A 289 31.10 7.80 -40.22
CA GLY A 289 29.76 8.34 -40.18
C GLY A 289 28.67 7.32 -40.41
N ARG A 290 28.97 6.04 -40.24
CA ARG A 290 28.01 4.97 -40.45
C ARG A 290 27.50 4.47 -39.10
N TYR A 291 26.27 3.98 -39.10
CA TYR A 291 25.55 3.64 -37.88
C TYR A 291 25.50 2.13 -37.73
N LEU A 292 25.89 1.64 -36.56
CA LEU A 292 25.78 0.21 -36.26
C LEU A 292 24.31 -0.21 -36.39
N GLY A 293 24.07 -1.31 -37.10
CA GLY A 293 22.71 -1.73 -37.37
C GLY A 293 22.64 -3.17 -37.80
N LEU A 294 21.40 -3.63 -37.95
CA LEU A 294 21.09 -5.01 -38.31
C LEU A 294 20.36 -5.02 -39.63
N THR A 295 21.06 -5.43 -40.68
CA THR A 295 20.43 -5.66 -41.98
C THR A 295 19.99 -7.11 -42.08
N GLU A 296 18.75 -7.34 -42.49
CA GLU A 296 18.21 -8.69 -42.54
C GLU A 296 19.04 -9.62 -43.41
N ASP A 297 19.72 -9.10 -44.43
CA ASP A 297 20.43 -9.92 -45.38
C ASP A 297 21.89 -10.15 -45.03
N GLN A 298 22.47 -9.37 -44.11
CA GLN A 298 23.89 -9.47 -43.82
C GLN A 298 24.21 -9.45 -42.33
N GLY A 299 23.22 -9.36 -41.45
CA GLY A 299 23.47 -9.38 -40.02
C GLY A 299 23.93 -8.04 -39.48
N LEU A 300 24.87 -8.06 -38.55
CA LEU A 300 25.37 -6.84 -37.93
C LEU A 300 26.37 -6.17 -38.86
N VAL A 301 26.07 -4.93 -39.26
CA VAL A 301 26.92 -4.15 -40.14
C VAL A 301 26.87 -2.70 -39.67
N VAL A 302 27.55 -1.83 -40.42
CA VAL A 302 27.40 -0.39 -40.27
C VAL A 302 26.74 0.12 -41.55
N VAL A 303 25.59 0.74 -41.41
CA VAL A 303 24.81 1.18 -42.56
C VAL A 303 24.96 2.68 -42.72
N ASP A 304 24.71 3.16 -43.93
CA ASP A 304 24.74 4.58 -44.21
C ASP A 304 23.60 5.28 -43.49
N ALA A 305 23.80 6.58 -43.22
CA ALA A 305 22.80 7.33 -42.48
C ALA A 305 21.45 7.29 -43.20
N SER A 306 21.46 7.31 -44.53
CA SER A 306 20.20 7.30 -45.27
C SER A 306 19.39 6.04 -45.00
N LYS A 307 20.07 4.92 -44.72
CA LYS A 307 19.40 3.64 -44.51
C LYS A 307 19.33 3.28 -43.03
N ALA A 308 19.63 4.24 -42.15
CA ALA A 308 19.73 3.97 -40.71
C ALA A 308 18.41 4.31 -40.00
N HIS A 309 17.36 3.58 -40.35
CA HIS A 309 16.09 3.79 -39.68
C HIS A 309 16.13 3.18 -38.28
N THR A 310 15.21 3.65 -37.43
CA THR A 310 15.28 3.34 -36.01
C THR A 310 15.19 1.85 -35.76
N LYS A 311 14.30 1.15 -36.47
CA LYS A 311 14.16 -0.27 -36.27
C LYS A 311 15.48 -1.00 -36.46
N ALA A 312 16.22 -0.64 -37.50
CA ALA A 312 17.49 -1.29 -37.79
C ALA A 312 18.62 -0.83 -36.89
N THR A 313 18.64 0.43 -36.46
CA THR A 313 19.81 1.01 -35.83
C THR A 313 19.59 1.36 -34.36
N SER A 314 18.54 0.85 -33.73
CA SER A 314 18.28 1.14 -32.32
C SER A 314 18.84 0.03 -31.46
N PHE A 315 19.70 0.39 -30.52
CA PHE A 315 20.30 -0.53 -29.56
C PHE A 315 20.02 -0.01 -28.15
N CYS A 316 20.34 -0.84 -27.16
CA CYS A 316 20.21 -0.43 -25.77
C CYS A 316 21.23 -1.17 -24.93
N PHE A 317 21.58 -0.57 -23.79
CA PHE A 317 22.48 -1.17 -22.82
C PHE A 317 21.69 -1.78 -21.69
N ARG A 318 22.03 -3.00 -21.31
CA ARG A 318 21.37 -3.71 -20.23
C ARG A 318 22.39 -4.17 -19.21
N ILE A 319 21.97 -4.27 -17.95
CA ILE A 319 22.88 -4.68 -16.89
C ILE A 319 22.96 -6.20 -16.80
N SER A 320 22.01 -6.91 -17.39
CA SER A 320 22.03 -8.37 -17.39
C SER A 320 21.22 -8.86 -18.58
N LYS A 321 21.41 -10.13 -18.91
CA LYS A 321 20.75 -10.74 -20.07
C LYS A 321 19.36 -11.26 -19.74
N GLU A 322 18.90 -11.09 -18.50
CA GLU A 322 17.58 -11.59 -18.14
C GLU A 322 16.50 -10.76 -18.84
N LYS A 323 15.41 -11.43 -19.21
CA LYS A 323 14.31 -10.80 -19.94
C LYS A 323 13.41 -10.05 -18.96
N LEU A 324 13.83 -8.83 -18.63
CA LEU A 324 13.03 -7.93 -17.80
C LEU A 324 12.77 -6.59 -18.49
N ASP A 325 12.99 -6.50 -19.79
CA ASP A 325 12.70 -5.26 -20.51
C ASP A 325 11.21 -4.99 -20.67
N VAL A 326 10.35 -5.83 -20.09
CA VAL A 326 8.91 -5.68 -20.20
C VAL A 326 8.51 -4.29 -19.71
N ALA A 327 9.08 -3.85 -18.60
CA ALA A 327 8.75 -2.54 -18.06
C ALA A 327 9.25 -1.46 -19.01
N PRO A 328 8.40 -0.53 -19.44
CA PRO A 328 8.87 0.54 -20.35
C PRO A 328 9.52 1.69 -19.60
N LYS A 329 9.90 2.74 -20.32
CA LYS A 329 10.54 3.90 -19.74
C LYS A 329 9.92 5.17 -20.29
N ARG A 330 10.00 6.24 -19.51
CA ARG A 330 9.41 7.53 -19.85
C ARG A 330 10.51 8.58 -19.93
N ASP A 331 10.42 9.44 -20.94
CA ASP A 331 11.41 10.50 -21.12
C ASP A 331 11.40 11.45 -19.94
N VAL A 332 12.59 11.91 -19.56
CA VAL A 332 12.76 12.84 -18.45
C VAL A 332 13.40 14.12 -19.00
N GLU A 333 12.81 15.27 -18.68
CA GLU A 333 13.31 16.55 -19.15
C GLU A 333 14.39 17.06 -18.19
N GLY A 334 15.55 16.41 -18.25
CA GLY A 334 16.65 16.79 -17.40
C GLY A 334 17.79 15.80 -17.57
N MET A 335 18.86 16.07 -16.83
CA MET A 335 20.04 15.20 -16.90
C MET A 335 19.74 13.79 -16.44
N GLY A 336 18.71 13.60 -15.62
CA GLY A 336 18.31 12.29 -15.19
C GLY A 336 19.22 11.75 -14.10
N PRO A 337 18.99 10.50 -13.70
CA PRO A 337 19.83 9.88 -12.67
C PRO A 337 21.07 9.25 -13.28
N PRO A 338 22.24 9.46 -12.69
CA PRO A 338 23.45 8.80 -13.20
C PRO A 338 23.37 7.29 -12.97
N GLU A 339 23.45 6.53 -14.06
CA GLU A 339 23.32 5.08 -13.97
C GLU A 339 24.57 4.35 -14.44
N ILE A 340 25.05 4.65 -15.64
CA ILE A 340 26.19 3.93 -16.20
C ILE A 340 27.47 4.71 -15.97
N LYS A 341 28.54 4.01 -15.62
CA LYS A 341 29.82 4.62 -15.30
C LYS A 341 30.88 4.19 -16.30
N TYR A 342 31.84 5.07 -16.53
CA TYR A 342 32.96 4.76 -17.42
C TYR A 342 33.90 3.78 -16.73
N GLY A 343 34.20 2.69 -17.40
CA GLY A 343 35.12 1.70 -16.87
C GLY A 343 34.52 0.72 -15.88
N GLU A 344 33.73 1.22 -14.93
CA GLU A 344 33.18 0.36 -13.89
C GLU A 344 32.04 -0.49 -14.42
N SER A 345 30.97 0.14 -14.90
CA SER A 345 29.79 -0.61 -15.32
C SER A 345 30.12 -1.52 -16.48
N LEU A 346 29.53 -2.71 -16.47
CA LEU A 346 29.64 -3.68 -17.55
C LEU A 346 28.27 -3.78 -18.22
N CYS A 347 28.23 -3.55 -19.53
CA CYS A 347 26.99 -3.38 -20.26
C CYS A 347 26.85 -4.43 -21.35
N PHE A 348 25.64 -4.96 -21.50
CA PHE A 348 25.29 -5.84 -22.60
C PHE A 348 24.54 -5.03 -23.65
N VAL A 349 25.00 -5.08 -24.88
CA VAL A 349 24.34 -4.37 -25.98
C VAL A 349 23.28 -5.29 -26.56
N GLN A 350 22.06 -4.77 -26.69
CA GLN A 350 20.95 -5.55 -27.23
C GLN A 350 20.26 -4.76 -28.32
N HIS A 351 19.95 -5.43 -29.43
CA HIS A 351 19.15 -4.83 -30.47
C HIS A 351 17.70 -4.74 -29.98
N VAL A 352 17.17 -3.52 -29.93
CA VAL A 352 15.85 -3.32 -29.33
C VAL A 352 14.78 -4.03 -30.15
N ALA A 353 14.80 -3.86 -31.46
CA ALA A 353 13.74 -4.41 -32.30
C ALA A 353 13.72 -5.94 -32.23
N SER A 354 14.87 -6.56 -32.43
CA SER A 354 14.91 -8.03 -32.50
C SER A 354 15.17 -8.65 -31.14
N GLY A 355 15.82 -7.92 -30.24
CA GLY A 355 16.18 -8.45 -28.94
C GLY A 355 17.46 -9.24 -28.91
N LEU A 356 18.11 -9.45 -30.05
CA LEU A 356 19.36 -10.19 -30.08
C LEU A 356 20.42 -9.48 -29.27
N TRP A 357 21.50 -10.21 -28.97
CA TRP A 357 22.59 -9.70 -28.15
C TRP A 357 23.85 -9.56 -28.99
N LEU A 358 24.57 -8.46 -28.79
CA LEU A 358 25.83 -8.25 -29.47
C LEU A 358 26.87 -9.20 -28.90
N THR A 359 27.41 -10.07 -29.75
CA THR A 359 28.38 -11.07 -29.32
C THR A 359 29.38 -11.32 -30.46
N TYR A 360 30.33 -12.21 -30.19
CA TYR A 360 31.37 -12.52 -31.14
C TYR A 360 31.09 -13.85 -31.82
N ALA A 361 31.36 -13.91 -33.12
CA ALA A 361 31.22 -15.14 -33.86
C ALA A 361 32.29 -16.14 -33.46
N ALA A 362 32.00 -17.42 -33.71
CA ALA A 362 32.95 -18.48 -33.39
C ALA A 362 34.13 -18.41 -34.34
N PRO A 363 35.37 -18.26 -33.86
CA PRO A 363 36.51 -18.18 -34.78
C PRO A 363 36.62 -19.44 -35.64
N ASP A 364 36.52 -19.24 -36.95
CA ASP A 364 36.61 -20.33 -37.90
C ASP A 364 38.08 -20.70 -38.15
N PRO A 365 38.34 -21.91 -38.65
CA PRO A 365 39.73 -22.32 -38.89
C PRO A 365 40.37 -21.59 -40.07
N LYS A 366 41.70 -21.68 -40.13
CA LYS A 366 42.56 -21.03 -41.11
C LYS A 366 42.69 -19.53 -40.84
N ALA A 367 41.80 -18.98 -40.02
CA ALA A 367 41.97 -17.61 -39.57
C ALA A 367 42.88 -17.57 -38.35
N LEU A 368 42.67 -18.50 -37.42
CA LEU A 368 43.66 -18.74 -36.38
C LEU A 368 45.02 -19.04 -37.00
N ARG A 369 45.02 -19.72 -38.16
CA ARG A 369 46.28 -20.14 -38.75
C ARG A 369 47.00 -18.94 -39.35
N LEU A 370 46.27 -18.10 -40.08
CA LEU A 370 46.83 -16.83 -40.52
C LEU A 370 47.34 -16.01 -39.32
N GLY A 371 46.64 -16.08 -38.20
CA GLY A 371 47.03 -15.39 -37.00
C GLY A 371 46.19 -14.18 -36.64
N VAL A 372 45.00 -14.04 -37.23
CA VAL A 372 44.19 -12.86 -36.97
C VAL A 372 43.79 -12.83 -35.49
N LEU A 373 43.84 -11.63 -34.91
CA LEU A 373 43.35 -11.39 -33.55
C LEU A 373 41.97 -10.76 -33.56
N LYS A 374 41.32 -10.68 -34.72
CA LYS A 374 40.03 -10.01 -34.87
C LYS A 374 38.93 -11.06 -34.97
N LYS A 375 37.93 -10.95 -34.11
CA LYS A 375 36.79 -11.85 -34.09
C LYS A 375 35.58 -11.09 -34.60
N LYS A 376 34.96 -11.58 -35.67
CA LYS A 376 33.79 -10.93 -36.22
C LYS A 376 32.68 -10.87 -35.17
N ALA A 377 32.05 -9.71 -35.05
CA ALA A 377 30.96 -9.52 -34.11
C ALA A 377 29.63 -9.78 -34.81
N MET A 378 28.69 -10.34 -34.06
CA MET A 378 27.41 -10.74 -34.63
C MET A 378 26.32 -10.56 -33.57
N LEU A 379 25.08 -10.66 -34.00
CA LEU A 379 23.92 -10.56 -33.14
C LEU A 379 23.32 -11.96 -33.00
N HIS A 380 23.22 -12.45 -31.77
CA HIS A 380 22.80 -13.81 -31.50
C HIS A 380 21.74 -13.83 -30.41
N GLN A 381 20.89 -14.86 -30.46
CA GLN A 381 19.79 -14.97 -29.49
C GLN A 381 20.32 -15.18 -28.07
N GLU A 382 21.39 -15.94 -27.91
CA GLU A 382 21.94 -16.25 -26.60
C GLU A 382 23.31 -15.66 -26.38
N GLY A 383 24.14 -15.58 -27.42
CA GLY A 383 25.49 -15.06 -27.24
C GLY A 383 26.28 -15.93 -26.29
N HIS A 384 26.99 -15.28 -25.37
CA HIS A 384 27.83 -15.98 -24.40
C HIS A 384 27.72 -15.25 -23.07
N MET A 385 28.59 -15.60 -22.13
CA MET A 385 28.58 -15.00 -20.81
C MET A 385 29.44 -13.75 -20.71
N ASP A 386 30.50 -13.65 -21.51
CA ASP A 386 31.42 -12.53 -21.47
C ASP A 386 31.13 -11.51 -22.56
N ASP A 387 29.86 -11.37 -22.93
CA ASP A 387 29.46 -10.36 -23.92
C ASP A 387 29.44 -8.95 -23.36
N ALA A 388 29.59 -8.79 -22.05
CA ALA A 388 29.52 -7.46 -21.46
C ALA A 388 30.64 -6.58 -21.98
N LEU A 389 30.33 -5.31 -22.20
CA LEU A 389 31.28 -4.34 -22.70
C LEU A 389 31.48 -3.25 -21.66
N SER A 390 32.68 -2.68 -21.64
CA SER A 390 32.99 -1.53 -20.80
C SER A 390 33.21 -0.31 -21.68
N LEU A 391 32.72 0.84 -21.23
CA LEU A 391 32.80 2.08 -21.99
C LEU A 391 33.97 2.90 -21.47
N THR A 392 34.86 3.30 -22.37
CA THR A 392 36.01 4.12 -22.01
C THR A 392 35.96 5.44 -22.77
N ARG A 393 36.07 6.55 -22.03
CA ARG A 393 36.06 7.84 -22.67
C ARG A 393 37.33 8.04 -23.48
N CYS A 394 37.19 8.73 -24.60
CA CYS A 394 38.31 9.18 -25.39
C CYS A 394 38.50 10.68 -25.18
N GLN A 395 39.74 11.12 -25.25
CA GLN A 395 40.03 12.53 -24.98
C GLN A 395 39.53 13.41 -26.11
N GLN A 396 39.32 14.69 -25.76
CA GLN A 396 38.83 15.66 -26.72
C GLN A 396 39.69 15.69 -27.96
N GLU A 397 41.00 15.45 -27.79
CA GLU A 397 41.91 15.45 -28.93
C GLU A 397 41.51 14.41 -29.96
N GLU A 398 41.32 13.16 -29.51
CA GLU A 398 40.95 12.10 -30.45
C GLU A 398 39.54 12.31 -31.00
N SER A 399 38.62 12.79 -30.18
CA SER A 399 37.28 13.06 -30.69
C SER A 399 37.33 14.06 -31.84
N GLN A 400 38.00 15.19 -31.62
CA GLN A 400 38.11 16.21 -32.64
C GLN A 400 38.83 15.69 -33.86
N ALA A 401 39.91 14.93 -33.66
CA ALA A 401 40.66 14.39 -34.78
C ALA A 401 39.80 13.45 -35.61
N ALA A 402 38.99 12.62 -34.96
CA ALA A 402 38.14 11.69 -35.70
C ALA A 402 37.10 12.44 -36.52
N ARG A 403 36.46 13.45 -35.93
CA ARG A 403 35.48 14.21 -36.71
C ARG A 403 36.14 14.93 -37.87
N MET A 404 37.33 15.51 -37.65
CA MET A 404 38.05 16.17 -38.71
C MET A 404 38.42 15.18 -39.81
N ILE A 405 38.80 13.97 -39.44
CA ILE A 405 39.10 12.95 -40.44
C ILE A 405 37.86 12.65 -41.28
N TYR A 406 36.72 12.51 -40.63
CA TYR A 406 35.48 12.26 -41.38
C TYR A 406 35.24 13.35 -42.41
N SER A 407 35.23 14.61 -41.96
CA SER A 407 34.90 15.69 -42.88
C SER A 407 35.95 15.85 -43.98
N THR A 408 37.23 15.75 -43.63
CA THR A 408 38.29 15.89 -44.61
C THR A 408 38.25 14.76 -45.63
N ALA A 409 38.00 13.55 -45.18
CA ALA A 409 37.88 12.43 -46.11
C ALA A 409 36.75 12.69 -47.09
N GLY A 410 35.60 13.14 -46.60
CA GLY A 410 34.51 13.44 -47.51
C GLY A 410 34.90 14.49 -48.54
N LEU A 411 35.49 15.60 -48.06
CA LEU A 411 35.82 16.70 -48.96
C LEU A 411 36.85 16.30 -50.01
N TYR A 412 37.90 15.59 -49.59
CA TYR A 412 38.97 15.26 -50.53
C TYR A 412 38.52 14.17 -51.50
N ASN A 413 37.67 13.24 -51.05
CA ASN A 413 37.11 12.29 -51.99
C ASN A 413 36.24 12.99 -53.02
N GLN A 414 35.46 13.99 -52.60
CA GLN A 414 34.70 14.77 -53.56
C GLN A 414 35.62 15.47 -54.56
N PHE A 415 36.72 16.03 -54.08
CA PHE A 415 37.68 16.68 -54.96
C PHE A 415 38.26 15.70 -55.97
N ILE A 416 38.65 14.51 -55.51
CA ILE A 416 39.24 13.53 -56.41
C ILE A 416 38.24 13.08 -57.45
N LYS A 417 36.99 12.87 -57.04
CA LYS A 417 35.95 12.50 -58.00
C LYS A 417 35.75 13.62 -59.02
N GLY A 418 35.75 14.86 -58.56
CA GLY A 418 35.61 15.97 -59.50
C GLY A 418 36.72 15.99 -60.53
N LEU A 419 37.96 15.79 -60.09
CA LEU A 419 39.07 15.76 -61.04
C LEU A 419 38.92 14.60 -62.02
N ASP A 420 38.60 13.41 -61.51
CA ASP A 420 38.42 12.26 -62.40
C ASP A 420 37.26 12.47 -63.37
N SER A 421 36.33 13.37 -63.04
CA SER A 421 35.22 13.62 -63.94
C SER A 421 35.70 14.11 -65.30
N PHE A 422 36.66 15.05 -65.32
CA PHE A 422 37.20 15.58 -66.57
C PHE A 422 38.63 15.15 -66.81
N SER A 423 39.07 14.08 -66.14
CA SER A 423 40.44 13.58 -66.32
C SER A 423 40.90 13.68 -67.78
N GLY A 424 40.08 13.18 -68.71
CA GLY A 424 40.50 13.09 -70.10
C GLY A 424 39.53 13.67 -71.10
N LYS A 425 38.88 14.78 -70.75
CA LYS A 425 37.84 15.39 -71.59
C LYS A 425 38.18 16.84 -71.85
N PRO A 426 38.95 17.14 -72.90
CA PRO A 426 39.29 18.54 -73.20
C PRO A 426 38.06 19.41 -73.32
N ARG A 427 38.04 20.53 -72.59
CA ARG A 427 36.90 21.44 -72.63
C ARG A 427 36.77 22.14 -73.98
N GLY A 428 37.80 22.13 -74.81
CA GLY A 428 37.76 22.87 -76.05
C GLY A 428 37.72 24.36 -75.80
N SER A 429 36.58 24.98 -76.08
CA SER A 429 36.40 26.41 -75.89
C SER A 429 35.04 26.66 -75.25
N GLY A 430 34.70 25.89 -74.23
CA GLY A 430 33.40 25.97 -73.63
C GLY A 430 33.34 25.36 -72.24
N PRO A 431 32.27 24.63 -71.94
CA PRO A 431 32.04 24.16 -70.56
C PRO A 431 33.18 23.26 -70.09
N PRO A 432 33.53 23.31 -68.80
CA PRO A 432 34.57 22.41 -68.30
C PRO A 432 34.24 20.93 -68.48
N ALA A 433 32.98 20.59 -68.69
CA ALA A 433 32.58 19.21 -68.91
C ALA A 433 32.92 18.32 -67.72
N GLY A 434 32.33 18.59 -66.57
CA GLY A 434 32.51 17.77 -65.40
C GLY A 434 31.81 18.37 -64.20
N SER A 435 32.01 17.74 -63.05
CA SER A 435 31.46 18.24 -61.80
C SER A 435 32.24 19.44 -61.33
N ALA A 436 31.55 20.35 -60.64
CA ALA A 436 32.22 21.52 -60.09
C ALA A 436 33.22 21.10 -59.02
N LEU A 437 34.33 21.83 -58.95
CA LEU A 437 35.38 21.48 -58.01
C LEU A 437 35.24 22.26 -56.71
N PRO A 438 35.30 21.61 -55.54
CA PRO A 438 35.25 22.35 -54.28
C PRO A 438 36.56 23.11 -54.01
N ILE A 439 36.86 24.07 -54.88
CA ILE A 439 38.15 24.76 -54.79
C ILE A 439 38.27 25.52 -53.48
N GLU A 440 37.25 26.32 -53.15
CA GLU A 440 37.32 27.14 -51.94
C GLU A 440 37.38 26.27 -50.69
N GLY A 441 36.53 25.25 -50.63
CA GLY A 441 36.53 24.37 -49.47
C GLY A 441 37.85 23.64 -49.31
N VAL A 442 38.42 23.17 -50.43
CA VAL A 442 39.68 22.46 -50.37
C VAL A 442 40.79 23.38 -49.88
N ILE A 443 40.84 24.61 -50.40
CA ILE A 443 41.89 25.53 -49.98
C ILE A 443 41.76 25.82 -48.49
N LEU A 444 40.55 26.13 -48.03
CA LEU A 444 40.36 26.44 -46.62
C LEU A 444 40.71 25.26 -45.75
N SER A 445 40.29 24.05 -46.15
CA SER A 445 40.59 22.86 -45.37
C SER A 445 42.08 22.61 -45.28
N LEU A 446 42.78 22.79 -46.40
CA LEU A 446 44.23 22.56 -46.40
C LEU A 446 44.92 23.56 -45.48
N GLN A 447 44.51 24.83 -45.53
CA GLN A 447 45.11 25.82 -44.65
C GLN A 447 44.83 25.50 -43.19
N ASP A 448 43.60 25.12 -42.88
CA ASP A 448 43.25 24.77 -41.50
C ASP A 448 44.07 23.59 -41.02
N LEU A 449 44.23 22.57 -41.86
CA LEU A 449 44.98 21.39 -41.43
C LEU A 449 46.46 21.69 -41.29
N ILE A 450 47.02 22.56 -42.13
CA ILE A 450 48.41 22.96 -41.94
C ILE A 450 48.57 23.66 -40.61
N GLY A 451 47.68 24.58 -40.29
CA GLY A 451 47.72 25.19 -38.96
C GLY A 451 47.53 24.19 -37.85
N TYR A 452 46.69 23.18 -38.09
CA TYR A 452 46.45 22.13 -37.10
C TYR A 452 47.71 21.35 -36.80
N PHE A 453 48.48 21.01 -37.84
CA PHE A 453 49.69 20.21 -37.70
C PHE A 453 50.94 21.07 -37.52
N GLU A 454 50.77 22.37 -37.38
CA GLU A 454 51.92 23.26 -37.19
C GLU A 454 52.75 22.79 -36.01
N PRO A 455 54.07 22.67 -36.15
CA PRO A 455 54.90 22.21 -35.03
C PRO A 455 54.99 23.25 -33.93
N PRO A 456 55.23 22.84 -32.69
CA PRO A 456 55.33 23.81 -31.60
C PRO A 456 56.54 24.73 -31.79
N SER A 457 56.37 25.97 -31.34
CA SER A 457 57.45 26.95 -31.47
C SER A 457 58.62 26.59 -30.55
N GLU A 458 59.82 26.88 -31.02
CA GLU A 458 61.02 26.53 -30.27
C GLU A 458 61.22 27.39 -29.03
N GLU A 459 60.44 28.46 -28.87
CA GLU A 459 60.61 29.36 -27.73
C GLU A 459 59.76 28.95 -26.52
N LEU A 460 59.01 27.87 -26.62
CA LEU A 460 58.25 27.39 -25.48
C LEU A 460 59.18 26.77 -24.44
N GLN A 461 58.71 26.74 -23.20
CA GLN A 461 59.42 26.03 -22.16
C GLN A 461 59.41 24.53 -22.45
N HIS A 462 60.35 23.81 -21.84
CA HIS A 462 60.63 22.44 -22.26
C HIS A 462 59.42 21.54 -22.06
N GLU A 463 58.77 21.62 -20.89
CA GLU A 463 57.67 20.71 -20.60
C GLU A 463 56.50 20.93 -21.54
N GLU A 464 56.12 22.19 -21.76
CA GLU A 464 55.04 22.49 -22.68
C GLU A 464 55.39 22.05 -24.09
N LYS A 465 56.64 22.27 -24.50
CA LYS A 465 57.05 21.82 -25.82
C LYS A 465 56.93 20.31 -25.95
N GLN A 466 57.31 19.57 -24.90
CA GLN A 466 57.20 18.11 -24.94
C GLN A 466 55.74 17.67 -25.04
N THR A 467 54.85 18.31 -24.28
CA THR A 467 53.44 17.95 -24.37
C THR A 467 52.89 18.24 -25.76
N LYS A 468 53.24 19.39 -26.32
CA LYS A 468 52.79 19.71 -27.67
C LYS A 468 53.32 18.72 -28.69
N LEU A 469 54.58 18.30 -28.52
CA LEU A 469 55.15 17.33 -29.45
C LEU A 469 54.43 15.99 -29.34
N ARG A 470 54.11 15.56 -28.12
CA ARG A 470 53.37 14.31 -27.97
C ARG A 470 52.01 14.39 -28.63
N SER A 471 51.31 15.51 -28.44
CA SER A 471 50.01 15.69 -29.07
C SER A 471 50.14 15.67 -30.58
N LEU A 472 51.16 16.34 -31.12
CA LEU A 472 51.36 16.39 -32.56
C LEU A 472 51.62 15.00 -33.13
N ARG A 473 52.49 14.23 -32.45
CA ARG A 473 52.77 12.88 -32.93
C ARG A 473 51.50 12.04 -32.91
N ASN A 474 50.71 12.15 -31.84
CA ASN A 474 49.48 11.36 -31.76
C ASN A 474 48.53 11.70 -32.89
N ARG A 475 48.36 13.00 -33.16
CA ARG A 475 47.42 13.40 -34.20
C ARG A 475 47.92 13.01 -35.59
N GLN A 476 49.23 13.13 -35.82
CA GLN A 476 49.80 12.67 -37.08
C GLN A 476 49.55 11.18 -37.27
N SER A 477 49.76 10.40 -36.22
CA SER A 477 49.54 8.96 -36.31
C SER A 477 48.07 8.65 -36.58
N LEU A 478 47.16 9.38 -35.92
CA LEU A 478 45.74 9.15 -36.16
C LEU A 478 45.39 9.38 -37.63
N PHE A 479 45.82 10.51 -38.18
CA PHE A 479 45.49 10.79 -39.58
C PHE A 479 46.11 9.76 -40.51
N GLN A 480 47.37 9.40 -40.28
CA GLN A 480 48.00 8.41 -41.15
C GLN A 480 47.29 7.07 -41.07
N GLU A 481 46.96 6.61 -39.87
CA GLU A 481 46.28 5.34 -39.71
C GLU A 481 44.91 5.34 -40.34
N GLU A 482 44.22 6.48 -40.37
CA GLU A 482 42.96 6.57 -41.08
C GLU A 482 43.15 6.81 -42.57
N GLY A 483 44.38 7.03 -43.02
CA GLY A 483 44.67 7.04 -44.43
C GLY A 483 44.58 8.40 -45.09
N MET A 484 44.61 9.48 -44.33
CA MET A 484 44.60 10.81 -44.93
C MET A 484 45.88 11.06 -45.72
N LEU A 485 46.97 10.40 -45.34
CA LEU A 485 48.20 10.53 -46.12
C LEU A 485 48.00 9.99 -47.53
N SER A 486 47.37 8.83 -47.65
CA SER A 486 47.10 8.28 -48.98
C SER A 486 46.16 9.18 -49.75
N LEU A 487 45.20 9.79 -49.08
CA LEU A 487 44.28 10.70 -49.75
C LEU A 487 45.02 11.91 -50.31
N VAL A 488 45.91 12.49 -49.51
CA VAL A 488 46.69 13.63 -49.97
C VAL A 488 47.57 13.22 -51.15
N LEU A 489 48.18 12.04 -51.06
CA LEU A 489 49.01 11.57 -52.18
C LEU A 489 48.17 11.38 -53.43
N ASN A 490 46.94 10.87 -53.29
CA ASN A 490 46.08 10.71 -54.45
C ASN A 490 45.73 12.05 -55.06
N CYS A 491 45.40 13.05 -54.22
CA CYS A 491 45.11 14.38 -54.75
C CYS A 491 46.30 14.93 -55.51
N ILE A 492 47.50 14.78 -54.94
CA ILE A 492 48.70 15.26 -55.62
C ILE A 492 48.87 14.53 -56.94
N ASP A 493 48.61 13.22 -56.97
CA ASP A 493 48.74 12.46 -58.20
C ASP A 493 47.80 13.00 -59.27
N ARG A 494 46.53 13.22 -58.91
CA ARG A 494 45.58 13.70 -59.90
C ARG A 494 45.97 15.09 -60.41
N LEU A 495 46.44 15.96 -59.51
CA LEU A 495 46.81 17.30 -59.93
C LEU A 495 48.16 17.35 -60.66
N ASN A 496 48.98 16.31 -60.54
CA ASN A 496 50.29 16.30 -61.19
C ASN A 496 50.20 16.03 -62.68
N VAL A 497 49.11 15.48 -63.17
CA VAL A 497 49.01 15.17 -64.60
C VAL A 497 49.17 16.42 -65.43
N TYR A 498 48.79 17.57 -64.89
CA TYR A 498 48.84 18.82 -65.62
C TYR A 498 50.12 19.58 -65.27
N THR A 499 50.89 19.91 -66.31
CA THR A 499 52.22 20.48 -66.13
C THR A 499 52.19 21.94 -65.73
N THR A 500 51.09 22.65 -65.97
CA THR A 500 51.01 24.06 -65.65
C THR A 500 49.55 24.47 -65.49
N ALA A 501 49.35 25.69 -65.00
CA ALA A 501 48.00 26.19 -64.78
C ALA A 501 47.22 26.25 -66.08
N ALA A 502 47.88 26.65 -67.18
CA ALA A 502 47.20 26.70 -68.47
C ALA A 502 46.79 25.31 -68.93
N HIS A 503 47.66 24.33 -68.75
CA HIS A 503 47.31 22.96 -69.12
C HIS A 503 46.14 22.47 -68.29
N PHE A 504 46.12 22.80 -67.00
CA PHE A 504 44.98 22.44 -66.16
C PHE A 504 43.71 23.13 -66.66
N ALA A 505 43.83 24.40 -67.03
CA ALA A 505 42.68 25.15 -67.54
C ALA A 505 42.11 24.49 -68.78
N GLU A 506 42.97 23.95 -69.64
CA GLU A 506 42.48 23.26 -70.83
C GLU A 506 41.55 22.10 -70.51
N PHE A 507 41.41 21.72 -69.24
CA PHE A 507 40.49 20.67 -68.84
C PHE A 507 39.49 21.09 -67.78
N ALA A 508 39.79 22.09 -66.96
CA ALA A 508 38.92 22.47 -65.85
C ALA A 508 38.35 23.88 -65.96
N GLY A 509 38.86 24.71 -66.84
CA GLY A 509 38.40 26.07 -66.97
C GLY A 509 39.32 27.05 -66.25
N GLU A 510 39.27 28.30 -66.71
CA GLU A 510 40.16 29.32 -66.17
C GLU A 510 39.90 29.58 -64.70
N GLU A 511 38.62 29.60 -64.30
CA GLU A 511 38.29 29.89 -62.91
C GLU A 511 38.91 28.86 -61.98
N ALA A 512 38.78 27.57 -62.34
CA ALA A 512 39.40 26.53 -61.52
C ALA A 512 40.92 26.60 -61.60
N ALA A 513 41.47 26.85 -62.79
CA ALA A 513 42.91 26.88 -62.93
C ALA A 513 43.55 28.04 -62.17
N GLU A 514 42.74 29.04 -61.81
CA GLU A 514 43.28 30.17 -61.05
C GLU A 514 43.81 29.75 -59.68
N SER A 515 43.44 28.55 -59.23
CA SER A 515 43.85 28.06 -57.92
C SER A 515 44.73 26.82 -57.97
N TRP A 516 45.16 26.38 -59.15
CA TRP A 516 45.91 25.14 -59.28
C TRP A 516 47.22 25.20 -58.52
N LYS A 517 48.01 26.26 -58.75
CA LYS A 517 49.30 26.38 -58.10
C LYS A 517 49.15 26.46 -56.58
N GLU A 518 48.17 27.24 -56.12
CA GLU A 518 47.95 27.36 -54.68
C GLU A 518 47.59 26.02 -54.08
N ILE A 519 46.71 25.27 -54.75
CA ILE A 519 46.28 23.98 -54.19
C ILE A 519 47.45 23.01 -54.13
N VAL A 520 48.26 22.94 -55.19
CA VAL A 520 49.37 22.00 -55.17
C VAL A 520 50.37 22.38 -54.08
N ASN A 521 50.68 23.68 -53.94
CA ASN A 521 51.59 24.10 -52.90
C ASN A 521 51.04 23.75 -51.51
N LEU A 522 49.74 23.99 -51.30
CA LEU A 522 49.13 23.66 -50.01
C LEU A 522 49.17 22.17 -49.76
N LEU A 523 48.96 21.36 -50.79
CA LEU A 523 49.00 19.91 -50.61
C LEU A 523 50.39 19.45 -50.19
N TYR A 524 51.43 19.98 -50.84
CA TYR A 524 52.78 19.60 -50.44
C TYR A 524 53.10 20.08 -49.03
N GLU A 525 52.65 21.28 -48.67
CA GLU A 525 52.87 21.76 -47.31
C GLU A 525 52.17 20.86 -46.30
N LEU A 526 50.95 20.42 -46.61
CA LEU A 526 50.25 19.51 -45.71
C LEU A 526 50.96 18.17 -45.59
N LEU A 527 51.48 17.66 -46.70
CA LEU A 527 52.22 16.40 -46.64
C LEU A 527 53.44 16.55 -45.74
N ALA A 528 54.17 17.65 -45.88
CA ALA A 528 55.32 17.90 -45.03
C ALA A 528 54.90 17.98 -43.57
N SER A 529 53.79 18.67 -43.29
CA SER A 529 53.32 18.78 -41.92
C SER A 529 52.93 17.42 -41.34
N LEU A 530 52.27 16.58 -42.15
CA LEU A 530 51.88 15.26 -41.70
C LEU A 530 53.06 14.36 -41.39
N ILE A 531 54.13 14.39 -42.19
CA ILE A 531 55.24 13.47 -41.98
C ILE A 531 56.34 14.04 -41.11
N ARG A 532 56.43 15.35 -40.92
CA ARG A 532 57.57 15.93 -40.22
C ARG A 532 57.72 15.34 -38.82
N GLY A 533 58.90 14.80 -38.54
CA GLY A 533 59.21 14.29 -37.22
C GLY A 533 58.62 12.93 -36.91
N ASN A 534 57.82 12.37 -37.81
CA ASN A 534 57.13 11.11 -37.57
C ASN A 534 57.85 10.02 -38.34
N ARG A 535 58.55 9.14 -37.62
CA ARG A 535 59.37 8.13 -38.28
C ARG A 535 58.51 7.17 -39.08
N THR A 536 57.36 6.78 -38.57
CA THR A 536 56.50 5.85 -39.29
C THR A 536 56.03 6.44 -40.62
N ASN A 537 55.47 7.65 -40.55
CA ASN A 537 54.98 8.30 -41.76
C ASN A 537 56.11 8.51 -42.75
N CYS A 538 57.28 8.91 -42.28
CA CYS A 538 58.41 9.09 -43.18
C CYS A 538 58.83 7.76 -43.80
N ALA A 539 58.88 6.69 -43.02
CA ALA A 539 59.30 5.40 -43.53
C ALA A 539 58.30 4.85 -44.55
N LEU A 540 57.08 5.36 -44.53
CA LEU A 540 56.11 4.93 -45.55
C LEU A 540 56.62 5.18 -46.96
N PHE A 541 57.51 6.14 -47.17
CA PHE A 541 57.98 6.50 -48.50
C PHE A 541 59.04 5.55 -49.05
N SER A 542 59.50 4.58 -48.25
CA SER A 542 60.51 3.65 -48.74
C SER A 542 59.99 2.86 -49.93
N THR A 543 58.73 2.43 -49.88
CA THR A 543 58.17 1.66 -50.98
C THR A 543 58.11 2.49 -52.26
N ASN A 544 57.68 3.75 -52.17
CA ASN A 544 57.64 4.65 -53.32
C ASN A 544 58.41 5.93 -52.99
N LEU A 545 59.73 5.86 -53.15
CA LEU A 545 60.56 7.05 -53.17
C LEU A 545 60.63 7.69 -54.55
N ASP A 546 60.64 6.88 -55.61
CA ASP A 546 60.65 7.44 -56.96
C ASP A 546 59.51 8.42 -57.16
N TRP A 547 58.35 8.12 -56.59
CA TRP A 547 57.21 9.02 -56.69
C TRP A 547 57.59 10.43 -56.24
N LEU A 548 58.43 10.53 -55.20
CA LEU A 548 58.82 11.83 -54.69
C LEU A 548 59.97 12.44 -55.49
N VAL A 549 61.02 11.65 -55.74
CA VAL A 549 62.21 12.19 -56.39
C VAL A 549 61.88 12.66 -57.79
N SER A 550 61.01 11.95 -58.50
CA SER A 550 60.70 12.31 -59.88
C SER A 550 60.02 13.67 -59.98
N LYS A 551 59.46 14.17 -58.88
CA LYS A 551 58.76 15.45 -58.88
C LYS A 551 59.65 16.62 -58.49
N LEU A 552 60.92 16.38 -58.19
CA LEU A 552 61.76 17.44 -57.66
C LEU A 552 61.92 18.58 -58.65
N ASP A 553 61.90 18.29 -59.94
CA ASP A 553 62.13 19.32 -60.94
C ASP A 553 60.87 20.10 -61.31
N ARG A 554 59.71 19.72 -60.78
CA ARG A 554 58.50 20.50 -61.01
C ARG A 554 58.69 21.92 -60.49
N LEU A 555 58.29 22.89 -61.30
CA LEU A 555 58.55 24.29 -60.98
C LEU A 555 57.44 24.97 -60.19
N GLU A 556 56.28 24.33 -60.03
CA GLU A 556 55.19 24.99 -59.32
C GLU A 556 55.38 24.92 -57.80
N ALA A 557 55.95 23.83 -57.31
CA ALA A 557 56.07 23.63 -55.86
C ALA A 557 57.45 23.07 -55.52
N SER A 558 58.49 23.67 -56.11
CA SER A 558 59.83 23.15 -55.91
C SER A 558 60.22 23.13 -54.44
N SER A 559 60.02 24.27 -53.75
CA SER A 559 60.40 24.35 -52.35
C SER A 559 59.61 23.37 -51.49
N GLY A 560 58.31 23.24 -51.76
CA GLY A 560 57.51 22.31 -50.99
C GLY A 560 57.96 20.87 -51.16
N ILE A 561 58.22 20.47 -52.40
CA ILE A 561 58.68 19.10 -52.64
C ILE A 561 60.02 18.87 -51.97
N LEU A 562 60.92 19.86 -52.05
CA LEU A 562 62.21 19.72 -51.39
C LEU A 562 62.05 19.60 -49.89
N GLU A 563 61.12 20.35 -49.30
CA GLU A 563 60.89 20.24 -47.86
C GLU A 563 60.37 18.86 -47.49
N VAL A 564 59.46 18.32 -48.31
CA VAL A 564 58.97 16.96 -48.04
C VAL A 564 60.12 15.97 -48.07
N LEU A 565 60.97 16.07 -49.09
CA LEU A 565 62.11 15.16 -49.18
C LEU A 565 63.04 15.32 -47.98
N TYR A 566 63.27 16.56 -47.56
CA TYR A 566 64.13 16.80 -46.40
C TYR A 566 63.58 16.12 -45.17
N CYS A 567 62.28 16.27 -44.92
CA CYS A 567 61.68 15.63 -43.75
C CYS A 567 61.84 14.11 -43.82
N VAL A 568 61.53 13.53 -44.99
CA VAL A 568 61.61 12.08 -45.13
C VAL A 568 63.01 11.59 -44.85
N LEU A 569 64.01 12.24 -45.46
CA LEU A 569 65.39 11.77 -45.30
C LEU A 569 65.90 12.02 -43.89
N ILE A 570 65.49 13.12 -43.26
CA ILE A 570 65.95 13.38 -41.90
C ILE A 570 65.41 12.33 -40.94
N GLU A 571 64.18 11.87 -41.13
CA GLU A 571 63.58 10.98 -40.15
C GLU A 571 63.77 9.49 -40.43
N SER A 572 63.83 9.06 -41.69
CA SER A 572 63.77 7.64 -41.98
C SER A 572 65.12 7.12 -42.44
N PRO A 573 65.76 6.20 -41.71
CA PRO A 573 66.93 5.50 -42.28
C PRO A 573 66.58 4.48 -43.35
N GLU A 574 65.35 3.94 -43.31
CA GLU A 574 64.95 2.96 -44.31
C GLU A 574 65.05 3.54 -45.71
N VAL A 575 64.65 4.80 -45.87
CA VAL A 575 64.76 5.45 -47.18
C VAL A 575 66.24 5.55 -47.58
N LEU A 576 67.09 5.93 -46.64
CA LEU A 576 68.52 6.04 -46.95
C LEU A 576 69.08 4.71 -47.41
N ASN A 577 68.58 3.60 -46.87
CA ASN A 577 69.08 2.30 -47.28
C ASN A 577 68.62 1.91 -48.68
N ILE A 578 67.69 2.65 -49.30
CA ILE A 578 67.21 2.36 -50.64
C ILE A 578 67.57 3.44 -51.63
N ILE A 579 68.13 4.57 -51.19
CA ILE A 579 68.59 5.59 -52.13
C ILE A 579 69.42 4.95 -53.22
N GLN A 580 69.33 5.49 -54.44
CA GLN A 580 70.00 4.97 -55.61
C GLN A 580 70.76 6.08 -56.32
N GLU A 581 71.62 5.66 -57.25
CA GLU A 581 72.43 6.61 -58.00
C GLU A 581 71.57 7.57 -58.80
N ASN A 582 70.47 7.08 -59.39
CA ASN A 582 69.60 7.97 -60.14
C ASN A 582 68.96 9.01 -59.23
N HIS A 583 68.58 8.63 -58.02
CA HIS A 583 68.03 9.59 -57.08
C HIS A 583 69.07 10.65 -56.73
N ILE A 584 70.31 10.22 -56.46
CA ILE A 584 71.35 11.18 -56.12
C ILE A 584 71.63 12.11 -57.30
N LYS A 585 71.63 11.57 -58.52
CA LYS A 585 71.82 12.42 -59.69
C LYS A 585 70.68 13.42 -59.85
N SER A 586 69.45 13.03 -59.57
CA SER A 586 68.35 14.00 -59.62
C SER A 586 68.52 15.10 -58.58
N ILE A 587 68.92 14.72 -57.36
CA ILE A 587 69.11 15.74 -56.33
C ILE A 587 70.23 16.69 -56.72
N ILE A 588 71.28 16.19 -57.34
CA ILE A 588 72.36 17.06 -57.80
C ILE A 588 71.88 17.93 -58.97
N SER A 589 71.04 17.39 -59.84
CA SER A 589 70.49 18.18 -60.92
C SER A 589 69.65 19.32 -60.38
N LEU A 590 69.07 19.15 -59.20
CA LEU A 590 68.43 20.30 -58.55
C LEU A 590 69.42 21.44 -58.36
N LEU A 591 70.60 21.13 -57.83
CA LEU A 591 71.63 22.16 -57.71
C LEU A 591 71.97 22.75 -59.06
N ASP A 592 72.08 21.88 -60.07
CA ASP A 592 72.51 22.34 -61.39
C ASP A 592 71.49 23.28 -62.01
N LYS A 593 70.21 23.00 -61.83
CA LYS A 593 69.15 23.68 -62.60
C LYS A 593 68.44 24.79 -61.83
N HIS A 594 68.38 24.71 -60.50
CA HIS A 594 67.65 25.70 -59.72
C HIS A 594 68.54 26.74 -59.06
N GLY A 595 69.84 26.52 -59.01
CA GLY A 595 70.77 27.47 -58.45
C GLY A 595 71.43 26.95 -57.20
N ARG A 596 72.19 27.83 -56.55
CA ARG A 596 72.96 27.47 -55.36
C ARG A 596 72.07 27.64 -54.13
N ASN A 597 71.28 26.62 -53.85
CA ASN A 597 70.38 26.58 -52.71
C ASN A 597 70.96 25.67 -51.65
N HIS A 598 71.14 26.20 -50.44
CA HIS A 598 71.80 25.43 -49.39
C HIS A 598 70.91 24.32 -48.84
N LYS A 599 69.60 24.37 -49.10
CA LYS A 599 68.74 23.29 -48.64
C LYS A 599 69.02 22.00 -49.41
N VAL A 600 69.41 22.11 -50.68
CA VAL A 600 69.84 20.92 -51.42
C VAL A 600 71.09 20.33 -50.79
N LEU A 601 72.03 21.19 -50.37
CA LEU A 601 73.20 20.71 -49.67
C LEU A 601 72.83 20.02 -48.37
N ASP A 602 71.84 20.57 -47.66
CA ASP A 602 71.37 19.93 -46.43
C ASP A 602 70.78 18.56 -46.72
N VAL A 603 70.02 18.43 -47.80
CA VAL A 603 69.47 17.13 -48.18
C VAL A 603 70.59 16.15 -48.47
N LEU A 604 71.60 16.58 -49.22
CA LEU A 604 72.72 15.70 -49.52
C LEU A 604 73.44 15.30 -48.26
N CYS A 605 73.63 16.23 -47.33
CA CYS A 605 74.25 15.90 -46.05
C CYS A 605 73.44 14.84 -45.31
N SER A 606 72.12 15.01 -45.27
CA SER A 606 71.28 14.05 -44.57
C SER A 606 71.32 12.69 -45.23
N LEU A 607 71.60 12.63 -46.53
CA LEU A 607 71.74 11.34 -47.19
C LEU A 607 72.94 10.54 -46.69
N CYS A 608 73.94 11.20 -46.09
CA CYS A 608 75.18 10.52 -45.75
C CYS A 608 75.11 9.84 -44.39
N VAL A 609 74.53 10.52 -43.39
CA VAL A 609 74.51 10.03 -42.02
C VAL A 609 73.12 10.23 -41.45
N CYS A 610 72.66 9.26 -40.66
CA CYS A 610 71.37 9.35 -39.98
C CYS A 610 71.46 8.62 -38.65
N ASN A 611 71.17 9.33 -37.56
CA ASN A 611 71.18 8.74 -36.22
C ASN A 611 72.54 8.14 -35.88
N GLY A 612 73.61 8.80 -36.33
CA GLY A 612 74.94 8.37 -35.99
C GLY A 612 75.47 7.20 -36.79
N VAL A 613 74.78 6.79 -37.84
CA VAL A 613 75.21 5.69 -38.70
C VAL A 613 75.41 6.23 -40.11
N ALA A 614 76.50 5.84 -40.74
CA ALA A 614 76.89 6.34 -42.05
C ALA A 614 76.54 5.33 -43.12
N VAL A 615 76.12 5.83 -44.28
CA VAL A 615 75.79 5.01 -45.43
C VAL A 615 76.90 5.19 -46.45
N ARG A 616 77.80 4.22 -46.52
CA ARG A 616 78.98 4.36 -47.36
C ARG A 616 78.60 4.48 -48.83
N SER A 617 77.57 3.74 -49.27
CA SER A 617 77.18 3.80 -50.66
C SER A 617 76.72 5.21 -51.03
N ASN A 618 75.89 5.82 -50.18
CA ASN A 618 75.45 7.19 -50.45
C ASN A 618 76.62 8.16 -50.42
N GLN A 619 77.52 8.00 -49.44
CA GLN A 619 78.67 8.90 -49.38
C GLN A 619 79.50 8.82 -50.66
N ASP A 620 79.79 7.60 -51.11
CA ASP A 620 80.58 7.42 -52.32
C ASP A 620 79.87 7.96 -53.55
N LEU A 621 78.57 7.71 -53.66
CA LEU A 621 77.83 8.20 -54.82
C LEU A 621 77.82 9.72 -54.87
N ILE A 622 77.56 10.37 -53.72
CA ILE A 622 77.57 11.82 -53.70
C ILE A 622 78.94 12.34 -54.07
N THR A 623 80.00 11.78 -53.48
CA THR A 623 81.34 12.24 -53.81
C THR A 623 81.60 12.12 -55.30
N GLU A 624 81.41 10.93 -55.86
CA GLU A 624 81.75 10.63 -57.24
C GLU A 624 80.92 11.42 -58.24
N ASN A 625 79.67 11.75 -57.92
CA ASN A 625 78.82 12.46 -58.85
C ASN A 625 78.79 13.96 -58.64
N LEU A 626 79.33 14.48 -57.55
CA LEU A 626 79.29 15.92 -57.31
C LEU A 626 80.66 16.58 -57.33
N LEU A 627 81.68 15.96 -56.74
CA LEU A 627 82.95 16.67 -56.55
C LEU A 627 83.80 16.75 -57.82
N PRO A 628 84.02 15.65 -58.54
CA PRO A 628 85.05 15.70 -59.61
C PRO A 628 84.78 16.73 -60.68
N GLY A 629 83.51 17.04 -60.97
CA GLY A 629 83.22 18.01 -62.00
C GLY A 629 83.79 19.39 -61.71
N ARG A 630 83.76 19.80 -60.44
CA ARG A 630 84.25 21.12 -60.04
C ARG A 630 83.54 22.21 -60.83
N GLU A 631 82.21 22.10 -60.92
CA GLU A 631 81.41 23.08 -61.64
C GLU A 631 80.23 23.64 -60.85
N LEU A 632 79.82 23.02 -59.75
CA LEU A 632 78.70 23.49 -58.96
C LEU A 632 79.15 24.11 -57.65
N LEU A 633 79.93 23.39 -56.85
CA LEU A 633 80.45 23.93 -55.61
C LEU A 633 81.53 24.96 -55.89
N LEU A 634 81.58 25.97 -55.04
CA LEU A 634 82.62 26.99 -55.16
C LEU A 634 83.98 26.40 -54.83
N GLN A 635 84.99 26.77 -55.62
CA GLN A 635 86.32 26.22 -55.47
C GLN A 635 87.22 27.21 -54.73
N THR A 636 88.18 26.67 -53.98
CA THR A 636 89.10 27.48 -53.20
C THR A 636 90.53 27.04 -53.49
N ASN A 637 91.46 27.96 -53.29
CA ASN A 637 92.87 27.71 -53.53
C ASN A 637 93.67 28.92 -53.09
N LEU A 638 94.94 28.70 -52.76
CA LEU A 638 95.84 29.78 -52.39
C LEU A 638 96.56 30.26 -53.63
N ILE A 639 96.57 31.57 -53.85
CA ILE A 639 97.19 32.15 -55.02
C ILE A 639 98.10 33.29 -54.60
N ASN A 640 99.07 33.60 -55.44
CA ASN A 640 99.99 34.70 -55.20
C ASN A 640 99.36 36.03 -55.61
N TYR A 641 99.66 37.07 -54.86
CA TYR A 641 99.34 38.42 -55.29
C TYR A 641 100.26 38.82 -56.44
N VAL A 642 99.68 39.47 -57.45
CA VAL A 642 100.43 39.88 -58.63
C VAL A 642 100.18 41.36 -58.85
N THR A 643 101.23 42.08 -59.24
CA THR A 643 101.16 43.51 -59.43
C THR A 643 101.93 43.90 -60.69
N SER A 644 101.57 45.04 -61.25
CA SER A 644 102.12 45.51 -62.51
C SER A 644 102.89 46.81 -62.28
N ILE A 645 103.93 47.02 -63.08
CA ILE A 645 104.73 48.23 -63.03
C ILE A 645 105.02 48.68 -64.45
N ARG A 646 104.96 49.99 -64.68
CA ARG A 646 105.20 50.59 -65.98
C ARG A 646 106.03 51.85 -65.80
N PRO A 647 106.80 52.23 -66.82
CA PRO A 647 107.27 53.62 -66.89
C PRO A 647 106.16 54.52 -67.39
N ASN A 648 106.29 55.81 -67.10
CA ASN A 648 105.28 56.75 -67.56
C ASN A 648 105.53 57.11 -69.03
N ILE A 649 105.44 56.12 -69.90
CA ILE A 649 105.63 56.28 -71.34
C ILE A 649 104.35 55.84 -72.02
N PHE A 650 103.76 56.73 -72.82
CA PHE A 650 102.49 56.48 -73.47
C PHE A 650 102.61 56.81 -74.95
N VAL A 651 102.19 55.87 -75.79
CA VAL A 651 102.28 56.01 -77.23
C VAL A 651 101.02 55.44 -77.86
N GLY A 652 100.54 56.11 -78.91
CA GLY A 652 99.33 55.66 -79.57
C GLY A 652 99.31 56.13 -81.01
N ARG A 653 98.17 55.90 -81.66
CA ARG A 653 97.95 56.28 -83.05
C ARG A 653 96.62 56.99 -83.18
N ALA A 654 96.59 58.05 -83.98
CA ALA A 654 95.34 58.70 -84.34
C ALA A 654 95.56 59.49 -85.61
N GLU A 655 94.46 59.77 -86.31
CA GLU A 655 94.55 60.51 -87.56
C GLU A 655 95.13 61.89 -87.31
N GLY A 656 96.31 62.17 -87.86
CA GLY A 656 96.95 63.44 -87.66
C GLY A 656 97.61 63.61 -86.32
N SER A 657 97.90 62.52 -85.62
CA SER A 657 98.58 62.60 -84.34
C SER A 657 100.04 63.00 -84.53
N THR A 658 100.64 63.52 -83.46
CA THR A 658 102.02 63.98 -83.47
C THR A 658 102.99 62.94 -82.94
N GLN A 659 102.53 61.70 -82.75
CA GLN A 659 103.31 60.67 -82.08
C GLN A 659 103.91 59.72 -83.10
N TYR A 660 105.17 59.32 -82.85
CA TYR A 660 105.83 58.35 -83.71
C TYR A 660 105.15 56.98 -83.56
N GLY A 661 105.37 56.13 -84.56
CA GLY A 661 104.63 54.89 -84.64
C GLY A 661 105.31 53.67 -84.07
N LYS A 662 106.63 53.58 -84.21
CA LYS A 662 107.39 52.38 -83.85
C LYS A 662 108.19 52.63 -82.59
N TRP A 663 108.10 51.72 -81.63
CA TRP A 663 108.75 51.87 -80.33
C TRP A 663 109.39 50.56 -79.91
N TYR A 664 110.39 50.67 -79.03
CA TYR A 664 111.23 49.55 -78.65
C TYR A 664 111.70 49.73 -77.22
N PHE A 665 111.69 48.66 -76.43
CA PHE A 665 112.29 48.71 -75.09
C PHE A 665 112.78 47.33 -74.71
N GLU A 666 113.44 47.24 -73.56
CA GLU A 666 114.01 45.98 -73.10
C GLU A 666 113.80 45.81 -71.61
N VAL A 667 113.79 44.56 -71.17
CA VAL A 667 113.71 44.22 -69.75
C VAL A 667 114.76 43.15 -69.49
N MET A 668 115.63 43.40 -68.52
CA MET A 668 116.67 42.43 -68.15
C MET A 668 116.34 41.86 -66.77
N VAL A 669 116.40 40.55 -66.66
CA VAL A 669 115.99 39.86 -65.43
C VAL A 669 117.24 39.52 -64.63
N ASP A 670 117.34 40.08 -63.41
CA ASP A 670 118.49 39.84 -62.56
C ASP A 670 118.30 38.63 -61.64
N GLU A 671 117.16 38.57 -60.94
CA GLU A 671 116.89 37.47 -60.02
C GLU A 671 115.46 37.01 -60.17
N VAL A 672 115.26 35.69 -60.11
CA VAL A 672 113.93 35.10 -60.08
C VAL A 672 113.98 33.86 -59.21
N ALA A 673 113.11 33.80 -58.21
CA ALA A 673 112.95 32.58 -57.43
C ALA A 673 111.78 31.81 -58.04
N PRO A 674 112.03 30.69 -58.73
CA PRO A 674 110.92 30.04 -59.44
C PRO A 674 109.75 29.70 -58.55
N PHE A 675 110.01 29.23 -57.32
CA PHE A 675 108.96 28.90 -56.39
C PHE A 675 109.28 29.53 -55.04
N LEU A 676 108.91 30.80 -54.87
CA LEU A 676 109.03 31.43 -53.56
C LEU A 676 107.91 30.96 -52.64
N THR A 677 106.76 30.62 -53.21
CA THR A 677 105.65 29.99 -52.52
C THR A 677 105.26 28.73 -53.27
N ALA A 678 104.15 28.11 -52.87
CA ALA A 678 103.71 26.88 -53.51
C ALA A 678 103.27 27.09 -54.96
N GLN A 679 102.99 28.33 -55.36
CA GLN A 679 102.60 28.63 -56.72
C GLN A 679 103.79 29.21 -57.49
N ALA A 680 103.86 28.87 -58.78
CA ALA A 680 104.98 29.31 -59.59
C ALA A 680 105.03 30.82 -59.65
N THR A 681 106.25 31.36 -59.61
CA THR A 681 106.42 32.81 -59.64
C THR A 681 105.91 33.38 -60.97
N HIS A 682 105.25 34.51 -60.87
CA HIS A 682 104.67 35.20 -62.01
C HIS A 682 105.65 36.26 -62.51
N LEU A 683 105.93 36.25 -63.81
CA LEU A 683 106.78 37.27 -64.41
C LEU A 683 106.47 37.32 -65.91
N ARG A 684 105.86 38.41 -66.34
CA ARG A 684 105.51 38.61 -67.74
C ARG A 684 105.88 40.03 -68.16
N VAL A 685 106.29 40.17 -69.41
CA VAL A 685 106.69 41.46 -69.97
C VAL A 685 105.90 41.73 -71.23
N GLY A 686 105.52 42.99 -71.45
CA GLY A 686 104.83 43.29 -72.69
C GLY A 686 104.24 44.69 -72.69
N TRP A 687 103.16 44.84 -73.44
CA TRP A 687 102.50 46.11 -73.63
C TRP A 687 101.07 46.04 -73.13
N ALA A 688 100.51 47.20 -72.83
CA ALA A 688 99.13 47.27 -72.37
C ALA A 688 98.51 48.59 -72.81
N LEU A 689 97.19 48.62 -72.87
CA LEU A 689 96.44 49.78 -73.33
C LEU A 689 96.01 50.61 -72.14
N SER A 690 96.18 51.93 -72.25
CA SER A 690 95.95 52.83 -71.12
C SER A 690 94.58 52.59 -70.49
N GLU A 691 93.52 52.79 -71.27
CA GLU A 691 92.16 52.65 -70.76
C GLU A 691 91.71 51.22 -70.96
N GLY A 692 91.64 50.46 -69.88
CA GLY A 692 91.14 49.11 -69.92
C GLY A 692 92.00 48.14 -69.14
N TYR A 693 93.30 48.39 -69.10
CA TYR A 693 94.21 47.56 -68.31
C TYR A 693 94.20 48.07 -66.89
N SER A 694 93.34 47.47 -66.06
CA SER A 694 93.19 47.87 -64.65
C SER A 694 93.18 46.62 -63.79
N PRO A 695 94.34 45.99 -63.63
CA PRO A 695 94.42 44.80 -62.76
C PRO A 695 94.48 45.20 -61.31
N TYR A 696 93.40 44.92 -60.58
CA TYR A 696 93.37 45.31 -59.18
C TYR A 696 93.98 44.21 -58.32
N PRO A 697 94.61 44.53 -57.19
CA PRO A 697 95.16 43.48 -56.33
C PRO A 697 94.06 42.53 -55.86
N GLY A 698 94.38 41.25 -55.80
CA GLY A 698 93.45 40.27 -55.29
C GLY A 698 92.97 39.29 -56.34
N GLY A 699 91.67 39.15 -56.47
CA GLY A 699 91.09 38.19 -57.40
C GLY A 699 90.37 38.86 -58.53
N GLY A 700 90.62 38.37 -59.74
CA GLY A 700 89.96 38.89 -60.92
C GLY A 700 89.49 37.77 -61.83
N GLU A 701 89.90 37.82 -63.09
CA GLU A 701 89.48 36.80 -64.04
C GLU A 701 90.18 35.48 -63.75
N GLY A 702 89.50 34.39 -64.08
CA GLY A 702 90.10 33.08 -63.88
C GLY A 702 90.35 32.80 -62.41
N TRP A 703 91.60 32.47 -62.09
CA TRP A 703 92.00 32.17 -60.72
C TRP A 703 92.83 33.31 -60.11
N GLY A 704 92.53 34.54 -60.49
CA GLY A 704 93.21 35.68 -59.92
C GLY A 704 94.64 35.81 -60.41
N GLY A 705 95.40 36.65 -59.72
CA GLY A 705 96.78 36.89 -60.09
C GLY A 705 96.87 37.43 -61.50
N ASN A 706 96.06 38.42 -61.81
CA ASN A 706 95.97 38.94 -63.17
C ASN A 706 97.11 39.89 -63.45
N GLY A 707 97.81 39.66 -64.56
CA GLY A 707 98.90 40.50 -64.98
C GLY A 707 98.85 40.78 -66.47
N VAL A 708 100.00 40.94 -67.10
CA VAL A 708 100.03 41.21 -68.54
C VAL A 708 99.48 40.01 -69.28
N GLY A 709 98.54 40.25 -70.19
CA GLY A 709 97.97 39.21 -71.03
C GLY A 709 96.77 38.51 -70.44
N ASP A 710 96.33 38.86 -69.24
CA ASP A 710 95.16 38.23 -68.64
C ASP A 710 93.87 38.93 -69.00
N ASP A 711 93.91 39.84 -69.97
CA ASP A 711 92.72 40.45 -70.54
C ASP A 711 93.06 40.91 -71.94
N LEU A 712 92.03 41.32 -72.68
CA LEU A 712 92.22 41.72 -74.08
C LEU A 712 92.68 43.16 -74.20
N TYR A 713 93.25 43.73 -73.14
CA TYR A 713 93.85 45.04 -73.19
C TYR A 713 95.37 44.99 -73.07
N SER A 714 95.95 43.83 -72.79
CA SER A 714 97.37 43.70 -72.60
C SER A 714 97.87 42.48 -73.36
N TYR A 715 99.14 42.53 -73.74
CA TYR A 715 99.77 41.50 -74.55
C TYR A 715 101.14 41.23 -73.97
N GLY A 716 101.35 40.00 -73.48
CA GLY A 716 102.52 39.69 -72.70
C GLY A 716 103.26 38.48 -73.22
N PHE A 717 104.46 38.31 -72.69
CA PHE A 717 105.35 37.20 -73.03
C PHE A 717 106.02 36.76 -71.74
N ASP A 718 106.07 35.45 -71.51
CA ASP A 718 106.65 34.92 -70.29
C ASP A 718 107.83 33.98 -70.51
N GLY A 719 108.48 34.05 -71.67
CA GLY A 719 109.60 33.19 -71.99
C GLY A 719 109.20 31.96 -72.77
N LEU A 720 108.03 31.39 -72.46
CA LEU A 720 107.52 30.23 -73.16
C LEU A 720 106.20 30.48 -73.88
N HIS A 721 105.38 31.40 -73.38
CA HIS A 721 104.04 31.61 -73.91
C HIS A 721 103.84 33.09 -74.22
N LEU A 722 103.03 33.31 -75.25
CA LEU A 722 102.41 34.60 -75.50
C LEU A 722 101.06 34.61 -74.79
N TRP A 723 100.84 35.61 -73.95
CA TRP A 723 99.67 35.69 -73.09
C TRP A 723 98.76 36.81 -73.59
N THR A 724 97.50 36.48 -73.81
CA THR A 724 96.51 37.50 -74.10
C THR A 724 95.12 36.94 -73.85
N GLY A 725 94.22 37.78 -73.37
CA GLY A 725 92.87 37.33 -73.08
C GLY A 725 92.81 36.23 -72.05
N HIS A 726 93.79 36.14 -71.17
CA HIS A 726 93.88 35.08 -70.17
C HIS A 726 94.15 33.73 -70.80
N VAL A 727 94.65 33.70 -72.03
CA VAL A 727 95.02 32.47 -72.71
C VAL A 727 96.51 32.52 -72.99
N ALA A 728 97.20 31.43 -72.68
CA ALA A 728 98.62 31.29 -72.93
C ALA A 728 98.82 30.39 -74.15
N ARG A 729 99.53 30.89 -75.14
CA ARG A 729 99.80 30.13 -76.34
C ARG A 729 101.30 29.88 -76.45
N PRO A 730 101.77 28.64 -76.46
CA PRO A 730 103.21 28.40 -76.54
C PRO A 730 103.79 29.00 -77.80
N VAL A 731 104.99 29.56 -77.68
CA VAL A 731 105.67 30.20 -78.79
C VAL A 731 107.08 29.66 -78.86
N THR A 732 107.49 29.22 -80.04
CA THR A 732 108.80 28.63 -80.25
C THR A 732 109.88 29.71 -80.16
N SER A 733 111.06 29.31 -79.70
CA SER A 733 112.20 30.20 -79.59
C SER A 733 113.45 29.36 -79.39
N PRO A 734 114.59 29.78 -79.93
CA PRO A 734 115.82 29.02 -79.70
C PRO A 734 116.15 28.92 -78.23
N GLY A 735 116.21 27.69 -77.71
CA GLY A 735 116.49 27.49 -76.30
C GLY A 735 115.36 27.96 -75.42
N GLN A 736 114.19 27.37 -75.59
CA GLN A 736 113.02 27.78 -74.82
C GLN A 736 113.28 27.60 -73.33
N HIS A 737 112.81 28.57 -72.54
CA HIS A 737 112.80 28.42 -71.10
C HIS A 737 112.06 29.59 -70.48
N LEU A 738 111.43 29.34 -69.35
CA LEU A 738 110.77 30.41 -68.61
C LEU A 738 111.80 31.47 -68.23
N LEU A 739 111.39 32.73 -68.26
CA LEU A 739 112.28 33.84 -67.96
C LEU A 739 113.11 33.54 -66.72
N ALA A 740 114.42 33.56 -66.89
CA ALA A 740 115.38 33.21 -65.86
C ALA A 740 116.39 34.35 -65.72
N PRO A 741 117.21 34.33 -64.67
CA PRO A 741 118.17 35.41 -64.47
C PRO A 741 119.08 35.58 -65.68
N GLU A 742 119.41 36.84 -65.97
CA GLU A 742 120.29 37.24 -67.06
C GLU A 742 119.62 37.13 -68.43
N ASP A 743 118.30 37.03 -68.46
CA ASP A 743 117.55 37.04 -69.71
C ASP A 743 117.19 38.46 -70.09
N VAL A 744 117.30 38.78 -71.37
CA VAL A 744 116.96 40.09 -71.90
C VAL A 744 115.80 39.90 -72.86
N VAL A 745 114.66 40.50 -72.55
CA VAL A 745 113.49 40.48 -73.42
C VAL A 745 113.39 41.83 -74.12
N SER A 746 113.36 41.82 -75.44
CA SER A 746 113.25 43.01 -76.25
C SER A 746 111.85 43.05 -76.83
N CYS A 747 111.11 44.13 -76.56
CA CYS A 747 109.74 44.28 -77.01
C CYS A 747 109.67 45.38 -78.07
N CYS A 748 109.02 45.07 -79.19
CA CYS A 748 108.87 45.97 -80.31
C CYS A 748 107.39 46.17 -80.57
N LEU A 749 106.97 47.42 -80.72
CA LEU A 749 105.58 47.77 -81.00
C LEU A 749 105.54 48.63 -82.25
N ASP A 750 104.90 48.12 -83.30
CA ASP A 750 104.73 48.85 -84.55
C ASP A 750 103.24 49.16 -84.69
N LEU A 751 102.86 50.41 -84.45
CA LEU A 751 101.46 50.78 -84.48
C LEU A 751 100.90 50.90 -85.89
N SER A 752 101.74 50.81 -86.91
CA SER A 752 101.27 50.90 -88.28
C SER A 752 100.49 49.68 -88.74
N VAL A 753 100.92 48.49 -88.33
CA VAL A 753 100.33 47.24 -88.82
C VAL A 753 98.92 47.07 -88.26
N PRO A 754 98.71 47.07 -86.93
CA PRO A 754 99.63 47.11 -85.80
C PRO A 754 100.13 45.72 -85.39
N SER A 755 101.28 45.68 -84.73
CA SER A 755 101.87 44.40 -84.34
C SER A 755 102.77 44.60 -83.13
N ILE A 756 102.91 43.53 -82.34
CA ILE A 756 103.82 43.50 -81.20
C ILE A 756 104.67 42.25 -81.37
N SER A 757 105.99 42.41 -81.26
CA SER A 757 106.92 41.31 -81.43
C SER A 757 107.94 41.31 -80.30
N PHE A 758 108.57 40.15 -80.11
CA PHE A 758 109.48 39.92 -79.01
C PHE A 758 110.77 39.32 -79.52
N ARG A 759 111.82 39.49 -78.72
CA ARG A 759 113.12 38.85 -78.97
C ARG A 759 113.70 38.47 -77.63
N ILE A 760 114.13 37.22 -77.48
CA ILE A 760 114.69 36.74 -76.22
C ILE A 760 116.19 36.54 -76.41
N ASN A 761 116.98 37.32 -75.69
CA ASN A 761 118.43 37.27 -75.80
C ASN A 761 118.88 37.45 -77.25
N GLY A 762 118.15 38.30 -77.99
CA GLY A 762 118.44 38.54 -79.38
C GLY A 762 117.85 37.53 -80.34
N CYS A 763 117.42 36.38 -79.85
CA CYS A 763 116.84 35.37 -80.73
C CYS A 763 115.36 35.70 -80.97
N PRO A 764 114.91 35.75 -82.23
CA PRO A 764 113.50 36.10 -82.48
C PRO A 764 112.55 35.11 -81.82
N VAL A 765 111.46 35.63 -81.28
CA VAL A 765 110.38 34.79 -80.77
C VAL A 765 109.37 34.59 -81.89
N GLN A 766 109.13 33.34 -82.24
CA GLN A 766 108.34 33.01 -83.43
C GLN A 766 106.84 33.14 -83.16
N GLY A 767 106.43 34.37 -82.92
CA GLY A 767 105.03 34.68 -82.71
C GLY A 767 104.79 36.17 -82.64
N VAL A 768 103.58 36.62 -82.99
CA VAL A 768 103.27 38.04 -82.99
C VAL A 768 101.80 38.26 -82.64
N PHE A 769 101.54 39.38 -81.98
CA PHE A 769 100.20 39.93 -81.83
C PHE A 769 99.99 40.92 -82.96
N GLU A 770 98.78 40.97 -83.50
CA GLU A 770 98.47 41.91 -84.57
C GLU A 770 96.98 42.21 -84.62
N SER A 771 96.66 43.24 -85.38
CA SER A 771 95.28 43.63 -85.64
C SER A 771 94.48 43.73 -84.35
N PHE A 772 95.05 44.43 -83.37
CA PHE A 772 94.36 44.72 -82.13
C PHE A 772 93.82 46.14 -82.16
N ASN A 773 93.00 46.46 -81.15
CA ASN A 773 92.36 47.76 -81.08
C ASN A 773 93.39 48.85 -80.80
N LEU A 774 93.14 50.04 -81.34
CA LEU A 774 94.03 51.17 -81.24
C LEU A 774 93.30 52.40 -80.72
N ASP A 775 92.49 52.22 -79.68
CA ASP A 775 91.68 53.31 -79.15
C ASP A 775 92.20 53.76 -77.79
N GLY A 776 93.51 53.80 -77.65
CA GLY A 776 94.11 54.26 -76.41
C GLY A 776 95.60 54.42 -76.58
N LEU A 777 96.27 54.66 -75.46
CA LEU A 777 97.71 54.80 -75.43
C LEU A 777 98.34 53.54 -74.87
N PHE A 778 99.44 53.11 -75.49
CA PHE A 778 100.15 51.91 -75.09
C PHE A 778 101.34 52.29 -74.22
N PHE A 779 101.62 51.46 -73.21
CA PHE A 779 102.77 51.69 -72.35
C PHE A 779 103.49 50.37 -72.08
N PRO A 780 104.81 50.39 -71.91
CA PRO A 780 105.50 49.18 -71.47
C PRO A 780 105.04 48.78 -70.09
N VAL A 781 105.04 47.47 -69.82
CA VAL A 781 104.57 46.97 -68.54
C VAL A 781 105.23 45.63 -68.24
N VAL A 782 105.47 45.39 -66.95
CA VAL A 782 105.86 44.09 -66.46
C VAL A 782 104.95 43.74 -65.30
N SER A 783 104.38 42.55 -65.33
CA SER A 783 103.57 42.04 -64.23
C SER A 783 104.35 40.94 -63.53
N PHE A 784 104.20 40.87 -62.22
CA PHE A 784 105.03 39.95 -61.46
C PHE A 784 104.41 39.64 -60.12
N SER A 785 104.86 38.54 -59.53
CA SER A 785 104.59 38.20 -58.15
C SER A 785 105.88 38.36 -57.35
N ALA A 786 105.78 38.17 -56.04
CA ALA A 786 106.94 38.35 -55.18
C ALA A 786 108.06 37.39 -55.56
N GLY A 787 109.29 37.86 -55.45
CA GLY A 787 110.46 37.06 -55.75
C GLY A 787 111.17 37.41 -57.02
N ILE A 788 111.16 38.68 -57.45
CA ILE A 788 111.81 39.08 -58.69
C ILE A 788 112.66 40.32 -58.47
N LYS A 789 113.58 40.52 -59.41
CA LYS A 789 114.31 41.77 -59.54
C LYS A 789 114.62 41.92 -61.03
N VAL A 790 114.10 42.97 -61.65
CA VAL A 790 114.27 43.19 -63.08
C VAL A 790 114.62 44.65 -63.29
N ARG A 791 114.97 44.98 -64.54
CA ARG A 791 115.35 46.33 -64.90
C ARG A 791 114.81 46.66 -66.29
N PHE A 792 114.05 47.75 -66.37
CA PHE A 792 113.70 48.35 -67.65
C PHE A 792 114.92 49.02 -68.24
N LEU A 793 115.20 48.73 -69.51
CA LEU A 793 116.18 49.45 -70.31
C LEU A 793 115.40 50.18 -71.40
N LEU A 794 115.38 51.51 -71.32
CA LEU A 794 114.60 52.34 -72.21
C LEU A 794 115.48 53.13 -73.18
N GLY A 795 116.79 52.91 -73.16
CA GLY A 795 117.69 53.61 -74.05
C GLY A 795 118.16 54.93 -73.48
N GLY A 796 119.09 55.56 -74.21
CA GLY A 796 119.61 56.84 -73.78
C GLY A 796 120.25 56.72 -72.42
N ARG A 797 119.94 57.65 -71.54
CA ARG A 797 120.45 57.66 -70.17
C ARG A 797 119.57 56.87 -69.21
N HIS A 798 118.61 56.11 -69.73
CA HIS A 798 117.66 55.37 -68.91
C HIS A 798 117.77 53.88 -69.20
N GLY A 799 118.99 53.37 -69.26
CA GLY A 799 119.22 51.97 -69.53
C GLY A 799 119.74 51.73 -70.93
N GLU A 800 121.01 51.35 -71.04
CA GLU A 800 121.63 51.12 -72.34
C GLU A 800 121.16 49.79 -72.90
N PHE A 801 120.68 49.81 -74.14
CA PHE A 801 120.17 48.59 -74.76
C PHE A 801 121.28 47.56 -74.92
N LYS A 802 120.94 46.30 -74.67
CA LYS A 802 121.88 45.21 -74.90
C LYS A 802 121.90 44.75 -76.36
N PHE A 803 120.84 45.02 -77.10
CA PHE A 803 120.75 44.67 -78.52
C PHE A 803 120.26 45.87 -79.31
N LEU A 804 120.67 45.92 -80.56
CA LEU A 804 120.34 47.07 -81.40
C LEU A 804 118.85 47.04 -81.75
N PRO A 805 118.12 48.14 -81.57
CA PRO A 805 116.71 48.14 -81.96
C PRO A 805 116.56 47.88 -83.45
N PRO A 806 115.50 47.18 -83.85
CA PRO A 806 115.30 46.90 -85.27
C PRO A 806 115.15 48.20 -86.05
N PRO A 807 115.55 48.21 -87.33
CA PRO A 807 115.54 49.46 -88.10
C PRO A 807 114.20 50.17 -88.09
N GLY A 808 114.20 51.44 -87.66
CA GLY A 808 113.02 52.28 -87.67
C GLY A 808 112.40 52.48 -86.30
N TYR A 809 112.57 51.52 -85.41
CA TYR A 809 111.98 51.63 -84.07
C TYR A 809 112.75 52.63 -83.23
N ALA A 810 112.04 53.29 -82.33
CA ALA A 810 112.61 54.34 -81.51
C ALA A 810 112.71 53.90 -80.06
N PRO A 811 113.77 54.28 -79.35
CA PRO A 811 113.83 53.98 -77.91
C PRO A 811 112.66 54.62 -77.18
N CYS A 812 112.14 53.90 -76.18
CA CYS A 812 110.97 54.39 -75.47
C CYS A 812 111.26 55.60 -74.59
N HIS A 813 112.53 55.85 -74.26
CA HIS A 813 112.83 57.02 -73.45
C HIS A 813 112.52 58.32 -74.17
N GLU A 814 112.32 58.28 -75.49
CA GLU A 814 111.99 59.46 -76.27
C GLU A 814 110.52 59.83 -76.19
N ALA A 815 109.68 58.96 -75.62
CA ALA A 815 108.25 59.19 -75.58
C ALA A 815 107.80 59.89 -74.31
N VAL A 816 108.72 60.27 -73.43
CA VAL A 816 108.33 60.95 -72.20
C VAL A 816 107.87 62.35 -72.54
N LEU A 817 106.71 62.74 -72.02
CA LEU A 817 106.11 64.00 -72.39
C LEU A 817 106.90 65.17 -71.82
N PRO A 818 106.78 66.35 -72.42
CA PRO A 818 107.60 67.49 -71.95
C PRO A 818 107.39 67.86 -70.49
N ARG A 819 106.17 67.73 -69.99
CA ARG A 819 105.84 68.19 -68.65
C ARG A 819 106.15 67.15 -67.58
N GLU A 820 106.68 66.00 -67.96
CA GLU A 820 106.85 64.89 -67.04
C GLU A 820 108.30 64.45 -67.01
N ARG A 821 108.64 63.73 -65.96
CA ARG A 821 109.97 63.16 -65.77
C ARG A 821 109.84 61.64 -65.70
N LEU A 822 110.75 60.95 -66.38
CA LEU A 822 110.66 59.50 -66.47
C LEU A 822 110.80 58.86 -65.10
N HIS A 823 109.93 57.89 -64.82
CA HIS A 823 110.01 57.11 -63.58
C HIS A 823 109.06 55.93 -63.70
N LEU A 824 109.13 55.05 -62.72
CA LEU A 824 108.27 53.87 -62.68
C LEU A 824 107.15 54.09 -61.67
N GLN A 825 105.94 53.66 -62.05
CA GLN A 825 104.76 53.87 -61.23
C GLN A 825 103.88 52.64 -61.29
N PRO A 826 103.01 52.45 -60.30
CA PRO A 826 101.96 51.43 -60.43
C PRO A 826 100.87 51.90 -61.38
N ILE A 827 99.87 51.04 -61.56
CA ILE A 827 98.77 51.29 -62.49
C ILE A 827 97.46 51.23 -61.72
N LYS A 828 96.65 52.28 -61.86
CA LYS A 828 95.31 52.34 -61.29
C LYS A 828 95.32 51.94 -59.82
N GLU A 829 96.13 52.65 -59.05
CA GLU A 829 96.25 52.38 -57.62
C GLU A 829 95.18 53.17 -56.85
N TYR A 830 94.53 52.48 -55.92
CA TYR A 830 93.61 53.12 -54.99
C TYR A 830 94.21 53.28 -53.60
N ARG A 831 95.52 53.08 -53.46
CA ARG A 831 96.15 53.00 -52.16
C ARG A 831 97.64 53.18 -52.33
N ARG A 832 98.25 53.87 -51.37
CA ARG A 832 99.71 54.01 -51.35
C ARG A 832 100.16 54.24 -49.93
N GLU A 833 101.47 54.26 -49.73
CA GLU A 833 102.03 54.55 -48.42
C GLU A 833 102.37 56.03 -48.29
N GLY A 834 102.41 56.52 -47.06
CA GLY A 834 102.77 57.88 -46.80
C GLY A 834 103.26 58.08 -45.39
N PRO A 835 103.74 59.29 -45.10
CA PRO A 835 104.52 59.49 -43.86
C PRO A 835 103.81 59.01 -42.61
N ARG A 836 102.49 59.21 -42.51
CA ARG A 836 101.74 58.85 -41.32
C ARG A 836 100.88 57.61 -41.50
N GLY A 837 100.90 56.98 -42.68
CA GLY A 837 100.08 55.81 -42.90
C GLY A 837 99.66 55.66 -44.35
N PRO A 838 98.72 54.77 -44.61
CA PRO A 838 98.25 54.59 -45.99
C PRO A 838 97.36 55.74 -46.45
N HIS A 839 97.64 56.23 -47.65
CA HIS A 839 96.82 57.21 -48.32
C HIS A 839 95.87 56.50 -49.28
N LEU A 840 94.61 56.92 -49.24
CA LEU A 840 93.63 56.49 -50.22
C LEU A 840 93.67 57.44 -51.41
N VAL A 841 93.58 56.87 -52.61
CA VAL A 841 93.78 57.61 -53.85
C VAL A 841 92.53 57.48 -54.71
N GLY A 842 92.13 58.58 -55.33
CA GLY A 842 91.02 58.57 -56.25
C GLY A 842 91.48 58.21 -57.65
N PRO A 843 90.54 58.16 -58.59
CA PRO A 843 90.90 57.77 -59.96
C PRO A 843 91.97 58.70 -60.53
N SER A 844 92.79 58.15 -61.41
CA SER A 844 93.83 58.93 -62.08
C SER A 844 93.34 59.38 -63.43
N ARG A 845 93.55 60.66 -63.73
CA ARG A 845 93.19 61.22 -65.02
C ARG A 845 94.22 60.79 -66.06
N CYS A 846 93.75 60.12 -67.11
CA CYS A 846 94.62 59.55 -68.12
C CYS A 846 94.43 60.26 -69.45
N LEU A 847 95.53 60.41 -70.18
CA LEU A 847 95.47 61.00 -71.50
C LEU A 847 94.80 60.04 -72.48
N SER A 848 94.31 60.59 -73.58
CA SER A 848 93.72 59.83 -74.66
C SER A 848 94.60 59.95 -75.90
N HIS A 849 94.56 58.92 -76.75
CA HIS A 849 95.36 58.97 -77.97
C HIS A 849 94.97 60.16 -78.83
N LEU A 850 93.76 60.67 -78.67
CA LEU A 850 93.31 61.84 -79.39
C LEU A 850 93.79 63.15 -78.77
N ASP A 851 94.37 63.10 -77.57
CA ASP A 851 94.93 64.29 -76.96
C ASP A 851 96.19 64.77 -77.67
N PHE A 852 96.75 63.95 -78.56
CA PHE A 852 97.95 64.32 -79.30
C PHE A 852 97.63 64.82 -80.70
N VAL A 853 96.36 65.04 -81.02
CA VAL A 853 95.93 65.54 -82.31
C VAL A 853 95.74 67.06 -82.18
N PRO A 854 96.57 67.88 -82.81
CA PRO A 854 96.32 69.33 -82.76
C PRO A 854 95.08 69.68 -83.56
N CYS A 855 94.19 70.44 -82.94
CA CYS A 855 92.88 70.79 -83.52
C CYS A 855 92.71 72.30 -83.46
N PRO A 856 93.40 73.04 -84.32
CA PRO A 856 93.26 74.49 -84.34
C PRO A 856 91.99 74.93 -85.04
N VAL A 857 91.66 76.20 -84.85
CA VAL A 857 90.48 76.78 -85.48
C VAL A 857 90.84 77.26 -86.88
N ASP A 858 89.96 76.99 -87.83
CA ASP A 858 90.19 77.37 -89.22
C ASP A 858 90.27 78.89 -89.35
N THR A 859 91.16 79.34 -90.23
CA THR A 859 91.37 80.77 -90.46
C THR A 859 91.37 81.19 -91.91
N ILE A 860 91.48 80.26 -92.86
CA ILE A 860 91.52 80.65 -94.27
C ILE A 860 90.19 81.25 -94.69
N GLN A 861 89.08 80.74 -94.14
CA GLN A 861 87.77 81.25 -94.51
C GLN A 861 87.53 82.64 -93.94
N ILE A 862 88.25 83.01 -92.89
CA ILE A 862 88.20 84.38 -92.40
C ILE A 862 88.65 85.33 -93.50
N VAL A 863 87.95 86.45 -93.62
CA VAL A 863 88.32 87.51 -94.55
C VAL A 863 88.67 88.76 -93.73
N LEU A 864 89.88 89.26 -93.93
CA LEU A 864 90.35 90.39 -93.16
C LEU A 864 89.55 91.65 -93.49
N PRO A 865 89.10 92.41 -92.50
CA PRO A 865 88.44 93.68 -92.81
C PRO A 865 89.45 94.76 -93.16
N PRO A 866 89.02 95.81 -93.85
CA PRO A 866 89.98 96.87 -94.22
C PRO A 866 90.57 97.62 -93.03
N HIS A 867 89.77 97.86 -92.00
CA HIS A 867 90.24 98.64 -90.86
C HIS A 867 91.17 97.81 -89.98
N LEU A 868 91.17 96.49 -90.17
CA LEU A 868 92.21 95.66 -89.58
C LEU A 868 93.42 95.60 -90.52
N GLU A 869 93.18 95.63 -91.83
CA GLU A 869 94.25 95.58 -92.81
C GLU A 869 95.20 96.77 -92.64
N ARG A 870 94.63 97.97 -92.47
CA ARG A 870 95.45 99.15 -92.30
C ARG A 870 96.46 98.95 -91.18
N ILE A 871 96.02 98.31 -90.08
CA ILE A 871 96.89 98.10 -88.94
C ILE A 871 97.90 97.02 -89.23
N ARG A 872 97.48 95.95 -89.92
CA ARG A 872 98.29 94.77 -90.16
C ARG A 872 99.76 95.11 -90.38
N GLU A 873 100.03 96.05 -91.29
CA GLU A 873 101.40 96.46 -91.55
C GLU A 873 102.07 96.98 -90.29
N LYS A 874 101.53 98.06 -89.72
CA LYS A 874 102.16 98.69 -88.57
C LYS A 874 102.39 97.68 -87.45
N LEU A 875 101.46 96.73 -87.28
CA LEU A 875 101.64 95.67 -86.30
C LEU A 875 102.86 94.84 -86.64
N ALA A 876 103.03 94.49 -87.92
CA ALA A 876 104.22 93.76 -88.32
C ALA A 876 105.49 94.53 -87.97
N GLU A 877 105.53 95.82 -88.31
CA GLU A 877 106.72 96.60 -87.99
C GLU A 877 106.97 96.66 -86.49
N ASN A 878 105.91 96.85 -85.70
CA ASN A 878 106.09 96.97 -84.26
C ASN A 878 106.64 95.67 -83.67
N ILE A 879 106.08 94.53 -84.09
CA ILE A 879 106.56 93.25 -83.58
C ILE A 879 108.00 93.02 -84.00
N HIS A 880 108.35 93.47 -85.21
CA HIS A 880 109.75 93.37 -85.65
C HIS A 880 110.66 94.22 -84.78
N GLU A 881 110.22 95.43 -84.46
CA GLU A 881 111.01 96.30 -83.58
C GLU A 881 111.26 95.61 -82.25
N LEU A 882 110.21 95.05 -81.65
CA LEU A 882 110.37 94.35 -80.38
C LEU A 882 111.31 93.16 -80.54
N TRP A 883 111.17 92.41 -81.63
CA TRP A 883 111.98 91.23 -81.85
C TRP A 883 113.45 91.59 -81.96
N ALA A 884 113.76 92.63 -82.73
CA ALA A 884 115.14 93.08 -82.86
C ALA A 884 115.66 93.63 -81.54
N LEU A 885 114.80 94.30 -80.77
CA LEU A 885 115.22 94.77 -79.45
C LEU A 885 115.64 93.61 -78.57
N THR A 886 114.84 92.54 -78.55
CA THR A 886 115.20 91.36 -77.77
C THR A 886 116.49 90.73 -78.29
N ARG A 887 116.65 90.67 -79.61
CA ARG A 887 117.89 90.16 -80.20
C ARG A 887 119.10 90.93 -79.67
N ILE A 888 119.05 92.26 -79.76
CA ILE A 888 120.21 93.05 -79.34
C ILE A 888 120.42 92.93 -77.84
N GLU A 889 119.33 92.87 -77.06
CA GLU A 889 119.46 92.64 -75.63
C GLU A 889 120.24 91.36 -75.35
N GLN A 890 119.86 90.27 -76.02
CA GLN A 890 120.58 89.02 -75.90
C GLN A 890 121.98 89.09 -76.52
N GLY A 891 122.26 90.13 -77.30
CA GLY A 891 123.59 90.37 -77.83
C GLY A 891 123.72 90.19 -79.32
N TRP A 892 122.62 90.02 -80.05
CA TRP A 892 122.72 89.82 -81.48
C TRP A 892 123.30 91.05 -82.17
N THR A 893 124.22 90.83 -83.09
CA THR A 893 124.79 91.87 -83.91
C THR A 893 124.36 91.66 -85.36
N TYR A 894 124.48 92.72 -86.16
CA TYR A 894 124.10 92.63 -87.56
C TYR A 894 125.25 92.06 -88.39
N GLY A 895 124.96 91.04 -89.17
CA GLY A 895 125.92 90.45 -90.07
C GLY A 895 125.21 89.74 -91.21
N PRO A 896 125.90 89.61 -92.34
CA PRO A 896 125.22 89.19 -93.58
C PRO A 896 124.62 87.79 -93.52
N VAL A 897 125.08 86.95 -92.60
CA VAL A 897 124.77 85.52 -92.64
C VAL A 897 124.34 85.05 -91.25
N ARG A 898 123.70 83.87 -91.23
CA ARG A 898 123.23 83.23 -90.01
C ARG A 898 124.38 82.66 -89.19
N ASP A 899 125.13 83.52 -88.49
CA ASP A 899 126.15 83.06 -87.56
C ASP A 899 125.66 83.33 -86.14
N ASP A 900 124.93 82.35 -85.60
CA ASP A 900 124.48 82.45 -84.22
C ASP A 900 125.64 82.38 -83.24
N ASN A 901 126.73 81.69 -83.64
CA ASN A 901 127.90 81.61 -82.77
C ASN A 901 128.48 83.00 -82.51
N LYS A 902 128.55 83.84 -83.54
CA LYS A 902 128.99 85.22 -83.40
C LYS A 902 127.81 86.17 -83.21
N ARG A 903 126.59 85.64 -83.14
CA ARG A 903 125.40 86.43 -82.86
C ARG A 903 125.08 87.40 -84.01
N LEU A 904 125.54 87.09 -85.21
CA LEU A 904 125.31 87.95 -86.37
C LEU A 904 123.86 87.82 -86.82
N HIS A 905 123.31 88.90 -87.38
CA HIS A 905 121.89 88.97 -87.71
C HIS A 905 121.66 89.91 -88.88
N PRO A 906 121.64 89.41 -90.12
CA PRO A 906 121.36 90.31 -91.25
C PRO A 906 119.97 90.94 -91.19
N CYS A 907 118.98 90.23 -90.66
CA CYS A 907 117.63 90.75 -90.57
C CYS A 907 117.47 91.78 -89.46
N LEU A 908 118.54 92.08 -88.71
CA LEU A 908 118.48 93.09 -87.67
C LEU A 908 118.26 94.48 -88.24
N VAL A 909 118.39 94.65 -89.55
CA VAL A 909 118.14 95.91 -90.22
C VAL A 909 116.66 96.26 -90.10
N ASN A 910 116.32 97.51 -90.41
CA ASN A 910 114.94 97.97 -90.25
C ASN A 910 113.98 97.11 -91.07
N PHE A 911 112.75 97.00 -90.56
CA PHE A 911 111.70 96.30 -91.29
C PHE A 911 111.57 96.84 -92.72
N HIS A 912 111.63 98.16 -92.87
CA HIS A 912 111.61 98.74 -94.22
C HIS A 912 112.80 98.26 -95.03
N SER A 913 113.97 98.15 -94.39
CA SER A 913 115.16 97.63 -95.05
C SER A 913 115.20 96.10 -95.10
N LEU A 914 114.32 95.43 -94.37
CA LEU A 914 114.31 93.98 -94.37
C LEU A 914 113.98 93.46 -95.77
N PRO A 915 114.54 92.31 -96.18
CA PRO A 915 114.22 91.79 -97.51
C PRO A 915 112.72 91.60 -97.72
N GLU A 916 112.28 91.73 -98.96
CA GLU A 916 110.85 91.66 -99.27
C GLU A 916 110.20 90.34 -98.86
N PRO A 917 110.77 89.17 -99.20
CA PRO A 917 110.14 87.92 -98.75
C PRO A 917 109.97 87.85 -97.25
N GLU A 918 110.95 88.31 -96.48
CA GLU A 918 110.88 88.23 -95.03
C GLU A 918 109.88 89.22 -94.46
N ARG A 919 109.87 90.45 -94.98
CA ARG A 919 108.89 91.42 -94.53
C ARG A 919 107.48 90.90 -94.80
N ASN A 920 107.29 90.29 -95.98
CA ASN A 920 105.99 89.71 -96.29
CA ASN A 920 105.99 89.71 -96.29
C ASN A 920 105.67 88.54 -95.37
N TYR A 921 106.67 87.74 -95.03
CA TYR A 921 106.44 86.60 -94.16
C TYR A 921 105.92 87.07 -92.80
N ASN A 922 106.56 88.12 -92.27
CA ASN A 922 106.07 88.74 -91.03
C ASN A 922 104.68 89.32 -91.22
N LEU A 923 104.44 89.92 -92.37
CA LEU A 923 103.12 90.50 -92.65
C LEU A 923 102.04 89.42 -92.59
N GLN A 924 102.33 88.25 -93.15
CA GLN A 924 101.44 87.11 -92.93
C GLN A 924 101.26 86.84 -91.44
N MET A 925 102.31 86.48 -90.71
CA MET A 925 102.05 86.09 -89.31
C MET A 925 101.15 87.11 -88.63
N SER A 926 101.33 88.40 -88.93
CA SER A 926 100.42 89.40 -88.40
C SER A 926 98.99 89.14 -88.87
N GLY A 927 98.82 88.95 -90.18
CA GLY A 927 97.48 88.74 -90.71
C GLY A 927 96.81 87.53 -90.09
N GLU A 928 97.56 86.45 -89.93
CA GLU A 928 97.05 85.27 -89.21
C GLU A 928 96.66 85.64 -87.78
N THR A 929 97.44 86.49 -87.13
CA THR A 929 97.08 86.87 -85.76
C THR A 929 95.71 87.53 -85.73
N LEU A 930 95.51 88.55 -86.58
CA LEU A 930 94.21 89.23 -86.60
C LEU A 930 93.09 88.28 -87.05
N LYS A 931 93.37 87.43 -88.03
CA LYS A 931 92.34 86.52 -88.52
C LYS A 931 91.94 85.53 -87.44
N THR A 932 92.90 85.06 -86.65
CA THR A 932 92.58 84.20 -85.51
C THR A 932 91.76 84.96 -84.49
N LEU A 933 92.13 86.21 -84.22
CA LEU A 933 91.32 87.03 -83.33
C LEU A 933 89.87 87.01 -83.78
N LEU A 934 89.65 87.21 -85.08
CA LEU A 934 88.29 87.19 -85.61
C LEU A 934 87.66 85.81 -85.46
N ALA A 935 88.41 84.76 -85.79
CA ALA A 935 87.85 83.41 -85.82
C ALA A 935 87.38 82.97 -84.44
N LEU A 936 88.17 83.28 -83.41
CA LEU A 936 87.75 82.97 -82.05
C LEU A 936 86.40 83.60 -81.73
N GLY A 937 86.06 84.70 -82.43
CA GLY A 937 84.85 85.43 -82.20
C GLY A 937 85.06 86.80 -81.58
N CYS A 938 86.31 87.18 -81.34
CA CYS A 938 86.59 88.49 -80.75
C CYS A 938 86.06 89.60 -81.64
N HIS A 939 85.43 90.58 -81.01
CA HIS A 939 85.01 91.78 -81.73
C HIS A 939 86.09 92.84 -81.59
N VAL A 940 86.60 93.31 -82.73
CA VAL A 940 87.67 94.29 -82.76
C VAL A 940 87.16 95.53 -83.47
N GLY A 941 87.32 96.69 -82.83
CA GLY A 941 86.83 97.92 -83.43
C GLY A 941 87.64 99.13 -83.04
N MET A 942 87.82 100.01 -84.02
CA MET A 942 88.53 101.26 -83.76
C MET A 942 87.79 102.07 -82.68
N ALA A 943 88.57 102.61 -81.74
CA ALA A 943 87.99 103.33 -80.61
C ALA A 943 88.42 104.80 -80.60
N ASP A 944 89.73 105.05 -80.67
CA ASP A 944 90.26 106.40 -80.52
C ASP A 944 91.48 106.59 -81.42
N GLU A 945 91.34 107.43 -82.44
CA GLU A 945 92.50 107.80 -83.25
C GLU A 945 93.40 108.76 -82.49
N LYS A 946 92.84 109.49 -81.51
CA LYS A 946 93.66 110.38 -80.71
C LYS A 946 94.73 109.60 -79.95
N ALA A 947 94.37 108.44 -79.41
CA ALA A 947 95.36 107.61 -78.73
C ALA A 947 96.45 107.16 -79.70
N GLU A 948 96.05 106.73 -80.89
CA GLU A 948 97.03 106.35 -81.91
C GLU A 948 98.01 107.48 -82.17
N ASP A 949 97.49 108.70 -82.32
CA ASP A 949 98.36 109.85 -82.54
C ASP A 949 99.28 110.08 -81.35
N ASN A 950 98.74 109.93 -80.13
CA ASN A 950 99.53 110.18 -78.93
C ASN A 950 100.65 109.15 -78.79
N LEU A 951 100.45 107.94 -79.29
CA LEU A 951 101.45 106.89 -79.14
C LEU A 951 102.81 107.38 -79.60
N LYS A 952 103.82 107.16 -78.76
CA LYS A 952 105.18 107.63 -79.01
C LYS A 952 106.15 106.46 -78.91
N LYS A 953 107.07 106.38 -79.87
CA LYS A 953 108.09 105.34 -79.84
C LYS A 953 109.05 105.61 -78.68
N THR A 954 109.43 104.54 -77.97
CA THR A 954 110.37 104.69 -76.86
C THR A 954 111.76 105.04 -77.39
N LYS A 955 112.47 105.87 -76.63
CA LYS A 955 113.84 106.21 -77.01
C LYS A 955 114.74 104.98 -76.90
N LEU A 956 115.68 104.87 -77.83
CA LEU A 956 116.60 103.73 -77.84
C LEU A 956 118.02 104.19 -77.52
N PRO A 957 118.71 103.54 -76.58
CA PRO A 957 120.09 103.95 -76.29
C PRO A 957 120.97 103.85 -77.53
N LYS A 958 121.89 104.79 -77.66
CA LYS A 958 122.84 104.75 -78.78
C LYS A 958 123.64 103.45 -78.77
N THR A 959 123.87 102.87 -77.60
CA THR A 959 124.57 101.61 -77.52
C THR A 959 123.81 100.51 -78.25
N TYR A 960 122.48 100.61 -78.28
CA TYR A 960 121.68 99.59 -78.94
C TYR A 960 121.96 99.57 -80.44
N MET A 961 122.50 100.66 -80.96
CA MET A 961 122.90 100.71 -82.36
C MET A 961 123.93 99.61 -82.65
N MET A 962 123.53 98.62 -83.43
CA MET A 962 124.43 97.56 -83.86
C MET A 962 124.96 97.92 -85.25
N SER A 963 125.66 96.99 -85.90
CA SER A 963 126.15 97.26 -87.25
C SER A 963 125.01 97.36 -88.26
N ASN A 964 123.78 97.10 -87.81
CA ASN A 964 122.61 97.29 -88.66
C ASN A 964 122.48 98.74 -89.08
N GLY A 965 123.00 99.66 -88.27
CA GLY A 965 122.79 101.07 -88.49
C GLY A 965 121.34 101.44 -88.28
N TYR A 966 120.69 100.81 -87.31
CA TYR A 966 119.28 101.02 -87.03
C TYR A 966 118.98 100.72 -85.57
N LYS A 967 118.01 101.44 -85.02
CA LYS A 967 117.54 101.23 -83.66
C LYS A 967 116.10 100.73 -83.68
N PRO A 968 115.82 99.49 -83.23
CA PRO A 968 114.43 98.99 -83.33
C PRO A 968 113.51 99.64 -82.31
N ALA A 969 112.97 100.80 -82.66
CA ALA A 969 112.14 101.55 -81.72
C ALA A 969 110.80 100.87 -81.50
N PRO A 970 110.46 100.45 -80.27
CA PRO A 970 109.11 99.97 -80.01
C PRO A 970 108.19 101.05 -79.47
N LEU A 971 106.90 100.95 -79.74
CA LEU A 971 105.94 101.90 -79.19
C LEU A 971 105.74 101.63 -77.70
N ASP A 972 106.00 102.63 -76.86
CA ASP A 972 105.81 102.46 -75.43
C ASP A 972 104.34 102.22 -75.14
N LEU A 973 104.01 101.01 -74.72
CA LEU A 973 102.64 100.63 -74.39
C LEU A 973 102.43 100.49 -72.89
N SER A 974 103.24 101.16 -72.08
CA SER A 974 103.13 101.04 -70.63
C SER A 974 101.73 101.38 -70.15
N HIS A 975 101.09 102.38 -70.76
CA HIS A 975 99.76 102.78 -70.33
C HIS A 975 98.78 101.61 -70.47
N VAL A 976 98.95 100.80 -71.51
CA VAL A 976 97.98 99.75 -71.80
C VAL A 976 98.01 98.69 -70.71
N ARG A 977 96.83 98.36 -70.18
CA ARG A 977 96.68 97.29 -69.20
C ARG A 977 95.80 96.20 -69.81
N LEU A 978 96.18 94.94 -69.58
CA LEU A 978 95.40 93.82 -70.06
C LEU A 978 94.40 93.39 -68.99
N THR A 979 93.15 93.17 -69.40
CA THR A 979 92.17 92.62 -68.49
C THR A 979 92.38 91.12 -68.34
N PRO A 980 91.86 90.52 -67.27
CA PRO A 980 91.97 89.05 -67.14
C PRO A 980 91.38 88.29 -68.31
N ALA A 981 90.23 88.74 -68.82
CA ALA A 981 89.65 88.10 -69.99
C ALA A 981 90.57 88.26 -71.19
N GLN A 982 91.20 89.44 -71.32
CA GLN A 982 92.15 89.64 -72.40
C GLN A 982 93.34 88.68 -72.28
N THR A 983 93.79 88.44 -71.04
CA THR A 983 94.90 87.52 -70.84
C THR A 983 94.51 86.10 -71.23
N THR A 984 93.31 85.68 -70.84
CA THR A 984 92.83 84.38 -71.29
C THR A 984 92.77 84.32 -72.81
N LEU A 985 92.36 85.42 -73.43
CA LEU A 985 92.33 85.49 -74.89
C LEU A 985 93.73 85.31 -75.47
N VAL A 986 94.72 85.94 -74.84
CA VAL A 986 96.11 85.84 -75.29
C VAL A 986 96.52 84.38 -75.22
N ASP A 987 96.16 83.72 -74.12
CA ASP A 987 96.42 82.29 -74.00
C ASP A 987 95.82 81.53 -75.17
N ARG A 988 94.58 81.86 -75.53
CA ARG A 988 93.90 81.12 -76.59
C ARG A 988 94.58 81.37 -77.94
N LEU A 989 94.99 82.61 -78.22
CA LEU A 989 95.73 82.88 -79.45
C LEU A 989 97.03 82.09 -79.49
N ALA A 990 97.78 82.06 -78.40
CA ALA A 990 99.02 81.30 -78.39
C ALA A 990 98.74 79.84 -78.66
N GLU A 991 97.72 79.28 -78.02
CA GLU A 991 97.37 77.89 -78.22
C GLU A 991 97.02 77.62 -79.68
N ASN A 992 96.20 78.48 -80.27
CA ASN A 992 95.78 78.27 -81.65
C ASN A 992 96.96 78.34 -82.60
N GLY A 993 97.85 79.31 -82.40
CA GLY A 993 99.02 79.43 -83.25
C GLY A 993 99.89 78.21 -83.17
N HIS A 994 100.16 77.75 -81.95
CA HIS A 994 101.00 76.57 -81.79
C HIS A 994 100.36 75.35 -82.41
N ASN A 995 99.05 75.20 -82.25
CA ASN A 995 98.37 74.05 -82.84
C ASN A 995 98.42 74.10 -84.35
N VAL A 996 98.27 75.28 -84.95
CA VAL A 996 98.38 75.40 -86.39
C VAL A 996 99.77 74.98 -86.84
N TRP A 997 100.79 75.46 -86.15
CA TRP A 997 102.17 75.09 -86.50
C TRP A 997 102.35 73.58 -86.39
N ALA A 998 101.86 72.98 -85.31
CA ALA A 998 102.03 71.55 -85.11
C ALA A 998 101.32 70.75 -86.19
N ARG A 999 100.11 71.17 -86.56
CA ARG A 999 99.40 70.49 -87.63
C ARG A 999 100.20 70.55 -88.93
N ASP A 1000 100.75 71.72 -89.23
CA ASP A 1000 101.55 71.86 -90.45
C ASP A 1000 102.74 70.92 -90.42
N ARG A 1001 103.45 70.87 -89.29
CA ARG A 1001 104.63 70.01 -89.22
C ARG A 1001 104.26 68.55 -89.33
N VAL A 1002 103.14 68.15 -88.71
CA VAL A 1002 102.68 66.77 -88.84
C VAL A 1002 102.39 66.45 -90.30
N ALA A 1003 101.71 67.38 -90.99
CA ALA A 1003 101.46 67.17 -92.42
C ALA A 1003 102.76 66.99 -93.17
N GLN A 1004 103.78 67.79 -92.84
CA GLN A 1004 105.09 67.59 -93.44
C GLN A 1004 105.62 66.20 -93.12
N GLY A 1005 105.30 65.67 -91.95
CA GLY A 1005 105.71 64.33 -91.58
C GLY A 1005 106.64 64.29 -90.38
N TRP A 1006 106.49 65.25 -89.48
CA TRP A 1006 107.31 65.33 -88.27
C TRP A 1006 106.61 64.60 -87.14
N SER A 1007 107.36 64.36 -86.07
CA SER A 1007 106.80 63.66 -84.92
C SER A 1007 107.52 64.10 -83.65
N TYR A 1008 106.90 63.80 -82.52
CA TYR A 1008 107.45 64.20 -81.22
C TYR A 1008 108.59 63.28 -80.81
N SER A 1009 109.51 63.85 -80.03
CA SER A 1009 110.63 63.11 -79.47
C SER A 1009 111.29 63.93 -78.38
N ALA A 1010 111.54 63.32 -77.22
CA ALA A 1010 112.13 64.04 -76.11
C ALA A 1010 113.48 64.62 -76.49
N VAL A 1011 114.20 63.94 -77.39
CA VAL A 1011 115.49 64.41 -77.89
C VAL A 1011 115.31 64.85 -79.33
N GLN A 1012 115.74 66.07 -79.63
CA GLN A 1012 115.58 66.61 -80.98
C GLN A 1012 116.43 65.85 -81.98
N ASP A 1013 115.88 65.67 -83.19
CA ASP A 1013 116.61 65.07 -84.31
C ASP A 1013 116.09 65.72 -85.59
N ILE A 1014 116.78 66.77 -86.03
CA ILE A 1014 116.35 67.48 -87.24
C ILE A 1014 116.40 66.58 -88.46
N PRO A 1015 117.45 65.80 -88.71
CA PRO A 1015 117.45 64.93 -89.88
C PRO A 1015 116.30 63.95 -89.91
N ALA A 1016 115.81 63.51 -88.75
CA ALA A 1016 114.74 62.53 -88.67
C ALA A 1016 113.37 63.18 -88.52
N ARG A 1017 113.29 64.51 -88.56
CA ARG A 1017 112.02 65.21 -88.40
C ARG A 1017 111.35 64.83 -87.08
N ARG A 1018 112.14 64.81 -86.02
CA ARG A 1018 111.66 64.58 -84.66
C ARG A 1018 111.94 65.84 -83.86
N ASN A 1019 110.92 66.36 -83.18
CA ASN A 1019 111.04 67.62 -82.47
C ASN A 1019 110.61 67.45 -81.01
N PRO A 1020 111.18 68.20 -80.08
CA PRO A 1020 110.71 68.14 -78.69
C PRO A 1020 109.51 69.01 -78.39
N ARG A 1021 109.05 69.80 -79.36
CA ARG A 1021 107.92 70.70 -79.16
C ARG A 1021 106.69 70.30 -79.94
N LEU A 1022 106.81 69.34 -80.85
CA LEU A 1022 105.70 68.96 -81.73
C LEU A 1022 104.69 68.14 -80.94
N VAL A 1023 104.00 68.85 -80.04
CA VAL A 1023 102.93 68.26 -79.24
C VAL A 1023 101.84 69.31 -79.10
N PRO A 1024 100.57 68.93 -78.94
CA PRO A 1024 99.53 69.96 -78.79
C PRO A 1024 99.82 70.87 -77.63
N TYR A 1025 99.43 72.14 -77.78
CA TYR A 1025 99.84 73.20 -76.86
C TYR A 1025 99.57 72.83 -75.40
N ARG A 1026 98.44 72.19 -75.13
CA ARG A 1026 98.09 71.90 -73.75
C ARG A 1026 99.15 71.06 -73.03
N LEU A 1027 99.92 70.27 -73.78
CA LEU A 1027 100.90 69.37 -73.18
C LEU A 1027 102.29 69.97 -73.12
N LEU A 1028 102.46 71.21 -73.56
CA LEU A 1028 103.77 71.83 -73.55
C LEU A 1028 104.17 72.25 -72.14
N ASP A 1029 105.48 72.32 -71.91
CA ASP A 1029 105.99 72.79 -70.63
C ASP A 1029 105.81 74.30 -70.52
N GLU A 1030 105.71 74.78 -69.28
CA GLU A 1030 105.43 76.20 -69.03
C GLU A 1030 106.41 77.10 -69.75
N ALA A 1031 107.68 76.69 -69.80
CA ALA A 1031 108.71 77.52 -70.42
C ALA A 1031 108.29 77.97 -71.82
N THR A 1032 108.02 77.01 -72.71
CA THR A 1032 107.64 77.36 -74.06
C THR A 1032 106.29 78.06 -74.11
N LYS A 1033 105.36 77.65 -73.26
CA LYS A 1033 104.04 78.26 -73.24
C LYS A 1033 104.15 79.76 -72.97
N ARG A 1034 104.92 80.15 -71.96
CA ARG A 1034 105.12 81.57 -71.70
C ARG A 1034 105.97 82.21 -72.79
N SER A 1035 106.94 81.47 -73.35
CA SER A 1035 107.75 82.00 -74.43
C SER A 1035 106.87 82.44 -75.60
N ASN A 1036 105.74 81.78 -75.78
CA ASN A 1036 104.80 82.18 -76.84
C ASN A 1036 103.83 83.26 -76.35
N ARG A 1037 103.31 83.08 -75.14
CA ARG A 1037 102.35 84.05 -74.61
C ARG A 1037 102.95 85.44 -74.56
N ASP A 1038 104.27 85.56 -74.37
CA ASP A 1038 104.86 86.88 -74.32
C ASP A 1038 104.67 87.60 -75.65
N SER A 1039 105.02 86.94 -76.76
CA SER A 1039 104.85 87.56 -78.06
C SER A 1039 103.39 87.88 -78.33
N LEU A 1040 102.50 86.94 -78.01
CA LEU A 1040 101.08 87.19 -78.28
C LEU A 1040 100.56 88.36 -77.45
N CYS A 1041 100.96 88.44 -76.18
CA CYS A 1041 100.51 89.53 -75.32
C CYS A 1041 101.04 90.87 -75.83
N GLN A 1042 102.28 90.89 -76.30
CA GLN A 1042 102.81 92.12 -76.88
C GLN A 1042 102.03 92.52 -78.12
N ALA A 1043 101.63 91.55 -78.93
CA ALA A 1043 100.83 91.86 -80.11
C ALA A 1043 99.50 92.50 -79.72
N VAL A 1044 98.79 91.89 -78.77
CA VAL A 1044 97.50 92.45 -78.35
C VAL A 1044 97.71 93.81 -77.69
N ARG A 1045 98.85 93.98 -77.00
CA ARG A 1045 99.19 95.28 -76.44
C ARG A 1045 99.32 96.31 -77.54
N THR A 1046 99.96 95.94 -78.65
CA THR A 1046 100.08 96.85 -79.78
C THR A 1046 98.70 97.23 -80.32
N LEU A 1047 97.83 96.24 -80.46
CA LEU A 1047 96.46 96.54 -80.90
C LEU A 1047 95.79 97.54 -79.97
N LEU A 1048 95.81 97.26 -78.67
CA LEU A 1048 95.12 98.13 -77.72
C LEU A 1048 95.73 99.54 -77.74
N GLY A 1049 97.06 99.63 -77.83
CA GLY A 1049 97.68 100.93 -77.92
C GLY A 1049 97.25 101.70 -79.15
N TYR A 1050 97.17 101.01 -80.29
CA TYR A 1050 96.58 101.63 -81.47
C TYR A 1050 95.10 101.92 -81.29
N GLY A 1051 94.50 101.43 -80.21
CA GLY A 1051 93.21 101.95 -79.79
C GLY A 1051 92.03 101.14 -80.27
N TYR A 1052 92.04 99.85 -79.97
CA TYR A 1052 91.04 98.92 -80.47
C TYR A 1052 90.28 98.31 -79.30
N ASN A 1053 88.97 98.47 -79.31
CA ASN A 1053 88.13 97.70 -78.40
C ASN A 1053 88.19 96.25 -78.80
N ILE A 1054 88.55 95.40 -77.84
CA ILE A 1054 88.80 93.98 -78.05
C ILE A 1054 87.85 93.23 -77.13
N GLU A 1055 86.65 92.92 -77.63
CA GLU A 1055 85.67 92.19 -76.86
C GLU A 1055 85.91 90.71 -77.04
N PRO A 1056 86.32 89.99 -75.98
CA PRO A 1056 86.35 88.49 -76.01
C PRO A 1056 84.97 87.92 -76.29
N PRO A 1057 84.89 86.85 -77.07
CA PRO A 1057 83.62 86.13 -77.19
C PRO A 1057 82.97 85.90 -75.83
N ASP A 1058 81.65 85.81 -75.83
CA ASP A 1058 80.94 85.29 -74.67
C ASP A 1058 81.32 83.84 -74.45
N GLN A 1059 82.06 83.57 -73.37
CA GLN A 1059 82.57 82.23 -73.10
C GLN A 1059 81.40 81.39 -72.57
N GLU A 1060 80.61 80.87 -73.49
CA GLU A 1060 79.47 80.05 -73.12
C GLU A 1060 79.96 78.82 -72.37
N PRO A 1061 79.41 78.52 -71.19
CA PRO A 1061 79.87 77.33 -70.47
C PRO A 1061 79.70 76.07 -71.31
N SER A 1062 80.73 75.22 -71.27
CA SER A 1062 80.74 73.95 -72.00
C SER A 1062 81.17 72.85 -71.02
N GLN A 1063 80.19 72.28 -70.32
CA GLN A 1063 80.48 71.23 -69.36
C GLN A 1063 81.07 70.01 -70.07
N VAL A 1064 82.31 69.68 -69.74
CA VAL A 1064 83.00 68.60 -70.44
C VAL A 1064 82.37 67.25 -70.14
N ASP A 1065 81.89 67.04 -68.92
CA ASP A 1065 81.25 65.79 -68.47
C ASP A 1065 81.90 64.57 -69.13
N SER A 1066 83.24 64.55 -69.09
CA SER A 1066 83.97 63.46 -69.72
C SER A 1066 83.67 62.12 -69.06
N GLN A 1067 83.26 62.16 -67.79
CA GLN A 1067 83.06 60.96 -66.99
C GLN A 1067 81.71 61.00 -66.30
N SER A 1068 81.22 59.82 -65.92
CA SER A 1068 80.02 59.72 -65.09
C SER A 1068 80.37 60.06 -63.65
N ARG A 1069 79.80 61.15 -63.13
CA ARG A 1069 80.17 61.62 -61.80
C ARG A 1069 79.85 60.58 -60.73
N GLY A 1070 78.68 59.95 -60.84
CA GLY A 1070 78.31 58.94 -59.85
C GLY A 1070 79.26 57.77 -59.83
N ASP A 1071 79.79 57.40 -60.99
CA ASP A 1071 80.68 56.26 -61.13
C ASP A 1071 82.15 56.65 -61.07
N ARG A 1072 82.47 57.94 -61.07
CA ARG A 1072 83.86 58.35 -61.16
C ARG A 1072 84.56 58.33 -59.81
N ALA A 1073 84.13 59.17 -58.88
CA ALA A 1073 84.79 59.24 -57.58
C ALA A 1073 84.75 57.88 -56.90
N ARG A 1074 85.88 57.47 -56.34
CA ARG A 1074 85.93 56.18 -55.65
C ARG A 1074 85.56 56.36 -54.19
N ILE A 1075 84.64 55.52 -53.73
CA ILE A 1075 84.15 55.54 -52.37
C ILE A 1075 84.87 54.46 -51.58
N PHE A 1076 85.40 54.83 -50.42
CA PHE A 1076 85.99 53.91 -49.46
C PHE A 1076 85.16 53.94 -48.20
N ARG A 1077 84.69 52.78 -47.76
CA ARG A 1077 83.88 52.69 -46.55
C ARG A 1077 84.41 51.58 -45.67
N ALA A 1078 84.08 51.65 -44.39
CA ALA A 1078 84.39 50.54 -43.49
C ALA A 1078 83.48 49.36 -43.82
N GLU A 1079 83.95 48.16 -43.46
CA GLU A 1079 83.16 46.97 -43.70
C GLU A 1079 81.86 47.01 -42.91
N LYS A 1080 80.82 46.39 -43.46
CA LYS A 1080 79.50 46.47 -42.84
C LYS A 1080 79.50 45.95 -41.41
N SER A 1081 80.34 44.97 -41.11
CA SER A 1081 80.32 44.38 -39.78
C SER A 1081 80.75 45.35 -38.70
N TYR A 1082 81.35 46.48 -39.08
CA TYR A 1082 81.79 47.49 -38.12
C TYR A 1082 80.73 48.54 -37.85
N ALA A 1083 79.54 48.41 -38.42
CA ALA A 1083 78.51 49.42 -38.24
C ALA A 1083 78.20 49.62 -36.76
N VAL A 1084 78.13 50.88 -36.34
CA VAL A 1084 77.88 51.24 -34.96
C VAL A 1084 76.44 51.71 -34.83
N GLN A 1085 75.74 51.20 -33.82
CA GLN A 1085 74.35 51.53 -33.60
C GLN A 1085 74.12 52.31 -32.32
N SER A 1086 75.17 52.62 -31.57
CA SER A 1086 75.04 53.41 -30.36
C SER A 1086 76.39 53.97 -29.98
N GLY A 1087 76.38 55.01 -29.17
CA GLY A 1087 77.59 55.60 -28.63
C GLY A 1087 77.97 56.88 -29.36
N ARG A 1088 79.18 57.34 -29.06
CA ARG A 1088 79.71 58.59 -29.60
C ARG A 1088 81.07 58.30 -30.20
N TRP A 1089 81.17 58.39 -31.52
CA TRP A 1089 82.34 57.92 -32.25
C TRP A 1089 82.98 59.06 -33.03
N TYR A 1090 84.30 58.97 -33.17
CA TYR A 1090 85.13 60.01 -33.77
C TYR A 1090 86.13 59.37 -34.73
N PHE A 1091 86.43 60.07 -35.81
CA PHE A 1091 87.53 59.67 -36.68
C PHE A 1091 87.98 60.87 -37.48
N GLU A 1092 89.14 60.76 -38.14
CA GLU A 1092 89.76 61.88 -38.81
C GLU A 1092 90.04 61.56 -40.27
N PHE A 1093 90.10 62.60 -41.09
CA PHE A 1093 90.37 62.48 -42.52
C PHE A 1093 91.20 63.68 -42.93
N GLU A 1094 92.47 63.44 -43.25
CA GLU A 1094 93.35 64.50 -43.71
C GLU A 1094 93.26 64.60 -45.23
N ALA A 1095 93.13 65.81 -45.75
CA ALA A 1095 93.01 66.03 -47.18
C ALA A 1095 94.39 66.38 -47.73
N VAL A 1096 95.07 65.39 -48.32
CA VAL A 1096 96.40 65.67 -48.87
C VAL A 1096 96.29 66.64 -50.03
N THR A 1097 95.30 66.46 -50.89
CA THR A 1097 94.97 67.40 -51.95
C THR A 1097 93.86 68.33 -51.47
N THR A 1098 93.40 69.20 -52.36
CA THR A 1098 92.41 70.21 -52.01
C THR A 1098 91.21 70.17 -52.96
N GLY A 1099 90.97 69.04 -53.61
CA GLY A 1099 89.95 68.93 -54.63
C GLY A 1099 88.68 68.30 -54.11
N GLU A 1100 87.96 67.64 -55.00
CA GLU A 1100 86.65 67.05 -54.69
C GLU A 1100 86.84 65.82 -53.82
N MET A 1101 86.48 65.95 -52.55
CA MET A 1101 86.49 64.82 -51.63
C MET A 1101 85.37 65.03 -50.63
N ARG A 1102 84.70 63.93 -50.27
CA ARG A 1102 83.62 63.96 -49.30
C ARG A 1102 83.93 62.97 -48.20
N VAL A 1103 83.55 63.30 -46.97
CA VAL A 1103 83.86 62.44 -45.82
C VAL A 1103 82.70 62.50 -44.84
N GLY A 1104 82.36 61.36 -44.24
CA GLY A 1104 81.27 61.32 -43.28
C GLY A 1104 80.82 59.93 -42.91
N TRP A 1105 79.51 59.76 -42.71
CA TRP A 1105 78.97 58.51 -42.20
C TRP A 1105 77.94 57.97 -43.18
N ALA A 1106 78.03 56.68 -43.47
CA ALA A 1106 77.15 56.02 -44.43
C ALA A 1106 76.42 54.86 -43.79
N ARG A 1107 75.28 54.53 -44.35
CA ARG A 1107 74.55 53.36 -43.89
C ARG A 1107 75.12 52.11 -44.55
N PRO A 1108 74.96 50.95 -43.91
CA PRO A 1108 75.57 49.73 -44.46
C PRO A 1108 75.14 49.42 -45.88
N GLU A 1109 73.92 49.79 -46.26
CA GLU A 1109 73.39 49.48 -47.59
C GLU A 1109 73.73 50.58 -48.59
N LEU A 1110 74.79 51.35 -48.34
CA LEU A 1110 75.20 52.38 -49.28
C LEU A 1110 75.49 51.78 -50.64
N ARG A 1111 74.99 52.43 -51.68
CA ARG A 1111 75.23 51.94 -53.03
C ARG A 1111 76.54 52.46 -53.58
N PRO A 1112 77.20 51.71 -54.47
CA PRO A 1112 78.51 52.15 -54.98
C PRO A 1112 78.44 53.09 -56.16
N ASP A 1113 77.33 53.13 -56.89
CA ASP A 1113 77.24 53.93 -58.11
C ASP A 1113 76.59 55.29 -57.88
N VAL A 1114 76.12 55.58 -56.67
CA VAL A 1114 75.51 56.87 -56.36
C VAL A 1114 76.53 57.75 -55.66
N GLU A 1115 76.48 59.04 -55.95
CA GLU A 1115 77.33 59.99 -55.24
C GLU A 1115 77.00 60.00 -53.76
N LEU A 1116 78.02 60.21 -52.93
CA LEU A 1116 77.79 60.28 -51.50
C LEU A 1116 76.88 61.46 -51.17
N GLY A 1117 75.81 61.18 -50.42
CA GLY A 1117 74.90 62.21 -50.00
C GLY A 1117 73.88 62.63 -51.02
N ALA A 1118 73.95 62.10 -52.24
CA ALA A 1118 72.89 62.33 -53.22
C ALA A 1118 71.61 61.59 -52.87
N ASP A 1119 71.67 60.62 -51.96
CA ASP A 1119 70.50 59.91 -51.48
C ASP A 1119 70.47 59.98 -49.97
N ASP A 1120 69.58 59.20 -49.34
CA ASP A 1120 69.40 59.24 -47.89
C ASP A 1120 70.35 58.30 -47.16
N LEU A 1121 71.28 57.65 -47.87
CA LEU A 1121 72.13 56.64 -47.27
C LEU A 1121 73.47 57.17 -46.78
N ALA A 1122 73.71 58.47 -46.84
CA ALA A 1122 74.98 58.99 -46.38
C ALA A 1122 74.83 60.45 -45.94
N TYR A 1123 75.48 60.79 -44.84
CA TYR A 1123 75.58 62.15 -44.35
C TYR A 1123 77.06 62.51 -44.44
N VAL A 1124 77.44 63.37 -45.38
CA VAL A 1124 78.85 63.64 -45.61
C VAL A 1124 79.07 65.14 -45.72
N PHE A 1125 80.35 65.51 -45.67
CA PHE A 1125 80.80 66.89 -45.80
C PHE A 1125 81.75 66.94 -46.98
N ASN A 1126 81.48 67.84 -47.92
CA ASN A 1126 82.31 68.05 -49.08
C ASN A 1126 82.95 69.43 -48.97
N GLY A 1127 84.22 69.47 -48.59
CA GLY A 1127 84.88 70.72 -48.29
C GLY A 1127 85.69 71.34 -49.40
N HIS A 1128 85.44 70.99 -50.66
CA HIS A 1128 86.08 71.75 -51.73
C HIS A 1128 85.41 73.11 -51.87
N ARG A 1129 84.08 73.16 -51.73
CA ARG A 1129 83.39 74.43 -51.60
C ARG A 1129 82.65 74.59 -50.28
N GLY A 1130 82.73 73.62 -49.37
CA GLY A 1130 82.08 73.76 -48.08
C GLY A 1130 80.59 73.47 -48.09
N GLN A 1131 80.22 72.22 -48.31
CA GLN A 1131 78.82 71.82 -48.40
C GLN A 1131 78.59 70.62 -47.48
N ARG A 1132 77.36 70.49 -46.99
CA ARG A 1132 76.91 69.24 -46.39
C ARG A 1132 76.05 68.52 -47.42
N TRP A 1133 76.15 67.20 -47.44
CA TRP A 1133 75.41 66.39 -48.39
C TRP A 1133 74.59 65.33 -47.66
N HIS A 1134 73.28 65.40 -47.84
CA HIS A 1134 72.36 64.31 -47.51
C HIS A 1134 71.06 64.56 -48.26
N LEU A 1135 70.71 63.67 -49.18
CA LEU A 1135 69.57 63.88 -50.06
C LEU A 1135 69.68 65.20 -50.81
N GLY A 1136 70.91 65.62 -51.10
CA GLY A 1136 71.18 66.88 -51.75
C GLY A 1136 72.22 67.68 -50.99
N SER A 1137 72.56 68.83 -51.56
CA SER A 1137 73.62 69.68 -51.04
C SER A 1137 73.04 70.88 -50.31
N GLU A 1138 73.85 71.43 -49.40
CA GLU A 1138 73.54 72.67 -48.70
C GLU A 1138 74.85 73.32 -48.27
N PRO A 1139 74.97 74.64 -48.35
CA PRO A 1139 76.21 75.27 -47.87
C PRO A 1139 76.42 74.98 -46.40
N PHE A 1140 77.68 74.75 -46.02
CA PHE A 1140 78.01 74.43 -44.65
C PHE A 1140 79.52 74.48 -44.48
N GLY A 1141 79.97 75.04 -43.37
CA GLY A 1141 81.39 75.07 -43.12
C GLY A 1141 82.13 75.94 -44.12
N ARG A 1142 83.44 75.74 -44.17
CA ARG A 1142 84.34 76.43 -45.07
C ARG A 1142 85.23 75.42 -45.78
N PRO A 1143 85.71 75.74 -46.97
CA PRO A 1143 86.59 74.80 -47.68
C PRO A 1143 87.91 74.61 -46.96
N TRP A 1144 88.45 73.40 -47.06
CA TRP A 1144 89.77 73.12 -46.52
C TRP A 1144 90.88 73.58 -47.46
N GLN A 1145 92.10 73.49 -46.95
CA GLN A 1145 93.32 73.65 -47.70
C GLN A 1145 94.16 72.39 -47.53
N SER A 1146 95.19 72.26 -48.35
CA SER A 1146 96.04 71.08 -48.28
C SER A 1146 96.58 70.89 -46.87
N GLY A 1147 96.49 69.66 -46.38
CA GLY A 1147 96.97 69.33 -45.04
C GLY A 1147 95.95 69.47 -43.95
N ASP A 1148 94.75 69.96 -44.26
CA ASP A 1148 93.72 70.12 -43.24
C ASP A 1148 93.12 68.79 -42.86
N VAL A 1149 92.79 68.65 -41.57
CA VAL A 1149 92.26 67.42 -41.01
C VAL A 1149 90.82 67.66 -40.60
N VAL A 1150 89.89 66.95 -41.23
CA VAL A 1150 88.49 67.01 -40.86
C VAL A 1150 88.21 65.92 -39.83
N GLY A 1151 87.66 66.31 -38.69
CA GLY A 1151 87.23 65.37 -37.68
C GLY A 1151 85.72 65.17 -37.76
N CYS A 1152 85.33 63.92 -37.96
CA CYS A 1152 83.92 63.54 -38.06
C CYS A 1152 83.50 62.85 -36.78
N MET A 1153 82.42 63.33 -36.18
CA MET A 1153 81.87 62.77 -34.96
C MET A 1153 80.41 62.43 -35.18
N ILE A 1154 79.99 61.26 -34.71
CA ILE A 1154 78.59 60.86 -34.71
C ILE A 1154 78.19 60.58 -33.27
N ASP A 1155 77.11 61.22 -32.83
CA ASP A 1155 76.58 61.05 -31.48
C ASP A 1155 75.21 60.39 -31.63
N LEU A 1156 75.15 59.09 -31.38
CA LEU A 1156 73.92 58.33 -31.56
C LEU A 1156 73.01 58.41 -30.34
N THR A 1157 73.50 58.92 -29.22
CA THR A 1157 72.63 59.23 -28.09
C THR A 1157 71.82 60.49 -28.34
N GLU A 1158 72.40 61.47 -29.03
CA GLU A 1158 71.69 62.68 -29.42
C GLU A 1158 71.21 62.65 -30.86
N ASN A 1159 71.63 61.65 -31.64
CA ASN A 1159 71.26 61.54 -33.05
C ASN A 1159 71.72 62.76 -33.83
N THR A 1160 73.03 63.02 -33.77
CA THR A 1160 73.62 64.17 -34.44
C THR A 1160 74.95 63.80 -35.07
N ILE A 1161 75.38 64.63 -36.00
CA ILE A 1161 76.66 64.48 -36.69
C ILE A 1161 77.34 65.85 -36.68
N ILE A 1162 78.62 65.86 -36.30
CA ILE A 1162 79.39 67.09 -36.17
C ILE A 1162 80.67 66.96 -36.97
N PHE A 1163 81.09 68.05 -37.59
CA PHE A 1163 82.32 68.12 -38.35
C PHE A 1163 83.18 69.25 -37.78
N THR A 1164 84.48 68.98 -37.67
CA THR A 1164 85.45 69.98 -37.24
C THR A 1164 86.54 70.08 -38.30
N LEU A 1165 87.02 71.29 -38.53
CA LEU A 1165 88.13 71.52 -39.45
C LEU A 1165 89.30 72.04 -38.64
N ASN A 1166 90.33 71.22 -38.52
CA ASN A 1166 91.51 71.57 -37.72
C ASN A 1166 91.14 71.87 -36.29
N GLY A 1167 90.17 71.14 -35.74
CA GLY A 1167 89.80 71.23 -34.35
C GLY A 1167 88.66 72.17 -34.06
N GLU A 1168 88.34 73.06 -34.98
CA GLU A 1168 87.26 74.03 -34.79
C GLU A 1168 85.98 73.48 -35.42
N VAL A 1169 84.90 73.47 -34.65
CA VAL A 1169 83.63 72.95 -35.16
C VAL A 1169 83.18 73.81 -36.33
N LEU A 1170 82.74 73.15 -37.39
CA LEU A 1170 82.16 73.85 -38.53
C LEU A 1170 80.69 74.13 -38.26
N MET A 1171 80.27 75.37 -38.49
CA MET A 1171 78.91 75.80 -38.24
C MET A 1171 78.18 76.03 -39.54
N SER A 1172 76.87 75.86 -39.49
CA SER A 1172 76.02 76.19 -40.63
C SER A 1172 75.89 77.71 -40.76
N ASP A 1173 75.22 78.13 -41.83
CA ASP A 1173 74.92 79.54 -41.98
C ASP A 1173 74.00 80.01 -40.85
N SER A 1174 73.05 79.17 -40.45
CA SER A 1174 72.20 79.50 -39.32
C SER A 1174 73.00 79.68 -38.04
N GLY A 1175 74.18 79.09 -37.97
CA GLY A 1175 74.99 79.13 -36.78
C GLY A 1175 74.90 77.90 -35.90
N SER A 1176 74.17 76.87 -36.33
CA SER A 1176 74.08 75.64 -35.55
C SER A 1176 75.42 74.92 -35.55
N GLU A 1177 75.78 74.33 -34.41
CA GLU A 1177 77.04 73.59 -34.32
C GLU A 1177 76.93 72.25 -35.03
N THR A 1178 75.81 71.57 -34.89
CA THR A 1178 75.64 70.28 -35.53
C THR A 1178 75.48 70.45 -37.04
N ALA A 1179 75.81 69.38 -37.78
CA ALA A 1179 75.63 69.37 -39.21
C ALA A 1179 74.35 68.66 -39.62
N PHE A 1180 73.97 67.61 -38.91
CA PHE A 1180 72.74 66.89 -39.16
C PHE A 1180 72.09 66.56 -37.83
N ARG A 1181 70.77 66.46 -37.82
CA ARG A 1181 70.00 66.21 -36.61
C ARG A 1181 68.88 65.23 -36.91
N ASP A 1182 68.25 64.72 -35.85
CA ASP A 1182 67.10 63.85 -35.96
C ASP A 1182 67.40 62.64 -36.85
N ILE A 1183 68.58 62.07 -36.64
CA ILE A 1183 69.06 60.96 -37.45
C ILE A 1183 68.48 59.67 -36.91
N GLU A 1184 67.83 58.90 -37.77
CA GLU A 1184 67.35 57.57 -37.38
C GLU A 1184 68.50 56.59 -37.37
N ILE A 1185 68.61 55.81 -36.28
CA ILE A 1185 69.72 54.88 -36.15
C ILE A 1185 69.68 53.82 -37.24
N GLY A 1186 68.52 53.23 -37.46
CA GLY A 1186 68.43 52.20 -38.47
C GLY A 1186 69.37 51.05 -38.18
N ASP A 1187 70.16 50.68 -39.18
CA ASP A 1187 71.09 49.56 -39.06
C ASP A 1187 72.49 49.98 -38.64
N GLY A 1188 72.72 51.26 -38.35
CA GLY A 1188 74.01 51.73 -37.91
C GLY A 1188 74.68 52.59 -38.97
N PHE A 1189 75.91 52.99 -38.65
CA PHE A 1189 76.68 53.88 -39.51
C PHE A 1189 78.11 53.39 -39.62
N LEU A 1190 78.75 53.77 -40.72
CA LEU A 1190 80.10 53.37 -41.05
C LEU A 1190 80.89 54.58 -41.49
N PRO A 1191 82.16 54.68 -41.15
CA PRO A 1191 83.00 55.72 -41.75
C PRO A 1191 83.05 55.54 -43.27
N VAL A 1192 82.94 56.65 -43.98
CA VAL A 1192 82.92 56.64 -45.43
C VAL A 1192 83.60 57.90 -45.95
N CYS A 1193 84.24 57.76 -47.11
CA CYS A 1193 84.82 58.89 -47.80
C CYS A 1193 84.76 58.59 -49.29
N SER A 1194 84.87 59.63 -50.11
CA SER A 1194 84.92 59.49 -51.56
C SER A 1194 85.92 60.50 -52.08
N LEU A 1195 86.79 60.04 -52.98
CA LEU A 1195 87.81 60.88 -53.59
C LEU A 1195 87.55 60.96 -55.07
N GLY A 1196 87.56 62.18 -55.62
CA GLY A 1196 87.42 62.37 -57.04
C GLY A 1196 88.73 62.12 -57.75
N PRO A 1197 88.74 62.26 -59.07
CA PRO A 1197 89.96 61.96 -59.82
C PRO A 1197 91.13 62.83 -59.37
N GLY A 1198 92.28 62.19 -59.16
CA GLY A 1198 93.48 62.91 -58.79
C GLY A 1198 93.53 63.40 -57.37
N GLN A 1199 92.70 62.86 -56.48
CA GLN A 1199 92.62 63.31 -55.10
C GLN A 1199 93.26 62.28 -54.17
N VAL A 1200 93.76 62.75 -53.04
CA VAL A 1200 94.44 61.91 -52.07
C VAL A 1200 93.97 62.28 -50.67
N GLY A 1201 93.55 61.27 -49.92
CA GLY A 1201 93.14 61.47 -48.54
C GLY A 1201 93.85 60.49 -47.63
N HIS A 1202 93.75 60.75 -46.34
CA HIS A 1202 94.30 59.86 -45.31
C HIS A 1202 93.25 59.68 -44.24
N LEU A 1203 92.68 58.47 -44.17
CA LEU A 1203 91.63 58.15 -43.21
C LEU A 1203 92.26 57.55 -41.97
N ASN A 1204 92.12 58.23 -40.84
CA ASN A 1204 92.62 57.75 -39.57
C ASN A 1204 91.44 57.40 -38.69
N LEU A 1205 91.21 56.10 -38.48
CA LEU A 1205 90.11 55.65 -37.66
C LEU A 1205 90.47 55.57 -36.19
N GLY A 1206 91.69 55.93 -35.82
CA GLY A 1206 92.06 56.10 -34.44
C GLY A 1206 92.50 54.85 -33.71
N GLN A 1207 92.96 53.82 -34.42
CA GLN A 1207 93.45 52.64 -33.72
C GLN A 1207 94.61 52.98 -32.82
N ASP A 1208 95.52 53.83 -33.29
CA ASP A 1208 96.59 54.39 -32.47
C ASP A 1208 96.15 55.79 -32.06
N VAL A 1209 95.59 55.90 -30.85
CA VAL A 1209 94.98 57.15 -30.41
C VAL A 1209 95.97 58.30 -30.45
N SER A 1210 97.28 58.01 -30.37
CA SER A 1210 98.27 59.08 -30.43
C SER A 1210 98.41 59.63 -31.84
N SER A 1211 98.06 58.85 -32.86
CA SER A 1211 98.17 59.32 -34.24
C SER A 1211 97.15 60.42 -34.54
N LEU A 1212 96.00 60.40 -33.88
CA LEU A 1212 95.00 61.44 -34.07
C LEU A 1212 95.60 62.79 -33.73
N ARG A 1213 95.30 63.79 -34.57
CA ARG A 1213 95.95 65.09 -34.47
C ARG A 1213 95.09 66.14 -33.77
N PHE A 1214 93.78 65.96 -33.73
CA PHE A 1214 92.90 66.95 -33.09
C PHE A 1214 91.87 66.31 -32.18
N PHE A 1215 92.03 65.04 -31.82
CA PHE A 1215 91.07 64.38 -30.94
C PHE A 1215 91.03 65.06 -29.57
N ALA A 1216 92.20 65.40 -29.03
CA ALA A 1216 92.24 66.08 -27.74
C ALA A 1216 91.61 67.45 -27.82
N ILE A 1217 91.84 68.16 -28.92
CA ILE A 1217 91.35 69.54 -29.04
C ILE A 1217 89.83 69.58 -29.04
N CYS A 1218 89.19 68.61 -29.69
CA CYS A 1218 87.73 68.59 -29.77
C CYS A 1218 87.27 67.15 -29.91
N GLY A 1219 86.57 66.65 -28.89
CA GLY A 1219 85.96 65.33 -28.93
C GLY A 1219 86.33 64.49 -27.73
N LEU A 1220 87.58 64.60 -27.29
CA LEU A 1220 88.02 63.82 -26.14
C LEU A 1220 87.23 64.19 -24.90
N GLN A 1221 87.17 65.49 -24.58
CA GLN A 1221 86.42 65.93 -23.41
C GLN A 1221 84.92 65.88 -23.63
N GLU A 1222 84.46 66.00 -24.87
CA GLU A 1222 83.04 65.84 -25.18
C GLU A 1222 82.60 64.39 -25.09
N GLY A 1223 83.54 63.45 -24.99
CA GLY A 1223 83.19 62.07 -24.73
C GLY A 1223 83.06 61.22 -25.97
N PHE A 1224 83.71 61.60 -27.06
CA PHE A 1224 83.70 60.81 -28.28
C PHE A 1224 84.89 59.85 -28.27
N GLU A 1225 84.65 58.64 -28.77
CA GLU A 1225 85.65 57.59 -28.74
C GLU A 1225 86.15 57.32 -30.15
N PRO A 1226 87.46 57.16 -30.37
CA PRO A 1226 87.93 56.85 -31.71
C PRO A 1226 87.27 55.59 -32.24
N PHE A 1227 86.97 55.59 -33.54
CA PHE A 1227 86.14 54.53 -34.10
C PHE A 1227 86.75 53.16 -33.89
N ALA A 1228 88.07 53.05 -33.98
CA ALA A 1228 88.75 51.76 -33.88
C ALA A 1228 89.66 51.71 -32.66
N ILE A 1229 89.17 52.20 -31.53
CA ILE A 1229 90.05 52.41 -30.38
C ILE A 1229 90.59 51.09 -29.84
N ASN A 1230 89.73 50.07 -29.72
CA ASN A 1230 90.12 48.84 -29.06
C ASN A 1230 90.03 47.63 -29.99
N MET A 1231 90.55 47.76 -31.19
CA MET A 1231 90.55 46.68 -32.17
C MET A 1231 91.99 46.20 -32.34
N GLN A 1232 92.20 44.89 -32.23
CA GLN A 1232 93.53 44.33 -32.34
C GLN A 1232 94.12 44.59 -33.72
N ARG A 1233 93.28 44.64 -34.74
CA ARG A 1233 93.73 44.67 -36.10
C ARG A 1233 93.15 45.87 -36.84
N PRO A 1234 93.81 46.37 -37.87
CA PRO A 1234 93.27 47.52 -38.61
C PRO A 1234 91.90 47.18 -39.19
N VAL A 1235 91.06 48.20 -39.29
CA VAL A 1235 89.70 48.02 -39.79
C VAL A 1235 89.75 47.71 -41.28
N THR A 1236 89.02 46.68 -41.69
CA THR A 1236 88.92 46.37 -43.11
C THR A 1236 88.07 47.40 -43.82
N THR A 1237 88.42 47.69 -45.06
CA THR A 1237 87.70 48.65 -45.87
C THR A 1237 87.29 48.03 -47.20
N TRP A 1238 86.22 48.57 -47.77
CA TRP A 1238 85.77 48.23 -49.10
C TRP A 1238 85.76 49.49 -49.95
N PHE A 1239 85.93 49.32 -51.25
CA PHE A 1239 85.95 50.45 -52.16
C PHE A 1239 85.09 50.14 -53.38
N SER A 1240 84.61 51.21 -53.99
CA SER A 1240 83.74 51.11 -55.17
C SER A 1240 84.61 50.89 -56.40
N LYS A 1241 84.75 49.63 -56.80
CA LYS A 1241 85.52 49.24 -57.96
C LYS A 1241 84.71 49.53 -59.22
N SER A 1242 85.31 50.26 -60.15
CA SER A 1242 84.68 50.61 -61.42
C SER A 1242 85.00 49.61 -62.52
N LEU A 1243 84.78 48.33 -62.27
CA LEU A 1243 84.92 47.30 -63.28
C LEU A 1243 83.53 46.75 -63.57
N PRO A 1244 82.94 47.04 -64.72
CA PRO A 1244 81.57 46.59 -64.96
C PRO A 1244 81.43 45.08 -64.82
N GLN A 1245 80.36 44.65 -64.16
CA GLN A 1245 80.12 43.24 -63.90
C GLN A 1245 78.66 42.91 -64.13
N PHE A 1246 78.40 41.68 -64.56
CA PHE A 1246 77.03 41.26 -64.83
C PHE A 1246 76.36 40.79 -63.55
N GLU A 1247 75.20 41.35 -63.25
CA GLU A 1247 74.43 40.99 -62.07
C GLU A 1247 72.97 40.82 -62.46
N PRO A 1248 72.22 40.00 -61.73
CA PRO A 1248 70.81 39.79 -62.08
C PRO A 1248 70.04 41.10 -62.06
N VAL A 1249 69.08 41.21 -62.97
CA VAL A 1249 68.25 42.41 -63.06
C VAL A 1249 67.46 42.51 -61.76
N PRO A 1250 67.58 43.59 -61.00
CA PRO A 1250 66.84 43.68 -59.74
C PRO A 1250 65.34 43.56 -59.96
N LEU A 1251 64.67 42.84 -59.07
CA LEU A 1251 63.24 42.63 -59.19
C LEU A 1251 62.44 43.91 -59.01
N GLU A 1252 63.05 44.97 -58.50
CA GLU A 1252 62.38 46.25 -58.28
C GLU A 1252 63.04 47.37 -59.06
N HIS A 1253 63.73 47.06 -60.15
CA HIS A 1253 64.42 48.08 -60.90
C HIS A 1253 63.42 49.12 -61.40
N PRO A 1254 63.70 50.42 -61.23
CA PRO A 1254 62.69 51.42 -61.60
C PRO A 1254 62.35 51.46 -63.08
N HIS A 1255 63.20 50.95 -63.96
CA HIS A 1255 63.00 51.10 -65.40
C HIS A 1255 62.87 49.79 -66.16
N TYR A 1256 63.57 48.73 -65.76
CA TYR A 1256 63.63 47.50 -66.53
C TYR A 1256 62.88 46.40 -65.81
N GLU A 1257 62.07 45.66 -66.56
CA GLU A 1257 61.30 44.54 -66.02
C GLU A 1257 61.50 43.35 -66.93
N VAL A 1258 61.73 42.18 -66.33
CA VAL A 1258 61.94 40.94 -67.06
C VAL A 1258 60.82 39.97 -66.68
N ALA A 1259 60.16 39.42 -67.70
CA ALA A 1259 59.05 38.50 -67.50
C ALA A 1259 59.45 37.12 -68.02
N ARG A 1260 59.24 36.10 -67.19
CA ARG A 1260 59.54 34.71 -67.57
C ARG A 1260 58.29 34.12 -68.19
N MET A 1261 58.26 34.11 -69.52
CA MET A 1261 57.08 33.63 -70.25
C MET A 1261 57.17 32.13 -70.44
N ASP A 1262 56.10 31.43 -70.06
CA ASP A 1262 56.07 29.98 -70.21
C ASP A 1262 55.91 29.60 -71.67
N GLY A 1263 56.37 28.39 -72.00
CA GLY A 1263 56.21 27.88 -73.34
C GLY A 1263 54.78 27.44 -73.59
N THR A 1264 54.36 27.57 -74.85
CA THR A 1264 53.03 27.16 -75.27
C THR A 1264 53.16 26.16 -76.42
N VAL A 1265 52.02 25.79 -77.00
CA VAL A 1265 52.02 24.84 -78.11
C VAL A 1265 52.75 25.41 -79.32
N ASP A 1266 52.73 26.73 -79.50
CA ASP A 1266 53.32 27.36 -80.66
C ASP A 1266 54.53 28.23 -80.37
N THR A 1267 54.77 28.60 -79.11
CA THR A 1267 55.94 29.39 -78.76
C THR A 1267 56.79 28.65 -77.72
N PRO A 1268 58.10 28.90 -77.71
CA PRO A 1268 58.96 28.27 -76.71
C PRO A 1268 59.01 29.10 -75.45
N PRO A 1269 59.79 28.68 -74.45
CA PRO A 1269 60.01 29.55 -73.29
C PRO A 1269 60.70 30.83 -73.69
N CYS A 1270 60.38 31.92 -73.01
CA CYS A 1270 60.92 33.22 -73.34
C CYS A 1270 61.20 34.04 -72.09
N LEU A 1271 62.16 34.94 -72.21
CA LEU A 1271 62.49 35.94 -71.20
C LEU A 1271 62.35 37.30 -71.89
N ARG A 1272 61.30 38.03 -71.56
CA ARG A 1272 60.96 39.27 -72.25
C ARG A 1272 61.39 40.46 -71.42
N LEU A 1273 61.92 41.48 -72.09
CA LEU A 1273 62.31 42.73 -71.45
C LEU A 1273 61.34 43.83 -71.83
N THR A 1274 60.96 44.64 -70.84
CA THR A 1274 60.09 45.78 -71.06
C THR A 1274 60.63 46.99 -70.30
N HIS A 1275 60.34 48.16 -70.83
CA HIS A 1275 60.77 49.42 -70.25
C HIS A 1275 59.58 50.04 -69.52
N ARG A 1276 59.59 49.99 -68.19
CA ARG A 1276 58.42 50.44 -67.44
C ARG A 1276 58.18 51.93 -67.64
N THR A 1277 59.22 52.75 -67.57
CA THR A 1277 59.09 54.20 -67.57
C THR A 1277 59.26 54.80 -68.95
N TRP A 1278 58.99 54.04 -70.00
CA TRP A 1278 59.14 54.57 -71.35
C TRP A 1278 58.11 55.66 -71.62
N GLY A 1279 58.52 56.65 -72.42
CA GLY A 1279 57.61 57.70 -72.84
C GLY A 1279 57.04 58.49 -71.67
N SER A 1280 57.89 58.88 -70.74
CA SER A 1280 57.45 59.68 -69.61
C SER A 1280 58.65 60.46 -69.08
N GLN A 1281 58.35 61.48 -68.28
CA GLN A 1281 59.41 62.21 -67.61
C GLN A 1281 60.06 61.32 -66.56
N ASN A 1282 61.38 61.41 -66.45
CA ASN A 1282 62.31 60.60 -65.66
C ASN A 1282 62.69 59.32 -66.40
N SER A 1283 62.18 59.09 -67.61
CA SER A 1283 62.54 57.89 -68.35
C SER A 1283 64.04 57.85 -68.57
N LEU A 1284 64.61 56.66 -68.40
CA LEU A 1284 66.04 56.43 -68.58
C LEU A 1284 66.25 55.69 -69.90
N VAL A 1285 66.96 56.33 -70.83
CA VAL A 1285 67.23 55.72 -72.13
C VAL A 1285 68.74 55.71 -72.36
N GLU A 1286 69.36 54.55 -72.17
CA GLU A 1286 70.78 54.38 -72.35
C GLU A 1286 71.07 52.94 -72.76
N MET A 1287 72.30 52.69 -73.18
CA MET A 1287 72.69 51.34 -73.58
C MET A 1287 72.45 50.36 -72.44
N LEU A 1288 71.93 49.19 -72.80
CA LEU A 1288 71.67 48.11 -71.87
C LEU A 1288 72.37 46.87 -72.37
N PHE A 1289 73.22 46.28 -71.53
CA PHE A 1289 74.00 45.11 -71.87
C PHE A 1289 73.45 43.94 -71.06
N LEU A 1290 72.85 42.97 -71.73
CA LEU A 1290 72.20 41.84 -71.09
C LEU A 1290 72.89 40.55 -71.50
N ARG A 1291 72.97 39.61 -70.56
CA ARG A 1291 73.37 38.26 -70.88
C ARG A 1291 72.50 37.29 -70.10
N LEU A 1292 72.69 36.00 -70.37
CA LEU A 1292 72.01 34.97 -69.61
C LEU A 1292 72.95 34.40 -68.56
N SER A 1293 72.37 33.98 -67.43
CA SER A 1293 73.19 33.65 -66.27
C SER A 1293 74.11 32.48 -66.53
N LEU A 1294 73.76 31.58 -67.45
CA LEU A 1294 74.54 30.37 -67.63
C LEU A 1294 75.20 30.32 -69.01
N PRO A 1295 76.44 29.81 -69.09
CA PRO A 1295 77.09 29.71 -70.41
C PRO A 1295 76.95 28.35 -71.06
N VAL A 1296 77.21 28.29 -72.35
CA VAL A 1296 77.44 27.03 -73.07
C VAL A 1296 78.93 26.90 -73.29
N GLN A 1297 79.46 25.71 -73.05
CA GLN A 1297 80.89 25.46 -73.10
C GLN A 1297 81.21 24.51 -74.24
N PHE A 1298 82.17 24.90 -75.08
CA PHE A 1298 82.56 24.09 -76.21
C PHE A 1298 83.36 22.88 -75.76
N HIS A 1299 83.34 21.84 -76.57
CA HIS A 1299 83.96 20.58 -76.19
C HIS A 1299 85.46 20.72 -76.07
N GLN A 1300 86.06 19.81 -75.29
CA GLN A 1300 87.51 19.82 -75.11
C GLN A 1300 88.24 19.54 -76.42
N HIS A 1301 87.74 18.61 -77.22
CA HIS A 1301 88.34 18.25 -78.50
C HIS A 1301 87.31 18.44 -79.60
N PHE A 1302 87.74 19.04 -80.70
CA PHE A 1302 86.87 19.26 -81.85
C PHE A 1302 87.00 18.10 -82.81
N ARG A 1303 85.89 17.68 -83.40
CA ARG A 1303 85.90 16.54 -84.31
C ARG A 1303 86.86 16.81 -85.46
N CYS A 1304 87.64 15.79 -85.81
CA CYS A 1304 88.65 15.95 -86.85
C CYS A 1304 87.99 16.28 -88.18
N THR A 1305 88.23 17.49 -88.67
CA THR A 1305 87.68 17.94 -89.94
C THR A 1305 86.17 17.72 -90.00
N ASP A 1420 57.83 16.10 -92.42
CA ASP A 1420 57.74 17.56 -92.36
C ASP A 1420 57.92 18.05 -90.94
N ASN A 1421 58.95 18.88 -90.74
CA ASN A 1421 59.26 19.55 -89.48
C ASN A 1421 58.97 18.69 -88.24
N ARG A 1422 59.41 17.43 -88.25
CA ARG A 1422 59.63 16.67 -87.04
C ARG A 1422 61.09 16.25 -86.98
N ASP A 1423 61.68 16.33 -85.79
CA ASP A 1423 63.09 15.99 -85.63
C ASP A 1423 63.31 14.52 -85.96
N ASP A 1424 64.36 14.24 -86.72
CA ASP A 1424 64.75 12.87 -86.98
C ASP A 1424 65.47 12.32 -85.77
N PRO A 1425 64.98 11.25 -85.12
CA PRO A 1425 65.52 10.86 -83.80
C PRO A 1425 67.04 10.75 -83.76
N GLU A 1426 67.65 10.04 -84.70
CA GLU A 1426 69.09 9.86 -84.65
C GLU A 1426 69.83 11.18 -84.83
N ILE A 1427 69.34 12.03 -85.74
CA ILE A 1427 70.00 13.32 -85.97
C ILE A 1427 69.91 14.17 -84.72
N ILE A 1428 68.72 14.26 -84.13
CA ILE A 1428 68.53 15.10 -82.96
C ILE A 1428 69.26 14.56 -81.74
N LEU A 1429 69.48 13.25 -81.67
CA LEU A 1429 70.17 12.64 -80.54
C LEU A 1429 71.68 12.56 -80.73
N ASN A 1430 72.18 12.82 -81.94
CA ASN A 1430 73.62 12.86 -82.17
C ASN A 1430 74.11 14.23 -82.62
N THR A 1431 73.26 15.24 -82.63
CA THR A 1431 73.66 16.58 -83.04
C THR A 1431 74.38 17.29 -81.90
N THR A 1432 75.35 18.13 -82.28
CA THR A 1432 76.07 18.98 -81.33
C THR A 1432 75.84 20.45 -81.61
N THR A 1433 74.77 20.77 -82.34
CA THR A 1433 74.43 22.14 -82.67
C THR A 1433 73.28 22.61 -81.79
N TYR A 1434 73.42 23.80 -81.23
CA TYR A 1434 72.43 24.37 -80.33
C TYR A 1434 72.03 25.76 -80.81
N TYR A 1435 70.84 26.17 -80.43
CA TYR A 1435 70.18 27.32 -81.04
C TYR A 1435 69.47 28.14 -79.98
N TYR A 1436 69.44 29.46 -80.19
CA TYR A 1436 68.53 30.31 -79.43
C TYR A 1436 68.26 31.56 -80.26
N SER A 1437 67.08 32.16 -80.09
CA SER A 1437 66.74 33.30 -80.90
C SER A 1437 66.45 34.51 -80.01
N VAL A 1438 66.50 35.68 -80.62
CA VAL A 1438 66.13 36.93 -79.99
C VAL A 1438 65.09 37.60 -80.87
N ARG A 1439 63.93 37.88 -80.30
CA ARG A 1439 62.88 38.61 -80.99
C ARG A 1439 62.96 40.07 -80.58
N VAL A 1440 63.33 40.93 -81.52
CA VAL A 1440 63.30 42.38 -81.35
C VAL A 1440 61.89 42.82 -81.73
N PHE A 1441 61.16 43.37 -80.76
CA PHE A 1441 59.76 43.68 -81.00
C PHE A 1441 59.61 44.84 -81.95
N ALA A 1442 58.53 44.84 -82.72
CA ALA A 1442 58.23 45.94 -83.61
C ALA A 1442 58.11 47.23 -82.81
N GLY A 1443 58.76 48.28 -83.30
CA GLY A 1443 58.91 49.54 -82.58
C GLY A 1443 60.27 49.73 -81.97
N GLN A 1444 60.94 48.62 -81.62
CA GLN A 1444 62.34 48.66 -81.24
C GLN A 1444 63.18 48.66 -82.51
N GLU A 1445 63.89 49.75 -82.73
CA GLU A 1445 64.66 49.89 -83.96
C GLU A 1445 65.71 48.79 -84.03
N PRO A 1446 65.75 47.98 -85.09
CA PRO A 1446 66.82 46.98 -85.19
C PRO A 1446 68.20 47.58 -85.23
N SER A 1447 68.34 48.83 -85.65
CA SER A 1447 69.64 49.48 -85.71
C SER A 1447 70.24 49.70 -84.34
N CYS A 1448 69.46 49.52 -83.27
CA CYS A 1448 69.92 49.73 -81.91
C CYS A 1448 70.03 48.44 -81.12
N VAL A 1449 70.22 47.31 -81.81
CA VAL A 1449 70.27 46.00 -81.18
C VAL A 1449 71.48 45.24 -81.72
N TRP A 1450 72.22 44.59 -80.82
CA TRP A 1450 73.27 43.67 -81.18
C TRP A 1450 73.00 42.35 -80.47
N VAL A 1451 73.03 41.25 -81.22
CA VAL A 1451 72.68 39.94 -80.70
C VAL A 1451 73.84 39.00 -80.94
N GLY A 1452 74.10 38.14 -79.96
CA GLY A 1452 75.18 37.17 -80.08
C GLY A 1452 75.61 36.56 -78.77
N TRP A 1453 76.92 36.51 -78.54
CA TRP A 1453 77.49 35.87 -77.37
C TRP A 1453 78.59 36.73 -76.79
N VAL A 1454 78.86 36.53 -75.50
CA VAL A 1454 79.99 37.16 -74.83
C VAL A 1454 80.73 36.08 -74.06
N THR A 1455 82.03 36.29 -73.86
CA THR A 1455 82.84 35.42 -73.03
C THR A 1455 82.80 35.92 -71.59
N PRO A 1456 83.32 35.13 -70.66
CA PRO A 1456 83.20 35.51 -69.25
C PRO A 1456 83.87 36.83 -68.89
N ASP A 1457 84.75 37.33 -69.75
CA ASP A 1457 85.57 38.49 -69.44
C ASP A 1457 85.17 39.71 -70.26
N TYR A 1458 83.88 39.92 -70.47
CA TYR A 1458 83.40 41.15 -71.10
C TYR A 1458 83.08 42.18 -70.02
N HIS A 1459 83.74 43.33 -70.07
CA HIS A 1459 83.60 44.35 -69.04
C HIS A 1459 83.53 45.75 -69.62
N GLN A 1460 82.85 45.91 -70.76
CA GLN A 1460 82.77 47.20 -71.44
C GLN A 1460 81.37 47.78 -71.25
N HIS A 1461 81.28 48.84 -70.46
CA HIS A 1461 80.04 49.60 -70.29
C HIS A 1461 80.04 50.82 -71.19
N ASP A 1462 80.13 50.57 -72.50
CA ASP A 1462 80.28 51.63 -73.48
C ASP A 1462 78.90 52.18 -73.87
N MET A 1463 78.65 53.45 -73.54
CA MET A 1463 77.38 54.08 -73.86
C MET A 1463 77.23 54.40 -75.34
N SER A 1464 78.27 54.23 -76.14
CA SER A 1464 78.23 54.45 -77.58
C SER A 1464 78.72 53.22 -78.30
N PHE A 1465 78.18 52.06 -77.91
CA PHE A 1465 78.71 50.79 -78.37
C PHE A 1465 78.54 50.62 -79.87
N ASP A 1466 79.56 50.06 -80.50
CA ASP A 1466 79.53 49.64 -81.89
C ASP A 1466 80.32 48.36 -82.01
N LEU A 1467 80.08 47.62 -83.08
CA LEU A 1467 80.82 46.38 -83.30
C LEU A 1467 82.29 46.68 -83.54
N SER A 1468 82.61 47.94 -83.82
CA SER A 1468 84.01 48.37 -83.94
C SER A 1468 84.67 48.59 -82.59
N LYS A 1469 83.90 48.67 -81.51
CA LYS A 1469 84.44 48.81 -80.17
C LYS A 1469 84.81 47.47 -79.55
N VAL A 1470 84.48 46.37 -80.20
CA VAL A 1470 84.72 45.05 -79.63
C VAL A 1470 86.21 44.79 -79.58
N ARG A 1471 86.71 44.36 -78.43
CA ARG A 1471 88.11 43.97 -78.32
C ARG A 1471 88.39 42.78 -79.20
N ALA A 1472 89.52 42.82 -79.91
CA ALA A 1472 89.92 41.72 -80.75
C ALA A 1472 91.43 41.76 -80.94
N VAL A 1473 92.01 40.60 -81.19
CA VAL A 1473 93.44 40.49 -81.45
C VAL A 1473 93.69 39.22 -82.24
N THR A 1474 94.80 39.18 -82.97
CA THR A 1474 95.19 38.00 -83.71
C THR A 1474 96.56 37.57 -83.25
N VAL A 1475 96.69 36.32 -82.85
CA VAL A 1475 97.97 35.74 -82.45
C VAL A 1475 98.42 34.84 -83.59
N THR A 1476 99.59 35.15 -84.17
CA THR A 1476 100.11 34.43 -85.32
C THR A 1476 101.42 33.77 -84.94
N MET A 1477 101.49 32.45 -85.14
CA MET A 1477 102.70 31.68 -84.91
C MET A 1477 103.18 31.11 -86.23
N GLY A 1478 104.50 31.18 -86.44
CA GLY A 1478 105.13 30.67 -87.63
C GLY A 1478 106.51 30.11 -87.30
N ASP A 1479 107.25 29.74 -88.35
CA ASP A 1479 108.59 29.21 -88.18
C ASP A 1479 109.61 30.35 -88.19
N GLU A 1480 110.89 29.98 -88.31
CA GLU A 1480 111.94 30.99 -88.33
C GLU A 1480 111.78 31.91 -89.52
N GLN A 1481 111.54 31.35 -90.71
CA GLN A 1481 111.40 32.14 -91.94
C GLN A 1481 109.92 32.33 -92.28
N GLY A 1482 109.21 33.01 -91.39
CA GLY A 1482 107.80 33.26 -91.62
C GLY A 1482 107.00 31.96 -91.59
N ASN A 1483 106.41 31.60 -92.73
CA ASN A 1483 105.66 30.36 -92.87
C ASN A 1483 104.69 30.17 -91.69
N VAL A 1484 103.72 31.08 -91.63
CA VAL A 1484 102.73 31.05 -90.57
C VAL A 1484 102.19 29.65 -90.41
N HIS A 1485 102.30 29.11 -89.20
CA HIS A 1485 101.66 27.84 -88.85
C HIS A 1485 100.22 28.01 -88.39
N SER A 1486 99.94 29.06 -87.63
CA SER A 1486 98.59 29.26 -87.12
C SER A 1486 98.33 30.74 -86.93
N SER A 1487 97.06 31.12 -87.03
CA SER A 1487 96.63 32.51 -86.84
C SER A 1487 95.26 32.47 -86.17
N LEU A 1488 95.22 32.69 -84.86
CA LEU A 1488 94.01 32.59 -84.08
C LEU A 1488 93.48 33.97 -83.76
N LYS A 1489 92.17 34.17 -83.94
CA LYS A 1489 91.53 35.42 -83.57
C LYS A 1489 90.85 35.28 -82.22
N CYS A 1490 91.13 36.24 -81.33
CA CYS A 1490 90.63 36.23 -79.97
C CYS A 1490 89.78 37.46 -79.74
N SER A 1491 88.65 37.27 -79.08
CA SER A 1491 87.73 38.35 -78.76
C SER A 1491 86.89 37.92 -77.57
N ASN A 1492 86.10 38.85 -77.06
CA ASN A 1492 85.17 38.56 -75.97
C ASN A 1492 83.72 38.87 -76.33
N CYS A 1493 83.44 39.29 -77.56
CA CYS A 1493 82.09 39.62 -77.98
C CYS A 1493 81.90 39.11 -79.40
N TYR A 1494 80.90 38.27 -79.59
CA TYR A 1494 80.59 37.66 -80.90
C TYR A 1494 79.13 37.98 -81.18
N MET A 1495 78.88 39.04 -81.95
CA MET A 1495 77.54 39.53 -82.17
C MET A 1495 77.35 39.95 -83.62
N VAL A 1496 76.09 40.11 -84.00
CA VAL A 1496 75.70 40.66 -85.29
C VAL A 1496 74.85 41.90 -85.04
N TRP A 1497 75.14 42.97 -85.76
CA TRP A 1497 74.38 44.19 -85.63
C TRP A 1497 73.01 44.03 -86.26
N GLY A 1498 71.97 44.47 -85.54
CA GLY A 1498 70.62 44.34 -86.06
C GLY A 1498 70.40 45.15 -87.34
N GLY A 1499 71.24 46.16 -87.57
CA GLY A 1499 71.09 46.96 -88.77
C GLY A 1499 71.47 46.23 -90.04
N ASP A 1500 72.17 45.10 -89.93
CA ASP A 1500 72.51 44.33 -91.11
C ASP A 1500 71.29 43.71 -91.76
N PHE A 1501 70.26 43.41 -90.98
CA PHE A 1501 69.10 42.70 -91.45
C PHE A 1501 67.91 43.60 -91.73
N VAL A 1502 68.12 44.91 -91.75
CA VAL A 1502 67.08 45.86 -92.12
C VAL A 1502 67.11 46.02 -93.63
N SER A 1503 65.96 45.80 -94.26
CA SER A 1503 65.89 45.88 -95.72
C SER A 1503 66.26 47.29 -96.17
N PRO A 1504 67.06 47.44 -97.24
CA PRO A 1504 67.49 48.77 -97.64
C PRO A 1504 66.34 49.73 -97.89
N GLY A 1505 65.25 49.24 -98.49
CA GLY A 1505 64.07 50.08 -98.65
C GLY A 1505 63.43 50.43 -97.32
N GLN A 1506 63.33 49.45 -96.42
CA GLN A 1506 62.72 49.70 -95.12
C GLN A 1506 63.52 50.70 -94.30
N GLN A 1507 64.81 50.85 -94.59
CA GLN A 1507 65.65 51.78 -93.85
C GLN A 1507 65.07 53.19 -93.93
N GLY A 1508 65.05 53.88 -92.78
CA GLY A 1508 64.52 55.21 -92.68
C GLY A 1508 63.07 55.27 -92.25
N ARG A 1509 62.38 54.13 -92.22
CA ARG A 1509 60.98 54.06 -91.84
C ARG A 1509 60.80 53.01 -90.76
N ILE A 1510 59.97 53.32 -89.76
CA ILE A 1510 59.68 52.36 -88.71
C ILE A 1510 58.86 51.21 -89.28
N SER A 1511 59.11 50.01 -88.78
CA SER A 1511 58.44 48.80 -89.24
C SER A 1511 57.37 48.38 -88.24
N HIS A 1512 56.46 47.53 -88.73
CA HIS A 1512 55.40 46.96 -87.90
C HIS A 1512 55.58 45.47 -87.68
N THR A 1513 56.73 44.92 -88.03
CA THR A 1513 57.03 43.50 -87.87
C THR A 1513 58.16 43.32 -86.87
N ASP A 1514 58.21 42.11 -86.30
CA ASP A 1514 59.26 41.74 -85.36
C ASP A 1514 60.46 41.17 -86.12
N LEU A 1515 61.65 41.38 -85.57
CA LEU A 1515 62.86 40.85 -86.17
C LEU A 1515 63.40 39.72 -85.31
N VAL A 1516 63.49 38.53 -85.86
CA VAL A 1516 63.93 37.35 -85.10
C VAL A 1516 65.32 36.98 -85.60
N ILE A 1517 66.31 37.09 -84.72
CA ILE A 1517 67.68 36.72 -85.04
C ILE A 1517 68.02 35.44 -84.28
N GLY A 1518 68.33 34.39 -85.02
CA GLY A 1518 68.68 33.10 -84.43
C GLY A 1518 70.18 32.91 -84.44
N CYS A 1519 70.69 32.33 -83.35
CA CYS A 1519 72.11 32.07 -83.17
C CYS A 1519 72.32 30.58 -83.02
N LEU A 1520 73.25 30.04 -83.81
CA LEU A 1520 73.58 28.62 -83.84
C LEU A 1520 75.04 28.44 -83.46
N VAL A 1521 75.32 27.46 -82.61
CA VAL A 1521 76.68 27.13 -82.20
C VAL A 1521 76.86 25.63 -82.30
N ASP A 1522 77.96 25.21 -82.93
CA ASP A 1522 78.34 23.80 -82.99
C ASP A 1522 79.41 23.56 -81.94
N LEU A 1523 79.03 22.92 -80.84
CA LEU A 1523 79.96 22.73 -79.74
C LEU A 1523 81.07 21.74 -80.04
N ALA A 1524 80.97 21.01 -81.16
CA ALA A 1524 81.98 20.03 -81.53
C ALA A 1524 82.94 20.52 -82.59
N THR A 1525 82.63 21.61 -83.29
CA THR A 1525 83.51 22.16 -84.30
C THR A 1525 83.96 23.58 -84.02
N GLY A 1526 83.32 24.26 -83.07
CA GLY A 1526 83.70 25.62 -82.74
C GLY A 1526 83.13 26.68 -83.65
N LEU A 1527 82.16 26.34 -84.50
CA LEU A 1527 81.61 27.26 -85.48
C LEU A 1527 80.37 27.93 -84.93
N MET A 1528 80.22 29.23 -85.22
CA MET A 1528 79.11 30.04 -84.75
C MET A 1528 78.51 30.73 -85.96
N THR A 1529 77.20 30.57 -86.15
CA THR A 1529 76.51 31.15 -87.29
C THR A 1529 75.22 31.85 -86.83
N PHE A 1530 74.70 32.71 -87.71
CA PHE A 1530 73.54 33.52 -87.40
C PHE A 1530 72.57 33.50 -88.56
N THR A 1531 71.28 33.62 -88.24
CA THR A 1531 70.22 33.71 -89.23
C THR A 1531 69.30 34.85 -88.84
N ALA A 1532 68.69 35.49 -89.83
CA ALA A 1532 67.75 36.59 -89.61
C ALA A 1532 66.45 36.28 -90.35
N ASN A 1533 65.36 36.15 -89.59
CA ASN A 1533 64.06 35.86 -90.17
C ASN A 1533 64.11 34.59 -91.02
N GLY A 1534 64.90 33.63 -90.57
CA GLY A 1534 65.06 32.35 -91.24
C GLY A 1534 66.11 32.34 -92.33
N LYS A 1535 66.58 33.51 -92.75
CA LYS A 1535 67.60 33.61 -93.79
C LYS A 1535 68.98 33.60 -93.14
N GLU A 1536 69.85 32.72 -93.64
CA GLU A 1536 71.20 32.66 -93.13
C GLU A 1536 71.96 33.95 -93.45
N SER A 1537 72.75 34.40 -92.49
CA SER A 1537 73.55 35.60 -92.67
C SER A 1537 74.99 35.23 -93.03
N ASN A 1538 75.76 36.26 -93.39
CA ASN A 1538 77.14 36.06 -93.82
C ASN A 1538 78.14 36.11 -92.66
N THR A 1539 77.71 36.49 -91.47
CA THR A 1539 78.61 36.59 -90.33
C THR A 1539 78.77 35.22 -89.69
N PHE A 1540 80.02 34.80 -89.49
CA PHE A 1540 80.32 33.56 -88.81
C PHE A 1540 81.58 33.74 -87.99
N PHE A 1541 81.69 32.95 -86.92
CA PHE A 1541 82.82 33.04 -86.00
C PHE A 1541 83.38 31.65 -85.73
N GLN A 1542 84.63 31.60 -85.33
CA GLN A 1542 85.31 30.35 -84.99
C GLN A 1542 85.97 30.53 -83.63
N VAL A 1543 85.67 29.64 -82.70
CA VAL A 1543 86.22 29.70 -81.35
C VAL A 1543 87.02 28.45 -81.07
N GLU A 1544 87.83 28.50 -80.01
CA GLU A 1544 88.67 27.39 -79.62
C GLU A 1544 87.95 26.48 -78.63
N PRO A 1545 88.41 25.25 -78.47
CA PRO A 1545 87.79 24.34 -77.51
C PRO A 1545 87.86 24.87 -76.09
N ASN A 1546 86.87 24.48 -75.29
CA ASN A 1546 86.68 24.86 -73.88
C ASN A 1546 86.12 26.28 -73.74
N THR A 1547 85.94 27.01 -74.83
CA THR A 1547 85.43 28.37 -74.73
C THR A 1547 84.04 28.36 -74.11
N LYS A 1548 83.82 29.27 -73.17
CA LYS A 1548 82.52 29.49 -72.55
C LYS A 1548 81.89 30.72 -73.19
N LEU A 1549 80.61 30.60 -73.58
CA LEU A 1549 79.90 31.69 -74.23
C LEU A 1549 78.56 31.89 -73.55
N PHE A 1550 78.26 33.12 -73.20
CA PHE A 1550 76.97 33.47 -72.63
C PHE A 1550 76.09 34.08 -73.70
N PRO A 1551 74.84 33.64 -73.85
CA PRO A 1551 73.92 34.39 -74.73
C PRO A 1551 73.81 35.83 -74.28
N ALA A 1552 73.82 36.76 -75.22
CA ALA A 1552 73.90 38.16 -74.88
C ALA A 1552 73.12 39.01 -75.88
N VAL A 1553 72.69 40.18 -75.43
CA VAL A 1553 71.99 41.16 -76.25
C VAL A 1553 72.33 42.54 -75.74
N PHE A 1554 72.81 43.41 -76.63
CA PHE A 1554 73.07 44.80 -76.31
C PHE A 1554 72.06 45.65 -77.06
N VAL A 1555 71.34 46.51 -76.34
CA VAL A 1555 70.21 47.21 -76.93
C VAL A 1555 70.12 48.61 -76.35
N LEU A 1556 69.76 49.57 -77.21
CA LEU A 1556 69.37 50.90 -76.76
C LEU A 1556 67.86 50.98 -76.89
N PRO A 1557 67.10 50.94 -75.79
CA PRO A 1557 65.64 50.86 -75.92
C PRO A 1557 65.07 52.04 -76.70
N THR A 1558 64.08 51.74 -77.55
CA THR A 1558 63.35 52.77 -78.28
C THR A 1558 61.85 52.49 -78.24
N HIS A 1559 61.40 51.63 -77.35
CA HIS A 1559 60.00 51.24 -77.26
C HIS A 1559 59.77 50.61 -75.91
N GLN A 1560 58.49 50.48 -75.54
CA GLN A 1560 58.17 49.84 -74.26
C GLN A 1560 58.47 48.35 -74.30
N ASN A 1561 58.28 47.71 -75.45
CA ASN A 1561 58.63 46.32 -75.66
C ASN A 1561 59.92 46.28 -76.46
N VAL A 1562 60.98 45.72 -75.88
CA VAL A 1562 62.29 45.83 -76.50
C VAL A 1562 62.69 44.52 -77.18
N VAL A 1563 62.95 43.49 -76.37
CA VAL A 1563 63.51 42.25 -76.87
C VAL A 1563 63.01 41.08 -76.04
N GLN A 1564 63.24 39.89 -76.60
CA GLN A 1564 62.78 38.65 -75.99
C GLN A 1564 63.79 37.56 -76.29
N PHE A 1565 64.42 37.02 -75.26
CA PHE A 1565 65.21 35.80 -75.41
C PHE A 1565 64.24 34.64 -75.60
N GLU A 1566 64.28 34.00 -76.77
CA GLU A 1566 63.44 32.85 -77.05
C GLU A 1566 64.32 31.62 -77.01
N LEU A 1567 64.09 30.75 -76.02
CA LEU A 1567 64.92 29.58 -75.78
C LEU A 1567 64.29 28.38 -76.46
N GLY A 1568 64.08 28.52 -77.76
CA GLY A 1568 63.42 27.49 -78.54
C GLY A 1568 64.40 26.55 -79.22
N LYS A 1569 64.04 26.05 -80.40
CA LYS A 1569 64.89 25.14 -81.13
C LYS A 1569 64.51 25.18 -82.60
N GLN A 1570 65.27 24.44 -83.41
CA GLN A 1570 65.01 24.28 -84.82
C GLN A 1570 64.96 22.79 -85.15
N LYS A 1571 64.60 22.49 -86.40
CA LYS A 1571 64.58 21.11 -86.83
C LYS A 1571 65.98 20.50 -86.74
N ASN A 1572 66.09 19.42 -85.98
CA ASN A 1572 67.35 18.70 -85.79
C ASN A 1572 68.40 19.53 -85.07
N ILE A 1573 67.96 20.54 -84.32
CA ILE A 1573 68.85 21.41 -83.54
C ILE A 1573 68.33 21.44 -82.12
N MET A 1574 69.21 21.21 -81.16
CA MET A 1574 68.80 21.14 -79.77
C MET A 1574 68.70 22.53 -79.15
N PRO A 1575 67.89 22.68 -78.11
CA PRO A 1575 67.79 23.97 -77.43
C PRO A 1575 68.98 24.22 -76.51
N LEU A 1576 69.04 25.44 -75.98
CA LEU A 1576 70.15 25.79 -75.09
C LEU A 1576 70.16 24.93 -73.84
N SER A 1577 68.99 24.66 -73.26
CA SER A 1577 68.94 23.88 -72.03
C SER A 1577 69.73 22.58 -72.17
N ALA A 1578 69.65 21.93 -73.32
CA ALA A 1578 70.38 20.69 -73.54
C ALA A 1578 71.89 20.85 -73.44
N ALA A 1579 72.41 22.02 -73.78
CA ALA A 1579 73.84 22.28 -73.64
C ALA A 1579 74.20 22.85 -72.28
N MET A 1580 73.28 23.56 -71.64
CA MET A 1580 73.55 24.20 -70.37
C MET A 1580 73.47 23.25 -69.18
N PHE A 1581 72.59 22.25 -69.23
CA PHE A 1581 72.35 21.38 -68.09
C PHE A 1581 72.68 19.94 -68.46
N LEU A 1582 73.48 19.29 -67.62
CA LEU A 1582 73.90 17.93 -67.90
C LEU A 1582 72.72 16.97 -67.90
N SER A 1583 71.79 17.13 -66.96
CA SER A 1583 70.66 16.21 -66.88
C SER A 1583 69.78 16.31 -68.11
N GLU A 1584 69.85 17.41 -68.85
CA GLU A 1584 69.04 17.60 -70.05
C GLU A 1584 69.85 17.43 -71.33
N ARG A 1585 71.03 16.79 -71.24
CA ARG A 1585 71.91 16.70 -72.40
C ARG A 1585 71.22 16.09 -73.59
N LYS A 1586 70.27 15.18 -73.37
CA LYS A 1586 69.60 14.46 -74.45
C LYS A 1586 68.09 14.72 -74.44
N ASN A 1587 67.69 15.89 -73.94
CA ASN A 1587 66.28 16.23 -73.87
C ASN A 1587 65.97 17.30 -74.91
N PRO A 1588 65.33 16.97 -76.03
CA PRO A 1588 65.07 18.00 -77.06
C PRO A 1588 64.00 19.00 -76.67
N ALA A 1589 63.27 18.79 -75.58
CA ALA A 1589 62.22 19.72 -75.19
C ALA A 1589 62.82 20.99 -74.62
N PRO A 1590 62.54 22.17 -75.17
CA PRO A 1590 63.10 23.41 -74.62
C PRO A 1590 62.65 23.62 -73.18
N GLN A 1591 63.54 24.19 -72.37
CA GLN A 1591 63.23 24.51 -70.98
C GLN A 1591 63.96 25.79 -70.59
N CYS A 1592 63.43 26.43 -69.55
CA CYS A 1592 64.05 27.63 -68.97
C CYS A 1592 64.01 27.50 -67.45
N PRO A 1593 64.93 26.72 -66.88
CA PRO A 1593 64.91 26.48 -65.44
C PRO A 1593 65.11 27.77 -64.66
N PRO A 1594 64.85 27.76 -63.35
CA PRO A 1594 65.00 28.99 -62.56
C PRO A 1594 66.40 29.56 -62.57
N ARG A 1595 67.43 28.74 -62.68
CA ARG A 1595 68.79 29.26 -62.66
C ARG A 1595 69.07 30.13 -63.88
N LEU A 1596 68.40 29.87 -64.99
CA LEU A 1596 68.57 30.67 -66.19
C LEU A 1596 67.79 31.97 -66.05
N GLU A 1597 68.49 33.09 -66.05
CA GLU A 1597 67.86 34.39 -65.85
C GLU A 1597 68.65 35.45 -66.60
N VAL A 1598 68.04 36.62 -66.73
CA VAL A 1598 68.65 37.74 -67.43
C VAL A 1598 69.49 38.54 -66.44
N GLN A 1599 70.71 38.86 -66.84
CA GLN A 1599 71.62 39.68 -66.05
C GLN A 1599 71.99 40.91 -66.87
N MET A 1600 72.15 42.03 -66.19
CA MET A 1600 72.55 43.27 -66.84
C MET A 1600 73.92 43.70 -66.34
N LEU A 1601 74.63 44.45 -67.17
CA LEU A 1601 75.94 44.95 -66.81
C LEU A 1601 75.79 46.17 -65.91
N MET A 1602 76.37 46.10 -64.71
CA MET A 1602 76.38 47.17 -63.73
C MET A 1602 77.76 47.79 -63.67
N PRO A 1603 77.86 49.13 -63.69
CA PRO A 1603 79.17 49.75 -63.92
C PRO A 1603 80.10 49.69 -62.72
N VAL A 1604 79.58 49.72 -61.50
CA VAL A 1604 80.40 49.79 -60.30
C VAL A 1604 79.91 48.76 -59.31
N SER A 1605 80.84 48.23 -58.50
CA SER A 1605 80.48 47.26 -57.48
C SER A 1605 81.47 47.36 -56.32
N TRP A 1606 81.02 46.93 -55.15
CA TRP A 1606 81.87 46.97 -53.96
C TRP A 1606 82.93 45.88 -54.04
N SER A 1607 84.12 46.18 -53.54
CA SER A 1607 85.21 45.22 -53.53
C SER A 1607 86.05 45.41 -52.27
N ARG A 1608 86.39 44.30 -51.64
CA ARG A 1608 87.18 44.35 -50.41
C ARG A 1608 88.61 44.78 -50.71
N MET A 1609 89.18 45.60 -49.84
CA MET A 1609 90.57 46.02 -50.00
C MET A 1609 91.47 45.03 -49.28
N PRO A 1610 92.54 44.54 -49.92
CA PRO A 1610 93.48 43.66 -49.20
C PRO A 1610 94.04 44.35 -47.96
N ASN A 1611 94.21 43.57 -46.90
CA ASN A 1611 94.77 44.14 -45.68
C ASN A 1611 96.27 44.34 -45.78
N HIS A 1612 96.93 43.62 -46.68
CA HIS A 1612 98.36 43.75 -46.89
C HIS A 1612 98.63 43.81 -48.38
N PHE A 1613 99.66 44.57 -48.75
CA PHE A 1613 99.96 44.86 -50.14
C PHE A 1613 101.41 44.52 -50.44
N LEU A 1614 101.67 44.15 -51.68
CA LEU A 1614 103.03 43.83 -52.10
C LEU A 1614 103.92 45.06 -51.97
N GLN A 1615 105.12 44.86 -51.43
CA GLN A 1615 106.09 45.94 -51.25
C GLN A 1615 107.03 45.91 -52.44
N VAL A 1616 106.84 46.86 -53.36
CA VAL A 1616 107.62 46.96 -54.58
C VAL A 1616 108.56 48.14 -54.45
N ASP A 1617 109.85 47.91 -54.71
CA ASP A 1617 110.85 48.97 -54.68
C ASP A 1617 111.26 49.30 -56.11
N THR A 1618 111.11 50.55 -56.49
CA THR A 1618 111.48 51.03 -57.81
C THR A 1618 112.52 52.13 -57.67
N ARG A 1619 113.60 52.03 -58.45
CA ARG A 1619 114.66 53.01 -58.34
C ARG A 1619 115.50 53.01 -59.59
N ARG A 1620 116.08 54.16 -59.92
CA ARG A 1620 116.96 54.27 -61.08
C ARG A 1620 118.32 53.70 -60.70
N ALA A 1621 118.66 52.54 -61.25
CA ALA A 1621 119.93 51.91 -60.90
C ALA A 1621 121.11 52.73 -61.40
N GLY A 1622 121.00 53.26 -62.62
CA GLY A 1622 122.08 54.05 -63.18
C GLY A 1622 121.76 54.42 -64.61
N GLU A 1623 122.67 55.18 -65.22
CA GLU A 1623 122.48 55.61 -66.59
C GLU A 1623 122.67 54.47 -67.59
N ARG A 1624 123.30 53.38 -67.17
CA ARG A 1624 123.46 52.19 -68.01
C ARG A 1624 122.67 51.00 -67.49
N LEU A 1625 122.44 50.93 -66.18
CA LEU A 1625 121.71 49.79 -65.62
C LEU A 1625 120.21 49.92 -65.87
N GLY A 1626 119.69 51.14 -65.92
CA GLY A 1626 118.30 51.35 -66.22
C GLY A 1626 117.45 51.62 -64.99
N TRP A 1627 116.21 51.14 -64.99
CA TRP A 1627 115.29 51.34 -63.87
C TRP A 1627 114.93 50.01 -63.26
N ALA A 1628 115.31 49.80 -62.01
CA ALA A 1628 115.18 48.52 -61.32
C ALA A 1628 113.88 48.45 -60.55
N VAL A 1629 113.16 47.34 -60.75
CA VAL A 1629 111.99 46.97 -59.99
C VAL A 1629 112.35 45.73 -59.17
N GLN A 1630 111.96 45.71 -57.90
CA GLN A 1630 112.31 44.63 -57.01
C GLN A 1630 111.12 44.29 -56.11
N CYS A 1631 110.90 42.99 -55.87
CA CYS A 1631 109.85 42.55 -54.97
C CYS A 1631 110.25 41.20 -54.40
N GLN A 1632 110.45 41.15 -53.07
CA GLN A 1632 111.04 39.97 -52.44
C GLN A 1632 110.17 39.31 -51.38
N GLU A 1633 109.18 39.99 -50.82
CA GLU A 1633 108.40 39.44 -49.72
C GLU A 1633 107.16 38.76 -50.27
N PRO A 1634 106.96 37.45 -50.04
CA PRO A 1634 105.78 36.78 -50.58
C PRO A 1634 104.49 37.22 -49.91
N LEU A 1635 103.39 37.10 -50.65
CA LEU A 1635 102.07 37.47 -50.15
C LEU A 1635 101.03 36.64 -50.89
N MET A 1636 100.25 35.87 -50.15
CA MET A 1636 99.28 34.95 -50.72
C MET A 1636 97.88 35.29 -50.22
N MET A 1637 96.88 34.74 -50.92
CA MET A 1637 95.49 34.93 -50.55
C MET A 1637 94.71 33.68 -50.90
N MET A 1638 93.68 33.40 -50.11
CA MET A 1638 92.76 32.31 -50.43
C MET A 1638 91.68 32.83 -51.35
N ALA A 1639 91.55 32.23 -52.52
CA ALA A 1639 90.66 32.71 -53.56
C ALA A 1639 89.46 31.78 -53.68
N LEU A 1640 88.27 32.36 -53.70
CA LEU A 1640 87.03 31.63 -53.93
C LEU A 1640 86.64 31.84 -55.38
N HIS A 1641 86.47 30.74 -56.11
CA HIS A 1641 86.30 30.77 -57.56
C HIS A 1641 84.89 30.32 -57.92
N ILE A 1642 84.17 31.13 -58.68
CA ILE A 1642 82.86 30.75 -59.20
C ILE A 1642 83.08 30.04 -60.53
N PRO A 1643 82.81 28.73 -60.63
CA PRO A 1643 83.18 28.02 -61.86
C PRO A 1643 82.50 28.54 -63.12
N GLU A 1644 81.19 28.77 -63.08
CA GLU A 1644 80.48 29.11 -64.31
C GLU A 1644 80.93 30.45 -64.87
N GLU A 1645 81.22 31.42 -64.00
CA GLU A 1645 81.62 32.75 -64.43
C GLU A 1645 83.12 32.88 -64.65
N ASN A 1646 83.91 31.87 -64.27
CA ASN A 1646 85.34 31.88 -64.49
C ASN A 1646 85.99 33.14 -63.90
N ARG A 1647 85.63 33.44 -62.66
CA ARG A 1647 86.26 34.52 -61.93
C ARG A 1647 86.40 34.11 -60.48
N CYS A 1648 87.19 34.88 -59.75
CA CYS A 1648 87.45 34.60 -58.34
C CYS A 1648 87.44 35.89 -57.55
N MET A 1649 87.21 35.75 -56.24
CA MET A 1649 87.27 36.83 -55.29
C MET A 1649 88.09 36.37 -54.10
N ASP A 1650 88.35 37.29 -53.18
CA ASP A 1650 88.90 36.90 -51.90
C ASP A 1650 87.82 36.22 -51.06
N ILE A 1651 88.15 35.06 -50.48
CA ILE A 1651 87.16 34.38 -49.65
C ILE A 1651 86.72 35.26 -48.50
N LEU A 1652 87.53 36.24 -48.13
CA LEU A 1652 87.17 37.19 -47.09
C LEU A 1652 86.01 38.09 -47.50
N GLU A 1653 85.67 38.14 -48.78
CA GLU A 1653 84.49 38.88 -49.21
C GLU A 1653 83.20 38.23 -48.75
N LEU A 1654 83.27 36.98 -48.30
CA LEU A 1654 82.08 36.30 -47.79
C LEU A 1654 81.61 36.85 -46.46
N SER A 1655 82.37 37.77 -45.86
CA SER A 1655 81.88 38.48 -44.69
C SER A 1655 80.71 39.40 -45.05
N GLU A 1656 80.68 39.91 -46.27
CA GLU A 1656 79.58 40.74 -46.73
C GLU A 1656 78.68 40.05 -47.75
N ARG A 1657 79.20 39.10 -48.51
CA ARG A 1657 78.37 38.31 -49.43
C ARG A 1657 77.79 37.13 -48.64
N LEU A 1658 76.63 37.37 -48.03
CA LEU A 1658 76.10 36.42 -47.06
C LEU A 1658 75.56 35.16 -47.73
N ASP A 1659 74.92 35.30 -48.89
CA ASP A 1659 74.39 34.11 -49.56
C ASP A 1659 75.50 33.15 -49.93
N LEU A 1660 76.57 33.67 -50.51
CA LEU A 1660 77.74 32.82 -50.81
C LEU A 1660 78.33 32.27 -49.53
N GLN A 1661 78.35 33.06 -48.45
CA GLN A 1661 78.87 32.55 -47.18
C GLN A 1661 78.05 31.36 -46.70
N ARG A 1662 76.72 31.48 -46.73
CA ARG A 1662 75.88 30.37 -46.29
C ARG A 1662 76.11 29.14 -47.16
N PHE A 1663 76.15 29.34 -48.48
CA PHE A 1663 76.33 28.19 -49.36
C PHE A 1663 77.67 27.52 -49.13
N HIS A 1664 78.73 28.31 -48.93
CA HIS A 1664 80.05 27.71 -48.75
C HIS A 1664 80.16 27.02 -47.40
N SER A 1665 79.55 27.58 -46.36
CA SER A 1665 79.56 26.91 -45.07
C SER A 1665 78.84 25.58 -45.15
N HIS A 1666 77.70 25.54 -45.82
CA HIS A 1666 77.02 24.26 -46.00
C HIS A 1666 77.77 23.32 -46.93
N THR A 1667 78.55 23.86 -47.85
CA THR A 1667 79.45 23.01 -48.65
C THR A 1667 80.50 22.35 -47.76
N LEU A 1668 81.06 23.10 -46.82
CA LEU A 1668 81.99 22.50 -45.88
C LEU A 1668 81.30 21.44 -45.03
N SER A 1669 80.05 21.70 -44.63
CA SER A 1669 79.29 20.68 -43.92
C SER A 1669 79.14 19.41 -44.77
N LEU A 1670 78.87 19.58 -46.06
CA LEU A 1670 78.74 18.43 -46.95
C LEU A 1670 80.06 17.68 -47.07
N TYR A 1671 81.17 18.42 -47.15
CA TYR A 1671 82.48 17.78 -47.17
C TYR A 1671 82.68 16.93 -45.94
N ARG A 1672 82.31 17.46 -44.77
CA ARG A 1672 82.42 16.68 -43.55
C ARG A 1672 81.51 15.46 -43.58
N SER A 1673 80.29 15.61 -44.08
CA SER A 1673 79.35 14.50 -44.10
C SER A 1673 79.82 13.37 -45.00
N VAL A 1674 80.38 13.68 -46.17
CA VAL A 1674 80.73 12.62 -47.10
C VAL A 1674 81.93 11.81 -46.62
N CYS A 1675 82.66 12.28 -45.62
CA CYS A 1675 83.79 11.54 -45.06
C CYS A 1675 83.53 11.19 -43.60
N ALA A 1676 82.34 11.46 -43.10
CA ALA A 1676 82.00 11.22 -41.71
C ALA A 1676 82.09 9.74 -41.38
N LEU A 1677 82.56 9.46 -40.16
CA LEU A 1677 82.53 8.12 -39.58
C LEU A 1677 83.40 7.14 -40.37
N GLY A 1678 84.65 7.54 -40.63
CA GLY A 1678 85.65 6.60 -41.10
C GLY A 1678 85.64 6.28 -42.57
N ASN A 1679 85.27 7.23 -43.43
CA ASN A 1679 85.38 7.05 -44.88
C ASN A 1679 86.71 7.63 -45.35
N ASN A 1680 87.77 6.86 -45.09
CA ASN A 1680 89.12 7.34 -45.37
C ASN A 1680 89.35 7.55 -46.85
N ARG A 1681 88.69 6.75 -47.70
CA ARG A 1681 88.84 6.95 -49.14
C ARG A 1681 88.28 8.30 -49.56
N VAL A 1682 87.11 8.66 -49.05
CA VAL A 1682 86.53 9.96 -49.38
C VAL A 1682 87.35 11.08 -48.75
N ALA A 1683 87.96 10.82 -47.58
CA ALA A 1683 88.85 11.81 -47.00
C ALA A 1683 90.05 12.06 -47.91
N HIS A 1684 90.63 10.99 -48.44
CA HIS A 1684 91.73 11.15 -49.39
C HIS A 1684 91.27 11.94 -50.60
N ALA A 1685 90.07 11.66 -51.09
CA ALA A 1685 89.54 12.42 -52.22
C ALA A 1685 89.42 13.90 -51.88
N LEU A 1686 88.88 14.21 -50.71
CA LEU A 1686 88.72 15.60 -50.29
C LEU A 1686 90.04 16.31 -50.09
N CYS A 1687 91.11 15.56 -49.80
CA CYS A 1687 92.41 16.20 -49.73
C CYS A 1687 92.82 16.85 -51.04
N SER A 1688 92.21 16.44 -52.15
CA SER A 1688 92.44 17.11 -53.43
C SER A 1688 91.70 18.42 -53.56
N HIS A 1689 90.51 18.53 -52.97
CA HIS A 1689 89.69 19.73 -53.11
C HIS A 1689 90.03 20.79 -52.07
N VAL A 1690 90.34 20.38 -50.85
CA VAL A 1690 90.75 21.30 -49.79
C VAL A 1690 92.07 20.76 -49.25
N ASP A 1691 93.17 21.30 -49.75
CA ASP A 1691 94.47 20.73 -49.48
C ASP A 1691 95.03 21.23 -48.15
N GLN A 1692 96.19 20.66 -47.79
CA GLN A 1692 96.78 20.93 -46.48
C GLN A 1692 97.16 22.40 -46.34
N ALA A 1693 97.68 23.00 -47.41
CA ALA A 1693 98.05 24.40 -47.34
C ALA A 1693 96.83 25.28 -47.07
N GLN A 1694 95.73 25.01 -47.77
CA GLN A 1694 94.51 25.77 -47.52
C GLN A 1694 94.03 25.60 -46.09
N LEU A 1695 94.03 24.36 -45.60
CA LEU A 1695 93.56 24.12 -44.24
C LEU A 1695 94.41 24.85 -43.23
N LEU A 1696 95.74 24.73 -43.33
CA LEU A 1696 96.63 25.36 -42.37
C LEU A 1696 96.61 26.87 -42.48
N HIS A 1697 96.31 27.42 -43.65
CA HIS A 1697 96.19 28.86 -43.78
C HIS A 1697 94.89 29.35 -43.16
N ALA A 1698 93.80 28.62 -43.38
CA ALA A 1698 92.52 28.99 -42.78
C ALA A 1698 92.57 28.91 -41.26
N LEU A 1699 93.31 27.95 -40.72
CA LEU A 1699 93.41 27.84 -39.27
C LEU A 1699 93.90 29.15 -38.65
N GLU A 1700 94.88 29.80 -39.28
CA GLU A 1700 95.42 31.04 -38.74
C GLU A 1700 94.75 32.30 -39.27
N ASP A 1701 94.01 32.21 -40.37
CA ASP A 1701 93.36 33.39 -40.91
C ASP A 1701 92.44 34.00 -39.86
N ALA A 1702 92.79 35.19 -39.38
CA ALA A 1702 92.05 35.86 -38.33
C ALA A 1702 90.88 36.68 -38.85
N ARG A 1703 90.71 36.79 -40.18
CA ARG A 1703 89.66 37.61 -40.75
C ARG A 1703 88.51 36.80 -41.32
N LEU A 1704 88.56 35.48 -41.26
CA LEU A 1704 87.47 34.67 -41.79
C LEU A 1704 86.19 34.94 -41.01
N PRO A 1705 85.02 34.89 -41.65
CA PRO A 1705 83.78 34.89 -40.89
C PRO A 1705 83.72 33.67 -39.98
N GLY A 1706 82.99 33.80 -38.88
CA GLY A 1706 82.93 32.77 -37.88
C GLY A 1706 82.48 31.44 -38.41
N PRO A 1707 81.40 31.43 -39.20
CA PRO A 1707 80.94 30.16 -39.78
C PRO A 1707 82.01 29.47 -40.62
N LEU A 1708 82.74 30.21 -41.43
CA LEU A 1708 83.77 29.59 -42.27
C LEU A 1708 84.97 29.15 -41.44
N ARG A 1709 85.35 29.92 -40.43
CA ARG A 1709 86.43 29.51 -39.55
C ARG A 1709 86.10 28.20 -38.87
N ALA A 1710 84.91 28.11 -38.28
CA ALA A 1710 84.48 26.88 -37.63
C ALA A 1710 84.40 25.74 -38.64
N GLY A 1711 83.87 26.02 -39.83
CA GLY A 1711 83.76 24.98 -40.84
C GLY A 1711 85.11 24.42 -41.25
N TYR A 1712 86.12 25.28 -41.38
CA TYR A 1712 87.42 24.81 -41.81
C TYR A 1712 88.14 24.06 -40.69
N TYR A 1713 88.00 24.51 -39.44
CA TYR A 1713 88.54 23.72 -38.34
C TYR A 1713 87.91 22.34 -38.30
N ASP A 1714 86.58 22.28 -38.40
CA ASP A 1714 85.90 20.99 -38.38
C ASP A 1714 86.29 20.15 -39.58
N LEU A 1715 86.52 20.77 -40.73
CA LEU A 1715 86.95 20.03 -41.91
C LEU A 1715 88.31 19.42 -41.71
N LEU A 1716 89.25 20.17 -41.14
CA LEU A 1716 90.55 19.59 -40.84
C LEU A 1716 90.41 18.40 -39.92
N ILE A 1717 89.64 18.54 -38.84
CA ILE A 1717 89.47 17.44 -37.91
C ILE A 1717 88.85 16.24 -38.59
N SER A 1718 87.81 16.46 -39.40
CA SER A 1718 87.11 15.37 -40.06
C SER A 1718 88.01 14.65 -41.04
N ILE A 1719 88.76 15.39 -41.85
CA ILE A 1719 89.57 14.77 -42.88
C ILE A 1719 90.74 14.00 -42.28
N HIS A 1720 91.44 14.61 -41.31
CA HIS A 1720 92.73 14.08 -40.90
C HIS A 1720 92.76 13.44 -39.52
N LEU A 1721 91.81 13.76 -38.63
CA LEU A 1721 91.94 13.38 -37.23
C LEU A 1721 90.77 12.59 -36.67
N GLU A 1722 89.60 12.63 -37.31
CA GLU A 1722 88.39 12.12 -36.69
C GLU A 1722 88.48 10.62 -36.42
N SER A 1723 88.88 9.85 -37.44
CA SER A 1723 88.87 8.40 -37.29
C SER A 1723 89.89 7.93 -36.26
N ALA A 1724 91.10 8.50 -36.31
CA ALA A 1724 92.12 8.15 -35.32
C ALA A 1724 91.66 8.52 -33.91
N CYS A 1725 91.11 9.72 -33.75
CA CYS A 1725 90.62 10.13 -32.45
C CYS A 1725 89.53 9.19 -31.94
N ARG A 1726 88.63 8.78 -32.83
CA ARG A 1726 87.53 7.91 -32.40
C ARG A 1726 88.04 6.53 -32.00
N SER A 1727 88.98 5.97 -32.77
CA SER A 1727 89.54 4.67 -32.40
C SER A 1727 90.26 4.75 -31.07
N ARG A 1728 91.09 5.78 -30.88
CA ARG A 1728 91.78 5.93 -29.60
C ARG A 1728 90.80 6.12 -28.46
N ARG A 1729 89.74 6.89 -28.68
CA ARG A 1729 88.72 7.07 -27.65
C ARG A 1729 88.08 5.74 -27.29
N SER A 1730 87.77 4.92 -28.30
CA SER A 1730 87.18 3.61 -28.02
C SER A 1730 88.12 2.76 -27.18
N MET A 1731 89.42 2.80 -27.47
CA MET A 1731 90.39 2.00 -26.73
C MET A 1731 90.74 2.59 -25.37
N LEU A 1732 90.44 3.85 -25.12
CA LEU A 1732 90.92 4.55 -23.93
C LEU A 1732 90.24 4.10 -22.65
N SER A 1733 89.17 3.32 -22.73
CA SER A 1733 88.42 2.93 -21.54
C SER A 1733 88.86 1.60 -20.96
N GLU A 1734 89.88 0.96 -21.54
CA GLU A 1734 90.43 -0.29 -21.03
C GLU A 1734 91.91 -0.10 -20.71
N TYR A 1735 92.39 -0.87 -19.74
CA TYR A 1735 93.77 -0.76 -19.24
C TYR A 1735 94.40 -2.14 -19.27
N ILE A 1736 95.14 -2.41 -20.35
CA ILE A 1736 95.91 -3.66 -20.47
C ILE A 1736 97.36 -3.30 -20.17
N VAL A 1737 97.78 -3.53 -18.93
CA VAL A 1737 99.08 -3.11 -18.44
C VAL A 1737 100.07 -4.24 -18.70
N PRO A 1738 101.10 -4.03 -19.53
CA PRO A 1738 102.14 -5.06 -19.69
C PRO A 1738 103.13 -5.00 -18.53
N LEU A 1739 103.48 -6.16 -18.00
CA LEU A 1739 104.36 -6.25 -16.84
C LEU A 1739 105.81 -6.10 -17.30
N THR A 1740 106.23 -4.86 -17.43
CA THR A 1740 107.55 -4.47 -17.90
C THR A 1740 108.25 -3.60 -16.88
N PRO A 1741 109.56 -3.35 -17.05
CA PRO A 1741 110.25 -2.44 -16.12
C PRO A 1741 109.63 -1.06 -16.06
N GLU A 1742 109.13 -0.56 -17.18
CA GLU A 1742 108.44 0.73 -17.16
C GLU A 1742 107.24 0.67 -16.25
N THR A 1743 106.48 -0.42 -16.30
CA THR A 1743 105.35 -0.58 -15.40
C THR A 1743 105.83 -0.65 -13.95
N ARG A 1744 106.90 -1.40 -13.70
CA ARG A 1744 107.43 -1.50 -12.34
C ARG A 1744 107.85 -0.16 -11.79
N ALA A 1745 108.32 0.75 -12.65
CA ALA A 1745 108.77 2.05 -12.20
C ALA A 1745 107.64 3.01 -11.84
N ILE A 1746 106.38 2.64 -12.12
CA ILE A 1746 105.27 3.55 -11.87
C ILE A 1746 104.92 3.55 -10.40
N THR A 1747 104.69 4.74 -9.84
CA THR A 1747 104.27 4.90 -8.46
C THR A 1747 103.12 5.90 -8.39
N LEU A 1748 102.30 5.76 -7.35
CA LEU A 1748 101.13 6.63 -7.23
C LEU A 1748 101.54 8.10 -7.12
N PHE A 1749 102.53 8.40 -6.30
CA PHE A 1749 102.96 9.77 -6.09
C PHE A 1749 104.36 9.98 -6.62
N PRO A 1750 104.69 11.18 -7.09
CA PRO A 1750 106.04 11.42 -7.60
C PRO A 1750 107.07 11.18 -6.51
N PRO A 1751 108.24 10.64 -6.86
CA PRO A 1751 109.25 10.36 -5.82
C PRO A 1751 109.84 11.64 -5.24
N GLY A 1752 109.03 12.36 -4.46
CA GLY A 1752 109.48 13.59 -3.85
C GLY A 1752 109.53 13.49 -2.34
N ARG A 1753 109.62 14.63 -1.64
CA ARG A 1753 109.71 14.65 -0.20
C ARG A 1753 108.74 15.63 0.45
N SER A 1754 107.76 16.15 -0.28
CA SER A 1754 106.79 17.07 0.33
C SER A 1754 106.16 16.46 1.57
N ALA A 1755 105.64 15.23 1.44
CA ALA A 1755 105.20 14.45 2.58
C ALA A 1755 105.72 13.03 2.38
N GLU A 1756 106.33 12.46 3.43
CA GLU A 1756 107.01 11.17 3.28
C GLU A 1756 106.03 10.09 2.85
N ASP A 1757 104.86 10.03 3.46
CA ASP A 1757 103.82 9.07 3.10
C ASP A 1757 102.72 9.79 2.33
N GLY A 1758 102.36 9.23 1.18
CA GLY A 1758 101.37 9.84 0.31
C GLY A 1758 101.67 11.31 0.10
N PRO A 1759 102.80 11.60 -0.58
CA PRO A 1759 103.20 13.00 -0.79
C PRO A 1759 102.03 13.90 -1.13
N ARG A 1760 101.87 14.98 -0.36
CA ARG A 1760 100.66 15.81 -0.48
C ARG A 1760 100.42 16.25 -1.91
N ARG A 1761 101.50 16.57 -2.64
CA ARG A 1761 101.36 17.06 -4.00
C ARG A 1761 101.31 15.91 -4.99
N HIS A 1762 100.28 15.90 -5.83
CA HIS A 1762 100.20 14.98 -6.95
C HIS A 1762 101.24 15.37 -7.99
N GLY A 1763 101.35 14.57 -9.05
CA GLY A 1763 102.08 14.97 -10.24
C GLY A 1763 101.11 15.59 -11.23
N LEU A 1764 101.64 16.30 -12.20
CA LEU A 1764 100.80 16.94 -13.19
C LEU A 1764 100.02 15.89 -13.96
N PRO A 1765 98.69 15.99 -14.06
CA PRO A 1765 97.92 14.95 -14.74
C PRO A 1765 98.28 14.88 -16.21
N GLY A 1766 98.36 13.66 -16.73
CA GLY A 1766 98.69 13.43 -18.11
C GLY A 1766 100.16 13.55 -18.43
N VAL A 1767 101.00 13.82 -17.44
CA VAL A 1767 102.44 13.94 -17.62
C VAL A 1767 103.11 12.80 -16.87
N GLY A 1768 103.92 12.03 -17.56
CA GLY A 1768 104.64 10.94 -16.95
C GLY A 1768 104.64 9.74 -17.87
N VAL A 1769 104.80 8.56 -17.27
CA VAL A 1769 104.92 7.31 -18.00
C VAL A 1769 103.61 6.55 -17.91
N THR A 1770 103.08 6.15 -19.05
CA THR A 1770 101.89 5.29 -19.11
C THR A 1770 102.23 4.07 -19.95
N THR A 1771 101.89 2.89 -19.43
CA THR A 1771 102.23 1.64 -20.09
C THR A 1771 101.03 0.91 -20.66
N SER A 1772 99.81 1.39 -20.41
CA SER A 1772 98.63 0.73 -20.96
C SER A 1772 98.74 0.65 -22.48
N LEU A 1773 98.33 -0.49 -23.03
CA LEU A 1773 98.50 -0.75 -24.45
C LEU A 1773 97.43 -0.03 -25.24
N ARG A 1774 97.85 0.88 -26.12
CA ARG A 1774 96.96 1.54 -27.07
C ARG A 1774 97.57 1.35 -28.45
N PRO A 1775 96.83 0.82 -29.42
CA PRO A 1775 97.41 0.62 -30.76
C PRO A 1775 97.81 1.94 -31.37
N PRO A 1776 98.88 1.96 -32.17
CA PRO A 1776 99.33 3.23 -32.76
C PRO A 1776 98.36 3.72 -33.82
N HIS A 1777 98.67 4.92 -34.33
CA HIS A 1777 97.90 5.51 -35.42
C HIS A 1777 98.56 5.20 -36.74
N HIS A 1778 97.73 5.00 -37.77
CA HIS A 1778 98.22 4.70 -39.11
C HIS A 1778 97.63 5.71 -40.09
N PHE A 1779 98.50 6.38 -40.84
CA PHE A 1779 98.09 7.36 -41.82
C PHE A 1779 98.79 7.06 -43.14
N SER A 1780 98.20 7.54 -44.22
CA SER A 1780 98.74 7.34 -45.55
C SER A 1780 98.94 8.69 -46.23
N PRO A 1781 100.05 8.90 -46.94
CA PRO A 1781 100.25 10.18 -47.61
C PRO A 1781 99.18 10.43 -48.66
N PRO A 1782 98.67 11.65 -48.77
CA PRO A 1782 97.74 11.94 -49.87
C PRO A 1782 98.48 12.20 -51.17
N CYS A 1783 98.40 11.25 -52.10
CA CYS A 1783 99.05 11.36 -53.39
C CYS A 1783 98.07 10.93 -54.47
N PHE A 1784 97.98 11.71 -55.54
CA PHE A 1784 97.02 11.46 -56.61
C PHE A 1784 97.72 11.20 -57.93
N VAL A 1785 98.95 10.69 -57.89
CA VAL A 1785 99.65 10.21 -59.06
C VAL A 1785 100.08 8.77 -58.93
N VAL A 1786 99.75 8.11 -57.82
CA VAL A 1786 100.10 6.71 -57.63
C VAL A 1786 99.20 5.85 -58.49
N ALA A 1787 99.71 4.68 -58.88
CA ALA A 1787 98.93 3.75 -59.68
C ALA A 1787 97.77 3.21 -58.84
N LEU A 1788 96.59 3.16 -59.44
CA LEU A 1788 95.43 2.63 -58.74
C LEU A 1788 95.63 1.16 -58.44
N PRO A 1789 95.40 0.69 -57.21
CA PRO A 1789 95.50 -0.75 -56.95
C PRO A 1789 94.65 -1.56 -57.90
N ALA A 1790 95.27 -2.38 -58.73
CA ALA A 1790 94.51 -3.20 -59.68
C ALA A 1790 93.55 -4.14 -58.95
N ALA A 1791 93.83 -4.44 -57.69
CA ALA A 1791 92.94 -5.27 -56.88
C ALA A 1791 91.53 -4.69 -56.88
N GLY A 1792 90.57 -5.50 -57.32
CA GLY A 1792 89.19 -5.05 -57.38
C GLY A 1792 88.67 -4.63 -56.02
N ALA A 1793 87.48 -4.04 -56.05
CA ALA A 1793 86.86 -3.59 -54.81
C ALA A 1793 86.56 -4.80 -53.92
N THR A 1794 86.53 -4.54 -52.62
CA THR A 1794 86.22 -5.56 -51.62
C THR A 1794 87.39 -6.53 -51.44
N GLU A 1795 88.56 -6.15 -51.97
CA GLU A 1795 89.75 -6.99 -51.84
C GLU A 1795 90.91 -6.17 -51.28
N ALA A 1796 91.01 -4.90 -51.67
CA ALA A 1796 92.12 -4.08 -51.23
C ALA A 1796 92.01 -3.77 -49.74
N PRO A 1797 93.12 -3.53 -49.06
CA PRO A 1797 93.04 -3.12 -47.65
C PRO A 1797 92.32 -1.79 -47.51
N ALA A 1798 91.61 -1.63 -46.40
CA ALA A 1798 90.89 -0.39 -46.14
C ALA A 1798 91.86 0.78 -46.15
N ARG A 1799 91.43 1.89 -46.74
CA ARG A 1799 92.29 3.06 -46.81
C ARG A 1799 92.54 3.62 -45.42
N LEU A 1800 93.71 4.21 -45.24
CA LEU A 1800 94.06 4.90 -44.01
C LEU A 1800 93.77 6.39 -44.16
N SER A 1801 93.61 7.05 -43.02
CA SER A 1801 93.33 8.48 -43.05
C SER A 1801 94.49 9.23 -43.69
N PRO A 1802 94.22 10.25 -44.49
CA PRO A 1802 95.32 11.02 -45.07
C PRO A 1802 96.15 11.67 -43.98
N ALA A 1803 97.47 11.72 -44.21
CA ALA A 1803 98.40 12.20 -43.21
C ALA A 1803 98.57 13.71 -43.30
N ILE A 1804 98.74 14.35 -42.15
CA ILE A 1804 99.07 15.77 -42.08
C ILE A 1804 100.17 15.93 -41.03
N PRO A 1805 101.19 16.77 -41.26
CA PRO A 1805 102.30 16.85 -40.31
C PRO A 1805 101.85 17.13 -38.88
N LEU A 1806 101.99 16.14 -38.01
CA LEU A 1806 101.42 16.22 -36.69
C LEU A 1806 102.22 17.12 -35.75
N GLU A 1807 103.55 17.10 -35.83
CA GLU A 1807 104.32 18.00 -34.97
C GLU A 1807 104.05 19.46 -35.30
N ALA A 1808 104.00 19.78 -36.59
CA ALA A 1808 103.70 21.15 -36.99
C ALA A 1808 102.28 21.53 -36.60
N LEU A 1809 101.31 20.64 -36.79
CA LEU A 1809 99.94 20.93 -36.37
C LEU A 1809 99.89 21.14 -34.86
N ARG A 1810 100.64 20.35 -34.11
CA ARG A 1810 100.68 20.48 -32.66
C ARG A 1810 101.20 21.85 -32.24
N ASP A 1811 102.33 22.26 -32.81
CA ASP A 1811 102.89 23.56 -32.47
C ASP A 1811 101.93 24.68 -32.84
N LYS A 1812 101.32 24.59 -34.03
CA LYS A 1812 100.40 25.64 -34.46
C LYS A 1812 99.19 25.71 -33.54
N ALA A 1813 98.67 24.56 -33.11
CA ALA A 1813 97.51 24.55 -32.22
C ALA A 1813 97.84 25.21 -30.90
N LEU A 1814 98.99 24.87 -30.32
CA LEU A 1814 99.36 25.49 -29.05
C LEU A 1814 99.54 26.99 -29.22
N ARG A 1815 100.18 27.41 -30.31
CA ARG A 1815 100.39 28.84 -30.52
C ARG A 1815 99.07 29.58 -30.66
N MET A 1816 98.12 29.01 -31.41
CA MET A 1816 96.82 29.66 -31.55
C MET A 1816 96.10 29.74 -30.22
N LEU A 1817 96.18 28.69 -29.40
CA LEU A 1817 95.52 28.72 -28.11
C LEU A 1817 96.13 29.82 -27.23
N GLY A 1818 97.45 29.95 -27.24
CA GLY A 1818 98.08 31.01 -26.47
C GLY A 1818 97.66 32.39 -26.94
N GLU A 1819 97.63 32.60 -28.26
CA GLU A 1819 97.19 33.88 -28.79
C GLU A 1819 95.75 34.17 -28.39
N ALA A 1820 94.89 33.15 -28.45
CA ALA A 1820 93.50 33.34 -28.06
C ALA A 1820 93.39 33.74 -26.59
N VAL A 1821 94.17 33.09 -25.74
CA VAL A 1821 94.13 33.43 -24.32
C VAL A 1821 94.55 34.88 -24.11
N ARG A 1822 95.64 35.31 -24.76
CA ARG A 1822 96.08 36.68 -24.58
C ARG A 1822 95.04 37.68 -25.09
N ASP A 1823 94.44 37.41 -26.25
CA ASP A 1823 93.43 38.31 -26.78
C ASP A 1823 92.20 38.38 -25.87
N GLY A 1824 91.78 37.23 -25.35
CA GLY A 1824 90.68 37.20 -24.43
C GLY A 1824 90.98 38.05 -23.22
N GLY A 1825 92.22 37.96 -22.72
CA GLY A 1825 92.62 38.83 -21.63
C GLY A 1825 92.54 40.30 -21.99
N GLN A 1826 92.92 40.64 -23.23
CA GLN A 1826 92.92 42.04 -23.64
C GLN A 1826 91.51 42.59 -23.83
N HIS A 1827 90.54 41.73 -24.17
CA HIS A 1827 89.14 42.14 -24.34
C HIS A 1827 89.01 43.19 -25.45
N ALA A 1828 89.33 42.76 -26.67
CA ALA A 1828 89.20 43.62 -27.82
C ALA A 1828 87.77 43.62 -28.34
N ARG A 1829 87.49 44.54 -29.28
CA ARG A 1829 86.16 44.69 -29.85
C ARG A 1829 86.01 44.03 -31.21
N ASP A 1830 87.02 43.32 -31.70
CA ASP A 1830 86.94 42.58 -32.96
C ASP A 1830 87.50 41.18 -32.74
N PRO A 1831 86.78 40.34 -32.01
CA PRO A 1831 87.28 38.98 -31.73
C PRO A 1831 87.46 38.21 -33.02
N VAL A 1832 88.50 37.37 -33.05
CA VAL A 1832 88.73 36.50 -34.20
C VAL A 1832 87.50 35.67 -34.45
N GLY A 1833 87.03 35.66 -35.69
CA GLY A 1833 85.83 34.96 -36.05
C GLY A 1833 84.55 35.70 -35.76
N GLY A 1834 84.63 36.89 -35.17
CA GLY A 1834 83.47 37.72 -34.90
C GLY A 1834 82.98 37.66 -33.47
N SER A 1835 83.39 36.67 -32.71
CA SER A 1835 82.93 36.54 -31.33
C SER A 1835 83.89 35.67 -30.55
N VAL A 1836 83.77 35.75 -29.22
CA VAL A 1836 84.60 34.92 -28.35
C VAL A 1836 84.34 33.45 -28.63
N GLU A 1837 83.08 33.10 -28.91
CA GLU A 1837 82.76 31.71 -29.22
C GLU A 1837 83.51 31.23 -30.45
N PHE A 1838 83.44 31.96 -31.56
CA PHE A 1838 84.13 31.56 -32.77
C PHE A 1838 85.63 31.70 -32.67
N GLN A 1839 86.14 32.45 -31.68
CA GLN A 1839 87.57 32.50 -31.47
C GLN A 1839 88.09 31.33 -30.66
N PHE A 1840 87.33 30.85 -29.67
CA PHE A 1840 87.81 29.82 -28.76
C PHE A 1840 87.37 28.42 -29.14
N VAL A 1841 86.10 28.21 -29.48
CA VAL A 1841 85.59 26.86 -29.64
C VAL A 1841 86.39 26.06 -30.68
N PRO A 1842 86.69 26.60 -31.86
CA PRO A 1842 87.46 25.79 -32.84
C PRO A 1842 88.83 25.39 -32.34
N VAL A 1843 89.57 26.32 -31.74
CA VAL A 1843 90.91 26.01 -31.25
C VAL A 1843 90.84 24.95 -30.16
N LEU A 1844 89.87 25.09 -29.25
CA LEU A 1844 89.74 24.11 -28.17
C LEU A 1844 89.33 22.75 -28.70
N LYS A 1845 88.47 22.71 -29.73
CA LYS A 1845 88.15 21.43 -30.34
C LYS A 1845 89.39 20.77 -30.93
N LEU A 1846 90.21 21.55 -31.64
CA LEU A 1846 91.43 20.98 -32.20
C LEU A 1846 92.34 20.45 -31.11
N VAL A 1847 92.51 21.23 -30.04
CA VAL A 1847 93.42 20.82 -28.96
C VAL A 1847 92.89 19.58 -28.26
N SER A 1848 91.59 19.51 -28.01
CA SER A 1848 91.02 18.33 -27.38
C SER A 1848 91.20 17.09 -28.26
N THR A 1849 90.97 17.24 -29.56
CA THR A 1849 91.16 16.12 -30.47
C THR A 1849 92.60 15.65 -30.42
N LEU A 1850 93.56 16.58 -30.46
CA LEU A 1850 94.96 16.19 -30.43
C LEU A 1850 95.34 15.52 -29.12
N LEU A 1851 94.85 16.04 -27.99
CA LEU A 1851 95.11 15.38 -26.72
C LEU A 1851 94.58 13.96 -26.72
N VAL A 1852 93.31 13.78 -27.07
CA VAL A 1852 92.73 12.45 -27.04
C VAL A 1852 93.50 11.51 -27.95
N MET A 1853 93.92 12.00 -29.12
CA MET A 1853 94.81 11.22 -29.96
C MET A 1853 96.13 10.93 -29.25
N GLY A 1854 96.50 11.77 -28.29
CA GLY A 1854 97.71 11.52 -27.52
C GLY A 1854 98.99 11.83 -28.25
N VAL A 1855 98.97 12.84 -29.13
CA VAL A 1855 100.17 13.22 -29.86
C VAL A 1855 100.98 14.29 -29.12
N PHE A 1856 100.39 14.94 -28.12
CA PHE A 1856 101.10 15.97 -27.37
C PHE A 1856 102.23 15.37 -26.56
N SER A 1857 103.35 16.08 -26.48
CA SER A 1857 104.47 15.65 -25.66
C SER A 1857 104.26 16.15 -24.22
N ASP A 1858 105.20 15.78 -23.34
CA ASP A 1858 105.09 16.19 -21.96
C ASP A 1858 105.17 17.71 -21.81
N GLU A 1859 106.11 18.34 -22.52
CA GLU A 1859 106.20 19.80 -22.47
C GLU A 1859 104.93 20.45 -23.00
N ASP A 1860 104.37 19.89 -24.08
CA ASP A 1860 103.15 20.43 -24.63
C ASP A 1860 102.01 20.34 -23.63
N VAL A 1861 101.89 19.18 -22.95
CA VAL A 1861 100.83 19.01 -21.97
C VAL A 1861 101.03 19.97 -20.80
N LYS A 1862 102.28 20.19 -20.40
CA LYS A 1862 102.55 21.14 -19.33
C LYS A 1862 102.12 22.55 -19.74
N GLN A 1863 102.41 22.94 -20.98
CA GLN A 1863 101.97 24.24 -21.45
C GLN A 1863 100.46 24.35 -21.46
N ILE A 1864 99.78 23.29 -21.90
CA ILE A 1864 98.32 23.30 -21.90
C ILE A 1864 97.78 23.46 -20.49
N LEU A 1865 98.38 22.73 -19.54
CA LEU A 1865 97.92 22.83 -18.16
C LEU A 1865 98.13 24.23 -17.61
N LYS A 1866 99.27 24.84 -17.91
CA LYS A 1866 99.51 26.21 -17.45
C LYS A 1866 98.55 27.19 -18.11
N MET A 1867 98.15 26.95 -19.36
CA MET A 1867 97.10 27.76 -19.96
C MET A 1867 95.77 27.59 -19.23
N ILE A 1868 95.46 26.36 -18.82
CA ILE A 1868 94.19 26.11 -18.13
C ILE A 1868 94.17 26.81 -16.78
N GLU A 1869 95.24 26.65 -15.99
CA GLU A 1869 95.29 27.21 -14.64
C GLU A 1869 96.75 27.40 -14.25
N PRO A 1870 97.28 28.62 -14.37
CA PRO A 1870 98.73 28.80 -14.11
C PRO A 1870 99.17 28.40 -12.72
N GLU A 1871 98.37 28.65 -11.69
CA GLU A 1871 98.81 28.44 -10.32
C GLU A 1871 98.74 26.98 -9.91
N VAL A 1872 97.60 26.32 -10.12
CA VAL A 1872 97.43 24.94 -9.68
C VAL A 1872 98.46 24.05 -10.34
N PHE A 1873 98.70 24.25 -11.64
CA PHE A 1873 99.56 23.37 -12.42
C PHE A 1873 100.94 23.98 -12.66
N ARG A 1874 101.40 24.81 -11.74
CA ARG A 1874 102.76 25.32 -11.81
C ARG A 1874 103.74 24.18 -11.52
N GLU A 1875 104.98 24.37 -11.95
CA GLU A 1875 106.05 23.41 -11.71
C GLU A 1875 107.15 24.09 -10.90
N GLU A 1876 107.62 23.40 -9.86
CA GLU A 1876 108.65 23.93 -8.99
C GLU A 1876 110.03 23.80 -9.63
N LEU A 1923 100.33 35.21 -19.12
CA LEU A 1923 99.14 35.78 -18.51
C LEU A 1923 98.75 34.97 -17.27
N GLU A 1924 98.61 35.64 -16.14
CA GLU A 1924 98.32 34.98 -14.88
C GLU A 1924 96.85 34.58 -14.78
N GLU A 1925 96.07 34.89 -15.82
CA GLU A 1925 94.66 34.55 -15.89
C GLU A 1925 94.50 33.32 -16.78
N GLY A 1926 94.07 32.20 -16.18
CA GLY A 1926 93.87 30.98 -16.93
C GLY A 1926 92.53 30.95 -17.62
N LEU A 1927 92.34 29.92 -18.46
CA LEU A 1927 91.09 29.77 -19.18
C LEU A 1927 89.92 29.62 -18.24
N LEU A 1928 90.10 28.93 -17.12
CA LEU A 1928 88.98 28.63 -16.25
C LEU A 1928 88.40 29.86 -15.58
N GLN A 1929 89.07 31.01 -15.65
CA GLN A 1929 88.55 32.27 -15.14
C GLN A 1929 88.71 33.34 -16.23
N MET A 1930 87.77 33.37 -17.18
CA MET A 1930 87.79 34.43 -18.18
C MET A 1930 86.37 34.86 -18.56
N LYS A 1931 85.39 34.52 -17.74
CA LYS A 1931 84.01 34.87 -18.06
C LYS A 1931 83.68 34.45 -19.49
N LEU A 1932 83.69 33.16 -19.75
CA LEU A 1932 83.55 32.61 -21.09
C LEU A 1932 82.11 32.20 -21.37
N PRO A 1933 81.71 32.13 -22.63
CA PRO A 1933 80.38 31.62 -22.97
C PRO A 1933 80.25 30.15 -22.59
N GLU A 1934 79.04 29.61 -22.84
CA GLU A 1934 78.75 28.26 -22.39
C GLU A 1934 79.39 27.20 -23.28
N SER A 1935 79.48 27.44 -24.59
CA SER A 1935 80.13 26.48 -25.48
C SER A 1935 81.61 26.36 -25.15
N VAL A 1936 82.28 27.48 -24.91
CA VAL A 1936 83.67 27.44 -24.50
C VAL A 1936 83.80 26.68 -23.19
N LYS A 1937 82.83 26.87 -22.30
CA LYS A 1937 82.81 26.10 -21.07
C LYS A 1937 82.67 24.60 -21.34
N LEU A 1938 81.90 24.24 -22.36
CA LEU A 1938 81.79 22.82 -22.72
C LEU A 1938 83.12 22.27 -23.19
N GLN A 1939 83.84 23.03 -24.01
CA GLN A 1939 85.16 22.56 -24.45
C GLN A 1939 86.12 22.45 -23.27
N MET A 1940 86.08 23.41 -22.35
CA MET A 1940 86.89 23.31 -21.15
C MET A 1940 86.54 22.07 -20.35
N CYS A 1941 85.26 21.74 -20.29
CA CYS A 1941 84.84 20.51 -19.62
C CYS A 1941 85.41 19.28 -20.31
N HIS A 1942 85.47 19.29 -21.64
CA HIS A 1942 86.10 18.16 -22.34
C HIS A 1942 87.57 18.04 -21.98
N LEU A 1943 88.29 19.15 -21.93
CA LEU A 1943 89.69 19.11 -21.54
C LEU A 1943 89.86 18.54 -20.12
N LEU A 1944 89.06 19.05 -19.19
CA LEU A 1944 89.14 18.55 -17.82
C LEU A 1944 88.78 17.07 -17.75
N GLU A 1945 87.84 16.62 -18.58
CA GLU A 1945 87.51 15.20 -18.63
C GLU A 1945 88.72 14.39 -19.06
N TYR A 1946 89.44 14.86 -20.07
CA TYR A 1946 90.63 14.14 -20.51
C TYR A 1946 91.63 14.03 -19.37
N PHE A 1947 91.88 15.12 -18.66
CA PHE A 1947 92.89 15.07 -17.62
C PHE A 1947 92.45 14.21 -16.44
N CYS A 1948 91.17 14.21 -16.11
CA CYS A 1948 90.66 13.32 -15.07
C CYS A 1948 90.81 11.86 -15.48
N ASP A 1949 90.52 11.55 -16.75
CA ASP A 1949 90.74 10.19 -17.25
C ASP A 1949 92.21 9.81 -17.16
N GLN A 1950 93.11 10.74 -17.44
CA GLN A 1950 94.53 10.46 -17.30
C GLN A 1950 94.91 10.15 -15.86
N GLU A 1951 94.37 10.89 -14.90
CA GLU A 1951 94.65 10.56 -13.51
C GLU A 1951 94.10 9.18 -13.13
N LEU A 1952 92.91 8.83 -13.62
CA LEU A 1952 92.37 7.50 -13.36
C LEU A 1952 93.27 6.42 -13.94
N GLN A 1953 93.76 6.64 -15.17
CA GLN A 1953 94.67 5.68 -15.78
C GLN A 1953 95.94 5.54 -14.96
N HIS A 1954 96.46 6.67 -14.46
CA HIS A 1954 97.64 6.60 -13.61
C HIS A 1954 97.37 5.78 -12.35
N ARG A 1955 96.18 5.96 -11.75
CA ARG A 1955 95.84 5.18 -10.58
C ARG A 1955 95.85 3.69 -10.90
N VAL A 1956 95.21 3.31 -12.01
CA VAL A 1956 95.12 1.90 -12.37
C VAL A 1956 96.51 1.32 -12.62
N GLU A 1957 97.33 2.05 -13.36
CA GLU A 1957 98.68 1.56 -13.66
C GLU A 1957 99.52 1.43 -12.40
N SER A 1958 99.41 2.40 -11.48
CA SER A 1958 100.13 2.30 -10.22
C SER A 1958 99.67 1.08 -9.43
N LEU A 1959 98.37 0.83 -9.40
CA LEU A 1959 97.88 -0.34 -8.69
C LEU A 1959 98.43 -1.62 -9.29
N ALA A 1960 98.46 -1.72 -10.63
CA ALA A 1960 99.00 -2.93 -11.26
C ALA A 1960 100.49 -3.08 -10.96
N ALA A 1961 101.23 -1.98 -11.01
CA ALA A 1961 102.66 -2.04 -10.74
C ALA A 1961 102.93 -2.49 -9.32
N PHE A 1962 102.16 -1.99 -8.35
CA PHE A 1962 102.29 -2.47 -6.98
C PHE A 1962 101.90 -3.94 -6.88
N ALA A 1963 100.84 -4.34 -7.58
CA ALA A 1963 100.35 -5.71 -7.48
C ALA A 1963 101.41 -6.69 -7.94
N GLU A 1964 102.16 -6.35 -8.97
CA GLU A 1964 103.21 -7.26 -9.43
C GLU A 1964 104.18 -7.57 -8.29
N CYS A 1965 104.76 -6.54 -7.69
CA CYS A 1965 105.73 -6.75 -6.63
C CYS A 1965 105.10 -7.46 -5.44
N TYR A 1966 103.90 -7.05 -5.05
CA TYR A 1966 103.28 -7.63 -3.85
C TYR A 1966 102.97 -9.10 -4.06
N VAL A 1967 102.43 -9.46 -5.23
CA VAL A 1967 102.10 -10.86 -5.46
C VAL A 1967 103.38 -11.69 -5.57
N ASP A 1968 104.44 -11.10 -6.11
CA ASP A 1968 105.72 -11.81 -6.11
C ASP A 1968 106.18 -12.10 -4.68
N LYS A 1969 106.08 -11.11 -3.80
CA LYS A 1969 106.47 -11.32 -2.41
C LYS A 1969 105.58 -12.37 -1.75
N MET A 1970 104.28 -12.34 -2.03
CA MET A 1970 103.38 -13.34 -1.47
C MET A 1970 103.75 -14.73 -1.93
N GLN A 1971 104.07 -14.87 -3.21
CA GLN A 1971 104.44 -16.18 -3.75
C GLN A 1971 105.72 -16.69 -3.09
N GLY A 1972 106.71 -15.82 -2.94
CA GLY A 1972 107.93 -16.23 -2.25
C GLY A 1972 107.66 -16.65 -0.82
N ASN A 1973 106.84 -15.88 -0.11
CA ASN A 1973 106.45 -16.24 1.25
C ASN A 1973 105.83 -17.62 1.28
N GLN A 1974 104.87 -17.89 0.39
CA GLN A 1974 104.16 -19.15 0.43
C GLN A 1974 105.07 -20.31 0.06
N ARG A 1975 106.00 -20.09 -0.86
CA ARG A 1975 106.96 -21.13 -1.18
C ARG A 1975 107.82 -21.46 0.03
N GLY A 1976 108.30 -20.44 0.73
CA GLY A 1976 109.07 -20.70 1.94
C GLY A 1976 108.26 -21.45 2.99
N ARG A 1977 107.01 -21.04 3.17
CA ARG A 1977 106.16 -21.70 4.15
C ARG A 1977 105.94 -23.15 3.80
N TYR A 1978 105.71 -23.44 2.51
CA TYR A 1978 105.53 -24.83 2.10
C TYR A 1978 106.81 -25.63 2.31
N GLY A 1979 107.96 -25.01 2.05
CA GLY A 1979 109.22 -25.69 2.33
C GLY A 1979 109.34 -26.07 3.78
N LEU A 1980 109.03 -25.14 4.67
CA LEU A 1980 109.06 -25.44 6.10
C LEU A 1980 108.06 -26.53 6.47
N LEU A 1981 106.87 -26.49 5.87
CA LEU A 1981 105.85 -27.49 6.16
C LEU A 1981 106.32 -28.88 5.77
N MET A 1982 106.90 -29.01 4.57
CA MET A 1982 107.44 -30.29 4.14
C MET A 1982 108.59 -30.72 5.05
N LYS A 1983 109.44 -29.79 5.45
CA LYS A 1983 110.54 -30.14 6.33
C LYS A 1983 110.03 -30.68 7.66
N ALA A 1984 108.95 -30.10 8.18
CA ALA A 1984 108.34 -30.58 9.41
C ALA A 1984 108.03 -32.07 9.28
N PHE A 1985 108.68 -32.89 10.10
CA PHE A 1985 108.59 -34.35 10.00
C PHE A 1985 107.53 -34.83 10.99
N THR A 1986 106.28 -34.90 10.53
CA THR A 1986 105.20 -35.46 11.32
C THR A 1986 105.15 -34.84 12.71
N MET A 1987 105.27 -33.52 12.80
CA MET A 1987 105.18 -32.85 14.09
C MET A 1987 103.84 -33.22 14.73
N SER A 1988 102.77 -33.09 13.96
CA SER A 1988 101.44 -33.56 14.37
C SER A 1988 100.55 -33.67 13.13
N ALA A 1989 100.16 -34.89 12.75
CA ALA A 1989 99.42 -35.07 11.50
C ALA A 1989 98.20 -34.15 11.38
N ALA A 1990 97.47 -33.99 12.47
CA ALA A 1990 96.34 -33.06 12.47
C ALA A 1990 96.80 -31.64 12.15
N GLU A 1991 97.92 -31.23 12.75
CA GLU A 1991 98.52 -29.94 12.43
C GLU A 1991 98.89 -29.84 10.95
N THR A 1992 99.44 -30.91 10.40
CA THR A 1992 99.86 -30.90 9.00
C THR A 1992 98.66 -30.70 8.09
N ALA A 1993 97.56 -31.41 8.35
CA ALA A 1993 96.34 -31.21 7.58
C ALA A 1993 95.83 -29.77 7.76
N ARG A 1994 95.88 -29.29 9.01
CA ARG A 1994 95.35 -27.97 9.33
C ARG A 1994 96.10 -26.88 8.57
N ARG A 1995 97.37 -27.11 8.24
CA ARG A 1995 98.07 -26.16 7.38
C ARG A 1995 97.82 -26.45 5.90
N THR A 1996 97.82 -27.72 5.52
CA THR A 1996 97.87 -28.05 4.10
C THR A 1996 96.54 -27.84 3.39
N ARG A 1997 95.45 -27.63 4.13
CA ARG A 1997 94.23 -27.41 3.34
C ARG A 1997 94.46 -26.19 2.46
N GLU A 1998 95.13 -25.17 3.00
CA GLU A 1998 95.47 -23.99 2.23
C GLU A 1998 96.00 -24.36 0.85
N PHE A 1999 97.08 -25.12 0.81
CA PHE A 1999 97.65 -25.53 -0.47
C PHE A 1999 96.74 -26.44 -1.23
N ARG A 2000 95.76 -27.09 -0.62
CA ARG A 2000 94.77 -27.83 -1.38
C ARG A 2000 93.71 -26.95 -2.03
N SER A 2001 93.57 -25.69 -1.61
CA SER A 2001 92.50 -24.84 -2.12
C SER A 2001 92.90 -24.17 -3.42
N PRO A 2002 91.93 -23.68 -4.18
CA PRO A 2002 92.24 -23.00 -5.45
C PRO A 2002 93.02 -21.71 -5.23
N PRO A 2003 93.84 -21.30 -6.19
CA PRO A 2003 94.66 -20.10 -5.99
C PRO A 2003 93.86 -18.85 -5.66
N GLN A 2004 92.66 -18.70 -6.22
CA GLN A 2004 91.86 -17.52 -5.90
C GLN A 2004 91.53 -17.47 -4.41
N GLU A 2005 91.13 -18.61 -3.83
CA GLU A 2005 90.84 -18.63 -2.41
C GLU A 2005 92.10 -18.51 -1.58
N GLN A 2006 93.24 -19.02 -2.07
CA GLN A 2006 94.49 -18.76 -1.37
C GLN A 2006 94.78 -17.27 -1.32
N ILE A 2007 94.57 -16.56 -2.43
CA ILE A 2007 94.77 -15.12 -2.46
C ILE A 2007 93.84 -14.43 -1.47
N ASN A 2008 92.56 -14.80 -1.49
CA ASN A 2008 91.60 -14.17 -0.59
C ASN A 2008 91.98 -14.40 0.86
N MET A 2009 92.36 -15.63 1.20
CA MET A 2009 92.77 -15.93 2.57
C MET A 2009 93.99 -15.12 2.96
N LEU A 2010 94.97 -15.02 2.07
CA LEU A 2010 96.19 -14.29 2.38
C LEU A 2010 95.96 -12.80 2.51
N LEU A 2011 94.99 -12.23 1.79
CA LEU A 2011 94.72 -10.81 1.87
C LEU A 2011 93.69 -10.45 2.95
N HIS A 2012 92.97 -11.43 3.48
CA HIS A 2012 91.95 -11.15 4.50
C HIS A 2012 92.63 -10.84 5.83
N PHE A 2013 93.25 -9.66 5.90
CA PHE A 2013 93.81 -9.18 7.16
C PHE A 2013 93.61 -7.69 7.35
N LYS A 2014 92.62 -7.09 6.69
CA LYS A 2014 92.45 -5.64 6.78
C LYS A 2014 92.14 -5.21 8.21
N ASN A 2015 91.23 -5.91 8.88
CA ASN A 2015 90.84 -5.58 10.23
C ASN A 2015 91.63 -6.32 11.29
N GLY A 2016 92.72 -6.97 10.90
CA GLY A 2016 93.55 -7.71 11.85
C GLY A 2016 93.28 -9.20 11.82
N ALA A 2017 94.34 -9.98 11.94
CA ALA A 2017 94.22 -11.43 11.97
C ALA A 2017 95.49 -12.01 12.57
N ASP A 2018 95.36 -13.22 13.11
CA ASP A 2018 96.48 -13.91 13.71
C ASP A 2018 97.18 -14.79 12.68
N GLU A 2019 98.36 -15.29 13.05
CA GLU A 2019 99.16 -16.07 12.13
C GLU A 2019 98.39 -17.27 11.61
N GLU A 2020 97.44 -17.78 12.40
CA GLU A 2020 96.64 -18.92 11.95
C GLU A 2020 95.68 -18.50 10.85
N GLU A 2021 94.95 -17.39 11.06
CA GLU A 2021 93.97 -16.96 10.08
C GLU A 2021 94.64 -16.54 8.77
N CYS A 2022 95.72 -15.79 8.87
CA CYS A 2022 96.45 -15.28 7.70
C CYS A 2022 97.94 -15.39 7.96
N PRO A 2023 98.66 -16.28 7.27
CA PRO A 2023 100.08 -16.50 7.59
C PRO A 2023 101.02 -15.41 7.09
N LEU A 2024 100.53 -14.34 6.47
CA LEU A 2024 101.43 -13.31 5.95
C LEU A 2024 102.22 -12.69 7.09
N PRO A 2025 103.54 -12.53 6.96
CA PRO A 2025 104.30 -11.81 7.97
C PRO A 2025 103.87 -10.36 8.10
N GLU A 2026 104.25 -9.76 9.23
CA GLU A 2026 103.81 -8.41 9.53
C GLU A 2026 104.36 -7.40 8.53
N GLU A 2027 105.61 -7.58 8.08
CA GLU A 2027 106.18 -6.65 7.11
C GLU A 2027 105.44 -6.72 5.77
N ILE A 2028 105.10 -7.94 5.34
CA ILE A 2028 104.34 -8.09 4.11
C ILE A 2028 102.98 -7.44 4.24
N ARG A 2029 102.34 -7.61 5.40
CA ARG A 2029 101.07 -6.94 5.64
C ARG A 2029 101.24 -5.43 5.61
N GLN A 2030 102.32 -4.94 6.21
CA GLN A 2030 102.52 -3.49 6.34
C GLN A 2030 102.72 -2.85 4.99
N GLU A 2031 103.38 -3.54 4.06
CA GLU A 2031 103.53 -2.98 2.72
C GLU A 2031 102.16 -2.68 2.11
N LEU A 2032 101.24 -3.64 2.19
CA LEU A 2032 99.91 -3.42 1.64
C LEU A 2032 99.17 -2.33 2.40
N VAL A 2033 99.32 -2.28 3.71
CA VAL A 2033 98.64 -1.24 4.48
C VAL A 2033 99.12 0.14 4.05
N ASN A 2034 100.44 0.31 3.89
CA ASN A 2034 100.97 1.58 3.46
C ASN A 2034 100.48 1.93 2.06
N PHE A 2035 100.46 0.96 1.15
CA PHE A 2035 99.97 1.26 -0.19
C PHE A 2035 98.50 1.63 -0.17
N HIS A 2036 97.71 0.99 0.68
CA HIS A 2036 96.30 1.34 0.78
C HIS A 2036 96.13 2.78 1.28
N GLN A 2037 96.92 3.16 2.27
CA GLN A 2037 96.90 4.56 2.73
C GLN A 2037 97.24 5.50 1.58
N ASP A 2038 98.29 5.16 0.82
CA ASP A 2038 98.68 6.02 -0.30
C ASP A 2038 97.58 6.12 -1.33
N LEU A 2039 96.92 5.01 -1.65
CA LEU A 2039 95.86 5.02 -2.65
C LEU A 2039 94.69 5.87 -2.17
N LEU A 2040 94.32 5.74 -0.91
CA LEU A 2040 93.24 6.58 -0.38
C LEU A 2040 93.62 8.06 -0.45
N ALA A 2041 94.86 8.38 -0.09
CA ALA A 2041 95.30 9.77 -0.17
C ALA A 2041 95.24 10.28 -1.62
N HIS A 2042 95.68 9.47 -2.57
CA HIS A 2042 95.64 9.88 -3.97
C HIS A 2042 94.22 10.09 -4.44
N CYS A 2043 93.30 9.21 -4.06
CA CYS A 2043 91.89 9.41 -4.38
C CYS A 2043 91.26 10.54 -3.58
N GLY A 2044 91.96 11.08 -2.59
CA GLY A 2044 91.45 12.17 -1.80
C GLY A 2044 90.68 11.74 -0.57
N ILE A 2045 90.54 10.43 -0.35
CA ILE A 2045 89.79 9.94 0.80
C ILE A 2045 90.43 10.41 2.09
N GLN A 2046 91.75 10.35 2.17
CA GLN A 2046 92.46 10.61 3.41
C GLN A 2046 92.05 11.95 3.99
N LEU A 2047 91.53 11.93 5.22
CA LEU A 2047 91.08 13.14 5.88
C LEU A 2047 91.30 13.03 7.39
N GLU A 2089 91.72 23.96 0.85
CA GLU A 2089 92.34 25.27 0.94
C GLU A 2089 91.62 26.25 0.01
N HIS A 2090 91.72 27.54 0.30
CA HIS A 2090 91.04 28.53 -0.53
C HIS A 2090 91.59 28.51 -1.96
N LYS A 2091 92.84 28.07 -2.13
CA LYS A 2091 93.36 27.78 -3.47
C LYS A 2091 93.26 26.29 -3.75
N PRO A 2092 92.77 25.87 -4.92
CA PRO A 2092 92.59 24.44 -5.18
C PRO A 2092 93.83 23.60 -4.88
N GLN A 2093 94.94 23.91 -5.52
CA GLN A 2093 96.21 23.21 -5.34
C GLN A 2093 96.14 21.74 -5.75
N SER A 2094 95.21 21.38 -6.62
CA SER A 2094 95.10 20.00 -7.09
C SER A 2094 94.00 19.95 -8.15
N LEU A 2095 94.08 18.94 -9.02
CA LEU A 2095 93.09 18.82 -10.08
C LEU A 2095 91.71 18.58 -9.51
N GLN A 2096 91.61 17.74 -8.48
CA GLN A 2096 90.30 17.45 -7.88
C GLN A 2096 89.65 18.70 -7.32
N GLU A 2097 90.38 19.44 -6.49
CA GLU A 2097 89.84 20.66 -5.91
C GLU A 2097 89.54 21.68 -7.00
N LEU A 2098 90.42 21.79 -7.98
CA LEU A 2098 90.19 22.74 -9.07
C LEU A 2098 88.89 22.43 -9.79
N VAL A 2099 88.69 21.18 -10.18
CA VAL A 2099 87.47 20.83 -10.92
C VAL A 2099 86.25 21.06 -10.07
N SER A 2100 86.28 20.61 -8.81
CA SER A 2100 85.11 20.78 -7.95
C SER A 2100 84.77 22.26 -7.80
N HIS A 2101 85.76 23.06 -7.43
CA HIS A 2101 85.51 24.47 -7.18
C HIS A 2101 85.05 25.17 -8.45
N THR A 2102 85.64 24.83 -9.60
CA THR A 2102 85.25 25.47 -10.85
C THR A 2102 83.81 25.15 -11.22
N VAL A 2103 83.43 23.87 -11.13
CA VAL A 2103 82.06 23.50 -11.50
C VAL A 2103 81.07 24.18 -10.57
N VAL A 2104 81.34 24.14 -9.27
CA VAL A 2104 80.41 24.77 -8.33
C VAL A 2104 80.34 26.27 -8.58
N ARG A 2105 81.47 26.89 -8.90
CA ARG A 2105 81.48 28.33 -9.16
C ARG A 2105 80.66 28.67 -10.40
N TRP A 2106 80.80 27.88 -11.46
CA TRP A 2106 79.99 28.13 -12.65
C TRP A 2106 78.51 28.02 -12.33
N ALA A 2107 78.11 26.92 -11.67
CA ALA A 2107 76.71 26.73 -11.36
C ALA A 2107 76.18 27.81 -10.44
N GLN A 2108 77.01 28.31 -9.52
CA GLN A 2108 76.60 29.39 -8.64
C GLN A 2108 76.45 30.70 -9.41
N GLU A 2109 77.34 30.93 -10.38
CA GLU A 2109 77.34 32.20 -11.10
C GLU A 2109 76.15 32.32 -12.04
N ASP A 2110 75.83 31.26 -12.78
CA ASP A 2110 74.81 31.37 -13.80
C ASP A 2110 73.84 30.20 -13.73
N PHE A 2111 72.63 30.44 -14.21
CA PHE A 2111 71.65 29.38 -14.45
C PHE A 2111 71.97 28.79 -15.81
N VAL A 2112 72.82 27.75 -15.81
CA VAL A 2112 73.34 27.20 -17.05
C VAL A 2112 72.18 26.73 -17.91
N GLN A 2113 72.22 27.10 -19.20
CA GLN A 2113 71.13 26.81 -20.11
C GLN A 2113 71.39 25.62 -21.02
N SER A 2114 72.65 25.24 -21.22
CA SER A 2114 72.95 24.13 -22.12
C SER A 2114 72.87 22.81 -21.37
N PRO A 2115 71.92 21.93 -21.71
CA PRO A 2115 71.86 20.64 -21.01
C PRO A 2115 73.13 19.82 -21.14
N GLU A 2116 73.80 19.88 -22.30
CA GLU A 2116 75.07 19.18 -22.44
C GLU A 2116 76.11 19.72 -21.47
N LEU A 2117 76.19 21.04 -21.33
CA LEU A 2117 77.12 21.62 -20.37
C LEU A 2117 76.78 21.20 -18.96
N VAL A 2118 75.49 21.19 -18.61
CA VAL A 2118 75.09 20.79 -17.26
C VAL A 2118 75.49 19.34 -17.00
N ARG A 2119 75.23 18.46 -17.97
CA ARG A 2119 75.56 17.06 -17.80
C ARG A 2119 77.06 16.88 -17.64
N ALA A 2120 77.86 17.55 -18.47
CA ALA A 2120 79.31 17.43 -18.35
C ALA A 2120 79.80 17.95 -17.01
N MET A 2121 79.29 19.11 -16.59
CA MET A 2121 79.70 19.69 -15.32
C MET A 2121 79.45 18.72 -14.18
N PHE A 2122 78.23 18.16 -14.11
CA PHE A 2122 77.90 17.32 -12.98
C PHE A 2122 78.55 15.94 -13.06
N SER A 2123 78.81 15.43 -14.27
CA SER A 2123 79.61 14.21 -14.37
C SER A 2123 81.01 14.44 -13.84
N LEU A 2124 81.63 15.57 -14.19
CA LEU A 2124 82.95 15.88 -13.66
C LEU A 2124 82.92 15.99 -12.15
N LEU A 2125 81.91 16.70 -11.61
CA LEU A 2125 81.81 16.86 -10.17
C LEU A 2125 81.66 15.52 -9.47
N HIS A 2126 80.81 14.64 -10.00
CA HIS A 2126 80.65 13.32 -9.41
C HIS A 2126 81.96 12.55 -9.41
N ARG A 2127 82.69 12.58 -10.53
CA ARG A 2127 83.96 11.88 -10.57
C ARG A 2127 84.92 12.43 -9.52
N GLN A 2128 84.96 13.75 -9.35
CA GLN A 2128 85.87 14.33 -8.38
C GLN A 2128 85.50 13.94 -6.96
N TYR A 2129 84.21 13.94 -6.62
CA TYR A 2129 83.82 13.62 -5.26
C TYR A 2129 83.99 12.13 -4.95
N ASP A 2130 83.56 11.26 -5.86
CA ASP A 2130 83.66 9.81 -5.63
C ASP A 2130 84.91 9.27 -6.32
N GLY A 2131 86.06 9.65 -5.77
CA GLY A 2131 87.32 9.23 -6.35
C GLY A 2131 87.51 7.73 -6.29
N LEU A 2132 87.21 7.12 -5.14
CA LEU A 2132 87.41 5.68 -4.98
C LEU A 2132 86.41 4.89 -5.82
N GLY A 2133 85.17 5.36 -5.89
CA GLY A 2133 84.18 4.66 -6.69
C GLY A 2133 84.55 4.59 -8.16
N GLU A 2134 85.16 5.66 -8.67
CA GLU A 2134 85.58 5.66 -10.06
C GLU A 2134 86.62 4.57 -10.32
N LEU A 2135 87.62 4.46 -9.45
CA LEU A 2135 88.61 3.40 -9.58
C LEU A 2135 87.96 2.04 -9.45
N LEU A 2136 87.03 1.91 -8.50
CA LEU A 2136 86.35 0.64 -8.30
C LEU A 2136 85.61 0.19 -9.55
N ARG A 2137 84.91 1.11 -10.21
CA ARG A 2137 84.18 0.81 -11.42
C ARG A 2137 85.08 0.65 -12.64
N ALA A 2138 86.28 1.22 -12.61
CA ALA A 2138 87.22 1.09 -13.71
C ALA A 2138 88.05 -0.19 -13.65
N LEU A 2139 88.31 -0.71 -12.46
CA LEU A 2139 89.16 -1.90 -12.35
C LEU A 2139 88.64 -3.08 -13.15
N PRO A 2140 87.34 -3.38 -13.20
CA PRO A 2140 86.88 -4.53 -13.99
C PRO A 2140 87.43 -4.58 -15.40
N ARG A 2141 87.87 -3.46 -15.94
CA ARG A 2141 88.41 -3.40 -17.30
C ARG A 2141 89.93 -3.30 -17.31
N ALA A 2142 90.57 -3.64 -16.19
CA ALA A 2142 92.03 -3.60 -16.07
C ALA A 2142 92.54 -5.03 -16.13
N TYR A 2143 93.60 -5.24 -16.91
CA TYR A 2143 94.16 -6.56 -17.11
C TYR A 2143 95.67 -6.44 -17.24
N THR A 2144 96.40 -7.36 -16.64
CA THR A 2144 97.85 -7.39 -16.71
C THR A 2144 98.29 -8.58 -17.55
N ILE A 2145 99.24 -8.34 -18.45
CA ILE A 2145 99.75 -9.38 -19.34
C ILE A 2145 101.26 -9.42 -19.23
N SER A 2146 101.83 -10.54 -19.64
CA SER A 2146 103.27 -10.71 -19.67
C SER A 2146 103.84 -10.03 -20.91
N VAL A 2147 105.16 -9.81 -20.88
CA VAL A 2147 105.80 -9.13 -22.00
C VAL A 2147 105.69 -9.93 -23.28
N SER A 2148 105.71 -11.26 -23.17
CA SER A 2148 105.71 -12.11 -24.36
C SER A 2148 104.40 -12.03 -25.13
N SER A 2149 103.35 -11.43 -24.55
CA SER A 2149 102.05 -11.35 -25.20
C SER A 2149 101.75 -9.96 -25.77
N VAL A 2150 102.70 -9.02 -25.68
CA VAL A 2150 102.40 -7.64 -26.04
C VAL A 2150 102.10 -7.51 -27.52
N GLU A 2151 102.92 -8.15 -28.37
CA GLU A 2151 102.72 -8.03 -29.81
C GLU A 2151 101.38 -8.61 -30.24
N ASP A 2152 101.07 -9.81 -29.75
CA ASP A 2152 99.80 -10.43 -30.11
C ASP A 2152 98.63 -9.62 -29.59
N THR A 2153 98.74 -9.08 -28.38
CA THR A 2153 97.66 -8.26 -27.84
C THR A 2153 97.48 -6.99 -28.66
N MET A 2154 98.57 -6.39 -29.13
CA MET A 2154 98.45 -5.21 -29.97
C MET A 2154 97.76 -5.54 -31.28
N SER A 2155 98.11 -6.67 -31.89
CA SER A 2155 97.43 -7.06 -33.13
C SER A 2155 95.95 -7.29 -32.89
N LEU A 2156 95.62 -7.95 -31.79
CA LEU A 2156 94.22 -8.20 -31.49
C LEU A 2156 93.47 -6.91 -31.21
N LEU A 2157 94.14 -5.94 -30.59
CA LEU A 2157 93.53 -4.64 -30.39
C LEU A 2157 93.27 -3.93 -31.71
N GLU A 2158 94.21 -4.05 -32.66
CA GLU A 2158 93.96 -3.53 -34.00
C GLU A 2158 92.68 -4.12 -34.58
N CYS A 2159 92.57 -5.45 -34.57
CA CYS A 2159 91.40 -6.10 -35.16
C CYS A 2159 90.12 -5.68 -34.44
N LEU A 2160 90.18 -5.61 -33.11
CA LEU A 2160 88.99 -5.22 -32.35
C LEU A 2160 88.61 -3.78 -32.64
N GLY A 2161 89.60 -2.91 -32.88
CA GLY A 2161 89.30 -1.55 -33.26
C GLY A 2161 88.58 -1.49 -34.59
N GLN A 2162 89.03 -2.30 -35.57
CA GLN A 2162 88.31 -2.37 -36.84
C GLN A 2162 86.86 -2.80 -36.62
N ILE A 2163 86.67 -3.87 -35.84
CA ILE A 2163 85.32 -4.39 -35.63
C ILE A 2163 84.45 -3.33 -34.97
N ARG A 2164 84.97 -2.66 -33.94
CA ARG A 2164 84.20 -1.61 -33.29
C ARG A 2164 83.86 -0.47 -34.24
N SER A 2165 84.82 -0.06 -35.06
CA SER A 2165 84.54 0.97 -36.05
C SER A 2165 83.43 0.56 -37.00
N LEU A 2166 83.25 -0.73 -37.24
CA LEU A 2166 82.16 -1.19 -38.09
C LEU A 2166 80.79 -1.08 -37.45
N LEU A 2167 80.69 -0.63 -36.20
CA LEU A 2167 79.40 -0.49 -35.54
C LEU A 2167 78.65 0.77 -35.96
N ILE A 2168 79.33 1.75 -36.56
CA ILE A 2168 78.75 3.03 -36.87
C ILE A 2168 78.53 3.22 -38.38
N VAL A 2169 78.70 2.15 -39.15
CA VAL A 2169 78.55 2.21 -40.60
C VAL A 2169 77.59 1.13 -41.04
N GLN A 2170 76.75 1.46 -42.01
CA GLN A 2170 75.81 0.50 -42.57
C GLN A 2170 76.56 -0.56 -43.36
N MET A 2171 76.24 -1.83 -43.11
CA MET A 2171 76.99 -2.92 -43.69
C MET A 2171 76.91 -2.90 -45.21
N GLY A 2172 78.07 -3.07 -45.84
CA GLY A 2172 78.17 -3.22 -47.27
C GLY A 2172 79.14 -4.34 -47.61
N PRO A 2173 79.47 -4.50 -48.88
CA PRO A 2173 80.41 -5.59 -49.24
C PRO A 2173 81.80 -5.40 -48.64
N GLN A 2174 82.37 -4.20 -48.74
CA GLN A 2174 83.69 -3.98 -48.19
C GLN A 2174 83.70 -4.14 -46.67
N GLU A 2175 82.67 -3.62 -46.01
CA GLU A 2175 82.57 -3.78 -44.56
C GLU A 2175 82.45 -5.25 -44.20
N GLU A 2176 81.68 -6.01 -44.98
CA GLU A 2176 81.57 -7.45 -44.74
C GLU A 2176 82.93 -8.12 -44.83
N ASN A 2177 83.69 -7.80 -45.87
CA ASN A 2177 85.00 -8.41 -46.04
C ASN A 2177 85.93 -8.04 -44.88
N LEU A 2178 85.91 -6.77 -44.48
CA LEU A 2178 86.76 -6.34 -43.37
C LEU A 2178 86.37 -7.05 -42.08
N MET A 2179 85.07 -7.19 -41.83
CA MET A 2179 84.60 -7.88 -40.64
C MET A 2179 85.08 -9.33 -40.64
N ILE A 2180 84.97 -10.00 -41.79
CA ILE A 2180 85.37 -11.40 -41.87
C ILE A 2180 86.87 -11.52 -41.63
N GLN A 2181 87.66 -10.64 -42.23
CA GLN A 2181 89.10 -10.70 -42.03
C GLN A 2181 89.48 -10.45 -40.58
N SER A 2182 88.82 -9.48 -39.95
CA SER A 2182 89.09 -9.20 -38.55
C SER A 2182 88.78 -10.40 -37.68
N ILE A 2183 87.64 -11.05 -37.94
CA ILE A 2183 87.28 -12.24 -37.17
C ILE A 2183 88.30 -13.34 -37.38
N GLY A 2184 88.76 -13.53 -38.62
CA GLY A 2184 89.75 -14.55 -38.89
C GLY A 2184 91.04 -14.29 -38.14
N ASN A 2185 91.52 -13.04 -38.17
CA ASN A 2185 92.74 -12.71 -37.46
C ASN A 2185 92.58 -12.92 -35.97
N ILE A 2186 91.42 -12.54 -35.42
CA ILE A 2186 91.19 -12.73 -33.99
C ILE A 2186 91.22 -14.21 -33.65
N MET A 2187 90.57 -15.05 -34.45
CA MET A 2187 90.62 -16.49 -34.21
C MET A 2187 92.03 -17.06 -34.29
N ASN A 2188 92.83 -16.62 -35.27
CA ASN A 2188 94.18 -17.15 -35.42
C ASN A 2188 95.14 -16.55 -34.39
N ASN A 2189 94.72 -15.51 -33.68
CA ASN A 2189 95.54 -14.90 -32.64
C ASN A 2189 95.59 -15.80 -31.41
N LYS A 2190 96.79 -15.97 -30.87
CA LYS A 2190 96.97 -16.83 -29.69
C LYS A 2190 96.22 -16.28 -28.48
N VAL A 2191 96.29 -14.97 -28.27
CA VAL A 2191 95.75 -14.38 -27.04
C VAL A 2191 94.27 -14.67 -26.91
N PHE A 2192 93.57 -14.83 -28.03
CA PHE A 2192 92.13 -15.05 -27.96
C PHE A 2192 91.79 -16.30 -27.16
N TYR A 2193 92.69 -17.29 -27.14
CA TYR A 2193 92.47 -18.53 -26.43
C TYR A 2193 93.06 -18.52 -25.02
N GLN A 2194 94.17 -17.82 -24.82
CA GLN A 2194 94.87 -17.89 -23.55
C GLN A 2194 94.26 -16.97 -22.51
N HIS A 2195 93.57 -15.91 -22.94
CA HIS A 2195 93.06 -14.86 -22.05
C HIS A 2195 91.58 -14.61 -22.33
N PRO A 2196 90.72 -15.59 -22.06
CA PRO A 2196 89.28 -15.36 -22.26
C PRO A 2196 88.72 -14.28 -21.33
N ASN A 2197 89.26 -14.12 -20.13
CA ASN A 2197 88.79 -13.06 -19.26
C ASN A 2197 89.07 -11.69 -19.86
N LEU A 2198 90.25 -11.52 -20.46
CA LEU A 2198 90.54 -10.28 -21.17
C LEU A 2198 89.51 -10.01 -22.25
N MET A 2199 89.06 -11.07 -22.92
CA MET A 2199 88.15 -10.88 -24.05
C MET A 2199 86.76 -10.51 -23.55
N ARG A 2200 86.31 -11.16 -22.48
CA ARG A 2200 85.05 -10.75 -21.87
C ARG A 2200 85.13 -9.31 -21.39
N ALA A 2201 86.26 -8.91 -20.81
CA ALA A 2201 86.42 -7.54 -20.35
C ALA A 2201 86.35 -6.56 -21.52
N LEU A 2202 87.04 -6.87 -22.62
CA LEU A 2202 86.95 -6.05 -23.82
C LEU A 2202 85.55 -6.06 -24.43
N GLY A 2203 84.73 -7.05 -24.09
CA GLY A 2203 83.39 -7.12 -24.64
C GLY A 2203 83.34 -7.44 -26.12
N MET A 2204 84.24 -8.30 -26.60
CA MET A 2204 84.25 -8.64 -28.02
C MET A 2204 82.96 -9.33 -28.42
N HIS A 2205 82.46 -10.22 -27.58
CA HIS A 2205 81.23 -10.94 -27.90
C HIS A 2205 80.07 -9.96 -28.07
N GLU A 2206 79.98 -8.95 -27.20
CA GLU A 2206 78.91 -7.97 -27.34
C GLU A 2206 78.99 -7.25 -28.67
N THR A 2207 80.19 -6.83 -29.06
CA THR A 2207 80.35 -6.11 -30.31
C THR A 2207 79.95 -6.97 -31.50
N VAL A 2208 80.44 -8.22 -31.54
CA VAL A 2208 80.15 -9.09 -32.68
C VAL A 2208 78.66 -9.38 -32.73
N MET A 2209 78.05 -9.64 -31.58
CA MET A 2209 76.61 -9.88 -31.53
C MET A 2209 75.84 -8.67 -32.02
N GLU A 2210 76.27 -7.47 -31.62
CA GLU A 2210 75.56 -6.27 -32.05
C GLU A 2210 75.64 -6.09 -33.55
N VAL A 2211 76.82 -6.34 -34.13
CA VAL A 2211 76.94 -6.25 -35.59
C VAL A 2211 76.01 -7.25 -36.26
N MET A 2212 76.02 -8.49 -35.77
CA MET A 2212 75.18 -9.54 -36.35
C MET A 2212 73.72 -9.13 -36.28
N VAL A 2213 73.28 -8.60 -35.15
CA VAL A 2213 71.87 -8.28 -34.97
C VAL A 2213 71.49 -7.09 -35.83
N ASN A 2214 72.37 -6.10 -35.94
CA ASN A 2214 72.11 -4.99 -36.86
C ASN A 2214 71.83 -5.52 -38.26
N VAL A 2215 72.71 -6.38 -38.77
CA VAL A 2215 72.53 -6.88 -40.13
C VAL A 2215 71.28 -7.73 -40.23
N LEU A 2216 71.03 -8.60 -39.24
CA LEU A 2216 69.86 -9.46 -39.29
C LEU A 2216 68.58 -8.63 -39.33
N GLY A 2217 68.46 -7.66 -38.43
CA GLY A 2217 67.30 -6.80 -38.45
C GLY A 2217 67.15 -6.03 -39.75
N GLY A 2218 68.27 -5.54 -40.30
CA GLY A 2218 68.21 -4.89 -41.59
C GLY A 2218 67.72 -5.84 -42.66
N GLY A 2219 66.60 -5.50 -43.27
CA GLY A 2219 65.99 -6.35 -44.28
C GLY A 2219 65.61 -7.71 -43.74
N GLU A 2220 65.10 -7.74 -42.49
CA GLU A 2220 64.69 -9.01 -41.90
C GLU A 2220 63.49 -9.60 -42.61
N SER A 2221 62.56 -8.74 -43.07
CA SER A 2221 61.39 -9.24 -43.77
C SER A 2221 61.78 -9.99 -45.04
N LYS A 2222 62.71 -9.44 -45.81
CA LYS A 2222 63.19 -10.06 -47.02
C LYS A 2222 64.42 -10.92 -46.70
N GLU A 2223 65.12 -11.37 -47.74
CA GLU A 2223 66.29 -12.21 -47.54
C GLU A 2223 67.36 -11.45 -46.77
N ILE A 2224 68.10 -12.17 -45.94
CA ILE A 2224 69.18 -11.59 -45.14
C ILE A 2224 70.42 -11.50 -46.02
N ARG A 2225 70.87 -10.29 -46.31
CA ARG A 2225 72.13 -10.13 -47.01
C ARG A 2225 73.29 -10.47 -46.07
N PHE A 2226 74.46 -10.68 -46.67
CA PHE A 2226 75.68 -10.99 -45.94
C PHE A 2226 75.55 -12.29 -45.12
N PRO A 2227 75.03 -13.36 -45.72
CA PRO A 2227 74.99 -14.64 -45.01
C PRO A 2227 76.38 -15.11 -44.63
N LYS A 2228 77.39 -14.80 -45.44
CA LYS A 2228 78.76 -15.14 -45.06
C LYS A 2228 79.14 -14.45 -43.77
N MET A 2229 78.76 -13.18 -43.62
CA MET A 2229 79.10 -12.45 -42.40
C MET A 2229 78.39 -13.07 -41.20
N VAL A 2230 77.12 -13.46 -41.36
CA VAL A 2230 76.41 -14.06 -40.23
C VAL A 2230 77.01 -15.43 -39.89
N THR A 2231 77.40 -16.18 -40.90
CA THR A 2231 78.06 -17.46 -40.67
C THR A 2231 79.33 -17.25 -39.87
N SER A 2232 80.10 -16.22 -40.22
CA SER A 2232 81.25 -15.87 -39.41
C SER A 2232 80.81 -15.42 -38.01
N CYS A 2233 79.61 -14.87 -37.89
CA CYS A 2233 79.15 -14.37 -36.60
C CYS A 2233 78.98 -15.50 -35.59
N CYS A 2234 78.37 -16.63 -35.98
CA CYS A 2234 78.82 -17.80 -35.23
C CYS A 2234 80.31 -17.97 -35.24
N ARG A 2235 80.90 -18.38 -36.35
CA ARG A 2235 82.16 -19.11 -36.19
C ARG A 2235 82.91 -18.49 -35.02
N PHE A 2236 82.95 -17.15 -34.98
CA PHE A 2236 83.52 -16.44 -33.83
C PHE A 2236 82.74 -16.68 -32.53
N LEU A 2237 81.51 -16.14 -32.41
CA LEU A 2237 80.82 -16.18 -31.13
C LEU A 2237 80.60 -17.60 -30.65
N CYS A 2238 80.55 -18.50 -31.61
CA CYS A 2238 79.86 -19.76 -31.49
C CYS A 2238 80.94 -20.85 -31.40
N TYR A 2239 82.22 -20.43 -31.53
CA TYR A 2239 83.41 -20.98 -30.88
C TYR A 2239 83.69 -20.36 -29.51
N PHE A 2240 83.43 -19.05 -29.40
CA PHE A 2240 83.71 -18.32 -28.17
C PHE A 2240 82.99 -18.94 -26.99
N CYS A 2241 81.77 -19.39 -27.20
CA CYS A 2241 81.07 -20.15 -26.16
C CYS A 2241 81.90 -21.35 -25.72
N ARG A 2242 82.50 -22.07 -26.68
CA ARG A 2242 83.28 -23.26 -26.34
C ARG A 2242 84.59 -22.93 -25.63
N ILE A 2243 85.13 -21.73 -25.83
CA ILE A 2243 86.45 -21.45 -25.29
C ILE A 2243 86.50 -21.73 -23.79
N SER A 2244 85.52 -21.26 -23.02
CA SER A 2244 85.54 -21.46 -21.58
C SER A 2244 84.13 -21.39 -21.03
N ARG A 2245 83.95 -21.90 -19.81
CA ARG A 2245 82.62 -21.95 -19.21
C ARG A 2245 82.13 -20.55 -18.86
N GLN A 2246 83.02 -19.67 -18.42
CA GLN A 2246 82.60 -18.29 -18.14
C GLN A 2246 82.11 -17.60 -19.40
N ASN A 2247 82.79 -17.84 -20.53
CA ASN A 2247 82.32 -17.32 -21.80
C ASN A 2247 80.92 -17.85 -22.11
N GLN A 2248 80.68 -19.12 -21.79
CA GLN A 2248 79.37 -19.71 -22.03
C GLN A 2248 78.31 -19.02 -21.18
N ARG A 2249 78.63 -18.71 -19.92
CA ARG A 2249 77.74 -17.91 -19.09
C ARG A 2249 77.47 -16.55 -19.72
N SER A 2250 78.51 -15.88 -20.19
CA SER A 2250 78.33 -14.54 -20.75
C SER A 2250 77.41 -14.58 -21.95
N MET A 2251 77.56 -15.58 -22.82
CA MET A 2251 76.69 -15.68 -23.98
C MET A 2251 75.30 -16.15 -23.60
N PHE A 2252 75.19 -17.03 -22.60
CA PHE A 2252 73.89 -17.47 -22.13
C PHE A 2252 73.07 -16.32 -21.61
N ASP A 2253 73.73 -15.31 -21.03
CA ASP A 2253 72.99 -14.16 -20.52
C ASP A 2253 72.20 -13.45 -21.61
N HIS A 2254 72.53 -13.67 -22.88
CA HIS A 2254 71.82 -13.06 -23.99
C HIS A 2254 71.00 -14.07 -24.79
N LEU A 2255 70.54 -15.16 -24.15
CA LEU A 2255 69.84 -16.20 -24.89
C LEU A 2255 68.56 -15.66 -25.53
N SER A 2256 67.77 -14.92 -24.77
CA SER A 2256 66.51 -14.39 -25.31
C SER A 2256 66.77 -13.47 -26.49
N TYR A 2257 67.80 -12.63 -26.39
CA TYR A 2257 68.19 -11.77 -27.50
C TYR A 2257 68.46 -12.60 -28.76
N LEU A 2258 69.30 -13.63 -28.63
CA LEU A 2258 69.59 -14.50 -29.76
C LEU A 2258 68.34 -15.23 -30.22
N LEU A 2259 67.54 -15.74 -29.28
CA LEU A 2259 66.30 -16.40 -29.67
C LEU A 2259 65.35 -15.42 -30.33
N GLU A 2260 65.33 -14.17 -29.85
CA GLU A 2260 64.48 -13.16 -30.48
C GLU A 2260 64.89 -12.93 -31.92
N ASN A 2261 66.19 -12.84 -32.19
CA ASN A 2261 66.70 -12.54 -33.52
C ASN A 2261 66.79 -13.77 -34.42
N SER A 2262 66.59 -14.97 -33.87
CA SER A 2262 66.67 -16.19 -34.65
C SER A 2262 65.33 -16.57 -35.28
N GLY A 2263 64.41 -15.62 -35.39
CA GLY A 2263 63.10 -15.95 -35.95
C GLY A 2263 63.16 -16.51 -37.35
N ILE A 2264 64.00 -15.92 -38.22
CA ILE A 2264 64.13 -16.34 -39.61
C ILE A 2264 65.58 -16.74 -39.84
N GLY A 2265 65.78 -17.91 -40.44
CA GLY A 2265 67.11 -18.38 -40.76
C GLY A 2265 67.10 -19.40 -41.86
N LEU A 2266 68.11 -20.27 -41.89
CA LEU A 2266 68.19 -21.37 -42.84
C LEU A 2266 68.55 -20.87 -44.24
N GLY A 2267 68.59 -19.56 -44.43
CA GLY A 2267 69.06 -19.02 -45.70
C GLY A 2267 70.58 -19.07 -45.75
N MET A 2268 71.19 -19.10 -44.57
CA MET A 2268 72.64 -19.04 -44.49
C MET A 2268 73.29 -20.33 -44.97
N GLN A 2269 72.68 -21.48 -44.65
CA GLN A 2269 73.29 -22.79 -44.91
C GLN A 2269 74.60 -22.95 -44.16
N GLY A 2270 74.89 -22.03 -43.24
CA GLY A 2270 76.12 -22.08 -42.48
C GLY A 2270 75.84 -22.23 -40.99
N SER A 2271 76.04 -21.15 -40.24
CA SER A 2271 75.77 -21.13 -38.82
C SER A 2271 74.88 -19.94 -38.51
N THR A 2272 74.07 -20.05 -37.46
CA THR A 2272 72.99 -19.12 -37.20
C THR A 2272 72.95 -18.71 -35.73
N PRO A 2273 72.25 -17.62 -35.42
CA PRO A 2273 72.07 -17.26 -34.00
C PRO A 2273 71.43 -18.38 -33.19
N LEU A 2274 70.62 -19.22 -33.82
CA LEU A 2274 70.12 -20.41 -33.12
C LEU A 2274 71.26 -21.35 -32.77
N ASP A 2275 72.25 -21.48 -33.65
CA ASP A 2275 73.44 -22.25 -33.32
C ASP A 2275 74.20 -21.61 -32.18
N VAL A 2276 74.27 -20.28 -32.14
CA VAL A 2276 74.89 -19.60 -31.01
C VAL A 2276 74.16 -19.97 -29.73
N ALA A 2277 72.83 -19.93 -29.77
CA ALA A 2277 72.03 -20.23 -28.59
C ALA A 2277 72.29 -21.66 -28.12
N ALA A 2278 72.32 -22.60 -29.05
CA ALA A 2278 72.59 -23.99 -28.68
C ALA A 2278 73.97 -24.14 -28.07
N ALA A 2279 74.98 -23.50 -28.67
CA ALA A 2279 76.33 -23.58 -28.13
C ALA A 2279 76.45 -22.92 -26.77
N SER A 2280 75.58 -21.97 -26.46
CA SER A 2280 75.64 -21.28 -25.18
C SER A 2280 75.07 -22.11 -24.04
N VAL A 2281 74.52 -23.30 -24.31
CA VAL A 2281 73.94 -24.13 -23.25
C VAL A 2281 74.43 -25.57 -23.37
N ILE A 2282 75.06 -25.92 -24.49
CA ILE A 2282 75.45 -27.31 -24.71
C ILE A 2282 76.35 -27.79 -23.59
N ASP A 2283 76.08 -29.00 -23.09
CA ASP A 2283 76.92 -29.69 -22.10
C ASP A 2283 77.27 -28.78 -20.93
N ASN A 2284 76.24 -28.22 -20.31
CA ASN A 2284 76.40 -27.40 -19.11
C ASN A 2284 75.12 -27.57 -18.29
N ASN A 2285 75.19 -28.44 -17.28
CA ASN A 2285 74.03 -28.69 -16.44
C ASN A 2285 73.57 -27.42 -15.74
N GLU A 2286 74.52 -26.64 -15.22
CA GLU A 2286 74.16 -25.46 -14.46
C GLU A 2286 73.42 -24.44 -15.34
N LEU A 2287 73.81 -24.32 -16.60
CA LEU A 2287 73.10 -23.45 -17.54
C LEU A 2287 71.76 -24.04 -17.97
N ALA A 2288 71.71 -25.33 -18.25
CA ALA A 2288 70.46 -25.95 -18.68
C ALA A 2288 69.41 -25.84 -17.60
N LEU A 2289 69.84 -25.86 -16.33
CA LEU A 2289 68.90 -25.71 -15.23
C LEU A 2289 68.45 -24.28 -15.06
N ALA A 2290 69.28 -23.30 -15.44
CA ALA A 2290 68.91 -21.90 -15.42
C ALA A 2290 68.12 -21.48 -16.65
N LEU A 2291 68.01 -22.36 -17.64
CA LEU A 2291 67.22 -22.05 -18.83
C LEU A 2291 65.78 -21.74 -18.44
N GLN A 2292 65.15 -20.82 -19.19
CA GLN A 2292 63.85 -20.29 -18.78
C GLN A 2292 62.70 -20.82 -19.62
N GLU A 2293 61.55 -20.98 -18.96
CA GLU A 2293 60.37 -21.51 -19.62
C GLU A 2293 59.89 -20.59 -20.73
N GLN A 2294 60.05 -19.28 -20.57
CA GLN A 2294 59.63 -18.37 -21.63
C GLN A 2294 60.49 -18.53 -22.88
N ASP A 2295 61.79 -18.76 -22.69
CA ASP A 2295 62.64 -19.05 -23.85
C ASP A 2295 62.22 -20.35 -24.52
N LEU A 2296 61.95 -21.38 -23.73
CA LEU A 2296 61.44 -22.62 -24.32
C LEU A 2296 60.13 -22.38 -25.06
N GLU A 2297 59.27 -21.52 -24.52
CA GLU A 2297 58.02 -21.19 -25.20
C GLU A 2297 58.26 -20.48 -26.52
N LYS A 2298 59.23 -19.57 -26.56
CA LYS A 2298 59.56 -18.90 -27.80
C LYS A 2298 59.99 -19.92 -28.86
N VAL A 2299 60.87 -20.83 -28.48
CA VAL A 2299 61.33 -21.83 -29.44
C VAL A 2299 60.17 -22.72 -29.88
N VAL A 2300 59.30 -23.08 -28.95
CA VAL A 2300 58.16 -23.94 -29.28
C VAL A 2300 57.22 -23.22 -30.24
N SER A 2301 56.99 -21.93 -30.02
CA SER A 2301 56.13 -21.15 -30.90
C SER A 2301 56.73 -21.06 -32.30
N TYR A 2302 58.05 -20.85 -32.38
CA TYR A 2302 58.70 -20.87 -33.69
C TYR A 2302 58.50 -22.21 -34.37
N LEU A 2303 58.64 -23.30 -33.62
CA LEU A 2303 58.47 -24.62 -34.21
C LEU A 2303 57.03 -24.82 -34.69
N ALA A 2304 56.05 -24.32 -33.93
CA ALA A 2304 54.67 -24.42 -34.35
C ALA A 2304 54.44 -23.66 -35.65
N GLY A 2305 54.97 -22.44 -35.73
CA GLY A 2305 54.87 -21.70 -36.97
C GLY A 2305 55.49 -22.44 -38.14
N CYS A 2306 56.65 -23.07 -37.90
CA CYS A 2306 57.32 -23.83 -38.96
C CYS A 2306 56.50 -25.04 -39.36
N GLY A 2307 55.75 -25.61 -38.42
CA GLY A 2307 54.94 -26.77 -38.73
C GLY A 2307 53.60 -26.40 -39.32
N LEU A 2308 53.29 -25.11 -39.31
CA LEU A 2308 52.03 -24.63 -39.88
C LEU A 2308 52.14 -23.93 -41.23
N GLN A 2309 53.23 -23.20 -41.50
CA GLN A 2309 53.34 -22.42 -42.72
C GLN A 2309 54.59 -22.83 -43.50
N SER A 2310 54.45 -22.85 -44.83
CA SER A 2310 55.55 -23.21 -45.70
C SER A 2310 56.62 -22.12 -45.69
N CYS A 2311 57.81 -22.49 -46.16
CA CYS A 2311 58.95 -21.57 -46.11
C CYS A 2311 58.86 -20.58 -47.27
N PRO A 2312 58.78 -19.26 -46.99
CA PRO A 2312 58.70 -18.31 -48.10
C PRO A 2312 59.89 -18.38 -49.05
N MET A 2313 61.08 -18.61 -48.52
CA MET A 2313 62.25 -18.69 -49.40
C MET A 2313 62.14 -19.85 -50.37
N LEU A 2314 61.73 -21.01 -49.88
CA LEU A 2314 61.55 -22.16 -50.76
C LEU A 2314 60.44 -21.89 -51.77
N LEU A 2315 59.35 -21.29 -51.33
CA LEU A 2315 58.27 -20.98 -52.26
C LEU A 2315 58.74 -20.05 -53.37
N ALA A 2316 59.53 -19.03 -53.01
CA ALA A 2316 60.09 -18.15 -54.02
C ALA A 2316 61.01 -18.89 -54.97
N LYS A 2317 61.86 -19.78 -54.42
CA LYS A 2317 62.73 -20.57 -55.26
C LYS A 2317 61.95 -21.50 -56.18
N GLY A 2318 60.70 -21.81 -55.84
CA GLY A 2318 59.85 -22.62 -56.69
C GLY A 2318 59.55 -24.00 -56.15
N TYR A 2319 59.94 -24.31 -54.93
CA TYR A 2319 59.64 -25.62 -54.38
C TYR A 2319 58.13 -25.80 -54.26
N PRO A 2320 57.62 -27.00 -54.48
CA PRO A 2320 56.17 -27.21 -54.30
C PRO A 2320 55.76 -26.90 -52.87
N ASP A 2321 54.56 -26.36 -52.72
CA ASP A 2321 54.04 -26.03 -51.40
C ASP A 2321 53.53 -27.30 -50.72
N ILE A 2322 54.14 -27.66 -49.60
CA ILE A 2322 53.74 -28.83 -48.85
C ILE A 2322 52.95 -28.48 -47.60
N GLY A 2323 52.91 -27.21 -47.20
CA GLY A 2323 52.07 -26.76 -46.11
C GLY A 2323 52.80 -26.57 -44.80
N TRP A 2324 54.09 -26.86 -44.73
CA TRP A 2324 54.84 -26.73 -43.49
C TRP A 2324 56.33 -26.66 -43.81
N ASN A 2325 57.13 -26.46 -42.77
CA ASN A 2325 58.55 -26.11 -42.93
C ASN A 2325 59.42 -27.10 -42.18
N PRO A 2326 59.64 -28.30 -42.73
CA PRO A 2326 60.45 -29.28 -42.01
C PRO A 2326 61.87 -28.81 -41.74
N CYS A 2327 62.44 -28.05 -42.66
CA CYS A 2327 63.85 -27.68 -42.56
C CYS A 2327 64.09 -26.68 -41.44
N GLY A 2328 63.12 -25.81 -41.16
CA GLY A 2328 63.25 -24.94 -40.00
C GLY A 2328 62.84 -25.65 -38.72
N GLY A 2329 61.81 -26.49 -38.80
CA GLY A 2329 61.42 -27.27 -37.64
C GLY A 2329 62.58 -28.10 -37.11
N GLU A 2330 63.42 -28.59 -38.02
CA GLU A 2330 64.54 -29.42 -37.62
C GLU A 2330 65.54 -28.63 -36.78
N ARG A 2331 65.85 -27.39 -37.18
CA ARG A 2331 66.74 -26.57 -36.36
C ARG A 2331 66.14 -26.29 -35.00
N TYR A 2332 64.85 -25.94 -34.96
CA TYR A 2332 64.26 -25.67 -33.65
C TYR A 2332 64.28 -26.90 -32.77
N LEU A 2333 64.01 -28.07 -33.36
CA LEU A 2333 64.06 -29.31 -32.60
C LEU A 2333 65.48 -29.61 -32.13
N ASP A 2334 66.48 -29.32 -32.95
CA ASP A 2334 67.86 -29.51 -32.52
C ASP A 2334 68.20 -28.65 -31.31
N PHE A 2335 67.78 -27.39 -31.33
CA PHE A 2335 68.02 -26.55 -30.16
C PHE A 2335 67.35 -27.12 -28.93
N LEU A 2336 66.09 -27.55 -29.06
CA LEU A 2336 65.42 -28.11 -27.89
C LEU A 2336 66.11 -29.38 -27.41
N ARG A 2337 66.63 -30.18 -28.34
CA ARG A 2337 67.36 -31.38 -27.95
C ARG A 2337 68.57 -31.03 -27.10
N PHE A 2338 69.38 -30.06 -27.56
CA PHE A 2338 70.51 -29.62 -26.76
C PHE A 2338 70.09 -29.02 -25.43
N ALA A 2339 68.91 -28.40 -25.36
CA ALA A 2339 68.42 -27.85 -24.11
C ALA A 2339 67.95 -28.89 -23.12
N VAL A 2340 67.40 -30.01 -23.58
CA VAL A 2340 66.83 -31.01 -22.68
C VAL A 2340 67.80 -32.13 -22.34
N PHE A 2341 68.82 -32.40 -23.15
CA PHE A 2341 69.69 -33.54 -22.94
C PHE A 2341 71.11 -33.03 -22.73
N VAL A 2342 71.71 -33.35 -21.57
CA VAL A 2342 73.02 -32.85 -21.19
C VAL A 2342 73.86 -34.01 -20.68
N ASN A 2343 75.09 -34.11 -21.18
CA ASN A 2343 76.08 -35.05 -20.67
C ASN A 2343 75.53 -36.48 -20.61
N GLY A 2344 74.78 -36.87 -21.62
CA GLY A 2344 74.29 -38.24 -21.67
C GLY A 2344 73.16 -38.53 -20.72
N GLU A 2345 72.64 -37.52 -20.03
CA GLU A 2345 71.57 -37.70 -19.07
C GLU A 2345 70.51 -36.64 -19.29
N SER A 2346 69.25 -37.06 -19.23
CA SER A 2346 68.15 -36.14 -19.45
C SER A 2346 68.01 -35.17 -18.29
N VAL A 2347 67.69 -33.91 -18.59
CA VAL A 2347 67.39 -32.92 -17.57
C VAL A 2347 65.88 -32.87 -17.41
N GLU A 2348 65.38 -33.41 -16.30
CA GLU A 2348 63.94 -33.62 -16.15
C GLU A 2348 63.19 -32.29 -16.15
N GLU A 2349 63.76 -31.27 -15.51
CA GLU A 2349 63.06 -29.99 -15.41
C GLU A 2349 62.74 -29.43 -16.79
N ASN A 2350 63.71 -29.48 -17.70
CA ASN A 2350 63.46 -28.98 -19.05
C ASN A 2350 62.65 -29.97 -19.86
N ALA A 2351 62.87 -31.27 -19.66
CA ALA A 2351 62.18 -32.27 -20.45
C ALA A 2351 60.67 -32.22 -20.23
N ASN A 2352 60.24 -32.11 -18.97
CA ASN A 2352 58.82 -32.06 -18.69
C ASN A 2352 58.19 -30.82 -19.31
N VAL A 2353 58.86 -29.68 -19.18
CA VAL A 2353 58.34 -28.43 -19.74
C VAL A 2353 58.21 -28.56 -21.25
N VAL A 2354 59.23 -29.11 -21.90
CA VAL A 2354 59.22 -29.22 -23.35
C VAL A 2354 58.10 -30.14 -23.81
N VAL A 2355 57.94 -31.27 -23.12
CA VAL A 2355 56.88 -32.20 -23.49
C VAL A 2355 55.51 -31.54 -23.35
N ARG A 2356 55.30 -30.81 -22.24
CA ARG A 2356 54.02 -30.16 -22.03
C ARG A 2356 53.74 -29.12 -23.11
N LEU A 2357 54.76 -28.31 -23.45
CA LEU A 2357 54.57 -27.31 -24.49
C LEU A 2357 54.28 -27.97 -25.84
N LEU A 2358 55.01 -29.03 -26.17
CA LEU A 2358 54.82 -29.69 -27.45
C LEU A 2358 53.41 -30.26 -27.56
N ILE A 2359 52.91 -30.88 -26.50
CA ILE A 2359 51.54 -31.40 -26.56
C ILE A 2359 50.51 -30.27 -26.56
N ARG A 2360 50.78 -29.15 -25.88
CA ARG A 2360 49.85 -28.04 -25.92
C ARG A 2360 49.82 -27.35 -27.27
N LYS A 2361 50.84 -27.55 -28.10
CA LYS A 2361 50.84 -27.07 -29.49
C LYS A 2361 51.11 -28.25 -30.41
N PRO A 2362 50.10 -29.09 -30.66
CA PRO A 2362 50.33 -30.33 -31.40
C PRO A 2362 50.83 -30.14 -32.82
N GLU A 2363 50.63 -28.95 -33.39
CA GLU A 2363 51.11 -28.71 -34.74
C GLU A 2363 52.62 -28.80 -34.82
N CYS A 2364 53.31 -28.72 -33.68
CA CYS A 2364 54.75 -28.90 -33.67
C CYS A 2364 55.13 -30.32 -34.08
N PHE A 2365 54.28 -31.29 -33.76
CA PHE A 2365 54.59 -32.68 -34.05
C PHE A 2365 54.60 -32.94 -35.55
N GLY A 2366 54.11 -31.98 -36.33
CA GLY A 2366 54.09 -32.11 -37.77
C GLY A 2366 52.79 -32.68 -38.26
N PRO A 2367 52.55 -32.59 -39.57
CA PRO A 2367 51.28 -33.11 -40.12
C PRO A 2367 51.08 -34.59 -39.87
N ALA A 2368 52.15 -35.38 -39.86
CA ALA A 2368 51.99 -36.82 -39.72
C ALA A 2368 51.35 -37.21 -38.40
N LEU A 2369 51.82 -36.62 -37.31
CA LEU A 2369 51.30 -36.94 -35.97
C LEU A 2369 50.13 -36.05 -35.59
N ARG A 2370 49.40 -35.51 -36.57
CA ARG A 2370 48.24 -34.69 -36.29
C ARG A 2370 47.12 -35.56 -35.71
N GLY A 2371 46.17 -34.91 -35.06
CA GLY A 2371 45.09 -35.62 -34.42
C GLY A 2371 44.27 -36.46 -35.38
N GLU A 2372 43.51 -35.81 -36.26
CA GLU A 2372 42.59 -36.53 -37.12
C GLU A 2372 43.25 -36.96 -38.43
N GLY A 2373 43.77 -35.99 -39.18
CA GLY A 2373 44.33 -36.29 -40.49
C GLY A 2373 45.68 -36.96 -40.43
N GLY A 2374 46.24 -37.10 -39.23
CA GLY A 2374 47.55 -37.71 -39.10
C GLY A 2374 47.57 -39.10 -39.71
N SER A 2375 48.56 -39.33 -40.58
CA SER A 2375 48.70 -40.60 -41.26
C SER A 2375 49.62 -41.57 -40.52
N GLY A 2376 50.26 -41.13 -39.44
CA GLY A 2376 51.18 -41.97 -38.71
C GLY A 2376 52.62 -41.76 -39.14
N LEU A 2377 53.53 -42.02 -38.21
CA LEU A 2377 54.95 -41.77 -38.46
C LEU A 2377 55.47 -42.65 -39.59
N LEU A 2378 55.11 -43.94 -39.57
CA LEU A 2378 55.59 -44.86 -40.60
C LEU A 2378 55.09 -44.46 -41.98
N ALA A 2379 53.79 -44.15 -42.08
CA ALA A 2379 53.24 -43.72 -43.35
C ALA A 2379 53.89 -42.44 -43.83
N ALA A 2380 54.15 -41.51 -42.90
CA ALA A 2380 54.80 -40.26 -43.27
C ALA A 2380 56.20 -40.50 -43.82
N ILE A 2381 56.96 -41.38 -43.18
CA ILE A 2381 58.31 -41.66 -43.67
C ILE A 2381 58.25 -42.33 -45.04
N GLU A 2382 57.31 -43.25 -45.24
CA GLU A 2382 57.19 -43.89 -46.54
C GLU A 2382 56.81 -42.88 -47.62
N GLU A 2383 55.90 -41.97 -47.30
CA GLU A 2383 55.52 -40.92 -48.23
C GLU A 2383 56.72 -40.02 -48.55
N ALA A 2384 57.54 -39.73 -47.53
CA ALA A 2384 58.74 -38.94 -47.75
C ALA A 2384 59.69 -39.65 -48.70
N ILE A 2385 59.82 -40.98 -48.55
CA ILE A 2385 60.68 -41.73 -49.45
C ILE A 2385 60.16 -41.66 -50.87
N ARG A 2386 58.85 -41.81 -51.05
CA ARG A 2386 58.28 -41.71 -52.39
C ARG A 2386 58.51 -40.33 -52.98
N ILE A 2387 58.35 -39.29 -52.16
CA ILE A 2387 58.64 -37.93 -52.62
C ILE A 2387 60.08 -37.84 -53.08
N SER A 2388 61.00 -38.38 -52.28
CA SER A 2388 62.42 -38.31 -52.63
C SER A 2388 62.69 -38.98 -53.96
N GLU A 2389 62.05 -40.11 -54.22
CA GLU A 2389 62.22 -40.80 -55.50
C GLU A 2389 61.48 -40.12 -56.64
N ASP A 2390 60.53 -39.24 -56.34
CA ASP A 2390 59.75 -38.56 -57.37
C ASP A 2390 60.21 -37.10 -57.53
N PRO A 2391 60.88 -36.75 -58.63
CA PRO A 2391 61.16 -35.35 -58.90
C PRO A 2391 59.89 -34.59 -59.22
N ALA A 2392 59.99 -33.26 -59.17
CA ALA A 2392 58.86 -32.36 -59.38
C ALA A 2392 57.92 -32.36 -58.18
N ARG A 2393 58.20 -33.24 -57.21
CA ARG A 2393 57.55 -33.21 -55.91
C ARG A 2393 58.55 -33.15 -54.77
N ASP A 2394 59.83 -33.37 -55.04
CA ASP A 2394 60.89 -33.24 -54.06
C ASP A 2394 61.67 -31.95 -54.19
N GLY A 2395 61.64 -31.30 -55.35
CA GLY A 2395 62.37 -30.08 -55.57
C GLY A 2395 61.69 -29.19 -56.58
N PRO A 2396 62.36 -28.11 -56.99
CA PRO A 2396 61.73 -27.19 -57.95
C PRO A 2396 61.37 -27.84 -59.27
N GLY A 2397 62.13 -28.85 -59.71
CA GLY A 2397 61.84 -29.48 -60.97
C GLY A 2397 62.19 -28.65 -62.18
N VAL A 2398 63.07 -27.67 -62.01
CA VAL A 2398 63.47 -26.78 -63.11
C VAL A 2398 64.97 -26.91 -63.35
N PRO A 2411 72.67 -24.01 -57.24
CA PRO A 2411 72.84 -25.33 -56.62
C PRO A 2411 74.17 -25.49 -55.90
N PRO A 2412 74.51 -24.55 -55.00
CA PRO A 2412 75.77 -24.68 -54.25
C PRO A 2412 75.86 -25.99 -53.47
N GLU A 2413 74.75 -26.44 -52.89
CA GLU A 2413 74.69 -27.74 -52.24
C GLU A 2413 74.01 -28.80 -53.10
N GLU A 2414 74.11 -28.68 -54.43
CA GLU A 2414 73.47 -29.63 -55.32
C GLU A 2414 71.96 -29.69 -55.07
N ASN A 2415 71.26 -28.61 -55.39
CA ASN A 2415 69.82 -28.46 -55.22
C ASN A 2415 69.44 -28.12 -53.79
N ARG A 2416 70.39 -27.63 -52.98
CA ARG A 2416 70.12 -27.24 -51.61
C ARG A 2416 69.35 -28.32 -50.87
N VAL A 2417 68.04 -28.13 -50.73
CA VAL A 2417 67.20 -28.98 -49.89
C VAL A 2417 66.33 -29.87 -50.77
N HIS A 2418 66.27 -31.15 -50.41
CA HIS A 2418 65.37 -32.10 -51.04
C HIS A 2418 64.26 -32.37 -50.04
N LEU A 2419 63.01 -32.12 -50.45
CA LEU A 2419 61.91 -32.11 -49.48
C LEU A 2419 61.74 -33.48 -48.81
N GLY A 2420 62.01 -34.56 -49.52
CA GLY A 2420 61.91 -35.87 -48.90
C GLY A 2420 62.86 -36.00 -47.73
N HIS A 2421 64.12 -35.64 -47.97
CA HIS A 2421 65.11 -35.68 -46.90
C HIS A 2421 64.77 -34.71 -45.80
N ALA A 2422 64.21 -33.55 -46.15
CA ALA A 2422 63.82 -32.58 -45.13
C ALA A 2422 62.76 -33.15 -44.21
N ILE A 2423 61.75 -33.82 -44.77
CA ILE A 2423 60.69 -34.40 -43.97
C ILE A 2423 61.24 -35.52 -43.08
N MET A 2424 62.04 -36.40 -43.68
CA MET A 2424 62.64 -37.47 -42.89
C MET A 2424 63.47 -36.91 -41.75
N SER A 2425 64.27 -35.88 -42.03
CA SER A 2425 65.12 -35.30 -41.01
C SER A 2425 64.30 -34.64 -39.91
N PHE A 2426 63.22 -33.96 -40.28
CA PHE A 2426 62.37 -33.35 -39.27
C PHE A 2426 61.81 -34.40 -38.34
N TYR A 2427 61.25 -35.48 -38.89
CA TYR A 2427 60.64 -36.48 -38.03
C TYR A 2427 61.70 -37.21 -37.20
N ALA A 2428 62.88 -37.46 -37.78
CA ALA A 2428 63.95 -38.07 -37.00
C ALA A 2428 64.36 -37.18 -35.85
N ALA A 2429 64.49 -35.88 -36.09
CA ALA A 2429 64.86 -34.96 -35.02
C ALA A 2429 63.78 -34.90 -33.95
N LEU A 2430 62.51 -34.91 -34.34
CA LEU A 2430 61.43 -34.89 -33.37
C LEU A 2430 61.48 -36.14 -32.49
N ILE A 2431 61.66 -37.30 -33.11
CA ILE A 2431 61.72 -38.53 -32.34
C ILE A 2431 62.93 -38.54 -31.42
N ASP A 2432 64.06 -38.02 -31.91
CA ASP A 2432 65.24 -37.91 -31.06
C ASP A 2432 64.98 -37.04 -29.85
N LEU A 2433 64.33 -35.88 -30.08
CA LEU A 2433 64.04 -34.98 -28.98
C LEU A 2433 63.13 -35.64 -27.95
N LEU A 2434 62.09 -36.34 -28.41
CA LEU A 2434 61.18 -37.00 -27.48
C LEU A 2434 61.90 -38.09 -26.70
N GLY A 2435 62.67 -38.93 -27.40
CA GLY A 2435 63.41 -39.97 -26.72
C GLY A 2435 64.36 -39.43 -25.69
N ARG A 2436 64.98 -38.29 -25.97
CA ARG A 2436 65.86 -37.65 -25.00
C ARG A 2436 65.08 -37.01 -23.84
N CYS A 2437 63.86 -36.55 -24.09
CA CYS A 2437 62.98 -36.10 -23.03
C CYS A 2437 62.47 -37.25 -22.17
N ALA A 2438 62.60 -38.49 -22.64
CA ALA A 2438 62.13 -39.62 -21.86
C ALA A 2438 62.81 -39.67 -20.49
N PRO A 2439 62.12 -40.08 -19.43
CA PRO A 2439 62.73 -40.06 -18.10
C PRO A 2439 63.82 -41.10 -17.94
N GLU A 2440 64.59 -40.95 -16.87
CA GLU A 2440 65.70 -41.85 -16.61
C GLU A 2440 65.23 -43.15 -15.97
N THR A 2441 66.03 -44.20 -16.17
CA THR A 2441 65.68 -45.52 -15.67
C THR A 2441 65.61 -45.54 -14.15
N HIS A 2442 66.53 -44.83 -13.48
CA HIS A 2442 66.50 -44.83 -12.03
C HIS A 2442 65.24 -44.17 -11.50
N LEU A 2443 64.81 -43.07 -12.14
CA LEU A 2443 63.55 -42.45 -11.75
C LEU A 2443 62.38 -43.40 -11.98
N ILE A 2444 62.37 -44.09 -13.12
CA ILE A 2444 61.26 -45.01 -13.39
C ILE A 2444 61.23 -46.12 -12.36
N GLN A 2445 62.39 -46.65 -11.98
CA GLN A 2445 62.45 -47.68 -10.95
C GLN A 2445 61.93 -47.13 -9.63
N ALA A 2446 62.35 -45.92 -9.26
CA ALA A 2446 61.82 -45.29 -8.07
C ALA A 2446 60.32 -45.11 -8.16
N GLY A 2447 59.77 -45.10 -9.38
CA GLY A 2447 58.34 -45.02 -9.55
C GLY A 2447 57.77 -43.64 -9.40
N LYS A 2448 58.54 -42.60 -9.71
CA LYS A 2448 58.04 -41.24 -9.61
C LYS A 2448 56.83 -41.06 -10.52
N GLY A 2449 55.77 -40.44 -9.96
CA GLY A 2449 54.54 -40.28 -10.72
C GLY A 2449 54.73 -39.44 -11.96
N GLU A 2450 55.49 -38.35 -11.83
CA GLU A 2450 55.73 -37.48 -12.98
C GLU A 2450 56.49 -38.22 -14.08
N ALA A 2451 57.51 -38.99 -13.70
CA ALA A 2451 58.27 -39.74 -14.69
C ALA A 2451 57.39 -40.76 -15.40
N LEU A 2452 56.57 -41.48 -14.64
CA LEU A 2452 55.68 -42.44 -15.26
C LEU A 2452 54.68 -41.76 -16.20
N ARG A 2453 54.14 -40.61 -15.79
CA ARG A 2453 53.20 -39.89 -16.63
C ARG A 2453 53.85 -39.46 -17.94
N ILE A 2454 55.07 -38.93 -17.85
CA ILE A 2454 55.76 -38.45 -19.06
C ILE A 2454 56.05 -39.63 -19.98
N ARG A 2455 56.50 -40.75 -19.42
CA ARG A 2455 56.76 -41.93 -20.24
C ARG A 2455 55.47 -42.39 -20.93
N ALA A 2456 54.36 -42.36 -20.21
CA ALA A 2456 53.08 -42.76 -20.80
C ALA A 2456 52.71 -41.84 -21.95
N ILE A 2457 52.90 -40.53 -21.76
CA ILE A 2457 52.58 -39.58 -22.84
C ILE A 2457 53.43 -39.85 -24.06
N LEU A 2458 54.73 -40.07 -23.87
CA LEU A 2458 55.61 -40.33 -25.01
C LEU A 2458 55.22 -41.61 -25.72
N ARG A 2459 54.88 -42.65 -24.96
CA ARG A 2459 54.41 -43.89 -25.57
C ARG A 2459 53.14 -43.66 -26.38
N SER A 2460 52.23 -42.85 -25.86
CA SER A 2460 51.00 -42.54 -26.58
C SER A 2460 51.31 -41.85 -27.90
N LEU A 2461 52.22 -40.87 -27.87
CA LEU A 2461 52.56 -40.16 -29.10
C LEU A 2461 53.15 -41.11 -30.13
N VAL A 2462 54.15 -41.90 -29.75
CA VAL A 2462 54.86 -42.74 -30.71
C VAL A 2462 54.51 -44.19 -30.43
N PRO A 2463 53.78 -44.87 -31.31
CA PRO A 2463 53.58 -46.31 -31.14
C PRO A 2463 54.85 -47.09 -31.39
N LEU A 2464 54.95 -48.26 -30.76
CA LEU A 2464 56.10 -49.12 -30.96
C LEU A 2464 56.16 -49.65 -32.38
N ASP A 2465 55.01 -49.99 -32.95
CA ASP A 2465 54.99 -50.56 -34.29
C ASP A 2465 55.58 -49.59 -35.30
N ASP A 2466 55.32 -48.29 -35.13
CA ASP A 2466 55.88 -47.30 -36.04
C ASP A 2466 57.40 -47.29 -35.98
N LEU A 2467 57.95 -47.33 -34.76
CA LEU A 2467 59.41 -47.35 -34.61
C LEU A 2467 59.99 -48.60 -35.26
N VAL A 2468 59.36 -49.75 -35.03
CA VAL A 2468 59.87 -50.99 -35.60
C VAL A 2468 59.80 -50.94 -37.12
N GLY A 2469 58.71 -50.41 -37.67
CA GLY A 2469 58.60 -50.31 -39.12
C GLY A 2469 59.66 -49.42 -39.71
N ILE A 2470 59.88 -48.26 -39.10
CA ILE A 2470 60.90 -47.35 -39.62
C ILE A 2470 62.27 -48.00 -39.54
N ILE A 2471 62.57 -48.67 -38.43
CA ILE A 2471 63.84 -49.36 -38.31
C ILE A 2471 63.95 -50.48 -39.33
N SER A 2472 62.83 -51.05 -39.74
CA SER A 2472 62.81 -52.12 -40.72
C SER A 2472 62.85 -51.63 -42.15
N LEU A 2473 62.63 -50.34 -42.39
CA LEU A 2473 62.64 -49.83 -43.75
C LEU A 2473 64.01 -50.07 -44.39
N PRO A 2474 64.06 -50.41 -45.67
CA PRO A 2474 65.34 -50.73 -46.29
C PRO A 2474 66.09 -49.49 -46.77
N LEU A 2475 67.41 -49.56 -46.70
CA LEU A 2475 68.28 -48.50 -47.19
C LEU A 2475 68.88 -48.88 -48.53
N GLN A 2476 69.29 -47.86 -49.29
CA GLN A 2476 69.99 -48.09 -50.54
C GLN A 2476 71.46 -48.34 -50.26
N ILE A 2477 72.00 -49.41 -50.83
CA ILE A 2477 73.39 -49.79 -50.61
C ILE A 2477 74.18 -49.45 -51.87
N PRO A 2478 75.36 -48.86 -51.77
CA PRO A 2478 76.16 -48.62 -52.97
C PRO A 2478 76.41 -49.93 -53.70
N THR A 2479 76.21 -49.91 -55.01
CA THR A 2479 76.35 -51.09 -55.83
C THR A 2479 77.17 -50.76 -57.07
N LEU A 2480 77.98 -51.73 -57.49
CA LEU A 2480 78.80 -51.56 -58.68
C LEU A 2480 77.99 -51.83 -59.94
N GLY A 2481 78.21 -51.01 -60.96
CA GLY A 2481 77.50 -51.18 -62.21
C GLY A 2481 78.23 -50.46 -63.33
N LYS A 2482 77.79 -50.74 -64.55
CA LYS A 2482 78.36 -50.11 -65.74
C LYS A 2482 79.87 -50.10 -65.66
N ASP A 2483 80.49 -51.28 -65.60
CA ASP A 2483 81.94 -51.47 -65.62
C ASP A 2483 82.69 -50.37 -64.88
N GLY A 2484 82.37 -50.20 -63.59
CA GLY A 2484 83.09 -49.26 -62.74
C GLY A 2484 82.24 -48.12 -62.20
N ALA A 2485 80.97 -48.03 -62.58
CA ALA A 2485 80.12 -46.95 -62.11
C ALA A 2485 79.61 -47.29 -60.71
N LEU A 2486 80.03 -46.51 -59.72
CA LEU A 2486 79.56 -46.67 -58.35
C LEU A 2486 78.22 -45.96 -58.23
N VAL A 2487 77.16 -46.75 -58.10
CA VAL A 2487 75.82 -46.19 -57.96
C VAL A 2487 75.58 -45.89 -56.49
N GLN A 2488 76.05 -44.73 -56.04
CA GLN A 2488 75.93 -44.36 -54.64
C GLN A 2488 74.67 -43.53 -54.43
N PRO A 2489 73.87 -43.85 -53.41
CA PRO A 2489 72.71 -42.99 -53.11
C PRO A 2489 73.17 -41.61 -52.65
N LYS A 2490 72.38 -40.60 -52.99
CA LYS A 2490 72.71 -39.24 -52.62
C LYS A 2490 72.31 -39.05 -51.17
N MET A 2491 73.32 -38.97 -50.30
CA MET A 2491 73.06 -38.93 -48.86
C MET A 2491 72.16 -37.76 -48.50
N SER A 2492 72.36 -36.62 -49.13
CA SER A 2492 71.57 -35.44 -48.82
C SER A 2492 70.18 -35.50 -49.38
N ALA A 2493 69.76 -36.58 -50.05
CA ALA A 2493 68.42 -36.60 -50.63
C ALA A 2493 67.72 -37.95 -50.48
N SER A 2494 68.06 -38.74 -49.46
CA SER A 2494 67.47 -40.07 -49.34
C SER A 2494 67.41 -40.46 -47.86
N PHE A 2495 66.86 -41.65 -47.62
CA PHE A 2495 66.74 -42.19 -46.27
C PHE A 2495 68.10 -42.65 -45.78
N VAL A 2496 68.60 -42.03 -44.73
CA VAL A 2496 69.96 -42.29 -44.25
C VAL A 2496 69.93 -42.95 -42.89
N PRO A 2497 71.00 -43.60 -42.45
CA PRO A 2497 70.98 -44.32 -41.17
C PRO A 2497 70.70 -43.47 -39.95
N ASP A 2498 70.97 -42.16 -39.99
CA ASP A 2498 70.71 -41.33 -38.82
C ASP A 2498 69.23 -41.29 -38.50
N HIS A 2499 68.39 -41.36 -39.53
CA HIS A 2499 66.95 -41.37 -39.31
C HIS A 2499 66.54 -42.58 -38.48
N LYS A 2500 67.15 -43.74 -38.77
CA LYS A 2500 66.88 -44.92 -37.96
C LYS A 2500 67.56 -44.85 -36.61
N ALA A 2501 68.70 -44.16 -36.51
CA ALA A 2501 69.36 -44.01 -35.23
C ALA A 2501 68.48 -43.25 -34.25
N SER A 2502 67.78 -42.23 -34.73
CA SER A 2502 66.85 -41.52 -33.85
C SER A 2502 65.77 -42.45 -33.32
N MET A 2503 65.20 -43.28 -34.19
CA MET A 2503 64.17 -44.21 -33.75
C MET A 2503 64.73 -45.23 -32.76
N VAL A 2504 65.95 -45.68 -32.97
CA VAL A 2504 66.57 -46.61 -32.02
C VAL A 2504 66.74 -45.93 -30.67
N LEU A 2505 67.17 -44.68 -30.66
CA LEU A 2505 67.29 -43.96 -29.38
C LEU A 2505 65.96 -43.90 -28.67
N PHE A 2506 64.89 -43.51 -29.40
CA PHE A 2506 63.58 -43.43 -28.79
C PHE A 2506 63.14 -44.78 -28.25
N LEU A 2507 63.31 -45.84 -29.04
CA LEU A 2507 62.90 -47.17 -28.61
C LEU A 2507 63.63 -47.60 -27.36
N ASP A 2508 64.94 -47.36 -27.32
CA ASP A 2508 65.73 -47.76 -26.16
C ASP A 2508 65.31 -46.99 -24.92
N ARG A 2509 65.06 -45.68 -25.04
CA ARG A 2509 64.85 -44.87 -23.85
C ARG A 2509 63.41 -44.86 -23.35
N VAL A 2510 62.42 -44.98 -24.24
CA VAL A 2510 61.03 -44.91 -23.83
C VAL A 2510 60.48 -46.31 -23.63
N TYR A 2511 60.43 -47.09 -24.70
CA TYR A 2511 59.85 -48.43 -24.60
C TYR A 2511 60.82 -49.40 -23.95
N GLY A 2512 62.08 -49.42 -24.41
CA GLY A 2512 63.06 -50.32 -23.86
C GLY A 2512 62.81 -51.75 -24.30
N ILE A 2513 63.87 -52.53 -24.43
CA ILE A 2513 63.76 -53.93 -24.82
C ILE A 2513 63.90 -54.76 -23.56
N GLU A 2514 62.82 -55.46 -23.20
CA GLU A 2514 62.79 -56.25 -21.97
C GLU A 2514 62.31 -57.67 -22.18
N ASN A 2515 61.79 -58.02 -23.35
CA ASN A 2515 61.27 -59.35 -23.63
C ASN A 2515 62.13 -59.98 -24.71
N GLN A 2516 62.52 -61.25 -24.49
CA GLN A 2516 63.37 -61.93 -25.46
C GLN A 2516 62.67 -62.05 -26.81
N ASP A 2517 61.36 -62.29 -26.79
CA ASP A 2517 60.63 -62.39 -28.06
C ASP A 2517 60.72 -61.08 -28.85
N PHE A 2518 60.53 -59.95 -28.17
CA PHE A 2518 60.65 -58.67 -28.85
C PHE A 2518 62.06 -58.45 -29.35
N LEU A 2519 63.07 -58.77 -28.54
CA LEU A 2519 64.44 -58.58 -28.97
C LEU A 2519 64.72 -59.39 -30.22
N LEU A 2520 64.29 -60.65 -30.25
CA LEU A 2520 64.52 -61.48 -31.41
C LEU A 2520 63.77 -60.95 -32.62
N HIS A 2521 62.54 -60.46 -32.43
CA HIS A 2521 61.79 -59.91 -33.55
C HIS A 2521 62.49 -58.70 -34.15
N VAL A 2522 62.94 -57.78 -33.30
CA VAL A 2522 63.64 -56.60 -33.80
C VAL A 2522 64.92 -57.00 -34.52
N LEU A 2523 65.67 -57.94 -33.94
CA LEU A 2523 66.88 -58.41 -34.61
C LEU A 2523 66.56 -59.00 -35.98
N ASP A 2524 65.53 -59.82 -36.05
CA ASP A 2524 65.19 -60.48 -37.30
C ASP A 2524 64.78 -59.47 -38.37
N VAL A 2525 63.97 -58.48 -38.00
CA VAL A 2525 63.40 -57.60 -39.01
C VAL A 2525 64.25 -56.36 -39.31
N GLY A 2526 64.72 -55.65 -38.30
CA GLY A 2526 65.35 -54.36 -38.54
C GLY A 2526 66.85 -54.29 -38.40
N PHE A 2527 67.41 -54.89 -37.34
CA PHE A 2527 68.82 -54.70 -37.06
C PHE A 2527 69.69 -55.61 -37.92
N LEU A 2528 69.41 -56.90 -37.89
CA LEU A 2528 70.30 -57.86 -38.55
C LEU A 2528 70.47 -57.57 -40.03
N PRO A 2529 69.43 -57.21 -40.79
CA PRO A 2529 69.64 -56.86 -42.20
C PRO A 2529 70.62 -55.70 -42.36
N ASP A 2530 70.54 -54.70 -41.49
CA ASP A 2530 71.45 -53.56 -41.59
C ASP A 2530 72.86 -53.95 -41.23
N MET A 2531 73.03 -54.80 -40.21
CA MET A 2531 74.37 -55.28 -39.88
C MET A 2531 74.94 -56.09 -41.03
N ARG A 2532 74.11 -56.91 -41.67
CA ARG A 2532 74.59 -57.69 -42.81
C ARG A 2532 75.01 -56.77 -43.96
N ALA A 2533 74.23 -55.72 -44.22
CA ALA A 2533 74.60 -54.79 -45.28
C ALA A 2533 75.91 -54.08 -44.96
N ALA A 2534 76.07 -53.65 -43.72
CA ALA A 2534 77.32 -53.00 -43.33
C ALA A 2534 78.50 -53.93 -43.50
N ALA A 2535 78.33 -55.20 -43.10
CA ALA A 2535 79.41 -56.17 -43.27
C ALA A 2535 79.71 -56.38 -44.76
N SER A 2536 78.68 -56.50 -45.58
CA SER A 2536 78.89 -56.71 -47.02
C SER A 2536 79.57 -55.53 -47.68
N LEU A 2537 79.39 -54.32 -47.14
CA LEU A 2537 80.09 -53.14 -47.67
C LEU A 2537 81.54 -53.06 -47.23
N ASP A 2538 82.09 -54.14 -46.66
CA ASP A 2538 83.47 -54.12 -46.19
C ASP A 2538 84.48 -54.31 -47.31
N THR A 2539 84.05 -54.62 -48.53
CA THR A 2539 84.97 -54.77 -49.63
C THR A 2539 85.75 -53.48 -49.85
N ALA A 2540 86.85 -53.58 -50.61
CA ALA A 2540 87.72 -52.43 -50.80
C ALA A 2540 87.00 -51.29 -51.51
N THR A 2541 86.17 -51.62 -52.50
CA THR A 2541 85.52 -50.58 -53.28
C THR A 2541 84.58 -49.74 -52.42
N PHE A 2542 83.69 -50.40 -51.69
CA PHE A 2542 82.65 -49.71 -50.93
C PHE A 2542 83.06 -49.35 -49.51
N SER A 2543 84.30 -49.65 -49.12
CA SER A 2543 84.68 -49.50 -47.72
C SER A 2543 84.51 -48.06 -47.23
N THR A 2544 84.95 -47.09 -48.05
CA THR A 2544 84.98 -45.69 -47.63
C THR A 2544 83.81 -44.88 -48.18
N THR A 2545 82.81 -45.54 -48.76
CA THR A 2545 81.67 -44.81 -49.28
C THR A 2545 80.93 -44.11 -48.16
N GLU A 2546 80.23 -43.02 -48.49
CA GLU A 2546 79.48 -42.28 -47.49
C GLU A 2546 78.43 -43.16 -46.83
N MET A 2547 77.73 -43.98 -47.62
CA MET A 2547 76.73 -44.87 -47.05
C MET A 2547 77.38 -45.88 -46.11
N ALA A 2548 78.54 -46.42 -46.48
CA ALA A 2548 79.20 -47.39 -45.62
C ALA A 2548 79.61 -46.75 -44.30
N LEU A 2549 80.19 -45.56 -44.35
CA LEU A 2549 80.60 -44.90 -43.11
C LEU A 2549 79.38 -44.53 -42.26
N ALA A 2550 78.29 -44.09 -42.90
CA ALA A 2550 77.08 -43.78 -42.16
C ALA A 2550 76.52 -45.02 -41.49
N LEU A 2551 76.54 -46.17 -42.18
CA LEU A 2551 76.08 -47.40 -41.58
C LEU A 2551 76.96 -47.80 -40.41
N ASN A 2552 78.27 -47.63 -40.54
CA ASN A 2552 79.17 -47.96 -39.43
C ASN A 2552 78.85 -47.10 -38.21
N ARG A 2553 78.68 -45.79 -38.43
CA ARG A 2553 78.34 -44.92 -37.31
C ARG A 2553 77.00 -45.31 -36.70
N TYR A 2554 75.99 -45.53 -37.53
CA TYR A 2554 74.68 -45.92 -37.03
C TYR A 2554 74.79 -47.16 -36.16
N LEU A 2555 75.42 -48.21 -36.67
CA LEU A 2555 75.58 -49.42 -35.89
C LEU A 2555 76.28 -49.13 -34.58
N CYS A 2556 77.54 -48.68 -34.65
CA CYS A 2556 78.38 -48.57 -33.47
C CYS A 2556 77.90 -47.53 -32.46
N LEU A 2557 76.96 -46.66 -32.83
CA LEU A 2557 76.47 -45.66 -31.89
C LEU A 2557 75.05 -45.94 -31.39
N ALA A 2558 74.23 -46.69 -32.13
CA ALA A 2558 72.86 -46.94 -31.70
C ALA A 2558 72.57 -48.42 -31.50
N VAL A 2559 72.95 -49.24 -32.48
CA VAL A 2559 72.44 -50.61 -32.52
C VAL A 2559 73.28 -51.52 -31.61
N LEU A 2560 74.56 -51.63 -31.91
CA LEU A 2560 75.40 -52.57 -31.17
C LEU A 2560 75.40 -52.29 -29.68
N PRO A 2561 75.45 -51.04 -29.22
CA PRO A 2561 75.33 -50.81 -27.77
C PRO A 2561 74.04 -51.36 -27.19
N LEU A 2562 72.93 -51.26 -27.93
CA LEU A 2562 71.66 -51.79 -27.45
C LEU A 2562 71.72 -53.31 -27.30
N ILE A 2563 72.31 -53.98 -28.29
CA ILE A 2563 72.44 -55.43 -28.20
C ILE A 2563 73.35 -55.81 -27.04
N THR A 2564 74.43 -55.04 -26.85
CA THR A 2564 75.31 -55.30 -25.71
C THR A 2564 74.54 -55.17 -24.39
N LYS A 2565 73.72 -54.14 -24.27
CA LYS A 2565 72.95 -53.97 -23.05
C LYS A 2565 71.97 -55.12 -22.85
N CYS A 2566 71.31 -55.56 -23.93
CA CYS A 2566 70.34 -56.65 -23.86
C CYS A 2566 70.97 -58.01 -24.07
N ALA A 2567 72.29 -58.12 -23.90
CA ALA A 2567 72.95 -59.42 -24.08
C ALA A 2567 72.36 -60.52 -23.22
N PRO A 2568 72.04 -60.31 -21.96
CA PRO A 2568 71.54 -61.42 -21.13
C PRO A 2568 70.32 -62.11 -21.69
N LEU A 2569 69.50 -61.40 -22.46
CA LEU A 2569 68.27 -61.99 -22.98
C LEU A 2569 68.53 -63.10 -23.99
N PHE A 2570 69.76 -63.25 -24.46
CA PHE A 2570 70.07 -64.27 -25.45
C PHE A 2570 70.22 -65.66 -24.85
N ALA A 2571 70.21 -65.79 -23.53
CA ALA A 2571 70.28 -67.10 -22.91
C ALA A 2571 69.01 -67.88 -23.22
N GLY A 2572 69.17 -69.18 -23.49
CA GLY A 2572 68.02 -70.02 -23.78
C GLY A 2572 67.32 -69.69 -25.07
N THR A 2573 68.07 -69.45 -26.15
CA THR A 2573 67.52 -69.14 -27.45
C THR A 2573 67.74 -70.26 -28.46
N GLU A 2574 67.59 -71.52 -28.05
CA GLU A 2574 67.79 -72.64 -28.95
C GLU A 2574 66.87 -72.53 -30.16
N HIS A 2575 65.64 -72.09 -29.92
CA HIS A 2575 64.60 -72.16 -30.94
C HIS A 2575 64.88 -71.23 -32.12
N ARG A 2576 65.85 -70.32 -31.97
CA ARG A 2576 66.29 -69.51 -33.10
C ARG A 2576 67.80 -69.52 -33.20
N ALA A 2577 68.38 -70.71 -33.10
CA ALA A 2577 69.83 -70.86 -33.17
C ALA A 2577 70.37 -70.41 -34.52
N ILE A 2578 69.62 -70.63 -35.60
CA ILE A 2578 70.07 -70.22 -36.91
C ILE A 2578 70.32 -68.72 -36.94
N MET A 2579 69.33 -67.95 -36.47
CA MET A 2579 69.45 -66.50 -36.51
C MET A 2579 70.51 -66.01 -35.54
N VAL A 2580 70.61 -66.65 -34.37
CA VAL A 2580 71.66 -66.25 -33.43
C VAL A 2580 73.04 -66.46 -34.02
N ASP A 2581 73.23 -67.61 -34.68
CA ASP A 2581 74.52 -67.89 -35.32
C ASP A 2581 74.81 -66.89 -36.42
N SER A 2582 73.79 -66.55 -37.22
CA SER A 2582 73.98 -65.55 -38.26
C SER A 2582 74.40 -64.22 -37.66
N MET A 2583 73.77 -63.83 -36.55
CA MET A 2583 74.14 -62.58 -35.89
C MET A 2583 75.59 -62.63 -35.43
N LEU A 2584 76.01 -63.75 -34.83
CA LEU A 2584 77.39 -63.85 -34.36
C LEU A 2584 78.37 -63.71 -35.51
N HIS A 2585 78.10 -64.40 -36.62
CA HIS A 2585 79.00 -64.29 -37.78
C HIS A 2585 79.04 -62.87 -38.31
N THR A 2586 77.89 -62.20 -38.39
CA THR A 2586 77.87 -60.83 -38.87
C THR A 2586 78.68 -59.92 -37.97
N VAL A 2587 78.54 -60.09 -36.65
CA VAL A 2587 79.26 -59.22 -35.73
C VAL A 2587 80.76 -59.47 -35.84
N TYR A 2588 81.17 -60.73 -35.97
CA TYR A 2588 82.59 -61.03 -36.12
C TYR A 2588 83.15 -60.40 -37.39
N ARG A 2589 82.42 -60.54 -38.49
CA ARG A 2589 82.87 -59.97 -39.75
C ARG A 2589 82.97 -58.45 -39.65
N LEU A 2590 82.01 -57.81 -38.97
CA LEU A 2590 82.11 -56.37 -38.74
C LEU A 2590 83.34 -56.05 -37.92
N SER A 2591 83.63 -56.83 -36.89
CA SER A 2591 84.79 -56.58 -36.05
C SER A 2591 86.06 -56.57 -36.87
N ARG A 2592 86.22 -57.56 -37.74
CA ARG A 2592 87.36 -57.57 -38.67
C ARG A 2592 86.98 -56.80 -39.93
N GLY A 2593 86.99 -55.48 -39.81
CA GLY A 2593 86.64 -54.61 -40.91
C GLY A 2593 87.60 -53.45 -41.04
N ARG A 2594 87.80 -53.01 -42.28
CA ARG A 2594 88.63 -51.85 -42.56
C ARG A 2594 87.83 -50.57 -42.39
N SER A 2595 88.48 -49.44 -42.59
CA SER A 2595 87.85 -48.12 -42.51
C SER A 2595 87.06 -47.95 -41.22
N LEU A 2596 87.46 -48.67 -40.17
CA LEU A 2596 86.72 -48.72 -38.92
C LEU A 2596 87.59 -48.10 -37.83
N THR A 2597 87.11 -47.03 -37.21
CA THR A 2597 87.90 -46.33 -36.21
C THR A 2597 88.04 -47.18 -34.96
N LYS A 2598 89.00 -46.80 -34.11
CA LYS A 2598 89.31 -47.62 -32.94
C LYS A 2598 88.12 -47.67 -31.98
N ALA A 2599 87.44 -46.56 -31.77
CA ALA A 2599 86.29 -46.57 -30.86
C ALA A 2599 85.19 -47.49 -31.39
N GLN A 2600 84.92 -47.42 -32.69
CA GLN A 2600 83.92 -48.29 -33.28
C GLN A 2600 84.32 -49.76 -33.13
N ARG A 2601 85.60 -50.04 -33.37
CA ARG A 2601 86.08 -51.42 -33.24
C ARG A 2601 85.94 -51.91 -31.81
N ASP A 2602 86.22 -51.03 -30.85
CA ASP A 2602 86.05 -51.40 -29.44
C ASP A 2602 84.60 -51.70 -29.12
N VAL A 2603 83.68 -50.90 -29.66
CA VAL A 2603 82.26 -51.15 -29.43
C VAL A 2603 81.87 -52.51 -30.00
N ILE A 2604 82.33 -52.81 -31.21
CA ILE A 2604 81.99 -54.09 -31.82
C ILE A 2604 82.54 -55.25 -30.99
N GLU A 2605 83.79 -55.13 -30.54
CA GLU A 2605 84.39 -56.20 -29.76
C GLU A 2605 83.65 -56.39 -28.44
N ASP A 2606 83.26 -55.28 -27.81
CA ASP A 2606 82.49 -55.38 -26.57
C ASP A 2606 81.17 -56.10 -26.81
N CYS A 2607 80.49 -55.78 -27.91
CA CYS A 2607 79.24 -56.47 -28.23
C CYS A 2607 79.46 -57.95 -28.40
N LEU A 2608 80.50 -58.33 -29.16
CA LEU A 2608 80.75 -59.75 -29.39
C LEU A 2608 81.03 -60.48 -28.09
N MET A 2609 81.89 -59.91 -27.24
CA MET A 2609 82.20 -60.57 -25.98
C MET A 2609 80.97 -60.66 -25.09
N ALA A 2610 80.16 -59.61 -25.05
CA ALA A 2610 78.95 -59.64 -24.23
C ALA A 2610 78.00 -60.73 -24.68
N LEU A 2611 77.82 -60.87 -26.01
CA LEU A 2611 76.96 -61.95 -26.50
C LEU A 2611 77.53 -63.31 -26.11
N CYS A 2612 78.81 -63.52 -26.39
CA CYS A 2612 79.40 -64.82 -26.09
C CYS A 2612 79.38 -65.15 -24.61
N ARG A 2613 79.32 -64.13 -23.75
CA ARG A 2613 79.27 -64.38 -22.31
C ARG A 2613 77.96 -65.05 -21.89
N TYR A 2614 76.91 -64.97 -22.70
CA TYR A 2614 75.61 -65.49 -22.34
C TYR A 2614 75.06 -66.55 -23.27
N ILE A 2615 75.47 -66.56 -24.54
CA ILE A 2615 74.97 -67.61 -25.44
C ILE A 2615 75.45 -68.97 -24.97
N ARG A 2616 74.61 -69.98 -25.15
CA ARG A 2616 74.93 -71.31 -24.66
C ARG A 2616 76.14 -71.88 -25.41
N PRO A 2617 76.97 -72.68 -24.76
CA PRO A 2617 78.19 -73.17 -25.43
C PRO A 2617 77.92 -73.95 -26.69
N SER A 2618 76.83 -74.72 -26.73
CA SER A 2618 76.54 -75.51 -27.92
C SER A 2618 76.28 -74.64 -29.13
N MET A 2619 75.91 -73.37 -28.94
CA MET A 2619 75.53 -72.51 -30.03
C MET A 2619 76.67 -71.70 -30.62
N LEU A 2620 77.87 -71.81 -30.05
CA LEU A 2620 79.05 -71.11 -30.55
C LEU A 2620 79.95 -72.00 -31.41
N GLN A 2621 79.44 -73.15 -31.84
CA GLN A 2621 80.26 -74.10 -32.57
C GLN A 2621 80.75 -73.50 -33.89
N HIS A 2622 79.86 -72.80 -34.61
CA HIS A 2622 80.26 -72.26 -35.91
C HIS A 2622 81.22 -71.08 -35.74
N LEU A 2623 81.00 -70.26 -34.71
CA LEU A 2623 81.96 -69.21 -34.42
C LEU A 2623 83.32 -69.79 -34.10
N LEU A 2624 83.35 -70.90 -33.35
CA LEU A 2624 84.61 -71.58 -33.09
C LEU A 2624 85.21 -72.10 -34.39
N ARG A 2625 84.39 -72.61 -35.29
CA ARG A 2625 84.90 -73.12 -36.56
C ARG A 2625 85.56 -72.02 -37.38
N ARG A 2626 85.04 -70.80 -37.31
CA ARG A 2626 85.69 -69.70 -37.99
C ARG A 2626 86.94 -69.24 -37.24
N LEU A 2627 86.88 -69.20 -35.91
CA LEU A 2627 88.02 -68.73 -35.13
C LEU A 2627 89.20 -69.67 -35.27
N VAL A 2628 88.96 -70.97 -35.33
CA VAL A 2628 90.08 -71.91 -35.45
C VAL A 2628 90.86 -71.64 -36.72
N PHE A 2629 90.19 -71.17 -37.77
CA PHE A 2629 90.90 -70.76 -38.98
C PHE A 2629 91.56 -69.40 -38.85
N ASP A 2630 90.93 -68.45 -38.16
CA ASP A 2630 91.45 -67.08 -38.11
C ASP A 2630 92.60 -66.91 -37.12
N VAL A 2631 92.40 -67.30 -35.87
CA VAL A 2631 93.33 -66.96 -34.78
C VAL A 2631 94.74 -67.47 -35.03
N PRO A 2632 94.95 -68.73 -35.43
CA PRO A 2632 96.32 -69.24 -35.58
C PRO A 2632 97.29 -68.26 -36.25
N ILE A 2633 96.79 -67.42 -37.15
CA ILE A 2633 97.66 -66.46 -37.83
C ILE A 2633 98.34 -65.55 -36.82
N LEU A 2634 97.66 -65.25 -35.72
CA LEU A 2634 98.23 -64.43 -34.64
C LEU A 2634 98.68 -63.07 -35.19
N ASN A 2635 97.89 -62.53 -36.10
CA ASN A 2635 98.11 -61.17 -36.59
C ASN A 2635 97.50 -60.17 -35.62
N GLU A 2636 97.41 -58.91 -36.02
CA GLU A 2636 96.82 -57.89 -35.15
C GLU A 2636 95.36 -58.20 -34.83
N PHE A 2637 94.61 -58.71 -35.82
CA PHE A 2637 93.21 -58.99 -35.59
C PHE A 2637 93.02 -60.10 -34.56
N ALA A 2638 94.06 -60.91 -34.32
CA ALA A 2638 93.93 -62.06 -33.44
C ALA A 2638 93.84 -61.68 -31.97
N LYS A 2639 94.03 -60.40 -31.61
CA LYS A 2639 94.02 -60.02 -30.21
C LYS A 2639 92.67 -60.29 -29.57
N MET A 2640 91.59 -59.76 -30.16
CA MET A 2640 90.27 -59.93 -29.55
C MET A 2640 89.83 -61.38 -29.55
N PRO A 2641 89.94 -62.13 -30.65
CA PRO A 2641 89.51 -63.54 -30.62
C PRO A 2641 90.17 -64.32 -29.50
N LEU A 2642 91.43 -64.00 -29.19
CA LEU A 2642 92.12 -64.70 -28.12
C LEU A 2642 91.41 -64.47 -26.78
N LYS A 2643 91.07 -63.21 -26.49
CA LYS A 2643 90.34 -62.92 -25.26
C LYS A 2643 88.97 -63.59 -25.26
N LEU A 2644 88.30 -63.58 -26.40
CA LEU A 2644 86.98 -64.19 -26.48
C LEU A 2644 87.06 -65.68 -26.16
N LEU A 2645 88.02 -66.38 -26.77
CA LEU A 2645 88.18 -67.80 -26.51
C LEU A 2645 88.59 -68.04 -25.06
N THR A 2646 89.47 -67.20 -24.52
CA THR A 2646 89.86 -67.34 -23.12
C THR A 2646 88.64 -67.31 -22.21
N ASN A 2647 87.81 -66.29 -22.36
CA ASN A 2647 86.61 -66.20 -21.52
C ASN A 2647 85.68 -67.36 -21.78
N HIS A 2648 85.46 -67.71 -23.04
CA HIS A 2648 84.51 -68.77 -23.37
C HIS A 2648 84.91 -70.08 -22.70
N TYR A 2649 86.17 -70.47 -22.84
CA TYR A 2649 86.62 -71.72 -22.26
C TYR A 2649 86.73 -71.66 -20.74
N GLU A 2650 87.23 -70.57 -20.18
CA GLU A 2650 87.25 -70.43 -18.73
C GLU A 2650 85.85 -70.53 -18.13
N ARG A 2651 84.83 -70.12 -18.86
CA ARG A 2651 83.46 -70.20 -18.36
C ARG A 2651 82.81 -71.55 -18.60
N CYS A 2652 83.06 -72.17 -19.75
CA CYS A 2652 82.38 -73.39 -20.17
C CYS A 2652 83.28 -74.62 -20.11
N TRP A 2653 84.33 -74.58 -19.28
CA TRP A 2653 85.27 -75.70 -19.23
C TRP A 2653 84.57 -77.01 -18.90
N LYS A 2654 83.54 -76.97 -18.04
CA LYS A 2654 82.85 -78.21 -17.70
C LYS A 2654 82.16 -78.81 -18.92
N TYR A 2655 81.58 -77.96 -19.78
CA TYR A 2655 80.86 -78.48 -20.93
C TYR A 2655 81.75 -79.32 -21.83
N TYR A 2656 83.07 -79.11 -21.77
CA TYR A 2656 84.02 -79.83 -22.61
C TYR A 2656 84.74 -80.93 -21.87
N CYS A 2657 85.14 -80.70 -20.61
CA CYS A 2657 85.98 -81.64 -19.89
C CYS A 2657 85.17 -82.78 -19.29
N LEU A 2658 84.22 -82.45 -18.41
CA LEU A 2658 83.49 -83.46 -17.66
C LEU A 2658 82.74 -84.39 -18.59
N PRO A 2659 82.83 -85.71 -18.40
CA PRO A 2659 82.03 -86.61 -19.26
C PRO A 2659 80.54 -86.35 -19.19
N THR A 2660 80.03 -86.02 -17.99
CA THR A 2660 78.60 -85.75 -17.87
C THR A 2660 78.24 -84.43 -18.55
N GLY A 2661 79.15 -83.48 -18.57
CA GLY A 2661 78.92 -82.18 -19.17
C GLY A 2661 78.42 -81.17 -18.16
N TRP A 2662 78.23 -79.95 -18.66
CA TRP A 2662 77.76 -78.86 -17.81
C TRP A 2662 76.27 -79.01 -17.55
N ALA A 2663 75.81 -78.49 -16.41
CA ALA A 2663 74.42 -78.66 -16.01
C ALA A 2663 73.50 -77.89 -16.95
N ASN A 2664 72.54 -78.61 -17.54
CA ASN A 2664 71.48 -78.01 -18.36
C ASN A 2664 72.00 -77.51 -19.70
N PHE A 2665 73.31 -77.56 -19.92
CA PHE A 2665 73.86 -77.12 -21.21
C PHE A 2665 74.24 -78.31 -22.08
N GLY A 2666 74.22 -79.51 -21.52
CA GLY A 2666 74.58 -80.70 -22.26
C GLY A 2666 76.04 -81.04 -22.12
N VAL A 2667 76.54 -81.78 -23.11
CA VAL A 2667 77.94 -82.18 -23.17
C VAL A 2667 78.46 -81.89 -24.57
N THR A 2668 79.77 -81.70 -24.65
CA THR A 2668 80.40 -81.40 -25.93
C THR A 2668 80.23 -82.57 -26.89
N SER A 2669 80.62 -82.35 -28.13
CA SER A 2669 80.58 -83.37 -29.17
C SER A 2669 81.96 -83.50 -29.79
N GLU A 2670 82.15 -84.63 -30.48
CA GLU A 2670 83.45 -84.93 -31.10
C GLU A 2670 83.93 -83.77 -31.97
N GLU A 2671 83.02 -83.16 -32.72
CA GLU A 2671 83.42 -82.07 -33.61
C GLU A 2671 83.94 -80.87 -32.82
N GLU A 2672 83.24 -80.52 -31.73
CA GLU A 2672 83.70 -79.38 -30.93
C GLU A 2672 85.02 -79.68 -30.26
N LEU A 2673 85.20 -80.90 -29.76
CA LEU A 2673 86.49 -81.25 -29.16
C LEU A 2673 87.60 -81.19 -30.20
N HIS A 2674 87.32 -81.66 -31.42
CA HIS A 2674 88.30 -81.61 -32.49
C HIS A 2674 88.68 -80.17 -32.82
N LEU A 2675 87.68 -79.29 -32.90
CA LEU A 2675 87.95 -77.88 -33.16
C LEU A 2675 88.78 -77.28 -32.05
N THR A 2676 88.47 -77.61 -30.80
CA THR A 2676 89.24 -77.09 -29.68
C THR A 2676 90.69 -77.54 -29.76
N ARG A 2677 90.91 -78.81 -30.08
CA ARG A 2677 92.28 -79.33 -30.16
C ARG A 2677 93.04 -78.66 -31.29
N LYS A 2678 92.40 -78.49 -32.45
CA LYS A 2678 93.07 -77.78 -33.54
C LYS A 2678 93.39 -76.35 -33.15
N LEU A 2679 92.47 -75.67 -32.48
CA LEU A 2679 92.73 -74.31 -32.03
C LEU A 2679 93.95 -74.28 -31.12
N PHE A 2680 93.98 -75.16 -30.12
CA PHE A 2680 95.10 -75.18 -29.19
C PHE A 2680 96.42 -75.38 -29.92
N TRP A 2681 96.48 -76.40 -30.77
CA TRP A 2681 97.76 -76.72 -31.39
C TRP A 2681 98.17 -75.66 -32.40
N GLY A 2682 97.23 -75.07 -33.12
CA GLY A 2682 97.56 -73.99 -34.03
C GLY A 2682 98.14 -72.81 -33.31
N ILE A 2683 97.48 -72.39 -32.22
CA ILE A 2683 98.00 -71.26 -31.44
C ILE A 2683 99.37 -71.59 -30.88
N PHE A 2684 99.54 -72.81 -30.38
CA PHE A 2684 100.81 -73.21 -29.79
C PHE A 2684 101.94 -73.14 -30.80
N ASP A 2685 101.73 -73.72 -31.99
CA ASP A 2685 102.77 -73.72 -33.00
C ASP A 2685 103.08 -72.30 -33.47
N SER A 2686 102.04 -71.51 -33.72
CA SER A 2686 102.27 -70.15 -34.18
C SER A 2686 103.06 -69.35 -33.16
N LEU A 2687 102.69 -69.46 -31.89
CA LEU A 2687 103.41 -68.74 -30.85
C LEU A 2687 104.84 -69.23 -30.73
N ALA A 2688 105.05 -70.55 -30.85
CA ALA A 2688 106.40 -71.08 -30.75
C ALA A 2688 107.29 -70.54 -31.85
N HIS A 2689 106.78 -70.46 -33.08
CA HIS A 2689 107.58 -69.99 -34.19
C HIS A 2689 107.65 -68.47 -34.30
N LYS A 2690 106.78 -67.74 -33.60
CA LYS A 2690 106.78 -66.29 -33.72
C LYS A 2690 107.82 -65.66 -32.82
N LYS A 2691 108.29 -64.48 -33.23
CA LYS A 2691 109.21 -63.69 -32.42
C LYS A 2691 108.51 -63.17 -31.18
N TYR A 2692 109.30 -62.90 -30.14
CA TYR A 2692 108.74 -62.46 -28.88
C TYR A 2692 108.03 -61.13 -29.01
N ASP A 2693 106.86 -61.01 -28.38
CA ASP A 2693 106.13 -59.76 -28.29
C ASP A 2693 105.34 -59.78 -26.99
N GLN A 2694 105.57 -58.81 -26.13
CA GLN A 2694 104.99 -58.83 -24.79
C GLN A 2694 103.47 -58.86 -24.85
N GLU A 2695 102.87 -58.00 -25.68
CA GLU A 2695 101.42 -57.94 -25.77
C GLU A 2695 100.84 -59.28 -26.18
N LEU A 2696 101.35 -59.84 -27.28
CA LEU A 2696 100.82 -61.08 -27.80
C LEU A 2696 100.99 -62.21 -26.81
N TYR A 2697 102.17 -62.30 -26.18
CA TYR A 2697 102.39 -63.36 -25.20
C TYR A 2697 101.43 -63.23 -24.03
N ARG A 2698 101.27 -62.02 -23.50
CA ARG A 2698 100.37 -61.83 -22.37
C ARG A 2698 98.93 -62.14 -22.73
N ILE A 2699 98.54 -61.92 -23.98
CA ILE A 2699 97.16 -62.16 -24.39
C ILE A 2699 96.96 -63.63 -24.71
N ALA A 2700 98.03 -64.32 -25.10
CA ALA A 2700 97.91 -65.68 -25.61
C ALA A 2700 98.05 -66.73 -24.52
N MET A 2701 98.97 -66.52 -23.59
CA MET A 2701 99.21 -67.55 -22.56
C MET A 2701 97.92 -67.93 -21.82
N PRO A 2702 97.11 -66.99 -21.35
CA PRO A 2702 95.83 -67.38 -20.73
C PRO A 2702 94.94 -68.17 -21.66
N CYS A 2703 94.94 -67.86 -22.95
CA CYS A 2703 94.13 -68.60 -23.90
C CYS A 2703 94.56 -70.06 -23.96
N LEU A 2704 95.88 -70.29 -24.06
CA LEU A 2704 96.38 -71.65 -24.09
C LEU A 2704 96.03 -72.38 -22.79
N CYS A 2705 96.19 -71.72 -21.65
CA CYS A 2705 95.84 -72.36 -20.39
C CYS A 2705 94.37 -72.76 -20.36
N ALA A 2706 93.49 -71.84 -20.79
CA ALA A 2706 92.06 -72.13 -20.75
C ALA A 2706 91.70 -73.28 -21.68
N ILE A 2707 92.24 -73.28 -22.89
CA ILE A 2707 91.92 -74.34 -23.84
C ILE A 2707 92.43 -75.68 -23.33
N ALA A 2708 93.64 -75.69 -22.78
CA ALA A 2708 94.18 -76.94 -22.25
C ALA A 2708 93.34 -77.45 -21.09
N GLY A 2709 92.93 -76.55 -20.19
CA GLY A 2709 92.07 -76.97 -19.10
C GLY A 2709 90.70 -77.43 -19.56
N ALA A 2710 90.23 -76.93 -20.69
CA ALA A 2710 88.95 -77.37 -21.24
C ALA A 2710 89.03 -78.75 -21.87
N LEU A 2711 90.08 -79.02 -22.65
CA LEU A 2711 90.20 -80.31 -23.31
C LEU A 2711 90.31 -81.43 -22.29
N PRO A 2712 89.56 -82.52 -22.44
CA PRO A 2712 89.79 -83.69 -21.59
C PRO A 2712 91.19 -84.22 -21.77
N PRO A 2713 91.85 -84.66 -20.70
CA PRO A 2713 93.24 -85.15 -20.86
C PRO A 2713 93.37 -86.30 -21.82
N ASP A 2714 92.40 -87.22 -21.85
CA ASP A 2714 92.50 -88.45 -22.62
C ASP A 2714 91.70 -88.40 -23.90
N TYR A 2715 91.24 -87.23 -24.32
CA TYR A 2715 90.51 -87.11 -25.57
C TYR A 2715 91.35 -87.63 -26.72
N VAL A 2716 90.77 -88.51 -27.53
CA VAL A 2716 91.43 -89.09 -28.69
C VAL A 2716 90.73 -88.57 -29.93
N ASP A 2717 91.49 -87.96 -30.83
CA ASP A 2717 90.91 -87.36 -32.03
C ASP A 2717 90.54 -88.45 -33.01
N ALA A 2718 89.24 -88.57 -33.31
CA ALA A 2718 88.79 -89.61 -34.22
C ALA A 2718 89.42 -89.45 -35.60
N SER A 2719 89.44 -88.22 -36.13
CA SER A 2719 90.10 -87.93 -37.39
C SER A 2719 91.57 -87.58 -37.19
N TYR A 2720 92.32 -88.44 -36.50
CA TYR A 2720 93.72 -88.15 -36.23
C TYR A 2720 94.55 -88.31 -37.49
N SER A 2721 95.57 -87.46 -37.62
CA SER A 2721 96.48 -87.51 -38.75
C SER A 2721 97.91 -87.30 -38.24
N SER A 2722 98.86 -87.86 -38.99
CA SER A 2722 100.28 -87.70 -38.70
C SER A 2722 100.98 -86.79 -39.68
N LYS A 2723 100.71 -86.95 -40.98
CA LYS A 2723 101.27 -86.04 -41.97
C LYS A 2723 100.80 -84.62 -41.75
N THR A 2724 99.50 -84.45 -41.47
CA THR A 2724 98.92 -83.14 -41.20
C THR A 2724 99.31 -82.13 -42.27
N GLU A 2725 99.09 -82.51 -43.53
CA GLU A 2725 99.42 -81.64 -44.64
C GLU A 2725 98.69 -80.30 -44.52
N LYS A 2726 99.43 -79.22 -44.72
CA LYS A 2726 98.93 -77.86 -44.53
C LYS A 2726 97.98 -77.77 -43.33
N ASN A 2735 90.40 -65.97 -46.06
CA ASN A 2735 91.55 -66.00 -46.95
C ASN A 2735 91.85 -67.43 -47.39
N PHE A 2736 90.90 -68.33 -47.17
CA PHE A 2736 91.09 -69.72 -47.56
C PHE A 2736 91.29 -69.82 -49.07
N ASP A 2737 92.26 -70.62 -49.48
CA ASP A 2737 92.64 -70.76 -50.88
C ASP A 2737 92.63 -72.24 -51.24
N PRO A 2738 91.44 -72.81 -51.48
CA PRO A 2738 91.36 -74.22 -51.88
C PRO A 2738 91.82 -74.45 -53.30
N ARG A 2739 92.97 -75.09 -53.48
CA ARG A 2739 93.52 -75.39 -54.80
C ARG A 2739 93.66 -76.90 -54.96
N PRO A 2740 92.86 -77.54 -55.81
CA PRO A 2740 93.01 -78.98 -56.03
C PRO A 2740 94.26 -79.30 -56.84
N VAL A 2741 94.73 -80.54 -56.69
CA VAL A 2741 95.87 -80.99 -57.47
C VAL A 2741 95.55 -80.86 -58.95
N GLU A 2742 96.57 -80.51 -59.74
CA GLU A 2742 96.36 -80.24 -61.16
C GLU A 2742 96.09 -81.53 -61.92
N THR A 2743 94.80 -81.83 -62.14
CA THR A 2743 94.43 -83.05 -62.83
C THR A 2743 94.91 -83.03 -64.28
N LEU A 2744 94.83 -81.89 -64.93
CA LEU A 2744 95.17 -81.81 -66.35
C LEU A 2744 96.61 -82.22 -66.60
N ASN A 2745 97.49 -81.99 -65.62
CA ASN A 2745 98.91 -82.27 -65.83
C ASN A 2745 99.16 -83.73 -66.13
N VAL A 2746 98.59 -84.63 -65.32
CA VAL A 2746 98.80 -86.06 -65.48
C VAL A 2746 97.88 -86.61 -66.56
N ILE A 2747 98.12 -87.85 -66.96
CA ILE A 2747 97.32 -88.51 -68.01
C ILE A 2747 96.44 -89.57 -67.38
N ILE A 2748 95.56 -90.16 -68.17
CA ILE A 2748 94.62 -91.18 -67.72
C ILE A 2748 94.98 -92.50 -68.39
N PRO A 2749 95.22 -93.58 -67.64
CA PRO A 2749 95.49 -94.87 -68.27
C PRO A 2749 94.27 -95.37 -69.04
N GLU A 2750 94.50 -96.29 -69.99
CA GLU A 2750 93.41 -96.80 -70.81
C GLU A 2750 92.56 -97.81 -70.04
N LYS A 2751 93.20 -98.64 -69.21
CA LYS A 2751 92.43 -99.51 -68.32
C LYS A 2751 91.51 -98.67 -67.43
N LEU A 2752 92.04 -97.56 -66.93
CA LEU A 2752 91.23 -96.70 -66.08
C LEU A 2752 90.22 -95.91 -66.92
N ASP A 2753 90.47 -95.75 -68.21
CA ASP A 2753 89.45 -95.18 -69.09
C ASP A 2753 88.28 -96.13 -69.24
N SER A 2754 88.55 -97.42 -69.37
CA SER A 2754 87.48 -98.42 -69.38
C SER A 2754 86.74 -98.40 -68.05
N PHE A 2755 87.48 -98.36 -66.95
CA PHE A 2755 86.87 -98.20 -65.63
C PHE A 2755 85.98 -96.97 -65.59
N ILE A 2756 86.43 -95.86 -66.16
CA ILE A 2756 85.69 -94.61 -66.11
C ILE A 2756 84.42 -94.71 -66.94
N ASN A 2757 84.48 -95.41 -68.08
CA ASN A 2757 83.28 -95.64 -68.88
C ASN A 2757 82.26 -96.46 -68.08
N LYS A 2758 82.72 -97.52 -67.43
CA LYS A 2758 81.81 -98.33 -66.61
C LYS A 2758 81.21 -97.48 -65.49
N PHE A 2759 82.04 -96.66 -64.84
CA PHE A 2759 81.54 -95.83 -63.74
C PHE A 2759 80.56 -94.80 -64.26
N ALA A 2760 80.75 -94.33 -65.49
CA ALA A 2760 79.83 -93.34 -66.05
C ALA A 2760 78.48 -93.97 -66.34
N GLU A 2761 78.48 -95.18 -66.90
CA GLU A 2761 77.24 -95.94 -67.01
C GLU A 2761 76.57 -96.08 -65.64
N TYR A 2762 77.37 -96.44 -64.65
CA TYR A 2762 76.87 -96.58 -63.28
C TYR A 2762 76.28 -95.27 -62.74
N THR A 2763 76.97 -94.16 -62.99
CA THR A 2763 76.52 -92.87 -62.48
C THR A 2763 75.19 -92.48 -63.11
N HIS A 2764 75.08 -92.65 -64.42
CA HIS A 2764 73.79 -92.42 -65.07
C HIS A 2764 72.72 -93.31 -64.47
N GLU A 2765 73.03 -94.57 -64.20
CA GLU A 2765 72.04 -95.50 -63.69
C GLU A 2765 71.56 -95.08 -62.30
N LYS A 2766 72.48 -94.76 -61.40
CA LYS A 2766 72.06 -94.33 -60.06
C LYS A 2766 71.33 -93.00 -60.10
N TRP A 2767 71.80 -92.05 -60.91
CA TRP A 2767 71.13 -90.75 -60.94
C TRP A 2767 69.72 -90.88 -61.51
N ALA A 2768 69.54 -91.79 -62.47
CA ALA A 2768 68.21 -92.07 -62.97
C ALA A 2768 67.36 -92.81 -61.95
N PHE A 2769 67.98 -93.65 -61.11
CA PHE A 2769 67.23 -94.29 -60.03
C PHE A 2769 66.74 -93.27 -59.02
N ASP A 2770 67.60 -92.29 -58.69
CA ASP A 2770 67.18 -91.20 -57.83
C ASP A 2770 66.07 -90.38 -58.49
N LYS A 2771 66.16 -90.17 -59.80
CA LYS A 2771 65.07 -89.52 -60.50
C LYS A 2771 63.78 -90.33 -60.41
N ILE A 2772 63.88 -91.66 -60.46
CA ILE A 2772 62.71 -92.51 -60.26
C ILE A 2772 62.14 -92.30 -58.86
N GLN A 2773 63.00 -92.29 -57.85
CA GLN A 2773 62.55 -91.98 -56.50
C GLN A 2773 61.86 -90.63 -56.46
N ASN A 2774 62.28 -89.70 -57.32
CA ASN A 2774 61.61 -88.43 -57.50
C ASN A 2774 60.40 -88.53 -58.44
N ASN A 2775 60.14 -89.71 -58.98
CA ASN A 2775 59.00 -89.96 -59.88
C ASN A 2775 59.19 -89.25 -61.22
N TRP A 2776 60.37 -89.40 -61.81
CA TRP A 2776 60.65 -88.83 -63.12
C TRP A 2776 60.13 -89.74 -64.23
N SER A 2777 60.03 -89.18 -65.43
CA SER A 2777 59.54 -89.89 -66.60
C SER A 2777 60.43 -89.60 -67.79
N TYR A 2778 60.40 -90.51 -68.77
CA TYR A 2778 61.20 -90.41 -69.99
C TYR A 2778 60.37 -89.68 -71.04
N GLY A 2779 60.67 -88.40 -71.23
CA GLY A 2779 59.97 -87.57 -72.21
C GLY A 2779 60.98 -86.83 -73.08
N GLU A 2780 60.62 -86.63 -74.35
CA GLU A 2780 61.56 -86.06 -75.31
C GLU A 2780 62.03 -84.67 -74.91
N ASN A 2781 61.28 -83.98 -74.05
CA ASN A 2781 61.66 -82.66 -73.57
C ASN A 2781 62.11 -82.73 -72.11
N ILE A 2782 62.87 -81.72 -71.71
CA ILE A 2782 63.39 -81.60 -70.35
C ILE A 2782 62.58 -80.53 -69.63
N ASP A 2783 61.88 -80.93 -68.57
CA ASP A 2783 61.08 -79.99 -67.79
C ASP A 2783 60.68 -80.66 -66.49
N GLU A 2784 60.95 -80.00 -65.36
CA GLU A 2784 60.59 -80.54 -64.06
C GLU A 2784 59.08 -80.52 -63.86
N GLU A 2785 58.41 -79.43 -64.26
CA GLU A 2785 56.97 -79.34 -64.07
C GLU A 2785 56.25 -80.44 -64.84
N LEU A 2786 56.57 -80.61 -66.13
CA LEU A 2786 56.09 -81.77 -66.87
C LEU A 2786 56.69 -83.07 -66.38
N LYS A 2787 57.78 -83.00 -65.62
CA LYS A 2787 58.45 -84.19 -65.10
C LYS A 2787 58.89 -85.09 -66.26
N THR A 2788 59.34 -84.46 -67.34
CA THR A 2788 59.83 -85.15 -68.53
C THR A 2788 61.33 -84.91 -68.65
N HIS A 2789 62.06 -85.93 -69.08
CA HIS A 2789 63.52 -85.91 -69.06
C HIS A 2789 64.03 -86.77 -70.21
N PRO A 2790 64.63 -86.18 -71.25
CA PRO A 2790 64.92 -86.94 -72.47
C PRO A 2790 66.06 -87.94 -72.35
N MET A 2791 66.86 -87.88 -71.29
CA MET A 2791 68.01 -88.77 -71.16
C MET A 2791 67.70 -90.04 -70.37
N LEU A 2792 66.44 -90.30 -70.05
CA LEU A 2792 66.04 -91.59 -69.49
C LEU A 2792 66.03 -92.65 -70.59
N ARG A 2793 67.20 -92.89 -71.14
CA ARG A 2793 67.42 -93.87 -72.19
C ARG A 2793 68.71 -94.63 -71.90
N PRO A 2794 68.82 -95.88 -72.35
CA PRO A 2794 69.96 -96.71 -71.94
C PRO A 2794 71.28 -96.04 -72.29
N TYR A 2795 72.31 -96.35 -71.49
CA TYR A 2795 73.59 -95.68 -71.68
C TYR A 2795 74.15 -95.92 -73.07
N LYS A 2796 73.71 -97.00 -73.74
CA LYS A 2796 74.09 -97.19 -75.12
C LYS A 2796 73.59 -96.06 -76.00
N THR A 2797 72.34 -95.63 -75.79
CA THR A 2797 71.74 -94.52 -76.51
C THR A 2797 71.95 -93.18 -75.83
N PHE A 2798 72.52 -93.18 -74.62
CA PHE A 2798 72.79 -91.95 -73.91
C PHE A 2798 73.71 -91.06 -74.74
N SER A 2799 73.36 -89.77 -74.84
CA SER A 2799 73.99 -88.91 -75.84
C SER A 2799 75.48 -88.83 -75.62
N GLU A 2800 76.23 -88.75 -76.72
CA GLU A 2800 77.69 -88.73 -76.65
C GLU A 2800 78.19 -87.55 -75.84
N LYS A 2801 77.63 -86.35 -76.09
CA LYS A 2801 77.98 -85.20 -75.28
C LYS A 2801 77.58 -85.42 -73.83
N ASP A 2802 76.40 -85.99 -73.61
CA ASP A 2802 75.97 -86.30 -72.25
C ASP A 2802 76.84 -87.38 -71.64
N LYS A 2803 77.20 -88.40 -72.43
CA LYS A 2803 78.22 -89.35 -72.00
C LYS A 2803 79.49 -88.63 -71.58
N GLU A 2804 79.93 -87.67 -72.39
CA GLU A 2804 81.19 -87.00 -72.12
C GLU A 2804 81.12 -86.22 -70.81
N ILE A 2805 80.01 -85.55 -70.55
CA ILE A 2805 79.90 -84.75 -69.33
C ILE A 2805 79.62 -85.58 -68.09
N TYR A 2806 79.01 -86.76 -68.22
CA TYR A 2806 78.88 -87.69 -67.10
C TYR A 2806 80.12 -88.54 -66.91
N ARG A 2807 81.05 -88.50 -67.84
CA ARG A 2807 82.32 -89.19 -67.72
C ARG A 2807 83.48 -88.29 -67.32
N TRP A 2808 83.39 -86.99 -67.62
CA TRP A 2808 84.45 -86.04 -67.31
C TRP A 2808 84.71 -85.88 -65.82
N PRO A 2809 83.71 -85.77 -64.94
CA PRO A 2809 84.01 -85.62 -63.52
C PRO A 2809 84.94 -86.70 -63.01
N ILE A 2810 84.72 -87.94 -63.45
CA ILE A 2810 85.55 -89.05 -62.99
C ILE A 2810 86.92 -88.99 -63.64
N LYS A 2811 86.99 -88.56 -64.90
CA LYS A 2811 88.29 -88.36 -65.52
C LYS A 2811 89.13 -87.40 -64.67
N GLU A 2812 88.54 -86.26 -64.30
CA GLU A 2812 89.27 -85.28 -63.51
C GLU A 2812 89.61 -85.84 -62.13
N SER A 2813 88.67 -86.54 -61.49
CA SER A 2813 88.92 -87.07 -60.17
C SER A 2813 90.05 -88.10 -60.19
N LEU A 2814 90.05 -88.97 -61.20
CA LEU A 2814 91.05 -90.02 -61.28
C LEU A 2814 92.41 -89.46 -61.65
N LYS A 2815 92.44 -88.42 -62.48
CA LYS A 2815 93.70 -87.75 -62.76
C LYS A 2815 94.22 -87.03 -61.52
N ALA A 2816 93.30 -86.50 -60.70
CA ALA A 2816 93.70 -85.97 -59.40
C ALA A 2816 94.32 -87.06 -58.54
N MET A 2817 93.72 -88.25 -58.55
CA MET A 2817 94.27 -89.36 -57.76
C MET A 2817 95.65 -89.75 -58.27
N ILE A 2818 95.83 -89.77 -59.59
CA ILE A 2818 97.15 -90.08 -60.15
C ILE A 2818 98.16 -89.03 -59.72
N ALA A 2819 97.79 -87.75 -59.78
CA ALA A 2819 98.67 -86.71 -59.26
C ALA A 2819 98.97 -86.91 -57.78
N TRP A 2820 98.00 -87.43 -57.03
CA TRP A 2820 98.20 -87.83 -55.64
C TRP A 2820 99.06 -89.08 -55.51
N GLU A 2821 99.35 -89.75 -56.62
CA GLU A 2821 100.15 -90.97 -56.65
C GLU A 2821 99.40 -92.16 -56.06
N TRP A 2822 98.07 -92.12 -56.05
CA TRP A 2822 97.26 -93.23 -55.58
C TRP A 2822 97.07 -94.26 -56.71
N THR A 2823 98.18 -94.94 -57.03
CA THR A 2823 98.18 -95.92 -58.11
C THR A 2823 97.06 -96.94 -57.91
N VAL A 2824 96.15 -97.00 -58.89
CA VAL A 2824 94.98 -97.85 -58.82
C VAL A 2824 95.05 -98.81 -60.00
N GLU A 2825 94.90 -100.11 -59.71
CA GLU A 2825 95.15 -101.14 -60.71
C GLU A 2825 94.07 -102.20 -60.67
N LYS A 2826 93.93 -102.92 -61.80
CA LYS A 2826 92.91 -103.95 -61.95
C LYS A 2826 93.32 -105.23 -61.21
N ALA A 2827 93.26 -105.20 -59.88
CA ALA A 2827 93.67 -106.35 -59.10
C ALA A 2827 92.67 -107.50 -59.19
N ARG A 2828 91.38 -107.18 -59.07
CA ARG A 2828 90.31 -108.17 -59.01
C ARG A 2828 89.30 -107.90 -60.12
N GLU A 2829 88.44 -108.89 -60.35
CA GLU A 2829 87.43 -108.82 -61.40
C GLU A 2829 86.70 -107.48 -61.36
N GLY A 2830 86.27 -107.02 -62.54
CA GLY A 2830 85.60 -105.74 -62.66
C GLY A 2830 84.18 -105.83 -63.18
N GLU A 2831 83.29 -105.02 -62.61
CA GLU A 2831 81.89 -105.01 -63.00
C GLU A 2831 81.56 -103.73 -63.77
N TYR A 2856 64.13 -95.76 -70.01
CA TYR A 2856 64.45 -97.16 -69.75
C TYR A 2856 64.02 -97.52 -68.33
N ASN A 2857 64.66 -98.55 -67.76
CA ASN A 2857 64.38 -98.97 -66.39
C ASN A 2857 65.57 -98.60 -65.53
N PRO A 2858 65.54 -97.48 -64.79
CA PRO A 2858 66.69 -97.09 -63.96
C PRO A 2858 66.83 -97.98 -62.74
N GLN A 2859 68.05 -98.44 -62.50
CA GLN A 2859 68.39 -99.22 -61.31
C GLN A 2859 69.71 -98.70 -60.74
N PRO A 2860 69.85 -98.64 -59.42
CA PRO A 2860 71.13 -98.28 -58.83
C PRO A 2860 72.01 -99.50 -58.64
N PRO A 2861 73.14 -99.58 -59.34
CA PRO A 2861 74.12 -100.63 -59.01
C PRO A 2861 74.59 -100.47 -57.57
N ASP A 2862 74.62 -101.58 -56.85
CA ASP A 2862 74.91 -101.53 -55.42
C ASP A 2862 76.39 -101.24 -55.19
N LEU A 2863 76.67 -100.17 -54.45
CA LEU A 2863 78.02 -99.81 -54.02
C LEU A 2863 78.21 -99.78 -52.52
N SER A 2864 77.17 -99.47 -51.74
CA SER A 2864 77.34 -99.44 -50.29
C SER A 2864 77.68 -100.83 -49.74
N VAL A 2865 77.49 -101.88 -50.55
CA VAL A 2865 77.80 -103.22 -50.11
C VAL A 2865 79.28 -103.35 -49.77
N VAL A 2866 80.14 -102.79 -50.62
CA VAL A 2866 81.57 -102.80 -50.35
C VAL A 2866 81.91 -101.63 -49.45
N THR A 2867 82.63 -101.91 -48.36
CA THR A 2867 82.94 -100.92 -47.33
C THR A 2867 84.44 -100.66 -47.35
N LEU A 2868 84.81 -99.38 -47.30
CA LEU A 2868 86.22 -99.00 -47.24
C LEU A 2868 86.76 -99.22 -45.83
N SER A 2869 87.83 -99.99 -45.71
CA SER A 2869 88.47 -100.15 -44.42
C SER A 2869 89.15 -98.84 -44.02
N ARG A 2870 89.38 -98.67 -42.71
CA ARG A 2870 89.78 -97.38 -42.16
C ARG A 2870 90.80 -96.64 -43.04
N GLU A 2871 91.80 -97.34 -43.54
CA GLU A 2871 92.82 -96.67 -44.35
C GLU A 2871 92.23 -96.17 -45.66
N LEU A 2872 91.39 -96.97 -46.32
CA LEU A 2872 90.77 -96.50 -47.56
C LEU A 2872 89.73 -95.42 -47.26
N GLN A 2873 89.14 -95.46 -46.07
CA GLN A 2873 88.28 -94.36 -45.64
C GLN A 2873 89.06 -93.07 -45.52
N ALA A 2874 90.27 -93.13 -44.97
CA ALA A 2874 91.12 -91.94 -44.93
C ALA A 2874 91.49 -91.48 -46.33
N MET A 2875 91.75 -92.44 -47.22
CA MET A 2875 92.03 -92.10 -48.61
C MET A 2875 90.85 -91.37 -49.24
N ALA A 2876 89.64 -91.86 -48.96
CA ALA A 2876 88.43 -91.21 -49.49
C ALA A 2876 88.21 -89.86 -48.82
N GLU A 2877 88.63 -89.71 -47.57
CA GLU A 2877 88.58 -88.41 -46.92
C GLU A 2877 89.48 -87.41 -47.64
N GLN A 2878 90.68 -87.84 -48.00
CA GLN A 2878 91.58 -86.98 -48.76
C GLN A 2878 90.99 -86.65 -50.14
N LEU A 2879 90.39 -87.64 -50.78
CA LEU A 2879 89.77 -87.41 -52.09
C LEU A 2879 88.60 -86.42 -51.96
N ALA A 2880 87.81 -86.56 -50.90
CA ALA A 2880 86.72 -85.62 -50.67
C ALA A 2880 87.26 -84.22 -50.35
N GLU A 2881 88.41 -84.15 -49.68
CA GLU A 2881 89.05 -82.86 -49.47
C GLU A 2881 89.45 -82.23 -50.79
N ASN A 2882 89.95 -83.04 -51.72
CA ASN A 2882 90.29 -82.53 -53.06
C ASN A 2882 89.04 -82.05 -53.79
N TYR A 2883 87.96 -82.82 -53.70
CA TYR A 2883 86.70 -82.40 -54.30
C TYR A 2883 86.22 -81.09 -53.69
N HIS A 2884 86.33 -80.96 -52.37
CA HIS A 2884 86.00 -79.71 -51.69
C HIS A 2884 86.91 -78.58 -52.18
N ASN A 2885 88.16 -78.92 -52.51
CA ASN A 2885 89.07 -77.91 -53.03
C ASN A 2885 88.59 -77.38 -54.38
N THR A 2886 88.22 -78.29 -55.28
CA THR A 2886 87.68 -77.85 -56.57
C THR A 2886 86.39 -77.05 -56.38
N TRP A 2887 85.53 -77.53 -55.48
CA TRP A 2887 84.24 -76.90 -55.21
C TRP A 2887 84.42 -75.49 -54.68
N GLY A 2888 85.29 -75.33 -53.68
CA GLY A 2888 85.57 -74.02 -53.15
C GLY A 2888 86.34 -73.14 -54.11
N ARG A 2889 87.07 -73.76 -55.06
CA ARG A 2889 87.69 -72.97 -56.11
C ARG A 2889 86.64 -72.37 -57.03
N LYS A 2890 85.59 -73.14 -57.35
CA LYS A 2890 84.49 -72.59 -58.11
C LYS A 2890 83.81 -71.45 -57.36
N LYS A 2891 83.58 -71.63 -56.06
CA LYS A 2891 83.05 -70.52 -55.28
C LYS A 2891 84.01 -69.33 -55.23
N LYS A 2892 85.32 -69.58 -55.20
CA LYS A 2892 86.26 -68.48 -55.32
C LYS A 2892 86.01 -67.71 -56.61
N GLN A 2893 85.97 -68.43 -57.74
CA GLN A 2893 85.72 -67.79 -59.02
C GLN A 2893 84.47 -66.93 -58.94
N GLU A 2894 83.44 -67.42 -58.26
CA GLU A 2894 82.24 -66.61 -58.04
C GLU A 2894 82.58 -65.36 -57.24
N LEU A 2895 83.48 -65.47 -56.26
CA LEU A 2895 83.86 -64.29 -55.48
C LEU A 2895 84.57 -63.25 -56.34
N GLU A 2896 85.50 -63.68 -57.20
CA GLU A 2896 86.12 -62.70 -58.10
C GLU A 2896 85.10 -62.11 -59.06
N ALA A 2897 84.12 -62.92 -59.48
CA ALA A 2897 83.04 -62.37 -60.31
C ALA A 2897 82.28 -61.28 -59.57
N LYS A 2898 82.00 -61.51 -58.28
CA LYS A 2898 81.32 -60.50 -57.48
C LYS A 2898 82.18 -59.24 -57.33
N GLY A 2899 83.48 -59.43 -57.13
CA GLY A 2899 84.37 -58.30 -56.87
C GLY A 2899 84.57 -58.00 -55.41
N GLY A 2900 84.36 -58.99 -54.53
CA GLY A 2900 84.54 -58.79 -53.10
C GLY A 2900 83.45 -59.47 -52.30
N GLY A 2901 83.85 -60.28 -51.32
CA GLY A 2901 82.88 -60.98 -50.50
C GLY A 2901 83.54 -62.12 -49.76
N SER A 2902 82.72 -63.06 -49.32
CA SER A 2902 83.20 -64.24 -48.59
C SER A 2902 82.16 -65.34 -48.70
N HIS A 2903 82.58 -66.53 -49.11
CA HIS A 2903 81.67 -67.65 -49.23
C HIS A 2903 81.46 -68.29 -47.86
N PRO A 2904 80.21 -68.42 -47.40
CA PRO A 2904 80.01 -68.91 -46.03
C PRO A 2904 80.65 -70.27 -45.75
N LEU A 2905 80.62 -71.18 -46.71
CA LEU A 2905 81.12 -72.53 -46.52
C LEU A 2905 82.53 -72.70 -47.11
N LEU A 2906 83.35 -71.66 -47.08
CA LEU A 2906 84.73 -71.73 -47.54
C LEU A 2906 85.69 -72.17 -46.45
N VAL A 2907 85.20 -72.82 -45.40
CA VAL A 2907 86.03 -73.26 -44.28
C VAL A 2907 86.51 -74.68 -44.60
N PRO A 2908 87.79 -75.00 -44.41
CA PRO A 2908 88.32 -76.27 -44.91
C PRO A 2908 87.53 -77.49 -44.43
N TYR A 2909 87.81 -78.61 -45.09
CA TYR A 2909 87.14 -79.89 -44.84
C TYR A 2909 87.24 -80.32 -43.39
N ASP A 2910 88.45 -80.29 -42.82
CA ASP A 2910 88.62 -80.70 -41.43
C ASP A 2910 87.79 -79.83 -40.50
N THR A 2911 87.76 -78.52 -40.78
CA THR A 2911 86.94 -77.61 -39.99
C THR A 2911 85.46 -77.97 -40.10
N LEU A 2912 85.02 -78.34 -41.31
CA LEU A 2912 83.62 -78.68 -41.51
C LEU A 2912 83.20 -79.83 -40.60
N THR A 2913 81.98 -79.77 -40.10
CA THR A 2913 81.40 -80.89 -39.39
C THR A 2913 80.93 -81.95 -40.38
N ALA A 2914 80.59 -83.13 -39.83
CA ALA A 2914 80.21 -84.26 -40.68
C ALA A 2914 79.05 -83.93 -41.60
N LYS A 2915 78.18 -83.00 -41.22
CA LYS A 2915 76.99 -82.72 -42.02
C LYS A 2915 77.37 -82.25 -43.42
N GLU A 2916 78.22 -81.22 -43.51
CA GLU A 2916 78.63 -80.73 -44.81
C GLU A 2916 79.63 -81.68 -45.46
N LYS A 2917 80.46 -82.34 -44.65
CA LYS A 2917 81.39 -83.33 -45.19
C LYS A 2917 80.64 -84.46 -45.86
N ALA A 2918 79.52 -84.88 -45.26
CA ALA A 2918 78.90 -86.16 -45.62
C ALA A 2918 78.69 -86.34 -47.12
N ARG A 2919 78.21 -85.30 -47.81
CA ARG A 2919 77.90 -85.45 -49.23
C ARG A 2919 79.16 -85.73 -50.05
N ASP A 2920 80.20 -84.91 -49.86
CA ASP A 2920 81.43 -85.10 -50.60
C ASP A 2920 82.13 -86.39 -50.20
N ARG A 2921 82.06 -86.75 -48.92
CA ARG A 2921 82.59 -88.03 -48.47
C ARG A 2921 81.89 -89.17 -49.18
N GLU A 2922 80.56 -89.07 -49.33
CA GLU A 2922 79.81 -90.10 -50.02
C GLU A 2922 80.24 -90.19 -51.49
N LYS A 2923 80.44 -89.04 -52.14
CA LYS A 2923 80.87 -89.05 -53.53
C LYS A 2923 82.21 -89.75 -53.70
N ALA A 2924 83.19 -89.34 -52.87
CA ALA A 2924 84.51 -89.97 -52.94
C ALA A 2924 84.42 -91.46 -52.61
N GLN A 2925 83.60 -91.80 -51.61
CA GLN A 2925 83.42 -93.19 -51.22
C GLN A 2925 82.86 -94.00 -52.37
N GLU A 2926 81.87 -93.47 -53.07
CA GLU A 2926 81.30 -94.19 -54.22
C GLU A 2926 82.36 -94.39 -55.29
N LEU A 2927 83.16 -93.36 -55.57
CA LEU A 2927 84.21 -93.51 -56.58
C LEU A 2927 85.16 -94.64 -56.19
N LEU A 2928 85.62 -94.64 -54.94
CA LEU A 2928 86.59 -95.66 -54.53
C LEU A 2928 85.93 -97.04 -54.44
N LYS A 2929 84.65 -97.09 -54.12
CA LYS A 2929 83.93 -98.36 -54.06
C LYS A 2929 83.85 -98.98 -55.45
N PHE A 2930 83.52 -98.16 -56.46
CA PHE A 2930 83.53 -98.67 -57.83
C PHE A 2930 84.94 -99.07 -58.25
N LEU A 2931 85.96 -98.33 -57.78
CA LEU A 2931 87.33 -98.75 -58.04
C LEU A 2931 87.58 -100.15 -57.50
N GLN A 2932 87.13 -100.41 -56.27
CA GLN A 2932 87.35 -101.73 -55.67
C GLN A 2932 86.61 -102.82 -56.44
N MET A 2933 85.33 -102.59 -56.74
CA MET A 2933 84.61 -103.59 -57.53
C MET A 2933 85.21 -103.74 -58.92
N ASN A 2934 86.02 -102.77 -59.37
CA ASN A 2934 86.79 -102.91 -60.60
C ASN A 2934 88.24 -103.29 -60.33
N GLY A 2935 88.54 -103.79 -59.13
CA GLY A 2935 89.87 -104.24 -58.79
C GLY A 2935 90.83 -103.13 -58.42
N TYR A 2936 90.58 -101.92 -58.92
CA TYR A 2936 91.50 -100.81 -58.71
C TYR A 2936 91.52 -100.41 -57.24
N ALA A 2937 92.73 -100.32 -56.67
CA ALA A 2937 92.94 -100.01 -55.26
C ALA A 2937 93.99 -98.93 -55.11
N VAL A 2938 93.71 -97.95 -54.25
CA VAL A 2938 94.59 -96.80 -54.07
C VAL A 2938 95.88 -97.22 -53.37
N THR A 2939 96.90 -96.37 -53.46
CA THR A 2939 98.21 -96.63 -52.87
C THR A 2939 98.21 -96.08 -51.45
N ARG A 2940 98.16 -96.98 -50.48
CA ARG A 2940 98.24 -96.62 -49.07
C ARG A 2940 99.66 -96.48 -48.57
N GLY A 2941 100.64 -97.02 -49.30
CA GLY A 2941 102.04 -96.93 -48.89
C GLY A 2941 102.27 -97.42 -47.48
N LEU A 2942 102.97 -96.63 -46.68
CA LEU A 2942 103.17 -96.92 -45.26
C LEU A 2942 102.45 -95.91 -44.36
N LYS A 2943 101.77 -94.93 -44.96
CA LYS A 2943 101.13 -93.88 -44.16
C LYS A 2943 100.12 -94.47 -43.19
N ASP A 2944 99.36 -95.49 -43.61
CA ASP A 2944 98.31 -96.01 -42.76
C ASP A 2944 98.86 -96.56 -41.45
N MET A 2945 99.85 -97.44 -41.51
CA MET A 2945 100.31 -98.08 -40.28
C MET A 2945 101.37 -97.25 -39.57
N GLU A 2946 101.85 -96.16 -40.21
CA GLU A 2946 102.64 -95.21 -39.45
C GLU A 2946 101.75 -94.14 -38.81
N LEU A 2947 100.48 -94.09 -39.22
CA LEU A 2947 99.50 -93.30 -38.49
C LEU A 2947 98.84 -94.10 -37.38
N ASP A 2948 98.73 -95.41 -37.55
CA ASP A 2948 97.91 -96.24 -36.66
C ASP A 2948 98.23 -95.98 -35.19
N THR A 2949 99.52 -95.95 -34.83
CA THR A 2949 99.94 -95.74 -33.45
C THR A 2949 99.00 -96.46 -32.49
N SER A 2950 98.27 -95.71 -31.66
CA SER A 2950 97.26 -96.28 -30.80
C SER A 2950 96.56 -95.15 -30.06
N SER A 2951 95.44 -95.50 -29.42
CA SER A 2951 94.70 -94.50 -28.65
C SER A 2951 95.60 -93.80 -27.64
N ILE A 2952 96.51 -94.56 -27.02
CA ILE A 2952 97.39 -93.97 -26.01
C ILE A 2952 98.23 -92.88 -26.64
N GLU A 2953 98.83 -93.15 -27.80
CA GLU A 2953 99.62 -92.14 -28.49
C GLU A 2953 98.76 -91.02 -29.07
N LYS A 2954 97.46 -91.22 -29.22
CA LYS A 2954 96.58 -90.19 -29.74
C LYS A 2954 95.92 -89.35 -28.67
N ARG A 2955 96.03 -89.73 -27.40
CA ARG A 2955 95.46 -88.91 -26.33
C ARG A 2955 96.09 -87.52 -26.34
N PHE A 2956 95.30 -86.51 -26.01
CA PHE A 2956 95.80 -85.14 -26.01
C PHE A 2956 96.96 -84.98 -25.05
N ALA A 2957 96.83 -85.54 -23.84
CA ALA A 2957 97.88 -85.42 -22.85
C ALA A 2957 99.19 -86.00 -23.38
N PHE A 2958 99.10 -87.10 -24.11
CA PHE A 2958 100.32 -87.72 -24.66
C PHE A 2958 101.06 -86.76 -25.57
N GLY A 2959 100.36 -86.17 -26.54
CA GLY A 2959 101.02 -85.24 -27.44
C GLY A 2959 101.53 -84.01 -26.72
N PHE A 2960 100.75 -83.50 -25.77
CA PHE A 2960 101.19 -82.34 -24.99
C PHE A 2960 102.49 -82.63 -24.26
N LEU A 2961 102.58 -83.80 -23.63
CA LEU A 2961 103.78 -84.16 -22.89
C LEU A 2961 104.95 -84.40 -23.83
N GLN A 2962 104.69 -84.98 -25.00
CA GLN A 2962 105.76 -85.15 -25.99
C GLN A 2962 106.35 -83.80 -26.38
N GLN A 2963 105.47 -82.84 -26.67
CA GLN A 2963 105.95 -81.52 -27.04
C GLN A 2963 106.71 -80.86 -25.88
N LEU A 2964 106.21 -81.03 -24.65
CA LEU A 2964 106.92 -80.47 -23.51
C LEU A 2964 108.31 -81.08 -23.37
N LEU A 2965 108.43 -82.38 -23.57
CA LEU A 2965 109.74 -83.02 -23.45
C LEU A 2965 110.69 -82.54 -24.55
N ARG A 2966 110.18 -82.38 -25.77
CA ARG A 2966 111.03 -81.86 -26.83
C ARG A 2966 111.50 -80.45 -26.50
N TRP A 2967 110.60 -79.61 -25.98
CA TRP A 2967 111.02 -78.27 -25.59
C TRP A 2967 111.99 -78.32 -24.42
N MET A 2968 111.89 -79.34 -23.57
CA MET A 2968 112.86 -79.49 -22.49
C MET A 2968 114.24 -79.83 -23.06
N ASP A 2969 114.28 -80.64 -24.11
CA ASP A 2969 115.54 -80.90 -24.80
C ASP A 2969 116.12 -79.62 -25.36
N ILE A 2970 115.28 -78.78 -25.95
CA ILE A 2970 115.74 -77.46 -26.43
C ILE A 2970 116.24 -76.63 -25.27
N SER A 2971 115.59 -76.77 -24.11
CA SER A 2971 115.98 -76.04 -22.91
C SER A 2971 117.39 -76.40 -22.50
N GLN A 2972 117.71 -77.69 -22.56
CA GLN A 2972 119.08 -78.10 -22.25
C GLN A 2972 120.07 -77.32 -23.12
N GLU A 2973 119.80 -77.24 -24.43
CA GLU A 2973 120.74 -76.61 -25.33
C GLU A 2973 120.92 -75.14 -25.02
N PHE A 2974 119.83 -74.37 -24.95
CA PHE A 2974 120.09 -72.94 -24.75
C PHE A 2974 120.47 -72.61 -23.31
N ILE A 2975 120.13 -73.43 -22.32
CA ILE A 2975 120.66 -73.14 -20.99
C ILE A 2975 122.16 -73.41 -20.97
N ALA A 2976 122.62 -74.44 -21.69
CA ALA A 2976 124.05 -74.65 -21.82
C ALA A 2976 124.71 -73.43 -22.46
N HIS A 2977 124.12 -72.92 -23.54
CA HIS A 2977 124.69 -71.76 -24.21
C HIS A 2977 124.73 -70.55 -23.29
N LEU A 2978 123.63 -70.31 -22.56
CA LEU A 2978 123.56 -69.16 -21.67
C LEU A 2978 124.61 -69.26 -20.58
N GLU A 2979 124.79 -70.47 -20.02
CA GLU A 2979 125.83 -70.67 -19.02
C GLU A 2979 127.20 -70.38 -19.61
N ALA A 2980 127.46 -70.88 -20.82
CA ALA A 2980 128.76 -70.66 -21.44
C ALA A 2980 129.04 -69.17 -21.62
N VAL A 2981 128.06 -68.43 -22.13
CA VAL A 2981 128.26 -67.01 -22.39
C VAL A 2981 128.40 -66.24 -21.08
N VAL A 2982 127.61 -66.60 -20.06
CA VAL A 2982 127.69 -65.89 -18.78
C VAL A 2982 129.03 -66.13 -18.12
N SER A 2983 129.58 -67.34 -18.25
CA SER A 2983 130.87 -67.64 -17.63
C SER A 2983 131.95 -66.73 -18.22
N SER A 2984 131.97 -66.58 -19.54
CA SER A 2984 132.96 -65.74 -20.20
C SER A 2984 132.46 -65.39 -21.59
N GLY A 2985 133.11 -64.41 -22.20
CA GLY A 2985 132.78 -64.02 -23.56
C GLY A 2985 131.39 -63.44 -23.69
N ARG A 2986 131.18 -62.23 -23.17
CA ARG A 2986 129.87 -61.59 -23.22
C ARG A 2986 129.31 -61.63 -24.63
N VAL A 2987 128.14 -62.27 -24.78
CA VAL A 2987 127.42 -62.30 -26.04
C VAL A 2987 126.01 -61.80 -25.81
N GLU A 2988 125.66 -60.70 -26.47
CA GLU A 2988 124.31 -60.15 -26.38
C GLU A 2988 123.41 -60.62 -27.52
N LYS A 2989 123.93 -61.40 -28.46
CA LYS A 2989 123.12 -61.89 -29.57
C LYS A 2989 121.98 -62.77 -29.06
N SER A 2990 122.28 -63.68 -28.15
CA SER A 2990 121.28 -64.63 -27.65
C SER A 2990 120.59 -65.29 -28.83
N PRO A 2991 121.28 -66.19 -29.54
CA PRO A 2991 120.70 -66.76 -30.76
C PRO A 2991 119.42 -67.55 -30.51
N HIS A 2992 119.16 -67.88 -29.24
CA HIS A 2992 117.95 -68.58 -28.86
C HIS A 2992 116.99 -67.66 -28.11
N GLU A 2993 117.14 -66.35 -28.26
CA GLU A 2993 116.44 -65.40 -27.41
C GLU A 2993 114.95 -65.70 -27.36
N GLN A 2994 114.33 -65.95 -28.52
CA GLN A 2994 112.90 -66.22 -28.54
C GLN A 2994 112.61 -67.58 -27.91
N GLU A 2995 113.56 -68.51 -27.99
CA GLU A 2995 113.39 -69.79 -27.30
C GLU A 2995 113.34 -69.60 -25.79
N ILE A 2996 114.26 -68.80 -25.25
CA ILE A 2996 114.23 -68.48 -23.82
C ILE A 2996 112.90 -67.84 -23.47
N LYS A 2997 112.48 -66.85 -24.25
CA LYS A 2997 111.28 -66.10 -23.91
C LYS A 2997 110.06 -67.01 -23.93
N PHE A 2998 109.96 -67.87 -24.95
CA PHE A 2998 108.86 -68.84 -24.99
C PHE A 2998 108.89 -69.74 -23.78
N PHE A 2999 110.03 -70.38 -23.52
CA PHE A 2999 110.10 -71.35 -22.43
C PHE A 2999 109.74 -70.72 -21.10
N ALA A 3000 110.11 -69.46 -20.90
CA ALA A 3000 109.91 -68.81 -19.61
C ALA A 3000 108.55 -68.14 -19.48
N LYS A 3001 107.90 -67.77 -20.60
CA LYS A 3001 106.67 -67.00 -20.54
C LYS A 3001 105.43 -67.80 -20.92
N ILE A 3002 105.58 -68.97 -21.54
CA ILE A 3002 104.42 -69.74 -21.98
C ILE A 3002 104.42 -71.11 -21.33
N LEU A 3003 105.48 -71.89 -21.58
CA LEU A 3003 105.48 -73.27 -21.12
C LEU A 3003 105.36 -73.35 -19.60
N LEU A 3004 106.13 -72.54 -18.89
CA LEU A 3004 106.11 -72.64 -17.43
C LEU A 3004 104.74 -72.31 -16.85
N PRO A 3005 104.13 -71.16 -17.14
CA PRO A 3005 102.75 -70.97 -16.66
C PRO A 3005 101.80 -72.03 -17.17
N LEU A 3006 101.99 -72.47 -18.42
CA LEU A 3006 101.15 -73.52 -18.96
C LEU A 3006 101.30 -74.78 -18.12
N ILE A 3007 102.50 -75.37 -18.13
CA ILE A 3007 102.77 -76.55 -17.31
C ILE A 3007 102.13 -76.41 -15.93
N ASN A 3008 102.37 -75.27 -15.28
CA ASN A 3008 101.84 -75.07 -13.94
C ASN A 3008 100.33 -75.25 -13.91
N GLN A 3009 99.61 -74.51 -14.74
CA GLN A 3009 98.14 -74.52 -14.67
C GLN A 3009 97.59 -75.87 -15.12
N TYR A 3010 98.15 -76.44 -16.19
CA TYR A 3010 97.67 -77.71 -16.72
C TYR A 3010 97.80 -78.82 -15.68
N PHE A 3011 98.97 -78.93 -15.04
CA PHE A 3011 99.16 -80.01 -14.09
C PHE A 3011 98.62 -79.67 -12.72
N THR A 3012 98.22 -78.43 -12.47
CA THR A 3012 97.41 -78.14 -11.30
C THR A 3012 95.97 -78.58 -11.50
N ASN A 3013 95.45 -78.45 -12.72
CA ASN A 3013 94.08 -78.87 -13.00
C ASN A 3013 93.98 -80.39 -13.13
N HIS A 3014 94.68 -80.96 -14.11
CA HIS A 3014 94.59 -82.40 -14.37
C HIS A 3014 95.63 -83.13 -13.54
N CYS A 3015 95.48 -83.00 -12.22
CA CYS A 3015 96.36 -83.68 -11.27
C CYS A 3015 95.89 -85.07 -10.91
N LEU A 3016 94.58 -85.26 -10.71
CA LEU A 3016 94.07 -86.57 -10.34
C LEU A 3016 94.15 -87.53 -11.51
N TYR A 3017 94.03 -87.02 -12.74
CA TYR A 3017 94.09 -87.89 -13.91
C TYR A 3017 95.42 -88.62 -13.99
N PHE A 3018 96.51 -87.92 -13.68
CA PHE A 3018 97.84 -88.52 -13.77
C PHE A 3018 98.16 -89.39 -12.55
N LEU A 3019 97.39 -89.29 -11.48
CA LEU A 3019 97.61 -90.10 -10.29
C LEU A 3019 96.65 -91.27 -10.18
N SER A 3020 95.56 -91.28 -10.94
CA SER A 3020 94.60 -92.36 -10.89
C SER A 3020 95.16 -93.62 -11.53
N THR A 3021 94.74 -94.76 -11.01
CA THR A 3021 95.09 -96.07 -11.56
C THR A 3021 93.83 -96.86 -11.87
N PRO A 3022 93.92 -97.87 -12.73
CA PRO A 3022 92.71 -98.62 -13.09
C PRO A 3022 91.98 -99.15 -11.88
N ALA A 3023 92.72 -99.62 -10.88
CA ALA A 3023 92.09 -100.11 -9.66
C ALA A 3023 91.41 -98.98 -8.89
N LYS A 3024 92.07 -97.83 -8.80
CA LYS A 3024 91.63 -96.73 -7.96
C LYS A 3024 91.68 -95.42 -8.77
N VAL A 3025 90.51 -94.91 -9.13
CA VAL A 3025 90.41 -93.70 -9.96
C VAL A 3025 89.99 -92.57 -9.03
N LEU A 3026 90.89 -91.62 -8.82
CA LEU A 3026 90.59 -90.46 -8.00
C LEU A 3026 89.89 -89.35 -8.78
N GLY A 3027 90.20 -89.19 -10.05
CA GLY A 3027 89.61 -88.13 -10.84
C GLY A 3027 88.16 -88.40 -11.15
N SER A 3028 87.52 -87.41 -11.79
CA SER A 3028 86.13 -87.56 -12.17
C SER A 3028 85.96 -88.72 -13.14
N GLY A 3029 86.86 -88.83 -14.11
CA GLY A 3029 86.83 -89.93 -15.05
C GLY A 3029 88.11 -90.03 -15.85
N GLY A 3030 88.57 -91.24 -16.10
CA GLY A 3030 89.78 -91.45 -16.85
C GLY A 3030 91.01 -91.60 -15.98
N HIS A 3031 91.98 -92.39 -16.43
CA HIS A 3031 93.22 -92.61 -15.71
C HIS A 3031 94.37 -92.58 -16.69
N ALA A 3032 95.44 -91.90 -16.32
CA ALA A 3032 96.58 -91.75 -17.22
C ALA A 3032 97.22 -93.10 -17.50
N SER A 3033 97.68 -93.28 -18.74
CA SER A 3033 98.38 -94.50 -19.10
C SER A 3033 99.78 -94.53 -18.49
N ASN A 3034 100.35 -95.73 -18.46
CA ASN A 3034 101.69 -95.89 -17.91
C ASN A 3034 102.69 -95.04 -18.67
N LYS A 3035 102.52 -94.93 -19.99
CA LYS A 3035 103.43 -94.10 -20.77
C LYS A 3035 103.30 -92.64 -20.38
N GLU A 3036 102.08 -92.17 -20.14
CA GLU A 3036 101.90 -90.79 -19.70
C GLU A 3036 102.54 -90.55 -18.33
N LYS A 3037 102.36 -91.50 -17.42
CA LYS A 3037 102.98 -91.36 -16.10
C LYS A 3037 104.50 -91.31 -16.22
N GLU A 3038 105.08 -92.18 -17.06
CA GLU A 3038 106.51 -92.15 -17.28
C GLU A 3038 106.96 -90.82 -17.88
N MET A 3039 106.19 -90.29 -18.82
CA MET A 3039 106.56 -89.02 -19.44
C MET A 3039 106.53 -87.88 -18.45
N ILE A 3040 105.52 -87.83 -17.57
CA ILE A 3040 105.49 -86.76 -16.58
C ILE A 3040 106.64 -86.89 -15.59
N THR A 3041 106.96 -88.13 -15.21
CA THR A 3041 108.11 -88.33 -14.33
C THR A 3041 109.40 -87.84 -14.99
N SER A 3042 109.57 -88.18 -16.28
CA SER A 3042 110.75 -87.73 -16.99
C SER A 3042 110.79 -86.22 -17.11
N LEU A 3043 109.63 -85.59 -17.32
CA LEU A 3043 109.58 -84.13 -17.35
C LEU A 3043 110.05 -83.54 -16.04
N PHE A 3044 109.56 -84.08 -14.92
CA PHE A 3044 109.99 -83.57 -13.62
C PHE A 3044 111.50 -83.71 -13.45
N CYS A 3045 112.02 -84.90 -13.74
CA CYS A 3045 113.46 -85.11 -13.56
C CYS A 3045 114.27 -84.18 -14.45
N LYS A 3046 113.86 -84.01 -15.71
CA LYS A 3046 114.61 -83.16 -16.62
C LYS A 3046 114.58 -81.70 -16.19
N LEU A 3047 113.42 -81.21 -15.74
CA LEU A 3047 113.35 -79.84 -15.27
C LEU A 3047 114.20 -79.62 -14.03
N ALA A 3048 114.17 -80.58 -13.10
CA ALA A 3048 115.01 -80.45 -11.91
C ALA A 3048 116.48 -80.42 -12.29
N ALA A 3049 116.89 -81.30 -13.20
CA ALA A 3049 118.29 -81.29 -13.64
C ALA A 3049 118.63 -79.97 -14.31
N LEU A 3050 117.71 -79.43 -15.10
CA LEU A 3050 117.96 -78.15 -15.75
C LEU A 3050 118.20 -77.07 -14.72
N VAL A 3051 117.38 -77.03 -13.67
CA VAL A 3051 117.50 -75.99 -12.65
C VAL A 3051 118.71 -76.18 -11.74
N ARG A 3052 119.21 -77.40 -11.59
CA ARG A 3052 120.26 -77.68 -10.62
C ARG A 3052 121.40 -76.67 -10.75
N HIS A 3053 121.67 -75.96 -9.65
CA HIS A 3053 122.81 -75.04 -9.56
C HIS A 3053 122.75 -73.95 -10.63
N ARG A 3054 121.55 -73.61 -11.09
CA ARG A 3054 121.40 -72.63 -12.16
C ARG A 3054 120.22 -71.70 -11.92
N VAL A 3055 119.93 -71.41 -10.65
CA VAL A 3055 118.78 -70.56 -10.35
C VAL A 3055 119.01 -69.14 -10.86
N SER A 3056 120.22 -68.62 -10.69
CA SER A 3056 120.50 -67.25 -11.11
C SER A 3056 120.28 -67.08 -12.61
N LEU A 3057 120.71 -68.06 -13.41
CA LEU A 3057 120.53 -67.96 -14.86
C LEU A 3057 119.09 -67.66 -15.21
N PHE A 3058 118.15 -68.39 -14.61
CA PHE A 3058 116.74 -68.10 -14.83
C PHE A 3058 116.35 -66.76 -14.22
N GLY A 3059 116.95 -66.41 -13.08
CA GLY A 3059 116.68 -65.10 -12.51
C GLY A 3059 115.23 -64.95 -12.07
N THR A 3060 114.56 -63.95 -12.63
CA THR A 3060 113.20 -63.62 -12.20
C THR A 3060 112.23 -64.75 -12.46
N ASP A 3061 112.55 -65.68 -13.35
CA ASP A 3061 111.67 -66.82 -13.62
C ASP A 3061 111.92 -68.00 -12.69
N ALA A 3062 112.96 -67.94 -11.87
CA ALA A 3062 113.23 -69.05 -10.94
C ALA A 3062 112.02 -69.38 -10.08
N PRO A 3063 111.29 -68.41 -9.52
CA PRO A 3063 110.08 -68.76 -8.77
C PRO A 3063 109.10 -69.57 -9.60
N ALA A 3064 108.96 -69.20 -10.87
CA ALA A 3064 108.05 -69.93 -11.75
C ALA A 3064 108.54 -71.37 -11.95
N VAL A 3065 109.84 -71.54 -12.17
CA VAL A 3065 110.36 -72.90 -12.36
C VAL A 3065 110.16 -73.73 -11.11
N VAL A 3066 110.40 -73.14 -9.94
CA VAL A 3066 110.22 -73.86 -8.69
C VAL A 3066 108.75 -74.26 -8.51
N ASN A 3067 107.83 -73.35 -8.85
CA ASN A 3067 106.42 -73.68 -8.75
C ASN A 3067 106.06 -74.82 -9.68
N CYS A 3068 106.59 -74.81 -10.91
CA CYS A 3068 106.34 -75.91 -11.82
C CYS A 3068 106.87 -77.23 -11.25
N LEU A 3069 108.05 -77.18 -10.63
CA LEU A 3069 108.60 -78.38 -10.01
C LEU A 3069 107.69 -78.88 -8.91
N HIS A 3070 107.16 -77.97 -8.09
CA HIS A 3070 106.23 -78.38 -7.04
C HIS A 3070 105.01 -79.08 -7.64
N ILE A 3071 104.45 -78.49 -8.70
CA ILE A 3071 103.25 -79.07 -9.30
C ILE A 3071 103.54 -80.46 -9.85
N LEU A 3072 104.65 -80.61 -10.57
CA LEU A 3072 104.99 -81.91 -11.12
C LEU A 3072 105.23 -82.93 -10.01
N ALA A 3073 105.93 -82.52 -8.95
CA ALA A 3073 106.18 -83.43 -7.85
C ALA A 3073 104.87 -83.91 -7.23
N ARG A 3074 103.91 -83.01 -7.07
CA ARG A 3074 102.61 -83.40 -6.54
C ARG A 3074 101.78 -84.17 -7.54
N SER A 3075 102.15 -84.17 -8.82
CA SER A 3075 101.41 -84.93 -9.83
C SER A 3075 102.13 -86.19 -10.28
N LEU A 3076 103.25 -86.55 -9.64
CA LEU A 3076 104.08 -87.67 -10.07
C LEU A 3076 103.57 -88.98 -9.47
N ASP A 3077 103.43 -90.01 -10.30
CA ASP A 3077 103.01 -91.34 -9.86
C ASP A 3077 104.22 -92.27 -9.73
N ALA A 3078 104.95 -92.06 -8.64
CA ALA A 3078 106.21 -92.77 -8.44
C ALA A 3078 105.99 -94.28 -8.30
N ARG A 3079 104.92 -94.69 -7.63
CA ARG A 3079 104.69 -96.12 -7.44
C ARG A 3079 104.68 -96.85 -8.77
N THR A 3080 103.77 -96.45 -9.66
CA THR A 3080 103.66 -97.11 -10.96
C THR A 3080 104.94 -96.96 -11.75
N VAL A 3081 105.50 -95.75 -11.77
CA VAL A 3081 106.69 -95.52 -12.60
C VAL A 3081 107.81 -96.46 -12.19
N MET A 3082 108.01 -96.65 -10.88
CA MET A 3082 109.08 -97.51 -10.40
C MET A 3082 108.74 -98.97 -10.62
N LYS A 3083 107.52 -99.38 -10.31
CA LYS A 3083 107.16 -100.79 -10.40
C LYS A 3083 107.27 -101.30 -11.83
N SER A 3084 106.79 -100.50 -12.79
CA SER A 3084 106.81 -100.90 -14.20
C SER A 3084 107.09 -99.66 -15.03
N GLY A 3085 108.32 -99.50 -15.50
CA GLY A 3085 108.68 -98.38 -16.31
C GLY A 3085 110.03 -98.56 -16.97
N PRO A 3086 110.32 -97.75 -18.00
CA PRO A 3086 111.61 -97.88 -18.68
C PRO A 3086 112.77 -97.64 -17.73
N GLU A 3087 113.85 -98.39 -17.95
CA GLU A 3087 115.05 -98.22 -17.14
C GLU A 3087 115.56 -96.80 -17.23
N ILE A 3088 115.33 -96.13 -18.37
CA ILE A 3088 115.79 -94.75 -18.52
C ILE A 3088 115.08 -93.85 -17.52
N VAL A 3089 113.75 -93.96 -17.45
CA VAL A 3089 112.98 -93.13 -16.52
C VAL A 3089 113.36 -93.46 -15.08
N LYS A 3090 113.48 -94.76 -14.78
CA LYS A 3090 113.84 -95.15 -13.43
C LYS A 3090 115.20 -94.59 -13.03
N ALA A 3091 116.17 -94.68 -13.93
CA ALA A 3091 117.49 -94.13 -13.66
C ALA A 3091 117.43 -92.61 -13.51
N GLY A 3092 116.57 -91.95 -14.27
CA GLY A 3092 116.42 -90.51 -14.13
C GLY A 3092 115.97 -90.14 -12.74
N LEU A 3093 114.94 -90.82 -12.24
CA LEU A 3093 114.44 -90.50 -10.91
C LEU A 3093 115.48 -90.83 -9.84
N ARG A 3094 116.14 -91.97 -9.98
CA ARG A 3094 117.19 -92.33 -9.03
C ARG A 3094 118.30 -91.31 -9.02
N SER A 3095 118.71 -90.82 -10.19
CA SER A 3095 119.73 -89.80 -10.27
C SER A 3095 119.26 -88.51 -9.64
N PHE A 3096 117.98 -88.16 -9.79
CA PHE A 3096 117.47 -86.99 -9.10
C PHE A 3096 117.68 -87.12 -7.59
N PHE A 3097 117.27 -88.25 -7.02
CA PHE A 3097 117.43 -88.41 -5.58
C PHE A 3097 118.89 -88.39 -5.17
N GLU A 3098 119.76 -89.04 -5.95
CA GLU A 3098 121.17 -89.10 -5.60
C GLU A 3098 121.80 -87.71 -5.64
N SER A 3099 121.48 -86.93 -6.66
CA SER A 3099 122.01 -85.57 -6.76
C SER A 3099 121.48 -84.71 -5.62
N ALA A 3100 120.21 -84.89 -5.25
CA ALA A 3100 119.67 -84.14 -4.13
C ALA A 3100 120.44 -84.46 -2.85
N SER A 3101 120.72 -85.74 -2.62
CA SER A 3101 121.48 -86.11 -1.43
C SER A 3101 122.86 -85.47 -1.44
N GLU A 3102 123.54 -85.51 -2.58
CA GLU A 3102 124.86 -84.92 -2.67
C GLU A 3102 124.81 -83.42 -2.37
N ASP A 3103 123.84 -82.72 -2.95
CA ASP A 3103 123.74 -81.28 -2.73
C ASP A 3103 123.45 -80.97 -1.27
N ILE A 3104 122.59 -81.77 -0.64
CA ILE A 3104 122.31 -81.56 0.78
C ILE A 3104 123.56 -81.75 1.61
N GLU A 3105 124.35 -82.79 1.29
CA GLU A 3105 125.58 -83.00 2.03
C GLU A 3105 126.53 -81.82 1.88
N LYS A 3106 126.68 -81.30 0.67
CA LYS A 3106 127.55 -80.15 0.45
C LYS A 3106 127.05 -78.93 1.22
N MET A 3107 125.73 -78.70 1.19
CA MET A 3107 125.19 -77.58 1.94
C MET A 3107 125.47 -77.74 3.43
N VAL A 3108 125.31 -78.96 3.96
CA VAL A 3108 125.51 -79.19 5.38
C VAL A 3108 126.96 -78.91 5.76
N GLU A 3109 127.90 -79.42 4.97
CA GLU A 3109 129.31 -79.21 5.33
C GLU A 3109 129.67 -77.72 5.22
N ASN A 3110 129.16 -77.03 4.19
CA ASN A 3110 129.44 -75.61 4.07
C ASN A 3110 128.89 -74.84 5.27
N LEU A 3111 127.65 -75.13 5.66
CA LEU A 3111 127.09 -74.48 6.84
C LEU A 3111 127.91 -74.76 8.08
N ARG A 3112 128.34 -76.01 8.25
CA ARG A 3112 129.21 -76.34 9.37
C ARG A 3112 130.52 -75.57 9.31
N LEU A 3113 130.95 -75.18 8.10
CA LEU A 3113 132.16 -74.40 7.94
C LEU A 3113 133.36 -75.16 8.49
N LYS A 3124 131.72 -68.35 -4.08
CA LYS A 3124 131.52 -68.91 -5.41
C LYS A 3124 130.57 -70.12 -5.36
N GLY A 3125 131.08 -71.30 -5.73
CA GLY A 3125 130.27 -72.50 -5.63
C GLY A 3125 129.54 -72.61 -4.30
N VAL A 3126 130.14 -72.12 -3.22
CA VAL A 3126 129.47 -72.16 -1.92
C VAL A 3126 128.17 -71.37 -1.97
N GLY A 3127 128.23 -70.13 -2.44
CA GLY A 3127 127.03 -69.32 -2.52
C GLY A 3127 126.02 -69.89 -3.50
N GLN A 3128 126.51 -70.35 -4.66
CA GLN A 3128 125.62 -70.95 -5.65
C GLN A 3128 124.85 -72.12 -5.03
N ASN A 3129 125.57 -73.04 -4.40
CA ASN A 3129 124.95 -74.22 -3.82
C ASN A 3129 123.98 -73.85 -2.71
N LEU A 3130 124.39 -72.91 -1.84
CA LEU A 3130 123.51 -72.53 -0.74
C LEU A 3130 122.21 -71.96 -1.27
N THR A 3131 122.30 -71.03 -2.23
CA THR A 3131 121.08 -70.45 -2.79
C THR A 3131 120.23 -71.51 -3.47
N TYR A 3132 120.86 -72.39 -4.26
CA TYR A 3132 120.10 -73.41 -4.96
C TYR A 3132 119.35 -74.31 -3.98
N THR A 3133 120.05 -74.83 -2.98
CA THR A 3133 119.40 -75.76 -2.06
C THR A 3133 118.34 -75.06 -1.23
N THR A 3134 118.59 -73.82 -0.80
CA THR A 3134 117.63 -73.14 0.06
C THR A 3134 116.46 -72.54 -0.71
N VAL A 3135 116.52 -72.47 -2.04
CA VAL A 3135 115.42 -71.90 -2.81
C VAL A 3135 114.67 -72.93 -3.63
N ALA A 3136 115.33 -73.94 -4.20
CA ALA A 3136 114.65 -74.89 -5.08
C ALA A 3136 114.63 -76.29 -4.48
N LEU A 3137 115.79 -76.82 -4.13
CA LEU A 3137 115.88 -78.21 -3.70
C LEU A 3137 115.03 -78.49 -2.47
N LEU A 3138 115.32 -77.82 -1.36
CA LEU A 3138 114.68 -78.15 -0.10
C LEU A 3138 113.16 -78.07 -0.23
N PRO A 3139 112.61 -76.98 -0.79
CA PRO A 3139 111.16 -76.96 -1.01
C PRO A 3139 110.66 -78.08 -1.91
N VAL A 3140 111.30 -78.29 -3.05
CA VAL A 3140 110.85 -79.31 -3.99
C VAL A 3140 111.01 -80.70 -3.37
N LEU A 3141 112.13 -80.95 -2.71
CA LEU A 3141 112.35 -82.24 -2.10
C LEU A 3141 111.33 -82.49 -0.99
N THR A 3142 111.03 -81.46 -0.20
CA THR A 3142 110.00 -81.59 0.83
C THR A 3142 108.66 -81.92 0.22
N THR A 3143 108.30 -81.23 -0.87
CA THR A 3143 107.02 -81.51 -1.51
C THR A 3143 106.96 -82.94 -2.03
N LEU A 3144 108.05 -83.41 -2.63
CA LEU A 3144 108.08 -84.77 -3.14
C LEU A 3144 107.91 -85.79 -2.01
N PHE A 3145 108.62 -85.58 -0.91
CA PHE A 3145 108.51 -86.51 0.21
C PHE A 3145 107.10 -86.48 0.81
N GLN A 3146 106.52 -85.29 0.91
CA GLN A 3146 105.15 -85.20 1.42
C GLN A 3146 104.18 -85.94 0.50
N HIS A 3147 104.36 -85.79 -0.81
CA HIS A 3147 103.49 -86.49 -1.76
C HIS A 3147 103.61 -88.00 -1.60
N ILE A 3148 104.85 -88.49 -1.50
CA ILE A 3148 105.07 -89.91 -1.33
C ILE A 3148 104.42 -90.40 -0.04
N ALA A 3149 104.61 -89.66 1.05
CA ALA A 3149 104.03 -90.07 2.33
C ALA A 3149 102.51 -90.09 2.27
N GLN A 3150 101.92 -89.07 1.63
CA GLN A 3150 100.46 -89.00 1.57
C GLN A 3150 99.88 -90.16 0.77
N HIS A 3151 100.53 -90.51 -0.35
CA HIS A 3151 100.01 -91.57 -1.21
C HIS A 3151 100.57 -92.94 -0.86
N GLN A 3152 101.32 -93.06 0.23
CA GLN A 3152 101.86 -94.35 0.67
C GLN A 3152 102.67 -95.00 -0.46
N PHE A 3153 103.45 -94.19 -1.14
CA PHE A 3153 104.38 -94.68 -2.15
C PHE A 3153 105.72 -95.08 -1.57
N GLY A 3154 105.94 -94.86 -0.27
CA GLY A 3154 107.24 -95.12 0.30
C GLY A 3154 107.68 -96.56 0.18
N ASP A 3155 106.74 -97.48 0.37
CA ASP A 3155 107.06 -98.90 0.28
C ASP A 3155 107.41 -99.35 -1.13
N ASP A 3156 107.17 -98.51 -2.13
CA ASP A 3156 107.44 -98.84 -3.52
C ASP A 3156 108.51 -97.98 -4.18
N VAL A 3157 108.73 -96.76 -3.69
CA VAL A 3157 109.63 -95.82 -4.34
C VAL A 3157 110.98 -95.82 -3.64
N ILE A 3158 110.97 -95.70 -2.31
CA ILE A 3158 112.20 -95.54 -1.57
C ILE A 3158 112.78 -96.91 -1.27
N LEU A 3159 113.47 -97.47 -2.25
CA LEU A 3159 114.14 -98.76 -2.11
C LEU A 3159 115.50 -98.71 -2.81
N ASP A 3160 116.41 -99.56 -2.34
CA ASP A 3160 117.70 -99.78 -2.99
C ASP A 3160 118.42 -98.44 -3.07
N ASP A 3161 118.82 -97.98 -4.26
CA ASP A 3161 119.62 -96.77 -4.37
C ASP A 3161 118.90 -95.56 -3.81
N VAL A 3162 117.59 -95.47 -4.06
CA VAL A 3162 116.82 -94.36 -3.50
C VAL A 3162 116.86 -94.42 -1.98
N GLN A 3163 116.78 -95.62 -1.42
CA GLN A 3163 116.85 -95.76 0.03
C GLN A 3163 118.20 -95.30 0.56
N VAL A 3164 119.28 -95.65 -0.14
CA VAL A 3164 120.61 -95.20 0.27
C VAL A 3164 120.70 -93.68 0.24
N SER A 3165 120.18 -93.09 -0.84
CA SER A 3165 120.22 -91.63 -0.95
C SER A 3165 119.42 -90.98 0.17
N CYS A 3166 118.28 -91.57 0.53
CA CYS A 3166 117.48 -91.03 1.62
C CYS A 3166 118.19 -91.17 2.96
N TYR A 3167 118.88 -92.29 3.18
CA TYR A 3167 119.75 -92.39 4.35
C TYR A 3167 120.75 -91.25 4.39
N ARG A 3168 121.42 -90.98 3.28
CA ARG A 3168 122.43 -89.93 3.28
C ARG A 3168 121.80 -88.57 3.60
N THR A 3169 120.66 -88.27 2.98
CA THR A 3169 120.00 -86.99 3.23
C THR A 3169 119.59 -86.86 4.69
N LEU A 3170 118.90 -87.89 5.21
CA LEU A 3170 118.46 -87.90 6.60
C LEU A 3170 119.64 -87.70 7.54
N CYS A 3171 120.68 -88.48 7.37
CA CYS A 3171 121.82 -88.46 8.27
C CYS A 3171 122.58 -87.15 8.21
N SER A 3172 122.69 -86.51 7.05
CA SER A 3172 123.32 -85.21 6.96
C SER A 3172 122.48 -84.13 7.63
N ILE A 3173 121.17 -84.09 7.34
CA ILE A 3173 120.32 -83.08 7.95
C ILE A 3173 120.36 -83.20 9.47
N TYR A 3174 120.23 -84.42 9.99
CA TYR A 3174 120.28 -84.58 11.44
C TYR A 3174 121.66 -84.25 11.99
N SER A 3175 122.72 -84.74 11.34
CA SER A 3175 124.06 -84.47 11.82
C SER A 3175 124.36 -82.98 11.89
N LEU A 3176 123.68 -82.17 11.08
CA LEU A 3176 123.83 -80.73 11.17
C LEU A 3176 123.46 -80.18 12.55
N GLY A 3177 122.85 -80.99 13.42
CA GLY A 3177 122.37 -80.46 14.69
C GLY A 3177 123.46 -79.88 15.56
N THR A 3178 124.64 -80.50 15.56
CA THR A 3178 125.69 -80.06 16.48
C THR A 3178 126.10 -78.62 16.23
N THR A 3179 125.95 -78.15 15.00
CA THR A 3179 126.37 -76.80 14.66
C THR A 3179 125.42 -75.77 15.27
N ARG A 3180 125.97 -74.57 15.55
CA ARG A 3180 125.20 -73.49 16.17
C ARG A 3180 125.45 -72.15 15.47
N ASN A 3181 125.64 -72.16 14.16
CA ASN A 3181 125.95 -70.92 13.45
C ASN A 3181 124.67 -70.11 13.22
N PRO A 3182 124.78 -68.79 13.06
CA PRO A 3182 123.58 -68.00 12.74
C PRO A 3182 122.89 -68.43 11.45
N TYR A 3183 123.66 -68.88 10.46
CA TYR A 3183 123.05 -69.37 9.22
C TYR A 3183 122.17 -70.58 9.52
N VAL A 3184 122.66 -71.50 10.34
CA VAL A 3184 121.84 -72.61 10.77
C VAL A 3184 120.62 -72.10 11.53
N GLU A 3185 120.81 -71.08 12.37
CA GLU A 3185 119.68 -70.56 13.13
C GLU A 3185 118.56 -70.11 12.20
N LYS A 3186 118.89 -69.76 10.96
CA LYS A 3186 117.88 -69.36 9.99
C LYS A 3186 117.38 -70.53 9.17
N LEU A 3187 118.22 -71.53 8.90
CA LEU A 3187 117.83 -72.64 8.05
C LEU A 3187 117.16 -73.79 8.80
N ARG A 3188 117.17 -73.78 10.13
CA ARG A 3188 116.62 -74.91 10.88
C ARG A 3188 115.19 -75.25 10.51
N PRO A 3189 114.29 -74.27 10.36
CA PRO A 3189 112.90 -74.61 10.06
C PRO A 3189 112.71 -75.44 8.79
N ALA A 3190 113.34 -75.00 7.70
CA ALA A 3190 113.19 -75.71 6.43
C ALA A 3190 113.77 -77.11 6.52
N LEU A 3191 114.94 -77.25 7.14
CA LEU A 3191 115.54 -78.56 7.31
C LEU A 3191 114.66 -79.46 8.16
N GLY A 3192 114.06 -78.91 9.22
CA GLY A 3192 113.18 -79.71 10.06
C GLY A 3192 111.94 -80.19 9.32
N GLU A 3193 111.34 -79.31 8.51
CA GLU A 3193 110.19 -79.72 7.73
C GLU A 3193 110.57 -80.82 6.74
N CYS A 3194 111.71 -80.65 6.06
CA CYS A 3194 112.15 -81.66 5.11
C CYS A 3194 112.40 -82.98 5.81
N LEU A 3195 113.02 -82.94 6.98
CA LEU A 3195 113.28 -84.17 7.72
C LEU A 3195 111.99 -84.83 8.17
N ALA A 3196 111.01 -84.03 8.60
CA ALA A 3196 109.72 -84.59 9.00
C ALA A 3196 109.07 -85.33 7.85
N ARG A 3197 109.05 -84.70 6.67
CA ARG A 3197 108.46 -85.36 5.51
C ARG A 3197 109.24 -86.61 5.15
N LEU A 3198 110.58 -86.54 5.21
CA LEU A 3198 111.39 -87.71 4.89
C LEU A 3198 111.10 -88.85 5.85
N ALA A 3199 110.95 -88.54 7.14
CA ALA A 3199 110.63 -89.57 8.11
C ALA A 3199 109.26 -90.17 7.85
N ALA A 3200 108.30 -89.32 7.46
CA ALA A 3200 106.98 -89.82 7.12
C ALA A 3200 107.00 -90.72 5.89
N ALA A 3201 107.95 -90.51 4.98
CA ALA A 3201 107.99 -91.26 3.73
C ALA A 3201 108.86 -92.51 3.79
N MET A 3202 109.96 -92.48 4.52
CA MET A 3202 110.94 -93.56 4.48
C MET A 3202 110.33 -94.86 4.97
N PRO A 3203 110.57 -95.98 4.29
CA PRO A 3203 109.92 -97.24 4.66
C PRO A 3203 110.70 -98.10 5.64
N VAL A 3204 111.73 -97.58 6.29
CA VAL A 3204 112.53 -98.35 7.23
C VAL A 3204 112.57 -97.61 8.56
N ALA A 3205 112.43 -98.37 9.65
CA ALA A 3205 112.47 -97.81 10.99
C ALA A 3205 113.92 -97.50 11.32
N PHE A 3206 114.40 -96.36 10.82
CA PHE A 3206 115.81 -96.01 11.00
C PHE A 3206 116.15 -95.74 12.46
N LEU A 3207 115.16 -95.49 13.31
CA LEU A 3207 115.38 -95.33 14.73
C LEU A 3207 115.29 -96.64 15.50
N GLU A 3208 114.99 -97.75 14.82
CA GLU A 3208 114.86 -99.05 15.46
C GLU A 3208 115.64 -100.07 14.64
N PRO A 3209 116.96 -99.89 14.53
CA PRO A 3209 117.76 -100.83 13.73
C PRO A 3209 117.72 -102.25 14.25
N GLU A 3210 117.46 -102.45 15.55
CA GLU A 3210 117.51 -103.79 16.12
C GLU A 3210 116.49 -104.71 15.46
N LEU A 3211 115.28 -104.20 15.20
CA LEU A 3211 114.21 -104.98 14.61
C LEU A 3211 114.16 -104.85 13.09
N ASN A 3212 115.31 -104.61 12.45
CA ASN A 3212 115.31 -104.42 11.01
C ASN A 3212 115.24 -105.74 10.26
N GLU A 3213 115.47 -106.87 10.94
CA GLU A 3213 115.47 -108.15 10.26
C GLU A 3213 114.13 -108.44 9.61
N TYR A 3214 113.04 -107.92 10.17
CA TYR A 3214 111.69 -108.23 9.72
C TYR A 3214 111.17 -107.21 8.71
N ASN A 3215 112.00 -106.26 8.28
CA ASN A 3215 111.58 -105.25 7.32
C ASN A 3215 111.82 -105.77 5.90
N ALA A 3216 110.75 -105.92 5.14
CA ALA A 3216 110.83 -106.41 3.77
C ALA A 3216 111.20 -105.32 2.78
N CYS A 3217 111.24 -104.06 3.21
CA CYS A 3217 111.61 -102.96 2.35
C CYS A 3217 113.05 -102.50 2.56
N SER A 3218 113.70 -102.94 3.62
CA SER A 3218 115.07 -102.53 3.86
C SER A 3218 115.99 -103.07 2.78
N VAL A 3219 116.98 -102.24 2.39
CA VAL A 3219 117.95 -102.68 1.41
C VAL A 3219 118.70 -103.91 1.90
N TYR A 3220 118.92 -103.99 3.21
CA TYR A 3220 119.64 -105.13 3.77
C TYR A 3220 118.89 -106.44 3.59
N THR A 3221 117.60 -106.38 3.26
CA THR A 3221 116.81 -107.56 2.93
C THR A 3221 116.60 -107.71 1.43
N THR A 3222 116.28 -106.63 0.73
CA THR A 3222 116.04 -106.72 -0.71
C THR A 3222 117.31 -107.16 -1.44
N LYS A 3223 118.45 -106.58 -1.07
CA LYS A 3223 119.73 -106.95 -1.67
C LYS A 3223 120.35 -108.13 -0.93
N SER A 3224 121.29 -108.79 -1.60
CA SER A 3224 121.98 -109.94 -1.05
C SER A 3224 123.30 -109.52 -0.41
N PRO A 3225 123.80 -110.31 0.55
CA PRO A 3225 125.11 -109.96 1.12
C PRO A 3225 126.22 -109.91 0.10
N ARG A 3226 126.17 -110.76 -0.94
CA ARG A 3226 127.12 -110.63 -2.03
C ARG A 3226 127.05 -109.24 -2.63
N GLU A 3227 125.85 -108.78 -2.97
CA GLU A 3227 125.63 -107.38 -3.30
C GLU A 3227 125.72 -106.57 -2.02
N ARG A 3228 125.50 -105.25 -2.11
CA ARG A 3228 125.56 -104.37 -0.96
C ARG A 3228 127.01 -104.17 -0.53
N ALA A 3229 127.93 -104.93 -1.14
CA ALA A 3229 129.35 -104.66 -0.97
C ALA A 3229 129.96 -104.12 -2.25
N ILE A 3230 129.38 -104.47 -3.40
CA ILE A 3230 129.71 -103.79 -4.63
C ILE A 3230 129.35 -102.32 -4.53
N LEU A 3231 128.40 -101.98 -3.66
CA LEU A 3231 128.17 -100.61 -3.25
C LEU A 3231 128.93 -100.37 -1.94
N GLY A 3232 128.85 -99.15 -1.42
CA GLY A 3232 129.53 -98.80 -0.19
C GLY A 3232 128.75 -99.09 1.07
N LEU A 3233 127.67 -99.86 0.97
CA LEU A 3233 126.83 -100.11 2.13
C LEU A 3233 127.63 -100.84 3.21
N PRO A 3234 127.52 -100.45 4.47
CA PRO A 3234 128.24 -101.16 5.53
C PRO A 3234 127.61 -102.52 5.81
N ASN A 3235 128.36 -103.34 6.56
CA ASN A 3235 127.92 -104.70 6.83
C ASN A 3235 126.64 -104.71 7.65
N SER A 3236 126.53 -103.83 8.65
CA SER A 3236 125.42 -103.82 9.57
C SER A 3236 124.57 -102.58 9.36
N VAL A 3237 123.25 -102.75 9.50
CA VAL A 3237 122.33 -101.63 9.32
C VAL A 3237 122.64 -100.54 10.34
N GLU A 3238 123.00 -100.93 11.56
CA GLU A 3238 123.36 -99.95 12.58
C GLU A 3238 124.46 -99.02 12.08
N GLU A 3239 125.35 -99.54 11.24
CA GLU A 3239 126.51 -98.79 10.78
C GLU A 3239 126.21 -97.87 9.63
N MET A 3240 124.96 -97.79 9.15
CA MET A 3240 124.65 -96.84 8.10
C MET A 3240 125.12 -95.45 8.49
N CYS A 3241 124.70 -94.99 9.67
CA CYS A 3241 125.41 -93.92 10.36
C CYS A 3241 124.90 -93.86 11.80
N PRO A 3242 125.77 -93.89 12.80
CA PRO A 3242 125.32 -93.94 14.20
C PRO A 3242 125.03 -92.59 14.84
N ASP A 3243 125.07 -91.48 14.08
CA ASP A 3243 124.86 -90.18 14.69
C ASP A 3243 123.45 -90.07 15.28
N ILE A 3244 122.45 -90.57 14.59
CA ILE A 3244 121.08 -90.51 15.09
C ILE A 3244 120.94 -91.52 16.23
N PRO A 3245 120.49 -91.12 17.41
CA PRO A 3245 120.27 -92.09 18.48
C PRO A 3245 119.06 -92.98 18.19
N VAL A 3246 119.03 -94.12 18.89
CA VAL A 3246 117.89 -95.02 18.76
C VAL A 3246 116.65 -94.38 19.41
N LEU A 3247 115.50 -94.99 19.14
CA LEU A 3247 114.24 -94.40 19.56
C LEU A 3247 114.17 -94.25 21.08
N GLU A 3248 114.60 -95.29 21.81
CA GLU A 3248 114.51 -95.24 23.26
C GLU A 3248 115.35 -94.10 23.83
N ARG A 3249 116.61 -94.00 23.38
CA ARG A 3249 117.48 -92.94 23.87
C ARG A 3249 116.94 -91.57 23.49
N LEU A 3250 116.43 -91.43 22.27
CA LEU A 3250 115.93 -90.14 21.83
C LEU A 3250 114.73 -89.71 22.66
N MET A 3251 113.81 -90.64 22.91
CA MET A 3251 112.66 -90.35 23.75
C MET A 3251 113.09 -89.99 25.17
N ALA A 3252 114.06 -90.72 25.70
CA ALA A 3252 114.54 -90.44 27.04
C ALA A 3252 115.14 -89.04 27.11
N GLU A 3253 115.92 -88.65 26.11
CA GLU A 3253 116.52 -87.32 26.11
C GLU A 3253 115.45 -86.24 26.03
N ILE A 3254 114.44 -86.43 25.17
CA ILE A 3254 113.38 -85.43 25.07
C ILE A 3254 112.65 -85.31 26.40
N GLY A 3255 112.33 -86.44 27.02
CA GLY A 3255 111.66 -86.39 28.31
C GLY A 3255 112.51 -85.70 29.36
N GLY A 3256 113.82 -85.98 29.36
CA GLY A 3256 114.70 -85.34 30.31
C GLY A 3256 114.72 -83.84 30.14
N LEU A 3257 114.82 -83.38 28.89
CA LEU A 3257 114.79 -81.95 28.65
C LEU A 3257 113.48 -81.33 29.13
N ALA A 3258 112.35 -81.97 28.78
CA ALA A 3258 111.06 -81.41 29.14
C ALA A 3258 110.91 -81.32 30.65
N GLU A 3259 111.32 -82.36 31.37
CA GLU A 3259 111.22 -82.34 32.82
C GLU A 3259 112.17 -81.31 33.42
N SER A 3260 113.40 -81.21 32.90
CA SER A 3260 114.34 -80.22 33.38
C SER A 3260 113.89 -78.80 33.08
N GLY A 3261 112.92 -78.62 32.19
CA GLY A 3261 112.38 -77.30 31.95
C GLY A 3261 113.34 -76.35 31.30
N ALA A 3262 114.04 -76.81 30.27
CA ALA A 3262 114.92 -75.97 29.50
C ALA A 3262 114.13 -75.03 28.61
N ARG A 3263 114.80 -73.98 28.15
CA ARG A 3263 114.19 -73.01 27.25
C ARG A 3263 114.57 -73.31 25.81
N TYR A 3264 113.92 -72.62 24.88
CA TYR A 3264 114.15 -72.87 23.46
C TYR A 3264 115.62 -72.71 23.11
N THR A 3265 116.31 -71.81 23.81
CA THR A 3265 117.71 -71.55 23.49
C THR A 3265 118.58 -72.77 23.76
N GLU A 3266 118.28 -73.52 24.81
CA GLU A 3266 119.16 -74.61 25.21
C GLU A 3266 119.07 -75.79 24.25
N MET A 3267 117.94 -75.98 23.58
CA MET A 3267 117.73 -77.12 22.69
C MET A 3267 117.09 -76.65 21.39
N PRO A 3268 117.78 -75.83 20.61
CA PRO A 3268 117.23 -75.40 19.32
C PRO A 3268 117.03 -76.58 18.38
N HIS A 3269 117.97 -77.53 18.40
CA HIS A 3269 117.90 -78.66 17.49
C HIS A 3269 116.71 -79.55 17.81
N VAL A 3270 116.50 -79.84 19.09
CA VAL A 3270 115.42 -80.75 19.48
C VAL A 3270 114.08 -80.18 19.07
N ILE A 3271 113.87 -78.88 19.30
CA ILE A 3271 112.56 -78.28 19.05
C ILE A 3271 112.32 -78.08 17.57
N GLU A 3272 113.38 -77.96 16.77
CA GLU A 3272 113.23 -77.61 15.36
C GLU A 3272 113.32 -78.79 14.42
N ILE A 3273 114.08 -79.83 14.77
CA ILE A 3273 114.34 -80.92 13.84
C ILE A 3273 113.95 -82.26 14.46
N THR A 3274 114.49 -82.57 15.64
CA THR A 3274 114.22 -83.87 16.25
C THR A 3274 112.74 -84.07 16.49
N LEU A 3275 112.10 -83.12 17.16
CA LEU A 3275 110.67 -83.30 17.48
C LEU A 3275 109.81 -83.40 16.23
N PRO A 3276 109.94 -82.54 15.24
CA PRO A 3276 109.17 -82.74 14.00
C PRO A 3276 109.44 -84.07 13.33
N MET A 3277 110.67 -84.60 13.45
CA MET A 3277 110.96 -85.90 12.87
C MET A 3277 110.17 -86.99 13.59
N LEU A 3278 110.12 -86.93 14.92
CA LEU A 3278 109.38 -87.94 15.66
C LEU A 3278 107.87 -87.82 15.44
N CYS A 3279 107.35 -86.59 15.39
CA CYS A 3279 105.92 -86.39 15.18
C CYS A 3279 105.44 -86.97 13.85
N SER A 3280 106.34 -87.37 12.98
CA SER A 3280 106.00 -88.06 11.74
C SER A 3280 106.44 -89.51 11.75
N TYR A 3281 107.54 -89.82 12.41
CA TYR A 3281 108.00 -91.21 12.50
C TYR A 3281 107.05 -92.06 13.32
N LEU A 3282 106.64 -91.56 14.49
CA LEU A 3282 105.80 -92.37 15.38
C LEU A 3282 104.43 -92.66 14.77
N PRO A 3283 103.68 -91.70 14.26
CA PRO A 3283 102.39 -92.04 13.65
C PRO A 3283 102.49 -93.06 12.53
N ARG A 3284 103.55 -92.96 11.72
CA ARG A 3284 103.68 -93.86 10.58
C ARG A 3284 103.94 -95.29 11.03
N TRP A 3285 104.88 -95.47 11.94
CA TRP A 3285 105.28 -96.82 12.35
C TRP A 3285 104.34 -97.41 13.40
N TRP A 3286 103.51 -96.60 14.05
CA TRP A 3286 102.48 -97.16 14.91
C TRP A 3286 101.52 -98.02 14.10
N GLU A 3287 101.12 -97.55 12.92
CA GLU A 3287 100.18 -98.30 12.10
C GLU A 3287 100.75 -99.67 11.74
N ARG A 3288 102.06 -99.75 11.57
CA ARG A 3288 102.71 -100.96 11.05
C ARG A 3288 103.40 -101.77 12.14
N GLY A 3289 103.33 -101.31 13.39
CA GLY A 3289 103.90 -102.03 14.50
C GLY A 3289 102.83 -102.78 15.27
N PRO A 3290 103.19 -103.28 16.45
CA PRO A 3290 102.17 -103.96 17.28
C PRO A 3290 101.10 -102.97 17.72
N GLU A 3291 100.07 -103.47 18.39
CA GLU A 3291 98.98 -102.61 18.84
C GLU A 3291 98.39 -101.83 17.67
N ALA A 3292 98.21 -102.52 16.55
CA ALA A 3292 97.68 -101.93 15.34
C ALA A 3292 96.53 -102.77 14.81
N PRO A 3293 95.63 -102.19 14.02
CA PRO A 3293 94.64 -102.99 13.33
C PRO A 3293 95.27 -104.25 12.78
N PRO A 3294 94.82 -105.43 13.21
CA PRO A 3294 95.39 -106.69 12.72
C PRO A 3294 94.59 -107.29 11.57
N PRO A 3295 94.68 -106.76 10.35
CA PRO A 3295 94.10 -107.49 9.22
C PRO A 3295 94.96 -108.63 8.70
N ALA A 3296 96.27 -108.60 8.96
CA ALA A 3296 97.19 -109.61 8.45
C ALA A 3296 97.41 -110.75 9.43
N LEU A 3297 96.84 -110.68 10.63
CA LEU A 3297 97.03 -111.76 11.61
C LEU A 3297 96.55 -113.11 11.10
N PRO A 3298 95.46 -113.22 10.33
CA PRO A 3298 95.04 -114.55 9.84
C PRO A 3298 96.18 -115.33 9.23
N ALA A 3299 97.03 -114.65 8.47
CA ALA A 3299 98.24 -115.27 7.94
C ALA A 3299 99.33 -115.29 9.00
N GLY A 3300 100.40 -116.04 8.72
CA GLY A 3300 101.53 -116.08 9.62
C GLY A 3300 102.33 -114.80 9.55
N ALA A 3301 101.74 -113.70 10.02
CA ALA A 3301 102.35 -112.40 9.89
C ALA A 3301 103.73 -112.38 10.53
N PRO A 3302 104.77 -111.91 9.84
CA PRO A 3302 106.09 -111.88 10.46
C PRO A 3302 106.10 -110.88 11.60
N PRO A 3303 107.07 -110.98 12.49
CA PRO A 3303 107.13 -110.07 13.63
C PRO A 3303 107.16 -108.63 13.15
N PRO A 3304 106.47 -107.72 13.84
CA PRO A 3304 106.51 -106.31 13.43
C PRO A 3304 107.94 -105.79 13.48
N CYS A 3305 108.28 -104.97 12.48
CA CYS A 3305 109.63 -104.45 12.37
C CYS A 3305 109.89 -103.31 13.35
N THR A 3306 108.88 -102.84 14.07
CA THR A 3306 109.02 -101.74 15.01
C THR A 3306 108.38 -102.11 16.34
N ALA A 3307 108.54 -101.22 17.32
CA ALA A 3307 107.98 -101.41 18.64
C ALA A 3307 107.14 -100.22 19.09
N VAL A 3308 106.74 -99.35 18.17
CA VAL A 3308 105.98 -98.16 18.54
C VAL A 3308 104.60 -98.58 19.05
N THR A 3309 104.22 -98.04 20.20
CA THR A 3309 102.91 -98.28 20.80
C THR A 3309 102.29 -96.95 21.16
N SER A 3310 101.03 -97.00 21.60
CA SER A 3310 100.36 -95.78 22.02
C SER A 3310 101.11 -95.09 23.15
N ASP A 3311 101.89 -95.84 23.91
CA ASP A 3311 102.64 -95.25 25.01
C ASP A 3311 103.65 -94.23 24.50
N HIS A 3312 104.34 -94.56 23.41
CA HIS A 3312 105.30 -93.63 22.84
C HIS A 3312 104.64 -92.33 22.42
N LEU A 3313 103.50 -92.43 21.72
CA LEU A 3313 102.80 -91.24 21.27
C LEU A 3313 102.29 -90.42 22.45
N ASN A 3314 101.74 -91.07 23.48
CA ASN A 3314 101.26 -90.35 24.64
C ASN A 3314 102.41 -89.62 25.34
N SER A 3315 103.55 -90.30 25.50
CA SER A 3315 104.70 -89.67 26.13
C SER A 3315 105.20 -88.48 25.32
N LEU A 3316 105.25 -88.63 24.00
CA LEU A 3316 105.72 -87.53 23.16
C LEU A 3316 104.80 -86.33 23.27
N LEU A 3317 103.49 -86.56 23.24
CA LEU A 3317 102.55 -85.44 23.35
C LEU A 3317 102.67 -84.77 24.71
N GLY A 3318 102.80 -85.56 25.77
CA GLY A 3318 102.99 -84.97 27.08
C GLY A 3318 104.24 -84.13 27.15
N ASN A 3319 105.34 -84.64 26.56
CA ASN A 3319 106.59 -83.89 26.57
C ASN A 3319 106.47 -82.60 25.78
N ILE A 3320 105.78 -82.64 24.64
CA ILE A 3320 105.62 -81.43 23.84
C ILE A 3320 104.82 -80.40 24.61
N LEU A 3321 103.74 -80.82 25.27
CA LEU A 3321 102.96 -79.89 26.08
C LEU A 3321 103.82 -79.31 27.20
N ARG A 3322 104.63 -80.16 27.85
CA ARG A 3322 105.47 -79.68 28.93
C ARG A 3322 106.48 -78.66 28.42
N ILE A 3323 107.05 -78.90 27.24
CA ILE A 3323 108.02 -77.97 26.66
C ILE A 3323 107.36 -76.63 26.36
N ILE A 3324 106.18 -76.67 25.75
CA ILE A 3324 105.48 -75.42 25.47
C ILE A 3324 105.18 -74.67 26.75
N VAL A 3325 104.77 -75.40 27.79
CA VAL A 3325 104.52 -74.75 29.08
C VAL A 3325 105.79 -74.10 29.60
N ASN A 3326 106.92 -74.81 29.51
CA ASN A 3326 108.18 -74.26 29.98
C ASN A 3326 108.54 -72.98 29.25
N ASN A 3327 108.39 -72.95 27.93
CA ASN A 3327 108.70 -71.78 27.13
C ASN A 3327 107.52 -70.82 27.08
N LEU A 3328 106.51 -71.04 27.92
CA LEU A 3328 105.33 -70.18 27.95
C LEU A 3328 105.70 -68.80 28.47
N GLY A 3329 105.24 -67.77 27.77
CA GLY A 3329 105.39 -66.39 28.19
C GLY A 3329 106.57 -65.67 27.57
N ILE A 3330 107.49 -66.39 26.94
CA ILE A 3330 108.67 -65.78 26.34
C ILE A 3330 108.25 -64.73 25.33
N ASP A 3331 109.05 -63.67 25.20
CA ASP A 3331 108.71 -62.57 24.29
C ASP A 3331 108.70 -63.06 22.84
N GLU A 3332 109.72 -63.83 22.46
CA GLU A 3332 109.87 -64.29 21.07
C GLU A 3332 109.90 -65.81 21.06
N ALA A 3333 108.84 -66.43 20.56
CA ALA A 3333 108.75 -67.88 20.47
C ALA A 3333 108.12 -68.31 19.15
N SER A 3334 108.60 -67.75 18.04
CA SER A 3334 108.03 -68.04 16.73
C SER A 3334 107.98 -69.54 16.41
N TRP A 3335 108.67 -70.38 17.19
CA TRP A 3335 108.71 -71.80 16.88
C TRP A 3335 107.47 -72.54 17.37
N MET A 3336 106.70 -71.92 18.28
CA MET A 3336 105.53 -72.62 18.82
C MET A 3336 104.51 -72.92 17.74
N LYS A 3337 104.29 -71.98 16.82
CA LYS A 3337 103.28 -72.22 15.80
C LYS A 3337 103.65 -73.42 14.93
N ARG A 3338 104.93 -73.55 14.57
CA ARG A 3338 105.35 -74.71 13.80
C ARG A 3338 105.26 -75.99 14.61
N LEU A 3339 105.66 -75.93 15.89
CA LEU A 3339 105.64 -77.14 16.71
C LEU A 3339 104.22 -77.66 16.90
N ALA A 3340 103.26 -76.77 17.10
CA ALA A 3340 101.87 -77.19 17.28
C ALA A 3340 101.37 -77.90 16.03
N VAL A 3341 101.66 -77.33 14.86
CA VAL A 3341 101.21 -77.95 13.61
C VAL A 3341 101.87 -79.31 13.44
N PHE A 3342 103.15 -79.42 13.79
CA PHE A 3342 103.83 -80.70 13.65
C PHE A 3342 103.30 -81.73 14.63
N ALA A 3343 102.84 -81.29 15.80
CA ALA A 3343 102.37 -82.22 16.82
C ALA A 3343 100.89 -82.54 16.72
N GLN A 3344 100.16 -81.83 15.86
CA GLN A 3344 98.73 -82.16 15.67
C GLN A 3344 98.48 -83.59 15.25
N PRO A 3345 99.18 -84.16 14.26
CA PRO A 3345 98.83 -85.51 13.80
C PRO A 3345 98.92 -86.58 14.87
N ILE A 3346 99.76 -86.36 15.89
CA ILE A 3346 99.99 -87.37 16.91
C ILE A 3346 98.96 -87.33 18.03
N VAL A 3347 98.06 -86.34 18.04
CA VAL A 3347 97.12 -86.21 19.15
C VAL A 3347 96.07 -87.31 19.12
N SER A 3348 95.72 -87.82 17.95
CA SER A 3348 94.59 -88.74 17.85
C SER A 3348 94.74 -89.93 18.77
N ARG A 3349 95.97 -90.36 19.05
CA ARG A 3349 96.21 -91.51 19.89
C ARG A 3349 96.52 -91.13 21.33
N ALA A 3350 96.16 -89.92 21.75
CA ALA A 3350 96.36 -89.52 23.13
C ALA A 3350 95.52 -90.37 24.07
N ARG A 3351 96.00 -90.50 25.30
CA ARG A 3351 95.37 -91.39 26.27
C ARG A 3351 94.56 -90.57 27.27
N PRO A 3352 93.45 -91.08 27.81
CA PRO A 3352 92.57 -90.24 28.63
C PRO A 3352 93.24 -89.54 29.80
N GLU A 3353 94.21 -90.19 30.47
CA GLU A 3353 94.86 -89.54 31.61
C GLU A 3353 95.59 -88.26 31.20
N LEU A 3354 95.86 -88.08 29.91
CA LEU A 3354 96.54 -86.88 29.46
C LEU A 3354 95.78 -85.63 29.91
N LEU A 3355 94.44 -85.68 29.90
CA LEU A 3355 93.66 -84.53 30.30
C LEU A 3355 94.15 -83.98 31.63
N ARG A 3356 93.96 -84.74 32.70
CA ARG A 3356 94.32 -84.27 34.02
C ARG A 3356 95.84 -84.12 34.17
N SER A 3357 96.62 -84.97 33.52
CA SER A 3357 98.06 -84.90 33.69
C SER A 3357 98.62 -83.57 33.17
N HIS A 3358 98.25 -83.18 31.96
CA HIS A 3358 98.89 -82.05 31.30
C HIS A 3358 97.91 -80.93 30.93
N PHE A 3359 96.76 -81.25 30.34
CA PHE A 3359 95.96 -80.21 29.74
C PHE A 3359 95.35 -79.28 30.79
N ILE A 3360 94.87 -79.86 31.89
CA ILE A 3360 94.19 -79.06 32.91
C ILE A 3360 95.17 -78.05 33.52
N PRO A 3361 96.34 -78.47 34.01
CA PRO A 3361 97.27 -77.46 34.55
C PRO A 3361 97.69 -76.41 33.55
N THR A 3362 97.91 -76.81 32.29
CA THR A 3362 98.37 -75.86 31.28
C THR A 3362 97.32 -74.78 31.04
N ILE A 3363 96.08 -75.19 30.77
CA ILE A 3363 95.03 -74.22 30.53
C ILE A 3363 94.74 -73.42 31.79
N GLY A 3364 94.95 -74.02 32.96
CA GLY A 3364 94.80 -73.25 34.19
C GLY A 3364 95.80 -72.13 34.29
N ARG A 3365 97.07 -72.41 34.00
CA ARG A 3365 98.07 -71.36 33.96
C ARG A 3365 97.71 -70.29 32.94
N LEU A 3366 97.25 -70.73 31.77
CA LEU A 3366 96.92 -69.77 30.72
C LEU A 3366 95.76 -68.88 31.13
N ARG A 3367 94.75 -69.46 31.79
CA ARG A 3367 93.64 -68.66 32.30
C ARG A 3367 94.13 -67.67 33.34
N LYS A 3368 95.03 -68.10 34.22
CA LYS A 3368 95.56 -67.20 35.24
C LYS A 3368 96.24 -66.01 34.59
N ARG A 3369 97.05 -66.26 33.56
CA ARG A 3369 97.73 -65.18 32.88
C ARG A 3369 96.72 -64.24 32.22
N ALA A 3370 95.70 -64.81 31.59
CA ALA A 3370 94.67 -63.99 30.95
C ALA A 3370 93.99 -63.10 31.99
N GLY A 3371 93.68 -63.66 33.16
CA GLY A 3371 93.05 -62.88 34.21
C GLY A 3371 93.94 -61.75 34.68
N LYS A 3372 95.23 -62.02 34.86
CA LYS A 3372 96.16 -60.97 35.28
C LYS A 3372 96.20 -59.83 34.27
N VAL A 3373 96.30 -60.17 32.98
CA VAL A 3373 96.36 -59.12 31.97
C VAL A 3373 95.06 -58.35 31.92
N VAL A 3374 93.94 -59.03 32.14
CA VAL A 3374 92.65 -58.33 32.16
C VAL A 3374 92.60 -57.37 33.34
N ALA A 3375 93.11 -57.79 34.49
CA ALA A 3375 93.15 -56.89 35.64
C ALA A 3375 94.01 -55.66 35.35
N GLU A 3376 95.14 -55.87 34.67
CA GLU A 3376 95.97 -54.73 34.27
C GLU A 3376 95.19 -53.80 33.34
N GLU A 3377 94.44 -54.38 32.40
CA GLU A 3377 93.59 -53.58 31.52
C GLU A 3377 92.62 -52.73 32.33
N GLU A 3378 91.98 -53.33 33.32
CA GLU A 3378 91.01 -52.60 34.14
C GLU A 3378 91.70 -51.46 34.89
N GLN A 3379 92.90 -51.72 35.42
CA GLN A 3379 93.62 -50.66 36.12
C GLN A 3379 93.95 -49.51 35.17
N LEU A 3380 94.37 -49.82 33.95
CA LEU A 3380 94.65 -48.76 32.97
C LEU A 3380 93.38 -47.95 32.68
N ARG A 3381 92.26 -48.63 32.49
CA ARG A 3381 91.02 -47.90 32.24
C ARG A 3381 90.63 -47.05 33.44
N LEU A 3382 90.93 -47.51 34.66
CA LEU A 3382 90.72 -46.68 35.84
C LEU A 3382 91.58 -45.42 35.76
N GLU A 3383 92.84 -45.57 35.34
CA GLU A 3383 93.70 -44.42 35.13
C GLU A 3383 93.31 -43.71 33.83
N ALA A 3384 93.94 -42.56 33.57
CA ALA A 3384 93.56 -41.73 32.44
C ALA A 3384 94.77 -40.94 31.97
N LYS A 3385 94.61 -40.27 30.82
CA LYS A 3385 95.63 -39.39 30.23
C LYS A 3385 96.92 -40.20 30.06
N ALA A 3386 98.08 -39.67 30.45
CA ALA A 3386 99.34 -40.38 30.21
C ALA A 3386 99.37 -41.71 30.94
N GLU A 3387 98.75 -41.78 32.13
CA GLU A 3387 98.70 -43.04 32.86
C GLU A 3387 97.97 -44.11 32.06
N ALA A 3388 96.85 -43.72 31.42
CA ALA A 3388 96.14 -44.67 30.57
C ALA A 3388 96.91 -44.94 29.28
N GLU A 3389 97.42 -43.88 28.64
CA GLU A 3389 98.19 -44.07 27.42
C GLU A 3389 99.45 -44.89 27.69
N GLU A 3390 100.15 -44.56 28.77
CA GLU A 3390 101.32 -45.35 29.14
C GLU A 3390 100.88 -46.66 29.78
N GLY A 3391 101.58 -47.73 29.41
CA GLY A 3391 101.21 -49.06 29.85
C GLY A 3391 100.17 -49.68 28.95
N GLU A 3392 99.54 -48.86 28.11
CA GLU A 3392 98.60 -49.39 27.13
C GLU A 3392 99.32 -50.31 26.14
N LEU A 3393 100.48 -49.88 25.66
CA LEU A 3393 101.28 -50.74 24.80
C LEU A 3393 101.77 -51.96 25.58
N LEU A 3394 102.05 -51.81 26.87
CA LEU A 3394 102.48 -52.94 27.68
C LEU A 3394 101.40 -54.02 27.72
N VAL A 3395 100.17 -53.61 28.01
CA VAL A 3395 99.07 -54.58 28.06
C VAL A 3395 98.79 -55.14 26.67
N ARG A 3396 98.93 -54.32 25.63
CA ARG A 3396 98.75 -54.84 24.27
C ARG A 3396 99.77 -55.93 23.97
N ASP A 3397 101.03 -55.72 24.36
CA ASP A 3397 102.04 -56.74 24.12
C ASP A 3397 101.80 -57.98 24.97
N GLU A 3398 101.34 -57.79 26.20
CA GLU A 3398 101.02 -58.95 27.03
C GLU A 3398 99.90 -59.76 26.40
N PHE A 3399 98.86 -59.10 25.89
CA PHE A 3399 97.81 -59.82 25.19
C PHE A 3399 98.34 -60.46 23.92
N SER A 3400 99.32 -59.83 23.26
CA SER A 3400 99.90 -60.44 22.07
C SER A 3400 100.58 -61.77 22.40
N VAL A 3401 101.41 -61.77 23.44
CA VAL A 3401 102.09 -63.01 23.82
C VAL A 3401 101.07 -64.04 24.29
N LEU A 3402 100.03 -63.60 25.01
CA LEU A 3402 99.00 -64.54 25.46
C LEU A 3402 98.27 -65.16 24.27
N CYS A 3403 97.96 -64.35 23.25
CA CYS A 3403 97.33 -64.88 22.05
C CYS A 3403 98.24 -65.85 21.32
N ARG A 3404 99.55 -65.55 21.29
CA ARG A 3404 100.48 -66.50 20.69
C ARG A 3404 100.43 -67.84 21.40
N ASP A 3405 100.45 -67.82 22.73
CA ASP A 3405 100.38 -69.07 23.49
C ASP A 3405 99.05 -69.78 23.25
N LEU A 3406 97.97 -69.02 23.20
CA LEU A 3406 96.65 -69.62 22.97
C LEU A 3406 96.60 -70.30 21.61
N TYR A 3407 97.14 -69.66 20.59
CA TYR A 3407 97.10 -70.23 19.25
C TYR A 3407 98.14 -71.33 19.11
N ALA A 3408 99.05 -71.43 20.08
CA ALA A 3408 99.99 -72.53 20.10
C ALA A 3408 99.39 -73.76 20.77
N LEU A 3409 98.51 -73.55 21.75
CA LEU A 3409 97.97 -74.66 22.54
C LEU A 3409 96.59 -75.13 22.09
N TYR A 3410 95.63 -74.22 21.90
CA TYR A 3410 94.30 -74.67 21.49
C TYR A 3410 94.29 -75.56 20.26
N PRO A 3411 95.08 -75.32 19.22
CA PRO A 3411 95.02 -76.26 18.09
C PRO A 3411 95.24 -77.71 18.50
N LEU A 3412 96.05 -77.95 19.53
CA LEU A 3412 96.19 -79.30 20.06
C LEU A 3412 94.98 -79.68 20.91
N LEU A 3413 94.47 -78.75 21.71
CA LEU A 3413 93.36 -79.06 22.60
C LEU A 3413 92.12 -79.50 21.83
N ILE A 3414 91.84 -78.81 20.73
CA ILE A 3414 90.65 -79.08 19.94
C ILE A 3414 90.66 -80.53 19.47
N ARG A 3415 91.81 -81.00 18.96
CA ARG A 3415 91.90 -82.38 18.50
C ARG A 3415 91.68 -83.34 19.65
N TYR A 3416 92.26 -83.07 20.80
CA TYR A 3416 92.06 -83.93 21.95
C TYR A 3416 90.60 -83.95 22.37
N VAL A 3417 89.93 -82.81 22.29
CA VAL A 3417 88.51 -82.75 22.60
C VAL A 3417 87.69 -83.53 21.58
N ASP A 3418 88.00 -83.34 20.29
CA ASP A 3418 87.20 -83.97 19.25
C ASP A 3418 87.25 -85.49 19.34
N ASN A 3419 88.30 -86.04 19.92
CA ASN A 3419 88.43 -87.49 20.03
C ASN A 3419 87.87 -88.05 21.32
N ASN A 3420 87.69 -87.21 22.34
CA ASN A 3420 87.18 -87.65 23.63
C ASN A 3420 85.85 -87.02 23.99
N ARG A 3421 85.26 -86.24 23.10
CA ARG A 3421 83.95 -85.67 23.37
C ARG A 3421 82.92 -86.78 23.61
N ALA A 3422 82.97 -87.81 22.78
CA ALA A 3422 82.00 -88.89 22.90
C ALA A 3422 82.03 -89.51 24.28
N HIS A 3423 83.23 -89.89 24.74
CA HIS A 3423 83.34 -90.50 26.06
C HIS A 3423 82.96 -89.53 27.17
N TRP A 3424 83.39 -88.27 27.05
CA TRP A 3424 83.07 -87.29 28.08
C TRP A 3424 81.57 -87.11 28.22
N LEU A 3425 80.86 -87.02 27.09
CA LEU A 3425 79.42 -86.80 27.13
C LEU A 3425 78.67 -88.06 27.55
N THR A 3426 79.11 -89.23 27.10
CA THR A 3426 78.47 -90.47 27.52
C THR A 3426 78.58 -90.66 29.01
N GLU A 3427 79.78 -90.55 29.56
CA GLU A 3427 80.00 -90.69 30.99
C GLU A 3427 80.48 -89.36 31.55
N PRO A 3428 79.79 -88.76 32.51
CA PRO A 3428 80.23 -87.46 33.02
C PRO A 3428 81.65 -87.51 33.56
N ASN A 3429 82.41 -86.45 33.31
CA ASN A 3429 83.80 -86.37 33.72
C ASN A 3429 84.05 -85.05 34.43
N PRO A 3430 84.31 -85.06 35.75
CA PRO A 3430 84.58 -83.78 36.43
C PRO A 3430 85.78 -83.04 35.85
N ASN A 3431 86.79 -83.76 35.37
CA ASN A 3431 87.92 -83.10 34.73
C ASN A 3431 87.47 -82.38 33.46
N ALA A 3432 86.61 -83.02 32.67
CA ALA A 3432 86.08 -82.36 31.48
C ALA A 3432 85.27 -81.13 31.87
N GLU A 3433 84.50 -81.22 32.95
CA GLU A 3433 83.74 -80.06 33.41
C GLU A 3433 84.69 -78.92 33.79
N GLU A 3434 85.76 -79.24 34.49
CA GLU A 3434 86.73 -78.20 34.88
C GLU A 3434 87.38 -77.58 33.65
N LEU A 3435 87.69 -78.40 32.65
CA LEU A 3435 88.24 -77.87 31.41
C LEU A 3435 87.23 -76.93 30.75
N PHE A 3436 85.95 -77.29 30.77
CA PHE A 3436 84.93 -76.38 30.25
C PHE A 3436 84.94 -75.07 31.01
N ARG A 3437 85.04 -75.14 32.33
CA ARG A 3437 85.06 -73.90 33.12
C ARG A 3437 86.23 -73.02 32.72
N MET A 3438 87.41 -73.63 32.56
CA MET A 3438 88.60 -72.85 32.21
C MET A 3438 88.43 -72.19 30.84
N VAL A 3439 88.04 -72.97 29.84
CA VAL A 3439 87.88 -72.41 28.50
C VAL A 3439 86.78 -71.35 28.50
N GLY A 3440 85.74 -71.56 29.29
CA GLY A 3440 84.67 -70.58 29.36
C GLY A 3440 85.13 -69.27 29.96
N GLU A 3441 85.92 -69.34 31.03
CA GLU A 3441 86.45 -68.11 31.62
C GLU A 3441 87.35 -67.39 30.63
N ILE A 3442 88.17 -68.14 29.89
CA ILE A 3442 89.02 -67.49 28.90
C ILE A 3442 88.18 -66.80 27.83
N PHE A 3443 87.10 -67.45 27.38
CA PHE A 3443 86.23 -66.82 26.40
C PHE A 3443 85.54 -65.59 26.97
N ILE A 3444 85.13 -65.66 28.24
CA ILE A 3444 84.49 -64.53 28.88
C ILE A 3444 85.45 -63.35 28.91
N TYR A 3445 86.72 -63.61 29.21
CA TYR A 3445 87.72 -62.55 29.15
C TYR A 3445 87.85 -62.01 27.73
N TRP A 3446 87.90 -62.89 26.74
CA TRP A 3446 87.98 -62.45 25.36
C TRP A 3446 86.83 -61.52 25.01
N SER A 3447 85.64 -61.81 25.52
CA SER A 3447 84.48 -60.97 25.22
C SER A 3447 84.53 -59.65 25.99
N LYS A 3448 84.76 -59.72 27.30
CA LYS A 3448 84.78 -58.51 28.12
C LYS A 3448 85.90 -57.58 27.68
N SER A 3449 87.15 -58.00 27.83
CA SER A 3449 88.27 -57.17 27.43
C SER A 3449 88.29 -57.03 25.92
N HIS A 3450 88.66 -55.84 25.46
CA HIS A 3450 88.54 -55.52 24.04
C HIS A 3450 89.87 -55.40 23.32
N ASN A 3451 90.94 -55.07 24.03
CA ASN A 3451 92.27 -55.11 23.42
C ASN A 3451 92.61 -56.51 22.95
N PHE A 3452 92.22 -57.51 23.75
CA PHE A 3452 92.57 -58.90 23.46
C PHE A 3452 92.08 -59.30 22.07
N LYS A 3453 90.96 -58.72 21.63
CA LYS A 3453 90.45 -59.02 20.29
C LYS A 3453 91.40 -58.52 19.21
N ARG A 3454 91.81 -57.25 19.28
CA ARG A 3454 92.76 -56.76 18.29
C ARG A 3454 94.05 -57.56 18.34
N GLU A 3455 94.51 -57.91 19.53
CA GLU A 3455 95.77 -58.63 19.62
C GLU A 3455 95.68 -60.00 18.96
N GLU A 3456 94.58 -60.73 19.21
CA GLU A 3456 94.37 -62.01 18.54
C GLU A 3456 94.33 -61.83 17.03
N GLN A 3457 93.55 -60.85 16.56
CA GLN A 3457 93.40 -60.65 15.12
C GLN A 3457 94.74 -60.28 14.48
N ASN A 3458 95.49 -59.41 15.13
CA ASN A 3458 96.80 -59.00 14.61
C ASN A 3458 97.74 -60.19 14.57
N PHE A 3459 97.75 -61.01 15.63
CA PHE A 3459 98.58 -62.20 15.63
C PHE A 3459 98.26 -63.09 14.45
N VAL A 3460 96.98 -63.41 14.27
CA VAL A 3460 96.61 -64.38 13.23
C VAL A 3460 96.96 -63.83 11.85
N VAL A 3461 96.65 -62.54 11.60
CA VAL A 3461 96.92 -61.99 10.27
C VAL A 3461 98.42 -61.89 10.04
N GLN A 3462 99.18 -61.44 11.04
CA GLN A 3462 100.63 -61.25 10.86
C GLN A 3462 101.33 -62.59 10.61
N ASN A 3463 100.92 -63.63 11.34
CA ASN A 3463 101.56 -64.93 11.16
C ASN A 3463 100.97 -65.74 10.02
N GLU A 3464 99.85 -65.30 9.45
CA GLU A 3464 99.23 -65.99 8.32
C GLU A 3464 99.01 -67.47 8.64
N ILE A 3465 98.62 -67.75 9.87
CA ILE A 3465 98.30 -69.10 10.30
C ILE A 3465 96.82 -69.36 10.00
N ASN A 3466 96.55 -70.41 9.24
CA ASN A 3466 95.19 -70.69 8.80
C ASN A 3466 94.44 -71.44 9.90
N ASN A 3467 93.45 -70.77 10.50
CA ASN A 3467 92.68 -71.40 11.57
C ASN A 3467 91.87 -72.58 11.06
N MET A 3468 91.47 -72.53 9.79
CA MET A 3468 90.68 -73.62 9.22
C MET A 3468 91.47 -74.93 9.24
N SER A 3469 92.78 -74.85 8.98
CA SER A 3469 93.61 -76.05 9.01
C SER A 3469 93.59 -76.69 10.39
N PHE A 3470 93.72 -75.88 11.44
CA PHE A 3470 93.67 -76.43 12.79
C PHE A 3470 92.30 -77.00 13.10
N LEU A 3471 91.24 -76.30 12.71
CA LEU A 3471 89.89 -76.77 13.01
C LEU A 3471 89.60 -78.09 12.33
N THR A 3472 89.98 -78.23 11.07
CA THR A 3472 89.72 -79.44 10.32
C THR A 3472 90.77 -80.51 10.61
N TYR A 3504 91.42 -64.19 11.39
CA TYR A 3504 90.81 -63.54 10.25
C TYR A 3504 89.40 -63.08 10.59
N SER A 3505 88.52 -64.04 10.82
CA SER A 3505 87.14 -63.75 11.20
C SER A 3505 86.87 -64.23 12.62
N VAL A 3506 85.76 -63.74 13.18
CA VAL A 3506 85.35 -64.17 14.52
C VAL A 3506 85.15 -65.68 14.53
N GLN A 3507 84.57 -66.22 13.46
CA GLN A 3507 84.38 -67.66 13.37
C GLN A 3507 85.72 -68.38 13.40
N THR A 3508 86.71 -67.86 12.68
CA THR A 3508 88.03 -68.50 12.67
C THR A 3508 88.71 -68.38 14.03
N SER A 3509 88.40 -67.33 14.79
CA SER A 3509 89.01 -67.13 16.10
C SER A 3509 88.94 -68.40 16.95
N LEU A 3510 90.09 -68.94 17.33
CA LEU A 3510 90.10 -70.18 18.10
C LEU A 3510 89.50 -69.99 19.49
N ILE A 3511 89.48 -68.75 19.99
CA ILE A 3511 88.97 -68.53 21.34
C ILE A 3511 87.49 -68.92 21.42
N VAL A 3512 86.72 -68.54 20.41
CA VAL A 3512 85.30 -68.85 20.40
C VAL A 3512 85.07 -70.28 19.88
N ALA A 3513 85.88 -70.71 18.92
CA ALA A 3513 85.70 -72.04 18.36
C ALA A 3513 85.93 -73.12 19.41
N THR A 3514 86.97 -72.97 20.22
CA THR A 3514 87.24 -73.97 21.24
C THR A 3514 86.09 -74.05 22.23
N LEU A 3515 85.53 -72.90 22.61
CA LEU A 3515 84.40 -72.93 23.53
C LEU A 3515 83.16 -73.53 22.88
N LYS A 3516 82.93 -73.22 21.60
CA LYS A 3516 81.80 -73.84 20.93
C LYS A 3516 81.97 -75.35 20.87
N LYS A 3517 83.22 -75.82 20.83
CA LYS A 3517 83.46 -77.25 20.83
C LYS A 3517 83.29 -77.85 22.23
N MET A 3518 83.64 -77.11 23.27
CA MET A 3518 83.51 -77.60 24.65
C MET A 3518 82.12 -77.36 25.24
N LEU A 3519 81.27 -76.59 24.56
CA LEU A 3519 80.00 -76.20 25.16
C LEU A 3519 79.11 -77.39 25.49
N PRO A 3520 78.94 -78.37 24.61
CA PRO A 3520 78.06 -79.50 24.96
C PRO A 3520 78.44 -80.14 26.28
N ILE A 3521 79.74 -80.25 26.55
CA ILE A 3521 80.19 -80.82 27.82
C ILE A 3521 79.75 -79.95 28.99
N GLY A 3522 79.52 -78.66 28.76
CA GLY A 3522 79.06 -77.79 29.83
C GLY A 3522 77.55 -77.87 30.00
N LEU A 3523 76.82 -77.84 28.89
CA LEU A 3523 75.38 -78.01 28.96
C LEU A 3523 75.01 -79.36 29.56
N ASN A 3524 75.89 -80.35 29.40
CA ASN A 3524 75.59 -81.70 29.88
C ASN A 3524 75.51 -81.79 31.39
N MET A 3525 76.11 -80.86 32.12
CA MET A 3525 75.98 -80.85 33.56
C MET A 3525 74.78 -80.06 34.04
N CYS A 3526 74.01 -79.46 33.13
CA CYS A 3526 72.79 -78.74 33.47
C CYS A 3526 71.60 -79.65 33.20
N ALA A 3527 70.84 -79.98 34.24
CA ALA A 3527 69.68 -80.82 34.07
C ALA A 3527 68.63 -80.08 33.24
N PRO A 3528 67.74 -80.82 32.56
CA PRO A 3528 66.74 -80.14 31.73
C PRO A 3528 65.87 -79.18 32.51
N THR A 3529 65.62 -79.48 33.79
CA THR A 3529 64.77 -78.62 34.60
C THR A 3529 65.34 -77.21 34.73
N ASP A 3530 66.63 -77.05 34.48
CA ASP A 3530 67.34 -75.81 34.74
C ASP A 3530 67.29 -74.84 33.57
N GLN A 3531 66.56 -75.15 32.50
CA GLN A 3531 66.56 -74.28 31.33
C GLN A 3531 65.98 -72.91 31.64
N ASP A 3532 64.89 -72.86 32.39
CA ASP A 3532 64.27 -71.58 32.73
C ASP A 3532 65.20 -70.75 33.63
N LEU A 3533 65.86 -71.39 34.59
CA LEU A 3533 66.84 -70.67 35.40
C LEU A 3533 67.98 -70.14 34.54
N ILE A 3534 68.40 -70.93 33.54
CA ILE A 3534 69.44 -70.46 32.64
C ILE A 3534 68.98 -69.21 31.90
N VAL A 3535 67.72 -69.20 31.46
CA VAL A 3535 67.20 -68.03 30.76
C VAL A 3535 67.18 -66.82 31.70
N LEU A 3536 66.76 -67.02 32.94
CA LEU A 3536 66.73 -65.90 33.89
C LEU A 3536 68.14 -65.36 34.13
N ALA A 3537 69.12 -66.26 34.30
CA ALA A 3537 70.49 -65.82 34.52
C ALA A 3537 71.03 -65.08 33.31
N LYS A 3538 70.71 -65.56 32.11
CA LYS A 3538 71.05 -64.83 30.90
C LYS A 3538 70.43 -63.44 30.88
N ALA A 3539 69.21 -63.29 31.39
CA ALA A 3539 68.61 -61.97 31.51
C ALA A 3539 69.39 -61.08 32.48
N ARG A 3540 69.79 -61.62 33.63
CA ARG A 3540 70.58 -60.83 34.57
C ARG A 3540 71.89 -60.37 33.93
N TYR A 3541 72.61 -61.29 33.28
CA TYR A 3541 73.86 -60.91 32.66
C TYR A 3541 73.64 -59.87 31.55
N ALA A 3542 72.45 -59.89 30.94
CA ALA A 3542 72.09 -58.78 30.05
C ALA A 3542 71.94 -57.48 30.83
N LEU A 3543 71.35 -57.55 32.02
CA LEU A 3543 71.30 -56.40 32.92
C LEU A 3543 72.66 -56.01 33.46
N LYS A 3544 73.70 -56.77 33.12
CA LYS A 3544 75.08 -56.40 33.45
C LYS A 3544 75.35 -56.54 34.95
N ASP A 3545 74.83 -57.62 35.53
CA ASP A 3545 75.10 -57.92 36.93
C ASP A 3545 76.38 -58.72 37.05
N THR A 3546 77.06 -58.56 38.18
CA THR A 3546 78.28 -59.32 38.42
C THR A 3546 77.94 -60.79 38.65
N ASP A 3547 78.97 -61.62 38.59
CA ASP A 3547 78.77 -63.04 38.82
C ASP A 3547 78.17 -63.28 40.19
N GLU A 3548 78.63 -62.55 41.21
CA GLU A 3548 78.06 -62.68 42.54
C GLU A 3548 76.61 -62.26 42.57
N GLU A 3549 76.26 -61.20 41.85
CA GLU A 3549 74.87 -60.76 41.81
C GLU A 3549 73.98 -61.83 41.19
N VAL A 3550 74.44 -62.46 40.11
CA VAL A 3550 73.64 -63.52 39.49
C VAL A 3550 73.55 -64.72 40.41
N ARG A 3551 74.64 -65.03 41.11
CA ARG A 3551 74.64 -66.14 42.06
C ARG A 3551 73.60 -65.92 43.14
N GLU A 3552 73.54 -64.71 43.69
CA GLU A 3552 72.56 -64.40 44.73
C GLU A 3552 71.14 -64.44 44.15
N PHE A 3553 70.97 -63.90 42.94
CA PHE A 3553 69.66 -63.94 42.30
C PHE A 3553 69.14 -65.37 42.20
N LEU A 3554 69.96 -66.28 41.68
CA LEU A 3554 69.54 -67.67 41.59
C LEU A 3554 69.30 -68.27 42.97
N GLN A 3555 70.19 -67.97 43.92
CA GLN A 3555 70.03 -68.51 45.26
C GLN A 3555 68.68 -68.18 45.84
N ASN A 3556 68.25 -66.91 45.75
CA ASN A 3556 66.97 -66.56 46.34
C ASN A 3556 65.81 -67.03 45.48
N ASN A 3557 65.94 -66.95 44.15
CA ASN A 3557 64.93 -67.51 43.27
C ASN A 3557 65.26 -68.95 42.92
N LEU A 3558 65.56 -69.77 43.94
CA LEU A 3558 65.70 -71.20 43.73
C LEU A 3558 64.46 -71.78 43.06
N ASN A 3559 63.29 -71.21 43.31
CA ASN A 3559 62.07 -71.63 42.63
C ASN A 3559 62.11 -71.11 41.20
N LEU A 3560 60.99 -71.23 40.47
CA LEU A 3560 60.98 -70.96 39.03
C LEU A 3560 61.86 -71.97 38.30
N GLN A 3561 61.74 -73.23 38.70
CA GLN A 3561 62.49 -74.32 38.12
C GLN A 3561 61.56 -75.13 37.21
N GLY A 3562 62.01 -75.39 35.99
CA GLY A 3562 61.21 -76.11 35.02
C GLY A 3562 60.55 -77.36 35.59
N LYS A 3563 59.23 -77.38 35.57
CA LYS A 3563 58.47 -78.50 36.12
C LYS A 3563 58.27 -79.57 35.06
N VAL A 3564 58.45 -80.83 35.46
CA VAL A 3564 58.39 -81.93 34.49
C VAL A 3564 57.00 -82.02 33.87
N GLU A 3565 55.96 -81.89 34.69
CA GLU A 3565 54.59 -82.00 34.18
C GLU A 3565 54.26 -80.88 33.20
N GLY A 3566 55.04 -79.81 33.18
CA GLY A 3566 54.70 -78.66 32.35
C GLY A 3566 54.61 -79.02 30.88
N SER A 3567 55.61 -79.75 30.37
CA SER A 3567 55.65 -80.09 28.96
C SER A 3567 56.18 -81.50 28.76
N PRO A 3568 55.78 -82.18 27.69
CA PRO A 3568 56.39 -83.48 27.39
C PRO A 3568 57.89 -83.39 27.17
N SER A 3569 58.37 -82.27 26.62
CA SER A 3569 59.81 -82.12 26.40
C SER A 3569 60.59 -82.31 27.68
N LEU A 3570 60.18 -81.63 28.75
CA LEU A 3570 60.82 -81.82 30.05
C LEU A 3570 60.57 -83.20 30.64
N ARG A 3571 59.76 -84.04 29.98
CA ARG A 3571 59.57 -85.40 30.44
C ARG A 3571 60.56 -86.35 29.79
N TRP A 3572 60.61 -86.38 28.46
CA TRP A 3572 61.54 -87.28 27.79
C TRP A 3572 62.98 -86.81 27.98
N GLN A 3573 63.22 -85.50 27.94
CA GLN A 3573 64.56 -85.00 28.24
C GLN A 3573 64.98 -85.43 29.64
N MET A 3574 64.10 -85.26 30.62
CA MET A 3574 64.45 -85.59 32.00
C MET A 3574 64.66 -87.09 32.16
N ALA A 3575 63.85 -87.91 31.49
CA ALA A 3575 64.03 -89.34 31.57
C ALA A 3575 65.39 -89.76 31.02
N LEU A 3576 65.73 -89.24 29.83
CA LEU A 3576 67.04 -89.54 29.26
C LEU A 3576 68.14 -89.08 30.20
N TYR A 3577 67.95 -87.92 30.86
CA TYR A 3577 69.00 -87.37 31.70
C TYR A 3577 69.19 -88.23 32.96
N ARG A 3578 68.08 -88.62 33.60
CA ARG A 3578 68.12 -89.64 34.63
C ARG A 3578 68.84 -90.89 34.16
N GLY A 3579 68.67 -91.25 32.89
CA GLY A 3579 69.23 -92.51 32.41
C GLY A 3579 70.72 -92.62 32.63
N VAL A 3580 71.45 -91.53 32.46
CA VAL A 3580 72.90 -91.53 32.56
C VAL A 3580 73.30 -92.03 33.95
N PRO A 3581 74.17 -93.03 34.07
CA PRO A 3581 74.57 -93.50 35.39
C PRO A 3581 75.23 -92.41 36.20
N GLY A 3582 74.96 -92.39 37.50
CA GLY A 3582 75.58 -91.48 38.44
C GLY A 3582 74.88 -90.16 38.61
N ARG A 3583 73.83 -89.89 37.82
CA ARG A 3583 73.11 -88.61 37.90
C ARG A 3583 71.92 -88.76 38.83
N GLU A 3584 72.21 -89.23 40.06
CA GLU A 3584 71.18 -89.39 41.08
C GLU A 3584 71.51 -88.57 42.31
N GLU A 3585 72.78 -88.54 42.72
CA GLU A 3585 73.18 -87.72 43.87
C GLU A 3585 73.35 -86.26 43.49
N ASP A 3586 73.65 -85.96 42.23
CA ASP A 3586 73.83 -84.60 41.79
C ASP A 3586 72.50 -83.85 41.81
N ALA A 3587 72.59 -82.52 41.75
CA ALA A 3587 71.43 -81.64 41.76
C ALA A 3587 70.74 -81.66 43.12
N ASP A 3588 71.31 -82.37 44.09
CA ASP A 3588 70.80 -82.32 45.46
C ASP A 3588 71.18 -81.03 46.14
N ASP A 3589 72.25 -80.39 45.68
CA ASP A 3589 72.82 -79.25 46.38
C ASP A 3589 72.42 -77.94 45.72
N PRO A 3590 71.57 -77.12 46.36
CA PRO A 3590 71.19 -75.85 45.73
C PRO A 3590 72.38 -75.00 45.36
N GLU A 3591 73.44 -75.01 46.19
CA GLU A 3591 74.65 -74.32 45.80
C GLU A 3591 75.21 -74.88 44.50
N LYS A 3592 75.17 -76.21 44.34
CA LYS A 3592 75.65 -76.82 43.10
C LYS A 3592 74.84 -76.35 41.90
N ILE A 3593 73.51 -76.39 42.02
CA ILE A 3593 72.66 -75.94 40.92
C ILE A 3593 72.98 -74.50 40.56
N VAL A 3594 73.10 -73.62 41.56
CA VAL A 3594 73.37 -72.23 41.24
C VAL A 3594 74.73 -72.09 40.58
N ARG A 3595 75.71 -72.90 41.02
CA ARG A 3595 77.04 -72.80 40.44
C ARG A 3595 76.87 -72.99 38.94
N ARG A 3596 76.28 -74.13 38.60
CA ARG A 3596 76.27 -74.56 37.20
C ARG A 3596 75.44 -73.60 36.35
N VAL A 3597 74.28 -73.19 36.86
CA VAL A 3597 73.43 -72.29 36.07
C VAL A 3597 74.14 -70.97 35.84
N GLN A 3598 74.76 -70.40 36.88
CA GLN A 3598 75.46 -69.14 36.69
C GLN A 3598 76.55 -69.28 35.63
N GLU A 3599 77.36 -70.33 35.72
CA GLU A 3599 78.48 -70.47 34.79
C GLU A 3599 77.99 -70.61 33.35
N VAL A 3600 77.09 -71.57 33.12
CA VAL A 3600 76.64 -71.83 31.75
C VAL A 3600 75.88 -70.63 31.20
N SER A 3601 75.10 -69.96 32.05
CA SER A 3601 74.36 -68.79 31.60
C SER A 3601 75.30 -67.68 31.16
N ALA A 3602 76.36 -67.43 31.94
CA ALA A 3602 77.33 -66.42 31.54
C ALA A 3602 77.96 -66.77 30.20
N VAL A 3603 78.36 -68.03 30.03
CA VAL A 3603 79.00 -68.44 28.79
C VAL A 3603 78.04 -68.24 27.61
N LEU A 3604 76.78 -68.66 27.77
CA LEU A 3604 75.82 -68.52 26.70
C LEU A 3604 75.55 -67.07 26.37
N TYR A 3605 75.44 -66.22 27.39
CA TYR A 3605 75.20 -64.80 27.16
C TYR A 3605 76.31 -64.18 26.31
N HIS A 3606 77.56 -64.41 26.72
CA HIS A 3606 78.66 -63.82 25.97
C HIS A 3606 78.76 -64.41 24.57
N LEU A 3607 78.45 -65.71 24.43
CA LEU A 3607 78.45 -66.31 23.10
C LEU A 3607 77.39 -65.68 22.22
N ASP A 3608 76.24 -65.33 22.82
CA ASP A 3608 75.20 -64.63 22.06
C ASP A 3608 75.71 -63.30 21.55
N GLN A 3609 76.30 -62.49 22.44
CA GLN A 3609 76.84 -61.22 21.99
C GLN A 3609 77.85 -61.43 20.87
N THR A 3610 78.72 -62.42 21.01
CA THR A 3610 79.73 -62.67 19.99
C THR A 3610 79.08 -63.03 18.65
N GLU A 3611 78.16 -63.98 18.67
CA GLU A 3611 77.63 -64.51 17.41
C GLU A 3611 76.78 -63.48 16.70
N HIS A 3612 76.01 -62.68 17.44
CA HIS A 3612 75.25 -61.58 16.82
C HIS A 3612 75.87 -60.26 17.26
N PRO A 3613 76.63 -59.57 16.39
CA PRO A 3613 77.26 -58.32 16.81
C PRO A 3613 76.24 -57.23 17.17
N VAL A 3634 91.01 -36.61 -7.23
CA VAL A 3634 92.44 -36.63 -6.98
C VAL A 3634 92.90 -35.28 -6.45
N ALA A 3635 91.99 -34.31 -6.41
CA ALA A 3635 92.35 -32.97 -5.97
C ALA A 3635 92.92 -32.98 -4.55
N CYS A 3636 92.45 -33.90 -3.70
CA CYS A 3636 92.94 -33.95 -2.32
C CYS A 3636 94.45 -34.14 -2.28
N PHE A 3637 94.96 -35.10 -3.06
CA PHE A 3637 96.40 -35.30 -3.14
C PHE A 3637 97.07 -34.22 -3.97
N ARG A 3638 96.45 -33.82 -5.08
CA ARG A 3638 97.03 -32.82 -5.97
C ARG A 3638 97.11 -31.46 -5.28
N MET A 3639 98.25 -30.79 -5.46
CA MET A 3639 98.49 -29.47 -4.93
C MET A 3639 98.32 -28.45 -6.05
N THR A 3640 97.83 -27.25 -5.70
CA THR A 3640 97.80 -26.10 -6.61
C THR A 3640 98.36 -24.89 -5.87
N PRO A 3641 99.64 -24.92 -5.52
CA PRO A 3641 100.21 -23.79 -4.78
C PRO A 3641 100.17 -22.52 -5.61
N LEU A 3642 99.96 -21.39 -4.92
CA LEU A 3642 99.96 -20.11 -5.60
C LEU A 3642 101.32 -19.76 -6.19
N TYR A 3643 102.41 -20.23 -5.57
CA TYR A 3643 103.74 -19.83 -6.01
C TYR A 3643 104.13 -20.41 -7.36
N ASN A 3644 103.37 -21.39 -7.88
CA ASN A 3644 103.62 -21.91 -9.21
C ASN A 3644 102.84 -21.20 -10.30
N LEU A 3645 101.83 -20.42 -9.94
CA LEU A 3645 101.00 -19.75 -10.93
C LEU A 3645 101.83 -18.67 -11.64
N PRO A 3646 101.59 -18.43 -12.93
CA PRO A 3646 102.35 -17.40 -13.63
C PRO A 3646 102.11 -16.02 -13.03
N THR A 3647 103.11 -15.16 -13.14
CA THR A 3647 103.07 -13.88 -12.43
C THR A 3647 101.89 -13.03 -12.86
N HIS A 3648 101.62 -12.96 -14.17
CA HIS A 3648 100.53 -12.11 -14.65
C HIS A 3648 99.17 -12.62 -14.20
N ARG A 3649 98.96 -13.94 -14.23
CA ARG A 3649 97.72 -14.50 -13.74
C ARG A 3649 97.56 -14.22 -12.25
N ALA A 3650 98.64 -14.34 -11.49
CA ALA A 3650 98.60 -14.03 -10.06
C ALA A 3650 98.26 -12.56 -9.85
N CYS A 3651 98.80 -11.68 -10.68
CA CYS A 3651 98.47 -10.26 -10.58
C CYS A 3651 96.99 -10.01 -10.81
N ASN A 3652 96.42 -10.66 -11.83
CA ASN A 3652 95.00 -10.48 -12.09
C ASN A 3652 94.16 -10.97 -10.92
N MET A 3653 94.52 -12.13 -10.37
CA MET A 3653 93.80 -12.63 -9.21
C MET A 3653 93.93 -11.68 -8.03
N PHE A 3654 95.12 -11.13 -7.81
CA PHE A 3654 95.32 -10.19 -6.71
C PHE A 3654 94.48 -8.94 -6.92
N LEU A 3655 94.42 -8.43 -8.14
CA LEU A 3655 93.60 -7.26 -8.39
C LEU A 3655 92.15 -7.54 -8.07
N GLU A 3656 91.62 -8.68 -8.54
CA GLU A 3656 90.24 -9.01 -8.23
C GLU A 3656 90.01 -9.10 -6.73
N SER A 3657 90.87 -9.84 -6.03
CA SER A 3657 90.72 -9.98 -4.58
C SER A 3657 90.79 -8.62 -3.90
N TYR A 3658 91.93 -7.94 -4.00
CA TYR A 3658 92.11 -6.62 -3.41
C TYR A 3658 90.89 -5.74 -3.65
N LYS A 3659 90.39 -5.70 -4.89
CA LYS A 3659 89.20 -4.91 -5.16
C LYS A 3659 88.04 -5.32 -4.28
N ALA A 3660 87.77 -6.63 -4.21
CA ALA A 3660 86.62 -7.10 -3.45
C ALA A 3660 86.78 -6.92 -1.95
N SER A 3661 88.03 -7.00 -1.46
CA SER A 3661 88.25 -7.16 -0.02
C SER A 3661 88.64 -5.85 0.66
N TRP A 3662 89.39 -4.99 -0.02
CA TRP A 3662 89.89 -3.76 0.59
C TRP A 3662 89.20 -2.51 0.03
N ILE A 3663 89.19 -2.34 -1.29
CA ILE A 3663 88.61 -1.14 -1.87
C ILE A 3663 87.10 -1.13 -1.65
N LEU A 3664 86.44 -2.26 -1.95
CA LEU A 3664 84.98 -2.29 -1.86
C LEU A 3664 84.52 -2.12 -0.41
N THR A 3665 85.23 -2.72 0.54
CA THR A 3665 84.84 -2.61 1.94
C THR A 3665 84.99 -1.19 2.45
N GLU A 3666 85.94 -0.43 1.92
CA GLU A 3666 86.17 0.93 2.39
C GLU A 3666 84.89 1.75 2.28
N ASP A 3667 84.58 2.47 3.34
CA ASP A 3667 83.37 3.27 3.43
C ASP A 3667 83.74 4.76 3.43
N HIS A 3668 83.34 5.46 2.38
CA HIS A 3668 83.48 6.90 2.28
C HIS A 3668 82.10 7.53 2.37
N SER A 3669 81.95 8.52 3.25
CA SER A 3669 80.69 9.24 3.41
C SER A 3669 80.90 10.65 2.87
N PHE A 3670 80.63 10.83 1.57
CA PHE A 3670 80.75 12.13 0.94
C PHE A 3670 79.42 12.74 0.55
N GLU A 3671 78.31 12.02 0.71
CA GLU A 3671 77.03 12.49 0.20
C GLU A 3671 76.58 13.76 0.91
N ASP A 3672 76.71 13.79 2.23
CA ASP A 3672 76.30 14.98 2.98
C ASP A 3672 77.13 16.19 2.57
N ARG A 3673 78.45 16.01 2.49
CA ARG A 3673 79.31 17.12 2.10
C ARG A 3673 78.96 17.60 0.70
N MET A 3674 78.73 16.66 -0.23
CA MET A 3674 78.42 17.04 -1.60
C MET A 3674 77.12 17.82 -1.66
N ILE A 3675 76.10 17.34 -0.96
CA ILE A 3675 74.79 18.01 -1.02
C ILE A 3675 74.87 19.39 -0.36
N ASP A 3676 75.61 19.50 0.74
CA ASP A 3676 75.77 20.81 1.35
C ASP A 3676 76.48 21.78 0.41
N ASP A 3677 77.55 21.33 -0.23
CA ASP A 3677 78.29 22.19 -1.15
C ASP A 3677 77.41 22.62 -2.31
N LEU A 3678 76.64 21.69 -2.87
CA LEU A 3678 75.77 22.01 -3.99
C LEU A 3678 74.59 22.88 -3.59
N SER A 3679 74.12 22.76 -2.35
CA SER A 3679 73.02 23.58 -1.87
C SER A 3679 73.43 25.00 -1.55
N LYS A 3680 74.65 25.22 -1.08
CA LYS A 3680 75.12 26.58 -0.79
C LYS A 3680 75.17 27.38 -2.09
N ALA A 3681 74.50 28.52 -2.10
CA ALA A 3681 74.68 29.52 -3.14
C ALA A 3681 75.72 30.54 -2.69
N GLY A 3682 76.20 31.35 -3.62
CA GLY A 3682 77.25 32.29 -3.31
C GLY A 3682 77.19 33.54 -4.16
N GLU A 3683 77.54 34.67 -3.55
CA GLU A 3683 77.79 35.93 -4.23
C GLU A 3683 76.51 36.53 -4.79
N GLN A 3684 75.37 35.86 -4.56
CA GLN A 3684 74.09 36.47 -4.83
C GLN A 3684 74.04 37.89 -4.29
N GLU A 3685 74.77 38.16 -3.20
CA GLU A 3685 74.83 39.50 -2.66
C GLU A 3685 75.65 40.45 -3.54
N GLU A 3686 76.77 39.99 -4.11
CA GLU A 3686 77.57 40.92 -4.90
C GLU A 3686 76.86 41.29 -6.18
N GLU A 3687 76.21 40.30 -6.83
CA GLU A 3687 75.45 40.66 -8.02
C GLU A 3687 74.10 41.27 -7.68
N GLU A 3688 73.63 41.13 -6.44
CA GLU A 3688 72.45 41.81 -5.94
C GLU A 3688 71.31 41.73 -6.95
N GLU A 3689 71.06 40.53 -7.47
CA GLU A 3689 69.99 40.34 -8.45
C GLU A 3689 68.66 40.77 -7.87
N GLU A 3690 68.08 41.81 -8.45
CA GLU A 3690 66.77 42.31 -8.02
C GLU A 3690 65.63 41.50 -8.62
N VAL A 3691 65.91 40.57 -9.52
CA VAL A 3691 64.88 39.67 -10.04
C VAL A 3691 64.48 38.74 -8.90
N GLU A 3692 63.22 38.84 -8.46
CA GLU A 3692 62.77 38.02 -7.34
C GLU A 3692 62.93 36.53 -7.65
N GLU A 3693 62.91 36.15 -8.92
CA GLU A 3693 63.18 34.77 -9.30
C GLU A 3693 64.69 34.52 -9.17
N LYS A 3694 65.16 34.34 -7.95
CA LYS A 3694 66.57 34.06 -7.72
C LYS A 3694 66.99 32.84 -8.53
N LYS A 3695 68.13 32.95 -9.20
CA LYS A 3695 68.59 31.86 -10.04
C LYS A 3695 68.72 30.59 -9.20
N PRO A 3696 68.31 29.44 -9.72
CA PRO A 3696 68.44 28.20 -8.94
C PRO A 3696 69.88 27.91 -8.57
N ASP A 3697 70.08 27.43 -7.35
CA ASP A 3697 71.41 27.04 -6.90
C ASP A 3697 71.80 25.70 -7.52
N PRO A 3698 73.08 25.33 -7.45
CA PRO A 3698 73.54 24.16 -8.22
C PRO A 3698 72.73 22.90 -8.01
N LEU A 3699 72.34 22.61 -6.77
CA LEU A 3699 71.52 21.41 -6.53
C LEU A 3699 70.17 21.55 -7.22
N HIS A 3700 69.56 22.73 -7.15
CA HIS A 3700 68.30 22.97 -7.86
C HIS A 3700 68.48 22.76 -9.35
N GLN A 3701 69.59 23.26 -9.90
CA GLN A 3701 69.83 23.09 -11.34
C GLN A 3701 70.00 21.62 -11.70
N LEU A 3702 70.66 20.84 -10.85
CA LEU A 3702 70.79 19.41 -11.10
C LEU A 3702 69.42 18.74 -11.13
N VAL A 3703 68.59 19.05 -10.14
CA VAL A 3703 67.26 18.44 -10.09
C VAL A 3703 66.45 18.85 -11.31
N LEU A 3704 66.57 20.12 -11.72
CA LEU A 3704 65.86 20.58 -12.90
C LEU A 3704 66.34 19.86 -14.15
N HIS A 3705 67.64 19.61 -14.26
CA HIS A 3705 68.16 18.87 -15.40
C HIS A 3705 67.58 17.48 -15.46
N PHE A 3706 67.52 16.80 -14.32
CA PHE A 3706 66.95 15.46 -14.33
C PHE A 3706 65.45 15.47 -14.60
N SER A 3707 64.74 16.50 -14.13
CA SER A 3707 63.33 16.64 -14.48
C SER A 3707 63.17 16.84 -15.99
N ARG A 3708 64.04 17.65 -16.59
CA ARG A 3708 64.04 17.80 -18.04
C ARG A 3708 64.21 16.45 -18.73
N THR A 3709 65.21 15.68 -18.31
CA THR A 3709 65.42 14.38 -18.92
C THR A 3709 64.21 13.48 -18.78
N ALA A 3710 63.56 13.49 -17.60
CA ALA A 3710 62.39 12.66 -17.40
C ALA A 3710 61.22 13.12 -18.27
N LEU A 3711 61.03 14.43 -18.42
CA LEU A 3711 59.90 14.96 -19.16
C LEU A 3711 60.10 14.89 -20.67
N THR A 3712 61.33 14.71 -21.14
CA THR A 3712 61.54 14.60 -22.58
C THR A 3712 60.69 13.47 -23.15
N GLU A 3713 59.97 13.75 -24.23
CA GLU A 3713 59.12 12.77 -24.86
C GLU A 3713 59.98 11.70 -25.53
N LYS A 3714 59.76 10.45 -25.18
CA LYS A 3714 60.64 9.38 -25.64
C LYS A 3714 59.93 8.05 -25.49
N SER A 3715 60.38 7.06 -26.27
CA SER A 3715 59.74 5.76 -26.25
C SER A 3715 60.02 5.01 -24.94
N LYS A 3716 61.25 5.12 -24.44
CA LYS A 3716 61.62 4.44 -23.21
C LYS A 3716 62.60 5.30 -22.44
N LEU A 3717 62.87 4.91 -21.21
CA LEU A 3717 63.80 5.64 -20.34
C LEU A 3717 65.16 4.95 -20.42
N ASP A 3718 66.11 5.57 -21.11
CA ASP A 3718 67.43 4.99 -21.26
C ASP A 3718 68.15 4.97 -19.91
N GLU A 3719 68.87 3.88 -19.67
CA GLU A 3719 69.59 3.73 -18.41
C GLU A 3719 70.68 4.79 -18.30
N ASP A 3720 70.73 5.49 -17.17
CA ASP A 3720 71.58 6.66 -17.00
C ASP A 3720 72.37 6.55 -15.70
N TYR A 3721 73.67 6.25 -15.82
CA TYR A 3721 74.49 6.06 -14.64
C TYR A 3721 74.58 7.33 -13.82
N LEU A 3722 74.63 8.49 -14.50
CA LEU A 3722 74.68 9.75 -13.78
C LEU A 3722 73.44 9.94 -12.92
N TYR A 3723 72.26 9.69 -13.49
CA TYR A 3723 71.05 9.84 -12.71
C TYR A 3723 71.05 8.87 -11.53
N MET A 3724 71.47 7.63 -11.76
CA MET A 3724 71.48 6.68 -10.65
C MET A 3724 72.43 7.14 -9.55
N ALA A 3725 73.63 7.60 -9.92
CA ALA A 3725 74.60 8.01 -8.93
C ALA A 3725 74.09 9.19 -8.11
N TYR A 3726 73.51 10.18 -8.80
CA TYR A 3726 73.06 11.36 -8.07
C TYR A 3726 71.81 11.07 -7.26
N ALA A 3727 70.94 10.19 -7.74
CA ALA A 3727 69.80 9.78 -6.94
C ALA A 3727 70.26 9.05 -5.68
N ASP A 3728 71.28 8.20 -5.80
CA ASP A 3728 71.81 7.54 -4.61
C ASP A 3728 72.42 8.54 -3.65
N ILE A 3729 73.15 9.53 -4.16
CA ILE A 3729 73.73 10.55 -3.29
C ILE A 3729 72.63 11.31 -2.56
N MET A 3730 71.60 11.74 -3.29
CA MET A 3730 70.52 12.48 -2.66
C MET A 3730 69.79 11.63 -1.63
N ALA A 3731 69.56 10.35 -1.94
CA ALA A 3731 68.88 9.47 -1.00
C ALA A 3731 69.71 9.27 0.27
N LYS A 3732 71.02 9.09 0.13
CA LYS A 3732 71.86 8.91 1.31
C LYS A 3732 72.00 10.20 2.10
N SER A 3733 71.78 11.36 1.46
CA SER A 3733 71.86 12.62 2.19
C SER A 3733 70.84 12.66 3.33
N CYS A 3734 69.68 12.03 3.13
CA CYS A 3734 68.64 11.96 4.16
C CYS A 3734 68.86 10.69 4.97
N HIS A 3735 69.55 10.83 6.09
CA HIS A 3735 70.07 9.66 6.80
C HIS A 3735 68.97 8.80 7.39
N LEU A 3736 68.09 9.41 8.18
CA LEU A 3736 67.12 8.65 8.97
C LEU A 3736 67.85 7.64 9.86
N GLU A 3737 68.64 8.14 10.80
CA GLU A 3737 69.37 7.28 11.71
C GLU A 3737 68.44 6.74 12.79
N VAL A 3752 71.31 1.78 25.30
CA VAL A 3752 70.78 2.79 26.21
C VAL A 3752 69.43 3.28 25.70
N GLU A 3753 68.96 4.40 26.25
CA GLU A 3753 67.69 5.01 25.85
C GLU A 3753 67.94 6.45 25.47
N VAL A 3754 67.79 6.77 24.18
CA VAL A 3754 67.98 8.13 23.72
C VAL A 3754 66.89 9.03 24.28
N SER A 3755 67.28 10.22 24.72
CA SER A 3755 66.35 11.12 25.37
C SER A 3755 65.29 11.62 24.40
N PHE A 3756 64.21 12.17 24.96
CA PHE A 3756 63.15 12.74 24.13
C PHE A 3756 63.67 13.90 23.30
N GLU A 3757 64.51 14.74 23.90
CA GLU A 3757 65.11 15.84 23.15
C GLU A 3757 65.97 15.30 22.01
N GLU A 3758 66.71 14.23 22.27
CA GLU A 3758 67.52 13.61 21.21
C GLU A 3758 66.65 13.10 20.08
N LYS A 3759 65.55 12.43 20.41
CA LYS A 3759 64.65 11.95 19.37
C LYS A 3759 64.12 13.10 18.54
N GLU A 3760 63.62 14.15 19.21
CA GLU A 3760 63.07 15.30 18.48
C GLU A 3760 64.14 15.96 17.62
N MET A 3761 65.38 15.98 18.11
CA MET A 3761 66.44 16.65 17.37
C MET A 3761 66.81 15.87 16.13
N GLU A 3762 66.85 14.54 16.23
CA GLU A 3762 67.04 13.71 15.06
C GLU A 3762 65.90 13.92 14.06
N LYS A 3763 64.68 14.03 14.57
CA LYS A 3763 63.55 14.28 13.69
C LYS A 3763 63.71 15.60 12.94
N GLN A 3764 64.17 16.63 13.64
CA GLN A 3764 64.38 17.92 12.99
C GLN A 3764 65.50 17.86 11.96
N ARG A 3765 66.59 17.15 12.26
CA ARG A 3765 67.62 16.97 11.25
C ARG A 3765 67.04 16.31 10.00
N LEU A 3766 66.25 15.26 10.19
CA LEU A 3766 65.71 14.56 9.02
C LEU A 3766 64.80 15.47 8.22
N LEU A 3767 63.98 16.27 8.91
CA LEU A 3767 63.13 17.21 8.20
C LEU A 3767 63.94 18.21 7.41
N TYR A 3768 65.02 18.74 7.99
CA TYR A 3768 65.85 19.70 7.26
C TYR A 3768 66.51 19.05 6.06
N GLN A 3769 67.02 17.83 6.22
CA GLN A 3769 67.68 17.15 5.11
C GLN A 3769 66.68 16.88 3.99
N GLN A 3770 65.46 16.50 4.33
CA GLN A 3770 64.44 16.28 3.30
C GLN A 3770 64.00 17.59 2.67
N SER A 3771 64.03 18.69 3.43
CA SER A 3771 63.69 19.99 2.88
C SER A 3771 64.71 20.42 1.84
N ARG A 3772 66.00 20.19 2.11
CA ARG A 3772 67.02 20.57 1.14
C ARG A 3772 66.68 20.04 -0.24
N LEU A 3773 66.02 18.88 -0.31
CA LEU A 3773 65.67 18.27 -1.59
C LEU A 3773 64.30 18.67 -2.09
N HIS A 3774 63.25 18.55 -1.27
CA HIS A 3774 61.92 18.80 -1.80
C HIS A 3774 61.62 20.28 -1.96
N ASN A 3775 62.48 21.16 -1.44
CA ASN A 3775 62.38 22.58 -1.77
C ASN A 3775 63.02 22.88 -3.11
N ARG A 3776 63.55 21.88 -3.80
CA ARG A 3776 64.24 22.07 -5.07
C ARG A 3776 63.67 21.20 -6.18
N GLY A 3777 62.49 20.62 -5.99
CA GLY A 3777 61.83 19.86 -7.02
C GLY A 3777 62.06 18.36 -6.99
N ALA A 3778 62.61 17.83 -5.91
CA ALA A 3778 62.92 16.40 -5.87
C ALA A 3778 61.66 15.55 -5.97
N ALA A 3779 60.57 15.96 -5.32
CA ALA A 3779 59.35 15.18 -5.36
C ALA A 3779 58.77 15.11 -6.77
N GLU A 3780 58.70 16.26 -7.43
CA GLU A 3780 58.22 16.27 -8.81
C GLU A 3780 59.13 15.45 -9.70
N MET A 3781 60.44 15.52 -9.48
CA MET A 3781 61.35 14.71 -10.28
C MET A 3781 61.10 13.22 -10.07
N VAL A 3782 60.86 12.82 -8.83
CA VAL A 3782 60.61 11.41 -8.53
C VAL A 3782 59.35 10.94 -9.26
N LEU A 3783 58.29 11.73 -9.16
CA LEU A 3783 57.05 11.35 -9.84
C LEU A 3783 57.25 11.29 -11.35
N GLN A 3784 57.95 12.27 -11.91
CA GLN A 3784 58.18 12.29 -13.35
C GLN A 3784 58.98 11.08 -13.80
N MET A 3785 60.00 10.69 -13.05
CA MET A 3785 60.79 9.52 -13.42
C MET A 3785 60.01 8.23 -13.28
N ILE A 3786 59.17 8.10 -12.24
CA ILE A 3786 58.34 6.91 -12.14
C ILE A 3786 57.39 6.83 -13.33
N SER A 3787 56.80 7.96 -13.73
CA SER A 3787 55.94 7.94 -14.90
C SER A 3787 56.72 7.61 -16.16
N ALA A 3788 57.96 8.11 -16.26
CA ALA A 3788 58.73 7.92 -17.47
C ALA A 3788 59.22 6.48 -17.63
N CYS A 3789 59.44 5.77 -16.52
CA CYS A 3789 59.90 4.39 -16.65
C CYS A 3789 58.90 3.53 -17.40
N LYS A 3790 57.64 3.95 -17.45
CA LYS A 3790 56.60 3.25 -18.22
C LYS A 3790 56.49 1.78 -17.81
N GLY A 3791 56.57 1.54 -16.51
CA GLY A 3791 56.34 0.20 -15.99
C GLY A 3791 57.43 -0.79 -16.29
N GLU A 3792 58.64 -0.33 -16.59
CA GLU A 3792 59.77 -1.21 -16.89
C GLU A 3792 60.66 -1.28 -15.66
N THR A 3793 60.78 -2.47 -15.09
CA THR A 3793 61.64 -2.67 -13.93
C THR A 3793 63.10 -2.45 -14.33
N GLY A 3794 63.86 -1.88 -13.42
CA GLY A 3794 65.27 -1.66 -13.68
C GLY A 3794 65.91 -0.81 -12.61
N ALA A 3795 67.21 -0.56 -12.79
CA ALA A 3795 67.95 0.26 -11.85
C ALA A 3795 67.46 1.69 -11.81
N MET A 3796 67.01 2.23 -12.94
CA MET A 3796 66.48 3.59 -12.94
C MET A 3796 65.31 3.73 -11.98
N VAL A 3797 64.31 2.85 -12.12
CA VAL A 3797 63.15 2.92 -11.25
C VAL A 3797 63.52 2.52 -9.82
N SER A 3798 64.45 1.60 -9.63
CA SER A 3798 64.87 1.27 -8.27
C SER A 3798 65.45 2.49 -7.57
N SER A 3799 66.34 3.21 -8.24
CA SER A 3799 66.92 4.42 -7.65
C SER A 3799 65.85 5.46 -7.41
N THR A 3800 64.92 5.63 -8.35
CA THR A 3800 63.86 6.61 -8.16
C THR A 3800 63.02 6.27 -6.94
N LEU A 3801 62.66 5.01 -6.77
CA LEU A 3801 61.84 4.60 -5.63
C LEU A 3801 62.61 4.80 -4.32
N LYS A 3802 63.90 4.47 -4.31
CA LYS A 3802 64.67 4.69 -3.09
C LYS A 3802 64.77 6.17 -2.75
N LEU A 3803 64.95 7.03 -3.75
CA LEU A 3803 64.97 8.47 -3.48
C LEU A 3803 63.61 8.93 -2.94
N GLY A 3804 62.52 8.45 -3.53
CA GLY A 3804 61.21 8.83 -3.03
C GLY A 3804 61.01 8.43 -1.59
N ILE A 3805 61.39 7.19 -1.25
CA ILE A 3805 61.29 6.75 0.13
C ILE A 3805 62.17 7.62 1.03
N SER A 3806 63.36 7.96 0.56
CA SER A 3806 64.27 8.76 1.38
C SER A 3806 63.66 10.11 1.71
N ILE A 3807 63.04 10.77 0.74
CA ILE A 3807 62.45 12.08 1.03
C ILE A 3807 61.07 12.00 1.66
N LEU A 3808 60.44 10.83 1.65
CA LEU A 3808 59.13 10.67 2.27
C LEU A 3808 59.19 10.06 3.66
N ASN A 3809 60.34 9.55 4.09
CA ASN A 3809 60.42 8.83 5.36
C ASN A 3809 59.93 9.70 6.50
N GLY A 3810 59.25 9.07 7.46
CA GLY A 3810 58.62 9.79 8.53
C GLY A 3810 57.27 10.38 8.18
N GLY A 3811 56.70 10.02 7.03
CA GLY A 3811 55.44 10.57 6.62
C GLY A 3811 55.49 12.07 6.41
N ASN A 3812 56.49 12.53 5.65
CA ASN A 3812 56.67 13.97 5.45
C ASN A 3812 55.42 14.58 4.83
N ALA A 3813 54.70 15.38 5.60
CA ALA A 3813 53.46 15.96 5.13
C ALA A 3813 53.69 16.94 3.99
N GLU A 3814 54.75 17.74 4.07
CA GLU A 3814 55.03 18.70 3.03
C GLU A 3814 55.31 18.01 1.70
N VAL A 3815 56.12 16.95 1.73
CA VAL A 3815 56.41 16.21 0.52
C VAL A 3815 55.15 15.54 -0.01
N GLN A 3816 54.33 14.98 0.88
CA GLN A 3816 53.07 14.39 0.44
C GLN A 3816 52.20 15.41 -0.26
N GLN A 3817 52.09 16.61 0.31
CA GLN A 3817 51.27 17.65 -0.30
C GLN A 3817 51.83 18.05 -1.65
N LYS A 3818 53.15 18.21 -1.76
CA LYS A 3818 53.74 18.58 -3.05
C LYS A 3818 53.46 17.52 -4.09
N MET A 3819 53.64 16.25 -3.74
CA MET A 3819 53.39 15.17 -4.71
C MET A 3819 51.93 15.16 -5.14
N LEU A 3820 51.01 15.26 -4.19
CA LEU A 3820 49.59 15.22 -4.54
C LEU A 3820 49.22 16.40 -5.41
N ASP A 3821 49.71 17.59 -5.08
CA ASP A 3821 49.40 18.76 -5.89
C ASP A 3821 49.94 18.60 -7.30
N TYR A 3822 51.16 18.10 -7.44
CA TYR A 3822 51.71 17.90 -8.77
C TYR A 3822 50.87 16.92 -9.57
N LEU A 3823 50.51 15.79 -8.95
CA LEU A 3823 49.74 14.79 -9.66
C LEU A 3823 48.38 15.35 -10.10
N LYS A 3824 47.69 16.03 -9.19
CA LYS A 3824 46.37 16.55 -9.51
C LYS A 3824 46.44 17.68 -10.53
N ASP A 3825 47.52 18.44 -10.55
CA ASP A 3825 47.65 19.52 -11.52
C ASP A 3825 47.97 18.98 -12.91
N LYS A 3826 48.85 17.98 -12.99
CA LYS A 3826 49.25 17.47 -14.31
C LYS A 3826 48.20 16.54 -14.89
N LYS A 3827 47.46 15.81 -14.06
CA LYS A 3827 46.40 14.93 -14.54
C LYS A 3827 46.91 13.92 -15.55
N GLU A 3828 48.07 13.35 -15.27
CA GLU A 3828 48.68 12.36 -16.13
C GLU A 3828 48.37 10.96 -15.64
N VAL A 3829 48.01 10.08 -16.57
CA VAL A 3829 47.64 8.70 -16.23
C VAL A 3829 48.90 7.84 -16.19
N GLY A 3830 50.00 8.38 -16.70
CA GLY A 3830 51.23 7.63 -16.81
C GLY A 3830 51.75 7.15 -15.48
N PHE A 3831 51.62 7.98 -14.44
CA PHE A 3831 52.17 7.61 -13.14
C PHE A 3831 51.53 6.33 -12.62
N PHE A 3832 50.20 6.29 -12.57
CA PHE A 3832 49.54 5.12 -12.02
C PHE A 3832 49.58 3.94 -12.98
N GLN A 3833 49.60 4.19 -14.29
CA GLN A 3833 49.81 3.08 -15.21
C GLN A 3833 51.16 2.42 -14.98
N SER A 3834 52.20 3.23 -14.78
CA SER A 3834 53.53 2.68 -14.50
C SER A 3834 53.54 1.93 -13.18
N ILE A 3835 52.89 2.49 -12.15
CA ILE A 3835 52.86 1.81 -10.86
C ILE A 3835 52.18 0.45 -11.00
N GLN A 3836 51.05 0.41 -11.70
CA GLN A 3836 50.33 -0.84 -11.88
C GLN A 3836 51.17 -1.86 -12.64
N ALA A 3837 51.84 -1.41 -13.70
CA ALA A 3837 52.68 -2.34 -14.46
C ALA A 3837 53.81 -2.89 -13.61
N LEU A 3838 54.47 -2.03 -12.83
CA LEU A 3838 55.54 -2.51 -11.97
C LEU A 3838 55.00 -3.52 -10.96
N MET A 3839 53.84 -3.21 -10.36
CA MET A 3839 53.28 -4.08 -9.34
C MET A 3839 52.90 -5.43 -9.94
N GLN A 3840 52.44 -5.44 -11.20
CA GLN A 3840 52.18 -6.72 -11.86
C GLN A 3840 53.46 -7.47 -12.17
N THR A 3841 54.55 -6.77 -12.47
CA THR A 3841 55.82 -7.44 -12.74
C THR A 3841 56.50 -7.94 -11.47
N CYS A 3842 56.10 -7.45 -10.29
CA CYS A 3842 56.67 -7.95 -9.05
C CYS A 3842 56.49 -9.46 -8.95
N SER A 3843 57.53 -10.14 -8.47
CA SER A 3843 57.56 -11.60 -8.48
C SER A 3843 57.19 -12.16 -7.11
N VAL A 3844 56.89 -13.47 -7.10
CA VAL A 3844 56.53 -14.19 -5.88
C VAL A 3844 57.34 -15.48 -5.81
N LEU A 3845 57.07 -16.30 -4.80
CA LEU A 3845 57.78 -17.55 -4.63
C LEU A 3845 57.52 -18.47 -5.81
N ASP A 3846 58.58 -19.05 -6.36
CA ASP A 3846 58.48 -19.92 -7.53
C ASP A 3846 59.13 -21.26 -7.20
N LEU A 3847 58.31 -22.31 -7.09
CA LEU A 3847 58.83 -23.59 -6.65
C LEU A 3847 59.65 -24.28 -7.74
N ASN A 3848 59.29 -24.09 -9.01
CA ASN A 3848 60.10 -24.65 -10.09
C ASN A 3848 61.51 -24.07 -10.05
N ALA A 3849 61.60 -22.75 -9.87
CA ALA A 3849 62.91 -22.12 -9.72
C ALA A 3849 63.63 -22.63 -8.49
N PHE A 3850 62.89 -22.83 -7.39
CA PHE A 3850 63.52 -23.33 -6.18
C PHE A 3850 64.13 -24.71 -6.41
N GLU A 3851 63.39 -25.60 -7.07
CA GLU A 3851 63.90 -26.94 -7.32
C GLU A 3851 65.08 -26.92 -8.27
N ARG A 3852 65.01 -26.07 -9.29
CA ARG A 3852 66.14 -25.94 -10.21
C ARG A 3852 67.39 -25.46 -9.46
N GLN A 3853 67.21 -24.49 -8.57
CA GLN A 3853 68.33 -24.03 -7.76
C GLN A 3853 68.86 -25.12 -6.85
N ASN A 3854 67.96 -25.94 -6.29
CA ASN A 3854 68.40 -27.04 -5.44
C ASN A 3854 69.27 -28.02 -6.22
N LYS A 3855 68.85 -28.37 -7.43
CA LYS A 3855 69.65 -29.29 -8.24
C LYS A 3855 70.97 -28.64 -8.65
N ALA A 3856 70.95 -27.35 -8.97
CA ALA A 3856 72.19 -26.67 -9.32
C ALA A 3856 73.17 -26.70 -8.16
N GLU A 3857 72.68 -26.44 -6.95
CA GLU A 3857 73.55 -26.52 -5.77
C GLU A 3857 74.05 -27.94 -5.55
N GLY A 3858 73.16 -28.93 -5.72
CA GLY A 3858 73.59 -30.31 -5.58
C GLY A 3858 74.72 -30.65 -6.52
N LEU A 3859 74.67 -30.15 -7.75
CA LEU A 3859 75.81 -30.25 -8.64
C LEU A 3859 77.00 -29.50 -8.05
N GLY A 3860 78.17 -30.12 -8.10
CA GLY A 3860 79.39 -29.49 -7.62
C GLY A 3860 80.49 -29.56 -8.65
N MET A 3861 81.10 -28.42 -8.97
CA MET A 3861 82.13 -28.38 -10.00
C MET A 3861 83.27 -29.34 -9.65
N VAL A 3862 83.68 -30.14 -10.64
CA VAL A 3862 84.76 -31.11 -10.40
C VAL A 3862 86.10 -30.40 -10.33
N ASN A 3863 86.45 -29.68 -11.39
CA ASN A 3863 87.68 -28.90 -11.38
C ASN A 3863 87.61 -27.84 -10.28
N GLU A 3864 88.75 -27.23 -9.98
CA GLU A 3864 88.83 -26.26 -8.90
C GLU A 3864 87.71 -25.24 -9.00
N ASP A 3865 86.84 -25.23 -7.98
CA ASP A 3865 85.64 -24.42 -8.02
C ASP A 3865 85.97 -22.95 -8.28
N GLY A 3866 86.89 -22.40 -7.48
CA GLY A 3866 87.25 -20.99 -7.65
C GLY A 3866 87.78 -20.70 -9.04
N THR A 3867 88.60 -21.60 -9.57
CA THR A 3867 89.13 -21.40 -10.91
C THR A 3867 88.02 -21.48 -11.96
N VAL A 3868 86.90 -22.11 -11.62
CA VAL A 3868 85.79 -22.26 -12.57
C VAL A 3868 84.60 -21.48 -12.03
N ILE A 3869 83.48 -21.49 -12.76
CA ILE A 3869 82.31 -20.70 -12.39
C ILE A 3869 81.98 -20.81 -10.91
N ASN A 3870 82.30 -21.94 -10.28
CA ASN A 3870 82.09 -22.12 -8.85
C ASN A 3870 80.60 -22.01 -8.50
N ARG A 3871 79.76 -22.41 -9.45
CA ARG A 3871 78.31 -22.33 -9.29
C ARG A 3871 77.89 -20.90 -8.93
N GLN A 3872 78.29 -19.97 -9.79
CA GLN A 3872 77.97 -18.56 -9.64
C GLN A 3872 76.51 -18.33 -10.01
N ASN A 3873 75.64 -18.84 -9.14
CA ASN A 3873 74.19 -18.74 -9.32
C ASN A 3873 73.62 -17.81 -8.26
N GLY A 3874 72.88 -16.80 -8.71
CA GLY A 3874 72.21 -15.89 -7.80
C GLY A 3874 70.85 -16.41 -7.39
N GLU A 3875 70.26 -15.74 -6.39
CA GLU A 3875 68.94 -16.13 -5.92
C GLU A 3875 67.92 -15.98 -7.03
N LYS A 3876 67.31 -17.11 -7.40
CA LYS A 3876 66.29 -17.12 -8.44
C LYS A 3876 64.88 -17.08 -7.90
N VAL A 3877 64.70 -17.26 -6.60
CA VAL A 3877 63.38 -17.24 -5.98
C VAL A 3877 63.18 -15.88 -5.35
N MET A 3878 62.19 -15.13 -5.85
CA MET A 3878 61.94 -13.76 -5.43
C MET A 3878 63.24 -12.97 -5.43
N ALA A 3879 63.83 -12.85 -6.62
CA ALA A 3879 65.07 -12.09 -6.76
C ALA A 3879 64.87 -10.60 -6.62
N ASP A 3880 63.63 -10.11 -6.77
CA ASP A 3880 63.33 -8.69 -6.68
C ASP A 3880 62.56 -8.33 -5.41
N ASP A 3881 62.79 -9.07 -4.32
CA ASP A 3881 62.10 -8.79 -3.07
C ASP A 3881 62.40 -7.38 -2.60
N GLU A 3882 63.64 -6.94 -2.76
CA GLU A 3882 64.00 -5.58 -2.37
C GLU A 3882 63.19 -4.55 -3.14
N PHE A 3883 63.06 -4.75 -4.45
CA PHE A 3883 62.28 -3.81 -5.25
C PHE A 3883 60.81 -3.83 -4.85
N THR A 3884 60.25 -5.02 -4.61
CA THR A 3884 58.85 -5.09 -4.21
C THR A 3884 58.63 -4.37 -2.88
N GLN A 3885 59.53 -4.58 -1.92
CA GLN A 3885 59.43 -3.89 -0.65
C GLN A 3885 59.56 -2.39 -0.83
N ASP A 3886 60.46 -1.93 -1.70
CA ASP A 3886 60.59 -0.51 -1.94
C ASP A 3886 59.31 0.07 -2.54
N LEU A 3887 58.72 -0.63 -3.51
CA LEU A 3887 57.50 -0.14 -4.14
C LEU A 3887 56.39 0.00 -3.12
N PHE A 3888 56.17 -1.04 -2.32
CA PHE A 3888 55.06 -0.98 -1.38
C PHE A 3888 55.35 -0.04 -0.21
N ARG A 3889 56.63 0.12 0.15
CA ARG A 3889 56.99 1.13 1.14
C ARG A 3889 56.70 2.53 0.62
N PHE A 3890 57.00 2.78 -0.65
CA PHE A 3890 56.68 4.07 -1.25
C PHE A 3890 55.18 4.34 -1.21
N LEU A 3891 54.39 3.33 -1.61
CA LEU A 3891 52.94 3.52 -1.58
C LEU A 3891 52.44 3.75 -0.16
N GLN A 3892 52.97 3.02 0.82
CA GLN A 3892 52.58 3.24 2.20
C GLN A 3892 52.96 4.64 2.66
N LEU A 3893 54.17 5.09 2.35
CA LEU A 3893 54.64 6.40 2.77
C LEU A 3893 53.80 7.51 2.16
N LEU A 3894 53.22 7.28 0.98
CA LEU A 3894 52.33 8.30 0.42
C LEU A 3894 51.14 8.56 1.34
N CYS A 3895 50.56 7.50 1.91
CA CYS A 3895 49.37 7.64 2.74
C CYS A 3895 49.68 7.74 4.23
N GLU A 3896 50.93 7.58 4.65
CA GLU A 3896 51.22 7.52 6.07
C GLU A 3896 50.85 8.83 6.75
N GLY A 3897 50.39 8.73 7.99
CA GLY A 3897 49.87 9.87 8.72
C GLY A 3897 48.39 10.10 8.55
N HIS A 3898 47.66 9.13 8.02
CA HIS A 3898 46.22 9.27 7.77
C HIS A 3898 45.96 10.43 6.82
N ASN A 3899 46.67 10.43 5.69
CA ASN A 3899 46.48 11.43 4.65
C ASN A 3899 45.28 11.02 3.83
N ASN A 3900 44.11 11.56 4.18
CA ASN A 3900 42.87 11.17 3.51
C ASN A 3900 42.94 11.48 2.02
N ASP A 3901 43.64 12.54 1.63
CA ASP A 3901 43.64 12.94 0.22
C ASP A 3901 44.32 11.88 -0.63
N PHE A 3902 45.53 11.45 -0.26
CA PHE A 3902 46.13 10.33 -0.95
C PHE A 3902 45.36 9.04 -0.77
N GLN A 3903 44.80 8.79 0.42
CA GLN A 3903 44.05 7.57 0.61
C GLN A 3903 42.91 7.46 -0.40
N ASN A 3904 42.33 8.60 -0.77
CA ASN A 3904 41.27 8.60 -1.78
C ASN A 3904 41.84 8.60 -3.19
N TYR A 3905 42.93 9.34 -3.42
CA TYR A 3905 43.48 9.45 -4.75
C TYR A 3905 44.02 8.11 -5.24
N LEU A 3906 44.63 7.33 -4.36
CA LEU A 3906 45.14 6.02 -4.75
C LEU A 3906 44.02 5.09 -5.20
N ARG A 3907 42.78 5.38 -4.84
CA ARG A 3907 41.64 4.59 -5.26
C ARG A 3907 40.98 5.15 -6.52
N THR A 3908 40.74 6.45 -6.57
CA THR A 3908 40.10 7.08 -7.72
C THR A 3908 40.78 8.40 -8.02
N GLN A 3909 41.33 8.52 -9.22
CA GLN A 3909 41.88 9.79 -9.72
C GLN A 3909 40.77 10.50 -10.46
N THR A 3910 40.09 11.41 -9.77
CA THR A 3910 38.89 12.03 -10.30
C THR A 3910 39.17 12.80 -11.60
N GLY A 3911 40.20 13.64 -11.59
CA GLY A 3911 40.46 14.47 -12.75
C GLY A 3911 40.88 13.67 -13.96
N ASN A 3912 41.65 12.61 -13.76
CA ASN A 3912 42.22 11.87 -14.88
C ASN A 3912 41.11 11.28 -15.75
N THR A 3913 41.44 11.03 -17.01
CA THR A 3913 40.48 10.40 -17.92
C THR A 3913 40.19 8.97 -17.51
N THR A 3914 41.22 8.23 -17.09
CA THR A 3914 41.06 6.87 -16.62
C THR A 3914 41.70 6.73 -15.25
N THR A 3915 41.06 5.94 -14.39
CA THR A 3915 41.52 5.73 -13.02
C THR A 3915 42.00 4.30 -12.85
N ILE A 3916 42.94 4.12 -11.93
CA ILE A 3916 43.47 2.81 -11.57
C ILE A 3916 43.36 2.67 -10.07
N ASN A 3917 42.81 1.54 -9.61
CA ASN A 3917 42.58 1.32 -8.19
C ASN A 3917 43.81 0.63 -7.60
N ILE A 3918 44.74 1.43 -7.08
CA ILE A 3918 45.97 0.87 -6.52
C ILE A 3918 45.66 0.00 -5.33
N ILE A 3919 44.55 0.26 -4.62
CA ILE A 3919 44.16 -0.61 -3.52
C ILE A 3919 43.92 -2.02 -4.03
N ILE A 3920 43.14 -2.14 -5.11
CA ILE A 3920 42.85 -3.46 -5.67
C ILE A 3920 44.10 -4.07 -6.28
N CYS A 3921 44.98 -3.27 -6.88
CA CYS A 3921 46.22 -3.84 -7.38
C CYS A 3921 47.06 -4.43 -6.25
N THR A 3922 47.14 -3.75 -5.11
CA THR A 3922 47.84 -4.28 -3.96
C THR A 3922 47.19 -5.58 -3.48
N VAL A 3923 45.85 -5.61 -3.44
CA VAL A 3923 45.17 -6.84 -3.03
C VAL A 3923 45.50 -7.98 -3.99
N ASP A 3924 45.56 -7.69 -5.29
CA ASP A 3924 45.87 -8.73 -6.27
C ASP A 3924 47.27 -9.28 -6.05
N TYR A 3925 48.25 -8.39 -5.84
CA TYR A 3925 49.59 -8.89 -5.56
C TYR A 3925 49.62 -9.72 -4.28
N LEU A 3926 48.88 -9.28 -3.26
CA LEU A 3926 48.85 -10.05 -2.02
C LEU A 3926 48.27 -11.44 -2.25
N LEU A 3927 47.23 -11.53 -3.08
CA LEU A 3927 46.64 -12.83 -3.38
C LEU A 3927 47.65 -13.73 -4.10
N ARG A 3928 48.37 -13.17 -5.07
CA ARG A 3928 49.40 -13.96 -5.75
C ARG A 3928 50.45 -14.47 -4.76
N LEU A 3929 50.91 -13.58 -3.88
CA LEU A 3929 51.92 -13.98 -2.90
C LEU A 3929 51.39 -15.04 -1.96
N GLN A 3930 50.14 -14.92 -1.52
CA GLN A 3930 49.54 -15.91 -0.64
C GLN A 3930 49.48 -17.26 -1.32
N GLU A 3931 49.08 -17.29 -2.59
CA GLU A 3931 49.03 -18.56 -3.31
C GLU A 3931 50.41 -19.18 -3.41
N SER A 3932 51.42 -18.36 -3.71
CA SER A 3932 52.78 -18.89 -3.79
C SER A 3932 53.23 -19.47 -2.46
N ILE A 3933 52.94 -18.76 -1.37
CA ILE A 3933 53.36 -19.22 -0.04
C ILE A 3933 52.64 -20.51 0.32
N SER A 3934 51.36 -20.62 -0.02
CA SER A 3934 50.64 -21.87 0.26
C SER A 3934 51.23 -23.02 -0.53
N ASP A 3935 51.59 -22.79 -1.80
CA ASP A 3935 52.23 -23.83 -2.58
C ASP A 3935 53.54 -24.27 -1.94
N PHE A 3936 54.32 -23.30 -1.48
CA PHE A 3936 55.63 -23.61 -0.91
C PHE A 3936 55.47 -24.39 0.40
N TYR A 3937 54.49 -24.01 1.21
CA TYR A 3937 54.18 -24.77 2.41
C TYR A 3937 53.79 -26.20 2.05
N TRP A 3938 52.86 -26.37 1.11
CA TRP A 3938 52.47 -27.72 0.71
C TRP A 3938 53.68 -28.52 0.25
N TYR A 3939 54.64 -27.88 -0.41
CA TYR A 3939 55.87 -28.57 -0.77
C TYR A 3939 56.59 -29.08 0.46
N TYR A 3940 56.69 -28.24 1.50
CA TYR A 3940 57.43 -28.62 2.70
C TYR A 3940 56.58 -29.34 3.75
N SER A 3941 55.32 -29.67 3.45
CA SER A 3941 54.44 -30.20 4.48
C SER A 3941 54.90 -31.57 4.97
N GLY A 3942 55.22 -32.47 4.03
CA GLY A 3942 55.62 -33.81 4.39
C GLY A 3942 56.94 -33.85 5.14
N LYS A 3943 57.91 -33.06 4.68
CA LYS A 3943 59.25 -33.10 5.25
C LYS A 3943 59.20 -32.75 6.73
N ASP A 3944 60.01 -33.46 7.52
CA ASP A 3944 60.01 -33.25 8.97
C ASP A 3944 60.58 -31.88 9.33
N VAL A 3945 61.67 -31.48 8.68
CA VAL A 3945 62.34 -30.22 8.98
C VAL A 3945 62.55 -29.45 7.68
N ILE A 3946 62.68 -28.15 7.82
CA ILE A 3946 62.89 -27.26 6.67
C ILE A 3946 64.37 -26.89 6.61
N GLU A 3947 64.97 -27.03 5.44
CA GLU A 3947 66.39 -26.75 5.28
C GLU A 3947 66.63 -25.25 5.12
N GLU A 3948 67.91 -24.89 5.08
CA GLU A 3948 68.30 -23.49 5.25
C GLU A 3948 67.78 -22.60 4.12
N GLN A 3949 67.89 -23.07 2.88
CA GLN A 3949 67.40 -22.26 1.76
C GLN A 3949 65.89 -22.12 1.80
N GLY A 3950 65.19 -23.18 2.21
CA GLY A 3950 63.76 -23.05 2.41
C GLY A 3950 63.42 -22.01 3.47
N LYS A 3951 64.18 -21.99 4.55
CA LYS A 3951 63.95 -20.99 5.58
C LYS A 3951 64.18 -19.59 5.04
N ARG A 3952 65.25 -19.40 4.27
CA ARG A 3952 65.53 -18.09 3.70
C ARG A 3952 64.42 -17.64 2.76
N ASN A 3953 63.91 -18.55 1.93
CA ASN A 3953 62.84 -18.19 1.03
C ASN A 3953 61.56 -17.84 1.78
N PHE A 3954 61.22 -18.62 2.82
CA PHE A 3954 60.10 -18.26 3.67
C PHE A 3954 60.30 -16.87 4.26
N SER A 3955 61.50 -16.58 4.75
CA SER A 3955 61.74 -15.28 5.38
C SER A 3955 61.55 -14.14 4.37
N LYS A 3956 62.07 -14.31 3.15
CA LYS A 3956 61.88 -13.28 2.14
C LYS A 3956 60.41 -13.06 1.82
N ALA A 3957 59.69 -14.14 1.54
CA ALA A 3957 58.28 -14.02 1.21
C ALA A 3957 57.51 -13.38 2.36
N MET A 3958 57.86 -13.74 3.59
CA MET A 3958 57.13 -13.24 4.74
C MET A 3958 57.43 -11.78 5.02
N SER A 3959 58.67 -11.34 4.78
CA SER A 3959 58.96 -9.92 4.87
C SER A 3959 58.16 -9.12 3.85
N VAL A 3960 58.09 -9.64 2.61
CA VAL A 3960 57.32 -8.93 1.59
C VAL A 3960 55.84 -8.88 1.98
N ALA A 3961 55.31 -10.00 2.48
CA ALA A 3961 53.91 -10.03 2.88
C ALA A 3961 53.64 -9.06 4.02
N LYS A 3962 54.57 -8.97 4.97
CA LYS A 3962 54.43 -8.01 6.06
C LYS A 3962 54.38 -6.59 5.53
N GLN A 3963 55.26 -6.26 4.59
CA GLN A 3963 55.24 -4.92 4.02
C GLN A 3963 53.91 -4.64 3.32
N VAL A 3964 53.40 -5.63 2.58
CA VAL A 3964 52.14 -5.43 1.87
C VAL A 3964 50.99 -5.22 2.86
N PHE A 3965 50.97 -6.00 3.94
CA PHE A 3965 49.93 -5.83 4.95
C PHE A 3965 50.01 -4.44 5.58
N ASN A 3966 51.22 -3.97 5.86
CA ASN A 3966 51.39 -2.63 6.38
C ASN A 3966 50.86 -1.58 5.41
N SER A 3967 51.13 -1.76 4.11
CA SER A 3967 50.63 -0.83 3.12
C SER A 3967 49.10 -0.81 3.10
N LEU A 3968 48.47 -1.98 3.17
CA LEU A 3968 47.01 -2.00 3.18
C LEU A 3968 46.45 -1.32 4.44
N THR A 3969 47.06 -1.59 5.59
CA THR A 3969 46.62 -0.93 6.82
C THR A 3969 46.74 0.58 6.70
N GLU A 3970 47.84 1.05 6.11
CA GLU A 3970 48.00 2.48 5.91
C GLU A 3970 46.99 3.04 4.93
N TYR A 3971 46.60 2.26 3.92
CA TYR A 3971 45.53 2.69 3.02
C TYR A 3971 44.23 2.92 3.76
N ILE A 3972 43.86 2.01 4.67
CA ILE A 3972 42.52 2.02 5.24
C ILE A 3972 42.41 2.85 6.51
N GLN A 3973 43.47 2.99 7.30
CA GLN A 3973 43.34 3.67 8.58
C GLN A 3973 42.99 5.14 8.40
N GLY A 3974 42.31 5.70 9.39
CA GLY A 3974 41.97 7.10 9.41
C GLY A 3974 40.56 7.40 9.89
N PRO A 3975 39.57 6.57 9.54
CA PRO A 3975 39.46 5.55 8.50
C PRO A 3975 39.07 6.14 7.15
N CYS A 3976 39.59 5.57 6.06
CA CYS A 3976 39.17 5.96 4.72
C CYS A 3976 38.05 5.01 4.32
N THR A 3977 36.81 5.49 4.47
CA THR A 3977 35.65 4.64 4.25
C THR A 3977 35.62 4.10 2.82
N GLY A 3978 36.02 4.92 1.85
CA GLY A 3978 36.05 4.46 0.48
C GLY A 3978 36.95 3.26 0.30
N ASN A 3979 38.16 3.33 0.87
CA ASN A 3979 39.08 2.20 0.78
C ASN A 3979 38.56 1.01 1.56
N GLN A 3980 37.91 1.25 2.69
CA GLN A 3980 37.34 0.14 3.45
C GLN A 3980 36.32 -0.61 2.61
N GLN A 3981 35.41 0.12 1.96
CA GLN A 3981 34.42 -0.52 1.10
C GLN A 3981 35.09 -1.25 -0.05
N SER A 3982 36.08 -0.61 -0.67
CA SER A 3982 36.75 -1.21 -1.81
C SER A 3982 37.40 -2.53 -1.43
N LEU A 3983 38.07 -2.57 -0.28
CA LEU A 3983 38.67 -3.82 0.17
C LEU A 3983 37.62 -4.84 0.58
N ALA A 3984 36.51 -4.39 1.17
CA ALA A 3984 35.45 -5.32 1.53
C ALA A 3984 34.90 -6.02 0.31
N HIS A 3985 34.84 -5.31 -0.82
CA HIS A 3985 34.36 -5.90 -2.07
C HIS A 3985 35.49 -6.39 -2.97
N SER A 3986 36.57 -6.91 -2.39
CA SER A 3986 37.72 -7.36 -3.15
C SER A 3986 38.02 -8.82 -2.82
N ARG A 3987 39.15 -9.31 -3.36
CA ARG A 3987 39.61 -10.66 -3.12
C ARG A 3987 40.44 -10.77 -1.85
N LEU A 3988 40.39 -9.76 -1.00
CA LEU A 3988 41.21 -9.78 0.22
C LEU A 3988 40.82 -10.94 1.12
N TRP A 3989 39.53 -11.26 1.18
CA TRP A 3989 39.08 -12.29 2.10
C TRP A 3989 39.69 -13.64 1.75
N ASP A 3990 39.81 -13.95 0.45
CA ASP A 3990 40.43 -15.21 0.05
C ASP A 3990 41.89 -15.26 0.48
N ALA A 3991 42.61 -14.16 0.32
CA ALA A 3991 43.99 -14.10 0.76
C ALA A 3991 44.09 -14.32 2.26
N VAL A 3992 43.19 -13.72 3.02
CA VAL A 3992 43.20 -13.89 4.46
C VAL A 3992 42.93 -15.34 4.83
N VAL A 3993 42.01 -15.99 4.12
CA VAL A 3993 41.71 -17.40 4.42
C VAL A 3993 42.94 -18.26 4.16
N GLY A 3994 43.58 -18.07 3.01
CA GLY A 3994 44.78 -18.85 2.72
C GLY A 3994 45.88 -18.59 3.73
N PHE A 3995 46.07 -17.32 4.12
CA PHE A 3995 47.08 -16.99 5.09
C PHE A 3995 46.77 -17.64 6.44
N LEU A 3996 45.50 -17.69 6.82
CA LEU A 3996 45.14 -18.33 8.08
C LEU A 3996 45.47 -19.81 8.05
N HIS A 3997 45.17 -20.48 6.94
CA HIS A 3997 45.51 -21.90 6.83
C HIS A 3997 47.02 -22.09 6.97
N VAL A 3998 47.80 -21.30 6.22
CA VAL A 3998 49.25 -21.44 6.27
C VAL A 3998 49.75 -21.16 7.67
N PHE A 3999 49.23 -20.10 8.32
CA PHE A 3999 49.67 -19.76 9.66
C PHE A 3999 49.42 -20.90 10.62
N ALA A 4000 48.21 -21.45 10.61
CA ALA A 4000 47.89 -22.53 11.55
C ALA A 4000 48.85 -23.69 11.37
N HIS A 4001 48.99 -24.19 10.14
CA HIS A 4001 49.79 -25.39 9.95
C HIS A 4001 51.28 -25.12 10.18
N MET A 4002 51.78 -23.97 9.73
CA MET A 4002 53.18 -23.65 9.92
C MET A 4002 53.51 -23.45 11.39
N MET A 4003 52.60 -22.84 12.16
CA MET A 4003 52.86 -22.72 13.59
C MET A 4003 52.93 -24.09 14.23
N MET A 4004 51.94 -24.94 13.95
CA MET A 4004 51.93 -26.27 14.57
C MET A 4004 53.19 -27.05 14.21
N LYS A 4005 53.70 -26.87 12.99
CA LYS A 4005 54.91 -27.59 12.61
C LYS A 4005 56.15 -26.97 13.24
N LEU A 4006 56.37 -25.67 13.00
CA LEU A 4006 57.58 -25.01 13.48
C LEU A 4006 57.72 -25.06 14.99
N ALA A 4007 56.62 -25.24 15.71
CA ALA A 4007 56.74 -25.35 17.16
C ALA A 4007 57.56 -26.57 17.57
N GLN A 4008 57.38 -27.69 16.87
CA GLN A 4008 57.95 -28.96 17.30
C GLN A 4008 59.46 -29.00 17.23
N ASP A 4009 60.10 -28.01 16.59
CA ASP A 4009 61.54 -27.96 16.49
C ASP A 4009 62.07 -26.67 17.11
N SER A 4010 63.33 -26.69 17.51
CA SER A 4010 63.98 -25.55 18.14
C SER A 4010 64.98 -24.84 17.25
N SER A 4011 65.39 -25.47 16.14
CA SER A 4011 66.33 -24.82 15.23
C SER A 4011 65.66 -23.75 14.36
N GLN A 4012 64.35 -23.61 14.45
CA GLN A 4012 63.59 -22.69 13.60
C GLN A 4012 62.71 -21.75 14.43
N ILE A 4013 63.17 -21.44 15.65
CA ILE A 4013 62.46 -20.48 16.48
C ILE A 4013 62.39 -19.13 15.79
N GLU A 4014 63.45 -18.75 15.08
CA GLU A 4014 63.46 -17.46 14.39
C GLU A 4014 62.36 -17.39 13.33
N LEU A 4015 62.23 -18.46 12.54
CA LEU A 4015 61.16 -18.48 11.55
C LEU A 4015 59.80 -18.43 12.22
N LEU A 4016 59.64 -19.16 13.32
CA LEU A 4016 58.35 -19.11 14.03
C LEU A 4016 58.05 -17.70 14.51
N LYS A 4017 59.06 -17.00 15.04
CA LYS A 4017 58.88 -15.63 15.49
C LYS A 4017 58.46 -14.72 14.34
N GLU A 4018 59.12 -14.85 13.20
CA GLU A 4018 58.77 -14.02 12.06
C GLU A 4018 57.35 -14.30 11.58
N LEU A 4019 56.97 -15.58 11.57
CA LEU A 4019 55.60 -15.94 11.21
C LEU A 4019 54.61 -15.30 12.16
N LEU A 4020 54.90 -15.34 13.45
CA LEU A 4020 54.01 -14.74 14.43
C LEU A 4020 53.89 -13.23 14.23
N ASP A 4021 55.00 -12.57 13.90
CA ASP A 4021 54.94 -11.13 13.64
C ASP A 4021 54.06 -10.84 12.42
N LEU A 4022 54.22 -11.63 11.36
CA LEU A 4022 53.37 -11.44 10.18
C LEU A 4022 51.90 -11.64 10.52
N GLN A 4023 51.61 -12.64 11.36
CA GLN A 4023 50.24 -12.86 11.79
C GLN A 4023 49.69 -11.67 12.55
N LYS A 4024 50.50 -11.10 13.43
CA LYS A 4024 50.07 -9.89 14.15
C LYS A 4024 49.74 -8.78 13.17
N ASP A 4025 50.57 -8.61 12.14
CA ASP A 4025 50.29 -7.55 11.17
C ASP A 4025 49.00 -7.80 10.42
N MET A 4026 48.73 -9.06 10.06
CA MET A 4026 47.45 -9.37 9.42
C MET A 4026 46.28 -9.01 10.33
N VAL A 4027 46.37 -9.38 11.61
CA VAL A 4027 45.27 -9.09 12.52
C VAL A 4027 45.09 -7.59 12.69
N VAL A 4028 46.20 -6.85 12.70
CA VAL A 4028 46.11 -5.40 12.79
C VAL A 4028 45.40 -4.83 11.57
N MET A 4029 45.69 -5.38 10.40
CA MET A 4029 45.01 -4.92 9.18
C MET A 4029 43.51 -5.18 9.28
N LEU A 4030 43.13 -6.35 9.79
CA LEU A 4030 41.71 -6.65 9.95
C LEU A 4030 41.06 -5.66 10.92
N LEU A 4031 41.72 -5.40 12.04
CA LEU A 4031 41.16 -4.46 13.00
C LEU A 4031 41.00 -3.09 12.38
N SER A 4032 41.98 -2.65 11.59
CA SER A 4032 41.84 -1.38 10.88
C SER A 4032 40.65 -1.40 9.94
N LEU A 4033 40.41 -2.52 9.26
CA LEU A 4033 39.21 -2.65 8.47
C LEU A 4033 37.94 -2.44 9.30
N LEU A 4034 37.97 -2.87 10.56
CA LEU A 4034 36.81 -2.73 11.43
C LEU A 4034 36.71 -1.35 12.07
N GLU A 4035 37.43 -0.35 11.57
CA GLU A 4035 37.32 1.00 12.10
C GLU A 4035 36.02 1.64 11.65
N GLY A 4036 35.43 2.47 12.50
CA GLY A 4036 34.17 3.09 12.17
C GLY A 4036 33.05 2.09 11.97
N ASN A 4037 33.16 0.91 12.57
CA ASN A 4037 32.19 -0.15 12.34
C ASN A 4037 30.82 0.24 12.87
N VAL A 4038 29.78 -0.32 12.26
CA VAL A 4038 28.42 -0.17 12.74
C VAL A 4038 27.87 -1.56 13.04
N VAL A 4039 26.78 -1.59 13.82
CA VAL A 4039 26.16 -2.86 14.16
C VAL A 4039 25.57 -3.48 12.89
N ASN A 4040 25.81 -4.77 12.71
CA ASN A 4040 25.39 -5.49 11.51
C ASN A 4040 25.96 -4.84 10.25
N GLY A 4041 27.15 -4.25 10.35
CA GLY A 4041 27.77 -3.65 9.20
C GLY A 4041 28.18 -4.67 8.17
N MET A 4042 28.31 -4.20 6.92
CA MET A 4042 28.64 -5.09 5.82
C MET A 4042 30.03 -5.69 6.01
N ILE A 4043 31.01 -4.87 6.39
CA ILE A 4043 32.37 -5.38 6.58
C ILE A 4043 32.39 -6.38 7.73
N ALA A 4044 31.66 -6.09 8.80
CA ALA A 4044 31.61 -7.03 9.92
C ALA A 4044 31.01 -8.35 9.49
N ARG A 4045 29.92 -8.32 8.73
CA ARG A 4045 29.29 -9.56 8.30
C ARG A 4045 30.22 -10.35 7.38
N GLN A 4046 30.91 -9.65 6.48
CA GLN A 4046 31.82 -10.36 5.56
C GLN A 4046 33.00 -10.95 6.31
N MET A 4047 33.49 -10.25 7.35
CA MET A 4047 34.57 -10.80 8.14
C MET A 4047 34.11 -12.02 8.92
N VAL A 4048 32.87 -11.98 9.42
CA VAL A 4048 32.32 -13.16 10.10
C VAL A 4048 32.23 -14.32 9.14
N ASP A 4049 31.78 -14.07 7.91
CA ASP A 4049 31.73 -15.13 6.91
C ASP A 4049 33.11 -15.69 6.63
N MET A 4050 34.11 -14.81 6.54
CA MET A 4050 35.48 -15.27 6.30
C MET A 4050 35.96 -16.17 7.43
N LEU A 4051 35.71 -15.76 8.67
CA LEU A 4051 36.13 -16.58 9.81
C LEU A 4051 35.42 -17.93 9.81
N VAL A 4052 34.12 -17.92 9.52
CA VAL A 4052 33.37 -19.18 9.47
C VAL A 4052 33.94 -20.09 8.39
N GLU A 4053 34.30 -19.51 7.24
CA GLU A 4053 34.90 -20.30 6.18
C GLU A 4053 36.23 -20.91 6.63
N SER A 4054 37.04 -20.14 7.36
CA SER A 4054 38.33 -20.62 7.84
C SER A 4054 38.26 -21.09 9.29
N SER A 4055 37.13 -21.64 9.71
CA SER A 4055 36.92 -21.96 11.11
C SER A 4055 38.01 -22.86 11.68
N SER A 4056 38.30 -23.97 11.01
CA SER A 4056 39.20 -24.97 11.60
C SER A 4056 40.58 -24.38 11.85
N ASN A 4057 41.10 -23.62 10.89
CA ASN A 4057 42.42 -23.02 11.07
C ASN A 4057 42.42 -22.04 12.24
N VAL A 4058 41.35 -21.25 12.38
CA VAL A 4058 41.24 -20.35 13.51
C VAL A 4058 41.22 -21.14 14.81
N GLU A 4059 40.52 -22.28 14.83
CA GLU A 4059 40.50 -23.11 16.02
C GLU A 4059 41.89 -23.60 16.37
N MET A 4060 42.66 -24.03 15.37
CA MET A 4060 44.02 -24.48 15.63
C MET A 4060 44.88 -23.36 16.19
N ILE A 4061 44.76 -22.17 15.61
CA ILE A 4061 45.53 -21.02 16.10
C ILE A 4061 45.19 -20.74 17.56
N LEU A 4062 43.89 -20.73 17.86
CA LEU A 4062 43.46 -20.43 19.22
C LEU A 4062 43.97 -21.48 20.19
N LYS A 4063 43.94 -22.75 19.80
CA LYS A 4063 44.46 -23.81 20.66
C LYS A 4063 45.95 -23.61 20.92
N PHE A 4064 46.72 -23.31 19.86
CA PHE A 4064 48.14 -23.04 20.05
C PHE A 4064 48.35 -21.94 21.08
N PHE A 4065 47.65 -20.83 20.91
CA PHE A 4065 47.85 -19.69 21.79
C PHE A 4065 47.46 -20.02 23.23
N ASP A 4066 46.33 -20.70 23.42
CA ASP A 4066 45.90 -20.98 24.80
C ASP A 4066 46.84 -21.96 25.47
N MET A 4067 47.35 -22.94 24.72
CA MET A 4067 48.31 -23.87 25.28
C MET A 4067 49.54 -23.13 25.78
N PHE A 4068 50.15 -22.30 24.92
CA PHE A 4068 51.38 -21.66 25.33
C PHE A 4068 51.13 -20.48 26.26
N LEU A 4069 49.87 -20.10 26.49
CA LEU A 4069 49.57 -19.15 27.55
C LEU A 4069 49.42 -19.86 28.88
N LYS A 4070 48.72 -20.99 28.90
CA LYS A 4070 48.60 -21.76 30.14
C LYS A 4070 49.94 -22.31 30.59
N LEU A 4071 50.87 -22.51 29.66
CA LEU A 4071 52.16 -23.08 30.03
C LEU A 4071 52.87 -22.22 31.06
N LYS A 4072 52.96 -20.92 30.77
CA LYS A 4072 53.71 -20.01 31.68
C LYS A 4072 53.07 -20.10 33.08
N ASP A 4073 51.74 -20.14 33.11
CA ASP A 4073 51.02 -20.23 34.41
C ASP A 4073 51.45 -21.50 35.15
N ILE A 4074 51.36 -22.66 34.48
CA ILE A 4074 51.67 -23.94 35.17
C ILE A 4074 53.14 -23.91 35.64
N VAL A 4075 54.04 -23.40 34.79
CA VAL A 4075 55.48 -23.34 35.16
C VAL A 4075 55.60 -22.53 36.45
N GLY A 4076 54.87 -21.42 36.54
CA GLY A 4076 54.85 -20.62 37.78
C GLY A 4076 54.18 -21.39 38.90
N SER A 4077 53.15 -22.19 38.57
CA SER A 4077 52.39 -22.91 39.61
C SER A 4077 53.35 -23.73 40.48
N GLU A 4078 53.20 -23.63 41.80
CA GLU A 4078 54.12 -24.34 42.72
C GLU A 4078 53.96 -25.86 42.51
N ALA A 4079 52.75 -26.31 42.19
CA ALA A 4079 52.54 -27.75 41.93
C ALA A 4079 53.58 -28.24 40.93
N PHE A 4080 53.78 -27.48 39.84
CA PHE A 4080 54.82 -27.86 38.85
C PHE A 4080 56.18 -27.76 39.52
N GLN A 4081 56.45 -26.62 40.17
CA GLN A 4081 57.79 -26.42 40.77
C GLN A 4081 58.05 -27.57 41.77
N ASP A 4082 56.99 -28.04 42.43
CA ASP A 4082 57.12 -29.18 43.37
C ASP A 4082 57.48 -30.43 42.57
N TYR A 4083 56.70 -30.73 41.53
CA TYR A 4083 56.97 -31.95 40.72
C TYR A 4083 58.41 -31.89 40.22
N VAL A 4084 59.02 -30.72 40.23
CA VAL A 4084 60.45 -30.58 39.83
C VAL A 4084 61.32 -30.98 41.04
N THR A 4085 61.96 -32.15 40.97
CA THR A 4085 62.83 -32.60 42.07
C THR A 4085 64.26 -32.26 41.72
N ASP A 4086 64.62 -32.40 40.44
CA ASP A 4086 66.01 -32.08 39.99
C ASP A 4086 66.40 -30.70 40.53
N PRO A 4087 67.56 -30.57 41.21
CA PRO A 4087 68.00 -29.29 41.76
C PRO A 4087 68.22 -28.25 40.67
N ARG A 4088 68.77 -28.67 39.53
CA ARG A 4088 69.06 -27.72 38.42
C ARG A 4088 67.76 -27.07 37.95
N GLY A 4089 66.65 -27.80 38.03
CA GLY A 4089 65.33 -27.25 37.64
C GLY A 4089 64.72 -28.05 36.50
N LEU A 4090 65.56 -28.62 35.65
CA LEU A 4090 65.07 -29.37 34.47
C LEU A 4090 64.32 -30.63 34.92
N ILE A 4091 63.00 -30.66 34.76
CA ILE A 4091 62.21 -31.88 35.10
C ILE A 4091 62.46 -32.92 33.99
N SER A 4092 62.06 -34.17 34.21
CA SER A 4092 62.28 -35.24 33.21
C SER A 4092 61.12 -35.25 32.19
N LYS A 4093 61.37 -35.76 30.98
CA LYS A 4093 60.30 -35.84 29.97
C LYS A 4093 59.15 -36.65 30.57
N LYS A 4094 59.46 -37.76 31.25
CA LYS A 4094 58.41 -38.55 31.92
C LYS A 4094 57.82 -37.74 33.09
N ASP A 4095 58.65 -36.90 33.71
CA ASP A 4095 58.22 -36.11 34.91
C ASP A 4095 57.37 -34.91 34.47
N PHE A 4096 57.76 -34.22 33.40
CA PHE A 4096 56.91 -33.11 32.89
C PHE A 4096 55.54 -33.71 32.59
N GLN A 4097 55.53 -34.89 31.97
CA GLN A 4097 54.25 -35.57 31.68
C GLN A 4097 53.44 -35.61 32.98
N LYS A 4098 54.11 -35.85 34.12
CA LYS A 4098 53.40 -35.92 35.42
C LYS A 4098 52.85 -34.54 35.81
N ALA A 4099 53.65 -33.49 35.70
CA ALA A 4099 53.19 -32.14 36.13
C ALA A 4099 51.89 -31.83 35.40
N MET A 4100 51.89 -32.00 34.08
CA MET A 4100 50.67 -31.73 33.28
C MET A 4100 49.56 -32.67 33.75
N ASP A 4101 49.88 -33.94 33.98
CA ASP A 4101 48.87 -34.92 34.46
C ASP A 4101 48.21 -34.36 35.73
N SER A 4102 49.00 -33.80 36.64
CA SER A 4102 48.46 -33.30 37.93
C SER A 4102 47.39 -32.22 37.68
N GLN A 4103 47.74 -31.17 36.91
CA GLN A 4103 46.80 -30.04 36.70
C GLN A 4103 45.55 -30.53 35.94
N LYS A 4104 45.63 -31.68 35.28
CA LYS A 4104 44.49 -32.18 34.47
C LYS A 4104 43.99 -31.04 33.57
N GLN A 4105 44.88 -30.13 33.18
CA GLN A 4105 44.51 -28.99 32.32
C GLN A 4105 44.69 -29.40 30.85
N PHE A 4106 45.93 -29.61 30.39
CA PHE A 4106 46.20 -30.04 29.02
C PHE A 4106 45.73 -31.48 28.82
N THR A 4107 45.17 -31.76 27.65
CA THR A 4107 44.71 -33.10 27.33
C THR A 4107 45.87 -33.91 26.76
N GLY A 4108 45.72 -35.24 26.78
CA GLY A 4108 46.79 -36.15 26.41
C GLY A 4108 47.60 -35.73 25.19
N PRO A 4109 46.94 -35.61 24.04
CA PRO A 4109 47.66 -35.17 22.83
C PRO A 4109 48.31 -33.81 23.02
N GLU A 4110 47.67 -32.94 23.80
CA GLU A 4110 48.25 -31.62 24.04
C GLU A 4110 49.56 -31.75 24.80
N ILE A 4111 49.59 -32.64 25.78
CA ILE A 4111 50.83 -32.88 26.53
C ILE A 4111 51.88 -33.49 25.62
N GLN A 4112 51.46 -34.37 24.71
CA GLN A 4112 52.40 -34.94 23.74
C GLN A 4112 53.01 -33.85 22.88
N PHE A 4113 52.18 -32.91 22.41
CA PHE A 4113 52.68 -31.81 21.60
C PHE A 4113 53.63 -30.93 22.40
N LEU A 4114 53.29 -30.65 23.66
CA LEU A 4114 54.18 -29.85 24.50
C LEU A 4114 55.51 -30.55 24.70
N LEU A 4115 55.50 -31.86 24.89
CA LEU A 4115 56.74 -32.61 25.00
C LEU A 4115 57.54 -32.50 23.72
N SER A 4116 56.88 -32.68 22.56
CA SER A 4116 57.57 -32.55 21.29
C SER A 4116 58.22 -31.18 21.13
N CYS A 4117 57.55 -30.14 21.61
CA CYS A 4117 58.09 -28.79 21.57
C CYS A 4117 59.04 -28.51 22.73
N SER A 4118 59.20 -29.46 23.65
CA SER A 4118 59.96 -29.22 24.87
C SER A 4118 61.43 -28.94 24.62
N GLU A 4119 61.97 -29.42 23.50
CA GLU A 4119 63.41 -29.29 23.23
C GLU A 4119 64.21 -29.97 24.35
N ALA A 4120 63.82 -31.22 24.64
CA ALA A 4120 64.48 -31.96 25.71
C ALA A 4120 65.95 -32.20 25.36
N ASP A 4121 66.80 -32.09 26.38
CA ASP A 4121 68.22 -32.31 26.20
C ASP A 4121 68.51 -33.80 26.06
N GLU A 4122 69.79 -34.13 25.88
CA GLU A 4122 70.18 -35.53 25.73
C GLU A 4122 69.73 -36.36 26.91
N ASN A 4123 69.61 -35.71 28.07
CA ASN A 4123 69.20 -36.44 29.31
C ASN A 4123 67.74 -36.12 29.63
N GLU A 4124 66.93 -35.86 28.60
CA GLU A 4124 65.48 -35.59 28.80
C GLU A 4124 65.30 -34.46 29.83
N MET A 4125 66.18 -33.46 29.79
CA MET A 4125 66.11 -32.32 30.76
C MET A 4125 65.42 -31.13 30.08
N ILE A 4126 64.42 -30.53 30.73
CA ILE A 4126 63.63 -29.43 30.10
C ILE A 4126 63.73 -28.15 30.96
N ASN A 4127 64.51 -27.17 30.52
CA ASN A 4127 64.57 -25.87 31.24
C ASN A 4127 63.19 -25.23 31.12
N CYS A 4128 62.23 -25.66 31.94
CA CYS A 4128 60.83 -25.17 31.79
C CYS A 4128 60.78 -23.64 31.82
N GLU A 4129 61.62 -22.99 32.62
CA GLU A 4129 61.64 -21.51 32.59
C GLU A 4129 61.71 -21.05 31.12
N GLU A 4130 62.61 -21.65 30.34
CA GLU A 4130 62.78 -21.28 28.94
C GLU A 4130 61.63 -21.83 28.09
N PHE A 4131 61.20 -23.05 28.38
CA PHE A 4131 60.07 -23.65 27.67
C PHE A 4131 58.86 -22.72 27.71
N ALA A 4132 58.50 -22.28 28.91
CA ALA A 4132 57.33 -21.41 29.06
C ALA A 4132 57.57 -20.05 28.45
N ASN A 4133 58.77 -19.51 28.59
CA ASN A 4133 59.05 -18.15 28.14
C ASN A 4133 59.36 -18.06 26.65
N ARG A 4134 59.42 -19.20 25.95
CA ARG A 4134 59.80 -19.16 24.53
C ARG A 4134 58.88 -18.28 23.71
N PHE A 4135 57.57 -18.50 23.79
CA PHE A 4135 56.60 -17.78 22.96
C PHE A 4135 55.76 -16.79 23.74
N GLN A 4136 55.99 -16.65 25.06
CA GLN A 4136 55.03 -15.92 25.88
C GLN A 4136 54.76 -14.53 25.34
N GLU A 4137 55.79 -13.85 24.81
CA GLU A 4137 55.60 -12.48 24.33
C GLU A 4137 54.82 -12.45 23.02
N PRO A 4138 55.32 -13.01 21.91
CA PRO A 4138 54.54 -12.96 20.66
C PRO A 4138 53.19 -13.61 20.79
N ALA A 4139 53.13 -14.73 21.51
CA ALA A 4139 51.85 -15.39 21.74
C ALA A 4139 50.89 -14.45 22.45
N ARG A 4140 51.36 -13.76 23.49
CA ARG A 4140 50.47 -12.86 24.22
C ARG A 4140 50.00 -11.73 23.33
N ASP A 4141 50.90 -11.15 22.54
CA ASP A 4141 50.52 -10.02 21.68
C ASP A 4141 49.46 -10.43 20.68
N ILE A 4142 49.72 -11.51 19.94
CA ILE A 4142 48.77 -11.93 18.90
C ILE A 4142 47.48 -12.42 19.54
N GLY A 4143 47.56 -13.08 20.69
CA GLY A 4143 46.35 -13.52 21.36
C GLY A 4143 45.49 -12.35 21.79
N PHE A 4144 46.11 -11.31 22.31
CA PHE A 4144 45.34 -10.13 22.69
C PHE A 4144 44.68 -9.49 21.48
N ASN A 4145 45.41 -9.37 20.38
CA ASN A 4145 44.82 -8.76 19.20
C ASN A 4145 43.67 -9.61 18.66
N VAL A 4146 43.82 -10.93 18.69
CA VAL A 4146 42.76 -11.81 18.23
C VAL A 4146 41.55 -11.70 19.15
N ALA A 4147 41.78 -11.59 20.46
CA ALA A 4147 40.68 -11.41 21.40
C ALA A 4147 39.95 -10.10 21.14
N VAL A 4148 40.71 -9.04 20.85
CA VAL A 4148 40.09 -7.76 20.53
C VAL A 4148 39.25 -7.88 19.27
N LEU A 4149 39.78 -8.57 18.25
CA LEU A 4149 39.03 -8.75 17.01
C LEU A 4149 37.73 -9.50 17.27
N LEU A 4150 37.80 -10.61 18.00
CA LEU A 4150 36.61 -11.40 18.26
C LEU A 4150 35.61 -10.64 19.11
N THR A 4151 36.07 -9.87 20.10
CA THR A 4151 35.16 -9.07 20.89
C THR A 4151 34.48 -8.01 20.04
N ASN A 4152 35.24 -7.35 19.16
CA ASN A 4152 34.66 -6.36 18.27
C ASN A 4152 33.56 -6.98 17.41
N LEU A 4153 33.87 -8.12 16.79
CA LEU A 4153 32.88 -8.76 15.93
C LEU A 4153 31.66 -9.21 16.73
N SER A 4154 31.89 -9.76 17.92
CA SER A 4154 30.77 -10.24 18.72
C SER A 4154 29.85 -9.09 19.13
N GLU A 4155 30.42 -7.94 19.47
CA GLU A 4155 29.62 -6.80 19.89
C GLU A 4155 29.02 -6.02 18.75
N HIS A 4156 29.52 -6.17 17.52
CA HIS A 4156 28.93 -5.47 16.38
C HIS A 4156 28.11 -6.37 15.47
N VAL A 4157 28.08 -7.67 15.72
CA VAL A 4157 27.20 -8.58 15.00
C VAL A 4157 26.48 -9.42 16.05
N PRO A 4158 25.60 -8.82 16.85
CA PRO A 4158 25.15 -9.49 18.07
C PRO A 4158 24.45 -10.82 17.85
N HIS A 4159 23.67 -10.97 16.79
CA HIS A 4159 22.88 -12.17 16.55
C HIS A 4159 23.50 -12.95 15.40
N ASP A 4160 24.36 -13.91 15.72
CA ASP A 4160 24.96 -14.79 14.72
C ASP A 4160 25.43 -16.09 15.38
N PRO A 4161 24.66 -17.18 15.26
CA PRO A 4161 25.10 -18.44 15.88
C PRO A 4161 26.47 -18.90 15.41
N ARG A 4162 26.79 -18.63 14.14
CA ARG A 4162 28.09 -19.03 13.61
C ARG A 4162 29.21 -18.36 14.38
N LEU A 4163 29.05 -17.07 14.68
CA LEU A 4163 30.04 -16.36 15.49
C LEU A 4163 29.98 -16.84 16.94
N ARG A 4164 28.80 -17.19 17.41
CA ARG A 4164 28.65 -17.67 18.79
C ARG A 4164 29.49 -18.92 19.00
N ASN A 4165 29.53 -19.79 18.00
CA ASN A 4165 30.36 -20.99 18.09
C ASN A 4165 31.83 -20.63 18.23
N PHE A 4166 32.30 -19.65 17.46
CA PHE A 4166 33.69 -19.22 17.59
C PHE A 4166 33.96 -18.67 18.97
N LEU A 4167 33.03 -17.89 19.52
CA LEU A 4167 33.26 -17.35 20.85
C LEU A 4167 33.35 -18.47 21.88
N GLU A 4168 32.49 -19.48 21.77
CA GLU A 4168 32.61 -20.65 22.65
C GLU A 4168 33.99 -21.29 22.50
N LEU A 4169 34.45 -21.46 21.26
CA LEU A 4169 35.76 -22.06 21.04
C LEU A 4169 36.88 -21.25 21.67
N ALA A 4170 36.81 -19.92 21.55
CA ALA A 4170 37.87 -19.04 22.01
C ALA A 4170 37.66 -18.56 23.45
N GLU A 4171 36.71 -19.16 24.17
CA GLU A 4171 36.42 -18.73 25.52
C GLU A 4171 37.69 -18.64 26.38
N SER A 4172 38.60 -19.60 26.21
CA SER A 4172 39.80 -19.62 27.05
C SER A 4172 40.63 -18.36 26.86
N ILE A 4173 40.92 -17.99 25.61
CA ILE A 4173 41.73 -16.80 25.35
C ILE A 4173 40.99 -15.55 25.84
N LEU A 4174 39.69 -15.49 25.57
CA LEU A 4174 38.91 -14.33 26.01
C LEU A 4174 38.95 -14.19 27.52
N GLU A 4175 38.79 -15.31 28.23
CA GLU A 4175 38.88 -15.26 29.69
C GLU A 4175 40.26 -14.82 30.15
N TYR A 4176 41.31 -15.32 29.51
CA TYR A 4176 42.65 -14.95 29.91
C TYR A 4176 42.89 -13.45 29.74
N PHE A 4177 42.40 -12.90 28.64
CA PHE A 4177 42.66 -11.50 28.32
C PHE A 4177 41.57 -10.55 28.83
N ARG A 4178 40.55 -11.07 29.51
CA ARG A 4178 39.43 -10.26 29.98
C ARG A 4178 39.92 -9.09 30.83
N PRO A 4179 40.80 -9.31 31.82
CA PRO A 4179 41.23 -8.18 32.66
C PRO A 4179 42.08 -7.16 31.93
N TYR A 4180 42.51 -7.43 30.69
CA TYR A 4180 43.39 -6.51 29.98
C TYR A 4180 42.76 -5.86 28.76
N LEU A 4181 41.54 -6.24 28.40
CA LEU A 4181 40.88 -5.70 27.21
C LEU A 4181 40.05 -4.49 27.62
N GLY A 4182 40.65 -3.32 27.59
CA GLY A 4182 39.92 -2.11 27.92
C GLY A 4182 39.02 -1.67 26.77
N ARG A 4183 37.88 -1.08 27.13
CA ARG A 4183 36.83 -0.77 26.17
C ARG A 4183 36.18 0.55 26.58
N ILE A 4184 36.08 1.48 25.64
CA ILE A 4184 35.43 2.77 25.90
C ILE A 4184 34.55 3.13 24.73
N GLU A 4185 33.73 4.17 24.92
CA GLU A 4185 32.86 4.71 23.90
C GLU A 4185 33.15 6.19 23.71
N ILE A 4186 33.18 6.63 22.46
CA ILE A 4186 33.41 8.04 22.13
C ILE A 4186 32.41 8.46 21.06
N MET A 4187 32.31 9.77 20.86
CA MET A 4187 31.61 10.31 19.69
C MET A 4187 32.64 10.50 18.59
N GLY A 4188 32.67 9.57 17.64
CA GLY A 4188 33.73 9.52 16.66
C GLY A 4188 33.57 10.54 15.55
N ALA A 4189 34.54 10.53 14.63
CA ALA A 4189 34.51 11.45 13.50
C ALA A 4189 33.29 11.22 12.62
N SER A 4190 32.73 10.02 12.67
CA SER A 4190 31.58 9.69 11.84
C SER A 4190 30.30 10.25 12.43
N ARG A 4191 30.40 11.01 13.51
CA ARG A 4191 29.25 11.59 14.20
C ARG A 4191 28.34 10.53 14.80
N ARG A 4192 28.87 9.33 15.03
CA ARG A 4192 28.16 8.26 15.69
C ARG A 4192 28.98 7.78 16.87
N ILE A 4193 28.29 7.21 17.86
CA ILE A 4193 29.00 6.62 18.98
C ILE A 4193 29.77 5.41 18.50
N GLU A 4194 31.06 5.40 18.75
CA GLU A 4194 31.95 4.31 18.38
C GLU A 4194 32.58 3.72 19.62
N ARG A 4195 32.93 2.45 19.53
CA ARG A 4195 33.51 1.71 20.64
C ARG A 4195 34.96 1.37 20.32
N ILE A 4196 35.86 1.74 21.23
CA ILE A 4196 37.29 1.59 21.04
C ILE A 4196 37.82 0.55 22.01
N TYR A 4197 38.66 -0.34 21.52
CA TYR A 4197 39.27 -1.41 22.31
C TYR A 4197 40.77 -1.18 22.37
N PHE A 4198 41.35 -1.36 23.55
CA PHE A 4198 42.78 -1.14 23.76
C PHE A 4198 43.28 -2.08 24.85
N GLU A 4199 44.56 -1.96 25.17
CA GLU A 4199 45.24 -2.85 26.10
C GLU A 4199 45.50 -2.13 27.41
N ILE A 4200 45.19 -2.80 28.52
CA ILE A 4200 45.50 -2.31 29.85
C ILE A 4200 46.60 -3.19 30.43
N SER A 4201 47.66 -2.57 30.93
CA SER A 4201 48.77 -3.35 31.45
C SER A 4201 48.51 -3.76 32.90
N GLU A 4202 49.11 -4.89 33.28
CA GLU A 4202 48.92 -5.40 34.63
C GLU A 4202 49.43 -4.42 35.67
N THR A 4203 50.56 -3.77 35.40
CA THR A 4203 51.09 -2.78 36.33
C THR A 4203 50.09 -1.65 36.52
N ASN A 4204 49.51 -1.15 35.43
CA ASN A 4204 48.54 -0.07 35.53
C ASN A 4204 47.32 -0.51 36.33
N ARG A 4205 46.82 -1.71 36.08
CA ARG A 4205 45.64 -2.16 36.81
C ARG A 4205 45.93 -2.33 38.30
N ALA A 4206 47.11 -2.87 38.63
CA ALA A 4206 47.47 -3.00 40.04
C ALA A 4206 47.59 -1.64 40.71
N GLN A 4207 48.20 -0.69 40.01
CA GLN A 4207 48.30 0.67 40.55
C GLN A 4207 46.93 1.28 40.75
N TRP A 4208 46.01 1.01 39.83
CA TRP A 4208 44.64 1.50 39.99
C TRP A 4208 43.97 0.88 41.20
N GLU A 4209 44.19 -0.41 41.44
CA GLU A 4209 43.58 -1.07 42.59
C GLU A 4209 44.27 -0.71 43.90
N MET A 4210 45.44 -0.09 43.85
CA MET A 4210 46.09 0.33 45.08
C MET A 4210 45.12 1.20 45.89
N PRO A 4211 45.03 1.01 47.21
CA PRO A 4211 43.98 1.69 47.97
C PRO A 4211 44.05 3.22 47.93
N GLN A 4212 45.26 3.79 47.84
CA GLN A 4212 45.36 5.25 47.81
C GLN A 4212 44.62 5.81 46.60
N VAL A 4213 44.78 5.17 45.44
CA VAL A 4213 44.12 5.65 44.23
C VAL A 4213 42.61 5.57 44.39
N LYS A 4214 42.11 4.55 45.07
CA LYS A 4214 40.68 4.46 45.32
C LYS A 4214 40.19 5.64 46.16
N GLU A 4215 40.95 6.00 47.19
CA GLU A 4215 40.57 7.16 47.99
C GLU A 4215 40.59 8.43 47.16
N SER A 4216 41.59 8.58 46.29
CA SER A 4216 41.63 9.75 45.42
C SER A 4216 40.42 9.79 44.51
N LYS A 4217 40.03 8.66 43.94
CA LYS A 4217 38.85 8.62 43.08
C LYS A 4217 37.61 9.00 43.85
N ARG A 4218 37.46 8.48 45.07
CA ARG A 4218 36.29 8.80 45.87
C ARG A 4218 36.23 10.29 46.16
N GLN A 4219 37.36 10.89 46.52
CA GLN A 4219 37.40 12.32 46.78
C GLN A 4219 37.05 13.11 45.52
N PHE A 4220 37.58 12.69 44.37
CA PHE A 4220 37.29 13.38 43.13
C PHE A 4220 35.80 13.32 42.79
N ILE A 4221 35.20 12.14 42.95
CA ILE A 4221 33.77 12.00 42.68
C ILE A 4221 32.96 12.89 43.61
N PHE A 4222 33.32 12.91 44.89
CA PHE A 4222 32.64 13.77 45.84
C PHE A 4222 32.71 15.22 45.40
N ASP A 4223 33.92 15.68 45.04
CA ASP A 4223 34.07 17.07 44.63
C ASP A 4223 33.25 17.38 43.39
N VAL A 4224 33.33 16.54 42.36
CA VAL A 4224 32.61 16.80 41.14
C VAL A 4224 31.11 16.87 41.39
N VAL A 4225 30.58 15.93 42.15
CA VAL A 4225 29.14 15.88 42.35
C VAL A 4225 28.66 17.06 43.18
N ASN A 4226 29.38 17.39 44.24
CA ASN A 4226 28.91 18.43 45.15
C ASN A 4226 29.25 19.84 44.67
N GLU A 4227 30.53 20.18 44.59
CA GLU A 4227 30.89 21.56 44.28
C GLU A 4227 31.06 21.76 42.78
N GLY A 4228 31.44 20.72 42.05
CA GLY A 4228 31.62 20.84 40.62
C GLY A 4228 30.32 21.12 39.89
N GLY A 4229 30.45 21.67 38.70
CA GLY A 4229 29.34 21.97 37.83
C GLY A 4229 29.06 20.87 36.84
N GLU A 4230 28.62 21.24 35.65
CA GLU A 4230 28.32 20.28 34.59
C GLU A 4230 29.05 20.60 33.28
N SER A 4231 29.27 21.87 32.97
CA SER A 4231 30.03 22.21 31.77
C SER A 4231 31.51 21.88 31.94
N GLU A 4232 32.02 21.96 33.16
CA GLU A 4232 33.42 21.68 33.45
C GLU A 4232 33.65 20.27 33.98
N LYS A 4233 32.62 19.42 33.97
CA LYS A 4233 32.75 18.09 34.54
C LYS A 4233 33.83 17.28 33.82
N MET A 4234 33.80 17.28 32.48
CA MET A 4234 34.79 16.52 31.73
C MET A 4234 36.18 17.13 31.86
N GLU A 4235 36.27 18.44 31.95
CA GLU A 4235 37.56 19.07 32.20
C GLU A 4235 38.16 18.59 33.51
N MET A 4236 37.36 18.61 34.58
CA MET A 4236 37.85 18.13 35.87
C MET A 4236 38.20 16.66 35.81
N PHE A 4237 37.39 15.86 35.09
CA PHE A 4237 37.68 14.44 34.96
C PHE A 4237 39.02 14.21 34.29
N VAL A 4238 39.29 14.93 33.21
CA VAL A 4238 40.55 14.73 32.49
C VAL A 4238 41.72 15.19 33.35
N SER A 4239 41.53 16.27 34.11
CA SER A 4239 42.58 16.71 35.02
C SER A 4239 42.86 15.63 36.07
N PHE A 4240 41.81 15.02 36.60
CA PHE A 4240 41.99 13.96 37.59
C PHE A 4240 42.72 12.78 36.98
N CYS A 4241 42.37 12.41 35.74
CA CYS A 4241 43.06 11.31 35.08
C CYS A 4241 44.53 11.62 34.90
N GLU A 4242 44.86 12.86 34.52
CA GLU A 4242 46.25 13.23 34.35
C GLU A 4242 47.01 13.15 35.68
N ASP A 4243 46.41 13.65 36.75
CA ASP A 4243 47.05 13.57 38.06
C ASP A 4243 47.26 12.12 38.46
N THR A 4244 46.27 11.27 38.23
CA THR A 4244 46.39 9.87 38.58
C THR A 4244 47.50 9.19 37.79
N ILE A 4245 47.61 9.54 36.50
CA ILE A 4245 48.66 8.95 35.68
C ILE A 4245 50.02 9.35 36.22
N PHE A 4246 50.20 10.63 36.56
CA PHE A 4246 51.49 11.06 37.09
C PHE A 4246 51.78 10.36 38.41
N GLU A 4247 50.76 10.21 39.26
CA GLU A 4247 50.95 9.51 40.52
C GLU A 4247 51.39 8.08 40.30
N MET A 4248 50.78 7.39 39.33
CA MET A 4248 51.19 6.01 39.05
C MET A 4248 52.62 5.96 38.52
N GLN A 4249 53.02 6.95 37.71
CA GLN A 4249 54.41 6.99 37.27
C GLN A 4249 55.36 7.14 38.46
N ILE A 4250 55.00 8.01 39.41
CA ILE A 4250 55.84 8.17 40.59
C ILE A 4250 55.90 6.88 41.39
N ALA A 4251 54.76 6.21 41.53
CA ALA A 4251 54.73 4.96 42.28
C ALA A 4251 55.61 3.91 41.61
N ALA A 4252 55.55 3.82 40.29
CA ALA A 4252 56.41 2.88 39.56
C ALA A 4252 57.87 3.23 39.79
N GLN A 4253 58.21 4.52 39.74
CA GLN A 4253 59.59 4.92 39.96
C GLN A 4253 60.07 4.48 41.34
N ILE A 4254 59.32 4.80 42.38
CA ILE A 4254 59.80 4.51 43.74
C ILE A 4254 59.79 3.00 44.01
N SER A 4255 58.87 2.26 43.39
CA SER A 4255 58.73 0.85 43.70
C SER A 4255 60.05 0.12 43.48
N GLU A 4256 60.42 -0.71 44.46
CA GLU A 4256 61.67 -1.46 44.38
C GLU A 4256 61.53 -2.61 43.40
N PRO A 4257 62.62 -2.99 42.71
CA PRO A 4257 62.57 -4.12 41.77
C PRO A 4257 62.46 -5.47 42.47
N ARG A 4318 40.33 -2.40 97.08
CA ARG A 4318 41.65 -2.31 96.40
C ARG A 4318 42.09 -0.84 96.36
N ARG A 4319 43.40 -0.58 96.20
CA ARG A 4319 43.94 0.81 96.07
C ARG A 4319 44.61 0.91 94.69
N LEU A 4320 44.30 1.96 93.92
CA LEU A 4320 44.87 2.17 92.56
C LEU A 4320 45.78 3.38 92.57
N THR A 4321 47.02 3.23 92.09
CA THR A 4321 48.00 4.33 91.99
C THR A 4321 47.56 5.25 90.87
N ALA A 4322 47.85 6.54 90.96
CA ALA A 4322 47.54 7.47 89.85
C ALA A 4322 48.33 7.01 88.62
N ARG A 4323 49.58 6.60 88.80
CA ARG A 4323 50.40 6.07 87.69
C ARG A 4323 49.78 4.79 87.14
N GLU A 4324 49.29 3.92 88.02
CA GLU A 4324 48.68 2.63 87.59
C GLU A 4324 47.45 2.95 86.75
N ALA A 4325 46.66 3.94 87.18
CA ALA A 4325 45.47 4.38 86.42
C ALA A 4325 45.95 4.96 85.09
N ALA A 4326 47.06 5.72 85.11
CA ALA A 4326 47.61 6.39 83.91
C ALA A 4326 48.07 5.38 82.86
N THR A 4327 48.70 4.27 83.26
CA THR A 4327 49.28 3.29 82.31
C THR A 4327 48.16 2.59 81.57
N ALA A 4328 47.05 2.28 82.24
CA ALA A 4328 45.92 1.56 81.63
C ALA A 4328 45.15 2.47 80.69
N VAL A 4329 44.95 3.73 81.07
CA VAL A 4329 44.18 4.72 80.25
C VAL A 4329 44.93 4.96 78.94
N ALA A 4330 46.26 5.05 78.99
CA ALA A 4330 47.08 5.35 77.80
C ALA A 4330 46.94 4.23 76.76
N ALA A 4331 46.91 2.98 77.21
CA ALA A 4331 46.76 1.82 76.31
C ALA A 4331 45.41 1.94 75.59
N LEU A 4332 44.37 2.37 76.30
CA LEU A 4332 43.01 2.49 75.73
C LEU A 4332 43.01 3.55 74.62
N LEU A 4333 43.71 4.66 74.85
CA LEU A 4333 43.68 5.79 73.88
C LEU A 4333 44.48 5.40 72.64
N TRP A 4334 45.66 4.80 72.83
CA TRP A 4334 46.48 4.37 71.68
C TRP A 4334 45.65 3.41 70.82
N ALA A 4335 44.90 2.52 71.47
CA ALA A 4335 44.07 1.54 70.72
C ALA A 4335 43.04 2.29 69.87
N LEU A 4336 42.44 3.34 70.43
CA LEU A 4336 41.49 4.15 69.63
C LEU A 4336 42.24 4.70 68.41
N VAL A 4337 43.49 5.15 68.62
CA VAL A 4337 44.22 5.76 67.51
C VAL A 4337 44.63 4.71 66.48
N THR A 4338 45.12 3.57 66.95
CA THR A 4338 45.52 2.50 66.03
C THR A 4338 44.32 1.98 65.25
N ARG A 4339 43.17 1.81 65.92
CA ARG A 4339 41.98 1.36 65.21
C ARG A 4339 41.58 2.35 64.13
N ALA A 4340 41.63 3.65 64.44
CA ALA A 4340 41.32 4.67 63.45
C ALA A 4340 42.58 5.41 63.04
N PHE A 4538 83.35 6.13 43.50
CA PHE A 4538 82.53 6.01 44.70
C PHE A 4538 81.27 6.87 44.60
N TRP A 4539 81.31 7.88 43.72
CA TRP A 4539 80.13 8.68 43.46
C TRP A 4539 78.96 7.79 43.02
N GLY A 4540 79.24 6.80 42.18
CA GLY A 4540 78.17 5.89 41.77
C GLY A 4540 77.58 5.13 42.94
N GLU A 4541 78.43 4.65 43.85
CA GLU A 4541 77.94 3.94 45.02
C GLU A 4541 77.08 4.85 45.89
N LEU A 4542 77.52 6.09 46.10
CA LEU A 4542 76.71 7.03 46.87
C LEU A 4542 75.39 7.29 46.17
N GLU A 4543 75.40 7.43 44.85
CA GLU A 4543 74.15 7.69 44.13
C GLU A 4543 73.17 6.53 44.28
N VAL A 4544 73.65 5.29 44.12
CA VAL A 4544 72.76 4.15 44.23
C VAL A 4544 72.22 4.04 45.66
N GLN A 4545 73.09 4.24 46.66
CA GLN A 4545 72.63 4.15 48.04
C GLN A 4545 71.61 5.24 48.34
N ARG A 4546 71.86 6.46 47.85
CA ARG A 4546 70.94 7.57 48.08
C ARG A 4546 69.59 7.31 47.43
N VAL A 4547 69.60 6.78 46.20
CA VAL A 4547 68.34 6.48 45.53
C VAL A 4547 67.58 5.41 46.28
N LYS A 4548 68.28 4.37 46.75
CA LYS A 4548 67.63 3.35 47.55
C LYS A 4548 67.00 3.95 48.80
N PHE A 4549 67.75 4.83 49.48
CA PHE A 4549 67.26 5.43 50.72
C PHE A 4549 66.00 6.26 50.47
N LEU A 4550 66.05 7.13 49.44
CA LEU A 4550 64.91 7.97 49.14
C LEU A 4550 63.71 7.15 48.69
N ASN A 4551 63.94 6.08 47.93
CA ASN A 4551 62.83 5.21 47.54
C ASN A 4551 62.22 4.55 48.76
N TYR A 4552 63.04 4.11 49.71
CA TYR A 4552 62.51 3.51 50.93
C TYR A 4552 61.66 4.51 51.70
N LEU A 4553 62.16 5.75 51.83
CA LEU A 4553 61.39 6.77 52.54
C LEU A 4553 60.07 7.04 51.83
N SER A 4554 60.10 7.16 50.50
CA SER A 4554 58.88 7.41 49.75
C SER A 4554 57.88 6.28 49.93
N ARG A 4555 58.36 5.04 49.90
CA ARG A 4555 57.48 3.89 50.10
C ARG A 4555 56.87 3.85 51.49
N ASN A 4556 57.63 4.26 52.51
CA ASN A 4556 57.17 4.15 53.91
C ASN A 4556 56.84 5.51 54.50
N PHE A 4557 56.47 6.48 53.68
CA PHE A 4557 56.15 7.81 54.19
C PHE A 4557 55.03 7.75 55.23
N TYR A 4558 53.90 7.13 54.88
CA TYR A 4558 52.77 7.10 55.79
C TYR A 4558 53.10 6.33 57.06
N THR A 4559 53.82 5.22 56.91
CA THR A 4559 54.26 4.47 58.10
C THR A 4559 55.13 5.34 58.98
N LEU A 4560 55.99 6.16 58.37
CA LEU A 4560 56.83 7.06 59.15
C LEU A 4560 55.98 8.09 59.89
N ARG A 4561 54.92 8.60 59.26
CA ARG A 4561 54.03 9.53 59.94
C ARG A 4561 53.37 8.87 61.14
N PHE A 4562 52.88 7.64 60.98
CA PHE A 4562 52.27 6.94 62.10
C PHE A 4562 53.29 6.69 63.20
N LEU A 4563 54.53 6.38 62.83
CA LEU A 4563 55.58 6.19 63.83
C LEU A 4563 55.83 7.48 64.59
N ALA A 4564 55.85 8.61 63.89
CA ALA A 4564 56.04 9.90 64.56
C ALA A 4564 54.91 10.16 65.54
N LEU A 4565 53.67 9.85 65.15
CA LEU A 4565 52.55 10.03 66.06
C LEU A 4565 52.71 9.16 67.30
N PHE A 4566 53.11 7.90 67.12
CA PHE A 4566 53.31 7.01 68.26
C PHE A 4566 54.40 7.54 69.18
N LEU A 4567 55.50 8.03 68.59
CA LEU A 4567 56.58 8.58 69.40
C LEU A 4567 56.10 9.80 70.18
N ALA A 4568 55.27 10.62 69.57
CA ALA A 4568 54.73 11.79 70.26
C ALA A 4568 53.89 11.36 71.46
N PHE A 4569 53.03 10.35 71.28
CA PHE A 4569 52.24 9.86 72.40
C PHE A 4569 53.12 9.31 73.51
N ALA A 4570 54.15 8.54 73.17
CA ALA A 4570 55.03 8.00 74.19
C ALA A 4570 55.73 9.11 74.96
N ILE A 4571 56.23 10.11 74.22
CA ILE A 4571 56.92 11.23 74.86
C ILE A 4571 55.98 11.95 75.82
N ASN A 4572 54.72 12.15 75.40
CA ASN A 4572 53.80 12.88 76.26
C ASN A 4572 53.39 12.04 77.48
N PHE A 4573 53.27 10.73 77.29
CA PHE A 4573 52.98 9.86 78.46
C PHE A 4573 54.10 10.05 79.48
N ILE A 4574 55.34 10.02 79.00
CA ILE A 4574 56.45 10.22 79.93
C ILE A 4574 56.39 11.61 80.55
N LEU A 4575 56.07 12.62 79.74
CA LEU A 4575 55.91 13.98 80.27
C LEU A 4575 54.94 14.04 81.41
N LEU A 4576 53.93 13.17 81.43
CA LEU A 4576 52.88 13.22 82.48
C LEU A 4576 53.48 12.95 83.87
N PHE A 4577 54.78 12.68 83.95
CA PHE A 4577 55.39 12.30 85.26
C PHE A 4577 56.31 13.40 85.77
N TYR A 4578 56.33 14.59 85.13
CA TYR A 4578 57.14 15.66 85.68
C TYR A 4578 56.62 16.14 87.03
N LYS A 4579 57.53 16.75 87.78
CA LYS A 4579 57.27 17.37 89.06
C LYS A 4579 58.12 18.63 89.12
N VAL A 4580 57.65 19.61 89.90
CA VAL A 4580 58.37 20.87 90.05
C VAL A 4580 58.65 21.07 91.53
N SER A 4581 59.88 21.47 91.84
CA SER A 4581 60.29 21.68 93.22
C SER A 4581 61.10 22.95 93.32
N ASP A 4582 61.17 23.49 94.54
CA ASP A 4582 62.03 24.62 94.83
C ASP A 4582 63.45 24.19 95.20
N SER A 4583 63.66 22.90 95.47
CA SER A 4583 64.97 22.33 95.78
C SER A 4583 65.37 21.33 94.71
N PRO A 4584 66.66 21.08 94.52
CA PRO A 4584 67.08 20.16 93.47
C PRO A 4584 66.48 18.80 93.69
N PRO A 4585 66.54 17.92 92.67
CA PRO A 4585 65.94 16.57 92.72
C PRO A 4585 66.32 15.79 93.98
N ASN A 4624 65.02 32.69 92.95
CA ASN A 4624 63.76 31.97 93.15
C ASN A 4624 63.49 31.02 91.98
N MET A 4625 64.53 30.34 91.51
CA MET A 4625 64.37 29.41 90.40
C MET A 4625 63.77 28.10 90.90
N VAL A 4626 63.32 27.29 89.94
CA VAL A 4626 62.63 26.05 90.24
C VAL A 4626 63.22 24.93 89.38
N TYR A 4627 63.17 23.71 89.92
CA TYR A 4627 63.66 22.52 89.23
C TYR A 4627 62.47 21.76 88.69
N TYR A 4628 62.48 21.50 87.38
CA TYR A 4628 61.53 20.59 86.75
C TYR A 4628 62.23 19.26 86.56
N PHE A 4629 61.82 18.24 87.31
CA PHE A 4629 62.47 16.94 87.24
C PHE A 4629 61.43 15.85 87.11
N LEU A 4630 61.84 14.74 86.50
CA LEU A 4630 60.97 13.60 86.29
C LEU A 4630 61.00 12.71 87.52
N GLU A 4631 59.81 12.35 88.01
CA GLU A 4631 59.65 11.58 89.25
C GLU A 4631 59.11 10.21 88.90
N GLU A 4632 60.03 9.25 88.76
CA GLU A 4632 59.64 7.87 88.38
C GLU A 4632 60.38 6.87 89.29
N SER A 4633 59.66 5.86 89.79
CA SER A 4633 60.24 4.84 90.64
C SER A 4633 61.17 3.91 89.86
N THR A 4634 60.76 3.53 88.65
CA THR A 4634 61.56 2.60 87.87
C THR A 4634 62.92 3.19 87.53
N GLY A 4635 62.96 4.47 87.16
CA GLY A 4635 64.19 5.12 86.79
C GLY A 4635 64.61 4.92 85.35
N TYR A 4636 63.86 4.14 84.58
CA TYR A 4636 64.18 3.93 83.17
C TYR A 4636 63.55 4.98 82.25
N MET A 4637 62.65 5.80 82.81
CA MET A 4637 61.88 6.76 81.99
C MET A 4637 62.73 7.89 81.41
N GLU A 4638 63.67 8.44 82.19
CA GLU A 4638 64.46 9.57 81.72
C GLU A 4638 65.36 9.19 80.55
N PRO A 4639 66.13 8.10 80.61
CA PRO A 4639 66.83 7.67 79.39
C PRO A 4639 65.88 7.37 78.24
N ALA A 4640 64.72 6.78 78.57
CA ALA A 4640 63.71 6.53 77.56
C ALA A 4640 63.24 7.83 76.93
N LEU A 4641 63.05 8.86 77.76
CA LEU A 4641 62.65 10.16 77.23
C LEU A 4641 63.71 10.71 76.29
N ARG A 4642 64.98 10.61 76.68
CA ARG A 4642 66.04 11.13 75.82
C ARG A 4642 66.05 10.43 74.46
N CYS A 4643 66.06 9.09 74.47
CA CYS A 4643 66.13 8.36 73.21
C CYS A 4643 64.88 8.61 72.37
N LEU A 4644 63.71 8.67 73.02
CA LEU A 4644 62.48 8.89 72.28
C LEU A 4644 62.46 10.27 71.64
N SER A 4645 62.95 11.29 72.34
CA SER A 4645 62.99 12.62 71.75
C SER A 4645 63.93 12.65 70.55
N LEU A 4646 65.11 12.06 70.68
CA LEU A 4646 66.02 12.03 69.53
C LEU A 4646 65.39 11.30 68.36
N LEU A 4647 64.76 10.15 68.63
CA LEU A 4647 64.16 9.37 67.56
C LEU A 4647 63.02 10.12 66.91
N HIS A 4648 62.24 10.86 67.71
CA HIS A 4648 61.15 11.65 67.15
C HIS A 4648 61.67 12.72 66.21
N THR A 4649 62.73 13.42 66.61
CA THR A 4649 63.30 14.43 65.72
C THR A 4649 63.80 13.80 64.42
N LEU A 4650 64.48 12.65 64.53
CA LEU A 4650 64.95 11.97 63.34
C LEU A 4650 63.79 11.61 62.42
N VAL A 4651 62.72 11.07 63.00
CA VAL A 4651 61.58 10.64 62.19
C VAL A 4651 60.90 11.83 61.54
N ALA A 4652 60.86 12.97 62.23
CA ALA A 4652 60.28 14.17 61.61
C ALA A 4652 61.10 14.59 60.39
N PHE A 4653 62.42 14.57 60.53
CA PHE A 4653 63.28 14.89 59.38
C PHE A 4653 63.02 13.92 58.23
N LEU A 4654 62.94 12.63 58.54
CA LEU A 4654 62.70 11.64 57.50
C LEU A 4654 61.33 11.85 56.86
N CYS A 4655 60.34 12.29 57.64
CA CYS A 4655 59.03 12.57 57.08
C CYS A 4655 59.10 13.73 56.09
N ILE A 4656 59.85 14.79 56.43
CA ILE A 4656 60.01 15.89 55.47
C ILE A 4656 60.64 15.38 54.19
N ILE A 4657 61.69 14.57 54.30
CA ILE A 4657 62.35 14.07 53.09
C ILE A 4657 61.39 13.20 52.29
N GLY A 4658 60.64 12.33 52.96
CA GLY A 4658 59.70 11.48 52.25
C GLY A 4658 58.64 12.27 51.52
N TYR A 4659 58.10 13.30 52.17
CA TYR A 4659 57.16 14.18 51.47
C TYR A 4659 57.80 14.81 50.25
N ASN A 4660 58.99 15.40 50.44
CA ASN A 4660 59.68 16.06 49.34
C ASN A 4660 59.93 15.13 48.18
N CYS A 4661 60.12 13.83 48.42
CA CYS A 4661 60.39 12.88 47.37
C CYS A 4661 59.15 12.20 46.82
N LEU A 4662 58.02 12.27 47.51
CA LEU A 4662 56.84 11.53 47.08
C LEU A 4662 55.70 12.41 46.58
N LYS A 4663 55.43 13.53 47.25
CA LYS A 4663 54.24 14.32 46.96
C LYS A 4663 54.54 15.67 46.34
N VAL A 4664 55.71 16.25 46.61
CA VAL A 4664 56.09 17.50 45.96
C VAL A 4664 56.07 17.36 44.44
N PRO A 4665 56.52 16.24 43.85
CA PRO A 4665 56.48 16.13 42.39
C PRO A 4665 55.09 16.36 41.84
N LEU A 4666 54.05 15.89 42.52
CA LEU A 4666 52.69 16.11 42.04
C LEU A 4666 52.33 17.59 42.12
N VAL A 4667 52.76 18.29 43.17
CA VAL A 4667 52.48 19.71 43.29
C VAL A 4667 53.11 20.46 42.13
N ILE A 4668 54.38 20.16 41.85
CA ILE A 4668 55.07 20.82 40.74
C ILE A 4668 54.39 20.47 39.43
N PHE A 4669 53.98 19.22 39.26
CA PHE A 4669 53.31 18.79 38.04
C PHE A 4669 52.03 19.59 37.83
N LYS A 4670 51.22 19.73 38.87
CA LYS A 4670 49.96 20.45 38.75
C LYS A 4670 50.21 21.92 38.44
N ARG A 4671 51.17 22.54 39.12
CA ARG A 4671 51.47 23.94 38.84
C ARG A 4671 51.91 24.12 37.40
N GLU A 4672 52.83 23.28 36.93
CA GLU A 4672 53.32 23.41 35.56
C GLU A 4672 52.20 23.17 34.56
N LYS A 4673 51.36 22.18 34.82
CA LYS A 4673 50.25 21.89 33.92
C LYS A 4673 49.30 23.08 33.82
N GLU A 4674 48.91 23.64 34.96
CA GLU A 4674 48.00 24.78 34.94
C GLU A 4674 48.63 25.96 34.21
N LEU A 4675 49.90 26.23 34.48
CA LEU A 4675 50.55 27.37 33.84
C LEU A 4675 50.63 27.16 32.32
N ALA A 4676 50.94 25.94 31.89
CA ALA A 4676 51.00 25.66 30.47
C ALA A 4676 49.64 25.85 29.80
N ARG A 4677 48.58 25.35 30.45
CA ARG A 4677 47.25 25.51 29.87
C ARG A 4677 46.86 26.98 29.80
N LYS A 4678 47.16 27.75 30.85
CA LYS A 4678 46.87 29.18 30.81
C LYS A 4678 47.68 29.89 29.73
N LEU A 4679 48.92 29.50 29.52
CA LEU A 4679 49.75 30.09 28.47
C LEU A 4679 49.23 29.77 27.08
N GLU A 4680 48.76 28.55 26.84
CA GLU A 4680 48.41 28.13 25.50
C GLU A 4680 46.96 28.39 25.12
N PHE A 4681 46.04 28.45 26.09
CA PHE A 4681 44.63 28.62 25.77
C PHE A 4681 44.03 29.89 26.37
N ASP A 4682 44.82 30.68 27.09
CA ASP A 4682 44.33 31.93 27.65
C ASP A 4682 45.26 33.09 27.33
N GLY A 4683 46.49 32.79 26.90
CA GLY A 4683 47.45 33.84 26.65
C GLY A 4683 47.66 34.68 27.89
N LEU A 4684 47.86 34.01 29.03
CA LEU A 4684 47.87 34.71 30.31
C LEU A 4684 48.95 35.78 30.34
N TYR A 4685 50.14 35.48 29.82
CA TYR A 4685 51.23 36.45 29.76
C TYR A 4685 51.44 37.00 28.37
N ILE A 4686 50.49 36.78 27.46
CA ILE A 4686 50.62 37.25 26.08
C ILE A 4686 49.45 38.18 25.77
N THR A 4687 48.23 37.66 25.85
CA THR A 4687 47.06 38.46 25.57
C THR A 4687 46.63 39.26 26.79
N GLU A 4688 46.75 38.68 27.97
CA GLU A 4688 46.36 39.32 29.21
C GLU A 4688 47.57 39.40 30.14
N GLN A 4689 47.31 39.81 31.37
CA GLN A 4689 48.33 39.84 32.42
C GLN A 4689 47.67 39.44 33.73
N PRO A 4690 48.43 38.88 34.67
CA PRO A 4690 47.89 38.65 36.01
C PRO A 4690 47.37 39.95 36.61
N GLU A 4691 46.49 39.82 37.60
CA GLU A 4691 45.78 40.96 38.16
C GLU A 4691 46.58 41.70 39.23
N ASP A 4692 47.81 41.28 39.49
CA ASP A 4692 48.70 41.97 40.43
C ASP A 4692 48.30 41.69 41.88
N ASP A 4693 47.15 41.05 42.07
CA ASP A 4693 46.84 40.47 43.37
C ASP A 4693 46.98 38.96 43.33
N ASP A 4694 47.07 38.39 42.12
CA ASP A 4694 47.23 36.96 41.96
C ASP A 4694 48.70 36.61 42.17
N VAL A 4695 49.07 36.42 43.43
CA VAL A 4695 50.46 36.16 43.77
C VAL A 4695 50.96 34.92 43.05
N LYS A 4696 50.06 33.95 42.81
CA LYS A 4696 50.46 32.73 42.11
C LYS A 4696 51.03 33.08 40.74
N GLY A 4697 50.29 33.86 39.96
CA GLY A 4697 50.76 34.24 38.63
C GLY A 4697 51.98 35.15 38.69
N GLN A 4698 51.97 36.09 39.64
CA GLN A 4698 53.13 36.97 39.77
C GLN A 4698 54.41 36.17 40.00
N TRP A 4699 54.34 35.17 40.88
CA TRP A 4699 55.50 34.31 41.11
C TRP A 4699 55.80 33.45 39.89
N ASP A 4700 54.75 32.94 39.22
CA ASP A 4700 54.96 32.10 38.05
C ASP A 4700 55.70 32.84 36.95
N ARG A 4701 55.65 34.17 36.96
CA ARG A 4701 56.36 34.96 35.92
C ARG A 4701 57.86 34.62 35.92
N LEU A 4702 58.31 33.74 36.81
CA LEU A 4702 59.77 33.48 36.93
C LEU A 4702 60.17 32.23 36.15
N VAL A 4703 59.26 31.27 35.97
CA VAL A 4703 59.65 29.99 35.31
C VAL A 4703 59.45 30.09 33.80
N LEU A 4704 58.78 31.15 33.33
CA LEU A 4704 58.45 31.24 31.89
C LEU A 4704 59.74 31.16 31.04
N ASN A 4705 60.76 31.95 31.40
CA ASN A 4705 62.00 31.99 30.57
C ASN A 4705 62.95 30.85 30.96
N THR A 4706 62.61 30.11 32.01
CA THR A 4706 63.53 29.07 32.50
C THR A 4706 63.66 27.98 31.45
N PRO A 4707 64.88 27.47 31.21
CA PRO A 4707 65.09 26.43 30.22
C PRO A 4707 64.31 25.15 30.49
N SER A 4708 63.94 24.90 31.74
CA SER A 4708 63.27 23.63 32.10
C SER A 4708 61.83 23.87 32.56
N PHE A 4709 61.08 24.74 31.88
CA PHE A 4709 59.72 25.07 32.37
C PHE A 4709 58.91 23.79 32.51
N PRO A 4710 58.79 22.90 31.49
CA PRO A 4710 58.07 21.65 31.68
C PRO A 4710 59.01 20.54 32.12
N SER A 4711 59.32 20.47 33.42
CA SER A 4711 60.17 19.41 33.94
C SER A 4711 59.38 18.21 34.44
N ASN A 4712 58.22 18.44 35.05
CA ASN A 4712 57.34 17.36 35.50
C ASN A 4712 56.20 17.11 34.54
N TYR A 4713 55.55 18.16 34.05
CA TYR A 4713 54.53 17.99 33.03
C TYR A 4713 55.15 17.35 31.79
N TRP A 4714 54.48 16.33 31.26
CA TRP A 4714 55.05 15.56 30.16
C TRP A 4714 55.00 16.27 28.82
N ASP A 4715 54.20 17.32 28.68
CA ASP A 4715 54.11 18.03 27.41
C ASP A 4715 55.34 18.91 27.25
N LYS A 4716 56.30 18.44 26.45
CA LYS A 4716 57.54 19.17 26.22
C LYS A 4716 57.44 20.14 25.04
N PHE A 4717 56.29 20.20 24.38
CA PHE A 4717 56.08 21.07 23.23
C PHE A 4717 55.35 22.35 23.59
N VAL A 4718 55.14 22.60 24.88
CA VAL A 4718 54.33 23.77 25.31
C VAL A 4718 54.92 25.06 24.74
N LYS A 4719 56.22 25.29 24.92
CA LYS A 4719 56.82 26.57 24.50
C LYS A 4719 56.53 26.81 23.00
N ARG A 4720 56.76 25.79 22.17
CA ARG A 4720 56.50 25.93 20.71
C ARG A 4720 55.00 26.19 20.49
N LYS A 4721 54.15 25.32 21.02
CA LYS A 4721 52.71 25.46 20.81
C LYS A 4721 52.27 26.90 21.05
N VAL A 4722 52.65 27.43 22.21
CA VAL A 4722 52.24 28.82 22.60
C VAL A 4722 52.85 29.78 21.58
N LEU A 4723 54.14 29.61 21.27
CA LEU A 4723 54.82 30.55 20.35
C LEU A 4723 54.01 30.61 19.06
N ASP A 4724 53.79 29.47 18.41
CA ASP A 4724 53.11 29.49 17.09
C ASP A 4724 51.69 30.04 17.23
N LYS A 4725 50.94 29.66 18.26
CA LYS A 4725 49.53 30.07 18.38
C LYS A 4725 49.39 31.60 18.55
N HIS A 4726 50.21 32.22 19.39
CA HIS A 4726 50.14 33.68 19.67
C HIS A 4726 51.20 34.43 18.89
N GLY A 4727 52.00 33.73 18.09
CA GLY A 4727 53.15 34.36 17.42
C GLY A 4727 52.75 35.45 16.45
N ASP A 4728 51.72 35.27 15.64
CA ASP A 4728 51.43 36.31 14.62
C ASP A 4728 51.06 37.64 15.28
N ILE A 4729 50.19 37.59 16.29
CA ILE A 4729 49.69 38.84 16.95
C ILE A 4729 50.82 39.58 17.70
N PHE A 4730 51.66 38.86 18.44
CA PHE A 4730 52.72 39.48 19.30
C PHE A 4730 54.08 39.38 18.65
N GLY A 4731 54.13 38.85 17.44
CA GLY A 4731 55.41 38.65 16.73
C GLY A 4731 56.02 37.36 17.21
N ARG A 4732 57.16 36.97 16.63
CA ARG A 4732 57.84 35.71 17.01
C ARG A 4732 59.01 36.09 17.92
N GLU A 4733 59.39 37.38 17.96
CA GLU A 4733 60.45 37.84 18.91
C GLU A 4733 59.99 38.20 20.33
N ARG A 4734 58.81 38.78 20.57
CA ARG A 4734 58.33 39.02 21.93
C ARG A 4734 58.04 37.70 22.64
N ILE A 4735 57.37 36.77 21.96
CA ILE A 4735 57.07 35.48 22.58
C ILE A 4735 58.36 34.72 22.86
N ALA A 4736 59.30 34.77 21.93
CA ALA A 4736 60.58 34.11 22.16
C ALA A 4736 61.29 34.67 23.37
N GLU A 4737 61.29 35.99 23.52
CA GLU A 4737 61.90 36.63 24.69
C GLU A 4737 61.20 36.20 25.97
N LEU A 4738 59.86 36.20 25.96
CA LEU A 4738 59.12 35.87 27.16
C LEU A 4738 59.35 34.42 27.59
N LEU A 4739 59.39 33.51 26.62
CA LEU A 4739 59.54 32.08 26.92
C LEU A 4739 60.99 31.64 26.93
N GLY A 4740 61.94 32.56 26.74
CA GLY A 4740 63.33 32.19 26.82
C GLY A 4740 63.72 31.11 25.85
N MET A 4741 63.16 31.18 24.64
CA MET A 4741 63.44 30.23 23.58
C MET A 4741 64.02 30.98 22.39
N ASP A 4742 65.06 30.39 21.78
CA ASP A 4742 65.81 31.06 20.72
C ASP A 4742 65.44 30.46 19.39
N LEU A 4743 64.78 31.26 18.54
CA LEU A 4743 64.44 30.82 17.19
C LEU A 4743 65.70 30.60 16.36
N ALA A 4744 66.69 31.47 16.53
CA ALA A 4744 67.96 31.26 15.87
C ALA A 4744 68.51 29.88 16.19
N SER A 4745 68.40 29.48 17.45
CA SER A 4745 68.77 28.10 17.81
C SER A 4745 67.87 27.10 17.12
N LEU A 4746 66.55 27.31 17.18
CA LEU A 4746 65.63 26.33 16.63
C LEU A 4746 65.94 26.04 15.17
N GLU A 4747 66.47 27.03 14.44
CA GLU A 4747 66.81 26.85 13.03
C GLU A 4747 68.24 26.36 12.81
N ILE A 4748 69.23 26.97 13.47
CA ILE A 4748 70.62 26.60 13.24
C ILE A 4748 70.88 25.19 13.77
N THR A 4749 70.14 24.78 14.81
CA THR A 4749 70.28 23.41 15.30
C THR A 4749 69.90 22.41 14.21
N ALA A 4750 68.74 22.63 13.58
CA ALA A 4750 68.33 21.75 12.50
C ALA A 4750 69.34 21.78 11.36
N HIS A 4751 69.83 22.97 11.02
CA HIS A 4751 70.76 23.11 9.90
C HIS A 4751 72.07 22.36 10.17
N ASN A 4752 72.67 22.59 11.33
CA ASN A 4752 73.92 21.93 11.69
C ASN A 4752 74.12 22.13 13.18
N GLU A 4753 74.53 21.08 13.88
CA GLU A 4753 74.64 21.07 15.33
C GLU A 4753 75.67 20.02 15.76
N ARG A 4754 76.10 20.12 17.01
CA ARG A 4754 77.06 19.20 17.58
C ARG A 4754 76.54 18.61 18.90
N LYS A 4755 77.03 17.41 19.21
CA LYS A 4755 76.80 16.74 20.49
C LYS A 4755 78.12 16.66 21.24
N PRO A 4756 78.45 17.67 22.06
CA PRO A 4756 79.54 17.50 23.01
C PRO A 4756 79.05 16.84 24.31
N ASP A 4757 79.89 15.95 24.83
CA ASP A 4757 79.56 15.23 26.06
C ASP A 4757 80.41 15.77 27.20
N PRO A 4758 79.86 16.53 28.15
CA PRO A 4758 80.67 17.05 29.25
C PRO A 4758 81.23 15.92 30.09
N PRO A 4759 82.44 16.06 30.61
CA PRO A 4759 82.99 15.03 31.49
C PRO A 4759 82.08 14.81 32.70
N PRO A 4760 81.49 13.61 32.82
CA PRO A 4760 80.60 13.36 33.98
C PRO A 4760 81.28 13.65 35.31
N GLY A 4761 80.69 14.53 36.11
CA GLY A 4761 81.28 14.87 37.39
C GLY A 4761 80.44 15.89 38.13
N LEU A 4762 80.85 16.14 39.38
CA LEU A 4762 80.15 17.11 40.20
C LEU A 4762 80.25 18.51 39.58
N LEU A 4763 81.34 18.80 38.88
CA LEU A 4763 81.42 20.08 38.18
C LEU A 4763 80.33 20.18 37.12
N THR A 4764 80.14 19.12 36.35
CA THR A 4764 79.08 19.11 35.34
C THR A 4764 77.72 19.28 36.01
N TRP A 4765 77.51 18.56 37.12
CA TRP A 4765 76.25 18.70 37.84
C TRP A 4765 76.04 20.14 38.30
N ILE A 4766 77.11 20.80 38.75
CA ILE A 4766 77.00 22.17 39.24
C ILE A 4766 76.63 23.11 38.11
N MET A 4767 77.35 23.03 36.98
CA MET A 4767 77.01 23.91 35.87
C MET A 4767 75.61 23.63 35.34
N SER A 4768 75.14 22.39 35.44
CA SER A 4768 73.81 22.04 34.95
C SER A 4768 72.79 22.20 36.07
N ILE A 4769 72.63 23.44 36.54
CA ILE A 4769 71.61 23.73 37.60
C ILE A 4769 70.82 24.98 37.17
N ASP A 4770 69.51 24.82 36.92
CA ASP A 4770 68.67 25.96 36.49
C ASP A 4770 68.25 26.75 37.74
N VAL A 4771 69.14 27.61 38.24
CA VAL A 4771 68.84 28.34 39.51
C VAL A 4771 67.45 28.95 39.44
N LYS A 4772 67.12 29.64 38.35
CA LYS A 4772 65.81 30.34 38.28
C LYS A 4772 64.68 29.33 38.50
N TYR A 4773 64.74 28.17 37.84
CA TYR A 4773 63.71 27.12 38.04
C TYR A 4773 63.76 26.68 39.49
N GLN A 4774 64.94 26.27 39.94
CA GLN A 4774 65.08 25.81 41.35
C GLN A 4774 64.49 26.88 42.27
N ILE A 4775 64.78 28.15 42.00
CA ILE A 4775 64.29 29.20 42.93
C ILE A 4775 62.76 29.20 42.86
N TRP A 4776 62.20 29.07 41.65
CA TRP A 4776 60.73 29.02 41.46
C TRP A 4776 60.18 27.77 42.14
N LYS A 4777 60.89 26.65 42.04
CA LYS A 4777 60.39 25.37 42.61
C LYS A 4777 60.27 25.53 44.12
N PHE A 4778 61.23 26.15 44.79
CA PHE A 4778 61.30 26.32 46.24
C PHE A 4778 60.18 27.23 46.72
N GLY A 4779 59.91 28.30 45.97
CA GLY A 4779 58.76 29.13 46.30
C GLY A 4779 57.47 28.35 46.33
N VAL A 4780 57.24 27.53 45.31
CA VAL A 4780 56.02 26.73 45.27
C VAL A 4780 55.95 25.79 46.47
N ILE A 4781 57.05 25.11 46.77
CA ILE A 4781 57.05 24.14 47.86
C ILE A 4781 56.78 24.84 49.19
N PHE A 4782 57.47 25.95 49.44
CA PHE A 4782 57.33 26.65 50.71
C PHE A 4782 56.00 27.38 50.79
N THR A 4783 55.28 27.47 49.68
CA THR A 4783 53.90 27.93 49.72
C THR A 4783 52.90 26.78 49.80
N ASP A 4784 53.35 25.54 49.65
CA ASP A 4784 52.47 24.39 49.80
C ASP A 4784 52.12 24.20 51.28
N ASN A 4785 50.84 23.90 51.56
CA ASN A 4785 50.38 23.84 52.94
C ASN A 4785 50.95 22.64 53.68
N SER A 4786 50.90 21.45 53.07
CA SER A 4786 51.33 20.25 53.77
C SER A 4786 52.82 20.31 54.08
N PHE A 4787 53.62 20.83 53.14
CA PHE A 4787 55.04 20.97 53.42
C PHE A 4787 55.29 21.92 54.59
N LEU A 4788 54.53 23.00 54.66
CA LEU A 4788 54.66 23.92 55.78
C LEU A 4788 54.26 23.25 57.08
N TYR A 4789 53.22 22.43 57.05
CA TYR A 4789 52.83 21.69 58.25
C TYR A 4789 53.94 20.78 58.72
N LEU A 4790 54.57 20.06 57.78
CA LEU A 4790 55.66 19.18 58.15
C LEU A 4790 56.85 19.96 58.67
N GLY A 4791 57.13 21.12 58.08
CA GLY A 4791 58.22 21.95 58.56
C GLY A 4791 57.98 22.45 59.97
N TRP A 4792 56.74 22.86 60.25
CA TRP A 4792 56.39 23.29 61.61
C TRP A 4792 56.51 22.12 62.57
N TYR A 4793 56.10 20.92 62.14
CA TYR A 4793 56.28 19.73 62.96
C TYR A 4793 57.76 19.54 63.32
N MET A 4794 58.64 19.66 62.33
CA MET A 4794 60.07 19.52 62.58
C MET A 4794 60.58 20.60 63.52
N VAL A 4795 60.13 21.83 63.32
CA VAL A 4795 60.61 22.94 64.15
C VAL A 4795 60.21 22.72 65.60
N MET A 4796 58.96 22.33 65.84
CA MET A 4796 58.52 22.04 67.20
C MET A 4796 59.27 20.85 67.77
N SER A 4797 59.55 19.84 66.95
CA SER A 4797 60.32 18.70 67.44
C SER A 4797 61.72 19.13 67.87
N LEU A 4798 62.35 20.03 67.12
CA LEU A 4798 63.65 20.56 67.54
C LEU A 4798 63.53 21.36 68.82
N LEU A 4799 62.54 22.24 68.91
CA LEU A 4799 62.33 23.01 70.12
C LEU A 4799 62.08 22.11 71.33
N GLY A 4800 61.53 20.92 71.10
CA GLY A 4800 61.32 19.98 72.18
C GLY A 4800 62.58 19.54 72.88
N HIS A 4801 63.73 19.64 72.21
CA HIS A 4801 65.00 19.37 72.86
C HIS A 4801 65.49 20.55 73.68
N TYR A 4802 64.98 21.75 73.41
CA TYR A 4802 65.25 22.89 74.27
C TYR A 4802 64.35 22.86 75.50
N ASN A 4803 63.08 22.52 75.31
CA ASN A 4803 62.15 22.29 76.41
C ASN A 4803 61.24 21.13 76.06
N ASN A 4804 61.26 20.08 76.88
CA ASN A 4804 60.54 18.86 76.55
C ASN A 4804 59.05 19.10 76.37
N PHE A 4805 58.50 20.14 77.00
CA PHE A 4805 57.06 20.34 76.94
C PHE A 4805 56.59 20.87 75.59
N PHE A 4806 57.50 21.31 74.73
CA PHE A 4806 57.12 21.64 73.37
C PHE A 4806 56.69 20.41 72.58
N PHE A 4807 57.00 19.22 73.06
CA PHE A 4807 56.57 17.99 72.41
C PHE A 4807 55.08 17.76 72.52
N ALA A 4808 54.39 18.52 73.37
CA ALA A 4808 52.93 18.38 73.46
C ALA A 4808 52.25 18.94 72.22
N ALA A 4809 52.90 19.89 71.53
CA ALA A 4809 52.31 20.45 70.33
C ALA A 4809 52.05 19.37 69.28
N HIS A 4810 52.83 18.31 69.29
CA HIS A 4810 52.68 17.24 68.32
C HIS A 4810 51.47 16.36 68.56
N LEU A 4811 50.81 16.50 69.71
CA LEU A 4811 49.54 15.82 69.93
C LEU A 4811 48.42 16.39 69.08
N LEU A 4812 48.57 17.62 68.60
CA LEU A 4812 47.63 18.18 67.64
C LEU A 4812 47.65 17.44 66.31
N ASP A 4813 48.67 16.61 66.08
CA ASP A 4813 48.77 15.86 64.84
C ASP A 4813 47.66 14.81 64.71
N ILE A 4814 46.94 14.52 65.79
CA ILE A 4814 45.88 13.51 65.69
C ILE A 4814 44.77 14.00 64.77
N ALA A 4815 44.50 15.30 64.78
CA ALA A 4815 43.48 15.85 63.90
C ALA A 4815 43.85 15.61 62.44
N MET A 4816 45.11 15.83 62.09
CA MET A 4816 45.56 15.60 60.72
C MET A 4816 45.62 14.10 60.41
N GLY A 4817 46.01 13.28 61.37
CA GLY A 4817 46.22 11.87 61.12
C GLY A 4817 44.96 11.03 61.09
N VAL A 4818 44.26 10.95 62.22
CA VAL A 4818 43.10 10.06 62.32
C VAL A 4818 41.98 10.58 61.43
N LYS A 4819 41.42 9.69 60.62
CA LYS A 4819 40.38 10.11 59.67
C LYS A 4819 39.08 10.45 60.39
N THR A 4820 38.69 9.64 61.37
CA THR A 4820 37.45 9.90 62.10
C THR A 4820 37.50 11.26 62.79
N LEU A 4821 38.63 11.57 63.42
CA LEU A 4821 38.78 12.86 64.06
C LEU A 4821 38.77 13.98 63.03
N ARG A 4822 39.38 13.73 61.86
CA ARG A 4822 39.35 14.75 60.83
C ARG A 4822 37.93 15.06 60.41
N THR A 4823 37.08 14.04 60.27
CA THR A 4823 35.69 14.29 59.92
C THR A 4823 34.95 15.02 61.03
N ILE A 4824 35.16 14.59 62.29
CA ILE A 4824 34.49 15.25 63.40
C ILE A 4824 34.87 16.72 63.46
N LEU A 4825 36.14 17.04 63.18
CA LEU A 4825 36.57 18.42 63.22
C LEU A 4825 36.13 19.19 61.99
N SER A 4826 36.01 18.52 60.85
CA SER A 4826 35.43 19.16 59.67
C SER A 4826 33.99 19.55 59.94
N SER A 4827 33.30 18.80 60.80
CA SER A 4827 31.96 19.22 61.22
C SER A 4827 32.00 20.59 61.88
N VAL A 4828 32.99 20.83 62.74
CA VAL A 4828 33.10 22.13 63.40
C VAL A 4828 33.54 23.21 62.43
N THR A 4829 34.50 22.92 61.56
CA THR A 4829 35.05 23.93 60.66
C THR A 4829 34.17 24.19 59.44
N HIS A 4830 33.12 23.39 59.23
CA HIS A 4830 32.26 23.61 58.08
C HIS A 4830 31.61 24.98 58.15
N ASN A 4831 31.16 25.39 59.33
CA ASN A 4831 30.60 26.71 59.58
C ASN A 4831 31.52 27.56 60.45
N GLY A 4832 32.82 27.46 60.23
CA GLY A 4832 33.75 28.20 61.08
C GLY A 4832 33.58 29.70 60.98
N LYS A 4833 33.33 30.20 59.77
CA LYS A 4833 33.11 31.63 59.60
C LYS A 4833 31.89 32.09 60.38
N GLN A 4834 30.81 31.32 60.31
CA GLN A 4834 29.61 31.66 61.06
C GLN A 4834 29.86 31.60 62.55
N LEU A 4835 30.64 30.62 63.01
CA LEU A 4835 30.94 30.53 64.44
C LEU A 4835 31.72 31.76 64.90
N VAL A 4836 32.71 32.17 64.12
CA VAL A 4836 33.51 33.34 64.48
C VAL A 4836 32.64 34.59 64.50
N MET A 4837 31.77 34.75 63.49
CA MET A 4837 30.90 35.91 63.47
C MET A 4837 29.92 35.89 64.63
N THR A 4838 29.48 34.70 65.05
CA THR A 4838 28.59 34.60 66.22
C THR A 4838 29.33 35.03 67.48
N VAL A 4839 30.59 34.64 67.62
CA VAL A 4839 31.36 35.09 68.78
C VAL A 4839 31.50 36.61 68.75
N GLY A 4840 31.73 37.18 67.56
CA GLY A 4840 31.79 38.63 67.47
C GLY A 4840 30.49 39.30 67.87
N LEU A 4841 29.37 38.73 67.44
CA LEU A 4841 28.07 39.26 67.84
C LEU A 4841 27.88 39.19 69.34
N LEU A 4842 28.32 38.08 69.95
CA LEU A 4842 28.26 37.96 71.40
C LEU A 4842 29.07 39.06 72.06
N ALA A 4843 30.27 39.34 71.53
CA ALA A 4843 31.09 40.40 72.09
C ALA A 4843 30.37 41.74 72.00
N VAL A 4844 29.74 42.03 70.87
CA VAL A 4844 29.04 43.30 70.71
C VAL A 4844 27.87 43.40 71.69
N VAL A 4845 27.10 42.34 71.83
CA VAL A 4845 25.96 42.36 72.74
C VAL A 4845 26.42 42.56 74.17
N VAL A 4846 27.48 41.87 74.57
CA VAL A 4846 28.00 42.05 75.92
C VAL A 4846 28.52 43.46 76.10
N TYR A 4847 29.08 44.06 75.05
CA TYR A 4847 29.50 45.45 75.15
C TYR A 4847 28.31 46.37 75.40
N LEU A 4848 27.19 46.13 74.72
CA LEU A 4848 26.02 46.95 74.97
C LEU A 4848 25.54 46.80 76.41
N TYR A 4849 25.51 45.57 76.90
CA TYR A 4849 25.13 45.35 78.30
C TYR A 4849 26.10 46.06 79.23
N THR A 4850 27.40 46.05 78.90
CA THR A 4850 28.39 46.75 79.70
C THR A 4850 28.11 48.25 79.72
N VAL A 4851 27.75 48.81 78.58
CA VAL A 4851 27.43 50.24 78.53
C VAL A 4851 26.28 50.55 79.48
N VAL A 4852 25.22 49.75 79.40
CA VAL A 4852 24.06 50.01 80.25
C VAL A 4852 24.45 49.88 81.72
N ALA A 4853 25.19 48.83 82.08
CA ALA A 4853 25.57 48.64 83.47
C ALA A 4853 26.45 49.77 83.97
N PHE A 4854 27.41 50.20 83.16
CA PHE A 4854 28.29 51.28 83.54
C PHE A 4854 27.52 52.57 83.76
N ASN A 4855 26.52 52.84 82.93
CA ASN A 4855 25.78 54.08 83.07
C ASN A 4855 24.80 54.06 84.24
N PHE A 4856 24.16 52.93 84.52
CA PHE A 4856 23.08 52.89 85.51
C PHE A 4856 23.42 52.02 86.71
N PHE A 4857 23.78 50.75 86.51
CA PHE A 4857 24.01 49.83 87.62
C PHE A 4857 25.50 49.72 87.92
N ARG A 4858 26.02 50.67 88.68
CA ARG A 4858 27.38 50.58 89.20
C ARG A 4858 27.45 50.20 90.67
N LYS A 4859 26.46 50.56 91.47
CA LYS A 4859 26.51 50.25 92.90
C LYS A 4859 26.52 48.76 93.16
N PHE A 4860 26.08 47.95 92.21
CA PHE A 4860 25.92 46.51 92.38
C PHE A 4860 27.17 45.72 92.00
N TYR A 4861 28.19 46.36 91.47
CA TYR A 4861 29.36 45.66 90.96
C TYR A 4861 30.53 45.70 91.93
N ASN A 4862 30.23 45.69 93.23
CA ASN A 4862 31.26 45.65 94.26
C ASN A 4862 31.53 44.19 94.61
N LYS A 4863 32.65 43.66 94.15
CA LYS A 4863 33.03 42.27 94.36
C LYS A 4863 33.97 42.10 95.53
N SER A 4864 33.84 42.94 96.55
CA SER A 4864 34.67 42.89 97.74
C SER A 4864 33.81 42.66 98.97
N GLU A 4865 34.31 41.84 99.89
CA GLU A 4865 33.65 41.58 101.16
C GLU A 4865 34.10 42.51 102.26
N ASP A 4866 35.31 43.04 102.16
CA ASP A 4866 35.83 43.98 103.15
C ASP A 4866 35.28 45.37 102.87
N GLU A 4867 34.41 45.85 103.76
CA GLU A 4867 33.80 47.16 103.55
C GLU A 4867 34.84 48.27 103.51
N ASP A 4868 35.98 48.07 104.16
CA ASP A 4868 37.01 49.10 104.18
C ASP A 4868 37.71 49.22 102.84
N GLU A 4869 37.71 48.13 102.05
CA GLU A 4869 38.43 48.07 100.78
C GLU A 4869 37.47 47.61 99.69
N PRO A 4870 36.70 48.51 99.11
CA PRO A 4870 35.80 48.12 98.01
C PRO A 4870 36.59 47.73 96.77
N ASP A 4871 35.98 46.84 95.97
CA ASP A 4871 36.53 46.43 94.68
C ASP A 4871 35.44 46.57 93.62
N MET A 4872 35.33 47.77 93.06
CA MET A 4872 34.31 48.03 92.05
C MET A 4872 34.79 47.57 90.68
N LYS A 4873 34.06 46.63 90.08
CA LYS A 4873 34.42 46.07 88.80
C LYS A 4873 33.77 46.81 87.63
N CYS A 4874 33.03 47.88 87.91
CA CYS A 4874 32.39 48.63 86.85
C CYS A 4874 32.53 50.13 87.06
N ASP A 4875 33.66 50.57 87.60
CA ASP A 4875 33.96 52.00 87.70
C ASP A 4875 34.71 52.53 86.49
N ASP A 4876 35.12 51.66 85.57
CA ASP A 4876 35.64 52.08 84.28
C ASP A 4876 35.15 51.10 83.22
N MET A 4877 35.01 51.59 82.00
CA MET A 4877 34.40 50.79 80.96
C MET A 4877 35.23 49.56 80.62
N MET A 4878 36.56 49.69 80.55
CA MET A 4878 37.39 48.54 80.24
C MET A 4878 37.23 47.44 81.29
N THR A 4879 37.31 47.83 82.56
CA THR A 4879 37.16 46.84 83.62
C THR A 4879 35.77 46.22 83.61
N CYS A 4880 34.74 47.03 83.37
CA CYS A 4880 33.38 46.49 83.37
C CYS A 4880 33.17 45.53 82.21
N TYR A 4881 33.70 45.88 81.04
CA TYR A 4881 33.57 44.99 79.88
C TYR A 4881 34.32 43.69 80.11
N LEU A 4882 35.53 43.76 80.67
CA LEU A 4882 36.26 42.54 80.98
C LEU A 4882 35.48 41.70 81.98
N PHE A 4883 34.96 42.32 83.03
CA PHE A 4883 34.16 41.58 83.99
C PHE A 4883 33.00 40.87 83.31
N HIS A 4884 32.23 41.60 82.51
CA HIS A 4884 31.11 40.98 81.84
C HIS A 4884 31.56 39.81 80.97
N MET A 4885 32.41 40.08 79.97
CA MET A 4885 32.80 39.03 79.04
C MET A 4885 33.44 37.83 79.72
N TYR A 4886 34.12 38.03 80.84
CA TYR A 4886 34.86 36.95 81.47
C TYR A 4886 34.02 36.18 82.48
N VAL A 4887 33.06 36.83 83.12
CA VAL A 4887 32.35 36.23 84.24
C VAL A 4887 30.89 35.97 83.90
N GLY A 4888 30.19 36.95 83.34
CA GLY A 4888 28.78 36.76 83.06
C GLY A 4888 28.54 35.70 82.00
N VAL A 4889 29.37 35.70 80.95
CA VAL A 4889 29.21 34.72 79.88
C VAL A 4889 29.42 33.31 80.42
N ARG A 4890 30.44 33.12 81.25
CA ARG A 4890 30.74 31.81 81.81
C ARG A 4890 29.78 31.42 82.93
N ALA A 4891 29.08 32.37 83.53
CA ALA A 4891 28.15 32.05 84.60
C ALA A 4891 26.95 31.28 84.04
N GLY A 4892 26.41 30.39 84.86
CA GLY A 4892 25.28 29.58 84.43
C GLY A 4892 24.03 30.39 84.15
N GLY A 4893 23.71 31.35 85.01
CA GLY A 4893 22.55 32.20 84.84
C GLY A 4893 22.85 33.62 84.43
N GLY A 4894 24.02 33.90 83.87
CA GLY A 4894 24.36 35.23 83.43
C GLY A 4894 25.03 36.06 84.51
N ILE A 4895 25.03 37.36 84.26
CA ILE A 4895 25.71 38.29 85.16
C ILE A 4895 25.03 38.34 86.52
N GLY A 4896 23.71 38.17 86.55
CA GLY A 4896 22.97 38.25 87.79
C GLY A 4896 23.42 37.25 88.84
N ASP A 4897 23.99 36.12 88.41
CA ASP A 4897 24.53 35.15 89.36
C ASP A 4897 25.68 35.71 90.18
N GLU A 4898 26.43 36.67 89.64
CA GLU A 4898 27.67 37.12 90.24
C GLU A 4898 27.60 38.52 90.80
N ILE A 4899 26.91 39.44 90.14
CA ILE A 4899 26.76 40.78 90.69
C ILE A 4899 25.64 40.82 91.73
N GLU A 4900 25.51 41.94 92.43
CA GLU A 4900 24.78 41.99 93.70
C GLU A 4900 23.28 41.73 93.51
N ASP A 4901 22.64 41.45 94.64
CA ASP A 4901 21.20 41.17 94.66
C ASP A 4901 20.41 42.46 94.46
N PRO A 4902 19.39 42.46 93.60
CA PRO A 4902 18.62 43.68 93.35
C PRO A 4902 17.49 43.95 94.33
N ALA A 4903 17.19 43.01 95.23
CA ALA A 4903 16.01 43.14 96.06
C ALA A 4903 16.09 44.38 96.94
N GLY A 4904 14.94 45.01 97.15
CA GLY A 4904 14.85 46.17 98.02
C GLY A 4904 15.61 47.37 97.50
N ASP A 4905 15.54 47.64 96.20
CA ASP A 4905 16.22 48.77 95.59
C ASP A 4905 15.27 49.47 94.63
N GLU A 4906 15.52 50.76 94.41
CA GLU A 4906 14.65 51.54 93.54
C GLU A 4906 14.70 51.04 92.10
N TYR A 4907 15.81 50.41 91.71
CA TYR A 4907 16.00 49.92 90.35
C TYR A 4907 15.79 48.42 90.23
N GLU A 4908 14.99 47.84 91.14
CA GLU A 4908 14.89 46.39 91.19
C GLU A 4908 14.30 45.82 89.91
N LEU A 4909 13.23 46.43 89.40
CA LEU A 4909 12.58 45.87 88.21
C LEU A 4909 13.42 46.10 86.97
N TYR A 4910 14.01 47.29 86.84
CA TYR A 4910 14.92 47.52 85.72
C TYR A 4910 16.05 46.50 85.74
N ARG A 4911 16.56 46.20 86.92
CA ARG A 4911 17.64 45.23 87.06
C ARG A 4911 17.20 43.79 86.78
N VAL A 4912 16.02 43.39 87.22
CA VAL A 4912 15.61 42.02 86.93
C VAL A 4912 15.38 41.86 85.43
N VAL A 4913 14.86 42.89 84.77
CA VAL A 4913 14.76 42.85 83.32
C VAL A 4913 16.14 42.75 82.69
N PHE A 4914 17.09 43.55 83.19
CA PHE A 4914 18.46 43.49 82.70
C PHE A 4914 19.01 42.07 82.78
N ASP A 4915 18.92 41.44 83.95
CA ASP A 4915 19.47 40.12 84.16
C ASP A 4915 18.77 39.06 83.32
N ILE A 4916 17.44 39.09 83.26
CA ILE A 4916 16.71 38.09 82.49
C ILE A 4916 17.05 38.22 81.01
N THR A 4917 17.10 39.45 80.50
CA THR A 4917 17.44 39.62 79.09
C THR A 4917 18.86 39.16 78.81
N PHE A 4918 19.80 39.47 79.71
CA PHE A 4918 21.16 38.95 79.54
C PHE A 4918 21.14 37.43 79.46
N PHE A 4919 20.45 36.78 80.40
CA PHE A 4919 20.43 35.32 80.42
C PHE A 4919 19.84 34.76 79.13
N PHE A 4920 18.73 35.34 78.66
CA PHE A 4920 18.05 34.77 77.50
C PHE A 4920 18.84 35.03 76.22
N PHE A 4921 19.32 36.25 76.01
CA PHE A 4921 19.99 36.56 74.76
C PHE A 4921 21.38 35.94 74.69
N VAL A 4922 22.15 36.04 75.77
CA VAL A 4922 23.54 35.60 75.73
C VAL A 4922 23.63 34.11 76.06
N ILE A 4923 23.16 33.72 77.23
CA ILE A 4923 23.37 32.35 77.68
C ILE A 4923 22.52 31.37 76.89
N VAL A 4924 21.28 31.73 76.55
CA VAL A 4924 20.35 30.77 75.98
C VAL A 4924 20.42 30.78 74.46
N ILE A 4925 20.38 31.95 73.85
CA ILE A 4925 20.15 32.02 72.41
C ILE A 4925 21.47 31.94 71.64
N LEU A 4926 22.44 32.81 71.97
CA LEU A 4926 23.67 32.81 71.20
C LEU A 4926 24.39 31.47 71.30
N LEU A 4927 24.48 30.92 72.52
CA LEU A 4927 25.02 29.58 72.65
C LEU A 4927 24.16 28.56 71.91
N ALA A 4928 22.84 28.74 71.91
CA ALA A 4928 21.99 27.89 71.08
C ALA A 4928 22.35 28.04 69.62
N ILE A 4929 22.73 29.24 69.18
CA ILE A 4929 23.14 29.43 67.79
C ILE A 4929 24.41 28.64 67.50
N ILE A 4930 25.35 28.63 68.44
CA ILE A 4930 26.59 27.90 68.22
C ILE A 4930 26.32 26.40 68.11
N GLN A 4931 25.59 25.85 69.08
CA GLN A 4931 25.21 24.44 68.99
C GLN A 4931 24.46 24.15 67.70
N GLY A 4932 23.58 25.05 67.28
CA GLY A 4932 22.84 24.82 66.05
C GLY A 4932 23.72 24.82 64.82
N LEU A 4933 24.71 25.70 64.78
CA LEU A 4933 25.64 25.70 63.66
C LEU A 4933 26.37 24.37 63.57
N ILE A 4934 26.85 23.85 64.70
CA ILE A 4934 27.54 22.57 64.67
C ILE A 4934 26.59 21.44 64.24
N ILE A 4935 25.39 21.42 64.83
CA ILE A 4935 24.45 20.34 64.56
C ILE A 4935 24.02 20.37 63.10
N ASP A 4936 23.89 21.57 62.52
CA ASP A 4936 23.50 21.67 61.12
C ASP A 4936 24.66 21.32 60.21
N ALA A 4937 25.90 21.57 60.64
CA ALA A 4937 27.05 21.14 59.85
C ALA A 4937 27.06 19.63 59.70
N PHE A 4938 26.79 18.92 60.81
CA PHE A 4938 26.72 17.46 60.72
C PHE A 4938 25.73 17.02 59.64
N GLY A 4939 24.51 17.54 59.70
CA GLY A 4939 23.48 17.15 58.76
C GLY A 4939 23.80 17.53 57.34
N GLU A 4940 24.41 18.70 57.14
CA GLU A 4940 24.77 19.13 55.79
C GLU A 4940 25.80 18.18 55.18
N LEU A 4941 26.80 17.78 55.98
CA LEU A 4941 27.79 16.83 55.46
C LEU A 4941 27.13 15.50 55.12
N ARG A 4942 26.25 15.01 55.99
CA ARG A 4942 25.56 13.77 55.69
C ARG A 4942 24.75 13.88 54.41
N ASP A 4943 24.07 15.01 54.22
CA ASP A 4943 23.26 15.22 53.02
C ASP A 4943 24.14 15.24 51.78
N GLN A 4944 25.32 15.86 51.87
CA GLN A 4944 26.22 15.87 50.72
C GLN A 4944 26.63 14.44 50.35
N GLN A 4945 26.98 13.64 51.35
CA GLN A 4945 27.35 12.25 51.06
C GLN A 4945 26.19 11.50 50.42
N GLU A 4946 24.98 11.68 50.95
CA GLU A 4946 23.82 10.99 50.41
C GLU A 4946 23.56 11.42 48.97
N GLN A 4947 23.73 12.71 48.68
CA GLN A 4947 23.53 13.20 47.32
C GLN A 4947 24.53 12.56 46.36
N VAL A 4948 25.79 12.46 46.79
CA VAL A 4948 26.80 11.81 45.95
C VAL A 4948 26.38 10.38 45.65
N LYS A 4949 25.98 9.64 46.68
CA LYS A 4949 25.59 8.25 46.48
C LYS A 4949 24.39 8.15 45.53
N GLU A 4950 23.39 9.00 45.74
CA GLU A 4950 22.18 8.93 44.93
C GLU A 4950 22.50 9.23 43.47
N ASP A 4951 23.31 10.26 43.22
CA ASP A 4951 23.68 10.57 41.84
C ASP A 4951 24.40 9.39 41.19
N MET A 4952 25.41 8.86 41.88
CA MET A 4952 26.18 7.76 41.31
C MET A 4952 25.34 6.51 41.10
N GLU A 4953 24.27 6.31 41.84
CA GLU A 4953 23.41 5.15 41.66
C GLU A 4953 22.22 5.42 40.75
N THR A 4954 21.98 6.68 40.36
CA THR A 4954 20.82 6.98 39.53
C THR A 4954 21.19 7.30 38.10
N LYS A 4955 22.34 7.93 37.87
CA LYS A 4955 22.72 8.32 36.52
C LYS A 4955 24.19 7.98 36.26
N CYS A 4956 24.51 7.77 34.99
CA CYS A 4956 25.88 7.50 34.59
C CYS A 4956 26.71 8.77 34.68
N PHE A 4957 27.95 8.63 35.14
CA PHE A 4957 28.82 9.79 35.30
C PHE A 4957 29.20 10.39 33.95
N ILE A 4958 29.40 9.55 32.95
CA ILE A 4958 29.94 10.00 31.67
C ILE A 4958 28.84 10.59 30.79
N CYS A 4959 27.85 9.78 30.42
CA CYS A 4959 26.86 10.23 29.45
C CYS A 4959 25.71 10.98 30.13
N GLY A 4960 25.42 10.63 31.37
CA GLY A 4960 24.36 11.27 32.12
C GLY A 4960 22.99 10.64 31.98
N ILE A 4961 22.86 9.60 31.15
CA ILE A 4961 21.56 8.96 30.98
C ILE A 4961 21.14 8.31 32.30
N GLY A 4962 19.83 8.24 32.51
CA GLY A 4962 19.31 7.70 33.75
C GLY A 4962 19.47 6.19 33.83
N SER A 4963 19.29 5.67 35.05
CA SER A 4963 19.50 4.24 35.27
C SER A 4963 18.35 3.42 34.70
N ASP A 4964 17.15 3.99 34.61
CA ASP A 4964 15.99 3.21 34.17
C ASP A 4964 16.16 2.73 32.74
N TYR A 4965 16.60 3.62 31.86
CA TYR A 4965 16.76 3.26 30.46
C TYR A 4965 17.67 2.04 30.32
N PHE A 4966 18.80 2.07 31.00
CA PHE A 4966 19.70 0.91 30.97
C PHE A 4966 19.07 -0.30 31.62
N ASP A 4967 18.36 -0.11 32.74
CA ASP A 4967 17.76 -1.22 33.44
C ASP A 4967 16.65 -1.88 32.67
N THR A 4968 16.20 -1.27 31.57
CA THR A 4968 15.32 -1.97 30.64
C THR A 4968 15.82 -3.39 30.37
N THR A 4969 17.14 -3.59 30.42
CA THR A 4969 17.78 -4.89 30.28
C THR A 4969 18.25 -5.40 31.64
N PRO A 4970 18.26 -6.72 31.88
CA PRO A 4970 18.69 -7.22 33.19
C PRO A 4970 20.07 -6.73 33.60
N HIS A 4971 20.15 -6.04 34.74
CA HIS A 4971 21.42 -5.49 35.22
C HIS A 4971 22.04 -4.57 34.17
N GLY A 4972 21.18 -3.90 33.41
CA GLY A 4972 21.67 -3.05 32.34
C GLY A 4972 22.52 -1.90 32.84
N PHE A 4973 22.08 -1.24 33.91
CA PHE A 4973 22.86 -0.13 34.44
C PHE A 4973 24.19 -0.62 34.99
N GLU A 4974 24.19 -1.75 35.68
CA GLU A 4974 25.44 -2.29 36.21
C GLU A 4974 26.42 -2.59 35.06
N THR A 4975 25.93 -3.23 34.01
CA THR A 4975 26.80 -3.52 32.87
C THR A 4975 27.29 -2.24 32.22
N HIS A 4976 26.41 -1.24 32.09
CA HIS A 4976 26.82 0.01 31.45
C HIS A 4976 27.90 0.71 32.25
N THR A 4977 27.76 0.76 33.56
CA THR A 4977 28.72 1.46 34.41
C THR A 4977 29.98 0.65 34.67
N LEU A 4978 29.97 -0.66 34.41
CA LEU A 4978 31.15 -1.49 34.63
C LEU A 4978 31.94 -1.78 33.37
N GLU A 4979 31.29 -1.82 32.21
CA GLU A 4979 31.96 -2.18 30.96
C GLU A 4979 31.88 -1.08 29.93
N GLU A 4980 30.69 -0.53 29.71
CA GLU A 4980 30.49 0.39 28.60
C GLU A 4980 31.11 1.76 28.89
N HIS A 4981 30.62 2.44 29.93
CA HIS A 4981 31.11 3.76 30.31
C HIS A 4981 31.77 3.64 31.68
N ASN A 4982 33.05 3.30 31.69
CA ASN A 4982 33.78 3.06 32.93
C ASN A 4982 34.86 4.11 33.08
N LEU A 4983 34.86 4.81 34.22
CA LEU A 4983 35.85 5.85 34.46
C LEU A 4983 37.26 5.28 34.44
N ALA A 4984 37.44 4.11 35.04
CA ALA A 4984 38.75 3.47 35.01
C ALA A 4984 39.19 3.20 33.58
N ASN A 4985 38.28 2.73 32.73
CA ASN A 4985 38.64 2.46 31.35
C ASN A 4985 39.01 3.74 30.63
N TYR A 4986 38.29 4.82 30.87
CA TYR A 4986 38.64 6.09 30.23
C TYR A 4986 40.02 6.56 30.66
N MET A 4987 40.32 6.49 31.96
CA MET A 4987 41.65 6.89 32.41
C MET A 4987 42.72 6.00 31.81
N PHE A 4988 42.47 4.70 31.76
CA PHE A 4988 43.43 3.78 31.16
C PHE A 4988 43.65 4.12 29.69
N PHE A 4989 42.59 4.53 29.00
CA PHE A 4989 42.74 4.94 27.61
C PHE A 4989 43.61 6.17 27.49
N LEU A 4990 43.41 7.16 28.35
CA LEU A 4990 44.29 8.33 28.31
C LEU A 4990 45.74 7.93 28.54
N MET A 4991 45.98 7.06 29.52
CA MET A 4991 47.35 6.61 29.76
C MET A 4991 47.92 5.89 28.55
N TYR A 4992 47.16 4.97 27.97
CA TYR A 4992 47.62 4.20 26.82
C TYR A 4992 47.90 5.11 25.64
N LEU A 4993 47.04 6.11 25.42
CA LEU A 4993 47.21 7.02 24.30
C LEU A 4993 48.41 7.93 24.51
N ILE A 4994 48.66 8.35 25.74
CA ILE A 4994 49.82 9.18 26.02
C ILE A 4994 51.11 8.38 25.81
N ASN A 4995 51.13 7.13 26.26
CA ASN A 4995 52.34 6.33 26.12
C ASN A 4995 52.59 5.91 24.68
N LYS A 4996 51.54 5.58 23.94
CA LYS A 4996 51.71 5.13 22.57
C LYS A 4996 52.25 6.25 21.70
N ASP A 4997 53.06 5.89 20.71
CA ASP A 4997 53.63 6.88 19.81
C ASP A 4997 52.59 7.41 18.84
N GLU A 4998 52.67 8.70 18.54
CA GLU A 4998 51.74 9.29 17.58
C GLU A 4998 51.83 8.59 16.23
N THR A 4999 53.03 8.15 15.84
CA THR A 4999 53.18 7.44 14.59
C THR A 4999 52.42 6.12 14.61
N GLU A 5000 52.31 5.48 15.78
CA GLU A 5000 51.59 4.23 15.92
C GLU A 5000 50.11 4.42 16.23
N HIS A 5001 49.67 5.64 16.51
CA HIS A 5001 48.26 5.90 16.72
C HIS A 5001 47.44 5.43 15.52
N THR A 5002 46.29 4.82 15.79
CA THR A 5002 45.34 4.48 14.74
C THR A 5002 44.45 5.67 14.45
N GLY A 5003 43.53 5.50 13.51
CA GLY A 5003 42.67 6.62 13.12
C GLY A 5003 41.84 7.14 14.27
N GLN A 5004 41.17 6.23 14.98
CA GLN A 5004 40.38 6.64 16.13
C GLN A 5004 41.25 7.23 17.23
N GLU A 5005 42.40 6.58 17.49
CA GLU A 5005 43.32 7.09 18.49
C GLU A 5005 43.85 8.45 18.08
N SER A 5006 44.16 8.64 16.79
CA SER A 5006 44.64 9.93 16.33
C SER A 5006 43.58 11.01 16.50
N TYR A 5007 42.33 10.68 16.19
CA TYR A 5007 41.24 11.64 16.35
C TYR A 5007 41.11 12.07 17.81
N VAL A 5008 41.08 11.09 18.72
CA VAL A 5008 40.97 11.41 20.13
C VAL A 5008 42.19 12.19 20.60
N TRP A 5009 43.37 11.86 20.07
CA TRP A 5009 44.59 12.56 20.46
C TRP A 5009 44.54 14.02 20.04
N LYS A 5010 44.07 14.29 18.82
CA LYS A 5010 43.94 15.67 18.39
C LYS A 5010 42.96 16.44 19.27
N MET A 5011 41.81 15.83 19.56
CA MET A 5011 40.85 16.52 20.41
C MET A 5011 41.41 16.76 21.81
N TYR A 5012 42.14 15.78 22.37
CA TYR A 5012 42.74 15.96 23.68
C TYR A 5012 43.78 17.08 23.66
N GLN A 5013 44.61 17.12 22.63
CA GLN A 5013 45.60 18.19 22.52
C GLN A 5013 44.93 19.54 22.44
N GLU A 5014 43.82 19.64 21.74
CA GLU A 5014 43.09 20.90 21.62
C GLU A 5014 42.15 21.15 22.78
N ARG A 5015 42.08 20.23 23.75
CA ARG A 5015 41.22 20.40 24.92
C ARG A 5015 39.75 20.51 24.53
N CYS A 5016 39.36 19.70 23.55
CA CYS A 5016 37.97 19.59 23.13
C CYS A 5016 37.42 18.28 23.64
N TRP A 5017 36.45 18.36 24.56
CA TRP A 5017 35.91 17.19 25.24
C TRP A 5017 34.61 16.72 24.60
N ASP A 5018 34.47 16.93 23.29
CA ASP A 5018 33.30 16.46 22.57
C ASP A 5018 33.37 14.99 22.20
N PHE A 5019 34.53 14.35 22.33
CA PHE A 5019 34.60 12.92 22.07
C PHE A 5019 33.99 12.11 23.21
N PHE A 5020 33.87 12.71 24.39
CA PHE A 5020 33.16 12.06 25.47
C PHE A 5020 31.68 11.98 25.13
N PRO A 5021 31.06 10.80 25.15
CA PRO A 5021 29.63 10.74 24.88
C PRO A 5021 28.85 11.55 25.91
N ALA A 5022 27.81 12.22 25.45
CA ALA A 5022 27.00 13.09 26.30
C ALA A 5022 25.54 12.91 25.90
N GLY A 5023 24.73 12.35 26.79
CA GLY A 5023 23.36 12.08 26.46
C GLY A 5023 23.17 11.05 25.37
N ASP A 5024 24.20 10.25 25.07
CA ASP A 5024 24.12 9.25 24.03
C ASP A 5024 25.03 8.10 24.39
N CYS A 5025 24.78 6.95 23.77
CA CYS A 5025 25.56 5.75 24.06
C CYS A 5025 25.42 4.78 22.90
N PHE A 5026 26.18 3.70 22.96
CA PHE A 5026 26.12 2.68 21.91
C PHE A 5026 24.73 2.07 21.84
N ARG A 5027 24.12 1.78 22.99
CA ARG A 5027 22.81 1.15 23.00
C ARG A 5027 21.77 2.05 22.36
N LYS A 5028 21.76 3.33 22.72
CA LYS A 5028 20.82 4.25 22.10
C LYS A 5028 21.09 4.42 20.62
N GLN A 5029 22.37 4.50 20.24
CA GLN A 5029 22.71 4.68 18.83
C GLN A 5029 22.17 3.53 17.99
N TYR A 5030 22.41 2.29 18.42
CA TYR A 5030 21.98 1.12 17.67
C TYR A 5030 20.82 0.40 18.34
N GLU A 5031 19.88 1.15 18.92
CA GLU A 5031 18.78 0.53 19.66
C GLU A 5031 18.01 -0.47 18.81
N ASP A 5032 17.55 -0.04 17.63
CA ASP A 5032 16.65 -0.89 16.85
C ASP A 5032 17.38 -2.07 16.23
N GLN A 5033 18.60 -1.87 15.75
CA GLN A 5033 19.35 -3.02 15.23
C GLN A 5033 19.72 -3.98 16.36
N LEU A 5034 20.14 -3.44 17.51
CA LEU A 5034 20.52 -4.30 18.63
C LEU A 5034 19.33 -5.12 19.12
N SER A 5035 18.16 -4.49 19.21
CA SER A 5035 16.95 -5.18 19.68
C SER A 5035 16.64 -6.38 18.79
CA GLY B 2 100.92 8.63 -74.45
C GLY B 2 101.26 9.87 -73.65
N VAL B 3 102.54 10.08 -73.40
CA VAL B 3 103.04 11.21 -72.62
C VAL B 3 103.95 12.04 -73.50
N GLN B 4 103.75 13.35 -73.49
CA GLN B 4 104.58 14.28 -74.24
C GLN B 4 105.17 15.31 -73.27
N VAL B 5 106.48 15.53 -73.38
CA VAL B 5 107.23 16.33 -72.43
C VAL B 5 107.69 17.61 -73.10
N GLU B 6 107.44 18.74 -72.45
CA GLU B 6 107.86 20.05 -72.95
C GLU B 6 108.69 20.75 -71.88
N THR B 7 109.92 21.10 -72.22
CA THR B 7 110.81 21.70 -71.23
C THR B 7 110.28 23.06 -70.78
N ILE B 8 110.50 23.36 -69.50
CA ILE B 8 110.20 24.67 -68.94
C ILE B 8 111.47 25.38 -68.49
N SER B 9 112.33 24.68 -67.75
CA SER B 9 113.64 25.16 -67.38
C SER B 9 114.61 24.03 -67.63
N PRO B 10 115.82 24.32 -68.11
CA PRO B 10 116.76 23.26 -68.45
C PRO B 10 117.40 22.63 -67.23
N GLY B 11 117.75 21.34 -67.37
CA GLY B 11 118.51 20.63 -66.38
C GLY B 11 119.97 20.56 -66.73
N ASP B 12 120.67 19.63 -66.09
CA ASP B 12 122.08 19.42 -66.43
C ASP B 12 122.23 18.78 -67.80
N GLY B 13 121.21 18.04 -68.24
CA GLY B 13 121.21 17.45 -69.56
C GLY B 13 121.97 16.16 -69.70
N ARG B 14 122.59 15.67 -68.63
CA ARG B 14 123.43 14.48 -68.67
C ARG B 14 122.87 13.34 -67.82
N THR B 15 122.60 13.61 -66.54
CA THR B 15 122.17 12.57 -65.62
C THR B 15 120.68 12.34 -65.79
N PHE B 16 120.32 11.16 -66.28
CA PHE B 16 118.93 10.79 -66.46
C PHE B 16 118.57 9.65 -65.50
N PRO B 17 117.33 9.57 -65.06
CA PRO B 17 116.95 8.46 -64.17
C PRO B 17 117.17 7.12 -64.85
N LYS B 18 117.65 6.15 -64.08
CA LYS B 18 117.86 4.78 -64.56
C LYS B 18 117.00 3.84 -63.74
N ARG B 19 116.52 2.78 -64.38
CA ARG B 19 115.60 1.86 -63.73
C ARG B 19 116.15 1.42 -62.38
N GLY B 20 115.32 1.52 -61.35
CA GLY B 20 115.69 1.17 -60.00
C GLY B 20 116.10 2.35 -59.14
N GLN B 21 116.43 3.48 -59.74
CA GLN B 21 116.78 4.67 -58.97
C GLN B 21 115.53 5.30 -58.36
N THR B 22 115.75 6.11 -57.33
CA THR B 22 114.67 6.82 -56.65
C THR B 22 114.70 8.28 -57.07
N CYS B 23 113.62 8.75 -57.68
CA CYS B 23 113.50 10.11 -58.15
C CYS B 23 112.74 10.93 -57.11
N VAL B 24 113.28 12.10 -56.78
CA VAL B 24 112.63 13.06 -55.89
C VAL B 24 112.15 14.21 -56.77
N VAL B 25 110.88 14.57 -56.65
CA VAL B 25 110.30 15.57 -57.54
C VAL B 25 109.34 16.47 -56.76
N HIS B 26 109.10 17.66 -57.30
CA HIS B 26 107.88 18.39 -57.03
C HIS B 26 107.00 18.38 -58.27
N TYR B 27 105.69 18.42 -58.07
CA TYR B 27 104.76 18.39 -59.18
C TYR B 27 103.52 19.18 -58.82
N THR B 28 102.84 19.66 -59.85
CA THR B 28 101.55 20.32 -59.71
C THR B 28 100.65 19.76 -60.79
N GLY B 29 99.60 19.04 -60.39
CA GLY B 29 98.73 18.35 -61.33
C GLY B 29 97.52 19.21 -61.67
N MET B 30 97.14 19.19 -62.95
CA MET B 30 95.99 19.92 -63.44
C MET B 30 95.26 19.06 -64.46
N LEU B 31 93.94 19.16 -64.48
CA LEU B 31 93.18 18.56 -65.55
C LEU B 31 93.38 19.35 -66.83
N GLU B 32 93.08 18.72 -67.97
CA GLU B 32 93.29 19.40 -69.25
C GLU B 32 92.53 20.72 -69.30
N ASP B 33 91.44 20.82 -68.55
CA ASP B 33 90.72 22.09 -68.46
C ASP B 33 91.56 23.17 -67.79
N GLY B 34 92.45 22.77 -66.89
CA GLY B 34 93.26 23.72 -66.15
C GLY B 34 92.84 23.85 -64.70
N LYS B 35 92.25 22.78 -64.16
CA LYS B 35 91.83 22.75 -62.77
C LYS B 35 92.86 21.98 -61.96
N LYS B 36 93.45 22.63 -60.96
CA LYS B 36 94.41 21.96 -60.10
C LYS B 36 93.73 20.89 -59.27
N PHE B 37 94.37 19.72 -59.16
CA PHE B 37 93.86 18.65 -58.34
C PHE B 37 94.90 18.04 -57.41
N ASP B 38 96.18 18.38 -57.57
CA ASP B 38 97.22 17.85 -56.70
C ASP B 38 98.46 18.71 -56.83
N SER B 39 99.24 18.77 -55.75
CA SER B 39 100.50 19.50 -55.77
C SER B 39 101.32 19.08 -54.55
N SER B 40 102.55 18.63 -54.78
CA SER B 40 103.42 18.31 -53.66
C SER B 40 103.91 19.57 -52.97
N ARG B 41 103.97 20.70 -53.69
CA ARG B 41 104.40 21.93 -53.07
C ARG B 41 103.40 22.43 -52.05
N ASP B 42 102.12 22.09 -52.23
CA ASP B 42 101.12 22.43 -51.23
C ASP B 42 101.39 21.75 -49.90
N ARG B 43 101.83 20.50 -49.94
CA ARG B 43 102.22 19.76 -48.75
C ARG B 43 103.66 20.04 -48.33
N ASN B 44 104.42 20.77 -49.16
CA ASN B 44 105.76 21.22 -48.78
C ASN B 44 106.68 20.03 -48.49
N LYS B 45 106.58 19.00 -49.31
CA LYS B 45 107.40 17.81 -49.13
C LYS B 45 107.58 17.12 -50.48
N PRO B 46 108.82 16.93 -50.95
CA PRO B 46 109.00 16.30 -52.25
C PRO B 46 108.43 14.90 -52.29
N PHE B 47 107.93 14.52 -53.46
CA PHE B 47 107.42 13.18 -53.69
C PHE B 47 108.54 12.30 -54.23
N LYS B 48 108.72 11.13 -53.63
CA LYS B 48 109.76 10.19 -54.01
C LYS B 48 109.14 8.94 -54.59
N PHE B 49 109.72 8.46 -55.70
CA PHE B 49 109.22 7.22 -56.29
C PHE B 49 110.35 6.53 -57.05
N THR B 50 110.27 5.20 -57.11
CA THR B 50 111.29 4.38 -57.75
C THR B 50 110.80 3.88 -59.09
N LEU B 51 111.59 4.11 -60.14
CA LEU B 51 111.22 3.65 -61.47
C LEU B 51 111.22 2.13 -61.54
N GLY B 52 110.29 1.58 -62.32
CA GLY B 52 110.21 0.17 -62.57
C GLY B 52 109.31 -0.60 -61.62
N LYS B 53 109.00 -0.04 -60.46
CA LYS B 53 108.14 -0.70 -59.49
C LYS B 53 106.66 -0.44 -59.74
N GLN B 54 106.33 0.33 -60.78
CA GLN B 54 104.94 0.58 -61.15
C GLN B 54 104.17 1.25 -60.02
N GLU B 55 104.87 2.11 -59.27
CA GLU B 55 104.23 2.85 -58.20
C GLU B 55 103.41 4.02 -58.71
N VAL B 56 103.82 4.65 -59.81
CA VAL B 56 103.13 5.78 -60.39
C VAL B 56 102.59 5.36 -61.76
N ILE B 57 101.65 6.16 -62.27
CA ILE B 57 101.00 5.79 -63.51
C ILE B 57 102.00 5.79 -64.66
N ARG B 58 101.63 5.10 -65.74
CA ARG B 58 102.54 4.91 -66.86
C ARG B 58 103.00 6.25 -67.43
N GLY B 59 102.16 7.28 -67.32
CA GLY B 59 102.56 8.59 -67.80
C GLY B 59 103.79 9.11 -67.09
N TRP B 60 103.79 9.11 -65.76
CA TRP B 60 104.99 9.44 -65.01
C TRP B 60 106.14 8.50 -65.34
N GLU B 61 105.87 7.20 -65.35
CA GLU B 61 106.94 6.23 -65.59
C GLU B 61 107.68 6.56 -66.88
N GLU B 62 106.94 6.94 -67.93
CA GLU B 62 107.58 7.18 -69.22
C GLU B 62 108.11 8.61 -69.33
N GLY B 63 107.48 9.56 -68.65
CA GLY B 63 107.86 10.95 -68.79
C GLY B 63 109.05 11.35 -67.95
N VAL B 64 109.01 11.04 -66.66
CA VAL B 64 110.11 11.45 -65.78
C VAL B 64 111.41 10.80 -66.24
N ALA B 65 111.33 9.68 -66.94
CA ALA B 65 112.53 9.02 -67.43
C ALA B 65 113.28 9.88 -68.45
N GLN B 66 112.58 10.81 -69.10
CA GLN B 66 113.17 11.63 -70.14
C GLN B 66 113.68 12.98 -69.63
N MET B 67 113.63 13.21 -68.32
CA MET B 67 114.03 14.47 -67.73
C MET B 67 115.38 14.31 -67.04
N SER B 68 116.24 15.32 -67.20
CA SER B 68 117.53 15.33 -66.54
C SER B 68 117.40 15.96 -65.16
N VAL B 69 118.36 15.65 -64.29
CA VAL B 69 118.30 16.13 -62.92
C VAL B 69 118.28 17.65 -62.90
N GLY B 70 117.40 18.23 -62.10
CA GLY B 70 117.24 19.66 -62.02
C GLY B 70 116.34 20.25 -63.06
N GLN B 71 115.83 19.45 -64.00
CA GLN B 71 115.00 19.95 -65.07
C GLN B 71 113.57 20.14 -64.60
N ARG B 72 112.93 21.19 -65.10
CA ARG B 72 111.51 21.42 -64.92
C ARG B 72 110.84 21.25 -66.28
N ALA B 73 109.70 20.56 -66.30
CA ALA B 73 109.06 20.24 -67.57
C ALA B 73 107.57 20.01 -67.35
N LYS B 74 106.82 20.22 -68.41
CA LYS B 74 105.39 19.94 -68.44
C LYS B 74 105.15 18.60 -69.10
N LEU B 75 104.47 17.71 -68.39
CA LEU B 75 104.10 16.40 -68.92
C LEU B 75 102.62 16.45 -69.25
N ILE B 76 102.27 16.14 -70.49
CA ILE B 76 100.88 16.01 -70.91
C ILE B 76 100.65 14.52 -71.15
N ILE B 77 99.74 13.93 -70.37
CA ILE B 77 99.54 12.49 -70.36
C ILE B 77 98.10 12.21 -70.78
N SER B 78 97.94 11.37 -71.80
CA SER B 78 96.62 10.99 -72.26
C SER B 78 95.94 10.08 -71.24
N SER B 79 94.64 9.88 -71.43
CA SER B 79 93.88 9.07 -70.48
C SER B 79 94.42 7.66 -70.40
N ASP B 80 94.80 7.07 -71.53
CA ASP B 80 95.24 5.68 -71.54
C ASP B 80 96.46 5.48 -70.65
N TYR B 81 97.42 6.41 -70.71
CA TYR B 81 98.57 6.38 -69.80
C TYR B 81 98.23 6.89 -68.41
N ALA B 82 97.13 7.63 -68.27
CA ALA B 82 96.64 8.09 -66.98
C ALA B 82 95.67 7.08 -66.40
N TYR B 83 94.91 7.49 -65.39
CA TYR B 83 93.94 6.61 -64.76
C TYR B 83 92.93 6.04 -65.75
N GLY B 84 92.69 6.72 -66.86
CA GLY B 84 91.94 6.11 -67.93
C GLY B 84 90.44 6.06 -67.67
N ALA B 85 89.82 4.99 -68.16
CA ALA B 85 88.36 4.89 -68.12
C ALA B 85 87.84 4.89 -66.70
N THR B 86 88.48 4.16 -65.79
CA THR B 86 88.00 4.09 -64.43
C THR B 86 87.96 5.48 -63.81
N GLY B 87 89.08 6.19 -63.81
CA GLY B 87 89.13 7.52 -63.25
C GLY B 87 89.25 7.47 -61.74
N HIS B 88 90.24 8.15 -61.17
CA HIS B 88 90.38 8.13 -59.72
C HIS B 88 89.12 8.75 -59.12
N PRO B 89 88.23 7.97 -58.53
CA PRO B 89 86.90 8.50 -58.18
C PRO B 89 87.00 9.65 -57.20
N GLY B 90 86.20 10.68 -57.45
CA GLY B 90 86.16 11.87 -56.61
C GLY B 90 87.21 12.89 -56.93
N ILE B 91 88.21 12.54 -57.74
CA ILE B 91 89.29 13.46 -58.08
C ILE B 91 89.34 13.64 -59.60
N ILE B 92 89.55 12.54 -60.32
CA ILE B 92 89.81 12.56 -61.75
C ILE B 92 88.59 12.01 -62.47
N PRO B 93 87.94 12.77 -63.34
CA PRO B 93 86.82 12.23 -64.11
C PRO B 93 87.27 11.16 -65.08
N PRO B 94 86.38 10.26 -65.49
CA PRO B 94 86.77 9.25 -66.47
C PRO B 94 87.26 9.87 -67.77
N HIS B 95 88.24 9.22 -68.39
CA HIS B 95 88.78 9.64 -69.67
C HIS B 95 89.24 11.11 -69.61
N ALA B 96 90.23 11.34 -68.76
CA ALA B 96 90.75 12.68 -68.51
C ALA B 96 92.23 12.72 -68.87
N THR B 97 92.64 13.76 -69.59
CA THR B 97 94.04 14.02 -69.88
C THR B 97 94.62 14.89 -68.77
N LEU B 98 95.82 14.54 -68.31
CA LEU B 98 96.41 15.17 -67.14
C LEU B 98 97.64 15.98 -67.55
N VAL B 99 97.74 17.20 -67.02
CA VAL B 99 98.88 18.07 -67.27
C VAL B 99 99.59 18.30 -65.95
N PHE B 100 100.89 18.00 -65.92
CA PHE B 100 101.69 18.10 -64.71
C PHE B 100 102.87 19.04 -64.94
N ASP B 101 103.22 19.80 -63.92
CA ASP B 101 104.37 20.69 -63.92
C ASP B 101 105.40 20.11 -62.94
N VAL B 102 106.40 19.43 -63.48
CA VAL B 102 107.27 18.54 -62.71
C VAL B 102 108.68 19.07 -62.70
N GLU B 103 109.25 19.21 -61.50
CA GLU B 103 110.66 19.54 -61.32
C GLU B 103 111.34 18.33 -60.69
N LEU B 104 112.41 17.86 -61.35
CA LEU B 104 113.17 16.71 -60.86
C LEU B 104 114.33 17.17 -59.99
N LEU B 105 114.13 17.16 -58.67
CA LEU B 105 115.10 17.78 -57.77
C LEU B 105 116.42 17.02 -57.78
N LYS B 106 116.37 15.71 -57.59
CA LYS B 106 117.59 14.93 -57.42
C LYS B 106 117.26 13.46 -57.59
N LEU B 107 118.32 12.65 -57.72
CA LEU B 107 118.22 11.20 -57.80
C LEU B 107 118.87 10.58 -56.59
N GLU B 108 118.35 9.43 -56.16
CA GLU B 108 118.89 8.73 -55.00
C GLU B 108 118.40 7.30 -54.96
CA GLY C 2 17.64 -123.94 -10.91
C GLY C 2 18.84 -123.72 -10.02
N VAL C 3 19.13 -124.70 -9.17
CA VAL C 3 20.24 -124.66 -8.23
C VAL C 3 21.16 -125.83 -8.51
N GLN C 4 22.46 -125.57 -8.62
CA GLN C 4 23.46 -126.60 -8.84
C GLN C 4 24.50 -126.51 -7.73
N VAL C 5 24.83 -127.66 -7.14
CA VAL C 5 25.66 -127.74 -5.95
C VAL C 5 26.99 -128.38 -6.32
N GLU C 6 28.10 -127.75 -5.92
CA GLU C 6 29.43 -128.27 -6.16
C GLU C 6 30.17 -128.36 -4.84
N THR C 7 30.62 -129.55 -4.48
CA THR C 7 31.27 -129.74 -3.19
C THR C 7 32.57 -128.95 -3.10
N ILE C 8 32.86 -128.42 -1.92
CA ILE C 8 34.12 -127.78 -1.62
C ILE C 8 34.92 -128.58 -0.60
N SER C 9 34.28 -128.98 0.50
CA SER C 9 34.84 -129.88 1.47
C SER C 9 33.79 -130.93 1.79
N PRO C 10 34.18 -132.17 2.03
CA PRO C 10 33.19 -133.23 2.25
C PRO C 10 32.60 -133.18 3.65
N GLY C 11 31.36 -133.65 3.75
CA GLY C 11 30.68 -133.84 5.01
C GLY C 11 30.74 -135.28 5.48
N ASP C 12 29.83 -135.61 6.38
CA ASP C 12 29.73 -137.01 6.81
C ASP C 12 29.13 -137.89 5.74
N GLY C 13 28.32 -137.31 4.85
CA GLY C 13 27.75 -138.03 3.74
C GLY C 13 26.51 -138.85 4.06
N ARG C 14 26.07 -138.85 5.32
CA ARG C 14 24.94 -139.67 5.74
C ARG C 14 23.77 -138.83 6.22
N THR C 15 23.99 -137.91 7.15
CA THR C 15 22.91 -137.14 7.75
C THR C 15 22.56 -135.98 6.83
N PHE C 16 21.38 -136.02 6.24
CA PHE C 16 20.91 -134.96 5.38
C PHE C 16 19.73 -134.24 6.03
N PRO C 17 19.54 -132.96 5.76
CA PRO C 17 18.39 -132.25 6.34
C PRO C 17 17.08 -132.90 5.91
N LYS C 18 16.14 -132.97 6.84
CA LYS C 18 14.80 -133.50 6.58
C LYS C 18 13.78 -132.40 6.87
N ARG C 19 12.69 -132.40 6.09
CA ARG C 19 11.72 -131.32 6.19
C ARG C 19 11.28 -131.14 7.64
N GLY C 20 11.30 -129.89 8.09
CA GLY C 20 10.95 -129.54 9.46
C GLY C 20 12.15 -129.35 10.36
N GLN C 21 13.32 -129.85 9.98
CA GLN C 21 14.52 -129.65 10.79
C GLN C 21 15.03 -128.22 10.63
N THR C 22 15.84 -127.80 11.59
CA THR C 22 16.45 -126.48 11.59
C THR C 22 17.93 -126.61 11.22
N CYS C 23 18.31 -126.01 10.10
CA CYS C 23 19.69 -126.05 9.62
C CYS C 23 20.41 -124.79 10.09
N VAL C 24 21.61 -124.98 10.64
CA VAL C 24 22.50 -123.90 11.03
C VAL C 24 23.63 -123.88 10.01
N VAL C 25 23.88 -122.71 9.43
CA VAL C 25 24.85 -122.61 8.34
C VAL C 25 25.66 -121.32 8.48
N HIS C 26 26.84 -121.31 7.87
CA HIS C 26 27.48 -120.08 7.45
C HIS C 26 27.42 -119.98 5.93
N TYR C 27 27.33 -118.77 5.42
CA TYR C 27 27.25 -118.55 3.99
C TYR C 27 27.95 -117.25 3.63
N THR C 28 28.41 -117.19 2.38
CA THR C 28 28.96 -115.97 1.82
C THR C 28 28.37 -115.81 0.43
N GLY C 29 27.56 -114.76 0.24
CA GLY C 29 26.84 -114.55 -0.99
C GLY C 29 27.62 -113.65 -1.94
N MET C 30 27.59 -114.01 -3.23
CA MET C 30 28.23 -113.23 -4.27
C MET C 30 27.34 -113.21 -5.49
N LEU C 31 27.34 -112.09 -6.21
CA LEU C 31 26.69 -112.06 -7.50
C LEU C 31 27.53 -112.83 -8.51
N GLU C 32 26.91 -113.22 -9.62
CA GLU C 32 27.62 -114.03 -10.60
C GLU C 32 28.87 -113.31 -11.08
N ASP C 33 28.88 -111.98 -11.02
CA ASP C 33 30.09 -111.23 -11.36
C ASP C 33 31.21 -111.52 -10.38
N GLY C 34 30.88 -111.82 -9.13
CA GLY C 34 31.87 -112.05 -8.10
C GLY C 34 31.94 -110.93 -7.08
N LYS C 35 30.82 -110.22 -6.90
CA LYS C 35 30.73 -109.14 -5.94
C LYS C 35 30.01 -109.64 -4.69
N LYS C 36 30.70 -109.57 -3.55
CA LYS C 36 30.09 -109.99 -2.30
C LYS C 36 28.95 -109.06 -1.92
N PHE C 37 27.83 -109.63 -1.47
CA PHE C 37 26.70 -108.84 -1.01
C PHE C 37 26.17 -109.29 0.35
N ASP C 38 26.60 -110.43 0.87
CA ASP C 38 26.13 -110.90 2.16
C ASP C 38 27.08 -111.96 2.69
N SER C 39 27.18 -112.04 4.01
CA SER C 39 28.00 -113.07 4.64
C SER C 39 27.62 -113.16 6.10
N SER C 40 27.27 -114.36 6.57
CA SER C 40 27.00 -114.54 7.99
C SER C 40 28.27 -114.49 8.80
N ARG C 41 29.41 -114.83 8.20
CA ARG C 41 30.67 -114.79 8.92
C ARG C 41 31.07 -113.36 9.26
N ASP C 42 30.65 -112.40 8.45
CA ASP C 42 30.89 -111.00 8.77
C ASP C 42 30.20 -110.59 10.07
N ARG C 43 28.98 -111.08 10.28
CA ARG C 43 28.26 -110.84 11.52
C ARG C 43 28.64 -111.82 12.61
N ASN C 44 29.43 -112.85 12.30
CA ASN C 44 29.98 -113.75 13.30
C ASN C 44 28.86 -114.47 14.06
N LYS C 45 27.84 -114.89 13.33
CA LYS C 45 26.71 -115.58 13.94
C LYS C 45 26.06 -116.48 12.90
N PRO C 46 25.97 -117.80 13.16
CA PRO C 46 25.38 -118.69 12.16
C PRO C 46 23.94 -118.32 11.86
N PHE C 47 23.55 -118.54 10.61
CA PHE C 47 22.18 -118.33 10.17
C PHE C 47 21.40 -119.62 10.33
N LYS C 48 20.24 -119.54 10.96
CA LYS C 48 19.39 -120.70 11.21
C LYS C 48 18.11 -120.57 10.40
N PHE C 49 17.69 -121.68 9.78
CA PHE C 49 16.43 -121.66 9.04
C PHE C 49 15.83 -123.05 9.00
N THR C 50 14.51 -123.12 8.94
CA THR C 50 13.77 -124.38 8.96
C THR C 50 13.28 -124.70 7.56
N LEU C 51 13.57 -125.90 7.09
CA LEU C 51 13.12 -126.32 5.76
C LEU C 51 11.61 -126.48 5.73
N GLY C 52 11.02 -126.15 4.58
CA GLY C 52 9.61 -126.32 4.36
C GLY C 52 8.76 -125.13 4.71
N LYS C 53 9.27 -124.21 5.54
CA LYS C 53 8.53 -123.03 5.94
C LYS C 53 8.68 -121.87 4.96
N GLN C 54 9.42 -122.07 3.88
CA GLN C 54 9.56 -121.06 2.83
C GLN C 54 10.12 -119.76 3.38
N GLU C 55 11.07 -119.90 4.32
CA GLU C 55 11.74 -118.74 4.90
C GLU C 55 12.85 -118.20 4.01
N VAL C 56 13.53 -119.08 3.28
CA VAL C 56 14.62 -118.70 2.39
C VAL C 56 14.18 -118.98 0.96
N ILE C 57 14.90 -118.37 0.00
CA ILE C 57 14.51 -118.53 -1.39
C ILE C 57 14.62 -120.00 -1.80
N ARG C 58 13.85 -120.35 -2.82
CA ARG C 58 13.73 -121.75 -3.20
C ARG C 58 15.07 -122.32 -3.63
N GLY C 59 16.00 -121.45 -4.04
CA GLY C 59 17.36 -121.90 -4.31
C GLY C 59 18.00 -122.54 -3.10
N TRP C 60 18.02 -121.84 -1.96
CA TRP C 60 18.46 -122.45 -0.71
C TRP C 60 17.63 -123.67 -0.36
N GLU C 61 16.31 -123.55 -0.46
CA GLU C 61 15.44 -124.66 -0.07
C GLU C 61 15.86 -125.94 -0.78
N GLU C 62 16.16 -125.85 -2.08
CA GLU C 62 16.50 -127.04 -2.84
C GLU C 62 17.96 -127.42 -2.67
N GLY C 63 18.84 -126.45 -2.47
CA GLY C 63 20.26 -126.71 -2.42
C GLY C 63 20.73 -127.27 -1.10
N VAL C 64 20.40 -126.60 0.01
CA VAL C 64 20.88 -127.05 1.31
C VAL C 64 20.36 -128.45 1.60
N ALA C 65 19.24 -128.83 1.00
CA ALA C 65 18.68 -130.15 1.23
C ALA C 65 19.60 -131.26 0.74
N GLN C 66 20.50 -130.94 -0.20
CA GLN C 66 21.39 -131.92 -0.80
C GLN C 66 22.75 -132.00 -0.12
N MET C 67 22.96 -131.26 0.97
CA MET C 67 24.24 -131.20 1.65
C MET C 67 24.16 -131.99 2.95
N SER C 68 25.23 -132.73 3.24
CA SER C 68 25.33 -133.47 4.48
C SER C 68 25.92 -132.59 5.57
N VAL C 69 25.68 -132.98 6.82
CA VAL C 69 26.11 -132.17 7.95
C VAL C 69 27.63 -132.04 7.92
N GLY C 70 28.13 -130.82 8.12
CA GLY C 70 29.54 -130.54 8.08
C GLY C 70 30.09 -130.27 6.69
N GLN C 71 29.26 -130.40 5.66
CA GLN C 71 29.71 -130.22 4.30
C GLN C 71 29.79 -128.74 3.95
N ARG C 72 30.80 -128.38 3.16
CA ARG C 72 30.91 -127.07 2.56
C ARG C 72 30.72 -127.22 1.06
N ALA C 73 29.95 -126.31 0.47
CA ALA C 73 29.60 -126.46 -0.94
C ALA C 73 29.25 -125.10 -1.53
N LYS C 74 29.43 -125.00 -2.84
CA LYS C 74 29.06 -123.82 -3.60
C LYS C 74 27.71 -124.06 -4.27
N LEU C 75 26.76 -123.19 -3.99
CA LEU C 75 25.44 -123.24 -4.61
C LEU C 75 25.38 -122.15 -5.66
N ILE C 76 25.08 -122.53 -6.91
CA ILE C 76 24.85 -121.58 -7.97
C ILE C 76 23.36 -121.62 -8.28
N ILE C 77 22.69 -120.49 -8.07
CA ILE C 77 21.24 -120.41 -8.13
C ILE C 77 20.86 -119.43 -9.23
N SER C 78 20.02 -119.89 -10.16
CA SER C 78 19.55 -119.04 -11.25
C SER C 78 18.60 -117.99 -10.70
N SER C 79 18.33 -116.98 -11.52
CA SER C 79 17.46 -115.89 -11.09
C SER C 79 16.07 -116.41 -10.73
N ASP C 80 15.52 -117.31 -11.54
CA ASP C 80 14.16 -117.77 -11.31
C ASP C 80 14.03 -118.47 -9.96
N TYR C 81 15.06 -119.19 -9.54
CA TYR C 81 15.08 -119.74 -8.18
C TYR C 81 15.42 -118.68 -7.14
N ALA C 82 16.13 -117.63 -7.54
CA ALA C 82 16.47 -116.54 -6.64
C ALA C 82 15.42 -115.44 -6.71
N TYR C 83 15.73 -114.27 -6.17
CA TYR C 83 14.80 -113.15 -6.15
C TYR C 83 14.20 -112.86 -7.52
N GLY C 84 14.85 -113.28 -8.60
CA GLY C 84 14.22 -113.23 -9.90
C GLY C 84 14.06 -111.81 -10.43
N ALA C 85 12.96 -111.59 -11.15
CA ALA C 85 12.78 -110.34 -11.88
C ALA C 85 12.72 -109.15 -10.95
N THR C 86 12.00 -109.26 -9.84
CA THR C 86 11.87 -108.13 -8.93
C THR C 86 13.23 -107.67 -8.45
N GLY C 87 14.03 -108.58 -7.87
CA GLY C 87 15.35 -108.21 -7.41
C GLY C 87 15.27 -107.54 -6.06
N HIS C 88 16.03 -108.02 -5.07
CA HIS C 88 15.99 -107.39 -3.76
C HIS C 88 16.50 -105.96 -3.92
N PRO C 89 15.63 -104.95 -3.87
CA PRO C 89 16.06 -103.60 -4.28
C PRO C 89 17.21 -103.08 -3.42
N GLY C 90 18.18 -102.46 -4.07
CA GLY C 90 19.34 -101.90 -3.41
C GLY C 90 20.45 -102.89 -3.16
N ILE C 91 20.19 -104.18 -3.32
CA ILE C 91 21.19 -105.22 -3.07
C ILE C 91 21.40 -106.04 -4.33
N ILE C 92 20.34 -106.67 -4.81
CA ILE C 92 20.40 -107.64 -5.90
C ILE C 92 19.77 -107.02 -7.13
N PRO C 93 20.50 -106.87 -8.23
CA PRO C 93 19.89 -106.36 -9.46
C PRO C 93 18.87 -107.33 -10.02
N PRO C 94 17.92 -106.86 -10.82
CA PRO C 94 16.95 -107.77 -11.43
C PRO C 94 17.63 -108.81 -12.30
N HIS C 95 17.07 -110.02 -12.30
CA HIS C 95 17.57 -111.13 -13.11
C HIS C 95 19.06 -111.36 -12.86
N ALA C 96 19.35 -111.74 -11.62
CA ALA C 96 20.72 -111.97 -11.17
C ALA C 96 20.88 -113.40 -10.68
N THR C 97 21.95 -114.05 -11.12
CA THR C 97 22.32 -115.37 -10.63
C THR C 97 23.21 -115.21 -9.40
N LEU C 98 22.96 -116.02 -8.38
CA LEU C 98 23.61 -115.87 -7.09
C LEU C 98 24.51 -117.07 -6.82
N VAL C 99 25.72 -116.79 -6.35
CA VAL C 99 26.68 -117.82 -5.97
C VAL C 99 26.95 -117.72 -4.48
N PHE C 100 26.74 -118.83 -3.77
CA PHE C 100 26.89 -118.88 -2.33
C PHE C 100 27.92 -119.93 -1.94
N ASP C 101 28.69 -119.63 -0.91
CA ASP C 101 29.64 -120.57 -0.30
C ASP C 101 29.08 -120.95 1.08
N VAL C 102 28.51 -122.15 1.17
CA VAL C 102 27.67 -122.54 2.30
C VAL C 102 28.31 -123.69 3.04
N GLU C 103 28.47 -123.53 4.35
CA GLU C 103 28.91 -124.61 5.22
C GLU C 103 27.75 -124.95 6.15
N LEU C 104 27.35 -126.22 6.15
CA LEU C 104 26.26 -126.70 6.99
C LEU C 104 26.79 -127.19 8.32
N LEU C 105 26.75 -126.34 9.35
CA LEU C 105 27.43 -126.64 10.60
C LEU C 105 26.77 -127.82 11.31
N LYS C 106 25.45 -127.79 11.46
CA LYS C 106 24.76 -128.76 12.29
C LYS C 106 23.26 -128.67 12.02
N LEU C 107 22.55 -129.70 12.47
CA LEU C 107 21.10 -129.77 12.37
C LEU C 107 20.50 -129.75 13.77
N GLU C 108 19.31 -129.17 13.87
CA GLU C 108 18.61 -129.07 15.14
C GLU C 108 17.14 -128.74 14.96
CA GLY D 2 -122.14 -29.64 2.83
C GLY D 2 -121.84 -30.24 4.18
N VAL D 3 -122.77 -30.11 5.12
CA VAL D 3 -122.63 -30.61 6.48
C VAL D 3 -123.73 -31.63 6.73
N GLN D 4 -123.35 -32.77 7.29
CA GLN D 4 -124.31 -33.82 7.65
C GLN D 4 -124.16 -34.13 9.13
N VAL D 5 -125.29 -34.19 9.83
CA VAL D 5 -125.32 -34.28 11.29
C VAL D 5 -125.87 -35.64 11.69
N GLU D 6 -125.17 -36.32 12.59
CA GLU D 6 -125.58 -37.63 13.10
C GLU D 6 -125.63 -37.57 14.61
N THR D 7 -126.80 -37.84 15.19
CA THR D 7 -126.96 -37.73 16.63
C THR D 7 -126.08 -38.73 17.36
N ILE D 8 -125.55 -38.32 18.51
CA ILE D 8 -124.82 -39.19 19.41
C ILE D 8 -125.59 -39.40 20.71
N SER D 9 -126.05 -38.30 21.32
CA SER D 9 -126.92 -38.33 22.48
C SER D 9 -128.05 -37.35 22.21
N PRO D 10 -129.26 -37.64 22.66
CA PRO D 10 -130.39 -36.77 22.36
C PRO D 10 -130.42 -35.53 23.24
N GLY D 11 -130.97 -34.45 22.67
CA GLY D 11 -131.24 -33.24 23.40
C GLY D 11 -132.67 -33.16 23.86
N ASP D 12 -133.11 -31.93 24.15
CA ASP D 12 -134.51 -31.74 24.51
C ASP D 12 -135.42 -31.85 23.29
N GLY D 13 -134.88 -31.58 22.10
CA GLY D 13 -135.63 -31.73 20.87
C GLY D 13 -136.54 -30.58 20.52
N ARG D 14 -136.59 -29.54 21.36
CA ARG D 14 -137.50 -28.42 21.16
C ARG D 14 -136.77 -27.11 20.93
N THR D 15 -135.86 -26.74 21.82
CA THR D 15 -135.18 -25.46 21.73
C THR D 15 -134.02 -25.57 20.74
N PHE D 16 -134.14 -24.86 19.63
CA PHE D 16 -133.09 -24.84 18.63
C PHE D 16 -132.48 -23.44 18.54
N PRO D 17 -131.20 -23.33 18.19
CA PRO D 17 -130.60 -22.00 18.06
C PRO D 17 -131.33 -21.17 17.02
N LYS D 18 -131.49 -19.88 17.33
CA LYS D 18 -132.11 -18.92 16.42
C LYS D 18 -131.11 -17.83 16.08
N ARG D 19 -131.19 -17.32 14.86
CA ARG D 19 -130.21 -16.35 14.39
C ARG D 19 -130.06 -15.22 15.40
N GLY D 20 -128.82 -14.91 15.76
CA GLY D 20 -128.51 -13.88 16.72
C GLY D 20 -128.25 -14.39 18.12
N GLN D 21 -128.63 -15.62 18.43
CA GLN D 21 -128.37 -16.19 19.73
C GLN D 21 -126.91 -16.61 19.84
N THR D 22 -126.47 -16.77 21.09
CA THR D 22 -125.10 -17.19 21.37
C THR D 22 -125.11 -18.64 21.84
N CYS D 23 -124.46 -19.51 21.08
CA CYS D 23 -124.38 -20.92 21.40
C CYS D 23 -123.08 -21.21 22.15
N VAL D 24 -123.21 -21.93 23.25
CA VAL D 24 -122.06 -22.41 24.02
C VAL D 24 -121.94 -23.90 23.74
N VAL D 25 -120.74 -24.35 23.36
CA VAL D 25 -120.54 -25.73 22.94
C VAL D 25 -119.21 -26.24 23.47
N HIS D 26 -119.09 -27.56 23.54
CA HIS D 26 -117.80 -28.24 23.48
C HIS D 26 -117.68 -28.98 22.16
N TYR D 27 -116.47 -29.08 21.66
CA TYR D 27 -116.24 -29.75 20.39
C TYR D 27 -114.87 -30.43 20.41
N THR D 28 -114.76 -31.47 19.60
CA THR D 28 -113.50 -32.15 19.37
C THR D 28 -113.35 -32.36 17.87
N GLY D 29 -112.38 -31.68 17.27
CA GLY D 29 -112.21 -31.72 15.83
C GLY D 29 -111.22 -32.78 15.41
N MET D 30 -111.54 -33.47 14.32
CA MET D 30 -110.68 -34.50 13.75
C MET D 30 -110.72 -34.38 12.24
N LEU D 31 -109.59 -34.68 11.60
CA LEU D 31 -109.58 -34.81 10.15
C LEU D 31 -110.29 -36.10 9.77
N GLU D 32 -110.68 -36.19 8.49
CA GLU D 32 -111.41 -37.37 8.03
C GLU D 32 -110.60 -38.63 8.26
N ASP D 33 -109.26 -38.51 8.31
CA ASP D 33 -108.43 -39.66 8.64
C ASP D 33 -108.65 -40.12 10.07
N GLY D 34 -109.05 -39.21 10.96
CA GLY D 34 -109.22 -39.54 12.36
C GLY D 34 -108.11 -38.97 13.22
N LYS D 35 -107.52 -37.87 12.77
CA LYS D 35 -106.44 -37.21 13.49
C LYS D 35 -106.99 -35.98 14.21
N LYS D 36 -106.88 -35.95 15.53
CA LYS D 36 -107.38 -34.82 16.29
C LYS D 36 -106.53 -33.59 16.01
N PHE D 37 -107.19 -32.44 15.83
CA PHE D 37 -106.51 -31.18 15.62
C PHE D 37 -107.01 -30.05 16.50
N ASP D 38 -108.12 -30.23 17.20
CA ASP D 38 -108.65 -29.19 18.07
C ASP D 38 -109.64 -29.80 19.04
N SER D 39 -109.75 -29.20 20.21
CA SER D 39 -110.72 -29.64 21.21
C SER D 39 -110.87 -28.55 22.26
N SER D 40 -112.10 -28.11 22.50
CA SER D 40 -112.33 -27.14 23.57
C SER D 40 -112.21 -27.80 24.94
N ARG D 41 -112.45 -29.11 25.02
CA ARG D 41 -112.33 -29.80 26.29
C ARG D 41 -110.88 -29.86 26.75
N ASP D 42 -109.93 -29.85 25.82
CA ASP D 42 -108.52 -29.78 26.19
C ASP D 42 -108.20 -28.49 26.92
N ARG D 43 -108.78 -27.38 26.48
CA ARG D 43 -108.62 -26.10 27.15
C ARG D 43 -109.59 -25.91 28.30
N ASN D 44 -110.54 -26.83 28.47
CA ASN D 44 -111.42 -26.83 29.63
C ASN D 44 -112.23 -25.54 29.71
N LYS D 45 -112.72 -25.09 28.56
CA LYS D 45 -113.49 -23.86 28.51
C LYS D 45 -114.44 -23.92 27.31
N PRO D 46 -115.75 -23.80 27.51
CA PRO D 46 -116.67 -23.90 26.37
C PRO D 46 -116.40 -22.80 25.35
N PHE D 47 -116.63 -23.13 24.09
CA PHE D 47 -116.50 -22.18 22.99
C PHE D 47 -117.87 -21.54 22.75
N LYS D 48 -117.89 -20.21 22.68
CA LYS D 48 -119.10 -19.45 22.47
C LYS D 48 -119.06 -18.77 21.11
N PHE D 49 -120.17 -18.82 20.38
CA PHE D 49 -120.24 -18.14 19.10
C PHE D 49 -121.68 -17.77 18.78
N THR D 50 -121.84 -16.66 18.05
CA THR D 50 -123.15 -16.13 17.71
C THR D 50 -123.47 -16.45 16.26
N LEU D 51 -124.64 -17.04 16.04
CA LEU D 51 -125.07 -17.37 14.69
C LEU D 51 -125.33 -16.12 13.88
N GLY D 52 -125.02 -16.18 12.58
CA GLY D 52 -125.30 -15.12 11.66
C GLY D 52 -124.17 -14.12 11.47
N LYS D 53 -123.23 -14.06 12.41
CA LYS D 53 -122.11 -13.14 12.33
C LYS D 53 -120.94 -13.71 11.54
N GLN D 54 -121.07 -14.92 11.02
CA GLN D 54 -120.04 -15.53 10.19
C GLN D 54 -118.72 -15.63 10.93
N GLU D 55 -118.80 -15.93 12.23
CA GLU D 55 -117.61 -16.12 13.04
C GLU D 55 -116.99 -17.49 12.87
N VAL D 56 -117.80 -18.51 12.60
CA VAL D 56 -117.33 -19.87 12.41
C VAL D 56 -117.62 -20.27 10.97
N ILE D 57 -116.96 -21.35 10.53
CA ILE D 57 -117.09 -21.75 9.13
C ILE D 57 -118.52 -22.19 8.84
N ARG D 58 -118.85 -22.18 7.55
CA ARG D 58 -120.21 -22.45 7.12
C ARG D 58 -120.70 -23.80 7.63
N GLY D 59 -119.78 -24.76 7.80
CA GLY D 59 -120.17 -26.06 8.32
C GLY D 59 -120.79 -25.97 9.70
N TRP D 60 -120.10 -25.29 10.63
CA TRP D 60 -120.70 -25.02 11.93
C TRP D 60 -121.98 -24.21 11.81
N GLU D 61 -121.95 -23.14 11.02
CA GLU D 61 -123.12 -22.29 10.90
C GLU D 61 -124.35 -23.10 10.54
N GLU D 62 -124.20 -24.06 9.61
CA GLU D 62 -125.36 -24.81 9.15
C GLU D 62 -125.66 -26.00 10.05
N GLY D 63 -124.64 -26.57 10.68
CA GLY D 63 -124.82 -27.77 11.47
C GLY D 63 -125.35 -27.52 12.87
N VAL D 64 -124.72 -26.61 13.60
CA VAL D 64 -125.15 -26.35 14.98
C VAL D 64 -126.59 -25.85 14.99
N ALA D 65 -127.04 -25.26 13.89
CA ALA D 65 -128.41 -24.76 13.84
C ALA D 65 -129.43 -25.89 13.91
N GLN D 66 -129.02 -27.11 13.58
CA GLN D 66 -129.93 -28.26 13.56
C GLN D 66 -129.91 -29.06 14.85
N MET D 67 -129.16 -28.61 15.85
CA MET D 67 -129.02 -29.34 17.11
C MET D 67 -129.85 -28.66 18.19
N SER D 68 -130.51 -29.47 19.02
CA SER D 68 -131.27 -28.95 20.14
C SER D 68 -130.37 -28.82 21.36
N VAL D 69 -130.79 -27.98 22.30
CA VAL D 69 -129.98 -27.71 23.48
C VAL D 69 -129.74 -29.01 24.24
N GLY D 70 -128.49 -29.23 24.64
CA GLY D 70 -128.10 -30.43 25.34
C GLY D 70 -127.76 -31.60 24.44
N GLN D 71 -127.93 -31.45 23.14
CA GLN D 71 -127.69 -32.53 22.20
C GLN D 71 -126.20 -32.67 21.90
N ARG D 72 -125.76 -33.91 21.76
CA ARG D 72 -124.42 -34.23 21.28
C ARG D 72 -124.56 -34.86 19.90
N ALA D 73 -123.71 -34.45 18.96
CA ALA D 73 -123.86 -34.90 17.59
C ALA D 73 -122.52 -34.81 16.87
N LYS D 74 -122.38 -35.63 15.84
CA LYS D 74 -121.22 -35.65 14.97
C LYS D 74 -121.55 -34.87 13.70
N LEU D 75 -120.75 -33.86 13.41
CA LEU D 75 -120.88 -33.08 12.19
C LEU D 75 -119.77 -33.49 11.23
N ILE D 76 -120.16 -33.92 10.03
CA ILE D 76 -119.19 -34.18 8.97
C ILE D 76 -119.36 -33.05 7.96
N ILE D 77 -118.27 -32.29 7.76
CA ILE D 77 -118.30 -31.08 6.96
C ILE D 77 -117.33 -31.27 5.79
N SER D 78 -117.84 -31.10 4.57
CA SER D 78 -117.02 -31.20 3.39
C SER D 78 -116.05 -30.03 3.30
N SER D 79 -115.08 -30.14 2.40
CA SER D 79 -114.07 -29.09 2.28
C SER D 79 -114.69 -27.77 1.91
N ASP D 80 -115.68 -27.78 1.01
CA ASP D 80 -116.27 -26.54 0.54
C ASP D 80 -116.87 -25.74 1.68
N TYR D 81 -117.56 -26.40 2.60
CA TYR D 81 -118.10 -25.75 3.78
C TYR D 81 -117.04 -25.54 4.86
N ALA D 82 -115.93 -26.26 4.76
CA ALA D 82 -114.79 -26.09 5.67
C ALA D 82 -113.82 -25.07 5.08
N TYR D 83 -112.60 -25.04 5.61
CA TYR D 83 -111.59 -24.12 5.11
C TYR D 83 -111.31 -24.27 3.63
N GLY D 84 -111.57 -25.45 3.06
CA GLY D 84 -111.56 -25.58 1.62
C GLY D 84 -110.16 -25.62 1.04
N ALA D 85 -110.04 -25.04 -0.16
CA ALA D 85 -108.79 -25.16 -0.92
C ALA D 85 -107.63 -24.52 -0.19
N THR D 86 -107.83 -23.35 0.41
CA THR D 86 -106.74 -22.68 1.09
C THR D 86 -106.19 -23.56 2.21
N GLY D 87 -107.05 -24.00 3.13
CA GLY D 87 -106.60 -24.85 4.21
C GLY D 87 -105.96 -24.03 5.31
N HIS D 88 -106.41 -24.18 6.56
CA HIS D 88 -105.81 -23.42 7.64
C HIS D 88 -104.34 -23.84 7.73
N PRO D 89 -103.40 -23.00 7.30
CA PRO D 89 -102.02 -23.48 7.14
C PRO D 89 -101.43 -23.96 8.46
N GLY D 90 -100.72 -25.08 8.40
CA GLY D 90 -100.09 -25.67 9.56
C GLY D 90 -101.00 -26.56 10.38
N ILE D 91 -102.30 -26.52 10.14
CA ILE D 91 -103.26 -27.31 10.89
C ILE D 91 -104.04 -28.21 9.94
N ILE D 92 -104.75 -27.61 9.00
CA ILE D 92 -105.69 -28.31 8.13
C ILE D 92 -105.09 -28.37 6.74
N PRO D 93 -104.87 -29.56 6.17
CA PRO D 93 -104.37 -29.64 4.80
C PRO D 93 -105.41 -29.15 3.81
N PRO D 94 -104.99 -28.73 2.62
CA PRO D 94 -105.96 -28.29 1.62
C PRO D 94 -106.94 -29.40 1.26
N HIS D 95 -108.18 -29.01 0.99
CA HIS D 95 -109.23 -29.93 0.58
C HIS D 95 -109.36 -31.09 1.59
N ALA D 96 -109.75 -30.72 2.80
CA ALA D 96 -109.88 -31.66 3.90
C ALA D 96 -111.30 -31.65 4.42
N THR D 97 -111.86 -32.84 4.64
CA THR D 97 -113.16 -33.00 5.27
C THR D 97 -112.95 -33.08 6.78
N LEU D 98 -113.80 -32.40 7.53
CA LEU D 98 -113.64 -32.25 8.98
C LEU D 98 -114.76 -32.97 9.70
N VAL D 99 -114.40 -33.72 10.74
CA VAL D 99 -115.37 -34.43 11.58
C VAL D 99 -115.28 -33.86 12.99
N PHE D 100 -116.40 -33.40 13.51
CA PHE D 100 -116.48 -32.76 14.82
C PHE D 100 -117.45 -33.51 15.71
N ASP D 101 -117.12 -33.60 16.99
CA ASP D 101 -118.00 -34.16 18.03
C ASP D 101 -118.44 -33.00 18.91
N VAL D 102 -119.67 -32.54 18.72
CA VAL D 102 -120.14 -31.27 19.24
C VAL D 102 -121.27 -31.51 20.24
N GLU D 103 -121.12 -30.96 21.44
CA GLU D 103 -122.17 -30.94 22.44
C GLU D 103 -122.62 -29.50 22.63
N LEU D 104 -123.92 -29.26 22.47
CA LEU D 104 -124.50 -27.93 22.61
C LEU D 104 -124.96 -27.72 24.04
N LEU D 105 -124.14 -27.08 24.87
CA LEU D 105 -124.43 -27.02 26.30
C LEU D 105 -125.66 -26.18 26.58
N LYS D 106 -125.72 -24.97 26.03
CA LYS D 106 -126.78 -24.03 26.37
C LYS D 106 -126.80 -22.91 25.35
N LEU D 107 -127.88 -22.14 25.39
CA LEU D 107 -128.05 -20.96 24.55
C LEU D 107 -128.10 -19.72 25.43
N GLU D 108 -127.60 -18.61 24.89
CA GLU D 108 -127.58 -17.35 25.63
C GLU D 108 -127.36 -16.17 24.69
CA GLY E 2 -38.76 102.98 -60.81
C GLY E 2 -39.36 103.38 -59.48
N VAL E 3 -39.31 104.67 -59.19
CA VAL E 3 -39.83 105.23 -57.94
C VAL E 3 -40.93 106.22 -58.27
N GLN E 4 -42.05 106.12 -57.57
CA GLN E 4 -43.17 107.04 -57.74
C GLN E 4 -43.49 107.67 -56.39
N VAL E 5 -43.64 108.99 -56.39
CA VAL E 5 -43.76 109.78 -55.17
C VAL E 5 -45.17 110.34 -55.09
N GLU E 6 -45.81 110.17 -53.93
CA GLU E 6 -47.15 110.68 -53.68
C GLU E 6 -47.13 111.53 -52.42
N THR E 7 -47.51 112.80 -52.54
CA THR E 7 -47.42 113.70 -51.40
C THR E 7 -48.38 113.27 -50.29
N ILE E 8 -47.95 113.45 -49.04
CA ILE E 8 -48.78 113.23 -47.88
C ILE E 8 -49.05 114.55 -47.16
N SER E 9 -48.02 115.34 -46.90
CA SER E 9 -48.14 116.68 -46.38
C SER E 9 -47.24 117.57 -47.21
N PRO E 10 -47.64 118.81 -47.47
CA PRO E 10 -46.84 119.68 -48.34
C PRO E 10 -45.62 120.25 -47.62
N GLY E 11 -44.59 120.52 -48.42
CA GLY E 11 -43.41 121.20 -47.97
C GLY E 11 -43.43 122.68 -48.33
N ASP E 12 -42.24 123.29 -48.33
CA ASP E 12 -42.15 124.68 -48.77
C ASP E 12 -42.32 124.80 -50.27
N GLY E 13 -41.99 123.74 -51.01
CA GLY E 13 -42.17 123.73 -52.45
C GLY E 13 -41.09 124.40 -53.25
N ARG E 14 -40.07 124.96 -52.59
CA ARG E 14 -39.02 125.71 -53.26
C ARG E 14 -37.65 125.07 -53.11
N THR E 15 -37.24 124.78 -51.88
CA THR E 15 -35.91 124.25 -51.62
C THR E 15 -35.90 122.74 -51.86
N PHE E 16 -35.19 122.32 -52.90
CA PHE E 16 -35.06 120.91 -53.21
C PHE E 16 -33.63 120.45 -52.99
N PRO E 17 -33.41 119.19 -52.63
CA PRO E 17 -32.03 118.70 -52.45
C PRO E 17 -31.24 118.84 -53.73
N LYS E 18 -29.98 119.23 -53.59
CA LYS E 18 -29.05 119.35 -54.70
C LYS E 18 -27.88 118.41 -54.47
N ARG E 19 -27.35 117.86 -55.56
CA ARG E 19 -26.30 116.85 -55.45
C ARG E 19 -25.18 117.35 -54.56
N GLY E 20 -24.78 116.52 -53.61
CA GLY E 20 -23.75 116.86 -52.65
C GLY E 20 -24.28 117.31 -51.30
N GLN E 21 -25.53 117.73 -51.23
CA GLN E 21 -26.12 118.14 -49.96
C GLN E 21 -26.42 116.92 -49.10
N THR E 22 -26.57 117.16 -47.81
CA THR E 22 -26.89 116.11 -46.84
C THR E 22 -28.34 116.26 -46.41
N CYS E 23 -29.16 115.26 -46.73
CA CYS E 23 -30.57 115.25 -46.38
C CYS E 23 -30.76 114.52 -45.06
N VAL E 24 -31.53 115.14 -44.16
CA VAL E 24 -31.93 114.54 -42.90
C VAL E 24 -33.40 114.18 -43.03
N VAL E 25 -33.75 112.93 -42.72
CA VAL E 25 -35.10 112.43 -42.94
C VAL E 25 -35.52 111.54 -41.79
N HIS E 26 -36.83 111.39 -41.63
CA HIS E 26 -37.41 110.23 -40.98
C HIS E 26 -38.11 109.38 -42.03
N TYR E 27 -38.11 108.07 -41.83
CA TYR E 27 -38.74 107.16 -42.76
C TYR E 27 -39.32 105.97 -42.02
N THR E 28 -40.33 105.36 -42.63
CA THR E 28 -40.91 104.11 -42.14
C THR E 28 -41.07 103.20 -43.34
N GLY E 29 -40.33 102.10 -43.36
CA GLY E 29 -40.31 101.20 -44.50
C GLY E 29 -41.31 100.06 -44.31
N MET E 30 -41.99 99.71 -45.41
CA MET E 30 -42.94 98.62 -45.42
C MET E 30 -42.80 97.86 -46.73
N LEU E 31 -42.99 96.55 -46.68
CA LEU E 31 -43.10 95.77 -47.89
C LEU E 31 -44.43 96.06 -48.57
N GLU E 32 -44.51 95.74 -49.86
CA GLU E 32 -45.74 96.04 -50.59
C GLU E 32 -46.94 95.37 -49.94
N ASP E 33 -46.72 94.27 -49.22
CA ASP E 33 -47.81 93.65 -48.47
C ASP E 33 -48.31 94.55 -47.35
N GLY E 34 -47.43 95.39 -46.80
CA GLY E 34 -47.80 96.25 -45.69
C GLY E 34 -47.17 95.81 -44.38
N LYS E 35 -46.03 95.13 -44.47
CA LYS E 35 -45.30 94.67 -43.29
C LYS E 35 -44.15 95.62 -43.03
N LYS E 36 -44.13 96.23 -41.84
CA LYS E 36 -43.05 97.13 -41.49
C LYS E 36 -41.75 96.35 -41.33
N PHE E 37 -40.66 96.89 -41.85
CA PHE E 37 -39.35 96.29 -41.71
C PHE E 37 -38.27 97.27 -41.25
N ASP E 38 -38.55 98.57 -41.24
CA ASP E 38 -37.56 99.55 -40.79
C ASP E 38 -38.27 100.85 -40.47
N SER E 39 -37.70 101.60 -39.54
CA SER E 39 -38.23 102.92 -39.19
C SER E 39 -37.18 103.67 -38.39
N SER E 40 -36.83 104.87 -38.85
CA SER E 40 -35.90 105.69 -38.08
C SER E 40 -36.58 106.26 -36.83
N ARG E 41 -37.90 106.40 -36.86
CA ARG E 41 -38.61 106.92 -35.70
C ARG E 41 -38.56 105.94 -34.54
N ASP E 42 -38.46 104.64 -34.84
CA ASP E 42 -38.31 103.64 -33.79
C ASP E 42 -37.01 103.84 -33.03
N ARG E 43 -35.93 104.19 -33.74
CA ARG E 43 -34.65 104.49 -33.11
C ARG E 43 -34.57 105.94 -32.64
N ASN E 44 -35.55 106.77 -32.97
CA ASN E 44 -35.64 108.12 -32.44
C ASN E 44 -34.42 108.94 -32.83
N LYS E 45 -33.98 108.79 -34.07
CA LYS E 45 -32.82 109.51 -34.55
C LYS E 45 -32.92 109.68 -36.07
N PRO E 46 -32.91 110.91 -36.58
CA PRO E 46 -33.05 111.09 -38.04
C PRO E 46 -31.91 110.41 -38.79
N PHE E 47 -32.24 109.91 -39.98
CA PHE E 47 -31.26 109.31 -40.87
C PHE E 47 -30.72 110.38 -41.80
N LYS E 48 -29.40 110.45 -41.90
CA LYS E 48 -28.72 111.44 -42.74
C LYS E 48 -28.02 110.73 -43.89
N PHE E 49 -28.14 111.30 -45.09
CA PHE E 49 -27.45 110.73 -46.23
C PHE E 49 -27.16 111.82 -47.26
N THR E 50 -26.07 111.65 -47.99
CA THR E 50 -25.63 112.62 -48.99
C THR E 50 -25.94 112.12 -50.38
N LEU E 51 -26.62 112.95 -51.17
CA LEU E 51 -26.96 112.58 -52.53
C LEU E 51 -25.72 112.48 -53.40
N GLY E 52 -25.73 111.52 -54.32
CA GLY E 52 -24.67 111.35 -55.29
C GLY E 52 -23.59 110.37 -54.87
N LYS E 53 -23.48 110.08 -53.59
CA LYS E 53 -22.47 109.16 -53.08
C LYS E 53 -22.93 107.70 -53.13
N GLN E 54 -24.14 107.45 -53.61
CA GLN E 54 -24.65 106.09 -53.78
C GLN E 54 -24.68 105.34 -52.44
N GLU E 55 -24.98 106.08 -51.38
CA GLU E 55 -25.09 105.48 -50.06
C GLU E 55 -26.41 104.75 -49.86
N VAL E 56 -27.49 105.23 -50.49
CA VAL E 56 -28.81 104.63 -50.37
C VAL E 56 -29.20 104.08 -51.74
N ILE E 57 -30.23 103.24 -51.76
CA ILE E 57 -30.62 102.59 -52.99
C ILE E 57 -31.15 103.62 -53.98
N ARG E 58 -31.15 103.24 -55.26
CA ARG E 58 -31.51 104.15 -56.33
C ARG E 58 -32.90 104.73 -56.10
N GLY E 59 -33.79 103.95 -55.46
CA GLY E 59 -35.12 104.45 -55.18
C GLY E 59 -35.11 105.70 -54.33
N TRP E 60 -34.39 105.66 -53.21
CA TRP E 60 -34.20 106.87 -52.41
C TRP E 60 -33.49 107.96 -53.20
N GLU E 61 -32.41 107.59 -53.89
CA GLU E 61 -31.64 108.60 -54.61
C GLU E 61 -32.54 109.39 -55.56
N GLU E 62 -33.46 108.71 -56.24
CA GLU E 62 -34.29 109.39 -57.23
C GLU E 62 -35.51 110.03 -56.58
N GLY E 63 -36.02 109.45 -55.50
CA GLY E 63 -37.24 109.93 -54.90
C GLY E 63 -37.06 111.13 -53.99
N VAL E 64 -36.13 111.04 -53.05
CA VAL E 64 -35.92 112.15 -52.12
C VAL E 64 -35.53 113.40 -52.87
N ALA E 65 -34.95 113.25 -54.06
CA ALA E 65 -34.55 114.42 -54.84
C ALA E 65 -35.76 115.25 -55.28
N GLN E 66 -36.94 114.64 -55.32
CA GLN E 66 -38.14 115.31 -55.79
C GLN E 66 -38.97 115.91 -54.66
N MET E 67 -38.49 115.85 -53.43
CA MET E 67 -39.22 116.33 -52.27
C MET E 67 -38.62 117.65 -51.79
N SER E 68 -39.49 118.58 -51.42
CA SER E 68 -39.06 119.84 -50.86
C SER E 68 -38.87 119.72 -49.35
N VAL E 69 -38.10 120.65 -48.79
CA VAL E 69 -37.79 120.58 -47.36
C VAL E 69 -39.08 120.68 -46.56
N GLY E 70 -39.22 119.82 -45.57
CA GLY E 70 -40.40 119.77 -44.74
C GLY E 70 -41.52 118.93 -45.31
N GLN E 71 -41.35 118.40 -46.51
CA GLN E 71 -42.41 117.63 -47.15
C GLN E 71 -42.42 116.20 -46.62
N ARG E 72 -43.63 115.65 -46.48
CA ARG E 72 -43.83 114.24 -46.20
C ARG E 72 -44.44 113.60 -47.43
N ALA E 73 -43.96 112.42 -47.78
CA ALA E 73 -44.39 111.78 -49.01
C ALA E 73 -44.20 110.27 -48.93
N LYS E 74 -44.99 109.56 -49.71
CA LYS E 74 -44.88 108.11 -49.84
C LYS E 74 -44.11 107.80 -51.11
N LEU E 75 -43.02 107.05 -50.96
CA LEU E 75 -42.22 106.58 -52.09
C LEU E 75 -42.54 105.12 -52.31
N ILE E 76 -42.96 104.78 -53.53
CA ILE E 76 -43.16 103.39 -53.93
C ILE E 76 -42.05 103.05 -54.91
N ILE E 77 -41.21 102.10 -54.54
CA ILE E 77 -39.99 101.77 -55.27
C ILE E 77 -40.08 100.33 -55.75
N SER E 78 -39.91 100.14 -57.06
CA SER E 78 -39.93 98.81 -57.63
C SER E 78 -38.68 98.05 -57.22
N SER E 79 -38.70 96.73 -57.47
CA SER E 79 -37.57 95.89 -57.07
C SER E 79 -36.28 96.33 -57.75
N ASP E 80 -36.35 96.68 -59.02
CA ASP E 80 -35.15 97.02 -59.76
C ASP E 80 -34.42 98.20 -59.13
N TYR E 81 -35.17 99.23 -58.70
CA TYR E 81 -34.59 100.34 -57.98
C TYR E 81 -34.31 100.00 -56.52
N ALA E 82 -34.94 98.95 -55.99
CA ALA E 82 -34.69 98.47 -54.65
C ALA E 82 -33.60 97.41 -54.66
N TYR E 83 -33.48 96.67 -53.57
CA TYR E 83 -32.48 95.62 -53.46
C TYR E 83 -32.58 94.58 -54.56
N GLY E 84 -33.75 94.45 -55.20
CA GLY E 84 -33.84 93.68 -56.42
C GLY E 84 -33.79 92.18 -56.20
N ALA E 85 -33.19 91.49 -57.16
CA ALA E 85 -33.20 90.03 -57.16
C ALA E 85 -32.51 89.45 -55.94
N THR E 86 -31.36 90.01 -55.57
CA THR E 86 -30.61 89.47 -54.43
C THR E 86 -31.46 89.54 -53.17
N GLY E 87 -31.97 90.73 -52.83
CA GLY E 87 -32.79 90.87 -51.65
C GLY E 87 -31.92 90.98 -50.42
N HIS E 88 -32.20 91.95 -49.55
CA HIS E 88 -31.42 92.08 -48.33
C HIS E 88 -31.72 90.86 -47.47
N PRO E 89 -30.81 89.89 -47.37
CA PRO E 89 -31.18 88.60 -46.76
C PRO E 89 -31.64 88.77 -45.32
N GLY E 90 -32.71 88.05 -44.97
CA GLY E 90 -33.27 88.07 -43.65
C GLY E 90 -34.23 89.22 -43.40
N ILE E 91 -34.28 90.20 -44.29
CA ILE E 91 -35.16 91.35 -44.13
C ILE E 91 -36.09 91.45 -45.32
N ILE E 92 -35.53 91.60 -46.51
CA ILE E 92 -36.28 91.89 -47.73
C ILE E 92 -36.27 90.65 -48.60
N PRO E 93 -37.43 90.08 -48.93
CA PRO E 93 -37.45 88.93 -49.85
C PRO E 93 -37.01 89.33 -51.24
N PRO E 94 -36.55 88.38 -52.04
CA PRO E 94 -36.17 88.71 -53.43
C PRO E 94 -37.33 89.27 -54.21
N HIS E 95 -37.03 90.22 -55.09
CA HIS E 95 -38.03 90.83 -55.98
C HIS E 95 -39.20 91.38 -55.16
N ALA E 96 -38.88 92.37 -54.33
CA ALA E 96 -39.84 92.99 -53.44
C ALA E 96 -39.95 94.47 -53.75
N THR E 97 -41.18 94.97 -53.82
CA THR E 97 -41.44 96.39 -53.96
C THR E 97 -41.55 97.01 -52.56
N LEU E 98 -40.95 98.17 -52.38
CA LEU E 98 -40.83 98.79 -51.07
C LEU E 98 -41.63 100.07 -51.02
N VAL E 99 -42.38 100.26 -49.94
CA VAL E 99 -43.17 101.46 -49.70
C VAL E 99 -42.61 102.17 -48.48
N PHE E 100 -42.26 103.44 -48.62
CA PHE E 100 -41.66 104.22 -47.55
C PHE E 100 -42.49 105.46 -47.29
N ASP E 101 -42.59 105.85 -46.03
CA ASP E 101 -43.23 107.08 -45.60
C ASP E 101 -42.12 108.02 -45.10
N VAL E 102 -41.75 108.99 -45.93
CA VAL E 102 -40.53 109.77 -45.75
C VAL E 102 -40.87 111.22 -45.49
N GLU E 103 -40.34 111.76 -44.40
CA GLU E 103 -40.42 113.18 -44.10
C GLU E 103 -39.02 113.76 -44.21
N LEU E 104 -38.87 114.79 -45.04
CA LEU E 104 -37.58 115.46 -45.24
C LEU E 104 -37.44 116.62 -44.28
N LEU E 105 -36.76 116.40 -43.15
CA LEU E 105 -36.75 117.39 -42.09
C LEU E 105 -36.01 118.66 -42.50
N LYS E 106 -34.81 118.50 -43.04
CA LYS E 106 -33.95 119.64 -43.30
C LYS E 106 -32.79 119.21 -44.19
N LEU E 107 -32.11 120.22 -44.76
CA LEU E 107 -30.94 120.00 -45.59
C LEU E 107 -29.71 120.60 -44.91
N GLU E 108 -28.56 119.98 -45.14
CA GLU E 108 -27.32 120.44 -44.55
C GLU E 108 -26.11 119.83 -45.25
N GLU F 11 22.73 -12.23 -6.32
CA GLU F 11 23.92 -12.82 -5.72
C GLU F 11 24.43 -14.00 -6.55
N VAL F 12 25.66 -13.88 -7.04
CA VAL F 12 26.26 -14.95 -7.83
C VAL F 12 26.41 -16.18 -6.95
N GLN F 13 26.13 -17.35 -7.53
CA GLN F 13 26.18 -18.61 -6.79
C GLN F 13 27.46 -19.36 -7.12
N PHE F 14 28.04 -19.99 -6.10
CA PHE F 14 29.30 -20.69 -6.22
C PHE F 14 29.07 -22.19 -6.09
N LEU F 15 29.68 -22.97 -6.97
CA LEU F 15 29.61 -24.41 -6.85
C LEU F 15 30.39 -24.87 -5.62
N ARG F 16 29.86 -25.89 -4.95
CA ARG F 16 30.46 -26.43 -3.75
C ARG F 16 30.47 -27.95 -3.83
N THR F 17 31.40 -28.57 -3.11
CA THR F 17 31.44 -30.03 -3.08
C THR F 17 30.13 -30.57 -2.52
N ASP F 18 29.87 -31.85 -2.81
CA ASP F 18 28.64 -32.53 -2.45
C ASP F 18 27.43 -32.00 -3.22
N ASP F 19 27.65 -31.24 -4.30
CA ASP F 19 26.57 -30.73 -5.12
C ASP F 19 26.49 -31.55 -6.41
N GLU F 20 25.26 -31.85 -6.81
CA GLU F 20 25.02 -32.55 -8.06
C GLU F 20 25.15 -31.59 -9.23
N VAL F 21 25.77 -32.04 -10.31
CA VAL F 21 26.00 -31.19 -11.48
C VAL F 21 25.82 -32.02 -12.75
N VAL F 22 25.65 -31.30 -13.86
CA VAL F 22 25.66 -31.90 -15.19
C VAL F 22 26.71 -31.17 -16.01
N LEU F 23 27.58 -31.92 -16.67
CA LEU F 23 28.59 -31.35 -17.55
C LEU F 23 27.99 -31.21 -18.95
N GLN F 24 27.78 -29.97 -19.38
CA GLN F 24 27.07 -29.67 -20.61
C GLN F 24 28.01 -29.00 -21.59
N CYS F 25 27.77 -29.26 -22.88
CA CYS F 25 28.56 -28.68 -23.96
C CYS F 25 27.64 -28.31 -25.10
N SER F 26 28.13 -27.47 -26.00
CA SER F 26 27.36 -26.97 -27.12
C SER F 26 28.01 -27.38 -28.43
N ALA F 27 27.19 -27.80 -29.40
CA ALA F 27 27.66 -28.17 -30.72
C ALA F 27 26.72 -27.56 -31.74
N THR F 28 27.26 -26.90 -32.75
CA THR F 28 26.42 -26.34 -33.80
C THR F 28 26.25 -27.36 -34.92
N VAL F 29 25.01 -27.75 -35.17
CA VAL F 29 24.67 -28.71 -36.22
C VAL F 29 23.56 -28.10 -37.05
N LEU F 30 23.75 -28.07 -38.38
CA LEU F 30 22.76 -27.54 -39.30
C LEU F 30 22.35 -26.12 -38.89
N LYS F 31 23.34 -25.31 -38.55
CA LYS F 31 23.12 -23.92 -38.15
C LYS F 31 22.17 -23.83 -36.97
N GLU F 32 22.13 -24.88 -36.15
CA GLU F 32 21.25 -24.94 -34.99
C GLU F 32 22.06 -25.42 -33.79
N GLN F 33 22.20 -24.55 -32.79
CA GLN F 33 22.93 -24.92 -31.58
C GLN F 33 22.20 -26.07 -30.88
N LEU F 34 22.96 -27.06 -30.42
CA LEU F 34 22.43 -28.22 -29.74
C LEU F 34 23.25 -28.43 -28.48
N LYS F 35 22.56 -28.62 -27.35
CA LYS F 35 23.22 -28.77 -26.06
C LYS F 35 23.21 -30.24 -25.65
N LEU F 36 24.35 -30.71 -25.18
CA LEU F 36 24.54 -32.11 -24.84
C LEU F 36 25.07 -32.22 -23.42
N CYS F 37 24.71 -33.30 -22.75
CA CYS F 37 25.18 -33.57 -21.39
C CYS F 37 25.97 -34.86 -21.36
N LEU F 38 27.10 -34.85 -20.66
CA LEU F 38 27.89 -36.05 -20.50
C LEU F 38 27.08 -37.09 -19.73
N ALA F 39 27.07 -38.32 -20.22
CA ALA F 39 26.26 -39.37 -19.63
C ALA F 39 27.01 -40.69 -19.71
N ALA F 40 26.63 -41.61 -18.83
CA ALA F 40 27.19 -42.96 -18.84
C ALA F 40 26.30 -43.84 -17.99
N GLU F 41 26.29 -45.13 -18.30
CA GLU F 41 25.45 -46.09 -17.59
C GLU F 41 26.17 -46.75 -16.42
N GLY F 42 27.48 -46.95 -16.52
CA GLY F 42 28.24 -47.57 -15.46
C GLY F 42 28.17 -49.09 -15.51
N PHE F 43 27.03 -49.66 -15.14
CA PHE F 43 26.85 -51.10 -15.18
C PHE F 43 26.56 -51.51 -16.62
N GLY F 44 27.41 -52.37 -17.17
CA GLY F 44 27.20 -52.88 -18.52
C GLY F 44 27.98 -52.10 -19.57
N ASN F 45 28.22 -50.82 -19.31
CA ASN F 45 28.94 -49.98 -20.27
C ASN F 45 29.59 -48.84 -19.50
N ARG F 46 30.92 -48.86 -19.41
CA ARG F 46 31.64 -47.84 -18.69
C ARG F 46 31.92 -46.59 -19.52
N LEU F 47 31.76 -46.67 -20.84
CA LEU F 47 32.09 -45.55 -21.70
C LEU F 47 31.05 -44.45 -21.60
N CYS F 48 31.51 -43.20 -21.73
CA CYS F 48 30.64 -42.04 -21.68
C CYS F 48 30.20 -41.65 -23.08
N PHE F 49 28.94 -41.24 -23.18
CA PHE F 49 28.37 -40.70 -24.41
C PHE F 49 27.74 -39.36 -24.10
N LEU F 50 27.06 -38.79 -25.09
CA LEU F 50 26.44 -37.47 -24.96
C LEU F 50 24.94 -37.60 -25.16
N GLU F 51 24.19 -37.03 -24.21
CA GLU F 51 22.73 -37.07 -24.26
C GLU F 51 22.23 -35.68 -24.64
N PRO F 52 21.59 -35.50 -25.79
CA PRO F 52 21.04 -34.16 -26.11
C PRO F 52 19.97 -33.75 -25.12
N THR F 53 19.91 -32.45 -24.85
CA THR F 53 18.96 -31.88 -23.91
C THR F 53 18.37 -30.59 -24.46
N SER F 54 18.37 -30.44 -25.79
CA SER F 54 17.81 -29.26 -26.43
C SER F 54 16.37 -29.42 -26.87
N ASN F 55 15.94 -30.65 -27.17
CA ASN F 55 14.55 -30.93 -27.57
C ASN F 55 13.72 -31.42 -26.39
N ALA F 56 14.08 -31.04 -25.17
CA ALA F 56 13.40 -31.57 -23.99
C ALA F 56 11.90 -31.33 -24.06
N GLN F 57 11.48 -30.23 -24.67
CA GLN F 57 10.06 -29.90 -24.70
C GLN F 57 9.28 -30.81 -25.64
N ASN F 58 9.97 -31.64 -26.42
CA ASN F 58 9.33 -32.71 -27.18
C ASN F 58 9.68 -34.10 -26.68
N VAL F 59 10.97 -34.38 -26.51
CA VAL F 59 11.43 -35.69 -26.08
C VAL F 59 12.24 -35.53 -24.80
N PRO F 60 11.75 -35.94 -23.64
CA PRO F 60 12.50 -35.74 -22.40
C PRO F 60 13.83 -36.46 -22.46
N PRO F 61 14.90 -35.86 -21.92
CA PRO F 61 16.19 -36.53 -21.92
C PRO F 61 16.31 -37.54 -20.78
N ASP F 62 17.22 -38.50 -20.97
CA ASP F 62 17.51 -39.50 -19.95
C ASP F 62 18.46 -38.86 -18.95
N LEU F 63 17.90 -38.01 -18.09
CA LEU F 63 18.72 -37.16 -17.24
C LEU F 63 19.22 -37.90 -16.00
N ALA F 64 18.72 -39.10 -15.73
CA ALA F 64 19.12 -39.80 -14.51
C ALA F 64 20.61 -40.14 -14.53
N ILE F 65 21.14 -40.50 -15.69
CA ILE F 65 22.50 -40.99 -15.79
C ILE F 65 23.45 -39.86 -16.19
N CYS F 66 22.96 -38.63 -16.14
CA CYS F 66 23.77 -37.45 -16.47
C CYS F 66 24.22 -36.68 -15.24
N CYS F 67 23.97 -37.21 -14.03
CA CYS F 67 24.18 -36.47 -12.81
C CYS F 67 25.47 -36.93 -12.13
N PHE F 68 26.32 -35.98 -11.78
CA PHE F 68 27.58 -36.25 -11.09
C PHE F 68 27.63 -35.45 -9.79
N ILE F 69 28.16 -36.08 -8.75
CA ILE F 69 28.38 -35.45 -7.46
C ILE F 69 29.84 -35.04 -7.36
N LEU F 70 30.08 -33.80 -6.94
CA LEU F 70 31.43 -33.29 -6.71
C LEU F 70 31.90 -33.77 -5.34
N GLU F 71 32.53 -34.94 -5.33
CA GLU F 71 32.90 -35.55 -4.04
C GLU F 71 34.01 -34.77 -3.36
N GLN F 72 35.02 -34.34 -4.12
CA GLN F 72 36.18 -33.68 -3.54
C GLN F 72 36.71 -32.63 -4.50
N SER F 73 37.44 -31.65 -3.94
CA SER F 73 38.08 -30.61 -4.72
C SER F 73 39.32 -30.16 -3.94
N LEU F 74 40.47 -30.69 -4.34
CA LEU F 74 41.75 -30.35 -3.73
C LEU F 74 42.60 -29.56 -4.71
N SER F 75 43.59 -28.86 -4.16
CA SER F 75 44.61 -28.24 -4.98
C SER F 75 45.49 -29.33 -5.60
N VAL F 76 46.24 -28.95 -6.63
CA VAL F 76 47.08 -29.92 -7.32
C VAL F 76 48.09 -30.53 -6.34
N ARG F 77 48.68 -29.68 -5.50
CA ARG F 77 49.69 -30.17 -4.56
C ARG F 77 49.07 -31.03 -3.47
N ALA F 78 47.90 -30.64 -2.98
CA ALA F 78 47.20 -31.48 -2.02
C ALA F 78 46.90 -32.83 -2.62
N LEU F 79 46.49 -32.86 -3.88
CA LEU F 79 46.23 -34.12 -4.56
C LEU F 79 47.51 -34.95 -4.68
N GLN F 80 48.63 -34.29 -5.01
CA GLN F 80 49.89 -35.00 -5.07
C GLN F 80 50.23 -35.66 -3.74
N GLU F 81 50.08 -34.92 -2.65
CA GLU F 81 50.36 -35.49 -1.33
C GLU F 81 49.42 -36.64 -1.02
N MET F 82 48.13 -36.47 -1.33
CA MET F 82 47.17 -37.53 -1.03
C MET F 82 47.49 -38.80 -1.81
N LEU F 83 47.85 -38.64 -3.09
CA LEU F 83 48.22 -39.80 -3.90
C LEU F 83 49.49 -40.45 -3.37
N ALA F 84 50.47 -39.64 -2.96
CA ALA F 84 51.72 -40.18 -2.44
C ALA F 84 51.45 -41.01 -1.18
N ASN F 85 50.59 -40.50 -0.31
CA ASN F 85 50.24 -41.23 0.91
C ASN F 85 49.71 -42.62 0.57
N HIS F 99 31.83 -29.17 3.01
CA HIS F 99 31.35 -28.40 1.87
C HIS F 99 32.33 -27.28 1.53
N ARG F 100 33.22 -27.55 0.58
CA ARG F 100 34.24 -26.62 0.16
C ARG F 100 33.92 -26.06 -1.21
N THR F 101 34.13 -24.76 -1.38
CA THR F 101 33.89 -24.13 -2.66
C THR F 101 34.91 -24.61 -3.69
N LEU F 102 34.50 -24.58 -4.96
CA LEU F 102 35.38 -24.96 -6.05
C LEU F 102 36.17 -23.74 -6.51
N LEU F 103 37.49 -23.86 -6.52
CA LEU F 103 38.40 -22.79 -6.89
C LEU F 103 39.11 -23.19 -8.18
N TYR F 104 39.20 -22.25 -9.12
CA TYR F 104 39.87 -22.54 -10.37
C TYR F 104 41.29 -23.04 -10.13
N GLY F 105 41.69 -24.07 -10.86
CA GLY F 105 42.98 -24.69 -10.70
C GLY F 105 42.99 -25.87 -9.76
N HIS F 106 41.92 -26.09 -9.01
CA HIS F 106 41.82 -27.26 -8.14
C HIS F 106 41.43 -28.48 -8.96
N ALA F 107 41.66 -29.65 -8.38
CA ALA F 107 41.36 -30.92 -9.01
C ALA F 107 40.11 -31.51 -8.37
N ILE F 108 39.13 -31.86 -9.19
CA ILE F 108 37.82 -32.30 -8.71
C ILE F 108 37.64 -33.78 -8.98
N LEU F 109 36.84 -34.42 -8.12
CA LEU F 109 36.50 -35.83 -8.23
C LEU F 109 34.99 -35.91 -8.40
N LEU F 110 34.54 -36.65 -9.41
CA LEU F 110 33.12 -36.74 -9.74
C LEU F 110 32.64 -38.17 -9.60
N ARG F 111 31.63 -38.39 -8.76
CA ARG F 111 30.93 -39.67 -8.71
C ARG F 111 29.72 -39.65 -9.63
N HIS F 112 29.60 -40.68 -10.46
CA HIS F 112 28.33 -40.91 -11.13
C HIS F 112 27.25 -41.17 -10.09
N ALA F 113 26.18 -40.38 -10.15
CA ALA F 113 25.15 -40.47 -9.12
C ALA F 113 24.50 -41.84 -9.09
N HIS F 114 24.24 -42.42 -10.26
CA HIS F 114 23.54 -43.70 -10.31
C HIS F 114 24.46 -44.85 -9.96
N SER F 115 25.55 -45.01 -10.69
CA SER F 115 26.43 -46.16 -10.52
C SER F 115 27.42 -45.99 -9.38
N ARG F 116 27.59 -44.79 -8.85
CA ARG F 116 28.56 -44.52 -7.80
C ARG F 116 29.99 -44.73 -8.26
N MET F 117 30.22 -44.76 -9.57
CA MET F 117 31.56 -44.82 -10.13
C MET F 117 32.06 -43.41 -10.40
N TYR F 118 33.34 -43.31 -10.77
CA TYR F 118 34.02 -42.04 -10.88
C TYR F 118 34.38 -41.75 -12.33
N LEU F 119 34.08 -40.53 -12.77
CA LEU F 119 34.49 -40.10 -14.10
C LEU F 119 36.01 -40.08 -14.17
N SER F 120 36.57 -40.76 -15.16
CA SER F 120 38.00 -40.92 -15.28
C SER F 120 38.39 -40.94 -16.74
N CYS F 121 39.70 -40.82 -16.99
CA CYS F 121 40.27 -40.89 -18.33
C CYS F 121 40.80 -42.31 -18.51
N LEU F 122 40.18 -43.05 -19.43
CA LEU F 122 40.54 -44.44 -19.63
C LEU F 122 41.78 -44.55 -20.50
N THR F 123 42.51 -45.66 -20.34
CA THR F 123 43.71 -45.86 -21.14
C THR F 123 43.39 -46.28 -22.57
N THR F 124 42.29 -46.99 -22.77
CA THR F 124 41.93 -47.44 -24.10
C THR F 124 41.46 -46.27 -24.96
N SER F 125 41.39 -46.50 -26.27
CA SER F 125 40.93 -45.49 -27.22
C SER F 125 40.24 -46.20 -28.38
N ARG F 126 38.94 -45.99 -28.52
CA ARG F 126 38.18 -46.57 -29.61
C ARG F 126 38.17 -45.69 -30.85
N SER F 127 38.66 -44.45 -30.75
CA SER F 127 38.60 -43.53 -31.86
C SER F 127 39.53 -43.96 -32.99
N MET F 128 39.01 -43.98 -34.21
CA MET F 128 39.82 -44.24 -35.39
C MET F 128 40.37 -42.96 -36.01
N THR F 129 39.61 -41.86 -35.96
CA THR F 129 40.08 -40.61 -36.54
C THR F 129 41.29 -40.07 -35.77
N ASP F 130 41.18 -40.00 -34.44
CA ASP F 130 42.25 -39.48 -33.60
C ASP F 130 43.02 -40.63 -32.98
N LYS F 131 44.35 -40.53 -33.04
CA LYS F 131 45.23 -41.54 -32.49
C LYS F 131 45.88 -41.13 -31.18
N LEU F 132 45.86 -39.84 -30.84
CA LEU F 132 46.41 -39.35 -29.58
C LEU F 132 45.35 -39.17 -28.51
N ALA F 133 44.10 -39.49 -28.81
CA ALA F 133 42.99 -39.29 -27.88
C ALA F 133 42.64 -40.59 -27.17
N PHE F 134 42.19 -40.45 -25.93
CA PHE F 134 41.80 -41.58 -25.11
C PHE F 134 40.31 -41.53 -24.83
N ASP F 135 39.77 -42.64 -24.35
CA ASP F 135 38.36 -42.72 -24.03
C ASP F 135 38.10 -42.24 -22.61
N VAL F 136 36.96 -41.60 -22.42
CA VAL F 136 36.53 -41.11 -21.11
C VAL F 136 35.35 -41.95 -20.66
N GLY F 137 35.49 -42.57 -19.49
CA GLY F 137 34.43 -43.40 -18.95
C GLY F 137 34.42 -43.40 -17.44
N LEU F 138 33.79 -44.41 -16.86
CA LEU F 138 33.68 -44.56 -15.42
C LEU F 138 34.57 -45.69 -14.94
N GLN F 139 35.10 -45.55 -13.73
CA GLN F 139 35.87 -46.62 -13.11
C GLN F 139 35.38 -46.83 -11.69
N GLU F 140 35.54 -48.07 -11.20
CA GLU F 140 34.92 -48.46 -9.94
C GLU F 140 35.55 -47.74 -8.76
N ASP F 141 36.88 -47.60 -8.74
CA ASP F 141 37.59 -47.09 -7.58
C ASP F 141 38.06 -45.66 -7.82
N ALA F 142 38.21 -44.93 -6.72
CA ALA F 142 38.73 -43.57 -6.75
C ALA F 142 40.25 -43.53 -6.63
N THR F 143 40.90 -44.68 -6.62
CA THR F 143 42.35 -44.75 -6.50
C THR F 143 43.00 -44.29 -7.80
N GLY F 144 44.24 -43.82 -7.68
CA GLY F 144 44.98 -43.33 -8.82
C GLY F 144 44.63 -41.91 -9.17
N GLU F 145 45.30 -41.41 -10.20
CA GLU F 145 45.10 -40.04 -10.66
C GLU F 145 44.25 -39.95 -11.92
N ALA F 146 43.75 -41.09 -12.42
CA ALA F 146 42.93 -41.05 -13.62
C ALA F 146 41.58 -40.42 -13.37
N CYS F 147 41.09 -40.47 -12.14
CA CYS F 147 39.76 -39.99 -11.80
C CYS F 147 39.74 -38.53 -11.36
N TRP F 148 40.83 -37.79 -11.56
CA TRP F 148 40.93 -36.41 -11.11
C TRP F 148 41.06 -35.48 -12.31
N TRP F 149 40.33 -34.37 -12.27
CA TRP F 149 40.32 -33.40 -13.34
C TRP F 149 40.54 -32.01 -12.77
N THR F 150 41.34 -31.21 -13.45
CA THR F 150 41.62 -29.84 -13.05
C THR F 150 40.77 -28.88 -13.88
N MET F 151 40.13 -27.94 -13.21
CA MET F 151 39.30 -26.94 -13.86
C MET F 151 40.13 -25.70 -14.15
N HIS F 152 40.01 -25.18 -15.37
CA HIS F 152 40.72 -23.96 -15.74
C HIS F 152 39.77 -23.01 -16.45
N PRO F 153 39.97 -21.71 -16.29
CA PRO F 153 39.05 -20.75 -16.90
C PRO F 153 39.01 -20.87 -18.41
N ALA F 154 37.82 -20.71 -18.97
CA ALA F 154 37.68 -20.76 -20.42
C ALA F 154 38.21 -19.49 -21.07
N SER F 155 37.98 -18.35 -20.45
CA SER F 155 38.43 -17.05 -20.95
C SER F 155 39.32 -16.39 -19.90
N LYS F 156 39.70 -15.16 -20.17
CA LYS F 156 40.62 -14.43 -19.31
C LYS F 156 39.93 -13.64 -18.21
N GLN F 157 38.60 -13.54 -18.22
CA GLN F 157 37.93 -12.81 -17.14
C GLN F 157 38.12 -13.52 -15.81
N ARG F 158 38.06 -14.84 -15.80
CA ARG F 158 38.34 -15.64 -14.62
C ARG F 158 39.84 -15.93 -14.57
N SER F 159 40.31 -16.28 -13.37
CA SER F 159 41.73 -16.56 -13.18
C SER F 159 41.90 -17.56 -12.04
N GLU F 160 43.06 -18.19 -12.01
CA GLU F 160 43.33 -19.21 -10.99
C GLU F 160 43.15 -18.63 -9.60
N GLY F 161 42.60 -19.44 -8.71
CA GLY F 161 42.35 -19.01 -7.34
C GLY F 161 41.01 -18.34 -7.17
N GLU F 162 40.29 -18.11 -8.27
CA GLU F 162 38.95 -17.57 -8.16
C GLU F 162 37.94 -18.69 -7.90
N LYS F 163 36.83 -18.32 -7.29
CA LYS F 163 35.74 -19.28 -7.09
C LYS F 163 34.99 -19.50 -8.38
N VAL F 164 34.67 -20.75 -8.66
CA VAL F 164 33.95 -21.10 -9.89
C VAL F 164 32.49 -20.71 -9.70
N ARG F 165 32.03 -19.74 -10.48
CA ARG F 165 30.66 -19.28 -10.40
C ARG F 165 29.78 -20.04 -11.38
N VAL F 166 28.58 -20.39 -10.92
CA VAL F 166 27.64 -21.15 -11.74
C VAL F 166 27.45 -20.44 -13.07
N GLY F 167 27.38 -21.21 -14.15
CA GLY F 167 27.24 -20.67 -15.48
C GLY F 167 28.56 -20.35 -16.16
N ASP F 168 29.69 -20.54 -15.49
CA ASP F 168 30.98 -20.28 -16.08
C ASP F 168 31.35 -21.37 -17.07
N ASP F 169 32.04 -20.97 -18.13
CA ASP F 169 32.65 -21.91 -19.05
C ASP F 169 34.05 -22.26 -18.56
N LEU F 170 34.31 -23.56 -18.45
CA LEU F 170 35.57 -24.04 -17.91
C LEU F 170 36.07 -25.20 -18.76
N ILE F 171 37.39 -25.38 -18.77
CA ILE F 171 38.02 -26.49 -19.48
C ILE F 171 38.56 -27.46 -18.43
N LEU F 172 38.35 -28.74 -18.67
CA LEU F 172 38.73 -29.80 -17.73
C LEU F 172 39.93 -30.55 -18.31
N VAL F 173 41.00 -30.64 -17.54
CA VAL F 173 42.21 -31.33 -17.95
C VAL F 173 42.43 -32.54 -17.07
N SER F 174 42.65 -33.69 -17.70
CA SER F 174 42.91 -34.91 -16.94
C SER F 174 44.26 -34.83 -16.24
N VAL F 175 44.26 -35.11 -14.94
CA VAL F 175 45.52 -35.08 -14.19
C VAL F 175 46.46 -36.18 -14.65
N SER F 176 45.94 -37.30 -15.15
CA SER F 176 46.77 -38.44 -15.48
C SER F 176 47.41 -38.35 -16.86
N SER F 177 46.81 -37.61 -17.78
CA SER F 177 47.29 -37.57 -19.16
C SER F 177 47.36 -36.18 -19.75
N GLU F 178 47.03 -35.13 -19.00
CA GLU F 178 47.09 -33.76 -19.52
C GLU F 178 46.32 -33.62 -20.83
N ARG F 179 45.16 -34.26 -20.89
CA ARG F 179 44.28 -34.18 -22.04
C ARG F 179 42.99 -33.48 -21.67
N TYR F 180 42.46 -32.70 -22.61
CA TYR F 180 41.22 -31.97 -22.40
C TYR F 180 40.03 -32.90 -22.56
N LEU F 181 39.03 -32.71 -21.71
CA LEU F 181 37.73 -33.33 -21.96
C LEU F 181 37.14 -32.70 -23.19
N HIS F 182 37.12 -33.42 -24.30
CA HIS F 182 36.93 -32.83 -25.61
C HIS F 182 35.71 -33.43 -26.30
N LEU F 183 34.99 -32.58 -27.02
CA LEU F 183 33.88 -32.98 -27.86
C LEU F 183 34.40 -33.26 -29.27
N SER F 184 34.23 -34.49 -29.73
CA SER F 184 34.75 -34.92 -31.02
C SER F 184 33.61 -35.00 -32.02
N THR F 185 33.64 -34.14 -33.03
CA THR F 185 32.65 -34.15 -34.11
C THR F 185 33.21 -34.79 -35.38
N ALA F 186 34.37 -35.43 -35.30
CA ALA F 186 35.03 -35.93 -36.50
C ALA F 186 34.12 -36.88 -37.28
N SER F 187 33.58 -37.89 -36.63
CA SER F 187 32.67 -38.80 -37.29
C SER F 187 31.32 -38.14 -37.50
N GLY F 188 30.38 -38.89 -38.07
CA GLY F 188 29.04 -38.37 -38.25
C GLY F 188 28.36 -38.08 -36.92
N GLU F 189 28.51 -38.98 -35.95
CA GLU F 189 27.89 -38.83 -34.64
C GLU F 189 28.80 -38.04 -33.71
N LEU F 190 28.19 -37.46 -32.68
CA LEU F 190 28.91 -36.65 -31.70
C LEU F 190 29.37 -37.56 -30.57
N GLN F 191 30.67 -37.50 -30.25
CA GLN F 191 31.25 -38.32 -29.21
C GLN F 191 32.13 -37.48 -28.30
N VAL F 192 32.48 -38.04 -27.15
CA VAL F 192 33.28 -37.38 -26.14
C VAL F 192 34.51 -38.22 -25.87
N ASP F 193 35.66 -37.56 -25.79
CA ASP F 193 36.92 -38.24 -25.54
C ASP F 193 37.89 -37.26 -24.92
N ALA F 194 39.02 -37.78 -24.46
CA ALA F 194 40.10 -36.98 -23.90
C ALA F 194 41.17 -36.81 -24.98
N SER F 195 41.30 -35.60 -25.50
CA SER F 195 42.25 -35.30 -26.56
C SER F 195 43.04 -34.05 -26.19
N PHE F 196 43.85 -33.59 -27.15
CA PHE F 196 44.67 -32.40 -26.95
C PHE F 196 44.00 -31.14 -27.46
N MET F 197 42.82 -31.24 -28.07
CA MET F 197 42.01 -30.09 -28.40
C MET F 197 41.03 -29.82 -27.28
N GLN F 198 40.80 -28.56 -26.98
CA GLN F 198 40.02 -28.15 -25.81
C GLN F 198 38.57 -27.91 -26.20
N THR F 199 37.68 -28.15 -25.24
CA THR F 199 36.26 -27.88 -25.38
C THR F 199 35.77 -27.18 -24.13
N LEU F 200 34.83 -26.25 -24.30
CA LEU F 200 34.29 -25.48 -23.19
C LEU F 200 33.07 -26.19 -22.63
N TRP F 201 33.08 -26.44 -21.32
CA TRP F 201 32.00 -27.13 -20.63
C TRP F 201 31.34 -26.19 -19.63
N ASN F 202 30.09 -26.48 -19.30
CA ASN F 202 29.35 -25.80 -18.25
C ASN F 202 28.96 -26.83 -17.20
N MET F 203 29.22 -26.52 -15.93
CA MET F 203 28.79 -27.40 -14.84
C MET F 203 27.49 -26.84 -14.32
N ASN F 204 26.39 -27.21 -14.97
CA ASN F 204 25.11 -26.68 -14.52
C ASN F 204 24.67 -27.41 -13.25
N PRO F 205 24.33 -26.69 -12.19
CA PRO F 205 23.95 -27.35 -10.94
C PRO F 205 22.59 -28.01 -11.03
N ILE F 206 22.44 -29.09 -10.28
CA ILE F 206 21.17 -29.80 -10.16
C ILE F 206 20.56 -29.62 -8.78
N CYS F 207 21.37 -29.78 -7.74
CA CYS F 207 20.94 -29.52 -6.38
C CYS F 207 22.18 -29.28 -5.53
N SER F 208 21.99 -28.56 -4.43
CA SER F 208 23.07 -28.28 -3.48
C SER F 208 22.79 -28.96 -2.14
N GLY F 209 21.63 -28.71 -1.55
CA GLY F 209 21.27 -29.37 -0.31
C GLY F 209 19.79 -29.25 -0.04
N CYS F 210 19.13 -30.36 0.24
CA CYS F 210 17.69 -30.39 0.43
C CYS F 210 17.35 -30.37 1.91
N GLU F 211 16.44 -29.49 2.29
CA GLU F 211 15.92 -29.49 3.65
C GLU F 211 15.35 -30.87 3.97
N GLU F 212 15.67 -31.38 5.15
CA GLU F 212 15.32 -32.75 5.51
C GLU F 212 13.82 -32.97 5.40
N GLY F 213 13.45 -34.08 4.75
CA GLY F 213 12.07 -34.48 4.65
C GLY F 213 11.27 -33.86 3.52
N PHE F 214 11.89 -33.00 2.72
CA PHE F 214 11.18 -32.31 1.64
C PHE F 214 11.49 -32.95 0.30
N VAL F 215 10.49 -32.95 -0.58
CA VAL F 215 10.62 -33.56 -1.90
C VAL F 215 11.31 -32.59 -2.83
N THR F 216 12.24 -33.10 -3.64
CA THR F 216 12.91 -32.33 -4.65
C THR F 216 12.78 -33.04 -6.00
N GLY F 217 12.90 -32.27 -7.07
CA GLY F 217 12.86 -32.86 -8.39
C GLY F 217 13.96 -33.88 -8.58
N GLY F 218 13.68 -34.85 -9.45
CA GLY F 218 14.66 -35.87 -9.75
C GLY F 218 14.79 -36.97 -8.73
N HIS F 219 13.87 -37.04 -7.77
CA HIS F 219 13.82 -38.17 -6.84
C HIS F 219 12.99 -39.30 -7.40
N VAL F 220 13.37 -40.51 -7.03
CA VAL F 220 12.55 -41.71 -7.24
C VAL F 220 11.77 -41.96 -5.97
N LEU F 221 10.48 -42.26 -6.11
CA LEU F 221 9.60 -42.35 -4.96
C LEU F 221 8.38 -43.17 -5.34
N ARG F 222 7.50 -43.36 -4.36
CA ARG F 222 6.24 -44.07 -4.53
C ARG F 222 5.08 -43.14 -4.22
N LEU F 223 4.03 -43.23 -5.03
CA LEU F 223 2.85 -42.39 -4.89
C LEU F 223 1.75 -43.22 -4.25
N PHE F 224 1.56 -43.05 -2.94
CA PHE F 224 0.59 -43.84 -2.20
C PHE F 224 -0.75 -43.11 -2.15
N HIS F 225 -1.82 -43.87 -2.37
CA HIS F 225 -3.15 -43.29 -2.36
C HIS F 225 -3.50 -42.82 -0.96
N GLY F 226 -3.43 -41.52 -0.72
CA GLY F 226 -3.57 -40.99 0.62
C GLY F 226 -2.59 -41.64 1.57
N HIS F 227 -3.10 -42.33 2.57
CA HIS F 227 -2.29 -43.18 3.45
C HIS F 227 -2.84 -44.59 3.45
N MET F 228 -3.44 -45.02 2.35
CA MET F 228 -4.22 -46.23 2.29
C MET F 228 -3.45 -47.41 1.70
N ASP F 229 -2.15 -47.49 1.97
CA ASP F 229 -1.28 -48.59 1.51
C ASP F 229 -1.68 -49.08 0.12
N GLU F 230 -1.99 -48.13 -0.76
CA GLU F 230 -2.16 -48.39 -2.19
C GLU F 230 -1.26 -47.42 -2.94
N CYS F 231 -0.48 -47.94 -3.88
CA CYS F 231 0.45 -47.14 -4.64
C CYS F 231 0.06 -47.15 -6.12
N LEU F 232 0.38 -46.05 -6.78
CA LEU F 232 0.24 -45.97 -8.23
C LEU F 232 1.28 -46.88 -8.88
N THR F 233 0.85 -47.66 -9.86
CA THR F 233 1.73 -48.64 -10.47
C THR F 233 1.24 -48.98 -11.87
N ILE F 234 1.99 -49.83 -12.54
CA ILE F 234 1.59 -50.38 -13.83
C ILE F 234 1.49 -51.90 -13.69
N SER F 235 0.94 -52.56 -14.70
CA SER F 235 0.70 -53.98 -14.59
C SER F 235 2.02 -54.74 -14.52
N PRO F 236 2.00 -55.95 -13.96
CA PRO F 236 3.24 -56.73 -13.86
C PRO F 236 3.81 -57.03 -15.24
N SER F 237 5.04 -57.54 -15.24
CA SER F 237 5.70 -57.88 -16.48
C SER F 237 4.95 -59.00 -17.19
N ASP F 238 4.98 -58.98 -18.52
CA ASP F 238 4.29 -59.96 -19.35
C ASP F 238 2.78 -59.93 -19.06
N SER F 239 2.17 -58.78 -19.36
CA SER F 239 0.75 -58.56 -19.18
C SER F 239 0.10 -58.23 -20.51
N ASP F 240 -1.20 -58.53 -20.60
CA ASP F 240 -1.91 -58.31 -21.85
C ASP F 240 -1.99 -56.82 -22.21
N ASP F 241 -2.05 -55.96 -21.20
CA ASP F 241 -2.17 -54.53 -21.45
C ASP F 241 -0.88 -53.89 -21.95
N GLN F 242 0.18 -54.68 -22.17
CA GLN F 242 1.46 -54.16 -22.65
C GLN F 242 2.10 -53.20 -21.67
N ARG F 243 1.70 -53.26 -20.40
CA ARG F 243 2.26 -52.39 -19.37
C ARG F 243 2.08 -50.92 -19.73
N ARG F 244 0.91 -50.61 -20.29
CA ARG F 244 0.60 -49.25 -20.72
C ARG F 244 -0.47 -48.59 -19.87
N LEU F 245 -1.05 -49.28 -18.89
CA LEU F 245 -2.13 -48.76 -18.07
C LEU F 245 -1.66 -48.56 -16.64
N VAL F 246 -2.31 -47.65 -15.94
CA VAL F 246 -1.95 -47.28 -14.58
C VAL F 246 -3.05 -47.73 -13.64
N TYR F 247 -2.66 -48.34 -12.51
CA TYR F 247 -3.59 -48.83 -11.52
C TYR F 247 -3.18 -48.38 -10.13
N TYR F 248 -4.11 -48.53 -9.20
CA TYR F 248 -3.89 -48.31 -7.78
C TYR F 248 -3.84 -49.69 -7.10
N GLU F 249 -2.63 -50.18 -6.86
CA GLU F 249 -2.51 -51.53 -6.32
C GLU F 249 -1.98 -51.47 -4.89
N GLY F 250 -2.46 -52.40 -4.06
CA GLY F 250 -2.16 -52.33 -2.65
C GLY F 250 -1.63 -53.60 -2.03
N GLY F 251 -1.21 -54.55 -2.86
CA GLY F 251 -0.70 -55.80 -2.36
C GLY F 251 0.74 -55.67 -1.91
N PRO F 252 1.59 -56.65 -2.22
CA PRO F 252 3.02 -56.50 -1.95
C PRO F 252 3.76 -55.66 -2.97
N VAL F 253 3.06 -55.12 -3.97
CA VAL F 253 3.69 -54.24 -4.95
C VAL F 253 4.24 -53.00 -4.29
N CYS F 254 3.74 -52.63 -3.11
CA CYS F 254 4.25 -51.46 -2.41
C CYS F 254 5.72 -51.59 -2.07
N THR F 255 6.32 -52.77 -2.25
CA THR F 255 7.75 -52.96 -2.05
C THR F 255 8.47 -53.41 -3.31
N HIS F 256 7.76 -53.54 -4.43
CA HIS F 256 8.38 -53.94 -5.68
C HIS F 256 8.91 -52.71 -6.42
N ALA F 257 9.47 -52.94 -7.61
CA ALA F 257 10.09 -51.89 -8.40
C ALA F 257 9.17 -51.27 -9.43
N ARG F 258 8.06 -51.93 -9.77
CA ARG F 258 7.16 -51.37 -10.76
C ARG F 258 6.26 -50.28 -10.19
N SER F 259 6.39 -49.96 -8.91
CA SER F 259 5.66 -48.87 -8.29
C SER F 259 6.53 -47.66 -8.05
N LEU F 260 7.72 -47.60 -8.64
CA LEU F 260 8.66 -46.51 -8.44
C LEU F 260 8.56 -45.53 -9.60
N TRP F 261 8.45 -44.24 -9.29
CA TRP F 261 8.36 -43.19 -10.29
C TRP F 261 9.38 -42.12 -9.97
N ARG F 262 9.93 -41.52 -11.02
CA ARG F 262 10.91 -40.44 -10.89
C ARG F 262 10.26 -39.13 -11.28
N LEU F 263 10.48 -38.10 -10.48
CA LEU F 263 9.91 -36.78 -10.75
C LEU F 263 10.90 -35.95 -11.55
N GLU F 264 10.49 -35.48 -12.73
CA GLU F 264 11.38 -34.76 -13.64
C GLU F 264 10.81 -33.37 -13.94
N PRO F 265 11.27 -32.33 -13.27
CA PRO F 265 10.80 -30.98 -13.60
C PRO F 265 11.16 -30.61 -15.03
N LEU F 266 10.38 -29.68 -15.59
CA LEU F 266 10.58 -29.25 -16.97
C LEU F 266 11.73 -28.27 -17.11
N ARG F 267 12.92 -28.66 -16.64
CA ARG F 267 14.10 -27.80 -16.70
C ARG F 267 15.31 -28.66 -16.37
N ILE F 268 16.46 -28.30 -16.94
CA ILE F 268 17.68 -29.05 -16.69
C ILE F 268 18.45 -28.47 -15.52
N SER F 269 18.70 -27.17 -15.53
CA SER F 269 19.40 -26.54 -14.43
C SER F 269 18.49 -26.43 -13.22
N TRP F 270 19.03 -26.79 -12.05
CA TRP F 270 18.29 -26.74 -10.80
C TRP F 270 17.06 -27.64 -10.85
N SER F 271 17.14 -28.70 -11.65
CA SER F 271 16.07 -29.69 -11.70
C SER F 271 15.98 -30.49 -10.40
N GLY F 272 16.98 -30.40 -9.54
CA GLY F 272 16.95 -31.00 -8.23
C GLY F 272 16.48 -30.07 -7.13
N SER F 273 15.91 -28.92 -7.48
CA SER F 273 15.46 -27.97 -6.48
C SER F 273 14.23 -28.50 -5.77
N HIS F 274 13.91 -27.86 -4.64
CA HIS F 274 12.72 -28.22 -3.89
C HIS F 274 11.49 -28.12 -4.78
N LEU F 275 10.68 -29.17 -4.79
CA LEU F 275 9.48 -29.19 -5.60
C LEU F 275 8.44 -28.27 -4.98
N ARG F 276 7.72 -27.55 -5.82
CA ARG F 276 6.73 -26.57 -5.38
C ARG F 276 5.35 -26.93 -5.88
N TRP F 277 4.33 -26.41 -5.21
CA TRP F 277 2.96 -26.62 -5.65
C TRP F 277 2.72 -25.95 -7.00
N GLY F 278 2.08 -26.66 -7.91
CA GLY F 278 1.75 -26.13 -9.20
C GLY F 278 2.88 -26.10 -10.20
N GLN F 279 4.05 -26.58 -9.83
CA GLN F 279 5.19 -26.58 -10.74
C GLN F 279 5.01 -27.70 -11.75
N PRO F 280 5.01 -27.41 -13.05
CA PRO F 280 4.87 -28.49 -14.04
C PRO F 280 6.03 -29.47 -13.97
N LEU F 281 5.74 -30.73 -14.25
CA LEU F 281 6.77 -31.76 -14.24
C LEU F 281 6.27 -32.99 -14.96
N ARG F 282 7.21 -33.83 -15.39
CA ARG F 282 6.93 -35.13 -15.94
C ARG F 282 7.09 -36.18 -14.84
N ILE F 283 6.40 -37.29 -14.99
CA ILE F 283 6.51 -38.42 -14.07
C ILE F 283 6.92 -39.64 -14.88
N ARG F 284 8.09 -40.19 -14.59
CA ARG F 284 8.69 -41.23 -15.39
C ARG F 284 8.62 -42.55 -14.64
N HIS F 285 8.23 -43.62 -15.32
CA HIS F 285 8.28 -44.95 -14.73
C HIS F 285 9.70 -45.48 -14.84
N VAL F 286 10.35 -45.67 -13.69
CA VAL F 286 11.78 -45.94 -13.70
C VAL F 286 12.09 -47.25 -14.42
N THR F 287 11.34 -48.31 -14.13
CA THR F 287 11.70 -49.62 -14.65
C THR F 287 11.49 -49.70 -16.16
N THR F 288 10.39 -49.14 -16.66
CA THR F 288 10.08 -49.21 -18.09
C THR F 288 10.54 -47.98 -18.86
N GLY F 289 10.86 -46.89 -18.17
CA GLY F 289 11.30 -45.68 -18.84
C GLY F 289 10.20 -44.96 -19.59
N ARG F 290 8.95 -45.22 -19.26
CA ARG F 290 7.81 -44.59 -19.91
C ARG F 290 7.25 -43.49 -19.02
N TYR F 291 6.68 -42.47 -19.65
CA TYR F 291 6.25 -41.27 -18.97
C TYR F 291 4.73 -41.25 -18.84
N LEU F 292 4.25 -41.00 -17.62
CA LEU F 292 2.83 -40.85 -17.41
C LEU F 292 2.29 -39.71 -18.27
N GLY F 293 1.19 -39.96 -18.97
CA GLY F 293 0.68 -38.97 -19.90
C GLY F 293 -0.75 -39.24 -20.28
N LEU F 294 -1.31 -38.30 -21.04
CA LEU F 294 -2.70 -38.33 -21.47
C LEU F 294 -2.74 -38.40 -22.99
N THR F 295 -3.08 -39.57 -23.52
CA THR F 295 -3.32 -39.73 -24.94
C THR F 295 -4.81 -39.53 -25.21
N GLU F 296 -5.11 -38.70 -26.22
CA GLU F 296 -6.50 -38.37 -26.50
C GLU F 296 -7.35 -39.59 -26.79
N ASP F 297 -6.75 -40.67 -27.31
CA ASP F 297 -7.51 -41.84 -27.74
C ASP F 297 -7.64 -42.91 -26.66
N GLN F 298 -6.84 -42.86 -25.60
CA GLN F 298 -6.83 -43.92 -24.60
C GLN F 298 -6.81 -43.40 -23.17
N GLY F 299 -6.81 -42.10 -22.94
CA GLY F 299 -6.85 -41.57 -21.59
C GLY F 299 -5.49 -41.58 -20.93
N LEU F 300 -5.46 -41.90 -19.64
CA LEU F 300 -4.22 -41.90 -18.87
C LEU F 300 -3.45 -43.18 -19.16
N VAL F 301 -2.24 -43.05 -19.70
CA VAL F 301 -1.37 -44.17 -20.01
C VAL F 301 0.06 -43.79 -19.67
N VAL F 302 1.00 -44.68 -19.97
CA VAL F 302 2.42 -44.37 -19.96
C VAL F 302 2.90 -44.45 -21.40
N VAL F 303 3.43 -43.35 -21.90
CA VAL F 303 3.83 -43.26 -23.29
C VAL F 303 5.35 -43.35 -23.39
N ASP F 304 5.83 -43.75 -24.56
CA ASP F 304 7.26 -43.82 -24.81
C ASP F 304 7.86 -42.41 -24.82
N ALA F 305 9.15 -42.35 -24.51
CA ALA F 305 9.82 -41.06 -24.44
C ALA F 305 9.69 -40.29 -25.74
N SER F 306 9.73 -40.99 -26.87
CA SER F 306 9.65 -40.31 -28.16
C SER F 306 8.32 -39.58 -28.32
N LYS F 307 7.25 -40.09 -27.72
CA LYS F 307 5.92 -39.51 -27.84
C LYS F 307 5.53 -38.69 -26.61
N ALA F 308 6.48 -38.42 -25.74
CA ALA F 308 6.19 -37.77 -24.46
C ALA F 308 6.43 -36.26 -24.55
N HIS F 309 5.63 -35.60 -25.37
CA HIS F 309 5.72 -34.15 -25.47
C HIS F 309 5.11 -33.50 -24.24
N THR F 310 5.48 -32.24 -24.01
CA THR F 310 5.15 -31.59 -22.75
C THR F 310 3.64 -31.49 -22.56
N LYS F 311 2.91 -31.15 -23.61
CA LYS F 311 1.47 -31.03 -23.48
C LYS F 311 0.85 -32.31 -22.93
N ALA F 312 1.28 -33.45 -23.44
CA ALA F 312 0.73 -34.73 -23.01
C ALA F 312 1.26 -35.18 -21.65
N THR F 313 2.52 -34.88 -21.32
CA THR F 313 3.17 -35.50 -20.18
C THR F 313 3.47 -34.52 -19.05
N SER F 314 2.88 -33.33 -19.06
CA SER F 314 3.11 -32.36 -18.00
C SER F 314 2.03 -32.46 -16.94
N PHE F 315 2.44 -32.68 -15.69
CA PHE F 315 1.55 -32.74 -14.55
C PHE F 315 2.01 -31.74 -13.50
N CYS F 316 1.19 -31.55 -12.47
CA CYS F 316 1.57 -30.68 -11.37
C CYS F 316 0.89 -31.16 -10.09
N PHE F 317 1.49 -30.81 -8.96
CA PHE F 317 0.95 -31.12 -7.65
C PHE F 317 0.26 -29.89 -7.09
N ARG F 318 -0.94 -30.08 -6.55
CA ARG F 318 -1.73 -29.01 -5.97
C ARG F 318 -2.13 -29.38 -4.55
N ILE F 319 -2.27 -28.36 -3.70
CA ILE F 319 -2.64 -28.61 -2.32
C ILE F 319 -4.14 -28.74 -2.15
N SER F 320 -4.92 -28.31 -3.14
CA SER F 320 -6.37 -28.42 -3.09
C SER F 320 -6.90 -28.39 -4.51
N LYS F 321 -8.15 -28.83 -4.68
CA LYS F 321 -8.78 -28.91 -5.98
C LYS F 321 -9.41 -27.60 -6.42
N GLU F 322 -9.31 -26.55 -5.62
CA GLU F 322 -9.89 -25.27 -5.99
C GLU F 322 -9.15 -24.67 -7.16
N LYS F 323 -9.89 -23.99 -8.04
CA LYS F 323 -9.33 -23.38 -9.25
C LYS F 323 -8.66 -22.05 -8.91
N LEU F 324 -7.42 -22.14 -8.43
CA LEU F 324 -6.60 -20.97 -8.16
C LEU F 324 -5.27 -21.00 -8.91
N ASP F 325 -5.13 -21.87 -9.92
CA ASP F 325 -3.92 -21.91 -10.71
C ASP F 325 -3.75 -20.71 -11.63
N VAL F 326 -4.66 -19.73 -11.56
CA VAL F 326 -4.61 -18.55 -12.42
C VAL F 326 -3.27 -17.86 -12.25
N ALA F 327 -2.81 -17.73 -11.01
CA ALA F 327 -1.54 -17.07 -10.75
C ALA F 327 -0.41 -17.91 -11.31
N PRO F 328 0.47 -17.35 -12.16
CA PRO F 328 1.58 -18.14 -12.70
C PRO F 328 2.76 -18.22 -11.75
N LYS F 329 3.86 -18.84 -12.21
CA LYS F 329 5.05 -19.00 -11.38
C LYS F 329 6.27 -18.67 -12.22
N ARG F 330 7.34 -18.25 -11.54
CA ARG F 330 8.58 -17.84 -12.17
C ARG F 330 9.71 -18.73 -11.69
N ASP F 331 10.59 -19.12 -12.61
CA ASP F 331 11.71 -19.98 -12.27
C ASP F 331 12.64 -19.28 -11.28
N VAL F 332 13.18 -20.05 -10.34
CA VAL F 332 14.11 -19.54 -9.34
C VAL F 332 15.43 -20.29 -9.50
N GLU F 333 16.52 -19.54 -9.57
CA GLU F 333 17.85 -20.11 -9.74
C GLU F 333 18.42 -20.49 -8.36
N GLY F 334 17.86 -21.55 -7.80
CA GLY F 334 18.30 -22.02 -6.50
C GLY F 334 17.41 -23.14 -6.02
N MET F 335 17.75 -23.65 -4.83
CA MET F 335 16.98 -24.74 -4.27
C MET F 335 15.53 -24.35 -3.99
N GLY F 336 15.25 -23.06 -3.84
CA GLY F 336 13.91 -22.59 -3.64
C GLY F 336 13.41 -22.84 -2.22
N PRO F 337 12.15 -22.53 -1.97
CA PRO F 337 11.58 -22.74 -0.65
C PRO F 337 11.05 -24.16 -0.51
N PRO F 338 11.34 -24.83 0.61
CA PRO F 338 10.77 -26.17 0.81
C PRO F 338 9.26 -26.09 1.01
N GLU F 339 8.53 -26.79 0.14
CA GLU F 339 7.07 -26.74 0.18
C GLU F 339 6.44 -28.10 0.46
N ILE F 340 6.80 -29.11 -0.32
CA ILE F 340 6.17 -30.43 -0.18
C ILE F 340 7.06 -31.33 0.67
N LYS F 341 6.42 -32.12 1.53
CA LYS F 341 7.11 -32.99 2.47
C LYS F 341 6.78 -34.44 2.17
N TYR F 342 7.74 -35.31 2.46
CA TYR F 342 7.54 -36.75 2.30
C TYR F 342 6.61 -37.26 3.41
N GLY F 343 5.56 -37.95 3.01
CA GLY F 343 4.63 -38.52 3.98
C GLY F 343 3.59 -37.56 4.52
N GLU F 344 4.02 -36.36 4.91
CA GLU F 344 3.10 -35.41 5.52
C GLU F 344 2.17 -34.79 4.50
N SER F 345 2.73 -34.09 3.52
CA SER F 345 1.90 -33.36 2.56
C SER F 345 1.04 -34.31 1.76
N LEU F 346 -0.19 -33.88 1.48
CA LEU F 346 -1.12 -34.61 0.64
C LEU F 346 -1.32 -33.82 -0.64
N CYS F 347 -1.07 -34.46 -1.78
CA CYS F 347 -0.96 -33.77 -3.06
C CYS F 347 -2.00 -34.30 -4.04
N PHE F 348 -2.62 -33.39 -4.78
CA PHE F 348 -3.51 -33.74 -5.89
C PHE F 348 -2.74 -33.59 -7.19
N VAL F 349 -2.73 -34.63 -7.99
CA VAL F 349 -2.06 -34.58 -9.29
C VAL F 349 -3.04 -34.06 -10.32
N GLN F 350 -2.61 -33.06 -11.09
CA GLN F 350 -3.46 -32.45 -12.10
C GLN F 350 -2.70 -32.37 -13.41
N HIS F 351 -3.38 -32.75 -14.50
CA HIS F 351 -2.82 -32.56 -15.82
C HIS F 351 -2.84 -31.08 -16.17
N VAL F 352 -1.67 -30.51 -16.43
CA VAL F 352 -1.57 -29.06 -16.62
C VAL F 352 -2.35 -28.63 -17.85
N ALA F 353 -2.16 -29.33 -18.97
CA ALA F 353 -2.77 -28.90 -20.22
C ALA F 353 -4.29 -28.96 -20.14
N SER F 354 -4.82 -30.09 -19.69
CA SER F 354 -6.27 -30.27 -19.70
C SER F 354 -6.91 -29.82 -18.39
N GLY F 355 -6.15 -29.85 -17.30
CA GLY F 355 -6.67 -29.51 -16.00
C GLY F 355 -7.36 -30.64 -15.27
N LEU F 356 -7.50 -31.80 -15.90
CA LEU F 356 -8.15 -32.94 -15.27
C LEU F 356 -7.38 -33.36 -14.02
N TRP F 357 -8.03 -34.17 -13.20
CA TRP F 357 -7.46 -34.63 -11.93
C TRP F 357 -7.20 -36.13 -11.99
N LEU F 358 -6.06 -36.55 -11.48
CA LEU F 358 -5.74 -37.97 -11.40
C LEU F 358 -6.63 -38.62 -10.35
N THR F 359 -7.43 -39.59 -10.76
CA THR F 359 -8.37 -40.26 -9.88
C THR F 359 -8.51 -41.71 -10.31
N TYR F 360 -9.33 -42.45 -9.58
CA TYR F 360 -9.56 -43.86 -9.82
C TYR F 360 -10.89 -44.08 -10.51
N ALA F 361 -10.90 -44.99 -11.48
CA ALA F 361 -12.13 -45.34 -12.17
C ALA F 361 -13.06 -46.12 -11.24
N ALA F 362 -14.34 -46.11 -11.57
CA ALA F 362 -15.32 -46.81 -10.77
C ALA F 362 -15.17 -48.31 -10.97
N PRO F 363 -14.93 -49.10 -9.91
CA PRO F 363 -14.74 -50.54 -10.11
C PRO F 363 -15.97 -51.17 -10.75
N ASP F 364 -15.75 -51.76 -11.92
CA ASP F 364 -16.82 -52.42 -12.66
C ASP F 364 -17.07 -53.82 -12.09
N PRO F 365 -18.25 -54.39 -12.35
CA PRO F 365 -18.54 -55.73 -11.83
C PRO F 365 -17.76 -56.84 -12.51
N LYS F 366 -17.74 -58.00 -11.86
CA LYS F 366 -17.00 -59.20 -12.27
C LYS F 366 -15.52 -59.05 -11.99
N ALA F 367 -15.04 -57.82 -11.78
CA ALA F 367 -13.67 -57.64 -11.33
C ALA F 367 -13.59 -57.77 -9.82
N LEU F 368 -14.55 -57.17 -9.12
CA LEU F 368 -14.74 -57.49 -7.71
C LEU F 368 -14.93 -58.99 -7.52
N ARG F 369 -15.58 -59.64 -8.49
CA ARG F 369 -15.90 -61.06 -8.33
C ARG F 369 -14.64 -61.90 -8.48
N LEU F 370 -13.83 -61.59 -9.51
CA LEU F 370 -12.51 -62.20 -9.62
C LEU F 370 -11.69 -61.95 -8.36
N GLY F 371 -11.83 -60.78 -7.77
CA GLY F 371 -11.13 -60.42 -6.55
C GLY F 371 -9.99 -59.44 -6.71
N VAL F 372 -9.93 -58.73 -7.84
CA VAL F 372 -8.82 -57.81 -8.07
C VAL F 372 -8.85 -56.69 -7.02
N LEU F 373 -7.67 -56.35 -6.52
CA LEU F 373 -7.49 -55.20 -5.64
C LEU F 373 -6.96 -53.99 -6.37
N LYS F 374 -6.90 -54.04 -7.71
CA LYS F 374 -6.34 -52.98 -8.52
C LYS F 374 -7.46 -52.17 -9.16
N LYS F 375 -7.43 -50.86 -8.95
CA LYS F 375 -8.42 -49.95 -9.51
C LYS F 375 -7.74 -49.14 -10.60
N LYS F 376 -8.27 -49.21 -11.82
CA LYS F 376 -7.69 -48.45 -12.92
C LYS F 376 -7.74 -46.96 -12.61
N ALA F 377 -6.63 -46.27 -12.85
CA ALA F 377 -6.54 -44.84 -12.64
C ALA F 377 -6.89 -44.10 -13.91
N MET F 378 -7.53 -42.96 -13.77
CA MET F 378 -8.01 -42.18 -14.90
C MET F 378 -7.93 -40.71 -14.57
N LEU F 379 -8.10 -39.88 -15.60
CA LEU F 379 -8.12 -38.43 -15.46
C LEU F 379 -9.56 -37.96 -15.63
N HIS F 380 -10.07 -37.25 -14.62
CA HIS F 380 -11.47 -36.86 -14.58
C HIS F 380 -11.59 -35.39 -14.21
N GLN F 381 -12.68 -34.77 -14.67
CA GLN F 381 -12.89 -33.35 -14.42
C GLN F 381 -13.08 -33.06 -12.94
N GLU F 382 -13.78 -33.95 -12.22
CA GLU F 382 -14.07 -33.75 -10.81
C GLU F 382 -13.38 -34.75 -9.91
N GLY F 383 -13.21 -36.00 -10.37
CA GLY F 383 -12.60 -37.00 -9.52
C GLY F 383 -13.43 -37.25 -8.28
N HIS F 384 -12.74 -37.32 -7.14
CA HIS F 384 -13.39 -37.57 -5.86
C HIS F 384 -12.69 -36.73 -4.79
N MET F 385 -13.01 -37.00 -3.53
CA MET F 385 -12.43 -36.26 -2.42
C MET F 385 -11.11 -36.85 -1.92
N ASP F 386 -10.94 -38.16 -2.05
CA ASP F 386 -9.74 -38.84 -1.56
C ASP F 386 -8.72 -39.08 -2.67
N ASP F 387 -8.67 -38.19 -3.66
CA ASP F 387 -7.69 -38.30 -4.72
C ASP F 387 -6.29 -37.88 -4.28
N ALA F 388 -6.14 -37.31 -3.09
CA ALA F 388 -4.84 -36.85 -2.65
C ALA F 388 -3.86 -38.01 -2.53
N LEU F 389 -2.62 -37.76 -2.92
CA LEU F 389 -1.56 -38.76 -2.87
C LEU F 389 -0.48 -38.31 -1.90
N SER F 390 0.18 -39.27 -1.27
CA SER F 390 1.33 -39.01 -0.42
C SER F 390 2.58 -39.57 -1.09
N LEU F 391 3.68 -38.84 -0.98
CA LEU F 391 4.93 -39.21 -1.62
C LEU F 391 5.83 -39.86 -0.58
N THR F 392 6.32 -41.06 -0.90
CA THR F 392 7.22 -41.79 0.00
C THR F 392 8.54 -42.05 -0.70
N ARG F 393 9.63 -41.68 -0.05
CA ARG F 393 10.95 -41.90 -0.62
C ARG F 393 11.25 -43.40 -0.66
N CYS F 394 11.95 -43.81 -1.70
CA CYS F 394 12.49 -45.14 -1.79
C CYS F 394 13.99 -45.09 -1.56
N GLN F 395 14.53 -46.14 -0.97
CA GLN F 395 15.94 -46.13 -0.62
C GLN F 395 16.82 -46.24 -1.87
N GLN F 396 18.06 -45.79 -1.70
CA GLN F 396 19.01 -45.80 -2.80
C GLN F 396 19.13 -47.19 -3.41
N GLU F 397 18.99 -48.22 -2.58
CA GLU F 397 19.09 -49.59 -3.07
C GLU F 397 18.02 -49.86 -4.13
N GLU F 398 16.76 -49.57 -3.82
CA GLU F 398 15.70 -49.82 -4.79
C GLU F 398 15.81 -48.89 -6.00
N SER F 399 16.21 -47.64 -5.79
CA SER F 399 16.39 -46.75 -6.94
C SER F 399 17.41 -47.32 -7.92
N GLN F 400 18.58 -47.69 -7.40
CA GLN F 400 19.63 -48.25 -8.24
C GLN F 400 19.17 -49.54 -8.88
N ALA F 401 18.50 -50.41 -8.12
CA ALA F 401 18.04 -51.67 -8.69
C ALA F 401 17.06 -51.44 -9.82
N ALA F 402 16.14 -50.48 -9.67
CA ALA F 402 15.18 -50.21 -10.72
C ALA F 402 15.86 -49.70 -11.98
N ARG F 403 16.81 -48.77 -11.83
CA ARG F 403 17.51 -48.29 -13.03
C ARG F 403 18.31 -49.41 -13.69
N MET F 404 18.96 -50.25 -12.89
CA MET F 404 19.69 -51.39 -13.43
C MET F 404 18.76 -52.34 -14.17
N ILE F 405 17.56 -52.56 -13.62
CA ILE F 405 16.59 -53.41 -14.28
C ILE F 405 16.22 -52.82 -15.64
N TYR F 406 15.98 -51.52 -15.69
CA TYR F 406 15.65 -50.89 -16.96
C TYR F 406 16.74 -51.13 -17.99
N SER F 407 17.99 -50.80 -17.64
CA SER F 407 19.07 -50.92 -18.62
C SER F 407 19.32 -52.37 -19.01
N THR F 408 19.31 -53.29 -18.04
CA THR F 408 19.55 -54.70 -18.33
C THR F 408 18.45 -55.28 -19.19
N ALA F 409 17.19 -54.91 -18.92
CA ALA F 409 16.09 -55.38 -19.74
C ALA F 409 16.29 -54.92 -21.18
N GLY F 410 16.64 -53.65 -21.37
CA GLY F 410 16.88 -53.18 -22.73
C GLY F 410 17.98 -53.97 -23.42
N LEU F 411 19.11 -54.15 -22.73
CA LEU F 411 20.25 -54.81 -23.35
C LEU F 411 19.94 -56.26 -23.69
N TYR F 412 19.32 -56.99 -22.77
CA TYR F 412 19.07 -58.41 -23.00
C TYR F 412 17.97 -58.62 -24.03
N ASN F 413 16.98 -57.73 -24.07
CA ASN F 413 16.00 -57.82 -25.16
C ASN F 413 16.65 -57.57 -26.50
N GLN F 414 17.59 -56.61 -26.56
CA GLN F 414 18.32 -56.41 -27.81
C GLN F 414 19.11 -57.66 -28.19
N PHE F 415 19.74 -58.31 -27.21
CA PHE F 415 20.49 -59.53 -27.49
C PHE F 415 19.57 -60.63 -28.02
N ILE F 416 18.41 -60.81 -27.40
CA ILE F 416 17.48 -61.85 -27.82
C ILE F 416 16.99 -61.57 -29.23
N LYS F 417 16.67 -60.31 -29.53
CA LYS F 417 16.24 -59.97 -30.88
C LYS F 417 17.36 -60.24 -31.88
N GLY F 418 18.59 -59.92 -31.52
CA GLY F 418 19.71 -60.20 -32.41
C GLY F 418 19.82 -61.69 -32.71
N LEU F 419 19.71 -62.53 -31.68
CA LEU F 419 19.78 -63.97 -31.91
C LEU F 419 18.63 -64.44 -32.80
N ASP F 420 17.41 -64.00 -32.50
CA ASP F 420 16.28 -64.38 -33.33
C ASP F 420 16.41 -63.89 -34.76
N SER F 421 17.23 -62.87 -34.99
CA SER F 421 17.42 -62.37 -36.35
C SER F 421 17.97 -63.47 -37.26
N PHE F 422 18.97 -64.21 -36.80
CA PHE F 422 19.57 -65.28 -37.60
C PHE F 422 19.25 -66.66 -37.04
N SER F 423 18.20 -66.76 -36.21
CA SER F 423 17.82 -68.05 -35.65
C SER F 423 17.98 -69.19 -36.65
N GLY F 424 17.43 -69.03 -37.86
CA GLY F 424 17.41 -70.12 -38.82
C GLY F 424 17.93 -69.77 -40.19
N LYS F 425 18.98 -68.97 -40.27
CA LYS F 425 19.52 -68.47 -41.53
C LYS F 425 21.00 -68.79 -41.61
N PRO F 426 21.37 -69.97 -42.10
CA PRO F 426 22.80 -70.31 -42.22
C PRO F 426 23.58 -69.26 -42.99
N ARG F 427 24.68 -68.79 -42.40
CA ARG F 427 25.50 -67.77 -43.06
C ARG F 427 26.22 -68.32 -44.28
N GLY F 428 26.30 -69.63 -44.45
CA GLY F 428 27.05 -70.19 -45.54
C GLY F 428 28.54 -69.91 -45.39
N SER F 429 29.08 -69.04 -46.24
CA SER F 429 30.49 -68.70 -46.21
C SER F 429 30.62 -67.18 -46.38
N GLY F 430 29.80 -66.41 -45.68
CA GLY F 430 29.77 -64.99 -45.84
C GLY F 430 29.13 -64.26 -44.67
N PRO F 431 28.32 -63.24 -44.96
CA PRO F 431 27.82 -62.38 -43.89
C PRO F 431 27.00 -63.16 -42.88
N PRO F 432 27.04 -62.77 -41.60
CA PRO F 432 26.21 -63.46 -40.61
C PRO F 432 24.72 -63.38 -40.89
N ALA F 433 24.29 -62.43 -41.73
CA ALA F 433 22.88 -62.32 -42.09
C ALA F 433 22.00 -62.05 -40.88
N GLY F 434 22.21 -60.93 -40.22
CA GLY F 434 21.37 -60.53 -39.10
C GLY F 434 21.91 -59.28 -38.46
N SER F 435 21.26 -58.88 -37.37
CA SER F 435 21.69 -57.72 -36.61
C SER F 435 22.95 -58.04 -35.81
N ALA F 436 23.79 -57.03 -35.61
CA ALA F 436 25.00 -57.23 -34.82
C ALA F 436 24.64 -57.55 -33.37
N LEU F 437 25.45 -58.40 -32.76
CA LEU F 437 25.15 -58.83 -31.40
C LEU F 437 25.90 -57.97 -30.38
N PRO F 438 25.23 -57.45 -29.35
CA PRO F 438 25.94 -56.70 -28.30
C PRO F 438 26.80 -57.61 -27.41
N ILE F 439 27.79 -58.26 -28.01
CA ILE F 439 28.57 -59.25 -27.27
C ILE F 439 29.31 -58.61 -26.11
N GLU F 440 30.02 -57.52 -26.38
CA GLU F 440 30.83 -56.87 -25.34
C GLU F 440 29.94 -56.34 -24.22
N GLY F 441 28.85 -55.66 -24.59
CA GLY F 441 27.96 -55.12 -23.58
C GLY F 441 27.32 -56.22 -22.75
N VAL F 442 26.92 -57.31 -23.39
CA VAL F 442 26.30 -58.41 -22.66
C VAL F 442 27.29 -59.03 -21.69
N ILE F 443 28.53 -59.25 -22.13
CA ILE F 443 29.53 -59.85 -21.24
C ILE F 443 29.79 -58.94 -20.05
N LEU F 444 29.98 -57.65 -20.30
CA LEU F 444 30.26 -56.72 -19.20
C LEU F 444 29.08 -56.65 -18.24
N SER F 445 27.86 -56.60 -18.78
CA SER F 445 26.68 -56.53 -17.94
C SER F 445 26.54 -57.77 -17.08
N LEU F 446 26.79 -58.94 -17.66
CA LEU F 446 26.68 -60.17 -16.90
C LEU F 446 27.70 -60.21 -15.77
N GLN F 447 28.94 -59.80 -16.06
CA GLN F 447 29.95 -59.77 -15.03
C GLN F 447 29.58 -58.79 -13.92
N ASP F 448 29.12 -57.61 -14.29
CA ASP F 448 28.72 -56.61 -13.29
C ASP F 448 27.59 -57.14 -12.42
N LEU F 449 26.60 -57.80 -13.03
CA LEU F 449 25.47 -58.30 -12.26
C LEU F 449 25.87 -59.46 -11.35
N ILE F 450 26.81 -60.31 -11.80
CA ILE F 450 27.29 -61.36 -10.92
C ILE F 450 27.98 -60.76 -9.71
N GLY F 451 28.83 -59.75 -9.93
CA GLY F 451 29.41 -59.06 -8.80
C GLY F 451 28.38 -58.38 -7.93
N TYR F 452 27.31 -57.87 -8.54
CA TYR F 452 26.23 -57.23 -7.80
C TYR F 452 25.54 -58.20 -6.87
N PHE F 453 25.28 -59.42 -7.35
CA PHE F 453 24.57 -60.43 -6.58
C PHE F 453 25.52 -61.33 -5.79
N GLU F 454 26.81 -61.02 -5.79
CA GLU F 454 27.77 -61.83 -5.05
C GLU F 454 27.34 -61.96 -3.59
N PRO F 455 27.33 -63.16 -3.02
CA PRO F 455 26.90 -63.31 -1.62
C PRO F 455 27.93 -62.73 -0.67
N PRO F 456 27.51 -62.33 0.53
CA PRO F 456 28.46 -61.77 1.49
C PRO F 456 29.48 -62.82 1.93
N SER F 457 30.69 -62.35 2.21
CA SER F 457 31.76 -63.26 2.63
C SER F 457 31.47 -63.79 4.03
N GLU F 458 31.86 -65.05 4.26
CA GLU F 458 31.58 -65.70 5.53
C GLU F 458 32.43 -65.16 6.68
N GLU F 459 33.43 -64.33 6.39
CA GLU F 459 34.32 -63.80 7.42
C GLU F 459 33.83 -62.49 8.02
N LEU F 460 32.69 -61.98 7.56
CA LEU F 460 32.14 -60.78 8.15
C LEU F 460 31.56 -61.07 9.54
N GLN F 461 31.48 -60.02 10.35
CA GLN F 461 30.80 -60.14 11.62
C GLN F 461 29.31 -60.38 11.40
N HIS F 462 28.67 -60.92 12.43
CA HIS F 462 27.33 -61.47 12.25
C HIS F 462 26.34 -60.40 11.81
N GLU F 463 26.35 -59.23 12.46
CA GLU F 463 25.34 -58.22 12.16
C GLU F 463 25.49 -57.70 10.74
N GLU F 464 26.72 -57.40 10.33
CA GLU F 464 26.96 -56.95 8.96
C GLU F 464 26.58 -58.01 7.96
N LYS F 465 26.89 -59.27 8.26
CA LYS F 465 26.50 -60.35 7.36
C LYS F 465 24.98 -60.42 7.22
N GLN F 466 24.27 -60.24 8.32
CA GLN F 466 22.81 -60.28 8.27
C GLN F 466 22.26 -59.13 7.43
N THR F 467 22.81 -57.93 7.60
CA THR F 467 22.35 -56.80 6.80
C THR F 467 22.62 -57.05 5.32
N LYS F 468 23.81 -57.55 4.99
CA LYS F 468 24.12 -57.84 3.60
C LYS F 468 23.18 -58.90 3.04
N LEU F 469 22.86 -59.92 3.83
CA LEU F 469 21.95 -60.96 3.38
C LEU F 469 20.56 -60.39 3.13
N ARG F 470 20.08 -59.52 4.00
CA ARG F 470 18.78 -58.90 3.78
C ARG F 470 18.78 -58.09 2.49
N SER F 471 19.83 -57.30 2.27
CA SER F 471 19.92 -56.52 1.05
C SER F 471 19.94 -57.43 -0.18
N LEU F 472 20.70 -58.52 -0.11
CA LEU F 472 20.79 -59.44 -1.24
C LEU F 472 19.44 -60.07 -1.55
N ARG F 473 18.73 -60.50 -0.50
CA ARG F 473 17.41 -61.09 -0.73
C ARG F 473 16.47 -60.07 -1.36
N ASN F 474 16.50 -58.82 -0.87
CA ASN F 474 15.62 -57.80 -1.42
C ASN F 474 15.92 -57.55 -2.89
N ARG F 475 17.20 -57.46 -3.24
CA ARG F 475 17.55 -57.17 -4.63
C ARG F 475 17.21 -58.36 -5.54
N GLN F 476 17.45 -59.58 -5.06
CA GLN F 476 17.05 -60.76 -5.82
C GLN F 476 15.55 -60.75 -6.08
N SER F 477 14.76 -60.44 -5.05
CA SER F 477 13.31 -60.41 -5.21
C SER F 477 12.90 -59.32 -6.20
N LEU F 478 13.54 -58.15 -6.13
CA LEU F 478 13.23 -57.08 -7.07
C LEU F 478 13.45 -57.54 -8.51
N PHE F 479 14.62 -58.11 -8.79
CA PHE F 479 14.91 -58.54 -10.16
C PHE F 479 13.94 -59.64 -10.60
N GLN F 480 13.67 -60.61 -9.73
CA GLN F 480 12.75 -61.67 -10.13
C GLN F 480 11.37 -61.12 -10.41
N GLU F 481 10.85 -60.25 -9.54
CA GLU F 481 9.52 -59.69 -9.73
C GLU F 481 9.44 -58.85 -10.98
N GLU F 482 10.52 -58.20 -11.39
CA GLU F 482 10.53 -57.49 -12.67
C GLU F 482 10.82 -58.42 -13.83
N GLY F 483 11.13 -59.68 -13.58
CA GLY F 483 11.20 -60.66 -14.63
C GLY F 483 12.55 -60.84 -15.27
N MET F 484 13.62 -60.38 -14.63
CA MET F 484 14.95 -60.59 -15.19
C MET F 484 15.31 -62.07 -15.20
N LEU F 485 14.74 -62.85 -14.28
CA LEU F 485 14.96 -64.28 -14.30
C LEU F 485 14.44 -64.89 -15.60
N SER F 486 13.24 -64.51 -16.00
CA SER F 486 12.69 -65.02 -17.26
C SER F 486 13.54 -64.56 -18.44
N LEU F 487 14.06 -63.34 -18.38
CA LEU F 487 14.91 -62.85 -19.46
C LEU F 487 16.19 -63.67 -19.57
N VAL F 488 16.81 -63.98 -18.43
CA VAL F 488 18.03 -64.80 -18.45
C VAL F 488 17.70 -66.19 -18.98
N LEU F 489 16.56 -66.75 -18.57
CA LEU F 489 16.17 -68.07 -19.06
C LEU F 489 15.95 -68.03 -20.57
N ASN F 490 15.35 -66.95 -21.08
CA ASN F 490 15.14 -66.83 -22.51
C ASN F 490 16.48 -66.75 -23.26
N CYS F 491 17.42 -65.97 -22.74
CA CYS F 491 18.73 -65.90 -23.37
C CYS F 491 19.40 -67.26 -23.40
N ILE F 492 19.32 -68.00 -22.28
CA ILE F 492 19.90 -69.34 -22.24
C ILE F 492 19.21 -70.24 -23.26
N ASP F 493 17.89 -70.12 -23.39
CA ASP F 493 17.16 -70.93 -24.36
C ASP F 493 17.64 -70.65 -25.77
N ARG F 494 17.77 -69.38 -26.13
CA ARG F 494 18.20 -69.04 -27.48
C ARG F 494 19.62 -69.54 -27.74
N LEU F 495 20.50 -69.41 -26.76
CA LEU F 495 21.87 -69.84 -26.95
C LEU F 495 22.04 -71.36 -26.87
N ASN F 496 21.07 -72.08 -26.32
CA ASN F 496 21.17 -73.52 -26.18
C ASN F 496 20.92 -74.27 -27.49
N VAL F 497 20.29 -73.62 -28.47
CA VAL F 497 20.00 -74.31 -29.73
C VAL F 497 21.28 -74.78 -30.38
N TYR F 498 22.39 -74.10 -30.14
CA TYR F 498 23.65 -74.43 -30.76
C TYR F 498 24.49 -75.28 -29.82
N THR F 499 24.90 -76.46 -30.31
CA THR F 499 25.56 -77.44 -29.47
C THR F 499 27.02 -77.10 -29.18
N THR F 500 27.65 -76.25 -29.98
CA THR F 500 29.04 -75.91 -29.78
C THR F 500 29.33 -74.55 -30.42
N ALA F 501 30.52 -74.04 -30.13
CA ALA F 501 30.92 -72.74 -30.66
C ALA F 501 30.96 -72.76 -32.18
N ALA F 502 31.42 -73.85 -32.78
CA ALA F 502 31.44 -73.96 -34.24
C ALA F 502 30.02 -73.94 -34.81
N HIS F 503 29.11 -74.67 -34.18
CA HIS F 503 27.72 -74.66 -34.64
C HIS F 503 27.13 -73.27 -34.54
N PHE F 504 27.44 -72.55 -33.46
CA PHE F 504 26.98 -71.17 -33.34
C PHE F 504 27.59 -70.32 -34.44
N ALA F 505 28.87 -70.51 -34.72
CA ALA F 505 29.54 -69.74 -35.77
C ALA F 505 28.86 -69.95 -37.11
N GLU F 506 28.40 -71.18 -37.38
CA GLU F 506 27.70 -71.44 -38.64
C GLU F 506 26.47 -70.56 -38.82
N PHE F 507 26.06 -69.81 -37.81
CA PHE F 507 24.93 -68.89 -37.93
C PHE F 507 25.25 -67.45 -37.56
N ALA F 508 26.26 -67.20 -36.73
CA ALA F 508 26.56 -65.86 -36.24
C ALA F 508 27.92 -65.33 -36.66
N GLY F 509 28.80 -66.17 -37.18
CA GLY F 509 30.13 -65.74 -37.55
C GLY F 509 31.15 -66.07 -36.48
N GLU F 510 32.41 -66.18 -36.93
CA GLU F 510 33.48 -66.58 -36.02
C GLU F 510 33.69 -65.57 -34.92
N GLU F 511 33.61 -64.27 -35.24
CA GLU F 511 33.85 -63.26 -34.24
C GLU F 511 32.85 -63.36 -33.10
N ALA F 512 31.56 -63.53 -33.44
CA ALA F 512 30.55 -63.71 -32.40
C ALA F 512 30.75 -65.03 -31.67
N ALA F 513 31.06 -66.10 -32.41
CA ALA F 513 31.20 -67.41 -31.77
C ALA F 513 32.39 -67.45 -30.82
N GLU F 514 33.31 -66.51 -30.95
CA GLU F 514 34.46 -66.48 -30.06
C GLU F 514 34.06 -66.24 -28.60
N SER F 515 32.82 -65.79 -28.38
CA SER F 515 32.35 -65.48 -27.04
C SER F 515 31.17 -66.34 -26.59
N TRP F 516 30.80 -67.36 -27.37
CA TRP F 516 29.61 -68.16 -27.05
C TRP F 516 29.77 -68.87 -25.71
N LYS F 517 30.88 -69.58 -25.53
CA LYS F 517 31.08 -70.33 -24.30
C LYS F 517 31.12 -69.40 -23.09
N GLU F 518 31.81 -68.27 -23.22
CA GLU F 518 31.90 -67.32 -22.12
C GLU F 518 30.52 -66.80 -21.77
N ILE F 519 29.71 -66.46 -22.78
CA ILE F 519 28.39 -65.90 -22.51
C ILE F 519 27.50 -66.93 -21.81
N VAL F 520 27.53 -68.17 -22.29
CA VAL F 520 26.66 -69.18 -21.66
C VAL F 520 27.10 -69.43 -20.22
N ASN F 521 28.41 -69.52 -19.97
CA ASN F 521 28.87 -69.72 -18.61
C ASN F 521 28.47 -68.54 -17.72
N LEU F 522 28.60 -67.32 -18.22
CA LEU F 522 28.21 -66.17 -17.44
C LEU F 522 26.71 -66.16 -17.16
N LEU F 523 25.90 -66.58 -18.14
CA LEU F 523 24.47 -66.62 -17.93
C LEU F 523 24.10 -67.62 -16.83
N TYR F 524 24.72 -68.81 -16.86
CA TYR F 524 24.44 -69.77 -15.80
C TYR F 524 24.91 -69.27 -14.45
N GLU F 525 26.06 -68.61 -14.39
CA GLU F 525 26.53 -68.05 -13.13
C GLU F 525 25.56 -66.99 -12.61
N LEU F 526 25.04 -66.16 -13.51
CA LEU F 526 24.07 -65.15 -13.10
C LEU F 526 22.79 -65.79 -12.59
N LEU F 527 22.33 -66.85 -13.25
CA LEU F 527 21.14 -67.54 -12.78
C LEU F 527 21.35 -68.09 -11.38
N ALA F 528 22.51 -68.71 -11.15
CA ALA F 528 22.82 -69.22 -9.82
C ALA F 528 22.85 -68.09 -8.80
N SER F 529 23.44 -66.95 -9.16
CA SER F 529 23.49 -65.83 -8.24
C SER F 529 22.10 -65.30 -7.92
N LEU F 530 21.23 -65.22 -8.93
CA LEU F 530 19.87 -64.75 -8.72
C LEU F 530 19.06 -65.66 -7.82
N ILE F 531 19.18 -66.98 -7.94
CA ILE F 531 18.34 -67.88 -7.17
C ILE F 531 18.98 -68.32 -5.85
N ARG F 532 20.29 -68.20 -5.67
CA ARG F 532 20.94 -68.76 -4.50
C ARG F 532 20.34 -68.20 -3.22
N GLY F 533 19.88 -69.09 -2.34
CA GLY F 533 19.37 -68.70 -1.05
C GLY F 533 17.96 -68.14 -1.06
N ASN F 534 17.36 -67.97 -2.23
CA ASN F 534 16.05 -67.35 -2.36
C ASN F 534 15.03 -68.45 -2.61
N ARG F 535 14.19 -68.73 -1.61
CA ARG F 535 13.26 -69.84 -1.72
C ARG F 535 12.25 -69.61 -2.83
N THR F 536 11.77 -68.39 -3.00
CA THR F 536 10.79 -68.11 -4.04
C THR F 536 11.38 -68.35 -5.43
N ASN F 537 12.54 -67.75 -5.70
CA ASN F 537 13.17 -67.93 -6.99
C ASN F 537 13.49 -69.38 -7.25
N CYS F 538 13.96 -70.11 -6.24
CA CYS F 538 14.23 -71.53 -6.42
C CYS F 538 12.96 -72.30 -6.70
N ALA F 539 11.88 -72.01 -5.98
CA ALA F 539 10.63 -72.74 -6.17
C ALA F 539 10.03 -72.46 -7.55
N LEU F 540 10.45 -71.37 -8.19
CA LEU F 540 9.97 -71.12 -9.55
C LEU F 540 10.29 -72.26 -10.50
N PHE F 541 11.31 -73.07 -10.22
CA PHE F 541 11.73 -74.14 -11.12
C PHE F 541 10.87 -75.39 -11.01
N SER F 542 9.92 -75.43 -10.07
CA SER F 542 9.08 -76.61 -9.94
C SER F 542 8.27 -76.85 -11.21
N THR F 543 7.74 -75.79 -11.81
CA THR F 543 6.96 -75.95 -13.02
C THR F 543 7.81 -76.51 -14.16
N ASN F 544 9.03 -76.00 -14.34
CA ASN F 544 9.95 -76.50 -15.36
C ASN F 544 11.27 -76.89 -14.71
N LEU F 545 11.31 -78.10 -14.15
CA LEU F 545 12.56 -78.72 -13.76
C LEU F 545 13.23 -79.47 -14.91
N ASP F 546 12.44 -80.08 -15.80
CA ASP F 546 13.02 -80.76 -16.95
C ASP F 546 13.91 -79.82 -17.74
N TRP F 547 13.53 -78.56 -17.85
CA TRP F 547 14.34 -77.58 -18.56
C TRP F 547 15.76 -77.56 -18.01
N LEU F 548 15.91 -77.73 -16.69
CA LEU F 548 17.22 -77.69 -16.07
C LEU F 548 17.92 -79.04 -16.17
N VAL F 549 17.22 -80.12 -15.81
CA VAL F 549 17.86 -81.43 -15.76
C VAL F 549 18.34 -81.87 -17.14
N SER F 550 17.57 -81.53 -18.18
CA SER F 550 17.93 -81.97 -19.52
C SER F 550 19.24 -81.34 -20.00
N LYS F 551 19.69 -80.25 -19.37
CA LYS F 551 20.90 -79.57 -19.76
C LYS F 551 22.13 -80.04 -18.99
N LEU F 552 21.97 -80.97 -18.06
CA LEU F 552 23.09 -81.33 -17.19
C LEU F 552 24.26 -81.90 -17.98
N ASP F 553 23.99 -82.58 -19.09
CA ASP F 553 25.06 -83.23 -19.84
C ASP F 553 25.74 -82.29 -20.84
N ARG F 554 25.27 -81.06 -20.98
CA ARG F 554 25.97 -80.09 -21.82
C ARG F 554 27.38 -79.88 -21.32
N LEU F 555 28.34 -79.88 -22.24
CA LEU F 555 29.75 -79.84 -21.87
C LEU F 555 30.32 -78.44 -21.79
N GLU F 556 29.60 -77.41 -22.24
CA GLU F 556 30.15 -76.07 -22.23
C GLU F 556 30.07 -75.45 -20.84
N ALA F 557 29.02 -75.75 -20.08
CA ALA F 557 28.80 -75.10 -18.79
C ALA F 557 28.34 -76.14 -17.76
N SER F 558 29.02 -77.29 -17.73
CA SER F 558 28.61 -78.37 -16.85
C SER F 558 28.59 -77.91 -15.40
N SER F 559 29.69 -77.31 -14.93
CA SER F 559 29.78 -76.89 -13.54
C SER F 559 28.73 -75.84 -13.21
N GLY F 560 28.50 -74.89 -14.11
CA GLY F 560 27.50 -73.87 -13.86
C GLY F 560 26.10 -74.45 -13.73
N ILE F 561 25.74 -75.35 -14.63
CA ILE F 561 24.42 -75.96 -14.57
C ILE F 561 24.28 -76.77 -13.30
N LEU F 562 25.33 -77.50 -12.92
CA LEU F 562 25.28 -78.26 -11.68
C LEU F 562 25.11 -77.35 -10.48
N GLU F 563 25.78 -76.20 -10.47
CA GLU F 563 25.64 -75.26 -9.37
C GLU F 563 24.21 -74.72 -9.29
N VAL F 564 23.61 -74.42 -10.45
CA VAL F 564 22.22 -73.96 -10.46
C VAL F 564 21.32 -75.02 -9.86
N LEU F 565 21.50 -76.27 -10.28
CA LEU F 565 20.68 -77.36 -9.74
C LEU F 565 20.89 -77.50 -8.24
N TYR F 566 22.13 -77.40 -7.78
CA TYR F 566 22.42 -77.50 -6.35
C TYR F 566 21.67 -76.43 -5.58
N CYS F 567 21.73 -75.18 -6.05
CA CYS F 567 21.01 -74.12 -5.35
C CYS F 567 19.52 -74.40 -5.29
N VAL F 568 18.93 -74.79 -6.43
CA VAL F 568 17.50 -75.03 -6.48
C VAL F 568 17.11 -76.12 -5.49
N LEU F 569 17.83 -77.24 -5.51
CA LEU F 569 17.47 -78.36 -4.64
C LEU F 569 17.73 -78.04 -3.17
N ILE F 570 18.78 -77.28 -2.87
CA ILE F 570 19.05 -76.93 -1.48
C ILE F 570 17.95 -76.06 -0.92
N GLU F 571 17.41 -75.14 -1.73
CA GLU F 571 16.45 -74.18 -1.19
C GLU F 571 14.99 -74.60 -1.29
N SER F 572 14.60 -75.34 -2.32
CA SER F 572 13.17 -75.55 -2.56
C SER F 572 12.76 -76.98 -2.24
N PRO F 573 11.87 -77.21 -1.26
CA PRO F 573 11.28 -78.55 -1.11
C PRO F 573 10.26 -78.88 -2.19
N GLU F 574 9.63 -77.86 -2.79
CA GLU F 574 8.64 -78.12 -3.82
C GLU F 574 9.24 -78.89 -4.97
N VAL F 575 10.48 -78.54 -5.35
CA VAL F 575 11.15 -79.28 -6.42
C VAL F 575 11.38 -80.73 -6.00
N LEU F 576 11.80 -80.94 -4.76
CA LEU F 576 12.03 -82.30 -4.27
C LEU F 576 10.75 -83.12 -4.34
N ASN F 577 9.60 -82.49 -4.12
CA ASN F 577 8.35 -83.22 -4.18
C ASN F 577 7.94 -83.60 -5.60
N ILE F 578 8.63 -83.08 -6.62
CA ILE F 578 8.32 -83.39 -8.01
C ILE F 578 9.45 -84.14 -8.70
N ILE F 579 10.60 -84.30 -8.05
CA ILE F 579 11.67 -85.11 -8.64
C ILE F 579 11.12 -86.43 -9.12
N GLN F 580 11.68 -86.95 -10.22
CA GLN F 580 11.23 -88.17 -10.85
C GLN F 580 12.40 -89.11 -11.09
N GLU F 581 12.07 -90.35 -11.43
CA GLU F 581 13.09 -91.36 -11.65
C GLU F 581 14.01 -90.98 -12.81
N ASN F 582 13.44 -90.39 -13.87
CA ASN F 582 14.28 -89.98 -14.99
C ASN F 582 15.26 -88.89 -14.58
N HIS F 583 14.81 -87.95 -13.73
CA HIS F 583 15.71 -86.93 -13.24
C HIS F 583 16.85 -87.55 -12.41
N ILE F 584 16.50 -88.49 -11.54
CA ILE F 584 17.53 -89.13 -10.72
C ILE F 584 18.51 -89.91 -11.61
N LYS F 585 18.00 -90.59 -12.63
CA LYS F 585 18.88 -91.30 -13.55
C LYS F 585 19.79 -90.34 -14.29
N SER F 586 19.31 -89.18 -14.70
CA SER F 586 20.19 -88.21 -15.33
C SER F 586 21.27 -87.72 -14.39
N ILE F 587 20.91 -87.45 -13.14
CA ILE F 587 21.91 -87.00 -12.18
C ILE F 587 22.96 -88.08 -11.95
N ILE F 588 22.54 -89.34 -11.92
CA ILE F 588 23.50 -90.43 -11.76
C ILE F 588 24.35 -90.57 -13.02
N SER F 589 23.77 -90.36 -14.19
CA SER F 589 24.54 -90.40 -15.42
C SER F 589 25.60 -89.32 -15.43
N LEU F 590 25.37 -88.21 -14.71
CA LEU F 590 26.47 -87.25 -14.54
C LEU F 590 27.66 -87.90 -13.88
N LEU F 591 27.44 -88.65 -12.80
CA LEU F 591 28.54 -89.39 -12.17
C LEU F 591 29.17 -90.34 -13.17
N ASP F 592 28.34 -91.04 -13.95
CA ASP F 592 28.84 -92.05 -14.86
C ASP F 592 29.73 -91.45 -15.95
N LYS F 593 29.35 -90.27 -16.46
CA LYS F 593 29.95 -89.73 -17.67
C LYS F 593 30.99 -88.65 -17.42
N HIS F 594 30.88 -87.90 -16.31
CA HIS F 594 31.80 -86.80 -16.05
C HIS F 594 32.89 -87.14 -15.05
N GLY F 595 32.77 -88.23 -14.33
CA GLY F 595 33.78 -88.67 -13.38
C GLY F 595 33.28 -88.60 -11.97
N ARG F 596 34.20 -88.84 -11.03
CA ARG F 596 33.88 -88.89 -9.61
C ARG F 596 33.96 -87.48 -9.03
N ASN F 597 32.87 -86.74 -9.18
CA ASN F 597 32.75 -85.39 -8.68
C ASN F 597 31.86 -85.39 -7.44
N HIS F 598 32.38 -84.87 -6.33
CA HIS F 598 31.64 -84.94 -5.08
C HIS F 598 30.46 -83.98 -5.06
N LYS F 599 30.42 -83.00 -5.96
CA LYS F 599 29.27 -82.11 -6.00
C LYS F 599 28.02 -82.84 -6.48
N VAL F 600 28.18 -83.83 -7.35
CA VAL F 600 27.04 -84.67 -7.73
C VAL F 600 26.54 -85.44 -6.53
N LEU F 601 27.46 -85.95 -5.70
CA LEU F 601 27.05 -86.62 -4.48
C LEU F 601 26.31 -85.67 -3.55
N ASP F 602 26.78 -84.42 -3.48
CA ASP F 602 26.08 -83.43 -2.66
C ASP F 602 24.67 -83.18 -3.18
N VAL F 603 24.50 -83.11 -4.50
CA VAL F 603 23.18 -82.93 -5.08
C VAL F 603 22.29 -84.11 -4.71
N LEU F 604 22.81 -85.33 -4.84
CA LEU F 604 22.02 -86.50 -4.49
C LEU F 604 21.65 -86.49 -3.02
N CYS F 605 22.58 -86.09 -2.16
CA CYS F 605 22.27 -85.96 -0.74
C CYS F 605 21.14 -84.97 -0.51
N SER F 606 21.20 -83.82 -1.17
CA SER F 606 20.17 -82.81 -0.99
C SER F 606 18.83 -83.29 -1.50
N LEU F 607 18.81 -84.22 -2.46
CA LEU F 607 17.55 -84.77 -2.92
C LEU F 607 16.84 -85.59 -1.84
N CYS F 608 17.57 -86.07 -0.83
CA CYS F 608 16.97 -86.99 0.13
C CYS F 608 16.26 -86.27 1.27
N VAL F 609 16.87 -85.22 1.80
CA VAL F 609 16.35 -84.51 2.96
C VAL F 609 16.44 -83.02 2.72
N CYS F 610 15.43 -82.29 3.18
CA CYS F 610 15.41 -80.83 3.08
C CYS F 610 14.66 -80.26 4.28
N ASN F 611 15.32 -79.40 5.04
CA ASN F 611 14.72 -78.74 6.19
C ASN F 611 14.21 -79.76 7.21
N GLY F 612 14.96 -80.85 7.37
CA GLY F 612 14.62 -81.84 8.37
C GLY F 612 13.51 -82.80 7.99
N VAL F 613 13.06 -82.79 6.75
CA VAL F 613 12.02 -83.69 6.27
C VAL F 613 12.60 -84.55 5.16
N ALA F 614 12.31 -85.84 5.20
CA ALA F 614 12.86 -86.81 4.27
C ALA F 614 11.84 -87.16 3.20
N VAL F 615 12.33 -87.37 1.98
CA VAL F 615 11.51 -87.75 0.85
C VAL F 615 11.80 -89.21 0.55
N ARG F 616 10.90 -90.09 0.99
CA ARG F 616 11.14 -91.52 0.89
C ARG F 616 11.25 -91.96 -0.57
N SER F 617 10.45 -91.37 -1.46
CA SER F 617 10.51 -91.76 -2.86
C SER F 617 11.88 -91.46 -3.44
N ASN F 618 12.42 -90.27 -3.16
CA ASN F 618 13.75 -89.93 -3.66
C ASN F 618 14.81 -90.84 -3.03
N GLN F 619 14.70 -91.10 -1.73
CA GLN F 619 15.68 -91.98 -1.09
C GLN F 619 15.68 -93.36 -1.75
N ASP F 620 14.50 -93.93 -1.96
CA ASP F 620 14.40 -95.25 -2.56
C ASP F 620 14.92 -95.24 -3.99
N LEU F 621 14.58 -94.22 -4.78
CA LEU F 621 15.03 -94.18 -6.16
C LEU F 621 16.54 -94.07 -6.23
N ILE F 622 17.14 -93.20 -5.41
CA ILE F 622 18.59 -93.09 -5.42
C ILE F 622 19.22 -94.41 -5.03
N THR F 623 18.73 -95.04 -3.95
CA THR F 623 19.29 -96.32 -3.55
C THR F 623 19.22 -97.34 -4.68
N GLU F 624 18.03 -97.55 -5.22
CA GLU F 624 17.79 -98.58 -6.21
C GLU F 624 18.52 -98.34 -7.52
N ASN F 625 18.76 -97.08 -7.91
CA ASN F 625 19.42 -96.81 -9.17
C ASN F 625 20.92 -96.55 -9.05
N LEU F 626 21.45 -96.40 -7.84
CA LEU F 626 22.88 -96.14 -7.69
C LEU F 626 23.63 -97.26 -7.01
N LEU F 627 23.09 -97.87 -5.95
CA LEU F 627 23.89 -98.79 -5.15
C LEU F 627 24.06 -100.17 -5.78
N PRO F 628 22.99 -100.82 -6.25
CA PRO F 628 23.13 -102.24 -6.62
C PRO F 628 24.16 -102.51 -7.70
N GLY F 629 24.37 -101.56 -8.61
CA GLY F 629 25.34 -101.78 -9.68
C GLY F 629 26.75 -102.01 -9.16
N ARG F 630 27.13 -101.29 -8.11
CA ARG F 630 28.48 -101.40 -7.55
C ARG F 630 29.54 -101.12 -8.61
N GLU F 631 29.32 -100.06 -9.37
CA GLU F 631 30.26 -99.69 -10.43
C GLU F 631 30.70 -98.23 -10.39
N LEU F 632 30.03 -97.35 -9.66
CA LEU F 632 30.42 -95.94 -9.58
C LEU F 632 31.04 -95.59 -8.24
N LEU F 633 30.36 -95.90 -7.14
CA LEU F 633 30.92 -95.65 -5.82
C LEU F 633 32.03 -96.63 -5.51
N LEU F 634 33.03 -96.15 -4.79
CA LEU F 634 34.13 -97.02 -4.38
C LEU F 634 33.62 -98.05 -3.36
N GLN F 635 34.09 -99.29 -3.51
CA GLN F 635 33.65 -100.38 -2.68
C GLN F 635 34.68 -100.69 -1.60
N THR F 636 34.20 -101.15 -0.45
CA THR F 636 35.05 -101.47 0.68
C THR F 636 34.74 -102.86 1.19
N ASN F 637 35.72 -103.48 1.82
CA ASN F 637 35.57 -104.83 2.36
C ASN F 637 36.83 -105.18 3.13
N LEU F 638 36.70 -106.10 4.08
CA LEU F 638 37.83 -106.59 4.84
C LEU F 638 38.39 -107.83 4.15
N ILE F 639 39.70 -107.85 3.94
CA ILE F 639 40.36 -108.94 3.25
C ILE F 639 41.56 -109.41 4.06
N ASN F 640 41.94 -110.66 3.85
CA ASN F 640 43.11 -111.22 4.51
C ASN F 640 44.39 -110.81 3.80
N TYR F 641 45.44 -110.59 4.58
CA TYR F 641 46.77 -110.45 4.00
C TYR F 641 47.25 -111.80 3.51
N VAL F 642 47.88 -111.79 2.33
CA VAL F 642 48.37 -113.01 1.70
C VAL F 642 49.83 -112.81 1.34
N THR F 643 50.63 -113.85 1.55
CA THR F 643 52.07 -113.78 1.31
C THR F 643 52.53 -115.07 0.64
N SER F 644 53.65 -114.98 -0.06
CA SER F 644 54.18 -116.07 -0.85
C SER F 644 55.53 -116.51 -0.29
N ILE F 645 55.83 -117.79 -0.43
CA ILE F 645 57.10 -118.35 0.01
C ILE F 645 57.59 -119.31 -1.06
N ARG F 646 58.90 -119.28 -1.31
CA ARG F 646 59.55 -120.12 -2.32
C ARG F 646 60.85 -120.65 -1.76
N PRO F 647 61.32 -121.79 -2.23
CA PRO F 647 62.73 -122.13 -2.08
C PRO F 647 63.56 -121.39 -3.11
N ASN F 648 64.85 -121.25 -2.82
CA ASN F 648 65.72 -120.57 -3.76
C ASN F 648 66.13 -121.52 -4.88
N ILE F 649 65.14 -121.98 -5.66
CA ILE F 649 65.35 -122.87 -6.78
C ILE F 649 64.83 -122.17 -8.03
N PHE F 650 65.68 -122.03 -9.03
CA PHE F 650 65.36 -121.31 -10.25
C PHE F 650 65.72 -122.16 -11.45
N VAL F 651 64.77 -122.33 -12.37
CA VAL F 651 64.95 -123.15 -13.56
C VAL F 651 64.29 -122.44 -14.74
N GLY F 652 64.94 -122.53 -15.90
CA GLY F 652 64.42 -121.88 -17.08
C GLY F 652 64.92 -122.58 -18.33
N ARG F 653 64.60 -121.98 -19.47
CA ARG F 653 65.00 -122.49 -20.77
C ARG F 653 65.60 -121.37 -21.60
N ALA F 654 66.67 -121.69 -22.33
CA ALA F 654 67.25 -120.76 -23.29
C ALA F 654 68.07 -121.57 -24.28
N GLU F 655 68.28 -120.99 -25.46
CA GLU F 655 69.04 -121.65 -26.50
C GLU F 655 70.46 -121.91 -26.02
N GLY F 656 70.83 -123.18 -25.87
CA GLY F 656 72.16 -123.52 -25.40
C GLY F 656 72.35 -123.38 -23.90
N SER F 657 71.27 -123.33 -23.13
CA SER F 657 71.37 -123.23 -21.69
C SER F 657 71.88 -124.54 -21.10
N THR F 658 72.42 -124.45 -19.88
CA THR F 658 72.98 -125.60 -19.19
C THR F 658 72.01 -126.22 -18.20
N GLN F 659 70.73 -125.83 -18.25
CA GLN F 659 69.76 -126.21 -17.24
C GLN F 659 68.86 -127.32 -17.78
N TYR F 660 68.56 -128.29 -16.91
CA TYR F 660 67.65 -129.37 -17.26
C TYR F 660 66.25 -128.81 -17.47
N GLY F 661 65.43 -129.59 -18.18
CA GLY F 661 64.13 -129.10 -18.61
C GLY F 661 62.96 -129.46 -17.73
N LYS F 662 62.97 -130.67 -17.15
CA LYS F 662 61.83 -131.20 -16.43
C LYS F 662 62.12 -131.21 -14.93
N TRP F 663 61.18 -130.70 -14.14
CA TRP F 663 61.35 -130.56 -12.71
C TRP F 663 60.09 -130.98 -11.97
N TYR F 664 60.26 -131.35 -10.71
CA TYR F 664 59.19 -131.95 -9.92
C TYR F 664 59.39 -131.59 -8.46
N PHE F 665 58.30 -131.25 -7.77
CA PHE F 665 58.37 -131.06 -6.33
C PHE F 665 57.01 -131.37 -5.71
N GLU F 666 56.96 -131.34 -4.37
CA GLU F 666 55.73 -131.67 -3.67
C GLU F 666 55.53 -130.72 -2.50
N VAL F 667 54.27 -130.57 -2.09
CA VAL F 667 53.89 -129.79 -0.92
C VAL F 667 52.90 -130.62 -0.13
N MET F 668 53.19 -130.84 1.14
CA MET F 668 52.31 -131.59 2.03
C MET F 668 51.69 -130.63 3.03
N VAL F 669 50.38 -130.72 3.21
CA VAL F 669 49.63 -129.79 4.05
C VAL F 669 49.38 -130.45 5.40
N ASP F 670 49.91 -129.86 6.47
CA ASP F 670 49.75 -130.40 7.81
C ASP F 670 48.52 -129.84 8.51
N GLU F 671 48.36 -128.52 8.53
CA GLU F 671 47.22 -127.89 9.20
C GLU F 671 46.66 -126.79 8.32
N VAL F 672 45.33 -126.69 8.30
CA VAL F 672 44.64 -125.59 7.64
C VAL F 672 43.39 -125.26 8.43
N ALA F 673 43.24 -124.01 8.83
CA ALA F 673 42.01 -123.55 9.43
C ALA F 673 41.16 -122.94 8.34
N PRO F 674 40.08 -123.59 7.89
CA PRO F 674 39.35 -123.07 6.72
C PRO F 674 38.91 -121.64 6.88
N PHE F 675 38.45 -121.24 8.06
CA PHE F 675 38.02 -119.89 8.33
C PHE F 675 38.64 -119.41 9.64
N LEU F 676 39.88 -118.91 9.55
CA LEU F 676 40.48 -118.28 10.71
C LEU F 676 39.91 -116.89 10.91
N THR F 677 39.50 -116.23 9.84
CA THR F 677 38.79 -114.97 9.87
C THR F 677 37.50 -115.13 9.05
N ALA F 678 36.81 -114.02 8.81
CA ALA F 678 35.56 -114.07 8.07
C ALA F 678 35.76 -114.44 6.61
N GLN F 679 36.97 -114.33 6.09
CA GLN F 679 37.29 -114.68 4.72
C GLN F 679 37.95 -116.05 4.67
N ALA F 680 37.65 -116.81 3.62
CA ALA F 680 38.18 -118.16 3.50
C ALA F 680 39.70 -118.12 3.45
N THR F 681 40.33 -119.10 4.10
CA THR F 681 41.78 -119.15 4.13
C THR F 681 42.34 -119.37 2.73
N HIS F 682 43.42 -118.67 2.44
CA HIS F 682 44.08 -118.73 1.15
C HIS F 682 45.22 -119.74 1.22
N LEU F 683 45.25 -120.66 0.26
CA LEU F 683 46.35 -121.63 0.16
C LEU F 683 46.40 -122.14 -1.28
N ARG F 684 47.45 -121.77 -2.00
CA ARG F 684 47.65 -122.19 -3.37
C ARG F 684 49.10 -122.62 -3.58
N VAL F 685 49.31 -123.61 -4.43
CA VAL F 685 50.63 -124.15 -4.72
C VAL F 685 50.86 -124.11 -6.22
N GLY F 686 52.09 -123.82 -6.63
CA GLY F 686 52.37 -123.87 -8.05
C GLY F 686 53.72 -123.27 -8.39
N TRP F 687 53.79 -122.73 -9.61
CA TRP F 687 55.02 -122.17 -10.14
C TRP F 687 54.83 -120.69 -10.46
N ALA F 688 55.95 -119.97 -10.53
CA ALA F 688 55.90 -118.56 -10.85
C ALA F 688 57.18 -118.17 -11.59
N LEU F 689 57.10 -117.08 -12.33
CA LEU F 689 58.21 -116.60 -13.14
C LEU F 689 59.00 -115.54 -12.36
N SER F 690 60.32 -115.65 -12.41
CA SER F 690 61.18 -114.79 -11.58
C SER F 690 60.83 -113.32 -11.77
N GLU F 691 60.96 -112.81 -12.98
CA GLU F 691 60.71 -111.40 -13.26
C GLU F 691 59.25 -111.24 -13.64
N GLY F 692 58.48 -110.66 -12.72
CA GLY F 692 57.09 -110.36 -12.99
C GLY F 692 56.17 -110.75 -11.86
N TYR F 693 56.52 -111.82 -11.15
CA TYR F 693 55.75 -112.24 -9.98
C TYR F 693 56.23 -111.44 -8.79
N SER F 694 55.55 -110.34 -8.51
CA SER F 694 55.91 -109.44 -7.41
C SER F 694 54.64 -109.07 -6.64
N PRO F 695 54.09 -110.01 -5.89
CA PRO F 695 52.90 -109.72 -5.08
C PRO F 695 53.28 -108.97 -3.81
N TYR F 696 52.92 -107.70 -3.75
CA TYR F 696 53.26 -106.91 -2.58
C TYR F 696 52.19 -107.07 -1.51
N PRO F 697 52.54 -106.98 -0.23
CA PRO F 697 51.52 -107.07 0.81
C PRO F 697 50.49 -105.95 0.66
N GLY F 698 49.23 -106.30 0.92
CA GLY F 698 48.17 -105.32 0.88
C GLY F 698 47.18 -105.53 -0.24
N GLY F 699 46.94 -104.50 -1.03
CA GLY F 699 45.96 -104.57 -2.09
C GLY F 699 46.59 -104.50 -3.46
N GLY F 700 46.15 -105.38 -4.35
CA GLY F 700 46.63 -105.40 -5.71
C GLY F 700 45.51 -105.56 -6.70
N GLU F 701 45.61 -106.56 -7.57
CA GLU F 701 44.58 -106.78 -8.57
C GLU F 701 43.31 -107.31 -7.93
N GLY F 702 42.18 -106.99 -8.52
CA GLY F 702 40.91 -107.49 -8.02
C GLY F 702 40.62 -106.96 -6.63
N TRP F 703 40.39 -107.87 -5.69
CA TRP F 703 40.09 -107.53 -4.32
C TRP F 703 41.27 -107.83 -3.39
N GLY F 704 42.49 -107.67 -3.89
CA GLY F 704 43.67 -107.87 -3.07
C GLY F 704 43.91 -109.34 -2.76
N GLY F 705 44.79 -109.55 -1.78
CA GLY F 705 45.14 -110.90 -1.39
C GLY F 705 45.71 -111.68 -2.55
N ASN F 706 46.65 -111.07 -3.27
CA ASN F 706 47.18 -111.67 -4.48
C ASN F 706 48.22 -112.73 -4.14
N GLY F 707 48.06 -113.91 -4.73
CA GLY F 707 49.00 -114.99 -4.53
C GLY F 707 49.30 -115.70 -5.83
N VAL F 708 49.55 -117.01 -5.77
CA VAL F 708 49.86 -117.76 -6.99
C VAL F 708 48.63 -117.77 -7.88
N GLY F 709 48.82 -117.43 -9.15
CA GLY F 709 47.75 -117.47 -10.12
C GLY F 709 46.96 -116.19 -10.25
N ASP F 710 47.25 -115.17 -9.46
CA ASP F 710 46.52 -113.91 -9.55
C ASP F 710 47.14 -112.95 -10.55
N ASP F 711 48.06 -113.42 -11.38
CA ASP F 711 48.59 -112.66 -12.49
C ASP F 711 49.09 -113.65 -13.52
N LEU F 712 49.45 -113.14 -14.70
CA LEU F 712 49.89 -113.99 -15.80
C LEU F 712 51.35 -114.36 -15.70
N TYR F 713 51.95 -114.23 -14.51
CA TYR F 713 53.31 -114.67 -14.27
C TYR F 713 53.36 -115.90 -13.37
N SER F 714 52.24 -116.33 -12.81
CA SER F 714 52.21 -117.45 -11.89
C SER F 714 51.05 -118.35 -12.25
N TYR F 715 51.20 -119.64 -11.91
CA TYR F 715 50.23 -120.67 -12.24
C TYR F 715 50.06 -121.55 -11.02
N GLY F 716 48.84 -121.56 -10.48
CA GLY F 716 48.61 -122.18 -9.18
C GLY F 716 47.46 -123.16 -9.21
N PHE F 717 47.37 -123.93 -8.13
CA PHE F 717 46.34 -124.93 -7.92
C PHE F 717 45.92 -124.85 -6.47
N ASP F 718 44.61 -124.87 -6.23
CA ASP F 718 44.11 -124.76 -4.85
C ASP F 718 43.27 -125.95 -4.42
N GLY F 719 43.41 -127.11 -5.05
CA GLY F 719 42.63 -128.29 -4.73
C GLY F 719 41.39 -128.45 -5.58
N LEU F 720 40.74 -127.34 -5.90
CA LEU F 720 39.54 -127.35 -6.75
C LEU F 720 39.72 -126.59 -8.04
N HIS F 721 40.56 -125.56 -8.07
CA HIS F 721 40.68 -124.69 -9.23
C HIS F 721 42.14 -124.58 -9.64
N LEU F 722 42.33 -124.42 -10.95
CA LEU F 722 43.57 -123.91 -11.52
C LEU F 722 43.46 -122.40 -11.62
N TRP F 723 44.43 -121.70 -11.04
CA TRP F 723 44.41 -120.25 -10.93
C TRP F 723 45.46 -119.65 -11.84
N THR F 724 45.05 -118.71 -12.68
CA THR F 724 46.00 -117.96 -13.47
C THR F 724 45.32 -116.69 -13.98
N GLY F 725 46.09 -115.61 -14.07
CA GLY F 725 45.53 -114.35 -14.51
C GLY F 725 44.41 -113.83 -13.65
N HIS F 726 44.38 -114.22 -12.37
CA HIS F 726 43.31 -113.85 -11.45
C HIS F 726 42.00 -114.52 -11.81
N VAL F 727 42.03 -115.57 -12.60
CA VAL F 727 40.84 -116.34 -12.96
C VAL F 727 41.01 -117.74 -12.42
N ALA F 728 39.97 -118.24 -11.77
CA ALA F 728 39.94 -119.60 -11.23
C ALA F 728 39.08 -120.47 -12.13
N ARG F 729 39.65 -121.56 -12.63
CA ARG F 729 38.94 -122.48 -13.50
C ARG F 729 38.80 -123.82 -12.80
N PRO F 730 37.60 -124.31 -12.54
CA PRO F 730 37.46 -125.59 -11.84
C PRO F 730 38.13 -126.70 -12.62
N VAL F 731 38.79 -127.61 -11.90
CA VAL F 731 39.49 -128.72 -12.51
C VAL F 731 39.07 -130.01 -11.81
N THR F 732 38.67 -131.00 -12.60
CA THR F 732 38.19 -132.26 -12.07
C THR F 732 39.34 -133.05 -11.46
N SER F 733 39.02 -133.85 -10.44
CA SER F 733 40.00 -134.68 -9.77
C SER F 733 39.25 -135.70 -8.93
N PRO F 734 39.76 -136.92 -8.80
CA PRO F 734 39.09 -137.92 -7.94
C PRO F 734 38.98 -137.43 -6.51
N GLY F 735 37.75 -137.30 -6.02
CA GLY F 735 37.54 -136.81 -4.67
C GLY F 735 37.93 -135.35 -4.52
N GLN F 736 37.25 -134.49 -5.26
CA GLN F 736 37.55 -133.06 -5.22
C GLN F 736 37.37 -132.51 -3.82
N HIS F 737 38.28 -131.64 -3.40
CA HIS F 737 38.10 -130.88 -2.17
C HIS F 737 39.21 -129.84 -2.07
N LEU F 738 38.89 -128.73 -1.44
CA LEU F 738 39.89 -127.71 -1.17
C LEU F 738 41.01 -128.31 -0.34
N LEU F 739 42.23 -127.88 -0.61
CA LEU F 739 43.41 -128.40 0.10
C LEU F 739 43.15 -128.48 1.58
N ALA F 740 43.27 -129.68 2.13
CA ALA F 740 42.98 -129.98 3.51
C ALA F 740 44.17 -130.68 4.14
N PRO F 741 44.20 -130.82 5.46
CA PRO F 741 45.35 -131.45 6.11
C PRO F 741 45.60 -132.85 5.55
N GLU F 742 46.89 -133.19 5.46
CA GLU F 742 47.38 -134.47 4.97
C GLU F 742 47.25 -134.63 3.47
N ASP F 743 47.05 -133.54 2.74
CA ASP F 743 47.02 -133.56 1.28
C ASP F 743 48.43 -133.34 0.74
N VAL F 744 48.77 -134.09 -0.30
CA VAL F 744 50.07 -133.97 -0.96
C VAL F 744 49.81 -133.51 -2.39
N VAL F 745 50.31 -132.33 -2.73
CA VAL F 745 50.22 -131.81 -4.07
C VAL F 745 51.57 -131.98 -4.75
N SER F 746 51.58 -132.65 -5.90
CA SER F 746 52.78 -132.88 -6.68
C SER F 746 52.73 -132.00 -7.91
N CYS F 747 53.73 -131.16 -8.09
CA CYS F 747 53.80 -130.23 -9.19
C CYS F 747 54.90 -130.63 -10.15
N CYS F 748 54.57 -130.69 -11.43
CA CYS F 748 55.48 -131.08 -12.50
C CYS F 748 55.57 -129.95 -13.49
N LEU F 749 56.79 -129.58 -13.87
CA LEU F 749 57.04 -128.53 -14.85
C LEU F 749 57.92 -129.09 -15.95
N ASP F 750 57.38 -129.12 -17.17
CA ASP F 750 58.12 -129.58 -18.34
C ASP F 750 58.32 -128.36 -19.24
N LEU F 751 59.54 -127.83 -19.27
CA LEU F 751 59.81 -126.61 -20.04
C LEU F 751 59.91 -126.88 -21.52
N SER F 752 59.90 -128.13 -21.96
CA SER F 752 59.98 -128.45 -23.38
C SER F 752 58.72 -128.11 -24.13
N VAL F 753 57.55 -128.34 -23.53
CA VAL F 753 56.27 -128.20 -24.24
C VAL F 753 55.98 -126.72 -24.50
N PRO F 754 55.94 -125.85 -23.48
CA PRO F 754 56.02 -126.03 -22.03
C PRO F 754 54.68 -126.35 -21.39
N SER F 755 54.70 -126.98 -20.22
CA SER F 755 53.47 -127.37 -19.55
C SER F 755 53.71 -127.48 -18.06
N ILE F 756 52.66 -127.26 -17.28
CA ILE F 756 52.65 -127.44 -15.84
C ILE F 756 51.48 -128.34 -15.51
N SER F 757 51.73 -129.39 -14.72
CA SER F 757 50.70 -130.36 -14.36
C SER F 757 50.76 -130.63 -12.87
N PHE F 758 49.65 -131.15 -12.34
CA PHE F 758 49.48 -131.36 -10.92
C PHE F 758 48.97 -132.77 -10.66
N ARG F 759 49.21 -133.23 -9.43
CA ARG F 759 48.68 -134.50 -8.97
C ARG F 759 48.31 -134.33 -7.50
N ILE F 760 47.09 -134.71 -7.13
CA ILE F 760 46.64 -134.56 -5.75
C ILE F 760 46.55 -135.95 -5.13
N ASN F 761 47.38 -136.18 -4.11
CA ASN F 761 47.44 -137.48 -3.45
C ASN F 761 47.68 -138.60 -4.46
N GLY F 762 48.48 -138.31 -5.47
CA GLY F 762 48.77 -139.26 -6.52
C GLY F 762 47.74 -139.34 -7.62
N CYS F 763 46.55 -138.81 -7.41
CA CYS F 763 45.52 -138.84 -8.43
C CYS F 763 45.74 -137.69 -9.41
N PRO F 764 45.77 -137.96 -10.72
CA PRO F 764 46.03 -136.87 -11.68
C PRO F 764 44.95 -135.79 -11.60
N VAL F 765 45.38 -134.55 -11.73
CA VAL F 765 44.47 -133.42 -11.83
C VAL F 765 44.20 -133.18 -13.31
N GLN F 766 42.94 -133.24 -13.72
CA GLN F 766 42.58 -133.22 -15.13
C GLN F 766 42.59 -131.79 -15.69
N GLY F 767 43.79 -131.23 -15.73
CA GLY F 767 43.98 -129.91 -16.28
C GLY F 767 45.45 -129.56 -16.39
N VAL F 768 45.81 -128.68 -17.33
CA VAL F 768 47.21 -128.31 -17.52
C VAL F 768 47.30 -126.87 -18.00
N PHE F 769 48.40 -126.22 -17.60
CA PHE F 769 48.84 -124.96 -18.18
C PHE F 769 49.83 -125.30 -19.28
N GLU F 770 49.80 -124.55 -20.37
CA GLU F 770 50.74 -124.79 -21.46
C GLU F 770 50.93 -123.53 -22.29
N SER F 771 51.95 -123.57 -23.14
CA SER F 771 52.23 -122.51 -24.10
C SER F 771 52.25 -121.14 -23.41
N PHE F 772 52.98 -121.07 -22.30
CA PHE F 772 53.18 -119.81 -21.61
C PHE F 772 54.57 -119.25 -21.94
N ASN F 773 54.80 -118.02 -21.52
CA ASN F 773 56.05 -117.34 -21.84
C ASN F 773 57.20 -117.98 -21.08
N LEU F 774 58.38 -117.97 -21.70
CA LEU F 774 59.57 -118.59 -21.17
C LEU F 774 60.73 -117.61 -21.14
N ASP F 775 60.47 -116.39 -20.67
CA ASP F 775 61.50 -115.34 -20.68
C ASP F 775 61.95 -115.04 -19.25
N GLY F 776 62.09 -116.08 -18.45
CA GLY F 776 62.56 -115.90 -17.09
C GLY F 776 62.84 -117.24 -16.45
N LEU F 777 63.12 -117.20 -15.15
CA LEU F 777 63.36 -118.40 -14.37
C LEU F 777 62.13 -118.74 -13.54
N PHE F 778 61.81 -120.02 -13.48
CA PHE F 778 60.65 -120.51 -12.73
C PHE F 778 61.10 -121.04 -11.39
N PHE F 779 60.29 -120.80 -10.36
CA PHE F 779 60.57 -121.32 -9.04
C PHE F 779 59.31 -121.88 -8.39
N PRO F 780 59.43 -122.91 -7.57
CA PRO F 780 58.27 -123.37 -6.80
C PRO F 780 57.80 -122.27 -5.86
N VAL F 781 56.49 -122.23 -5.60
CA VAL F 781 55.93 -121.20 -4.74
C VAL F 781 54.65 -121.69 -4.12
N VAL F 782 54.40 -121.24 -2.89
CA VAL F 782 53.12 -121.42 -2.22
C VAL F 782 52.68 -120.06 -1.71
N SER F 783 51.45 -119.68 -2.01
CA SER F 783 50.86 -118.46 -1.48
C SER F 783 49.81 -118.83 -0.45
N PHE F 784 49.70 -118.02 0.60
CA PHE F 784 48.84 -118.40 1.70
C PHE F 784 48.45 -117.19 2.52
N SER F 785 47.38 -117.34 3.28
CA SER F 785 46.99 -116.42 4.33
C SER F 785 47.24 -117.08 5.68
N ALA F 786 47.01 -116.33 6.74
CA ALA F 786 47.27 -116.85 8.07
C ALA F 786 46.39 -118.07 8.36
N GLY F 787 46.96 -119.01 9.08
CA GLY F 787 46.26 -120.22 9.47
C GLY F 787 46.68 -121.47 8.74
N ILE F 788 47.95 -121.60 8.36
CA ILE F 788 48.41 -122.76 7.62
C ILE F 788 49.71 -123.28 8.22
N LYS F 789 50.00 -124.54 7.90
CA LYS F 789 51.32 -125.13 8.14
C LYS F 789 51.51 -126.17 7.04
N VAL F 790 52.53 -125.97 6.22
CA VAL F 790 52.79 -126.85 5.08
C VAL F 790 54.27 -127.16 5.04
N ARG F 791 54.65 -128.08 4.16
CA ARG F 791 56.03 -128.49 4.01
C ARG F 791 56.35 -128.73 2.55
N PHE F 792 57.37 -128.05 2.05
CA PHE F 792 57.97 -128.38 0.76
C PHE F 792 58.75 -129.68 0.89
N LEU F 793 58.50 -130.60 -0.04
CA LEU F 793 59.31 -131.79 -0.24
C LEU F 793 59.99 -131.65 -1.58
N LEU F 794 61.32 -131.49 -1.55
CA LEU F 794 62.11 -131.24 -2.74
C LEU F 794 62.99 -132.42 -3.12
N GLY F 795 62.85 -133.55 -2.43
CA GLY F 795 63.63 -134.73 -2.72
C GLY F 795 64.98 -134.74 -2.02
N GLY F 796 65.69 -135.85 -2.18
CA GLY F 796 67.00 -135.98 -1.55
C GLY F 796 66.90 -135.82 -0.05
N ARG F 797 67.80 -135.02 0.51
CA ARG F 797 67.81 -134.74 1.94
C ARG F 797 66.95 -133.55 2.31
N HIS F 798 66.12 -133.06 1.38
CA HIS F 798 65.29 -131.89 1.60
C HIS F 798 63.82 -132.24 1.45
N GLY F 799 63.40 -133.35 2.04
CA GLY F 799 62.03 -133.78 1.97
C GLY F 799 61.86 -134.98 1.05
N GLU F 800 61.57 -136.14 1.63
CA GLU F 800 61.42 -137.36 0.86
C GLU F 800 60.07 -137.35 0.16
N PHE F 801 60.07 -137.60 -1.14
CA PHE F 801 58.84 -137.58 -1.90
C PHE F 801 57.90 -138.67 -1.44
N LYS F 802 56.61 -138.35 -1.38
CA LYS F 802 55.59 -139.35 -1.06
C LYS F 802 55.16 -140.16 -2.28
N PHE F 803 55.36 -139.63 -3.48
CA PHE F 803 55.04 -140.32 -4.71
C PHE F 803 56.21 -140.23 -5.68
N LEU F 804 56.32 -141.23 -6.54
CA LEU F 804 57.45 -141.31 -7.44
C LEU F 804 57.32 -140.23 -8.52
N PRO F 805 58.35 -139.44 -8.78
CA PRO F 805 58.27 -138.43 -9.84
C PRO F 805 58.01 -139.11 -11.18
N PRO F 806 57.25 -138.47 -12.06
CA PRO F 806 56.98 -139.07 -13.38
C PRO F 806 58.28 -139.26 -14.15
N PRO F 807 58.34 -140.26 -15.03
CA PRO F 807 59.61 -140.56 -15.71
C PRO F 807 60.21 -139.37 -16.42
N GLY F 808 61.48 -139.05 -16.09
CA GLY F 808 62.22 -138.00 -16.73
C GLY F 808 62.35 -136.74 -15.90
N TYR F 809 61.39 -136.48 -15.02
CA TYR F 809 61.42 -135.28 -14.20
C TYR F 809 62.47 -135.41 -13.11
N ALA F 810 63.05 -134.29 -12.72
CA ALA F 810 64.13 -134.27 -11.75
C ALA F 810 63.67 -133.63 -10.45
N PRO F 811 64.12 -134.13 -9.29
CA PRO F 811 63.80 -133.44 -8.03
C PRO F 811 64.32 -132.02 -8.04
N CYS F 812 63.56 -131.11 -7.45
CA CYS F 812 63.94 -129.70 -7.46
C CYS F 812 65.15 -129.41 -6.59
N HIS F 813 65.48 -130.29 -5.66
CA HIS F 813 66.66 -130.04 -4.83
C HIS F 813 67.95 -130.06 -5.64
N GLU F 814 67.91 -130.58 -6.86
CA GLU F 814 69.08 -130.62 -7.73
C GLU F 814 69.34 -129.31 -8.44
N ALA F 815 68.41 -128.36 -8.37
CA ALA F 815 68.52 -127.10 -9.09
C ALA F 815 69.16 -126.00 -8.26
N VAL F 816 69.60 -126.30 -7.04
CA VAL F 816 70.22 -125.28 -6.20
C VAL F 816 71.60 -124.95 -6.77
N LEU F 817 71.88 -123.67 -6.95
CA LEU F 817 73.10 -123.27 -7.61
C LEU F 817 74.32 -123.55 -6.74
N PRO F 818 75.50 -123.67 -7.33
CA PRO F 818 76.68 -124.05 -6.54
C PRO F 818 77.00 -123.08 -5.41
N ARG F 819 76.78 -121.79 -5.61
CA ARG F 819 77.18 -120.77 -4.66
C ARG F 819 76.15 -120.55 -3.56
N GLU F 820 75.05 -121.29 -3.58
CA GLU F 820 73.94 -121.03 -2.69
C GLU F 820 73.61 -122.28 -1.89
N ARG F 821 72.90 -122.07 -0.79
CA ARG F 821 72.42 -123.14 0.08
C ARG F 821 70.91 -123.10 0.10
N LEU F 822 70.29 -124.28 0.02
CA LEU F 822 68.84 -124.36 -0.08
C LEU F 822 68.19 -123.81 1.18
N HIS F 823 67.15 -123.00 0.98
CA HIS F 823 66.36 -122.47 2.09
C HIS F 823 65.12 -121.81 1.53
N LEU F 824 64.22 -121.42 2.41
CA LEU F 824 62.98 -120.76 2.03
C LEU F 824 63.09 -119.27 2.29
N GLN F 825 62.59 -118.47 1.35
CA GLN F 825 62.69 -117.02 1.43
C GLN F 825 61.39 -116.40 0.94
N PRO F 826 61.12 -115.16 1.33
CA PRO F 826 60.03 -114.41 0.71
C PRO F 826 60.44 -113.95 -0.69
N ILE F 827 59.51 -113.26 -1.35
CA ILE F 827 59.69 -112.79 -2.72
C ILE F 827 59.52 -111.28 -2.75
N LYS F 828 60.51 -110.59 -3.31
CA LYS F 828 60.47 -109.14 -3.54
C LYS F 828 60.03 -108.41 -2.27
N GLU F 829 60.78 -108.64 -1.20
CA GLU F 829 60.51 -108.01 0.08
C GLU F 829 61.19 -106.66 0.16
N TYR F 830 60.45 -105.66 0.64
CA TYR F 830 60.99 -104.34 0.93
C TYR F 830 61.17 -104.12 2.42
N ARG F 831 61.07 -105.17 3.22
CA ARG F 831 61.00 -105.03 4.66
C ARG F 831 61.31 -106.37 5.30
N ARG F 832 62.01 -106.33 6.43
CA ARG F 832 62.26 -107.55 7.19
C ARG F 832 62.50 -107.17 8.64
N GLU F 833 62.62 -108.18 9.49
CA GLU F 833 62.92 -107.95 10.90
C GLU F 833 64.41 -108.06 11.14
N GLY F 834 64.88 -107.42 12.20
CA GLY F 834 66.27 -107.49 12.58
C GLY F 834 66.48 -107.15 14.05
N PRO F 835 67.71 -107.32 14.52
CA PRO F 835 67.94 -107.31 15.98
C PRO F 835 67.38 -106.09 16.67
N ARG F 836 67.49 -104.91 16.06
CA ARG F 836 67.06 -103.67 16.69
C ARG F 836 65.75 -103.13 16.11
N GLY F 837 65.15 -103.81 15.13
CA GLY F 837 63.93 -103.32 14.54
C GLY F 837 63.77 -103.73 13.09
N PRO F 838 62.83 -103.12 12.40
CA PRO F 838 62.63 -103.47 10.98
C PRO F 838 63.71 -102.87 10.10
N HIS F 839 64.25 -103.70 9.22
CA HIS F 839 65.18 -103.28 8.19
C HIS F 839 64.43 -103.03 6.90
N LEU F 840 64.74 -101.91 6.26
CA LEU F 840 64.27 -101.62 4.92
C LEU F 840 65.24 -102.21 3.90
N VAL F 841 64.69 -102.80 2.84
CA VAL F 841 65.46 -103.57 1.87
C VAL F 841 65.25 -102.97 0.49
N GLY F 842 66.34 -102.86 -0.27
CA GLY F 842 66.26 -102.41 -1.64
C GLY F 842 65.97 -103.55 -2.58
N PRO F 843 65.85 -103.26 -3.87
CA PRO F 843 65.52 -104.31 -4.84
C PRO F 843 66.54 -105.44 -4.79
N SER F 844 66.07 -106.64 -5.09
CA SER F 844 66.93 -107.82 -5.13
C SER F 844 67.37 -108.08 -6.55
N ARG F 845 68.67 -108.31 -6.73
CA ARG F 845 69.22 -108.64 -8.03
C ARG F 845 68.90 -110.09 -8.37
N CYS F 846 68.22 -110.30 -9.49
CA CYS F 846 67.72 -111.61 -9.88
C CYS F 846 68.44 -112.09 -11.13
N LEU F 847 68.69 -113.39 -11.17
CA LEU F 847 69.30 -113.99 -12.35
C LEU F 847 68.31 -114.00 -13.51
N SER F 848 68.85 -114.12 -14.72
CA SER F 848 68.06 -114.25 -15.93
C SER F 848 68.27 -115.63 -16.52
N HIS F 849 67.26 -116.11 -17.24
CA HIS F 849 67.39 -117.43 -17.87
C HIS F 849 68.56 -117.46 -18.84
N LEU F 850 68.98 -116.31 -19.35
CA LEU F 850 70.13 -116.22 -20.22
C LEU F 850 71.45 -116.22 -19.47
N ASP F 851 71.43 -116.07 -18.15
CA ASP F 851 72.64 -116.15 -17.36
C ASP F 851 73.22 -117.55 -17.31
N PHE F 852 72.47 -118.56 -17.76
CA PHE F 852 72.93 -119.94 -17.77
C PHE F 852 73.44 -120.36 -19.14
N VAL F 853 73.58 -119.42 -20.08
CA VAL F 853 74.06 -119.70 -21.42
C VAL F 853 75.55 -119.36 -21.45
N PRO F 854 76.46 -120.34 -21.56
CA PRO F 854 77.87 -120.00 -21.69
C PRO F 854 78.14 -119.33 -23.03
N CYS F 855 78.84 -118.19 -22.98
CA CYS F 855 79.09 -117.36 -24.16
C CYS F 855 80.59 -117.08 -24.22
N PRO F 856 81.39 -118.06 -24.63
CA PRO F 856 82.82 -117.85 -24.75
C PRO F 856 83.19 -117.10 -26.03
N VAL F 857 84.42 -116.63 -26.07
CA VAL F 857 84.93 -115.92 -27.23
C VAL F 857 85.46 -116.92 -28.24
N ASP F 858 85.14 -116.68 -29.52
CA ASP F 858 85.56 -117.58 -30.58
C ASP F 858 87.08 -117.61 -30.68
N THR F 859 87.62 -118.79 -30.98
CA THR F 859 89.06 -118.98 -31.09
C THR F 859 89.51 -119.72 -32.35
N ILE F 860 88.61 -120.38 -33.07
CA ILE F 860 89.03 -121.12 -34.26
C ILE F 860 89.54 -120.16 -35.32
N GLN F 861 88.94 -118.98 -35.43
CA GLN F 861 89.35 -118.02 -36.45
C GLN F 861 90.70 -117.41 -36.12
N ILE F 862 91.11 -117.45 -34.85
CA ILE F 862 92.47 -117.04 -34.48
C ILE F 862 93.46 -117.93 -35.21
N VAL F 863 94.53 -117.32 -35.72
CA VAL F 863 95.64 -118.04 -36.33
C VAL F 863 96.88 -117.82 -35.49
N LEU F 864 97.49 -118.91 -35.04
CA LEU F 864 98.63 -118.82 -34.15
C LEU F 864 99.83 -118.22 -34.88
N PRO F 865 100.54 -117.27 -34.28
CA PRO F 865 101.76 -116.77 -34.93
C PRO F 865 102.91 -117.74 -34.73
N PRO F 866 103.96 -117.66 -35.57
CA PRO F 866 105.08 -118.59 -35.40
C PRO F 866 105.85 -118.42 -34.10
N HIS F 867 106.01 -117.17 -33.64
CA HIS F 867 106.80 -116.92 -32.44
C HIS F 867 106.03 -117.31 -31.19
N LEU F 868 104.71 -117.51 -31.32
CA LEU F 868 103.95 -118.15 -30.26
C LEU F 868 104.00 -119.67 -30.42
N GLU F 869 104.04 -120.14 -31.67
CA GLU F 869 104.09 -121.58 -31.92
C GLU F 869 105.34 -122.19 -31.32
N ARG F 870 106.49 -121.54 -31.51
CA ARG F 870 107.73 -122.07 -30.96
C ARG F 870 107.58 -122.35 -29.47
N ILE F 871 106.90 -121.44 -28.75
CA ILE F 871 106.73 -121.59 -27.31
C ILE F 871 105.72 -122.69 -27.01
N ARG F 872 104.65 -122.76 -27.79
CA ARG F 872 103.53 -123.67 -27.53
C ARG F 872 103.98 -125.01 -26.97
N GLU F 873 104.96 -125.64 -27.63
CA GLU F 873 105.47 -126.92 -27.14
C GLU F 873 106.02 -126.79 -25.72
N LYS F 874 107.05 -125.95 -25.54
CA LYS F 874 107.70 -125.83 -24.25
C LYS F 874 106.69 -125.52 -23.16
N LEU F 875 105.68 -124.71 -23.49
CA LEU F 875 104.61 -124.43 -22.53
C LEU F 875 103.87 -125.70 -22.15
N ALA F 876 103.58 -126.55 -23.15
CA ALA F 876 102.93 -127.83 -22.85
C ALA F 876 103.78 -128.66 -21.91
N GLU F 877 105.08 -128.77 -22.20
CA GLU F 877 105.96 -129.56 -21.33
C GLU F 877 106.00 -128.97 -19.92
N ASN F 878 106.09 -127.65 -19.81
CA ASN F 878 106.19 -127.04 -18.48
C ASN F 878 104.92 -127.29 -17.67
N ILE F 879 103.76 -127.12 -18.30
CA ILE F 879 102.51 -127.36 -17.58
C ILE F 879 102.41 -128.82 -17.18
N HIS F 880 102.89 -129.72 -18.04
CA HIS F 880 102.90 -131.14 -17.68
C HIS F 880 103.82 -131.40 -16.48
N GLU F 881 104.97 -130.76 -16.46
CA GLU F 881 105.88 -130.91 -15.32
C GLU F 881 105.19 -130.48 -14.04
N LEU F 882 104.54 -129.31 -14.06
CA LEU F 882 103.83 -128.84 -12.88
C LEU F 882 102.72 -129.80 -12.49
N TRP F 883 101.98 -130.31 -13.49
CA TRP F 883 100.86 -131.20 -13.22
C TRP F 883 101.34 -132.48 -12.54
N ALA F 884 102.42 -133.07 -13.07
CA ALA F 884 102.96 -134.27 -12.46
C ALA F 884 103.53 -133.98 -11.08
N LEU F 885 104.11 -132.80 -10.88
CA LEU F 885 104.60 -132.43 -9.57
C LEU F 885 103.45 -132.42 -8.56
N THR F 886 102.32 -131.81 -8.94
CA THR F 886 101.16 -131.79 -8.06
C THR F 886 100.64 -133.20 -7.81
N ARG F 887 100.61 -134.03 -8.86
CA ARG F 887 100.21 -135.43 -8.70
C ARG F 887 101.05 -136.13 -7.64
N ILE F 888 102.38 -136.04 -7.76
CA ILE F 888 103.24 -136.74 -6.82
C ILE F 888 103.12 -136.14 -5.42
N GLU F 889 102.96 -134.81 -5.33
CA GLU F 889 102.71 -134.19 -4.03
C GLU F 889 101.49 -134.80 -3.37
N GLN F 890 100.40 -134.90 -4.11
CA GLN F 890 99.19 -135.55 -3.59
C GLN F 890 99.38 -137.05 -3.40
N GLY F 891 100.46 -137.62 -3.93
CA GLY F 891 100.80 -139.02 -3.70
C GLY F 891 100.65 -139.92 -4.90
N TRP F 892 100.42 -139.38 -6.08
CA TRP F 892 100.26 -140.23 -7.26
C TRP F 892 101.54 -140.98 -7.56
N THR F 893 101.40 -142.27 -7.85
CA THR F 893 102.50 -143.11 -8.29
C THR F 893 102.29 -143.51 -9.75
N TYR F 894 103.37 -143.97 -10.37
CA TYR F 894 103.28 -144.38 -11.76
C TYR F 894 102.81 -145.82 -11.85
N GLY F 895 101.78 -146.06 -12.66
CA GLY F 895 101.28 -147.39 -12.91
C GLY F 895 100.55 -147.45 -14.24
N PRO F 896 100.50 -148.63 -14.84
CA PRO F 896 100.04 -148.73 -16.23
C PRO F 896 98.60 -148.29 -16.47
N VAL F 897 97.78 -148.27 -15.42
CA VAL F 897 96.34 -148.13 -15.58
C VAL F 897 95.81 -147.07 -14.62
N ARG F 898 94.58 -146.60 -14.91
CA ARG F 898 93.88 -145.61 -14.09
C ARG F 898 93.38 -146.20 -12.78
N ASP F 899 94.28 -146.41 -11.82
CA ASP F 899 93.89 -146.82 -10.47
C ASP F 899 94.09 -145.64 -9.52
N ASP F 900 93.05 -144.81 -9.43
CA ASP F 900 93.09 -143.69 -8.49
C ASP F 900 93.09 -144.18 -7.05
N ASN F 901 92.49 -145.35 -6.80
CA ASN F 901 92.49 -145.91 -5.46
C ASN F 901 93.91 -146.15 -4.96
N LYS F 902 94.76 -146.69 -5.81
CA LYS F 902 96.17 -146.89 -5.50
C LYS F 902 97.03 -145.73 -5.98
N ARG F 903 96.41 -144.68 -6.53
CA ARG F 903 97.10 -143.48 -6.95
C ARG F 903 98.07 -143.73 -8.11
N LEU F 904 97.82 -144.78 -8.88
CA LEU F 904 98.68 -145.11 -10.02
C LEU F 904 98.45 -144.14 -11.15
N HIS F 905 99.50 -143.88 -11.94
CA HIS F 905 99.46 -142.84 -12.96
C HIS F 905 100.40 -143.20 -14.11
N PRO F 906 99.94 -143.85 -15.17
CA PRO F 906 100.83 -144.15 -16.30
C PRO F 906 101.35 -142.90 -16.98
N CYS F 907 100.56 -141.83 -17.04
CA CYS F 907 100.98 -140.59 -17.68
C CYS F 907 101.97 -139.80 -16.83
N LEU F 908 102.33 -140.30 -15.65
CA LEU F 908 103.31 -139.63 -14.82
C LEU F 908 104.70 -139.63 -15.46
N VAL F 909 104.89 -140.42 -16.50
CA VAL F 909 106.15 -140.47 -17.23
C VAL F 909 106.39 -139.12 -17.90
N ASN F 910 107.61 -138.90 -18.38
CA ASN F 910 107.96 -137.62 -18.98
C ASN F 910 107.06 -137.29 -20.16
N PHE F 911 106.84 -135.98 -20.37
CA PHE F 911 106.08 -135.53 -21.53
C PHE F 911 106.64 -136.14 -22.82
N HIS F 912 107.96 -136.17 -22.95
CA HIS F 912 108.56 -136.81 -24.12
C HIS F 912 108.19 -138.28 -24.18
N SER F 913 108.15 -138.95 -23.03
CA SER F 913 107.73 -140.34 -22.95
C SER F 913 106.22 -140.51 -22.94
N LEU F 914 105.47 -139.43 -22.76
CA LEU F 914 104.01 -139.53 -22.73
C LEU F 914 103.51 -140.03 -24.08
N PRO F 915 102.41 -140.79 -24.11
CA PRO F 915 101.88 -141.26 -25.40
C PRO F 915 101.60 -140.11 -26.36
N GLU F 916 101.70 -140.37 -27.66
CA GLU F 916 101.54 -139.33 -28.66
C GLU F 916 100.17 -138.67 -28.62
N PRO F 917 99.06 -139.41 -28.58
CA PRO F 917 97.75 -138.73 -28.51
C PRO F 917 97.63 -137.80 -27.30
N GLU F 918 98.16 -138.20 -26.15
CA GLU F 918 98.04 -137.38 -24.95
C GLU F 918 98.95 -136.17 -25.01
N ARG F 919 100.18 -136.35 -25.49
CA ARG F 919 101.07 -135.20 -25.65
C ARG F 919 100.44 -134.19 -26.60
N ASN F 920 99.85 -134.68 -27.68
CA ASN F 920 99.17 -133.79 -28.62
CA ASN F 920 99.17 -133.79 -28.62
C ASN F 920 97.98 -133.11 -27.98
N TYR F 921 97.25 -133.84 -27.14
CA TYR F 921 96.07 -133.28 -26.50
C TYR F 921 96.48 -132.09 -25.61
N ASN F 922 97.56 -132.28 -24.85
CA ASN F 922 98.11 -131.18 -24.07
C ASN F 922 98.59 -130.05 -24.98
N LEU F 923 99.21 -130.40 -26.11
CA LEU F 923 99.68 -129.39 -27.04
C LEU F 923 98.53 -128.53 -27.52
N GLN F 924 97.39 -129.14 -27.82
CA GLN F 924 96.18 -128.36 -28.08
C GLN F 924 95.88 -127.44 -26.90
N MET F 925 95.57 -127.98 -25.71
CA MET F 925 95.15 -127.05 -24.65
C MET F 925 96.09 -125.86 -24.56
N SER F 926 97.38 -126.09 -24.76
CA SER F 926 98.30 -124.95 -24.81
C SER F 926 97.95 -124.00 -25.95
N GLY F 927 97.76 -124.56 -27.15
CA GLY F 927 97.46 -123.72 -28.30
C GLY F 927 96.19 -122.91 -28.10
N GLU F 928 95.18 -123.54 -27.53
CA GLU F 928 93.96 -122.81 -27.17
C GLU F 928 94.25 -121.71 -26.16
N THR F 929 95.15 -121.97 -25.21
CA THR F 929 95.49 -120.91 -24.25
C THR F 929 96.05 -119.69 -24.96
N LEU F 930 97.06 -119.89 -25.80
CA LEU F 930 97.63 -118.75 -26.52
C LEU F 930 96.62 -118.11 -27.47
N LYS F 931 95.81 -118.92 -28.14
CA LYS F 931 94.83 -118.37 -29.07
C LYS F 931 93.80 -117.54 -28.34
N THR F 932 93.39 -117.97 -27.15
CA THR F 932 92.47 -117.17 -26.33
C THR F 932 93.15 -115.88 -25.90
N LEU F 933 94.42 -115.96 -25.51
CA LEU F 933 95.16 -114.75 -25.20
C LEU F 933 95.06 -113.76 -26.35
N LEU F 934 95.25 -114.23 -27.56
CA LEU F 934 95.15 -113.36 -28.73
C LEU F 934 93.71 -112.85 -28.90
N ALA F 935 92.73 -113.74 -28.76
CA ALA F 935 91.34 -113.38 -29.05
C ALA F 935 90.84 -112.29 -28.11
N LEU F 936 91.20 -112.39 -26.83
CA LEU F 936 90.82 -111.35 -25.89
C LEU F 936 91.36 -109.99 -26.33
N GLY F 937 92.43 -109.98 -27.12
CA GLY F 937 93.07 -108.77 -27.59
C GLY F 937 94.43 -108.54 -26.98
N CYS F 938 94.90 -109.44 -26.12
CA CYS F 938 96.21 -109.27 -25.51
C CYS F 938 97.30 -109.20 -26.57
N HIS F 939 98.22 -108.27 -26.39
CA HIS F 939 99.40 -108.21 -27.24
C HIS F 939 100.54 -108.96 -26.59
N VAL F 940 101.06 -109.96 -27.30
CA VAL F 940 102.12 -110.82 -26.78
C VAL F 940 103.34 -110.66 -27.68
N GLY F 941 104.49 -110.38 -27.07
CA GLY F 941 105.69 -110.19 -27.87
C GLY F 941 106.95 -110.58 -27.16
N MET F 942 107.86 -111.18 -27.91
CA MET F 942 109.15 -111.55 -27.34
C MET F 942 109.88 -110.31 -26.84
N ALA F 943 110.46 -110.44 -25.64
CA ALA F 943 111.13 -109.30 -25.00
C ALA F 943 112.61 -109.55 -24.79
N ASP F 944 112.96 -110.68 -24.18
CA ASP F 944 114.34 -110.95 -23.81
C ASP F 944 114.63 -112.44 -23.93
N GLU F 945 115.49 -112.80 -24.90
CA GLU F 945 115.96 -114.18 -24.99
C GLU F 945 116.98 -114.48 -23.90
N LYS F 946 117.64 -113.44 -23.37
CA LYS F 946 118.57 -113.64 -22.28
C LYS F 946 117.86 -114.21 -21.05
N ALA F 947 116.66 -113.71 -20.75
CA ALA F 947 115.90 -114.26 -19.64
C ALA F 947 115.54 -115.72 -19.88
N GLU F 948 115.12 -116.04 -21.10
CA GLU F 948 114.82 -117.43 -21.44
C GLU F 948 116.04 -118.31 -21.18
N ASP F 949 117.21 -117.86 -21.61
CA ASP F 949 118.42 -118.63 -21.36
C ASP F 949 118.70 -118.77 -19.87
N ASN F 950 118.49 -117.68 -19.11
CA ASN F 950 118.77 -117.71 -17.68
C ASN F 950 117.84 -118.66 -16.96
N LEU F 951 116.62 -118.85 -17.46
CA LEU F 951 115.64 -119.69 -16.78
C LEU F 951 116.24 -121.06 -16.47
N LYS F 952 116.08 -121.49 -15.23
CA LYS F 952 116.66 -122.74 -14.74
C LYS F 952 115.56 -123.59 -14.12
N LYS F 953 115.56 -124.88 -14.46
CA LYS F 953 114.61 -125.81 -13.86
C LYS F 953 114.93 -126.00 -12.39
N THR F 954 113.88 -126.03 -11.56
CA THR F 954 114.07 -126.24 -10.13
C THR F 954 114.53 -127.66 -9.86
N LYS F 955 115.40 -127.81 -8.85
CA LYS F 955 115.85 -129.15 -8.47
C LYS F 955 114.69 -129.93 -7.88
N LEU F 956 114.66 -131.23 -8.16
CA LEU F 956 113.60 -132.11 -7.68
C LEU F 956 114.16 -133.11 -6.67
N PRO F 957 113.55 -133.24 -5.50
CA PRO F 957 114.04 -134.24 -4.54
C PRO F 957 114.04 -135.64 -5.13
N LYS F 958 115.05 -136.43 -4.77
CA LYS F 958 115.10 -137.82 -5.23
C LYS F 958 113.87 -138.58 -4.78
N THR F 959 113.29 -138.21 -3.64
CA THR F 959 112.07 -138.86 -3.18
C THR F 959 110.93 -138.67 -4.17
N TYR F 960 110.93 -137.55 -4.89
CA TYR F 960 109.87 -137.29 -5.85
C TYR F 960 109.90 -138.32 -6.99
N MET F 961 111.04 -138.98 -7.18
CA MET F 961 111.14 -140.05 -8.15
C MET F 961 110.14 -141.14 -7.85
N MET F 962 109.12 -141.29 -8.69
CA MET F 962 108.15 -142.35 -8.56
C MET F 962 108.58 -143.50 -9.47
N SER F 963 107.70 -144.51 -9.65
CA SER F 963 108.04 -145.61 -10.54
C SER F 963 108.09 -145.16 -12.00
N ASN F 964 107.72 -143.90 -12.27
CA ASN F 964 107.84 -143.33 -13.60
C ASN F 964 109.28 -143.35 -14.06
N GLY F 965 110.21 -143.30 -13.12
CA GLY F 965 111.61 -143.13 -13.44
C GLY F 965 111.87 -141.77 -14.04
N TYR F 966 111.17 -140.75 -13.52
CA TYR F 966 111.27 -139.39 -14.04
C TYR F 966 110.92 -138.39 -12.94
N LYS F 967 111.56 -137.22 -13.00
CA LYS F 967 111.29 -136.13 -12.07
C LYS F 967 110.68 -134.96 -12.84
N PRO F 968 109.42 -134.57 -12.59
CA PRO F 968 108.82 -133.48 -13.37
C PRO F 968 109.37 -132.12 -13.01
N ALA F 969 110.50 -131.76 -13.61
CA ALA F 969 111.16 -130.51 -13.27
C ALA F 969 110.38 -129.31 -13.77
N PRO F 970 109.93 -128.41 -12.89
CA PRO F 970 109.33 -127.16 -13.36
C PRO F 970 110.33 -126.02 -13.41
N LEU F 971 110.13 -125.07 -14.31
CA LEU F 971 111.00 -123.90 -14.36
C LEU F 971 110.69 -122.97 -13.19
N ASP F 972 111.69 -122.68 -12.36
CA ASP F 972 111.49 -121.78 -11.25
C ASP F 972 111.13 -120.39 -11.77
N LEU F 973 109.88 -119.98 -11.55
CA LEU F 973 109.40 -118.67 -11.96
C LEU F 973 109.21 -117.72 -10.80
N SER F 974 109.93 -117.94 -9.69
CA SER F 974 109.78 -117.09 -8.52
C SER F 974 110.01 -115.62 -8.86
N HIS F 975 110.97 -115.33 -9.74
CA HIS F 975 111.25 -113.95 -10.07
C HIS F 975 110.02 -113.27 -10.67
N VAL F 976 109.24 -114.02 -11.45
CA VAL F 976 108.13 -113.43 -12.18
C VAL F 976 107.06 -112.96 -11.21
N ARG F 977 106.62 -111.71 -11.38
CA ARG F 977 105.53 -111.14 -10.59
C ARG F 977 104.38 -110.80 -11.53
N LEU F 978 103.16 -111.10 -11.12
CA LEU F 978 101.99 -110.76 -11.92
C LEU F 978 101.46 -109.39 -11.52
N THR F 979 101.16 -108.56 -12.52
CA THR F 979 100.53 -107.29 -12.25
C THR F 979 99.03 -107.50 -11.97
N PRO F 980 98.37 -106.54 -11.32
CA PRO F 980 96.93 -106.67 -11.11
C PRO F 980 96.14 -106.84 -12.40
N ALA F 981 96.51 -106.10 -13.43
CA ALA F 981 95.87 -106.26 -14.73
C ALA F 981 96.11 -107.66 -15.27
N GLN F 982 97.32 -108.18 -15.09
CA GLN F 982 97.62 -109.54 -15.51
C GLN F 982 96.76 -110.54 -14.76
N THR F 983 96.52 -110.31 -13.47
CA THR F 983 95.68 -111.21 -12.69
C THR F 983 94.25 -111.19 -13.19
N THR F 984 93.73 -110.00 -13.49
CA THR F 984 92.40 -109.92 -14.09
C THR F 984 92.37 -110.67 -15.42
N LEU F 985 93.46 -110.56 -16.19
CA LEU F 985 93.54 -111.30 -17.44
C LEU F 985 93.48 -112.80 -17.20
N VAL F 986 94.17 -113.27 -16.16
CA VAL F 986 94.18 -114.69 -15.82
C VAL F 986 92.75 -115.11 -15.50
N ASP F 987 92.06 -114.28 -14.75
CA ASP F 987 90.64 -114.54 -14.46
C ASP F 987 89.87 -114.70 -15.77
N ARG F 988 90.10 -113.81 -16.73
CA ARG F 988 89.35 -113.85 -17.97
C ARG F 988 89.66 -115.11 -18.77
N LEU F 989 90.93 -115.51 -18.82
CA LEU F 989 91.29 -116.76 -19.48
C LEU F 989 90.60 -117.95 -18.83
N ALA F 990 90.61 -118.00 -17.50
CA ALA F 990 89.93 -119.12 -16.83
C ALA F 990 88.46 -119.13 -17.17
N GLU F 991 87.82 -117.96 -17.14
CA GLU F 991 86.40 -117.88 -17.47
C GLU F 991 86.14 -118.37 -18.88
N ASN F 992 86.95 -117.91 -19.84
CA ASN F 992 86.73 -118.30 -21.23
C ASN F 992 86.91 -119.79 -21.42
N GLY F 993 87.93 -120.37 -20.81
CA GLY F 993 88.17 -121.79 -20.93
C GLY F 993 87.00 -122.59 -20.37
N HIS F 994 86.55 -122.21 -19.17
CA HIS F 994 85.43 -122.93 -18.57
C HIS F 994 84.17 -122.80 -19.41
N ASN F 995 83.92 -121.61 -19.96
CA ASN F 995 82.74 -121.43 -20.79
C ASN F 995 82.82 -122.26 -22.06
N VAL F 996 84.00 -122.35 -22.66
CA VAL F 996 84.16 -123.20 -23.85
C VAL F 996 83.84 -124.65 -23.49
N TRP F 997 84.39 -125.11 -22.37
CA TRP F 997 84.13 -126.49 -21.95
C TRP F 997 82.64 -126.71 -21.72
N ALA F 998 81.99 -125.77 -21.05
CA ALA F 998 80.57 -125.91 -20.75
C ALA F 998 79.74 -125.93 -22.03
N ARG F 999 80.07 -125.07 -22.98
CA ARG F 999 79.35 -125.08 -24.25
C ARG F 999 79.51 -126.42 -24.93
N ASP F 1000 80.73 -126.96 -24.93
CA ASP F 1000 80.93 -128.27 -25.56
C ASP F 1000 80.09 -129.34 -24.88
N ARG F 1001 80.07 -129.36 -23.55
CA ARG F 1001 79.31 -130.38 -22.86
C ARG F 1001 77.82 -130.23 -23.11
N VAL F 1002 77.33 -128.99 -23.15
CA VAL F 1002 75.92 -128.76 -23.48
C VAL F 1002 75.61 -129.30 -24.86
N ALA F 1003 76.49 -129.02 -25.83
CA ALA F 1003 76.29 -129.57 -27.16
C ALA F 1003 76.22 -131.08 -27.12
N GLN F 1004 77.09 -131.71 -26.33
CA GLN F 1004 77.00 -133.16 -26.14
C GLN F 1004 75.65 -133.55 -25.57
N GLY F 1005 75.07 -132.69 -24.72
CA GLY F 1005 73.76 -132.95 -24.16
C GLY F 1005 73.76 -133.12 -22.66
N TRP F 1006 74.70 -132.45 -21.99
CA TRP F 1006 74.82 -132.50 -20.55
C TRP F 1006 74.02 -131.36 -19.92
N SER F 1007 73.82 -131.45 -18.61
CA SER F 1007 73.04 -130.44 -17.91
C SER F 1007 73.52 -130.35 -16.46
N TYR F 1008 73.15 -129.25 -15.81
CA TYR F 1008 73.56 -129.01 -14.44
C TYR F 1008 72.73 -129.84 -13.46
N SER F 1009 73.36 -130.15 -12.33
CA SER F 1009 72.68 -130.88 -11.25
C SER F 1009 73.53 -130.81 -9.99
N ALA F 1010 72.92 -130.45 -8.87
CA ALA F 1010 73.66 -130.32 -7.62
C ALA F 1010 74.34 -131.63 -7.26
N VAL F 1011 73.75 -132.76 -7.64
CA VAL F 1011 74.31 -134.08 -7.40
C VAL F 1011 74.77 -134.66 -8.73
N GLN F 1012 76.02 -135.08 -8.79
CA GLN F 1012 76.57 -135.61 -10.03
C GLN F 1012 75.89 -136.92 -10.42
N ASP F 1013 75.71 -137.09 -11.74
CA ASP F 1013 75.19 -138.34 -12.29
C ASP F 1013 75.80 -138.52 -13.67
N ILE F 1014 76.92 -139.26 -13.70
CA ILE F 1014 77.61 -139.48 -14.97
C ILE F 1014 76.74 -140.23 -15.97
N PRO F 1015 76.05 -141.30 -15.61
CA PRO F 1015 75.20 -141.98 -16.59
C PRO F 1015 74.15 -141.08 -17.20
N ALA F 1016 73.65 -140.10 -16.45
CA ALA F 1016 72.59 -139.22 -16.92
C ALA F 1016 73.13 -137.93 -17.53
N ARG F 1017 74.45 -137.79 -17.63
CA ARG F 1017 75.05 -136.57 -18.18
C ARG F 1017 74.61 -135.34 -17.40
N ARG F 1018 74.61 -135.46 -16.07
CA ARG F 1018 74.34 -134.36 -15.17
C ARG F 1018 75.59 -134.09 -14.37
N ASN F 1019 76.02 -132.83 -14.34
CA ASN F 1019 77.27 -132.47 -13.69
C ASN F 1019 77.05 -131.34 -12.68
N PRO F 1020 77.82 -131.28 -11.60
CA PRO F 1020 77.69 -130.16 -10.66
C PRO F 1020 78.47 -128.92 -11.06
N ARG F 1021 79.24 -128.98 -12.14
CA ARG F 1021 80.05 -127.85 -12.57
C ARG F 1021 79.56 -127.24 -13.87
N LEU F 1022 78.63 -127.90 -14.57
CA LEU F 1022 78.19 -127.44 -15.89
C LEU F 1022 77.29 -126.23 -15.73
N VAL F 1023 77.92 -125.12 -15.34
CA VAL F 1023 77.23 -123.84 -15.20
C VAL F 1023 78.20 -122.77 -15.68
N PRO F 1024 77.73 -121.63 -16.20
CA PRO F 1024 78.67 -120.60 -16.64
C PRO F 1024 79.59 -120.16 -15.52
N TYR F 1025 80.82 -119.82 -15.88
CA TYR F 1025 81.88 -119.61 -14.91
C TYR F 1025 81.48 -118.65 -13.79
N ARG F 1026 80.74 -117.59 -14.13
CA ARG F 1026 80.40 -116.59 -13.13
C ARG F 1026 79.63 -117.17 -11.97
N LEU F 1027 78.91 -118.27 -12.17
CA LEU F 1027 78.08 -118.87 -11.13
C LEU F 1027 78.78 -119.97 -10.36
N LEU F 1028 80.04 -120.25 -10.67
CA LEU F 1028 80.76 -121.32 -10.00
C LEU F 1028 81.17 -120.88 -8.59
N ASP F 1029 81.34 -121.87 -7.72
CA ASP F 1029 81.83 -121.60 -6.38
C ASP F 1029 83.32 -121.27 -6.40
N GLU F 1030 83.77 -120.50 -5.42
CA GLU F 1030 85.15 -120.03 -5.38
C GLU F 1030 86.13 -121.18 -5.50
N ALA F 1031 85.82 -122.32 -4.87
CA ALA F 1031 86.75 -123.44 -4.88
C ALA F 1031 87.19 -123.79 -6.30
N THR F 1032 86.23 -124.09 -7.17
CA THR F 1032 86.56 -124.46 -8.54
C THR F 1032 87.17 -123.29 -9.30
N LYS F 1033 86.67 -122.08 -9.04
CA LYS F 1033 87.19 -120.91 -9.75
C LYS F 1033 88.68 -120.75 -9.50
N ARG F 1034 89.10 -120.85 -8.24
CA ARG F 1034 90.53 -120.78 -7.95
C ARG F 1034 91.26 -122.02 -8.45
N SER F 1035 90.60 -123.18 -8.40
CA SER F 1035 91.22 -124.40 -8.91
C SER F 1035 91.61 -124.23 -10.37
N ASN F 1036 90.87 -123.42 -11.11
CA ASN F 1036 91.22 -123.16 -12.50
C ASN F 1036 92.20 -121.99 -12.61
N ARG F 1037 91.98 -120.93 -11.85
CA ARG F 1037 92.85 -119.77 -11.93
C ARG F 1037 94.28 -120.14 -11.61
N ASP F 1038 94.49 -121.15 -10.75
CA ASP F 1038 95.86 -121.53 -10.44
C ASP F 1038 96.59 -122.01 -11.69
N SER F 1039 95.98 -122.94 -12.43
CA SER F 1039 96.62 -123.44 -13.64
C SER F 1039 96.82 -122.31 -14.64
N LEU F 1040 95.81 -121.45 -14.82
CA LEU F 1040 95.96 -120.37 -15.78
C LEU F 1040 97.07 -119.41 -15.39
N CYS F 1041 97.16 -119.08 -14.09
CA CYS F 1041 98.19 -118.17 -13.62
C CYS F 1041 99.57 -118.79 -13.81
N GLN F 1042 99.70 -120.09 -13.56
CA GLN F 1042 100.97 -120.75 -13.80
C GLN F 1042 101.34 -120.71 -15.27
N ALA F 1043 100.35 -120.86 -16.16
CA ALA F 1043 100.63 -120.77 -17.59
C ALA F 1043 101.15 -119.40 -17.97
N VAL F 1044 100.48 -118.34 -17.51
CA VAL F 1044 100.93 -116.99 -17.85
C VAL F 1044 102.29 -116.72 -17.20
N ARG F 1045 102.53 -117.32 -16.03
CA ARG F 1045 103.84 -117.21 -15.41
C ARG F 1045 104.91 -117.82 -16.30
N THR F 1046 104.60 -118.98 -16.90
CA THR F 1046 105.55 -119.60 -17.82
C THR F 1046 105.83 -118.69 -19.00
N LEU F 1047 104.78 -118.09 -19.55
CA LEU F 1047 104.98 -117.14 -20.66
C LEU F 1047 105.92 -116.01 -20.24
N LEU F 1048 105.61 -115.36 -19.11
CA LEU F 1048 106.41 -114.23 -18.69
C LEU F 1048 107.86 -114.64 -18.42
N GLY F 1049 108.04 -115.81 -17.80
CA GLY F 1049 109.40 -116.29 -17.57
C GLY F 1049 110.15 -116.52 -18.86
N TYR F 1050 109.48 -117.09 -19.87
CA TYR F 1050 110.08 -117.17 -21.20
C TYR F 1050 110.25 -115.79 -21.83
N GLY F 1051 109.70 -114.75 -21.21
CA GLY F 1051 110.12 -113.40 -21.54
C GLY F 1051 109.23 -112.71 -22.55
N TYR F 1052 107.94 -112.66 -22.25
CA TYR F 1052 106.95 -112.14 -23.18
C TYR F 1052 106.25 -110.92 -22.56
N ASN F 1053 106.32 -109.80 -23.27
CA ASN F 1053 105.48 -108.67 -22.92
C ASN F 1053 104.04 -109.05 -23.19
N ILE F 1054 103.20 -108.91 -22.16
CA ILE F 1054 101.81 -109.33 -22.18
C ILE F 1054 100.97 -108.10 -21.88
N GLU F 1055 100.58 -107.37 -22.92
CA GLU F 1055 99.77 -106.18 -22.76
C GLU F 1055 98.31 -106.59 -22.76
N PRO F 1056 97.60 -106.44 -21.62
CA PRO F 1056 96.11 -106.59 -21.60
C PRO F 1056 95.45 -105.60 -22.54
N PRO F 1057 94.39 -106.02 -23.23
CA PRO F 1057 93.57 -105.06 -23.97
C PRO F 1057 93.27 -103.82 -23.15
N ASP F 1058 93.08 -102.69 -23.84
CA ASP F 1058 92.49 -101.53 -23.21
C ASP F 1058 91.07 -101.85 -22.79
N GLN F 1059 90.84 -101.93 -21.47
CA GLN F 1059 89.53 -102.31 -20.95
C GLN F 1059 88.59 -101.11 -21.09
N GLU F 1060 88.04 -100.96 -22.29
CA GLU F 1060 87.14 -99.85 -22.55
C GLU F 1060 85.92 -99.97 -21.62
N PRO F 1061 85.56 -98.91 -20.89
CA PRO F 1061 84.40 -99.01 -20.01
C PRO F 1061 83.14 -99.40 -20.78
N SER F 1062 82.36 -100.31 -20.20
CA SER F 1062 81.11 -100.79 -20.78
C SER F 1062 80.04 -100.73 -19.70
N GLN F 1063 79.38 -99.57 -19.60
CA GLN F 1063 78.33 -99.40 -18.60
C GLN F 1063 77.18 -100.35 -18.88
N VAL F 1064 76.94 -101.26 -17.93
CA VAL F 1064 75.93 -102.29 -18.14
C VAL F 1064 74.52 -101.70 -18.19
N ASP F 1065 74.26 -100.67 -17.40
CA ASP F 1065 72.96 -99.99 -17.31
C ASP F 1065 71.81 -100.96 -17.51
N SER F 1066 71.88 -102.08 -16.78
CA SER F 1066 70.86 -103.12 -16.91
C SER F 1066 69.50 -102.61 -16.47
N GLN F 1067 69.47 -101.60 -15.60
CA GLN F 1067 68.25 -101.09 -15.01
C GLN F 1067 68.18 -99.58 -15.13
N SER F 1068 66.95 -99.06 -15.03
CA SER F 1068 66.75 -97.62 -14.95
C SER F 1068 67.08 -97.13 -13.54
N ARG F 1069 68.13 -96.30 -13.42
CA ARG F 1069 68.59 -95.88 -12.10
C ARG F 1069 67.51 -95.12 -11.34
N GLY F 1070 66.80 -94.23 -12.03
CA GLY F 1070 65.75 -93.47 -11.36
C GLY F 1070 64.65 -94.36 -10.82
N ASP F 1071 64.34 -95.44 -11.52
CA ASP F 1071 63.27 -96.36 -11.14
C ASP F 1071 63.77 -97.54 -10.34
N ARG F 1072 65.09 -97.72 -10.20
CA ARG F 1072 65.60 -98.91 -9.56
C ARG F 1072 65.60 -98.81 -8.04
N ALA F 1073 66.39 -97.89 -7.49
CA ALA F 1073 66.49 -97.76 -6.04
C ALA F 1073 65.12 -97.47 -5.45
N ARG F 1074 64.77 -98.17 -4.36
CA ARG F 1074 63.48 -97.96 -3.73
C ARG F 1074 63.60 -96.86 -2.69
N ILE F 1075 62.68 -95.89 -2.75
CA ILE F 1075 62.65 -94.77 -1.85
C ILE F 1075 61.61 -95.04 -0.78
N PHE F 1076 62.00 -94.86 0.48
CA PHE F 1076 61.10 -94.93 1.63
C PHE F 1076 61.04 -93.56 2.27
N ARG F 1077 59.85 -93.01 2.42
CA ARG F 1077 59.68 -91.71 3.03
C ARG F 1077 58.59 -91.78 4.09
N ALA F 1078 58.61 -90.81 5.00
CA ALA F 1078 57.52 -90.69 5.95
C ALA F 1078 56.27 -90.18 5.23
N GLU F 1079 55.12 -90.47 5.80
CA GLU F 1079 53.86 -90.02 5.21
C GLU F 1079 53.80 -88.50 5.20
N LYS F 1080 53.10 -87.95 4.21
CA LYS F 1080 53.08 -86.50 4.04
C LYS F 1080 52.53 -85.79 5.27
N SER F 1081 51.61 -86.42 5.99
CA SER F 1081 50.99 -85.75 7.12
C SER F 1081 51.98 -85.47 8.25
N TYR F 1082 53.16 -86.10 8.22
CA TYR F 1082 54.18 -85.90 9.23
C TYR F 1082 55.15 -84.78 8.89
N ALA F 1083 54.92 -84.07 7.78
CA ALA F 1083 55.86 -83.03 7.38
C ALA F 1083 56.01 -81.98 8.46
N VAL F 1084 57.25 -81.61 8.76
CA VAL F 1084 57.57 -80.65 9.80
C VAL F 1084 57.92 -79.32 9.14
N GLN F 1085 57.34 -78.24 9.65
CA GLN F 1085 57.56 -76.91 9.10
C GLN F 1085 58.31 -75.99 10.05
N SER F 1086 58.68 -76.47 11.23
CA SER F 1086 59.44 -75.66 12.18
C SER F 1086 60.07 -76.58 13.20
N GLY F 1087 61.11 -76.07 13.85
CA GLY F 1087 61.78 -76.77 14.93
C GLY F 1087 63.09 -77.38 14.48
N ARG F 1088 63.64 -78.21 15.36
CA ARG F 1088 64.94 -78.85 15.15
C ARG F 1088 64.76 -80.34 15.36
N TRP F 1089 64.88 -81.11 14.28
CA TRP F 1089 64.51 -82.52 14.28
C TRP F 1089 65.70 -83.40 13.93
N TYR F 1090 65.71 -84.59 14.51
CA TYR F 1090 66.81 -85.53 14.40
C TYR F 1090 66.28 -86.93 14.13
N PHE F 1091 67.02 -87.71 13.34
CA PHE F 1091 66.72 -89.12 13.19
C PHE F 1091 67.97 -89.84 12.71
N GLU F 1092 67.95 -91.17 12.76
CA GLU F 1092 69.14 -91.96 12.48
C GLU F 1092 68.86 -92.99 11.40
N PHE F 1093 69.92 -93.39 10.71
CA PHE F 1093 69.84 -94.39 9.64
C PHE F 1093 71.11 -95.22 9.69
N GLU F 1094 70.98 -96.47 10.09
CA GLU F 1094 72.11 -97.39 10.13
C GLU F 1094 72.22 -98.10 8.79
N ALA F 1095 73.43 -98.17 8.26
CA ALA F 1095 73.67 -98.80 6.96
C ALA F 1095 74.13 -100.23 7.21
N VAL F 1096 73.21 -101.20 7.09
CA VAL F 1096 73.59 -102.59 7.31
C VAL F 1096 74.58 -103.04 6.24
N THR F 1097 74.34 -102.65 4.99
CA THR F 1097 75.27 -102.86 3.90
C THR F 1097 76.10 -101.60 3.70
N THR F 1098 76.96 -101.61 2.69
CA THR F 1098 77.89 -100.51 2.43
C THR F 1098 77.78 -99.99 1.00
N GLY F 1099 76.65 -100.21 0.35
CA GLY F 1099 76.48 -99.88 -1.04
C GLY F 1099 75.74 -98.58 -1.26
N GLU F 1100 75.04 -98.49 -2.38
CA GLU F 1100 74.35 -97.26 -2.78
C GLU F 1100 73.13 -97.05 -1.92
N MET F 1101 73.20 -96.08 -1.02
CA MET F 1101 72.07 -95.68 -0.21
C MET F 1101 72.16 -94.19 0.05
N ARG F 1102 71.02 -93.52 0.03
CA ARG F 1102 70.95 -92.09 0.29
C ARG F 1102 69.96 -91.85 1.42
N VAL F 1103 70.24 -90.86 2.26
CA VAL F 1103 69.39 -90.58 3.41
C VAL F 1103 69.34 -89.08 3.64
N GLY F 1104 68.16 -88.57 4.00
CA GLY F 1104 68.03 -87.14 4.25
C GLY F 1104 66.60 -86.67 4.36
N TRP F 1105 66.33 -85.46 3.85
CA TRP F 1105 65.03 -84.82 4.02
C TRP F 1105 64.43 -84.50 2.67
N ALA F 1106 63.15 -84.83 2.50
CA ALA F 1106 62.46 -84.64 1.23
C ALA F 1106 61.24 -83.76 1.43
N ARG F 1107 60.83 -83.11 0.36
CA ARG F 1107 59.60 -82.34 0.40
C ARG F 1107 58.40 -83.26 0.17
N PRO F 1108 57.22 -82.87 0.65
CA PRO F 1108 56.07 -83.77 0.53
C PRO F 1108 55.75 -84.17 -0.89
N GLU F 1109 56.03 -83.31 -1.87
CA GLU F 1109 55.72 -83.57 -3.27
C GLU F 1109 56.85 -84.31 -3.98
N LEU F 1110 57.69 -85.02 -3.22
CA LEU F 1110 58.77 -85.79 -3.83
C LEU F 1110 58.22 -86.79 -4.82
N ARG F 1111 58.85 -86.86 -5.98
CA ARG F 1111 58.40 -87.81 -7.00
C ARG F 1111 59.03 -89.17 -6.78
N PRO F 1112 58.35 -90.25 -7.19
CA PRO F 1112 58.89 -91.59 -6.95
C PRO F 1112 59.86 -92.08 -8.01
N ASP F 1113 59.82 -91.53 -9.21
CA ASP F 1113 60.65 -92.02 -10.31
C ASP F 1113 61.94 -91.25 -10.48
N VAL F 1114 62.16 -90.20 -9.72
CA VAL F 1114 63.40 -89.42 -9.80
C VAL F 1114 64.34 -89.86 -8.69
N GLU F 1115 65.64 -89.87 -8.99
CA GLU F 1115 66.64 -90.15 -7.97
C GLU F 1115 66.60 -89.09 -6.88
N LEU F 1116 66.86 -89.51 -5.65
CA LEU F 1116 66.88 -88.56 -4.55
C LEU F 1116 67.98 -87.53 -4.77
N GLY F 1117 67.61 -86.26 -4.68
CA GLY F 1117 68.56 -85.19 -4.82
C GLY F 1117 68.93 -84.83 -6.24
N ALA F 1118 68.42 -85.56 -7.23
CA ALA F 1118 68.59 -85.15 -8.62
C ALA F 1118 67.76 -83.94 -8.98
N ASP F 1119 66.77 -83.59 -8.15
CA ASP F 1119 65.96 -82.40 -8.34
C ASP F 1119 66.00 -81.57 -7.06
N ASP F 1120 65.15 -80.55 -6.99
CA ASP F 1120 65.15 -79.63 -5.84
C ASP F 1120 64.28 -80.13 -4.70
N LEU F 1121 63.71 -81.32 -4.80
CA LEU F 1121 62.75 -81.81 -3.82
C LEU F 1121 63.37 -82.65 -2.72
N ALA F 1122 64.69 -82.80 -2.68
CA ALA F 1122 65.30 -83.59 -1.63
C ALA F 1122 66.72 -83.13 -1.37
N TYR F 1123 67.09 -83.08 -0.10
CA TYR F 1123 68.45 -82.80 0.34
C TYR F 1123 68.92 -84.08 1.04
N VAL F 1124 69.82 -84.83 0.41
CA VAL F 1124 70.21 -86.13 0.94
C VAL F 1124 71.72 -86.27 0.93
N PHE F 1125 72.18 -87.30 1.64
CA PHE F 1125 73.59 -87.65 1.73
C PHE F 1125 73.73 -89.07 1.22
N ASN F 1126 74.63 -89.26 0.26
CA ASN F 1126 74.92 -90.57 -0.29
C ASN F 1126 76.34 -90.95 0.09
N GLY F 1127 76.48 -91.82 1.08
CA GLY F 1127 77.77 -92.13 1.65
C GLY F 1127 78.45 -93.36 1.12
N HIS F 1128 78.12 -93.83 -0.07
CA HIS F 1128 78.94 -94.87 -0.67
C HIS F 1128 80.25 -94.29 -1.17
N ARG F 1129 80.20 -93.08 -1.75
CA ARG F 1129 81.42 -92.32 -2.03
C ARG F 1129 81.48 -90.98 -1.30
N GLY F 1130 80.51 -90.66 -0.46
CA GLY F 1130 80.57 -89.43 0.30
C GLY F 1130 80.19 -88.19 -0.48
N GLN F 1131 78.91 -88.08 -0.84
CA GLN F 1131 78.41 -86.96 -1.62
C GLN F 1131 77.18 -86.37 -0.95
N ARG F 1132 76.94 -85.09 -1.17
CA ARG F 1132 75.66 -84.48 -0.87
C ARG F 1132 74.89 -84.35 -2.17
N TRP F 1133 73.57 -84.53 -2.11
CA TRP F 1133 72.74 -84.47 -3.29
C TRP F 1133 71.61 -83.47 -3.06
N HIS F 1134 71.58 -82.45 -3.91
CA HIS F 1134 70.43 -81.57 -4.09
C HIS F 1134 70.59 -80.84 -5.41
N LEU F 1135 69.69 -81.09 -6.36
CA LEU F 1135 69.83 -80.57 -7.71
C LEU F 1135 71.17 -80.96 -8.32
N GLY F 1136 71.69 -82.12 -7.93
CA GLY F 1136 72.98 -82.59 -8.38
C GLY F 1136 73.84 -83.02 -7.20
N SER F 1137 75.02 -83.53 -7.54
CA SER F 1137 75.93 -84.09 -6.56
C SER F 1137 77.08 -83.13 -6.27
N GLU F 1138 77.66 -83.30 -5.08
CA GLU F 1138 78.86 -82.58 -4.67
C GLU F 1138 79.60 -83.42 -3.64
N PRO F 1139 80.93 -83.47 -3.67
CA PRO F 1139 81.64 -84.22 -2.63
C PRO F 1139 81.34 -83.65 -1.25
N PHE F 1140 81.20 -84.54 -0.27
CA PHE F 1140 80.88 -84.13 1.08
C PHE F 1140 81.03 -85.31 2.01
N GLY F 1141 81.61 -85.08 3.18
CA GLY F 1141 81.75 -86.14 4.14
C GLY F 1141 82.68 -87.24 3.65
N ARG F 1142 82.57 -88.39 4.30
CA ARG F 1142 83.35 -89.57 3.99
C ARG F 1142 82.42 -90.77 3.86
N PRO F 1143 82.80 -91.79 3.10
CA PRO F 1143 81.95 -92.97 2.97
C PRO F 1143 81.84 -93.73 4.29
N TRP F 1144 80.67 -94.32 4.51
CA TRP F 1144 80.49 -95.18 5.67
C TRP F 1144 81.05 -96.57 5.43
N GLN F 1145 81.04 -97.36 6.51
CA GLN F 1145 81.30 -98.78 6.51
C GLN F 1145 80.11 -99.49 7.12
N SER F 1146 80.07 -100.81 6.97
CA SER F 1146 78.95 -101.58 7.49
C SER F 1146 78.78 -101.32 8.98
N GLY F 1147 77.54 -101.06 9.39
CA GLY F 1147 77.22 -100.80 10.78
C GLY F 1147 77.27 -99.34 11.17
N ASP F 1148 77.67 -98.46 10.27
CA ASP F 1148 77.73 -97.04 10.59
C ASP F 1148 76.34 -96.43 10.64
N VAL F 1149 76.16 -95.48 11.57
CA VAL F 1149 74.88 -94.83 11.81
C VAL F 1149 75.01 -93.38 11.39
N VAL F 1150 74.24 -92.97 10.38
CA VAL F 1150 74.19 -91.58 9.97
C VAL F 1150 73.06 -90.89 10.71
N GLY F 1151 73.39 -89.79 11.40
CA GLY F 1151 72.39 -88.97 12.05
C GLY F 1151 72.09 -87.75 11.19
N CYS F 1152 70.81 -87.60 10.85
CA CYS F 1152 70.33 -86.49 10.03
C CYS F 1152 69.59 -85.52 10.92
N MET F 1153 69.98 -84.25 10.85
CA MET F 1153 69.36 -83.18 11.61
C MET F 1153 68.91 -82.07 10.67
N ILE F 1154 67.71 -81.57 10.88
CA ILE F 1154 67.21 -80.41 10.16
C ILE F 1154 66.87 -79.33 11.18
N ASP F 1155 67.41 -78.15 10.98
CA ASP F 1155 67.18 -76.99 11.85
C ASP F 1155 66.43 -75.97 11.02
N LEU F 1156 65.11 -75.88 11.24
CA LEU F 1156 64.28 -74.98 10.46
C LEU F 1156 64.26 -73.56 11.01
N THR F 1157 64.79 -73.35 12.21
CA THR F 1157 65.01 -72.00 12.72
C THR F 1157 66.21 -71.35 12.05
N GLU F 1158 67.24 -72.14 11.74
CA GLU F 1158 68.40 -71.65 11.01
C GLU F 1158 68.36 -72.01 9.54
N ASN F 1159 67.42 -72.84 9.11
CA ASN F 1159 67.31 -73.26 7.72
C ASN F 1159 68.57 -73.99 7.27
N THR F 1160 68.93 -75.04 8.00
CA THR F 1160 70.13 -75.80 7.71
C THR F 1160 69.87 -77.29 7.88
N ILE F 1161 70.75 -78.09 7.29
CA ILE F 1161 70.71 -79.54 7.38
C ILE F 1161 72.12 -80.02 7.71
N ILE F 1162 72.23 -80.90 8.71
CA ILE F 1162 73.50 -81.40 9.19
C ILE F 1162 73.48 -82.92 9.19
N PHE F 1163 74.62 -83.51 8.84
CA PHE F 1163 74.79 -84.95 8.85
C PHE F 1163 75.96 -85.31 9.75
N THR F 1164 75.80 -86.36 10.53
CA THR F 1164 76.85 -86.89 11.38
C THR F 1164 77.06 -88.36 11.05
N LEU F 1165 78.30 -88.80 11.07
CA LEU F 1165 78.64 -90.20 10.86
C LEU F 1165 79.23 -90.74 12.16
N ASN F 1166 78.48 -91.62 12.82
CA ASN F 1166 78.90 -92.17 14.11
C ASN F 1166 79.15 -91.07 15.13
N GLY F 1167 78.34 -90.02 15.10
CA GLY F 1167 78.37 -88.98 16.10
C GLY F 1167 79.21 -87.78 15.72
N GLU F 1168 80.09 -87.92 14.75
CA GLU F 1168 80.97 -86.85 14.32
C GLU F 1168 80.34 -86.13 13.13
N VAL F 1169 80.24 -84.81 13.23
CA VAL F 1169 79.64 -84.04 12.15
C VAL F 1169 80.48 -84.21 10.89
N LEU F 1170 79.81 -84.43 9.76
CA LEU F 1170 80.49 -84.49 8.47
C LEU F 1170 80.66 -83.08 7.92
N MET F 1171 81.86 -82.76 7.48
CA MET F 1171 82.18 -81.44 6.98
C MET F 1171 82.39 -81.48 5.48
N SER F 1172 82.12 -80.35 4.84
CA SER F 1172 82.40 -80.20 3.42
C SER F 1172 83.91 -80.05 3.20
N ASP F 1173 84.30 -80.01 1.93
CA ASP F 1173 85.70 -79.72 1.61
C ASP F 1173 86.07 -78.33 2.09
N SER F 1174 85.16 -77.36 1.94
CA SER F 1174 85.40 -76.02 2.45
C SER F 1174 85.62 -76.02 3.96
N GLY F 1175 85.11 -77.03 4.66
CA GLY F 1175 85.19 -77.10 6.09
C GLY F 1175 83.94 -76.65 6.82
N SER F 1176 82.86 -76.33 6.10
CA SER F 1176 81.62 -75.94 6.74
C SER F 1176 81.00 -77.13 7.46
N GLU F 1177 80.42 -76.88 8.63
CA GLU F 1177 79.78 -77.95 9.39
C GLU F 1177 78.44 -78.33 8.76
N THR F 1178 77.67 -77.35 8.31
CA THR F 1178 76.38 -77.64 7.70
C THR F 1178 76.57 -78.28 6.33
N ALA F 1179 75.54 -79.02 5.89
CA ALA F 1179 75.55 -79.63 4.58
C ALA F 1179 74.76 -78.81 3.57
N PHE F 1180 73.66 -78.20 4.01
CA PHE F 1180 72.86 -77.34 3.17
C PHE F 1180 72.45 -76.11 3.97
N ARG F 1181 72.27 -74.98 3.28
CA ARG F 1181 71.93 -73.72 3.92
C ARG F 1181 70.87 -72.99 3.10
N ASP F 1182 70.30 -71.95 3.69
CA ASP F 1182 69.35 -71.09 3.02
C ASP F 1182 68.19 -71.90 2.44
N ILE F 1183 67.69 -72.83 3.25
CA ILE F 1183 66.65 -73.75 2.83
C ILE F 1183 65.29 -73.06 3.02
N GLU F 1184 64.50 -73.03 1.97
CA GLU F 1184 63.14 -72.51 2.07
C GLU F 1184 62.23 -73.55 2.71
N ILE F 1185 61.45 -73.12 3.71
CA ILE F 1185 60.61 -74.07 4.43
C ILE F 1185 59.57 -74.69 3.50
N GLY F 1186 58.89 -73.87 2.72
CA GLY F 1186 57.88 -74.40 1.84
C GLY F 1186 56.80 -75.13 2.61
N ASP F 1187 56.50 -76.35 2.18
CA ASP F 1187 55.45 -77.16 2.79
C ASP F 1187 55.97 -78.09 3.87
N GLY F 1188 57.25 -78.03 4.21
CA GLY F 1188 57.83 -78.87 5.24
C GLY F 1188 58.75 -79.93 4.68
N PHE F 1189 59.22 -80.78 5.58
CA PHE F 1189 60.18 -81.82 5.23
C PHE F 1189 59.81 -83.13 5.90
N LEU F 1190 60.25 -84.21 5.29
CA LEU F 1190 59.96 -85.57 5.72
C LEU F 1190 61.25 -86.37 5.73
N PRO F 1191 61.43 -87.27 6.69
CA PRO F 1191 62.55 -88.22 6.58
C PRO F 1191 62.39 -89.07 5.33
N VAL F 1192 63.51 -89.26 4.63
CA VAL F 1192 63.52 -90.01 3.39
C VAL F 1192 64.83 -90.77 3.27
N CYS F 1193 64.77 -91.92 2.63
CA CYS F 1193 65.94 -92.70 2.31
C CYS F 1193 65.67 -93.45 1.02
N SER F 1194 66.74 -93.89 0.36
CA SER F 1194 66.63 -94.71 -0.85
C SER F 1194 67.72 -95.76 -0.79
N LEU F 1195 67.35 -96.99 -1.10
CA LEU F 1195 68.26 -98.12 -1.09
C LEU F 1195 68.36 -98.67 -2.50
N GLY F 1196 69.58 -98.88 -2.99
CA GLY F 1196 69.79 -99.49 -4.28
C GLY F 1196 69.65 -100.99 -4.19
N PRO F 1197 69.81 -101.68 -5.30
CA PRO F 1197 69.62 -103.13 -5.30
C PRO F 1197 70.57 -103.82 -4.33
N GLY F 1198 70.01 -104.73 -3.54
CA GLY F 1198 70.81 -105.51 -2.61
C GLY F 1198 71.28 -104.77 -1.38
N GLN F 1199 70.66 -103.64 -1.05
CA GLN F 1199 71.08 -102.81 0.08
C GLN F 1199 70.09 -102.94 1.22
N VAL F 1200 70.57 -102.75 2.44
CA VAL F 1200 69.76 -102.87 3.65
C VAL F 1200 70.06 -101.72 4.58
N GLY F 1201 69.01 -101.04 5.03
CA GLY F 1201 69.16 -99.96 5.98
C GLY F 1201 68.21 -100.16 7.14
N HIS F 1202 68.44 -99.38 8.19
CA HIS F 1202 67.59 -99.37 9.37
C HIS F 1202 67.30 -97.93 9.74
N LEU F 1203 66.06 -97.50 9.53
CA LEU F 1203 65.64 -96.12 9.80
C LEU F 1203 65.06 -96.06 11.21
N ASN F 1204 65.71 -95.30 12.08
CA ASN F 1204 65.24 -95.09 13.45
C ASN F 1204 64.78 -93.65 13.57
N LEU F 1205 63.47 -93.45 13.67
CA LEU F 1205 62.92 -92.12 13.79
C LEU F 1205 62.85 -91.66 15.24
N GLY F 1206 63.29 -92.48 16.18
CA GLY F 1206 63.45 -92.05 17.55
C GLY F 1206 62.24 -92.13 18.43
N GLN F 1207 61.25 -92.98 18.09
CA GLN F 1207 60.09 -93.11 18.96
C GLN F 1207 60.51 -93.60 20.34
N ASP F 1208 61.44 -94.55 20.39
CA ASP F 1208 62.05 -94.99 21.63
C ASP F 1208 63.41 -94.29 21.72
N VAL F 1209 63.45 -93.19 22.46
CA VAL F 1209 64.65 -92.35 22.48
C VAL F 1209 65.87 -93.13 22.95
N SER F 1210 65.67 -94.21 23.70
CA SER F 1210 66.81 -95.01 24.14
C SER F 1210 67.41 -95.82 23.00
N SER F 1211 66.61 -96.11 21.97
CA SER F 1211 67.12 -96.90 20.85
C SER F 1211 68.15 -96.11 20.03
N LEU F 1212 68.02 -94.79 19.99
CA LEU F 1212 68.99 -93.97 19.28
C LEU F 1212 70.39 -94.19 19.85
N ARG F 1213 71.37 -94.31 18.96
CA ARG F 1213 72.72 -94.71 19.35
C ARG F 1213 73.68 -93.54 19.48
N PHE F 1214 73.41 -92.41 18.82
CA PHE F 1214 74.31 -91.27 18.89
C PHE F 1214 73.57 -89.96 19.14
N PHE F 1215 72.31 -90.01 19.56
CA PHE F 1215 71.58 -88.78 19.83
C PHE F 1215 72.22 -87.98 20.95
N ALA F 1216 72.64 -88.66 22.01
CA ALA F 1216 73.29 -87.97 23.12
C ALA F 1216 74.61 -87.37 22.69
N ILE F 1217 75.36 -88.08 21.85
CA ILE F 1217 76.70 -87.64 21.47
C ILE F 1217 76.62 -86.34 20.67
N CYS F 1218 75.62 -86.22 19.81
CA CYS F 1218 75.49 -85.02 18.97
C CYS F 1218 74.03 -84.80 18.65
N GLY F 1219 73.46 -83.72 19.16
CA GLY F 1219 72.11 -83.31 18.83
C GLY F 1219 71.27 -83.06 20.07
N LEU F 1220 71.46 -83.87 21.10
CA LEU F 1220 70.69 -83.71 22.33
C LEU F 1220 70.98 -82.36 22.96
N GLN F 1221 72.26 -82.04 23.17
CA GLN F 1221 72.63 -80.78 23.76
C GLN F 1221 72.48 -79.61 22.79
N GLU F 1222 72.58 -79.86 21.49
CA GLU F 1222 72.32 -78.84 20.49
C GLU F 1222 70.84 -78.52 20.37
N GLY F 1223 69.98 -79.33 20.97
CA GLY F 1223 68.57 -79.00 21.04
C GLY F 1223 67.73 -79.59 19.94
N PHE F 1224 68.17 -80.70 19.34
CA PHE F 1224 67.41 -81.38 18.31
C PHE F 1224 66.55 -82.45 18.96
N GLU F 1225 65.33 -82.61 18.44
CA GLU F 1225 64.36 -83.53 19.01
C GLU F 1225 64.16 -84.70 18.07
N PRO F 1226 64.10 -85.93 18.58
CA PRO F 1226 63.85 -87.07 17.69
C PRO F 1226 62.55 -86.87 16.92
N PHE F 1227 62.55 -87.31 15.67
CA PHE F 1227 61.45 -86.96 14.77
C PHE F 1227 60.12 -87.48 15.31
N ALA F 1228 60.11 -88.65 15.93
CA ALA F 1228 58.88 -89.27 16.39
C ALA F 1228 58.86 -89.40 17.90
N ILE F 1229 59.29 -88.36 18.62
CA ILE F 1229 59.55 -88.48 20.04
C ILE F 1229 58.26 -88.77 20.81
N ASN F 1230 57.19 -88.05 20.48
CA ASN F 1230 55.97 -88.13 21.29
C ASN F 1230 54.79 -88.62 20.47
N MET F 1231 54.97 -89.68 19.71
CA MET F 1231 53.91 -90.28 18.92
C MET F 1231 53.55 -91.62 19.52
N GLN F 1232 52.25 -91.82 19.76
CA GLN F 1232 51.79 -93.07 20.38
C GLN F 1232 52.12 -94.28 19.51
N ARG F 1233 52.12 -94.09 18.20
CA ARG F 1233 52.21 -95.19 17.27
C ARG F 1233 53.38 -94.99 16.31
N PRO F 1234 53.95 -96.05 15.77
CA PRO F 1234 55.06 -95.90 14.82
C PRO F 1234 54.64 -95.06 13.62
N VAL F 1235 55.60 -94.33 13.08
CA VAL F 1235 55.33 -93.44 11.95
C VAL F 1235 55.05 -94.29 10.72
N THR F 1236 53.98 -93.96 9.99
CA THR F 1236 53.68 -94.65 8.75
C THR F 1236 54.66 -94.22 7.67
N THR F 1237 55.00 -95.15 6.79
CA THR F 1237 55.93 -94.87 5.70
C THR F 1237 55.29 -95.28 4.37
N TRP F 1238 55.77 -94.63 3.31
CA TRP F 1238 55.41 -94.97 1.96
C TRP F 1238 56.68 -95.31 1.19
N PHE F 1239 56.55 -96.15 0.18
CA PHE F 1239 57.70 -96.56 -0.61
C PHE F 1239 57.36 -96.48 -2.09
N SER F 1240 58.39 -96.33 -2.89
CA SER F 1240 58.26 -96.21 -4.34
C SER F 1240 58.12 -97.61 -4.93
N LYS F 1241 56.88 -98.03 -5.16
CA LYS F 1241 56.57 -99.32 -5.76
C LYS F 1241 56.83 -99.27 -7.26
N SER F 1242 57.61 -100.22 -7.75
CA SER F 1242 57.94 -100.32 -9.17
C SER F 1242 56.99 -101.24 -9.91
N LEU F 1243 55.69 -101.01 -9.78
CA LEU F 1243 54.70 -101.73 -10.55
C LEU F 1243 54.05 -100.75 -11.51
N PRO F 1244 54.31 -100.83 -12.81
CA PRO F 1244 53.77 -99.83 -13.73
C PRO F 1244 52.25 -99.74 -13.63
N GLN F 1245 51.73 -98.52 -13.63
CA GLN F 1245 50.29 -98.29 -13.50
C GLN F 1245 49.86 -97.20 -14.45
N PHE F 1246 48.62 -97.28 -14.92
CA PHE F 1246 48.11 -96.30 -15.86
C PHE F 1246 47.57 -95.10 -15.11
N GLU F 1247 48.04 -93.91 -15.48
CA GLU F 1247 47.60 -92.67 -14.87
C GLU F 1247 47.33 -91.65 -15.96
N PRO F 1248 46.44 -90.68 -15.70
CA PRO F 1248 46.13 -89.69 -16.73
C PRO F 1248 47.38 -88.92 -17.16
N VAL F 1249 47.43 -88.59 -18.44
CA VAL F 1249 48.57 -87.83 -18.97
C VAL F 1249 48.58 -86.48 -18.28
N PRO F 1250 49.66 -86.10 -17.59
CA PRO F 1250 49.66 -84.80 -16.91
C PRO F 1250 49.44 -83.66 -17.89
N LEU F 1251 48.65 -82.67 -17.46
CA LEU F 1251 48.34 -81.53 -18.31
C LEU F 1251 49.55 -80.67 -18.60
N GLU F 1252 50.65 -80.84 -17.87
CA GLU F 1252 51.87 -80.07 -18.07
C GLU F 1252 53.06 -80.94 -18.41
N HIS F 1253 52.82 -82.12 -18.97
CA HIS F 1253 53.89 -83.04 -19.27
C HIS F 1253 54.87 -82.38 -20.24
N PRO F 1254 56.18 -82.43 -19.98
CA PRO F 1254 57.12 -81.70 -20.84
C PRO F 1254 57.15 -82.16 -22.29
N HIS F 1255 56.72 -83.39 -22.58
CA HIS F 1255 56.89 -83.96 -23.91
C HIS F 1255 55.59 -84.34 -24.60
N TYR F 1256 54.58 -84.80 -23.87
CA TYR F 1256 53.37 -85.35 -24.47
C TYR F 1256 52.19 -84.42 -24.22
N GLU F 1257 51.42 -84.18 -25.27
CA GLU F 1257 50.24 -83.33 -25.19
C GLU F 1257 49.07 -84.06 -25.83
N VAL F 1258 47.92 -84.02 -25.17
CA VAL F 1258 46.71 -84.68 -25.65
C VAL F 1258 45.65 -83.60 -25.90
N ALA F 1259 45.07 -83.61 -27.09
CA ALA F 1259 44.06 -82.64 -27.48
C ALA F 1259 42.73 -83.35 -27.68
N ARG F 1260 41.68 -82.81 -27.06
CA ARG F 1260 40.33 -83.36 -27.19
C ARG F 1260 39.67 -82.68 -28.37
N MET F 1261 39.67 -83.34 -29.52
CA MET F 1261 39.12 -82.77 -30.74
C MET F 1261 37.63 -83.04 -30.82
N ASP F 1262 36.85 -81.99 -31.04
CA ASP F 1262 35.40 -82.15 -31.15
C ASP F 1262 35.03 -82.81 -32.47
N GLY F 1263 33.88 -83.46 -32.48
CA GLY F 1263 33.38 -84.06 -33.70
C GLY F 1263 32.84 -83.01 -34.65
N THR F 1264 32.96 -83.30 -35.94
CA THR F 1264 32.46 -82.43 -36.99
C THR F 1264 31.49 -83.21 -37.87
N VAL F 1265 31.05 -82.57 -38.96
CA VAL F 1265 30.13 -83.23 -39.88
C VAL F 1265 30.77 -84.43 -40.55
N ASP F 1266 32.09 -84.42 -40.74
CA ASP F 1266 32.78 -85.49 -41.43
C ASP F 1266 33.74 -86.29 -40.57
N THR F 1267 34.10 -85.81 -39.38
CA THR F 1267 34.96 -86.56 -38.49
C THR F 1267 34.27 -86.80 -37.14
N PRO F 1268 34.61 -87.87 -36.45
CA PRO F 1268 34.04 -88.13 -35.14
C PRO F 1268 34.84 -87.45 -34.05
N PRO F 1269 34.46 -87.62 -32.79
CA PRO F 1269 35.32 -87.14 -31.70
C PRO F 1269 36.66 -87.85 -31.72
N CYS F 1270 37.71 -87.13 -31.33
CA CYS F 1270 39.05 -87.67 -31.36
C CYS F 1270 39.86 -87.19 -30.16
N LEU F 1271 40.84 -88.01 -29.78
CA LEU F 1271 41.84 -87.68 -28.78
C LEU F 1271 43.20 -87.82 -29.46
N ARG F 1272 43.85 -86.70 -29.75
CA ARG F 1272 45.06 -86.69 -30.55
C ARG F 1272 46.28 -86.54 -29.64
N LEU F 1273 47.35 -87.26 -29.96
CA LEU F 1273 48.60 -87.16 -29.23
C LEU F 1273 49.65 -86.46 -30.09
N THR F 1274 50.40 -85.56 -29.47
CA THR F 1274 51.47 -84.84 -30.14
C THR F 1274 52.70 -84.82 -29.24
N HIS F 1275 53.87 -84.76 -29.87
CA HIS F 1275 55.14 -84.73 -29.17
C HIS F 1275 55.66 -83.29 -29.20
N ARG F 1276 55.58 -82.61 -28.05
CA ARG F 1276 55.94 -81.20 -28.04
C ARG F 1276 57.41 -80.97 -28.37
N THR F 1277 58.29 -81.77 -27.78
CA THR F 1277 59.73 -81.55 -27.88
C THR F 1277 60.37 -82.37 -28.99
N TRP F 1278 59.60 -82.76 -30.00
CA TRP F 1278 60.17 -83.55 -31.09
C TRP F 1278 61.18 -82.73 -31.88
N GLY F 1279 62.21 -83.42 -32.37
CA GLY F 1279 63.20 -82.80 -33.22
C GLY F 1279 63.92 -81.65 -32.56
N SER F 1280 64.36 -81.85 -31.32
CA SER F 1280 65.11 -80.82 -30.61
C SER F 1280 65.96 -81.50 -29.54
N GLN F 1281 66.95 -80.76 -29.05
CA GLN F 1281 67.74 -81.25 -27.93
C GLN F 1281 66.88 -81.32 -26.68
N ASN F 1282 67.07 -82.37 -25.90
CA ASN F 1282 66.32 -82.81 -24.73
C ASN F 1282 65.08 -83.62 -25.12
N SER F 1283 64.84 -83.83 -26.42
CA SER F 1283 63.69 -84.61 -26.83
C SER F 1283 63.75 -86.01 -26.22
N LEU F 1284 62.61 -86.50 -25.75
CA LEU F 1284 62.49 -87.82 -25.16
C LEU F 1284 61.79 -88.73 -26.15
N VAL F 1285 62.50 -89.78 -26.59
CA VAL F 1285 61.94 -90.74 -27.54
C VAL F 1285 62.05 -92.13 -26.94
N GLU F 1286 60.93 -92.65 -26.44
CA GLU F 1286 60.87 -93.97 -25.84
C GLU F 1286 59.47 -94.52 -26.00
N MET F 1287 59.31 -95.82 -25.71
CA MET F 1287 58.01 -96.45 -25.82
C MET F 1287 56.98 -95.72 -24.95
N LEU F 1288 55.79 -95.56 -25.50
CA LEU F 1288 54.68 -94.92 -24.83
C LEU F 1288 53.50 -95.88 -24.85
N PHE F 1289 52.96 -96.20 -23.68
CA PHE F 1289 51.85 -97.12 -23.53
C PHE F 1289 50.63 -96.33 -23.10
N LEU F 1290 49.64 -96.23 -23.97
CA LEU F 1290 48.45 -95.43 -23.72
C LEU F 1290 47.22 -96.33 -23.69
N ARG F 1291 46.27 -95.97 -22.83
CA ARG F 1291 44.96 -96.58 -22.86
C ARG F 1291 43.91 -95.51 -22.63
N LEU F 1292 42.66 -95.90 -22.73
CA LEU F 1292 41.56 -95.00 -22.42
C LEU F 1292 41.03 -95.29 -21.02
N SER F 1293 40.56 -94.24 -20.35
CA SER F 1293 40.27 -94.35 -18.92
C SER F 1293 39.17 -95.36 -18.64
N LEU F 1294 38.26 -95.61 -19.58
CA LEU F 1294 37.12 -96.45 -19.30
C LEU F 1294 37.15 -97.73 -20.12
N PRO F 1295 36.74 -98.86 -19.54
CA PRO F 1295 36.71 -100.11 -20.30
C PRO F 1295 35.35 -100.44 -20.91
N VAL F 1296 35.34 -101.35 -21.88
CA VAL F 1296 34.12 -102.00 -22.33
C VAL F 1296 34.10 -103.40 -21.74
N GLN F 1297 32.94 -103.80 -21.24
CA GLN F 1297 32.80 -105.06 -20.52
C GLN F 1297 31.91 -106.01 -21.30
N PHE F 1298 32.38 -107.22 -21.52
CA PHE F 1298 31.63 -108.20 -22.27
C PHE F 1298 30.46 -108.74 -21.43
N HIS F 1299 29.44 -109.23 -22.11
CA HIS F 1299 28.22 -109.65 -21.44
C HIS F 1299 28.48 -110.85 -20.54
N GLN F 1300 27.60 -111.02 -19.55
CA GLN F 1300 27.71 -112.15 -18.65
C GLN F 1300 27.51 -113.47 -19.36
N HIS F 1301 26.57 -113.53 -20.29
CA HIS F 1301 26.28 -114.74 -21.05
C HIS F 1301 26.40 -114.43 -22.54
N PHE F 1302 27.07 -115.33 -23.26
CA PHE F 1302 27.24 -115.17 -24.70
C PHE F 1302 26.11 -115.89 -25.42
N ARG F 1303 25.62 -115.27 -26.50
CA ARG F 1303 24.51 -115.84 -27.25
C ARG F 1303 24.86 -117.24 -27.72
N CYS F 1304 23.91 -118.16 -27.60
CA CYS F 1304 24.16 -119.55 -27.96
C CYS F 1304 24.46 -119.66 -29.44
N THR F 1305 25.70 -120.03 -29.76
CA THR F 1305 26.13 -120.20 -31.14
C THR F 1305 25.80 -118.96 -31.97
N ASP F 1420 22.12 -96.29 -48.83
CA ASP F 1420 23.56 -96.08 -48.86
C ASP F 1420 24.04 -95.45 -47.57
N ASN F 1421 24.94 -96.16 -46.88
CA ASN F 1421 25.61 -95.72 -45.65
C ASN F 1421 24.71 -94.88 -44.73
N ARG F 1422 23.49 -95.35 -44.49
CA ARG F 1422 22.71 -94.96 -43.31
C ARG F 1422 22.41 -96.21 -42.50
N ASP F 1423 22.51 -96.08 -41.18
CA ASP F 1423 22.27 -97.21 -40.30
C ASP F 1423 20.83 -97.69 -40.42
N ASP F 1424 20.64 -98.99 -40.52
CA ASP F 1424 19.31 -99.56 -40.50
C ASP F 1424 18.79 -99.58 -39.08
N PRO F 1425 17.69 -98.89 -38.76
CA PRO F 1425 17.31 -98.70 -37.35
C PRO F 1425 17.30 -99.97 -36.51
N GLU F 1426 16.66 -101.03 -36.98
CA GLU F 1426 16.59 -102.24 -36.17
C GLU F 1426 17.97 -102.86 -35.98
N ILE F 1427 18.79 -102.88 -37.03
CA ILE F 1427 20.13 -103.45 -36.91
C ILE F 1427 20.95 -102.66 -35.91
N ILE F 1428 20.94 -101.32 -36.03
CA ILE F 1428 21.75 -100.50 -35.16
C ILE F 1428 21.23 -100.53 -33.72
N LEU F 1429 19.94 -100.77 -33.51
CA LEU F 1429 19.37 -100.80 -32.18
C LEU F 1429 19.40 -102.19 -31.55
N ASN F 1430 19.72 -103.23 -32.32
CA ASN F 1430 19.87 -104.57 -31.77
C ASN F 1430 21.28 -105.13 -31.93
N THR F 1431 22.23 -104.32 -32.40
CA THR F 1431 23.60 -104.78 -32.57
C THR F 1431 24.34 -104.76 -31.24
N THR F 1432 25.26 -105.70 -31.07
CA THR F 1432 26.13 -105.76 -29.90
C THR F 1432 27.60 -105.59 -30.30
N THR F 1433 27.85 -105.05 -31.48
CA THR F 1433 29.20 -104.84 -31.98
C THR F 1433 29.55 -103.36 -31.85
N TYR F 1434 30.75 -103.10 -31.32
CA TYR F 1434 31.22 -101.75 -31.08
C TYR F 1434 32.58 -101.56 -31.73
N TYR F 1435 32.91 -100.31 -32.05
CA TYR F 1435 34.01 -99.99 -32.93
C TYR F 1435 34.77 -98.78 -32.42
N TYR F 1436 36.07 -98.76 -32.65
CA TYR F 1436 36.83 -97.53 -32.50
C TYR F 1436 38.07 -97.64 -33.37
N SER F 1437 38.58 -96.51 -33.86
CA SER F 1437 39.72 -96.55 -34.76
C SER F 1437 40.88 -95.76 -34.17
N VAL F 1438 42.06 -96.04 -34.69
CA VAL F 1438 43.27 -95.30 -34.37
C VAL F 1438 43.88 -94.83 -35.68
N ARG F 1439 44.06 -93.52 -35.81
CA ARG F 1439 44.72 -92.94 -36.97
C ARG F 1439 46.18 -92.69 -36.61
N VAL F 1440 47.08 -93.44 -37.24
CA VAL F 1440 48.51 -93.21 -37.15
C VAL F 1440 48.86 -92.18 -38.21
N PHE F 1441 49.33 -91.01 -37.79
CA PHE F 1441 49.54 -89.92 -38.73
C PHE F 1441 50.72 -90.21 -39.65
N ALA F 1442 50.63 -89.69 -40.87
CA ALA F 1442 51.75 -89.83 -41.81
C ALA F 1442 53.00 -89.20 -41.22
N GLY F 1443 54.10 -89.94 -41.31
CA GLY F 1443 55.35 -89.59 -40.66
C GLY F 1443 55.62 -90.42 -39.42
N GLN F 1444 54.58 -90.89 -38.76
CA GLN F 1444 54.70 -91.88 -37.69
C GLN F 1444 54.80 -93.25 -38.34
N GLU F 1445 55.94 -93.90 -38.18
CA GLU F 1445 56.15 -95.18 -38.83
C GLU F 1445 55.14 -96.18 -38.31
N PRO F 1446 54.35 -96.83 -39.17
CA PRO F 1446 53.43 -97.87 -38.68
C PRO F 1446 54.14 -99.03 -38.01
N SER F 1447 55.41 -99.26 -38.33
CA SER F 1447 56.15 -100.35 -37.70
C SER F 1447 56.39 -100.12 -36.23
N CYS F 1448 56.13 -98.92 -35.72
CA CYS F 1448 56.36 -98.57 -34.32
C CYS F 1448 55.06 -98.37 -33.56
N VAL F 1449 53.96 -98.96 -34.03
CA VAL F 1449 52.65 -98.77 -33.42
C VAL F 1449 51.98 -100.13 -33.24
N TRP F 1450 51.38 -100.33 -32.08
CA TRP F 1450 50.54 -101.50 -31.80
C TRP F 1450 49.19 -100.99 -31.32
N VAL F 1451 48.12 -101.48 -31.91
CA VAL F 1451 46.77 -101.01 -31.63
C VAL F 1451 45.92 -102.19 -31.20
N GLY F 1452 45.07 -101.96 -30.20
CA GLY F 1452 44.19 -103.00 -29.73
C GLY F 1452 43.59 -102.74 -28.36
N TRP F 1453 43.63 -103.73 -27.49
CA TRP F 1453 43.00 -103.64 -26.18
C TRP F 1453 43.94 -104.22 -25.13
N VAL F 1454 43.74 -103.78 -23.89
CA VAL F 1454 44.43 -104.34 -22.73
C VAL F 1454 43.39 -104.65 -21.66
N THR F 1455 43.70 -105.63 -20.83
CA THR F 1455 42.88 -105.95 -19.67
C THR F 1455 43.35 -105.14 -18.48
N PRO F 1456 42.58 -105.14 -17.39
CA PRO F 1456 42.93 -104.26 -16.26
C PRO F 1456 44.29 -104.55 -15.64
N ASP F 1457 44.86 -105.72 -15.92
CA ASP F 1457 46.08 -106.16 -15.26
C ASP F 1457 47.28 -106.16 -16.20
N TYR F 1458 47.40 -105.16 -17.06
CA TYR F 1458 48.60 -104.99 -17.86
C TYR F 1458 49.58 -104.08 -17.14
N HIS F 1459 50.77 -104.58 -16.86
CA HIS F 1459 51.76 -103.84 -16.07
C HIS F 1459 53.16 -104.00 -16.65
N GLN F 1460 53.30 -104.00 -17.97
CA GLN F 1460 54.59 -104.19 -18.63
C GLN F 1460 55.06 -102.87 -19.21
N HIS F 1461 56.09 -102.29 -18.60
CA HIS F 1461 56.75 -101.10 -19.13
C HIS F 1461 57.99 -101.48 -19.93
N ASP F 1462 57.77 -102.26 -20.99
CA ASP F 1462 58.86 -102.82 -21.77
C ASP F 1462 59.31 -101.82 -22.83
N MET F 1463 60.55 -101.34 -22.71
CA MET F 1463 61.09 -100.37 -23.66
C MET F 1463 61.43 -101.00 -25.01
N SER F 1464 61.36 -102.32 -25.15
CA SER F 1464 61.61 -103.02 -26.40
C SER F 1464 60.42 -103.90 -26.73
N PHE F 1465 59.22 -103.32 -26.65
CA PHE F 1465 57.99 -104.11 -26.73
C PHE F 1465 57.84 -104.76 -28.09
N ASP F 1466 57.38 -106.01 -28.08
CA ASP F 1466 56.98 -106.73 -29.27
C ASP F 1466 55.76 -107.56 -28.94
N LEU F 1467 55.03 -107.98 -29.96
CA LEU F 1467 53.86 -108.81 -29.73
C LEU F 1467 54.27 -110.16 -29.17
N SER F 1468 55.55 -110.48 -29.26
CA SER F 1468 56.08 -111.70 -28.65
C SER F 1468 56.32 -111.54 -27.16
N LYS F 1469 56.34 -110.31 -26.65
CA LYS F 1469 56.48 -110.06 -25.23
C LYS F 1469 55.18 -110.16 -24.47
N VAL F 1470 54.05 -110.29 -25.18
CA VAL F 1470 52.75 -110.29 -24.53
C VAL F 1470 52.60 -111.56 -23.70
N ARG F 1471 52.18 -111.41 -22.46
CA ARG F 1471 51.91 -112.55 -21.61
C ARG F 1471 50.74 -113.36 -22.19
N ALA F 1472 50.89 -114.67 -22.20
CA ALA F 1472 49.83 -115.54 -22.69
C ALA F 1472 49.99 -116.91 -22.07
N VAL F 1473 48.88 -117.63 -21.95
CA VAL F 1473 48.89 -118.98 -21.40
C VAL F 1473 47.65 -119.70 -21.93
N THR F 1474 47.71 -121.03 -21.97
CA THR F 1474 46.57 -121.84 -22.37
C THR F 1474 46.25 -122.80 -21.23
N VAL F 1475 44.99 -122.79 -20.81
CA VAL F 1475 44.50 -123.70 -19.79
C VAL F 1475 43.66 -124.75 -20.50
N THR F 1476 44.07 -126.01 -20.38
CA THR F 1476 43.42 -127.11 -21.08
C THR F 1476 42.84 -128.09 -20.06
N MET F 1477 41.55 -128.34 -20.16
CA MET F 1477 40.85 -129.30 -19.32
C MET F 1477 40.34 -130.45 -20.17
N GLY F 1478 40.52 -131.67 -19.66
CA GLY F 1478 40.08 -132.88 -20.34
C GLY F 1478 39.62 -133.90 -19.32
N ASP F 1479 39.33 -135.10 -19.82
CA ASP F 1479 38.89 -136.19 -18.96
C ASP F 1479 40.11 -136.98 -18.45
N GLU F 1480 39.84 -138.16 -17.88
CA GLU F 1480 40.93 -138.98 -17.37
C GLU F 1480 41.85 -139.41 -18.50
N GLN F 1481 41.30 -139.87 -19.61
CA GLN F 1481 42.10 -140.33 -20.75
C GLN F 1481 42.19 -139.25 -21.83
N GLY F 1482 42.79 -138.12 -21.45
CA GLY F 1482 42.94 -137.03 -22.40
C GLY F 1482 41.59 -136.43 -22.75
N ASN F 1483 41.20 -136.55 -24.02
CA ASN F 1483 39.91 -136.08 -24.51
C ASN F 1483 39.63 -134.65 -24.02
N VAL F 1484 40.47 -133.74 -24.49
CA VAL F 1484 40.34 -132.33 -24.10
C VAL F 1484 38.89 -131.89 -24.22
N HIS F 1485 38.34 -131.40 -23.12
CA HIS F 1485 37.03 -130.77 -23.12
C HIS F 1485 37.09 -129.30 -23.48
N SER F 1486 38.10 -128.57 -23.01
CA SER F 1486 38.18 -127.15 -23.28
C SER F 1486 39.64 -126.72 -23.30
N SER F 1487 39.93 -125.66 -24.06
CA SER F 1487 41.27 -125.10 -24.14
C SER F 1487 41.11 -123.59 -24.30
N LEU F 1488 41.30 -122.86 -23.21
CA LEU F 1488 41.09 -121.42 -23.18
C LEU F 1488 42.44 -120.70 -23.21
N LYS F 1489 42.54 -119.67 -24.04
CA LYS F 1489 43.73 -118.85 -24.11
C LYS F 1489 43.51 -117.58 -23.30
N CYS F 1490 44.47 -117.28 -22.42
CA CYS F 1490 44.40 -116.14 -21.52
C CYS F 1490 45.56 -115.21 -21.80
N SER F 1491 45.26 -113.91 -21.83
CA SER F 1491 46.28 -112.88 -22.05
C SER F 1491 45.75 -111.58 -21.48
N ASN F 1492 46.62 -110.57 -21.48
CA ASN F 1492 46.24 -109.24 -21.03
C ASN F 1492 46.46 -108.17 -22.09
N CYS F 1493 46.87 -108.55 -23.30
CA CYS F 1493 47.11 -107.59 -24.37
C CYS F 1493 46.62 -108.21 -25.67
N TYR F 1494 45.70 -107.53 -26.34
CA TYR F 1494 45.11 -107.99 -27.60
C TYR F 1494 45.31 -106.88 -28.62
N MET F 1495 46.36 -106.99 -29.43
CA MET F 1495 46.76 -105.93 -30.34
C MET F 1495 47.19 -106.51 -31.67
N VAL F 1496 47.26 -105.62 -32.66
CA VAL F 1496 47.81 -105.93 -33.97
C VAL F 1496 48.97 -104.98 -34.23
N TRP F 1497 50.08 -105.53 -34.72
CA TRP F 1497 51.24 -104.72 -35.03
C TRP F 1497 50.98 -103.90 -36.29
N GLY F 1498 51.32 -102.61 -36.23
CA GLY F 1498 51.11 -101.75 -37.37
C GLY F 1498 51.92 -102.17 -38.59
N GLY F 1499 52.99 -102.92 -38.38
CA GLY F 1499 53.81 -103.38 -39.49
C GLY F 1499 53.14 -104.42 -40.36
N ASP F 1500 52.06 -105.02 -39.88
CA ASP F 1500 51.34 -106.01 -40.68
C ASP F 1500 50.64 -105.34 -41.87
N PHE F 1501 50.24 -104.08 -41.73
CA PHE F 1501 49.45 -103.39 -42.72
C PHE F 1501 50.28 -102.47 -43.61
N VAL F 1502 51.59 -102.55 -43.54
CA VAL F 1502 52.47 -101.80 -44.42
C VAL F 1502 52.67 -102.60 -45.70
N SER F 1503 52.37 -101.97 -46.84
CA SER F 1503 52.47 -102.67 -48.10
C SER F 1503 53.92 -103.13 -48.33
N PRO F 1504 54.14 -104.34 -48.83
CA PRO F 1504 55.52 -104.83 -48.98
C PRO F 1504 56.38 -103.90 -49.82
N GLY F 1505 55.83 -103.33 -50.88
CA GLY F 1505 56.58 -102.36 -51.65
C GLY F 1505 56.85 -101.09 -50.87
N GLN F 1506 55.85 -100.60 -50.13
CA GLN F 1506 56.03 -99.39 -49.35
C GLN F 1506 57.08 -99.56 -48.25
N GLN F 1507 57.32 -100.80 -47.83
CA GLN F 1507 58.30 -101.06 -46.78
C GLN F 1507 59.67 -100.51 -47.18
N GLY F 1508 60.33 -99.84 -46.23
CA GLY F 1508 61.63 -99.23 -46.45
C GLY F 1508 61.56 -97.78 -46.85
N ARG F 1509 60.37 -97.25 -47.15
CA ARG F 1509 60.19 -95.87 -47.56
C ARG F 1509 59.10 -95.23 -46.71
N ILE F 1510 59.34 -93.98 -46.30
CA ILE F 1510 58.33 -93.26 -45.54
C ILE F 1510 57.14 -92.94 -46.42
N SER F 1511 55.95 -92.98 -45.84
CA SER F 1511 54.71 -92.75 -46.55
C SER F 1511 54.18 -91.34 -46.26
N HIS F 1512 53.29 -90.89 -47.13
CA HIS F 1512 52.63 -89.60 -46.97
C HIS F 1512 51.14 -89.74 -46.65
N THR F 1513 50.69 -90.95 -46.33
CA THR F 1513 49.29 -91.21 -46.00
C THR F 1513 49.17 -91.66 -44.56
N ASP F 1514 47.97 -91.51 -44.02
CA ASP F 1514 47.66 -91.92 -42.66
C ASP F 1514 47.20 -93.37 -42.67
N LEU F 1515 47.49 -94.09 -41.58
CA LEU F 1515 47.05 -95.48 -41.44
C LEU F 1515 45.95 -95.56 -40.40
N VAL F 1516 44.77 -96.02 -40.80
CA VAL F 1516 43.62 -96.08 -39.90
C VAL F 1516 43.37 -97.54 -39.58
N ILE F 1517 43.54 -97.91 -38.32
CA ILE F 1517 43.27 -99.28 -37.87
C ILE F 1517 42.01 -99.25 -37.01
N GLY F 1518 40.99 -99.99 -37.45
CA GLY F 1518 39.73 -100.06 -36.74
C GLY F 1518 39.64 -101.36 -35.95
N CYS F 1519 39.09 -101.28 -34.75
CA CYS F 1519 38.94 -102.40 -33.85
C CYS F 1519 37.46 -102.61 -33.57
N LEU F 1520 37.00 -103.85 -33.75
CA LEU F 1520 35.62 -104.26 -33.56
C LEU F 1520 35.54 -105.31 -32.47
N VAL F 1521 34.56 -105.16 -31.59
CA VAL F 1521 34.33 -106.13 -30.52
C VAL F 1521 32.85 -106.46 -30.47
N ASP F 1522 32.52 -107.74 -30.42
CA ASP F 1522 31.15 -108.21 -30.25
C ASP F 1522 30.97 -108.58 -28.78
N LEU F 1523 30.29 -107.73 -28.03
CA LEU F 1523 30.14 -107.95 -26.59
C LEU F 1523 29.24 -109.12 -26.26
N ALA F 1524 28.53 -109.69 -27.24
CA ALA F 1524 27.63 -110.80 -27.01
C ALA F 1524 28.21 -112.14 -27.42
N THR F 1525 29.29 -112.16 -28.20
CA THR F 1525 29.92 -113.40 -28.62
C THR F 1525 31.37 -113.52 -28.16
N GLY F 1526 31.98 -112.44 -27.71
CA GLY F 1526 33.36 -112.48 -27.27
C GLY F 1526 34.39 -112.40 -28.37
N LEU F 1527 33.99 -112.05 -29.59
CA LEU F 1527 34.89 -112.03 -30.73
C LEU F 1527 35.46 -110.64 -30.93
N MET F 1528 36.74 -110.57 -31.28
CA MET F 1528 37.45 -109.31 -31.48
C MET F 1528 38.13 -109.38 -32.85
N THR F 1529 37.87 -108.38 -33.69
CA THR F 1529 38.43 -108.35 -35.04
C THR F 1529 39.02 -106.98 -35.32
N PHE F 1530 39.85 -106.93 -36.37
CA PHE F 1530 40.56 -105.71 -36.73
C PHE F 1530 40.49 -105.50 -38.24
N THR F 1531 40.50 -104.23 -38.64
CA THR F 1531 40.54 -103.84 -40.04
C THR F 1531 41.60 -102.77 -40.21
N ALA F 1532 42.21 -102.73 -41.39
CA ALA F 1532 43.23 -101.73 -41.72
C ALA F 1532 42.85 -101.05 -43.02
N ASN F 1533 42.62 -99.74 -42.94
CA ASN F 1533 42.24 -98.95 -44.11
C ASN F 1533 40.99 -99.54 -44.78
N GLY F 1534 40.08 -100.04 -43.96
CA GLY F 1534 38.85 -100.61 -44.42
C GLY F 1534 38.93 -102.08 -44.79
N LYS F 1535 40.13 -102.61 -44.94
CA LYS F 1535 40.32 -104.01 -45.29
C LYS F 1535 40.41 -104.85 -44.02
N GLU F 1536 39.61 -105.92 -43.97
CA GLU F 1536 39.64 -106.80 -42.82
C GLU F 1536 40.98 -107.51 -42.72
N SER F 1537 41.48 -107.65 -41.50
CA SER F 1537 42.74 -108.34 -41.26
C SER F 1537 42.49 -109.78 -40.81
N ASN F 1538 43.57 -110.54 -40.74
CA ASN F 1538 43.49 -111.95 -40.37
C ASN F 1538 43.60 -112.18 -38.87
N THR F 1539 43.91 -111.17 -38.08
CA THR F 1539 44.05 -111.33 -36.65
C THR F 1539 42.69 -111.23 -35.98
N PHE F 1540 42.36 -112.21 -35.16
CA PHE F 1540 41.13 -112.20 -34.39
C PHE F 1540 41.39 -112.83 -33.03
N PHE F 1541 40.59 -112.43 -32.05
CA PHE F 1541 40.75 -112.90 -30.68
C PHE F 1541 39.40 -113.33 -30.12
N GLN F 1542 39.43 -114.19 -29.12
CA GLN F 1542 38.24 -114.68 -28.44
C GLN F 1542 38.44 -114.52 -26.94
N VAL F 1543 37.51 -113.84 -26.29
CA VAL F 1543 37.60 -113.60 -24.86
C VAL F 1543 36.39 -114.22 -24.17
N GLU F 1544 36.48 -114.35 -22.85
CA GLU F 1544 35.43 -114.94 -22.05
C GLU F 1544 34.46 -113.88 -21.56
N PRO F 1545 33.25 -114.28 -21.16
CA PRO F 1545 32.29 -113.30 -20.65
C PRO F 1545 32.80 -112.59 -19.40
N ASN F 1546 32.32 -111.36 -19.23
CA ASN F 1546 32.66 -110.43 -18.15
C ASN F 1546 34.03 -109.79 -18.35
N THR F 1547 34.76 -110.14 -19.39
CA THR F 1547 36.07 -109.56 -19.60
C THR F 1547 35.95 -108.05 -19.81
N LYS F 1548 36.83 -107.32 -19.13
CA LYS F 1548 36.94 -105.87 -19.30
C LYS F 1548 38.12 -105.57 -20.20
N LEU F 1549 37.92 -104.71 -21.19
CA LEU F 1549 38.96 -104.36 -22.14
C LEU F 1549 39.05 -102.85 -22.27
N PHE F 1550 40.25 -102.33 -22.15
CA PHE F 1550 40.49 -100.91 -22.35
C PHE F 1550 41.05 -100.67 -23.74
N PRO F 1551 40.54 -99.72 -24.52
CA PRO F 1551 41.22 -99.36 -25.76
C PRO F 1551 42.64 -98.91 -25.46
N ALA F 1552 43.58 -99.35 -26.29
CA ALA F 1552 44.99 -99.12 -25.99
C ALA F 1552 45.79 -98.93 -27.27
N VAL F 1553 46.91 -98.24 -27.13
CA VAL F 1553 47.85 -98.01 -28.23
C VAL F 1553 49.25 -97.92 -27.65
N PHE F 1554 50.17 -98.73 -28.17
CA PHE F 1554 51.56 -98.69 -27.80
C PHE F 1554 52.35 -98.16 -28.99
N VAL F 1555 53.14 -97.11 -28.76
CA VAL F 1555 53.77 -96.40 -29.88
C VAL F 1555 55.14 -95.92 -29.46
N LEU F 1556 56.08 -95.99 -30.40
CA LEU F 1556 57.37 -95.33 -30.25
C LEU F 1556 57.36 -94.11 -31.16
N PRO F 1557 57.23 -92.89 -30.62
CA PRO F 1557 57.05 -91.74 -31.49
C PRO F 1557 58.19 -91.56 -32.48
N THR F 1558 57.84 -91.20 -33.72
CA THR F 1558 58.83 -90.88 -34.74
C THR F 1558 58.44 -89.60 -35.49
N HIS F 1559 57.52 -88.82 -34.94
CA HIS F 1559 57.03 -87.61 -35.59
C HIS F 1559 56.35 -86.76 -34.55
N GLN F 1560 56.12 -85.49 -34.90
CA GLN F 1560 55.44 -84.60 -33.96
C GLN F 1560 53.97 -84.98 -33.80
N ASN F 1561 53.35 -85.46 -34.88
CA ASN F 1561 51.99 -85.97 -34.83
C ASN F 1561 52.07 -87.50 -34.84
N VAL F 1562 51.57 -88.13 -33.77
CA VAL F 1562 51.80 -89.56 -33.62
C VAL F 1562 50.53 -90.35 -33.96
N VAL F 1563 49.51 -90.22 -33.11
CA VAL F 1563 48.32 -91.06 -33.22
C VAL F 1563 47.09 -90.28 -32.75
N GLN F 1564 45.94 -90.85 -33.07
CA GLN F 1564 44.65 -90.23 -32.76
C GLN F 1564 43.65 -91.33 -32.47
N PHE F 1565 43.14 -91.36 -31.25
CA PHE F 1565 41.98 -92.20 -30.93
C PHE F 1565 40.76 -91.57 -31.58
N GLU F 1566 40.15 -92.25 -32.54
CA GLU F 1566 38.94 -91.77 -33.19
C GLU F 1566 37.78 -92.60 -32.67
N LEU F 1567 36.89 -91.93 -31.93
CA LEU F 1567 35.78 -92.62 -31.25
C LEU F 1567 34.54 -92.52 -32.14
N GLY F 1568 34.69 -93.01 -33.36
CA GLY F 1568 33.63 -92.93 -34.35
C GLY F 1568 32.78 -94.19 -34.39
N LYS F 1569 32.28 -94.53 -35.57
CA LYS F 1569 31.44 -95.71 -35.72
C LYS F 1569 31.48 -96.16 -37.18
N GLN F 1570 30.82 -97.27 -37.45
CA GLN F 1570 30.67 -97.80 -38.79
C GLN F 1570 29.20 -98.05 -39.07
N LYS F 1571 28.88 -98.43 -40.30
CA LYS F 1571 27.51 -98.73 -40.65
C LYS F 1571 27.01 -99.91 -39.83
N ASN F 1572 25.92 -99.69 -39.10
CA ASN F 1572 25.29 -100.71 -38.27
C ASN F 1572 26.20 -101.16 -37.12
N ILE F 1573 27.15 -100.33 -36.73
CA ILE F 1573 28.06 -100.61 -35.63
C ILE F 1573 28.03 -99.42 -34.68
N MET F 1574 27.85 -99.68 -33.40
CA MET F 1574 27.72 -98.61 -32.43
C MET F 1574 29.09 -98.10 -31.99
N PRO F 1575 29.16 -96.86 -31.52
CA PRO F 1575 30.42 -96.32 -31.03
C PRO F 1575 30.75 -96.84 -29.63
N LEU F 1576 31.96 -96.52 -29.17
CA LEU F 1576 32.37 -96.96 -27.84
C LEU F 1576 31.49 -96.39 -26.76
N SER F 1577 31.12 -95.11 -26.87
CA SER F 1577 30.32 -94.48 -25.83
C SER F 1577 29.09 -95.31 -25.50
N ALA F 1578 28.45 -95.91 -26.51
CA ALA F 1578 27.27 -96.72 -26.29
C ALA F 1578 27.55 -97.93 -25.42
N ALA F 1579 28.75 -98.48 -25.46
CA ALA F 1579 29.12 -99.60 -24.60
C ALA F 1579 29.68 -99.15 -23.26
N MET F 1580 30.31 -97.98 -23.22
CA MET F 1580 30.95 -97.49 -22.00
C MET F 1580 29.97 -96.88 -21.01
N PHE F 1581 28.91 -96.24 -21.49
CA PHE F 1581 28.00 -95.50 -20.63
C PHE F 1581 26.61 -96.07 -20.74
N LEU F 1582 25.99 -96.36 -19.59
CA LEU F 1582 24.67 -96.96 -19.57
C LEU F 1582 23.63 -96.03 -20.18
N SER F 1583 23.70 -94.74 -19.86
CA SER F 1583 22.71 -93.81 -20.36
C SER F 1583 22.75 -93.69 -21.87
N GLU F 1584 23.88 -94.06 -22.50
CA GLU F 1584 24.04 -93.99 -23.94
C GLU F 1584 23.94 -95.36 -24.59
N ARG F 1585 23.40 -96.35 -23.89
CA ARG F 1585 23.39 -97.71 -24.41
C ARG F 1585 22.74 -97.80 -25.79
N LYS F 1586 21.76 -96.95 -26.07
CA LYS F 1586 21.02 -96.99 -27.32
C LYS F 1586 21.17 -95.70 -28.12
N ASN F 1587 22.29 -95.00 -27.93
CA ASN F 1587 22.52 -93.74 -28.61
C ASN F 1587 23.59 -93.95 -29.68
N PRO F 1588 23.23 -94.01 -30.97
CA PRO F 1588 24.25 -94.25 -32.00
C PRO F 1588 25.17 -93.08 -32.25
N ALA F 1589 24.89 -91.90 -31.70
CA ALA F 1589 25.73 -90.73 -31.94
C ALA F 1589 27.02 -90.85 -31.17
N PRO F 1590 28.19 -90.82 -31.81
CA PRO F 1590 29.45 -90.91 -31.08
C PRO F 1590 29.62 -89.75 -30.10
N GLN F 1591 30.23 -90.05 -28.95
CA GLN F 1591 30.50 -89.04 -27.94
C GLN F 1591 31.82 -89.35 -27.25
N CYS F 1592 32.40 -88.32 -26.65
CA CYS F 1592 33.63 -88.44 -25.87
C CYS F 1592 33.48 -87.64 -24.59
N PRO F 1593 32.75 -88.17 -23.61
CA PRO F 1593 32.49 -87.41 -22.39
C PRO F 1593 33.78 -87.08 -21.65
N PRO F 1594 33.72 -86.18 -20.66
CA PRO F 1594 34.94 -85.80 -19.94
C PRO F 1594 35.61 -86.95 -19.23
N ARG F 1595 34.87 -87.94 -18.75
CA ARG F 1595 35.50 -89.05 -18.04
C ARG F 1595 36.41 -89.86 -18.96
N LEU F 1596 36.12 -89.89 -20.25
CA LEU F 1596 36.95 -90.61 -21.20
C LEU F 1596 38.18 -89.77 -21.51
N GLU F 1597 39.36 -90.28 -21.18
CA GLU F 1597 40.60 -89.55 -21.37
C GLU F 1597 41.73 -90.54 -21.62
N VAL F 1598 42.85 -90.00 -22.07
CA VAL F 1598 44.02 -90.80 -22.38
C VAL F 1598 44.87 -90.93 -21.13
N GLN F 1599 45.28 -92.16 -20.82
CA GLN F 1599 46.16 -92.45 -19.70
C GLN F 1599 47.42 -93.11 -20.22
N MET F 1600 48.55 -92.81 -19.60
CA MET F 1600 49.83 -93.39 -19.97
C MET F 1600 50.34 -94.26 -18.82
N LEU F 1601 51.15 -95.25 -19.18
CA LEU F 1601 51.75 -96.14 -18.20
C LEU F 1601 52.94 -95.45 -17.54
N MET F 1602 52.88 -95.32 -16.22
CA MET F 1602 53.93 -94.73 -15.40
C MET F 1602 54.66 -95.84 -14.64
N PRO F 1603 56.00 -95.83 -14.64
CA PRO F 1603 56.72 -97.01 -14.16
C PRO F 1603 56.71 -97.18 -12.65
N VAL F 1604 56.67 -96.10 -11.89
CA VAL F 1604 56.78 -96.16 -10.44
C VAL F 1604 55.70 -95.30 -9.82
N SER F 1605 55.23 -95.71 -8.64
CA SER F 1605 54.21 -94.94 -7.94
C SER F 1605 54.37 -95.16 -6.44
N TRP F 1606 53.88 -94.20 -5.65
CA TRP F 1606 53.97 -94.29 -4.21
C TRP F 1606 52.95 -95.32 -3.69
N SER F 1607 53.34 -96.04 -2.65
CA SER F 1607 52.46 -97.04 -2.05
C SER F 1607 52.69 -97.07 -0.54
N ARG F 1608 51.60 -97.11 0.21
CA ARG F 1608 51.68 -97.14 1.66
C ARG F 1608 52.21 -98.48 2.15
N MET F 1609 53.06 -98.44 3.16
CA MET F 1609 53.58 -99.68 3.75
C MET F 1609 52.65 -100.14 4.87
N PRO F 1610 52.26 -101.41 4.89
CA PRO F 1610 51.44 -101.90 6.00
C PRO F 1610 52.15 -101.67 7.33
N ASN F 1611 51.36 -101.33 8.35
CA ASN F 1611 51.95 -101.12 9.67
C ASN F 1611 52.26 -102.43 10.37
N HIS F 1612 51.60 -103.51 9.96
CA HIS F 1612 51.85 -104.83 10.52
C HIS F 1612 51.97 -105.83 9.40
N PHE F 1613 52.80 -106.84 9.61
CA PHE F 1613 53.13 -107.81 8.57
C PHE F 1613 52.92 -109.21 9.09
N LEU F 1614 52.58 -110.12 8.16
CA LEU F 1614 52.38 -111.51 8.54
C LEU F 1614 53.67 -112.11 9.08
N GLN F 1615 53.55 -112.86 10.17
CA GLN F 1615 54.69 -113.51 10.80
C GLN F 1615 54.77 -114.93 10.28
N VAL F 1616 55.71 -115.18 9.37
CA VAL F 1616 55.88 -116.48 8.74
C VAL F 1616 57.13 -117.12 9.32
N ASP F 1617 57.01 -118.36 9.78
CA ASP F 1617 58.13 -119.13 10.31
C ASP F 1617 58.52 -120.20 9.30
N THR F 1618 59.77 -120.17 8.86
CA THR F 1618 60.30 -121.14 7.91
C THR F 1618 61.46 -121.87 8.56
N ARG F 1619 61.46 -123.20 8.46
CA ARG F 1619 62.52 -123.98 9.10
C ARG F 1619 62.60 -125.35 8.46
N ARG F 1620 63.81 -125.92 8.45
CA ARG F 1620 64.00 -127.27 7.94
C ARG F 1620 63.52 -128.26 8.99
N ALA F 1621 62.40 -128.93 8.72
CA ALA F 1621 61.87 -129.87 9.70
C ALA F 1621 62.77 -131.08 9.86
N GLY F 1622 63.32 -131.58 8.77
CA GLY F 1622 64.20 -132.74 8.83
C GLY F 1622 64.57 -133.19 7.44
N GLU F 1623 65.42 -134.21 7.38
CA GLU F 1623 65.84 -134.74 6.10
C GLU F 1623 64.75 -135.51 5.38
N ARG F 1624 63.69 -135.91 6.08
CA ARG F 1624 62.54 -136.57 5.49
C ARG F 1624 61.28 -135.72 5.53
N LEU F 1625 61.17 -134.84 6.53
CA LEU F 1625 59.97 -134.01 6.66
C LEU F 1625 59.99 -132.86 5.65
N GLY F 1626 61.17 -132.35 5.31
CA GLY F 1626 61.29 -131.31 4.31
C GLY F 1626 61.46 -129.93 4.92
N TRP F 1627 60.89 -128.92 4.28
CA TRP F 1627 61.01 -127.53 4.75
C TRP F 1627 59.63 -127.00 5.11
N ALA F 1628 59.43 -126.68 6.39
CA ALA F 1628 58.14 -126.31 6.92
C ALA F 1628 57.95 -124.81 6.90
N VAL F 1629 56.79 -124.38 6.40
CA VAL F 1629 56.32 -123.01 6.44
C VAL F 1629 55.10 -122.98 7.34
N GLN F 1630 55.04 -121.98 8.21
CA GLN F 1630 53.96 -121.90 9.19
C GLN F 1630 53.52 -120.45 9.35
N CYS F 1631 52.21 -120.23 9.45
CA CYS F 1631 51.66 -118.90 9.68
C CYS F 1631 50.34 -119.03 10.42
N GLN F 1632 50.27 -118.51 11.64
CA GLN F 1632 49.14 -118.77 12.52
C GLN F 1632 48.39 -117.53 12.98
N GLU F 1633 48.99 -116.34 12.93
CA GLU F 1633 48.35 -115.15 13.46
C GLU F 1633 47.58 -114.43 12.36
N PRO F 1634 46.28 -114.24 12.49
CA PRO F 1634 45.53 -113.57 11.42
C PRO F 1634 45.85 -112.10 11.31
N LEU F 1635 45.67 -111.55 10.11
CA LEU F 1635 45.93 -110.15 9.83
C LEU F 1635 45.05 -109.71 8.68
N MET F 1636 44.21 -108.72 8.92
CA MET F 1636 43.23 -108.26 7.95
C MET F 1636 43.44 -106.79 7.63
N MET F 1637 42.84 -106.34 6.53
CA MET F 1637 42.92 -104.96 6.11
C MET F 1637 41.62 -104.57 5.42
N MET F 1638 41.24 -103.30 5.57
CA MET F 1638 40.09 -102.77 4.84
C MET F 1638 40.55 -102.29 3.48
N ALA F 1639 39.96 -102.84 2.43
CA ALA F 1639 40.39 -102.60 1.07
C ALA F 1639 39.38 -101.70 0.37
N LEU F 1640 39.88 -100.66 -0.29
CA LEU F 1640 39.06 -99.78 -1.12
C LEU F 1640 39.26 -100.20 -2.57
N HIS F 1641 38.17 -100.52 -3.26
CA HIS F 1641 38.21 -101.13 -4.58
C HIS F 1641 37.67 -100.15 -5.60
N ILE F 1642 38.44 -99.88 -6.66
CA ILE F 1642 37.96 -99.07 -7.77
C ILE F 1642 37.29 -100.01 -8.77
N PRO F 1643 35.98 -99.93 -8.97
CA PRO F 1643 35.31 -100.94 -9.81
C PRO F 1643 35.81 -100.99 -11.24
N GLU F 1644 35.93 -99.83 -11.91
CA GLU F 1644 36.25 -99.85 -13.33
C GLU F 1644 37.63 -100.42 -13.61
N GLU F 1645 38.60 -100.15 -12.73
CA GLU F 1645 39.96 -100.61 -12.93
C GLU F 1645 40.21 -101.99 -12.32
N ASN F 1646 39.26 -102.53 -11.57
CA ASN F 1646 39.37 -103.87 -11.01
C ASN F 1646 40.66 -104.01 -10.20
N ARG F 1647 40.91 -103.04 -9.33
CA ARG F 1647 42.03 -103.11 -8.41
C ARG F 1647 41.61 -102.49 -7.09
N CYS F 1648 42.42 -102.73 -6.06
CA CYS F 1648 42.13 -102.24 -4.72
C CYS F 1648 43.41 -101.71 -4.08
N MET F 1649 43.21 -100.85 -3.10
CA MET F 1649 44.28 -100.33 -2.28
C MET F 1649 43.86 -100.43 -0.82
N ASP F 1650 44.78 -100.09 0.07
CA ASP F 1650 44.41 -99.92 1.47
C ASP F 1650 43.64 -98.62 1.63
N ILE F 1651 42.50 -98.67 2.32
CA ILE F 1651 41.72 -97.46 2.53
C ILE F 1651 42.55 -96.42 3.26
N LEU F 1652 43.58 -96.83 3.97
CA LEU F 1652 44.47 -95.91 4.65
C LEU F 1652 45.29 -95.08 3.68
N GLU F 1653 45.34 -95.45 2.40
CA GLU F 1653 46.01 -94.62 1.40
C GLU F 1653 45.25 -93.34 1.14
N LEU F 1654 44.00 -93.25 1.58
CA LEU F 1654 43.23 -92.02 1.40
C LEU F 1654 43.71 -90.90 2.28
N SER F 1655 44.68 -91.15 3.18
CA SER F 1655 45.33 -90.07 3.89
C SER F 1655 46.15 -89.20 2.96
N GLU F 1656 46.70 -89.78 1.89
CA GLU F 1656 47.44 -89.02 0.90
C GLU F 1656 46.70 -88.85 -0.42
N ARG F 1657 45.81 -89.76 -0.77
CA ARG F 1657 44.98 -89.58 -1.98
C ARG F 1657 43.75 -88.77 -1.58
N LEU F 1658 43.89 -87.45 -1.67
CA LEU F 1658 42.88 -86.56 -1.10
C LEU F 1658 41.60 -86.54 -1.93
N ASP F 1659 41.71 -86.60 -3.25
CA ASP F 1659 40.50 -86.58 -4.08
C ASP F 1659 39.63 -87.80 -3.78
N LEU F 1660 40.23 -88.97 -3.73
CA LEU F 1660 39.50 -90.17 -3.35
C LEU F 1660 38.95 -90.06 -1.94
N GLN F 1661 39.72 -89.45 -1.02
CA GLN F 1661 39.23 -89.26 0.33
C GLN F 1661 37.98 -88.40 0.34
N ARG F 1662 38.00 -87.28 -0.38
CA ARG F 1662 36.82 -86.42 -0.42
C ARG F 1662 35.64 -87.15 -1.01
N PHE F 1663 35.85 -87.87 -2.12
CA PHE F 1663 34.75 -88.56 -2.76
C PHE F 1663 34.17 -89.62 -1.84
N HIS F 1664 35.02 -90.36 -1.13
CA HIS F 1664 34.52 -91.44 -0.27
C HIS F 1664 33.82 -90.87 0.95
N SER F 1665 34.32 -89.77 1.50
CA SER F 1665 33.62 -89.16 2.63
C SER F 1665 32.24 -88.68 2.21
N HIS F 1666 32.13 -88.07 1.04
CA HIS F 1666 30.82 -87.67 0.56
C HIS F 1666 29.95 -88.87 0.18
N THR F 1667 30.56 -89.98 -0.20
CA THR F 1667 29.80 -91.21 -0.39
C THR F 1667 29.20 -91.69 0.92
N LEU F 1668 29.96 -91.63 2.01
CA LEU F 1668 29.42 -91.97 3.31
C LEU F 1668 28.30 -91.01 3.71
N SER F 1669 28.45 -89.73 3.38
CA SER F 1669 27.36 -88.78 3.61
C SER F 1669 26.12 -89.19 2.83
N LEU F 1670 26.29 -89.62 1.59
CA LEU F 1670 25.14 -90.07 0.79
C LEU F 1670 24.49 -91.31 1.41
N TYR F 1671 25.32 -92.23 1.89
CA TYR F 1671 24.78 -93.40 2.57
C TYR F 1671 23.92 -92.99 3.75
N ARG F 1672 24.41 -92.02 4.54
CA ARG F 1672 23.60 -91.54 5.65
C ARG F 1672 22.32 -90.88 5.19
N SER F 1673 22.39 -90.09 4.12
CA SER F 1673 21.22 -89.38 3.62
C SER F 1673 20.14 -90.34 3.13
N VAL F 1674 20.52 -91.40 2.42
CA VAL F 1674 19.50 -92.27 1.84
C VAL F 1674 18.77 -93.09 2.89
N CYS F 1675 19.27 -93.16 4.12
CA CYS F 1675 18.61 -93.87 5.21
C CYS F 1675 18.21 -92.91 6.33
N ALA F 1676 18.40 -91.61 6.11
CA ALA F 1676 18.10 -90.62 7.12
C ALA F 1676 16.63 -90.63 7.49
N LEU F 1677 16.36 -90.41 8.78
CA LEU F 1677 15.00 -90.18 9.29
C LEU F 1677 14.12 -91.41 9.09
N GLY F 1678 14.60 -92.57 9.52
CA GLY F 1678 13.75 -93.74 9.66
C GLY F 1678 13.47 -94.52 8.40
N ASN F 1679 14.40 -94.58 7.46
CA ASN F 1679 14.25 -95.45 6.29
C ASN F 1679 14.93 -96.79 6.58
N ASN F 1680 14.24 -97.61 7.37
CA ASN F 1680 14.83 -98.86 7.82
C ASN F 1680 15.08 -99.82 6.68
N ARG F 1681 14.25 -99.77 5.63
CA ARG F 1681 14.49 -100.63 4.48
C ARG F 1681 15.80 -100.27 3.79
N VAL F 1682 16.07 -98.98 3.60
CA VAL F 1682 17.32 -98.57 2.99
C VAL F 1682 18.49 -98.86 3.93
N ALA F 1683 18.25 -98.78 5.25
CA ALA F 1683 19.29 -99.16 6.19
C ALA F 1683 19.65 -100.63 6.05
N HIS F 1684 18.64 -101.49 5.92
CA HIS F 1684 18.90 -102.90 5.67
C HIS F 1684 19.68 -103.09 4.39
N ALA F 1685 19.32 -102.35 3.35
CA ALA F 1685 20.06 -102.44 2.09
C ALA F 1685 21.52 -102.04 2.28
N LEU F 1686 21.77 -100.94 3.00
CA LEU F 1686 23.13 -100.48 3.23
C LEU F 1686 23.93 -101.46 4.07
N CYS F 1687 23.26 -102.26 4.89
CA CYS F 1687 23.99 -103.29 5.63
C CYS F 1687 24.69 -104.28 4.72
N SER F 1688 24.26 -104.37 3.45
CA SER F 1688 24.97 -105.19 2.47
C SER F 1688 26.23 -104.53 1.94
N HIS F 1689 26.23 -103.20 1.82
CA HIS F 1689 27.37 -102.49 1.24
C HIS F 1689 28.44 -102.16 2.28
N VAL F 1690 28.02 -101.81 3.49
CA VAL F 1690 28.95 -101.54 4.59
C VAL F 1690 28.50 -102.42 5.75
N ASP F 1691 29.13 -103.57 5.89
CA ASP F 1691 28.65 -104.57 6.82
C ASP F 1691 29.17 -104.32 8.24
N GLN F 1692 28.69 -105.15 9.15
CA GLN F 1692 28.97 -104.95 10.57
C GLN F 1692 30.46 -105.09 10.86
N ALA F 1693 31.12 -106.05 10.22
CA ALA F 1693 32.55 -106.22 10.43
C ALA F 1693 33.32 -104.99 10.00
N GLN F 1694 33.00 -104.43 8.84
CA GLN F 1694 33.65 -103.21 8.38
C GLN F 1694 33.41 -102.07 9.35
N LEU F 1695 32.16 -101.90 9.80
CA LEU F 1695 31.87 -100.80 10.72
C LEU F 1695 32.65 -100.94 12.02
N LEU F 1696 32.62 -102.14 12.62
CA LEU F 1696 33.29 -102.35 13.89
C LEU F 1696 34.80 -102.27 13.76
N HIS F 1697 35.35 -102.59 12.59
CA HIS F 1697 36.78 -102.45 12.39
C HIS F 1697 37.17 -100.98 12.21
N ALA F 1698 36.35 -100.23 11.47
CA ALA F 1698 36.62 -98.80 11.31
C ALA F 1698 36.52 -98.06 12.63
N LEU F 1699 35.60 -98.48 13.50
CA LEU F 1699 35.47 -97.81 14.79
C LEU F 1699 36.80 -97.80 15.55
N GLU F 1700 37.54 -98.91 15.50
CA GLU F 1700 38.80 -99.00 16.23
C GLU F 1700 40.02 -98.62 15.40
N ASP F 1701 39.89 -98.57 14.08
CA ASP F 1701 41.04 -98.21 13.24
C ASP F 1701 41.56 -96.83 13.64
N ALA F 1702 42.76 -96.79 14.20
CA ALA F 1702 43.35 -95.56 14.69
C ALA F 1702 44.10 -94.79 13.62
N ARG F 1703 44.20 -95.32 12.41
CA ARG F 1703 44.96 -94.68 11.35
C ARG F 1703 44.08 -94.06 10.28
N LEU F 1704 42.77 -94.17 10.39
CA LEU F 1704 41.89 -93.58 9.39
C LEU F 1704 42.05 -92.06 9.37
N PRO F 1705 41.92 -91.42 8.21
CA PRO F 1705 41.81 -89.96 8.21
C PRO F 1705 40.58 -89.52 8.99
N GLY F 1706 40.64 -88.31 9.53
CA GLY F 1706 39.59 -87.82 10.38
C GLY F 1706 38.23 -87.81 9.72
N PRO F 1707 38.16 -87.31 8.49
CA PRO F 1707 36.87 -87.32 7.78
C PRO F 1707 36.27 -88.70 7.63
N LEU F 1708 37.08 -89.71 7.31
CA LEU F 1708 36.56 -91.06 7.15
C LEU F 1708 36.18 -91.68 8.49
N ARG F 1709 36.97 -91.42 9.54
CA ARG F 1709 36.62 -91.90 10.87
C ARG F 1709 35.27 -91.37 11.30
N ALA F 1710 35.09 -90.05 11.18
CA ALA F 1710 33.81 -89.44 11.54
C ALA F 1710 32.69 -89.97 10.66
N GLY F 1711 32.96 -90.14 9.36
CA GLY F 1711 31.94 -90.65 8.47
C GLY F 1711 31.48 -92.05 8.84
N TYR F 1712 32.42 -92.91 9.24
CA TYR F 1712 32.05 -94.28 9.57
C TYR F 1712 31.34 -94.35 10.92
N TYR F 1713 31.75 -93.55 11.89
CA TYR F 1713 30.98 -93.49 13.13
C TYR F 1713 29.56 -93.03 12.88
N ASP F 1714 29.40 -91.96 12.09
CA ASP F 1714 28.06 -91.47 11.78
C ASP F 1714 27.27 -92.49 10.98
N LEU F 1715 27.95 -93.24 10.10
CA LEU F 1715 27.26 -94.27 9.34
C LEU F 1715 26.74 -95.37 10.24
N LEU F 1716 27.54 -95.81 11.20
CA LEU F 1716 27.07 -96.81 12.16
C LEU F 1716 25.84 -96.30 12.89
N ILE F 1717 25.92 -95.06 13.39
CA ILE F 1717 24.79 -94.51 14.14
C ILE F 1717 23.55 -94.43 13.25
N SER F 1718 23.72 -93.95 12.01
CA SER F 1718 22.58 -93.79 11.11
C SER F 1718 21.95 -95.13 10.76
N ILE F 1719 22.76 -96.12 10.45
CA ILE F 1719 22.21 -97.40 10.01
C ILE F 1719 21.54 -98.12 11.16
N HIS F 1720 22.17 -98.17 12.33
CA HIS F 1720 21.74 -99.09 13.36
C HIS F 1720 21.09 -98.44 14.58
N LEU F 1721 21.30 -97.15 14.83
CA LEU F 1721 20.92 -96.55 16.10
C LEU F 1721 20.03 -95.32 15.97
N GLU F 1722 20.00 -94.67 14.81
CA GLU F 1722 19.38 -93.35 14.74
C GLU F 1722 17.89 -93.40 15.03
N SER F 1723 17.16 -94.32 14.39
CA SER F 1723 15.71 -94.34 14.56
C SER F 1723 15.31 -94.70 15.97
N ALA F 1724 15.97 -95.71 16.55
CA ALA F 1724 15.67 -96.08 17.93
C ALA F 1724 15.98 -94.94 18.89
N CYS F 1725 17.13 -94.30 18.71
CA CYS F 1725 17.48 -93.17 19.56
C CYS F 1725 16.45 -92.05 19.44
N ARG F 1726 15.99 -91.77 18.21
CA ARG F 1726 15.03 -90.69 18.03
C ARG F 1726 13.69 -91.01 18.66
N SER F 1727 13.22 -92.25 18.51
CA SER F 1727 11.96 -92.62 19.15
C SER F 1727 12.07 -92.53 20.67
N ARG F 1728 13.15 -93.06 21.23
CA ARG F 1728 13.33 -92.97 22.68
C ARG F 1728 13.42 -91.52 23.13
N ARG F 1729 14.11 -90.68 22.37
CA ARG F 1729 14.20 -89.27 22.71
C ARG F 1729 12.82 -88.63 22.72
N SER F 1730 11.99 -88.96 21.72
CA SER F 1730 10.64 -88.41 21.67
C SER F 1730 9.84 -88.83 22.90
N MET F 1731 9.99 -90.08 23.33
CA MET F 1731 9.24 -90.58 24.49
C MET F 1731 9.83 -90.12 25.82
N LEU F 1732 11.07 -89.65 25.84
CA LEU F 1732 11.77 -89.38 27.09
C LEU F 1732 11.26 -88.15 27.84
N SER F 1733 10.40 -87.35 27.23
CA SER F 1733 9.93 -86.11 27.86
C SER F 1733 8.62 -86.29 28.61
N GLU F 1734 8.07 -87.51 28.68
CA GLU F 1734 6.86 -87.79 29.41
C GLU F 1734 7.15 -88.87 30.46
N TYR F 1735 6.40 -88.83 31.56
CA TYR F 1735 6.61 -89.72 32.70
C TYR F 1735 5.28 -90.39 33.04
N ILE F 1736 5.08 -91.60 32.51
CA ILE F 1736 3.91 -92.40 32.83
C ILE F 1736 4.37 -93.44 33.85
N VAL F 1737 4.13 -93.16 35.12
CA VAL F 1737 4.65 -93.99 36.21
C VAL F 1737 3.60 -95.05 36.54
N PRO F 1738 3.90 -96.34 36.37
CA PRO F 1738 2.95 -97.37 36.80
C PRO F 1738 3.07 -97.61 38.30
N LEU F 1739 1.92 -97.71 38.97
CA LEU F 1739 1.89 -97.86 40.42
C LEU F 1739 2.15 -99.32 40.78
N THR F 1740 3.42 -99.66 40.85
CA THR F 1740 3.91 -101.00 41.14
C THR F 1740 4.81 -100.99 42.37
N PRO F 1741 5.17 -102.17 42.89
CA PRO F 1741 6.10 -102.21 44.03
C PRO F 1741 7.44 -101.55 43.73
N GLU F 1742 7.92 -101.68 42.48
CA GLU F 1742 9.15 -100.99 42.12
C GLU F 1742 8.99 -99.47 42.27
N THR F 1743 7.84 -98.94 41.85
CA THR F 1743 7.57 -97.52 42.04
C THR F 1743 7.52 -97.18 43.52
N ARG F 1744 6.85 -98.02 44.31
CA ARG F 1744 6.75 -97.77 45.74
C ARG F 1744 8.12 -97.73 46.40
N ALA F 1745 9.07 -98.50 45.89
CA ALA F 1745 10.41 -98.57 46.49
C ALA F 1745 11.26 -97.34 46.17
N ILE F 1746 10.81 -96.45 45.30
CA ILE F 1746 11.63 -95.32 44.89
C ILE F 1746 11.57 -94.25 45.97
N THR F 1747 12.73 -93.67 46.30
CA THR F 1747 12.84 -92.58 47.25
C THR F 1747 13.74 -91.50 46.69
N LEU F 1748 13.53 -90.26 47.14
CA LEU F 1748 14.30 -89.14 46.61
C LEU F 1748 15.79 -89.32 46.88
N PHE F 1749 16.14 -89.72 48.10
CA PHE F 1749 17.54 -89.86 48.46
C PHE F 1749 17.87 -91.33 48.74
N PRO F 1750 19.10 -91.76 48.48
CA PRO F 1750 19.45 -93.15 48.76
C PRO F 1750 19.26 -93.48 50.23
N PRO F 1751 18.82 -94.69 50.57
CA PRO F 1751 18.60 -95.01 51.98
C PRO F 1751 19.91 -95.12 52.74
N GLY F 1752 20.54 -93.98 52.98
CA GLY F 1752 21.80 -93.93 53.71
C GLY F 1752 21.67 -93.20 55.03
N ARG F 1753 22.80 -92.84 55.62
CA ARG F 1753 22.80 -92.15 56.91
C ARG F 1753 23.69 -90.92 56.94
N SER F 1754 24.15 -90.42 55.78
CA SER F 1754 24.99 -89.23 55.77
C SER F 1754 24.30 -88.09 56.52
N ALA F 1755 23.05 -87.80 56.16
CA ALA F 1755 22.21 -86.89 56.92
C ALA F 1755 20.84 -87.53 57.05
N GLU F 1756 20.30 -87.55 58.28
CA GLU F 1756 19.08 -88.29 58.55
C GLU F 1756 17.92 -87.78 57.69
N ASP F 1757 17.77 -86.46 57.59
CA ASP F 1757 16.74 -85.84 56.76
C ASP F 1757 17.39 -85.26 55.51
N GLY F 1758 16.82 -85.59 54.35
CA GLY F 1758 17.37 -85.17 53.09
C GLY F 1758 18.86 -85.43 53.03
N PRO F 1759 19.25 -86.71 53.04
CA PRO F 1759 20.68 -87.05 53.04
C PRO F 1759 21.50 -86.18 52.10
N ARG F 1760 22.55 -85.56 52.65
CA ARG F 1760 23.28 -84.54 51.91
C ARG F 1760 23.74 -85.05 50.55
N ARG F 1761 24.14 -86.32 50.49
CA ARG F 1761 24.65 -86.88 49.24
C ARG F 1761 23.52 -87.45 48.40
N HIS F 1762 23.45 -87.01 47.15
CA HIS F 1762 22.55 -87.60 46.17
C HIS F 1762 23.03 -89.00 45.83
N GLY F 1763 22.27 -89.70 45.00
CA GLY F 1763 22.74 -90.91 44.35
C GLY F 1763 23.30 -90.55 42.99
N LEU F 1764 24.08 -91.47 42.43
CA LEU F 1764 24.67 -91.23 41.12
C LEU F 1764 23.56 -91.04 40.08
N PRO F 1765 23.59 -89.96 39.31
CA PRO F 1765 22.50 -89.73 38.34
C PRO F 1765 22.48 -90.82 37.28
N GLY F 1766 21.27 -91.25 36.91
CA GLY F 1766 21.11 -92.27 35.90
C GLY F 1766 21.34 -93.67 36.40
N VAL F 1767 21.64 -93.86 37.69
CA VAL F 1767 21.89 -95.16 38.28
C VAL F 1767 20.78 -95.41 39.29
N GLY F 1768 20.09 -96.53 39.16
CA GLY F 1768 19.03 -96.89 40.06
C GLY F 1768 17.85 -97.46 39.32
N VAL F 1769 16.68 -97.38 39.94
CA VAL F 1769 15.46 -97.96 39.41
C VAL F 1769 14.60 -96.84 38.82
N THR F 1770 14.18 -97.01 37.57
CA THR F 1770 13.25 -96.11 36.92
C THR F 1770 12.07 -96.93 36.43
N THR F 1771 10.86 -96.45 36.71
CA THR F 1771 9.65 -97.17 36.35
C THR F 1771 8.85 -96.51 35.25
N SER F 1772 9.22 -95.31 34.81
CA SER F 1772 8.49 -94.64 33.75
C SER F 1772 8.44 -95.53 32.51
N LEU F 1773 7.29 -95.56 31.86
CA LEU F 1773 7.06 -96.47 30.74
C LEU F 1773 7.72 -95.92 29.49
N ARG F 1774 8.68 -96.66 28.94
CA ARG F 1774 9.28 -96.36 27.65
C ARG F 1774 9.18 -97.62 26.79
N PRO F 1775 8.60 -97.54 25.60
CA PRO F 1775 8.47 -98.74 24.77
C PRO F 1775 9.83 -99.32 24.42
N PRO F 1776 9.94 -100.64 24.30
CA PRO F 1776 11.25 -101.23 24.00
C PRO F 1776 11.70 -100.93 22.58
N HIS F 1777 12.92 -101.36 22.28
CA HIS F 1777 13.48 -101.24 20.95
C HIS F 1777 13.24 -102.51 20.16
N HIS F 1778 13.00 -102.37 18.86
CA HIS F 1778 12.76 -103.51 17.98
C HIS F 1778 13.74 -103.45 16.82
N PHE F 1779 14.48 -104.52 16.62
CA PHE F 1779 15.46 -104.62 15.55
C PHE F 1779 15.23 -105.92 14.80
N SER F 1780 15.69 -105.95 13.54
CA SER F 1780 15.56 -107.12 12.71
C SER F 1780 16.92 -107.55 12.19
N PRO F 1781 17.23 -108.85 12.17
CA PRO F 1781 18.53 -109.28 11.68
C PRO F 1781 18.72 -108.90 10.22
N PRO F 1782 19.90 -108.43 9.83
CA PRO F 1782 20.16 -108.20 8.40
C PRO F 1782 20.48 -109.49 7.67
N CYS F 1783 19.55 -109.98 6.86
CA CYS F 1783 19.73 -111.20 6.10
C CYS F 1783 19.24 -110.97 4.68
N PHE F 1784 20.04 -111.39 3.70
CA PHE F 1784 19.75 -111.15 2.29
C PHE F 1784 19.56 -112.46 1.53
N VAL F 1785 19.14 -113.51 2.23
CA VAL F 1785 18.74 -114.76 1.61
C VAL F 1785 17.32 -115.16 1.98
N VAL F 1786 16.62 -114.35 2.76
CA VAL F 1786 15.26 -114.65 3.15
C VAL F 1786 14.34 -114.40 1.96
N ALA F 1787 13.22 -115.12 1.92
CA ALA F 1787 12.26 -114.94 0.85
C ALA F 1787 11.61 -113.57 0.97
N LEU F 1788 11.49 -112.87 -0.15
CA LEU F 1788 10.87 -111.56 -0.16
C LEU F 1788 9.40 -111.69 0.24
N PRO F 1789 8.90 -110.88 1.18
CA PRO F 1789 7.46 -110.94 1.49
C PRO F 1789 6.61 -110.77 0.24
N ALA F 1790 5.84 -111.80 -0.12
CA ALA F 1790 4.99 -111.71 -1.29
C ALA F 1790 3.98 -110.59 -1.15
N ALA F 1791 3.67 -110.18 0.07
CA ALA F 1791 2.76 -109.06 0.31
C ALA F 1791 3.23 -107.82 -0.45
N GLY F 1792 2.37 -107.30 -1.30
CA GLY F 1792 2.71 -106.14 -2.09
C GLY F 1792 3.06 -104.94 -1.21
N ALA F 1793 3.57 -103.91 -1.87
CA ALA F 1793 3.94 -102.70 -1.15
C ALA F 1793 2.70 -102.05 -0.52
N THR F 1794 2.93 -101.33 0.58
CA THR F 1794 1.86 -100.62 1.28
C THR F 1794 0.98 -101.59 2.07
N GLU F 1795 1.46 -102.83 2.22
CA GLU F 1795 0.72 -103.84 2.98
C GLU F 1795 1.61 -104.47 4.03
N ALA F 1796 2.88 -104.66 3.73
CA ALA F 1796 3.78 -105.32 4.66
C ALA F 1796 4.06 -104.42 5.86
N PRO F 1797 4.36 -104.99 7.02
CA PRO F 1797 4.74 -104.16 8.17
C PRO F 1797 6.01 -103.38 7.88
N ALA F 1798 6.08 -102.18 8.45
CA ALA F 1798 7.26 -101.34 8.27
C ALA F 1798 8.51 -102.07 8.75
N ARG F 1799 9.59 -101.95 7.99
CA ARG F 1799 10.82 -102.62 8.35
C ARG F 1799 11.38 -102.07 9.66
N LEU F 1800 12.04 -102.93 10.41
CA LEU F 1800 12.74 -102.53 11.62
C LEU F 1800 14.21 -102.25 11.32
N SER F 1801 14.83 -101.47 12.19
CA SER F 1801 16.23 -101.13 11.99
C SER F 1801 17.08 -102.41 12.02
N PRO F 1802 18.10 -102.52 11.17
CA PRO F 1802 18.97 -103.70 11.24
C PRO F 1802 19.65 -103.78 12.59
N ALA F 1803 19.80 -105.01 13.09
CA ALA F 1803 20.33 -105.26 14.41
C ALA F 1803 21.85 -105.33 14.39
N ILE F 1804 22.47 -104.83 15.45
CA ILE F 1804 23.92 -104.96 15.65
C ILE F 1804 24.13 -105.34 17.10
N PRO F 1805 25.06 -106.26 17.42
CA PRO F 1805 25.20 -106.70 18.81
C PRO F 1805 25.43 -105.55 19.78
N LEU F 1806 24.42 -105.29 20.62
CA LEU F 1806 24.44 -104.11 21.46
C LEU F 1806 25.37 -104.23 22.65
N GLU F 1807 25.46 -105.40 23.28
CA GLU F 1807 26.39 -105.53 24.40
C GLU F 1807 27.83 -105.38 23.94
N ALA F 1808 28.18 -105.99 22.80
CA ALA F 1808 29.53 -105.84 22.27
C ALA F 1808 29.80 -104.40 21.87
N LEU F 1809 28.83 -103.75 21.20
CA LEU F 1809 29.01 -102.34 20.84
C LEU F 1809 29.20 -101.49 22.09
N ARG F 1810 28.45 -101.80 23.15
CA ARG F 1810 28.56 -101.05 24.40
C ARG F 1810 29.95 -101.18 24.99
N ASP F 1811 30.46 -102.40 25.09
CA ASP F 1811 31.80 -102.60 25.64
C ASP F 1811 32.84 -101.90 24.79
N LYS F 1812 32.73 -102.02 23.47
CA LYS F 1812 33.71 -101.38 22.61
C LYS F 1812 33.67 -99.86 22.76
N ALA F 1813 32.48 -99.28 22.86
CA ALA F 1813 32.37 -97.84 23.01
C ALA F 1813 33.02 -97.37 24.31
N LEU F 1814 32.75 -98.07 25.41
CA LEU F 1814 33.39 -97.68 26.66
C LEU F 1814 34.89 -97.81 26.58
N ARG F 1815 35.38 -98.89 25.97
CA ARG F 1815 36.83 -99.08 25.87
C ARG F 1815 37.46 -97.97 25.04
N MET F 1816 36.84 -97.60 23.93
CA MET F 1816 37.40 -96.53 23.11
C MET F 1816 37.40 -95.21 23.86
N LEU F 1817 36.34 -94.93 24.63
CA LEU F 1817 36.30 -93.69 25.40
C LEU F 1817 37.43 -93.67 26.42
N GLY F 1818 37.65 -94.78 27.11
CA GLY F 1818 38.74 -94.83 28.06
C GLY F 1818 40.10 -94.62 27.41
N GLU F 1819 40.32 -95.27 26.27
CA GLU F 1819 41.58 -95.09 25.56
C GLU F 1819 41.75 -93.63 25.14
N ALA F 1820 40.68 -93.00 24.66
CA ALA F 1820 40.75 -91.61 24.26
C ALA F 1820 41.11 -90.72 25.44
N VAL F 1821 40.51 -90.98 26.61
CA VAL F 1821 40.82 -90.18 27.79
C VAL F 1821 42.29 -90.32 28.14
N ARG F 1822 42.81 -91.54 28.14
CA ARG F 1822 44.22 -91.73 28.49
C ARG F 1822 45.14 -91.04 27.49
N ASP F 1823 44.84 -91.16 26.20
CA ASP F 1823 45.69 -90.51 25.20
C ASP F 1823 45.63 -89.00 25.33
N GLY F 1824 44.45 -88.45 25.58
CA GLY F 1824 44.33 -87.02 25.79
C GLY F 1824 45.17 -86.58 26.96
N GLY F 1825 45.17 -87.38 28.03
CA GLY F 1825 46.04 -87.09 29.16
C GLY F 1825 47.51 -87.11 28.77
N GLN F 1826 47.89 -88.05 27.90
CA GLN F 1826 49.30 -88.16 27.52
C GLN F 1826 49.75 -87.02 26.61
N HIS F 1827 48.83 -86.44 25.83
CA HIS F 1827 49.13 -85.32 24.95
C HIS F 1827 50.19 -85.71 23.90
N ALA F 1828 49.80 -86.64 23.05
CA ALA F 1828 50.67 -87.08 21.98
C ALA F 1828 50.59 -86.13 20.78
N ARG F 1829 51.49 -86.32 19.82
CA ARG F 1829 51.54 -85.47 18.63
C ARG F 1829 50.91 -86.11 17.40
N ASP F 1830 50.28 -87.28 17.54
CA ASP F 1830 49.57 -87.93 16.45
C ASP F 1830 48.21 -88.39 16.96
N PRO F 1831 47.30 -87.46 17.22
CA PRO F 1831 45.99 -87.83 17.74
C PRO F 1831 45.24 -88.73 16.76
N VAL F 1832 44.49 -89.68 17.31
CA VAL F 1832 43.67 -90.54 16.47
C VAL F 1832 42.75 -89.68 15.63
N GLY F 1833 42.73 -89.94 14.32
CA GLY F 1833 41.95 -89.16 13.40
C GLY F 1833 42.58 -87.87 12.96
N GLY F 1834 43.77 -87.54 13.48
CA GLY F 1834 44.49 -86.36 13.08
C GLY F 1834 44.38 -85.19 14.04
N SER F 1835 43.39 -85.21 14.93
CA SER F 1835 43.22 -84.11 15.87
C SER F 1835 42.41 -84.58 17.06
N VAL F 1836 42.45 -83.78 18.13
CA VAL F 1836 41.67 -84.08 19.32
C VAL F 1836 40.18 -84.12 18.98
N GLU F 1837 39.75 -83.24 18.09
CA GLU F 1837 38.35 -83.22 17.70
C GLU F 1837 37.94 -84.54 17.04
N PHE F 1838 38.69 -85.00 16.05
CA PHE F 1838 38.37 -86.25 15.39
C PHE F 1838 38.62 -87.47 16.26
N GLN F 1839 39.38 -87.33 17.34
CA GLN F 1839 39.54 -88.43 18.28
C GLN F 1839 38.39 -88.52 19.26
N PHE F 1840 37.84 -87.39 19.71
CA PHE F 1840 36.84 -87.40 20.77
C PHE F 1840 35.41 -87.33 20.25
N VAL F 1841 35.11 -86.45 19.30
CA VAL F 1841 33.72 -86.20 18.92
C VAL F 1841 33.02 -87.48 18.48
N PRO F 1842 33.59 -88.32 17.61
CA PRO F 1842 32.87 -89.53 17.21
C PRO F 1842 32.55 -90.47 18.36
N VAL F 1843 33.53 -90.71 19.23
CA VAL F 1843 33.32 -91.62 20.35
C VAL F 1843 32.23 -91.07 21.27
N LEU F 1844 32.27 -89.76 21.54
CA LEU F 1844 31.28 -89.16 22.41
C LEU F 1844 29.90 -89.18 21.78
N LYS F 1845 29.81 -89.00 20.46
CA LYS F 1845 28.52 -89.14 19.79
C LYS F 1845 27.97 -90.55 19.96
N LEU F 1846 28.81 -91.56 19.76
CA LEU F 1846 28.36 -92.92 19.93
C LEU F 1846 27.87 -93.17 21.36
N VAL F 1847 28.64 -92.70 22.34
CA VAL F 1847 28.27 -92.93 23.74
C VAL F 1847 26.99 -92.21 24.09
N SER F 1848 26.82 -90.98 23.62
CA SER F 1848 25.58 -90.25 23.89
C SER F 1848 24.39 -90.95 23.26
N THR F 1849 24.54 -91.42 22.03
CA THR F 1849 23.45 -92.15 21.38
C THR F 1849 23.09 -93.39 22.19
N LEU F 1850 24.09 -94.13 22.63
CA LEU F 1850 23.81 -95.35 23.40
C LEU F 1850 23.15 -95.03 24.72
N LEU F 1851 23.61 -93.99 25.42
CA LEU F 1851 22.95 -93.59 26.66
C LEU F 1851 21.49 -93.25 26.42
N VAL F 1852 21.21 -92.37 25.46
CA VAL F 1852 19.84 -91.95 25.21
C VAL F 1852 18.98 -93.16 24.86
N MET F 1853 19.52 -94.09 24.07
CA MET F 1853 18.82 -95.35 23.84
C MET F 1853 18.62 -96.10 25.14
N GLY F 1854 19.47 -95.86 26.13
CA GLY F 1854 19.30 -96.49 27.42
C GLY F 1854 19.72 -97.95 27.46
N VAL F 1855 20.74 -98.33 26.69
CA VAL F 1855 21.23 -99.69 26.69
C VAL F 1855 22.33 -99.90 27.72
N PHE F 1856 22.92 -98.84 28.25
CA PHE F 1856 23.99 -98.97 29.22
C PHE F 1856 23.45 -99.56 30.52
N SER F 1857 24.25 -100.41 31.16
CA SER F 1857 23.90 -100.96 32.45
C SER F 1857 24.34 -100.01 33.56
N ASP F 1858 24.03 -100.36 34.80
CA ASP F 1858 24.41 -99.51 35.92
C ASP F 1858 25.92 -99.39 36.06
N GLU F 1859 26.63 -100.51 35.92
CA GLU F 1859 28.09 -100.45 35.99
C GLU F 1859 28.65 -99.62 34.85
N ASP F 1860 28.08 -99.74 33.66
CA ASP F 1860 28.54 -98.94 32.53
C ASP F 1860 28.34 -97.47 32.80
N VAL F 1861 27.17 -97.10 33.34
CA VAL F 1861 26.89 -95.70 33.62
C VAL F 1861 27.84 -95.19 34.69
N LYS F 1862 28.15 -96.02 35.69
CA LYS F 1862 29.10 -95.60 36.71
C LYS F 1862 30.49 -95.36 36.12
N GLN F 1863 30.91 -96.23 35.19
CA GLN F 1863 32.19 -96.01 34.53
C GLN F 1863 32.18 -94.71 33.73
N ILE F 1864 31.09 -94.45 33.03
CA ILE F 1864 30.99 -93.21 32.26
C ILE F 1864 31.07 -92.01 33.18
N LEU F 1865 30.38 -92.06 34.31
CA LEU F 1865 30.41 -90.95 35.26
C LEU F 1865 31.81 -90.74 35.81
N LYS F 1866 32.52 -91.82 36.12
CA LYS F 1866 33.89 -91.67 36.60
C LYS F 1866 34.81 -91.13 35.52
N MET F 1867 34.56 -91.46 34.26
CA MET F 1867 35.31 -90.83 33.18
C MET F 1867 35.02 -89.34 33.10
N ILE F 1868 33.77 -88.95 33.31
CA ILE F 1868 33.42 -87.53 33.25
C ILE F 1868 34.09 -86.75 34.37
N GLU F 1869 33.98 -87.25 35.60
CA GLU F 1869 34.51 -86.55 36.77
C GLU F 1869 34.81 -87.57 37.86
N PRO F 1870 36.06 -88.00 38.01
CA PRO F 1870 36.35 -89.07 38.98
C PRO F 1870 35.97 -88.75 40.41
N GLU F 1871 36.13 -87.52 40.86
CA GLU F 1871 35.92 -87.19 42.27
C GLU F 1871 34.45 -87.02 42.62
N VAL F 1872 33.72 -86.20 41.85
CA VAL F 1872 32.33 -85.94 42.16
C VAL F 1872 31.52 -87.23 42.16
N PHE F 1873 31.75 -88.09 41.18
CA PHE F 1873 30.97 -89.30 40.98
C PHE F 1873 31.68 -90.55 41.50
N ARG F 1874 32.54 -90.40 42.49
CA ARG F 1874 33.13 -91.56 43.13
C ARG F 1874 32.07 -92.32 43.92
N GLU F 1875 32.36 -93.59 44.20
CA GLU F 1875 31.48 -94.43 44.98
C GLU F 1875 32.22 -94.88 46.23
N GLU F 1876 31.55 -94.79 47.38
CA GLU F 1876 32.15 -95.18 48.65
C GLU F 1876 32.12 -96.69 48.83
N LEU F 1923 42.96 -92.59 35.40
CA LEU F 1923 43.42 -91.22 35.29
C LEU F 1923 42.56 -90.31 36.16
N GLU F 1924 43.21 -89.53 37.03
CA GLU F 1924 42.50 -88.68 37.98
C GLU F 1924 42.00 -87.41 37.30
N GLU F 1925 42.26 -87.27 36.00
CA GLU F 1925 41.80 -86.12 35.21
C GLU F 1925 40.60 -86.55 34.40
N GLY F 1926 39.44 -85.96 34.70
CA GLY F 1926 38.22 -86.27 33.98
C GLY F 1926 38.09 -85.50 32.70
N LEU F 1927 37.07 -85.85 31.92
CA LEU F 1927 36.85 -85.18 30.64
C LEU F 1927 36.60 -83.70 30.84
N LEU F 1928 35.89 -83.32 31.90
CA LEU F 1928 35.49 -81.93 32.07
C LEU F 1928 36.67 -81.00 32.30
N GLN F 1929 37.86 -81.53 32.57
CA GLN F 1929 39.07 -80.72 32.70
C GLN F 1929 40.17 -81.35 31.83
N MET F 1930 40.16 -81.05 30.53
CA MET F 1930 41.22 -81.51 29.66
C MET F 1930 41.55 -80.48 28.59
N LYS F 1931 41.12 -79.24 28.78
CA LYS F 1931 41.38 -78.21 27.78
C LYS F 1931 40.96 -78.70 26.40
N LEU F 1932 39.67 -78.94 26.21
CA LEU F 1932 39.15 -79.56 25.01
C LEU F 1932 38.64 -78.51 24.02
N PRO F 1933 38.56 -78.85 22.74
CA PRO F 1933 37.96 -77.93 21.77
C PRO F 1933 36.48 -77.73 22.06
N GLU F 1934 35.86 -76.88 21.23
CA GLU F 1934 34.48 -76.50 21.50
C GLU F 1934 33.49 -77.58 21.09
N SER F 1935 33.76 -78.32 20.01
CA SER F 1935 32.86 -79.40 19.62
C SER F 1935 32.85 -80.51 20.68
N VAL F 1936 34.02 -80.86 21.20
CA VAL F 1936 34.07 -81.84 22.29
C VAL F 1936 33.30 -81.31 23.48
N LYS F 1937 33.39 -80.00 23.74
CA LYS F 1937 32.60 -79.41 24.79
C LYS F 1937 31.11 -79.54 24.52
N LEU F 1938 30.69 -79.44 23.25
CA LEU F 1938 29.29 -79.64 22.92
C LEU F 1938 28.84 -81.06 23.24
N GLN F 1939 29.67 -82.05 22.89
CA GLN F 1939 29.32 -83.42 23.22
C GLN F 1939 29.25 -83.64 24.73
N MET F 1940 30.20 -83.05 25.47
CA MET F 1940 30.13 -83.12 26.91
C MET F 1940 28.85 -82.49 27.45
N CYS F 1941 28.41 -81.39 26.84
CA CYS F 1941 27.15 -80.79 27.21
C CYS F 1941 25.98 -81.73 26.95
N HIS F 1942 26.02 -82.47 25.85
CA HIS F 1942 24.96 -83.45 25.61
C HIS F 1942 24.93 -84.53 26.69
N LEU F 1943 26.10 -85.01 27.08
CA LEU F 1943 26.15 -86.01 28.15
C LEU F 1943 25.58 -85.45 29.45
N LEU F 1944 26.00 -84.25 29.82
CA LEU F 1944 25.48 -83.63 31.04
C LEU F 1944 23.98 -83.40 30.95
N GLU F 1945 23.48 -83.07 29.76
CA GLU F 1945 22.05 -82.92 29.58
C GLU F 1945 21.33 -84.23 29.86
N TYR F 1946 21.87 -85.34 29.36
CA TYR F 1946 21.25 -86.63 29.63
C TYR F 1946 21.19 -86.90 31.13
N PHE F 1947 22.29 -86.65 31.83
CA PHE F 1947 22.29 -86.97 33.26
C PHE F 1947 21.37 -86.04 34.05
N CYS F 1948 21.28 -84.77 33.66
CA CYS F 1948 20.33 -83.87 34.31
C CYS F 1948 18.89 -84.32 34.06
N ASP F 1949 18.59 -84.76 32.84
CA ASP F 1949 17.27 -85.30 32.56
C ASP F 1949 16.99 -86.54 33.41
N GLN F 1950 18.00 -87.38 33.62
CA GLN F 1950 17.81 -88.53 34.49
C GLN F 1950 17.51 -88.12 35.92
N GLU F 1951 18.18 -87.10 36.46
CA GLU F 1951 17.85 -86.63 37.79
C GLU F 1951 16.43 -86.07 37.85
N LEU F 1952 16.01 -85.34 36.82
CA LEU F 1952 14.63 -84.85 36.79
C LEU F 1952 13.63 -86.00 36.78
N GLN F 1953 13.90 -87.04 35.99
CA GLN F 1953 13.03 -88.21 35.97
C GLN F 1953 12.98 -88.87 37.33
N HIS F 1954 14.12 -88.97 38.01
CA HIS F 1954 14.13 -89.53 39.35
C HIS F 1954 13.27 -88.69 40.29
N ARG F 1955 13.34 -87.37 40.19
CA ARG F 1955 12.51 -86.52 41.03
C ARG F 1955 11.03 -86.79 40.79
N VAL F 1956 10.64 -86.86 39.52
CA VAL F 1956 9.23 -87.07 39.20
C VAL F 1956 8.77 -88.43 39.72
N GLU F 1957 9.57 -89.47 39.51
CA GLU F 1957 9.17 -90.80 39.97
C GLU F 1957 9.10 -90.86 41.48
N SER F 1958 10.03 -90.21 42.19
CA SER F 1958 9.96 -90.18 43.64
C SER F 1958 8.71 -89.46 44.11
N LEU F 1959 8.35 -88.37 43.45
CA LEU F 1959 7.13 -87.66 43.82
C LEU F 1959 5.90 -88.54 43.63
N ALA F 1960 5.83 -89.26 42.51
CA ALA F 1960 4.69 -90.15 42.30
C ALA F 1960 4.64 -91.27 43.32
N ALA F 1961 5.80 -91.84 43.65
CA ALA F 1961 5.83 -92.92 44.63
C ALA F 1961 5.37 -92.43 45.99
N PHE F 1962 5.80 -91.23 46.39
CA PHE F 1962 5.31 -90.67 47.64
C PHE F 1962 3.81 -90.39 47.56
N ALA F 1963 3.35 -89.89 46.42
CA ALA F 1963 1.95 -89.52 46.27
C ALA F 1963 1.05 -90.73 46.47
N GLU F 1964 1.46 -91.89 45.96
CA GLU F 1964 0.65 -93.08 46.14
C GLU F 1964 0.38 -93.34 47.63
N CYS F 1965 1.45 -93.42 48.42
CA CYS F 1965 1.28 -93.71 49.85
C CYS F 1965 0.51 -92.61 50.55
N TYR F 1966 0.82 -91.36 50.24
CA TYR F 1966 0.17 -90.26 50.95
C TYR F 1966 -1.31 -90.20 50.65
N VAL F 1967 -1.69 -90.38 49.38
CA VAL F 1967 -3.10 -90.33 49.03
C VAL F 1967 -3.83 -91.53 49.62
N ASP F 1968 -3.16 -92.67 49.72
CA ASP F 1968 -3.77 -93.81 50.40
C ASP F 1968 -4.06 -93.47 51.86
N LYS F 1969 -3.08 -92.85 52.53
CA LYS F 1969 -3.30 -92.48 53.93
C LYS F 1969 -4.42 -91.46 54.05
N MET F 1970 -4.48 -90.49 53.14
CA MET F 1970 -5.55 -89.49 53.17
C MET F 1970 -6.91 -90.16 52.98
N GLN F 1971 -6.99 -91.12 52.07
CA GLN F 1971 -8.26 -91.80 51.84
C GLN F 1971 -8.69 -92.58 53.07
N GLY F 1972 -7.75 -93.29 53.71
CA GLY F 1972 -8.08 -93.99 54.94
C GLY F 1972 -8.55 -93.04 56.03
N ASN F 1973 -7.85 -91.92 56.19
CA ASN F 1973 -8.27 -90.91 57.15
C ASN F 1973 -9.70 -90.45 56.89
N GLN F 1974 -10.01 -90.13 55.63
CA GLN F 1974 -11.32 -89.59 55.33
C GLN F 1974 -12.41 -90.65 55.51
N ARG F 1975 -12.10 -91.91 55.19
CA ARG F 1975 -13.06 -92.97 55.46
C ARG F 1975 -13.35 -93.09 56.94
N GLY F 1976 -12.31 -93.04 57.77
CA GLY F 1976 -12.53 -93.10 59.22
C GLY F 1976 -13.35 -91.91 59.70
N ARG F 1977 -13.05 -90.72 59.19
CA ARG F 1977 -13.78 -89.53 59.60
C ARG F 1977 -15.25 -89.64 59.21
N TYR F 1978 -15.53 -90.13 58.00
CA TYR F 1978 -16.91 -90.31 57.59
C TYR F 1978 -17.61 -91.34 58.46
N GLY F 1979 -16.91 -92.41 58.83
CA GLY F 1979 -17.50 -93.38 59.73
C GLY F 1979 -17.90 -92.74 61.05
N LEU F 1980 -17.01 -91.94 61.62
CA LEU F 1980 -17.34 -91.25 62.86
C LEU F 1980 -18.50 -90.29 62.67
N LEU F 1981 -18.54 -89.59 61.54
CA LEU F 1981 -19.62 -88.64 61.27
C LEU F 1981 -20.96 -89.36 61.22
N MET F 1982 -21.03 -90.48 60.50
CA MET F 1982 -22.25 -91.26 60.45
C MET F 1982 -22.63 -91.79 61.84
N LYS F 1983 -21.63 -92.24 62.60
CA LYS F 1983 -21.92 -92.74 63.95
C LYS F 1983 -22.52 -91.64 64.81
N ALA F 1984 -22.03 -90.42 64.67
CA ALA F 1984 -22.58 -89.29 65.42
C ALA F 1984 -24.08 -89.19 65.17
N PHE F 1985 -24.87 -89.39 66.23
CA PHE F 1985 -26.33 -89.46 66.13
C PHE F 1985 -26.91 -88.09 66.43
N THR F 1986 -27.06 -87.27 65.39
CA THR F 1986 -27.71 -85.97 65.51
C THR F 1986 -27.13 -85.16 66.66
N MET F 1987 -25.80 -85.13 66.77
CA MET F 1987 -25.17 -84.32 67.80
C MET F 1987 -25.64 -82.88 67.66
N SER F 1988 -25.58 -82.35 66.43
CA SER F 1988 -26.16 -81.06 66.10
C SER F 1988 -26.31 -80.96 64.58
N ALA F 1989 -27.54 -80.91 64.08
CA ALA F 1989 -27.77 -80.95 62.63
C ALA F 1989 -26.93 -79.92 61.88
N ALA F 1990 -26.84 -78.70 62.42
CA ALA F 1990 -25.99 -77.68 61.80
C ALA F 1990 -24.55 -78.14 61.74
N GLU F 1991 -24.06 -78.74 62.82
CA GLU F 1991 -22.73 -79.32 62.84
C GLU F 1991 -22.57 -80.39 61.76
N THR F 1992 -23.59 -81.25 61.61
CA THR F 1992 -23.53 -82.33 60.64
C THR F 1992 -23.40 -81.76 59.22
N ALA F 1993 -24.19 -80.76 58.89
CA ALA F 1993 -24.06 -80.11 57.59
C ALA F 1993 -22.68 -79.47 57.45
N ARG F 1994 -22.22 -78.82 58.52
CA ARG F 1994 -20.94 -78.11 58.50
C ARG F 1994 -19.79 -79.06 58.20
N ARG F 1995 -19.93 -80.33 58.60
CA ARG F 1995 -18.89 -81.31 58.21
C ARG F 1995 -19.17 -81.89 56.83
N THR F 1996 -20.43 -82.18 56.53
CA THR F 1996 -20.73 -83.00 55.36
C THR F 1996 -20.62 -82.22 54.06
N ARG F 1997 -20.49 -80.89 54.10
CA ARG F 1997 -20.36 -80.26 52.79
C ARG F 1997 -19.11 -80.83 52.13
N GLU F 1998 -18.05 -81.03 52.93
CA GLU F 1998 -16.83 -81.64 52.41
C GLU F 1998 -17.14 -82.84 51.53
N PHE F 1999 -17.81 -83.84 52.08
CA PHE F 1999 -18.15 -85.02 51.30
C PHE F 1999 -19.11 -84.71 50.18
N ARG F 2000 -19.85 -83.60 50.22
CA ARG F 2000 -20.65 -83.21 49.06
C ARG F 2000 -19.83 -82.59 47.93
N SER F 2001 -18.60 -82.15 48.19
CA SER F 2001 -17.82 -81.45 47.18
C SER F 2001 -17.10 -82.43 46.26
N PRO F 2002 -16.66 -81.97 45.09
CA PRO F 2002 -15.94 -82.84 44.16
C PRO F 2002 -14.60 -83.28 44.73
N PRO F 2003 -14.11 -84.47 44.32
CA PRO F 2003 -12.86 -84.97 44.90
C PRO F 2003 -11.68 -84.03 44.73
N GLN F 2004 -11.61 -83.28 43.63
CA GLN F 2004 -10.51 -82.35 43.46
C GLN F 2004 -10.51 -81.29 44.55
N GLU F 2005 -11.68 -80.74 44.86
CA GLU F 2005 -11.76 -79.74 45.92
C GLU F 2005 -11.55 -80.37 47.29
N GLN F 2006 -11.97 -81.62 47.47
CA GLN F 2006 -11.62 -82.30 48.71
C GLN F 2006 -10.11 -82.40 48.88
N ILE F 2007 -9.41 -82.76 47.80
CA ILE F 2007 -7.95 -82.85 47.85
C ILE F 2007 -7.35 -81.49 48.18
N ASN F 2008 -7.82 -80.44 47.51
CA ASN F 2008 -7.28 -79.11 47.76
C ASN F 2008 -7.51 -78.69 49.21
N MET F 2009 -8.71 -78.93 49.73
CA MET F 2009 -9.00 -78.56 51.11
C MET F 2009 -8.12 -79.34 52.07
N LEU F 2010 -7.92 -80.63 51.81
CA LEU F 2010 -7.11 -81.45 52.71
C LEU F 2010 -5.64 -81.09 52.65
N LEU F 2011 -5.14 -80.60 51.52
CA LEU F 2011 -3.74 -80.21 51.41
C LEU F 2011 -3.48 -78.76 51.78
N HIS F 2012 -4.52 -77.93 51.89
CA HIS F 2012 -4.33 -76.51 52.21
C HIS F 2012 -4.00 -76.38 53.70
N PHE F 2013 -2.78 -76.78 54.05
CA PHE F 2013 -2.29 -76.55 55.41
C PHE F 2013 -0.82 -76.17 55.42
N LYS F 2014 -0.28 -75.64 54.33
CA LYS F 2014 1.15 -75.33 54.28
C LYS F 2014 1.53 -74.31 55.33
N ASN F 2015 0.75 -73.24 55.44
CA ASN F 2015 1.03 -72.16 56.38
C ASN F 2015 0.33 -72.33 57.72
N GLY F 2016 -0.24 -73.51 57.97
CA GLY F 2016 -0.92 -73.76 59.22
C GLY F 2016 -2.42 -73.67 59.10
N ALA F 2017 -3.14 -74.57 59.77
CA ALA F 2017 -4.59 -74.56 59.76
C ALA F 2017 -5.08 -75.36 60.95
N ASP F 2018 -6.30 -75.06 61.38
CA ASP F 2018 -6.92 -75.74 62.50
C ASP F 2018 -7.72 -76.95 62.00
N GLU F 2019 -8.14 -77.78 62.95
CA GLU F 2019 -8.85 -79.00 62.59
C GLU F 2019 -10.10 -78.70 61.78
N GLU F 2020 -10.69 -77.52 61.97
CA GLU F 2020 -11.87 -77.16 61.20
C GLU F 2020 -11.50 -76.89 59.74
N GLU F 2021 -10.46 -76.09 59.51
CA GLU F 2021 -10.08 -75.74 58.15
C GLU F 2021 -9.59 -76.96 57.38
N CYS F 2022 -8.76 -77.77 58.02
CA CYS F 2022 -8.18 -78.95 57.38
C CYS F 2022 -8.18 -80.11 58.39
N PRO F 2023 -9.01 -81.13 58.19
CA PRO F 2023 -9.11 -82.19 59.22
C PRO F 2023 -7.95 -83.17 59.26
N LEU F 2024 -6.91 -83.01 58.45
CA LEU F 2024 -5.82 -83.97 58.46
C LEU F 2024 -5.15 -84.00 59.83
N PRO F 2025 -4.90 -85.17 60.40
CA PRO F 2025 -4.14 -85.23 61.66
C PRO F 2025 -2.72 -84.69 61.49
N GLU F 2026 -2.11 -84.38 62.64
CA GLU F 2026 -0.81 -83.75 62.63
C GLU F 2026 0.26 -84.67 62.05
N GLU F 2027 0.17 -85.97 62.32
CA GLU F 2027 1.16 -86.90 61.78
C GLU F 2027 1.06 -86.97 60.25
N ILE F 2028 -0.16 -87.01 59.74
CA ILE F 2028 -0.36 -87.02 58.29
C ILE F 2028 0.19 -85.74 57.68
N ARG F 2029 -0.05 -84.60 58.32
CA ARG F 2029 0.52 -83.35 57.85
C ARG F 2029 2.05 -83.40 57.88
N GLN F 2030 2.60 -83.97 58.95
CA GLN F 2030 4.04 -83.96 59.13
C GLN F 2030 4.74 -84.80 58.07
N GLU F 2031 4.12 -85.89 57.64
CA GLU F 2031 4.71 -86.68 56.56
C GLU F 2031 4.92 -85.81 55.32
N LEU F 2032 3.89 -85.05 54.93
CA LEU F 2032 4.02 -84.20 53.76
C LEU F 2032 5.04 -83.10 53.99
N VAL F 2033 5.08 -82.54 55.20
CA VAL F 2033 6.05 -81.48 55.47
C VAL F 2033 7.47 -82.01 55.31
N ASN F 2034 7.73 -83.19 55.87
CA ASN F 2034 9.06 -83.79 55.75
C ASN F 2034 9.40 -84.08 54.29
N PHE F 2035 8.43 -84.61 53.53
CA PHE F 2035 8.72 -84.87 52.12
C PHE F 2035 8.99 -83.58 51.36
N HIS F 2036 8.27 -82.51 51.69
CA HIS F 2036 8.52 -81.23 51.03
C HIS F 2036 9.92 -80.73 51.33
N GLN F 2037 10.34 -80.86 52.59
CA GLN F 2037 11.72 -80.49 52.93
C GLN F 2037 12.71 -81.31 52.12
N ASP F 2038 12.47 -82.62 52.01
CA ASP F 2038 13.37 -83.48 51.25
C ASP F 2038 13.42 -83.08 49.78
N LEU F 2039 12.26 -82.77 49.20
CA LEU F 2039 12.21 -82.38 47.80
C LEU F 2039 12.97 -81.09 47.56
N LEU F 2040 12.79 -80.11 48.46
CA LEU F 2040 13.53 -78.86 48.32
C LEU F 2040 15.03 -79.12 48.43
N ALA F 2041 15.44 -79.96 49.37
CA ALA F 2041 16.86 -80.28 49.50
C ALA F 2041 17.39 -80.93 48.24
N HIS F 2042 16.63 -81.88 47.67
CA HIS F 2042 17.06 -82.54 46.44
C HIS F 2042 17.18 -81.55 45.29
N CYS F 2043 16.23 -80.64 45.16
CA CYS F 2043 16.31 -79.60 44.14
C CYS F 2043 17.38 -78.57 44.47
N GLY F 2044 17.96 -78.61 45.66
CA GLY F 2044 18.99 -77.68 46.05
C GLY F 2044 18.48 -76.41 46.71
N ILE F 2045 17.17 -76.26 46.84
CA ILE F 2045 16.60 -75.06 47.44
C ILE F 2045 17.10 -74.90 48.87
N GLN F 2046 17.12 -75.99 49.63
CA GLN F 2046 17.41 -75.92 51.05
C GLN F 2046 18.71 -75.17 51.30
N LEU F 2047 18.63 -74.09 52.07
CA LEU F 2047 19.79 -73.27 52.37
C LEU F 2047 19.67 -72.68 53.77
N GLU F 2089 30.72 -75.66 48.17
CA GLU F 2089 32.08 -76.04 48.54
C GLU F 2089 33.01 -75.83 47.35
N HIS F 2090 34.30 -75.66 47.62
CA HIS F 2090 35.26 -75.46 46.53
C HIS F 2090 35.30 -76.68 45.61
N LYS F 2091 34.95 -77.85 46.12
CA LYS F 2091 34.74 -79.02 45.26
C LYS F 2091 33.25 -79.20 45.01
N PRO F 2092 32.82 -79.43 43.76
CA PRO F 2092 31.39 -79.51 43.48
C PRO F 2092 30.62 -80.46 44.40
N GLN F 2093 31.04 -81.73 44.43
CA GLN F 2093 30.43 -82.76 45.26
C GLN F 2093 28.97 -83.02 44.91
N SER F 2094 28.54 -82.71 43.69
CA SER F 2094 27.17 -82.96 43.26
C SER F 2094 27.07 -82.60 41.79
N LEU F 2095 26.08 -83.19 41.12
CA LEU F 2095 25.91 -82.91 39.70
C LEU F 2095 25.55 -81.45 39.46
N GLN F 2096 24.69 -80.89 40.32
CA GLN F 2096 24.28 -79.50 40.14
C GLN F 2096 25.48 -78.56 40.25
N GLU F 2097 26.25 -78.69 41.33
CA GLU F 2097 27.42 -77.84 41.51
C GLU F 2097 28.43 -78.08 40.40
N LEU F 2098 28.63 -79.33 40.02
CA LEU F 2098 29.57 -79.64 38.95
C LEU F 2098 29.19 -78.93 37.66
N VAL F 2099 27.93 -79.05 37.25
CA VAL F 2099 27.51 -78.44 35.99
C VAL F 2099 27.63 -76.93 36.07
N SER F 2100 27.16 -76.33 37.17
CA SER F 2100 27.23 -74.88 37.28
C SER F 2100 28.67 -74.39 37.20
N HIS F 2101 29.54 -74.99 38.02
CA HIS F 2101 30.92 -74.55 38.06
C HIS F 2101 31.61 -74.77 36.72
N THR F 2102 31.33 -75.90 36.07
CA THR F 2102 31.97 -76.17 34.79
C THR F 2102 31.54 -75.17 33.73
N VAL F 2103 30.25 -74.89 33.63
CA VAL F 2103 29.77 -73.96 32.61
C VAL F 2103 30.35 -72.57 32.86
N VAL F 2104 30.33 -72.12 34.12
CA VAL F 2104 30.85 -70.80 34.42
C VAL F 2104 32.35 -70.75 34.13
N ARG F 2105 33.07 -71.84 34.43
CA ARG F 2105 34.50 -71.88 34.18
C ARG F 2105 34.80 -71.81 32.70
N TRP F 2106 34.05 -72.54 31.88
CA TRP F 2106 34.25 -72.46 30.44
C TRP F 2106 34.03 -71.04 29.94
N ALA F 2107 32.89 -70.44 30.31
CA ALA F 2107 32.59 -69.10 29.85
C ALA F 2107 33.62 -68.09 30.33
N GLN F 2108 34.14 -68.27 31.54
CA GLN F 2108 35.18 -67.39 32.05
C GLN F 2108 36.49 -67.57 31.29
N GLU F 2109 36.81 -68.80 30.92
CA GLU F 2109 38.09 -69.08 30.27
C GLU F 2109 38.13 -68.56 28.85
N ASP F 2110 37.07 -68.77 28.08
CA ASP F 2110 37.13 -68.41 26.67
C ASP F 2110 35.88 -67.66 26.25
N PHE F 2111 36.03 -66.85 25.20
CA PHE F 2111 34.92 -66.23 24.51
C PHE F 2111 34.36 -67.25 23.54
N VAL F 2112 33.40 -68.05 24.00
CA VAL F 2112 32.92 -69.18 23.23
C VAL F 2112 32.38 -68.69 21.90
N GLN F 2113 32.77 -69.37 20.81
CA GLN F 2113 32.42 -68.94 19.47
C GLN F 2113 31.26 -69.72 18.86
N SER F 2114 30.98 -70.91 19.36
CA SER F 2114 29.93 -71.73 18.78
C SER F 2114 28.58 -71.36 19.40
N PRO F 2115 27.64 -70.81 18.64
CA PRO F 2115 26.34 -70.48 19.23
C PRO F 2115 25.62 -71.69 19.80
N GLU F 2116 25.76 -72.86 19.17
CA GLU F 2116 25.16 -74.06 19.73
C GLU F 2116 25.75 -74.40 21.09
N LEU F 2117 27.08 -74.29 21.22
CA LEU F 2117 27.70 -74.54 22.50
C LEU F 2117 27.23 -73.54 23.54
N VAL F 2118 27.11 -72.27 23.17
CA VAL F 2118 26.65 -71.26 24.11
C VAL F 2118 25.24 -71.57 24.58
N ARG F 2119 24.36 -71.91 23.64
CA ARG F 2119 22.98 -72.21 23.99
C ARG F 2119 22.91 -73.42 24.91
N ALA F 2120 23.66 -74.47 24.61
CA ALA F 2120 23.64 -75.65 25.47
C ALA F 2120 24.18 -75.32 26.85
N MET F 2121 25.29 -74.58 26.92
CA MET F 2121 25.86 -74.22 28.21
C MET F 2121 24.87 -73.48 29.07
N PHE F 2122 24.21 -72.47 28.51
CA PHE F 2122 23.33 -71.66 29.31
C PHE F 2122 22.01 -72.34 29.61
N SER F 2123 21.54 -73.24 28.73
CA SER F 2123 20.39 -74.06 29.09
C SER F 2123 20.70 -74.94 30.28
N LEU F 2124 21.88 -75.58 30.27
CA LEU F 2124 22.28 -76.40 31.41
C LEU F 2124 22.36 -75.56 32.67
N LEU F 2125 22.97 -74.38 32.59
CA LEU F 2125 23.11 -73.53 33.76
C LEU F 2125 21.75 -73.13 34.31
N HIS F 2126 20.82 -72.76 33.44
CA HIS F 2126 19.48 -72.40 33.89
C HIS F 2126 18.81 -73.58 34.58
N ARG F 2127 18.92 -74.77 34.01
CA ARG F 2127 18.31 -75.93 34.67
C ARG F 2127 18.92 -76.15 36.04
N GLN F 2128 20.24 -76.00 36.17
CA GLN F 2128 20.85 -76.23 37.47
C GLN F 2128 20.41 -75.20 38.50
N TYR F 2129 20.31 -73.93 38.11
CA TYR F 2129 19.93 -72.91 39.07
C TYR F 2129 18.46 -72.99 39.45
N ASP F 2130 17.57 -73.17 38.48
CA ASP F 2130 16.13 -73.25 38.76
C ASP F 2130 15.69 -74.70 38.84
N GLY F 2131 16.15 -75.37 39.90
CA GLY F 2131 15.83 -76.77 40.07
C GLY F 2131 14.35 -77.01 40.26
N LEU F 2132 13.71 -76.19 41.10
CA LEU F 2132 12.29 -76.39 41.37
C LEU F 2132 11.44 -76.03 40.16
N GLY F 2133 11.81 -74.99 39.43
CA GLY F 2133 11.05 -74.62 38.25
C GLY F 2133 11.04 -75.71 37.20
N GLU F 2134 12.16 -76.42 37.05
CA GLU F 2134 12.22 -77.50 36.08
C GLU F 2134 11.22 -78.60 36.43
N LEU F 2135 11.17 -78.99 37.70
CA LEU F 2135 10.19 -79.99 38.13
C LEU F 2135 8.77 -79.47 37.94
N LEU F 2136 8.56 -78.18 38.25
CA LEU F 2136 7.24 -77.60 38.10
C LEU F 2136 6.76 -77.65 36.66
N ARG F 2137 7.64 -77.34 35.71
CA ARG F 2137 7.31 -77.38 34.30
C ARG F 2137 7.25 -78.79 33.74
N ALA F 2138 7.91 -79.75 34.38
CA ALA F 2138 7.85 -81.14 33.94
C ALA F 2138 6.65 -81.90 34.45
N LEU F 2139 6.12 -81.54 35.62
CA LEU F 2139 5.00 -82.29 36.18
C LEU F 2139 3.79 -82.35 35.26
N PRO F 2140 3.41 -81.30 34.54
CA PRO F 2140 2.23 -81.40 33.65
C PRO F 2140 2.25 -82.61 32.75
N ARG F 2141 3.41 -83.20 32.49
CA ARG F 2141 3.54 -84.36 31.61
C ARG F 2141 3.75 -85.65 32.40
N ALA F 2142 3.45 -85.63 33.69
CA ALA F 2142 3.57 -86.79 34.56
C ALA F 2142 2.20 -87.37 34.81
N TYR F 2143 2.08 -88.68 34.70
CA TYR F 2143 0.80 -89.37 34.85
C TYR F 2143 1.05 -90.71 35.52
N THR F 2144 0.17 -91.07 36.44
CA THR F 2144 0.25 -92.35 37.14
C THR F 2144 -0.88 -93.25 36.68
N ILE F 2145 -0.56 -94.52 36.41
CA ILE F 2145 -1.53 -95.49 35.95
C ILE F 2145 -1.46 -96.72 36.83
N SER F 2146 -2.54 -97.50 36.81
CA SER F 2146 -2.59 -98.75 37.54
C SER F 2146 -1.86 -99.83 36.77
N VAL F 2147 -1.54 -100.93 37.47
CA VAL F 2147 -0.78 -102.00 36.85
C VAL F 2147 -1.57 -102.64 35.72
N SER F 2148 -2.90 -102.69 35.85
CA SER F 2148 -3.72 -103.36 34.84
C SER F 2148 -3.72 -102.66 33.50
N SER F 2149 -3.22 -101.43 33.43
CA SER F 2149 -3.22 -100.65 32.20
C SER F 2149 -1.85 -100.60 31.53
N VAL F 2150 -0.84 -101.28 32.08
CA VAL F 2150 0.52 -101.12 31.59
C VAL F 2150 0.65 -101.64 30.16
N GLU F 2151 0.09 -102.81 29.89
CA GLU F 2151 0.23 -103.39 28.56
C GLU F 2151 -0.44 -102.53 27.51
N ASP F 2152 -1.67 -102.09 27.77
CA ASP F 2152 -2.38 -101.25 26.82
C ASP F 2152 -1.67 -99.92 26.63
N THR F 2153 -1.14 -99.34 27.71
CA THR F 2153 -0.42 -98.09 27.58
C THR F 2153 0.85 -98.27 26.76
N MET F 2154 1.54 -99.39 26.93
CA MET F 2154 2.73 -99.64 26.12
C MET F 2154 2.37 -99.76 24.64
N SER F 2155 1.28 -100.47 24.33
CA SER F 2155 0.86 -100.57 22.94
C SER F 2155 0.52 -99.20 22.37
N LEU F 2156 -0.19 -98.39 23.15
CA LEU F 2156 -0.56 -97.06 22.67
C LEU F 2156 0.68 -96.19 22.49
N LEU F 2157 1.69 -96.37 23.35
CA LEU F 2157 2.94 -95.64 23.16
C LEU F 2157 3.64 -96.07 21.89
N GLU F 2158 3.60 -97.36 21.57
CA GLU F 2158 4.13 -97.82 20.29
C GLU F 2158 3.46 -97.08 19.14
N CYS F 2159 2.13 -97.08 19.12
CA CYS F 2159 1.40 -96.45 18.02
C CYS F 2159 1.72 -94.95 17.96
N LEU F 2160 1.76 -94.28 19.11
CA LEU F 2160 2.05 -92.86 19.13
C LEU F 2160 3.47 -92.59 18.65
N GLY F 2161 4.41 -93.49 18.95
CA GLY F 2161 5.75 -93.33 18.43
C GLY F 2161 5.78 -93.41 16.92
N GLN F 2162 5.04 -94.36 16.36
CA GLN F 2162 4.93 -94.42 14.90
C GLN F 2162 4.38 -93.11 14.33
N ILE F 2163 3.29 -92.62 14.92
CA ILE F 2163 2.67 -91.40 14.41
C ILE F 2163 3.64 -90.24 14.49
N ARG F 2164 4.34 -90.10 15.61
CA ARG F 2164 5.31 -89.02 15.76
C ARG F 2164 6.43 -89.14 14.75
N SER F 2165 6.93 -90.35 14.52
CA SER F 2165 7.96 -90.57 13.51
C SER F 2165 7.49 -90.15 12.13
N LEU F 2166 6.18 -90.22 11.87
CA LEU F 2166 5.66 -89.77 10.58
C LEU F 2166 5.66 -88.27 10.41
N LEU F 2167 6.08 -87.49 11.41
CA LEU F 2167 6.12 -86.04 11.28
C LEU F 2167 7.32 -85.53 10.52
N ILE F 2168 8.35 -86.35 10.34
CA ILE F 2168 9.61 -85.93 9.73
C ILE F 2168 9.79 -86.52 8.34
N VAL F 2169 8.76 -87.14 7.78
CA VAL F 2169 8.84 -87.77 6.47
C VAL F 2169 7.69 -87.27 5.62
N GLN F 2170 7.98 -87.04 4.34
CA GLN F 2170 6.96 -86.60 3.40
C GLN F 2170 5.97 -87.73 3.14
N MET F 2171 4.69 -87.42 3.22
CA MET F 2171 3.66 -88.45 3.14
C MET F 2171 3.71 -89.17 1.81
N GLY F 2172 3.63 -90.50 1.88
CA GLY F 2172 3.52 -91.34 0.72
C GLY F 2172 2.48 -92.42 0.97
N PRO F 2173 2.36 -93.38 0.06
CA PRO F 2173 1.36 -94.44 0.26
C PRO F 2173 1.64 -95.30 1.49
N GLN F 2174 2.88 -95.75 1.68
CA GLN F 2174 3.19 -96.57 2.84
C GLN F 2174 3.01 -95.79 4.13
N GLU F 2175 3.43 -94.53 4.15
CA GLU F 2175 3.23 -93.70 5.34
C GLU F 2175 1.76 -93.51 5.63
N GLU F 2176 0.95 -93.33 4.58
CA GLU F 2176 -0.49 -93.21 4.75
C GLU F 2176 -1.06 -94.46 5.41
N ASN F 2177 -0.66 -95.63 4.90
CA ASN F 2177 -1.17 -96.88 5.46
C ASN F 2177 -0.74 -97.03 6.92
N LEU F 2178 0.51 -96.71 7.23
CA LEU F 2178 0.98 -96.83 8.61
C LEU F 2178 0.22 -95.87 9.52
N MET F 2179 -0.03 -94.65 9.05
CA MET F 2179 -0.78 -93.68 9.84
C MET F 2179 -2.19 -94.18 10.12
N ILE F 2180 -2.83 -94.73 9.10
CA ILE F 2180 -4.20 -95.23 9.27
C ILE F 2180 -4.22 -96.38 10.26
N GLN F 2181 -3.27 -97.30 10.14
CA GLN F 2181 -3.23 -98.43 11.07
C GLN F 2181 -2.97 -97.97 12.49
N SER F 2182 -2.07 -97.01 12.67
CA SER F 2182 -1.79 -96.49 14.01
C SER F 2182 -3.03 -95.85 14.60
N ILE F 2183 -3.75 -95.07 13.81
CA ILE F 2183 -4.98 -94.45 14.30
C ILE F 2183 -6.00 -95.51 14.69
N GLY F 2184 -6.12 -96.55 13.86
CA GLY F 2184 -7.07 -97.61 14.18
C GLY F 2184 -6.73 -98.31 15.48
N ASN F 2185 -5.45 -98.62 15.67
CA ASN F 2185 -5.04 -99.27 16.91
C ASN F 2185 -5.29 -98.36 18.11
N ILE F 2186 -5.01 -97.07 17.96
CA ILE F 2186 -5.25 -96.14 19.06
C ILE F 2186 -6.73 -96.09 19.40
N MET F 2187 -7.60 -96.03 18.40
CA MET F 2187 -9.03 -96.05 18.67
C MET F 2187 -9.48 -97.32 19.34
N ASN F 2188 -8.97 -98.48 18.93
CA ASN F 2188 -9.40 -99.75 19.51
C ASN F 2188 -8.75 -99.99 20.88
N ASN F 2189 -7.76 -99.18 21.25
CA ASN F 2189 -7.10 -99.29 22.53
C ASN F 2189 -8.02 -98.75 23.63
N LYS F 2190 -8.12 -99.49 24.74
CA LYS F 2190 -8.98 -99.10 25.84
C LYS F 2190 -8.51 -97.79 26.48
N VAL F 2191 -7.20 -97.64 26.65
CA VAL F 2191 -6.68 -96.50 27.41
C VAL F 2191 -7.08 -95.19 26.75
N PHE F 2192 -7.27 -95.19 25.43
CA PHE F 2192 -7.60 -93.95 24.74
C PHE F 2192 -8.89 -93.34 25.28
N TYR F 2193 -9.80 -94.16 25.78
CA TYR F 2193 -11.08 -93.70 26.31
C TYR F 2193 -11.04 -93.45 27.81
N GLN F 2194 -10.26 -94.24 28.54
CA GLN F 2194 -10.31 -94.17 30.00
C GLN F 2194 -9.45 -93.04 30.55
N HIS F 2195 -8.44 -92.61 29.79
CA HIS F 2195 -7.46 -91.63 30.26
C HIS F 2195 -7.31 -90.51 29.24
N PRO F 2196 -8.36 -89.71 29.04
CA PRO F 2196 -8.23 -88.57 28.13
C PRO F 2196 -7.22 -87.53 28.59
N ASN F 2197 -7.04 -87.35 29.90
CA ASN F 2197 -6.03 -86.42 30.37
C ASN F 2197 -4.63 -86.87 29.96
N LEU F 2198 -4.36 -88.17 30.06
CA LEU F 2198 -3.09 -88.70 29.59
C LEU F 2198 -2.88 -88.37 28.12
N MET F 2199 -3.95 -88.41 27.34
CA MET F 2199 -3.81 -88.22 25.90
C MET F 2199 -3.56 -86.76 25.58
N ARG F 2200 -4.25 -85.86 26.27
CA ARG F 2200 -3.95 -84.44 26.13
C ARG F 2200 -2.52 -84.14 26.54
N ALA F 2201 -2.06 -84.77 27.62
CA ALA F 2201 -0.68 -84.56 28.06
C ALA F 2201 0.31 -85.04 27.01
N LEU F 2202 0.08 -86.23 26.44
CA LEU F 2202 0.92 -86.72 25.35
C LEU F 2202 0.81 -85.86 24.11
N GLY F 2203 -0.25 -85.05 23.98
CA GLY F 2203 -0.41 -84.21 22.82
C GLY F 2203 -0.70 -84.97 21.55
N MET F 2204 -1.48 -86.05 21.62
CA MET F 2204 -1.80 -86.82 20.43
C MET F 2204 -2.56 -85.98 19.42
N HIS F 2205 -3.52 -85.19 19.90
CA HIS F 2205 -4.31 -84.36 18.99
C HIS F 2205 -3.43 -83.40 18.23
N GLU F 2206 -2.44 -82.79 18.89
CA GLU F 2206 -1.55 -81.87 18.20
C GLU F 2206 -0.79 -82.60 17.09
N THR F 2207 -0.27 -83.79 17.37
CA THR F 2207 0.48 -84.52 16.36
C THR F 2207 -0.39 -84.88 15.17
N VAL F 2208 -1.58 -85.40 15.42
CA VAL F 2208 -2.45 -85.81 14.32
C VAL F 2208 -2.86 -84.59 13.49
N MET F 2209 -3.18 -83.49 14.17
CA MET F 2209 -3.53 -82.27 13.46
C MET F 2209 -2.37 -81.78 12.61
N GLU F 2210 -1.15 -81.84 13.15
CA GLU F 2210 0.00 -81.38 12.39
C GLU F 2210 0.21 -82.22 11.14
N VAL F 2211 0.07 -83.54 11.27
CA VAL F 2211 0.19 -84.40 10.10
C VAL F 2211 -0.87 -84.04 9.06
N MET F 2212 -2.12 -83.89 9.51
CA MET F 2212 -3.21 -83.55 8.61
C MET F 2212 -2.92 -82.25 7.88
N VAL F 2213 -2.45 -81.24 8.61
CA VAL F 2213 -2.23 -79.92 8.01
C VAL F 2213 -1.05 -79.96 7.05
N ASN F 2214 0.00 -80.70 7.40
CA ASN F 2214 1.10 -80.88 6.45
C ASN F 2214 0.58 -81.41 5.13
N VAL F 2215 -0.20 -82.49 5.18
CA VAL F 2215 -0.69 -83.08 3.95
C VAL F 2215 -1.63 -82.14 3.21
N LEU F 2216 -2.53 -81.47 3.94
CA LEU F 2216 -3.48 -80.57 3.31
C LEU F 2216 -2.75 -79.44 2.59
N GLY F 2217 -1.79 -78.80 3.26
CA GLY F 2217 -1.02 -77.75 2.62
C GLY F 2217 -0.25 -78.26 1.43
N GLY F 2218 0.33 -79.46 1.53
CA GLY F 2218 1.01 -80.03 0.38
C GLY F 2218 0.03 -80.25 -0.76
N GLY F 2219 0.31 -79.59 -1.88
CA GLY F 2219 -0.57 -79.67 -3.04
C GLY F 2219 -1.97 -79.16 -2.74
N GLU F 2220 -2.05 -78.08 -1.95
CA GLU F 2220 -3.37 -77.52 -1.63
C GLU F 2220 -4.02 -76.91 -2.85
N SER F 2221 -3.23 -76.30 -3.75
CA SER F 2221 -3.80 -75.71 -4.95
C SER F 2221 -4.49 -76.75 -5.81
N LYS F 2222 -3.86 -77.91 -5.98
CA LYS F 2222 -4.42 -79.00 -6.75
C LYS F 2222 -5.19 -79.94 -5.82
N GLU F 2223 -5.58 -81.11 -6.32
CA GLU F 2223 -6.32 -82.06 -5.52
C GLU F 2223 -5.50 -82.51 -4.32
N ILE F 2224 -6.19 -82.76 -3.21
CA ILE F 2224 -5.54 -83.21 -1.97
C ILE F 2224 -5.35 -84.72 -2.08
N ARG F 2225 -4.10 -85.17 -2.12
CA ARG F 2225 -3.83 -86.59 -2.06
C ARG F 2225 -4.10 -87.10 -0.65
N PHE F 2226 -4.20 -88.42 -0.54
CA PHE F 2226 -4.44 -89.10 0.73
C PHE F 2226 -5.75 -88.66 1.38
N PRO F 2227 -6.85 -88.61 0.62
CA PRO F 2227 -8.15 -88.30 1.25
C PRO F 2227 -8.52 -89.31 2.30
N LYS F 2228 -8.12 -90.57 2.14
CA LYS F 2228 -8.37 -91.56 3.18
C LYS F 2228 -7.67 -91.16 4.47
N MET F 2229 -6.43 -90.66 4.36
CA MET F 2229 -5.71 -90.26 5.56
C MET F 2229 -6.40 -89.08 6.23
N VAL F 2230 -6.88 -88.12 5.44
CA VAL F 2230 -7.56 -86.96 6.05
C VAL F 2230 -8.88 -87.39 6.68
N THR F 2231 -9.59 -88.31 6.04
CA THR F 2231 -10.81 -88.84 6.61
C THR F 2231 -10.53 -89.49 7.95
N SER F 2232 -9.43 -90.24 8.03
CA SER F 2232 -9.01 -90.76 9.32
C SER F 2232 -8.63 -89.63 10.27
N CYS F 2233 -8.16 -88.50 9.72
CA CYS F 2233 -7.72 -87.40 10.57
C CYS F 2233 -8.88 -86.82 11.37
N CYS F 2234 -10.05 -86.59 10.75
CA CYS F 2234 -11.20 -86.66 11.65
C CYS F 2234 -11.26 -87.94 12.43
N ARG F 2235 -11.61 -89.06 11.80
CA ARG F 2235 -12.23 -90.09 12.61
C ARG F 2235 -11.58 -90.07 13.98
N PHE F 2236 -10.24 -89.99 14.01
CA PHE F 2236 -9.52 -89.82 15.27
C PHE F 2236 -9.84 -88.49 15.97
N LEU F 2237 -9.40 -87.35 15.42
CA LEU F 2237 -9.51 -86.09 16.15
C LEU F 2237 -10.95 -85.76 16.47
N CYS F 2238 -11.84 -86.28 15.65
CA CYS F 2238 -13.15 -85.74 15.42
C CYS F 2238 -14.15 -86.68 16.09
N TYR F 2239 -13.63 -87.80 16.64
CA TYR F 2239 -14.11 -88.52 17.83
C TYR F 2239 -13.50 -87.99 19.13
N PHE F 2240 -12.22 -87.61 19.06
CA PHE F 2240 -11.48 -87.15 20.23
C PHE F 2240 -12.18 -85.97 20.89
N CYS F 2241 -12.72 -85.07 20.07
CA CYS F 2241 -13.54 -83.99 20.61
C CYS F 2241 -14.69 -84.56 21.44
N ARG F 2242 -15.35 -85.62 20.96
CA ARG F 2242 -16.47 -86.19 21.68
C ARG F 2242 -16.07 -86.90 22.96
N ILE F 2243 -14.82 -87.38 23.05
CA ILE F 2243 -14.45 -88.20 24.19
C ILE F 2243 -14.76 -87.48 25.52
N SER F 2244 -14.37 -86.21 25.64
CA SER F 2244 -14.61 -85.49 26.88
C SER F 2244 -14.65 -83.99 26.60
N ARG F 2245 -15.20 -83.25 27.57
CA ARG F 2245 -15.35 -81.81 27.38
C ARG F 2245 -14.00 -81.10 27.38
N GLN F 2246 -13.06 -81.56 28.20
CA GLN F 2246 -11.73 -80.96 28.20
C GLN F 2246 -11.06 -81.16 26.85
N ASN F 2247 -11.22 -82.34 26.25
CA ASN F 2247 -10.71 -82.56 24.91
C ASN F 2247 -11.34 -81.58 23.93
N GLN F 2248 -12.63 -81.30 24.10
CA GLN F 2248 -13.31 -80.36 23.22
C GLN F 2248 -12.72 -78.97 23.38
N ARG F 2249 -12.41 -78.56 24.62
CA ARG F 2249 -11.69 -77.30 24.84
C ARG F 2249 -10.35 -77.29 24.12
N SER F 2250 -9.59 -78.38 24.25
CA SER F 2250 -8.26 -78.43 23.65
C SER F 2250 -8.33 -78.28 22.14
N MET F 2251 -9.32 -78.93 21.51
CA MET F 2251 -9.45 -78.81 20.07
C MET F 2251 -10.03 -77.46 19.68
N PHE F 2252 -10.94 -76.92 20.49
CA PHE F 2252 -11.49 -75.59 20.22
C PHE F 2252 -10.40 -74.53 20.21
N ASP F 2253 -9.36 -74.72 21.02
CA ASP F 2253 -8.28 -73.74 21.05
C ASP F 2253 -7.61 -73.59 19.69
N HIS F 2254 -7.78 -74.56 18.79
CA HIS F 2254 -7.21 -74.49 17.45
C HIS F 2254 -8.26 -74.29 16.37
N LEU F 2255 -9.38 -73.64 16.69
CA LEU F 2255 -10.47 -73.51 15.72
C LEU F 2255 -10.02 -72.72 14.50
N SER F 2256 -9.34 -71.59 14.70
CA SER F 2256 -8.91 -70.78 13.58
C SER F 2256 -7.95 -71.54 12.69
N TYR F 2257 -7.03 -72.30 13.30
CA TYR F 2257 -6.13 -73.15 12.53
C TYR F 2257 -6.92 -74.09 11.62
N LEU F 2258 -7.88 -74.82 12.20
CA LEU F 2258 -8.70 -75.72 11.40
C LEU F 2258 -9.51 -74.95 10.37
N LEU F 2259 -10.10 -73.82 10.76
CA LEU F 2259 -10.85 -73.02 9.81
C LEU F 2259 -9.92 -72.49 8.71
N GLU F 2260 -8.69 -72.13 9.09
CA GLU F 2260 -7.74 -71.66 8.08
C GLU F 2260 -7.43 -72.74 7.07
N ASN F 2261 -7.26 -73.99 7.52
CA ASN F 2261 -6.88 -75.09 6.64
C ASN F 2261 -8.09 -75.73 5.95
N SER F 2262 -9.31 -75.36 6.35
CA SER F 2262 -10.51 -75.92 5.75
C SER F 2262 -10.98 -75.15 4.52
N GLY F 2263 -10.09 -74.35 3.92
CA GLY F 2263 -10.50 -73.55 2.76
C GLY F 2263 -11.04 -74.39 1.62
N ILE F 2264 -10.38 -75.51 1.31
CA ILE F 2264 -10.76 -76.38 0.20
C ILE F 2264 -11.04 -77.76 0.77
N GLY F 2265 -12.18 -78.33 0.38
CA GLY F 2265 -12.55 -79.66 0.83
C GLY F 2265 -13.55 -80.30 -0.10
N LEU F 2266 -14.33 -81.24 0.43
CA LEU F 2266 -15.41 -81.89 -0.31
C LEU F 2266 -14.85 -82.89 -1.32
N GLY F 2267 -13.54 -82.92 -1.51
CA GLY F 2267 -12.94 -83.95 -2.35
C GLY F 2267 -12.87 -85.26 -1.60
N MET F 2268 -12.88 -85.17 -0.27
CA MET F 2268 -12.72 -86.35 0.56
C MET F 2268 -13.95 -87.25 0.52
N GLN F 2269 -15.14 -86.65 0.50
CA GLN F 2269 -16.40 -87.39 0.62
C GLN F 2269 -16.48 -88.14 1.96
N GLY F 2270 -15.56 -87.83 2.86
CA GLY F 2270 -15.52 -88.48 4.17
C GLY F 2270 -15.72 -87.47 5.28
N SER F 2271 -14.65 -87.17 6.00
CA SER F 2271 -14.68 -86.20 7.08
C SER F 2271 -13.57 -85.19 6.84
N THR F 2272 -13.76 -83.96 7.32
CA THR F 2272 -12.91 -82.84 6.95
C THR F 2272 -12.53 -82.01 8.17
N PRO F 2273 -11.50 -81.17 8.05
CA PRO F 2273 -11.19 -80.25 9.15
C PRO F 2273 -12.36 -79.36 9.53
N LEU F 2274 -13.26 -79.07 8.59
CA LEU F 2274 -14.48 -78.36 8.95
C LEU F 2274 -15.35 -79.22 9.87
N ASP F 2275 -15.38 -80.53 9.64
CA ASP F 2275 -16.07 -81.42 10.56
C ASP F 2275 -15.40 -81.42 11.92
N VAL F 2276 -14.07 -81.37 11.96
CA VAL F 2276 -13.36 -81.24 13.23
C VAL F 2276 -13.81 -79.97 13.95
N ALA F 2277 -13.86 -78.87 13.22
CA ALA F 2277 -14.26 -77.61 13.81
C ALA F 2277 -15.66 -77.68 14.38
N ALA F 2278 -16.59 -78.27 13.62
CA ALA F 2278 -17.96 -78.40 14.11
C ALA F 2278 -18.01 -79.26 15.37
N ALA F 2279 -17.29 -80.38 15.36
CA ALA F 2279 -17.28 -81.26 16.52
C ALA F 2279 -16.64 -80.59 17.73
N SER F 2280 -15.76 -79.62 17.52
CA SER F 2280 -15.09 -78.95 18.62
C SER F 2280 -15.99 -77.94 19.33
N VAL F 2281 -17.21 -77.70 18.83
CA VAL F 2281 -18.10 -76.72 19.44
C VAL F 2281 -19.49 -77.30 19.63
N ILE F 2282 -19.78 -78.45 19.02
CA ILE F 2282 -21.13 -78.99 19.07
C ILE F 2282 -21.56 -79.21 20.52
N ASP F 2283 -22.79 -78.80 20.82
CA ASP F 2283 -23.44 -79.04 22.11
C ASP F 2283 -22.53 -78.67 23.26
N ASN F 2284 -22.06 -77.42 23.25
CA ASN F 2284 -21.25 -76.86 24.33
C ASN F 2284 -21.53 -75.37 24.36
N ASN F 2285 -22.41 -74.96 25.28
CA ASN F 2285 -22.77 -73.56 25.40
C ASN F 2285 -21.55 -72.71 25.72
N GLU F 2286 -20.71 -73.19 26.64
CA GLU F 2286 -19.57 -72.39 27.08
C GLU F 2286 -18.59 -72.15 25.92
N LEU F 2287 -18.43 -73.14 25.04
CA LEU F 2287 -17.60 -72.95 23.86
C LEU F 2287 -18.27 -72.08 22.81
N ALA F 2288 -19.56 -72.30 22.56
CA ALA F 2288 -20.25 -71.50 21.56
C ALA F 2288 -20.25 -70.04 21.93
N LEU F 2289 -20.27 -69.74 23.23
CA LEU F 2289 -20.21 -68.35 23.68
C LEU F 2289 -18.80 -67.77 23.55
N ALA F 2290 -17.77 -68.61 23.64
CA ALA F 2290 -16.40 -68.18 23.43
C ALA F 2290 -16.02 -68.13 21.96
N LEU F 2291 -16.88 -68.61 21.08
CA LEU F 2291 -16.61 -68.54 19.64
C LEU F 2291 -16.41 -67.09 19.21
N GLN F 2292 -15.54 -66.87 18.23
CA GLN F 2292 -15.10 -65.53 17.88
C GLN F 2292 -15.71 -65.02 16.58
N GLU F 2293 -15.96 -63.72 16.54
CA GLU F 2293 -16.57 -63.11 15.38
C GLU F 2293 -15.66 -63.21 14.16
N GLN F 2294 -14.34 -63.16 14.35
CA GLN F 2294 -13.45 -63.29 13.20
C GLN F 2294 -13.53 -64.69 12.59
N ASP F 2295 -13.67 -65.71 13.44
CA ASP F 2295 -13.87 -67.06 12.91
C ASP F 2295 -15.18 -67.16 12.14
N LEU F 2296 -16.25 -66.58 12.70
CA LEU F 2296 -17.51 -66.55 11.96
C LEU F 2296 -17.35 -65.81 10.64
N GLU F 2297 -16.57 -64.73 10.63
CA GLU F 2297 -16.33 -64.00 9.39
C GLU F 2297 -15.58 -64.85 8.37
N LYS F 2298 -14.59 -65.62 8.83
CA LYS F 2298 -13.87 -66.51 7.92
C LYS F 2298 -14.84 -67.50 7.27
N VAL F 2299 -15.69 -68.11 8.08
CA VAL F 2299 -16.63 -69.09 7.52
C VAL F 2299 -17.59 -68.39 6.56
N VAL F 2300 -18.04 -67.19 6.91
CA VAL F 2300 -18.97 -66.46 6.05
C VAL F 2300 -18.30 -66.11 4.72
N SER F 2301 -17.04 -65.71 4.76
CA SER F 2301 -16.32 -65.39 3.53
C SER F 2301 -16.15 -66.62 2.66
N TYR F 2302 -15.84 -67.76 3.27
CA TYR F 2302 -15.78 -68.99 2.50
C TYR F 2302 -17.13 -69.29 1.85
N LEU F 2303 -18.22 -69.09 2.59
CA LEU F 2303 -19.53 -69.35 2.03
C LEU F 2303 -19.84 -68.40 0.87
N ALA F 2304 -19.43 -67.14 1.00
CA ALA F 2304 -19.61 -66.18 -0.09
C ALA F 2304 -18.85 -66.61 -1.33
N GLY F 2305 -17.60 -67.02 -1.15
CA GLY F 2305 -16.84 -67.53 -2.28
C GLY F 2305 -17.51 -68.72 -2.93
N CYS F 2306 -18.05 -69.62 -2.11
CA CYS F 2306 -18.73 -70.80 -2.64
C CYS F 2306 -19.99 -70.41 -3.39
N GLY F 2307 -20.65 -69.33 -2.96
CA GLY F 2307 -21.86 -68.88 -3.62
C GLY F 2307 -21.58 -68.04 -4.83
N LEU F 2308 -20.31 -67.66 -5.02
CA LEU F 2308 -19.92 -66.86 -6.18
C LEU F 2308 -19.19 -67.61 -7.28
N GLN F 2309 -18.38 -68.62 -6.96
CA GLN F 2309 -17.57 -69.30 -7.96
C GLN F 2309 -17.86 -70.79 -7.96
N SER F 2310 -17.87 -71.37 -9.16
CA SER F 2310 -18.13 -72.79 -9.32
C SER F 2310 -16.96 -73.61 -8.77
N CYS F 2311 -17.22 -74.90 -8.55
CA CYS F 2311 -16.23 -75.77 -7.93
C CYS F 2311 -15.22 -76.22 -8.99
N PRO F 2312 -13.93 -75.91 -8.82
CA PRO F 2312 -12.96 -76.36 -9.84
C PRO F 2312 -12.92 -77.86 -10.02
N MET F 2313 -13.08 -78.62 -8.94
CA MET F 2313 -13.05 -80.08 -9.07
C MET F 2313 -14.20 -80.58 -9.93
N LEU F 2314 -15.40 -80.06 -9.69
CA LEU F 2314 -16.54 -80.46 -10.52
C LEU F 2314 -16.34 -80.02 -11.96
N LEU F 2315 -15.82 -78.82 -12.18
CA LEU F 2315 -15.59 -78.36 -13.54
C LEU F 2315 -14.60 -79.28 -14.25
N ALA F 2316 -13.53 -79.69 -13.56
CA ALA F 2316 -12.58 -80.62 -14.16
C ALA F 2316 -13.24 -81.96 -14.46
N LYS F 2317 -14.07 -82.45 -13.54
CA LYS F 2317 -14.79 -83.70 -13.77
C LYS F 2317 -15.74 -83.58 -14.94
N GLY F 2318 -16.16 -82.36 -15.29
CA GLY F 2318 -17.01 -82.14 -16.45
C GLY F 2318 -18.42 -81.71 -16.12
N TYR F 2319 -18.73 -81.42 -14.86
CA TYR F 2319 -20.07 -80.98 -14.52
C TYR F 2319 -20.36 -79.65 -15.20
N PRO F 2320 -21.59 -79.41 -15.64
CA PRO F 2320 -21.92 -78.11 -16.22
C PRO F 2320 -21.66 -76.99 -15.23
N ASP F 2321 -21.21 -75.85 -15.75
CA ASP F 2321 -20.94 -74.69 -14.91
C ASP F 2321 -22.25 -74.01 -14.57
N ILE F 2322 -22.59 -73.96 -13.28
CA ILE F 2322 -23.81 -73.32 -12.82
C ILE F 2322 -23.55 -71.96 -12.17
N GLY F 2323 -22.29 -71.62 -11.89
CA GLY F 2323 -21.92 -70.31 -11.41
C GLY F 2323 -21.69 -70.23 -9.92
N TRP F 2324 -21.90 -71.31 -9.18
CA TRP F 2324 -21.73 -71.28 -7.73
C TRP F 2324 -21.55 -72.71 -7.23
N ASN F 2325 -21.30 -72.85 -5.93
CA ASN F 2325 -20.85 -74.10 -5.33
C ASN F 2325 -21.79 -74.52 -4.21
N PRO F 2326 -22.95 -75.08 -4.53
CA PRO F 2326 -23.89 -75.46 -3.47
C PRO F 2326 -23.31 -76.49 -2.52
N CYS F 2327 -22.50 -77.40 -3.02
CA CYS F 2327 -22.03 -78.52 -2.20
C CYS F 2327 -21.04 -78.07 -1.14
N GLY F 2328 -20.24 -77.03 -1.43
CA GLY F 2328 -19.39 -76.47 -0.40
C GLY F 2328 -20.15 -75.50 0.50
N GLY F 2329 -21.06 -74.73 -0.09
CA GLY F 2329 -21.89 -73.85 0.71
C GLY F 2329 -22.64 -74.61 1.78
N GLU F 2330 -23.05 -75.84 1.46
CA GLU F 2330 -23.80 -76.65 2.41
C GLU F 2330 -22.96 -76.99 3.63
N ARG F 2331 -21.69 -77.38 3.42
CA ARG F 2331 -20.83 -77.65 4.56
C ARG F 2331 -20.61 -76.40 5.40
N TYR F 2332 -20.37 -75.26 4.76
CA TYR F 2332 -20.16 -74.05 5.55
C TYR F 2332 -21.41 -73.70 6.35
N LEU F 2333 -22.58 -73.86 5.73
CA LEU F 2333 -23.83 -73.61 6.43
C LEU F 2333 -24.03 -74.58 7.58
N ASP F 2334 -23.64 -75.84 7.40
CA ASP F 2334 -23.75 -76.80 8.50
C ASP F 2334 -22.89 -76.40 9.68
N PHE F 2335 -21.66 -75.95 9.42
CA PHE F 2335 -20.82 -75.49 10.52
C PHE F 2335 -21.47 -74.31 11.23
N LEU F 2336 -21.99 -73.35 10.47
CA LEU F 2336 -22.62 -72.20 11.12
C LEU F 2336 -23.84 -72.63 11.92
N ARG F 2337 -24.58 -73.62 11.42
CA ARG F 2337 -25.73 -74.13 12.16
C ARG F 2337 -25.30 -74.68 13.51
N PHE F 2338 -24.27 -75.53 13.52
CA PHE F 2338 -23.77 -76.04 14.79
C PHE F 2338 -23.23 -74.95 15.69
N ALA F 2339 -22.70 -73.87 15.11
CA ALA F 2339 -22.19 -72.75 15.90
C ALA F 2339 -23.30 -71.91 16.54
N VAL F 2340 -24.44 -71.77 15.88
CA VAL F 2340 -25.49 -70.88 16.36
C VAL F 2340 -26.55 -71.61 17.19
N PHE F 2341 -26.73 -72.91 17.03
CA PHE F 2341 -27.81 -73.63 17.71
C PHE F 2341 -27.19 -74.69 18.62
N VAL F 2342 -27.49 -74.62 19.91
CA VAL F 2342 -26.90 -75.49 20.92
C VAL F 2342 -28.00 -76.02 21.82
N ASN F 2343 -28.00 -77.34 22.04
CA ASN F 2343 -28.88 -77.99 23.02
C ASN F 2343 -30.34 -77.59 22.82
N GLY F 2344 -30.77 -77.51 21.56
CA GLY F 2344 -32.16 -77.22 21.29
C GLY F 2344 -32.57 -75.79 21.53
N GLU F 2345 -31.61 -74.91 21.82
CA GLU F 2345 -31.89 -73.51 22.08
C GLU F 2345 -30.90 -72.65 21.31
N SER F 2346 -31.41 -71.57 20.71
CA SER F 2346 -30.57 -70.68 19.92
C SER F 2346 -29.64 -69.90 20.82
N VAL F 2347 -28.41 -69.69 20.37
CA VAL F 2347 -27.46 -68.83 21.06
C VAL F 2347 -27.52 -67.45 20.40
N GLU F 2348 -28.13 -66.48 21.09
CA GLU F 2348 -28.44 -65.20 20.47
C GLU F 2348 -27.17 -64.47 20.06
N GLU F 2349 -26.12 -64.54 20.87
CA GLU F 2349 -24.90 -63.80 20.57
C GLU F 2349 -24.34 -64.22 19.21
N ASN F 2350 -24.29 -65.52 18.94
CA ASN F 2350 -23.79 -65.98 17.65
C ASN F 2350 -24.83 -65.79 16.56
N ALA F 2351 -26.11 -65.96 16.88
CA ALA F 2351 -27.15 -65.86 15.87
C ALA F 2351 -27.21 -64.47 15.26
N ASN F 2352 -27.16 -63.43 16.11
CA ASN F 2352 -27.22 -62.07 15.60
C ASN F 2352 -26.02 -61.77 14.71
N VAL F 2353 -24.83 -62.19 15.14
CA VAL F 2353 -23.62 -61.95 14.37
C VAL F 2353 -23.72 -62.64 13.02
N VAL F 2354 -24.19 -63.89 13.01
CA VAL F 2354 -24.26 -64.64 11.77
C VAL F 2354 -25.27 -64.01 10.82
N VAL F 2355 -26.42 -63.58 11.35
CA VAL F 2355 -27.41 -62.95 10.49
C VAL F 2355 -26.86 -61.66 9.89
N ARG F 2356 -26.18 -60.86 10.70
CA ARG F 2356 -25.63 -59.60 10.20
C ARG F 2356 -24.59 -59.86 9.11
N LEU F 2357 -23.70 -60.85 9.33
CA LEU F 2357 -22.70 -61.16 8.32
C LEU F 2357 -23.34 -61.66 7.04
N LEU F 2358 -24.34 -62.53 7.17
CA LEU F 2358 -24.98 -63.08 5.99
C LEU F 2358 -25.67 -62.00 5.17
N ILE F 2359 -26.34 -61.06 5.83
CA ILE F 2359 -26.95 -59.97 5.07
C ILE F 2359 -25.91 -59.01 4.51
N ARG F 2360 -24.79 -58.80 5.20
CA ARG F 2360 -23.74 -57.94 4.65
C ARG F 2360 -23.03 -58.58 3.47
N LYS F 2361 -23.15 -59.89 3.31
CA LYS F 2361 -22.64 -60.59 2.12
C LYS F 2361 -23.78 -61.39 1.50
N PRO F 2362 -24.68 -60.72 0.78
CA PRO F 2362 -25.89 -61.39 0.29
C PRO F 2362 -25.63 -62.54 -0.66
N GLU F 2363 -24.45 -62.59 -1.28
CA GLU F 2363 -24.15 -63.68 -2.18
C GLU F 2363 -24.13 -65.02 -1.46
N CYS F 2364 -24.01 -64.99 -0.14
CA CYS F 2364 -24.10 -66.23 0.64
C CYS F 2364 -25.47 -66.87 0.52
N PHE F 2365 -26.51 -66.06 0.37
CA PHE F 2365 -27.87 -66.57 0.32
C PHE F 2365 -28.09 -67.38 -0.95
N GLY F 2366 -27.16 -67.31 -1.90
CA GLY F 2366 -27.25 -68.05 -3.13
C GLY F 2366 -27.91 -67.24 -4.22
N PRO F 2367 -27.82 -67.72 -5.46
CA PRO F 2367 -28.42 -66.97 -6.57
C PRO F 2367 -29.92 -66.78 -6.44
N ALA F 2368 -30.63 -67.73 -5.85
CA ALA F 2368 -32.08 -67.64 -5.78
C ALA F 2368 -32.54 -66.43 -4.98
N LEU F 2369 -31.94 -66.21 -3.82
CA LEU F 2369 -32.32 -65.10 -2.95
C LEU F 2369 -31.52 -63.83 -3.25
N ARG F 2370 -31.03 -63.70 -4.48
CA ARG F 2370 -30.31 -62.50 -4.87
C ARG F 2370 -31.26 -61.32 -4.93
N GLY F 2371 -30.69 -60.11 -4.90
CA GLY F 2371 -31.49 -58.91 -4.90
C GLY F 2371 -32.38 -58.79 -6.13
N GLU F 2372 -31.78 -58.55 -7.29
CA GLU F 2372 -32.54 -58.27 -8.49
C GLU F 2372 -32.89 -59.55 -9.25
N GLY F 2373 -31.88 -60.32 -9.64
CA GLY F 2373 -32.11 -61.50 -10.45
C GLY F 2373 -32.68 -62.66 -9.68
N GLY F 2374 -32.80 -62.52 -8.36
CA GLY F 2374 -33.30 -63.61 -7.56
C GLY F 2374 -34.68 -64.04 -8.03
N SER F 2375 -34.82 -65.36 -8.25
CA SER F 2375 -36.07 -65.93 -8.72
C SER F 2375 -36.97 -66.39 -7.59
N GLY F 2376 -36.51 -66.34 -6.35
CA GLY F 2376 -37.29 -66.80 -5.22
C GLY F 2376 -36.97 -68.23 -4.85
N LEU F 2377 -37.17 -68.53 -3.57
CA LEU F 2377 -36.82 -69.85 -3.05
C LEU F 2377 -37.64 -70.95 -3.71
N LEU F 2378 -38.95 -70.73 -3.86
CA LEU F 2378 -39.81 -71.74 -4.46
C LEU F 2378 -39.42 -72.01 -5.91
N ALA F 2379 -39.21 -70.93 -6.68
CA ALA F 2379 -38.80 -71.10 -8.06
C ALA F 2379 -37.45 -71.80 -8.16
N ALA F 2380 -36.54 -71.48 -7.24
CA ALA F 2380 -35.23 -72.13 -7.26
C ALA F 2380 -35.35 -73.62 -6.99
N ILE F 2381 -36.19 -74.00 -6.02
CA ILE F 2381 -36.36 -75.42 -5.73
C ILE F 2381 -37.00 -76.14 -6.91
N GLU F 2382 -37.99 -75.52 -7.55
CA GLU F 2382 -38.61 -76.15 -8.71
C GLU F 2382 -37.60 -76.31 -9.85
N GLU F 2383 -36.77 -75.29 -10.08
CA GLU F 2383 -35.73 -75.40 -11.09
C GLU F 2383 -34.75 -76.50 -10.75
N ALA F 2384 -34.42 -76.65 -9.46
CA ALA F 2384 -33.54 -77.72 -9.04
C ALA F 2384 -34.16 -79.08 -9.34
N ILE F 2385 -35.47 -79.21 -9.11
CA ILE F 2385 -36.14 -80.47 -9.40
C ILE F 2385 -36.07 -80.77 -10.89
N ARG F 2386 -36.33 -79.76 -11.72
CA ARG F 2386 -36.25 -79.97 -13.17
C ARG F 2386 -34.84 -80.37 -13.58
N ILE F 2387 -33.82 -79.73 -12.99
CA ILE F 2387 -32.45 -80.12 -13.26
C ILE F 2387 -32.24 -81.57 -12.90
N SER F 2388 -32.72 -81.97 -11.72
CA SER F 2388 -32.54 -83.35 -11.28
C SER F 2388 -33.16 -84.34 -12.26
N GLU F 2389 -34.34 -84.01 -12.79
CA GLU F 2389 -34.98 -84.88 -13.77
C GLU F 2389 -34.34 -84.79 -15.15
N ASP F 2390 -33.53 -83.77 -15.41
CA ASP F 2390 -32.89 -83.59 -16.72
C ASP F 2390 -31.41 -83.95 -16.64
N PRO F 2391 -30.99 -85.07 -17.23
CA PRO F 2391 -29.56 -85.35 -17.35
C PRO F 2391 -28.89 -84.38 -18.31
N ALA F 2392 -27.56 -84.35 -18.24
CA ALA F 2392 -26.74 -83.43 -19.03
C ALA F 2392 -26.84 -82.01 -18.50
N ARG F 2393 -27.71 -81.80 -17.51
CA ARG F 2393 -27.76 -80.56 -16.75
C ARG F 2393 -27.65 -80.81 -15.25
N ASP F 2394 -27.77 -82.06 -14.80
CA ASP F 2394 -27.57 -82.44 -13.42
C ASP F 2394 -26.22 -83.08 -13.14
N GLY F 2395 -25.56 -83.61 -14.17
CA GLY F 2395 -24.28 -84.25 -14.00
C GLY F 2395 -23.43 -84.13 -15.25
N PRO F 2396 -22.29 -84.84 -15.26
CA PRO F 2396 -21.40 -84.74 -16.43
C PRO F 2396 -22.06 -85.17 -17.73
N GLY F 2397 -22.99 -86.11 -17.68
CA GLY F 2397 -23.63 -86.58 -18.90
C GLY F 2397 -22.75 -87.45 -19.75
N VAL F 2398 -21.70 -88.04 -19.17
CA VAL F 2398 -20.77 -88.88 -19.92
C VAL F 2398 -20.78 -90.29 -19.34
N PRO F 2411 -17.43 -93.42 -10.17
CA PRO F 2411 -18.75 -93.34 -9.53
C PRO F 2411 -18.81 -94.11 -8.21
N PRO F 2412 -17.87 -93.84 -7.30
CA PRO F 2412 -17.92 -94.53 -5.99
C PRO F 2412 -19.23 -94.31 -5.25
N GLU F 2413 -19.79 -93.09 -5.32
CA GLU F 2413 -21.10 -92.80 -4.76
C GLU F 2413 -22.18 -92.75 -5.83
N GLU F 2414 -22.03 -93.51 -6.92
CA GLU F 2414 -23.01 -93.51 -8.00
C GLU F 2414 -23.19 -92.11 -8.56
N ASN F 2415 -22.15 -91.60 -9.23
CA ASN F 2415 -22.13 -90.27 -9.84
C ASN F 2415 -21.84 -89.18 -8.83
N ARG F 2416 -21.29 -89.52 -7.66
CA ARG F 2416 -20.95 -88.54 -6.63
C ARG F 2416 -22.10 -87.58 -6.39
N VAL F 2417 -22.01 -86.38 -6.97
CA VAL F 2417 -22.93 -85.30 -6.66
C VAL F 2417 -23.86 -85.09 -7.84
N HIS F 2418 -25.14 -84.94 -7.54
CA HIS F 2418 -26.17 -84.57 -8.53
C HIS F 2418 -26.53 -83.12 -8.25
N LEU F 2419 -26.37 -82.26 -9.26
CA LEU F 2419 -26.46 -80.83 -9.01
C LEU F 2419 -27.83 -80.43 -8.49
N GLY F 2420 -28.89 -81.11 -8.93
CA GLY F 2420 -30.21 -80.78 -8.43
C GLY F 2420 -30.29 -81.00 -6.94
N HIS F 2421 -29.83 -82.16 -6.48
CA HIS F 2421 -29.83 -82.45 -5.05
C HIS F 2421 -28.90 -81.51 -4.32
N ALA F 2422 -27.78 -81.13 -4.93
CA ALA F 2422 -26.87 -80.20 -4.30
C ALA F 2422 -27.54 -78.86 -4.05
N ILE F 2423 -28.25 -78.35 -5.05
CA ILE F 2423 -28.93 -77.07 -4.90
C ILE F 2423 -30.02 -77.16 -3.83
N MET F 2424 -30.83 -78.22 -3.90
CA MET F 2424 -31.88 -78.38 -2.89
C MET F 2424 -31.27 -78.45 -1.50
N SER F 2425 -30.18 -79.20 -1.34
CA SER F 2425 -29.57 -79.35 -0.04
C SER F 2425 -28.99 -78.03 0.45
N PHE F 2426 -28.38 -77.26 -0.44
CA PHE F 2426 -27.85 -75.96 -0.04
C PHE F 2426 -28.96 -75.07 0.48
N TYR F 2427 -30.07 -74.97 -0.25
CA TYR F 2427 -31.13 -74.07 0.18
C TYR F 2427 -31.78 -74.58 1.46
N ALA F 2428 -31.93 -75.91 1.59
CA ALA F 2428 -32.48 -76.46 2.82
C ALA F 2428 -31.59 -76.14 4.00
N ALA F 2429 -30.28 -76.27 3.84
CA ALA F 2429 -29.35 -75.96 4.91
C ALA F 2429 -29.39 -74.48 5.26
N LEU F 2430 -29.48 -73.61 4.26
CA LEU F 2430 -29.57 -72.18 4.53
C LEU F 2430 -30.82 -71.85 5.33
N ILE F 2431 -31.96 -72.42 4.93
CA ILE F 2431 -33.20 -72.16 5.64
C ILE F 2431 -33.13 -72.71 7.06
N ASP F 2432 -32.52 -73.88 7.22
CA ASP F 2432 -32.35 -74.43 8.56
C ASP F 2432 -31.51 -73.51 9.42
N LEU F 2433 -30.41 -73.00 8.87
CA LEU F 2433 -29.55 -72.11 9.64
C LEU F 2433 -30.30 -70.84 10.05
N LEU F 2434 -31.06 -70.25 9.13
CA LEU F 2434 -31.80 -69.04 9.47
C LEU F 2434 -32.86 -69.33 10.53
N GLY F 2435 -33.62 -70.41 10.35
CA GLY F 2435 -34.62 -70.75 11.35
C GLY F 2435 -34.02 -70.98 12.71
N ARG F 2436 -32.83 -71.57 12.77
CA ARG F 2436 -32.14 -71.76 14.04
C ARG F 2436 -31.60 -70.45 14.60
N CYS F 2437 -31.22 -69.51 13.74
CA CYS F 2437 -30.86 -68.16 14.18
C CYS F 2437 -32.06 -67.38 14.67
N ALA F 2438 -33.28 -67.83 14.37
CA ALA F 2438 -34.46 -67.09 14.81
C ALA F 2438 -34.47 -66.96 16.33
N PRO F 2439 -34.95 -65.85 16.88
CA PRO F 2439 -34.92 -65.66 18.33
C PRO F 2439 -35.87 -66.59 19.06
N GLU F 2440 -35.69 -66.67 20.38
CA GLU F 2440 -36.50 -67.54 21.20
C GLU F 2440 -37.85 -66.91 21.53
N THR F 2441 -38.83 -67.77 21.80
CA THR F 2441 -40.18 -67.31 22.07
C THR F 2441 -40.24 -66.46 23.33
N HIS F 2442 -39.49 -66.82 24.36
CA HIS F 2442 -39.51 -66.05 25.59
C HIS F 2442 -38.94 -64.65 25.36
N LEU F 2443 -37.88 -64.54 24.57
CA LEU F 2443 -37.36 -63.23 24.23
C LEU F 2443 -38.38 -62.42 23.44
N ILE F 2444 -39.05 -63.06 22.48
CA ILE F 2444 -40.05 -62.32 21.69
C ILE F 2444 -41.18 -61.84 22.58
N GLN F 2445 -41.63 -62.67 23.52
CA GLN F 2445 -42.67 -62.25 24.45
C GLN F 2445 -42.19 -61.08 25.30
N ALA F 2446 -40.95 -61.15 25.80
CA ALA F 2446 -40.38 -60.03 26.52
C ALA F 2446 -40.32 -58.78 25.65
N GLY F 2447 -40.33 -58.97 24.33
CA GLY F 2447 -40.35 -57.83 23.43
C GLY F 2447 -39.01 -57.16 23.23
N LYS F 2448 -37.92 -57.91 23.34
CA LYS F 2448 -36.60 -57.33 23.14
C LYS F 2448 -36.49 -56.76 21.72
N GLY F 2449 -35.98 -55.54 21.63
CA GLY F 2449 -35.89 -54.87 20.34
C GLY F 2449 -35.01 -55.62 19.37
N GLU F 2450 -33.87 -56.12 19.85
CA GLU F 2450 -32.96 -56.87 18.98
C GLU F 2450 -33.63 -58.13 18.45
N ALA F 2451 -34.33 -58.86 19.33
CA ALA F 2451 -35.00 -60.08 18.90
C ALA F 2451 -36.06 -59.77 17.85
N LEU F 2452 -36.86 -58.73 18.09
CA LEU F 2452 -37.88 -58.38 17.10
C LEU F 2452 -37.25 -57.97 15.78
N ARG F 2453 -36.15 -57.21 15.82
CA ARG F 2453 -35.49 -56.80 14.59
C ARG F 2453 -34.98 -58.00 13.81
N ILE F 2454 -34.36 -58.96 14.51
CA ILE F 2454 -33.82 -60.13 13.83
C ILE F 2454 -34.95 -60.95 13.23
N ARG F 2455 -36.04 -61.12 13.97
CA ARG F 2455 -37.18 -61.85 13.42
C ARG F 2455 -37.72 -61.16 12.18
N ALA F 2456 -37.80 -59.84 12.21
CA ALA F 2456 -38.28 -59.09 11.04
C ALA F 2456 -37.37 -59.31 9.85
N ILE F 2457 -36.05 -59.28 10.08
CA ILE F 2457 -35.11 -59.50 8.98
C ILE F 2457 -35.29 -60.88 8.37
N LEU F 2458 -35.42 -61.90 9.23
CA LEU F 2458 -35.58 -63.26 8.72
C LEU F 2458 -36.87 -63.39 7.94
N ARG F 2459 -37.96 -62.79 8.45
CA ARG F 2459 -39.22 -62.80 7.71
C ARG F 2459 -39.07 -62.13 6.35
N SER F 2460 -38.33 -61.02 6.29
CA SER F 2460 -38.11 -60.34 5.03
C SER F 2460 -37.36 -61.24 4.05
N LEU F 2461 -36.32 -61.92 4.53
CA LEU F 2461 -35.57 -62.81 3.65
C LEU F 2461 -36.45 -63.92 3.09
N VAL F 2462 -37.17 -64.61 3.96
CA VAL F 2462 -37.93 -65.79 3.53
C VAL F 2462 -39.42 -65.46 3.63
N PRO F 2463 -40.13 -65.34 2.50
CA PRO F 2463 -41.58 -65.19 2.57
C PRO F 2463 -42.26 -66.46 3.05
N LEU F 2464 -43.43 -66.29 3.66
CA LEU F 2464 -44.21 -67.44 4.12
C LEU F 2464 -44.70 -68.28 2.95
N ASP F 2465 -45.11 -67.63 1.88
CA ASP F 2465 -45.65 -68.35 0.73
C ASP F 2465 -44.62 -69.30 0.15
N ASP F 2466 -43.35 -68.90 0.14
CA ASP F 2466 -42.31 -69.79 -0.37
C ASP F 2466 -42.18 -71.03 0.48
N LEU F 2467 -42.20 -70.88 1.81
CA LEU F 2467 -42.12 -72.03 2.70
C LEU F 2467 -43.31 -72.95 2.47
N VAL F 2468 -44.51 -72.38 2.37
CA VAL F 2468 -45.70 -73.21 2.18
C VAL F 2468 -45.62 -73.94 0.85
N GLY F 2469 -45.17 -73.26 -0.20
CA GLY F 2469 -45.05 -73.92 -1.49
C GLY F 2469 -44.06 -75.06 -1.47
N ILE F 2470 -42.91 -74.85 -0.86
CA ILE F 2470 -41.91 -75.92 -0.79
C ILE F 2470 -42.46 -77.09 0.01
N ILE F 2471 -43.12 -76.81 1.13
CA ILE F 2471 -43.73 -77.88 1.92
C ILE F 2471 -44.81 -78.59 1.13
N SER F 2472 -45.46 -77.89 0.21
CA SER F 2472 -46.51 -78.47 -0.61
C SER F 2472 -45.98 -79.22 -1.83
N LEU F 2473 -44.71 -79.05 -2.17
CA LEU F 2473 -44.17 -79.74 -3.34
C LEU F 2473 -44.31 -81.25 -3.16
N PRO F 2474 -44.62 -82.00 -4.21
CA PRO F 2474 -44.82 -83.44 -4.06
C PRO F 2474 -43.52 -84.22 -4.11
N LEU F 2475 -43.49 -85.32 -3.37
CA LEU F 2475 -42.36 -86.23 -3.35
C LEU F 2475 -42.67 -87.47 -4.16
N GLN F 2476 -41.62 -88.14 -4.63
CA GLN F 2476 -41.77 -89.41 -5.32
C GLN F 2476 -41.91 -90.53 -4.30
N ILE F 2477 -42.93 -91.36 -4.48
CA ILE F 2477 -43.21 -92.45 -3.55
C ILE F 2477 -42.79 -93.76 -4.23
N PRO F 2478 -42.11 -94.66 -3.53
CA PRO F 2478 -41.79 -95.96 -4.14
C PRO F 2478 -43.05 -96.66 -4.61
N THR F 2479 -43.03 -97.16 -5.83
CA THR F 2479 -44.19 -97.80 -6.43
C THR F 2479 -43.77 -99.12 -7.06
N LEU F 2480 -44.67 -100.10 -6.97
CA LEU F 2480 -44.40 -101.40 -7.56
C LEU F 2480 -44.73 -101.39 -9.05
N GLY F 2481 -43.87 -102.05 -9.82
CA GLY F 2481 -44.06 -102.11 -11.25
C GLY F 2481 -43.28 -103.27 -11.84
N LYS F 2482 -43.56 -103.56 -13.11
CA LYS F 2482 -42.87 -104.62 -13.84
C LYS F 2482 -42.74 -105.87 -12.98
N ASP F 2483 -43.88 -106.44 -12.57
CA ASP F 2483 -43.96 -107.69 -11.83
C ASP F 2483 -42.83 -107.86 -10.83
N GLY F 2484 -42.69 -106.91 -9.90
CA GLY F 2484 -41.72 -107.00 -8.83
C GLY F 2484 -40.67 -105.92 -8.83
N ALA F 2485 -40.66 -105.03 -9.82
CA ALA F 2485 -39.66 -103.98 -9.90
C ALA F 2485 -40.06 -102.84 -8.96
N LEU F 2486 -39.27 -102.62 -7.92
CA LEU F 2486 -39.48 -101.52 -6.99
C LEU F 2486 -38.88 -100.27 -7.61
N VAL F 2487 -39.75 -99.35 -8.02
CA VAL F 2487 -39.29 -98.10 -8.62
C VAL F 2487 -39.03 -97.10 -7.51
N GLN F 2488 -37.87 -97.18 -6.91
CA GLN F 2488 -37.53 -96.32 -5.79
C GLN F 2488 -36.79 -95.07 -6.28
N PRO F 2489 -37.19 -93.89 -5.82
CA PRO F 2489 -36.43 -92.69 -6.18
C PRO F 2489 -35.03 -92.74 -5.60
N LYS F 2490 -34.08 -92.17 -6.33
CA LYS F 2490 -32.69 -92.15 -5.88
C LYS F 2490 -32.56 -91.05 -4.84
N MET F 2491 -32.43 -91.44 -3.56
CA MET F 2491 -32.44 -90.46 -2.48
C MET F 2491 -31.34 -89.42 -2.67
N SER F 2492 -30.18 -89.84 -3.14
CA SER F 2492 -29.07 -88.92 -3.31
C SER F 2492 -29.21 -88.03 -4.52
N ALA F 2493 -30.31 -88.11 -5.29
CA ALA F 2493 -30.43 -87.28 -6.48
C ALA F 2493 -31.83 -86.71 -6.68
N SER F 2494 -32.62 -86.52 -5.63
CA SER F 2494 -33.98 -86.05 -5.78
C SER F 2494 -34.40 -85.25 -4.56
N PHE F 2495 -35.63 -84.76 -4.61
CA PHE F 2495 -36.21 -83.98 -3.52
C PHE F 2495 -36.58 -84.91 -2.38
N VAL F 2496 -35.93 -84.74 -1.23
CA VAL F 2496 -36.10 -85.66 -0.11
C VAL F 2496 -36.79 -84.97 1.05
N PRO F 2497 -37.36 -85.71 2.00
CA PRO F 2497 -38.11 -85.06 3.09
C PRO F 2497 -37.30 -84.13 3.96
N ASP F 2498 -35.98 -84.28 4.04
CA ASP F 2498 -35.18 -83.39 4.89
C ASP F 2498 -35.27 -81.96 4.39
N HIS F 2499 -35.38 -81.79 3.07
CA HIS F 2499 -35.51 -80.45 2.51
C HIS F 2499 -36.76 -79.77 3.02
N LYS F 2500 -37.86 -80.50 3.13
CA LYS F 2500 -39.08 -79.96 3.70
C LYS F 2500 -38.98 -79.81 5.21
N ALA F 2501 -38.20 -80.67 5.86
CA ALA F 2501 -38.04 -80.56 7.31
C ALA F 2501 -37.37 -79.24 7.67
N SER F 2502 -36.39 -78.82 6.86
CA SER F 2502 -35.76 -77.52 7.11
C SER F 2502 -36.78 -76.40 7.01
N MET F 2503 -37.64 -76.43 6.00
CA MET F 2503 -38.66 -75.39 5.85
C MET F 2503 -39.63 -75.42 7.02
N VAL F 2504 -40.00 -76.61 7.49
CA VAL F 2504 -40.89 -76.70 8.63
C VAL F 2504 -40.24 -76.09 9.86
N LEU F 2505 -38.95 -76.36 10.07
CA LEU F 2505 -38.25 -75.74 11.20
C LEU F 2505 -38.30 -74.22 11.10
N PHE F 2506 -37.99 -73.68 9.92
CA PHE F 2506 -38.01 -72.23 9.75
C PHE F 2506 -39.40 -71.68 10.01
N LEU F 2507 -40.43 -72.32 9.45
CA LEU F 2507 -41.79 -71.84 9.63
C LEU F 2507 -42.19 -71.84 11.09
N ASP F 2508 -41.85 -72.91 11.80
CA ASP F 2508 -42.21 -73.00 13.21
C ASP F 2508 -41.50 -71.94 14.04
N ARG F 2509 -40.22 -71.70 13.77
CA ARG F 2509 -39.44 -70.84 14.65
C ARG F 2509 -39.56 -69.35 14.32
N VAL F 2510 -39.73 -68.99 13.06
CA VAL F 2510 -39.77 -67.59 12.68
C VAL F 2510 -41.20 -67.11 12.58
N TYR F 2511 -41.98 -67.69 11.67
CA TYR F 2511 -43.36 -67.24 11.48
C TYR F 2511 -44.26 -67.80 12.57
N GLY F 2512 -44.18 -69.11 12.84
CA GLY F 2512 -45.01 -69.71 13.84
C GLY F 2512 -46.44 -69.84 13.36
N ILE F 2513 -47.15 -70.87 13.82
CA ILE F 2513 -48.54 -71.08 13.46
C ILE F 2513 -49.38 -70.60 14.63
N GLU F 2514 -50.17 -69.55 14.40
CA GLU F 2514 -50.98 -68.94 15.44
C GLU F 2514 -52.43 -68.75 15.05
N ASN F 2515 -52.79 -68.95 13.78
CA ASN F 2515 -54.15 -68.74 13.30
C ASN F 2515 -54.70 -70.09 12.85
N GLN F 2516 -55.93 -70.39 13.27
CA GLN F 2516 -56.53 -71.67 12.90
C GLN F 2516 -56.69 -71.80 11.39
N ASP F 2517 -57.02 -70.69 10.72
CA ASP F 2517 -57.14 -70.74 9.27
C ASP F 2517 -55.83 -71.14 8.62
N PHE F 2518 -54.72 -70.54 9.07
CA PHE F 2518 -53.42 -70.90 8.52
C PHE F 2518 -53.08 -72.35 8.82
N LEU F 2519 -53.35 -72.80 10.05
CA LEU F 2519 -53.05 -74.18 10.40
C LEU F 2519 -53.80 -75.13 9.49
N LEU F 2520 -55.09 -74.87 9.28
CA LEU F 2520 -55.89 -75.73 8.42
C LEU F 2520 -55.40 -75.69 6.99
N HIS F 2521 -55.00 -74.51 6.50
CA HIS F 2521 -54.49 -74.42 5.14
C HIS F 2521 -53.22 -75.24 4.96
N VAL F 2522 -52.28 -75.12 5.91
CA VAL F 2522 -51.05 -75.88 5.82
C VAL F 2522 -51.34 -77.37 5.89
N LEU F 2523 -52.23 -77.78 6.79
CA LEU F 2523 -52.60 -79.19 6.87
C LEU F 2523 -53.17 -79.67 5.56
N ASP F 2524 -54.06 -78.89 4.96
CA ASP F 2524 -54.73 -79.32 3.74
C ASP F 2524 -53.74 -79.45 2.59
N VAL F 2525 -52.81 -78.50 2.46
CA VAL F 2525 -51.96 -78.48 1.27
C VAL F 2525 -50.66 -79.26 1.43
N GLY F 2526 -49.93 -79.09 2.53
CA GLY F 2526 -48.60 -79.64 2.62
C GLY F 2526 -48.41 -80.84 3.53
N PHE F 2527 -48.99 -80.82 4.73
CA PHE F 2527 -48.70 -81.85 5.71
C PHE F 2527 -49.52 -83.10 5.45
N LEU F 2528 -50.84 -82.94 5.36
CA LEU F 2528 -51.72 -84.11 5.28
C LEU F 2528 -51.39 -85.01 4.11
N PRO F 2529 -51.09 -84.50 2.91
CA PRO F 2529 -50.68 -85.39 1.82
C PRO F 2529 -49.46 -86.23 2.16
N ASP F 2530 -48.49 -85.63 2.83
CA ASP F 2530 -47.28 -86.36 3.20
C ASP F 2530 -47.58 -87.40 4.26
N MET F 2531 -48.42 -87.08 5.23
CA MET F 2531 -48.81 -88.07 6.22
C MET F 2531 -49.55 -89.22 5.57
N ARG F 2532 -50.42 -88.91 4.61
CA ARG F 2532 -51.13 -89.97 3.89
C ARG F 2532 -50.18 -90.86 3.11
N ALA F 2533 -49.18 -90.26 2.46
CA ALA F 2533 -48.19 -91.06 1.73
C ALA F 2533 -47.41 -91.95 2.67
N ALA F 2534 -46.99 -91.41 3.81
CA ALA F 2534 -46.25 -92.21 4.77
C ALA F 2534 -47.09 -93.37 5.27
N ALA F 2535 -48.38 -93.11 5.55
CA ALA F 2535 -49.25 -94.19 5.99
C ALA F 2535 -49.42 -95.24 4.89
N SER F 2536 -49.60 -94.81 3.65
CA SER F 2536 -49.76 -95.75 2.55
C SER F 2536 -48.51 -96.58 2.31
N LEU F 2537 -47.33 -96.08 2.65
CA LEU F 2537 -46.10 -96.85 2.54
C LEU F 2537 -45.92 -97.84 3.67
N ASP F 2538 -46.97 -98.10 4.46
CA ASP F 2538 -46.85 -99.01 5.58
C ASP F 2538 -46.95 -100.48 5.17
N THR F 2539 -47.26 -100.77 3.92
CA THR F 2539 -47.33 -102.14 3.46
C THR F 2539 -45.98 -102.83 3.64
N ALA F 2540 -45.99 -104.16 3.58
CA ALA F 2540 -44.76 -104.91 3.85
C ALA F 2540 -43.67 -104.59 2.84
N THR F 2541 -44.04 -104.43 1.57
CA THR F 2541 -43.03 -104.20 0.53
C THR F 2541 -42.29 -102.89 0.76
N PHE F 2542 -43.02 -101.81 0.93
CA PHE F 2542 -42.43 -100.48 1.01
C PHE F 2542 -42.07 -100.06 2.43
N SER F 2543 -42.28 -100.93 3.43
CA SER F 2543 -42.13 -100.50 4.81
C SER F 2543 -40.72 -100.00 5.10
N THR F 2544 -39.70 -100.72 4.62
CA THR F 2544 -38.31 -100.44 4.96
C THR F 2544 -37.59 -99.67 3.86
N THR F 2545 -38.30 -99.17 2.86
CA THR F 2545 -37.64 -98.42 1.80
C THR F 2545 -37.03 -97.15 2.36
N GLU F 2546 -35.99 -96.66 1.67
CA GLU F 2546 -35.33 -95.44 2.12
C GLU F 2546 -36.30 -94.27 2.15
N MET F 2547 -37.14 -94.15 1.13
CA MET F 2547 -38.12 -93.06 1.12
C MET F 2547 -39.09 -93.19 2.28
N ALA F 2548 -39.53 -94.41 2.58
CA ALA F 2548 -40.47 -94.60 3.68
C ALA F 2548 -39.83 -94.21 5.01
N LEU F 2549 -38.60 -94.64 5.24
CA LEU F 2549 -37.93 -94.28 6.48
C LEU F 2549 -37.68 -92.78 6.57
N ALA F 2550 -37.30 -92.16 5.45
CA ALA F 2550 -37.10 -90.72 5.43
C ALA F 2550 -38.39 -89.99 5.74
N LEU F 2551 -39.51 -90.45 5.19
CA LEU F 2551 -40.80 -89.84 5.49
C LEU F 2551 -41.15 -90.00 6.96
N ASN F 2552 -40.89 -91.17 7.53
CA ASN F 2552 -41.16 -91.37 8.95
C ASN F 2552 -40.35 -90.40 9.80
N ARG F 2553 -39.06 -90.27 9.50
CA ARG F 2553 -38.23 -89.33 10.24
C ARG F 2553 -38.73 -87.91 10.09
N TYR F 2554 -39.02 -87.50 8.85
CA TYR F 2554 -39.51 -86.15 8.60
C TYR F 2554 -40.75 -85.88 9.42
N LEU F 2555 -41.74 -86.76 9.34
CA LEU F 2555 -42.95 -86.58 10.12
C LEU F 2555 -42.63 -86.47 11.61
N CYS F 2556 -42.09 -87.54 12.18
CA CYS F 2556 -41.94 -87.63 13.63
C CYS F 2556 -40.96 -86.62 14.21
N LEU F 2557 -40.15 -85.95 13.38
CA LEU F 2557 -39.22 -84.96 13.90
C LEU F 2557 -39.60 -83.52 13.59
N ALA F 2558 -40.41 -83.27 12.55
CA ALA F 2558 -40.75 -81.89 12.21
C ALA F 2558 -42.26 -81.66 12.26
N VAL F 2559 -43.04 -82.55 11.65
CA VAL F 2559 -44.44 -82.24 11.38
C VAL F 2559 -45.29 -82.54 12.60
N LEU F 2560 -45.31 -83.80 13.02
CA LEU F 2560 -46.20 -84.19 14.12
C LEU F 2560 -45.95 -83.39 15.38
N PRO F 2561 -44.71 -83.10 15.78
CA PRO F 2561 -44.51 -82.22 16.94
C PRO F 2561 -45.17 -80.86 16.77
N LEU F 2562 -45.14 -80.30 15.55
CA LEU F 2562 -45.77 -79.01 15.32
C LEU F 2562 -47.27 -79.09 15.51
N ILE F 2563 -47.89 -80.16 14.99
CA ILE F 2563 -49.33 -80.33 15.17
C ILE F 2563 -49.66 -80.53 16.64
N THR F 2564 -48.82 -81.29 17.35
CA THR F 2564 -49.02 -81.45 18.78
C THR F 2564 -48.99 -80.11 19.51
N LYS F 2565 -48.02 -79.26 19.16
CA LYS F 2565 -47.94 -77.95 19.79
C LYS F 2565 -49.15 -77.10 19.46
N CYS F 2566 -49.62 -77.14 18.22
CA CYS F 2566 -50.78 -76.37 17.79
C CYS F 2566 -52.09 -77.11 17.98
N ALA F 2567 -52.11 -78.15 18.82
CA ALA F 2567 -53.34 -78.90 19.03
C ALA F 2567 -54.50 -78.03 19.48
N PRO F 2568 -54.33 -77.07 20.39
CA PRO F 2568 -55.50 -76.31 20.86
C PRO F 2568 -56.26 -75.61 19.75
N LEU F 2569 -55.61 -75.27 18.65
CA LEU F 2569 -56.27 -74.54 17.59
C LEU F 2569 -57.34 -75.37 16.88
N PHE F 2570 -57.39 -76.68 17.13
CA PHE F 2570 -58.37 -77.53 16.48
C PHE F 2570 -59.75 -77.44 17.09
N ALA F 2571 -59.90 -76.76 18.21
CA ALA F 2571 -61.22 -76.59 18.81
C ALA F 2571 -62.09 -75.73 17.91
N GLY F 2572 -63.36 -76.10 17.78
CA GLY F 2572 -64.28 -75.34 16.95
C GLY F 2572 -63.98 -75.40 15.48
N THR F 2573 -63.67 -76.58 14.96
CA THR F 2573 -63.38 -76.77 13.55
C THR F 2573 -64.45 -77.57 12.82
N GLU F 2574 -65.72 -77.31 13.12
CA GLU F 2574 -66.82 -78.04 12.49
C GLU F 2574 -66.76 -77.88 10.98
N HIS F 2575 -66.41 -76.68 10.53
CA HIS F 2575 -66.54 -76.35 9.11
C HIS F 2575 -65.57 -77.12 8.24
N ARG F 2576 -64.59 -77.80 8.84
CA ARG F 2576 -63.73 -78.72 8.10
C ARG F 2576 -63.62 -80.05 8.81
N ALA F 2577 -64.78 -80.58 9.23
CA ALA F 2577 -64.81 -81.86 9.93
C ALA F 2577 -64.30 -82.98 9.04
N ILE F 2578 -64.56 -82.92 7.74
CA ILE F 2578 -64.09 -83.97 6.84
C ILE F 2578 -62.57 -84.08 6.91
N MET F 2579 -61.88 -82.94 6.78
CA MET F 2579 -60.43 -82.96 6.78
C MET F 2579 -59.88 -83.31 8.15
N VAL F 2580 -60.54 -82.84 9.21
CA VAL F 2580 -60.06 -83.19 10.56
C VAL F 2580 -60.17 -84.70 10.78
N ASP F 2581 -61.28 -85.29 10.35
CA ASP F 2581 -61.46 -86.74 10.48
C ASP F 2581 -60.42 -87.49 9.66
N SER F 2582 -60.14 -87.01 8.44
CA SER F 2582 -59.11 -87.65 7.64
C SER F 2582 -57.76 -87.59 8.34
N MET F 2583 -57.44 -86.45 8.94
CA MET F 2583 -56.19 -86.32 9.67
C MET F 2583 -56.12 -87.31 10.82
N LEU F 2584 -57.23 -87.44 11.58
CA LEU F 2584 -57.22 -88.37 12.70
C LEU F 2584 -57.00 -89.80 12.23
N HIS F 2585 -57.68 -90.20 11.16
CA HIS F 2585 -57.49 -91.56 10.65
C HIS F 2585 -56.06 -91.77 10.19
N THR F 2586 -55.48 -90.79 9.51
CA THR F 2586 -54.10 -90.92 9.04
C THR F 2586 -53.15 -91.07 10.21
N VAL F 2587 -53.35 -90.27 11.26
CA VAL F 2587 -52.46 -90.34 12.41
C VAL F 2587 -52.58 -91.69 13.11
N TYR F 2588 -53.81 -92.20 13.24
CA TYR F 2588 -53.99 -93.50 13.86
C TYR F 2588 -53.31 -94.60 13.06
N ARG F 2589 -53.47 -94.56 11.73
CA ARG F 2589 -52.84 -95.56 10.89
C ARG F 2589 -51.33 -95.48 10.99
N LEU F 2590 -50.78 -94.27 11.06
CA LEU F 2590 -49.34 -94.13 11.27
C LEU F 2590 -48.94 -94.72 12.62
N SER F 2591 -49.73 -94.48 13.65
CA SER F 2591 -49.40 -95.00 14.98
C SER F 2591 -49.29 -96.52 14.93
N ARG F 2592 -50.24 -97.18 14.30
CA ARG F 2592 -50.15 -98.63 14.10
C ARG F 2592 -49.39 -98.92 12.81
N GLY F 2593 -48.08 -98.76 12.90
CA GLY F 2593 -47.20 -98.98 11.76
C GLY F 2593 -45.98 -99.78 12.12
N ARG F 2594 -45.49 -100.56 11.15
CA ARG F 2594 -44.27 -101.33 11.33
C ARG F 2594 -43.06 -100.46 11.02
N SER F 2595 -41.87 -101.04 11.16
CA SER F 2595 -40.62 -100.37 10.88
C SER F 2595 -40.53 -99.01 11.57
N LEU F 2596 -41.23 -98.85 12.67
CA LEU F 2596 -41.37 -97.57 13.37
C LEU F 2596 -40.70 -97.70 14.73
N THR F 2597 -39.67 -96.88 14.97
CA THR F 2597 -38.94 -96.98 16.22
C THR F 2597 -39.81 -96.51 17.38
N LYS F 2598 -39.37 -96.85 18.60
CA LYS F 2598 -40.18 -96.55 19.78
C LYS F 2598 -40.35 -95.05 19.98
N ALA F 2599 -39.29 -94.28 19.77
CA ALA F 2599 -39.40 -92.83 19.94
C ALA F 2599 -40.39 -92.24 18.94
N GLN F 2600 -40.32 -92.68 17.69
CA GLN F 2600 -41.25 -92.21 16.68
C GLN F 2600 -42.68 -92.58 17.04
N ARG F 2601 -42.88 -93.81 17.52
CA ARG F 2601 -44.21 -94.25 17.91
C ARG F 2601 -44.73 -93.42 19.07
N ASP F 2602 -43.86 -93.10 20.02
CA ASP F 2602 -44.26 -92.24 21.14
C ASP F 2602 -44.68 -90.87 20.66
N VAL F 2603 -43.94 -90.31 19.70
CA VAL F 2603 -44.30 -89.00 19.16
C VAL F 2603 -45.68 -89.06 18.50
N ILE F 2604 -45.92 -90.11 17.71
CA ILE F 2604 -47.21 -90.23 17.05
C ILE F 2604 -48.34 -90.35 18.07
N GLU F 2605 -48.13 -91.17 19.10
CA GLU F 2605 -49.17 -91.35 20.11
C GLU F 2605 -49.44 -90.04 20.85
N ASP F 2606 -48.38 -89.30 21.16
CA ASP F 2606 -48.56 -88.01 21.81
C ASP F 2606 -49.37 -87.07 20.93
N CYS F 2607 -49.07 -87.04 19.63
CA CYS F 2607 -49.84 -86.19 18.73
C CYS F 2607 -51.32 -86.58 18.73
N LEU F 2608 -51.59 -87.89 18.63
CA LEU F 2608 -52.98 -88.33 18.60
C LEU F 2608 -53.72 -87.93 19.87
N MET F 2609 -53.11 -88.18 21.03
CA MET F 2609 -53.76 -87.84 22.28
C MET F 2609 -53.96 -86.33 22.41
N ALA F 2610 -52.98 -85.54 21.98
CA ALA F 2610 -53.11 -84.09 22.06
C ALA F 2610 -54.26 -83.60 21.20
N LEU F 2611 -54.39 -84.15 19.98
CA LEU F 2611 -55.52 -83.76 19.13
C LEU F 2611 -56.84 -84.14 19.79
N CYS F 2612 -56.96 -85.39 20.23
CA CYS F 2612 -58.21 -85.83 20.82
C CYS F 2612 -58.56 -85.05 22.08
N ARG F 2613 -57.57 -84.48 22.76
CA ARG F 2613 -57.86 -83.70 23.96
C ARG F 2613 -58.62 -82.42 23.66
N TYR F 2614 -58.60 -81.95 22.41
CA TYR F 2614 -59.22 -80.69 22.05
C TYR F 2614 -60.31 -80.79 20.99
N ILE F 2615 -60.27 -81.80 20.13
CA ILE F 2615 -61.32 -81.93 19.12
C ILE F 2615 -62.66 -82.19 19.81
N ARG F 2616 -63.72 -81.65 19.23
CA ARG F 2616 -65.04 -81.77 19.85
C ARG F 2616 -65.49 -83.21 19.86
N PRO F 2617 -66.24 -83.64 20.88
CA PRO F 2617 -66.63 -85.06 20.95
C PRO F 2617 -67.42 -85.55 19.75
N SER F 2618 -68.26 -84.71 19.16
CA SER F 2618 -69.04 -85.14 18.02
C SER F 2618 -68.17 -85.50 16.82
N MET F 2619 -66.94 -84.99 16.77
CA MET F 2619 -66.08 -85.16 15.61
C MET F 2619 -65.19 -86.39 15.69
N LEU F 2620 -65.22 -87.12 16.81
CA LEU F 2620 -64.42 -88.33 16.99
C LEU F 2620 -65.21 -89.59 16.75
N GLN F 2621 -66.40 -89.48 16.14
CA GLN F 2621 -67.27 -90.63 15.96
C GLN F 2621 -66.61 -91.69 15.08
N HIS F 2622 -65.97 -91.27 13.99
CA HIS F 2622 -65.37 -92.24 13.09
C HIS F 2622 -64.14 -92.88 13.70
N LEU F 2623 -63.35 -92.09 14.44
CA LEU F 2623 -62.23 -92.68 15.17
C LEU F 2623 -62.72 -93.71 16.17
N LEU F 2624 -63.83 -93.43 16.85
CA LEU F 2624 -64.43 -94.41 17.74
C LEU F 2624 -64.88 -95.64 16.96
N ARG F 2625 -65.42 -95.45 15.77
CA ARG F 2625 -65.88 -96.58 14.98
C ARG F 2625 -64.71 -97.49 14.60
N ARG F 2626 -63.54 -96.92 14.36
CA ARG F 2626 -62.38 -97.75 14.09
C ARG F 2626 -61.84 -98.39 15.38
N LEU F 2627 -61.83 -97.63 16.48
CA LEU F 2627 -61.29 -98.16 17.73
C LEU F 2627 -62.13 -99.30 18.24
N VAL F 2628 -63.45 -99.23 18.11
CA VAL F 2628 -64.30 -100.31 18.60
C VAL F 2628 -63.95 -101.62 17.93
N PHE F 2629 -63.50 -101.56 16.67
CA PHE F 2629 -63.02 -102.77 16.00
C PHE F 2629 -61.62 -103.17 16.43
N ASP F 2630 -60.73 -102.19 16.66
CA ASP F 2630 -59.33 -102.51 16.94
C ASP F 2630 -59.09 -102.96 18.38
N VAL F 2631 -59.53 -102.16 19.36
CA VAL F 2631 -59.13 -102.35 20.76
C VAL F 2631 -59.53 -103.72 21.30
N PRO F 2632 -60.76 -104.20 21.09
CA PRO F 2632 -61.17 -105.48 21.69
C PRO F 2632 -60.12 -106.59 21.61
N ILE F 2633 -59.30 -106.57 20.56
CA ILE F 2633 -58.26 -107.59 20.42
C ILE F 2633 -57.31 -107.57 21.61
N LEU F 2634 -57.09 -106.40 22.20
CA LEU F 2634 -56.25 -106.25 23.38
C LEU F 2634 -54.85 -106.82 23.13
N ASN F 2635 -54.34 -106.59 21.91
CA ASN F 2635 -52.97 -106.94 21.59
C ASN F 2635 -52.04 -105.84 22.07
N GLU F 2636 -50.78 -105.88 21.65
CA GLU F 2636 -49.83 -104.85 22.06
C GLU F 2636 -50.26 -103.47 21.58
N PHE F 2637 -50.78 -103.37 20.36
CA PHE F 2637 -51.19 -102.09 19.82
C PHE F 2637 -52.32 -101.47 20.63
N ALA F 2638 -53.05 -102.29 21.40
CA ALA F 2638 -54.22 -101.80 22.10
C ALA F 2638 -53.89 -100.93 23.30
N LYS F 2639 -52.61 -100.81 23.67
CA LYS F 2639 -52.25 -100.04 24.86
C LYS F 2639 -52.62 -98.57 24.71
N MET F 2640 -52.17 -97.94 23.62
CA MET F 2640 -52.45 -96.51 23.45
C MET F 2640 -53.93 -96.24 23.26
N PRO F 2641 -54.65 -96.96 22.40
CA PRO F 2641 -56.09 -96.69 22.23
C PRO F 2641 -56.84 -96.72 23.54
N LEU F 2642 -56.44 -97.60 24.46
CA LEU F 2642 -57.10 -97.67 25.75
C LEU F 2642 -56.95 -96.36 26.51
N LYS F 2643 -55.73 -95.82 26.55
CA LYS F 2643 -55.51 -94.54 27.22
C LYS F 2643 -56.28 -93.42 26.52
N LEU F 2644 -56.29 -93.44 25.19
CA LEU F 2644 -57.01 -92.42 24.44
C LEU F 2644 -58.48 -92.43 24.79
N LEU F 2645 -59.10 -93.61 24.79
CA LEU F 2645 -60.51 -93.71 25.14
C LEU F 2645 -60.76 -93.32 26.58
N THR F 2646 -59.85 -93.72 27.48
CA THR F 2646 -60.00 -93.34 28.89
C THR F 2646 -60.08 -91.83 29.02
N ASN F 2647 -59.11 -91.11 28.44
CA ASN F 2647 -59.13 -89.65 28.53
C ASN F 2647 -60.36 -89.08 27.84
N HIS F 2648 -60.69 -89.59 26.65
CA HIS F 2648 -61.82 -89.03 25.90
C HIS F 2648 -63.10 -89.11 26.71
N TYR F 2649 -63.39 -90.29 27.26
CA TYR F 2649 -64.62 -90.46 28.02
C TYR F 2649 -64.58 -89.75 29.37
N GLU F 2650 -63.47 -89.80 30.09
CA GLU F 2650 -63.35 -89.05 31.33
C GLU F 2650 -63.57 -87.56 31.11
N ARG F 2651 -63.22 -87.03 29.94
CA ARG F 2651 -63.41 -85.62 29.66
C ARG F 2651 -64.81 -85.30 29.14
N CYS F 2652 -65.38 -86.16 28.31
CA CYS F 2652 -66.64 -85.88 27.62
C CYS F 2652 -67.80 -86.70 28.18
N TRP F 2653 -67.70 -87.16 29.43
CA TRP F 2653 -68.75 -88.01 29.99
C TRP F 2653 -70.11 -87.34 29.93
N LYS F 2654 -70.17 -86.02 30.13
CA LYS F 2654 -71.45 -85.34 30.08
C LYS F 2654 -72.08 -85.44 28.69
N TYR F 2655 -71.27 -85.33 27.65
CA TYR F 2655 -71.80 -85.37 26.29
C TYR F 2655 -72.57 -86.65 26.02
N TYR F 2656 -72.25 -87.73 26.75
CA TYR F 2656 -72.88 -89.02 26.55
C TYR F 2656 -73.96 -89.33 27.58
N CYS F 2657 -73.71 -88.99 28.85
CA CYS F 2657 -74.60 -89.40 29.93
C CYS F 2657 -75.81 -88.48 30.05
N LEU F 2658 -75.57 -87.20 30.30
CA LEU F 2658 -76.64 -86.26 30.58
C LEU F 2658 -77.61 -86.17 29.41
N PRO F 2659 -78.92 -86.24 29.64
CA PRO F 2659 -79.87 -86.08 28.52
C PRO F 2659 -79.72 -84.76 27.81
N THR F 2660 -79.45 -83.68 28.54
CA THR F 2660 -79.28 -82.38 27.90
C THR F 2660 -77.99 -82.32 27.09
N GLY F 2661 -76.96 -83.04 27.53
CA GLY F 2661 -75.69 -83.07 26.86
C GLY F 2661 -74.73 -82.04 27.45
N TRP F 2662 -73.52 -82.05 26.90
CA TRP F 2662 -72.49 -81.13 27.35
C TRP F 2662 -72.75 -79.73 26.78
N ALA F 2663 -72.29 -78.72 27.50
CA ALA F 2663 -72.57 -77.34 27.12
C ALA F 2663 -71.85 -76.98 25.81
N ASN F 2664 -72.63 -76.54 24.83
CA ASN F 2664 -72.10 -76.03 23.57
C ASN F 2664 -71.53 -77.13 22.68
N PHE F 2665 -71.49 -78.36 23.18
CA PHE F 2665 -70.98 -79.47 22.36
C PHE F 2665 -72.12 -80.34 21.85
N GLY F 2666 -73.33 -80.12 22.34
CA GLY F 2666 -74.47 -80.89 21.93
C GLY F 2666 -74.71 -82.09 22.82
N VAL F 2667 -75.39 -83.09 22.25
CA VAL F 2667 -75.68 -84.33 22.95
C VAL F 2667 -75.33 -85.49 22.02
N THR F 2668 -75.03 -86.62 22.63
CA THR F 2668 -74.67 -87.81 21.86
C THR F 2668 -75.83 -88.25 20.98
N SER F 2669 -75.56 -89.22 20.12
CA SER F 2669 -76.55 -89.81 19.25
C SER F 2669 -76.58 -91.31 19.44
N GLU F 2670 -77.67 -91.92 18.98
CA GLU F 2670 -77.85 -93.36 19.14
C GLU F 2670 -76.65 -94.14 18.63
N GLU F 2671 -76.09 -93.72 17.49
CA GLU F 2671 -74.96 -94.44 16.92
C GLU F 2671 -73.75 -94.39 17.84
N GLU F 2672 -73.46 -93.20 18.39
CA GLU F 2672 -72.31 -93.07 19.28
C GLU F 2672 -72.52 -93.87 20.56
N LEU F 2673 -73.74 -93.85 21.11
CA LEU F 2673 -74.00 -94.66 22.29
C LEU F 2673 -73.84 -96.14 21.99
N HIS F 2674 -74.31 -96.58 20.82
CA HIS F 2674 -74.16 -97.97 20.42
C HIS F 2674 -72.69 -98.35 20.30
N LEU F 2675 -71.89 -97.48 19.69
CA LEU F 2675 -70.46 -97.75 19.57
C LEU F 2675 -69.81 -97.82 20.94
N THR F 2676 -70.20 -96.93 21.85
CA THR F 2676 -69.64 -96.96 23.20
C THR F 2676 -69.98 -98.27 23.90
N ARG F 2677 -71.22 -98.72 23.78
CA ARG F 2677 -71.63 -99.95 24.43
C ARG F 2677 -70.89 -101.14 23.86
N LYS F 2678 -70.74 -101.19 22.53
CA LYS F 2678 -69.97 -102.28 21.93
C LYS F 2678 -68.53 -102.25 22.40
N LEU F 2679 -67.93 -101.06 22.47
CA LEU F 2679 -66.56 -100.95 22.96
C LEU F 2679 -66.45 -101.50 24.37
N PHE F 2680 -67.35 -101.07 25.25
CA PHE F 2680 -67.30 -101.53 26.64
C PHE F 2680 -67.39 -103.05 26.71
N TRP F 2681 -68.39 -103.63 26.04
CA TRP F 2681 -68.60 -105.06 26.19
C TRP F 2681 -67.49 -105.86 25.53
N GLY F 2682 -66.96 -105.39 24.40
CA GLY F 2682 -65.85 -106.07 23.77
C GLY F 2682 -64.63 -106.10 24.68
N ILE F 2683 -64.29 -104.94 25.24
CA ILE F 2683 -63.14 -104.89 26.14
C ILE F 2683 -63.38 -105.79 27.35
N PHE F 2684 -64.59 -105.75 27.89
CA PHE F 2684 -64.90 -106.54 29.08
C PHE F 2684 -64.73 -108.04 28.80
N ASP F 2685 -65.30 -108.52 27.70
CA ASP F 2685 -65.20 -109.93 27.37
C ASP F 2685 -63.76 -110.34 27.11
N SER F 2686 -63.04 -109.52 26.33
CA SER F 2686 -61.65 -109.86 26.02
C SER F 2686 -60.82 -109.95 27.29
N LEU F 2687 -60.99 -108.97 28.19
CA LEU F 2687 -60.23 -108.98 29.43
C LEU F 2687 -60.62 -110.17 30.30
N ALA F 2688 -61.90 -110.50 30.33
CA ALA F 2688 -62.35 -111.64 31.13
C ALA F 2688 -61.72 -112.94 30.64
N HIS F 2689 -61.65 -113.14 29.33
CA HIS F 2689 -61.09 -114.37 28.79
C HIS F 2689 -59.58 -114.37 28.70
N LYS F 2690 -58.93 -113.21 28.82
CA LYS F 2690 -57.48 -113.17 28.68
C LYS F 2690 -56.79 -113.54 29.99
N LYS F 2691 -55.57 -114.06 29.85
CA LYS F 2691 -54.74 -114.36 31.01
C LYS F 2691 -54.29 -113.07 31.68
N TYR F 2692 -53.98 -113.18 32.97
CA TYR F 2692 -53.62 -112.01 33.76
C TYR F 2692 -52.32 -111.38 33.22
N ASP F 2693 -52.32 -110.05 33.16
CA ASP F 2693 -51.13 -109.29 32.82
C ASP F 2693 -51.24 -107.94 33.52
N GLN F 2694 -50.25 -107.62 34.35
CA GLN F 2694 -50.35 -106.42 35.18
C GLN F 2694 -50.49 -105.17 34.34
N GLU F 2695 -49.67 -105.04 33.30
CA GLU F 2695 -49.71 -103.84 32.47
C GLU F 2695 -51.08 -103.67 31.84
N LEU F 2696 -51.57 -104.71 31.18
CA LEU F 2696 -52.85 -104.63 30.49
C LEU F 2696 -53.98 -104.34 31.45
N TYR F 2697 -53.98 -105.01 32.60
CA TYR F 2697 -55.05 -104.76 33.58
C TYR F 2697 -55.02 -103.33 34.07
N ARG F 2698 -53.83 -102.82 34.41
CA ARG F 2698 -53.73 -101.46 34.91
C ARG F 2698 -54.14 -100.45 33.85
N ILE F 2699 -53.92 -100.75 32.57
CA ILE F 2699 -54.26 -99.81 31.50
C ILE F 2699 -55.74 -99.92 31.16
N ALA F 2700 -56.33 -101.09 31.41
CA ALA F 2700 -57.68 -101.35 30.93
C ALA F 2700 -58.74 -100.97 31.97
N MET F 2701 -58.49 -101.25 33.25
CA MET F 2701 -59.51 -100.98 34.26
C MET F 2701 -59.99 -99.54 34.23
N PRO F 2702 -59.13 -98.52 34.18
CA PRO F 2702 -59.64 -97.16 34.05
C PRO F 2702 -60.48 -96.95 32.81
N CYS F 2703 -60.13 -97.60 31.70
CA CYS F 2703 -60.92 -97.46 30.48
C CYS F 2703 -62.34 -97.97 30.69
N LEU F 2704 -62.47 -99.15 31.31
CA LEU F 2704 -63.79 -99.69 31.58
C LEU F 2704 -64.57 -98.77 32.51
N CYS F 2705 -63.91 -98.26 33.55
CA CYS F 2705 -64.60 -97.35 34.46
C CYS F 2705 -65.10 -96.11 33.73
N ALA F 2706 -64.26 -95.53 32.87
CA ALA F 2706 -64.64 -94.31 32.16
C ALA F 2706 -65.80 -94.58 31.22
N ILE F 2707 -65.73 -95.67 30.46
CA ILE F 2707 -66.81 -95.97 29.51
C ILE F 2707 -68.11 -96.23 30.24
N ALA F 2708 -68.05 -96.98 31.34
CA ALA F 2708 -69.26 -97.25 32.11
C ALA F 2708 -69.85 -95.97 32.67
N GLY F 2709 -69.01 -95.08 33.20
CA GLY F 2709 -69.50 -93.81 33.69
C GLY F 2709 -70.06 -92.93 32.60
N ALA F 2710 -69.57 -93.08 31.36
CA ALA F 2710 -70.09 -92.31 30.24
C ALA F 2710 -71.46 -92.81 29.78
N LEU F 2711 -71.62 -94.13 29.67
CA LEU F 2711 -72.89 -94.68 29.19
C LEU F 2711 -74.03 -94.32 30.15
N PRO F 2712 -75.17 -93.84 29.66
CA PRO F 2712 -76.33 -93.67 30.54
C PRO F 2712 -76.75 -95.00 31.12
N PRO F 2713 -77.16 -95.03 32.39
CA PRO F 2713 -77.53 -96.32 32.99
C PRO F 2713 -78.66 -97.03 32.27
N ASP F 2714 -79.65 -96.29 31.76
CA ASP F 2714 -80.86 -96.87 31.19
C ASP F 2714 -80.84 -96.85 29.66
N TYR F 2715 -79.69 -96.59 29.04
CA TYR F 2715 -79.61 -96.62 27.59
C TYR F 2715 -80.05 -97.98 27.07
N VAL F 2716 -80.95 -97.97 26.09
CA VAL F 2716 -81.45 -99.18 25.47
C VAL F 2716 -80.96 -99.19 24.03
N ASP F 2717 -80.27 -100.27 23.65
CA ASP F 2717 -79.71 -100.36 22.32
C ASP F 2717 -80.81 -100.64 21.30
N ALA F 2718 -81.01 -99.71 20.37
CA ALA F 2718 -82.07 -99.87 19.38
C ALA F 2718 -81.83 -101.12 18.53
N SER F 2719 -80.59 -101.32 18.07
CA SER F 2719 -80.23 -102.52 17.33
C SER F 2719 -79.78 -103.64 18.26
N TYR F 2720 -80.60 -103.98 19.26
CA TYR F 2720 -80.21 -105.00 20.22
C TYR F 2720 -80.27 -106.38 19.58
N SER F 2721 -79.35 -107.25 19.99
CA SER F 2721 -79.31 -108.62 19.50
C SER F 2721 -79.01 -109.55 20.67
N SER F 2722 -79.47 -110.79 20.55
CA SER F 2722 -79.22 -111.83 21.55
C SER F 2722 -78.24 -112.87 21.04
N LYS F 2723 -78.39 -113.33 19.80
CA LYS F 2723 -77.43 -114.27 19.24
C LYS F 2723 -76.05 -113.64 19.13
N THR F 2724 -75.98 -112.38 18.69
CA THR F 2724 -74.72 -111.65 18.59
C THR F 2724 -73.67 -112.47 17.86
N GLU F 2725 -74.04 -112.97 16.69
CA GLU F 2725 -73.12 -113.77 15.88
C GLU F 2725 -71.86 -112.99 15.58
N LYS F 2726 -70.71 -113.64 15.78
CA LYS F 2726 -69.40 -113.01 15.64
C LYS F 2726 -69.40 -111.57 16.16
N ASN F 2735 -58.16 -105.70 9.60
CA ASN F 2735 -58.09 -107.15 9.44
C ASN F 2735 -59.48 -107.74 9.26
N PHE F 2736 -60.45 -106.87 8.97
CA PHE F 2736 -61.81 -107.34 8.77
C PHE F 2736 -61.87 -108.31 7.58
N ASP F 2737 -62.59 -109.42 7.77
CA ASP F 2737 -62.68 -110.48 6.78
C ASP F 2737 -64.14 -110.76 6.50
N PRO F 2738 -64.79 -109.92 5.68
CA PRO F 2738 -66.20 -110.17 5.34
C PRO F 2738 -66.36 -111.32 4.36
N ARG F 2739 -66.92 -112.43 4.84
CA ARG F 2739 -67.15 -113.62 4.01
C ARG F 2739 -68.64 -113.94 3.97
N PRO F 2740 -69.32 -113.74 2.85
CA PRO F 2740 -70.74 -114.10 2.78
C PRO F 2740 -70.95 -115.60 2.75
N VAL F 2741 -72.15 -116.01 3.14
CA VAL F 2741 -72.51 -117.42 3.09
C VAL F 2741 -72.38 -117.92 1.65
N GLU F 2742 -71.93 -119.16 1.51
CA GLU F 2742 -71.65 -119.71 0.19
C GLU F 2742 -72.94 -119.97 -0.58
N THR F 2743 -73.33 -119.02 -1.42
CA THR F 2743 -74.57 -119.15 -2.19
C THR F 2743 -74.49 -120.32 -3.17
N LEU F 2744 -73.33 -120.50 -3.80
CA LEU F 2744 -73.20 -121.54 -4.83
C LEU F 2744 -73.50 -122.93 -4.27
N ASN F 2745 -73.23 -123.15 -2.98
CA ASN F 2745 -73.38 -124.48 -2.41
C ASN F 2745 -74.83 -124.95 -2.50
N VAL F 2746 -75.77 -124.10 -2.10
CA VAL F 2746 -77.19 -124.48 -2.08
C VAL F 2746 -77.78 -124.31 -3.47
N ILE F 2747 -79.00 -124.81 -3.67
CA ILE F 2747 -79.69 -124.72 -4.95
C ILE F 2747 -80.83 -123.73 -4.85
N ILE F 2748 -81.47 -123.44 -5.98
CA ILE F 2748 -82.57 -122.48 -6.07
C ILE F 2748 -83.85 -123.23 -6.41
N PRO F 2749 -84.91 -123.12 -5.62
CA PRO F 2749 -86.18 -123.77 -6.00
C PRO F 2749 -86.74 -123.19 -7.28
N GLU F 2750 -87.62 -123.95 -7.94
CA GLU F 2750 -88.20 -123.48 -9.20
C GLU F 2750 -89.28 -122.43 -8.96
N LYS F 2751 -90.08 -122.59 -7.90
CA LYS F 2751 -91.03 -121.54 -7.54
C LYS F 2751 -90.28 -120.24 -7.27
N LEU F 2752 -89.13 -120.33 -6.59
CA LEU F 2752 -88.35 -119.14 -6.32
C LEU F 2752 -87.62 -118.66 -7.57
N ASP F 2753 -87.42 -119.55 -8.55
CA ASP F 2753 -86.90 -119.10 -9.84
C ASP F 2753 -87.95 -118.25 -10.56
N SER F 2754 -89.21 -118.65 -10.51
CA SER F 2754 -90.28 -117.82 -11.05
C SER F 2754 -90.35 -116.49 -10.30
N PHE F 2755 -90.27 -116.54 -8.97
CA PHE F 2755 -90.17 -115.31 -8.18
C PHE F 2755 -89.02 -114.44 -8.64
N ILE F 2756 -87.88 -115.05 -8.91
CA ILE F 2756 -86.68 -114.30 -9.29
C ILE F 2756 -86.87 -113.67 -10.66
N ASN F 2757 -87.53 -114.37 -11.58
CA ASN F 2757 -87.84 -113.78 -12.87
C ASN F 2757 -88.75 -112.56 -12.72
N LYS F 2758 -89.79 -112.69 -11.90
CA LYS F 2758 -90.67 -111.55 -11.65
C LYS F 2758 -89.89 -110.40 -11.03
N PHE F 2759 -89.02 -110.69 -10.06
CA PHE F 2759 -88.26 -109.64 -9.42
C PHE F 2759 -87.29 -108.99 -10.39
N ALA F 2760 -86.78 -109.77 -11.35
CA ALA F 2760 -85.85 -109.21 -12.33
C ALA F 2760 -86.58 -108.25 -13.27
N GLU F 2761 -87.78 -108.64 -13.72
CA GLU F 2761 -88.62 -107.71 -14.45
C GLU F 2761 -88.83 -106.44 -13.63
N TYR F 2762 -89.16 -106.61 -12.35
CA TYR F 2762 -89.36 -105.48 -11.45
C TYR F 2762 -88.11 -104.61 -11.33
N THR F 2763 -86.94 -105.23 -11.21
CA THR F 2763 -85.70 -104.49 -11.03
C THR F 2763 -85.40 -103.66 -12.27
N HIS F 2764 -85.56 -104.27 -13.45
CA HIS F 2764 -85.40 -103.51 -14.68
C HIS F 2764 -86.38 -102.34 -14.70
N GLU F 2765 -87.62 -102.57 -14.29
CA GLU F 2765 -88.63 -101.52 -14.35
C GLU F 2765 -88.27 -100.35 -13.43
N LYS F 2766 -87.91 -100.63 -12.17
CA LYS F 2766 -87.53 -99.54 -11.27
C LYS F 2766 -86.26 -98.84 -11.72
N TRP F 2767 -85.27 -99.60 -12.19
CA TRP F 2767 -84.02 -98.96 -12.59
C TRP F 2767 -84.24 -98.08 -13.81
N ALA F 2768 -85.14 -98.49 -14.70
CA ALA F 2768 -85.51 -97.63 -15.83
C ALA F 2768 -86.34 -96.43 -15.37
N PHE F 2769 -87.15 -96.58 -14.33
CA PHE F 2769 -87.86 -95.43 -13.78
C PHE F 2769 -86.89 -94.42 -13.19
N ASP F 2770 -85.86 -94.90 -12.49
CA ASP F 2770 -84.82 -94.01 -12.00
C ASP F 2770 -84.08 -93.35 -13.16
N LYS F 2771 -83.83 -94.10 -14.23
CA LYS F 2771 -83.25 -93.49 -15.42
C LYS F 2771 -84.16 -92.42 -16.00
N ILE F 2772 -85.48 -92.62 -15.95
CA ILE F 2772 -86.41 -91.57 -16.39
C ILE F 2772 -86.28 -90.35 -15.49
N GLN F 2773 -86.22 -90.56 -14.18
CA GLN F 2773 -85.96 -89.45 -13.27
C GLN F 2773 -84.67 -88.73 -13.64
N ASN F 2774 -83.70 -89.47 -14.16
CA ASN F 2774 -82.47 -88.90 -14.71
C ASN F 2774 -82.66 -88.37 -16.13
N ASN F 2775 -83.85 -88.52 -16.70
CA ASN F 2775 -84.15 -88.05 -18.05
C ASN F 2775 -83.41 -88.85 -19.11
N TRP F 2776 -83.46 -90.18 -19.00
CA TRP F 2776 -82.85 -91.06 -19.98
C TRP F 2776 -83.77 -91.26 -21.18
N SER F 2777 -83.20 -91.77 -22.26
CA SER F 2777 -83.92 -92.01 -23.50
C SER F 2777 -83.54 -93.38 -24.06
N TYR F 2778 -84.44 -93.93 -24.88
CA TYR F 2778 -84.25 -95.25 -25.50
C TYR F 2778 -83.57 -95.03 -26.85
N GLY F 2779 -82.26 -95.29 -26.89
CA GLY F 2779 -81.46 -95.16 -28.11
C GLY F 2779 -80.64 -96.41 -28.34
N GLU F 2780 -80.44 -96.75 -29.61
CA GLU F 2780 -79.79 -98.01 -29.96
C GLU F 2780 -78.37 -98.10 -29.38
N ASN F 2781 -77.76 -96.96 -29.07
CA ASN F 2781 -76.42 -96.94 -28.49
C ASN F 2781 -76.48 -96.55 -27.02
N ILE F 2782 -75.43 -96.92 -26.30
CA ILE F 2782 -75.30 -96.63 -24.87
C ILE F 2782 -74.30 -95.50 -24.70
N ASP F 2783 -74.77 -94.38 -24.16
CA ASP F 2783 -73.92 -93.22 -23.93
C ASP F 2783 -74.64 -92.24 -23.02
N GLU F 2784 -73.97 -91.84 -21.94
CA GLU F 2784 -74.57 -90.89 -21.00
C GLU F 2784 -74.67 -89.50 -21.63
N GLU F 2785 -73.62 -89.07 -22.34
CA GLU F 2785 -73.64 -87.74 -22.94
C GLU F 2785 -74.78 -87.60 -23.94
N LEU F 2786 -74.90 -88.57 -24.86
CA LEU F 2786 -76.07 -88.63 -25.73
C LEU F 2786 -77.34 -88.99 -24.96
N LYS F 2787 -77.20 -89.51 -23.74
CA LYS F 2787 -78.34 -89.90 -22.93
C LYS F 2787 -79.18 -90.94 -23.66
N THR F 2788 -78.50 -91.84 -24.36
CA THR F 2788 -79.13 -92.93 -25.10
C THR F 2788 -78.78 -94.24 -24.42
N HIS F 2789 -79.74 -95.17 -24.39
CA HIS F 2789 -79.61 -96.39 -23.60
C HIS F 2789 -80.40 -97.49 -24.29
N PRO F 2790 -79.75 -98.50 -24.88
CA PRO F 2790 -80.47 -99.44 -25.76
C PRO F 2790 -81.38 -100.42 -25.03
N MET F 2791 -81.27 -100.54 -23.70
CA MET F 2791 -82.09 -101.51 -22.98
C MET F 2791 -83.38 -100.93 -22.43
N LEU F 2792 -83.75 -99.71 -22.82
CA LEU F 2792 -85.07 -99.18 -22.51
C LEU F 2792 -86.12 -99.82 -23.44
N ARG F 2793 -86.25 -101.12 -23.29
CA ARG F 2793 -87.20 -101.93 -24.04
C ARG F 2793 -87.86 -102.92 -23.10
N PRO F 2794 -89.09 -103.34 -23.40
CA PRO F 2794 -89.84 -104.16 -22.44
C PRO F 2794 -89.07 -105.41 -22.06
N TYR F 2795 -89.31 -105.90 -20.83
CA TYR F 2795 -88.55 -107.03 -20.33
C TYR F 2795 -88.72 -108.25 -21.22
N LYS F 2796 -89.81 -108.30 -21.99
CA LYS F 2796 -89.96 -109.37 -22.98
C LYS F 2796 -88.84 -109.32 -24.02
N THR F 2797 -88.52 -108.12 -24.49
CA THR F 2797 -87.44 -107.91 -25.45
C THR F 2797 -86.10 -107.63 -24.78
N PHE F 2798 -86.08 -107.48 -23.47
CA PHE F 2798 -84.84 -107.25 -22.74
C PHE F 2798 -83.87 -108.39 -22.99
N SER F 2799 -82.62 -108.05 -23.29
CA SER F 2799 -81.70 -109.04 -23.83
C SER F 2799 -81.50 -110.20 -22.85
N GLU F 2800 -81.34 -111.40 -23.42
CA GLU F 2800 -81.22 -112.60 -22.59
C GLU F 2800 -80.00 -112.52 -21.67
N LYS F 2801 -78.86 -112.08 -22.20
CA LYS F 2801 -77.69 -111.87 -21.34
C LYS F 2801 -77.98 -110.79 -20.31
N ASP F 2802 -78.64 -109.71 -20.74
CA ASP F 2802 -79.00 -108.65 -19.80
C ASP F 2802 -80.04 -109.16 -18.79
N LYS F 2803 -81.01 -109.95 -19.26
CA LYS F 2803 -81.89 -110.66 -18.33
C LYS F 2803 -81.08 -111.47 -17.33
N GLU F 2804 -80.07 -112.20 -17.81
CA GLU F 2804 -79.31 -113.07 -16.93
C GLU F 2804 -78.56 -112.28 -15.88
N ILE F 2805 -77.99 -111.14 -16.25
CA ILE F 2805 -77.22 -110.35 -15.29
C ILE F 2805 -78.09 -109.52 -14.35
N TYR F 2806 -79.31 -109.17 -14.77
CA TYR F 2806 -80.26 -108.54 -13.86
C TYR F 2806 -81.03 -109.55 -13.02
N ARG F 2807 -80.90 -110.84 -13.33
CA ARG F 2807 -81.50 -111.89 -12.55
C ARG F 2807 -80.52 -112.60 -11.63
N TRP F 2808 -79.23 -112.58 -11.96
CA TRP F 2808 -78.21 -113.25 -11.15
C TRP F 2808 -78.05 -112.68 -9.75
N PRO F 2809 -78.04 -111.36 -9.54
CA PRO F 2809 -77.89 -110.86 -8.16
C PRO F 2809 -78.92 -111.46 -7.22
N ILE F 2810 -80.15 -111.59 -7.69
CA ILE F 2810 -81.20 -112.15 -6.83
C ILE F 2810 -81.03 -113.65 -6.67
N LYS F 2811 -80.57 -114.33 -7.71
CA LYS F 2811 -80.25 -115.75 -7.56
C LYS F 2811 -79.26 -115.95 -6.43
N GLU F 2812 -78.18 -115.17 -6.45
CA GLU F 2812 -77.15 -115.28 -5.41
C GLU F 2812 -77.72 -114.90 -4.04
N SER F 2813 -78.49 -113.81 -3.98
CA SER F 2813 -79.04 -113.38 -2.70
C SER F 2813 -79.97 -114.43 -2.12
N LEU F 2814 -80.82 -115.03 -2.95
CA LEU F 2814 -81.80 -115.98 -2.46
C LEU F 2814 -81.13 -117.30 -2.09
N LYS F 2815 -80.08 -117.68 -2.81
CA LYS F 2815 -79.31 -118.85 -2.40
C LYS F 2815 -78.58 -118.59 -1.08
N ALA F 2816 -78.13 -117.34 -0.89
CA ALA F 2816 -77.60 -116.95 0.42
C ALA F 2816 -78.66 -117.11 1.50
N MET F 2817 -79.89 -116.69 1.21
CA MET F 2817 -80.97 -116.83 2.19
C MET F 2817 -81.24 -118.30 2.49
N ILE F 2818 -81.23 -119.15 1.46
CA ILE F 2818 -81.42 -120.58 1.68
C ILE F 2818 -80.31 -121.14 2.56
N ALA F 2819 -79.06 -120.77 2.28
CA ALA F 2819 -77.96 -121.15 3.16
C ALA F 2819 -78.18 -120.65 4.57
N TRP F 2820 -78.78 -119.47 4.73
CA TRP F 2820 -79.18 -118.93 6.02
C TRP F 2820 -80.36 -119.69 6.62
N GLU F 2821 -81.00 -120.57 5.84
CA GLU F 2821 -82.16 -121.35 6.26
C GLU F 2821 -83.41 -120.50 6.39
N TRP F 2822 -83.46 -119.37 5.71
CA TRP F 2822 -84.64 -118.51 5.70
C TRP F 2822 -85.65 -119.03 4.67
N THR F 2823 -86.25 -120.18 4.98
CA THR F 2823 -87.20 -120.82 4.09
C THR F 2823 -88.31 -119.85 3.70
N VAL F 2824 -88.42 -119.58 2.40
CA VAL F 2824 -89.35 -118.61 1.86
C VAL F 2824 -90.28 -119.35 0.91
N GLU F 2825 -91.59 -119.19 1.11
CA GLU F 2825 -92.59 -119.99 0.41
C GLU F 2825 -93.73 -119.13 -0.10
N LYS F 2826 -94.42 -119.64 -1.11
CA LYS F 2826 -95.54 -118.94 -1.75
C LYS F 2826 -96.79 -118.99 -0.88
N ALA F 2827 -96.79 -118.25 0.22
CA ALA F 2827 -97.92 -118.28 1.13
C ALA F 2827 -99.14 -117.55 0.55
N ARG F 2828 -98.92 -116.37 -0.02
CA ARG F 2828 -99.99 -115.50 -0.51
C ARG F 2828 -99.78 -115.21 -1.99
N GLU F 2829 -100.83 -114.67 -2.61
CA GLU F 2829 -100.80 -114.35 -4.04
C GLU F 2829 -99.52 -113.63 -4.42
N GLY F 2830 -99.08 -113.85 -5.66
CA GLY F 2830 -97.85 -113.24 -6.14
C GLY F 2830 -98.04 -112.32 -7.32
N GLU F 2831 -97.31 -111.21 -7.33
CA GLU F 2831 -97.39 -110.23 -8.39
C GLU F 2831 -96.12 -110.26 -9.25
N TYR F 2856 -89.36 -98.13 -23.87
CA TYR F 2856 -90.74 -98.37 -23.44
C TYR F 2856 -91.16 -97.29 -22.44
N ASN F 2857 -92.15 -97.61 -21.61
CA ASN F 2857 -92.61 -96.69 -20.57
C ASN F 2857 -92.16 -97.22 -19.22
N PRO F 2858 -91.07 -96.72 -18.65
CA PRO F 2858 -90.62 -97.23 -17.35
C PRO F 2858 -91.52 -96.77 -16.21
N GLN F 2859 -91.89 -97.72 -15.35
CA GLN F 2859 -92.66 -97.45 -14.15
C GLN F 2859 -92.05 -98.23 -12.99
N PRO F 2860 -92.01 -97.65 -11.79
CA PRO F 2860 -91.57 -98.40 -10.62
C PRO F 2860 -92.71 -99.14 -9.98
N PRO F 2861 -92.70 -100.48 -9.98
CA PRO F 2861 -93.68 -101.20 -9.16
C PRO F 2861 -93.51 -100.84 -7.69
N ASP F 2862 -94.63 -100.57 -7.03
CA ASP F 2862 -94.59 -100.06 -5.66
C ASP F 2862 -94.20 -101.18 -4.70
N LEU F 2863 -93.12 -100.94 -3.94
CA LEU F 2863 -92.67 -101.85 -2.89
C LEU F 2863 -92.66 -101.22 -1.51
N SER F 2864 -92.44 -99.91 -1.39
CA SER F 2864 -92.43 -99.29 -0.07
C SER F 2864 -93.79 -99.40 0.60
N VAL F 2865 -94.83 -99.73 -0.16
CA VAL F 2865 -96.17 -99.86 0.41
C VAL F 2865 -96.17 -100.96 1.47
N VAL F 2866 -95.55 -102.09 1.19
CA VAL F 2866 -95.45 -103.17 2.17
C VAL F 2866 -94.27 -102.89 3.09
N THR F 2867 -94.52 -102.95 4.40
CA THR F 2867 -93.54 -102.61 5.41
C THR F 2867 -93.15 -103.87 6.18
N LEU F 2868 -91.86 -104.06 6.38
CA LEU F 2868 -91.38 -105.20 7.16
C LEU F 2868 -91.58 -104.93 8.65
N SER F 2869 -92.28 -105.84 9.33
CA SER F 2869 -92.40 -105.71 10.78
C SER F 2869 -91.06 -105.99 11.44
N ARG F 2870 -90.89 -105.49 12.66
CA ARG F 2870 -89.59 -105.45 13.31
C ARG F 2870 -88.76 -106.71 13.09
N GLU F 2871 -89.38 -107.88 13.20
CA GLU F 2871 -88.62 -109.12 13.02
C GLU F 2871 -88.13 -109.26 11.59
N LEU F 2872 -88.98 -108.97 10.60
CA LEU F 2872 -88.54 -109.05 9.22
C LEU F 2872 -87.55 -107.93 8.90
N GLN F 2873 -87.65 -106.81 9.61
CA GLN F 2873 -86.63 -105.77 9.50
C GLN F 2873 -85.27 -106.27 9.98
N ALA F 2874 -85.26 -107.02 11.09
CA ALA F 2874 -84.02 -107.63 11.55
C ALA F 2874 -83.51 -108.64 10.52
N MET F 2875 -84.42 -109.40 9.92
CA MET F 2875 -84.04 -110.35 8.87
C MET F 2875 -83.39 -109.62 7.71
N ALA F 2876 -83.97 -108.48 7.32
CA ALA F 2876 -83.41 -107.68 6.23
C ALA F 2876 -82.08 -107.05 6.64
N GLU F 2877 -81.93 -106.73 7.94
CA GLU F 2877 -80.64 -106.25 8.42
C GLU F 2877 -79.56 -107.32 8.26
N GLN F 2878 -79.91 -108.57 8.59
CA GLN F 2878 -78.96 -109.66 8.39
C GLN F 2878 -78.65 -109.86 6.92
N LEU F 2879 -79.68 -109.76 6.07
CA LEU F 2879 -79.46 -109.89 4.63
C LEU F 2879 -78.57 -108.77 4.10
N ALA F 2880 -78.77 -107.55 4.59
CA ALA F 2880 -77.92 -106.43 4.20
C ALA F 2880 -76.51 -106.62 4.72
N GLU F 2881 -76.36 -107.25 5.89
CA GLU F 2881 -75.03 -107.58 6.37
C GLU F 2881 -74.35 -108.57 5.44
N ASN F 2882 -75.10 -109.55 4.93
CA ASN F 2882 -74.54 -110.49 3.97
C ASN F 2882 -74.14 -109.78 2.67
N TYR F 2883 -74.99 -108.86 2.21
CA TYR F 2883 -74.65 -108.08 1.02
C TYR F 2883 -73.39 -107.26 1.26
N HIS F 2884 -73.29 -106.65 2.44
CA HIS F 2884 -72.08 -105.93 2.81
C HIS F 2884 -70.88 -106.87 2.85
N ASN F 2885 -71.11 -108.13 3.23
CA ASN F 2885 -70.02 -109.10 3.24
C ASN F 2885 -69.51 -109.36 1.83
N THR F 2886 -70.41 -109.59 0.88
CA THR F 2886 -70.01 -109.77 -0.51
C THR F 2886 -69.30 -108.52 -1.03
N TRP F 2887 -69.87 -107.35 -0.71
CA TRP F 2887 -69.35 -106.07 -1.17
C TRP F 2887 -67.93 -105.84 -0.65
N GLY F 2888 -67.73 -106.04 0.65
CA GLY F 2888 -66.40 -105.91 1.22
C GLY F 2888 -65.46 -107.00 0.78
N ARG F 2889 -66.00 -108.15 0.37
CA ARG F 2889 -65.15 -109.18 -0.23
C ARG F 2889 -64.61 -108.72 -1.57
N LYS F 2890 -65.45 -108.06 -2.36
CA LYS F 2890 -64.97 -107.48 -3.62
C LYS F 2890 -63.90 -106.43 -3.35
N LYS F 2891 -64.12 -105.57 -2.36
CA LYS F 2891 -63.06 -104.62 -1.99
C LYS F 2891 -61.81 -105.32 -1.48
N LYS F 2892 -61.96 -106.44 -0.76
CA LYS F 2892 -60.79 -107.22 -0.40
C LYS F 2892 -60.02 -107.63 -1.65
N GLN F 2893 -60.71 -108.24 -2.60
CA GLN F 2893 -60.07 -108.64 -3.85
C GLN F 2893 -59.31 -107.47 -4.46
N GLU F 2894 -59.90 -106.28 -4.41
CA GLU F 2894 -59.18 -105.09 -4.86
C GLU F 2894 -57.91 -104.87 -4.04
N LEU F 2895 -57.98 -105.13 -2.73
CA LEU F 2895 -56.79 -104.96 -1.89
C LEU F 2895 -55.68 -105.93 -2.28
N GLU F 2896 -56.02 -107.20 -2.51
CA GLU F 2896 -54.99 -108.13 -2.98
C GLU F 2896 -54.46 -107.73 -4.35
N ALA F 2897 -55.32 -107.17 -5.20
CA ALA F 2897 -54.84 -106.65 -6.48
C ALA F 2897 -53.83 -105.54 -6.27
N LYS F 2898 -54.10 -104.64 -5.32
CA LYS F 2898 -53.16 -103.57 -5.01
C LYS F 2898 -51.85 -104.13 -4.46
N GLY F 2899 -51.93 -105.14 -3.60
CA GLY F 2899 -50.75 -105.67 -2.95
C GLY F 2899 -50.47 -105.06 -1.60
N GLY F 2900 -51.48 -104.51 -0.94
CA GLY F 2900 -51.31 -103.89 0.36
C GLY F 2900 -52.07 -102.60 0.50
N GLY F 2901 -52.87 -102.47 1.56
CA GLY F 2901 -53.66 -101.27 1.77
C GLY F 2901 -54.76 -101.54 2.77
N SER F 2902 -55.77 -100.67 2.73
CA SER F 2902 -56.91 -100.79 3.63
C SER F 2902 -58.09 -100.04 3.03
N HIS F 2903 -59.23 -100.71 2.92
CA HIS F 2903 -60.42 -100.08 2.36
C HIS F 2903 -61.10 -99.22 3.43
N PRO F 2904 -61.34 -97.93 3.18
CA PRO F 2904 -61.87 -97.08 4.26
C PRO F 2904 -63.16 -97.57 4.86
N LEU F 2905 -64.06 -98.12 4.04
CA LEU F 2905 -65.38 -98.55 4.50
C LEU F 2905 -65.44 -100.06 4.74
N LEU F 2906 -64.33 -100.67 5.17
CA LEU F 2906 -64.29 -102.08 5.50
C LEU F 2906 -64.68 -102.36 6.95
N VAL F 2907 -65.37 -101.43 7.60
CA VAL F 2907 -65.78 -101.59 8.99
C VAL F 2907 -67.15 -102.27 9.00
N PRO F 2908 -67.37 -103.28 9.85
CA PRO F 2908 -68.60 -104.09 9.74
C PRO F 2908 -69.88 -103.26 9.75
N TYR F 2909 -70.97 -103.92 9.37
CA TYR F 2909 -72.29 -103.32 9.25
C TYR F 2909 -72.75 -102.67 10.55
N ASP F 2910 -72.64 -103.39 11.66
CA ASP F 2910 -73.06 -102.85 12.95
C ASP F 2910 -72.27 -101.59 13.28
N THR F 2911 -70.96 -101.61 13.01
CA THR F 2911 -70.14 -100.44 13.22
C THR F 2911 -70.60 -99.27 12.36
N LEU F 2912 -70.98 -99.55 11.11
CA LEU F 2912 -71.42 -98.49 10.22
C LEU F 2912 -72.62 -97.75 10.80
N THR F 2913 -72.65 -96.44 10.58
CA THR F 2913 -73.83 -95.67 10.91
C THR F 2913 -74.90 -95.86 9.86
N ALA F 2914 -76.11 -95.37 10.16
CA ALA F 2914 -77.25 -95.58 9.28
C ALA F 2914 -77.00 -95.05 7.87
N LYS F 2915 -76.14 -94.05 7.72
CA LYS F 2915 -75.94 -93.43 6.40
C LYS F 2915 -75.41 -94.45 5.40
N GLU F 2916 -74.32 -95.15 5.74
CA GLU F 2916 -73.77 -96.14 4.83
C GLU F 2916 -74.63 -97.40 4.83
N LYS F 2917 -75.24 -97.73 5.97
CA LYS F 2917 -76.14 -98.87 6.02
C LYS F 2917 -77.32 -98.67 5.08
N ALA F 2918 -77.84 -97.44 5.01
CA ALA F 2918 -79.15 -97.19 4.42
C ALA F 2918 -79.31 -97.81 3.03
N ARG F 2919 -78.31 -97.69 2.17
CA ARG F 2919 -78.45 -98.19 0.80
C ARG F 2919 -78.62 -99.70 0.77
N ASP F 2920 -77.73 -100.43 1.46
CA ASP F 2920 -77.81 -101.87 1.47
C ASP F 2920 -79.05 -102.35 2.22
N ARG F 2921 -79.44 -101.65 3.28
CA ARG F 2921 -80.69 -101.95 3.96
C ARG F 2921 -81.86 -101.82 3.02
N GLU F 2922 -81.86 -100.76 2.19
CA GLU F 2922 -82.93 -100.56 1.23
C GLU F 2922 -82.96 -101.70 0.21
N LYS F 2923 -81.79 -102.12 -0.25
CA LYS F 2923 -81.73 -103.21 -1.23
C LYS F 2923 -82.32 -104.50 -0.64
N ALA F 2924 -81.86 -104.88 0.56
CA ALA F 2924 -82.40 -106.07 1.20
C ALA F 2924 -83.88 -105.94 1.48
N GLN F 2925 -84.30 -104.73 1.90
CA GLN F 2925 -85.72 -104.48 2.18
C GLN F 2925 -86.55 -104.67 0.93
N GLU F 2926 -86.08 -104.15 -0.21
CA GLU F 2926 -86.81 -104.32 -1.46
C GLU F 2926 -86.92 -105.80 -1.83
N LEU F 2927 -85.83 -106.55 -1.67
CA LEU F 2927 -85.88 -107.98 -1.97
C LEU F 2927 -86.93 -108.67 -1.12
N LEU F 2928 -86.93 -108.40 0.19
CA LEU F 2928 -87.88 -109.08 1.07
C LEU F 2928 -89.31 -108.58 0.84
N LYS F 2929 -89.46 -107.32 0.45
CA LYS F 2929 -90.78 -106.78 0.14
C LYS F 2929 -91.39 -107.48 -1.07
N PHE F 2930 -90.57 -107.67 -2.11
CA PHE F 2930 -91.05 -108.44 -3.26
C PHE F 2930 -91.33 -109.89 -2.87
N LEU F 2931 -90.53 -110.45 -1.97
CA LEU F 2931 -90.84 -111.78 -1.47
C LEU F 2931 -92.23 -111.81 -0.83
N GLN F 2932 -92.54 -110.80 -0.01
CA GLN F 2932 -93.85 -110.78 0.64
C GLN F 2932 -94.98 -110.63 -0.37
N MET F 2933 -94.85 -109.68 -1.31
CA MET F 2933 -95.87 -109.56 -2.34
C MET F 2933 -95.95 -110.82 -3.20
N ASN F 2934 -94.92 -111.65 -3.19
CA ASN F 2934 -94.97 -112.96 -3.83
C ASN F 2934 -95.24 -114.07 -2.83
N GLY F 2935 -95.76 -113.75 -1.64
CA GLY F 2935 -96.11 -114.72 -0.63
C GLY F 2935 -94.94 -115.27 0.14
N TYR F 2936 -93.74 -115.24 -0.43
CA TYR F 2936 -92.57 -115.81 0.21
C TYR F 2936 -92.19 -115.03 1.46
N ALA F 2937 -92.03 -115.76 2.57
CA ALA F 2937 -91.73 -115.17 3.87
C ALA F 2937 -90.58 -115.91 4.53
N VAL F 2938 -89.63 -115.16 5.08
CA VAL F 2938 -88.43 -115.72 5.68
C VAL F 2938 -88.76 -116.48 6.95
N THR F 2939 -87.84 -117.33 7.39
CA THR F 2939 -88.01 -118.15 8.59
C THR F 2939 -87.48 -117.37 9.79
N ARG F 2940 -88.41 -116.88 10.60
CA ARG F 2940 -88.06 -116.18 11.83
C ARG F 2940 -87.83 -117.12 13.01
N GLY F 2941 -88.29 -118.37 12.92
CA GLY F 2941 -88.11 -119.34 13.99
C GLY F 2941 -88.60 -118.83 15.33
N LEU F 2942 -87.77 -118.95 16.36
CA LEU F 2942 -88.07 -118.40 17.67
C LEU F 2942 -87.14 -117.25 18.04
N LYS F 2943 -86.20 -116.90 17.16
CA LYS F 2943 -85.22 -115.87 17.47
C LYS F 2943 -85.90 -114.55 17.79
N ASP F 2944 -86.96 -114.21 17.06
CA ASP F 2944 -87.58 -112.90 17.24
C ASP F 2944 -88.10 -112.71 18.66
N MET F 2945 -88.91 -113.65 19.15
CA MET F 2945 -89.54 -113.45 20.45
C MET F 2945 -88.64 -113.91 21.59
N GLU F 2946 -87.52 -114.57 21.27
CA GLU F 2946 -86.51 -114.78 22.32
C GLU F 2946 -85.53 -113.61 22.36
N LEU F 2947 -85.57 -112.75 21.34
CA LEU F 2947 -84.86 -111.47 21.43
C LEU F 2947 -85.74 -110.38 22.06
N ASP F 2948 -87.05 -110.48 21.88
CA ASP F 2948 -87.96 -109.38 22.23
C ASP F 2948 -87.70 -108.87 23.65
N THR F 2949 -87.58 -109.77 24.62
CA THR F 2949 -87.36 -109.39 26.01
C THR F 2949 -88.17 -108.14 26.36
N SER F 2950 -87.49 -107.03 26.66
CA SER F 2950 -88.15 -105.76 26.89
C SER F 2950 -87.09 -104.70 27.12
N SER F 2951 -87.53 -103.44 27.09
CA SER F 2951 -86.61 -102.33 27.32
C SER F 2951 -85.87 -102.52 28.65
N ILE F 2952 -86.56 -103.02 29.67
CA ILE F 2952 -85.92 -103.20 30.97
C ILE F 2952 -84.77 -104.16 30.86
N GLU F 2953 -84.97 -105.30 30.18
CA GLU F 2953 -83.89 -106.25 29.99
C GLU F 2953 -82.83 -105.75 29.03
N LYS F 2954 -83.13 -104.73 28.22
CA LYS F 2954 -82.15 -104.19 27.29
C LYS F 2954 -81.38 -103.00 27.84
N ARG F 2955 -81.77 -102.45 29.00
CA ARG F 2955 -81.01 -101.35 29.57
C ARG F 2955 -79.59 -101.80 29.87
N PHE F 2956 -78.64 -100.87 29.72
CA PHE F 2956 -77.24 -101.20 29.94
C PHE F 2956 -77.01 -101.66 31.37
N ALA F 2957 -77.60 -100.96 32.33
CA ALA F 2957 -77.43 -101.33 33.73
C ALA F 2957 -77.89 -102.76 33.98
N PHE F 2958 -78.99 -103.16 33.33
CA PHE F 2958 -79.50 -104.51 33.52
C PHE F 2958 -78.48 -105.55 33.11
N GLY F 2959 -77.91 -105.42 31.91
CA GLY F 2959 -76.92 -106.38 31.46
C GLY F 2959 -75.67 -106.35 32.32
N PHE F 2960 -75.24 -105.15 32.71
CA PHE F 2960 -74.07 -105.03 33.56
C PHE F 2960 -74.28 -105.78 34.87
N LEU F 2961 -75.45 -105.61 35.48
CA LEU F 2961 -75.72 -106.26 36.75
C LEU F 2961 -75.87 -107.77 36.58
N GLN F 2962 -76.43 -108.20 35.45
CA GLN F 2962 -76.51 -109.63 35.18
C GLN F 2962 -75.12 -110.24 35.11
N GLN F 2963 -74.21 -109.58 34.39
CA GLN F 2963 -72.84 -110.08 34.30
C GLN F 2963 -72.17 -110.08 35.66
N LEU F 2964 -72.40 -109.03 36.45
CA LEU F 2964 -71.80 -108.98 37.79
C LEU F 2964 -72.30 -110.13 38.64
N LEU F 2965 -73.59 -110.44 38.56
CA LEU F 2965 -74.13 -111.53 39.37
C LEU F 2965 -73.57 -112.88 38.92
N ARG F 2966 -73.42 -113.07 37.60
CA ARG F 2966 -72.81 -114.31 37.13
C ARG F 2966 -71.38 -114.43 37.64
N TRP F 2967 -70.62 -113.34 37.58
CA TRP F 2967 -69.27 -113.39 38.11
C TRP F 2967 -69.26 -113.60 39.61
N MET F 2968 -70.30 -113.16 40.30
CA MET F 2968 -70.40 -113.43 41.73
C MET F 2968 -70.62 -114.92 41.99
N ASP F 2969 -71.42 -115.55 41.13
CA ASP F 2969 -71.57 -117.00 41.21
C ASP F 2969 -70.23 -117.70 41.00
N ILE F 2970 -69.44 -117.23 40.03
CA ILE F 2970 -68.10 -117.78 39.84
C ILE F 2970 -67.24 -117.53 41.08
N SER F 2971 -67.45 -116.38 41.72
CA SER F 2971 -66.72 -116.04 42.93
C SER F 2971 -66.99 -117.05 44.03
N GLN F 2972 -68.25 -117.45 44.18
CA GLN F 2972 -68.56 -118.48 45.16
C GLN F 2972 -67.70 -119.72 44.93
N GLU F 2973 -67.60 -120.15 43.67
CA GLU F 2973 -66.89 -121.39 43.37
C GLU F 2973 -65.40 -121.26 43.70
N PHE F 2974 -64.72 -120.25 43.17
CA PHE F 2974 -63.29 -120.25 43.45
C PHE F 2974 -62.95 -119.81 44.86
N ILE F 2975 -63.81 -119.05 45.55
CA ILE F 2975 -63.52 -118.80 46.95
C ILE F 2975 -63.67 -120.07 47.76
N ALA F 2976 -64.65 -120.91 47.42
CA ALA F 2976 -64.75 -122.22 48.06
C ALA F 2976 -63.48 -123.02 47.82
N HIS F 2977 -62.99 -123.05 46.58
CA HIS F 2977 -61.78 -123.80 46.29
C HIS F 2977 -60.58 -123.25 47.06
N LEU F 2978 -60.44 -121.92 47.10
CA LEU F 2978 -59.31 -121.31 47.80
C LEU F 2978 -59.37 -121.64 49.29
N GLU F 2979 -60.56 -121.58 49.87
CA GLU F 2979 -60.70 -121.96 51.27
C GLU F 2979 -60.30 -123.42 51.49
N ALA F 2980 -60.75 -124.30 50.60
CA ALA F 2980 -60.43 -125.72 50.76
C ALA F 2980 -58.92 -125.94 50.70
N VAL F 2981 -58.24 -125.32 49.73
CA VAL F 2981 -56.81 -125.53 49.61
C VAL F 2981 -56.05 -124.88 50.77
N VAL F 2982 -56.50 -123.72 51.24
CA VAL F 2982 -55.81 -123.06 52.33
C VAL F 2982 -55.96 -123.87 53.63
N SER F 2983 -57.13 -124.49 53.83
CA SER F 2983 -57.33 -125.29 55.02
C SER F 2983 -56.34 -126.45 55.08
N SER F 2984 -56.17 -127.15 53.96
CA SER F 2984 -55.24 -128.27 53.89
C SER F 2984 -54.90 -128.56 52.45
N GLY F 2985 -53.85 -129.35 52.24
CA GLY F 2985 -53.47 -129.75 50.90
C GLY F 2985 -52.99 -128.60 50.04
N ARG F 2986 -51.81 -128.06 50.36
CA ARG F 2986 -51.28 -126.93 49.62
C ARG F 2986 -51.33 -127.18 48.11
N VAL F 2987 -52.04 -126.33 47.39
CA VAL F 2987 -52.12 -126.38 45.93
C VAL F 2987 -51.71 -125.02 45.39
N GLU F 2988 -50.63 -124.98 44.62
CA GLU F 2988 -50.19 -123.76 43.96
C GLU F 2988 -50.70 -123.62 42.54
N LYS F 2989 -51.43 -124.62 42.04
CA LYS F 2989 -51.96 -124.54 40.68
C LYS F 2989 -52.92 -123.37 40.53
N SER F 2990 -53.83 -123.20 41.49
CA SER F 2990 -54.85 -122.17 41.40
C SER F 2990 -55.55 -122.26 40.05
N PRO F 2991 -56.38 -123.28 39.83
CA PRO F 2991 -56.96 -123.47 38.50
C PRO F 2991 -57.85 -122.31 38.07
N HIS F 2992 -58.22 -121.44 39.02
CA HIS F 2992 -59.02 -120.26 38.73
C HIS F 2992 -58.19 -119.00 38.85
N GLU F 2993 -56.87 -119.11 38.77
CA GLU F 2993 -55.99 -117.99 39.10
C GLU F 2993 -56.41 -116.72 38.36
N GLN F 2994 -56.68 -116.83 37.07
CA GLN F 2994 -57.05 -115.65 36.31
C GLN F 2994 -58.44 -115.17 36.72
N GLU F 2995 -59.30 -116.09 37.17
CA GLU F 2995 -60.60 -115.67 37.69
C GLU F 2995 -60.43 -114.82 38.95
N ILE F 2996 -59.59 -115.27 39.88
CA ILE F 2996 -59.30 -114.47 41.06
C ILE F 2996 -58.77 -113.11 40.66
N LYS F 2997 -57.78 -113.09 39.75
CA LYS F 2997 -57.15 -111.83 39.40
C LYS F 2997 -58.15 -110.88 38.76
N PHE F 2998 -59.00 -111.38 37.86
CA PHE F 2998 -60.03 -110.55 37.27
C PHE F 2998 -60.96 -110.00 38.34
N PHE F 2999 -61.50 -110.89 39.17
CA PHE F 2999 -62.50 -110.45 40.16
C PHE F 2999 -61.91 -109.40 41.08
N ALA F 3000 -60.63 -109.52 41.42
CA ALA F 3000 -60.03 -108.63 42.40
C ALA F 3000 -59.46 -107.35 41.78
N LYS F 3001 -59.13 -107.36 40.49
CA LYS F 3001 -58.45 -106.23 39.87
C LYS F 3001 -59.33 -105.43 38.93
N ILE F 3002 -60.47 -105.97 38.50
CA ILE F 3002 -61.31 -105.27 37.53
C ILE F 3002 -62.70 -105.04 38.12
N LEU F 3003 -63.39 -106.11 38.47
CA LEU F 3003 -64.78 -105.99 38.90
C LEU F 3003 -64.90 -105.09 40.13
N LEU F 3004 -64.04 -105.31 41.13
CA LEU F 3004 -64.17 -104.54 42.36
C LEU F 3004 -63.96 -103.05 42.14
N PRO F 3005 -62.85 -102.60 41.54
CA PRO F 3005 -62.77 -101.16 41.21
C PRO F 3005 -63.89 -100.71 40.32
N LEU F 3006 -64.28 -101.54 39.36
CA LEU F 3006 -65.40 -101.20 38.48
C LEU F 3006 -66.66 -100.98 39.30
N ILE F 3007 -67.16 -102.04 39.94
CA ILE F 3007 -68.33 -101.93 40.80
C ILE F 3007 -68.26 -100.65 41.64
N ASN F 3008 -67.12 -100.44 42.30
CA ASN F 3008 -66.97 -99.26 43.15
C ASN F 3008 -67.27 -97.97 42.39
N GLN F 3009 -66.57 -97.74 41.29
CA GLN F 3009 -66.70 -96.47 40.58
C GLN F 3009 -68.08 -96.34 39.94
N TYR F 3010 -68.58 -97.41 39.34
CA TYR F 3010 -69.87 -97.37 38.67
C TYR F 3010 -70.99 -97.03 39.64
N PHE F 3011 -71.02 -97.69 40.79
CA PHE F 3011 -72.10 -97.43 41.74
C PHE F 3011 -71.83 -96.23 42.62
N THR F 3012 -70.63 -95.67 42.59
CA THR F 3012 -70.41 -94.34 43.15
C THR F 3012 -70.97 -93.26 42.24
N ASN F 3013 -70.84 -93.45 40.92
CA ASN F 3013 -71.37 -92.47 39.98
C ASN F 3013 -72.88 -92.56 39.86
N HIS F 3014 -73.38 -93.71 39.39
CA HIS F 3014 -74.81 -93.87 39.16
C HIS F 3014 -75.49 -94.37 40.44
N CYS F 3015 -75.40 -93.55 41.47
CA CYS F 3015 -76.03 -93.85 42.75
C CYS F 3015 -77.46 -93.36 42.85
N LEU F 3016 -77.74 -92.16 42.34
CA LEU F 3016 -79.09 -91.63 42.41
C LEU F 3016 -80.03 -92.39 41.48
N TYR F 3017 -79.50 -92.89 40.36
CA TYR F 3017 -80.34 -93.61 39.42
C TYR F 3017 -80.96 -94.83 40.07
N PHE F 3018 -80.19 -95.56 40.88
CA PHE F 3018 -80.69 -96.77 41.52
C PHE F 3018 -81.56 -96.47 42.73
N LEU F 3019 -81.55 -95.24 43.25
CA LEU F 3019 -82.35 -94.87 44.39
C LEU F 3019 -83.59 -94.09 44.01
N SER F 3020 -83.67 -93.56 42.80
CA SER F 3020 -84.82 -92.79 42.36
C SER F 3020 -86.02 -93.70 42.14
N THR F 3021 -87.20 -93.15 42.38
CA THR F 3021 -88.46 -93.83 42.14
C THR F 3021 -89.35 -92.98 41.23
N PRO F 3022 -90.33 -93.58 40.56
CA PRO F 3022 -91.16 -92.81 39.64
C PRO F 3022 -91.77 -91.58 40.30
N ALA F 3023 -92.19 -91.72 41.55
CA ALA F 3023 -92.76 -90.59 42.27
C ALA F 3023 -91.70 -89.53 42.55
N LYS F 3024 -90.50 -89.96 42.94
CA LYS F 3024 -89.44 -89.05 43.40
C LYS F 3024 -88.13 -89.44 42.71
N VAL F 3025 -87.70 -88.59 41.77
CA VAL F 3025 -86.49 -88.85 40.99
C VAL F 3025 -85.41 -87.91 41.53
N LEU F 3026 -84.39 -88.51 42.16
CA LEU F 3026 -83.27 -87.74 42.68
C LEU F 3026 -82.21 -87.47 41.63
N GLY F 3027 -82.00 -88.39 40.70
CA GLY F 3027 -80.98 -88.22 39.69
C GLY F 3027 -81.34 -87.17 38.67
N SER F 3028 -80.39 -86.89 37.78
CA SER F 3028 -80.64 -85.92 36.72
C SER F 3028 -81.80 -86.37 35.84
N GLY F 3029 -81.82 -87.65 35.49
CA GLY F 3029 -82.90 -88.20 34.70
C GLY F 3029 -82.88 -89.71 34.68
N GLY F 3030 -84.06 -90.33 34.74
CA GLY F 3030 -84.16 -91.76 34.74
C GLY F 3030 -84.22 -92.35 36.14
N HIS F 3031 -84.93 -93.46 36.27
CA HIS F 3031 -85.08 -94.15 37.54
C HIS F 3031 -84.94 -95.66 37.30
N ALA F 3032 -84.19 -96.32 38.16
CA ALA F 3032 -83.95 -97.74 37.99
C ALA F 3032 -85.24 -98.54 38.11
N SER F 3033 -85.35 -99.59 37.32
CA SER F 3033 -86.51 -100.46 37.39
C SER F 3033 -86.45 -101.32 38.64
N ASN F 3034 -87.61 -101.88 39.01
CA ASN F 3034 -87.67 -102.74 40.18
C ASN F 3034 -86.73 -103.93 40.02
N LYS F 3035 -86.61 -104.47 38.81
CA LYS F 3035 -85.70 -105.59 38.60
C LYS F 3035 -84.26 -105.17 38.84
N GLU F 3036 -83.89 -103.97 38.40
CA GLU F 3036 -82.54 -103.49 38.64
C GLU F 3036 -82.28 -103.30 40.13
N LYS F 3037 -83.26 -102.74 40.85
CA LYS F 3037 -83.10 -102.57 42.28
C LYS F 3037 -82.93 -103.92 42.98
N GLU F 3038 -83.73 -104.90 42.58
CA GLU F 3038 -83.59 -106.23 43.15
C GLU F 3038 -82.23 -106.82 42.84
N MET F 3039 -81.73 -106.62 41.62
CA MET F 3039 -80.44 -107.18 41.26
C MET F 3039 -79.31 -106.54 42.07
N ILE F 3040 -79.36 -105.23 42.28
CA ILE F 3040 -78.30 -104.60 43.07
C ILE F 3040 -78.38 -105.07 44.53
N THR F 3041 -79.59 -105.23 45.06
CA THR F 3041 -79.72 -105.77 46.41
C THR F 3041 -79.13 -107.17 46.50
N SER F 3042 -79.42 -108.01 45.51
CA SER F 3042 -78.88 -109.36 45.51
C SER F 3042 -77.36 -109.34 45.40
N LEU F 3043 -76.82 -108.43 44.59
CA LEU F 3043 -75.38 -108.28 44.50
C LEU F 3043 -74.77 -107.95 45.86
N PHE F 3044 -75.36 -106.99 46.57
CA PHE F 3044 -74.85 -106.64 47.88
C PHE F 3044 -74.88 -107.84 48.82
N CYS F 3045 -76.02 -108.53 48.88
CA CYS F 3045 -76.13 -109.66 49.78
C CYS F 3045 -75.12 -110.75 49.43
N LYS F 3046 -74.95 -111.05 48.15
CA LYS F 3046 -74.04 -112.11 47.73
C LYS F 3046 -72.60 -111.74 48.07
N LEU F 3047 -72.21 -110.49 47.82
CA LEU F 3047 -70.85 -110.08 48.15
C LEU F 3047 -70.59 -110.14 49.65
N ALA F 3048 -71.57 -109.69 50.45
CA ALA F 3048 -71.40 -109.78 51.90
C ALA F 3048 -71.25 -111.22 52.34
N ALA F 3049 -72.09 -112.12 51.81
CA ALA F 3049 -71.97 -113.52 52.15
C ALA F 3049 -70.61 -114.08 51.74
N LEU F 3050 -70.13 -113.67 50.57
CA LEU F 3050 -68.81 -114.12 50.11
C LEU F 3050 -67.73 -113.70 51.10
N VAL F 3051 -67.78 -112.45 51.57
CA VAL F 3051 -66.75 -111.95 52.47
C VAL F 3051 -66.86 -112.51 53.88
N ARG F 3052 -68.05 -112.95 54.29
CA ARG F 3052 -68.26 -113.35 55.67
C ARG F 3052 -67.17 -114.31 56.15
N HIS F 3053 -66.47 -113.92 57.21
CA HIS F 3053 -65.47 -114.77 57.85
C HIS F 3053 -64.37 -115.21 56.89
N ARG F 3054 -64.11 -114.39 55.87
CA ARG F 3054 -63.12 -114.76 54.86
C ARG F 3054 -62.29 -113.56 54.42
N VAL F 3055 -62.03 -112.62 55.34
CA VAL F 3055 -61.28 -111.43 54.98
C VAL F 3055 -59.84 -111.79 54.63
N SER F 3056 -59.24 -112.70 55.39
CA SER F 3056 -57.84 -113.06 55.15
C SER F 3056 -57.66 -113.63 53.75
N LEU F 3057 -58.58 -114.48 53.31
CA LEU F 3057 -58.48 -115.09 52.00
C LEU F 3057 -58.28 -114.03 50.92
N PHE F 3058 -59.09 -112.96 50.97
CA PHE F 3058 -58.90 -111.86 50.04
C PHE F 3058 -57.60 -111.12 50.32
N GLY F 3059 -57.23 -110.99 51.58
CA GLY F 3059 -55.96 -110.38 51.92
C GLY F 3059 -55.93 -108.92 51.52
N THR F 3060 -54.96 -108.56 50.68
CA THR F 3060 -54.75 -107.16 50.32
C THR F 3060 -55.95 -106.54 49.61
N ASP F 3061 -56.83 -107.36 49.05
CA ASP F 3061 -58.02 -106.83 48.38
C ASP F 3061 -59.20 -106.65 49.32
N ALA F 3062 -59.09 -107.09 50.58
CA ALA F 3062 -60.18 -106.92 51.52
C ALA F 3062 -60.62 -105.47 51.65
N PRO F 3063 -59.72 -104.49 51.71
CA PRO F 3063 -60.17 -103.09 51.73
C PRO F 3063 -61.04 -102.76 50.53
N ALA F 3064 -60.66 -103.27 49.36
CA ALA F 3064 -61.44 -103.02 48.16
C ALA F 3064 -62.83 -103.64 48.26
N VAL F 3065 -62.90 -104.87 48.78
CA VAL F 3065 -64.21 -105.51 48.90
C VAL F 3065 -65.08 -104.75 49.89
N VAL F 3066 -64.49 -104.29 51.00
CA VAL F 3066 -65.26 -103.53 51.98
C VAL F 3066 -65.75 -102.23 51.37
N ASN F 3067 -64.92 -101.56 50.59
CA ASN F 3067 -65.35 -100.33 49.93
C ASN F 3067 -66.50 -100.60 48.98
N CYS F 3068 -66.42 -101.69 48.23
CA CYS F 3068 -67.53 -102.04 47.33
C CYS F 3068 -68.80 -102.29 48.13
N LEU F 3069 -68.68 -102.96 49.28
CA LEU F 3069 -69.85 -103.19 50.11
C LEU F 3069 -70.44 -101.87 50.60
N HIS F 3070 -69.59 -100.92 50.99
CA HIS F 3070 -70.08 -99.61 51.40
C HIS F 3070 -70.85 -98.95 50.27
N ILE F 3071 -70.30 -98.98 49.05
CA ILE F 3071 -70.95 -98.32 47.93
C ILE F 3071 -72.30 -98.95 47.66
N LEU F 3072 -72.35 -100.29 47.63
CA LEU F 3072 -73.62 -100.96 47.36
C LEU F 3072 -74.64 -100.67 48.45
N ALA F 3073 -74.20 -100.67 49.71
CA ALA F 3073 -75.11 -100.37 50.81
C ALA F 3073 -75.69 -98.97 50.66
N ARG F 3074 -74.87 -98.01 50.27
CA ARG F 3074 -75.37 -96.66 50.06
C ARG F 3074 -76.18 -96.52 48.77
N SER F 3075 -76.13 -97.52 47.88
CA SER F 3075 -76.91 -97.47 46.65
C SER F 3075 -78.12 -98.42 46.67
N LEU F 3076 -78.40 -99.04 47.81
CA LEU F 3076 -79.45 -100.07 47.91
C LEU F 3076 -80.81 -99.42 48.19
N ASP F 3077 -81.84 -99.81 47.43
CA ASP F 3077 -83.20 -99.31 47.61
C ASP F 3077 -84.03 -100.35 48.37
N ALA F 3078 -83.79 -100.38 49.69
CA ALA F 3078 -84.41 -101.39 50.53
C ALA F 3078 -85.93 -101.25 50.57
N ARG F 3079 -86.43 -100.02 50.60
CA ARG F 3079 -87.87 -99.82 50.67
C ARG F 3079 -88.59 -100.57 49.54
N THR F 3080 -88.23 -100.23 48.29
CA THR F 3080 -88.88 -100.87 47.16
C THR F 3080 -88.61 -102.36 47.15
N VAL F 3081 -87.37 -102.76 47.39
CA VAL F 3081 -87.04 -104.18 47.30
C VAL F 3081 -87.89 -104.99 48.27
N MET F 3082 -88.08 -104.49 49.49
CA MET F 3082 -88.87 -105.21 50.48
C MET F 3082 -90.36 -105.15 50.14
N LYS F 3083 -90.86 -103.97 49.78
CA LYS F 3083 -92.29 -103.81 49.55
C LYS F 3083 -92.76 -104.68 48.40
N SER F 3084 -92.00 -104.72 47.31
CA SER F 3084 -92.36 -105.52 46.14
C SER F 3084 -91.08 -106.09 45.54
N GLY F 3085 -90.83 -107.38 45.79
CA GLY F 3085 -89.66 -108.02 45.25
C GLY F 3085 -89.74 -109.53 45.39
N PRO F 3086 -88.89 -110.25 44.66
CA PRO F 3086 -88.91 -111.71 44.76
C PRO F 3086 -88.59 -112.19 46.17
N GLU F 3087 -89.27 -113.27 46.56
CA GLU F 3087 -89.02 -113.86 47.87
C GLU F 3087 -87.56 -114.24 48.03
N ILE F 3088 -86.89 -114.58 46.92
CA ILE F 3088 -85.48 -114.95 47.00
C ILE F 3088 -84.64 -113.75 47.46
N VAL F 3089 -84.85 -112.60 46.83
CA VAL F 3089 -84.10 -111.40 47.20
C VAL F 3089 -84.44 -111.00 48.63
N LYS F 3090 -85.73 -111.04 48.98
CA LYS F 3090 -86.12 -110.66 50.33
C LYS F 3090 -85.45 -111.56 51.36
N ALA F 3091 -85.46 -112.87 51.11
CA ALA F 3091 -84.81 -113.80 52.02
C ALA F 3091 -83.31 -113.56 52.08
N GLY F 3092 -82.70 -113.18 50.97
CA GLY F 3092 -81.29 -112.88 50.98
C GLY F 3092 -80.96 -111.74 51.92
N LEU F 3093 -81.73 -110.65 51.83
CA LEU F 3093 -81.47 -109.51 52.69
C LEU F 3093 -81.75 -109.85 54.15
N ARG F 3094 -82.84 -110.58 54.41
CA ARG F 3094 -83.14 -110.99 55.77
C ARG F 3094 -82.03 -111.86 56.34
N SER F 3095 -81.50 -112.78 55.54
CA SER F 3095 -80.39 -113.62 55.97
C SER F 3095 -79.15 -112.78 56.25
N PHE F 3096 -78.89 -111.76 55.44
CA PHE F 3096 -77.78 -110.87 55.74
C PHE F 3096 -77.92 -110.27 57.12
N PHE F 3097 -79.09 -109.71 57.42
CA PHE F 3097 -79.27 -109.10 58.74
C PHE F 3097 -79.14 -110.13 59.85
N GLU F 3098 -79.72 -111.32 59.66
CA GLU F 3098 -79.68 -112.34 60.70
C GLU F 3098 -78.25 -112.79 60.97
N SER F 3099 -77.47 -113.00 59.90
CA SER F 3099 -76.08 -113.40 60.06
C SER F 3099 -75.28 -112.30 60.75
N ALA F 3100 -75.56 -111.03 60.39
CA ALA F 3100 -74.88 -109.93 61.06
C ALA F 3100 -75.16 -109.93 62.55
N SER F 3101 -76.42 -110.15 62.92
CA SER F 3101 -76.76 -110.20 64.34
C SER F 3101 -76.03 -111.33 65.04
N GLU F 3102 -75.98 -112.51 64.42
CA GLU F 3102 -75.28 -113.63 65.03
C GLU F 3102 -73.81 -113.32 65.23
N ASP F 3103 -73.17 -112.75 64.20
CA ASP F 3103 -71.75 -112.45 64.31
C ASP F 3103 -71.49 -111.41 65.39
N ILE F 3104 -72.36 -110.40 65.50
CA ILE F 3104 -72.20 -109.40 66.54
C ILE F 3104 -72.32 -110.05 67.92
N GLU F 3105 -73.28 -110.96 68.08
CA GLU F 3105 -73.42 -111.64 69.36
C GLU F 3105 -72.16 -112.44 69.71
N LYS F 3106 -71.61 -113.15 68.73
CA LYS F 3106 -70.40 -113.92 68.98
C LYS F 3106 -69.24 -113.01 69.34
N MET F 3107 -69.10 -111.89 68.63
CA MET F 3107 -68.04 -110.94 68.96
C MET F 3107 -68.21 -110.43 70.38
N VAL F 3108 -69.44 -110.11 70.77
CA VAL F 3108 -69.68 -109.54 72.09
C VAL F 3108 -69.30 -110.55 73.17
N GLU F 3109 -69.72 -111.81 73.00
CA GLU F 3109 -69.41 -112.80 74.03
C GLU F 3109 -67.91 -113.05 74.10
N ASN F 3110 -67.25 -113.11 72.94
CA ASN F 3110 -65.79 -113.30 72.96
C ASN F 3110 -65.09 -112.16 73.66
N LEU F 3111 -65.49 -110.91 73.37
CA LEU F 3111 -64.89 -109.77 74.05
C LEU F 3111 -65.14 -109.85 75.55
N ARG F 3112 -66.36 -110.22 75.95
CA ARG F 3112 -66.65 -110.39 77.36
C ARG F 3112 -65.78 -111.48 77.97
N LEU F 3113 -65.33 -112.43 77.17
CA LEU F 3113 -64.46 -113.50 77.65
C LEU F 3113 -65.14 -114.28 78.76
N LYS F 3124 -58.23 -118.97 67.04
CA LYS F 3124 -58.78 -119.53 65.81
C LYS F 3124 -60.06 -118.80 65.39
N GLY F 3125 -61.19 -119.50 65.37
CA GLY F 3125 -62.46 -118.85 65.06
C GLY F 3125 -62.64 -117.54 65.80
N VAL F 3126 -62.12 -117.45 67.03
CA VAL F 3126 -62.24 -116.22 67.79
C VAL F 3126 -61.56 -115.07 67.04
N GLY F 3127 -60.30 -115.29 66.65
CA GLY F 3127 -59.57 -114.24 65.93
C GLY F 3127 -60.20 -113.95 64.58
N GLN F 3128 -60.60 -114.99 63.86
CA GLN F 3128 -61.25 -114.79 62.57
C GLN F 3128 -62.49 -113.92 62.71
N ASN F 3129 -63.36 -114.26 63.66
CA ASN F 3129 -64.60 -113.52 63.85
C ASN F 3129 -64.31 -112.09 64.29
N LEU F 3130 -63.37 -111.90 65.21
CA LEU F 3130 -63.08 -110.56 65.68
C LEU F 3130 -62.59 -109.69 64.53
N THR F 3131 -61.65 -110.20 63.74
CA THR F 3131 -61.14 -109.42 62.61
C THR F 3131 -62.25 -109.12 61.61
N TYR F 3132 -63.06 -110.14 61.29
CA TYR F 3132 -64.14 -109.93 60.33
C TYR F 3132 -65.09 -108.85 60.79
N THR F 3133 -65.60 -108.97 62.02
CA THR F 3133 -66.58 -108.00 62.49
C THR F 3133 -65.97 -106.61 62.61
N THR F 3134 -64.73 -106.51 63.07
CA THR F 3134 -64.13 -105.20 63.29
C THR F 3134 -63.61 -104.56 62.02
N VAL F 3135 -63.52 -105.30 60.92
CA VAL F 3135 -63.02 -104.74 59.66
C VAL F 3135 -64.08 -104.60 58.59
N ALA F 3136 -65.02 -105.53 58.48
CA ALA F 3136 -66.00 -105.49 57.41
C ALA F 3136 -67.41 -105.26 57.93
N LEU F 3137 -67.86 -106.10 58.85
CA LEU F 3137 -69.25 -106.05 59.29
C LEU F 3137 -69.62 -104.70 59.90
N LEU F 3138 -68.95 -104.33 60.98
CA LEU F 3138 -69.36 -103.14 61.73
C LEU F 3138 -69.38 -101.92 60.83
N PRO F 3139 -68.34 -101.66 60.03
CA PRO F 3139 -68.41 -100.55 59.09
C PRO F 3139 -69.56 -100.68 58.09
N VAL F 3140 -69.69 -101.83 57.45
CA VAL F 3140 -70.72 -102.01 56.44
C VAL F 3140 -72.10 -101.93 57.07
N LEU F 3141 -72.28 -102.56 58.23
CA LEU F 3141 -73.58 -102.51 58.91
C LEU F 3141 -73.92 -101.09 59.32
N THR F 3142 -72.93 -100.34 59.81
CA THR F 3142 -73.15 -98.94 60.17
C THR F 3142 -73.56 -98.14 58.94
N THR F 3143 -72.89 -98.36 57.82
CA THR F 3143 -73.25 -97.63 56.60
C THR F 3143 -74.66 -97.96 56.16
N LEU F 3144 -75.04 -99.23 56.23
CA LEU F 3144 -76.39 -99.62 55.85
C LEU F 3144 -77.43 -98.96 56.73
N PHE F 3145 -77.20 -98.97 58.05
CA PHE F 3145 -78.16 -98.35 58.95
C PHE F 3145 -78.24 -96.85 58.73
N GLN F 3146 -77.10 -96.20 58.49
CA GLN F 3146 -77.13 -94.78 58.21
C GLN F 3146 -77.91 -94.49 56.93
N HIS F 3147 -77.72 -95.31 55.91
CA HIS F 3147 -78.47 -95.13 54.66
C HIS F 3147 -79.97 -95.26 54.90
N ILE F 3148 -80.36 -96.29 55.63
CA ILE F 3148 -81.79 -96.49 55.93
C ILE F 3148 -82.33 -95.30 56.69
N ALA F 3149 -81.61 -94.83 57.71
CA ALA F 3149 -82.08 -93.71 58.50
C ALA F 3149 -82.22 -92.45 57.65
N GLN F 3150 -81.23 -92.20 56.79
CA GLN F 3150 -81.27 -91.00 55.96
C GLN F 3150 -82.45 -91.02 55.00
N HIS F 3151 -82.73 -92.16 54.39
CA HIS F 3151 -83.81 -92.25 53.42
C HIS F 3151 -85.14 -92.65 54.04
N GLN F 3152 -85.22 -92.73 55.36
CA GLN F 3152 -86.48 -93.05 56.04
C GLN F 3152 -87.05 -94.37 55.54
N PHE F 3153 -86.17 -95.34 55.34
CA PHE F 3153 -86.57 -96.68 54.97
C PHE F 3153 -86.87 -97.55 56.18
N GLY F 3154 -86.66 -97.04 57.39
CA GLY F 3154 -86.83 -97.87 58.58
C GLY F 3154 -88.24 -98.40 58.73
N ASP F 3155 -89.23 -97.58 58.43
CA ASP F 3155 -90.63 -98.00 58.55
C ASP F 3155 -91.01 -99.07 57.54
N ASP F 3156 -90.16 -99.33 56.54
CA ASP F 3156 -90.46 -100.31 55.51
C ASP F 3156 -89.51 -101.49 55.49
N VAL F 3157 -88.29 -101.34 55.98
CA VAL F 3157 -87.27 -102.39 55.88
C VAL F 3157 -87.18 -103.15 57.18
N ILE F 3158 -87.09 -102.43 58.30
CA ILE F 3158 -86.84 -103.08 59.59
C ILE F 3158 -88.18 -103.52 60.17
N LEU F 3159 -88.67 -104.67 59.72
CA LEU F 3159 -89.90 -105.26 60.21
C LEU F 3159 -89.74 -106.77 60.33
N ASP F 3160 -90.53 -107.35 61.23
CA ASP F 3160 -90.63 -108.81 61.35
C ASP F 3160 -89.24 -109.37 61.63
N ASP F 3161 -88.73 -110.29 60.81
CA ASP F 3161 -87.47 -110.95 61.11
C ASP F 3161 -86.32 -109.95 61.18
N VAL F 3162 -86.33 -108.96 60.29
CA VAL F 3162 -85.30 -107.93 60.33
C VAL F 3162 -85.38 -107.18 61.65
N GLN F 3163 -86.59 -106.90 62.12
CA GLN F 3163 -86.75 -106.21 63.39
C GLN F 3163 -86.20 -107.05 64.54
N VAL F 3164 -86.45 -108.36 64.50
CA VAL F 3164 -85.92 -109.23 65.55
C VAL F 3164 -84.40 -109.22 65.52
N SER F 3165 -83.82 -109.30 64.33
CA SER F 3165 -82.36 -109.28 64.22
C SER F 3165 -81.80 -107.97 64.74
N CYS F 3166 -82.47 -106.86 64.46
CA CYS F 3166 -82.01 -105.57 64.96
C CYS F 3166 -82.14 -105.48 66.47
N TYR F 3167 -83.20 -106.03 67.06
CA TYR F 3167 -83.26 -106.16 68.51
C TYR F 3167 -82.03 -106.90 69.04
N ARG F 3168 -81.71 -108.04 68.43
CA ARG F 3168 -80.58 -108.81 68.94
C ARG F 3168 -79.29 -108.01 68.85
N THR F 3169 -79.06 -107.36 67.72
CA THR F 3169 -77.83 -106.56 67.55
C THR F 3169 -77.77 -105.44 68.58
N LEU F 3170 -78.85 -104.67 68.69
CA LEU F 3170 -78.91 -103.56 69.64
C LEU F 3170 -78.64 -104.04 71.06
N CYS F 3171 -79.35 -105.10 71.47
CA CYS F 3171 -79.25 -105.58 72.83
C CYS F 3171 -77.89 -106.16 73.16
N SER F 3172 -77.23 -106.82 72.21
CA SER F 3172 -75.87 -107.30 72.43
C SER F 3172 -74.88 -106.15 72.54
N ILE F 3173 -74.95 -105.19 71.60
CA ILE F 3173 -74.00 -104.08 71.66
C ILE F 3173 -74.15 -103.32 72.96
N TYR F 3174 -75.38 -103.03 73.38
CA TYR F 3174 -75.56 -102.33 74.64
C TYR F 3174 -75.13 -103.19 75.82
N SER F 3175 -75.54 -104.47 75.84
CA SER F 3175 -75.18 -105.34 76.95
C SER F 3175 -73.68 -105.44 77.12
N LEU F 3176 -72.91 -105.22 76.05
CA LEU F 3176 -71.46 -105.19 76.19
C LEU F 3176 -70.97 -104.13 77.16
N GLY F 3177 -71.83 -103.21 77.59
CA GLY F 3177 -71.37 -102.10 78.40
C GLY F 3177 -70.71 -102.52 79.70
N THR F 3178 -71.24 -103.57 80.34
CA THR F 3178 -70.76 -103.95 81.66
C THR F 3178 -69.27 -104.33 81.63
N THR F 3179 -68.79 -104.80 80.48
CA THR F 3179 -67.41 -105.23 80.38
C THR F 3179 -66.46 -104.04 80.39
N ARG F 3180 -65.24 -104.27 80.89
CA ARG F 3180 -64.23 -103.22 81.00
C ARG F 3180 -62.86 -103.69 80.49
N ASN F 3181 -62.82 -104.55 79.47
CA ASN F 3181 -61.56 -105.08 79.01
C ASN F 3181 -60.85 -104.06 78.13
N PRO F 3182 -59.52 -104.14 78.01
CA PRO F 3182 -58.82 -103.22 77.10
C PRO F 3182 -59.27 -103.36 75.66
N TYR F 3183 -59.65 -104.56 75.21
CA TYR F 3183 -60.15 -104.71 73.86
C TYR F 3183 -61.43 -103.90 73.67
N VAL F 3184 -62.32 -103.96 74.65
CA VAL F 3184 -63.51 -103.11 74.62
C VAL F 3184 -63.09 -101.65 74.61
N GLU F 3185 -62.09 -101.30 75.40
CA GLU F 3185 -61.66 -99.90 75.44
C GLU F 3185 -61.27 -99.40 74.06
N LYS F 3186 -60.88 -100.31 73.17
CA LYS F 3186 -60.54 -99.93 71.80
C LYS F 3186 -61.73 -100.02 70.86
N LEU F 3187 -62.66 -100.95 71.10
CA LEU F 3187 -63.79 -101.14 70.19
C LEU F 3187 -65.00 -100.27 70.51
N ARG F 3188 -65.00 -99.57 71.64
CA ARG F 3188 -66.19 -98.81 72.03
C ARG F 3188 -66.62 -97.81 70.97
N PRO F 3189 -65.71 -97.05 70.35
CA PRO F 3189 -66.15 -96.04 69.37
C PRO F 3189 -66.96 -96.62 68.22
N ALA F 3190 -66.46 -97.69 67.60
CA ALA F 3190 -67.16 -98.28 66.45
C ALA F 3190 -68.52 -98.82 66.88
N LEU F 3191 -68.57 -99.51 68.02
CA LEU F 3191 -69.84 -100.02 68.50
C LEU F 3191 -70.82 -98.89 68.78
N GLY F 3192 -70.34 -97.79 69.36
CA GLY F 3192 -71.21 -96.67 69.63
C GLY F 3192 -71.76 -96.04 68.38
N GLU F 3193 -70.92 -95.88 67.35
CA GLU F 3193 -71.41 -95.35 66.09
C GLU F 3193 -72.44 -96.27 65.46
N CYS F 3194 -72.18 -97.58 65.47
CA CYS F 3194 -73.14 -98.53 64.93
C CYS F 3194 -74.46 -98.46 65.68
N LEU F 3195 -74.39 -98.37 67.01
CA LEU F 3195 -75.61 -98.31 67.81
C LEU F 3195 -76.37 -97.01 67.53
N ALA F 3196 -75.65 -95.91 67.35
CA ALA F 3196 -76.31 -94.65 67.05
C ALA F 3196 -77.07 -94.75 65.73
N ARG F 3197 -76.43 -95.30 64.71
CA ARG F 3197 -77.12 -95.46 63.43
C ARG F 3197 -78.30 -96.41 63.55
N LEU F 3198 -78.13 -97.50 64.30
CA LEU F 3198 -79.23 -98.43 64.47
C LEU F 3198 -80.41 -97.78 65.17
N ALA F 3199 -80.13 -96.95 66.18
CA ALA F 3199 -81.20 -96.25 66.88
C ALA F 3199 -81.88 -95.26 65.94
N ALA F 3200 -81.12 -94.60 65.09
CA ALA F 3200 -81.70 -93.69 64.12
C ALA F 3200 -82.57 -94.41 63.10
N ALA F 3201 -82.27 -95.68 62.82
CA ALA F 3201 -83.00 -96.43 61.79
C ALA F 3201 -84.18 -97.21 62.32
N MET F 3202 -84.09 -97.76 63.53
CA MET F 3202 -85.08 -98.71 64.03
C MET F 3202 -86.43 -98.02 64.17
N PRO F 3203 -87.52 -98.66 63.73
CA PRO F 3203 -88.83 -98.01 63.74
C PRO F 3203 -89.65 -98.22 65.00
N VAL F 3204 -89.06 -98.72 66.08
CA VAL F 3204 -89.78 -98.97 67.32
C VAL F 3204 -89.08 -98.26 68.45
N ALA F 3205 -89.86 -97.62 69.32
CA ALA F 3205 -89.33 -96.90 70.48
C ALA F 3205 -88.91 -97.94 71.52
N PHE F 3206 -87.73 -98.54 71.30
CA PHE F 3206 -87.29 -99.60 72.19
C PHE F 3206 -87.01 -99.11 73.61
N LEU F 3207 -86.87 -97.81 73.80
CA LEU F 3207 -86.71 -97.24 75.14
C LEU F 3207 -88.03 -96.85 75.76
N GLU F 3208 -89.15 -97.03 75.06
CA GLU F 3208 -90.48 -96.69 75.57
C GLU F 3208 -91.41 -97.86 75.30
N PRO F 3209 -91.13 -99.02 75.90
CA PRO F 3209 -92.00 -100.19 75.65
C PRO F 3209 -93.43 -99.99 76.10
N GLU F 3210 -93.66 -99.10 77.07
CA GLU F 3210 -95.01 -98.94 77.61
C GLU F 3210 -95.99 -98.49 76.54
N LEU F 3211 -95.57 -97.56 75.68
CA LEU F 3211 -96.41 -97.01 74.64
C LEU F 3211 -96.27 -97.75 73.32
N ASN F 3212 -95.92 -99.04 73.37
CA ASN F 3212 -95.71 -99.79 72.14
C ASN F 3212 -97.02 -100.22 71.49
N GLU F 3213 -98.13 -100.14 72.22
CA GLU F 3213 -99.40 -100.60 71.67
C GLU F 3213 -99.78 -99.81 70.41
N TYR F 3214 -99.36 -98.56 70.32
CA TYR F 3214 -99.74 -97.68 69.22
C TYR F 3214 -98.75 -97.68 68.07
N ASN F 3215 -97.74 -98.55 68.11
CA ASN F 3215 -96.74 -98.62 67.05
C ASN F 3215 -97.21 -99.60 65.99
N ALA F 3216 -97.44 -99.10 64.78
CA ALA F 3216 -97.89 -99.93 63.67
C ALA F 3216 -96.75 -100.68 63.00
N CYS F 3217 -95.50 -100.39 63.35
CA CYS F 3217 -94.35 -101.08 62.78
C CYS F 3217 -93.80 -102.16 63.69
N SER F 3218 -94.21 -102.19 64.95
CA SER F 3218 -93.71 -103.20 65.88
C SER F 3218 -94.15 -104.59 65.46
N VAL F 3219 -93.26 -105.55 65.62
CA VAL F 3219 -93.59 -106.94 65.29
C VAL F 3219 -94.77 -107.39 66.14
N TYR F 3220 -94.87 -106.90 67.37
CA TYR F 3220 -95.96 -107.31 68.25
C TYR F 3220 -97.32 -106.86 67.72
N THR F 3221 -97.34 -105.94 66.77
CA THR F 3221 -98.58 -105.53 66.11
C THR F 3221 -98.72 -106.15 64.72
N THR F 3222 -97.64 -106.16 63.93
CA THR F 3222 -97.73 -106.72 62.59
C THR F 3222 -98.05 -108.21 62.64
N LYS F 3223 -97.41 -108.94 63.54
CA LYS F 3223 -97.66 -110.37 63.69
C LYS F 3223 -98.80 -110.59 64.68
N SER F 3224 -99.38 -111.80 64.61
CA SER F 3224 -100.49 -112.17 65.48
C SER F 3224 -99.98 -112.92 66.69
N PRO F 3225 -100.74 -112.91 67.80
CA PRO F 3225 -100.32 -113.69 68.97
C PRO F 3225 -100.16 -115.17 68.66
N ARG F 3226 -100.98 -115.73 67.78
CA ARG F 3226 -100.77 -117.10 67.34
C ARG F 3226 -99.37 -117.26 66.77
N GLU F 3227 -99.01 -116.38 65.84
CA GLU F 3227 -97.62 -116.27 65.42
C GLU F 3227 -96.82 -115.61 66.53
N ARG F 3228 -95.53 -115.37 66.31
CA ARG F 3228 -94.66 -114.75 67.30
C ARG F 3228 -94.36 -115.75 68.42
N ALA F 3229 -95.05 -116.90 68.41
CA ALA F 3229 -94.68 -118.00 69.28
C ALA F 3229 -94.06 -119.15 68.49
N ILE F 3230 -94.43 -119.27 67.22
CA ILE F 3230 -93.70 -120.16 66.32
C ILE F 3230 -92.27 -119.69 66.19
N LEU F 3231 -92.02 -118.41 66.42
CA LEU F 3231 -90.68 -117.88 66.63
C LEU F 3231 -90.41 -117.84 68.13
N GLY F 3232 -89.21 -117.41 68.51
CA GLY F 3232 -88.83 -117.31 69.90
C GLY F 3232 -89.20 -116.01 70.56
N LEU F 3233 -90.05 -115.20 69.95
CA LEU F 3233 -90.38 -113.90 70.50
C LEU F 3233 -91.07 -114.07 71.85
N PRO F 3234 -90.71 -113.29 72.86
CA PRO F 3234 -91.39 -113.40 74.16
C PRO F 3234 -92.79 -112.82 74.10
N ASN F 3235 -93.56 -113.12 75.15
CA ASN F 3235 -94.97 -112.71 75.18
C ASN F 3235 -95.10 -111.18 75.21
N SER F 3236 -94.24 -110.52 75.98
CA SER F 3236 -94.33 -109.08 76.19
C SER F 3236 -93.15 -108.38 75.52
N VAL F 3237 -93.43 -107.20 74.96
CA VAL F 3237 -92.36 -106.43 74.31
C VAL F 3237 -91.28 -106.07 75.31
N GLU F 3238 -91.66 -105.77 76.55
CA GLU F 3238 -90.68 -105.47 77.58
C GLU F 3238 -89.67 -106.61 77.70
N GLU F 3239 -90.10 -107.84 77.47
CA GLU F 3239 -89.26 -109.00 77.68
C GLU F 3239 -88.33 -109.29 76.50
N MET F 3240 -88.35 -108.47 75.45
CA MET F 3240 -87.40 -108.69 74.36
C MET F 3240 -85.98 -108.77 74.91
N CYS F 3241 -85.59 -107.78 75.69
CA CYS F 3241 -84.48 -107.93 76.63
C CYS F 3241 -84.48 -106.74 77.58
N PRO F 3242 -84.45 -106.96 78.88
CA PRO F 3242 -84.56 -105.85 79.85
C PRO F 3242 -83.25 -105.17 80.21
N ASP F 3243 -82.15 -105.52 79.56
CA ASP F 3243 -80.86 -104.93 79.94
C ASP F 3243 -80.87 -103.42 79.71
N ILE F 3244 -81.44 -102.96 78.59
CA ILE F 3244 -81.49 -101.53 78.31
C ILE F 3244 -82.54 -100.89 79.22
N PRO F 3245 -82.18 -99.85 79.98
CA PRO F 3245 -83.19 -99.18 80.81
C PRO F 3245 -84.16 -98.38 79.96
N VAL F 3246 -85.31 -98.07 80.56
CA VAL F 3246 -86.28 -97.23 79.86
C VAL F 3246 -85.76 -95.80 79.75
N LEU F 3247 -86.44 -95.01 78.93
CA LEU F 3247 -85.96 -93.66 78.63
C LEU F 3247 -85.85 -92.82 79.88
N GLU F 3248 -86.86 -92.87 80.74
CA GLU F 3248 -86.85 -92.03 81.95
C GLU F 3248 -85.66 -92.37 82.83
N ARG F 3249 -85.46 -93.65 83.11
CA ARG F 3249 -84.34 -94.06 83.96
C ARG F 3249 -83.01 -93.70 83.31
N LEU F 3250 -82.88 -93.90 82.00
CA LEU F 3250 -81.62 -93.60 81.35
C LEU F 3250 -81.30 -92.11 81.41
N MET F 3251 -82.30 -91.27 81.16
CA MET F 3251 -82.11 -89.83 81.26
C MET F 3251 -81.75 -89.44 82.69
N ALA F 3252 -82.42 -90.04 83.68
CA ALA F 3252 -82.12 -89.72 85.07
C ALA F 3252 -80.69 -90.09 85.41
N GLU F 3253 -80.23 -91.24 84.94
CA GLU F 3253 -78.86 -91.66 85.23
C GLU F 3253 -77.86 -90.70 84.58
N ILE F 3254 -78.10 -90.32 83.33
CA ILE F 3254 -77.18 -89.40 82.67
C ILE F 3254 -77.14 -88.07 83.40
N GLY F 3255 -78.30 -87.56 83.79
CA GLY F 3255 -78.34 -86.31 84.54
C GLY F 3255 -77.60 -86.43 85.86
N GLY F 3256 -77.78 -87.56 86.55
CA GLY F 3256 -77.10 -87.76 87.82
C GLY F 3256 -75.60 -87.77 87.65
N LEU F 3257 -75.10 -88.46 86.62
CA LEU F 3257 -73.67 -88.46 86.37
C LEU F 3257 -73.17 -87.05 86.06
N ALA F 3258 -73.87 -86.33 85.20
CA ALA F 3258 -73.43 -84.99 84.81
C ALA F 3258 -73.38 -84.07 86.02
N GLU F 3259 -74.41 -84.12 86.87
CA GLU F 3259 -74.41 -83.28 88.06
C GLU F 3259 -73.32 -83.69 89.05
N SER F 3260 -73.13 -85.00 89.24
CA SER F 3260 -72.07 -85.48 90.12
C SER F 3260 -70.69 -85.15 89.60
N GLY F 3261 -70.56 -84.78 88.32
CA GLY F 3261 -69.29 -84.34 87.80
C GLY F 3261 -68.25 -85.44 87.73
N ALA F 3262 -68.65 -86.60 87.24
CA ALA F 3262 -67.73 -87.70 87.02
C ALA F 3262 -66.82 -87.41 85.83
N ARG F 3263 -65.72 -88.15 85.76
CA ARG F 3263 -64.78 -88.04 84.65
C ARG F 3263 -65.04 -89.13 83.63
N TYR F 3264 -64.37 -89.01 82.48
CA TYR F 3264 -64.59 -89.97 81.40
C TYR F 3264 -64.30 -91.39 81.87
N THR F 3265 -63.37 -91.55 82.81
CA THR F 3265 -62.99 -92.88 83.26
C THR F 3265 -64.15 -93.58 83.97
N GLU F 3266 -64.94 -92.82 84.74
CA GLU F 3266 -65.97 -93.45 85.55
C GLU F 3266 -67.13 -93.95 84.71
N MET F 3267 -67.39 -93.35 83.56
CA MET F 3267 -68.53 -93.73 82.71
C MET F 3267 -68.08 -93.83 81.26
N PRO F 3268 -67.20 -94.77 80.94
CA PRO F 3268 -66.80 -94.93 79.54
C PRO F 3268 -67.97 -95.34 78.66
N HIS F 3269 -68.83 -96.21 79.19
CA HIS F 3269 -69.96 -96.71 78.41
C HIS F 3269 -70.94 -95.59 78.09
N VAL F 3270 -71.26 -94.76 79.08
CA VAL F 3270 -72.26 -93.72 78.86
C VAL F 3270 -71.78 -92.74 77.79
N ILE F 3271 -70.50 -92.36 77.84
CA ILE F 3271 -70.01 -91.33 76.95
C ILE F 3271 -69.79 -91.88 75.54
N GLU F 3272 -69.58 -93.19 75.41
CA GLU F 3272 -69.21 -93.78 74.13
C GLU F 3272 -70.37 -94.44 73.40
N ILE F 3273 -71.36 -94.97 74.12
CA ILE F 3273 -72.42 -95.76 73.49
C ILE F 3273 -73.78 -95.20 73.85
N THR F 3274 -74.07 -95.07 75.14
CA THR F 3274 -75.40 -94.63 75.55
C THR F 3274 -75.72 -93.25 74.98
N LEU F 3275 -74.83 -92.29 75.19
CA LEU F 3275 -75.12 -90.93 74.73
C LEU F 3275 -75.27 -90.85 73.22
N PRO F 3276 -74.37 -91.41 72.41
CA PRO F 3276 -74.60 -91.42 70.97
C PRO F 3276 -75.90 -92.10 70.58
N MET F 3277 -76.33 -93.12 71.32
CA MET F 3277 -77.61 -93.76 71.02
C MET F 3277 -78.76 -92.80 71.24
N LEU F 3278 -78.74 -92.05 72.35
CA LEU F 3278 -79.81 -91.10 72.61
C LEU F 3278 -79.79 -89.94 71.64
N CYS F 3279 -78.61 -89.44 71.29
CA CYS F 3279 -78.51 -88.33 70.35
C CYS F 3279 -79.09 -88.64 68.99
N SER F 3280 -79.42 -89.89 68.73
CA SER F 3280 -80.11 -90.29 67.50
C SER F 3280 -81.52 -90.77 67.77
N TYR F 3281 -81.77 -91.39 68.93
CA TYR F 3281 -83.11 -91.83 69.26
C TYR F 3281 -84.04 -90.66 69.49
N LEU F 3282 -83.61 -89.66 70.26
CA LEU F 3282 -84.48 -88.55 70.59
C LEU F 3282 -84.87 -87.72 69.38
N PRO F 3283 -83.96 -87.29 68.52
CA PRO F 3283 -84.39 -86.53 67.34
C PRO F 3283 -85.36 -87.28 66.46
N ARG F 3284 -85.18 -88.60 66.32
CA ARG F 3284 -86.04 -89.37 65.43
C ARG F 3284 -87.45 -89.45 65.98
N TRP F 3285 -87.59 -89.80 67.27
CA TRP F 3285 -88.90 -90.01 67.85
C TRP F 3285 -89.58 -88.72 68.26
N TRP F 3286 -88.85 -87.61 68.37
CA TRP F 3286 -89.51 -86.33 68.57
C TRP F 3286 -90.42 -86.01 67.40
N GLU F 3287 -89.95 -86.25 66.18
CA GLU F 3287 -90.76 -85.93 65.01
C GLU F 3287 -92.07 -86.70 65.01
N ARG F 3288 -92.06 -87.92 65.56
CA ARG F 3288 -93.20 -88.82 65.49
C ARG F 3288 -93.97 -88.90 66.80
N GLY F 3289 -93.55 -88.15 67.82
CA GLY F 3289 -94.25 -88.10 69.07
C GLY F 3289 -95.09 -86.86 69.19
N PRO F 3290 -95.59 -86.57 70.39
CA PRO F 3290 -96.34 -85.33 70.59
C PRO F 3290 -95.46 -84.12 70.37
N GLU F 3291 -96.04 -82.92 70.42
CA GLU F 3291 -95.27 -81.69 70.21
C GLU F 3291 -94.52 -81.76 68.89
N ALA F 3292 -95.20 -82.25 67.86
CA ALA F 3292 -94.62 -82.38 66.53
C ALA F 3292 -95.55 -81.74 65.51
N PRO F 3293 -95.01 -81.34 64.35
CA PRO F 3293 -95.87 -80.92 63.26
C PRO F 3293 -97.08 -81.84 63.14
N PRO F 3294 -98.29 -81.32 63.30
CA PRO F 3294 -99.49 -82.16 63.21
C PRO F 3294 -100.13 -82.11 61.84
N PRO F 3295 -99.58 -82.81 60.83
CA PRO F 3295 -100.32 -82.95 59.57
C PRO F 3295 -101.38 -84.04 59.61
N ALA F 3296 -101.25 -85.01 60.51
CA ALA F 3296 -102.19 -86.13 60.59
C ALA F 3296 -103.34 -85.88 61.56
N LEU F 3297 -103.32 -84.77 62.30
CA LEU F 3297 -104.40 -84.49 63.24
C LEU F 3297 -105.77 -84.46 62.59
N PRO F 3298 -105.96 -83.94 61.36
CA PRO F 3298 -107.30 -83.94 60.76
C PRO F 3298 -107.98 -85.29 60.85
N ALA F 3299 -107.22 -86.36 60.63
CA ALA F 3299 -107.74 -87.70 60.82
C ALA F 3299 -107.70 -88.08 62.31
N GLY F 3300 -108.36 -89.19 62.64
CA GLY F 3300 -108.34 -89.68 64.00
C GLY F 3300 -106.99 -90.31 64.33
N ALA F 3301 -105.97 -89.47 64.40
CA ALA F 3301 -104.61 -89.97 64.57
C ALA F 3301 -104.51 -90.81 65.85
N PRO F 3302 -103.95 -92.01 65.79
CA PRO F 3302 -103.82 -92.81 67.00
C PRO F 3302 -102.85 -92.15 67.96
N PRO F 3303 -102.90 -92.51 69.24
CA PRO F 3303 -102.00 -91.90 70.22
C PRO F 3303 -100.56 -92.06 69.78
N PRO F 3304 -99.71 -91.04 69.99
CA PRO F 3304 -98.30 -91.20 69.63
C PRO F 3304 -97.67 -92.35 70.40
N CYS F 3305 -96.82 -93.10 69.72
CA CYS F 3305 -96.18 -94.25 70.32
C CYS F 3305 -95.04 -93.89 71.27
N THR F 3306 -94.67 -92.61 71.33
CA THR F 3306 -93.57 -92.17 72.18
C THR F 3306 -94.02 -90.96 72.98
N ALA F 3307 -93.14 -90.52 73.88
CA ALA F 3307 -93.40 -89.36 74.73
C ALA F 3307 -92.29 -88.31 74.64
N VAL F 3308 -91.43 -88.39 73.62
CA VAL F 3308 -90.31 -87.47 73.51
C VAL F 3308 -90.84 -86.07 73.24
N THR F 3309 -90.35 -85.09 74.00
CA THR F 3309 -90.70 -83.70 73.85
C THR F 3309 -89.42 -82.87 73.79
N SER F 3310 -89.57 -81.58 73.50
CA SER F 3310 -88.42 -80.69 73.48
C SER F 3310 -87.69 -80.70 74.81
N ASP F 3311 -88.40 -81.01 75.90
CA ASP F 3311 -87.78 -81.04 77.21
C ASP F 3311 -86.68 -82.09 77.29
N HIS F 3312 -86.93 -83.27 76.72
CA HIS F 3312 -85.92 -84.32 76.72
C HIS F 3312 -84.67 -83.87 75.98
N LEU F 3313 -84.84 -83.28 74.81
CA LEU F 3313 -83.69 -82.82 74.03
C LEU F 3313 -82.93 -81.72 74.75
N ASN F 3314 -83.65 -80.76 75.34
CA ASN F 3314 -82.99 -79.70 76.08
C ASN F 3314 -82.19 -80.25 77.24
N SER F 3315 -82.79 -81.18 77.99
CA SER F 3315 -82.08 -81.78 79.12
C SER F 3315 -80.85 -82.54 78.66
N LEU F 3316 -80.97 -83.30 77.56
CA LEU F 3316 -79.81 -84.05 77.09
C LEU F 3316 -78.68 -83.12 76.66
N LEU F 3317 -79.02 -82.04 75.95
CA LEU F 3317 -77.98 -81.11 75.53
C LEU F 3317 -77.32 -80.44 76.73
N GLY F 3318 -78.12 -80.05 77.72
CA GLY F 3318 -77.54 -79.48 78.93
C GLY F 3318 -76.61 -80.46 79.63
N ASN F 3319 -77.03 -81.72 79.71
CA ASN F 3319 -76.19 -82.73 80.35
C ASN F 3319 -74.90 -82.95 79.58
N ILE F 3320 -74.97 -82.97 78.25
CA ILE F 3320 -73.75 -83.15 77.45
C ILE F 3320 -72.79 -82.00 77.68
N LEU F 3321 -73.32 -80.77 77.68
CA LEU F 3321 -72.46 -79.62 77.94
C LEU F 3321 -71.84 -79.71 79.34
N ARG F 3322 -72.63 -80.13 80.32
CA ARG F 3322 -72.12 -80.25 81.69
C ARG F 3322 -71.00 -81.29 81.75
N ILE F 3323 -71.19 -82.41 81.04
CA ILE F 3323 -70.18 -83.46 81.05
C ILE F 3323 -68.89 -82.98 80.41
N ILE F 3324 -69.01 -82.28 79.27
CA ILE F 3324 -67.80 -81.75 78.63
C ILE F 3324 -67.10 -80.76 79.55
N VAL F 3325 -67.88 -79.92 80.24
CA VAL F 3325 -67.28 -79.00 81.19
C VAL F 3325 -66.54 -79.75 82.28
N ASN F 3326 -67.16 -80.81 82.81
CA ASN F 3326 -66.53 -81.60 83.86
C ASN F 3326 -65.21 -82.19 83.40
N ASN F 3327 -65.18 -82.75 82.20
CA ASN F 3327 -63.96 -83.34 81.64
C ASN F 3327 -63.08 -82.30 80.97
N LEU F 3328 -63.40 -81.03 81.15
CA LEU F 3328 -62.64 -79.95 80.55
C LEU F 3328 -61.25 -79.87 81.15
N GLY F 3329 -60.23 -79.77 80.29
CA GLY F 3329 -58.86 -79.58 80.70
C GLY F 3329 -58.03 -80.85 80.77
N ILE F 3330 -58.67 -82.02 80.73
CA ILE F 3330 -57.97 -83.30 80.83
C ILE F 3330 -56.93 -83.39 79.72
N ASP F 3331 -55.81 -84.05 80.01
CA ASP F 3331 -54.73 -84.17 79.03
C ASP F 3331 -55.19 -84.96 77.80
N GLU F 3332 -55.87 -86.07 78.01
CA GLU F 3332 -56.30 -86.96 76.94
C GLU F 3332 -57.82 -87.11 76.98
N ALA F 3333 -58.49 -86.51 76.00
CA ALA F 3333 -59.94 -86.59 75.91
C ALA F 3333 -60.39 -86.77 74.47
N SER F 3334 -59.79 -87.72 73.76
CA SER F 3334 -60.10 -87.95 72.35
C SER F 3334 -61.58 -88.18 72.10
N TRP F 3335 -62.39 -88.42 73.13
CA TRP F 3335 -63.80 -88.72 72.93
C TRP F 3335 -64.63 -87.46 72.72
N MET F 3336 -64.10 -86.29 73.07
CA MET F 3336 -64.87 -85.07 72.94
C MET F 3336 -65.24 -84.79 71.48
N LYS F 3337 -64.30 -85.01 70.56
CA LYS F 3337 -64.60 -84.71 69.17
C LYS F 3337 -65.75 -85.55 68.66
N ARG F 3338 -65.78 -86.84 69.03
CA ARG F 3338 -66.88 -87.70 68.61
C ARG F 3338 -68.18 -87.28 69.28
N LEU F 3339 -68.11 -86.95 70.57
CA LEU F 3339 -69.34 -86.59 71.29
C LEU F 3339 -69.96 -85.33 70.73
N ALA F 3340 -69.15 -84.34 70.38
CA ALA F 3340 -69.68 -83.10 69.81
C ALA F 3340 -70.41 -83.38 68.50
N VAL F 3341 -69.80 -84.19 67.64
CA VAL F 3341 -70.42 -84.52 66.36
C VAL F 3341 -71.73 -85.27 66.59
N PHE F 3342 -71.74 -86.18 67.55
CA PHE F 3342 -72.97 -86.93 67.82
C PHE F 3342 -74.05 -86.03 68.41
N ALA F 3343 -73.67 -85.00 69.15
CA ALA F 3343 -74.65 -84.14 69.81
C ALA F 3343 -75.08 -82.96 68.94
N GLN F 3344 -74.41 -82.73 67.80
CA GLN F 3344 -74.83 -81.64 66.92
C GLN F 3344 -76.27 -81.76 66.45
N PRO F 3345 -76.77 -82.90 65.99
CA PRO F 3345 -78.13 -82.95 65.44
C PRO F 3345 -79.21 -82.55 66.42
N ILE F 3346 -78.96 -82.70 67.72
CA ILE F 3346 -79.97 -82.44 68.74
C ILE F 3346 -80.02 -80.98 69.17
N VAL F 3347 -79.10 -80.14 68.67
CA VAL F 3347 -79.06 -78.75 69.12
C VAL F 3347 -80.24 -77.95 68.59
N SER F 3348 -80.76 -78.32 67.40
CA SER F 3348 -81.75 -77.48 66.75
C SER F 3348 -82.95 -77.20 67.64
N ARG F 3349 -83.29 -78.13 68.53
CA ARG F 3349 -84.44 -77.98 69.40
C ARG F 3349 -84.06 -77.47 70.79
N ALA F 3350 -82.89 -76.85 70.92
CA ALA F 3350 -82.50 -76.28 72.20
C ALA F 3350 -83.42 -75.12 72.57
N ARG F 3351 -83.54 -74.89 73.88
CA ARG F 3351 -84.49 -73.92 74.39
C ARG F 3351 -83.76 -72.65 74.80
N PRO F 3352 -84.37 -71.46 74.69
CA PRO F 3352 -83.60 -70.22 74.91
C PRO F 3352 -82.88 -70.13 76.26
N GLU F 3353 -83.46 -70.64 77.34
CA GLU F 3353 -82.78 -70.56 78.63
C GLU F 3353 -81.46 -71.29 78.64
N LEU F 3354 -81.23 -72.18 77.67
CA LEU F 3354 -79.97 -72.90 77.63
C LEU F 3354 -78.79 -71.94 77.57
N LEU F 3355 -78.94 -70.82 76.87
CA LEU F 3355 -77.86 -69.85 76.77
C LEU F 3355 -77.30 -69.53 78.14
N ARG F 3356 -78.10 -68.87 78.98
CA ARG F 3356 -77.62 -68.45 80.30
C ARG F 3356 -77.36 -69.64 81.20
N SER F 3357 -78.14 -70.71 81.07
CA SER F 3357 -77.96 -71.84 81.97
C SER F 3357 -76.60 -72.49 81.80
N HIS F 3358 -76.20 -72.78 80.56
CA HIS F 3358 -75.01 -73.59 80.30
C HIS F 3358 -73.97 -72.87 79.46
N PHE F 3359 -74.36 -72.22 78.36
CA PHE F 3359 -73.37 -71.77 77.39
C PHE F 3359 -72.52 -70.65 77.96
N ILE F 3360 -73.14 -69.70 78.65
CA ILE F 3360 -72.42 -68.54 79.15
C ILE F 3360 -71.36 -68.97 80.15
N PRO F 3361 -71.68 -69.74 81.19
CA PRO F 3361 -70.63 -70.18 82.12
C PRO F 3361 -69.53 -70.98 81.46
N THR F 3362 -69.88 -71.85 80.51
CA THR F 3362 -68.89 -72.70 79.87
C THR F 3362 -67.88 -71.86 79.09
N ILE F 3363 -68.37 -70.98 78.22
CA ILE F 3363 -67.47 -70.14 77.45
C ILE F 3363 -66.73 -69.17 78.34
N GLY F 3364 -67.33 -68.78 79.47
CA GLY F 3364 -66.61 -67.95 80.42
C GLY F 3364 -65.40 -68.67 81.00
N ARG F 3365 -65.59 -69.92 81.42
CA ARG F 3365 -64.47 -70.72 81.90
C ARG F 3365 -63.41 -70.86 80.81
N LEU F 3366 -63.86 -71.12 79.58
CA LEU F 3366 -62.92 -71.32 78.50
C LEU F 3366 -62.11 -70.05 78.21
N ARG F 3367 -62.77 -68.89 78.26
CA ARG F 3367 -62.08 -67.63 78.11
C ARG F 3367 -61.08 -67.42 79.22
N LYS F 3368 -61.46 -67.75 80.45
CA LYS F 3368 -60.54 -67.60 81.57
C LYS F 3368 -59.28 -68.44 81.35
N ARG F 3369 -59.46 -69.68 80.91
CA ARG F 3369 -58.30 -70.54 80.65
C ARG F 3369 -57.43 -69.96 79.54
N ALA F 3370 -58.07 -69.46 78.48
CA ALA F 3370 -57.31 -68.86 77.39
C ALA F 3370 -56.50 -67.67 77.90
N GLY F 3371 -57.10 -66.84 78.73
CA GLY F 3371 -56.39 -65.70 79.28
C GLY F 3371 -55.20 -66.12 80.13
N LYS F 3372 -55.39 -67.14 80.96
CA LYS F 3372 -54.28 -67.63 81.78
C LYS F 3372 -53.13 -68.12 80.91
N VAL F 3373 -53.44 -68.90 79.88
CA VAL F 3373 -52.36 -69.41 79.03
C VAL F 3373 -51.69 -68.27 78.28
N VAL F 3374 -52.45 -67.24 77.89
CA VAL F 3374 -51.84 -66.09 77.22
C VAL F 3374 -50.91 -65.36 78.17
N ALA F 3375 -51.31 -65.23 79.44
CA ALA F 3375 -50.44 -64.60 80.43
C ALA F 3375 -49.15 -65.38 80.58
N GLU F 3376 -49.25 -66.71 80.62
CA GLU F 3376 -48.05 -67.54 80.68
C GLU F 3376 -47.16 -67.30 79.46
N GLU F 3377 -47.79 -67.20 78.28
CA GLU F 3377 -47.03 -66.89 77.08
C GLU F 3377 -46.27 -65.58 77.22
N GLU F 3378 -46.94 -64.55 77.75
CA GLU F 3378 -46.29 -63.25 77.92
C GLU F 3378 -45.12 -63.35 78.89
N GLN F 3379 -45.30 -64.12 79.98
CA GLN F 3379 -44.20 -64.29 80.92
C GLN F 3379 -43.01 -64.97 80.26
N LEU F 3380 -43.27 -66.00 79.45
CA LEU F 3380 -42.18 -66.66 78.75
C LEU F 3380 -41.46 -65.69 77.82
N ARG F 3381 -42.21 -64.88 77.07
CA ARG F 3381 -41.57 -63.90 76.19
C ARG F 3381 -40.78 -62.88 77.00
N LEU F 3382 -41.25 -62.53 78.20
CA LEU F 3382 -40.45 -61.69 79.08
C LEU F 3382 -39.12 -62.36 79.43
N GLU F 3383 -39.17 -63.65 79.73
CA GLU F 3383 -37.96 -64.41 79.98
C GLU F 3383 -37.26 -64.71 78.65
N ALA F 3384 -36.06 -65.29 78.73
CA ALA F 3384 -35.23 -65.50 77.55
C ALA F 3384 -34.34 -66.73 77.77
N LYS F 3385 -33.67 -67.13 76.70
CA LYS F 3385 -32.71 -68.25 76.70
C LYS F 3385 -33.41 -69.48 77.25
N ALA F 3386 -32.81 -70.23 78.18
CA ALA F 3386 -33.41 -71.48 78.65
C ALA F 3386 -34.76 -71.21 79.32
N GLU F 3387 -34.89 -70.07 80.01
CA GLU F 3387 -36.16 -69.75 80.63
C GLU F 3387 -37.27 -69.61 79.59
N ALA F 3388 -36.96 -68.98 78.46
CA ALA F 3388 -37.94 -68.89 77.38
C ALA F 3388 -38.12 -70.24 76.69
N GLU F 3389 -37.01 -70.93 76.39
CA GLU F 3389 -37.12 -72.24 75.76
C GLU F 3389 -37.85 -73.22 76.66
N GLU F 3390 -37.50 -73.24 77.95
CA GLU F 3390 -38.21 -74.08 78.90
C GLU F 3390 -39.56 -73.47 79.24
N GLY F 3391 -40.57 -74.34 79.31
CA GLY F 3391 -41.92 -73.89 79.53
C GLY F 3391 -42.61 -73.53 78.23
N GLU F 3392 -41.82 -73.37 77.16
CA GLU F 3392 -42.39 -73.13 75.86
C GLU F 3392 -43.23 -74.32 75.40
N LEU F 3393 -42.71 -75.53 75.59
CA LEU F 3393 -43.50 -76.72 75.30
C LEU F 3393 -44.70 -76.82 76.25
N LEU F 3394 -44.53 -76.37 77.49
CA LEU F 3394 -45.65 -76.39 78.43
C LEU F 3394 -46.80 -75.53 77.92
N VAL F 3395 -46.50 -74.30 77.51
CA VAL F 3395 -47.54 -73.42 77.01
C VAL F 3395 -48.10 -73.95 75.69
N ARG F 3396 -47.25 -74.55 74.85
CA ARG F 3396 -47.76 -75.14 73.63
C ARG F 3396 -48.77 -76.25 73.92
N ASP F 3397 -48.47 -77.10 74.90
CA ASP F 3397 -49.40 -78.17 75.25
C ASP F 3397 -50.68 -77.61 75.87
N GLU F 3398 -50.55 -76.56 76.69
CA GLU F 3398 -51.74 -75.92 77.25
C GLU F 3398 -52.63 -75.38 76.15
N PHE F 3399 -52.03 -74.71 75.16
CA PHE F 3399 -52.81 -74.24 74.02
C PHE F 3399 -53.40 -75.40 73.24
N SER F 3400 -52.69 -76.53 73.17
CA SER F 3400 -53.22 -77.69 72.47
C SER F 3400 -54.49 -78.19 73.13
N VAL F 3401 -54.46 -78.35 74.46
CA VAL F 3401 -55.66 -78.81 75.17
C VAL F 3401 -56.77 -77.78 75.06
N LEU F 3402 -56.42 -76.50 75.12
CA LEU F 3402 -57.43 -75.46 74.98
C LEU F 3402 -58.08 -75.50 73.60
N CYS F 3403 -57.28 -75.72 72.55
CA CYS F 3403 -57.84 -75.84 71.22
C CYS F 3403 -58.71 -77.07 71.10
N ARG F 3404 -58.33 -78.17 71.74
CA ARG F 3404 -59.19 -79.36 71.74
C ARG F 3404 -60.55 -79.02 72.34
N ASP F 3405 -60.54 -78.36 73.50
CA ASP F 3405 -61.81 -77.99 74.14
C ASP F 3405 -62.61 -77.04 73.26
N LEU F 3406 -61.94 -76.08 72.62
CA LEU F 3406 -62.62 -75.14 71.75
C LEU F 3406 -63.30 -75.85 70.59
N TYR F 3407 -62.59 -76.80 69.97
CA TYR F 3407 -63.14 -77.51 68.83
C TYR F 3407 -64.15 -78.55 69.28
N ALA F 3408 -64.20 -78.81 70.59
CA ALA F 3408 -65.24 -79.68 71.12
C ALA F 3408 -66.51 -78.91 71.40
N LEU F 3409 -66.39 -77.64 71.78
CA LEU F 3409 -67.55 -76.85 72.19
C LEU F 3409 -68.11 -75.96 71.09
N TYR F 3410 -67.29 -75.17 70.41
CA TYR F 3410 -67.81 -74.28 69.38
C TYR F 3410 -68.68 -74.99 68.35
N PRO F 3411 -68.37 -76.19 67.87
CA PRO F 3411 -69.28 -76.79 66.89
C PRO F 3411 -70.71 -76.87 67.39
N LEU F 3412 -70.92 -77.04 68.70
CA LEU F 3412 -72.27 -76.97 69.25
C LEU F 3412 -72.75 -75.53 69.35
N LEU F 3413 -71.87 -74.61 69.74
CA LEU F 3413 -72.29 -73.23 69.94
C LEU F 3413 -72.79 -72.62 68.64
N ILE F 3414 -72.11 -72.89 67.53
CA ILE F 3414 -72.46 -72.33 66.24
C ILE F 3414 -73.89 -72.69 65.89
N ARG F 3415 -74.25 -73.96 66.06
CA ARG F 3415 -75.62 -74.38 65.74
C ARG F 3415 -76.63 -73.66 66.63
N TYR F 3416 -76.32 -73.54 67.93
CA TYR F 3416 -77.23 -72.82 68.82
C TYR F 3416 -77.37 -71.37 68.40
N VAL F 3417 -76.27 -70.76 67.95
CA VAL F 3417 -76.33 -69.38 67.48
C VAL F 3417 -77.15 -69.29 66.20
N ASP F 3418 -76.90 -70.20 65.26
CA ASP F 3418 -77.58 -70.12 63.97
C ASP F 3418 -79.09 -70.22 64.10
N ASN F 3419 -79.57 -70.84 65.17
CA ASN F 3419 -81.01 -71.02 65.35
C ASN F 3419 -81.63 -69.91 66.19
N ASN F 3420 -80.82 -69.14 66.93
CA ASN F 3420 -81.33 -68.08 67.77
C ASN F 3420 -80.81 -66.71 67.37
N ARG F 3421 -80.04 -66.62 66.28
CA ARG F 3421 -79.59 -65.32 65.81
C ARG F 3421 -80.76 -64.41 65.51
N ALA F 3422 -81.80 -64.96 64.85
CA ALA F 3422 -82.94 -64.15 64.46
C ALA F 3422 -83.59 -63.50 65.68
N HIS F 3423 -83.88 -64.30 66.70
CA HIS F 3423 -84.51 -63.75 67.90
C HIS F 3423 -83.58 -62.77 68.61
N TRP F 3424 -82.29 -63.11 68.71
CA TRP F 3424 -81.37 -62.23 69.40
C TRP F 3424 -81.29 -60.87 68.73
N LEU F 3425 -81.23 -60.85 67.40
CA LEU F 3425 -81.13 -59.58 66.67
C LEU F 3425 -82.45 -58.83 66.67
N THR F 3426 -83.58 -59.53 66.54
CA THR F 3426 -84.86 -58.85 66.58
C THR F 3426 -85.08 -58.17 67.92
N GLU F 3427 -84.88 -58.90 69.01
CA GLU F 3427 -85.03 -58.35 70.36
C GLU F 3427 -83.69 -58.37 71.06
N PRO F 3428 -83.16 -57.23 71.50
CA PRO F 3428 -81.83 -57.23 72.13
C PRO F 3428 -81.80 -58.17 73.33
N ASN F 3429 -80.67 -58.88 73.49
CA ASN F 3429 -80.50 -59.84 74.57
C ASN F 3429 -79.18 -59.57 75.28
N PRO F 3430 -79.18 -59.11 76.53
CA PRO F 3430 -77.91 -58.89 77.23
C PRO F 3430 -77.07 -60.14 77.33
N ASN F 3431 -77.70 -61.32 77.48
CA ASN F 3431 -76.94 -62.56 77.51
C ASN F 3431 -76.23 -62.79 76.17
N ALA F 3432 -76.93 -62.53 75.07
CA ALA F 3432 -76.28 -62.64 73.76
C ALA F 3432 -75.13 -61.67 73.64
N GLU F 3433 -75.30 -60.46 74.16
CA GLU F 3433 -74.20 -59.48 74.12
C GLU F 3433 -73.00 -59.99 74.92
N GLU F 3434 -73.25 -60.57 76.09
CA GLU F 3434 -72.16 -61.10 76.90
C GLU F 3434 -71.46 -62.26 76.19
N LEU F 3435 -72.23 -63.11 75.51
CA LEU F 3435 -71.64 -64.17 74.72
C LEU F 3435 -70.76 -63.61 73.62
N PHE F 3436 -71.22 -62.54 72.97
CA PHE F 3436 -70.39 -61.88 71.98
C PHE F 3436 -69.09 -61.39 72.60
N ARG F 3437 -69.17 -60.78 73.78
CA ARG F 3437 -67.96 -60.30 74.43
C ARG F 3437 -66.99 -61.44 74.69
N MET F 3438 -67.49 -62.57 75.19
CA MET F 3438 -66.63 -63.71 75.49
C MET F 3438 -65.96 -64.23 74.22
N VAL F 3439 -66.75 -64.47 73.17
CA VAL F 3439 -66.18 -65.00 71.93
C VAL F 3439 -65.21 -64.00 71.33
N GLY F 3440 -65.50 -62.71 71.46
CA GLY F 3440 -64.60 -61.69 70.95
C GLY F 3440 -63.28 -61.68 71.67
N GLU F 3441 -63.31 -61.79 73.00
CA GLU F 3441 -62.06 -61.83 73.74
C GLU F 3441 -61.25 -63.07 73.37
N ILE F 3442 -61.91 -64.21 73.17
CA ILE F 3442 -61.18 -65.40 72.76
C ILE F 3442 -60.55 -65.19 71.39
N PHE F 3443 -61.26 -64.56 70.46
CA PHE F 3443 -60.69 -64.29 69.15
C PHE F 3443 -59.52 -63.31 69.24
N ILE F 3444 -59.65 -62.30 70.11
CA ILE F 3444 -58.57 -61.35 70.30
C ILE F 3444 -57.32 -62.06 70.80
N TYR F 3445 -57.51 -63.00 71.73
CA TYR F 3445 -56.37 -63.80 72.18
C TYR F 3445 -55.79 -64.61 71.02
N TRP F 3446 -56.66 -65.24 70.23
CA TRP F 3446 -56.18 -66.00 69.08
C TRP F 3446 -55.33 -65.14 68.16
N SER F 3447 -55.72 -63.88 67.98
CA SER F 3447 -54.96 -62.99 67.10
C SER F 3447 -53.66 -62.54 67.75
N LYS F 3448 -53.74 -62.05 68.99
CA LYS F 3448 -52.54 -61.55 69.67
C LYS F 3448 -51.51 -62.66 69.86
N SER F 3449 -51.85 -63.66 70.66
CA SER F 3449 -50.92 -64.76 70.88
C SER F 3449 -50.77 -65.57 69.60
N HIS F 3450 -49.54 -66.03 69.36
CA HIS F 3450 -49.20 -66.64 68.09
C HIS F 3450 -48.95 -68.15 68.18
N ASN F 3451 -48.57 -68.67 69.34
CA ASN F 3451 -48.50 -70.11 69.50
C ASN F 3451 -49.87 -70.76 69.32
N PHE F 3452 -50.91 -70.08 69.82
CA PHE F 3452 -52.26 -70.62 69.78
C PHE F 3452 -52.67 -70.96 68.36
N LYS F 3453 -52.16 -70.20 67.38
CA LYS F 3453 -52.48 -70.50 65.99
C LYS F 3453 -51.89 -71.83 65.54
N ARG F 3454 -50.59 -72.05 65.80
CA ARG F 3454 -50.01 -73.33 65.43
C ARG F 3454 -50.72 -74.47 66.17
N GLU F 3455 -51.06 -74.25 67.43
CA GLU F 3455 -51.68 -75.34 68.18
C GLU F 3455 -53.05 -75.70 67.61
N GLU F 3456 -53.85 -74.69 67.26
CA GLU F 3456 -55.12 -74.96 66.61
C GLU F 3456 -54.92 -75.70 65.29
N GLN F 3457 -54.00 -75.21 64.46
CA GLN F 3457 -53.78 -75.82 63.16
C GLN F 3457 -53.30 -77.26 63.30
N ASN F 3458 -52.38 -77.50 64.24
CA ASN F 3458 -51.88 -78.85 64.46
C ASN F 3458 -52.99 -79.76 64.95
N PHE F 3459 -53.82 -79.28 65.87
CA PHE F 3459 -54.95 -80.07 66.35
C PHE F 3459 -55.84 -80.48 65.18
N VAL F 3460 -56.25 -79.52 64.37
CA VAL F 3460 -57.22 -79.81 63.31
C VAL F 3460 -56.62 -80.79 62.30
N VAL F 3461 -55.36 -80.56 61.90
CA VAL F 3461 -54.77 -81.45 60.91
C VAL F 3461 -54.55 -82.85 61.49
N GLN F 3462 -54.05 -82.93 62.73
CA GLN F 3462 -53.76 -84.23 63.32
C GLN F 3462 -55.04 -85.05 63.50
N ASN F 3463 -56.12 -84.41 63.94
CA ASN F 3463 -57.36 -85.14 64.16
C ASN F 3463 -58.19 -85.29 62.89
N GLU F 3464 -57.83 -84.61 61.80
CA GLU F 3464 -58.55 -84.72 60.54
C GLU F 3464 -60.04 -84.48 60.73
N ILE F 3465 -60.37 -83.52 61.57
CA ILE F 3465 -61.76 -83.13 61.81
C ILE F 3465 -62.11 -82.05 60.78
N ASN F 3466 -63.17 -82.29 60.02
CA ASN F 3466 -63.54 -81.38 58.94
C ASN F 3466 -64.36 -80.23 59.50
N ASN F 3467 -63.78 -79.03 59.49
CA ASN F 3467 -64.48 -77.86 60.01
C ASN F 3467 -65.72 -77.54 59.18
N MET F 3468 -65.67 -77.85 57.88
CA MET F 3468 -66.81 -77.57 57.01
C MET F 3468 -68.04 -78.32 57.46
N SER F 3469 -67.87 -79.56 57.93
CA SER F 3469 -69.00 -80.34 58.42
C SER F 3469 -69.67 -79.64 59.59
N PHE F 3470 -68.87 -79.14 60.54
CA PHE F 3470 -69.45 -78.44 61.69
C PHE F 3470 -70.13 -77.15 61.24
N LEU F 3471 -69.50 -76.40 60.33
CA LEU F 3471 -70.07 -75.13 59.90
C LEU F 3471 -71.40 -75.34 59.19
N THR F 3472 -71.49 -76.34 58.33
CA THR F 3472 -72.71 -76.60 57.57
C THR F 3472 -73.70 -77.40 58.39
N TYR F 3504 -57.39 -76.36 59.04
CA TYR F 3504 -56.76 -76.39 57.72
C TYR F 3504 -56.42 -74.99 57.26
N SER F 3505 -57.45 -74.17 57.01
CA SER F 3505 -57.26 -72.79 56.60
C SER F 3505 -57.79 -71.85 57.69
N VAL F 3506 -57.39 -70.58 57.58
CA VAL F 3506 -57.89 -69.57 58.52
C VAL F 3506 -59.40 -69.50 58.45
N GLN F 3507 -59.96 -69.61 57.25
CA GLN F 3507 -61.41 -69.60 57.10
C GLN F 3507 -62.03 -70.77 57.85
N THR F 3508 -61.43 -71.96 57.74
CA THR F 3508 -61.96 -73.12 58.44
C THR F 3508 -61.82 -72.99 59.95
N SER F 3509 -60.81 -72.25 60.42
CA SER F 3509 -60.59 -72.07 61.85
C SER F 3509 -61.87 -71.65 62.55
N LEU F 3510 -62.34 -72.47 63.49
CA LEU F 3510 -63.58 -72.17 64.18
C LEU F 3510 -63.46 -70.92 65.05
N ILE F 3511 -62.25 -70.54 65.45
CA ILE F 3511 -62.10 -69.39 66.32
C ILE F 3511 -62.59 -68.13 65.62
N VAL F 3512 -62.24 -67.97 64.34
CA VAL F 3512 -62.67 -66.78 63.60
C VAL F 3512 -64.09 -66.97 63.07
N ALA F 3513 -64.44 -68.20 62.69
CA ALA F 3513 -65.77 -68.44 62.14
C ALA F 3513 -66.86 -68.15 63.18
N THR F 3514 -66.64 -68.61 64.41
CA THR F 3514 -67.64 -68.37 65.46
C THR F 3514 -67.83 -66.88 65.70
N LEU F 3515 -66.73 -66.12 65.70
CA LEU F 3515 -66.86 -64.69 65.91
C LEU F 3515 -67.54 -64.03 64.71
N LYS F 3516 -67.23 -64.47 63.49
CA LYS F 3516 -67.91 -63.90 62.33
C LYS F 3516 -69.40 -64.19 62.40
N LYS F 3517 -69.77 -65.30 63.04
CA LYS F 3517 -71.18 -65.62 63.21
C LYS F 3517 -71.83 -64.79 64.32
N MET F 3518 -71.08 -64.49 65.37
CA MET F 3518 -71.60 -63.68 66.48
C MET F 3518 -71.48 -62.19 66.26
N LEU F 3519 -70.77 -61.76 65.22
CA LEU F 3519 -70.48 -60.33 65.05
C LEU F 3519 -71.73 -59.49 64.89
N PRO F 3520 -72.72 -59.89 64.08
CA PRO F 3520 -73.92 -59.05 63.94
C PRO F 3520 -74.55 -58.71 65.28
N ILE F 3521 -74.56 -59.68 66.19
CA ILE F 3521 -75.11 -59.44 67.52
C ILE F 3521 -74.30 -58.40 68.27
N GLY F 3522 -73.04 -58.22 67.93
CA GLY F 3522 -72.21 -57.21 68.57
C GLY F 3522 -72.41 -55.85 67.93
N LEU F 3523 -72.43 -55.81 66.60
CA LEU F 3523 -72.69 -54.55 65.91
C LEU F 3523 -74.08 -54.04 66.26
N ASN F 3524 -75.01 -54.94 66.61
CA ASN F 3524 -76.37 -54.53 66.89
C ASN F 3524 -76.50 -53.67 68.13
N MET F 3525 -75.54 -53.74 69.05
CA MET F 3525 -75.57 -52.87 70.21
C MET F 3525 -74.88 -51.53 69.97
N CYS F 3526 -74.33 -51.33 68.79
CA CYS F 3526 -73.71 -50.06 68.42
C CYS F 3526 -74.70 -49.26 67.59
N ALA F 3527 -75.09 -48.09 68.08
CA ALA F 3527 -76.02 -47.25 67.34
C ALA F 3527 -75.36 -46.74 66.08
N PRO F 3528 -76.14 -46.41 65.05
CA PRO F 3528 -75.52 -45.93 63.79
C PRO F 3528 -74.65 -44.71 63.99
N THR F 3529 -74.99 -43.85 64.95
CA THR F 3529 -74.20 -42.63 65.18
C THR F 3529 -72.76 -42.95 65.56
N ASP F 3530 -72.50 -44.18 66.02
CA ASP F 3530 -71.21 -44.54 66.58
C ASP F 3530 -70.23 -45.05 65.53
N GLN F 3531 -70.57 -45.01 64.25
CA GLN F 3531 -69.68 -45.56 63.23
C GLN F 3531 -68.36 -44.81 63.17
N ASP F 3532 -68.41 -43.47 63.22
CA ASP F 3532 -67.18 -42.68 63.17
C ASP F 3532 -66.30 -42.94 64.39
N LEU F 3533 -66.91 -43.04 65.58
CA LEU F 3533 -66.15 -43.40 66.76
C LEU F 3533 -65.52 -44.77 66.62
N ILE F 3534 -66.25 -45.71 66.00
CA ILE F 3534 -65.69 -47.04 65.77
C ILE F 3534 -64.47 -46.94 64.87
N VAL F 3535 -64.54 -46.10 63.83
CA VAL F 3535 -63.40 -45.94 62.94
C VAL F 3535 -62.20 -45.34 63.70
N LEU F 3536 -62.46 -44.34 64.53
CA LEU F 3536 -61.37 -43.75 65.31
C LEU F 3536 -60.72 -44.77 66.23
N ALA F 3537 -61.55 -45.58 66.91
CA ALA F 3537 -61.01 -46.59 67.81
C ALA F 3537 -60.22 -47.65 67.05
N LYS F 3538 -60.70 -48.03 65.86
CA LYS F 3538 -59.91 -48.90 65.00
C LYS F 3538 -58.58 -48.29 64.63
N ALA F 3539 -58.52 -46.97 64.42
CA ALA F 3539 -57.26 -46.29 64.17
C ALA F 3539 -56.33 -46.39 65.39
N ARG F 3540 -56.87 -46.16 66.59
CA ARG F 3540 -56.04 -46.30 67.79
C ARG F 3540 -55.46 -47.69 67.91
N TYR F 3541 -56.32 -48.72 67.76
CA TYR F 3541 -55.83 -50.09 67.88
C TYR F 3541 -54.80 -50.39 66.79
N ALA F 3542 -54.88 -49.71 65.65
CA ALA F 3542 -53.79 -49.78 64.68
C ALA F 3542 -52.52 -49.16 65.23
N LEU F 3543 -52.65 -48.03 65.94
CA LEU F 3543 -51.53 -47.43 66.65
C LEU F 3543 -51.05 -48.28 67.81
N LYS F 3544 -51.73 -49.40 68.09
CA LYS F 3544 -51.27 -50.37 69.09
C LYS F 3544 -51.40 -49.81 70.50
N ASP F 3545 -52.53 -49.16 70.75
CA ASP F 3545 -52.84 -48.67 72.09
C ASP F 3545 -53.55 -49.76 72.89
N THR F 3546 -53.35 -49.73 74.20
CA THR F 3546 -54.02 -50.69 75.06
C THR F 3546 -55.52 -50.38 75.11
N ASP F 3547 -56.27 -51.36 75.62
CA ASP F 3547 -57.71 -51.17 75.74
C ASP F 3547 -58.01 -49.96 76.60
N GLU F 3548 -57.27 -49.78 77.69
CA GLU F 3548 -57.47 -48.61 78.53
C GLU F 3548 -57.17 -47.32 77.78
N GLU F 3549 -56.11 -47.33 76.96
CA GLU F 3549 -55.78 -46.14 76.19
C GLU F 3549 -56.90 -45.77 75.22
N VAL F 3550 -57.47 -46.77 74.56
CA VAL F 3550 -58.57 -46.50 73.64
C VAL F 3550 -59.81 -46.04 74.41
N ARG F 3551 -60.04 -46.62 75.58
CA ARG F 3551 -61.17 -46.20 76.41
C ARG F 3551 -61.04 -44.74 76.78
N GLU F 3552 -59.85 -44.31 77.19
CA GLU F 3552 -59.63 -42.90 77.55
C GLU F 3552 -59.77 -42.01 76.32
N PHE F 3553 -59.23 -42.46 75.19
CA PHE F 3553 -59.35 -41.68 73.96
C PHE F 3553 -60.81 -41.40 73.64
N LEU F 3554 -61.65 -42.45 73.65
CA LEU F 3554 -63.06 -42.24 73.38
C LEU F 3554 -63.70 -41.35 74.44
N GLN F 3555 -63.35 -41.58 75.71
CA GLN F 3555 -63.94 -40.79 76.79
C GLN F 3555 -63.72 -39.30 76.56
N ASN F 3556 -62.49 -38.91 76.23
CA ASN F 3556 -62.23 -37.48 76.06
C ASN F 3556 -62.78 -36.98 74.72
N ASN F 3557 -62.66 -37.78 73.66
CA ASN F 3557 -63.28 -37.42 72.38
C ASN F 3557 -64.69 -37.99 72.30
N LEU F 3558 -65.49 -37.78 73.34
CA LEU F 3558 -66.91 -38.10 73.27
C LEU F 3558 -67.57 -37.45 72.06
N ASN F 3559 -67.08 -36.28 71.65
CA ASN F 3559 -67.59 -35.64 70.45
C ASN F 3559 -67.05 -36.39 69.24
N LEU F 3560 -67.23 -35.83 68.04
CA LEU F 3560 -66.94 -36.54 66.79
C LEU F 3560 -67.86 -37.74 66.65
N GLN F 3561 -69.13 -37.52 66.96
CA GLN F 3561 -70.17 -38.56 66.88
C GLN F 3561 -71.02 -38.30 65.65
N GLY F 3562 -71.22 -39.35 64.84
CA GLY F 3562 -71.98 -39.22 63.61
C GLY F 3562 -73.27 -38.46 63.78
N LYS F 3563 -73.41 -37.34 63.07
CA LYS F 3563 -74.59 -36.49 63.17
C LYS F 3563 -75.65 -36.95 62.19
N VAL F 3564 -76.90 -36.99 62.65
CA VAL F 3564 -77.99 -37.53 61.83
C VAL F 3564 -78.16 -36.68 60.57
N GLU F 3565 -78.13 -35.36 60.72
CA GLU F 3565 -78.33 -34.48 59.57
C GLU F 3565 -77.22 -34.62 58.54
N GLY F 3566 -76.09 -35.21 58.91
CA GLY F 3566 -74.96 -35.29 58.00
C GLY F 3566 -75.29 -36.00 56.70
N SER F 3567 -75.93 -37.17 56.80
CA SER F 3567 -76.24 -37.97 55.63
C SER F 3567 -77.60 -38.63 55.77
N PRO F 3568 -78.30 -38.89 54.67
CA PRO F 3568 -79.55 -39.67 54.77
C PRO F 3568 -79.33 -41.05 55.36
N SER F 3569 -78.17 -41.67 55.12
CA SER F 3569 -77.91 -42.99 55.67
C SER F 3569 -78.07 -43.00 57.19
N LEU F 3570 -77.44 -42.03 57.86
CA LEU F 3570 -77.61 -41.91 59.31
C LEU F 3570 -79.00 -41.50 59.71
N ARG F 3571 -79.89 -41.21 58.75
CA ARG F 3571 -81.28 -40.91 59.07
C ARG F 3571 -82.14 -42.17 59.06
N TRP F 3572 -82.14 -42.90 57.95
CA TRP F 3572 -82.95 -44.11 57.89
C TRP F 3572 -82.38 -45.20 58.80
N GLN F 3573 -81.05 -45.33 58.85
CA GLN F 3573 -80.45 -46.26 59.79
C GLN F 3573 -80.89 -45.93 61.22
N MET F 3574 -80.80 -44.66 61.59
CA MET F 3574 -81.13 -44.25 62.96
C MET F 3574 -82.62 -44.45 63.24
N ALA F 3575 -83.47 -44.18 62.26
CA ALA F 3575 -84.90 -44.39 62.46
C ALA F 3575 -85.19 -45.86 62.70
N LEU F 3576 -84.63 -46.73 61.86
CA LEU F 3576 -84.82 -48.17 62.07
C LEU F 3576 -84.29 -48.59 63.43
N TYR F 3577 -83.18 -47.99 63.87
CA TYR F 3577 -82.56 -48.39 65.13
C TYR F 3577 -83.42 -47.96 66.32
N ARG F 3578 -83.90 -46.71 66.29
CA ARG F 3578 -84.95 -46.28 67.22
C ARG F 3578 -86.14 -47.23 67.22
N GLY F 3579 -86.47 -47.79 66.06
CA GLY F 3579 -87.68 -48.59 65.97
C GLY F 3579 -87.69 -49.75 66.94
N VAL F 3580 -86.53 -50.38 67.15
CA VAL F 3580 -86.43 -51.56 68.00
C VAL F 3580 -86.93 -51.21 69.39
N PRO F 3581 -87.86 -51.97 69.98
CA PRO F 3581 -88.33 -51.65 71.33
C PRO F 3581 -87.19 -51.70 72.34
N GLY F 3582 -87.24 -50.79 73.30
CA GLY F 3582 -86.30 -50.76 74.41
C GLY F 3582 -85.03 -49.97 74.15
N ARG F 3583 -84.83 -49.48 72.92
CA ARG F 3583 -83.61 -48.74 72.59
C ARG F 3583 -83.87 -47.24 72.76
N GLU F 3584 -84.33 -46.89 73.97
CA GLU F 3584 -84.58 -45.49 74.30
C GLU F 3584 -83.76 -45.06 75.50
N GLU F 3585 -83.66 -45.92 76.52
CA GLU F 3585 -82.83 -45.60 77.68
C GLU F 3585 -81.35 -45.84 77.42
N ASP F 3586 -81.00 -46.74 76.50
CA ASP F 3586 -79.62 -47.02 76.18
C ASP F 3586 -78.97 -45.82 75.49
N ALA F 3587 -77.64 -45.83 75.45
CA ALA F 3587 -76.85 -44.77 74.83
C ALA F 3587 -76.95 -43.48 75.63
N ASP F 3588 -77.64 -43.51 76.78
CA ASP F 3588 -77.66 -42.35 77.67
C ASP F 3588 -76.35 -42.22 78.42
N ASP F 3589 -75.62 -43.32 78.57
CA ASP F 3589 -74.45 -43.36 79.44
C ASP F 3589 -73.17 -43.27 78.64
N PRO F 3590 -72.43 -42.15 78.72
CA PRO F 3590 -71.18 -42.06 77.96
C PRO F 3590 -70.23 -43.21 78.24
N GLU F 3591 -70.17 -43.66 79.50
CA GLU F 3591 -69.39 -44.86 79.79
C GLU F 3591 -69.89 -46.06 78.99
N LYS F 3592 -71.21 -46.21 78.86
CA LYS F 3592 -71.76 -47.31 78.07
C LYS F 3592 -71.33 -47.21 76.61
N ILE F 3593 -71.46 -46.02 76.02
CA ILE F 3593 -71.06 -45.84 74.62
C ILE F 3593 -69.59 -46.19 74.46
N VAL F 3594 -68.73 -45.70 75.35
CA VAL F 3594 -67.31 -46.00 75.19
C VAL F 3594 -67.07 -47.49 75.33
N ARG F 3595 -67.80 -48.15 76.24
CA ARG F 3595 -67.61 -49.57 76.44
C ARG F 3595 -67.76 -50.23 75.08
N ARG F 3596 -68.95 -50.00 74.51
CA ARG F 3596 -69.35 -50.75 73.32
C ARG F 3596 -68.45 -50.42 72.14
N VAL F 3597 -68.12 -49.13 71.95
CA VAL F 3597 -67.28 -48.77 70.82
C VAL F 3597 -65.90 -49.39 70.97
N GLN F 3598 -65.31 -49.34 72.16
CA GLN F 3598 -64.00 -49.93 72.34
C GLN F 3598 -64.02 -51.42 72.00
N GLU F 3599 -65.01 -52.14 72.53
CA GLU F 3599 -65.06 -53.58 72.33
C GLU F 3599 -65.22 -53.93 70.85
N VAL F 3600 -66.22 -53.35 70.20
CA VAL F 3600 -66.49 -53.72 68.80
C VAL F 3600 -65.35 -53.27 67.91
N SER F 3601 -64.75 -52.11 68.21
CA SER F 3601 -63.63 -51.63 67.42
C SER F 3601 -62.45 -52.58 67.51
N ALA F 3602 -62.14 -53.06 68.72
CA ALA F 3602 -61.05 -54.02 68.86
C ALA F 3602 -61.32 -55.27 68.05
N VAL F 3603 -62.54 -55.79 68.16
CA VAL F 3603 -62.89 -57.01 67.44
C VAL F 3603 -62.73 -56.80 65.94
N LEU F 3604 -63.24 -55.68 65.43
CA LEU F 3604 -63.17 -55.41 64.00
C LEU F 3604 -61.72 -55.26 63.54
N TYR F 3605 -60.90 -54.57 64.33
CA TYR F 3605 -59.50 -54.37 63.98
C TYR F 3605 -58.79 -55.71 63.83
N HIS F 3606 -58.92 -56.58 64.84
CA HIS F 3606 -58.25 -57.87 64.76
C HIS F 3606 -58.82 -58.73 63.64
N LEU F 3607 -60.12 -58.64 63.38
CA LEU F 3607 -60.70 -59.37 62.26
C LEU F 3607 -60.12 -58.89 60.94
N ASP F 3608 -59.87 -57.57 60.84
CA ASP F 3608 -59.25 -57.03 59.64
C ASP F 3608 -57.86 -57.63 59.44
N GLN F 3609 -57.04 -57.61 60.49
CA GLN F 3609 -55.71 -58.22 60.36
C GLN F 3609 -55.82 -59.68 59.93
N THR F 3610 -56.75 -60.41 60.53
CA THR F 3610 -56.90 -61.82 60.20
C THR F 3610 -57.29 -62.00 58.73
N GLU F 3611 -58.31 -61.27 58.27
CA GLU F 3611 -58.85 -61.53 56.94
C GLU F 3611 -57.87 -61.10 55.86
N HIS F 3612 -57.14 -59.99 56.07
CA HIS F 3612 -56.10 -59.61 55.13
C HIS F 3612 -54.74 -59.80 55.79
N PRO F 3613 -53.99 -60.85 55.44
CA PRO F 3613 -52.69 -61.07 56.11
C PRO F 3613 -51.71 -59.94 55.84
N VAL F 3634 -29.58 -83.73 42.31
CA VAL F 3634 -29.49 -84.82 43.28
C VAL F 3634 -28.12 -84.83 43.94
N ALA F 3635 -27.21 -83.97 43.47
CA ALA F 3635 -25.87 -83.94 44.02
C ALA F 3635 -25.85 -83.68 45.51
N CYS F 3636 -26.83 -82.91 46.01
CA CYS F 3636 -26.86 -82.60 47.44
C CYS F 3636 -26.95 -83.88 48.27
N PHE F 3637 -27.85 -84.80 47.90
CA PHE F 3637 -27.93 -86.07 48.58
C PHE F 3637 -26.79 -86.99 48.21
N ARG F 3638 -26.43 -87.01 46.93
CA ARG F 3638 -25.36 -87.90 46.45
C ARG F 3638 -24.03 -87.51 47.06
N MET F 3639 -23.27 -88.52 47.47
CA MET F 3639 -21.93 -88.35 48.02
C MET F 3639 -20.91 -88.71 46.95
N THR F 3640 -19.76 -88.04 46.97
CA THR F 3640 -18.61 -88.39 46.16
C THR F 3640 -17.37 -88.40 47.06
N PRO F 3641 -17.30 -89.30 48.02
CA PRO F 3641 -16.15 -89.32 48.92
C PRO F 3641 -14.86 -89.62 48.16
N LEU F 3642 -13.78 -89.01 48.61
CA LEU F 3642 -12.48 -89.26 48.00
C LEU F 3642 -12.02 -90.69 48.21
N TYR F 3643 -12.41 -91.33 49.31
CA TYR F 3643 -11.90 -92.66 49.63
C TYR F 3643 -12.43 -93.74 48.69
N ASN F 3644 -13.45 -93.45 47.88
CA ASN F 3644 -13.93 -94.40 46.88
C ASN F 3644 -13.26 -94.24 45.53
N LEU F 3645 -12.56 -93.14 45.30
CA LEU F 3645 -11.94 -92.91 44.01
C LEU F 3645 -10.80 -93.91 43.81
N PRO F 3646 -10.55 -94.36 42.58
CA PRO F 3646 -9.45 -95.30 42.35
C PRO F 3646 -8.10 -94.68 42.70
N THR F 3647 -7.16 -95.52 43.13
CA THR F 3647 -5.91 -95.02 43.67
C THR F 3647 -5.15 -94.17 42.67
N HIS F 3648 -5.06 -94.63 41.41
CA HIS F 3648 -4.29 -93.90 40.42
C HIS F 3648 -4.91 -92.54 40.10
N ARG F 3649 -6.24 -92.49 39.99
CA ARG F 3649 -6.90 -91.21 39.77
C ARG F 3649 -6.66 -90.27 40.95
N ALA F 3650 -6.72 -90.80 42.17
CA ALA F 3650 -6.43 -89.99 43.35
C ALA F 3650 -5.00 -89.49 43.31
N CYS F 3651 -4.07 -90.32 42.87
CA CYS F 3651 -2.68 -89.88 42.76
C CYS F 3651 -2.54 -88.74 41.78
N ASN F 3652 -3.21 -88.82 40.63
CA ASN F 3652 -3.12 -87.74 39.67
C ASN F 3652 -3.70 -86.45 40.23
N MET F 3653 -4.84 -86.55 40.91
CA MET F 3653 -5.42 -85.36 41.55
C MET F 3653 -4.48 -84.78 42.59
N PHE F 3654 -3.85 -85.65 43.38
CA PHE F 3654 -2.92 -85.18 44.40
C PHE F 3654 -1.72 -84.48 43.77
N LEU F 3655 -1.21 -85.03 42.67
CA LEU F 3655 -0.08 -84.38 42.00
C LEU F 3655 -0.49 -82.99 41.52
N GLU F 3656 -1.65 -82.88 40.87
CA GLU F 3656 -2.09 -81.57 40.42
C GLU F 3656 -2.22 -80.59 41.59
N SER F 3657 -2.91 -81.01 42.64
CA SER F 3657 -3.08 -80.14 43.80
C SER F 3657 -1.73 -79.74 44.38
N TYR F 3658 -0.98 -80.72 44.89
CA TYR F 3658 0.34 -80.45 45.45
C TYR F 3658 1.14 -79.48 44.58
N LYS F 3659 1.16 -79.70 43.28
CA LYS F 3659 1.87 -78.78 42.39
C LYS F 3659 1.34 -77.37 42.55
N ALA F 3660 0.03 -77.20 42.50
CA ALA F 3660 -0.54 -75.86 42.55
C ALA F 3660 -0.39 -75.20 43.92
N SER F 3661 -0.38 -75.99 44.98
CA SER F 3661 -0.54 -75.44 46.33
C SER F 3661 0.78 -75.32 47.09
N TRP F 3662 1.71 -76.26 46.88
CA TRP F 3662 2.96 -76.27 47.63
C TRP F 3662 4.15 -75.89 46.77
N ILE F 3663 4.35 -76.56 45.63
CA ILE F 3663 5.52 -76.28 44.80
C ILE F 3663 5.40 -74.88 44.20
N LEU F 3664 4.25 -74.56 43.63
CA LEU F 3664 4.09 -73.28 42.95
C LEU F 3664 4.21 -72.12 43.93
N THR F 3665 3.64 -72.27 45.13
CA THR F 3665 3.70 -71.19 46.10
C THR F 3665 5.11 -70.96 46.59
N GLU F 3666 5.95 -71.99 46.62
CA GLU F 3666 7.32 -71.83 47.10
C GLU F 3666 8.03 -70.74 46.33
N ASP F 3667 8.71 -69.87 47.06
CA ASP F 3667 9.43 -68.74 46.47
C ASP F 3667 10.93 -68.93 46.64
N HIS F 3668 11.62 -69.10 45.52
CA HIS F 3668 13.07 -69.16 45.47
C HIS F 3668 13.60 -67.90 44.80
N SER F 3669 14.55 -67.23 45.45
CA SER F 3669 15.17 -66.04 44.92
C SER F 3669 16.60 -66.39 44.53
N PHE F 3670 16.78 -66.83 43.29
CA PHE F 3670 18.10 -67.16 42.78
C PHE F 3670 18.62 -66.20 41.73
N GLU F 3671 17.81 -65.22 41.31
CA GLU F 3671 18.20 -64.36 40.19
C GLU F 3671 19.42 -63.52 40.54
N ASP F 3672 19.44 -62.94 41.73
CA ASP F 3672 20.58 -62.10 42.12
C ASP F 3672 21.85 -62.93 42.18
N ARG F 3673 21.78 -64.11 42.81
CA ARG F 3673 22.95 -64.97 42.90
C ARG F 3673 23.43 -65.37 41.51
N MET F 3674 22.50 -65.73 40.62
CA MET F 3674 22.88 -66.16 39.28
C MET F 3674 23.56 -65.03 38.53
N ILE F 3675 23.00 -63.82 38.60
CA ILE F 3675 23.56 -62.70 37.86
C ILE F 3675 24.92 -62.31 38.43
N ASP F 3676 25.08 -62.36 39.75
CA ASP F 3676 26.38 -62.08 40.32
C ASP F 3676 27.42 -63.10 39.87
N ASP F 3677 27.05 -64.39 39.90
CA ASP F 3677 27.99 -65.43 39.48
C ASP F 3677 28.38 -65.26 38.02
N LEU F 3678 27.40 -64.97 37.16
CA LEU F 3678 27.68 -64.79 35.75
C LEU F 3678 28.45 -63.51 35.45
N SER F 3679 28.28 -62.48 36.27
CA SER F 3679 29.00 -61.23 36.08
C SER F 3679 30.44 -61.31 36.53
N LYS F 3680 30.74 -62.08 37.56
CA LYS F 3680 32.11 -62.22 38.02
C LYS F 3680 32.95 -62.90 36.93
N ALA F 3681 34.04 -62.24 36.54
CA ALA F 3681 35.07 -62.88 35.73
C ALA F 3681 36.15 -63.43 36.63
N GLY F 3682 37.01 -64.27 36.07
CA GLY F 3682 38.03 -64.94 36.86
C GLY F 3682 39.28 -65.24 36.07
N GLU F 3683 40.42 -65.13 36.75
CA GLU F 3683 41.71 -65.61 36.28
C GLU F 3683 42.23 -64.77 35.11
N GLN F 3684 41.46 -63.74 34.74
CA GLN F 3684 41.98 -62.73 33.81
C GLN F 3684 43.38 -62.31 34.22
N GLU F 3685 43.69 -62.33 35.52
CA GLU F 3685 45.02 -62.01 35.98
C GLU F 3685 46.04 -63.10 35.64
N GLU F 3686 45.68 -64.38 35.76
CA GLU F 3686 46.68 -65.41 35.48
C GLU F 3686 47.02 -65.43 34.00
N GLU F 3687 46.00 -65.31 33.14
CA GLU F 3687 46.33 -65.26 31.72
C GLU F 3687 46.83 -63.89 31.28
N GLU F 3688 46.62 -62.86 32.10
CA GLU F 3688 47.21 -61.53 31.89
C GLU F 3688 47.06 -61.11 30.43
N GLU F 3689 45.86 -61.25 29.89
CA GLU F 3689 45.60 -60.88 28.50
C GLU F 3689 45.92 -59.40 28.28
N GLU F 3690 46.93 -59.13 27.46
CA GLU F 3690 47.31 -57.77 27.13
C GLU F 3690 46.44 -57.16 26.04
N VAL F 3691 45.54 -57.95 25.45
CA VAL F 3691 44.58 -57.42 24.49
C VAL F 3691 43.61 -56.54 25.27
N GLU F 3692 43.60 -55.24 24.98
CA GLU F 3692 42.72 -54.33 25.72
C GLU F 3692 41.26 -54.74 25.58
N GLU F 3693 40.91 -55.41 24.49
CA GLU F 3693 39.56 -55.95 24.35
C GLU F 3693 39.42 -57.17 25.24
N LYS F 3694 39.24 -56.95 26.54
CA LYS F 3694 39.07 -58.05 27.47
C LYS F 3694 37.91 -58.92 27.04
N LYS F 3695 38.11 -60.23 27.06
CA LYS F 3695 37.08 -61.14 26.60
C LYS F 3695 35.80 -60.91 27.42
N PRO F 3696 34.63 -60.92 26.80
CA PRO F 3696 33.40 -60.70 27.55
C PRO F 3696 33.21 -61.76 28.62
N ASP F 3697 32.71 -61.33 29.78
CA ASP F 3697 32.43 -62.24 30.87
C ASP F 3697 31.12 -62.99 30.58
N PRO F 3698 30.86 -64.08 31.31
CA PRO F 3698 29.74 -64.96 30.93
C PRO F 3698 28.42 -64.25 30.71
N LEU F 3699 28.06 -63.28 31.57
CA LEU F 3699 26.82 -62.56 31.37
C LEU F 3699 26.85 -61.76 30.07
N HIS F 3700 27.99 -61.12 29.79
CA HIS F 3700 28.14 -60.41 28.53
C HIS F 3700 27.99 -61.35 27.34
N GLN F 3701 28.58 -62.55 27.44
CA GLN F 3701 28.44 -63.51 26.36
C GLN F 3701 27.00 -63.95 26.17
N LEU F 3702 26.26 -64.13 27.25
CA LEU F 3702 24.85 -64.48 27.14
C LEU F 3702 24.08 -63.38 26.42
N VAL F 3703 24.30 -62.13 26.82
CA VAL F 3703 23.60 -61.02 26.18
C VAL F 3703 23.97 -60.94 24.71
N LEU F 3704 25.25 -61.17 24.39
CA LEU F 3704 25.68 -61.15 23.00
C LEU F 3704 25.02 -62.26 22.20
N HIS F 3705 24.86 -63.44 22.80
CA HIS F 3705 24.20 -64.54 22.12
C HIS F 3705 22.76 -64.18 21.79
N PHE F 3706 22.06 -63.57 22.75
CA PHE F 3706 20.68 -63.20 22.48
C PHE F 3706 20.58 -62.07 21.46
N SER F 3707 21.55 -61.15 21.46
CA SER F 3707 21.59 -60.13 20.42
C SER F 3707 21.81 -60.76 19.05
N ARG F 3708 22.69 -61.75 18.98
CA ARG F 3708 22.87 -62.50 17.74
C ARG F 3708 21.55 -63.09 17.27
N THR F 3709 20.85 -63.78 18.16
CA THR F 3709 19.57 -64.39 17.79
C THR F 3709 18.60 -63.34 17.29
N ALA F 3710 18.52 -62.18 17.96
CA ALA F 3710 17.60 -61.13 17.53
C ALA F 3710 17.99 -60.57 16.17
N LEU F 3711 19.28 -60.39 15.92
CA LEU F 3711 19.75 -59.78 14.68
C LEU F 3711 19.72 -60.75 13.50
N THR F 3712 19.64 -62.05 13.74
CA THR F 3712 19.57 -62.99 12.63
C THR F 3712 18.39 -62.65 11.73
N GLU F 3713 18.65 -62.58 10.42
CA GLU F 3713 17.61 -62.26 9.47
C GLU F 3713 16.63 -63.43 9.36
N LYS F 3714 15.35 -63.15 9.58
CA LYS F 3714 14.36 -64.21 9.68
C LYS F 3714 12.98 -63.63 9.46
N SER F 3715 12.04 -64.49 9.06
CA SER F 3715 10.69 -64.03 8.77
C SER F 3715 9.96 -63.64 10.05
N LYS F 3716 10.14 -64.41 11.12
CA LYS F 3716 9.46 -64.14 12.38
C LYS F 3716 10.39 -64.50 13.52
N LEU F 3717 10.00 -64.11 14.72
CA LEU F 3717 10.77 -64.40 15.93
C LEU F 3717 10.18 -65.64 16.59
N ASP F 3718 10.89 -66.76 16.48
CA ASP F 3718 10.41 -68.00 17.07
C ASP F 3718 10.42 -67.91 18.58
N GLU F 3719 9.39 -68.47 19.20
CA GLU F 3719 9.26 -68.44 20.65
C GLU F 3719 10.40 -69.22 21.29
N ASP F 3720 11.08 -68.62 22.26
CA ASP F 3720 12.31 -69.17 22.82
C ASP F 3720 12.22 -69.17 24.35
N TYR F 3721 12.04 -70.36 24.93
CA TYR F 3721 11.87 -70.46 26.37
C TYR F 3721 13.14 -70.01 27.08
N LEU F 3722 14.31 -70.32 26.51
CA LEU F 3722 15.57 -69.89 27.11
C LEU F 3722 15.64 -68.38 27.20
N TYR F 3723 15.31 -67.69 26.10
CA TYR F 3723 15.35 -66.24 26.13
C TYR F 3723 14.37 -65.70 27.16
N MET F 3724 13.16 -66.27 27.21
CA MET F 3724 12.20 -65.77 28.18
C MET F 3724 12.70 -65.96 29.60
N ALA F 3725 13.26 -67.13 29.90
CA ALA F 3725 13.72 -67.42 31.26
C ALA F 3725 14.85 -66.47 31.65
N TYR F 3726 15.80 -66.26 30.75
CA TYR F 3726 16.94 -65.41 31.10
C TYR F 3726 16.54 -63.94 31.13
N ALA F 3727 15.61 -63.52 30.29
CA ALA F 3727 15.08 -62.16 30.39
C ALA F 3727 14.38 -61.96 31.72
N ASP F 3728 13.61 -62.94 32.17
CA ASP F 3728 12.96 -62.83 33.48
C ASP F 3728 14.00 -62.76 34.60
N ILE F 3729 15.04 -63.58 34.51
CA ILE F 3729 16.08 -63.53 35.54
C ILE F 3729 16.75 -62.17 35.57
N MET F 3730 17.11 -61.64 34.40
CA MET F 3730 17.76 -60.34 34.35
C MET F 3730 16.83 -59.25 34.87
N ALA F 3731 15.55 -59.30 34.51
CA ALA F 3731 14.60 -58.30 34.98
C ALA F 3731 14.45 -58.35 36.49
N LYS F 3732 14.37 -59.55 37.06
CA LYS F 3732 14.23 -59.66 38.51
C LYS F 3732 15.51 -59.27 39.23
N SER F 3733 16.65 -59.33 38.55
CA SER F 3733 17.89 -58.92 39.18
C SER F 3733 17.85 -57.46 39.61
N CYS F 3734 17.15 -56.63 38.85
CA CYS F 3734 16.98 -55.21 39.19
C CYS F 3734 15.70 -55.06 40.02
N HIS F 3735 15.87 -55.05 41.34
CA HIS F 3735 14.74 -55.22 42.24
C HIS F 3735 13.79 -54.02 42.18
N LEU F 3736 14.31 -52.82 42.39
CA LEU F 3736 13.46 -51.65 42.55
C LEU F 3736 12.51 -51.87 43.73
N GLU F 3737 13.05 -52.02 44.93
CA GLU F 3737 12.22 -52.21 46.11
C GLU F 3737 11.58 -50.90 46.55
N VAL F 3752 6.62 -47.15 58.83
CA VAL F 3752 7.57 -46.15 59.30
C VAL F 3752 7.96 -45.24 58.15
N GLU F 3753 9.04 -44.47 58.34
CA GLU F 3753 9.55 -43.57 57.33
C GLU F 3753 11.03 -43.87 57.10
N VAL F 3754 11.36 -44.39 55.92
CA VAL F 3754 12.74 -44.70 55.59
C VAL F 3754 13.54 -43.40 55.48
N SER F 3755 14.75 -43.42 56.03
CA SER F 3755 15.57 -42.21 56.07
C SER F 3755 16.00 -41.79 54.68
N PHE F 3756 16.45 -40.54 54.58
CA PHE F 3756 16.96 -40.04 53.31
C PHE F 3756 18.16 -40.83 52.85
N GLU F 3757 19.07 -41.17 53.77
CA GLU F 3757 20.21 -41.99 53.43
C GLU F 3757 19.77 -43.35 52.92
N GLU F 3758 18.74 -43.93 53.56
CA GLU F 3758 18.21 -45.21 53.09
C GLU F 3758 17.66 -45.11 51.67
N LYS F 3759 16.91 -44.04 51.40
CA LYS F 3759 16.37 -43.86 50.05
C LYS F 3759 17.50 -43.75 49.04
N GLU F 3760 18.50 -42.92 49.33
CA GLU F 3760 19.60 -42.74 48.40
C GLU F 3760 20.37 -44.05 48.21
N MET F 3761 20.48 -44.84 49.27
CA MET F 3761 21.24 -46.08 49.18
C MET F 3761 20.50 -47.11 48.33
N GLU F 3762 19.17 -47.18 48.48
CA GLU F 3762 18.39 -48.02 47.59
C GLU F 3762 18.53 -47.56 46.15
N LYS F 3763 18.54 -46.25 45.93
CA LYS F 3763 18.72 -45.72 44.58
C LYS F 3763 20.06 -46.17 44.01
N GLN F 3764 21.12 -46.11 44.81
CA GLN F 3764 22.44 -46.53 44.34
C GLN F 3764 22.47 -48.03 44.05
N ARG F 3765 21.83 -48.85 44.90
CA ARG F 3765 21.75 -50.27 44.58
C ARG F 3765 21.09 -50.48 43.22
N LEU F 3766 19.96 -49.79 43.00
CA LEU F 3766 19.25 -49.99 41.74
C LEU F 3766 20.11 -49.56 40.56
N LEU F 3767 20.83 -48.44 40.69
CA LEU F 3767 21.72 -48.02 39.62
C LEU F 3767 22.80 -49.06 39.35
N TYR F 3768 23.38 -49.64 40.40
CA TYR F 3768 24.41 -50.65 40.20
C TYR F 3768 23.85 -51.89 39.53
N GLN F 3769 22.66 -52.32 39.96
CA GLN F 3769 22.05 -53.50 39.37
C GLN F 3769 21.74 -53.28 37.90
N GLN F 3770 21.26 -52.09 37.56
CA GLN F 3770 20.99 -51.78 36.16
C GLN F 3770 22.27 -51.64 35.36
N SER F 3771 23.34 -51.18 36.00
CA SER F 3771 24.64 -51.09 35.32
C SER F 3771 25.17 -52.47 34.96
N ARG F 3772 25.02 -53.44 35.87
CA ARG F 3772 25.50 -54.78 35.57
C ARG F 3772 24.96 -55.26 34.23
N LEU F 3773 23.77 -54.82 33.84
CA LEU F 3773 23.15 -55.24 32.59
C LEU F 3773 23.46 -54.30 31.43
N HIS F 3774 23.24 -52.99 31.59
CA HIS F 3774 23.40 -52.12 30.43
C HIS F 3774 24.86 -51.85 30.11
N ASN F 3775 25.78 -52.23 30.98
CA ASN F 3775 27.19 -52.22 30.62
C ASN F 3775 27.58 -53.45 29.80
N ARG F 3776 26.63 -54.33 29.52
CA ARG F 3776 26.89 -55.57 28.80
C ARG F 3776 26.00 -55.73 27.57
N GLY F 3777 25.33 -54.67 27.13
CA GLY F 3777 24.56 -54.70 25.92
C GLY F 3777 23.08 -54.98 26.09
N ALA F 3778 22.55 -54.93 27.31
CA ALA F 3778 21.16 -55.28 27.55
C ALA F 3778 20.22 -54.33 26.82
N ALA F 3779 20.54 -53.03 26.80
CA ALA F 3779 19.66 -52.07 26.15
C ALA F 3779 19.58 -52.33 24.65
N GLU F 3780 20.73 -52.53 24.02
CA GLU F 3780 20.74 -52.84 22.59
C GLU F 3780 20.00 -54.14 22.32
N MET F 3781 20.17 -55.13 23.19
CA MET F 3781 19.44 -56.39 23.01
C MET F 3781 17.94 -56.17 23.08
N VAL F 3782 17.49 -55.33 24.03
CA VAL F 3782 16.06 -55.07 24.18
C VAL F 3782 15.51 -54.43 22.92
N LEU F 3783 16.22 -53.41 22.43
CA LEU F 3783 15.75 -52.75 21.21
C LEU F 3783 15.74 -53.71 20.02
N GLN F 3784 16.79 -54.53 19.90
CA GLN F 3784 16.85 -55.47 18.79
C GLN F 3784 15.71 -56.48 18.85
N MET F 3785 15.38 -56.99 20.04
CA MET F 3785 14.28 -57.92 20.17
C MET F 3785 12.92 -57.29 19.90
N ILE F 3786 12.72 -56.05 20.35
CA ILE F 3786 11.48 -55.37 20.03
C ILE F 3786 11.34 -55.19 18.52
N SER F 3787 12.43 -54.82 17.85
CA SER F 3787 12.38 -54.70 16.40
C SER F 3787 12.12 -56.05 15.75
N ALA F 3788 12.72 -57.11 16.29
CA ALA F 3788 12.60 -58.42 15.67
C ALA F 3788 11.22 -59.02 15.82
N CYS F 3789 10.51 -58.68 16.90
CA CYS F 3789 9.17 -59.25 17.06
C CYS F 3789 8.24 -58.85 15.92
N LYS F 3790 8.56 -57.77 15.20
CA LYS F 3790 7.81 -57.35 14.02
C LYS F 3790 6.33 -57.14 14.35
N GLY F 3791 6.07 -56.56 15.51
CA GLY F 3791 4.72 -56.18 15.85
C GLY F 3791 3.80 -57.35 16.18
N GLU F 3792 4.36 -58.49 16.55
CA GLU F 3792 3.58 -59.67 16.91
C GLU F 3792 3.54 -59.79 18.43
N THR F 3793 2.35 -59.68 19.01
CA THR F 3793 2.20 -59.82 20.45
C THR F 3793 2.54 -61.24 20.87
N GLY F 3794 3.15 -61.38 22.04
CA GLY F 3794 3.48 -62.69 22.54
C GLY F 3794 4.35 -62.61 23.77
N ALA F 3795 4.69 -63.78 24.29
CA ALA F 3795 5.55 -63.87 25.46
C ALA F 3795 6.95 -63.32 25.20
N MET F 3796 7.46 -63.49 23.99
CA MET F 3796 8.79 -62.94 23.68
C MET F 3796 8.81 -61.44 23.89
N VAL F 3797 7.87 -60.73 23.27
CA VAL F 3797 7.84 -59.27 23.40
C VAL F 3797 7.44 -58.86 24.82
N SER F 3798 6.59 -59.64 25.49
CA SER F 3798 6.26 -59.30 26.87
C SER F 3798 7.51 -59.34 27.74
N SER F 3799 8.31 -60.40 27.62
CA SER F 3799 9.54 -60.49 28.40
C SER F 3799 10.51 -59.38 28.03
N THR F 3800 10.62 -59.07 26.73
CA THR F 3800 11.51 -58.00 26.32
C THR F 3800 11.10 -56.66 26.92
N LEU F 3801 9.79 -56.37 26.90
CA LEU F 3801 9.31 -55.11 27.46
C LEU F 3801 9.54 -55.05 28.96
N LYS F 3802 9.31 -56.17 29.66
CA LYS F 3802 9.56 -56.18 31.09
C LYS F 3802 11.04 -55.97 31.41
N LEU F 3803 11.93 -56.58 30.63
CA LEU F 3803 13.36 -56.35 30.83
C LEU F 3803 13.72 -54.88 30.58
N GLY F 3804 13.16 -54.30 29.52
CA GLY F 3804 13.43 -52.90 29.24
C GLY F 3804 12.99 -52.00 30.38
N ILE F 3805 11.78 -52.24 30.89
CA ILE F 3805 11.30 -51.47 32.03
C ILE F 3805 12.22 -51.67 33.23
N SER F 3806 12.67 -52.91 33.45
CA SER F 3806 13.50 -53.19 34.60
C SER F 3806 14.80 -52.41 34.55
N ILE F 3807 15.44 -52.33 33.37
CA ILE F 3807 16.69 -51.59 33.27
C ILE F 3807 16.49 -50.09 33.09
N LEU F 3808 15.27 -49.64 32.78
CA LEU F 3808 15.00 -48.23 32.63
C LEU F 3808 14.37 -47.59 33.86
N ASN F 3809 13.95 -48.38 34.84
CA ASN F 3809 13.22 -47.83 35.98
C ASN F 3809 14.02 -46.75 36.67
N GLY F 3810 13.33 -45.73 37.15
CA GLY F 3810 13.98 -44.58 37.71
C GLY F 3810 14.47 -43.57 36.70
N GLY F 3811 14.09 -43.72 35.43
CA GLY F 3811 14.55 -42.82 34.40
C GLY F 3811 16.05 -42.87 34.22
N ASN F 3812 16.61 -44.06 34.09
CA ASN F 3812 18.05 -44.23 33.97
C ASN F 3812 18.58 -43.45 32.78
N ALA F 3813 19.31 -42.38 33.05
CA ALA F 3813 19.81 -41.51 31.98
C ALA F 3813 20.83 -42.24 31.11
N GLU F 3814 21.69 -43.05 31.72
CA GLU F 3814 22.70 -43.76 30.94
C GLU F 3814 22.05 -44.73 29.97
N VAL F 3815 21.05 -45.48 30.45
CA VAL F 3815 20.35 -46.43 29.58
C VAL F 3815 19.61 -45.67 28.49
N GLN F 3816 18.98 -44.56 28.83
CA GLN F 3816 18.30 -43.76 27.82
C GLN F 3816 19.27 -43.32 26.74
N GLN F 3817 20.44 -42.83 27.14
CA GLN F 3817 21.44 -42.39 26.17
C GLN F 3817 21.90 -43.53 25.30
N LYS F 3818 22.15 -44.70 25.89
CA LYS F 3818 22.59 -45.85 25.10
C LYS F 3818 21.53 -46.23 24.08
N MET F 3819 20.27 -46.31 24.50
CA MET F 3819 19.20 -46.67 23.58
C MET F 3819 19.08 -45.67 22.46
N LEU F 3820 19.11 -44.37 22.77
CA LEU F 3820 18.96 -43.36 21.74
C LEU F 3820 20.13 -43.41 20.76
N ASP F 3821 21.35 -43.56 21.27
CA ASP F 3821 22.51 -43.64 20.40
C ASP F 3821 22.41 -44.85 19.48
N TYR F 3822 22.00 -45.99 20.02
CA TYR F 3822 21.87 -47.18 19.18
C TYR F 3822 20.84 -46.94 18.09
N LEU F 3823 19.68 -46.40 18.44
CA LEU F 3823 18.64 -46.19 17.44
C LEU F 3823 19.10 -45.22 16.36
N LYS F 3824 19.73 -44.12 16.76
CA LYS F 3824 20.14 -43.13 15.77
C LYS F 3824 21.29 -43.63 14.92
N ASP F 3825 22.13 -44.51 15.46
CA ASP F 3825 23.24 -45.05 14.67
C ASP F 3825 22.75 -46.08 13.67
N LYS F 3826 21.81 -46.95 14.08
CA LYS F 3826 21.36 -48.00 13.18
C LYS F 3826 20.38 -47.49 12.15
N LYS F 3827 19.57 -46.49 12.50
CA LYS F 3827 18.63 -45.89 11.55
C LYS F 3827 17.68 -46.94 10.97
N GLU F 3828 17.19 -47.81 11.84
CA GLU F 3828 16.26 -48.86 11.43
C GLU F 3828 14.83 -48.44 11.74
N VAL F 3829 13.94 -48.69 10.78
CA VAL F 3829 12.53 -48.30 10.91
C VAL F 3829 11.77 -49.41 11.61
N GLY F 3830 12.41 -50.58 11.74
CA GLY F 3830 11.76 -51.73 12.31
C GLY F 3830 11.29 -51.51 13.73
N PHE F 3831 12.08 -50.80 14.53
CA PHE F 3831 11.73 -50.61 15.93
C PHE F 3831 10.39 -49.88 16.07
N PHE F 3832 10.26 -48.73 15.42
CA PHE F 3832 9.03 -47.97 15.57
C PHE F 3832 7.88 -48.59 14.80
N GLN F 3833 8.16 -49.28 13.69
CA GLN F 3833 7.07 -50.02 13.03
C GLN F 3833 6.52 -51.09 13.96
N SER F 3834 7.39 -51.81 14.66
CA SER F 3834 6.94 -52.83 15.60
C SER F 3834 6.17 -52.21 16.75
N ILE F 3835 6.66 -51.08 17.27
CA ILE F 3835 5.96 -50.42 18.37
C ILE F 3835 4.56 -50.01 17.92
N GLN F 3836 4.45 -49.43 16.72
CA GLN F 3836 3.15 -49.00 16.23
C GLN F 3836 2.21 -50.19 16.05
N ALA F 3837 2.72 -51.28 15.49
CA ALA F 3837 1.88 -52.46 15.30
C ALA F 3837 1.39 -53.01 16.62
N LEU F 3838 2.28 -53.10 17.61
CA LEU F 3838 1.87 -53.59 18.93
C LEU F 3838 0.81 -52.68 19.52
N MET F 3839 1.02 -51.37 19.43
CA MET F 3839 0.08 -50.43 20.01
C MET F 3839 -1.28 -50.51 19.34
N GLN F 3840 -1.31 -50.77 18.03
CA GLN F 3840 -2.57 -51.00 17.36
C GLN F 3840 -3.22 -52.30 17.78
N THR F 3841 -2.44 -53.33 18.08
CA THR F 3841 -3.01 -54.60 18.53
C THR F 3841 -3.48 -54.54 19.98
N CYS F 3842 -3.04 -53.56 20.76
CA CYS F 3842 -3.53 -53.44 22.13
C CYS F 3842 -5.05 -53.33 22.16
N SER F 3843 -5.66 -54.00 23.12
CA SER F 3843 -7.11 -54.15 23.17
C SER F 3843 -7.73 -53.16 24.16
N VAL F 3844 -9.04 -53.00 24.03
CA VAL F 3844 -9.81 -52.11 24.90
C VAL F 3844 -11.04 -52.85 25.41
N LEU F 3845 -11.90 -52.15 26.16
CA LEU F 3845 -13.10 -52.77 26.70
C LEU F 3845 -14.01 -53.23 25.58
N ASP F 3846 -14.50 -54.46 25.68
CA ASP F 3846 -15.36 -55.06 24.65
C ASP F 3846 -16.65 -55.53 25.31
N LEU F 3847 -17.76 -54.86 24.99
CA LEU F 3847 -19.01 -55.17 25.66
C LEU F 3847 -19.61 -56.48 25.18
N ASN F 3848 -19.41 -56.82 23.90
CA ASN F 3848 -19.89 -58.11 23.42
C ASN F 3848 -19.21 -59.23 24.18
N ALA F 3849 -17.89 -59.13 24.36
CA ALA F 3849 -17.17 -60.12 25.15
C ALA F 3849 -17.65 -60.11 26.59
N PHE F 3850 -17.92 -58.93 27.15
CA PHE F 3850 -18.41 -58.86 28.52
C PHE F 3850 -19.73 -59.61 28.67
N GLU F 3851 -20.65 -59.39 27.74
CA GLU F 3851 -21.96 -60.05 27.82
C GLU F 3851 -21.83 -61.55 27.63
N ARG F 3852 -20.96 -61.97 26.71
CA ARG F 3852 -20.73 -63.40 26.52
C ARG F 3852 -20.17 -64.03 27.79
N GLN F 3853 -19.24 -63.34 28.44
CA GLN F 3853 -18.70 -63.83 29.70
C GLN F 3853 -19.79 -63.89 30.78
N ASN F 3854 -20.67 -62.89 30.80
CA ASN F 3854 -21.75 -62.89 31.78
C ASN F 3854 -22.64 -64.11 31.59
N LYS F 3855 -23.01 -64.41 30.35
CA LYS F 3855 -23.84 -65.59 30.11
C LYS F 3855 -23.10 -66.88 30.43
N ALA F 3856 -21.80 -66.94 30.11
CA ALA F 3856 -21.02 -68.12 30.45
C ALA F 3856 -21.00 -68.35 31.95
N GLU F 3857 -20.81 -67.28 32.73
CA GLU F 3857 -20.84 -67.41 34.18
C GLU F 3857 -22.23 -67.80 34.67
N GLY F 3858 -23.27 -67.23 34.08
CA GLY F 3858 -24.62 -67.62 34.45
C GLY F 3858 -24.86 -69.10 34.26
N LEU F 3859 -24.33 -69.66 33.17
CA LEU F 3859 -24.34 -71.10 33.01
C LEU F 3859 -23.51 -71.74 34.11
N GLY F 3860 -24.05 -72.81 34.70
CA GLY F 3860 -23.34 -73.54 35.73
C GLY F 3860 -23.30 -75.03 35.44
N MET F 3861 -22.11 -75.63 35.46
CA MET F 3861 -21.98 -77.04 35.12
C MET F 3861 -22.84 -77.90 36.03
N VAL F 3862 -23.61 -78.82 35.43
CA VAL F 3862 -24.49 -79.68 36.21
C VAL F 3862 -23.68 -80.73 36.97
N ASN F 3863 -22.93 -81.53 36.22
CA ASN F 3863 -22.05 -82.51 36.85
C ASN F 3863 -21.02 -81.80 37.73
N GLU F 3864 -20.34 -82.57 38.58
CA GLU F 3864 -19.38 -82.00 39.51
C GLU F 3864 -18.45 -81.02 38.82
N ASP F 3865 -18.53 -79.75 39.23
CA ASP F 3865 -17.81 -78.68 38.55
C ASP F 3865 -16.31 -79.00 38.48
N GLY F 3866 -15.70 -79.31 39.62
CA GLY F 3866 -14.28 -79.60 39.63
C GLY F 3866 -13.91 -80.76 38.72
N THR F 3867 -14.75 -81.81 38.72
CA THR F 3867 -14.48 -82.95 37.84
C THR F 3867 -14.62 -82.56 36.37
N VAL F 3868 -15.33 -81.47 36.09
CA VAL F 3868 -15.56 -81.05 34.71
C VAL F 3868 -14.87 -79.69 34.52
N ILE F 3869 -14.96 -79.13 33.32
CA ILE F 3869 -14.26 -77.88 32.99
C ILE F 3869 -14.43 -76.84 34.09
N ASN F 3870 -15.54 -76.86 34.82
CA ASN F 3870 -15.76 -75.93 35.93
C ASN F 3870 -15.77 -74.49 35.44
N ARG F 3871 -16.21 -74.30 34.21
CA ARG F 3871 -16.24 -72.97 33.58
C ARG F 3871 -14.86 -72.34 33.63
N GLN F 3872 -13.89 -73.06 33.09
CA GLN F 3872 -12.50 -72.60 33.03
C GLN F 3872 -12.38 -71.54 31.95
N ASN F 3873 -12.97 -70.38 32.23
CA ASN F 3873 -12.97 -69.24 31.32
C ASN F 3873 -12.10 -68.12 31.89
N GLY F 3874 -11.14 -67.66 31.10
CA GLY F 3874 -10.31 -66.55 31.51
C GLY F 3874 -10.93 -65.21 31.16
N GLU F 3875 -10.33 -64.15 31.68
CA GLU F 3875 -10.82 -62.82 31.41
C GLU F 3875 -10.73 -62.51 29.92
N LYS F 3876 -11.89 -62.27 29.31
CA LYS F 3876 -11.96 -61.96 27.89
C LYS F 3876 -12.03 -60.47 27.62
N VAL F 3877 -12.26 -59.65 28.64
CA VAL F 3877 -12.35 -58.21 28.48
C VAL F 3877 -11.01 -57.60 28.87
N MET F 3878 -10.34 -56.97 27.91
CA MET F 3878 -9.00 -56.43 28.10
C MET F 3878 -8.10 -57.48 28.76
N ALA F 3879 -7.91 -58.59 28.06
CA ALA F 3879 -7.07 -59.66 28.57
C ALA F 3879 -5.59 -59.31 28.55
N ASP F 3880 -5.20 -58.31 27.76
CA ASP F 3880 -3.80 -57.89 27.65
C ASP F 3880 -3.54 -56.56 28.32
N ASP F 3881 -4.27 -56.23 29.39
CA ASP F 3881 -4.07 -54.97 30.07
C ASP F 3881 -2.65 -54.87 30.61
N GLU F 3882 -2.11 -55.98 31.11
CA GLU F 3882 -0.75 -55.98 31.61
C GLU F 3882 0.24 -55.62 30.51
N PHE F 3883 0.06 -56.21 29.32
CA PHE F 3883 0.95 -55.89 28.21
C PHE F 3883 0.81 -54.44 27.78
N THR F 3884 -0.42 -53.93 27.72
CA THR F 3884 -0.60 -52.54 27.33
C THR F 3884 0.07 -51.60 28.33
N GLN F 3885 -0.09 -51.87 29.62
CA GLN F 3885 0.56 -51.07 30.63
C GLN F 3885 2.08 -51.17 30.52
N ASP F 3886 2.61 -52.35 30.23
CA ASP F 3886 4.06 -52.48 30.07
C ASP F 3886 4.55 -51.67 28.87
N LEU F 3887 3.82 -51.74 27.75
CA LEU F 3887 4.23 -50.99 26.57
C LEU F 3887 4.27 -49.50 26.85
N PHE F 3888 3.20 -48.98 27.44
CA PHE F 3888 3.15 -47.54 27.67
C PHE F 3888 4.09 -47.11 28.79
N ARG F 3889 4.35 -47.98 29.76
CA ARG F 3889 5.36 -47.70 30.77
C ARG F 3889 6.74 -47.62 30.14
N PHE F 3890 7.04 -48.52 29.20
CA PHE F 3890 8.31 -48.47 28.51
C PHE F 3890 8.46 -47.16 27.75
N LEU F 3891 7.42 -46.77 27.01
CA LEU F 3891 7.50 -45.51 26.28
C LEU F 3891 7.66 -44.32 27.22
N GLN F 3892 6.95 -44.32 28.34
CA GLN F 3892 7.12 -43.24 29.32
C GLN F 3892 8.53 -43.21 29.88
N LEU F 3893 9.07 -44.38 30.24
CA LEU F 3893 10.40 -44.46 30.79
C LEU F 3893 11.46 -43.99 29.82
N LEU F 3894 11.22 -44.13 28.52
CA LEU F 3894 12.17 -43.59 27.56
C LEU F 3894 12.32 -42.09 27.70
N CYS F 3895 11.22 -41.37 27.91
CA CYS F 3895 11.24 -39.91 28.00
C CYS F 3895 11.34 -39.39 29.42
N GLU F 3896 11.27 -40.24 30.43
CA GLU F 3896 11.22 -39.75 31.80
C GLU F 3896 12.48 -38.98 32.16
N GLY F 3897 12.31 -37.94 32.97
CA GLY F 3897 13.40 -37.05 33.29
C GLY F 3897 13.53 -35.86 32.37
N HIS F 3898 12.51 -35.58 31.56
CA HIS F 3898 12.55 -34.49 30.59
C HIS F 3898 13.70 -34.68 29.62
N ASN F 3899 13.77 -35.87 29.03
CA ASN F 3899 14.78 -36.19 28.02
C ASN F 3899 14.28 -35.62 26.69
N ASN F 3900 14.74 -34.41 26.37
CA ASN F 3900 14.27 -33.74 25.17
C ASN F 3900 14.60 -34.55 23.92
N ASP F 3901 15.73 -35.26 23.92
CA ASP F 3901 16.16 -35.98 22.73
C ASP F 3901 15.17 -37.08 22.37
N PHE F 3902 14.83 -37.94 23.34
CA PHE F 3902 13.75 -38.91 23.09
C PHE F 3902 12.41 -38.24 22.87
N GLN F 3903 12.11 -37.17 23.60
CA GLN F 3903 10.81 -36.52 23.40
C GLN F 3903 10.66 -36.09 21.94
N ASN F 3904 11.75 -35.71 21.29
CA ASN F 3904 11.67 -35.33 19.88
C ASN F 3904 11.76 -36.56 18.97
N TYR F 3905 12.58 -37.54 19.34
CA TYR F 3905 12.76 -38.71 18.49
C TYR F 3905 11.47 -39.51 18.37
N LEU F 3906 10.73 -39.63 19.47
CA LEU F 3906 9.47 -40.37 19.43
C LEU F 3906 8.46 -39.72 18.49
N ARG F 3907 8.66 -38.45 18.14
CA ARG F 3907 7.79 -37.76 17.20
C ARG F 3907 8.31 -37.82 15.78
N THR F 3908 9.60 -37.55 15.58
CA THR F 3908 10.19 -37.57 14.25
C THR F 3908 11.58 -38.20 14.31
N GLN F 3909 11.76 -39.29 13.58
CA GLN F 3909 13.06 -39.93 13.41
C GLN F 3909 13.70 -39.32 12.17
N THR F 3910 14.55 -38.31 12.40
CA THR F 3910 15.09 -37.53 11.29
C THR F 3910 15.90 -38.38 10.32
N GLY F 3911 16.82 -39.19 10.85
CA GLY F 3911 17.69 -39.97 9.98
C GLY F 3911 16.94 -41.01 9.18
N ASN F 3912 15.94 -41.64 9.79
CA ASN F 3912 15.27 -42.75 9.14
C ASN F 3912 14.61 -42.32 7.83
N THR F 3913 14.41 -43.28 6.94
CA THR F 3913 13.74 -42.98 5.68
C THR F 3913 12.27 -42.63 5.90
N THR F 3914 11.62 -43.33 6.82
CA THR F 3914 10.22 -43.06 7.16
C THR F 3914 10.11 -42.89 8.67
N THR F 3915 9.26 -41.95 9.10
CA THR F 3915 9.06 -41.65 10.50
C THR F 3915 7.66 -42.07 10.93
N ILE F 3916 7.54 -42.40 12.22
CA ILE F 3916 6.27 -42.75 12.83
C ILE F 3916 6.08 -41.88 14.06
N ASN F 3917 4.92 -41.26 14.17
CA ASN F 3917 4.65 -40.33 15.28
C ASN F 3917 4.04 -41.13 16.43
N ILE F 3918 4.90 -41.59 17.34
CA ILE F 3918 4.42 -42.37 18.47
C ILE F 3918 3.50 -41.54 19.36
N ILE F 3919 3.68 -40.22 19.37
CA ILE F 3919 2.75 -39.38 20.13
C ILE F 3919 1.34 -39.55 19.59
N ILE F 3920 1.18 -39.46 18.27
CA ILE F 3920 -0.14 -39.59 17.67
C ILE F 3920 -0.65 -41.02 17.81
N CYS F 3921 0.22 -42.02 17.76
CA CYS F 3921 -0.24 -43.38 17.99
C CYS F 3921 -0.79 -43.55 19.41
N THR F 3922 -0.12 -42.97 20.39
CA THR F 3922 -0.63 -42.99 21.76
C THR F 3922 -1.98 -42.29 21.86
N VAL F 3923 -2.11 -41.14 21.20
CA VAL F 3923 -3.39 -40.44 21.20
C VAL F 3923 -4.48 -41.31 20.59
N ASP F 3924 -4.16 -42.01 19.51
CA ASP F 3924 -5.16 -42.86 18.86
C ASP F 3924 -5.60 -43.98 19.79
N TYR F 3925 -4.65 -44.63 20.47
CA TYR F 3925 -5.05 -45.66 21.42
C TYR F 3925 -5.90 -45.07 22.54
N LEU F 3926 -5.55 -43.89 23.02
CA LEU F 3926 -6.34 -43.26 24.06
C LEU F 3926 -7.76 -42.99 23.59
N LEU F 3927 -7.91 -42.55 22.35
CA LEU F 3927 -9.26 -42.31 21.82
C LEU F 3927 -10.05 -43.60 21.75
N ARG F 3928 -9.43 -44.69 21.30
CA ARG F 3928 -10.12 -45.97 21.28
C ARG F 3928 -10.56 -46.38 22.68
N LEU F 3929 -9.66 -46.24 23.65
CA LEU F 3929 -10.00 -46.62 25.02
C LEU F 3929 -11.13 -45.76 25.57
N GLN F 3930 -11.09 -44.45 25.28
CA GLN F 3930 -12.15 -43.57 25.75
C GLN F 3930 -13.50 -43.96 25.17
N GLU F 3931 -13.53 -44.28 23.87
CA GLU F 3931 -14.78 -44.71 23.26
C GLU F 3931 -15.29 -45.99 23.92
N SER F 3932 -14.40 -46.95 24.18
CA SER F 3932 -14.83 -48.18 24.83
C SER F 3932 -15.39 -47.90 26.21
N ILE F 3933 -14.72 -47.04 26.97
CA ILE F 3933 -15.18 -46.74 28.33
C ILE F 3933 -16.53 -46.03 28.30
N SER F 3934 -16.73 -45.12 27.34
CA SER F 3934 -18.02 -44.46 27.22
C SER F 3934 -19.11 -45.46 26.89
N ASP F 3935 -18.83 -46.41 25.99
CA ASP F 3935 -19.82 -47.44 25.69
C ASP F 3935 -20.16 -48.25 26.92
N PHE F 3936 -19.15 -48.61 27.70
CA PHE F 3936 -19.38 -49.43 28.88
C PHE F 3936 -20.19 -48.68 29.93
N TYR F 3937 -19.89 -47.38 30.10
CA TYR F 3937 -20.70 -46.56 30.98
C TYR F 3937 -22.15 -46.51 30.50
N TRP F 3938 -22.37 -46.23 29.22
CA TRP F 3938 -23.73 -46.21 28.70
C TRP F 3938 -24.44 -47.53 28.97
N TYR F 3939 -23.71 -48.64 28.88
CA TYR F 3939 -24.31 -49.93 29.23
C TYR F 3939 -24.77 -49.94 30.68
N TYR F 3940 -23.96 -49.41 31.59
CA TYR F 3940 -24.31 -49.44 33.01
C TYR F 3940 -25.10 -48.22 33.48
N SER F 3941 -25.51 -47.34 32.57
CA SER F 3941 -26.14 -46.08 33.00
C SER F 3941 -27.47 -46.33 33.68
N GLY F 3942 -28.33 -47.15 33.08
CA GLY F 3942 -29.64 -47.41 33.63
C GLY F 3942 -29.60 -48.14 34.95
N LYS F 3943 -28.73 -49.14 35.05
CA LYS F 3943 -28.67 -49.97 36.23
C LYS F 3943 -28.36 -49.13 37.47
N ASP F 3944 -29.02 -49.46 38.58
CA ASP F 3944 -28.84 -48.69 39.81
C ASP F 3944 -27.44 -48.89 40.39
N VAL F 3945 -26.94 -50.12 40.39
CA VAL F 3945 -25.65 -50.44 40.97
C VAL F 3945 -24.84 -51.25 39.96
N ILE F 3946 -23.53 -51.19 40.11
CA ILE F 3946 -22.61 -51.91 39.22
C ILE F 3946 -22.13 -53.15 39.94
N GLU F 3947 -22.21 -54.29 39.25
CA GLU F 3947 -21.81 -55.55 39.85
C GLU F 3947 -20.30 -55.72 39.81
N GLU F 3948 -19.83 -56.81 40.44
CA GLU F 3948 -18.42 -56.95 40.75
C GLU F 3948 -17.56 -57.04 39.50
N GLN F 3949 -17.99 -57.82 38.51
CA GLN F 3949 -17.20 -57.93 37.29
C GLN F 3949 -17.17 -56.61 36.52
N GLY F 3950 -18.29 -55.88 36.53
CA GLY F 3950 -18.28 -54.55 35.95
C GLY F 3950 -17.28 -53.64 36.65
N LYS F 3951 -17.21 -53.71 37.97
CA LYS F 3951 -16.25 -52.91 38.71
C LYS F 3951 -14.83 -53.28 38.33
N ARG F 3952 -14.56 -54.58 38.22
CA ARG F 3952 -13.21 -55.02 37.86
C ARG F 3952 -12.84 -54.53 36.47
N ASN F 3953 -13.76 -54.61 35.52
CA ASN F 3953 -13.47 -54.14 34.17
C ASN F 3953 -13.23 -52.64 34.15
N PHE F 3954 -14.05 -51.87 34.87
CA PHE F 3954 -13.78 -50.44 35.00
C PHE F 3954 -12.40 -50.20 35.57
N SER F 3955 -12.02 -50.94 36.61
CA SER F 3955 -10.72 -50.72 37.23
C SER F 3955 -9.59 -51.00 36.26
N LYS F 3956 -9.70 -52.09 35.50
CA LYS F 3956 -8.66 -52.39 34.51
C LYS F 3956 -8.56 -51.29 33.47
N ALA F 3957 -9.68 -50.91 32.87
CA ALA F 3957 -9.65 -49.86 31.85
C ALA F 3957 -9.09 -48.56 32.41
N MET F 3958 -9.45 -48.24 33.65
CA MET F 3958 -9.03 -46.98 34.24
C MET F 3958 -7.55 -47.00 34.60
N SER F 3959 -7.02 -48.14 35.04
CA SER F 3959 -5.57 -48.23 35.23
C SER F 3959 -4.83 -48.03 33.92
N VAL F 3960 -5.31 -48.65 32.84
CA VAL F 3960 -4.65 -48.49 31.56
C VAL F 3960 -4.72 -47.03 31.12
N ALA F 3961 -5.88 -46.39 31.28
CA ALA F 3961 -6.02 -45.00 30.89
C ALA F 3961 -5.11 -44.10 31.71
N LYS F 3962 -4.96 -44.39 33.00
CA LYS F 3962 -4.04 -43.63 33.83
C LYS F 3962 -2.61 -43.76 33.33
N GLN F 3963 -2.20 -44.97 32.97
CA GLN F 3963 -0.86 -45.15 32.45
C GLN F 3963 -0.67 -44.37 31.15
N VAL F 3964 -1.67 -44.39 30.27
CA VAL F 3964 -1.55 -43.68 29.00
C VAL F 3964 -1.44 -42.17 29.24
N PHE F 3965 -2.24 -41.65 30.17
CA PHE F 3965 -2.17 -40.23 30.48
C PHE F 3965 -0.80 -39.85 31.02
N ASN F 3966 -0.25 -40.71 31.89
CA ASN F 3966 1.10 -40.47 32.39
C ASN F 3966 2.11 -40.46 31.26
N SER F 3967 1.97 -41.37 30.30
CA SER F 3967 2.90 -41.40 29.17
C SER F 3967 2.81 -40.12 28.35
N LEU F 3968 1.59 -39.63 28.10
CA LEU F 3968 1.45 -38.39 27.36
C LEU F 3968 2.07 -37.21 28.12
N THR F 3969 1.83 -37.14 29.43
CA THR F 3969 2.42 -36.08 30.22
C THR F 3969 3.94 -36.13 30.15
N GLU F 3970 4.51 -37.33 30.22
CA GLU F 3970 5.95 -37.48 30.09
C GLU F 3970 6.44 -37.08 28.71
N TYR F 3971 5.65 -37.34 27.67
CA TYR F 3971 6.03 -36.87 26.34
C TYR F 3971 6.14 -35.36 26.29
N ILE F 3972 5.19 -34.64 26.88
CA ILE F 3972 5.09 -33.20 26.67
C ILE F 3972 5.89 -32.38 27.67
N GLN F 3973 6.09 -32.86 28.89
CA GLN F 3973 6.73 -32.02 29.90
C GLN F 3973 8.18 -31.72 29.53
N GLY F 3974 8.66 -30.58 30.01
CA GLY F 3974 10.04 -30.18 29.81
C GLY F 3974 10.22 -28.71 29.48
N PRO F 3975 9.32 -28.11 28.67
CA PRO F 3975 8.32 -28.65 27.76
C PRO F 3975 8.90 -28.98 26.40
N CYS F 3976 8.40 -30.02 25.75
CA CYS F 3976 8.77 -30.35 24.38
C CYS F 3976 7.76 -29.67 23.47
N THR F 3977 8.14 -28.51 22.93
CA THR F 3977 7.20 -27.71 22.16
C THR F 3977 6.70 -28.46 20.94
N GLY F 3978 7.56 -29.25 20.31
CA GLY F 3978 7.12 -30.03 19.17
C GLY F 3978 6.00 -30.98 19.52
N ASN F 3979 6.15 -31.70 20.62
CA ASN F 3979 5.10 -32.61 21.06
C ASN F 3979 3.85 -31.85 21.49
N GLN F 3980 4.02 -30.68 22.10
CA GLN F 3980 2.85 -29.88 22.47
C GLN F 3980 2.05 -29.50 21.24
N GLN F 3981 2.72 -29.01 20.20
CA GLN F 3981 2.03 -28.67 18.96
C GLN F 3981 1.38 -29.91 18.34
N SER F 3982 2.10 -31.03 18.33
CA SER F 3982 1.58 -32.24 17.71
C SER F 3982 0.30 -32.69 18.41
N LEU F 3983 0.29 -32.65 19.74
CA LEU F 3983 -0.93 -33.03 20.47
C LEU F 3983 -2.03 -31.99 20.29
N ALA F 3984 -1.67 -30.70 20.21
CA ALA F 3984 -2.69 -29.69 19.98
C ALA F 3984 -3.41 -29.92 18.66
N HIS F 3985 -2.69 -30.41 17.65
CA HIS F 3985 -3.27 -30.69 16.34
C HIS F 3985 -3.67 -32.15 16.19
N SER F 3986 -4.11 -32.80 17.26
CA SER F 3986 -4.46 -34.21 17.23
C SER F 3986 -5.90 -34.40 17.69
N ARG F 3987 -6.29 -35.67 17.83
CA ARG F 3987 -7.62 -36.05 18.31
C ARG F 3987 -7.69 -36.10 19.83
N LEU F 3988 -6.69 -35.53 20.51
CA LEU F 3988 -6.68 -35.59 21.97
C LEU F 3988 -7.88 -34.87 22.56
N TRP F 3989 -8.29 -33.77 21.95
CA TRP F 3989 -9.39 -32.98 22.52
C TRP F 3989 -10.67 -33.79 22.58
N ASP F 3990 -10.95 -34.58 21.54
CA ASP F 3990 -12.14 -35.41 21.54
C ASP F 3990 -12.11 -36.43 22.68
N ALA F 3991 -10.94 -37.04 22.88
CA ALA F 3991 -10.79 -37.99 23.98
C ALA F 3991 -11.03 -37.30 25.33
N VAL F 3992 -10.51 -36.08 25.49
CA VAL F 3992 -10.71 -35.35 26.73
C VAL F 3992 -12.19 -35.05 26.94
N VAL F 3993 -12.89 -34.67 25.86
CA VAL F 3993 -14.31 -34.37 25.99
C VAL F 3993 -15.08 -35.62 26.43
N GLY F 3994 -14.82 -36.75 25.79
CA GLY F 3994 -15.50 -37.97 26.19
C GLY F 3994 -15.18 -38.36 27.61
N PHE F 3995 -13.91 -38.22 28.00
CA PHE F 3995 -13.52 -38.55 29.37
C PHE F 3995 -14.21 -37.63 30.36
N LEU F 3996 -14.36 -36.35 30.02
CA LEU F 3996 -15.06 -35.44 30.92
C LEU F 3996 -16.52 -35.85 31.10
N HIS F 3997 -17.18 -36.22 30.02
CA HIS F 3997 -18.57 -36.67 30.14
C HIS F 3997 -18.65 -37.90 31.04
N VAL F 3998 -17.80 -38.89 30.80
CA VAL F 3998 -17.82 -40.10 31.61
C VAL F 3998 -17.53 -39.78 33.06
N PHE F 3999 -16.53 -38.92 33.31
CA PHE F 3999 -16.18 -38.56 34.68
C PHE F 3999 -17.35 -37.93 35.39
N ALA F 4000 -18.00 -36.94 34.76
CA ALA F 4000 -19.10 -36.27 35.41
C ALA F 4000 -20.19 -37.26 35.80
N HIS F 4001 -20.65 -38.06 34.84
CA HIS F 4001 -21.78 -38.92 35.12
C HIS F 4001 -21.41 -40.04 36.08
N MET F 4002 -20.21 -40.62 35.93
CA MET F 4002 -19.80 -41.68 36.83
C MET F 4002 -19.59 -41.18 38.25
N MET F 4003 -19.08 -39.97 38.42
CA MET F 4003 -18.96 -39.42 39.76
C MET F 4003 -20.34 -39.25 40.37
N MET F 4004 -21.26 -38.62 39.63
CA MET F 4004 -22.58 -38.39 40.18
C MET F 4004 -23.26 -39.70 40.56
N LYS F 4005 -23.02 -40.76 39.79
CA LYS F 4005 -23.64 -42.04 40.11
C LYS F 4005 -22.94 -42.72 41.28
N LEU F 4006 -21.64 -42.93 41.16
CA LEU F 4006 -20.89 -43.66 42.19
C LEU F 4006 -20.96 -42.99 43.54
N ALA F 4007 -21.23 -41.69 43.59
CA ALA F 4007 -21.37 -41.04 44.90
C ALA F 4007 -22.53 -41.61 45.70
N GLN F 4008 -23.64 -41.90 45.03
CA GLN F 4008 -24.88 -42.26 45.73
C GLN F 4008 -24.79 -43.59 46.45
N ASP F 4009 -23.76 -44.39 46.23
CA ASP F 4009 -23.59 -45.66 46.90
C ASP F 4009 -22.27 -45.69 47.67
N SER F 4010 -22.22 -46.56 48.67
CA SER F 4010 -21.04 -46.68 49.52
C SER F 4010 -20.24 -47.96 49.27
N SER F 4011 -20.81 -48.93 48.54
CA SER F 4011 -20.09 -50.16 48.26
C SER F 4011 -19.05 -49.97 47.15
N GLN F 4012 -19.00 -48.79 46.53
CA GLN F 4012 -18.14 -48.52 45.39
C GLN F 4012 -17.27 -47.28 45.61
N ILE F 4013 -16.95 -47.01 46.88
CA ILE F 4013 -16.07 -45.89 47.20
C ILE F 4013 -14.71 -46.10 46.54
N GLU F 4014 -14.25 -47.35 46.48
CA GLU F 4014 -12.94 -47.61 45.87
C GLU F 4014 -12.94 -47.24 44.40
N LEU F 4015 -13.99 -47.61 43.67
CA LEU F 4015 -14.08 -47.23 42.27
C LEU F 4015 -14.15 -45.72 42.13
N LEU F 4016 -14.91 -45.05 43.00
CA LEU F 4016 -14.96 -43.60 42.93
C LEU F 4016 -13.58 -42.98 43.15
N LYS F 4017 -12.83 -43.52 44.11
CA LYS F 4017 -11.48 -43.02 44.37
C LYS F 4017 -10.59 -43.19 43.15
N GLU F 4018 -10.64 -44.37 42.52
CA GLU F 4018 -9.81 -44.61 41.35
C GLU F 4018 -10.20 -43.67 40.20
N LEU F 4019 -11.50 -43.44 40.02
CA LEU F 4019 -11.95 -42.50 39.01
C LEU F 4019 -11.41 -41.11 39.28
N LEU F 4020 -11.45 -40.68 40.54
CA LEU F 4020 -10.94 -39.36 40.89
C LEU F 4020 -9.44 -39.26 40.62
N ASP F 4021 -8.69 -40.32 40.91
CA ASP F 4021 -7.26 -40.32 40.62
C ASP F 4021 -7.01 -40.19 39.12
N LEU F 4022 -7.76 -40.93 38.31
CA LEU F 4022 -7.62 -40.82 36.87
C LEU F 4022 -7.93 -39.40 36.39
N GLN F 4023 -8.96 -38.79 36.98
CA GLN F 4023 -9.31 -37.42 36.62
C GLN F 4023 -8.16 -36.47 36.96
N LYS F 4024 -7.55 -36.64 38.13
CA LYS F 4024 -6.40 -35.83 38.48
C LYS F 4024 -5.29 -35.97 37.44
N ASP F 4025 -5.04 -37.20 37.00
CA ASP F 4025 -3.98 -37.40 36.01
C ASP F 4025 -4.31 -36.72 34.70
N MET F 4026 -5.58 -36.77 34.27
CA MET F 4026 -5.98 -36.04 33.07
C MET F 4026 -5.73 -34.54 33.22
N VAL F 4027 -6.11 -33.97 34.37
CA VAL F 4027 -5.92 -32.53 34.56
C VAL F 4027 -4.44 -32.19 34.57
N VAL F 4028 -3.62 -33.07 35.15
CA VAL F 4028 -2.18 -32.85 35.15
C VAL F 4028 -1.64 -32.84 33.72
N MET F 4029 -2.15 -33.74 32.89
CA MET F 4029 -1.72 -33.76 31.49
C MET F 4029 -2.09 -32.46 30.78
N LEU F 4030 -3.30 -31.95 31.05
CA LEU F 4030 -3.70 -30.68 30.45
C LEU F 4030 -2.79 -29.54 30.91
N LEU F 4031 -2.50 -29.50 32.21
CA LEU F 4031 -1.62 -28.46 32.72
C LEU F 4031 -0.25 -28.55 32.07
N SER F 4032 0.28 -29.76 31.90
CA SER F 4032 1.54 -29.93 31.20
C SER F 4032 1.46 -29.41 29.77
N LEU F 4033 0.33 -29.65 29.10
CA LEU F 4033 0.12 -29.04 27.78
C LEU F 4033 0.22 -27.53 27.84
N LEU F 4034 -0.23 -26.91 28.93
CA LEU F 4034 -0.19 -25.46 29.06
C LEU F 4034 1.17 -24.93 29.52
N GLU F 4035 2.22 -25.74 29.45
CA GLU F 4035 3.55 -25.28 29.82
C GLU F 4035 4.09 -24.35 28.73
N GLY F 4036 4.87 -23.36 29.14
CA GLY F 4036 5.39 -22.40 28.17
C GLY F 4036 4.33 -21.63 27.44
N ASN F 4037 3.15 -21.50 28.03
CA ASN F 4037 2.02 -20.87 27.36
C ASN F 4037 2.31 -19.40 27.09
N VAL F 4038 1.67 -18.89 26.04
CA VAL F 4038 1.71 -17.47 25.72
C VAL F 4038 0.28 -16.94 25.73
N VAL F 4039 0.15 -15.62 25.82
CA VAL F 4039 -1.17 -15.01 25.81
C VAL F 4039 -1.80 -15.22 24.44
N ASN F 4040 -3.07 -15.61 24.44
CA ASN F 4040 -3.79 -15.93 23.22
C ASN F 4040 -3.08 -17.03 22.43
N GLY F 4041 -2.41 -17.94 23.13
CA GLY F 4041 -1.74 -19.02 22.45
C GLY F 4041 -2.71 -19.99 21.81
N MET F 4042 -2.20 -20.72 20.81
CA MET F 4042 -3.05 -21.65 20.07
C MET F 4042 -3.55 -22.77 20.96
N ILE F 4043 -2.66 -23.34 21.78
CA ILE F 4043 -3.08 -24.43 22.67
C ILE F 4043 -4.09 -23.92 23.67
N ALA F 4044 -3.88 -22.72 24.21
CA ALA F 4044 -4.83 -22.16 25.15
C ALA F 4044 -6.20 -21.98 24.50
N ARG F 4045 -6.23 -21.43 23.29
CA ARG F 4045 -7.51 -21.23 22.61
C ARG F 4045 -8.20 -22.55 22.32
N GLN F 4046 -7.44 -23.57 21.91
CA GLN F 4046 -8.05 -24.85 21.62
C GLN F 4046 -8.57 -25.51 22.89
N MET F 4047 -7.87 -25.33 24.01
CA MET F 4047 -8.35 -25.89 25.27
C MET F 4047 -9.61 -25.16 25.73
N VAL F 4048 -9.68 -23.85 25.51
CA VAL F 4048 -10.89 -23.12 25.82
C VAL F 4048 -12.05 -23.62 24.98
N ASP F 4049 -11.80 -23.87 23.69
CA ASP F 4049 -12.85 -24.42 22.83
C ASP F 4049 -13.29 -25.79 23.33
N MET F 4050 -12.34 -26.63 23.75
CA MET F 4050 -12.70 -27.94 24.28
C MET F 4050 -13.58 -27.82 25.52
N LEU F 4051 -13.21 -26.93 26.44
CA LEU F 4051 -14.02 -26.76 27.64
C LEU F 4051 -15.41 -26.25 27.29
N VAL F 4052 -15.50 -25.29 26.37
CA VAL F 4052 -16.81 -24.78 25.97
C VAL F 4052 -17.65 -25.90 25.37
N GLU F 4053 -17.02 -26.76 24.57
CA GLU F 4053 -17.75 -27.89 23.99
C GLU F 4053 -18.27 -28.82 25.08
N SER F 4054 -17.46 -29.07 26.10
CA SER F 4054 -17.84 -29.95 27.21
C SER F 4054 -18.35 -29.17 28.42
N SER F 4055 -18.99 -28.03 28.19
CA SER F 4055 -19.35 -27.13 29.29
C SER F 4055 -20.17 -27.83 30.37
N SER F 4056 -21.24 -28.51 29.98
CA SER F 4056 -22.19 -29.04 30.96
C SER F 4056 -21.51 -30.04 31.89
N ASN F 4057 -20.69 -30.93 31.33
CA ASN F 4057 -19.99 -31.90 32.16
C ASN F 4057 -19.03 -31.22 33.13
N VAL F 4058 -18.33 -30.19 32.66
CA VAL F 4058 -17.47 -29.42 33.56
C VAL F 4058 -18.29 -28.80 34.68
N GLU F 4059 -19.46 -28.27 34.35
CA GLU F 4059 -20.31 -27.69 35.37
C GLU F 4059 -20.71 -28.73 36.41
N MET F 4060 -21.06 -29.93 35.97
CA MET F 4060 -21.43 -30.98 36.92
C MET F 4060 -20.24 -31.34 37.81
N ILE F 4061 -19.05 -31.46 37.23
CA ILE F 4061 -17.86 -31.77 38.02
C ILE F 4061 -17.63 -30.69 39.07
N LEU F 4062 -17.73 -29.43 38.66
CA LEU F 4062 -17.49 -28.33 39.59
C LEU F 4062 -18.52 -28.34 40.71
N LYS F 4063 -19.78 -28.61 40.38
CA LYS F 4063 -20.81 -28.68 41.41
C LYS F 4063 -20.50 -29.80 42.41
N PHE F 4064 -20.13 -30.97 41.90
CA PHE F 4064 -19.75 -32.06 42.80
C PHE F 4064 -18.66 -31.62 43.76
N PHE F 4065 -17.60 -31.03 43.22
CA PHE F 4065 -16.47 -30.65 44.06
C PHE F 4065 -16.86 -29.60 45.09
N ASP F 4066 -17.62 -28.58 44.68
CA ASP F 4066 -17.95 -27.53 45.61
C ASP F 4066 -18.88 -28.04 46.71
N MET F 4067 -19.81 -28.94 46.35
CA MET F 4067 -20.67 -29.54 47.37
C MET F 4067 -19.85 -30.26 48.42
N PHE F 4068 -18.97 -31.16 47.98
CA PHE F 4068 -18.23 -31.95 48.97
C PHE F 4068 -17.10 -31.16 49.60
N LEU F 4069 -16.81 -29.95 49.12
CA LEU F 4069 -15.90 -29.07 49.85
C LEU F 4069 -16.65 -28.29 50.92
N LYS F 4070 -17.83 -27.77 50.60
CA LYS F 4070 -18.63 -27.07 51.60
C LYS F 4070 -19.09 -28.02 52.70
N LEU F 4071 -19.21 -29.32 52.39
CA LEU F 4071 -19.69 -30.26 53.40
C LEU F 4071 -18.79 -30.26 54.64
N LYS F 4072 -17.48 -30.39 54.41
CA LYS F 4072 -16.53 -30.48 55.55
C LYS F 4072 -16.70 -29.21 56.40
N ASP F 4073 -16.85 -28.06 55.75
CA ASP F 4073 -17.01 -26.78 56.48
C ASP F 4073 -18.27 -26.85 57.35
N ILE F 4074 -19.41 -27.22 56.78
CA ILE F 4074 -20.68 -27.21 57.55
C ILE F 4074 -20.54 -28.21 58.71
N VAL F 4075 -19.95 -29.37 58.45
CA VAL F 4075 -19.80 -30.41 59.52
C VAL F 4075 -19.00 -29.76 60.65
N GLY F 4076 -17.95 -29.02 60.33
CA GLY F 4076 -17.19 -28.30 61.37
C GLY F 4076 -18.02 -27.19 61.98
N SER F 4077 -18.88 -26.56 61.18
CA SER F 4077 -19.69 -25.41 61.68
C SER F 4077 -20.44 -25.85 62.94
N GLU F 4078 -20.37 -25.02 63.99
CA GLU F 4078 -21.04 -25.36 65.27
C GLU F 4078 -22.56 -25.46 65.05
N ALA F 4079 -23.09 -24.63 64.15
CA ALA F 4079 -24.54 -24.68 63.85
C ALA F 4079 -24.93 -26.14 63.56
N PHE F 4080 -24.14 -26.81 62.72
CA PHE F 4080 -24.42 -28.24 62.42
C PHE F 4080 -24.23 -29.03 63.69
N GLN F 4081 -23.10 -28.86 64.36
CA GLN F 4081 -22.81 -29.66 65.59
C GLN F 4081 -23.94 -29.43 66.59
N ASP F 4082 -24.51 -28.22 66.61
CA ASP F 4082 -25.65 -27.92 67.51
C ASP F 4082 -26.85 -28.74 67.05
N TYR F 4083 -27.20 -28.65 65.75
CA TYR F 4083 -28.37 -29.38 65.23
C TYR F 4083 -28.21 -30.87 65.56
N VAL F 4084 -26.97 -31.29 65.86
CA VAL F 4084 -26.73 -32.70 66.26
C VAL F 4084 -27.08 -32.85 67.76
N THR F 4085 -28.20 -33.51 68.06
CA THR F 4085 -28.61 -33.71 69.47
C THR F 4085 -28.17 -35.08 69.91
N ASP F 4086 -28.24 -36.06 69.01
CA ASP F 4086 -27.81 -37.44 69.35
C ASP F 4086 -26.42 -37.40 69.98
N PRO F 4087 -26.22 -38.01 71.16
CA PRO F 4087 -24.93 -38.02 71.82
C PRO F 4087 -23.85 -38.69 70.99
N ARG F 4088 -24.20 -39.80 70.32
CA ARG F 4088 -23.21 -40.56 69.51
C ARG F 4088 -22.65 -39.63 68.41
N GLY F 4089 -23.47 -38.70 67.91
CA GLY F 4089 -23.01 -37.76 66.88
C GLY F 4089 -23.82 -37.89 65.61
N LEU F 4090 -24.32 -39.09 65.34
CA LEU F 4090 -25.08 -39.34 64.09
C LEU F 4090 -26.40 -38.58 64.11
N ILE F 4091 -26.52 -37.53 63.29
CA ILE F 4091 -27.80 -36.78 63.18
C ILE F 4091 -28.80 -37.65 62.40
N SER F 4092 -30.09 -37.28 62.41
CA SER F 4092 -31.12 -38.06 61.69
C SER F 4092 -31.19 -37.62 60.22
N LYS F 4093 -31.66 -38.50 59.33
CA LYS F 4093 -31.80 -38.12 57.91
C LYS F 4093 -32.71 -36.89 57.84
N LYS F 4094 -33.79 -36.89 58.60
CA LYS F 4094 -34.68 -35.70 58.64
C LYS F 4094 -33.94 -34.54 59.32
N ASP F 4095 -33.05 -34.86 60.27
CA ASP F 4095 -32.32 -33.81 61.03
C ASP F 4095 -31.17 -33.22 60.19
N PHE F 4096 -30.43 -34.06 59.46
CA PHE F 4096 -29.39 -33.52 58.56
C PHE F 4096 -30.07 -32.56 57.61
N GLN F 4097 -31.24 -32.96 57.09
CA GLN F 4097 -32.01 -32.08 56.19
C GLN F 4097 -32.14 -30.71 56.88
N LYS F 4098 -32.34 -30.71 58.20
CA LYS F 4098 -32.50 -29.43 58.95
C LYS F 4098 -31.17 -28.65 58.96
N ALA F 4099 -30.05 -29.32 59.26
CA ALA F 4099 -28.77 -28.61 59.35
C ALA F 4099 -28.52 -27.86 58.04
N MET F 4100 -28.69 -28.56 56.92
CA MET F 4100 -28.48 -27.93 55.59
C MET F 4100 -29.51 -26.80 55.43
N ASP F 4101 -30.76 -27.05 55.83
CA ASP F 4101 -31.82 -26.01 55.73
C ASP F 4101 -31.33 -24.75 56.45
N SER F 4102 -30.74 -24.90 57.63
CA SER F 4102 -30.30 -23.73 58.43
C SER F 4102 -29.29 -22.88 57.63
N GLN F 4103 -28.21 -23.49 57.14
CA GLN F 4103 -27.15 -22.73 56.44
C GLN F 4103 -27.71 -22.10 55.15
N LYS F 4104 -28.84 -22.59 54.66
CA LYS F 4104 -29.42 -22.08 53.39
C LYS F 4104 -28.30 -22.04 52.33
N GLN F 4105 -27.32 -22.94 52.45
CA GLN F 4105 -26.19 -23.00 51.49
C GLN F 4105 -26.56 -23.94 50.34
N PHE F 4106 -26.67 -25.26 50.60
CA PHE F 4106 -27.05 -26.24 49.58
C PHE F 4106 -28.52 -26.05 49.21
N THR F 4107 -28.81 -26.20 47.92
CA THR F 4107 -30.18 -26.08 47.44
C THR F 4107 -30.89 -27.42 47.57
N GLY F 4108 -32.22 -27.38 47.54
CA GLY F 4108 -33.04 -28.55 47.81
C GLY F 4108 -32.54 -29.84 47.19
N PRO F 4109 -32.46 -29.89 45.86
CA PRO F 4109 -31.94 -31.08 45.20
C PRO F 4109 -30.53 -31.44 45.66
N GLU F 4110 -29.73 -30.43 45.97
CA GLU F 4110 -28.38 -30.69 46.45
C GLU F 4110 -28.42 -31.42 47.79
N ILE F 4111 -29.33 -31.01 48.67
CA ILE F 4111 -29.49 -31.67 49.95
C ILE F 4111 -30.00 -33.09 49.74
N GLN F 4112 -30.90 -33.27 48.77
CA GLN F 4112 -31.38 -34.61 48.45
C GLN F 4112 -30.22 -35.51 48.01
N PHE F 4113 -29.35 -34.98 47.15
CA PHE F 4113 -28.19 -35.75 46.69
C PHE F 4113 -27.26 -36.07 47.86
N LEU F 4114 -27.03 -35.10 48.75
CA LEU F 4114 -26.18 -35.35 49.90
C LEU F 4114 -26.78 -36.44 50.79
N LEU F 4115 -28.10 -36.41 50.97
CA LEU F 4115 -28.74 -37.47 51.74
C LEU F 4115 -28.56 -38.82 51.06
N SER F 4116 -28.76 -38.88 49.74
CA SER F 4116 -28.56 -40.12 49.01
C SER F 4116 -27.15 -40.64 49.19
N CYS F 4117 -26.16 -39.75 49.22
CA CYS F 4117 -24.77 -40.13 49.44
C CYS F 4117 -24.45 -40.31 50.91
N SER F 4118 -25.39 -40.04 51.81
CA SER F 4118 -25.13 -40.02 53.24
C SER F 4118 -24.74 -41.38 53.78
N GLU F 4119 -25.14 -42.47 53.13
CA GLU F 4119 -24.91 -43.81 53.65
C GLU F 4119 -25.56 -43.96 55.03
N ALA F 4120 -26.83 -43.58 55.11
CA ALA F 4120 -27.54 -43.63 56.38
C ALA F 4120 -27.66 -45.07 56.86
N ASP F 4121 -27.50 -45.25 58.16
CA ASP F 4121 -27.62 -46.57 58.76
C ASP F 4121 -29.09 -47.00 58.82
N GLU F 4122 -29.31 -48.20 59.35
CA GLU F 4122 -30.66 -48.72 59.46
C GLU F 4122 -31.56 -47.79 60.25
N ASN F 4123 -30.94 -47.02 61.17
CA ASN F 4123 -31.71 -46.08 62.02
C ASN F 4123 -31.51 -44.65 61.51
N GLU F 4124 -31.29 -44.47 60.21
CA GLU F 4124 -31.14 -43.12 59.61
C GLU F 4124 -30.05 -42.35 60.37
N MET F 4125 -28.98 -43.04 60.78
CA MET F 4125 -27.87 -42.39 61.53
C MET F 4125 -26.72 -42.08 60.58
N ILE F 4126 -26.21 -40.83 60.59
CA ILE F 4126 -25.16 -40.42 59.62
C ILE F 4126 -23.90 -39.96 60.37
N ASN F 4127 -22.84 -40.78 60.38
CA ASN F 4127 -21.56 -40.36 60.99
C ASN F 4127 -21.02 -39.21 60.16
N CYS F 4128 -21.54 -38.00 60.36
CA CYS F 4128 -21.16 -36.85 59.50
C CYS F 4128 -19.64 -36.67 59.46
N GLU F 4129 -18.94 -36.92 60.56
CA GLU F 4129 -17.46 -36.84 60.51
C GLU F 4129 -16.97 -37.63 59.29
N GLU F 4130 -17.49 -38.85 59.11
CA GLU F 4130 -17.08 -39.70 57.99
C GLU F 4130 -17.69 -39.22 56.68
N PHE F 4131 -18.95 -38.78 56.73
CA PHE F 4131 -19.61 -38.25 55.55
C PHE F 4131 -18.78 -37.13 54.93
N ALA F 4132 -18.39 -36.15 55.75
CA ALA F 4132 -17.63 -35.02 55.25
C ALA F 4132 -16.23 -35.45 54.81
N ASN F 4133 -15.60 -36.36 55.55
CA ASN F 4133 -14.22 -36.73 55.28
C ASN F 4133 -14.08 -37.77 54.18
N ARG F 4134 -15.19 -38.27 53.63
CA ARG F 4134 -15.11 -39.33 52.64
C ARG F 4134 -14.27 -38.91 51.43
N PHE F 4135 -14.59 -37.78 50.81
CA PHE F 4135 -13.94 -37.34 49.59
C PHE F 4135 -13.03 -36.14 49.79
N GLN F 4136 -12.89 -35.63 51.01
CA GLN F 4136 -12.25 -34.34 51.21
C GLN F 4136 -10.87 -34.29 50.57
N GLU F 4137 -10.12 -35.40 50.65
CA GLU F 4137 -8.75 -35.37 50.10
C GLU F 4137 -8.75 -35.40 48.58
N PRO F 4138 -9.27 -36.45 47.91
CA PRO F 4138 -9.24 -36.44 46.44
C PRO F 4138 -9.99 -35.26 45.85
N ALA F 4139 -11.12 -34.91 46.47
CA ALA F 4139 -11.88 -33.77 46.00
C ALA F 4139 -11.04 -32.50 46.09
N ARG F 4140 -10.33 -32.30 47.20
CA ARG F 4140 -9.51 -31.11 47.34
C ARG F 4140 -8.40 -31.08 46.30
N ASP F 4141 -7.74 -32.22 46.09
CA ASP F 4141 -6.63 -32.27 45.14
C ASP F 4141 -7.10 -31.92 43.73
N ILE F 4142 -8.14 -32.61 43.26
CA ILE F 4142 -8.61 -32.39 41.90
C ILE F 4142 -9.20 -30.99 41.77
N GLY F 4143 -9.88 -30.51 42.81
CA GLY F 4143 -10.42 -29.16 42.76
C GLY F 4143 -9.34 -28.12 42.65
N PHE F 4144 -8.25 -28.29 43.40
CA PHE F 4144 -7.13 -27.36 43.29
C PHE F 4144 -6.53 -27.38 41.90
N ASN F 4145 -6.34 -28.58 41.34
CA ASN F 4145 -5.75 -28.64 40.01
C ASN F 4145 -6.67 -28.02 38.97
N VAL F 4146 -7.98 -28.22 39.11
CA VAL F 4146 -8.92 -27.62 38.18
C VAL F 4146 -8.92 -26.11 38.33
N ALA F 4147 -8.82 -25.61 39.56
CA ALA F 4147 -8.75 -24.18 39.77
C ALA F 4147 -7.49 -23.60 39.15
N VAL F 4148 -6.37 -24.31 39.27
CA VAL F 4148 -5.13 -23.86 38.64
C VAL F 4148 -5.29 -23.82 37.12
N LEU F 4149 -5.91 -24.84 36.56
CA LEU F 4149 -6.14 -24.87 35.12
C LEU F 4149 -6.99 -23.68 34.67
N LEU F 4150 -8.10 -23.45 35.36
CA LEU F 4150 -8.98 -22.36 34.97
C LEU F 4150 -8.30 -21.01 35.15
N THR F 4151 -7.54 -20.82 36.23
CA THR F 4151 -6.81 -19.58 36.40
C THR F 4151 -5.79 -19.36 35.29
N ASN F 4152 -5.05 -20.42 34.93
CA ASN F 4152 -4.10 -20.33 33.84
C ASN F 4152 -4.79 -19.90 32.55
N LEU F 4153 -5.88 -20.56 32.21
CA LEU F 4153 -6.59 -20.22 30.98
C LEU F 4153 -7.14 -18.80 31.03
N SER F 4154 -7.70 -18.40 32.17
CA SER F 4154 -8.26 -17.06 32.28
C SER F 4154 -7.20 -16.00 32.13
N GLU F 4155 -6.00 -16.22 32.69
CA GLU F 4155 -4.95 -15.23 32.60
C GLU F 4155 -4.18 -15.26 31.28
N HIS F 4156 -4.27 -16.34 30.51
CA HIS F 4156 -3.61 -16.39 29.22
C HIS F 4156 -4.54 -16.23 28.03
N VAL F 4157 -5.85 -16.18 28.25
CA VAL F 4157 -6.81 -15.87 27.20
C VAL F 4157 -7.72 -14.77 27.74
N PRO F 4158 -7.20 -13.56 27.95
CA PRO F 4158 -7.92 -12.58 28.77
C PRO F 4158 -9.30 -12.21 28.25
N HIS F 4159 -9.49 -12.12 26.94
CA HIS F 4159 -10.75 -11.66 26.36
C HIS F 4159 -11.46 -12.84 25.71
N ASP F 4160 -12.35 -13.48 26.47
CA ASP F 4160 -13.16 -14.56 25.94
C ASP F 4160 -14.43 -14.72 26.77
N PRO F 4161 -15.58 -14.21 26.30
CA PRO F 4161 -16.80 -14.35 27.09
C PRO F 4161 -17.15 -15.79 27.41
N ARG F 4162 -16.85 -16.71 26.50
CA ARG F 4162 -17.14 -18.12 26.72
C ARG F 4162 -16.40 -18.62 27.95
N LEU F 4163 -15.13 -18.24 28.09
CA LEU F 4163 -14.36 -18.59 29.29
C LEU F 4163 -14.87 -17.82 30.51
N ARG F 4164 -15.32 -16.59 30.30
CA ARG F 4164 -15.83 -15.79 31.41
C ARG F 4164 -17.02 -16.48 32.06
N ASN F 4165 -17.87 -17.10 31.24
CA ASN F 4165 -19.01 -17.84 31.77
C ASN F 4165 -18.54 -18.99 32.66
N PHE F 4166 -17.51 -19.73 32.22
CA PHE F 4166 -16.98 -20.80 33.06
C PHE F 4166 -16.44 -20.27 34.37
N LEU F 4167 -15.73 -19.14 34.32
CA LEU F 4167 -15.21 -18.59 35.57
C LEU F 4167 -16.34 -18.21 36.51
N GLU F 4168 -17.41 -17.62 35.99
CA GLU F 4168 -18.57 -17.34 36.84
C GLU F 4168 -19.11 -18.63 37.44
N LEU F 4169 -19.22 -19.69 36.63
CA LEU F 4169 -19.73 -20.96 37.15
C LEU F 4169 -18.85 -21.52 38.24
N ALA F 4170 -17.53 -21.43 38.08
CA ALA F 4170 -16.57 -22.02 39.00
C ALA F 4170 -16.14 -21.06 40.10
N GLU F 4171 -16.82 -19.92 40.23
CA GLU F 4171 -16.43 -18.93 41.23
C GLU F 4171 -16.28 -19.55 42.61
N SER F 4172 -17.15 -20.49 42.97
CA SER F 4172 -17.09 -21.07 44.32
C SER F 4172 -15.77 -21.77 44.57
N ILE F 4173 -15.36 -22.66 43.64
CA ILE F 4173 -14.11 -23.38 43.82
C ILE F 4173 -12.94 -22.42 43.81
N LEU F 4174 -12.96 -21.44 42.91
CA LEU F 4174 -11.87 -20.47 42.85
C LEU F 4174 -11.77 -19.70 44.15
N GLU F 4175 -12.91 -19.27 44.71
CA GLU F 4175 -12.87 -18.57 45.99
C GLU F 4175 -12.34 -19.48 47.09
N TYR F 4176 -12.76 -20.74 47.10
CA TYR F 4176 -12.29 -21.65 48.15
C TYR F 4176 -10.78 -21.83 48.08
N PHE F 4177 -10.23 -21.95 46.88
CA PHE F 4177 -8.81 -22.23 46.70
C PHE F 4177 -7.97 -20.97 46.55
N ARG F 4178 -8.57 -19.79 46.61
CA ARG F 4178 -7.85 -18.54 46.41
C ARG F 4178 -6.67 -18.41 47.35
N PRO F 4179 -6.84 -18.65 48.66
CA PRO F 4179 -5.70 -18.50 49.57
C PRO F 4179 -4.60 -19.53 49.39
N TYR F 4180 -4.81 -20.56 48.56
CA TYR F 4180 -3.82 -21.62 48.39
C TYR F 4180 -3.20 -21.66 47.00
N LEU F 4181 -3.66 -20.84 46.07
CA LEU F 4181 -3.15 -20.88 44.71
C LEU F 4181 -2.02 -19.86 44.59
N GLY F 4182 -0.79 -20.31 44.85
CA GLY F 4182 0.35 -19.43 44.71
C GLY F 4182 0.74 -19.23 43.26
N ARG F 4183 1.23 -18.03 42.96
CA ARG F 4183 1.49 -17.61 41.58
C ARG F 4183 2.75 -16.75 41.56
N ILE F 4184 3.69 -17.09 40.69
CA ILE F 4184 4.92 -16.32 40.54
C ILE F 4184 5.23 -16.15 39.06
N GLU F 4185 6.19 -15.27 38.79
CA GLU F 4185 6.69 -15.05 37.44
C GLU F 4185 8.19 -15.26 37.39
N ILE F 4186 8.67 -15.93 36.33
CA ILE F 4186 10.08 -16.19 36.14
C ILE F 4186 10.45 -15.87 34.70
N MET F 4187 11.76 -15.79 34.44
CA MET F 4187 12.27 -15.77 33.08
C MET F 4187 12.56 -17.21 32.67
N GLY F 4188 11.65 -17.80 31.89
CA GLY F 4188 11.70 -19.22 31.61
C GLY F 4188 12.72 -19.58 30.56
N ALA F 4189 12.80 -20.88 30.29
CA ALA F 4189 13.74 -21.38 29.30
C ALA F 4189 13.43 -20.84 27.91
N SER F 4190 12.20 -20.42 27.68
CA SER F 4190 11.78 -19.89 26.39
C SER F 4190 12.24 -18.45 26.20
N ARG F 4191 12.99 -17.92 27.16
CA ARG F 4191 13.47 -16.54 27.13
C ARG F 4191 12.34 -15.54 27.19
N ARG F 4192 11.18 -15.96 27.70
CA ARG F 4192 10.04 -15.09 27.90
C ARG F 4192 9.60 -15.19 29.35
N ILE F 4193 8.97 -14.14 29.85
CA ILE F 4193 8.41 -14.19 31.19
C ILE F 4193 7.27 -15.19 31.21
N GLU F 4194 7.35 -16.16 32.11
CA GLU F 4194 6.34 -17.19 32.26
C GLU F 4194 5.76 -17.12 33.67
N ARG F 4195 4.52 -17.55 33.81
CA ARG F 4195 3.82 -17.51 35.08
C ARG F 4195 3.59 -18.94 35.56
N ILE F 4196 4.00 -19.21 36.80
CA ILE F 4196 3.97 -20.53 37.39
C ILE F 4196 2.95 -20.53 38.53
N TYR F 4197 2.13 -21.58 38.57
CA TYR F 4197 1.11 -21.76 39.59
C TYR F 4197 1.45 -22.98 40.42
N PHE F 4198 1.28 -22.87 41.74
CA PHE F 4198 1.60 -23.96 42.64
C PHE F 4198 0.69 -23.87 43.86
N GLU F 4199 0.89 -24.80 44.80
CA GLU F 4199 0.04 -24.95 45.96
C GLU F 4199 0.76 -24.43 47.20
N ILE F 4200 0.05 -23.64 48.00
CA ILE F 4200 0.53 -23.16 49.29
C ILE F 4200 -0.28 -23.85 50.37
N SER F 4201 0.41 -24.45 51.34
CA SER F 4201 -0.29 -25.17 52.39
C SER F 4201 -0.75 -24.23 53.50
N GLU F 4202 -1.84 -24.62 54.16
CA GLU F 4202 -2.40 -23.79 55.22
C GLU F 4202 -1.39 -23.60 56.35
N THR F 4203 -0.65 -24.67 56.69
CA THR F 4203 0.35 -24.54 57.74
C THR F 4203 1.41 -23.52 57.36
N ASN F 4204 1.88 -23.57 56.11
CA ASN F 4204 2.88 -22.61 55.66
C ASN F 4204 2.34 -21.18 55.72
N ARG F 4205 1.10 -20.98 55.28
CA ARG F 4205 0.55 -19.63 55.29
C ARG F 4205 0.38 -19.12 56.71
N ALA F 4206 -0.08 -19.97 57.62
CA ALA F 4206 -0.21 -19.55 59.02
C ALA F 4206 1.15 -19.21 59.61
N GLN F 4207 2.16 -20.02 59.32
CA GLN F 4207 3.50 -19.72 59.81
C GLN F 4207 4.01 -18.40 59.24
N TRP F 4208 3.69 -18.13 57.97
CA TRP F 4208 4.07 -16.85 57.39
C TRP F 4208 3.39 -15.69 58.08
N GLU F 4209 2.11 -15.85 58.43
CA GLU F 4209 1.38 -14.78 59.10
C GLU F 4209 1.77 -14.64 60.57
N MET F 4210 2.47 -15.62 61.13
CA MET F 4210 2.92 -15.50 62.51
C MET F 4210 3.70 -14.19 62.68
N PRO F 4211 3.47 -13.44 63.76
CA PRO F 4211 4.07 -12.09 63.84
C PRO F 4211 5.59 -12.07 63.81
N GLN F 4212 6.25 -13.10 64.34
CA GLN F 4212 7.72 -13.10 64.34
C GLN F 4212 8.25 -13.06 62.91
N VAL F 4213 7.64 -13.84 62.01
CA VAL F 4213 8.09 -13.89 60.64
C VAL F 4213 7.90 -12.53 59.98
N LYS F 4214 6.82 -11.81 60.33
CA LYS F 4214 6.63 -10.48 59.78
C LYS F 4214 7.75 -9.54 60.21
N GLU F 4215 8.15 -9.62 61.48
CA GLU F 4215 9.26 -8.79 61.95
C GLU F 4215 10.55 -9.15 61.20
N SER F 4216 10.78 -10.44 61.00
CA SER F 4216 11.98 -10.85 60.25
C SER F 4216 11.94 -10.29 58.83
N LYS F 4217 10.78 -10.35 58.17
CA LYS F 4217 10.67 -9.80 56.83
C LYS F 4217 10.95 -8.30 56.83
N ARG F 4218 10.40 -7.59 57.80
CA ARG F 4218 10.62 -6.14 57.86
C ARG F 4218 12.10 -5.83 58.04
N GLN F 4219 12.76 -6.57 58.92
CA GLN F 4219 14.19 -6.35 59.13
C GLN F 4219 14.97 -6.65 57.86
N PHE F 4220 14.61 -7.73 57.17
CA PHE F 4220 15.31 -8.10 55.93
C PHE F 4220 15.14 -7.01 54.87
N ILE F 4221 13.92 -6.49 54.72
CA ILE F 4221 13.68 -5.44 53.74
C ILE F 4221 14.50 -4.21 54.10
N PHE F 4222 14.50 -3.83 55.37
CA PHE F 4222 15.29 -2.69 55.81
C PHE F 4222 16.76 -2.88 55.43
N ASP F 4223 17.31 -4.05 55.75
CA ASP F 4223 18.72 -4.31 55.45
C ASP F 4223 18.99 -4.22 53.95
N VAL F 4224 18.16 -4.90 53.15
CA VAL F 4224 18.41 -4.91 51.71
C VAL F 4224 18.36 -3.50 51.14
N VAL F 4225 17.35 -2.72 51.54
CA VAL F 4225 17.20 -1.40 50.94
C VAL F 4225 18.33 -0.48 51.38
N ASN F 4226 18.70 -0.51 52.67
CA ASN F 4226 19.69 0.45 53.15
C ASN F 4226 21.12 0.02 52.90
N GLU F 4227 21.56 -1.09 53.50
CA GLU F 4227 22.97 -1.46 53.38
C GLU F 4227 23.21 -2.38 52.18
N GLY F 4228 22.20 -3.16 51.79
CA GLY F 4228 22.38 -4.05 50.67
C GLY F 4228 22.56 -3.30 49.37
N GLY F 4229 23.15 -4.00 48.40
CA GLY F 4229 23.38 -3.49 47.06
C GLY F 4229 22.27 -3.85 46.11
N GLU F 4230 22.64 -4.06 44.84
CA GLU F 4230 21.69 -4.44 43.80
C GLU F 4230 22.07 -5.71 43.08
N SER F 4231 23.37 -5.97 42.90
CA SER F 4231 23.79 -7.23 42.27
C SER F 4231 23.56 -8.42 43.18
N GLU F 4232 23.65 -8.21 44.49
CA GLU F 4232 23.48 -9.26 45.48
C GLU F 4232 22.07 -9.28 46.07
N LYS F 4233 21.16 -8.47 45.56
CA LYS F 4233 19.82 -8.40 46.14
C LYS F 4233 19.12 -9.74 46.10
N MET F 4234 19.14 -10.41 44.95
CA MET F 4234 18.47 -11.71 44.84
C MET F 4234 19.17 -12.77 45.67
N GLU F 4235 20.50 -12.71 45.77
CA GLU F 4235 21.22 -13.63 46.64
C GLU F 4235 20.75 -13.48 48.08
N MET F 4236 20.69 -12.24 48.57
CA MET F 4236 20.23 -12.02 49.94
C MET F 4236 18.77 -12.46 50.10
N PHE F 4237 17.95 -12.21 49.09
CA PHE F 4237 16.55 -12.62 49.16
C PHE F 4237 16.43 -14.13 49.29
N VAL F 4238 17.19 -14.88 48.49
CA VAL F 4238 17.10 -16.33 48.55
C VAL F 4238 17.63 -16.83 49.89
N SER F 4239 18.69 -16.20 50.41
CA SER F 4239 19.18 -16.58 51.73
C SER F 4239 18.11 -16.35 52.79
N PHE F 4240 17.41 -15.23 52.71
CA PHE F 4240 16.34 -14.94 53.67
C PHE F 4240 15.23 -15.97 53.55
N CYS F 4241 14.86 -16.34 52.33
CA CYS F 4241 13.83 -17.36 52.14
C CYS F 4241 14.25 -18.68 52.77
N GLU F 4242 15.52 -19.06 52.58
CA GLU F 4242 15.99 -20.31 53.16
C GLU F 4242 15.95 -20.27 54.68
N ASP F 4243 16.39 -19.15 55.27
CA ASP F 4243 16.33 -19.02 56.73
C ASP F 4243 14.89 -19.09 57.22
N THR F 4244 13.97 -18.43 56.51
CA THR F 4244 12.57 -18.46 56.92
C THR F 4244 12.00 -19.87 56.83
N ILE F 4245 12.37 -20.60 55.78
CA ILE F 4245 11.89 -21.98 55.65
C ILE F 4245 12.38 -22.82 56.80
N PHE F 4246 13.65 -22.69 57.16
CA PHE F 4246 14.17 -23.48 58.28
C PHE F 4246 13.47 -23.08 59.58
N GLU F 4247 13.22 -21.78 59.77
CA GLU F 4247 12.52 -21.33 60.96
C GLU F 4247 11.12 -21.93 61.04
N MET F 4248 10.41 -21.98 59.91
CA MET F 4248 9.08 -22.57 59.91
C MET F 4248 9.15 -24.07 60.20
N GLN F 4249 10.18 -24.75 59.71
CA GLN F 4249 10.33 -26.16 60.06
C GLN F 4249 10.52 -26.33 61.56
N ILE F 4250 11.35 -25.48 62.17
CA ILE F 4250 11.55 -25.55 63.61
C ILE F 4250 10.25 -25.28 64.35
N ALA F 4251 9.49 -24.28 63.89
CA ALA F 4251 8.22 -23.96 64.53
C ALA F 4251 7.27 -25.14 64.46
N ALA F 4252 7.19 -25.79 63.29
CA ALA F 4252 6.34 -26.96 63.15
C ALA F 4252 6.79 -28.07 64.09
N GLN F 4253 8.10 -28.27 64.21
CA GLN F 4253 8.60 -29.30 65.11
C GLN F 4253 8.16 -29.03 66.55
N ILE F 4254 8.40 -27.81 67.04
CA ILE F 4254 8.12 -27.53 68.45
C ILE F 4254 6.63 -27.49 68.71
N SER F 4255 5.83 -27.09 67.72
CA SER F 4255 4.40 -26.92 67.93
C SER F 4255 3.78 -28.20 68.46
N GLU F 4256 2.96 -28.07 69.51
CA GLU F 4256 2.32 -29.22 70.11
C GLU F 4256 1.17 -29.71 69.23
N PRO F 4257 0.88 -31.02 69.21
CA PRO F 4257 -0.22 -31.55 68.42
C PRO F 4257 -1.59 -31.18 68.98
N ARG F 4318 -1.22 16.41 103.85
CA ARG F 4318 -1.02 14.94 103.97
C ARG F 4318 0.49 14.65 104.13
N ARG F 4319 0.85 13.48 104.67
CA ARG F 4319 2.27 13.05 104.80
C ARG F 4319 2.45 11.77 103.97
N LEU F 4320 3.48 11.71 103.14
CA LEU F 4320 3.76 10.53 102.27
C LEU F 4320 5.04 9.84 102.73
N THR F 4321 4.99 8.53 102.98
CA THR F 4321 6.16 7.73 103.37
C THR F 4321 7.06 7.59 102.17
N ALA F 4322 8.37 7.48 102.36
CA ALA F 4322 9.30 7.24 101.24
C ALA F 4322 8.92 5.89 100.62
N ARG F 4323 8.61 4.89 101.44
CA ARG F 4323 8.15 3.57 100.93
C ARG F 4323 6.84 3.72 100.16
N GLU F 4324 5.92 4.54 100.68
CA GLU F 4324 4.60 4.73 100.02
C GLU F 4324 4.85 5.35 98.66
N ALA F 4325 5.76 6.33 98.58
CA ALA F 4325 6.13 6.97 97.30
C ALA F 4325 6.77 5.91 96.42
N ALA F 4326 7.61 5.04 96.99
CA ALA F 4326 8.34 3.98 96.25
C ALA F 4326 7.38 2.98 95.61
N THR F 4327 6.32 2.57 96.31
CA THR F 4327 5.41 1.51 95.83
C THR F 4327 4.64 2.02 94.63
N ALA F 4328 4.24 3.29 94.62
CA ALA F 4328 3.44 3.88 93.53
C ALA F 4328 4.31 4.10 92.29
N VAL F 4329 5.54 4.56 92.49
CA VAL F 4329 6.49 4.86 91.37
C VAL F 4329 6.81 3.55 90.64
N ALA F 4330 7.00 2.45 91.37
CA ALA F 4330 7.37 1.15 90.79
C ALA F 4330 6.27 0.65 89.85
N ALA F 4331 5.02 0.82 90.25
CA ALA F 4331 3.86 0.39 89.42
C ALA F 4331 3.90 1.16 88.11
N LEU F 4332 4.23 2.46 88.16
CA LEU F 4332 4.25 3.32 86.96
C LEU F 4332 5.34 2.82 85.99
N LEU F 4333 6.50 2.42 86.51
CA LEU F 4333 7.64 2.02 85.65
C LEU F 4333 7.34 0.66 85.02
N TRP F 4334 6.82 -0.27 85.81
CA TRP F 4334 6.47 -1.61 85.28
C TRP F 4334 5.47 -1.43 84.14
N ALA F 4335 4.51 -0.51 84.31
CA ALA F 4335 3.49 -0.28 83.27
C ALA F 4335 4.17 0.22 81.99
N LEU F 4336 5.17 1.09 82.12
CA LEU F 4336 5.93 1.53 80.92
C LEU F 4336 6.54 0.29 80.27
N VAL F 4337 7.09 -0.61 81.08
CA VAL F 4337 7.77 -1.77 80.50
C VAL F 4337 6.77 -2.73 79.86
N THR F 4338 5.66 -3.00 80.55
CA THR F 4338 4.64 -3.89 80.00
C THR F 4338 4.04 -3.32 78.72
N ARG F 4339 3.79 -2.01 78.69
CA ARG F 4339 3.26 -1.39 77.49
C ARG F 4339 4.24 -1.55 76.32
N ALA F 4340 5.52 -1.33 76.58
CA ALA F 4340 6.54 -1.50 75.56
C ALA F 4340 7.39 -2.75 75.85
N PHE F 4538 11.51 -47.54 80.54
CA PHE F 4538 11.31 -46.22 81.13
C PHE F 4538 12.08 -45.14 80.36
N TRP F 4539 13.11 -45.56 79.61
CA TRP F 4539 13.81 -44.62 78.75
C TRP F 4539 12.86 -43.94 77.78
N GLY F 4540 11.89 -44.68 77.23
CA GLY F 4540 10.92 -44.06 76.35
C GLY F 4540 10.09 -42.99 77.06
N GLU F 4541 9.67 -43.28 78.28
CA GLU F 4541 8.90 -42.30 79.05
C GLU F 4541 9.72 -41.05 79.31
N LEU F 4542 10.99 -41.22 79.69
CA LEU F 4542 11.85 -40.06 79.90
C LEU F 4542 12.02 -39.28 78.61
N GLU F 4543 12.19 -39.97 77.49
CA GLU F 4543 12.37 -39.27 76.22
C GLU F 4543 11.14 -38.45 75.85
N VAL F 4544 9.95 -39.04 76.00
CA VAL F 4544 8.74 -38.30 75.66
C VAL F 4544 8.56 -37.10 76.59
N GLN F 4545 8.79 -37.30 77.89
CA GLN F 4545 8.66 -36.20 78.83
C GLN F 4545 9.66 -35.09 78.52
N ARG F 4546 10.90 -35.47 78.22
CA ARG F 4546 11.93 -34.49 77.90
C ARG F 4546 11.58 -33.70 76.65
N VAL F 4547 11.08 -34.39 75.62
CA VAL F 4547 10.71 -33.70 74.39
C VAL F 4547 9.56 -32.74 74.65
N LYS F 4548 8.58 -33.17 75.45
CA LYS F 4548 7.49 -32.26 75.81
C LYS F 4548 8.01 -31.03 76.54
N PHE F 4549 8.93 -31.24 77.49
CA PHE F 4549 9.48 -30.14 78.27
C PHE F 4549 10.22 -29.15 77.37
N LEU F 4550 11.09 -29.67 76.51
CA LEU F 4550 11.86 -28.79 75.63
C LEU F 4550 10.96 -28.06 74.65
N ASN F 4551 9.93 -28.73 74.14
CA ASN F 4551 8.99 -28.06 73.26
C ASN F 4551 8.26 -26.94 73.99
N TYR F 4552 7.87 -27.19 75.24
CA TYR F 4552 7.21 -26.14 76.02
C TYR F 4552 8.13 -24.95 76.20
N LEU F 4553 9.39 -25.20 76.55
CA LEU F 4553 10.35 -24.11 76.72
C LEU F 4553 10.53 -23.34 75.42
N SER F 4554 10.66 -24.05 74.30
CA SER F 4554 10.85 -23.38 73.02
C SER F 4554 9.63 -22.53 72.67
N ARG F 4555 8.43 -23.04 72.93
CA ARG F 4555 7.23 -22.28 72.66
C ARG F 4555 7.12 -21.04 73.53
N ASN F 4556 7.56 -21.11 74.79
CA ASN F 4556 7.39 -20.01 75.73
C ASN F 4556 8.71 -19.30 76.04
N PHE F 4557 9.66 -19.36 75.12
CA PHE F 4557 10.95 -18.71 75.36
C PHE F 4557 10.79 -17.23 75.67
N TYR F 4558 10.10 -16.51 74.79
CA TYR F 4558 9.97 -15.06 74.98
C TYR F 4558 9.19 -14.73 76.24
N THR F 4559 8.15 -15.50 76.52
CA THR F 4559 7.41 -15.32 77.77
C THR F 4559 8.33 -15.53 78.97
N LEU F 4560 9.22 -16.52 78.88
CA LEU F 4560 10.17 -16.75 79.96
C LEU F 4560 11.12 -15.57 80.13
N ARG F 4561 11.56 -14.97 79.02
CA ARG F 4561 12.40 -13.78 79.11
C ARG F 4561 11.67 -12.63 79.80
N PHE F 4562 10.42 -12.40 79.43
CA PHE F 4562 9.65 -11.36 80.08
C PHE F 4562 9.46 -11.65 81.57
N LEU F 4563 9.24 -12.92 81.91
CA LEU F 4563 9.12 -13.30 83.32
C LEU F 4563 10.40 -13.04 84.07
N ALA F 4564 11.55 -13.32 83.45
CA ALA F 4564 12.83 -13.04 84.08
C ALA F 4564 12.99 -11.55 84.33
N LEU F 4565 12.59 -10.74 83.35
CA LEU F 4565 12.67 -9.29 83.53
C LEU F 4565 11.79 -8.83 84.70
N PHE F 4566 10.58 -9.36 84.78
CA PHE F 4566 9.68 -9.00 85.88
C PHE F 4566 10.27 -9.40 87.22
N LEU F 4567 10.85 -10.61 87.29
CA LEU F 4567 11.46 -11.06 88.53
C LEU F 4567 12.62 -10.16 88.92
N ALA F 4568 13.41 -9.72 87.94
CA ALA F 4568 14.51 -8.80 88.22
C ALA F 4568 13.99 -7.49 88.81
N PHE F 4569 12.93 -6.94 88.23
CA PHE F 4569 12.36 -5.71 88.78
C PHE F 4569 11.86 -5.92 90.19
N ALA F 4570 11.17 -7.04 90.46
CA ALA F 4570 10.68 -7.28 91.81
C ALA F 4570 11.83 -7.40 92.79
N ILE F 4571 12.87 -8.12 92.42
CA ILE F 4571 14.02 -8.30 93.29
C ILE F 4571 14.66 -6.95 93.59
N ASN F 4572 14.78 -6.09 92.59
CA ASN F 4572 15.41 -4.79 92.82
C ASN F 4572 14.53 -3.87 93.65
N PHE F 4573 13.21 -3.97 93.47
CA PHE F 4573 12.30 -3.17 94.32
C PHE F 4573 12.55 -3.57 95.77
N ILE F 4574 12.62 -4.88 96.02
CA ILE F 4574 12.89 -5.33 97.39
C ILE F 4574 14.26 -4.84 97.84
N LEU F 4575 15.27 -4.92 96.97
CA LEU F 4575 16.60 -4.42 97.30
C LEU F 4575 16.56 -2.97 97.77
N LEU F 4576 15.62 -2.18 97.28
CA LEU F 4576 15.57 -0.73 97.62
C LEU F 4576 15.32 -0.54 99.13
N PHE F 4577 15.14 -1.61 99.89
CA PHE F 4577 14.79 -1.47 101.33
C PHE F 4577 15.95 -1.92 102.22
N TYR F 4578 17.14 -2.17 101.66
CA TYR F 4578 18.26 -2.50 102.53
C TYR F 4578 18.67 -1.31 103.39
N LYS F 4579 19.34 -1.66 104.48
CA LYS F 4579 19.91 -0.71 105.43
C LYS F 4579 21.23 -1.31 105.90
N VAL F 4580 22.16 -0.43 106.29
CA VAL F 4580 23.46 -0.87 106.77
C VAL F 4580 23.66 -0.32 108.18
N SER F 4581 24.13 -1.18 109.07
CA SER F 4581 24.35 -0.78 110.46
C SER F 4581 25.68 -1.32 110.94
N ASP F 4582 26.19 -0.70 111.99
CA ASP F 4582 27.38 -1.20 112.68
C ASP F 4582 27.05 -2.24 113.74
N SER F 4583 25.77 -2.38 114.12
CA SER F 4583 25.30 -3.36 115.07
C SER F 4583 24.35 -4.34 114.40
N PRO F 4584 24.21 -5.55 114.92
CA PRO F 4584 23.34 -6.53 114.25
C PRO F 4584 21.93 -6.01 114.15
N PRO F 4585 21.08 -6.65 113.35
CA PRO F 4585 19.70 -6.21 113.11
C PRO F 4585 18.92 -5.93 114.39
N ASN F 4624 35.69 -4.12 112.44
CA ASN F 4624 34.87 -3.00 111.96
C ASN F 4624 33.93 -3.46 110.86
N MET F 4625 33.35 -4.65 111.02
CA MET F 4625 32.42 -5.15 110.01
C MET F 4625 31.06 -4.48 110.14
N VAL F 4626 30.24 -4.65 109.12
CA VAL F 4626 28.93 -4.01 109.03
C VAL F 4626 27.89 -5.05 108.65
N TYR F 4627 26.66 -4.81 109.11
CA TYR F 4627 25.52 -5.67 108.81
C TYR F 4627 24.68 -4.99 107.73
N TYR F 4628 24.45 -5.70 106.63
CA TYR F 4628 23.48 -5.30 105.62
C TYR F 4628 22.21 -6.09 105.86
N PHE F 4629 21.15 -5.43 106.30
CA PHE F 4629 19.91 -6.11 106.61
C PHE F 4629 18.74 -5.37 105.98
N LEU F 4630 17.68 -6.12 105.70
CA LEU F 4630 16.48 -5.59 105.09
C LEU F 4630 15.57 -5.02 106.18
N GLU F 4631 15.11 -3.79 105.98
CA GLU F 4631 14.32 -3.06 106.97
C GLU F 4631 12.91 -2.89 106.42
N GLU F 4632 12.03 -3.82 106.81
CA GLU F 4632 10.62 -3.77 106.31
C GLU F 4632 9.67 -4.00 107.49
N SER F 4633 8.60 -3.21 107.56
CA SER F 4633 7.61 -3.33 108.62
C SER F 4633 6.78 -4.58 108.46
N THR F 4634 6.37 -4.90 107.22
CA THR F 4634 5.53 -6.07 106.99
C THR F 4634 6.22 -7.35 107.41
N GLY F 4635 7.50 -7.49 107.08
CA GLY F 4635 8.26 -8.68 107.39
C GLY F 4635 8.11 -9.80 106.39
N TYR F 4636 7.29 -9.62 105.35
CA TYR F 4636 7.13 -10.64 104.34
C TYR F 4636 8.15 -10.52 103.21
N MET F 4637 8.89 -9.40 103.19
CA MET F 4637 9.80 -9.10 102.05
C MET F 4637 11.01 -10.05 102.00
N GLU F 4638 11.61 -10.40 103.13
CA GLU F 4638 12.81 -11.23 103.12
C GLU F 4638 12.52 -12.63 102.59
N PRO F 4639 11.49 -13.35 103.07
CA PRO F 4639 11.12 -14.61 102.41
C PRO F 4639 10.78 -14.41 100.95
N ALA F 4640 10.11 -13.31 100.64
CA ALA F 4640 9.80 -12.99 99.25
C ALA F 4640 11.08 -12.83 98.45
N LEU F 4641 12.07 -12.15 99.03
CA LEU F 4641 13.35 -12.00 98.33
C LEU F 4641 13.99 -13.35 98.07
N ARG F 4642 13.98 -14.24 99.07
CA ARG F 4642 14.60 -15.55 98.89
C ARG F 4642 13.92 -16.32 97.75
N CYS F 4643 12.59 -16.42 97.80
CA CYS F 4643 11.89 -17.19 96.78
C CYS F 4643 12.05 -16.55 95.40
N LEU F 4644 12.02 -15.22 95.34
CA LEU F 4644 12.16 -14.54 94.05
C LEU F 4644 13.55 -14.76 93.46
N SER F 4645 14.59 -14.73 94.30
CA SER F 4645 15.92 -14.97 93.78
C SER F 4645 16.05 -16.40 93.25
N LEU F 4646 15.55 -17.39 94.00
CA LEU F 4646 15.61 -18.75 93.50
C LEU F 4646 14.85 -18.89 92.19
N LEU F 4647 13.67 -18.30 92.12
CA LEU F 4647 12.85 -18.41 90.92
C LEU F 4647 13.53 -17.72 89.74
N HIS F 4648 14.19 -16.59 89.99
CA HIS F 4648 14.91 -15.89 88.93
C HIS F 4648 16.04 -16.75 88.38
N THR F 4649 16.80 -17.39 89.26
CA THR F 4649 17.87 -18.27 88.76
C THR F 4649 17.29 -19.41 87.94
N LEU F 4650 16.21 -20.02 88.41
CA LEU F 4650 15.59 -21.11 87.66
C LEU F 4650 15.16 -20.62 86.29
N VAL F 4651 14.53 -19.44 86.23
CA VAL F 4651 14.03 -18.93 84.96
C VAL F 4651 15.18 -18.61 84.01
N ALA F 4652 16.30 -18.13 84.55
CA ALA F 4652 17.46 -17.87 83.69
C ALA F 4652 17.97 -19.17 83.08
N PHE F 4653 18.04 -20.24 83.89
CA PHE F 4653 18.45 -21.53 83.35
C PHE F 4653 17.49 -21.99 82.26
N LEU F 4654 16.19 -21.86 82.51
CA LEU F 4654 15.19 -22.26 81.51
C LEU F 4654 15.32 -21.42 80.25
N CYS F 4655 15.68 -20.14 80.39
CA CYS F 4655 15.87 -19.31 79.21
C CYS F 4655 17.04 -19.79 78.39
N ILE F 4656 18.14 -20.18 79.05
CA ILE F 4656 19.27 -20.72 78.28
C ILE F 4656 18.83 -21.98 77.53
N ILE F 4657 18.10 -22.87 78.20
CA ILE F 4657 17.68 -24.09 77.52
C ILE F 4657 16.75 -23.77 76.35
N GLY F 4658 15.82 -22.84 76.56
CA GLY F 4658 14.91 -22.48 75.49
C GLY F 4658 15.63 -21.90 74.29
N TYR F 4659 16.61 -21.03 74.53
CA TYR F 4659 17.43 -20.52 73.43
C TYR F 4659 18.13 -21.67 72.71
N ASN F 4660 18.81 -22.53 73.48
CA ASN F 4660 19.54 -23.64 72.89
C ASN F 4660 18.64 -24.55 72.05
N CYS F 4661 17.37 -24.66 72.39
CA CYS F 4661 16.46 -25.52 71.65
C CYS F 4661 15.69 -24.80 70.55
N LEU F 4662 15.67 -23.47 70.55
CA LEU F 4662 14.85 -22.75 69.58
C LEU F 4662 15.65 -21.98 68.54
N LYS F 4663 16.74 -21.33 68.94
CA LYS F 4663 17.44 -20.41 68.04
C LYS F 4663 18.83 -20.89 67.65
N VAL F 4664 19.48 -21.69 68.49
CA VAL F 4664 20.77 -22.27 68.09
C VAL F 4664 20.65 -23.06 66.80
N PRO F 4665 19.59 -23.83 66.56
CA PRO F 4665 19.50 -24.57 65.29
C PRO F 4665 19.63 -23.66 64.08
N LEU F 4666 19.06 -22.45 64.14
CA LEU F 4666 19.21 -21.54 63.02
C LEU F 4666 20.65 -21.08 62.86
N VAL F 4667 21.35 -20.84 63.96
CA VAL F 4667 22.75 -20.43 63.88
C VAL F 4667 23.57 -21.52 63.21
N ILE F 4668 23.37 -22.77 63.64
CA ILE F 4668 24.10 -23.88 63.04
C ILE F 4668 23.73 -24.03 61.57
N PHE F 4669 22.44 -23.86 61.25
CA PHE F 4669 22.00 -23.96 59.87
C PHE F 4669 22.70 -22.92 59.00
N LYS F 4670 22.76 -21.68 59.46
CA LYS F 4670 23.38 -20.63 58.68
C LYS F 4670 24.87 -20.88 58.50
N ARG F 4671 25.55 -21.30 59.57
CA ARG F 4671 26.98 -21.59 59.46
C ARG F 4671 27.23 -22.72 58.46
N GLU F 4672 26.46 -23.81 58.57
CA GLU F 4672 26.65 -24.93 57.65
C GLU F 4672 26.35 -24.52 56.22
N LYS F 4673 25.30 -23.74 56.02
CA LYS F 4673 24.93 -23.28 54.68
C LYS F 4673 26.04 -22.44 54.08
N GLU F 4674 26.56 -21.48 54.83
CA GLU F 4674 27.62 -20.63 54.31
C GLU F 4674 28.86 -21.46 53.99
N LEU F 4675 29.23 -22.38 54.87
CA LEU F 4675 30.42 -23.18 54.63
C LEU F 4675 30.24 -24.06 53.40
N ALA F 4676 29.06 -24.64 53.22
CA ALA F 4676 28.82 -25.46 52.05
C ALA F 4676 28.91 -24.64 50.77
N ARG F 4677 28.33 -23.44 50.78
CA ARG F 4677 28.40 -22.60 49.58
C ARG F 4677 29.83 -22.20 49.28
N LYS F 4678 30.60 -21.85 50.31
CA LYS F 4678 32.00 -21.51 50.11
C LYS F 4678 32.80 -22.70 49.58
N LEU F 4679 32.50 -23.91 50.07
CA LEU F 4679 33.18 -25.10 49.59
C LEU F 4679 32.85 -25.42 48.13
N GLU F 4680 31.60 -25.24 47.73
CA GLU F 4680 31.17 -25.68 46.40
C GLU F 4680 31.34 -24.62 45.31
N PHE F 4681 31.30 -23.34 45.65
CA PHE F 4681 31.38 -22.28 44.65
C PHE F 4681 32.59 -21.37 44.81
N ASP F 4682 33.43 -21.61 45.83
CA ASP F 4682 34.63 -20.81 46.00
C ASP F 4682 35.86 -21.69 46.19
N GLY F 4683 35.65 -22.97 46.49
CA GLY F 4683 36.78 -23.84 46.76
C GLY F 4683 37.60 -23.31 47.91
N LEU F 4684 36.92 -22.93 48.99
CA LEU F 4684 37.60 -22.23 50.07
C LEU F 4684 38.76 -23.04 50.64
N TYR F 4685 38.56 -24.34 50.81
CA TYR F 4685 39.60 -25.23 51.32
C TYR F 4685 40.19 -26.11 50.23
N ILE F 4686 39.92 -25.78 48.96
CA ILE F 4686 40.42 -26.57 47.84
C ILE F 4686 41.27 -25.67 46.95
N THR F 4687 40.65 -24.64 46.40
CA THR F 4687 41.37 -23.73 45.51
C THR F 4687 42.12 -22.68 46.32
N GLU F 4688 41.53 -22.20 47.39
CA GLU F 4688 42.11 -21.16 48.24
C GLU F 4688 42.25 -21.70 49.65
N GLN F 4689 42.63 -20.82 50.57
CA GLN F 4689 42.70 -21.12 51.98
C GLN F 4689 42.25 -19.91 52.77
N PRO F 4690 41.72 -20.11 53.98
CA PRO F 4690 41.44 -18.96 54.84
C PRO F 4690 42.68 -18.11 55.05
N GLU F 4691 42.46 -16.85 55.43
CA GLU F 4691 43.54 -15.87 55.51
C GLU F 4691 44.31 -15.93 56.82
N ASP F 4692 43.98 -16.87 57.70
CA ASP F 4692 44.71 -17.09 58.95
C ASP F 4692 44.38 -16.02 59.98
N ASP F 4693 43.65 -14.98 59.56
CA ASP F 4693 43.03 -14.08 60.52
C ASP F 4693 41.53 -14.33 60.58
N ASP F 4694 41.00 -15.08 59.63
CA ASP F 4694 39.58 -15.41 59.59
C ASP F 4694 39.33 -16.57 60.55
N VAL F 4695 39.15 -16.24 61.83
CA VAL F 4695 38.99 -17.26 62.86
C VAL F 4695 37.80 -18.15 62.53
N LYS F 4696 36.78 -17.59 61.89
CA LYS F 4696 35.61 -18.38 61.52
C LYS F 4696 36.02 -19.56 60.64
N GLY F 4697 36.76 -19.28 59.56
CA GLY F 4697 37.20 -20.35 58.68
C GLY F 4697 38.20 -21.28 59.35
N GLN F 4698 39.10 -20.71 60.13
CA GLN F 4698 40.08 -21.56 60.82
C GLN F 4698 39.36 -22.58 61.71
N TRP F 4699 38.34 -22.14 62.45
CA TRP F 4699 37.57 -23.07 63.26
C TRP F 4699 36.76 -24.02 62.40
N ASP F 4700 36.19 -23.52 61.30
CA ASP F 4700 35.39 -24.36 60.43
C ASP F 4700 36.20 -25.52 59.87
N ARG F 4701 37.52 -25.39 59.82
CA ARG F 4701 38.38 -26.47 59.28
C ARG F 4701 38.16 -27.76 60.08
N LEU F 4702 37.30 -27.75 61.09
CA LEU F 4702 37.15 -28.94 61.96
C LEU F 4702 35.94 -29.78 61.53
N VAL F 4703 34.93 -29.18 60.93
CA VAL F 4703 33.68 -29.94 60.60
C VAL F 4703 33.80 -30.55 59.20
N LEU F 4704 34.82 -30.16 58.43
CA LEU F 4704 34.91 -30.63 57.03
C LEU F 4704 34.95 -32.17 56.98
N ASN F 4705 35.79 -32.79 57.80
CA ASN F 4705 35.95 -34.28 57.75
C ASN F 4705 34.87 -34.95 58.59
N THR F 4706 34.10 -34.18 59.34
CA THR F 4706 33.10 -34.77 60.26
C THR F 4706 32.06 -35.51 59.46
N PRO F 4707 31.64 -36.71 59.90
CA PRO F 4707 30.64 -37.49 59.19
C PRO F 4707 29.30 -36.78 59.05
N SER F 4708 29.01 -35.83 59.92
CA SER F 4708 27.68 -35.17 59.91
C SER F 4708 27.80 -33.68 59.54
N PHE F 4709 28.62 -33.34 58.55
CA PHE F 4709 28.85 -31.90 58.24
C PHE F 4709 27.50 -31.23 57.96
N PRO F 4710 26.63 -31.73 57.06
CA PRO F 4710 25.33 -31.11 56.88
C PRO F 4710 24.27 -31.76 57.76
N SER F 4711 24.20 -31.36 59.04
CA SER F 4711 23.20 -31.88 59.95
C SER F 4711 21.94 -31.04 59.99
N ASN F 4712 22.06 -29.72 59.90
CA ASN F 4712 20.91 -28.82 59.85
C ASN F 4712 20.59 -28.38 58.44
N TYR F 4713 21.60 -27.99 57.66
CA TYR F 4713 21.38 -27.68 56.26
C TYR F 4713 20.82 -28.89 55.54
N TRP F 4714 19.76 -28.69 54.76
CA TRP F 4714 19.05 -29.79 54.14
C TRP F 4714 19.78 -30.40 52.96
N ASP F 4715 20.77 -29.72 52.39
CA ASP F 4715 21.50 -30.25 51.24
C ASP F 4715 22.47 -31.32 51.74
N LYS F 4716 22.10 -32.59 51.57
CA LYS F 4716 22.91 -33.70 52.00
C LYS F 4716 23.88 -34.17 50.92
N PHE F 4717 23.88 -33.53 49.76
CA PHE F 4717 24.76 -33.89 48.65
C PHE F 4717 25.97 -32.98 48.55
N VAL F 4718 26.17 -32.12 49.53
CA VAL F 4718 27.28 -31.11 49.44
C VAL F 4718 28.62 -31.83 49.23
N LYS F 4719 28.93 -32.82 50.07
CA LYS F 4719 30.28 -33.46 49.99
C LYS F 4719 30.51 -33.98 48.56
N ARG F 4720 29.54 -34.68 47.99
CA ARG F 4720 29.68 -35.22 46.61
C ARG F 4720 29.84 -34.04 45.63
N LYS F 4721 28.89 -33.10 45.66
CA LYS F 4721 28.93 -31.98 44.72
C LYS F 4721 30.33 -31.38 44.66
N VAL F 4722 30.87 -31.05 45.84
CA VAL F 4722 32.19 -30.39 45.92
C VAL F 4722 33.23 -31.37 45.35
N LEU F 4723 33.17 -32.64 45.76
CA LEU F 4723 34.17 -33.64 45.31
C LEU F 4723 34.19 -33.62 43.79
N ASP F 4724 33.05 -33.85 43.15
CA ASP F 4724 33.03 -33.96 41.67
C ASP F 4724 33.49 -32.65 41.03
N LYS F 4725 33.02 -31.50 41.53
CA LYS F 4725 33.33 -30.20 40.88
C LYS F 4725 34.83 -29.89 40.92
N HIS F 4726 35.51 -30.10 42.05
CA HIS F 4726 36.95 -29.78 42.22
C HIS F 4726 37.79 -31.05 42.08
N GLY F 4727 37.17 -32.19 41.84
CA GLY F 4727 37.90 -33.47 41.86
C GLY F 4727 38.97 -33.56 40.80
N ASP F 4728 38.72 -33.12 39.58
CA ASP F 4728 39.76 -33.34 38.53
C ASP F 4728 41.04 -32.57 38.86
N ILE F 4729 40.91 -31.31 39.28
CA ILE F 4729 42.11 -30.46 39.55
C ILE F 4729 42.92 -30.96 40.75
N PHE F 4730 42.25 -31.35 41.85
CA PHE F 4730 42.93 -31.74 43.11
C PHE F 4730 42.94 -33.25 43.28
N GLY F 4731 42.46 -33.97 42.29
CA GLY F 4731 42.36 -35.44 42.36
C GLY F 4731 41.10 -35.81 43.11
N ARG F 4732 40.82 -37.09 43.22
CA ARG F 4732 39.61 -37.56 43.94
C ARG F 4732 40.05 -38.06 45.31
N GLU F 4733 41.36 -38.27 45.52
CA GLU F 4733 41.88 -38.64 46.86
C GLU F 4733 42.17 -37.47 47.83
N ARG F 4734 42.67 -36.30 47.40
CA ARG F 4734 42.84 -35.17 48.31
C ARG F 4734 41.49 -34.64 48.79
N ILE F 4735 40.52 -34.50 47.88
CA ILE F 4735 39.21 -34.01 48.28
C ILE F 4735 38.54 -35.01 49.21
N ALA F 4736 38.68 -36.31 48.91
CA ALA F 4736 38.10 -37.32 49.79
C ALA F 4736 38.71 -37.25 51.19
N GLU F 4737 40.02 -37.07 51.27
CA GLU F 4737 40.67 -36.93 52.57
C GLU F 4737 40.17 -35.69 53.31
N LEU F 4738 40.08 -34.57 52.60
CA LEU F 4738 39.66 -33.33 53.25
C LEU F 4738 38.22 -33.42 53.76
N LEU F 4739 37.34 -34.01 52.98
CA LEU F 4739 35.93 -34.09 53.34
C LEU F 4739 35.59 -35.35 54.12
N GLY F 4740 36.57 -36.18 54.44
CA GLY F 4740 36.32 -37.35 55.25
C GLY F 4740 35.28 -38.26 54.63
N MET F 4741 35.35 -38.43 53.32
CA MET F 4741 34.43 -39.29 52.58
C MET F 4741 35.24 -40.36 51.86
N ASP F 4742 34.75 -41.59 51.90
CA ASP F 4742 35.49 -42.74 51.38
C ASP F 4742 34.89 -43.16 50.05
N LEU F 4743 35.66 -42.98 48.97
CA LEU F 4743 35.22 -43.44 47.65
C LEU F 4743 35.10 -44.95 47.61
N ALA F 4744 36.04 -45.65 48.25
CA ALA F 4744 35.95 -47.09 48.36
C ALA F 4744 34.61 -47.49 48.95
N SER F 4745 34.16 -46.76 49.98
CA SER F 4745 32.82 -46.99 50.51
C SER F 4745 31.77 -46.65 49.47
N LEU F 4746 31.87 -45.48 48.84
CA LEU F 4746 30.84 -45.07 47.90
C LEU F 4746 30.60 -46.12 46.82
N GLU F 4747 31.63 -46.88 46.47
CA GLU F 4747 31.50 -47.92 45.44
C GLU F 4747 31.13 -49.28 46.01
N ILE F 4748 31.80 -49.72 47.08
CA ILE F 4748 31.54 -51.05 47.62
C ILE F 4748 30.15 -51.11 48.23
N THR F 4749 29.66 -49.98 48.75
CA THR F 4749 28.30 -49.92 49.27
C THR F 4749 27.30 -50.25 48.16
N ALA F 4750 27.43 -49.58 47.02
CA ALA F 4750 26.55 -49.86 45.90
C ALA F 4750 26.68 -51.32 45.46
N HIS F 4751 27.92 -51.82 45.40
CA HIS F 4751 28.13 -53.19 44.93
C HIS F 4751 27.48 -54.21 45.86
N ASN F 4752 27.73 -54.09 47.16
CA ASN F 4752 27.15 -55.02 48.13
C ASN F 4752 27.35 -54.40 49.51
N GLU F 4753 26.31 -54.45 50.34
CA GLU F 4753 26.29 -53.79 51.64
C GLU F 4753 25.32 -54.51 52.56
N ARG F 4754 25.42 -54.21 53.85
CA ARG F 4754 24.56 -54.79 54.86
C ARG F 4754 23.92 -53.71 55.72
N LYS F 4755 22.75 -54.05 56.27
CA LYS F 4755 22.04 -53.24 57.26
C LYS F 4755 22.04 -53.98 58.60
N PRO F 4756 23.04 -53.74 59.44
CA PRO F 4756 22.94 -54.18 60.83
C PRO F 4756 22.23 -53.15 61.69
N ASP F 4757 21.40 -53.64 62.59
CA ASP F 4757 20.63 -52.78 63.48
C ASP F 4757 21.21 -52.87 64.89
N PRO F 4758 21.91 -51.84 65.38
CA PRO F 4758 22.47 -51.92 66.74
C PRO F 4758 21.37 -52.03 67.77
N PRO F 4759 21.59 -52.78 68.84
CA PRO F 4759 20.57 -52.85 69.91
C PRO F 4759 20.27 -51.48 70.47
N PRO F 4760 19.03 -50.98 70.29
CA PRO F 4760 18.70 -49.65 70.82
C PRO F 4760 19.01 -49.51 72.30
N GLY F 4761 19.84 -48.53 72.65
CA GLY F 4761 20.19 -48.32 74.04
C GLY F 4761 21.13 -47.15 74.21
N LEU F 4762 21.38 -46.83 75.48
CA LEU F 4762 22.29 -45.73 75.79
C LEU F 4762 23.70 -46.03 75.28
N LEU F 4763 24.08 -47.30 75.25
CA LEU F 4763 25.38 -47.65 74.67
C LEU F 4763 25.42 -47.28 73.19
N THR F 4764 24.36 -47.59 72.46
CA THR F 4764 24.29 -47.22 71.05
C THR F 4764 24.34 -45.71 70.90
N TRP F 4765 23.59 -44.99 71.75
CA TRP F 4765 23.62 -43.54 71.70
C TRP F 4765 25.03 -43.01 71.96
N ILE F 4766 25.77 -43.65 72.88
CA ILE F 4766 27.11 -43.19 73.20
C ILE F 4766 28.05 -43.40 72.03
N MET F 4767 28.04 -44.60 71.45
CA MET F 4767 28.91 -44.83 70.30
C MET F 4767 28.54 -43.95 69.12
N SER F 4768 27.26 -43.59 68.99
CA SER F 4768 26.82 -42.74 67.89
C SER F 4768 26.89 -41.27 68.30
N ILE F 4769 28.10 -40.80 68.60
CA ILE F 4769 28.30 -39.36 68.95
C ILE F 4769 29.48 -38.82 68.14
N ASP F 4770 29.24 -37.85 67.26
CA ASP F 4770 30.32 -37.27 66.42
C ASP F 4770 31.05 -36.20 67.24
N VAL F 4771 31.96 -36.64 68.12
CA VAL F 4771 32.64 -35.67 69.03
C VAL F 4771 33.15 -34.47 68.22
N LYS F 4772 33.84 -34.71 67.10
CA LYS F 4772 34.44 -33.58 66.35
C LYS F 4772 33.34 -32.58 65.97
N TYR F 4773 32.21 -33.08 65.46
CA TYR F 4773 31.09 -32.17 65.12
C TYR F 4773 30.61 -31.49 66.39
N GLN F 4774 30.29 -32.28 67.40
CA GLN F 4774 29.81 -31.71 68.68
C GLN F 4774 30.81 -30.64 69.12
N ILE F 4775 32.11 -30.93 69.03
CA ILE F 4775 33.11 -29.95 69.53
C ILE F 4775 32.98 -28.69 68.68
N TRP F 4776 32.84 -28.86 67.36
CA TRP F 4776 32.69 -27.72 66.43
C TRP F 4776 31.39 -26.99 66.75
N LYS F 4777 30.32 -27.71 67.06
CA LYS F 4777 29.01 -27.09 67.32
C LYS F 4777 29.12 -26.18 68.53
N PHE F 4778 29.80 -26.61 69.59
CA PHE F 4778 29.94 -25.89 70.86
C PHE F 4778 30.76 -24.63 70.66
N GLY F 4779 31.81 -24.70 69.85
CA GLY F 4779 32.55 -23.50 69.52
C GLY F 4779 31.68 -22.44 68.88
N VAL F 4780 30.86 -22.85 67.91
CA VAL F 4780 29.98 -21.89 67.26
C VAL F 4780 29.01 -21.27 68.27
N ILE F 4781 28.41 -22.09 69.11
CA ILE F 4781 27.43 -21.59 70.07
C ILE F 4781 28.08 -20.62 71.04
N PHE F 4782 29.23 -20.99 71.59
CA PHE F 4782 29.89 -20.15 72.58
C PHE F 4782 30.51 -18.93 71.94
N THR F 4783 30.58 -18.90 70.61
CA THR F 4783 30.93 -17.67 69.91
C THR F 4783 29.71 -16.86 69.49
N ASP F 4784 28.50 -17.42 69.62
CA ASP F 4784 27.28 -16.68 69.32
C ASP F 4784 27.05 -15.61 70.38
N ASN F 4785 26.66 -14.41 69.96
CA ASN F 4785 26.53 -13.29 70.91
C ASN F 4785 25.36 -13.48 71.86
N SER F 4786 24.19 -13.85 71.33
CA SER F 4786 23.00 -13.95 72.19
C SER F 4786 23.17 -15.04 73.23
N PHE F 4787 23.76 -16.16 72.85
CA PHE F 4787 24.01 -17.22 73.83
C PHE F 4787 24.94 -16.74 74.91
N LEU F 4788 25.98 -15.99 74.55
CA LEU F 4788 26.87 -15.44 75.56
C LEU F 4788 26.15 -14.47 76.48
N TYR F 4789 25.25 -13.66 75.93
CA TYR F 4789 24.48 -12.76 76.76
C TYR F 4789 23.63 -13.53 77.76
N LEU F 4790 22.99 -14.60 77.31
CA LEU F 4790 22.18 -15.40 78.22
C LEU F 4790 23.04 -16.07 79.27
N GLY F 4791 24.23 -16.55 78.88
CA GLY F 4791 25.13 -17.15 79.85
C GLY F 4791 25.58 -16.16 80.91
N TRP F 4792 25.90 -14.94 80.49
CA TRP F 4792 26.26 -13.90 81.44
C TRP F 4792 25.09 -13.58 82.36
N TYR F 4793 23.88 -13.55 81.80
CA TYR F 4793 22.69 -13.37 82.62
C TYR F 4793 22.60 -14.44 83.71
N MET F 4794 22.80 -15.70 83.32
CA MET F 4794 22.76 -16.80 84.29
C MET F 4794 23.86 -16.66 85.33
N VAL F 4795 25.06 -16.29 84.90
CA VAL F 4795 26.19 -16.18 85.83
C VAL F 4795 25.91 -15.09 86.86
N MET F 4796 25.42 -13.94 86.41
CA MET F 4796 25.08 -12.88 87.36
C MET F 4796 23.93 -13.30 88.27
N SER F 4797 22.96 -14.05 87.74
CA SER F 4797 21.87 -14.52 88.58
C SER F 4797 22.39 -15.45 89.67
N LEU F 4798 23.36 -16.31 89.34
CA LEU F 4798 23.96 -17.16 90.36
C LEU F 4798 24.74 -16.33 91.38
N LEU F 4799 25.54 -15.37 90.90
CA LEU F 4799 26.27 -14.51 91.82
C LEU F 4799 25.33 -13.72 92.73
N GLY F 4800 24.11 -13.47 92.28
CA GLY F 4800 23.13 -12.80 93.11
C GLY F 4800 22.78 -13.53 94.38
N HIS F 4801 22.97 -14.85 94.40
CA HIS F 4801 22.78 -15.61 95.63
C HIS F 4801 23.98 -15.50 96.56
N TYR F 4802 25.14 -15.12 96.04
CA TYR F 4802 26.29 -14.82 96.88
C TYR F 4802 26.17 -13.41 97.45
N ASN F 4803 25.73 -12.46 96.63
CA ASN F 4803 25.42 -11.11 97.10
C ASN F 4803 24.19 -10.62 96.34
N ASN F 4804 23.14 -10.29 97.09
CA ASN F 4804 21.88 -9.93 96.44
C ASN F 4804 22.00 -8.74 95.52
N PHE F 4805 22.98 -7.87 95.73
CA PHE F 4805 23.09 -6.65 94.93
C PHE F 4805 23.61 -6.92 93.52
N PHE F 4806 24.13 -8.12 93.25
CA PHE F 4806 24.45 -8.49 91.88
C PHE F 4806 23.21 -8.62 91.02
N PHE F 4807 22.04 -8.72 91.62
CA PHE F 4807 20.79 -8.79 90.86
C PHE F 4807 20.45 -7.48 90.18
N ALA F 4808 21.14 -6.39 90.53
CA ALA F 4808 20.89 -5.12 89.85
C ALA F 4808 21.42 -5.15 88.43
N ALA F 4809 22.42 -5.99 88.16
CA ALA F 4809 22.96 -6.08 86.80
C ALA F 4809 21.90 -6.49 85.81
N HIS F 4810 20.88 -7.23 86.25
CA HIS F 4810 19.82 -7.69 85.35
C HIS F 4810 18.85 -6.59 84.96
N LEU F 4811 18.93 -5.42 85.59
CA LEU F 4811 18.15 -4.28 85.13
C LEU F 4811 18.65 -3.74 83.80
N LEU F 4812 19.90 -4.03 83.43
CA LEU F 4812 20.40 -3.68 82.11
C LEU F 4812 19.69 -4.45 81.02
N ASP F 4813 18.94 -5.51 81.38
CA ASP F 4813 18.21 -6.29 80.39
C ASP F 4813 17.10 -5.50 79.72
N ILE F 4814 16.73 -4.34 80.26
CA ILE F 4814 15.66 -3.55 79.65
C ILE F 4814 16.08 -3.06 78.28
N ALA F 4815 17.35 -2.73 78.11
CA ALA F 4815 17.85 -2.30 76.80
C ALA F 4815 17.65 -3.39 75.76
N MET F 4816 17.98 -4.62 76.13
CA MET F 4816 17.79 -5.74 75.20
C MET F 4816 16.32 -6.06 74.99
N GLY F 4817 15.51 -5.95 76.04
CA GLY F 4817 14.12 -6.37 75.98
C GLY F 4817 13.19 -5.38 75.32
N VAL F 4818 13.05 -4.19 75.90
CA VAL F 4818 12.07 -3.24 75.40
C VAL F 4818 12.53 -2.70 74.06
N LYS F 4819 11.61 -2.71 73.08
CA LYS F 4819 11.96 -2.29 71.73
C LYS F 4819 12.20 -0.79 71.65
N THR F 4820 11.33 0.00 72.30
CA THR F 4820 11.49 1.45 72.27
C THR F 4820 12.84 1.86 72.84
N LEU F 4821 13.21 1.26 73.98
CA LEU F 4821 14.51 1.57 74.56
C LEU F 4821 15.64 1.10 73.66
N ARG F 4822 15.46 -0.03 72.99
CA ARG F 4822 16.48 -0.49 72.06
C ARG F 4822 16.70 0.54 70.96
N THR F 4823 15.63 1.11 70.42
CA THR F 4823 15.77 2.12 69.38
C THR F 4823 16.43 3.38 69.93
N ILE F 4824 16.00 3.83 71.11
CA ILE F 4824 16.58 5.04 71.70
C ILE F 4824 18.08 4.85 71.92
N LEU F 4825 18.48 3.66 72.34
CA LEU F 4825 19.91 3.40 72.57
C LEU F 4825 20.66 3.20 71.26
N SER F 4826 20.00 2.65 70.24
CA SER F 4826 20.61 2.58 68.93
C SER F 4826 20.90 3.97 68.39
N SER F 4827 20.08 4.95 68.78
CA SER F 4827 20.39 6.33 68.42
C SER F 4827 21.75 6.75 68.98
N VAL F 4828 22.04 6.37 70.23
CA VAL F 4828 23.32 6.72 70.82
C VAL F 4828 24.46 5.91 70.19
N THR F 4829 24.25 4.62 69.96
CA THR F 4829 25.33 3.77 69.46
C THR F 4829 25.54 3.89 67.96
N HIS F 4830 24.67 4.60 67.25
CA HIS F 4830 24.85 4.76 65.81
C HIS F 4830 26.17 5.44 65.49
N ASN F 4831 26.51 6.47 66.27
CA ASN F 4831 27.79 7.17 66.14
C ASN F 4831 28.69 6.92 67.34
N GLY F 4832 28.70 5.68 67.84
CA GLY F 4832 29.48 5.39 69.03
C GLY F 4832 30.97 5.61 68.82
N LYS F 4833 31.47 5.22 67.66
CA LYS F 4833 32.88 5.41 67.37
C LYS F 4833 33.23 6.90 67.38
N GLN F 4834 32.37 7.72 66.77
CA GLN F 4834 32.62 9.15 66.77
C GLN F 4834 32.55 9.73 68.18
N LEU F 4835 31.62 9.24 68.99
CA LEU F 4835 31.53 9.71 70.37
C LEU F 4835 32.80 9.39 71.14
N VAL F 4836 33.31 8.16 70.99
CA VAL F 4836 34.52 7.77 71.69
C VAL F 4836 35.70 8.61 71.22
N MET F 4837 35.82 8.83 69.91
CA MET F 4837 36.91 9.64 69.40
C MET F 4837 36.79 11.08 69.89
N THR F 4838 35.57 11.59 70.04
CA THR F 4838 35.38 12.93 70.56
C THR F 4838 35.84 13.01 72.01
N VAL F 4839 35.54 11.98 72.80
CA VAL F 4839 36.02 11.96 74.18
C VAL F 4839 37.55 11.94 74.20
N GLY F 4840 38.16 11.17 73.30
CA GLY F 4840 39.62 11.17 73.22
C GLY F 4840 40.18 12.54 72.86
N LEU F 4841 39.53 13.22 71.92
CA LEU F 4841 39.95 14.58 71.56
C LEU F 4841 39.84 15.52 72.74
N LEU F 4842 38.76 15.38 73.51
CA LEU F 4842 38.61 16.18 74.73
C LEU F 4842 39.75 15.91 75.70
N ALA F 4843 40.13 14.64 75.85
CA ALA F 4843 41.24 14.32 76.73
C ALA F 4843 42.53 14.98 76.26
N VAL F 4844 42.78 14.95 74.95
CA VAL F 4844 44.01 15.55 74.43
C VAL F 4844 44.00 17.06 74.64
N VAL F 4845 42.87 17.71 74.38
CA VAL F 4845 42.80 19.16 74.56
C VAL F 4845 43.00 19.54 76.02
N VAL F 4846 42.39 18.78 76.93
CA VAL F 4846 42.57 19.07 78.34
C VAL F 4846 44.02 18.83 78.74
N TYR F 4847 44.68 17.85 78.12
CA TYR F 4847 46.10 17.64 78.39
C TYR F 4847 46.91 18.85 77.98
N LEU F 4848 46.61 19.43 76.81
CA LEU F 4848 47.33 20.62 76.38
C LEU F 4848 47.12 21.77 77.36
N TYR F 4849 45.88 21.96 77.80
CA TYR F 4849 45.62 22.99 78.80
C TYR F 4849 46.37 22.71 80.09
N THR F 4850 46.46 21.43 80.47
CA THR F 4850 47.23 21.07 81.67
C THR F 4850 48.70 21.43 81.51
N VAL F 4851 49.25 21.17 80.33
CA VAL F 4851 50.64 21.52 80.09
C VAL F 4851 50.84 23.02 80.28
N VAL F 4852 49.98 23.82 79.67
CA VAL F 4852 50.14 25.27 79.80
C VAL F 4852 50.02 25.70 81.26
N ALA F 4853 49.01 25.18 81.97
CA ALA F 4853 48.83 25.57 83.36
C ALA F 4853 50.01 25.17 84.22
N PHE F 4854 50.52 23.96 84.02
CA PHE F 4854 51.66 23.50 84.79
C PHE F 4854 52.88 24.36 84.53
N ASN F 4855 53.09 24.79 83.29
CA ASN F 4855 54.27 25.58 82.99
C ASN F 4855 54.15 27.02 83.48
N PHE F 4856 52.98 27.64 83.42
CA PHE F 4856 52.84 29.06 83.69
C PHE F 4856 51.97 29.34 84.92
N PHE F 4857 50.74 28.83 84.96
CA PHE F 4857 49.81 29.15 86.05
C PHE F 4857 49.82 28.03 87.08
N ARG F 4858 50.79 28.07 87.99
CA ARG F 4858 50.79 27.18 89.14
C ARG F 4858 50.39 27.85 90.44
N LYS F 4859 50.66 29.15 90.60
CA LYS F 4859 50.32 29.82 91.84
C LYS F 4859 48.83 29.85 92.10
N PHE F 4860 48.01 29.66 91.08
CA PHE F 4860 46.57 29.77 91.19
C PHE F 4860 45.87 28.47 91.52
N TYR F 4861 46.60 27.37 91.59
CA TYR F 4861 46.00 26.04 91.78
C TYR F 4861 46.11 25.58 93.23
N ASN F 4862 46.05 26.50 94.18
CA ASN F 4862 46.06 26.17 95.59
C ASN F 4862 44.62 26.02 96.06
N LYS F 4863 44.19 24.77 96.27
CA LYS F 4863 42.83 24.47 96.68
C LYS F 4863 42.71 24.28 98.18
N SER F 4864 43.51 24.98 98.96
CA SER F 4864 43.50 24.89 100.41
C SER F 4864 43.19 26.25 101.01
N GLU F 4865 42.38 26.24 102.07
CA GLU F 4865 42.05 27.45 102.81
C GLU F 4865 43.01 27.72 103.96
N ASP F 4866 43.63 26.67 104.51
CA ASP F 4866 44.57 26.82 105.61
C ASP F 4866 45.92 27.25 105.04
N GLU F 4867 46.32 28.49 105.34
CA GLU F 4867 47.59 28.99 104.80
C GLU F 4867 48.77 28.16 105.29
N ASP F 4868 48.65 27.53 106.45
CA ASP F 4868 49.75 26.74 106.98
C ASP F 4868 49.94 25.45 106.19
N GLU F 4869 48.88 24.95 105.55
CA GLU F 4869 48.89 23.67 104.84
C GLU F 4869 48.38 23.88 103.42
N PRO F 4870 49.23 24.30 102.50
CA PRO F 4870 48.80 24.46 101.11
C PRO F 4870 48.48 23.11 100.47
N ASP F 4871 47.58 23.14 99.49
CA ASP F 4871 47.23 21.97 98.69
C ASP F 4871 47.30 22.36 97.21
N MET F 4872 48.50 22.24 96.64
CA MET F 4872 48.70 22.60 95.25
C MET F 4872 48.31 21.44 94.35
N LYS F 4873 47.33 21.68 93.48
CA LYS F 4873 46.82 20.66 92.58
C LYS F 4873 47.53 20.65 91.25
N CYS F 4874 48.54 21.50 91.05
CA CYS F 4874 49.26 21.54 89.80
C CYS F 4874 50.76 21.65 90.03
N ASP F 4875 51.28 21.00 91.06
CA ASP F 4875 52.72 20.91 91.27
C ASP F 4875 53.33 19.68 90.63
N ASP F 4876 52.50 18.79 90.07
CA ASP F 4876 53.00 17.69 89.24
C ASP F 4876 52.00 17.50 88.11
N MET F 4877 52.50 16.99 86.98
CA MET F 4877 51.67 16.92 85.78
C MET F 4877 50.52 15.93 85.96
N MET F 4878 50.75 14.79 86.60
CA MET F 4878 49.67 13.84 86.78
C MET F 4878 48.54 14.44 87.62
N THR F 4879 48.90 15.07 88.75
CA THR F 4879 47.89 15.68 89.60
C THR F 4879 47.17 16.80 88.86
N CYS F 4880 47.90 17.62 88.11
CA CYS F 4880 47.27 18.73 87.41
C CYS F 4880 46.32 18.23 86.33
N TYR F 4881 46.73 17.19 85.60
CA TYR F 4881 45.85 16.63 84.57
C TYR F 4881 44.60 16.02 85.19
N LEU F 4882 44.77 15.29 86.30
CA LEU F 4882 43.59 14.74 86.97
C LEU F 4882 42.67 15.86 87.43
N PHE F 4883 43.23 16.90 88.04
CA PHE F 4883 42.42 18.03 88.47
C PHE F 4883 41.64 18.61 87.29
N HIS F 4884 42.32 18.90 86.18
CA HIS F 4884 41.63 19.45 85.03
C HIS F 4884 40.52 18.52 84.56
N MET F 4885 40.86 17.30 84.16
CA MET F 4885 39.87 16.40 83.58
C MET F 4885 38.71 16.13 84.53
N TYR F 4886 38.93 16.16 85.85
CA TYR F 4886 37.91 15.78 86.79
C TYR F 4886 37.04 16.96 87.23
N VAL F 4887 37.62 18.15 87.25
CA VAL F 4887 36.95 19.31 87.85
C VAL F 4887 36.59 20.35 86.81
N GLY F 4888 37.52 20.71 85.93
CA GLY F 4888 37.23 21.75 84.96
C GLY F 4888 36.18 21.32 83.95
N VAL F 4889 36.26 20.07 83.49
CA VAL F 4889 35.29 19.58 82.53
C VAL F 4889 33.89 19.58 83.13
N ARG F 4890 33.76 19.14 84.38
CA ARG F 4890 32.47 19.08 85.04
C ARG F 4890 31.98 20.45 85.50
N ALA F 4891 32.87 21.42 85.62
CA ALA F 4891 32.45 22.75 86.04
C ALA F 4891 31.61 23.41 84.96
N GLY F 4892 30.66 24.25 85.40
CA GLY F 4892 29.78 24.91 84.46
C GLY F 4892 30.50 25.89 83.55
N GLY F 4893 31.42 26.69 84.10
CA GLY F 4893 32.18 27.64 83.32
C GLY F 4893 33.63 27.27 83.10
N GLY F 4894 34.00 26.00 83.23
CA GLY F 4894 35.37 25.59 82.99
C GLY F 4894 36.22 25.65 84.24
N ILE F 4895 37.53 25.61 84.01
CA ILE F 4895 38.48 25.56 85.11
C ILE F 4895 38.46 26.87 85.91
N GLY F 4896 38.19 27.99 85.24
CA GLY F 4896 38.19 29.28 85.92
C GLY F 4896 37.21 29.36 87.07
N ASP F 4897 36.13 28.58 87.03
CA ASP F 4897 35.19 28.55 88.15
C ASP F 4897 35.82 28.03 89.43
N GLU F 4898 36.84 27.19 89.34
CA GLU F 4898 37.37 26.49 90.49
C GLU F 4898 38.74 26.94 90.90
N ILE F 4899 39.63 27.25 89.96
CA ILE F 4899 40.95 27.76 90.31
C ILE F 4899 40.87 29.26 90.60
N GLU F 4900 41.97 29.82 91.11
CA GLU F 4900 41.94 31.11 91.80
C GLU F 4900 41.56 32.26 90.88
N ASP F 4901 41.22 33.38 91.51
CA ASP F 4901 40.84 34.58 90.77
C ASP F 4901 42.07 35.25 90.16
N PRO F 4902 42.01 35.67 88.89
CA PRO F 4902 43.18 36.27 88.25
C PRO F 4902 43.34 37.77 88.49
N ALA F 4903 42.37 38.43 89.11
CA ALA F 4903 42.39 39.87 89.20
C ALA F 4903 43.61 40.36 89.96
N GLY F 4904 44.16 41.49 89.52
CA GLY F 4904 45.29 42.09 90.20
C GLY F 4904 46.55 41.28 90.12
N ASP F 4905 46.84 40.68 88.97
CA ASP F 4905 48.02 39.86 88.78
C ASP F 4905 48.67 40.21 87.46
N GLU F 4906 49.98 39.98 87.37
CA GLU F 4906 50.71 40.33 86.15
C GLU F 4906 50.25 39.48 84.96
N TYR F 4907 49.70 38.30 85.22
CA TYR F 4907 49.26 37.39 84.17
C TYR F 4907 47.75 37.40 84.00
N GLU F 4908 47.09 38.50 84.36
CA GLU F 4908 45.63 38.51 84.39
C GLU F 4908 45.05 38.30 83.00
N LEU F 4909 45.58 38.99 81.99
CA LEU F 4909 45.00 38.87 80.66
C LEU F 4909 45.32 37.52 80.03
N TYR F 4910 46.55 37.05 80.21
CA TYR F 4910 46.88 35.70 79.72
C TYR F 4910 45.94 34.68 80.35
N ARG F 4911 45.65 34.84 81.64
CA ARG F 4911 44.76 33.92 82.34
C ARG F 4911 43.30 34.05 81.91
N VAL F 4912 42.80 35.26 81.67
CA VAL F 4912 41.41 35.35 81.24
C VAL F 4912 41.27 34.74 79.85
N VAL F 4913 42.27 34.92 78.99
CA VAL F 4913 42.24 34.24 77.70
C VAL F 4913 42.26 32.73 77.89
N PHE F 4914 43.12 32.25 78.79
CA PHE F 4914 43.17 30.83 79.10
C PHE F 4914 41.80 30.29 79.49
N ASP F 4915 41.15 30.95 80.44
CA ASP F 4915 39.86 30.47 80.94
C ASP F 4915 38.77 30.56 79.89
N ILE F 4916 38.70 31.67 79.15
CA ILE F 4916 37.66 31.80 78.13
C ILE F 4916 37.84 30.75 77.04
N THR F 4917 39.08 30.53 76.60
CA THR F 4917 39.31 29.51 75.58
C THR F 4917 38.96 28.12 76.09
N PHE F 4918 39.32 27.83 77.34
CA PHE F 4918 38.91 26.54 77.92
C PHE F 4918 37.39 26.39 77.88
N PHE F 4919 36.68 27.42 78.33
CA PHE F 4919 35.22 27.35 78.37
C PHE F 4919 34.64 27.14 76.98
N PHE F 4920 35.14 27.87 75.99
CA PHE F 4920 34.55 27.80 74.65
C PHE F 4920 34.88 26.48 73.97
N PHE F 4921 36.15 26.06 74.01
CA PHE F 4921 36.53 24.86 73.29
C PHE F 4921 36.01 23.59 73.97
N VAL F 4922 36.16 23.51 75.30
CA VAL F 4922 35.81 22.28 76.00
C VAL F 4922 34.34 22.26 76.36
N ILE F 4923 33.89 23.25 77.13
CA ILE F 4923 32.53 23.21 77.64
C ILE F 4923 31.51 23.44 76.54
N VAL F 4924 31.77 24.34 75.61
CA VAL F 4924 30.76 24.76 74.65
C VAL F 4924 30.80 23.92 73.40
N ILE F 4925 31.98 23.72 72.82
CA ILE F 4925 32.06 23.16 71.48
C ILE F 4925 32.09 21.63 71.53
N LEU F 4926 33.02 21.04 72.28
CA LEU F 4926 33.13 19.59 72.27
C LEU F 4926 31.85 18.94 72.77
N LEU F 4927 31.28 19.45 73.86
CA LEU F 4927 29.98 18.97 74.29
C LEU F 4927 28.92 19.24 73.23
N ALA F 4928 29.00 20.37 72.53
CA ALA F 4928 28.10 20.59 71.41
C ALA F 4928 28.30 19.52 70.34
N ILE F 4929 29.54 19.07 70.14
CA ILE F 4929 29.79 18.01 69.17
C ILE F 4929 29.10 16.72 69.61
N ILE F 4930 29.15 16.41 70.90
CA ILE F 4930 28.51 15.19 71.38
C ILE F 4930 26.99 15.25 71.17
N GLN F 4931 26.37 16.34 71.63
CA GLN F 4931 24.95 16.52 71.39
C GLN F 4931 24.63 16.46 69.91
N GLY F 4932 25.47 17.04 69.06
CA GLY F 4932 25.20 17.02 67.64
C GLY F 4932 25.29 15.63 67.05
N LEU F 4933 26.25 14.82 67.52
CA LEU F 4933 26.33 13.45 67.05
C LEU F 4933 25.06 12.69 67.38
N ILE F 4934 24.56 12.84 68.61
CA ILE F 4934 23.33 12.13 68.97
C ILE F 4934 22.15 12.64 68.14
N ILE F 4935 22.03 13.95 68.01
CA ILE F 4935 20.89 14.53 67.31
C ILE F 4935 20.91 14.13 65.85
N ASP F 4936 22.11 14.03 65.25
CA ASP F 4936 22.21 13.64 63.86
C ASP F 4936 21.96 12.15 63.69
N ALA F 4937 22.30 11.35 64.71
CA ALA F 4937 21.97 9.92 64.65
C ALA F 4937 20.46 9.73 64.57
N PHE F 4938 19.72 10.48 65.38
CA PHE F 4938 18.26 10.39 65.29
C PHE F 4938 17.76 10.63 63.88
N GLY F 4939 18.19 11.73 63.27
CA GLY F 4939 17.74 12.09 61.94
C GLY F 4939 18.17 11.11 60.88
N GLU F 4940 19.39 10.57 61.01
CA GLU F 4940 19.86 9.58 60.05
C GLU F 4940 19.01 8.33 60.09
N LEU F 4941 18.67 7.86 61.29
CA LEU F 4941 17.81 6.68 61.39
C LEU F 4941 16.43 6.95 60.79
N ARG F 4942 15.87 8.14 61.07
CA ARG F 4942 14.57 8.47 60.49
C ARG F 4942 14.66 8.50 58.97
N ASP F 4943 15.74 9.06 58.44
CA ASP F 4943 15.91 9.12 56.99
C ASP F 4943 16.02 7.74 56.38
N GLN F 4944 16.72 6.83 57.06
CA GLN F 4944 16.82 5.46 56.55
C GLN F 4944 15.44 4.81 56.49
N GLN F 4945 14.64 4.98 57.54
CA GLN F 4945 13.29 4.42 57.52
C GLN F 4945 12.46 5.01 56.38
N GLU F 4946 12.55 6.32 56.20
CA GLU F 4946 11.78 6.97 55.14
C GLU F 4946 12.22 6.48 53.77
N GLN F 4947 13.52 6.27 53.58
CA GLN F 4947 14.02 5.76 52.32
C GLN F 4947 13.48 4.37 52.04
N VAL F 4948 13.47 3.51 53.06
CA VAL F 4948 12.91 2.17 52.88
C VAL F 4948 11.46 2.26 52.44
N LYS F 4949 10.67 3.09 53.13
CA LYS F 4949 9.26 3.22 52.79
C LYS F 4949 9.08 3.73 51.36
N GLU F 4950 9.85 4.75 50.99
CA GLU F 4950 9.71 5.34 49.67
C GLU F 4950 10.06 4.33 48.58
N ASP F 4951 11.14 3.58 48.77
CA ASP F 4951 11.51 2.58 47.78
C ASP F 4951 10.40 1.54 47.64
N MET F 4952 9.93 1.00 48.76
CA MET F 4952 8.90 -0.03 48.70
C MET F 4952 7.60 0.47 48.11
N GLU F 4953 7.31 1.78 48.19
CA GLU F 4953 6.09 2.31 47.61
C GLU F 4953 6.29 2.86 46.20
N THR F 4954 7.54 2.97 45.73
CA THR F 4954 7.77 3.54 44.41
C THR F 4954 8.14 2.49 43.37
N LYS F 4955 8.86 1.44 43.76
CA LYS F 4955 9.29 0.43 42.80
C LYS F 4955 9.08 -0.95 43.36
N CYS F 4956 8.91 -1.91 42.44
CA CYS F 4956 8.75 -3.31 42.84
C CYS F 4956 10.08 -3.87 43.31
N PHE F 4957 10.02 -4.69 44.36
CA PHE F 4957 11.23 -5.27 44.92
C PHE F 4957 11.89 -6.24 43.96
N ILE F 4958 11.09 -7.01 43.22
CA ILE F 4958 11.61 -8.10 42.40
C ILE F 4958 12.14 -7.58 41.07
N CYS F 4959 11.26 -7.00 40.26
CA CYS F 4959 11.65 -6.63 38.90
C CYS F 4959 12.30 -5.25 38.87
N GLY F 4960 11.90 -4.36 39.78
CA GLY F 4960 12.45 -3.04 39.84
C GLY F 4960 11.73 -2.00 39.01
N ILE F 4961 10.69 -2.39 38.27
CA ILE F 4961 9.95 -1.42 37.47
C ILE F 4961 9.25 -0.43 38.38
N GLY F 4962 9.09 0.79 37.88
CA GLY F 4962 8.48 1.85 38.67
C GLY F 4962 6.99 1.64 38.86
N SER F 4963 6.44 2.39 39.81
CA SER F 4963 5.02 2.22 40.14
C SER F 4963 4.12 2.84 39.08
N ASP F 4964 4.60 3.86 38.36
CA ASP F 4964 3.75 4.55 37.40
C ASP F 4964 3.31 3.62 36.28
N TYR F 4965 4.25 2.85 35.74
CA TYR F 4965 3.92 1.97 34.63
C TYR F 4965 2.78 1.02 35.02
N PHE F 4966 2.87 0.41 36.19
CA PHE F 4966 1.80 -0.45 36.67
C PHE F 4966 0.52 0.35 36.92
N ASP F 4967 0.64 1.54 37.50
CA ASP F 4967 -0.52 2.35 37.81
C ASP F 4967 -1.25 2.83 36.57
N THR F 4968 -0.65 2.68 35.39
CA THR F 4968 -1.41 2.88 34.15
C THR F 4968 -2.78 2.21 34.23
N THR F 4969 -2.87 1.11 34.97
CA THR F 4969 -4.12 0.39 35.20
C THR F 4969 -4.63 0.68 36.62
N PRO F 4970 -5.95 0.70 36.86
CA PRO F 4970 -6.43 0.99 38.21
C PRO F 4970 -5.85 0.05 39.27
N HIS F 4971 -5.17 0.63 40.27
CA HIS F 4971 -4.55 -0.15 41.33
C HIS F 4971 -3.56 -1.15 40.75
N GLY F 4972 -2.94 -0.78 39.63
CA GLY F 4972 -2.04 -1.69 38.96
C GLY F 4972 -0.85 -2.07 39.80
N PHE F 4973 -0.22 -1.08 40.45
CA PHE F 4973 0.92 -1.38 41.31
C PHE F 4973 0.53 -2.27 42.47
N GLU F 4974 -0.62 -1.99 43.09
CA GLU F 4974 -1.07 -2.82 44.20
C GLU F 4974 -1.27 -4.25 43.75
N THR F 4975 -1.93 -4.45 42.61
CA THR F 4975 -2.13 -5.80 42.10
C THR F 4975 -0.80 -6.46 41.78
N HIS F 4976 0.13 -5.71 41.19
CA HIS F 4976 1.42 -6.29 40.82
C HIS F 4976 2.19 -6.75 42.05
N THR F 4977 2.19 -5.94 43.10
CA THR F 4977 2.95 -6.27 44.30
C THR F 4977 2.23 -7.25 45.21
N LEU F 4978 0.93 -7.47 45.01
CA LEU F 4978 0.19 -8.42 45.83
C LEU F 4978 -0.02 -9.77 45.18
N GLU F 4979 -0.09 -9.83 43.85
CA GLU F 4979 -0.38 -11.09 43.15
C GLU F 4979 0.74 -11.48 42.19
N GLU F 4980 1.20 -10.54 41.38
CA GLU F 4980 2.13 -10.88 40.30
C GLU F 4980 3.52 -11.15 40.84
N HIS F 4981 4.15 -10.14 41.45
CA HIS F 4981 5.50 -10.26 42.01
C HIS F 4981 5.40 -10.11 43.52
N ASN F 4982 5.15 -11.23 44.20
CA ASN F 4982 4.95 -11.21 45.64
C ASN F 4982 6.08 -11.98 46.32
N LEU F 4983 6.75 -11.33 47.28
CA LEU F 4983 7.86 -11.96 47.97
C LEU F 4983 7.40 -13.21 48.71
N ALA F 4984 6.22 -13.14 49.33
CA ALA F 4984 5.70 -14.31 50.02
C ALA F 4984 5.48 -15.45 49.03
N ASN F 4985 4.96 -15.15 47.85
CA ASN F 4985 4.74 -16.20 46.86
C ASN F 4985 6.06 -16.80 46.42
N TYR F 4986 7.09 -15.99 46.22
CA TYR F 4986 8.38 -16.53 45.82
C TYR F 4986 8.94 -17.45 46.91
N MET F 4987 8.87 -17.02 48.17
CA MET F 4987 9.38 -17.88 49.24
C MET F 4987 8.58 -19.17 49.32
N PHE F 4988 7.25 -19.09 49.17
CA PHE F 4988 6.43 -20.28 49.18
C PHE F 4988 6.81 -21.20 48.03
N PHE F 4989 7.16 -20.64 46.88
CA PHE F 4989 7.59 -21.46 45.76
C PHE F 4989 8.89 -22.17 46.08
N LEU F 4990 9.85 -21.48 46.70
CA LEU F 4990 11.08 -22.16 47.09
C LEU F 4990 10.78 -23.30 48.06
N MET F 4991 9.91 -23.06 49.04
CA MET F 4991 9.56 -24.13 49.98
C MET F 4991 8.92 -25.31 49.26
N TYR F 4992 7.95 -25.02 48.38
CA TYR F 4992 7.24 -26.08 47.66
C TYR F 4992 8.19 -26.87 46.78
N LEU F 4993 9.12 -26.18 46.13
CA LEU F 4993 10.07 -26.83 45.24
C LEU F 4993 11.06 -27.68 46.02
N ILE F 4994 11.47 -27.21 47.20
CA ILE F 4994 12.38 -28.00 48.03
C ILE F 4994 11.69 -29.26 48.54
N ASN F 4995 10.43 -29.13 48.96
CA ASN F 4995 9.73 -30.29 49.50
C ASN F 4995 9.36 -31.29 48.41
N LYS F 4996 8.95 -30.80 47.23
CA LYS F 4996 8.55 -31.70 46.16
C LYS F 4996 9.73 -32.53 45.68
N ASP F 4997 9.44 -33.76 45.26
CA ASP F 4997 10.49 -34.65 44.78
C ASP F 4997 10.95 -34.22 43.39
N GLU F 4998 12.26 -34.36 43.15
CA GLU F 4998 12.79 -34.04 41.83
C GLU F 4998 12.12 -34.87 40.75
N THR F 4999 11.79 -36.12 41.05
CA THR F 4999 11.10 -36.96 40.08
C THR F 4999 9.73 -36.40 39.74
N GLU F 5000 9.08 -35.74 40.70
CA GLU F 5000 7.77 -35.14 40.46
C GLU F 5000 7.84 -33.71 39.94
N HIS F 5001 9.03 -33.11 39.93
CA HIS F 5001 9.16 -31.77 39.36
C HIS F 5001 8.67 -31.74 37.92
N THR F 5002 7.96 -30.67 37.57
CA THR F 5002 7.57 -30.45 36.19
C THR F 5002 8.70 -29.75 35.44
N GLY F 5003 8.48 -29.47 34.15
CA GLY F 5003 9.53 -28.88 33.35
C GLY F 5003 9.96 -27.52 33.88
N GLN F 5004 9.00 -26.64 34.15
CA GLN F 5004 9.33 -25.34 34.72
C GLN F 5004 9.96 -25.48 36.10
N GLU F 5005 9.39 -26.34 36.93
CA GLU F 5005 9.96 -26.57 38.25
C GLU F 5005 11.36 -27.13 38.15
N SER F 5006 11.59 -28.06 37.21
CA SER F 5006 12.93 -28.62 37.04
C SER F 5006 13.91 -27.55 36.61
N TYR F 5007 13.50 -26.67 35.69
CA TYR F 5007 14.38 -25.60 35.25
C TYR F 5007 14.75 -24.68 36.41
N VAL F 5008 13.77 -24.26 37.18
CA VAL F 5008 14.06 -23.40 38.33
C VAL F 5008 14.92 -24.13 39.35
N TRP F 5009 14.68 -25.43 39.52
CA TRP F 5009 15.46 -26.21 40.47
C TRP F 5009 16.92 -26.27 40.06
N LYS F 5010 17.18 -26.50 38.77
CA LYS F 5010 18.56 -26.52 38.30
C LYS F 5010 19.23 -25.18 38.52
N MET F 5011 18.53 -24.09 38.18
CA MET F 5011 19.13 -22.78 38.39
C MET F 5011 19.38 -22.50 39.87
N TYR F 5012 18.46 -22.90 40.73
CA TYR F 5012 18.66 -22.71 42.17
C TYR F 5012 19.85 -23.51 42.67
N GLN F 5013 19.97 -24.77 42.22
CA GLN F 5013 21.12 -25.58 42.63
C GLN F 5013 22.42 -24.96 42.18
N GLU F 5014 22.45 -24.37 40.99
CA GLU F 5014 23.64 -23.73 40.48
C GLU F 5014 23.81 -22.30 40.98
N ARG F 5015 22.87 -21.80 41.78
CA ARG F 5015 22.95 -20.45 42.33
C ARG F 5015 22.95 -19.40 41.22
N CYS F 5016 22.14 -19.64 40.19
CA CYS F 5016 21.93 -18.69 39.12
C CYS F 5016 20.57 -18.04 39.30
N TRP F 5017 20.56 -16.74 39.57
CA TRP F 5017 19.34 -16.01 39.89
C TRP F 5017 18.78 -15.28 38.68
N ASP F 5018 19.00 -15.83 37.49
CA ASP F 5018 18.48 -15.24 36.27
C ASP F 5018 17.02 -15.60 36.02
N PHE F 5019 16.47 -16.57 36.77
CA PHE F 5019 15.04 -16.87 36.61
C PHE F 5019 14.18 -15.82 37.28
N PHE F 5020 14.74 -15.05 38.21
CA PHE F 5020 14.02 -13.92 38.77
C PHE F 5020 13.84 -12.85 37.71
N PRO F 5021 12.61 -12.41 37.43
CA PRO F 5021 12.45 -11.33 36.45
C PRO F 5021 13.17 -10.08 36.91
N ALA F 5022 13.78 -9.39 35.94
CA ALA F 5022 14.56 -8.19 36.22
C ALA F 5022 14.29 -7.18 35.12
N GLY F 5023 13.66 -6.07 35.48
CA GLY F 5023 13.28 -5.09 34.48
C GLY F 5023 12.27 -5.57 33.48
N ASP F 5024 11.56 -6.66 33.78
CA ASP F 5024 10.57 -7.21 32.87
C ASP F 5024 9.48 -7.89 33.68
N CYS F 5025 8.33 -8.08 33.06
CA CYS F 5025 7.19 -8.68 33.74
C CYS F 5025 6.23 -9.23 32.69
N PHE F 5026 5.21 -9.94 33.16
CA PHE F 5026 4.21 -10.51 32.27
C PHE F 5026 3.50 -9.41 31.49
N ARG F 5027 3.14 -8.32 32.17
CA ARG F 5027 2.41 -7.24 31.50
C ARG F 5027 3.24 -6.62 30.39
N LYS F 5028 4.52 -6.34 30.66
CA LYS F 5028 5.37 -5.78 29.61
C LYS F 5028 5.59 -6.79 28.49
N GLN F 5029 5.76 -8.06 28.83
CA GLN F 5029 6.01 -9.08 27.81
C GLN F 5029 4.84 -9.15 26.83
N TYR F 5030 3.61 -9.21 27.36
CA TYR F 5030 2.42 -9.33 26.52
C TYR F 5030 1.59 -8.04 26.51
N GLU F 5031 2.26 -6.89 26.48
CA GLU F 5031 1.56 -5.62 26.55
C GLU F 5031 0.52 -5.48 25.44
N ASP F 5032 0.93 -5.68 24.20
CA ASP F 5032 0.03 -5.37 23.09
C ASP F 5032 -1.09 -6.41 22.96
N GLN F 5033 -0.77 -7.69 23.18
CA GLN F 5033 -1.85 -8.68 23.17
C GLN F 5033 -2.80 -8.46 24.35
N LEU F 5034 -2.26 -8.18 25.52
CA LEU F 5034 -3.12 -7.99 26.69
C LEU F 5034 -4.02 -6.77 26.51
N SER F 5035 -3.50 -5.69 25.96
CA SER F 5035 -4.28 -4.48 25.75
C SER F 5035 -5.48 -4.76 24.85
N GLU G 11 -10.38 -23.49 6.79
CA GLU G 11 -10.89 -24.24 7.94
C GLU G 11 -12.00 -25.19 7.52
N VAL G 12 -11.79 -26.49 7.75
CA VAL G 12 -12.79 -27.48 7.42
C VAL G 12 -14.03 -27.24 8.27
N GLN G 13 -15.20 -27.39 7.66
CA GLN G 13 -16.46 -27.14 8.34
C GLN G 13 -17.12 -28.45 8.75
N PHE G 14 -17.72 -28.46 9.93
CA PHE G 14 -18.32 -29.64 10.51
C PHE G 14 -19.83 -29.48 10.53
N LEU G 15 -20.55 -30.53 10.12
CA LEU G 15 -21.99 -30.51 10.22
C LEU G 15 -22.42 -30.57 11.68
N ARG G 16 -23.49 -29.84 12.00
CA ARG G 16 -24.01 -29.76 13.36
C ARG G 16 -25.52 -29.91 13.32
N THR G 17 -26.09 -30.37 14.43
CA THR G 17 -27.53 -30.50 14.52
C THR G 17 -28.18 -29.14 14.32
N ASP G 18 -29.46 -29.17 13.96
CA ASP G 18 -30.25 -27.98 13.64
C ASP G 18 -29.80 -27.31 12.35
N ASP G 19 -29.00 -28.01 11.53
CA ASP G 19 -28.55 -27.49 10.25
C ASP G 19 -29.34 -28.15 9.12
N GLU G 20 -29.74 -27.35 8.15
CA GLU G 20 -30.44 -27.84 6.97
C GLU G 20 -29.44 -28.50 6.03
N VAL G 21 -29.82 -29.63 5.44
CA VAL G 21 -28.94 -30.36 4.54
C VAL G 21 -29.74 -30.94 3.39
N VAL G 22 -29.04 -31.32 2.34
CA VAL G 22 -29.60 -32.07 1.22
C VAL G 22 -28.77 -33.34 1.05
N LEU G 23 -29.45 -34.49 0.97
CA LEU G 23 -28.79 -35.76 0.73
C LEU G 23 -28.67 -35.96 -0.78
N GLN G 24 -27.44 -35.92 -1.28
CA GLN G 24 -27.17 -35.94 -2.71
C GLN G 24 -26.41 -37.20 -3.08
N CYS G 25 -26.66 -37.70 -4.28
CA CYS G 25 -26.00 -38.88 -4.81
C CYS G 25 -25.69 -38.67 -6.27
N SER G 26 -24.79 -39.50 -6.80
CA SER G 26 -24.33 -39.39 -8.17
C SER G 26 -24.67 -40.67 -8.93
N ALA G 27 -25.13 -40.51 -10.18
CA ALA G 27 -25.43 -41.63 -11.04
C ALA G 27 -24.89 -41.31 -12.43
N THR G 28 -24.15 -42.25 -13.02
CA THR G 28 -23.64 -42.06 -14.36
C THR G 28 -24.66 -42.57 -15.38
N VAL G 29 -25.14 -41.67 -16.23
CA VAL G 29 -26.08 -42.01 -17.29
C VAL G 29 -25.56 -41.45 -18.59
N LEU G 30 -25.49 -42.30 -19.62
CA LEU G 30 -25.01 -41.91 -20.94
C LEU G 30 -23.64 -41.24 -20.83
N LYS G 31 -22.77 -41.84 -20.04
CA LYS G 31 -21.40 -41.34 -19.85
C LYS G 31 -21.40 -39.91 -19.34
N GLU G 32 -22.47 -39.53 -18.64
CA GLU G 32 -22.62 -38.19 -18.11
C GLU G 32 -23.05 -38.27 -16.66
N GLN G 33 -22.19 -37.82 -15.75
CA GLN G 33 -22.53 -37.81 -14.34
C GLN G 33 -23.73 -36.92 -14.09
N LEU G 34 -24.68 -37.40 -13.28
CA LEU G 34 -25.90 -36.67 -12.95
C LEU G 34 -26.07 -36.72 -11.44
N LYS G 35 -26.33 -35.57 -10.84
CA LYS G 35 -26.45 -35.47 -9.40
C LYS G 35 -27.92 -35.34 -9.01
N LEU G 36 -28.32 -36.10 -8.00
CA LEU G 36 -29.71 -36.20 -7.58
C LEU G 36 -29.80 -35.91 -6.10
N CYS G 37 -30.92 -35.32 -5.68
CA CYS G 37 -31.18 -35.03 -4.27
C CYS G 37 -32.41 -35.79 -3.81
N LEU G 38 -32.32 -36.38 -2.62
CA LEU G 38 -33.47 -37.04 -2.04
C LEU G 38 -34.58 -36.04 -1.78
N ALA G 39 -35.80 -36.37 -2.19
CA ALA G 39 -36.92 -35.45 -2.07
C ALA G 39 -38.18 -36.22 -1.72
N ALA G 40 -39.15 -35.51 -1.14
CA ALA G 40 -40.44 -36.09 -0.83
C ALA G 40 -41.40 -34.95 -0.55
N GLU G 41 -42.68 -35.21 -0.79
CA GLU G 41 -43.71 -34.20 -0.60
C GLU G 41 -44.34 -34.25 0.78
N GLY G 42 -44.44 -35.43 1.38
CA GLY G 42 -45.03 -35.55 2.70
C GLY G 42 -46.54 -35.64 2.66
N PHE G 43 -47.21 -34.52 2.39
CA PHE G 43 -48.65 -34.49 2.28
C PHE G 43 -49.06 -35.03 0.92
N GLY G 44 -49.84 -36.11 0.92
CA GLY G 44 -50.33 -36.67 -0.32
C GLY G 44 -49.49 -37.82 -0.83
N ASN G 45 -48.19 -37.80 -0.51
CA ASN G 45 -47.28 -38.85 -0.97
C ASN G 45 -46.10 -38.91 0.00
N ARG G 46 -46.04 -40.00 0.77
CA ARG G 46 -44.97 -40.16 1.74
C ARG G 46 -43.70 -40.73 1.14
N LEU G 47 -43.76 -41.29 -0.06
CA LEU G 47 -42.60 -41.95 -0.64
C LEU G 47 -41.58 -40.92 -1.13
N CYS G 48 -40.31 -41.29 -1.03
CA CYS G 48 -39.22 -40.44 -1.46
C CYS G 48 -38.83 -40.76 -2.90
N PHE G 49 -38.52 -39.72 -3.66
CA PHE G 49 -38.00 -39.85 -5.01
C PHE G 49 -36.71 -39.04 -5.11
N LEU G 50 -36.17 -38.95 -6.32
CA LEU G 50 -34.91 -38.27 -6.56
C LEU G 50 -35.14 -37.10 -7.52
N GLU G 51 -34.66 -35.92 -7.12
CA GLU G 51 -34.80 -34.72 -7.92
C GLU G 51 -33.45 -34.38 -8.54
N PRO G 52 -33.29 -34.42 -9.86
CA PRO G 52 -32.00 -34.03 -10.44
C PRO G 52 -31.68 -32.58 -10.18
N THR G 53 -30.39 -32.28 -10.00
CA THR G 53 -29.92 -30.94 -9.71
C THR G 53 -28.66 -30.64 -10.52
N SER G 54 -28.49 -31.32 -11.65
CA SER G 54 -27.34 -31.10 -12.52
C SER G 54 -27.61 -30.12 -13.64
N ASN G 55 -28.86 -30.00 -14.10
CA ASN G 55 -29.23 -29.06 -15.15
C ASN G 55 -29.81 -27.77 -14.58
N ALA G 56 -29.42 -27.41 -13.36
CA ALA G 56 -30.02 -26.25 -12.70
C ALA G 56 -29.89 -25.00 -13.55
N GLN G 57 -28.81 -24.88 -14.31
CA GLN G 57 -28.58 -23.66 -15.09
C GLN G 57 -29.53 -23.56 -16.28
N ASN G 58 -30.31 -24.61 -16.56
CA ASN G 58 -31.40 -24.54 -17.53
C ASN G 58 -32.77 -24.69 -16.87
N VAL G 59 -32.96 -25.71 -16.05
CA VAL G 59 -34.24 -25.97 -15.41
C VAL G 59 -34.04 -25.98 -13.91
N PRO G 60 -34.51 -24.98 -13.16
CA PRO G 60 -34.28 -24.96 -11.72
C PRO G 60 -34.89 -26.17 -11.05
N PRO G 61 -34.23 -26.75 -10.05
CA PRO G 61 -34.80 -27.90 -9.36
C PRO G 61 -35.81 -27.48 -8.30
N ASP G 62 -36.70 -28.41 -7.97
CA ASP G 62 -37.70 -28.20 -6.93
C ASP G 62 -37.00 -28.44 -5.59
N LEU G 63 -36.21 -27.46 -5.17
CA LEU G 63 -35.32 -27.63 -4.04
C LEU G 63 -36.04 -27.48 -2.70
N ALA G 64 -37.29 -26.99 -2.70
CA ALA G 64 -37.98 -26.75 -1.44
C ALA G 64 -38.20 -28.05 -0.67
N ILE G 65 -38.51 -29.13 -1.38
CA ILE G 65 -38.89 -30.38 -0.73
C ILE G 65 -37.68 -31.30 -0.60
N CYS G 66 -36.48 -30.77 -0.84
CA CYS G 66 -35.26 -31.54 -0.73
C CYS G 66 -34.48 -31.22 0.54
N CYS G 67 -35.04 -30.44 1.44
CA CYS G 67 -34.32 -29.91 2.58
C CYS G 67 -34.69 -30.68 3.84
N PHE G 68 -33.68 -31.15 4.57
CA PHE G 68 -33.87 -31.87 5.82
C PHE G 68 -33.10 -31.19 6.93
N ILE G 69 -33.70 -31.13 8.11
CA ILE G 69 -33.07 -30.59 9.31
C ILE G 69 -32.56 -31.75 10.15
N LEU G 70 -31.32 -31.64 10.60
CA LEU G 70 -30.71 -32.64 11.50
C LEU G 70 -31.18 -32.35 12.91
N GLU G 71 -32.30 -32.97 13.29
CA GLU G 71 -32.91 -32.65 14.59
C GLU G 71 -32.07 -33.19 15.73
N GLN G 72 -31.54 -34.40 15.61
CA GLN G 72 -30.80 -35.03 16.69
C GLN G 72 -29.70 -35.91 16.13
N SER G 73 -28.69 -36.16 16.96
CA SER G 73 -27.58 -37.04 16.61
C SER G 73 -27.05 -37.66 17.91
N LEU G 74 -27.49 -38.88 18.19
CA LEU G 74 -27.07 -39.61 19.37
C LEU G 74 -26.20 -40.80 18.96
N SER G 75 -25.44 -41.29 19.93
CA SER G 75 -24.73 -42.55 19.76
C SER G 75 -25.74 -43.70 19.71
N VAL G 76 -25.29 -44.85 19.21
CA VAL G 76 -26.18 -45.99 19.09
C VAL G 76 -26.72 -46.37 20.46
N ARG G 77 -25.86 -46.37 21.47
CA ARG G 77 -26.28 -46.79 22.81
C ARG G 77 -27.21 -45.76 23.44
N ALA G 78 -26.91 -44.48 23.23
CA ALA G 78 -27.82 -43.44 23.70
C ALA G 78 -29.19 -43.58 23.07
N LEU G 79 -29.21 -43.91 21.77
CA LEU G 79 -30.48 -44.14 21.09
C LEU G 79 -31.21 -45.34 21.68
N GLN G 80 -30.47 -46.41 21.97
CA GLN G 80 -31.07 -47.58 22.59
C GLN G 80 -31.73 -47.22 23.91
N GLU G 81 -31.03 -46.46 24.75
CA GLU G 81 -31.59 -46.05 26.03
C GLU G 81 -32.83 -45.17 25.83
N MET G 82 -32.75 -44.22 24.89
CA MET G 82 -33.88 -43.33 24.66
C MET G 82 -35.10 -44.11 24.20
N LEU G 83 -34.89 -45.07 23.30
CA LEU G 83 -36.01 -45.89 22.83
C LEU G 83 -36.57 -46.75 23.96
N ALA G 84 -35.69 -47.31 24.79
CA ALA G 84 -36.15 -48.13 25.90
C ALA G 84 -37.02 -47.30 26.86
N ASN G 85 -36.60 -46.07 27.14
CA ASN G 85 -37.38 -45.19 28.00
C ASN G 85 -38.79 -45.03 27.48
N HIS G 99 -26.76 -27.58 19.89
CA HIS G 99 -26.01 -27.73 18.65
C HIS G 99 -24.82 -28.64 18.85
N ARG G 100 -25.00 -29.91 18.51
CA ARG G 100 -23.98 -30.94 18.67
C ARG G 100 -23.42 -31.34 17.31
N THR G 101 -22.11 -31.51 17.25
CA THR G 101 -21.47 -31.93 16.02
C THR G 101 -21.86 -33.37 15.69
N LEU G 102 -21.84 -33.68 14.40
CA LEU G 102 -22.12 -35.04 13.94
C LEU G 102 -20.85 -35.85 13.93
N LEU G 103 -20.87 -36.98 14.62
CA LEU G 103 -19.73 -37.87 14.74
C LEU G 103 -20.04 -39.18 14.03
N TYR G 104 -19.08 -39.69 13.26
CA TYR G 104 -19.30 -40.94 12.55
C TYR G 104 -19.70 -42.04 13.51
N GLY G 105 -20.69 -42.83 13.12
CA GLY G 105 -21.21 -43.90 13.94
C GLY G 105 -22.39 -43.50 14.78
N HIS G 106 -22.71 -42.21 14.86
CA HIS G 106 -23.89 -41.76 15.57
C HIS G 106 -25.13 -41.95 14.69
N ALA G 107 -26.30 -41.92 15.34
CA ALA G 107 -27.57 -42.09 14.68
C ALA G 107 -28.27 -40.74 14.58
N ILE G 108 -28.67 -40.36 13.38
CA ILE G 108 -29.20 -39.03 13.11
C ILE G 108 -30.69 -39.12 12.82
N LEU G 109 -31.41 -38.06 13.15
CA LEU G 109 -32.84 -37.92 12.91
C LEU G 109 -33.02 -36.73 11.96
N LEU G 110 -33.78 -36.93 10.89
CA LEU G 110 -33.96 -35.90 9.88
C LEU G 110 -35.44 -35.54 9.78
N ARG G 111 -35.75 -34.25 9.96
CA ARG G 111 -37.08 -33.73 9.68
C ARG G 111 -37.13 -33.19 8.26
N HIS G 112 -38.15 -33.58 7.52
CA HIS G 112 -38.46 -32.88 6.28
C HIS G 112 -38.81 -31.44 6.61
N ALA G 113 -38.12 -30.50 5.97
CA ALA G 113 -38.29 -29.10 6.33
C ALA G 113 -39.71 -28.63 6.04
N HIS G 114 -40.29 -29.06 4.92
CA HIS G 114 -41.61 -28.58 4.54
C HIS G 114 -42.71 -29.27 5.35
N SER G 115 -42.76 -30.60 5.30
CA SER G 115 -43.84 -31.33 5.93
C SER G 115 -43.63 -31.56 7.42
N ARG G 116 -42.42 -31.35 7.93
CA ARG G 116 -42.11 -31.59 9.33
C ARG G 116 -42.21 -33.07 9.68
N MET G 117 -42.18 -33.94 8.69
CA MET G 117 -42.13 -35.38 8.91
C MET G 117 -40.68 -35.85 8.91
N TYR G 118 -40.49 -37.11 9.27
CA TYR G 118 -39.16 -37.66 9.50
C TYR G 118 -38.82 -38.71 8.45
N LEU G 119 -37.63 -38.58 7.89
CA LEU G 119 -37.14 -39.60 6.96
C LEU G 119 -36.99 -40.93 7.70
N SER G 120 -37.62 -41.97 7.16
CA SER G 120 -37.67 -43.26 7.82
C SER G 120 -37.63 -44.37 6.77
N CYS G 121 -37.41 -45.58 7.24
CA CYS G 121 -37.42 -46.77 6.40
C CYS G 121 -38.78 -47.44 6.54
N LEU G 122 -39.56 -47.44 5.46
CA LEU G 122 -40.91 -47.95 5.51
C LEU G 122 -40.90 -49.47 5.43
N THR G 123 -41.97 -50.08 5.96
CA THR G 123 -42.06 -51.54 5.92
C THR G 123 -42.46 -52.04 4.54
N THR G 124 -43.25 -51.27 3.81
CA THR G 124 -43.71 -51.70 2.50
C THR G 124 -42.55 -51.65 1.50
N SER G 125 -42.77 -52.30 0.35
CA SER G 125 -41.78 -52.32 -0.72
C SER G 125 -42.52 -52.41 -2.05
N ARG G 126 -42.40 -51.35 -2.86
CA ARG G 126 -43.02 -51.34 -4.18
C ARG G 126 -42.12 -51.90 -5.25
N SER G 127 -40.85 -52.18 -4.94
CA SER G 127 -39.90 -52.63 -5.95
C SER G 127 -40.25 -54.05 -6.40
N MET G 128 -40.29 -54.25 -7.72
CA MET G 128 -40.45 -55.57 -8.29
C MET G 128 -39.13 -56.26 -8.56
N THR G 129 -38.10 -55.51 -8.94
CA THR G 129 -36.80 -56.13 -9.22
C THR G 129 -36.19 -56.71 -7.94
N ASP G 130 -36.15 -55.93 -6.87
CA ASP G 130 -35.57 -56.34 -5.61
C ASP G 130 -36.66 -56.77 -4.65
N LYS G 131 -36.46 -57.92 -4.00
CA LYS G 131 -37.42 -58.45 -3.05
C LYS G 131 -36.99 -58.28 -1.60
N LEU G 132 -35.71 -58.00 -1.35
CA LEU G 132 -35.20 -57.77 -0.01
C LEU G 132 -35.12 -56.29 0.35
N ALA G 133 -35.53 -55.41 -0.56
CA ALA G 133 -35.44 -53.97 -0.35
C ALA G 133 -36.77 -53.41 0.10
N PHE G 134 -36.69 -52.35 0.92
CA PHE G 134 -37.86 -51.67 1.45
C PHE G 134 -37.92 -50.26 0.89
N ASP G 135 -39.08 -49.64 1.05
CA ASP G 135 -39.28 -48.27 0.59
C ASP G 135 -38.84 -47.28 1.65
N VAL G 136 -38.29 -46.16 1.20
CA VAL G 136 -37.86 -45.08 2.08
C VAL G 136 -38.79 -43.90 1.87
N GLY G 137 -39.42 -43.46 2.94
CA GLY G 137 -40.34 -42.33 2.87
C GLY G 137 -40.37 -41.54 4.14
N LEU G 138 -41.44 -40.77 4.34
CA LEU G 138 -41.62 -39.93 5.51
C LEU G 138 -42.68 -40.53 6.41
N GLN G 139 -42.53 -40.33 7.72
CA GLN G 139 -43.55 -40.74 8.67
C GLN G 139 -43.83 -39.59 9.63
N GLU G 140 -45.05 -39.57 10.16
CA GLU G 140 -45.51 -38.41 10.92
C GLU G 140 -44.77 -38.27 12.24
N ASP G 141 -44.55 -39.37 12.94
CA ASP G 141 -43.99 -39.33 14.29
C ASP G 141 -42.53 -39.75 14.30
N ALA G 142 -41.81 -39.26 15.31
CA ALA G 142 -40.42 -39.62 15.52
C ALA G 142 -40.27 -40.83 16.42
N THR G 143 -41.37 -41.46 16.79
CA THR G 143 -41.32 -42.64 17.65
C THR G 143 -40.80 -43.85 16.88
N GLY G 144 -40.24 -44.79 17.62
CA GLY G 144 -39.68 -45.98 17.02
C GLY G 144 -38.27 -45.75 16.50
N GLU G 145 -37.70 -46.83 15.97
CA GLU G 145 -36.34 -46.80 15.44
C GLU G 145 -36.30 -46.74 13.92
N ALA G 146 -37.45 -46.66 13.25
CA ALA G 146 -37.46 -46.59 11.80
C ALA G 146 -36.94 -45.26 11.29
N CYS G 147 -37.05 -44.20 12.09
CA CYS G 147 -36.67 -42.86 11.67
C CYS G 147 -35.22 -42.51 12.00
N TRP G 148 -34.40 -43.49 12.38
CA TRP G 148 -33.03 -43.24 12.79
C TRP G 148 -32.07 -43.91 11.82
N TRP G 149 -31.02 -43.18 11.45
CA TRP G 149 -30.03 -43.65 10.50
C TRP G 149 -28.64 -43.44 11.07
N THR G 150 -27.77 -44.43 10.89
CA THR G 150 -26.39 -44.35 11.35
C THR G 150 -25.49 -44.00 10.18
N MET G 151 -24.61 -43.02 10.38
CA MET G 151 -23.66 -42.59 9.37
C MET G 151 -22.36 -43.36 9.54
N HIS G 152 -21.82 -43.86 8.42
CA HIS G 152 -20.56 -44.56 8.45
C HIS G 152 -19.66 -44.05 7.33
N PRO G 153 -18.35 -44.05 7.54
CA PRO G 153 -17.44 -43.51 6.51
C PRO G 153 -17.54 -44.29 5.21
N ALA G 154 -17.47 -43.55 4.10
CA ALA G 154 -17.50 -44.20 2.80
C ALA G 154 -16.18 -44.89 2.50
N SER G 155 -15.06 -44.28 2.87
CA SER G 155 -13.74 -44.83 2.65
C SER G 155 -13.03 -44.99 4.00
N LYS G 156 -11.76 -45.38 3.94
CA LYS G 156 -10.98 -45.64 5.14
C LYS G 156 -10.27 -44.42 5.70
N GLN G 157 -10.27 -43.29 4.99
CA GLN G 157 -9.62 -42.10 5.54
C GLN G 157 -10.33 -41.61 6.79
N ARG G 158 -11.66 -41.66 6.78
CA ARG G 158 -12.45 -41.35 7.97
C ARG G 158 -12.63 -42.61 8.80
N SER G 159 -12.96 -42.42 10.08
CA SER G 159 -13.14 -43.54 10.99
C SER G 159 -14.16 -43.15 12.07
N GLU G 160 -14.69 -44.17 12.72
CA GLU G 160 -15.71 -43.94 13.75
C GLU G 160 -15.17 -43.01 14.83
N GLY G 161 -16.03 -42.13 15.31
CA GLY G 161 -15.64 -41.19 16.34
C GLY G 161 -15.09 -39.90 15.78
N GLU G 162 -14.89 -39.86 14.46
CA GLU G 162 -14.46 -38.62 13.83
C GLU G 162 -15.64 -37.71 13.55
N LYS G 163 -15.38 -36.41 13.48
CA LYS G 163 -16.41 -35.47 13.11
C LYS G 163 -16.66 -35.52 11.62
N VAL G 164 -17.93 -35.49 11.24
CA VAL G 164 -18.31 -35.54 9.82
C VAL G 164 -18.04 -34.17 9.22
N ARG G 165 -17.08 -34.13 8.29
CA ARG G 165 -16.73 -32.89 7.63
C ARG G 165 -17.54 -32.71 6.35
N VAL G 166 -17.99 -31.47 6.12
CA VAL G 166 -18.79 -31.17 4.95
C VAL G 166 -18.08 -31.64 3.70
N GLY G 167 -18.84 -32.20 2.76
CA GLY G 167 -18.28 -32.75 1.54
C GLY G 167 -17.85 -34.19 1.64
N ASP G 168 -17.96 -34.80 2.81
CA ASP G 168 -17.60 -36.20 2.98
C ASP G 168 -18.64 -37.11 2.36
N ASP G 169 -18.17 -38.22 1.81
CA ASP G 169 -19.04 -39.29 1.36
C ASP G 169 -19.30 -40.24 2.52
N LEU G 170 -20.57 -40.51 2.78
CA LEU G 170 -20.97 -41.34 3.91
C LEU G 170 -22.07 -42.29 3.48
N ILE G 171 -22.16 -43.42 4.16
CA ILE G 171 -23.21 -44.41 3.91
C ILE G 171 -24.15 -44.40 5.11
N LEU G 172 -25.45 -44.43 4.82
CA LEU G 172 -26.48 -44.35 5.85
C LEU G 172 -27.13 -45.71 6.00
N VAL G 173 -27.16 -46.22 7.22
CA VAL G 173 -27.74 -47.54 7.52
C VAL G 173 -28.95 -47.34 8.41
N SER G 174 -30.06 -47.95 8.02
CA SER G 174 -31.28 -47.85 8.83
C SER G 174 -31.11 -48.63 10.12
N VAL G 175 -31.41 -47.97 11.25
CA VAL G 175 -31.31 -48.64 12.54
C VAL G 175 -32.32 -49.77 12.67
N SER G 176 -33.46 -49.67 11.98
CA SER G 176 -34.54 -50.62 12.17
C SER G 176 -34.37 -51.88 11.33
N SER G 177 -33.66 -51.79 10.21
CA SER G 177 -33.56 -52.92 9.28
C SER G 177 -32.15 -53.20 8.78
N GLU G 178 -31.15 -52.45 9.23
CA GLU G 178 -29.77 -52.67 8.79
C GLU G 178 -29.67 -52.69 7.27
N ARG G 179 -30.38 -51.78 6.62
CA ARG G 179 -30.36 -51.63 5.18
C ARG G 179 -29.76 -50.29 4.80
N TYR G 180 -29.00 -50.27 3.71
CA TYR G 180 -28.37 -49.06 3.22
C TYR G 180 -29.39 -48.21 2.48
N LEU G 181 -29.28 -46.88 2.68
CA LEU G 181 -30.00 -45.96 1.81
C LEU G 181 -29.38 -46.05 0.43
N HIS G 182 -30.09 -46.69 -0.51
CA HIS G 182 -29.49 -47.16 -1.74
C HIS G 182 -30.17 -46.53 -2.95
N LEU G 183 -29.36 -46.23 -3.96
CA LEU G 183 -29.83 -45.76 -5.26
C LEU G 183 -30.03 -46.96 -6.17
N SER G 184 -31.27 -47.16 -6.62
CA SER G 184 -31.63 -48.31 -7.44
C SER G 184 -31.78 -47.86 -8.89
N THR G 185 -30.90 -48.35 -9.75
CA THR G 185 -30.96 -48.08 -11.19
C THR G 185 -31.54 -49.26 -11.96
N ALA G 186 -32.09 -50.25 -11.27
CA ALA G 186 -32.52 -51.48 -11.94
C ALA G 186 -33.50 -51.19 -13.05
N SER G 187 -34.57 -50.45 -12.76
CA SER G 187 -35.54 -50.10 -13.78
C SER G 187 -34.97 -49.00 -14.68
N GLY G 188 -35.78 -48.58 -15.64
CA GLY G 188 -35.37 -47.48 -16.50
C GLY G 188 -35.15 -46.20 -15.73
N GLU G 189 -36.06 -45.88 -14.82
CA GLU G 189 -35.98 -44.66 -14.03
C GLU G 189 -35.14 -44.89 -12.77
N LEU G 190 -34.62 -43.79 -12.23
CA LEU G 190 -33.78 -43.83 -11.04
C LEU G 190 -34.67 -43.69 -9.81
N GLN G 191 -34.53 -44.62 -8.86
CA GLN G 191 -35.32 -44.64 -7.65
C GLN G 191 -34.42 -44.83 -6.44
N VAL G 192 -35.00 -44.57 -5.27
CA VAL G 192 -34.28 -44.67 -4.00
C VAL G 192 -35.04 -45.64 -3.10
N ASP G 193 -34.29 -46.53 -2.44
CA ASP G 193 -34.88 -47.52 -1.55
C ASP G 193 -33.85 -47.94 -0.55
N ALA G 194 -34.28 -48.70 0.45
CA ALA G 194 -33.41 -49.26 1.47
C ALA G 194 -33.15 -50.72 1.12
N SER G 195 -31.92 -51.01 0.71
CA SER G 195 -31.53 -52.36 0.30
C SER G 195 -30.24 -52.75 0.99
N PHE G 196 -29.70 -53.89 0.59
CA PHE G 196 -28.46 -54.40 1.16
C PHE G 196 -27.23 -54.00 0.35
N MET G 197 -27.42 -53.34 -0.79
CA MET G 197 -26.31 -52.74 -1.52
C MET G 197 -26.16 -51.29 -1.08
N GLN G 198 -24.91 -50.85 -0.97
CA GLN G 198 -24.59 -49.55 -0.40
C GLN G 198 -24.46 -48.50 -1.49
N THR G 199 -24.78 -47.26 -1.14
CA THR G 199 -24.61 -46.11 -2.01
C THR G 199 -23.98 -44.99 -1.22
N LEU G 200 -23.11 -44.22 -1.87
CA LEU G 200 -22.41 -43.11 -1.22
C LEU G 200 -23.22 -41.84 -1.37
N TRP G 201 -23.49 -41.18 -0.25
CA TRP G 201 -24.26 -39.96 -0.20
C TRP G 201 -23.40 -38.81 0.28
N ASN G 202 -23.79 -37.59 -0.08
CA ASN G 202 -23.19 -36.37 0.41
C ASN G 202 -24.26 -35.56 1.12
N MET G 203 -23.96 -35.10 2.33
CA MET G 203 -24.89 -34.22 3.05
C MET G 203 -24.43 -32.79 2.80
N ASN G 204 -24.87 -32.23 1.69
CA ASN G 204 -24.44 -30.87 1.39
C ASN G 204 -25.24 -29.89 2.25
N PRO G 205 -24.55 -28.99 2.96
CA PRO G 205 -25.27 -28.07 3.84
C PRO G 205 -26.03 -27.00 3.07
N ILE G 206 -27.13 -26.55 3.66
CA ILE G 206 -27.94 -25.47 3.11
C ILE G 206 -27.82 -24.23 3.97
N CYS G 207 -27.94 -24.39 5.27
CA CYS G 207 -27.74 -23.28 6.20
C CYS G 207 -27.43 -23.87 7.57
N SER G 208 -26.74 -23.07 8.39
CA SER G 208 -26.40 -23.48 9.75
C SER G 208 -27.13 -22.60 10.77
N GLY G 209 -26.98 -21.28 10.66
CA GLY G 209 -27.69 -20.38 11.54
C GLY G 209 -27.68 -18.97 10.99
N CYS G 210 -28.84 -18.34 10.92
CA CYS G 210 -28.99 -17.02 10.32
C CYS G 210 -29.02 -15.96 11.41
N GLU G 211 -28.22 -14.91 11.23
CA GLU G 211 -28.29 -13.76 12.11
C GLU G 211 -29.71 -13.21 12.12
N GLU G 212 -30.21 -12.90 13.31
CA GLU G 212 -31.60 -12.53 13.46
C GLU G 212 -31.95 -11.32 12.59
N GLY G 213 -33.06 -11.43 11.87
CA GLY G 213 -33.57 -10.34 11.07
C GLY G 213 -32.98 -10.22 9.68
N PHE G 214 -32.06 -11.10 9.30
CA PHE G 214 -31.42 -11.00 7.99
C PHE G 214 -32.00 -12.01 7.02
N VAL G 215 -32.05 -11.63 5.75
CA VAL G 215 -32.63 -12.47 4.71
C VAL G 215 -31.59 -13.48 4.25
N THR G 216 -32.02 -14.72 4.06
CA THR G 216 -31.17 -15.77 3.54
C THR G 216 -31.87 -16.42 2.34
N GLY G 217 -31.08 -17.01 1.47
CA GLY G 217 -31.64 -17.72 0.34
C GLY G 217 -32.58 -18.82 0.77
N GLY G 218 -33.55 -19.11 -0.09
CA GLY G 218 -34.48 -20.18 0.19
C GLY G 218 -35.59 -19.83 1.15
N HIS G 219 -35.75 -18.56 1.50
CA HIS G 219 -36.89 -18.12 2.29
C HIS G 219 -38.07 -17.79 1.39
N VAL G 220 -39.26 -18.00 1.94
CA VAL G 220 -40.50 -17.50 1.36
C VAL G 220 -40.84 -16.20 2.04
N LEU G 221 -41.24 -15.19 1.25
CA LEU G 221 -41.42 -13.85 1.77
C LEU G 221 -42.32 -13.07 0.83
N ARG G 222 -42.57 -11.82 1.21
CA ARG G 222 -43.39 -10.90 0.42
C ARG G 222 -42.55 -9.69 0.06
N LEU G 223 -42.70 -9.23 -1.18
CA LEU G 223 -41.96 -8.09 -1.70
C LEU G 223 -42.88 -6.88 -1.71
N PHE G 224 -42.74 -6.02 -0.70
CA PHE G 224 -43.62 -4.87 -0.55
C PHE G 224 -43.00 -3.66 -1.23
N HIS G 225 -43.83 -2.91 -1.96
CA HIS G 225 -43.35 -1.73 -2.67
C HIS G 225 -42.94 -0.67 -1.66
N GLY G 226 -41.64 -0.51 -1.46
CA GLY G 226 -41.15 0.35 -0.40
C GLY G 226 -41.73 -0.04 0.94
N HIS G 227 -42.48 0.87 1.54
CA HIS G 227 -43.29 0.57 2.73
C HIS G 227 -44.74 0.94 2.48
N MET G 228 -45.18 0.84 1.24
CA MET G 228 -46.46 1.39 0.81
C MET G 228 -47.55 0.34 0.73
N ASP G 229 -47.55 -0.64 1.64
CA ASP G 229 -48.57 -1.69 1.73
C ASP G 229 -49.06 -2.12 0.35
N GLU G 230 -48.13 -2.24 -0.59
CA GLU G 230 -48.36 -2.87 -1.88
C GLU G 230 -47.32 -3.95 -2.07
N CYS G 231 -47.76 -5.14 -2.46
CA CYS G 231 -46.88 -6.27 -2.63
C CYS G 231 -46.89 -6.71 -4.09
N LEU G 232 -45.75 -7.26 -4.52
CA LEU G 232 -45.66 -7.88 -5.82
C LEU G 232 -46.48 -9.17 -5.82
N THR G 233 -47.27 -9.37 -6.86
CA THR G 233 -48.17 -10.52 -6.90
C THR G 233 -48.51 -10.86 -8.33
N ILE G 234 -49.29 -11.92 -8.49
CA ILE G 234 -49.85 -12.29 -9.79
C ILE G 234 -51.37 -12.25 -9.69
N SER G 235 -52.05 -12.35 -10.82
CA SER G 235 -53.49 -12.19 -10.82
C SER G 235 -54.16 -13.33 -10.05
N PRO G 236 -55.37 -13.11 -9.55
CA PRO G 236 -56.05 -14.17 -8.81
C PRO G 236 -56.28 -15.40 -9.67
N SER G 237 -56.71 -16.48 -9.02
CA SER G 237 -56.97 -17.72 -9.73
C SER G 237 -58.13 -17.53 -10.70
N ASP G 238 -58.08 -18.26 -11.81
CA ASP G 238 -59.08 -18.16 -12.86
C ASP G 238 -59.18 -16.74 -13.40
N SER G 239 -58.07 -16.30 -14.00
CA SER G 239 -57.96 -14.98 -14.60
C SER G 239 -57.66 -15.09 -16.08
N ASP G 240 -58.06 -14.07 -16.83
CA ASP G 240 -57.86 -14.10 -18.27
C ASP G 240 -56.38 -14.11 -18.66
N ASP G 241 -55.54 -13.47 -17.85
CA ASP G 241 -54.12 -13.39 -18.15
C ASP G 241 -53.39 -14.70 -17.92
N GLN G 242 -54.08 -15.77 -17.54
CA GLN G 242 -53.47 -17.07 -17.29
C GLN G 242 -52.47 -17.03 -16.14
N ARG G 243 -52.59 -16.04 -15.26
CA ARG G 243 -51.70 -15.90 -14.11
C ARG G 243 -50.24 -15.83 -14.55
N ARG G 244 -50.00 -15.10 -15.65
CA ARG G 244 -48.66 -14.97 -16.20
C ARG G 244 -48.09 -13.56 -16.06
N LEU G 245 -48.85 -12.62 -15.51
CA LEU G 245 -48.42 -11.24 -15.39
C LEU G 245 -48.22 -10.87 -13.93
N VAL G 246 -47.38 -9.88 -13.69
CA VAL G 246 -47.01 -9.44 -12.36
C VAL G 246 -47.56 -8.05 -12.11
N TYR G 247 -48.15 -7.85 -10.94
CA TYR G 247 -48.73 -6.56 -10.57
C TYR G 247 -48.28 -6.15 -9.17
N TYR G 248 -48.53 -4.89 -8.87
CA TYR G 248 -48.32 -4.31 -7.55
C TYR G 248 -49.69 -4.11 -6.91
N GLU G 249 -50.10 -5.05 -6.07
CA GLU G 249 -51.44 -4.97 -5.51
C GLU G 249 -51.38 -4.66 -4.02
N GLY G 250 -52.34 -3.89 -3.54
CA GLY G 250 -52.29 -3.39 -2.18
C GLY G 250 -53.53 -3.61 -1.35
N GLY G 251 -54.42 -4.48 -1.81
CA GLY G 251 -55.65 -4.74 -1.09
C GLY G 251 -55.41 -5.71 0.05
N PRO G 252 -56.31 -6.67 0.24
CA PRO G 252 -56.07 -7.73 1.22
C PRO G 252 -55.15 -8.83 0.72
N VAL G 253 -54.65 -8.72 -0.51
CA VAL G 253 -53.71 -9.70 -1.03
C VAL G 253 -52.44 -9.75 -0.22
N CYS G 254 -52.14 -8.66 0.51
CA CYS G 254 -50.94 -8.64 1.36
C CYS G 254 -50.97 -9.73 2.42
N THR G 255 -52.09 -10.42 2.60
CA THR G 255 -52.18 -11.54 3.53
C THR G 255 -52.56 -12.84 2.84
N HIS G 256 -52.71 -12.84 1.52
CA HIS G 256 -53.04 -14.04 0.78
C HIS G 256 -51.77 -14.80 0.41
N ALA G 257 -51.94 -15.91 -0.31
CA ALA G 257 -50.82 -16.76 -0.68
C ALA G 257 -50.26 -16.48 -2.06
N ARG G 258 -50.99 -15.76 -2.91
CA ARG G 258 -50.47 -15.47 -4.24
C ARG G 258 -49.47 -14.34 -4.25
N SER G 259 -49.16 -13.75 -3.10
CA SER G 259 -48.14 -12.72 -2.97
C SER G 259 -46.87 -13.25 -2.34
N LEU G 260 -46.72 -14.57 -2.23
CA LEU G 260 -45.56 -15.19 -1.59
C LEU G 260 -44.57 -15.64 -2.66
N TRP G 261 -43.31 -15.28 -2.47
CA TRP G 261 -42.24 -15.65 -3.40
C TRP G 261 -41.10 -16.27 -2.62
N ARG G 262 -40.44 -17.25 -3.23
CA ARG G 262 -39.29 -17.93 -2.63
C ARG G 262 -38.03 -17.48 -3.35
N LEU G 263 -36.99 -17.18 -2.57
CA LEU G 263 -35.73 -16.73 -3.13
C LEU G 263 -34.80 -17.94 -3.31
N GLU G 264 -34.35 -18.17 -4.54
CA GLU G 264 -33.54 -19.35 -4.86
C GLU G 264 -32.20 -18.93 -5.45
N PRO G 265 -31.14 -18.87 -4.65
CA PRO G 265 -29.83 -18.56 -5.22
C PRO G 265 -29.40 -19.58 -6.26
N LEU G 266 -28.52 -19.15 -7.17
CA LEU G 266 -28.05 -20.01 -8.25
C LEU G 266 -26.98 -21.00 -7.78
N ARG G 267 -27.29 -21.79 -6.76
CA ARG G 267 -26.35 -22.75 -6.21
C ARG G 267 -27.13 -23.67 -5.28
N ILE G 268 -26.66 -24.91 -5.17
CA ILE G 268 -27.33 -25.88 -4.30
C ILE G 268 -26.71 -25.87 -2.91
N SER G 269 -25.39 -26.00 -2.82
CA SER G 269 -24.73 -25.97 -1.53
C SER G 269 -24.72 -24.56 -0.97
N TRP G 270 -25.06 -24.43 0.31
CA TRP G 270 -25.09 -23.14 0.99
C TRP G 270 -26.07 -22.19 0.32
N SER G 271 -27.12 -22.75 -0.29
CA SER G 271 -28.18 -21.94 -0.87
C SER G 271 -28.99 -21.25 0.20
N GLY G 272 -28.86 -21.64 1.46
CA GLY G 272 -29.49 -20.96 2.57
C GLY G 272 -28.60 -19.93 3.24
N SER G 273 -27.50 -19.55 2.62
CA SER G 273 -26.60 -18.56 3.21
C SER G 273 -27.23 -17.19 3.18
N HIS G 274 -26.64 -16.27 3.97
CA HIS G 274 -27.10 -14.89 3.98
C HIS G 274 -27.08 -14.32 2.58
N LEU G 275 -28.20 -13.72 2.18
CA LEU G 275 -28.29 -13.12 0.86
C LEU G 275 -27.46 -11.84 0.83
N ARG G 276 -26.77 -11.61 -0.29
CA ARG G 276 -25.87 -10.48 -0.44
C ARG G 276 -26.34 -9.60 -1.59
N TRP G 277 -25.90 -8.34 -1.57
CA TRP G 277 -26.22 -7.42 -2.65
C TRP G 277 -25.54 -7.88 -3.94
N GLY G 278 -26.28 -7.86 -5.04
CA GLY G 278 -25.75 -8.21 -6.33
C GLY G 278 -25.62 -9.69 -6.58
N GLN G 279 -26.01 -10.53 -5.63
CA GLN G 279 -25.91 -11.97 -5.81
C GLN G 279 -27.02 -12.44 -6.75
N PRO G 280 -26.71 -13.10 -7.87
CA PRO G 280 -27.78 -13.56 -8.76
C PRO G 280 -28.66 -14.59 -8.06
N LEU G 281 -29.95 -14.58 -8.43
CA LEU G 281 -30.89 -15.53 -7.86
C LEU G 281 -32.14 -15.57 -8.71
N ARG G 282 -32.89 -16.65 -8.56
CA ARG G 282 -34.21 -16.80 -9.14
C ARG G 282 -35.26 -16.45 -8.10
N ILE G 283 -36.42 -16.02 -8.56
CA ILE G 283 -37.55 -15.70 -7.69
C ILE G 283 -38.72 -16.57 -8.14
N ARG G 284 -39.18 -17.46 -7.27
CA ARG G 284 -40.17 -18.46 -7.62
C ARG G 284 -41.50 -18.10 -6.98
N HIS G 285 -42.57 -18.21 -7.75
CA HIS G 285 -43.92 -18.03 -7.18
C HIS G 285 -44.34 -19.34 -6.53
N VAL G 286 -44.50 -19.30 -5.20
CA VAL G 286 -44.66 -20.54 -4.45
C VAL G 286 -45.92 -21.28 -4.88
N THR G 287 -47.05 -20.57 -4.99
CA THR G 287 -48.31 -21.25 -5.22
C THR G 287 -48.38 -21.85 -6.62
N THR G 288 -47.90 -21.15 -7.63
CA THR G 288 -47.96 -21.64 -9.00
C THR G 288 -46.69 -22.34 -9.44
N GLY G 289 -45.58 -22.17 -8.72
CA GLY G 289 -44.34 -22.81 -9.09
C GLY G 289 -43.69 -22.21 -10.31
N ARG G 290 -44.05 -20.99 -10.68
CA ARG G 290 -43.50 -20.33 -11.85
C ARG G 290 -42.45 -19.30 -11.41
N TYR G 291 -41.48 -19.07 -12.27
CA TYR G 291 -40.31 -18.26 -11.95
C TYR G 291 -40.41 -16.91 -12.63
N LEU G 292 -40.22 -15.85 -11.84
CA LEU G 292 -40.18 -14.50 -12.42
C LEU G 292 -39.07 -14.41 -13.45
N GLY G 293 -39.39 -13.87 -14.62
CA GLY G 293 -38.42 -13.86 -15.70
C GLY G 293 -38.80 -12.85 -16.77
N LEU G 294 -37.89 -12.72 -17.72
CA LEU G 294 -38.01 -11.76 -18.83
C LEU G 294 -38.05 -12.53 -20.14
N THR G 295 -39.24 -12.60 -20.74
CA THR G 295 -39.39 -13.15 -22.07
C THR G 295 -39.29 -12.02 -23.08
N GLU G 296 -38.47 -12.23 -24.12
CA GLU G 296 -38.23 -11.17 -25.10
C GLU G 296 -39.52 -10.69 -25.76
N ASP G 297 -40.53 -11.55 -25.87
CA ASP G 297 -41.75 -11.21 -26.60
C ASP G 297 -42.85 -10.62 -25.72
N GLN G 298 -42.76 -10.75 -24.40
CA GLN G 298 -43.83 -10.30 -23.52
C GLN G 298 -43.35 -9.53 -22.30
N GLY G 299 -42.04 -9.31 -22.15
CA GLY G 299 -41.55 -8.55 -21.02
C GLY G 299 -41.46 -9.35 -19.75
N LEU G 300 -41.81 -8.72 -18.62
CA LEU G 300 -41.73 -9.38 -17.32
C LEU G 300 -42.95 -10.28 -17.13
N VAL G 301 -42.71 -11.57 -16.95
CA VAL G 301 -43.76 -12.56 -16.75
C VAL G 301 -43.27 -13.57 -15.72
N VAL G 302 -44.09 -14.57 -15.46
CA VAL G 302 -43.68 -15.76 -14.72
C VAL G 302 -43.69 -16.92 -15.69
N VAL G 303 -42.55 -17.56 -15.87
CA VAL G 303 -42.40 -18.63 -16.84
C VAL G 303 -42.38 -19.97 -16.13
N ASP G 304 -42.72 -21.01 -16.87
CA ASP G 304 -42.67 -22.36 -16.34
C ASP G 304 -41.23 -22.77 -16.06
N ALA G 305 -41.08 -23.70 -15.11
CA ALA G 305 -39.74 -24.14 -14.73
C ALA G 305 -38.96 -24.65 -15.93
N SER G 306 -39.63 -25.33 -16.85
CA SER G 306 -38.93 -25.88 -18.01
C SER G 306 -38.30 -24.80 -18.86
N LYS G 307 -38.91 -23.60 -18.89
CA LYS G 307 -38.42 -22.50 -19.71
C LYS G 307 -37.66 -21.46 -18.89
N ALA G 308 -37.33 -21.79 -17.64
CA ALA G 308 -36.73 -20.84 -16.72
C ALA G 308 -35.21 -20.96 -16.71
N HIS G 309 -34.59 -20.67 -17.85
CA HIS G 309 -33.14 -20.70 -17.91
C HIS G 309 -32.56 -19.48 -17.21
N THR G 310 -31.28 -19.59 -16.84
CA THR G 310 -30.67 -18.60 -15.96
C THR G 310 -30.70 -17.21 -16.58
N LYS G 311 -30.39 -17.11 -17.87
CA LYS G 311 -30.38 -15.81 -18.52
C LYS G 311 -31.71 -15.10 -18.35
N ALA G 312 -32.81 -15.82 -18.52
CA ALA G 312 -34.13 -15.22 -18.42
C ALA G 312 -34.57 -14.98 -16.98
N THR G 313 -34.18 -15.85 -16.05
CA THR G 313 -34.78 -15.86 -14.71
C THR G 313 -33.80 -15.44 -13.62
N SER G 314 -32.66 -14.86 -13.96
CA SER G 314 -31.68 -14.44 -12.96
C SER G 314 -31.90 -12.96 -12.62
N PHE G 315 -32.11 -12.68 -11.34
CA PHE G 315 -32.25 -11.33 -10.83
C PHE G 315 -31.24 -11.10 -9.72
N CYS G 316 -31.13 -9.85 -9.28
CA CYS G 316 -30.26 -9.53 -8.16
C CYS G 316 -30.81 -8.33 -7.41
N PHE G 317 -30.44 -8.22 -6.15
CA PHE G 317 -30.81 -7.09 -5.31
C PHE G 317 -29.64 -6.12 -5.21
N ARG G 318 -29.94 -4.84 -5.38
CA ARG G 318 -28.93 -3.78 -5.33
C ARG G 318 -29.36 -2.74 -4.32
N ILE G 319 -28.38 -2.08 -3.69
CA ILE G 319 -28.68 -1.07 -2.69
C ILE G 319 -28.92 0.29 -3.34
N SER G 320 -28.52 0.45 -4.59
CA SER G 320 -28.75 1.70 -5.32
C SER G 320 -28.72 1.42 -6.81
N LYS G 321 -29.26 2.36 -7.58
CA LYS G 321 -29.37 2.20 -9.03
C LYS G 321 -28.09 2.60 -9.76
N GLU G 322 -27.06 3.01 -9.05
CA GLU G 322 -25.82 3.41 -9.70
C GLU G 322 -25.13 2.21 -10.33
N LYS G 323 -24.50 2.43 -11.47
CA LYS G 323 -23.83 1.36 -12.23
C LYS G 323 -22.46 1.07 -11.62
N LEU G 324 -22.47 0.27 -10.55
CA LEU G 324 -21.24 -0.21 -9.92
C LEU G 324 -21.17 -1.73 -9.87
N ASP G 325 -22.00 -2.44 -10.64
CA ASP G 325 -21.93 -3.90 -10.67
C ASP G 325 -20.71 -4.41 -11.39
N VAL G 326 -19.80 -3.54 -11.83
CA VAL G 326 -18.61 -3.94 -12.56
C VAL G 326 -17.82 -4.94 -11.73
N ALA G 327 -17.67 -4.67 -10.44
CA ALA G 327 -16.93 -5.56 -9.57
C ALA G 327 -17.68 -6.89 -9.44
N PRO G 328 -17.03 -8.03 -9.72
CA PRO G 328 -17.73 -9.32 -9.58
C PRO G 328 -17.73 -9.84 -8.15
N LYS G 329 -18.27 -11.04 -7.95
CA LYS G 329 -18.35 -11.63 -6.62
C LYS G 329 -17.91 -13.10 -6.70
N ARG G 330 -17.43 -13.60 -5.57
CA ARG G 330 -16.91 -14.96 -5.46
C ARG G 330 -17.72 -15.74 -4.43
N ASP G 331 -18.03 -16.99 -4.76
CA ASP G 331 -18.81 -17.83 -3.86
C ASP G 331 -18.06 -18.05 -2.56
N VAL G 332 -18.80 -18.07 -1.46
CA VAL G 332 -18.26 -18.30 -0.12
C VAL G 332 -18.89 -19.55 0.45
N GLU G 333 -18.06 -20.47 0.96
CA GLU G 333 -18.54 -21.72 1.52
C GLU G 333 -18.89 -21.51 2.99
N GLY G 334 -20.00 -20.82 3.20
CA GLY G 334 -20.46 -20.56 4.55
C GLY G 334 -21.66 -19.63 4.52
N MET G 335 -22.16 -19.32 5.71
CA MET G 335 -23.32 -18.46 5.82
C MET G 335 -23.04 -17.06 5.29
N GLY G 336 -21.78 -16.65 5.24
CA GLY G 336 -21.42 -15.36 4.70
C GLY G 336 -21.72 -14.23 5.65
N PRO G 337 -21.51 -12.99 5.19
CA PRO G 337 -21.79 -11.83 6.03
C PRO G 337 -23.25 -11.41 5.91
N PRO G 338 -23.92 -11.12 7.02
CA PRO G 338 -25.30 -10.63 6.93
C PRO G 338 -25.34 -9.25 6.31
N GLU G 339 -26.08 -9.12 5.20
CA GLU G 339 -26.13 -7.87 4.47
C GLU G 339 -27.54 -7.29 4.41
N ILE G 340 -28.51 -8.08 3.96
CA ILE G 340 -29.87 -7.56 3.77
C ILE G 340 -30.73 -7.94 4.98
N LYS G 341 -31.57 -7.01 5.40
CA LYS G 341 -32.40 -7.17 6.59
C LYS G 341 -33.87 -7.15 6.19
N TYR G 342 -34.68 -7.88 6.96
CA TYR G 342 -36.11 -7.88 6.75
C TYR G 342 -36.71 -6.57 7.22
N GLY G 343 -37.47 -5.93 6.35
CA GLY G 343 -38.14 -4.67 6.69
C GLY G 343 -37.27 -3.45 6.60
N GLU G 344 -36.04 -3.51 7.12
CA GLU G 344 -35.18 -2.34 7.15
C GLU G 344 -34.61 -2.04 5.76
N SER G 345 -33.84 -2.98 5.21
CA SER G 345 -33.16 -2.73 3.94
C SER G 345 -34.16 -2.48 2.83
N LEU G 346 -33.82 -1.55 1.94
CA LEU G 346 -34.60 -1.25 0.75
C LEU G 346 -33.80 -1.70 -0.46
N CYS G 347 -34.40 -2.56 -1.28
CA CYS G 347 -33.68 -3.26 -2.33
C CYS G 347 -34.27 -2.93 -3.70
N PHE G 348 -33.39 -2.72 -4.68
CA PHE G 348 -33.78 -2.58 -6.07
C PHE G 348 -33.55 -3.91 -6.77
N VAL G 349 -34.58 -4.40 -7.44
CA VAL G 349 -34.46 -5.65 -8.19
C VAL G 349 -33.99 -5.32 -9.60
N GLN G 350 -32.95 -6.01 -10.05
CA GLN G 350 -32.39 -5.77 -11.37
C GLN G 350 -32.23 -7.09 -12.09
N HIS G 351 -32.62 -7.13 -13.36
CA HIS G 351 -32.37 -8.28 -14.20
C HIS G 351 -30.89 -8.33 -14.55
N VAL G 352 -30.23 -9.42 -14.17
CA VAL G 352 -28.78 -9.49 -14.31
C VAL G 352 -28.38 -9.45 -15.78
N ALA G 353 -29.03 -10.25 -16.61
CA ALA G 353 -28.63 -10.35 -18.01
C ALA G 353 -28.81 -9.03 -18.73
N SER G 354 -29.99 -8.42 -18.61
CA SER G 354 -30.27 -7.20 -19.37
C SER G 354 -29.89 -5.95 -18.59
N GLY G 355 -29.89 -6.02 -17.26
CA GLY G 355 -29.61 -4.87 -16.44
C GLY G 355 -30.81 -3.99 -16.15
N LEU G 356 -31.96 -4.29 -16.74
CA LEU G 356 -33.16 -3.49 -16.51
C LEU G 356 -33.54 -3.53 -15.04
N TRP G 357 -34.42 -2.60 -14.65
CA TRP G 357 -34.85 -2.46 -13.27
C TRP G 357 -36.33 -2.80 -13.16
N LEU G 358 -36.68 -3.55 -12.11
CA LEU G 358 -38.07 -3.87 -11.84
C LEU G 358 -38.81 -2.62 -11.39
N THR G 359 -39.82 -2.23 -12.15
CA THR G 359 -40.58 -1.02 -11.87
C THR G 359 -42.03 -1.23 -12.28
N TYR G 360 -42.84 -0.20 -12.07
CA TYR G 360 -44.26 -0.25 -12.36
C TYR G 360 -44.55 0.50 -13.64
N ALA G 361 -45.45 -0.06 -14.45
CA ALA G 361 -45.88 0.60 -15.67
C ALA G 361 -46.74 1.81 -15.34
N ALA G 362 -46.82 2.72 -16.30
CA ALA G 362 -47.61 3.94 -16.12
C ALA G 362 -49.09 3.58 -16.17
N PRO G 363 -49.87 3.87 -15.13
CA PRO G 363 -51.30 3.52 -15.16
C PRO G 363 -52.01 4.17 -16.34
N ASP G 364 -52.56 3.34 -17.21
CA ASP G 364 -53.28 3.81 -18.38
C ASP G 364 -54.70 4.21 -18.00
N PRO G 365 -55.36 5.04 -18.82
CA PRO G 365 -56.73 5.46 -18.50
C PRO G 365 -57.75 4.35 -18.63
N LYS G 366 -58.93 4.59 -18.05
CA LYS G 366 -60.06 3.67 -17.98
C LYS G 366 -59.81 2.56 -16.98
N ALA G 367 -58.55 2.36 -16.58
CA ALA G 367 -58.27 1.44 -15.48
C ALA G 367 -58.43 2.16 -14.15
N LEU G 368 -57.92 3.38 -14.07
CA LEU G 368 -58.27 4.25 -12.96
C LEU G 368 -59.78 4.40 -12.86
N ARG G 369 -60.47 4.41 -14.01
CA ARG G 369 -61.90 4.65 -14.00
C ARG G 369 -62.64 3.43 -13.46
N LEU G 370 -62.26 2.24 -13.92
CA LEU G 370 -62.77 1.02 -13.31
C LEU G 370 -62.48 0.99 -11.81
N GLY G 371 -61.33 1.51 -11.40
CA GLY G 371 -60.95 1.58 -10.01
C GLY G 371 -59.88 0.61 -9.58
N VAL G 372 -59.13 0.02 -10.53
CA VAL G 372 -58.13 -0.97 -10.16
C VAL G 372 -57.05 -0.33 -9.31
N LEU G 373 -56.62 -1.05 -8.27
CA LEU G 373 -55.49 -0.64 -7.45
C LEU G 373 -54.22 -1.40 -7.83
N LYS G 374 -54.25 -2.14 -8.93
CA LYS G 374 -53.13 -2.98 -9.36
C LYS G 374 -52.40 -2.30 -10.51
N LYS G 375 -51.10 -2.10 -10.34
CA LYS G 375 -50.25 -1.49 -11.36
C LYS G 375 -49.37 -2.58 -11.95
N LYS G 376 -49.46 -2.78 -13.26
CA LYS G 376 -48.63 -3.79 -13.91
C LYS G 376 -47.15 -3.48 -13.71
N ALA G 377 -46.38 -4.50 -13.35
CA ALA G 377 -44.96 -4.35 -13.16
C ALA G 377 -44.22 -4.68 -14.44
N MET G 378 -43.12 -3.97 -14.67
CA MET G 378 -42.37 -4.11 -15.92
C MET G 378 -40.89 -3.88 -15.63
N LEU G 379 -40.07 -4.21 -16.61
CA LEU G 379 -38.63 -4.02 -16.54
C LEU G 379 -38.26 -2.85 -17.45
N HIS G 380 -37.62 -1.84 -16.87
CA HIS G 380 -37.33 -0.60 -17.58
C HIS G 380 -35.88 -0.20 -17.36
N GLN G 381 -35.34 0.54 -18.33
CA GLN G 381 -33.94 0.95 -18.26
C GLN G 381 -33.70 1.91 -17.11
N GLU G 382 -34.64 2.80 -16.83
CA GLU G 382 -34.49 3.80 -15.79
C GLU G 382 -35.46 3.62 -14.64
N GLY G 383 -36.68 3.15 -14.91
CA GLY G 383 -37.65 3.00 -13.85
C GLY G 383 -37.99 4.33 -13.22
N HIS G 384 -38.02 4.34 -11.89
CA HIS G 384 -38.35 5.55 -11.13
C HIS G 384 -37.48 5.57 -9.88
N MET G 385 -37.79 6.48 -8.96
CA MET G 385 -37.03 6.63 -7.73
C MET G 385 -37.53 5.73 -6.61
N ASP G 386 -38.82 5.41 -6.60
CA ASP G 386 -39.42 4.60 -5.53
C ASP G 386 -39.57 3.14 -5.94
N ASP G 387 -38.65 2.64 -6.78
CA ASP G 387 -38.66 1.24 -7.16
C ASP G 387 -38.15 0.32 -6.07
N ALA G 388 -37.59 0.85 -4.99
CA ALA G 388 -37.04 0.01 -3.94
C ALA G 388 -38.14 -0.83 -3.31
N LEU G 389 -37.79 -2.08 -2.99
CA LEU G 389 -38.70 -3.02 -2.37
C LEU G 389 -38.19 -3.40 -0.99
N SER G 390 -39.11 -3.70 -0.09
CA SER G 390 -38.79 -4.21 1.24
C SER G 390 -39.24 -5.65 1.34
N LEU G 391 -38.42 -6.49 1.98
CA LEU G 391 -38.70 -7.91 2.10
C LEU G 391 -39.30 -8.18 3.47
N THR G 392 -40.45 -8.85 3.49
CA THR G 392 -41.13 -9.19 4.73
C THR G 392 -41.26 -10.70 4.84
N ARG G 393 -40.83 -11.25 5.97
CA ARG G 393 -40.95 -12.69 6.16
C ARG G 393 -42.41 -13.08 6.32
N CYS G 394 -42.75 -14.25 5.81
CA CYS G 394 -44.04 -14.85 6.05
C CYS G 394 -43.87 -16.00 7.03
N GLN G 395 -44.90 -16.23 7.84
CA GLN G 395 -44.79 -17.24 8.88
C GLN G 395 -44.81 -18.65 8.28
N GLN G 396 -44.27 -19.59 9.06
CA GLN G 396 -44.19 -20.98 8.62
C GLN G 396 -45.55 -21.49 8.19
N GLU G 397 -46.61 -21.01 8.85
CA GLU G 397 -47.96 -21.45 8.51
C GLU G 397 -48.29 -21.12 7.06
N GLU G 398 -48.09 -19.87 6.66
CA GLU G 398 -48.41 -19.49 5.28
C GLU G 398 -47.45 -20.16 4.29
N SER G 399 -46.18 -20.29 4.65
CA SER G 399 -45.26 -20.97 3.74
C SER G 399 -45.73 -22.39 3.45
N GLN G 400 -46.02 -23.15 4.52
CA GLN G 400 -46.48 -24.51 4.36
C GLN G 400 -47.79 -24.57 3.61
N ALA G 401 -48.71 -23.65 3.92
CA ALA G 401 -50.00 -23.66 3.23
C ALA G 401 -49.83 -23.39 1.74
N ALA G 402 -48.93 -22.48 1.37
CA ALA G 402 -48.72 -22.18 -0.04
C ALA G 402 -48.13 -23.38 -0.77
N ARG G 403 -47.15 -24.05 -0.17
CA ARG G 403 -46.60 -25.22 -0.82
C ARG G 403 -47.64 -26.33 -0.95
N MET G 404 -48.44 -26.53 0.10
CA MET G 404 -49.51 -27.52 0.04
C MET G 404 -50.52 -27.18 -1.05
N ILE G 405 -50.84 -25.89 -1.20
CA ILE G 405 -51.74 -25.48 -2.26
C ILE G 405 -51.16 -25.83 -3.62
N TYR G 406 -49.87 -25.56 -3.82
CA TYR G 406 -49.24 -25.90 -5.08
C TYR G 406 -49.38 -27.39 -5.40
N SER G 407 -48.97 -28.23 -4.45
CA SER G 407 -48.99 -29.67 -4.71
C SER G 407 -50.41 -30.20 -4.88
N THR G 408 -51.35 -29.75 -4.03
CA THR G 408 -52.72 -30.20 -4.12
C THR G 408 -53.37 -29.76 -5.43
N ALA G 409 -53.11 -28.52 -5.86
CA ALA G 409 -53.64 -28.06 -7.12
C ALA G 409 -53.14 -28.94 -8.26
N GLY G 410 -51.84 -29.25 -8.26
CA GLY G 410 -51.33 -30.13 -9.30
C GLY G 410 -52.02 -31.48 -9.30
N LEU G 411 -52.12 -32.10 -8.12
CA LEU G 411 -52.70 -33.44 -8.03
C LEU G 411 -54.15 -33.45 -8.46
N TYR G 412 -54.94 -32.49 -7.98
CA TYR G 412 -56.36 -32.52 -8.27
C TYR G 412 -56.64 -32.14 -9.72
N ASN G 413 -55.84 -31.26 -10.30
CA ASN G 413 -55.98 -30.99 -11.73
C ASN G 413 -55.65 -32.24 -12.54
N GLN G 414 -54.63 -32.99 -12.13
CA GLN G 414 -54.35 -34.26 -12.80
C GLN G 414 -55.53 -35.21 -12.69
N PHE G 415 -56.14 -35.28 -11.51
CA PHE G 415 -57.31 -36.14 -11.32
C PHE G 415 -58.46 -35.73 -12.24
N ILE G 416 -58.73 -34.43 -12.31
CA ILE G 416 -59.83 -33.94 -13.13
C ILE G 416 -59.57 -34.24 -14.59
N LYS G 417 -58.33 -34.03 -15.04
CA LYS G 417 -57.99 -34.35 -16.43
C LYS G 417 -58.16 -35.84 -16.69
N GLY G 418 -57.75 -36.69 -15.74
CA GLY G 418 -57.94 -38.11 -15.91
C GLY G 418 -59.40 -38.48 -16.07
N LEU G 419 -60.26 -37.91 -15.24
CA LEU G 419 -61.70 -38.19 -15.36
C LEU G 419 -62.23 -37.72 -16.71
N ASP G 420 -61.89 -36.49 -17.11
CA ASP G 420 -62.34 -35.99 -18.39
C ASP G 420 -61.81 -36.82 -19.56
N SER G 421 -60.72 -37.56 -19.34
CA SER G 421 -60.20 -38.40 -20.41
C SER G 421 -61.22 -39.42 -20.88
N PHE G 422 -61.90 -40.08 -19.94
CA PHE G 422 -62.91 -41.09 -20.28
C PHE G 422 -64.33 -40.63 -19.95
N SER G 423 -64.52 -39.32 -19.79
CA SER G 423 -65.85 -38.78 -19.47
C SER G 423 -66.95 -39.52 -20.22
N GLY G 424 -66.81 -39.68 -21.54
CA GLY G 424 -67.87 -40.24 -22.35
C GLY G 424 -67.47 -41.38 -23.26
N LYS G 425 -66.57 -42.26 -22.79
CA LYS G 425 -66.02 -43.33 -23.59
C LYS G 425 -66.22 -44.66 -22.87
N PRO G 426 -67.36 -45.31 -23.08
CA PRO G 426 -67.60 -46.61 -22.43
C PRO G 426 -66.47 -47.60 -22.69
N ARG G 427 -65.93 -48.19 -21.62
CA ARG G 427 -64.86 -49.16 -21.78
C ARG G 427 -65.31 -50.45 -22.44
N GLY G 428 -66.61 -50.71 -22.51
CA GLY G 428 -67.10 -51.97 -23.03
C GLY G 428 -66.72 -53.12 -22.12
N SER G 429 -65.79 -53.96 -22.58
CA SER G 429 -65.33 -55.11 -21.83
C SER G 429 -63.81 -55.21 -21.94
N GLY G 430 -63.13 -54.08 -21.79
CA GLY G 430 -61.70 -54.03 -21.97
C GLY G 430 -61.05 -52.83 -21.33
N PRO G 431 -60.09 -52.22 -22.02
CA PRO G 431 -59.27 -51.17 -21.40
C PRO G 431 -60.13 -50.00 -20.95
N PRO G 432 -59.78 -49.34 -19.85
CA PRO G 432 -60.55 -48.16 -19.41
C PRO G 432 -60.57 -47.05 -20.44
N ALA G 433 -59.65 -47.05 -21.40
CA ALA G 433 -59.62 -46.04 -22.45
C ALA G 433 -59.45 -44.63 -21.88
N GLY G 434 -58.33 -44.38 -21.24
CA GLY G 434 -58.02 -43.06 -20.74
C GLY G 434 -56.72 -43.08 -19.94
N SER G 435 -56.41 -41.94 -19.35
CA SER G 435 -55.23 -41.81 -18.51
C SER G 435 -55.48 -42.49 -17.16
N ALA G 436 -54.41 -43.02 -16.57
CA ALA G 436 -54.52 -43.64 -15.27
C ALA G 436 -54.90 -42.61 -14.22
N LEU G 437 -55.70 -43.04 -13.24
CA LEU G 437 -56.19 -42.10 -12.23
C LEU G 437 -55.28 -42.15 -10.99
N PRO G 438 -54.84 -40.99 -10.48
CA PRO G 438 -54.05 -41.00 -9.22
C PRO G 438 -54.92 -41.32 -8.01
N ILE G 439 -55.47 -42.53 -7.98
CA ILE G 439 -56.42 -42.88 -6.93
C ILE G 439 -55.74 -42.85 -5.56
N GLU G 440 -54.60 -43.53 -5.44
CA GLU G 440 -53.92 -43.61 -4.15
C GLU G 440 -53.48 -42.23 -3.67
N GLY G 441 -52.87 -41.45 -4.57
CA GLY G 441 -52.42 -40.13 -4.19
C GLY G 441 -53.58 -39.23 -3.79
N VAL G 442 -54.69 -39.30 -4.52
CA VAL G 442 -55.84 -38.47 -4.19
C VAL G 442 -56.40 -38.86 -2.83
N ILE G 443 -56.52 -40.16 -2.56
CA ILE G 443 -57.06 -40.58 -1.26
C ILE G 443 -56.16 -40.10 -0.13
N LEU G 444 -54.85 -40.31 -0.27
CA LEU G 444 -53.93 -39.90 0.79
C LEU G 444 -53.96 -38.40 0.98
N SER G 445 -53.99 -37.64 -0.11
CA SER G 445 -54.02 -36.18 -0.02
C SER G 445 -55.29 -35.71 0.67
N LEU G 446 -56.43 -36.31 0.33
CA LEU G 446 -57.68 -35.91 0.95
C LEU G 446 -57.66 -36.20 2.45
N GLN G 447 -57.15 -37.37 2.83
CA GLN G 447 -57.07 -37.69 4.25
C GLN G 447 -56.14 -36.72 4.98
N ASP G 448 -54.98 -36.42 4.39
CA ASP G 448 -54.05 -35.49 5.01
C ASP G 448 -54.68 -34.11 5.17
N LEU G 449 -55.40 -33.64 4.15
CA LEU G 449 -56.00 -32.32 4.23
C LEU G 449 -57.14 -32.28 5.24
N ILE G 450 -57.90 -33.35 5.36
CA ILE G 450 -58.94 -33.39 6.38
C ILE G 450 -58.31 -33.30 7.76
N GLY G 451 -57.24 -34.06 8.00
CA GLY G 451 -56.51 -33.92 9.25
C GLY G 451 -55.94 -32.53 9.43
N TYR G 452 -55.50 -31.91 8.35
CA TYR G 452 -54.95 -30.56 8.40
C TYR G 452 -55.99 -29.55 8.85
N PHE G 453 -57.22 -29.67 8.34
CA PHE G 453 -58.30 -28.74 8.65
C PHE G 453 -59.14 -29.20 9.83
N GLU G 454 -58.72 -30.26 10.50
CA GLU G 454 -59.48 -30.76 11.65
C GLU G 454 -59.66 -29.63 12.67
N PRO G 455 -60.86 -29.41 13.18
CA PRO G 455 -61.07 -28.33 14.15
C PRO G 455 -60.45 -28.66 15.49
N PRO G 456 -60.09 -27.65 16.28
CA PRO G 456 -59.48 -27.92 17.59
C PRO G 456 -60.47 -28.62 18.52
N SER G 457 -59.91 -29.48 19.38
CA SER G 457 -60.74 -30.22 20.31
C SER G 457 -61.33 -29.28 21.36
N GLU G 458 -62.56 -29.58 21.79
CA GLU G 458 -63.25 -28.74 22.75
C GLU G 458 -62.67 -28.82 24.16
N GLU G 459 -61.76 -29.76 24.42
CA GLU G 459 -61.19 -29.93 25.74
C GLU G 459 -59.93 -29.11 25.97
N LEU G 460 -59.49 -28.34 24.98
CA LEU G 460 -58.35 -27.48 25.15
C LEU G 460 -58.71 -26.29 26.05
N GLN G 461 -57.68 -25.72 26.66
CA GLN G 461 -57.87 -24.48 27.40
C GLN G 461 -58.23 -23.35 26.44
N HIS G 462 -58.83 -22.30 26.99
CA HIS G 462 -59.48 -21.30 26.15
C HIS G 462 -58.48 -20.61 25.23
N GLU G 463 -57.33 -20.19 25.76
CA GLU G 463 -56.38 -19.42 24.96
C GLU G 463 -55.82 -20.25 23.81
N GLU G 464 -55.43 -21.49 24.10
CA GLU G 464 -54.92 -22.37 23.05
C GLU G 464 -56.00 -22.65 22.02
N LYS G 465 -57.24 -22.86 22.47
CA LYS G 465 -58.32 -23.08 21.52
C LYS G 465 -58.51 -21.87 20.61
N GLN G 466 -58.41 -20.66 21.17
CA GLN G 466 -58.56 -19.46 20.36
C GLN G 466 -57.43 -19.35 19.34
N THR G 467 -56.20 -19.64 19.74
CA THR G 467 -55.10 -19.58 18.79
C THR G 467 -55.28 -20.61 17.68
N LYS G 468 -55.69 -21.82 18.03
CA LYS G 468 -55.94 -22.84 17.02
C LYS G 468 -57.05 -22.41 16.07
N LEU G 469 -58.11 -21.80 16.61
CA LEU G 469 -59.20 -21.34 15.77
C LEU G 469 -58.73 -20.26 14.80
N ARG G 470 -57.91 -19.33 15.28
CA ARG G 470 -57.39 -18.29 14.40
C ARG G 470 -56.56 -18.90 13.28
N SER G 471 -55.69 -19.85 13.63
CA SER G 471 -54.88 -20.52 12.62
C SER G 471 -55.76 -21.24 11.60
N LEU G 472 -56.80 -21.92 12.09
CA LEU G 472 -57.69 -22.66 11.19
C LEU G 472 -58.40 -21.72 10.24
N ARG G 473 -58.92 -20.60 10.75
CA ARG G 473 -59.59 -19.64 9.89
C ARG G 473 -58.63 -19.11 8.84
N ASN G 474 -57.40 -18.79 9.25
CA ASN G 474 -56.43 -18.25 8.30
C ASN G 474 -56.14 -19.25 7.19
N ARG G 475 -55.94 -20.51 7.56
CA ARG G 475 -55.60 -21.51 6.55
C ARG G 475 -56.79 -21.80 5.63
N GLN G 476 -58.00 -21.83 6.20
CA GLN G 476 -59.19 -21.98 5.37
C GLN G 476 -59.29 -20.85 4.36
N SER G 477 -59.07 -19.61 4.81
CA SER G 477 -59.13 -18.47 3.92
C SER G 477 -58.06 -18.56 2.83
N LEU G 478 -56.84 -18.98 3.21
CA LEU G 478 -55.79 -19.12 2.21
C LEU G 478 -56.20 -20.10 1.11
N PHE G 479 -56.68 -21.28 1.50
CA PHE G 479 -57.07 -22.27 0.50
C PHE G 479 -58.21 -21.76 -0.36
N GLN G 480 -59.22 -21.14 0.25
CA GLN G 480 -60.35 -20.65 -0.54
C GLN G 480 -59.89 -19.58 -1.52
N GLU G 481 -59.07 -18.63 -1.06
CA GLU G 481 -58.61 -17.56 -1.93
C GLU G 481 -57.76 -18.08 -3.06
N GLU G 482 -57.02 -19.18 -2.86
CA GLU G 482 -56.29 -19.80 -3.95
C GLU G 482 -57.17 -20.71 -4.78
N GLY G 483 -58.41 -20.93 -4.37
CA GLY G 483 -59.37 -21.62 -5.22
C GLY G 483 -59.43 -23.12 -5.04
N MET G 484 -58.90 -23.65 -3.95
CA MET G 484 -59.00 -25.09 -3.72
C MET G 484 -60.45 -25.51 -3.50
N LEU G 485 -61.28 -24.59 -3.01
CA LEU G 485 -62.71 -24.90 -2.87
C LEU G 485 -63.33 -25.19 -4.23
N SER G 486 -63.03 -24.35 -5.23
CA SER G 486 -63.55 -24.59 -6.56
C SER G 486 -63.01 -25.88 -7.14
N LEU G 487 -61.75 -26.21 -6.84
CA LEU G 487 -61.18 -27.46 -7.33
C LEU G 487 -61.90 -28.66 -6.73
N VAL G 488 -62.18 -28.62 -5.43
CA VAL G 488 -62.91 -29.71 -4.80
C VAL G 488 -64.31 -29.83 -5.39
N LEU G 489 -64.96 -28.69 -5.61
CA LEU G 489 -66.29 -28.71 -6.21
C LEU G 489 -66.24 -29.31 -7.61
N ASN G 490 -65.21 -28.97 -8.38
CA ASN G 490 -65.07 -29.55 -9.71
C ASN G 490 -64.89 -31.06 -9.65
N CYS G 491 -64.05 -31.53 -8.73
CA CYS G 491 -63.86 -32.97 -8.59
C CYS G 491 -65.17 -33.65 -8.23
N ILE G 492 -65.93 -33.06 -7.31
CA ILE G 492 -67.23 -33.62 -6.94
C ILE G 492 -68.15 -33.63 -8.15
N ASP G 493 -68.13 -32.57 -8.95
CA ASP G 493 -68.98 -32.53 -10.13
C ASP G 493 -68.64 -33.65 -11.10
N ARG G 494 -67.34 -33.86 -11.37
CA ARG G 494 -66.96 -34.91 -12.30
C ARG G 494 -67.35 -36.28 -11.77
N LEU G 495 -67.16 -36.51 -10.47
CA LEU G 495 -67.49 -37.81 -9.90
C LEU G 495 -68.99 -38.02 -9.72
N ASN G 496 -69.79 -36.95 -9.73
CA ASN G 496 -71.22 -37.07 -9.53
C ASN G 496 -71.96 -37.59 -10.76
N VAL G 497 -71.35 -37.54 -11.94
CA VAL G 497 -72.03 -37.99 -13.15
C VAL G 497 -72.40 -39.47 -13.03
N TYR G 498 -71.64 -40.22 -12.25
CA TYR G 498 -71.86 -41.65 -12.12
C TYR G 498 -72.66 -41.93 -10.85
N THR G 499 -73.79 -42.62 -11.03
CA THR G 499 -74.75 -42.82 -9.95
C THR G 499 -74.29 -43.87 -8.95
N THR G 500 -73.39 -44.76 -9.32
CA THR G 500 -72.94 -45.81 -8.43
C THR G 500 -71.56 -46.30 -8.85
N ALA G 501 -70.96 -47.12 -7.99
CA ALA G 501 -69.63 -47.63 -8.28
C ALA G 501 -69.62 -48.47 -9.55
N ALA G 502 -70.67 -49.25 -9.78
CA ALA G 502 -70.73 -50.04 -11.01
C ALA G 502 -70.82 -49.14 -12.24
N HIS G 503 -71.62 -48.08 -12.16
CA HIS G 503 -71.71 -47.16 -13.28
C HIS G 503 -70.37 -46.50 -13.54
N PHE G 504 -69.66 -46.13 -12.47
CA PHE G 504 -68.31 -45.59 -12.64
C PHE G 504 -67.38 -46.61 -13.28
N ALA G 505 -67.48 -47.86 -12.85
CA ALA G 505 -66.66 -48.92 -13.42
C ALA G 505 -66.88 -49.05 -14.90
N GLU G 506 -68.13 -48.91 -15.35
CA GLU G 506 -68.42 -48.99 -16.77
C GLU G 506 -67.64 -47.98 -17.60
N PHE G 507 -66.94 -47.04 -16.96
CA PHE G 507 -66.11 -46.08 -17.68
C PHE G 507 -64.65 -46.05 -17.22
N ALA G 508 -64.35 -46.45 -16.00
CA ALA G 508 -63.00 -46.35 -15.46
C ALA G 508 -62.36 -47.68 -15.12
N GLY G 509 -63.12 -48.76 -15.07
CA GLY G 509 -62.58 -50.06 -14.71
C GLY G 509 -62.85 -50.40 -13.25
N GLU G 510 -62.86 -51.70 -12.98
CA GLU G 510 -63.21 -52.17 -11.64
C GLU G 510 -62.19 -51.69 -10.61
N GLU G 511 -60.90 -51.71 -10.95
CA GLU G 511 -59.88 -51.30 -10.00
C GLU G 511 -60.09 -49.86 -9.55
N ALA G 512 -60.35 -48.97 -10.50
CA ALA G 512 -60.62 -47.58 -10.15
C ALA G 512 -61.94 -47.45 -9.39
N ALA G 513 -62.97 -48.18 -9.83
CA ALA G 513 -64.27 -48.07 -9.19
C ALA G 513 -64.25 -48.57 -7.75
N GLU G 514 -63.24 -49.36 -7.40
CA GLU G 514 -63.14 -49.87 -6.04
C GLU G 514 -62.95 -48.74 -5.02
N SER G 515 -62.61 -47.55 -5.48
CA SER G 515 -62.36 -46.42 -4.60
C SER G 515 -63.31 -45.25 -4.81
N TRP G 516 -64.34 -45.41 -5.65
CA TRP G 516 -65.22 -44.30 -5.98
C TRP G 516 -65.95 -43.78 -4.74
N LYS G 517 -66.58 -44.68 -3.99
CA LYS G 517 -67.34 -44.26 -2.82
C LYS G 517 -66.43 -43.61 -1.79
N GLU G 518 -65.25 -44.18 -1.56
CA GLU G 518 -64.32 -43.60 -0.61
C GLU G 518 -63.91 -42.20 -1.03
N ILE G 519 -63.61 -42.02 -2.32
CA ILE G 519 -63.16 -40.72 -2.80
C ILE G 519 -64.26 -39.69 -2.66
N VAL G 520 -65.49 -40.03 -3.01
CA VAL G 520 -66.57 -39.06 -2.91
C VAL G 520 -66.82 -38.68 -1.45
N ASN G 521 -66.81 -39.68 -0.55
CA ASN G 521 -67.00 -39.38 0.86
C ASN G 521 -65.88 -38.47 1.38
N LEU G 522 -64.64 -38.76 0.99
CA LEU G 522 -63.52 -37.93 1.42
C LEU G 522 -63.64 -36.52 0.88
N LEU G 523 -64.10 -36.38 -0.36
CA LEU G 523 -64.26 -35.04 -0.93
C LEU G 523 -65.30 -34.24 -0.18
N TYR G 524 -66.43 -34.86 0.16
CA TYR G 524 -67.44 -34.14 0.94
C TYR G 524 -66.93 -33.80 2.32
N GLU G 525 -66.18 -34.70 2.96
CA GLU G 525 -65.62 -34.39 4.26
C GLU G 525 -64.64 -33.23 4.17
N LEU G 526 -63.83 -33.19 3.12
CA LEU G 526 -62.90 -32.07 2.94
C LEU G 526 -63.65 -30.76 2.71
N LEU G 527 -64.73 -30.80 1.94
CA LEU G 527 -65.52 -29.59 1.73
C LEU G 527 -66.08 -29.08 3.05
N ALA G 528 -66.61 -29.99 3.86
CA ALA G 528 -67.12 -29.60 5.17
C ALA G 528 -66.01 -29.01 6.03
N SER G 529 -64.83 -29.62 6.01
CA SER G 529 -63.72 -29.09 6.79
C SER G 529 -63.30 -27.71 6.33
N LEU G 530 -63.27 -27.49 5.01
CA LEU G 530 -62.91 -26.18 4.46
C LEU G 530 -63.89 -25.09 4.82
N ILE G 531 -65.19 -25.36 4.81
CA ILE G 531 -66.17 -24.31 5.05
C ILE G 531 -66.59 -24.20 6.52
N ARG G 532 -66.37 -25.21 7.36
CA ARG G 532 -66.90 -25.19 8.71
C ARG G 532 -66.41 -23.96 9.47
N GLY G 533 -67.35 -23.18 10.00
CA GLY G 533 -67.02 -22.04 10.82
C GLY G 533 -66.57 -20.81 10.07
N ASN G 534 -66.41 -20.90 8.75
CA ASN G 534 -65.90 -19.81 7.94
C ASN G 534 -67.07 -19.15 7.21
N ARG G 535 -67.43 -17.94 7.64
CA ARG G 535 -68.60 -17.29 7.08
C ARG G 535 -68.43 -17.00 5.59
N THR G 536 -67.23 -16.58 5.18
CA THR G 536 -67.02 -16.27 3.77
C THR G 536 -67.20 -17.52 2.91
N ASN G 537 -66.51 -18.59 3.27
CA ASN G 537 -66.60 -19.83 2.50
C ASN G 537 -68.03 -20.34 2.47
N CYS G 538 -68.73 -20.27 3.60
CA CYS G 538 -70.13 -20.70 3.62
C CYS G 538 -70.99 -19.82 2.73
N ALA G 539 -70.80 -18.50 2.78
CA ALA G 539 -71.61 -17.60 1.97
C ALA G 539 -71.35 -17.79 0.49
N LEU G 540 -70.22 -18.39 0.14
CA LEU G 540 -69.98 -18.69 -1.28
C LEU G 540 -71.08 -19.53 -1.90
N PHE G 541 -71.81 -20.32 -1.11
CA PHE G 541 -72.83 -21.22 -1.63
C PHE G 541 -74.14 -20.53 -1.96
N SER G 542 -74.27 -19.23 -1.65
CA SER G 542 -75.52 -18.53 -1.95
C SER G 542 -75.79 -18.54 -3.45
N THR G 543 -74.76 -18.33 -4.26
CA THR G 543 -74.96 -18.31 -5.71
C THR G 543 -75.42 -19.66 -6.23
N ASN G 544 -74.82 -20.76 -5.74
CA ASN G 544 -75.23 -22.11 -6.12
C ASN G 544 -75.54 -22.91 -4.86
N LEU G 545 -76.75 -22.74 -4.34
CA LEU G 545 -77.29 -23.65 -3.34
C LEU G 545 -77.96 -24.86 -3.95
N ASP G 546 -78.62 -24.71 -5.10
CA ASP G 546 -79.22 -25.86 -5.77
C ASP G 546 -78.21 -26.96 -5.99
N TRP G 547 -76.98 -26.59 -6.32
CA TRP G 547 -75.92 -27.58 -6.52
C TRP G 547 -75.81 -28.50 -5.31
N LEU G 548 -75.99 -27.94 -4.10
CA LEU G 548 -75.87 -28.74 -2.89
C LEU G 548 -77.17 -29.48 -2.58
N VAL G 549 -78.30 -28.79 -2.61
CA VAL G 549 -79.56 -29.39 -2.20
C VAL G 549 -79.92 -30.56 -3.12
N SER G 550 -79.64 -30.41 -4.41
CA SER G 550 -80.01 -31.47 -5.36
C SER G 550 -79.28 -32.78 -5.09
N LYS G 551 -78.17 -32.74 -4.35
CA LYS G 551 -77.39 -33.94 -4.06
C LYS G 551 -77.78 -34.61 -2.76
N LEU G 552 -78.75 -34.05 -2.02
CA LEU G 552 -79.04 -34.57 -0.69
C LEU G 552 -79.50 -36.02 -0.74
N ASP G 553 -80.18 -36.42 -1.81
CA ASP G 553 -80.73 -37.77 -1.87
C ASP G 553 -79.73 -38.80 -2.39
N ARG G 554 -78.53 -38.39 -2.78
CA ARG G 554 -77.50 -39.34 -3.16
C ARG G 554 -77.19 -40.27 -1.99
N LEU G 555 -77.11 -41.56 -2.28
CA LEU G 555 -76.97 -42.56 -1.22
C LEU G 555 -75.53 -42.91 -0.89
N GLU G 556 -74.55 -42.46 -1.68
CA GLU G 556 -73.17 -42.82 -1.41
C GLU G 556 -72.58 -41.98 -0.28
N ALA G 557 -72.97 -40.71 -0.18
CA ALA G 557 -72.37 -39.80 0.80
C ALA G 557 -73.46 -38.95 1.46
N SER G 558 -74.55 -39.60 1.86
CA SER G 558 -75.68 -38.85 2.42
C SER G 558 -75.26 -38.05 3.64
N SER G 559 -74.57 -38.70 4.59
CA SER G 559 -74.18 -38.01 5.81
C SER G 559 -73.22 -36.87 5.53
N GLY G 560 -72.27 -37.08 4.62
CA GLY G 560 -71.34 -36.02 4.29
C GLY G 560 -72.02 -34.81 3.68
N ILE G 561 -72.93 -35.06 2.73
CA ILE G 561 -73.64 -33.94 2.11
C ILE G 561 -74.47 -33.21 3.15
N LEU G 562 -75.13 -33.96 4.04
CA LEU G 562 -75.92 -33.32 5.08
C LEU G 562 -75.05 -32.48 6.00
N GLU G 563 -73.85 -32.97 6.31
CA GLU G 563 -72.94 -32.19 7.16
C GLU G 563 -72.52 -30.90 6.46
N VAL G 564 -72.23 -30.98 5.17
CA VAL G 564 -71.88 -29.77 4.42
C VAL G 564 -73.02 -28.76 4.49
N LEU G 565 -74.25 -29.23 4.25
CA LEU G 565 -75.40 -28.34 4.31
C LEU G 565 -75.56 -27.73 5.69
N TYR G 566 -75.36 -28.55 6.73
CA TYR G 566 -75.47 -28.05 8.09
C TYR G 566 -74.48 -26.93 8.35
N CYS G 567 -73.22 -27.13 7.95
CA CYS G 567 -72.23 -26.08 8.15
C CYS G 567 -72.62 -24.81 7.41
N VAL G 568 -73.03 -24.94 6.15
CA VAL G 568 -73.38 -23.76 5.37
C VAL G 568 -74.51 -22.99 6.03
N LEU G 569 -75.57 -23.70 6.42
CA LEU G 569 -76.73 -23.02 7.00
C LEU G 569 -76.42 -22.45 8.36
N ILE G 570 -75.59 -23.13 9.16
CA ILE G 570 -75.25 -22.61 10.47
C ILE G 570 -74.47 -21.31 10.35
N GLU G 571 -73.59 -21.20 9.37
CA GLU G 571 -72.71 -20.03 9.31
C GLU G 571 -73.24 -18.88 8.46
N SER G 572 -73.99 -19.13 7.39
CA SER G 572 -74.29 -18.07 6.45
C SER G 572 -75.76 -17.65 6.54
N PRO G 573 -76.07 -16.41 6.92
CA PRO G 573 -77.45 -15.93 6.76
C PRO G 573 -77.84 -15.64 5.32
N GLU G 574 -76.86 -15.35 4.46
CA GLU G 574 -77.16 -15.07 3.07
C GLU G 574 -77.86 -16.25 2.42
N VAL G 575 -77.42 -17.47 2.73
CA VAL G 575 -78.09 -18.66 2.20
C VAL G 575 -79.52 -18.72 2.71
N LEU G 576 -79.72 -18.46 3.99
CA LEU G 576 -81.08 -18.49 4.55
C LEU G 576 -81.99 -17.50 3.84
N ASN G 577 -81.44 -16.36 3.42
CA ASN G 577 -82.27 -15.38 2.72
C ASN G 577 -82.64 -15.82 1.31
N ILE G 578 -82.06 -16.90 0.78
CA ILE G 578 -82.37 -17.38 -0.55
C ILE G 578 -83.01 -18.76 -0.53
N ILE G 579 -83.11 -19.40 0.63
CA ILE G 579 -83.81 -20.69 0.71
C ILE G 579 -85.17 -20.56 0.04
N GLN G 580 -85.62 -21.65 -0.59
CA GLN G 580 -86.86 -21.69 -1.34
C GLN G 580 -87.70 -22.88 -0.90
N GLU G 581 -88.96 -22.86 -1.34
CA GLU G 581 -89.89 -23.93 -0.98
C GLU G 581 -89.42 -25.28 -1.49
N ASN G 582 -88.85 -25.32 -2.70
CA ASN G 582 -88.36 -26.58 -3.23
C ASN G 582 -87.21 -27.11 -2.38
N HIS G 583 -86.33 -26.22 -1.92
CA HIS G 583 -85.25 -26.66 -1.05
C HIS G 583 -85.80 -27.24 0.25
N ILE G 584 -86.78 -26.55 0.85
CA ILE G 584 -87.35 -27.05 2.09
C ILE G 584 -88.04 -28.39 1.87
N LYS G 585 -88.74 -28.54 0.74
CA LYS G 585 -89.36 -29.82 0.44
C LYS G 585 -88.33 -30.92 0.26
N SER G 586 -87.19 -30.63 -0.37
CA SER G 586 -86.14 -31.65 -0.47
C SER G 586 -85.60 -32.03 0.89
N ILE G 587 -85.38 -31.05 1.76
CA ILE G 587 -84.87 -31.37 3.09
C ILE G 587 -85.88 -32.21 3.87
N ILE G 588 -87.16 -31.94 3.70
CA ILE G 588 -88.18 -32.76 4.36
C ILE G 588 -88.24 -34.14 3.74
N SER G 589 -88.05 -34.24 2.43
CA SER G 589 -88.00 -35.55 1.78
C SER G 589 -86.84 -36.38 2.31
N LEU G 590 -85.77 -35.73 2.77
CA LEU G 590 -84.74 -36.48 3.47
C LEU G 590 -85.31 -37.21 4.68
N LEU G 591 -86.10 -36.50 5.50
CA LEU G 591 -86.75 -37.17 6.61
C LEU G 591 -87.64 -38.30 6.12
N ASP G 592 -88.38 -38.04 5.04
CA ASP G 592 -89.34 -39.03 4.55
C ASP G 592 -88.64 -40.30 4.07
N LYS G 593 -87.50 -40.16 3.41
CA LYS G 593 -86.89 -41.27 2.68
C LYS G 593 -85.74 -41.94 3.42
N HIS G 594 -85.02 -41.22 4.29
CA HIS G 594 -83.86 -41.79 4.96
C HIS G 594 -84.14 -42.21 6.40
N GLY G 595 -85.25 -41.80 6.98
CA GLY G 595 -85.62 -42.20 8.32
C GLY G 595 -85.62 -41.02 9.26
N ARG G 596 -85.81 -41.34 10.55
CA ARG G 596 -85.91 -40.31 11.59
C ARG G 596 -84.51 -39.99 12.10
N ASN G 597 -83.85 -39.09 11.38
CA ASN G 597 -82.52 -38.62 11.71
C ASN G 597 -82.62 -37.22 12.29
N HIS G 598 -82.08 -37.04 13.50
CA HIS G 598 -82.22 -35.76 14.18
C HIS G 598 -81.35 -34.68 13.57
N LYS G 599 -80.36 -35.04 12.75
CA LYS G 599 -79.56 -34.02 12.10
C LYS G 599 -80.38 -33.26 11.05
N VAL G 600 -81.33 -33.93 10.42
CA VAL G 600 -82.25 -33.22 9.52
C VAL G 600 -83.08 -32.22 10.29
N LEU G 601 -83.53 -32.60 11.49
CA LEU G 601 -84.26 -31.67 12.33
C LEU G 601 -83.38 -30.49 12.72
N ASP G 602 -82.10 -30.75 12.99
CA ASP G 602 -81.18 -29.66 13.30
C ASP G 602 -81.03 -28.72 12.11
N VAL G 603 -80.94 -29.27 10.90
CA VAL G 603 -80.86 -28.43 9.71
C VAL G 603 -82.10 -27.56 9.58
N LEU G 604 -83.28 -28.16 9.78
CA LEU G 604 -84.51 -27.40 9.69
C LEU G 604 -84.55 -26.31 10.75
N CYS G 605 -84.11 -26.62 11.96
CA CYS G 605 -84.03 -25.60 13.00
C CYS G 605 -83.13 -24.45 12.58
N SER G 606 -81.96 -24.77 12.03
CA SER G 606 -81.03 -23.73 11.62
C SER G 606 -81.60 -22.89 10.49
N LEU G 607 -82.51 -23.45 9.69
CA LEU G 607 -83.15 -22.66 8.65
C LEU G 607 -84.04 -21.55 9.22
N CYS G 608 -84.48 -21.66 10.47
CA CYS G 608 -85.47 -20.72 10.99
C CYS G 608 -84.82 -19.48 11.57
N VAL G 609 -83.73 -19.64 12.33
CA VAL G 609 -83.09 -18.54 13.03
C VAL G 609 -81.59 -18.63 12.84
N CYS G 610 -80.95 -17.48 12.68
CA CYS G 610 -79.49 -17.41 12.55
C CYS G 610 -79.01 -16.10 13.16
N ASN G 611 -78.11 -16.20 14.14
CA ASN G 611 -77.53 -15.03 14.79
C ASN G 611 -78.60 -14.14 15.41
N GLY G 612 -79.64 -14.77 15.97
CA GLY G 612 -80.66 -14.05 16.66
C GLY G 612 -81.69 -13.37 15.78
N VAL G 613 -81.69 -13.64 14.49
CA VAL G 613 -82.66 -13.07 13.55
C VAL G 613 -83.45 -14.21 12.93
N ALA G 614 -84.76 -14.03 12.84
CA ALA G 614 -85.68 -15.05 12.37
C ALA G 614 -86.07 -14.78 10.93
N VAL G 615 -86.23 -15.85 10.15
CA VAL G 615 -86.64 -15.77 8.77
C VAL G 615 -88.08 -16.28 8.70
N ARG G 616 -89.02 -15.35 8.62
CA ARG G 616 -90.43 -15.72 8.69
C ARG G 616 -90.83 -16.61 7.52
N SER G 617 -90.29 -16.35 6.33
CA SER G 617 -90.64 -17.16 5.18
C SER G 617 -90.23 -18.61 5.40
N ASN G 618 -89.01 -18.83 5.88
CA ASN G 618 -88.57 -20.20 6.15
C ASN G 618 -89.40 -20.84 7.25
N GLN G 619 -89.69 -20.08 8.31
CA GLN G 619 -90.51 -20.64 9.38
C GLN G 619 -91.87 -21.09 8.87
N ASP G 620 -92.53 -20.24 8.08
CA ASP G 620 -93.84 -20.57 7.54
C ASP G 620 -93.77 -21.75 6.59
N LEU G 621 -92.75 -21.79 5.72
CA LEU G 621 -92.65 -22.90 4.79
C LEU G 621 -92.44 -24.22 5.51
N ILE G 622 -91.54 -24.23 6.50
CA ILE G 622 -91.32 -25.46 7.26
C ILE G 622 -92.60 -25.89 7.94
N THR G 623 -93.29 -24.96 8.61
CA THR G 623 -94.52 -25.31 9.29
C THR G 623 -95.51 -25.92 8.31
N GLU G 624 -95.81 -25.21 7.22
CA GLU G 624 -96.84 -25.60 6.28
C GLU G 624 -96.52 -26.89 5.54
N ASN G 625 -95.24 -27.20 5.31
CA ASN G 625 -94.89 -28.40 4.58
C ASN G 625 -94.53 -29.58 5.46
N LEU G 626 -94.36 -29.39 6.76
CA LEU G 626 -94.00 -30.51 7.64
C LEU G 626 -95.07 -30.88 8.64
N LEU G 627 -95.74 -29.90 9.26
CA LEU G 627 -96.61 -30.22 10.38
C LEU G 627 -97.97 -30.80 9.96
N PRO G 628 -98.69 -30.20 9.02
CA PRO G 628 -100.09 -30.61 8.81
C PRO G 628 -100.25 -32.08 8.44
N GLY G 629 -99.27 -32.66 7.75
CA GLY G 629 -99.40 -34.06 7.36
C GLY G 629 -99.53 -35.00 8.54
N ARG G 630 -98.81 -34.72 9.63
CA ARG G 630 -98.83 -35.57 10.81
C ARG G 630 -98.45 -37.01 10.45
N GLU G 631 -97.39 -37.15 9.66
CA GLU G 631 -96.93 -38.47 9.24
C GLU G 631 -95.45 -38.72 9.48
N LEU G 632 -94.63 -37.71 9.73
CA LEU G 632 -93.21 -37.88 9.97
C LEU G 632 -92.83 -37.68 11.42
N LEU G 633 -93.20 -36.56 12.02
CA LEU G 633 -92.94 -36.32 13.43
C LEU G 633 -93.85 -37.18 14.29
N LEU G 634 -93.31 -37.61 15.42
CA LEU G 634 -94.11 -38.38 16.36
C LEU G 634 -95.18 -37.51 16.99
N GLN G 635 -96.37 -38.07 17.12
CA GLN G 635 -97.53 -37.33 17.63
C GLN G 635 -97.76 -37.67 19.10
N THR G 636 -98.29 -36.69 19.83
CA THR G 636 -98.56 -36.86 21.26
C THR G 636 -99.98 -36.42 21.55
N ASN G 637 -100.54 -36.98 22.63
CA ASN G 637 -101.90 -36.66 23.04
C ASN G 637 -102.17 -37.35 24.36
N LEU G 638 -103.11 -36.81 25.12
CA LEU G 638 -103.54 -37.41 26.38
C LEU G 638 -104.71 -38.34 26.11
N ILE G 639 -104.63 -39.56 26.62
CA ILE G 639 -105.67 -40.56 26.39
C ILE G 639 -106.06 -41.18 27.72
N ASN G 640 -107.26 -41.73 27.77
CA ASN G 640 -107.75 -42.41 28.95
C ASN G 640 -107.23 -43.84 29.01
N TYR G 641 -106.96 -44.30 30.22
CA TYR G 641 -106.70 -45.72 30.43
C TYR G 641 -108.00 -46.50 30.28
N VAL G 642 -107.93 -47.64 29.61
CA VAL G 642 -109.10 -48.48 29.36
C VAL G 642 -108.78 -49.89 29.82
N THR G 643 -109.75 -50.53 30.44
CA THR G 643 -109.58 -51.87 30.98
C THR G 643 -110.82 -52.71 30.68
N SER G 644 -110.62 -54.02 30.67
CA SER G 644 -111.66 -54.97 30.30
C SER G 644 -112.01 -55.85 31.49
N ILE G 645 -113.26 -56.27 31.57
CA ILE G 645 -113.74 -57.17 32.61
C ILE G 645 -114.63 -58.22 31.98
N ARG G 646 -114.50 -59.45 32.45
CA ARG G 646 -115.27 -60.58 31.95
C ARG G 646 -115.71 -61.44 33.13
N PRO G 647 -116.81 -62.17 32.99
CA PRO G 647 -117.04 -63.31 33.87
C PRO G 647 -116.22 -64.51 33.41
N ASN G 648 -115.99 -65.44 34.32
CA ASN G 648 -115.23 -66.62 33.96
C ASN G 648 -116.12 -67.62 33.23
N ILE G 649 -116.63 -67.22 32.07
CA ILE G 649 -117.50 -68.05 31.24
C ILE G 649 -116.81 -68.22 29.90
N PHE G 650 -116.59 -69.45 29.48
CA PHE G 650 -115.86 -69.76 28.26
C PHE G 650 -116.67 -70.76 27.44
N VAL G 651 -116.88 -70.44 26.17
CA VAL G 651 -117.67 -71.28 25.26
C VAL G 651 -116.99 -71.29 23.91
N GLY G 652 -117.02 -72.45 23.26
CA GLY G 652 -116.38 -72.58 21.96
C GLY G 652 -117.02 -73.71 21.17
N ARG G 653 -116.42 -74.00 20.03
CA ARG G 653 -116.88 -75.06 19.13
C ARG G 653 -115.70 -75.92 18.72
N ALA G 654 -115.92 -77.23 18.67
CA ALA G 654 -114.95 -78.14 18.12
C ALA G 654 -115.66 -79.43 17.73
N GLU G 655 -115.04 -80.17 16.83
CA GLU G 655 -115.63 -81.42 16.36
C GLU G 655 -115.79 -82.39 17.52
N GLY G 656 -117.04 -82.73 17.85
CA GLY G 656 -117.29 -83.62 18.96
C GLY G 656 -117.15 -83.00 20.33
N SER G 657 -117.20 -81.68 20.42
CA SER G 657 -117.12 -81.00 21.71
C SER G 657 -118.40 -81.21 22.51
N THR G 658 -118.30 -81.03 23.82
CA THR G 658 -119.41 -81.23 24.73
C THR G 658 -120.11 -79.92 25.08
N GLN G 659 -119.82 -78.84 24.36
CA GLN G 659 -120.29 -77.52 24.71
C GLN G 659 -121.46 -77.12 23.83
N TYR G 660 -122.46 -76.47 24.43
CA TYR G 660 -123.60 -75.97 23.68
C TYR G 660 -123.15 -74.84 22.74
N GLY G 661 -123.96 -74.57 21.74
CA GLY G 661 -123.57 -73.67 20.67
C GLY G 661 -124.04 -72.24 20.81
N LYS G 662 -125.24 -72.04 21.34
CA LYS G 662 -125.88 -70.73 21.38
C LYS G 662 -125.89 -70.19 22.80
N TRP G 663 -125.47 -68.94 22.97
CA TRP G 663 -125.35 -68.33 24.29
C TRP G 663 -125.87 -66.90 24.25
N TYR G 664 -126.26 -66.41 25.43
CA TYR G 664 -126.95 -65.14 25.56
C TYR G 664 -126.60 -64.51 26.90
N PHE G 665 -126.36 -63.21 26.91
CA PHE G 665 -126.18 -62.49 28.17
C PHE G 665 -126.61 -61.04 27.99
N GLU G 666 -126.61 -60.30 29.09
CA GLU G 666 -127.04 -58.91 29.08
C GLU G 666 -126.13 -58.06 29.93
N VAL G 667 -126.09 -56.76 29.62
CA VAL G 667 -125.36 -55.77 30.40
C VAL G 667 -126.28 -54.58 30.58
N MET G 668 -126.49 -54.17 31.82
CA MET G 668 -127.33 -53.02 32.12
C MET G 668 -126.44 -51.89 32.64
N VAL G 669 -126.63 -50.69 32.10
CA VAL G 669 -125.77 -49.55 32.41
C VAL G 669 -126.47 -48.68 33.43
N ASP G 670 -125.87 -48.53 34.62
CA ASP G 670 -126.44 -47.73 35.68
C ASP G 670 -125.98 -46.27 35.63
N GLU G 671 -124.68 -46.03 35.53
CA GLU G 671 -124.16 -44.68 35.48
C GLU G 671 -123.09 -44.57 34.42
N VAL G 672 -123.08 -43.45 33.70
CA VAL G 672 -122.02 -43.12 32.76
C VAL G 672 -121.80 -41.62 32.77
N ALA G 673 -120.57 -41.20 33.01
CA ALA G 673 -120.21 -39.80 32.86
C ALA G 673 -119.65 -39.61 31.47
N PRO G 674 -120.38 -38.97 30.54
CA PRO G 674 -119.90 -38.94 29.16
C PRO G 674 -118.50 -38.37 29.02
N PHE G 675 -118.16 -37.32 29.78
CA PHE G 675 -116.85 -36.72 29.75
C PHE G 675 -116.35 -36.54 31.18
N LEU G 676 -115.76 -37.59 31.74
CA LEU G 676 -115.10 -37.45 33.03
C LEU G 676 -113.76 -36.76 32.87
N THR G 677 -113.12 -36.92 31.73
CA THR G 677 -111.91 -36.21 31.34
C THR G 677 -112.16 -35.56 29.99
N ALA G 678 -111.09 -35.01 29.39
CA ALA G 678 -111.23 -34.34 28.11
C ALA G 678 -111.56 -35.31 26.97
N GLN G 679 -111.34 -36.60 27.17
CA GLN G 679 -111.65 -37.60 26.17
C GLN G 679 -112.96 -38.30 26.51
N ALA G 680 -113.72 -38.65 25.48
CA ALA G 680 -115.02 -39.27 25.68
C ALA G 680 -114.87 -40.58 26.43
N THR G 681 -115.80 -40.84 27.34
CA THR G 681 -115.75 -42.06 28.13
C THR G 681 -115.90 -43.28 27.22
N HIS G 682 -115.12 -44.30 27.53
CA HIS G 682 -115.10 -45.55 26.77
C HIS G 682 -116.03 -46.55 27.45
N LEU G 683 -116.93 -47.15 26.67
CA LEU G 683 -117.80 -48.20 27.19
C LEU G 683 -118.29 -49.04 26.00
N ARG G 684 -117.82 -50.28 25.93
CA ARG G 684 -118.20 -51.20 24.88
C ARG G 684 -118.52 -52.56 25.47
N VAL G 685 -119.48 -53.25 24.87
CA VAL G 685 -119.91 -54.57 25.33
C VAL G 685 -119.83 -55.55 24.18
N GLY G 686 -119.43 -56.78 24.45
CA GLY G 686 -119.43 -57.77 23.39
C GLY G 686 -118.72 -59.05 23.79
N TRP G 687 -118.16 -59.71 22.79
CA TRP G 687 -117.50 -60.99 22.96
C TRP G 687 -116.04 -60.89 22.57
N ALA G 688 -115.24 -61.82 23.07
CA ALA G 688 -113.82 -61.85 22.73
C ALA G 688 -113.33 -63.28 22.77
N LEU G 689 -112.22 -63.53 22.07
CA LEU G 689 -111.65 -64.86 21.95
C LEU G 689 -110.56 -65.04 23.00
N SER G 690 -110.57 -66.20 23.66
CA SER G 690 -109.66 -66.43 24.79
C SER G 690 -108.22 -66.12 24.42
N GLU G 691 -107.68 -66.83 23.44
CA GLU G 691 -106.29 -66.67 23.03
C GLU G 691 -106.21 -65.61 21.95
N GLY G 692 -105.72 -64.43 22.30
CA GLY G 692 -105.52 -63.37 21.35
C GLY G 692 -106.00 -62.03 21.85
N TYR G 693 -107.05 -62.03 22.66
CA TYR G 693 -107.55 -60.80 23.25
C TYR G 693 -106.74 -60.52 24.50
N SER G 694 -105.69 -59.72 24.36
CA SER G 694 -104.79 -59.38 25.46
C SER G 694 -104.54 -57.88 25.44
N PRO G 695 -105.52 -57.08 25.82
CA PRO G 695 -105.35 -55.63 25.87
C PRO G 695 -104.59 -55.24 27.14
N TYR G 696 -103.35 -54.80 26.97
CA TYR G 696 -102.57 -54.42 28.13
C TYR G 696 -102.81 -52.96 28.49
N PRO G 697 -102.73 -52.59 29.76
CA PRO G 697 -102.91 -51.18 30.12
C PRO G 697 -101.88 -50.29 29.42
N GLY G 698 -102.32 -49.12 28.98
CA GLY G 698 -101.42 -48.17 28.38
C GLY G 698 -101.69 -47.93 26.91
N GLY G 699 -100.67 -48.07 26.09
CA GLY G 699 -100.78 -47.79 24.66
C GLY G 699 -100.64 -49.04 23.84
N GLY G 700 -101.53 -49.20 22.87
CA GLY G 700 -101.50 -50.32 21.97
C GLY G 700 -101.72 -49.90 20.53
N GLU G 701 -102.69 -50.51 19.87
CA GLU G 701 -102.97 -50.18 18.49
C GLU G 701 -103.61 -48.80 18.38
N GLY G 702 -103.36 -48.13 17.26
CA GLY G 702 -103.96 -46.83 17.05
C GLY G 702 -103.48 -45.82 18.07
N TRP G 703 -104.43 -45.20 18.77
CA TRP G 703 -104.13 -44.20 19.78
C TRP G 703 -104.36 -44.74 21.20
N GLY G 704 -104.10 -46.02 21.39
CA GLY G 704 -104.23 -46.61 22.71
C GLY G 704 -105.68 -46.75 23.15
N GLY G 705 -105.85 -47.00 24.44
CA GLY G 705 -107.17 -47.19 24.99
C GLY G 705 -107.88 -48.35 24.32
N ASN G 706 -107.19 -49.47 24.19
CA ASN G 706 -107.73 -50.60 23.44
C ASN G 706 -108.71 -51.38 24.30
N GLY G 707 -109.88 -51.64 23.75
CA GLY G 707 -110.91 -52.41 24.43
C GLY G 707 -111.56 -53.40 23.49
N VAL G 708 -112.85 -53.69 23.71
CA VAL G 708 -113.55 -54.63 22.85
C VAL G 708 -113.64 -54.06 21.45
N GLY G 709 -113.26 -54.85 20.46
CA GLY G 709 -113.36 -54.47 19.06
C GLY G 709 -112.14 -53.76 18.52
N ASP G 710 -111.11 -53.53 19.31
CA ASP G 710 -109.91 -52.86 18.83
C ASP G 710 -108.89 -53.83 18.28
N ASP G 711 -109.28 -55.09 18.07
CA ASP G 711 -108.46 -56.06 17.37
C ASP G 711 -109.39 -57.10 16.79
N LEU G 712 -108.83 -57.98 15.96
CA LEU G 712 -109.63 -58.99 15.27
C LEU G 712 -109.88 -60.21 16.13
N TYR G 713 -109.74 -60.09 17.44
CA TYR G 713 -110.08 -61.14 18.38
C TYR G 713 -111.31 -60.81 19.20
N SER G 714 -111.84 -59.59 19.11
CA SER G 714 -112.98 -59.18 19.90
C SER G 714 -113.96 -58.44 19.00
N TYR G 715 -115.23 -58.49 19.40
CA TYR G 715 -116.32 -57.92 18.63
C TYR G 715 -117.24 -57.20 19.60
N GLY G 716 -117.35 -55.88 19.43
CA GLY G 716 -118.00 -55.04 20.42
C GLY G 716 -119.07 -54.16 19.82
N PHE G 717 -119.86 -53.57 20.71
CA PHE G 717 -120.95 -52.67 20.37
C PHE G 717 -120.93 -51.54 21.39
N ASP G 718 -121.05 -50.30 20.92
CA ASP G 718 -121.00 -49.16 21.81
C ASP G 718 -122.26 -48.30 21.78
N GLY G 719 -123.39 -48.83 21.33
CA GLY G 719 -124.63 -48.10 21.23
C GLY G 719 -124.86 -47.50 19.87
N LEU G 720 -123.81 -47.03 19.21
CA LEU G 720 -123.89 -46.46 17.88
C LEU G 720 -123.09 -47.23 16.84
N HIS G 721 -122.00 -47.89 17.23
CA HIS G 721 -121.10 -48.53 16.29
C HIS G 721 -120.87 -49.98 16.71
N LEU G 722 -120.67 -50.81 15.69
CA LEU G 722 -120.07 -52.12 15.84
C LEU G 722 -118.56 -51.97 15.67
N TRP G 723 -117.81 -52.44 16.65
CA TRP G 723 -116.37 -52.25 16.70
C TRP G 723 -115.68 -53.58 16.46
N THR G 724 -114.76 -53.60 15.49
CA THR G 724 -113.91 -54.76 15.30
C THR G 724 -112.69 -54.36 14.50
N GLY G 725 -111.55 -54.98 14.80
CA GLY G 725 -110.33 -54.65 14.10
C GLY G 725 -109.92 -53.20 14.24
N HIS G 726 -110.33 -52.54 15.31
CA HIS G 726 -110.06 -51.12 15.53
C HIS G 726 -110.81 -50.24 14.55
N VAL G 727 -111.85 -50.76 13.92
CA VAL G 727 -112.69 -50.00 13.01
C VAL G 727 -114.09 -49.97 13.59
N ALA G 728 -114.69 -48.77 13.61
CA ALA G 728 -116.05 -48.57 14.08
C ALA G 728 -116.96 -48.38 12.88
N ARG G 729 -118.00 -49.20 12.79
CA ARG G 729 -118.94 -49.12 11.70
C ARG G 729 -120.31 -48.74 12.25
N PRO G 730 -120.89 -47.61 11.86
CA PRO G 730 -122.19 -47.23 12.41
C PRO G 730 -123.24 -48.29 12.12
N VAL G 731 -124.11 -48.52 13.10
CA VAL G 731 -125.16 -49.53 12.97
C VAL G 731 -126.48 -48.90 13.37
N THR G 732 -127.48 -49.06 12.52
CA THR G 732 -128.79 -48.46 12.74
C THR G 732 -129.50 -49.17 13.89
N SER G 733 -130.34 -48.43 14.60
CA SER G 733 -131.11 -48.96 15.70
C SER G 733 -132.20 -47.96 16.05
N PRO G 734 -133.38 -48.43 16.45
CA PRO G 734 -134.43 -47.48 16.86
C PRO G 734 -133.98 -46.60 18.01
N GLY G 735 -133.95 -45.29 17.79
CA GLY G 735 -133.51 -44.37 18.82
C GLY G 735 -132.03 -44.50 19.11
N GLN G 736 -131.21 -44.25 18.10
CA GLN G 736 -129.77 -44.39 18.26
C GLN G 736 -129.26 -43.45 19.35
N HIS G 737 -128.32 -43.95 20.15
CA HIS G 737 -127.61 -43.10 21.09
C HIS G 737 -126.49 -43.91 21.73
N LEU G 738 -125.41 -43.21 22.09
CA LEU G 738 -124.33 -43.86 22.81
C LEU G 738 -124.86 -44.42 24.13
N LEU G 739 -124.33 -45.57 24.53
CA LEU G 739 -124.78 -46.24 25.75
C LEU G 739 -124.91 -45.24 26.89
N ALA G 740 -126.11 -45.15 27.44
CA ALA G 740 -126.45 -44.19 28.48
C ALA G 740 -127.07 -44.94 29.65
N PRO G 741 -127.23 -44.27 30.79
CA PRO G 741 -127.79 -44.96 31.96
C PRO G 741 -129.15 -45.57 31.66
N GLU G 742 -129.39 -46.74 32.25
CA GLU G 742 -130.63 -47.51 32.12
C GLU G 742 -130.76 -48.19 30.78
N ASP G 743 -129.68 -48.32 30.03
CA ASP G 743 -129.68 -49.06 28.77
C ASP G 743 -129.35 -50.51 29.05
N VAL G 744 -130.04 -51.41 28.35
CA VAL G 744 -129.81 -52.85 28.46
C VAL G 744 -129.34 -53.35 27.11
N VAL G 745 -128.13 -53.86 27.05
CA VAL G 745 -127.58 -54.45 25.83
C VAL G 745 -127.64 -55.97 25.97
N SER G 746 -128.29 -56.62 25.02
CA SER G 746 -128.42 -58.07 24.99
C SER G 746 -127.52 -58.60 23.89
N CYS G 747 -126.60 -59.49 24.25
CA CYS G 747 -125.64 -60.05 23.32
C CYS G 747 -125.95 -61.52 23.09
N CYS G 748 -126.01 -61.92 21.82
CA CYS G 748 -126.31 -63.27 21.41
C CYS G 748 -125.15 -63.79 20.58
N LEU G 749 -124.68 -64.99 20.89
CA LEU G 749 -123.59 -65.64 20.16
C LEU G 749 -124.06 -67.00 19.69
N ASP G 750 -124.12 -67.19 18.38
CA ASP G 750 -124.50 -68.46 17.78
C ASP G 750 -123.26 -69.02 17.08
N LEU G 751 -122.62 -70.02 17.68
CA LEU G 751 -121.39 -70.56 17.14
C LEU G 751 -121.61 -71.45 15.93
N SER G 752 -122.86 -71.76 15.59
CA SER G 752 -123.13 -72.59 14.43
C SER G 752 -122.88 -71.89 13.11
N VAL G 753 -123.22 -70.61 13.01
CA VAL G 753 -123.15 -69.88 11.75
C VAL G 753 -121.69 -69.66 11.34
N PRO G 754 -120.84 -69.02 12.17
CA PRO G 754 -121.05 -68.35 13.45
C PRO G 754 -121.47 -66.89 13.29
N SER G 755 -122.12 -66.35 14.32
CA SER G 755 -122.62 -64.98 14.25
C SER G 755 -122.75 -64.41 15.66
N ILE G 756 -122.62 -63.09 15.75
CA ILE G 756 -122.83 -62.35 17.00
C ILE G 756 -123.82 -61.25 16.68
N SER G 757 -124.87 -61.14 17.50
CA SER G 757 -125.91 -60.14 17.30
C SER G 757 -126.21 -59.43 18.61
N PHE G 758 -126.82 -58.25 18.48
CA PHE G 758 -127.07 -57.37 19.61
C PHE G 758 -128.52 -56.91 19.60
N ARG G 759 -128.98 -56.51 20.78
CA ARG G 759 -130.30 -55.89 20.93
C ARG G 759 -130.18 -54.81 21.97
N ILE G 760 -130.65 -53.61 21.68
CA ILE G 760 -130.56 -52.49 22.60
C ILE G 760 -131.97 -52.19 23.12
N ASN G 761 -132.15 -52.38 24.42
CA ASN G 761 -133.46 -52.18 25.05
C ASN G 761 -134.54 -52.98 24.34
N GLY G 762 -134.17 -54.18 23.89
CA GLY G 762 -135.08 -55.05 23.18
C GLY G 762 -135.21 -54.75 21.70
N CYS G 763 -134.78 -53.60 21.25
CA CYS G 763 -134.86 -53.25 19.83
C CYS G 763 -133.68 -53.87 19.07
N PRO G 764 -133.92 -54.61 18.00
CA PRO G 764 -132.80 -55.25 17.28
C PRO G 764 -131.81 -54.21 16.77
N VAL G 765 -130.53 -54.55 16.86
CA VAL G 765 -129.49 -53.74 16.25
C VAL G 765 -129.23 -54.28 14.85
N GLN G 766 -129.38 -53.42 13.85
CA GLN G 766 -129.36 -53.86 12.46
C GLN G 766 -127.92 -54.05 11.96
N GLY G 767 -127.27 -55.04 12.54
CA GLY G 767 -125.93 -55.41 12.13
C GLY G 767 -125.46 -56.68 12.81
N VAL G 768 -124.55 -57.41 12.18
CA VAL G 768 -124.07 -58.68 12.73
C VAL G 768 -122.61 -58.90 12.34
N PHE G 769 -121.89 -59.57 13.24
CA PHE G 769 -120.60 -60.16 12.94
C PHE G 769 -120.83 -61.60 12.53
N GLU G 770 -120.08 -62.10 11.57
CA GLU G 770 -120.22 -63.48 11.14
C GLU G 770 -118.93 -63.98 10.49
N SER G 771 -118.89 -65.29 10.31
CA SER G 771 -117.78 -65.96 9.63
C SER G 771 -116.44 -65.52 10.18
N PHE G 772 -116.33 -65.54 11.51
CA PHE G 772 -115.07 -65.26 12.19
C PHE G 772 -114.41 -66.57 12.60
N ASN G 773 -113.17 -66.45 13.06
CA ASN G 773 -112.39 -67.63 13.43
C ASN G 773 -112.96 -68.26 14.69
N LEU G 774 -112.84 -69.58 14.78
CA LEU G 774 -113.38 -70.37 15.87
C LEU G 774 -112.32 -71.27 16.48
N ASP G 775 -111.13 -70.71 16.72
CA ASP G 775 -110.01 -71.50 17.22
C ASP G 775 -109.71 -71.12 18.66
N GLY G 776 -110.74 -70.89 19.45
CA GLY G 776 -110.56 -70.57 20.85
C GLY G 776 -111.89 -70.57 21.57
N LEU G 777 -111.85 -70.13 22.82
CA LEU G 777 -113.04 -70.02 23.63
C LEU G 777 -113.49 -68.56 23.71
N PHE G 778 -114.79 -68.34 23.62
CA PHE G 778 -115.38 -67.01 23.66
C PHE G 778 -115.90 -66.72 25.06
N PHE G 779 -115.75 -65.47 25.49
CA PHE G 779 -116.26 -65.07 26.79
C PHE G 779 -116.92 -63.70 26.68
N PRO G 780 -117.97 -63.44 27.47
CA PRO G 780 -118.51 -62.08 27.54
C PRO G 780 -117.48 -61.12 28.07
N VAL G 781 -117.54 -59.87 27.61
CA VAL G 781 -116.57 -58.87 28.02
C VAL G 781 -117.17 -57.48 27.89
N VAL G 782 -116.76 -56.60 28.80
CA VAL G 782 -117.05 -55.18 28.69
C VAL G 782 -115.73 -54.44 28.88
N SER G 783 -115.44 -53.52 27.97
CA SER G 783 -114.27 -52.66 28.09
C SER G 783 -114.73 -51.25 28.42
N PHE G 784 -113.97 -50.55 29.23
CA PHE G 784 -114.43 -49.27 29.73
C PHE G 784 -113.27 -48.42 30.20
N SER G 785 -113.52 -47.12 30.29
CA SER G 785 -112.65 -46.18 30.96
C SER G 785 -113.31 -45.73 32.25
N ALA G 786 -112.60 -44.93 33.02
CA ALA G 786 -113.13 -44.48 34.30
C ALA G 786 -114.41 -43.68 34.11
N GLY G 787 -115.33 -43.84 35.05
CA GLY G 787 -116.58 -43.15 35.03
C GLY G 787 -117.79 -43.98 34.67
N ILE G 788 -117.81 -45.27 35.00
CA ILE G 788 -118.92 -46.13 34.65
C ILE G 788 -119.35 -46.96 35.86
N LYS G 789 -120.58 -47.46 35.76
CA LYS G 789 -121.09 -48.49 36.67
C LYS G 789 -122.08 -49.31 35.85
N VAL G 790 -121.79 -50.60 35.67
CA VAL G 790 -122.62 -51.48 34.87
C VAL G 790 -122.82 -52.77 35.62
N ARG G 791 -123.69 -53.63 35.08
CA ARG G 791 -124.00 -54.91 35.70
C ARG G 791 -124.19 -55.97 34.62
N PHE G 792 -123.42 -57.04 34.72
CA PHE G 792 -123.68 -58.24 33.94
C PHE G 792 -124.92 -58.94 34.48
N LEU G 793 -125.84 -59.28 33.59
CA LEU G 793 -126.97 -60.15 33.87
C LEU G 793 -126.75 -61.43 33.08
N LEU G 794 -126.49 -62.53 33.79
CA LEU G 794 -126.16 -63.80 33.19
C LEU G 794 -127.27 -64.84 33.34
N GLY G 795 -128.41 -64.44 33.90
CA GLY G 795 -129.52 -65.34 34.08
C GLY G 795 -129.44 -66.12 35.38
N GLY G 796 -130.49 -66.88 35.65
CA GLY G 796 -130.54 -67.68 36.86
C GLY G 796 -130.42 -66.80 38.08
N ARG G 797 -129.57 -67.21 39.01
CA ARG G 797 -129.31 -66.45 40.23
C ARG G 797 -128.20 -65.44 40.07
N HIS G 798 -127.75 -65.18 38.84
CA HIS G 798 -126.65 -64.28 38.57
C HIS G 798 -127.11 -63.14 37.67
N GLY G 799 -128.25 -62.55 37.99
CA GLY G 799 -128.79 -61.46 37.21
C GLY G 799 -129.97 -61.88 36.37
N GLU G 800 -131.16 -61.42 36.74
CA GLU G 800 -132.38 -61.79 36.03
C GLU G 800 -132.46 -61.00 34.73
N PHE G 801 -132.68 -61.71 33.63
CA PHE G 801 -132.74 -61.06 32.33
C PHE G 801 -133.91 -60.09 32.26
N LYS G 802 -133.69 -58.94 31.63
CA LYS G 802 -134.76 -57.98 31.39
C LYS G 802 -135.58 -58.32 30.15
N PHE G 803 -135.01 -59.08 29.22
CA PHE G 803 -135.70 -59.50 28.01
C PHE G 803 -135.51 -61.00 27.81
N LEU G 804 -136.47 -61.61 27.16
CA LEU G 804 -136.44 -63.05 26.98
C LEU G 804 -135.37 -63.42 25.97
N PRO G 805 -134.50 -64.38 26.27
CA PRO G 805 -133.48 -64.80 25.29
C PRO G 805 -134.14 -65.32 24.03
N PRO G 806 -133.55 -65.09 22.86
CA PRO G 806 -134.14 -65.60 21.63
C PRO G 806 -134.22 -67.11 21.65
N PRO G 807 -135.20 -67.70 20.95
CA PRO G 807 -135.39 -69.16 21.04
C PRO G 807 -134.14 -69.95 20.73
N GLY G 808 -133.74 -70.83 21.67
CA GLY G 808 -132.62 -71.72 21.48
C GLY G 808 -131.36 -71.30 22.23
N TYR G 809 -131.20 -70.01 22.46
CA TYR G 809 -130.01 -69.51 23.16
C TYR G 809 -130.10 -69.83 24.64
N ALA G 810 -128.94 -70.05 25.25
CA ALA G 810 -128.86 -70.45 26.64
C ALA G 810 -128.28 -69.34 27.49
N PRO G 811 -128.76 -69.15 28.72
CA PRO G 811 -128.13 -68.17 29.60
C PRO G 811 -126.67 -68.52 29.85
N CYS G 812 -125.83 -67.49 29.94
CA CYS G 812 -124.40 -67.72 30.08
C CYS G 812 -124.03 -68.26 31.45
N HIS G 813 -124.91 -68.12 32.45
CA HIS G 813 -124.58 -68.67 33.76
C HIS G 813 -124.48 -70.19 33.75
N GLU G 814 -124.99 -70.84 32.70
CA GLU G 814 -124.93 -72.29 32.57
C GLU G 814 -123.58 -72.78 32.07
N ALA G 815 -122.71 -71.89 31.62
CA ALA G 815 -121.43 -72.27 31.04
C ALA G 815 -120.31 -72.30 32.05
N VAL G 816 -120.59 -72.05 33.33
CA VAL G 816 -119.54 -72.06 34.34
C VAL G 816 -119.10 -73.51 34.57
N LEU G 817 -117.80 -73.74 34.54
CA LEU G 817 -117.29 -75.09 34.61
C LEU G 817 -117.51 -75.69 35.99
N PRO G 818 -117.52 -77.02 36.11
CA PRO G 818 -117.83 -77.63 37.42
C PRO G 818 -116.86 -77.25 38.51
N ARG G 819 -115.58 -77.07 38.20
CA ARG G 819 -114.56 -76.83 39.20
C ARG G 819 -114.43 -75.37 39.59
N GLU G 820 -115.25 -74.50 39.02
CA GLU G 820 -115.10 -73.06 39.19
C GLU G 820 -116.37 -72.46 39.73
N ARG G 821 -116.25 -71.27 40.28
CA ARG G 821 -117.36 -70.49 40.79
C ARG G 821 -117.45 -69.18 40.02
N LEU G 822 -118.65 -68.80 39.65
CA LEU G 822 -118.84 -67.62 38.82
C LEU G 822 -118.36 -66.36 39.53
N HIS G 823 -117.64 -65.53 38.81
CA HIS G 823 -117.19 -64.23 39.33
C HIS G 823 -116.61 -63.44 38.17
N LEU G 824 -116.31 -62.17 38.46
CA LEU G 824 -115.74 -61.27 37.46
C LEU G 824 -114.24 -61.12 37.70
N GLN G 825 -113.47 -61.13 36.63
CA GLN G 825 -112.02 -61.07 36.72
C GLN G 825 -111.48 -60.17 35.61
N PRO G 826 -110.27 -59.65 35.77
CA PRO G 826 -109.60 -59.00 34.64
C PRO G 826 -109.07 -60.04 33.65
N ILE G 827 -108.45 -59.55 32.60
CA ILE G 827 -107.94 -60.38 31.51
C ILE G 827 -106.45 -60.15 31.36
N LYS G 828 -105.67 -61.23 31.38
CA LYS G 828 -104.23 -61.20 31.14
C LYS G 828 -103.56 -60.11 31.98
N GLU G 829 -103.75 -60.21 33.28
CA GLU G 829 -103.17 -59.26 34.22
C GLU G 829 -101.77 -59.70 34.60
N TYR G 830 -100.85 -58.74 34.60
CA TYR G 830 -99.50 -58.96 35.11
C TYR G 830 -99.29 -58.31 36.47
N ARG G 831 -100.36 -57.88 37.13
CA ARG G 831 -100.25 -57.06 38.31
C ARG G 831 -101.58 -57.08 39.04
N ARG G 832 -101.51 -57.09 40.37
CA ARG G 832 -102.71 -56.98 41.18
C ARG G 832 -102.35 -56.41 42.53
N GLU G 833 -103.36 -56.14 43.34
CA GLU G 833 -103.13 -55.63 44.69
C GLU G 833 -103.13 -56.79 45.69
N GLY G 834 -102.48 -56.59 46.82
CA GLY G 834 -102.46 -57.57 47.87
C GLY G 834 -102.13 -56.96 49.21
N PRO G 835 -102.22 -57.77 50.27
CA PRO G 835 -102.21 -57.20 51.62
C PRO G 835 -101.05 -56.26 51.90
N ARG G 836 -99.86 -56.59 51.41
CA ARG G 836 -98.66 -55.81 51.69
C ARG G 836 -98.21 -54.96 50.51
N GLY G 837 -98.91 -55.02 49.38
CA GLY G 837 -98.51 -54.25 48.22
C GLY G 837 -98.90 -54.91 46.92
N PRO G 838 -98.35 -54.42 45.81
CA PRO G 838 -98.69 -55.02 44.51
C PRO G 838 -98.00 -56.36 44.31
N HIS G 839 -98.77 -57.34 43.85
CA HIS G 839 -98.26 -58.64 43.47
C HIS G 839 -98.03 -58.66 41.95
N LEU G 840 -96.89 -59.17 41.55
CA LEU G 840 -96.61 -59.44 40.15
C LEU G 840 -97.11 -60.84 39.81
N VAL G 841 -97.71 -60.98 38.64
CA VAL G 841 -98.41 -62.19 38.24
C VAL G 841 -97.80 -62.70 36.94
N GLY G 842 -97.60 -64.01 36.84
CA GLY G 842 -97.12 -64.63 35.64
C GLY G 842 -98.26 -64.95 34.70
N PRO G 843 -97.96 -65.51 33.54
CA PRO G 843 -99.01 -65.82 32.57
C PRO G 843 -100.07 -66.73 33.17
N SER G 844 -101.29 -66.59 32.69
CA SER G 844 -102.39 -67.42 33.13
C SER G 844 -102.60 -68.56 32.16
N ARG G 845 -102.73 -69.77 32.70
CA ARG G 845 -103.00 -70.95 31.89
C ARG G 845 -104.46 -70.96 31.45
N CYS G 846 -104.69 -70.98 30.15
CA CYS G 846 -106.03 -70.86 29.59
C CYS G 846 -106.43 -72.16 28.91
N LEU G 847 -107.70 -72.49 29.03
CA LEU G 847 -108.24 -73.67 28.37
C LEU G 847 -108.31 -73.43 26.85
N SER G 848 -108.35 -74.54 26.12
CA SER G 848 -108.52 -74.51 24.68
C SER G 848 -109.87 -75.10 24.31
N HIS G 849 -110.42 -74.66 23.18
CA HIS G 849 -111.70 -75.19 22.74
C HIS G 849 -111.64 -76.69 22.53
N LEU G 850 -110.45 -77.22 22.29
CA LEU G 850 -110.24 -78.66 22.15
C LEU G 850 -110.16 -79.38 23.47
N ASP G 851 -110.05 -78.65 24.59
CA ASP G 851 -110.05 -79.29 25.90
C ASP G 851 -111.41 -79.86 26.28
N PHE G 852 -112.45 -79.53 25.52
CA PHE G 852 -113.79 -80.03 25.79
C PHE G 852 -114.14 -81.21 24.89
N VAL G 853 -113.19 -81.74 24.14
CA VAL G 853 -113.41 -82.88 23.26
C VAL G 853 -112.95 -84.13 24.01
N PRO G 854 -113.86 -85.03 24.40
CA PRO G 854 -113.41 -86.28 25.04
C PRO G 854 -112.70 -87.16 24.03
N CYS G 855 -111.52 -87.64 24.40
CA CYS G 855 -110.65 -88.41 23.51
C CYS G 855 -110.25 -89.69 24.22
N PRO G 856 -111.17 -90.66 24.32
CA PRO G 856 -110.84 -91.92 24.97
C PRO G 856 -110.05 -92.84 24.05
N VAL G 857 -109.48 -93.88 24.66
CA VAL G 857 -108.71 -94.87 23.91
C VAL G 857 -109.65 -95.92 23.35
N ASP G 858 -109.42 -96.30 22.10
CA ASP G 858 -110.26 -97.28 21.43
C ASP G 858 -110.17 -98.63 22.13
N THR G 859 -111.31 -99.33 22.19
CA THR G 859 -111.39 -100.62 22.86
C THR G 859 -112.06 -101.71 22.03
N ILE G 860 -112.77 -101.37 20.96
CA ILE G 860 -113.45 -102.41 20.18
C ILE G 860 -112.44 -103.32 19.52
N GLN G 861 -111.30 -102.78 19.10
CA GLN G 861 -110.30 -103.60 18.42
C GLN G 861 -109.60 -104.53 19.40
N ILE G 862 -109.63 -104.21 20.69
CA ILE G 862 -109.13 -105.15 21.70
C ILE G 862 -109.93 -106.44 21.62
N VAL G 863 -109.23 -107.56 21.75
CA VAL G 863 -109.85 -108.88 21.81
C VAL G 863 -109.56 -109.48 23.17
N LEU G 864 -110.61 -109.83 23.89
CA LEU G 864 -110.46 -110.33 25.25
C LEU G 864 -109.76 -111.69 25.24
N PRO G 865 -108.76 -111.91 26.10
CA PRO G 865 -108.15 -113.25 26.18
C PRO G 865 -109.04 -114.19 26.98
N PRO G 866 -108.88 -115.50 26.80
CA PRO G 866 -109.72 -116.45 27.56
C PRO G 866 -109.50 -116.40 29.07
N HIS G 867 -108.26 -116.21 29.51
CA HIS G 867 -107.98 -116.24 30.94
C HIS G 867 -108.45 -114.95 31.62
N LEU G 868 -108.74 -113.92 30.81
CA LEU G 868 -109.46 -112.77 31.34
C LEU G 868 -110.97 -113.00 31.27
N GLU G 869 -111.41 -113.72 30.23
CA GLU G 869 -112.83 -114.01 30.07
C GLU G 869 -113.36 -114.80 31.25
N ARG G 870 -112.62 -115.82 31.67
CA ARG G 870 -113.07 -116.62 32.81
C ARG G 870 -113.38 -115.73 34.01
N ILE G 871 -112.55 -114.72 34.23
CA ILE G 871 -112.74 -113.84 35.37
C ILE G 871 -113.92 -112.90 35.14
N ARG G 872 -114.05 -112.40 33.91
CA ARG G 872 -115.05 -111.39 33.56
C ARG G 872 -116.36 -111.57 34.32
N GLU G 873 -116.90 -112.79 34.28
CA GLU G 873 -118.15 -113.07 35.00
C GLU G 873 -118.00 -112.78 36.48
N LYS G 874 -117.09 -113.50 37.15
CA LYS G 874 -116.94 -113.37 38.59
C LYS G 874 -116.74 -111.91 38.98
N LEU G 875 -116.00 -111.17 38.16
CA LEU G 875 -115.82 -109.74 38.41
C LEU G 875 -117.15 -109.01 38.37
N ALA G 876 -117.99 -109.34 37.39
CA ALA G 876 -119.32 -108.73 37.33
C ALA G 876 -120.10 -109.02 38.61
N GLU G 877 -120.12 -110.28 39.04
CA GLU G 877 -120.85 -110.63 40.25
C GLU G 877 -120.29 -109.89 41.46
N ASN G 878 -118.97 -109.81 41.58
CA ASN G 878 -118.38 -109.16 42.75
C ASN G 878 -118.73 -107.67 42.78
N ILE G 879 -118.64 -107.00 41.64
CA ILE G 879 -118.99 -105.58 41.59
C ILE G 879 -120.47 -105.39 41.91
N HIS G 880 -121.30 -106.32 41.47
CA HIS G 880 -122.72 -106.24 41.81
C HIS G 880 -122.94 -106.41 43.30
N GLU G 881 -122.22 -107.34 43.92
CA GLU G 881 -122.32 -107.52 45.36
C GLU G 881 -121.97 -106.23 46.09
N LEU G 882 -120.85 -105.61 45.70
CA LEU G 882 -120.46 -104.35 46.33
C LEU G 882 -121.51 -103.27 46.09
N TRP G 883 -122.04 -103.21 44.88
CA TRP G 883 -123.03 -102.18 44.54
C TRP G 883 -124.28 -102.33 45.39
N ALA G 884 -124.78 -103.57 45.52
CA ALA G 884 -125.95 -103.80 46.35
C ALA G 884 -125.64 -103.54 47.82
N LEU G 885 -124.43 -103.84 48.26
CA LEU G 885 -124.04 -103.53 49.64
C LEU G 885 -124.13 -102.03 49.89
N THR G 886 -123.60 -101.23 48.96
CA THR G 886 -123.69 -99.78 49.10
C THR G 886 -125.14 -99.31 49.07
N ARG G 887 -125.95 -99.89 48.19
CA ARG G 887 -127.37 -99.57 48.15
C ARG G 887 -128.03 -99.78 49.51
N ILE G 888 -127.84 -100.97 50.09
CA ILE G 888 -128.49 -101.26 51.37
C ILE G 888 -127.92 -100.37 52.47
N GLU G 889 -126.62 -100.10 52.44
CA GLU G 889 -126.04 -99.16 53.40
C GLU G 889 -126.75 -97.82 53.35
N GLN G 890 -126.93 -97.29 52.14
CA GLN G 890 -127.67 -96.05 51.96
C GLN G 890 -129.15 -96.22 52.26
N GLY G 891 -129.64 -97.45 52.38
CA GLY G 891 -131.00 -97.71 52.79
C GLY G 891 -131.89 -98.29 51.72
N TRP G 892 -131.35 -98.68 50.57
CA TRP G 892 -132.18 -99.21 49.50
C TRP G 892 -132.83 -100.51 49.93
N THR G 893 -134.12 -100.64 49.64
CA THR G 893 -134.87 -101.87 49.87
C THR G 893 -135.26 -102.49 48.53
N TYR G 894 -135.61 -103.76 48.56
CA TYR G 894 -136.01 -104.44 47.34
C TYR G 894 -137.49 -104.20 47.05
N GLY G 895 -137.78 -103.76 45.83
CA GLY G 895 -139.14 -103.57 45.40
C GLY G 895 -139.23 -103.64 43.88
N PRO G 896 -140.39 -104.00 43.37
CA PRO G 896 -140.50 -104.35 41.94
C PRO G 896 -140.17 -103.22 40.98
N VAL G 897 -140.23 -101.97 41.44
CA VAL G 897 -140.19 -100.82 40.54
C VAL G 897 -139.19 -99.79 41.06
N ARG G 898 -138.81 -98.87 40.17
CA ARG G 898 -137.90 -97.78 40.47
C ARG G 898 -138.55 -96.71 41.34
N ASP G 899 -138.70 -96.98 42.64
CA ASP G 899 -139.17 -95.98 43.59
C ASP G 899 -138.00 -95.56 44.47
N ASP G 900 -137.25 -94.57 43.99
CA ASP G 900 -136.14 -94.02 44.78
C ASP G 900 -136.66 -93.31 46.02
N ASN G 901 -137.88 -92.76 45.95
CA ASN G 901 -138.46 -92.09 47.11
C ASN G 901 -138.60 -93.05 48.28
N LYS G 902 -139.07 -94.27 48.01
CA LYS G 902 -139.16 -95.31 49.02
C LYS G 902 -137.92 -96.20 49.04
N ARG G 903 -136.93 -95.90 48.21
CA ARG G 903 -135.65 -96.61 48.19
C ARG G 903 -135.82 -98.06 47.71
N LEU G 904 -136.87 -98.33 46.95
CA LEU G 904 -137.12 -99.68 46.44
C LEU G 904 -136.15 -100.01 45.33
N HIS G 905 -135.80 -101.29 45.20
CA HIS G 905 -134.75 -101.72 44.29
C HIS G 905 -135.00 -103.14 43.82
N PRO G 906 -135.68 -103.35 42.68
CA PRO G 906 -135.88 -104.73 42.20
C PRO G 906 -134.58 -105.43 41.85
N CYS G 907 -133.58 -104.71 41.36
CA CYS G 907 -132.29 -105.30 41.02
C CYS G 907 -131.45 -105.64 42.23
N LEU G 908 -131.95 -105.38 43.44
CA LEU G 908 -131.20 -105.71 44.65
C LEU G 908 -131.10 -107.23 44.84
N VAL G 909 -131.86 -108.00 44.06
CA VAL G 909 -131.80 -109.46 44.10
C VAL G 909 -130.42 -109.92 43.62
N ASN G 910 -130.10 -111.18 43.84
CA ASN G 910 -128.79 -111.70 43.50
C ASN G 910 -128.51 -111.52 42.01
N PHE G 911 -127.21 -111.36 41.68
CA PHE G 911 -126.80 -111.28 40.28
C PHE G 911 -127.33 -112.47 39.49
N HIS G 912 -127.27 -113.67 40.07
CA HIS G 912 -127.84 -114.83 39.41
C HIS G 912 -129.33 -114.66 39.20
N SER G 913 -130.02 -114.07 40.18
CA SER G 913 -131.44 -113.78 40.06
C SER G 913 -131.73 -112.50 39.28
N LEU G 914 -130.70 -111.69 39.01
CA LEU G 914 -130.92 -110.45 38.28
C LEU G 914 -131.42 -110.76 36.87
N PRO G 915 -132.27 -109.91 36.30
CA PRO G 915 -132.75 -110.17 34.92
C PRO G 915 -131.60 -110.34 33.94
N GLU G 916 -131.84 -111.13 32.89
CA GLU G 916 -130.78 -111.44 31.93
C GLU G 916 -130.23 -110.20 31.23
N PRO G 917 -131.05 -109.29 30.69
CA PRO G 917 -130.47 -108.09 30.06
C PRO G 917 -129.58 -107.30 31.00
N GLU G 918 -129.96 -107.18 32.27
CA GLU G 918 -129.18 -106.38 33.21
C GLU G 918 -127.90 -107.10 33.60
N ARG G 919 -127.97 -108.41 33.85
CA ARG G 919 -126.75 -109.16 34.15
C ARG G 919 -125.78 -109.05 32.99
N ASN G 920 -126.30 -109.15 31.76
CA ASN G 920 -125.44 -109.01 30.59
CA ASN G 920 -125.44 -109.01 30.59
C ASN G 920 -124.87 -107.60 30.49
N TYR G 921 -125.67 -106.60 30.84
CA TYR G 921 -125.20 -105.21 30.77
C TYR G 921 -124.01 -105.02 31.70
N ASN G 922 -124.13 -105.55 32.92
CA ASN G 922 -123.00 -105.53 33.85
C ASN G 922 -121.82 -106.33 33.30
N LEU G 923 -122.11 -107.47 32.67
CA LEU G 923 -121.05 -108.28 32.11
C LEU G 923 -120.26 -107.49 31.07
N GLN G 924 -120.96 -106.73 30.23
CA GLN G 924 -120.26 -105.78 29.37
C GLN G 924 -119.39 -104.84 30.19
N MET G 925 -119.98 -104.00 31.05
CA MET G 925 -119.10 -103.02 31.71
C MET G 925 -117.83 -103.67 32.25
N SER G 926 -117.96 -104.89 32.77
CA SER G 926 -116.77 -105.62 33.19
C SER G 926 -115.83 -105.85 32.00
N GLY G 927 -116.36 -106.35 30.89
CA GLY G 927 -115.53 -106.64 29.74
C GLY G 927 -114.82 -105.40 29.22
N GLU G 928 -115.53 -104.28 29.19
CA GLU G 928 -114.92 -103.01 28.85
C GLU G 928 -113.82 -102.65 29.84
N THR G 929 -114.01 -102.93 31.12
CA THR G 929 -112.96 -102.64 32.09
C THR G 929 -111.68 -103.39 31.76
N LEU G 930 -111.79 -104.70 31.56
CA LEU G 930 -110.60 -105.49 31.23
C LEU G 930 -110.02 -105.07 29.88
N LYS G 931 -110.88 -104.80 28.90
CA LYS G 931 -110.39 -104.42 27.58
C LYS G 931 -109.64 -103.09 27.64
N THR G 932 -110.13 -102.16 28.45
CA THR G 932 -109.42 -100.89 28.66
C THR G 932 -108.08 -101.15 29.34
N LEU G 933 -108.08 -102.03 30.35
CA LEU G 933 -106.82 -102.40 30.98
C LEU G 933 -105.81 -102.83 29.92
N LEU G 934 -106.26 -103.68 28.99
CA LEU G 934 -105.37 -104.13 27.91
C LEU G 934 -104.97 -102.97 27.02
N ALA G 935 -105.92 -102.13 26.63
CA ALA G 935 -105.67 -101.08 25.66
C ALA G 935 -104.64 -100.08 26.17
N LEU G 936 -104.74 -99.72 27.46
CA LEU G 936 -103.74 -98.83 28.04
C LEU G 936 -102.34 -99.41 27.90
N GLY G 937 -102.24 -100.74 27.79
CA GLY G 937 -100.98 -101.44 27.71
C GLY G 937 -100.65 -102.26 28.93
N CYS G 938 -101.54 -102.28 29.93
CA CYS G 938 -101.28 -103.06 31.13
C CYS G 938 -101.11 -104.53 30.79
N HIS G 939 -100.12 -105.15 31.41
CA HIS G 939 -99.94 -106.59 31.29
C HIS G 939 -100.63 -107.27 32.46
N VAL G 940 -101.57 -108.16 32.17
CA VAL G 940 -102.35 -108.85 33.18
C VAL G 940 -102.09 -110.34 33.04
N GLY G 941 -101.73 -110.99 34.15
CA GLY G 941 -101.43 -112.40 34.09
C GLY G 941 -101.75 -113.13 35.37
N MET G 942 -102.26 -114.35 35.23
CA MET G 942 -102.55 -115.17 36.39
C MET G 942 -101.27 -115.43 37.17
N ALA G 943 -101.37 -115.31 38.50
CA ALA G 943 -100.21 -115.44 39.36
C ALA G 943 -100.34 -116.62 40.32
N ASP G 944 -101.45 -116.67 41.06
CA ASP G 944 -101.62 -117.68 42.11
C ASP G 944 -103.09 -118.10 42.18
N GLU G 945 -103.36 -119.36 41.81
CA GLU G 945 -104.70 -119.90 42.02
C GLU G 945 -104.95 -120.22 43.49
N LYS G 946 -103.87 -120.43 44.25
CA LYS G 946 -104.02 -120.66 45.69
C LYS G 946 -104.67 -119.46 46.36
N ALA G 947 -104.26 -118.25 45.99
CA ALA G 947 -104.89 -117.06 46.55
C ALA G 947 -106.36 -116.99 46.19
N GLU G 948 -106.69 -117.30 44.94
CA GLU G 948 -108.10 -117.32 44.53
C GLU G 948 -108.89 -118.29 45.39
N ASP G 949 -108.34 -119.47 45.64
CA ASP G 949 -109.03 -120.43 46.50
C ASP G 949 -109.17 -119.89 47.92
N ASN G 950 -108.12 -119.24 48.42
CA ASN G 950 -108.16 -118.73 49.79
C ASN G 950 -109.19 -117.63 49.95
N LEU G 951 -109.45 -116.87 48.89
CA LEU G 951 -110.38 -115.75 48.98
C LEU G 951 -111.70 -116.19 49.57
N LYS G 952 -112.17 -115.44 50.57
CA LYS G 952 -113.37 -115.76 51.31
C LYS G 952 -114.33 -114.57 51.28
N LYS G 953 -115.60 -114.84 51.04
CA LYS G 953 -116.61 -113.79 51.06
C LYS G 953 -116.81 -113.30 52.49
N THR G 954 -116.93 -111.99 52.65
CA THR G 954 -117.15 -111.42 53.97
C THR G 954 -118.54 -111.77 54.47
N LYS G 955 -118.65 -111.99 55.78
CA LYS G 955 -119.95 -112.27 56.38
C LYS G 955 -120.83 -111.03 56.30
N LEU G 956 -122.13 -111.25 56.06
CA LEU G 956 -123.08 -110.16 55.95
C LEU G 956 -124.05 -110.19 57.11
N PRO G 957 -124.26 -109.06 57.81
CA PRO G 957 -125.23 -109.05 58.90
C PRO G 957 -126.61 -109.47 58.42
N LYS G 958 -127.34 -110.19 59.28
CA LYS G 958 -128.70 -110.57 58.95
C LYS G 958 -129.57 -109.35 58.69
N THR G 959 -129.26 -108.23 59.36
CA THR G 959 -130.02 -107.00 59.13
C THR G 959 -129.89 -106.55 57.69
N TYR G 960 -128.76 -106.84 57.04
CA TYR G 960 -128.57 -106.42 55.66
C TYR G 960 -129.56 -107.11 54.74
N MET G 961 -130.13 -108.23 55.19
CA MET G 961 -131.17 -108.91 54.44
C MET G 961 -132.35 -107.97 54.19
N MET G 962 -132.55 -107.56 52.95
CA MET G 962 -133.69 -106.75 52.57
C MET G 962 -134.79 -107.68 52.04
N SER G 963 -135.85 -107.10 51.46
CA SER G 963 -136.91 -107.93 50.90
C SER G 963 -136.42 -108.70 49.67
N ASN G 964 -135.19 -108.44 49.23
CA ASN G 964 -134.59 -109.19 48.14
C ASN G 964 -134.49 -110.66 48.50
N GLY G 965 -134.39 -110.95 49.80
CA GLY G 965 -134.11 -112.30 50.24
C GLY G 965 -132.72 -112.73 49.84
N TYR G 966 -131.77 -111.80 49.89
CA TYR G 966 -130.39 -112.05 49.48
C TYR G 966 -129.45 -111.10 50.20
N LYS G 967 -128.23 -111.59 50.46
CA LYS G 967 -127.18 -110.79 51.07
C LYS G 967 -126.05 -110.60 50.08
N PRO G 968 -125.76 -109.37 49.64
CA PRO G 968 -124.71 -109.18 48.62
C PRO G 968 -123.31 -109.36 49.20
N ALA G 969 -122.85 -110.60 49.26
CA ALA G 969 -121.57 -110.90 49.88
C ALA G 969 -120.42 -110.41 49.00
N PRO G 970 -119.57 -109.50 49.50
CA PRO G 970 -118.35 -109.14 48.76
C PRO G 970 -117.15 -109.94 49.22
N LEU G 971 -116.20 -110.17 48.32
CA LEU G 971 -114.97 -110.84 48.71
C LEU G 971 -114.09 -109.90 49.52
N ASP G 972 -113.74 -110.30 50.73
CA ASP G 972 -112.87 -109.47 51.56
C ASP G 972 -111.50 -109.34 50.90
N LEU G 973 -111.19 -108.13 50.43
CA LEU G 973 -109.92 -107.86 49.78
C LEU G 973 -109.01 -107.01 50.66
N SER G 974 -109.19 -107.06 51.98
CA SER G 974 -108.38 -106.26 52.88
C SER G 974 -106.89 -106.52 52.68
N HIS G 975 -106.52 -107.77 52.42
CA HIS G 975 -105.10 -108.08 52.26
C HIS G 975 -104.51 -107.31 51.09
N VAL G 976 -105.30 -107.10 50.04
CA VAL G 976 -104.78 -106.50 48.82
C VAL G 976 -104.42 -105.05 49.07
N ARG G 977 -103.20 -104.67 48.68
CA ARG G 977 -102.72 -103.29 48.75
C ARG G 977 -102.45 -102.79 47.34
N LEU G 978 -102.85 -101.55 47.06
CA LEU G 978 -102.59 -100.96 45.77
C LEU G 978 -101.26 -100.19 45.79
N THR G 979 -100.44 -100.40 44.78
CA THR G 979 -99.22 -99.63 44.63
C THR G 979 -99.55 -98.23 44.09
N PRO G 980 -98.66 -97.26 44.29
CA PRO G 980 -98.91 -95.93 43.71
C PRO G 980 -99.10 -95.95 42.21
N ALA G 981 -98.31 -96.76 41.49
CA ALA G 981 -98.51 -96.89 40.05
C ALA G 981 -99.88 -97.49 39.76
N GLN G 982 -100.30 -98.46 40.57
CA GLN G 982 -101.63 -99.04 40.39
C GLN G 982 -102.71 -97.99 40.60
N THR G 983 -102.52 -97.10 41.57
CA THR G 983 -103.49 -96.04 41.82
C THR G 983 -103.57 -95.08 40.64
N THR G 984 -102.41 -94.71 40.09
CA THR G 984 -102.42 -93.89 38.88
C THR G 984 -103.14 -94.61 37.74
N LEU G 985 -102.94 -95.93 37.66
CA LEU G 985 -103.65 -96.71 36.65
C LEU G 985 -105.15 -96.64 36.86
N VAL G 986 -105.59 -96.72 38.11
CA VAL G 986 -107.02 -96.66 38.45
C VAL G 986 -107.55 -95.31 37.98
N ASP G 987 -106.78 -94.25 38.24
CA ASP G 987 -107.16 -92.94 37.75
C ASP G 987 -107.34 -92.97 36.24
N ARG G 988 -106.42 -93.61 35.53
CA ARG G 988 -106.49 -93.62 34.07
C ARG G 988 -107.71 -94.40 33.57
N LEU G 989 -108.01 -95.53 34.21
CA LEU G 989 -109.22 -96.27 33.85
C LEU G 989 -110.47 -95.42 34.07
N ALA G 990 -110.55 -94.75 35.22
CA ALA G 990 -111.72 -93.91 35.47
C ALA G 990 -111.85 -92.83 34.40
N GLU G 991 -110.73 -92.19 34.07
CA GLU G 991 -110.75 -91.15 33.04
C GLU G 991 -111.22 -91.71 31.71
N ASN G 992 -110.69 -92.86 31.30
CA ASN G 992 -111.07 -93.43 30.02
C ASN G 992 -112.54 -93.79 29.98
N GLY G 993 -113.04 -94.38 31.06
CA GLY G 993 -114.45 -94.74 31.11
C GLY G 993 -115.34 -93.53 30.99
N HIS G 994 -115.01 -92.48 31.76
CA HIS G 994 -115.83 -91.28 31.71
C HIS G 994 -115.78 -90.64 30.33
N ASN G 995 -114.60 -90.63 29.72
CA ASN G 995 -114.48 -90.04 28.38
C ASN G 995 -115.29 -90.84 27.36
N VAL G 996 -115.29 -92.16 27.47
CA VAL G 996 -116.10 -92.97 26.57
C VAL G 996 -117.56 -92.63 26.73
N TRP G 997 -118.01 -92.54 27.98
CA TRP G 997 -119.40 -92.20 28.24
C TRP G 997 -119.74 -90.84 27.66
N ALA G 998 -118.86 -89.85 27.87
CA ALA G 998 -119.12 -88.51 27.39
C ALA G 998 -119.18 -88.47 25.86
N ARG G 999 -118.28 -89.19 25.20
CA ARG G 999 -118.32 -89.25 23.75
C ARG G 999 -119.64 -89.84 23.27
N ASP G 1000 -120.08 -90.91 23.92
CA ASP G 1000 -121.36 -91.51 23.53
C ASP G 1000 -122.50 -90.52 23.69
N ARG G 1001 -122.54 -89.80 24.81
CA ARG G 1001 -123.63 -88.87 25.04
C ARG G 1001 -123.59 -87.72 24.04
N VAL G 1002 -122.39 -87.24 23.70
CA VAL G 1002 -122.26 -86.20 22.70
C VAL G 1002 -122.80 -86.70 21.36
N ALA G 1003 -122.44 -87.93 20.99
CA ALA G 1003 -122.97 -88.51 19.76
C ALA G 1003 -124.49 -88.54 19.80
N GLN G 1004 -125.07 -88.91 20.94
CA GLN G 1004 -126.52 -88.84 21.08
C GLN G 1004 -127.01 -87.41 20.87
N GLY G 1005 -126.22 -86.42 21.27
CA GLY G 1005 -126.58 -85.04 21.07
C GLY G 1005 -126.78 -84.26 22.36
N TRP G 1006 -126.06 -84.66 23.40
CA TRP G 1006 -126.13 -84.00 24.69
C TRP G 1006 -125.07 -82.92 24.79
N SER G 1007 -125.20 -82.06 25.80
CA SER G 1007 -124.26 -80.97 25.98
C SER G 1007 -124.16 -80.61 27.45
N TYR G 1008 -123.11 -79.87 27.78
CA TYR G 1008 -122.86 -79.48 29.17
C TYR G 1008 -123.75 -78.33 29.58
N SER G 1009 -124.06 -78.28 30.87
CA SER G 1009 -124.85 -77.21 31.46
C SER G 1009 -124.74 -77.27 32.97
N ALA G 1010 -124.45 -76.13 33.61
CA ALA G 1010 -124.29 -76.10 35.05
C ALA G 1010 -125.54 -76.58 35.75
N VAL G 1011 -126.70 -76.36 35.14
CA VAL G 1011 -127.99 -76.81 35.68
C VAL G 1011 -128.50 -77.93 34.79
N GLN G 1012 -128.84 -79.06 35.41
CA GLN G 1012 -129.29 -80.21 34.65
C GLN G 1012 -130.63 -79.94 33.99
N ASP G 1013 -130.80 -80.48 32.78
CA ASP G 1013 -132.08 -80.43 32.06
C ASP G 1013 -132.19 -81.69 31.21
N ILE G 1014 -132.84 -82.70 31.78
CA ILE G 1014 -132.98 -83.97 31.07
C ILE G 1014 -133.77 -83.81 29.78
N PRO G 1015 -134.91 -83.12 29.75
CA PRO G 1015 -135.63 -82.96 28.49
C PRO G 1015 -134.79 -82.31 27.39
N ALA G 1016 -133.88 -81.43 27.75
CA ALA G 1016 -133.06 -80.71 26.77
C ALA G 1016 -131.73 -81.39 26.51
N ARG G 1017 -131.48 -82.55 27.11
CA ARG G 1017 -130.22 -83.26 26.93
C ARG G 1017 -129.04 -82.39 27.33
N ARG G 1018 -129.18 -81.71 28.46
CA ARG G 1018 -128.11 -80.91 29.06
C ARG G 1018 -127.77 -81.54 30.40
N ASN G 1019 -126.48 -81.80 30.63
CA ASN G 1019 -126.04 -82.49 31.82
C ASN G 1019 -124.96 -81.69 32.53
N PRO G 1020 -124.86 -81.78 33.86
CA PRO G 1020 -123.77 -81.09 34.57
C PRO G 1020 -122.47 -81.87 34.61
N ARG G 1021 -122.45 -83.10 34.09
CA ARG G 1021 -121.26 -83.93 34.12
C ARG G 1021 -120.66 -84.16 32.74
N LEU G 1022 -121.36 -83.77 31.68
CA LEU G 1022 -120.92 -84.06 30.32
C LEU G 1022 -119.78 -83.12 29.95
N VAL G 1023 -118.63 -83.37 30.57
CA VAL G 1023 -117.41 -82.62 30.32
C VAL G 1023 -116.27 -83.62 30.38
N PRO G 1024 -115.16 -83.40 29.68
CA PRO G 1024 -114.05 -84.36 29.76
C PRO G 1024 -113.57 -84.52 31.19
N TYR G 1025 -113.13 -85.72 31.52
CA TYR G 1025 -112.85 -86.10 32.90
C TYR G 1025 -111.95 -85.11 33.61
N ARG G 1026 -110.94 -84.59 32.91
CA ARG G 1026 -109.99 -83.70 33.56
C ARG G 1026 -110.65 -82.47 34.18
N LEU G 1027 -111.79 -82.05 33.64
CA LEU G 1027 -112.46 -80.83 34.11
C LEU G 1027 -113.53 -81.12 35.16
N LEU G 1028 -113.71 -82.37 35.55
CA LEU G 1028 -114.73 -82.70 36.54
C LEU G 1028 -114.30 -82.29 37.93
N ASP G 1029 -115.27 -82.04 38.79
CA ASP G 1029 -115.00 -81.74 40.19
C ASP G 1029 -114.57 -82.98 40.93
N GLU G 1030 -113.78 -82.80 41.99
CA GLU G 1030 -113.20 -83.91 42.74
C GLU G 1030 -114.28 -84.90 43.18
N ALA G 1031 -115.45 -84.39 43.57
CA ALA G 1031 -116.50 -85.27 44.08
C ALA G 1031 -116.79 -86.40 43.10
N THR G 1032 -117.14 -86.07 41.86
CA THR G 1032 -117.47 -87.10 40.88
C THR G 1032 -116.23 -87.93 40.52
N LYS G 1033 -115.07 -87.28 40.45
CA LYS G 1033 -113.85 -88.01 40.10
C LYS G 1033 -113.58 -89.13 41.09
N ARG G 1034 -113.68 -88.83 42.39
CA ARG G 1034 -113.51 -89.88 43.39
C ARG G 1034 -114.68 -90.86 43.36
N SER G 1035 -115.88 -90.35 43.09
CA SER G 1035 -117.05 -91.24 43.00
C SER G 1035 -116.82 -92.33 41.97
N ASN G 1036 -116.06 -92.02 40.92
CA ASN G 1036 -115.73 -93.02 39.92
C ASN G 1036 -114.50 -93.84 40.31
N ARG G 1037 -113.46 -93.16 40.82
CA ARG G 1037 -112.25 -93.86 41.18
C ARG G 1037 -112.52 -94.94 42.22
N ASP G 1038 -113.53 -94.75 43.07
CA ASP G 1038 -113.81 -95.77 44.07
C ASP G 1038 -114.21 -97.08 43.39
N SER G 1039 -115.17 -97.02 42.47
CA SER G 1039 -115.59 -98.23 41.78
C SER G 1039 -114.44 -98.84 41.01
N LEU G 1040 -113.66 -98.01 40.31
CA LEU G 1040 -112.55 -98.57 39.53
C LEU G 1040 -111.50 -99.23 40.44
N CYS G 1041 -111.20 -98.60 41.57
CA CYS G 1041 -110.23 -99.17 42.49
C CYS G 1041 -110.73 -100.48 43.08
N GLN G 1042 -112.03 -100.56 43.38
CA GLN G 1042 -112.59 -101.81 43.86
C GLN G 1042 -112.48 -102.89 42.79
N ALA G 1043 -112.70 -102.53 41.52
CA ALA G 1043 -112.57 -103.50 40.45
C ALA G 1043 -111.15 -104.05 40.38
N VAL G 1044 -110.15 -103.16 40.39
CA VAL G 1044 -108.77 -103.62 40.31
C VAL G 1044 -108.40 -104.41 41.56
N ARG G 1045 -109.00 -104.05 42.69
CA ARG G 1045 -108.82 -104.83 43.91
C ARG G 1045 -109.33 -106.24 43.72
N THR G 1046 -110.49 -106.38 43.08
CA THR G 1046 -111.03 -107.72 42.80
C THR G 1046 -110.07 -108.51 41.92
N LEU G 1047 -109.53 -107.86 40.88
CA LEU G 1047 -108.57 -108.54 40.03
C LEU G 1047 -107.37 -109.03 40.85
N LEU G 1048 -106.77 -108.13 41.63
CA LEU G 1048 -105.58 -108.51 42.39
C LEU G 1048 -105.90 -109.63 43.38
N GLY G 1049 -107.05 -109.54 44.04
CA GLY G 1049 -107.45 -110.61 44.95
C GLY G 1049 -107.59 -111.95 44.25
N TYR G 1050 -108.18 -111.94 43.06
CA TYR G 1050 -108.19 -113.15 42.24
C TYR G 1050 -106.80 -113.53 41.77
N GLY G 1051 -105.81 -112.66 41.97
CA GLY G 1051 -104.43 -113.08 41.88
C GLY G 1051 -103.78 -112.80 40.55
N TYR G 1052 -103.83 -111.55 40.12
CA TYR G 1052 -103.37 -111.15 38.80
C TYR G 1052 -102.23 -110.16 38.93
N ASN G 1053 -101.09 -110.49 38.34
CA ASN G 1053 -100.03 -109.52 38.18
C ASN G 1053 -100.51 -108.47 37.19
N ILE G 1054 -100.46 -107.22 37.63
CA ILE G 1054 -100.98 -106.07 36.90
C ILE G 1054 -99.82 -105.11 36.69
N GLU G 1055 -99.10 -105.27 35.58
CA GLU G 1055 -97.98 -104.41 35.27
C GLU G 1055 -98.50 -103.20 34.51
N PRO G 1056 -98.42 -101.99 35.11
CA PRO G 1056 -98.69 -100.73 34.34
C PRO G 1056 -97.74 -100.58 33.17
N PRO G 1057 -98.21 -100.07 32.03
CA PRO G 1057 -97.30 -99.70 30.95
C PRO G 1057 -96.10 -98.92 31.47
N ASP G 1058 -94.99 -99.04 30.77
CA ASP G 1058 -93.87 -98.12 30.97
C ASP G 1058 -94.30 -96.71 30.58
N GLN G 1059 -94.43 -95.85 31.58
CA GLN G 1059 -94.93 -94.48 31.35
C GLN G 1059 -93.79 -93.68 30.72
N GLU G 1060 -93.66 -93.82 29.40
CA GLU G 1060 -92.63 -93.10 28.68
C GLU G 1060 -92.85 -91.60 28.84
N PRO G 1061 -91.83 -90.84 29.24
CA PRO G 1061 -92.03 -89.39 29.39
C PRO G 1061 -92.50 -88.76 28.08
N SER G 1062 -93.48 -87.86 28.21
CA SER G 1062 -94.04 -87.14 27.06
C SER G 1062 -94.07 -85.65 27.42
N GLN G 1063 -92.98 -84.96 27.13
CA GLN G 1063 -92.90 -83.54 27.44
C GLN G 1063 -93.94 -82.78 26.61
N VAL G 1064 -94.88 -82.14 27.31
CA VAL G 1064 -95.97 -81.47 26.63
C VAL G 1064 -95.49 -80.26 25.84
N ASP G 1065 -94.48 -79.54 26.35
CA ASP G 1065 -93.90 -78.35 25.72
C ASP G 1065 -94.97 -77.54 24.98
N SER G 1066 -96.09 -77.30 25.66
CA SER G 1066 -97.20 -76.58 25.05
C SER G 1066 -96.80 -75.15 24.70
N GLN G 1067 -95.81 -74.61 25.40
CA GLN G 1067 -95.42 -73.22 25.25
C GLN G 1067 -93.90 -73.11 25.08
N SER G 1068 -93.47 -71.98 24.51
CA SER G 1068 -92.05 -71.65 24.44
C SER G 1068 -91.57 -71.17 25.80
N ARG G 1069 -90.67 -71.93 26.43
CA ARG G 1069 -90.24 -71.61 27.78
C ARG G 1069 -89.58 -70.24 27.85
N GLY G 1070 -88.72 -69.92 26.87
CA GLY G 1070 -88.07 -68.64 26.87
C GLY G 1070 -89.05 -67.47 26.79
N ASP G 1071 -90.13 -67.67 26.05
CA ASP G 1071 -91.13 -66.62 25.83
C ASP G 1071 -92.29 -66.71 26.81
N ARG G 1072 -92.38 -67.77 27.61
CA ARG G 1072 -93.54 -67.96 28.47
C ARG G 1072 -93.46 -67.16 29.76
N ALA G 1073 -92.50 -67.47 30.62
CA ALA G 1073 -92.40 -66.78 31.90
C ALA G 1073 -92.21 -65.28 31.68
N ARG G 1074 -92.95 -64.49 32.43
CA ARG G 1074 -92.85 -63.04 32.30
C ARG G 1074 -91.76 -62.51 33.22
N ILE G 1075 -90.87 -61.70 32.67
CA ILE G 1075 -89.76 -61.11 33.39
C ILE G 1075 -90.14 -59.69 33.77
N PHE G 1076 -89.96 -59.35 35.04
CA PHE G 1076 -90.11 -57.99 35.54
C PHE G 1076 -88.76 -57.51 36.03
N ARG G 1077 -88.31 -56.37 35.52
CA ARG G 1077 -87.03 -55.81 35.91
C ARG G 1077 -87.20 -54.34 36.25
N ALA G 1078 -86.26 -53.81 37.02
CA ALA G 1078 -86.24 -52.38 37.25
C ALA G 1078 -85.80 -51.66 35.97
N GLU G 1079 -86.20 -50.39 35.87
CA GLU G 1079 -85.83 -49.61 34.70
C GLU G 1079 -84.32 -49.44 34.61
N LYS G 1080 -83.80 -49.34 33.39
CA LYS G 1080 -82.36 -49.30 33.21
C LYS G 1080 -81.71 -48.14 33.96
N SER G 1081 -82.42 -47.02 34.10
CA SER G 1081 -81.81 -45.86 34.72
C SER G 1081 -81.49 -46.09 36.19
N TYR G 1082 -82.03 -47.15 36.79
CA TYR G 1082 -81.77 -47.47 38.20
C TYR G 1082 -80.57 -48.38 38.38
N ALA G 1083 -79.86 -48.73 37.31
CA ALA G 1083 -78.75 -49.66 37.42
C ALA G 1083 -77.72 -49.13 38.41
N VAL G 1084 -77.26 -50.01 39.30
CA VAL G 1084 -76.29 -49.66 40.33
C VAL G 1084 -74.94 -50.22 39.92
N GLN G 1085 -73.91 -49.37 40.03
CA GLN G 1085 -72.55 -49.75 39.64
C GLN G 1085 -71.60 -49.82 40.83
N SER G 1086 -72.07 -49.55 42.04
CA SER G 1086 -71.23 -49.64 43.22
C SER G 1086 -72.11 -49.71 44.45
N GLY G 1087 -71.54 -50.20 45.53
CA GLY G 1087 -72.21 -50.26 46.81
C GLY G 1087 -72.71 -51.66 47.13
N ARG G 1088 -73.52 -51.72 48.18
CA ARG G 1088 -74.05 -52.98 48.70
C ARG G 1088 -75.55 -52.84 48.82
N TRP G 1089 -76.30 -53.55 47.97
CA TRP G 1089 -77.73 -53.34 47.82
C TRP G 1089 -78.50 -54.61 48.17
N TYR G 1090 -79.71 -54.40 48.69
CA TYR G 1090 -80.56 -55.46 49.20
C TYR G 1090 -81.99 -55.26 48.72
N PHE G 1091 -82.69 -56.36 48.46
CA PHE G 1091 -84.12 -56.28 48.20
C PHE G 1091 -84.73 -57.65 48.46
N GLU G 1092 -86.07 -57.70 48.53
CA GLU G 1092 -86.76 -58.91 48.93
C GLU G 1092 -87.79 -59.32 47.88
N PHE G 1093 -88.10 -60.61 47.85
CA PHE G 1093 -89.06 -61.17 46.93
C PHE G 1093 -89.81 -62.29 47.66
N GLU G 1094 -91.07 -62.06 47.96
CA GLU G 1094 -91.90 -63.07 48.61
C GLU G 1094 -92.58 -63.92 47.54
N ALA G 1095 -92.55 -65.23 47.72
CA ALA G 1095 -93.14 -66.16 46.76
C ALA G 1095 -94.53 -66.52 47.24
N VAL G 1096 -95.56 -65.87 46.67
CA VAL G 1096 -96.92 -66.18 47.09
C VAL G 1096 -97.28 -67.61 46.71
N THR G 1097 -96.88 -68.04 45.52
CA THR G 1097 -97.00 -69.41 45.08
C THR G 1097 -95.68 -70.13 45.32
N THR G 1098 -95.61 -71.39 44.90
CA THR G 1098 -94.44 -72.23 45.15
C THR G 1098 -93.90 -72.85 43.86
N GLY G 1099 -94.20 -72.25 42.72
CA GLY G 1099 -93.86 -72.81 41.43
C GLY G 1099 -92.60 -72.19 40.83
N GLU G 1100 -92.55 -72.18 39.50
CA GLU G 1100 -91.37 -71.72 38.77
C GLU G 1100 -91.27 -70.21 38.87
N MET G 1101 -90.30 -69.73 39.65
CA MET G 1101 -90.01 -68.31 39.74
C MET G 1101 -88.52 -68.15 39.96
N ARG G 1102 -87.93 -67.14 39.34
CA ARG G 1102 -86.51 -66.84 39.48
C ARG G 1102 -86.38 -65.40 39.93
N VAL G 1103 -85.39 -65.12 40.77
CA VAL G 1103 -85.19 -63.77 41.30
C VAL G 1103 -83.70 -63.50 41.44
N GLY G 1104 -83.28 -62.27 41.12
CA GLY G 1104 -81.88 -61.93 41.22
C GLY G 1104 -81.51 -60.62 40.56
N TRP G 1105 -80.33 -60.56 39.95
CA TRP G 1105 -79.78 -59.34 39.40
C TRP G 1105 -79.49 -59.51 37.93
N ALA G 1106 -79.90 -58.53 37.12
CA ALA G 1106 -79.74 -58.60 35.69
C ALA G 1106 -78.96 -57.39 35.19
N ARG G 1107 -78.33 -57.56 34.04
CA ARG G 1107 -77.65 -56.44 33.42
C ARG G 1107 -78.64 -55.61 32.62
N PRO G 1108 -78.36 -54.32 32.41
CA PRO G 1108 -79.34 -53.46 31.72
C PRO G 1108 -79.74 -53.98 30.35
N GLU G 1109 -78.84 -54.66 29.65
CA GLU G 1109 -79.10 -55.15 28.30
C GLU G 1109 -79.74 -56.53 28.31
N LEU G 1110 -80.39 -56.91 29.40
CA LEU G 1110 -81.07 -58.19 29.47
C LEU G 1110 -82.08 -58.32 28.34
N ARG G 1111 -82.09 -59.48 27.69
CA ARG G 1111 -83.05 -59.69 26.62
C ARG G 1111 -84.36 -60.22 27.16
N PRO G 1112 -85.48 -59.93 26.49
CA PRO G 1112 -86.78 -60.36 27.00
C PRO G 1112 -87.19 -61.76 26.62
N ASP G 1113 -86.61 -62.33 25.55
CA ASP G 1113 -87.02 -63.64 25.06
C ASP G 1113 -86.16 -64.78 25.58
N VAL G 1114 -85.09 -64.48 26.32
CA VAL G 1114 -84.24 -65.52 26.88
C VAL G 1114 -84.62 -65.77 28.33
N GLU G 1115 -84.53 -67.03 28.76
CA GLU G 1115 -84.76 -67.36 30.16
C GLU G 1115 -83.72 -66.67 31.04
N LEU G 1116 -84.14 -66.29 32.24
CA LEU G 1116 -83.21 -65.66 33.17
C LEU G 1116 -82.11 -66.64 33.51
N GLY G 1117 -80.86 -66.19 33.37
CA GLY G 1117 -79.72 -66.99 33.73
C GLY G 1117 -79.31 -68.01 32.70
N ALA G 1118 -80.05 -68.15 31.60
CA ALA G 1118 -79.61 -69.00 30.51
C ALA G 1118 -78.46 -68.39 29.74
N ASP G 1119 -78.20 -67.09 29.92
CA ASP G 1119 -77.07 -66.42 29.30
C ASP G 1119 -76.26 -65.72 30.40
N ASP G 1120 -75.31 -64.88 30.00
CA ASP G 1120 -74.42 -64.22 30.94
C ASP G 1120 -74.99 -62.90 31.47
N LEU G 1121 -76.23 -62.58 31.12
CA LEU G 1121 -76.81 -61.28 31.46
C LEU G 1121 -77.62 -61.28 32.74
N ALA G 1122 -77.67 -62.39 33.48
CA ALA G 1122 -78.44 -62.42 34.71
C ALA G 1122 -77.88 -63.47 35.65
N TYR G 1123 -77.82 -63.12 36.93
CA TYR G 1123 -77.45 -64.02 38.02
C TYR G 1123 -78.70 -64.14 38.88
N VAL G 1124 -79.37 -65.29 38.84
CA VAL G 1124 -80.66 -65.43 39.51
C VAL G 1124 -80.68 -66.72 40.31
N PHE G 1125 -81.68 -66.83 41.17
CA PHE G 1125 -81.93 -68.00 42.00
C PHE G 1125 -83.32 -68.50 41.68
N ASN G 1126 -83.42 -69.77 41.32
CA ASN G 1126 -84.70 -70.41 41.04
C ASN G 1126 -84.97 -71.44 42.12
N GLY G 1127 -85.86 -71.11 43.05
CA GLY G 1127 -86.08 -71.91 44.22
C GLY G 1127 -87.24 -72.87 44.16
N HIS G 1128 -87.70 -73.24 42.97
CA HIS G 1128 -88.68 -74.34 42.92
C HIS G 1128 -87.98 -75.66 43.17
N ARG G 1129 -86.77 -75.84 42.63
CA ARG G 1129 -85.93 -76.96 43.00
C ARG G 1129 -84.61 -76.53 43.62
N GLY G 1130 -84.37 -75.25 43.83
CA GLY G 1130 -83.15 -74.81 44.48
C GLY G 1130 -81.93 -74.79 43.58
N GLN G 1131 -81.91 -73.89 42.60
CA GLN G 1131 -80.82 -73.79 41.64
C GLN G 1131 -80.33 -72.36 41.57
N ARG G 1132 -79.06 -72.18 41.22
CA ARG G 1132 -78.55 -70.89 40.80
C ARG G 1132 -78.46 -70.91 39.28
N TRP G 1133 -78.74 -69.77 38.65
CA TRP G 1133 -78.71 -69.67 37.19
C TRP G 1133 -77.81 -68.52 36.79
N HIS G 1134 -76.77 -68.87 36.01
CA HIS G 1134 -75.98 -67.92 35.25
C HIS G 1134 -75.21 -68.69 34.19
N LEU G 1135 -75.52 -68.44 32.92
CA LEU G 1135 -74.97 -69.23 31.82
C LEU G 1135 -75.25 -70.72 32.01
N GLY G 1136 -76.37 -71.04 32.64
CA GLY G 1136 -76.74 -72.41 32.96
C GLY G 1136 -77.12 -72.56 34.41
N SER G 1137 -77.53 -73.76 34.75
CA SER G 1137 -78.04 -74.06 36.08
C SER G 1137 -77.01 -74.82 36.91
N GLU G 1138 -77.16 -74.71 38.22
CA GLU G 1138 -76.35 -75.45 39.19
C GLU G 1138 -77.15 -75.60 40.48
N PRO G 1139 -77.11 -76.75 41.14
CA PRO G 1139 -77.82 -76.87 42.42
C PRO G 1139 -77.30 -75.85 43.42
N PHE G 1140 -78.22 -75.28 44.20
CA PHE G 1140 -77.84 -74.27 45.18
C PHE G 1140 -79.04 -74.01 46.07
N GLY G 1141 -78.79 -73.87 47.37
CA GLY G 1141 -79.86 -73.56 48.28
C GLY G 1141 -80.87 -74.69 48.39
N ARG G 1142 -82.03 -74.33 48.91
CA ARG G 1142 -83.15 -75.25 49.07
C ARG G 1142 -84.41 -74.61 48.50
N PRO G 1143 -85.39 -75.41 48.08
CA PRO G 1143 -86.63 -74.84 47.56
C PRO G 1143 -87.42 -74.12 48.63
N TRP G 1144 -88.10 -73.05 48.22
CA TRP G 1144 -88.99 -72.36 49.13
C TRP G 1144 -90.34 -73.05 49.25
N GLN G 1145 -91.13 -72.54 50.19
CA GLN G 1145 -92.53 -72.87 50.36
C GLN G 1145 -93.35 -71.58 50.28
N SER G 1146 -94.66 -71.73 50.16
CA SER G 1146 -95.52 -70.56 50.03
C SER G 1146 -95.30 -69.62 51.20
N GLY G 1147 -95.15 -68.33 50.90
CA GLY G 1147 -94.94 -67.31 51.90
C GLY G 1147 -93.49 -67.04 52.24
N ASP G 1148 -92.55 -67.79 51.65
CA ASP G 1148 -91.14 -67.57 51.94
C ASP G 1148 -90.63 -66.32 51.23
N VAL G 1149 -89.73 -65.61 51.90
CA VAL G 1149 -89.18 -64.35 51.42
C VAL G 1149 -87.71 -64.58 51.10
N VAL G 1150 -87.34 -64.43 49.83
CA VAL G 1150 -85.95 -64.49 49.42
C VAL G 1150 -85.36 -63.09 49.45
N GLY G 1151 -84.26 -62.94 50.17
CA GLY G 1151 -83.52 -61.68 50.19
C GLY G 1151 -82.31 -61.78 49.28
N CYS G 1152 -82.25 -60.87 48.31
CA CYS G 1152 -81.17 -60.81 47.34
C CYS G 1152 -80.27 -59.64 47.69
N MET G 1153 -78.97 -59.91 47.81
CA MET G 1153 -77.97 -58.90 48.10
C MET G 1153 -76.88 -58.95 47.03
N ILE G 1154 -76.47 -57.78 46.58
CA ILE G 1154 -75.34 -57.65 45.68
C ILE G 1154 -74.32 -56.74 46.33
N ASP G 1155 -73.08 -57.22 46.43
CA ASP G 1155 -71.97 -56.48 47.02
C ASP G 1155 -70.98 -56.19 45.90
N LEU G 1156 -71.00 -54.97 45.39
CA LEU G 1156 -70.16 -54.60 44.26
C LEU G 1156 -68.76 -54.18 44.69
N THR G 1157 -68.53 -53.99 46.00
CA THR G 1157 -67.18 -53.82 46.50
C THR G 1157 -66.42 -55.14 46.56
N GLU G 1158 -67.11 -56.24 46.83
CA GLU G 1158 -66.54 -57.57 46.83
C GLU G 1158 -66.87 -58.33 45.55
N ASN G 1159 -67.76 -57.81 44.71
CA ASN G 1159 -68.17 -58.47 43.48
C ASN G 1159 -68.78 -59.84 43.78
N THR G 1160 -69.82 -59.84 44.61
CA THR G 1160 -70.48 -61.07 45.01
C THR G 1160 -71.99 -60.86 45.05
N ILE G 1161 -72.71 -61.98 45.03
CA ILE G 1161 -74.15 -62.01 45.12
C ILE G 1161 -74.54 -63.06 46.15
N ILE G 1162 -75.42 -62.69 47.07
CA ILE G 1162 -75.83 -63.56 48.16
C ILE G 1162 -77.34 -63.66 48.19
N PHE G 1163 -77.85 -64.84 48.50
CA PHE G 1163 -79.28 -65.10 48.63
C PHE G 1163 -79.56 -65.65 50.01
N THR G 1164 -80.64 -65.17 50.63
CA THR G 1164 -81.10 -65.67 51.91
C THR G 1164 -82.54 -66.12 51.77
N LEU G 1165 -82.90 -67.20 52.45
CA LEU G 1165 -84.27 -67.70 52.47
C LEU G 1165 -84.78 -67.57 53.90
N ASN G 1166 -85.72 -66.64 54.10
CA ASN G 1166 -86.27 -66.36 55.41
C ASN G 1166 -85.18 -65.96 56.40
N GLY G 1167 -84.18 -65.21 55.93
CA GLY G 1167 -83.16 -64.63 56.77
C GLY G 1167 -81.90 -65.46 56.87
N GLU G 1168 -81.96 -66.73 56.50
CA GLU G 1168 -80.81 -67.62 56.57
C GLU G 1168 -80.12 -67.66 55.21
N VAL G 1169 -78.81 -67.43 55.20
CA VAL G 1169 -78.07 -67.43 53.95
C VAL G 1169 -78.15 -68.81 53.33
N LEU G 1170 -78.40 -68.84 52.02
CA LEU G 1170 -78.38 -70.10 51.29
C LEU G 1170 -76.95 -70.43 50.87
N MET G 1171 -76.54 -71.66 51.11
CA MET G 1171 -75.19 -72.10 50.83
C MET G 1171 -75.18 -73.06 49.65
N SER G 1172 -74.06 -73.08 48.94
CA SER G 1172 -73.87 -74.05 47.88
C SER G 1172 -73.61 -75.44 48.48
N ASP G 1173 -73.51 -76.43 47.60
CA ASP G 1173 -73.10 -77.76 48.05
C ASP G 1173 -71.70 -77.73 48.62
N SER G 1174 -70.81 -76.96 48.00
CA SER G 1174 -69.46 -76.80 48.52
C SER G 1174 -69.47 -76.19 49.92
N GLY G 1175 -70.53 -75.47 50.27
CA GLY G 1175 -70.61 -74.79 51.54
C GLY G 1175 -70.28 -73.31 51.50
N SER G 1176 -70.03 -72.76 50.32
CA SER G 1176 -69.74 -71.34 50.21
C SER G 1176 -70.99 -70.52 50.52
N GLU G 1177 -70.81 -69.40 51.21
CA GLU G 1177 -71.94 -68.54 51.53
C GLU G 1177 -72.41 -67.76 50.31
N THR G 1178 -71.47 -67.27 49.49
CA THR G 1178 -71.85 -66.52 48.31
C THR G 1178 -72.45 -67.44 47.26
N ALA G 1179 -73.25 -66.85 46.37
CA ALA G 1179 -73.84 -67.58 45.27
C ALA G 1179 -73.07 -67.38 43.97
N PHE G 1180 -72.54 -66.18 43.76
CA PHE G 1180 -71.72 -65.87 42.60
C PHE G 1180 -70.54 -65.01 43.05
N ARG G 1181 -69.43 -65.14 42.33
CA ARG G 1181 -68.20 -64.43 42.67
C ARG G 1181 -67.54 -63.91 41.40
N ASP G 1182 -66.55 -63.03 41.59
CA ASP G 1182 -65.76 -62.52 40.49
C ASP G 1182 -66.64 -61.89 39.42
N ILE G 1183 -67.61 -61.11 39.86
CA ILE G 1183 -68.61 -60.51 38.97
C ILE G 1183 -68.03 -59.21 38.42
N GLU G 1184 -68.02 -59.09 37.10
CA GLU G 1184 -67.62 -57.84 36.47
C GLU G 1184 -68.73 -56.81 36.57
N ILE G 1185 -68.39 -55.59 36.99
CA ILE G 1185 -69.41 -54.57 37.20
C ILE G 1185 -70.08 -54.23 35.88
N GLY G 1186 -69.30 -53.99 34.84
CA GLY G 1186 -69.88 -53.64 33.55
C GLY G 1186 -70.71 -52.37 33.67
N ASP G 1187 -71.94 -52.43 33.18
CA ASP G 1187 -72.84 -51.28 33.17
C ASP G 1187 -73.75 -51.23 34.38
N GLY G 1188 -73.60 -52.13 35.33
CA GLY G 1188 -74.41 -52.14 36.54
C GLY G 1188 -75.38 -53.30 36.55
N PHE G 1189 -76.22 -53.29 37.60
CA PHE G 1189 -77.17 -54.36 37.83
C PHE G 1189 -78.52 -53.79 38.24
N LEU G 1190 -79.56 -54.57 37.97
CA LEU G 1190 -80.94 -54.19 38.22
C LEU G 1190 -81.64 -55.34 38.92
N PRO G 1191 -82.55 -55.06 39.85
CA PRO G 1191 -83.41 -56.12 40.37
C PRO G 1191 -84.24 -56.72 39.24
N VAL G 1192 -84.34 -58.05 39.24
CA VAL G 1192 -85.05 -58.76 38.19
C VAL G 1192 -85.72 -59.99 38.81
N CYS G 1193 -86.85 -60.36 38.23
CA CYS G 1193 -87.54 -61.58 38.61
C CYS G 1193 -88.28 -62.08 37.39
N SER G 1194 -88.63 -63.36 37.39
CA SER G 1194 -89.43 -63.96 36.33
C SER G 1194 -90.40 -64.94 36.97
N LEU G 1195 -91.65 -64.88 36.54
CA LEU G 1195 -92.71 -65.73 37.05
C LEU G 1195 -93.22 -66.59 35.90
N GLY G 1196 -93.33 -67.90 36.14
CA GLY G 1196 -93.90 -68.79 35.17
C GLY G 1196 -95.41 -68.73 35.21
N PRO G 1197 -96.06 -69.51 34.35
CA PRO G 1197 -97.52 -69.46 34.29
C PRO G 1197 -98.15 -69.80 35.63
N GLY G 1198 -99.12 -68.98 36.04
CA GLY G 1198 -99.85 -69.23 37.26
C GLY G 1198 -99.10 -68.93 38.54
N GLN G 1199 -98.03 -68.14 38.47
CA GLN G 1199 -97.20 -67.85 39.63
C GLN G 1199 -97.43 -66.42 40.09
N VAL G 1200 -97.21 -66.18 41.38
CA VAL G 1200 -97.43 -64.87 41.97
C VAL G 1200 -96.27 -64.56 42.90
N GLY G 1201 -95.68 -63.38 42.72
CA GLY G 1201 -94.61 -62.92 43.59
C GLY G 1201 -94.90 -61.53 44.09
N HIS G 1202 -94.12 -61.11 45.08
CA HIS G 1202 -94.20 -59.77 45.63
C HIS G 1202 -92.79 -59.22 45.77
N LEU G 1203 -92.45 -58.25 44.93
CA LEU G 1203 -91.12 -57.66 44.91
C LEU G 1203 -91.13 -56.43 45.80
N ASN G 1204 -90.33 -56.46 46.86
CA ASN G 1204 -90.19 -55.33 47.78
C ASN G 1204 -88.79 -54.77 47.62
N LEU G 1205 -88.69 -53.60 47.00
CA LEU G 1205 -87.40 -52.96 46.80
C LEU G 1205 -86.97 -52.10 47.98
N GLY G 1206 -87.78 -52.05 49.04
CA GLY G 1206 -87.37 -51.44 50.28
C GLY G 1206 -87.56 -49.96 50.38
N GLN G 1207 -88.47 -49.36 49.60
CA GLN G 1207 -88.70 -47.93 49.75
C GLN G 1207 -89.18 -47.60 51.15
N ASP G 1208 -90.07 -48.42 51.69
CA ASP G 1208 -90.48 -48.33 53.09
C ASP G 1208 -89.69 -49.39 53.86
N VAL G 1209 -88.59 -48.96 54.48
CA VAL G 1209 -87.67 -49.90 55.10
C VAL G 1209 -88.36 -50.75 56.16
N SER G 1210 -89.48 -50.26 56.73
CA SER G 1210 -90.19 -51.06 57.71
C SER G 1210 -90.93 -52.23 57.06
N SER G 1211 -91.26 -52.11 55.78
CA SER G 1211 -91.99 -53.19 55.11
C SER G 1211 -91.12 -54.42 54.93
N LEU G 1212 -89.80 -54.24 54.81
CA LEU G 1212 -88.90 -55.39 54.68
C LEU G 1212 -89.03 -56.28 55.90
N ARG G 1213 -89.06 -57.59 55.67
CA ARG G 1213 -89.36 -58.56 56.71
C ARG G 1213 -88.12 -59.22 57.30
N PHE G 1214 -87.00 -59.25 56.58
CA PHE G 1214 -85.80 -59.90 57.08
C PHE G 1214 -84.55 -59.05 56.87
N PHE G 1215 -84.71 -57.76 56.58
CA PHE G 1215 -83.54 -56.91 56.38
C PHE G 1215 -82.72 -56.81 57.66
N ALA G 1216 -83.39 -56.65 58.80
CA ALA G 1216 -82.67 -56.57 60.07
C ALA G 1216 -81.96 -57.88 60.38
N ILE G 1217 -82.60 -59.01 60.08
CA ILE G 1217 -82.05 -60.31 60.44
C ILE G 1217 -80.75 -60.56 59.69
N CYS G 1218 -80.68 -60.16 58.43
CA CYS G 1218 -79.49 -60.40 57.63
C CYS G 1218 -79.37 -59.31 56.57
N GLY G 1219 -78.34 -58.48 56.69
CA GLY G 1219 -78.04 -57.48 55.69
C GLY G 1219 -77.86 -56.10 56.29
N LEU G 1220 -78.69 -55.78 57.29
CA LEU G 1220 -78.60 -54.47 57.93
C LEU G 1220 -77.25 -54.28 58.60
N GLN G 1221 -76.84 -55.24 59.43
CA GLN G 1221 -75.56 -55.15 60.11
C GLN G 1221 -74.39 -55.45 59.18
N GLU G 1222 -74.60 -56.23 58.13
CA GLU G 1222 -73.59 -56.46 57.11
C GLU G 1222 -73.38 -55.24 56.23
N GLY G 1223 -74.27 -54.25 56.31
CA GLY G 1223 -74.05 -52.99 55.62
C GLY G 1223 -74.68 -52.91 54.25
N PHE G 1224 -75.73 -53.68 54.00
CA PHE G 1224 -76.46 -53.62 52.74
C PHE G 1224 -77.59 -52.62 52.87
N GLU G 1225 -77.84 -51.87 51.80
CA GLU G 1225 -78.83 -50.82 51.80
C GLU G 1225 -80.00 -51.23 50.92
N PRO G 1226 -81.24 -51.00 51.34
CA PRO G 1226 -82.37 -51.33 50.49
C PRO G 1226 -82.26 -50.62 49.15
N PHE G 1227 -82.67 -51.31 48.09
CA PHE G 1227 -82.40 -50.82 46.73
C PHE G 1227 -83.01 -49.45 46.51
N ALA G 1228 -84.20 -49.21 47.06
CA ALA G 1228 -84.92 -47.96 46.82
C ALA G 1228 -85.08 -47.16 48.11
N ILE G 1229 -84.02 -47.08 48.91
CA ILE G 1229 -84.15 -46.56 50.27
C ILE G 1229 -84.54 -45.09 50.26
N ASN G 1230 -83.90 -44.29 49.40
CA ASN G 1230 -84.08 -42.84 49.45
C ASN G 1230 -84.65 -42.29 48.15
N MET G 1231 -85.68 -42.94 47.62
CA MET G 1231 -86.34 -42.50 46.40
C MET G 1231 -87.72 -41.96 46.76
N GLN G 1232 -88.02 -40.75 46.29
CA GLN G 1232 -89.31 -40.14 46.61
C GLN G 1232 -90.47 -40.96 46.06
N ARG G 1233 -90.26 -41.63 44.94
CA ARG G 1233 -91.33 -42.28 44.23
C ARG G 1233 -91.02 -43.76 44.01
N PRO G 1234 -92.04 -44.61 43.87
CA PRO G 1234 -91.78 -46.03 43.65
C PRO G 1234 -90.96 -46.24 42.39
N VAL G 1235 -90.14 -47.28 42.40
CA VAL G 1235 -89.26 -47.58 41.28
C VAL G 1235 -90.10 -48.06 40.10
N THR G 1236 -89.83 -47.50 38.92
CA THR G 1236 -90.51 -47.94 37.72
C THR G 1236 -90.00 -49.31 37.31
N THR G 1237 -90.88 -50.13 36.76
CA THR G 1237 -90.53 -51.46 36.29
C THR G 1237 -90.94 -51.65 34.85
N TRP G 1238 -90.24 -52.57 34.18
CA TRP G 1238 -90.58 -52.99 32.84
C TRP G 1238 -90.82 -54.50 32.87
N PHE G 1239 -91.64 -54.98 31.96
CA PHE G 1239 -91.95 -56.39 31.89
C PHE G 1239 -91.88 -56.87 30.45
N SER G 1240 -91.63 -58.17 30.30
CA SER G 1240 -91.49 -58.79 28.99
C SER G 1240 -92.89 -59.09 28.45
N LYS G 1241 -93.38 -58.19 27.61
CA LYS G 1241 -94.69 -58.34 26.99
C LYS G 1241 -94.59 -59.34 25.84
N SER G 1242 -95.47 -60.33 25.86
CA SER G 1242 -95.52 -61.36 24.82
C SER G 1242 -96.49 -61.01 23.70
N LEU G 1243 -96.36 -59.82 23.13
CA LEU G 1243 -97.14 -59.44 21.97
C LEU G 1243 -96.20 -59.31 20.79
N PRO G 1244 -96.23 -60.22 19.83
CA PRO G 1244 -95.25 -60.16 18.74
C PRO G 1244 -95.28 -58.82 18.02
N GLN G 1245 -94.10 -58.29 17.72
CA GLN G 1245 -93.98 -56.98 17.09
C GLN G 1245 -92.91 -57.04 16.02
N PHE G 1246 -93.08 -56.24 14.97
CA PHE G 1246 -92.12 -56.22 13.87
C PHE G 1246 -90.97 -55.28 14.21
N GLU G 1247 -89.75 -55.78 14.12
CA GLU G 1247 -88.55 -55.00 14.38
C GLU G 1247 -87.53 -55.26 13.29
N PRO G 1248 -86.65 -54.31 13.01
CA PRO G 1248 -85.66 -54.51 11.95
C PRO G 1248 -84.79 -55.73 12.22
N VAL G 1249 -84.42 -56.42 11.15
CA VAL G 1249 -83.58 -57.62 11.28
C VAL G 1249 -82.24 -57.17 11.83
N PRO G 1250 -81.80 -57.69 12.98
CA PRO G 1250 -80.52 -57.24 13.53
C PRO G 1250 -79.38 -57.48 12.56
N LEU G 1251 -78.46 -56.51 12.49
CA LEU G 1251 -77.33 -56.61 11.57
C LEU G 1251 -76.37 -57.73 11.94
N GLU G 1252 -76.48 -58.29 13.14
CA GLU G 1252 -75.61 -59.37 13.59
C GLU G 1252 -76.39 -60.62 13.94
N HIS G 1253 -77.58 -60.79 13.37
CA HIS G 1253 -78.40 -61.94 13.70
C HIS G 1253 -77.65 -63.23 13.36
N PRO G 1254 -77.60 -64.20 14.26
CA PRO G 1254 -76.78 -65.40 14.01
C PRO G 1254 -77.23 -66.22 12.81
N HIS G 1255 -78.47 -66.10 12.37
CA HIS G 1255 -79.01 -66.98 11.33
C HIS G 1255 -79.47 -66.26 10.08
N TYR G 1256 -80.02 -65.06 10.18
CA TYR G 1256 -80.64 -64.38 9.05
C TYR G 1256 -79.81 -63.19 8.63
N GLU G 1257 -79.61 -63.06 7.31
CA GLU G 1257 -78.85 -61.95 6.75
C GLU G 1257 -79.66 -61.35 5.61
N VAL G 1258 -79.72 -60.02 5.57
CA VAL G 1258 -80.45 -59.30 4.53
C VAL G 1258 -79.45 -58.46 3.75
N ALA G 1259 -79.49 -58.58 2.43
CA ALA G 1259 -78.59 -57.86 1.54
C ALA G 1259 -79.38 -56.89 0.70
N ARG G 1260 -78.94 -55.64 0.65
CA ARG G 1260 -79.59 -54.60 -0.14
C ARG G 1260 -78.93 -54.59 -1.52
N MET G 1261 -79.57 -55.25 -2.48
CA MET G 1261 -79.01 -55.38 -3.81
C MET G 1261 -79.40 -54.19 -4.66
N ASP G 1262 -78.40 -53.55 -5.27
CA ASP G 1262 -78.67 -52.40 -6.12
C ASP G 1262 -79.32 -52.82 -7.43
N GLY G 1263 -80.06 -51.89 -8.02
CA GLY G 1263 -80.68 -52.14 -9.30
C GLY G 1263 -79.66 -52.12 -10.43
N THR G 1264 -79.91 -52.90 -11.46
CA THR G 1264 -79.05 -52.98 -12.63
C THR G 1264 -79.89 -52.68 -13.88
N VAL G 1265 -79.27 -52.82 -15.04
CA VAL G 1265 -79.97 -52.57 -16.29
C VAL G 1265 -81.12 -53.55 -16.50
N ASP G 1266 -80.99 -54.77 -15.97
CA ASP G 1266 -82.00 -55.80 -16.18
C ASP G 1266 -82.75 -56.21 -14.92
N THR G 1267 -82.25 -55.86 -13.73
CA THR G 1267 -82.96 -56.18 -12.50
C THR G 1267 -83.28 -54.91 -11.72
N PRO G 1268 -84.34 -54.92 -10.92
CA PRO G 1268 -84.66 -53.76 -10.10
C PRO G 1268 -83.95 -53.83 -8.76
N PRO G 1269 -84.16 -52.86 -7.88
CA PRO G 1269 -83.64 -52.98 -6.51
C PRO G 1269 -84.24 -54.18 -5.81
N CYS G 1270 -83.45 -54.80 -4.95
CA CYS G 1270 -83.90 -56.01 -4.26
C CYS G 1270 -83.38 -56.04 -2.83
N LEU G 1271 -84.13 -56.73 -1.97
CA LEU G 1271 -83.75 -57.03 -0.60
C LEU G 1271 -83.78 -58.55 -0.47
N ARG G 1272 -82.61 -59.17 -0.40
CA ARG G 1272 -82.48 -60.62 -0.44
C ARG G 1272 -82.25 -61.15 0.96
N LEU G 1273 -82.89 -62.28 1.26
CA LEU G 1273 -82.72 -62.97 2.54
C LEU G 1273 -81.92 -64.24 2.33
N THR G 1274 -80.98 -64.49 3.23
CA THR G 1274 -80.17 -65.71 3.21
C THR G 1274 -80.08 -66.27 4.61
N HIS G 1275 -79.92 -67.59 4.68
CA HIS G 1275 -79.81 -68.30 5.95
C HIS G 1275 -78.34 -68.65 6.17
N ARG G 1276 -77.68 -67.94 7.09
CA ARG G 1276 -76.24 -68.12 7.25
C ARG G 1276 -75.91 -69.53 7.73
N THR G 1277 -76.65 -70.03 8.72
CA THR G 1277 -76.31 -71.28 9.38
C THR G 1277 -77.07 -72.47 8.79
N TRP G 1278 -77.49 -72.38 7.54
CA TRP G 1278 -78.21 -73.49 6.93
C TRP G 1278 -77.31 -74.71 6.77
N GLY G 1279 -77.92 -75.89 6.90
CA GLY G 1279 -77.20 -77.13 6.68
C GLY G 1279 -76.01 -77.30 7.59
N SER G 1280 -76.20 -77.04 8.88
CA SER G 1280 -75.14 -77.23 9.86
C SER G 1280 -75.77 -77.44 11.22
N GLN G 1281 -74.97 -77.96 12.14
CA GLN G 1281 -75.43 -78.10 13.52
C GLN G 1281 -75.57 -76.71 14.14
N ASN G 1282 -76.63 -76.54 14.93
CA ASN G 1282 -77.15 -75.32 15.54
C ASN G 1282 -78.03 -74.54 14.58
N SER G 1283 -78.24 -75.02 13.36
CA SER G 1283 -79.10 -74.32 12.42
C SER G 1283 -80.50 -74.16 13.00
N LEU G 1284 -81.07 -72.98 12.82
CA LEU G 1284 -82.41 -72.67 13.29
C LEU G 1284 -83.36 -72.66 12.10
N VAL G 1285 -84.33 -73.57 12.12
CA VAL G 1285 -85.32 -73.66 11.04
C VAL G 1285 -86.72 -73.54 11.63
N GLU G 1286 -87.32 -72.37 11.50
CA GLU G 1286 -88.65 -72.10 12.01
C GLU G 1286 -89.31 -71.03 11.14
N MET G 1287 -90.60 -70.85 11.34
CA MET G 1287 -91.34 -69.84 10.58
C MET G 1287 -90.71 -68.47 10.76
N LEU G 1288 -90.62 -67.73 9.67
CA LEU G 1288 -90.08 -66.38 9.64
C LEU G 1288 -91.13 -65.47 9.03
N PHE G 1289 -91.50 -64.42 9.76
CA PHE G 1289 -92.52 -63.47 9.33
C PHE G 1289 -91.82 -62.15 9.04
N LEU G 1290 -91.78 -61.76 7.77
CA LEU G 1290 -91.08 -60.56 7.33
C LEU G 1290 -92.07 -59.57 6.75
N ARG G 1291 -91.80 -58.29 6.97
CA ARG G 1291 -92.50 -57.23 6.27
C ARG G 1291 -91.51 -56.14 5.90
N LEU G 1292 -92.00 -55.15 5.17
CA LEU G 1292 -91.19 -53.99 4.84
C LEU G 1292 -91.54 -52.84 5.76
N SER G 1293 -90.54 -52.01 6.06
CA SER G 1293 -90.70 -51.03 7.12
C SER G 1293 -91.79 -50.01 6.82
N LEU G 1294 -92.09 -49.76 5.54
CA LEU G 1294 -93.03 -48.69 5.20
C LEU G 1294 -94.29 -49.25 4.55
N PRO G 1295 -95.46 -48.67 4.85
CA PRO G 1295 -96.69 -49.14 4.21
C PRO G 1295 -97.10 -48.34 3.00
N VAL G 1296 -97.99 -48.89 2.19
CA VAL G 1296 -98.73 -48.15 1.17
C VAL G 1296 -100.13 -47.92 1.70
N GLN G 1297 -100.63 -46.71 1.54
CA GLN G 1297 -101.91 -46.30 2.10
C GLN G 1297 -102.90 -46.03 0.99
N PHE G 1298 -104.08 -46.64 1.08
CA PHE G 1298 -105.10 -46.45 0.07
C PHE G 1298 -105.74 -45.07 0.19
N HIS G 1299 -106.29 -44.60 -0.92
CA HIS G 1299 -106.80 -43.24 -0.97
C HIS G 1299 -108.00 -43.08 -0.05
N GLN G 1300 -108.25 -41.82 0.35
CA GLN G 1300 -109.38 -41.52 1.20
C GLN G 1300 -110.71 -41.83 0.51
N HIS G 1301 -110.83 -41.52 -0.77
CA HIS G 1301 -112.04 -41.76 -1.54
C HIS G 1301 -111.69 -42.62 -2.75
N PHE G 1302 -112.52 -43.62 -3.01
CA PHE G 1302 -112.33 -44.51 -4.14
C PHE G 1302 -113.11 -43.99 -5.33
N ARG G 1303 -112.51 -44.09 -6.52
CA ARG G 1303 -113.15 -43.57 -7.72
C ARG G 1303 -114.50 -44.23 -7.91
N CYS G 1304 -115.49 -43.42 -8.28
CA CYS G 1304 -116.86 -43.92 -8.42
C CYS G 1304 -116.92 -44.97 -9.52
N THR G 1305 -117.19 -46.21 -9.14
CA THR G 1305 -117.30 -47.32 -10.09
C THR G 1305 -116.07 -47.38 -10.99
N ASP G 1420 -93.42 -51.41 -27.81
CA ASP G 1420 -93.11 -52.63 -27.10
C ASP G 1420 -92.47 -52.32 -25.74
N ASN G 1421 -93.12 -52.77 -24.67
CA ASN G 1421 -92.66 -52.66 -23.29
C ASN G 1421 -91.91 -51.36 -22.99
N ARG G 1422 -92.47 -50.23 -23.41
CA ARG G 1422 -92.16 -48.94 -22.83
C ARG G 1422 -93.43 -48.34 -22.26
N ASP G 1423 -93.32 -47.72 -21.08
CA ASP G 1423 -94.49 -47.15 -20.44
C ASP G 1423 -95.06 -46.02 -21.29
N ASP G 1424 -96.38 -46.01 -21.43
CA ASP G 1424 -97.05 -44.91 -22.11
C ASP G 1424 -97.14 -43.72 -21.17
N PRO G 1425 -96.54 -42.56 -21.49
CA PRO G 1425 -96.40 -41.49 -20.50
C PRO G 1425 -97.68 -41.15 -19.74
N GLU G 1426 -98.79 -40.93 -20.46
CA GLU G 1426 -100.01 -40.53 -19.78
C GLU G 1426 -100.53 -41.64 -18.87
N ILE G 1427 -100.45 -42.89 -19.34
CA ILE G 1427 -100.94 -44.00 -18.53
C ILE G 1427 -100.11 -44.13 -17.26
N ILE G 1428 -98.78 -44.08 -17.41
CA ILE G 1428 -97.91 -44.24 -16.25
C ILE G 1428 -98.00 -43.05 -15.30
N LEU G 1429 -98.34 -41.86 -15.79
CA LEU G 1429 -98.44 -40.69 -14.95
C LEU G 1429 -99.84 -40.49 -14.37
N ASN G 1430 -100.84 -41.24 -14.84
CA ASN G 1430 -102.17 -41.17 -14.26
C ASN G 1430 -102.61 -42.49 -13.64
N THR G 1431 -101.74 -43.50 -13.56
CA THR G 1431 -102.09 -44.78 -12.98
C THR G 1431 -102.03 -44.71 -11.46
N THR G 1432 -102.92 -45.46 -10.81
CA THR G 1432 -102.92 -45.61 -9.36
C THR G 1432 -102.65 -47.04 -8.94
N THR G 1433 -102.06 -47.84 -9.83
CA THR G 1433 -101.74 -49.23 -9.55
C THR G 1433 -100.24 -49.35 -9.28
N TYR G 1434 -99.91 -50.07 -8.22
CA TYR G 1434 -98.52 -50.25 -7.80
C TYR G 1434 -98.22 -51.74 -7.64
N TYR G 1435 -96.95 -52.07 -7.77
CA TYR G 1435 -96.52 -53.45 -7.96
C TYR G 1435 -95.27 -53.73 -7.15
N TYR G 1436 -95.16 -54.96 -6.66
CA TYR G 1436 -93.87 -55.45 -6.17
C TYR G 1436 -93.87 -56.95 -6.26
N SER G 1437 -92.70 -57.57 -6.43
CA SER G 1437 -92.64 -59.00 -6.60
C SER G 1437 -91.77 -59.63 -5.52
N VAL G 1438 -91.95 -60.93 -5.34
CA VAL G 1438 -91.13 -61.73 -4.45
C VAL G 1438 -90.60 -62.89 -5.26
N ARG G 1439 -89.27 -63.02 -5.30
CA ARG G 1439 -88.62 -64.14 -5.96
C ARG G 1439 -88.27 -65.17 -4.89
N VAL G 1440 -88.93 -66.32 -4.94
CA VAL G 1440 -88.60 -67.48 -4.11
C VAL G 1440 -87.53 -68.26 -4.87
N PHE G 1441 -86.34 -68.35 -4.29
CA PHE G 1441 -85.22 -68.92 -5.00
C PHE G 1441 -85.40 -70.43 -5.17
N ALA G 1442 -84.87 -70.97 -6.26
CA ALA G 1442 -84.90 -72.40 -6.48
C ALA G 1442 -84.20 -73.12 -5.33
N GLY G 1443 -84.85 -74.16 -4.81
CA GLY G 1443 -84.42 -74.85 -3.62
C GLY G 1443 -85.24 -74.50 -2.39
N GLN G 1444 -85.81 -73.29 -2.37
CA GLN G 1444 -86.80 -72.92 -1.37
C GLN G 1444 -88.15 -73.43 -1.83
N GLU G 1445 -88.71 -74.37 -1.09
CA GLU G 1445 -89.97 -74.99 -1.50
C GLU G 1445 -91.06 -73.92 -1.57
N PRO G 1446 -91.74 -73.76 -2.70
CA PRO G 1446 -92.85 -72.80 -2.73
C PRO G 1446 -93.96 -73.13 -1.78
N SER G 1447 -94.10 -74.39 -1.37
CA SER G 1447 -95.14 -74.78 -0.43
C SER G 1447 -94.93 -74.19 0.96
N CYS G 1448 -93.75 -73.62 1.22
CA CYS G 1448 -93.43 -73.05 2.52
C CYS G 1448 -93.32 -71.53 2.47
N VAL G 1449 -93.99 -70.89 1.53
CA VAL G 1449 -93.91 -69.44 1.34
C VAL G 1449 -95.31 -68.88 1.18
N TRP G 1450 -95.59 -67.78 1.87
CA TRP G 1450 -96.81 -67.01 1.69
C TRP G 1450 -96.42 -65.58 1.38
N VAL G 1451 -96.98 -65.01 0.33
CA VAL G 1451 -96.62 -63.68 -0.15
C VAL G 1451 -97.87 -62.82 -0.19
N GLY G 1452 -97.72 -61.56 0.20
CA GLY G 1452 -98.84 -60.64 0.17
C GLY G 1452 -98.63 -59.40 1.00
N TRP G 1453 -99.64 -59.05 1.81
CA TRP G 1453 -99.62 -57.82 2.59
C TRP G 1453 -100.15 -58.10 3.99
N VAL G 1454 -99.75 -57.26 4.93
CA VAL G 1454 -100.29 -57.28 6.29
C VAL G 1454 -100.70 -55.86 6.65
N THR G 1455 -101.66 -55.76 7.56
CA THR G 1455 -102.06 -54.48 8.13
C THR G 1455 -101.23 -54.20 9.37
N PRO G 1456 -101.31 -52.98 9.89
CA PRO G 1456 -100.44 -52.61 11.01
C PRO G 1456 -100.63 -53.45 12.25
N ASP G 1457 -101.75 -54.18 12.35
CA ASP G 1457 -102.11 -54.90 13.56
C ASP G 1457 -102.01 -56.41 13.39
N TYR G 1458 -100.98 -56.89 12.70
CA TYR G 1458 -100.71 -58.32 12.62
C TYR G 1458 -99.74 -58.70 13.74
N HIS G 1459 -100.15 -59.61 14.62
CA HIS G 1459 -99.36 -59.99 15.78
C HIS G 1459 -99.40 -61.49 16.03
N GLN G 1460 -99.37 -62.30 14.98
CA GLN G 1460 -99.45 -63.74 15.10
C GLN G 1460 -98.08 -64.36 14.81
N HIS G 1461 -97.44 -64.87 15.86
CA HIS G 1461 -96.19 -65.62 15.72
C HIS G 1461 -96.47 -67.12 15.70
N ASP G 1462 -97.24 -67.53 14.70
CA ASP G 1462 -97.70 -68.92 14.62
C ASP G 1462 -96.65 -69.78 13.93
N MET G 1463 -96.08 -70.73 14.67
CA MET G 1463 -95.06 -71.62 14.11
C MET G 1463 -95.63 -72.65 13.16
N SER G 1464 -96.96 -72.76 13.05
CA SER G 1464 -97.61 -73.68 12.12
C SER G 1464 -98.58 -72.92 11.23
N PHE G 1465 -98.09 -71.81 10.67
CA PHE G 1465 -98.95 -70.87 9.97
C PHE G 1465 -99.59 -71.50 8.74
N ASP G 1466 -100.87 -71.19 8.54
CA ASP G 1466 -101.60 -71.54 7.33
C ASP G 1466 -102.52 -70.38 7.01
N LEU G 1467 -102.97 -70.33 5.76
CA LEU G 1467 -103.89 -69.26 5.36
C LEU G 1467 -105.23 -69.43 6.08
N SER G 1468 -105.45 -70.60 6.68
CA SER G 1468 -106.63 -70.81 7.50
C SER G 1468 -106.49 -70.23 8.90
N LYS G 1469 -105.28 -69.88 9.32
CA LYS G 1469 -105.04 -69.24 10.60
C LYS G 1469 -105.24 -67.74 10.55
N VAL G 1470 -105.44 -67.16 9.37
CA VAL G 1470 -105.56 -65.72 9.24
C VAL G 1470 -106.84 -65.26 9.90
N ARG G 1471 -106.75 -64.24 10.74
CA ARG G 1471 -107.94 -63.64 11.33
C ARG G 1471 -108.81 -63.02 10.26
N ALA G 1472 -110.11 -63.25 10.35
CA ALA G 1472 -111.05 -62.67 9.40
C ALA G 1472 -112.41 -62.57 10.05
N VAL G 1473 -113.21 -61.63 9.59
CA VAL G 1473 -114.57 -61.45 10.08
C VAL G 1473 -115.37 -60.73 9.01
N THR G 1474 -116.68 -60.90 9.04
CA THR G 1474 -117.57 -60.20 8.12
C THR G 1474 -118.57 -59.39 8.93
N VAL G 1475 -118.67 -58.11 8.65
CA VAL G 1475 -119.63 -57.23 9.28
C VAL G 1475 -120.72 -56.97 8.26
N THR G 1476 -121.96 -57.34 8.59
CA THR G 1476 -123.09 -57.23 7.68
C THR G 1476 -124.12 -56.28 8.28
N MET G 1477 -124.47 -55.25 7.52
CA MET G 1477 -125.50 -54.29 7.90
C MET G 1477 -126.66 -54.40 6.93
N GLY G 1478 -127.88 -54.37 7.49
CA GLY G 1478 -129.09 -54.43 6.71
C GLY G 1478 -130.18 -53.59 7.36
N ASP G 1479 -131.39 -53.69 6.81
CA ASP G 1479 -132.52 -52.95 7.34
C ASP G 1479 -133.23 -53.78 8.41
N GLU G 1480 -134.43 -53.33 8.79
CA GLU G 1480 -135.18 -54.05 9.82
C GLU G 1480 -135.52 -55.46 9.36
N GLN G 1481 -135.99 -55.60 8.12
CA GLN G 1481 -136.37 -56.91 7.58
C GLN G 1481 -135.26 -57.47 6.69
N GLY G 1482 -134.11 -57.71 7.29
CA GLY G 1482 -132.99 -58.25 6.54
C GLY G 1482 -132.49 -57.24 5.52
N ASN G 1483 -132.61 -57.59 4.25
CA ASN G 1483 -132.23 -56.71 3.14
C ASN G 1483 -130.84 -56.10 3.38
N VAL G 1484 -129.84 -57.00 3.39
CA VAL G 1484 -128.47 -56.59 3.63
C VAL G 1484 -128.13 -55.39 2.76
N HIS G 1485 -127.70 -54.31 3.40
CA HIS G 1485 -127.18 -53.15 2.69
C HIS G 1485 -125.70 -53.27 2.37
N SER G 1486 -124.91 -53.83 3.29
CA SER G 1486 -123.48 -53.94 3.07
C SER G 1486 -122.95 -55.15 3.81
N SER G 1487 -121.85 -55.71 3.29
CA SER G 1487 -121.19 -56.86 3.90
C SER G 1487 -119.69 -56.70 3.66
N LEU G 1488 -118.97 -56.24 4.67
CA LEU G 1488 -117.55 -55.94 4.56
C LEU G 1488 -116.74 -57.04 5.22
N LYS G 1489 -115.68 -57.49 4.53
CA LYS G 1489 -114.77 -58.47 5.09
C LYS G 1489 -113.53 -57.77 5.63
N CYS G 1490 -113.18 -58.10 6.87
CA CYS G 1490 -112.06 -57.49 7.57
C CYS G 1490 -111.05 -58.55 7.92
N SER G 1491 -109.77 -58.22 7.72
CA SER G 1491 -108.67 -59.12 8.02
C SER G 1491 -107.42 -58.28 8.22
N ASN G 1492 -106.35 -58.94 8.65
CA ASN G 1492 -105.06 -58.29 8.80
C ASN G 1492 -103.95 -58.95 7.97
N CYS G 1493 -104.28 -59.96 7.17
CA CYS G 1493 -103.29 -60.65 6.36
C CYS G 1493 -103.92 -60.96 5.01
N TYR G 1494 -103.30 -60.48 3.95
CA TYR G 1494 -103.78 -60.67 2.57
C TYR G 1494 -102.63 -61.29 1.79
N MET G 1495 -102.66 -62.61 1.65
CA MET G 1495 -101.55 -63.35 1.06
C MET G 1495 -102.05 -64.46 0.17
N VAL G 1496 -101.15 -64.97 -0.66
CA VAL G 1496 -101.40 -66.15 -1.48
C VAL G 1496 -100.36 -67.20 -1.12
N TRP G 1497 -100.81 -68.44 -0.95
CA TRP G 1497 -99.92 -69.53 -0.63
C TRP G 1497 -99.09 -69.91 -1.84
N GLY G 1498 -97.79 -70.07 -1.64
CA GLY G 1498 -96.92 -70.43 -2.76
C GLY G 1498 -97.26 -71.78 -3.35
N GLY G 1499 -97.93 -72.64 -2.60
CA GLY G 1499 -98.29 -73.94 -3.10
C GLY G 1499 -99.37 -73.90 -4.17
N ASP G 1500 -100.07 -72.78 -4.31
CA ASP G 1500 -101.08 -72.67 -5.35
C ASP G 1500 -100.46 -72.64 -6.73
N PHE G 1501 -99.23 -72.14 -6.86
CA PHE G 1501 -98.58 -71.93 -8.14
C PHE G 1501 -97.58 -73.03 -8.48
N VAL G 1502 -97.57 -74.12 -7.73
CA VAL G 1502 -96.73 -75.28 -8.04
C VAL G 1502 -97.50 -76.17 -9.01
N SER G 1503 -96.88 -76.47 -10.15
CA SER G 1503 -97.54 -77.27 -11.16
C SER G 1503 -97.87 -78.65 -10.59
N PRO G 1504 -99.07 -79.18 -10.87
CA PRO G 1504 -99.43 -80.46 -10.25
C PRO G 1504 -98.44 -81.58 -10.55
N GLY G 1505 -97.89 -81.62 -11.76
CA GLY G 1505 -96.84 -82.59 -12.04
C GLY G 1505 -95.58 -82.32 -11.25
N GLN G 1506 -95.18 -81.05 -11.16
CA GLN G 1506 -93.97 -80.70 -10.43
C GLN G 1506 -94.09 -81.03 -8.95
N GLN G 1507 -95.31 -81.11 -8.43
CA GLN G 1507 -95.51 -81.40 -7.01
C GLN G 1507 -94.85 -82.72 -6.66
N GLY G 1508 -94.16 -82.75 -5.52
CA GLY G 1508 -93.45 -83.91 -5.04
C GLY G 1508 -92.00 -83.96 -5.46
N ARG G 1509 -91.56 -83.08 -6.34
CA ARG G 1509 -90.19 -83.03 -6.81
C ARG G 1509 -89.65 -81.62 -6.67
N ILE G 1510 -88.39 -81.51 -6.23
CA ILE G 1510 -87.75 -80.21 -6.12
C ILE G 1510 -87.51 -79.64 -7.51
N SER G 1511 -87.66 -78.32 -7.63
CA SER G 1511 -87.50 -77.62 -8.90
C SER G 1511 -86.15 -76.91 -8.95
N HIS G 1512 -85.74 -76.58 -10.17
CA HIS G 1512 -84.51 -75.84 -10.41
C HIS G 1512 -84.77 -74.43 -10.92
N THR G 1513 -86.02 -73.96 -10.86
CA THR G 1513 -86.39 -72.63 -11.30
C THR G 1513 -86.88 -71.80 -10.12
N ASP G 1514 -86.81 -70.48 -10.29
CA ASP G 1514 -87.29 -69.54 -9.29
C ASP G 1514 -88.77 -69.25 -9.50
N LEU G 1515 -89.47 -68.98 -8.41
CA LEU G 1515 -90.89 -68.65 -8.49
C LEU G 1515 -91.07 -67.18 -8.17
N VAL G 1516 -91.61 -66.42 -9.11
CA VAL G 1516 -91.77 -64.98 -8.95
C VAL G 1516 -93.26 -64.70 -8.78
N ILE G 1517 -93.65 -64.21 -7.61
CA ILE G 1517 -95.03 -63.85 -7.33
C ILE G 1517 -95.12 -62.33 -7.27
N GLY G 1518 -95.92 -61.75 -8.15
CA GLY G 1518 -96.11 -60.30 -8.20
C GLY G 1518 -97.42 -59.91 -7.55
N CYS G 1519 -97.39 -58.81 -6.82
CA CYS G 1519 -98.54 -58.29 -6.10
C CYS G 1519 -98.87 -56.91 -6.64
N LEU G 1520 -100.14 -56.71 -6.99
CA LEU G 1520 -100.64 -55.47 -7.55
C LEU G 1520 -101.72 -54.91 -6.64
N VAL G 1521 -101.67 -53.60 -6.40
CA VAL G 1521 -102.67 -52.92 -5.59
C VAL G 1521 -103.10 -51.66 -6.32
N ASP G 1522 -104.42 -51.45 -6.41
CA ASP G 1522 -104.97 -50.23 -6.98
C ASP G 1522 -105.39 -49.33 -5.81
N LEU G 1523 -104.61 -48.29 -5.55
CA LEU G 1523 -104.87 -47.44 -4.40
C LEU G 1523 -106.11 -46.58 -4.56
N ALA G 1524 -106.70 -46.54 -5.75
CA ALA G 1524 -107.89 -45.74 -6.00
C ALA G 1524 -109.18 -46.54 -6.01
N THR G 1525 -109.11 -47.86 -6.12
CA THR G 1525 -110.28 -48.72 -6.11
C THR G 1525 -110.31 -49.72 -4.97
N GLY G 1526 -109.19 -49.92 -4.28
CA GLY G 1526 -109.14 -50.86 -3.18
C GLY G 1526 -108.96 -52.30 -3.58
N LEU G 1527 -108.61 -52.58 -4.84
CA LEU G 1527 -108.50 -53.94 -5.34
C LEU G 1527 -107.06 -54.42 -5.25
N MET G 1528 -106.90 -55.69 -4.88
CA MET G 1528 -105.60 -56.30 -4.70
C MET G 1528 -105.59 -57.59 -5.51
N THR G 1529 -104.59 -57.75 -6.38
CA THR G 1529 -104.49 -58.92 -7.24
C THR G 1529 -103.07 -59.47 -7.22
N PHE G 1530 -102.94 -60.71 -7.67
CA PHE G 1530 -101.67 -61.43 -7.63
C PHE G 1530 -101.44 -62.14 -8.95
N THR G 1531 -100.17 -62.27 -9.32
CA THR G 1531 -99.75 -63.00 -10.50
C THR G 1531 -98.59 -63.91 -10.13
N ALA G 1532 -98.47 -65.04 -10.81
CA ALA G 1532 -97.41 -66.01 -10.57
C ALA G 1532 -96.72 -66.31 -11.90
N ASN G 1533 -95.44 -65.98 -11.99
CA ASN G 1533 -94.66 -66.22 -13.20
C ASN G 1533 -95.32 -65.55 -14.40
N GLY G 1534 -95.92 -64.38 -14.17
CA GLY G 1534 -96.58 -63.62 -15.20
C GLY G 1534 -98.02 -63.99 -15.44
N LYS G 1535 -98.45 -65.14 -14.92
CA LYS G 1535 -99.83 -65.58 -15.08
C LYS G 1535 -100.69 -65.04 -13.95
N GLU G 1536 -101.80 -64.43 -14.30
CA GLU G 1536 -102.71 -63.90 -13.27
C GLU G 1536 -103.32 -65.05 -12.47
N SER G 1537 -103.45 -64.84 -11.17
CA SER G 1537 -104.04 -65.84 -10.30
C SER G 1537 -105.49 -65.50 -10.01
N ASN G 1538 -106.18 -66.43 -9.35
CA ASN G 1538 -107.60 -66.28 -9.06
C ASN G 1538 -107.86 -65.59 -7.72
N THR G 1539 -106.84 -65.39 -6.91
CA THR G 1539 -107.02 -64.76 -5.60
C THR G 1539 -107.03 -63.25 -5.76
N PHE G 1540 -108.05 -62.61 -5.20
CA PHE G 1540 -108.15 -61.17 -5.19
C PHE G 1540 -108.78 -60.72 -3.88
N PHE G 1541 -108.46 -59.50 -3.47
CA PHE G 1541 -108.94 -58.95 -2.21
C PHE G 1541 -109.47 -57.53 -2.44
N GLN G 1542 -110.35 -57.11 -1.54
CA GLN G 1542 -110.94 -55.78 -1.58
C GLN G 1542 -110.80 -55.15 -0.21
N VAL G 1543 -110.20 -53.97 -0.15
CA VAL G 1543 -109.98 -53.27 1.11
C VAL G 1543 -110.70 -51.94 1.08
N GLU G 1544 -110.85 -51.33 2.26
CA GLU G 1544 -111.54 -50.07 2.41
C GLU G 1544 -110.55 -48.90 2.28
N PRO G 1545 -111.06 -47.69 2.01
CA PRO G 1545 -110.17 -46.54 1.92
C PRO G 1545 -109.44 -46.28 3.22
N ASN G 1546 -108.25 -45.68 3.09
CA ASN G 1546 -107.32 -45.33 4.18
C ASN G 1546 -106.57 -46.56 4.71
N THR G 1547 -106.85 -47.75 4.21
CA THR G 1547 -106.17 -48.93 4.70
C THR G 1547 -104.67 -48.83 4.43
N LYS G 1548 -103.87 -49.16 5.44
CA LYS G 1548 -102.42 -49.23 5.32
C LYS G 1548 -102.02 -50.69 5.17
N LEU G 1549 -101.16 -50.97 4.19
CA LEU G 1549 -100.72 -52.34 3.92
C LEU G 1549 -99.21 -52.37 3.83
N PHE G 1550 -98.59 -53.28 4.54
CA PHE G 1550 -97.15 -53.48 4.46
C PHE G 1550 -96.85 -54.67 3.57
N PRO G 1551 -95.93 -54.57 2.62
CA PRO G 1551 -95.49 -55.78 1.90
C PRO G 1551 -94.95 -56.79 2.89
N ALA G 1552 -95.29 -58.06 2.70
CA ALA G 1552 -94.98 -59.07 3.68
C ALA G 1552 -94.71 -60.41 3.01
N VAL G 1553 -93.93 -61.24 3.70
CA VAL G 1553 -93.60 -62.60 3.25
C VAL G 1553 -93.43 -63.47 4.47
N PHE G 1554 -94.15 -64.58 4.51
CA PHE G 1554 -94.02 -65.58 5.58
C PHE G 1554 -93.40 -66.83 4.96
N VAL G 1555 -92.30 -67.30 5.54
CA VAL G 1555 -91.54 -68.36 4.90
C VAL G 1555 -90.96 -69.28 5.96
N LEU G 1556 -90.94 -70.58 5.66
CA LEU G 1556 -90.18 -71.54 6.44
C LEU G 1556 -88.96 -71.91 5.64
N PRO G 1557 -87.76 -71.44 5.99
CA PRO G 1557 -86.60 -71.65 5.13
C PRO G 1557 -86.33 -73.13 4.88
N THR G 1558 -85.97 -73.45 3.64
CA THR G 1558 -85.55 -74.79 3.28
C THR G 1558 -84.31 -74.77 2.40
N HIS G 1559 -83.59 -73.64 2.38
CA HIS G 1559 -82.42 -73.48 1.53
C HIS G 1559 -81.63 -72.28 2.05
N GLN G 1560 -80.38 -72.18 1.61
CA GLN G 1560 -79.56 -71.05 2.03
C GLN G 1560 -80.06 -69.76 1.40
N ASN G 1561 -80.57 -69.82 0.17
CA ASN G 1561 -81.18 -68.67 -0.49
C ASN G 1561 -82.68 -68.86 -0.42
N VAL G 1562 -83.38 -67.94 0.24
CA VAL G 1562 -84.79 -68.14 0.52
C VAL G 1562 -85.66 -67.31 -0.41
N VAL G 1563 -85.63 -65.98 -0.23
CA VAL G 1563 -86.54 -65.09 -0.92
C VAL G 1563 -85.87 -63.76 -1.18
N GLN G 1564 -86.51 -62.98 -2.04
CA GLN G 1564 -86.00 -61.69 -2.47
C GLN G 1564 -87.19 -60.77 -2.72
N PHE G 1565 -87.28 -59.68 -1.95
CA PHE G 1565 -88.21 -58.61 -2.26
C PHE G 1565 -87.65 -57.86 -3.46
N GLU G 1566 -88.36 -57.89 -4.58
CA GLU G 1566 -87.96 -57.18 -5.78
C GLU G 1566 -88.88 -55.97 -5.93
N LEU G 1567 -88.30 -54.78 -5.78
CA LEU G 1567 -89.07 -53.53 -5.77
C LEU G 1567 -89.06 -52.94 -7.18
N GLY G 1568 -89.51 -53.74 -8.14
CA GLY G 1568 -89.50 -53.35 -9.52
C GLY G 1568 -90.81 -52.75 -9.97
N LYS G 1569 -91.17 -52.96 -11.24
CA LYS G 1569 -92.40 -52.42 -11.78
C LYS G 1569 -92.81 -53.25 -12.98
N GLN G 1570 -93.97 -52.90 -13.54
CA GLN G 1570 -94.48 -53.53 -14.75
C GLN G 1570 -94.83 -52.43 -15.75
N LYS G 1571 -95.22 -52.84 -16.95
CA LYS G 1571 -95.61 -51.88 -17.96
C LYS G 1571 -96.84 -51.11 -17.50
N ASN G 1572 -96.72 -49.78 -17.45
CA ASN G 1572 -97.80 -48.89 -17.04
C ASN G 1572 -98.20 -49.09 -15.59
N ILE G 1573 -97.30 -49.65 -14.77
CA ILE G 1573 -97.54 -49.85 -13.35
C ILE G 1573 -96.37 -49.26 -12.59
N MET G 1574 -96.67 -48.44 -11.58
CA MET G 1574 -95.63 -47.74 -10.85
C MET G 1574 -95.03 -48.63 -9.77
N PRO G 1575 -93.80 -48.37 -9.37
CA PRO G 1575 -93.17 -49.15 -8.29
C PRO G 1575 -93.68 -48.73 -6.92
N LEU G 1576 -93.29 -49.49 -5.91
CA LEU G 1576 -93.73 -49.18 -4.54
C LEU G 1576 -93.24 -47.82 -4.09
N SER G 1577 -92.00 -47.47 -4.41
CA SER G 1577 -91.45 -46.20 -3.96
C SER G 1577 -92.37 -45.04 -4.31
N ALA G 1578 -92.98 -45.07 -5.48
CA ALA G 1578 -93.90 -44.01 -5.89
C ALA G 1578 -95.10 -43.88 -4.98
N ALA G 1579 -95.55 -44.97 -4.37
CA ALA G 1579 -96.66 -44.92 -3.42
C ALA G 1579 -96.20 -44.66 -2.00
N MET G 1580 -94.99 -45.08 -1.66
CA MET G 1580 -94.47 -44.96 -0.31
C MET G 1580 -93.95 -43.57 0.01
N PHE G 1581 -93.38 -42.86 -0.97
CA PHE G 1581 -92.73 -41.59 -0.72
C PHE G 1581 -93.40 -40.50 -1.54
N LEU G 1582 -93.76 -39.40 -0.86
CA LEU G 1582 -94.46 -38.32 -1.54
C LEU G 1582 -93.59 -37.68 -2.61
N SER G 1583 -92.31 -37.48 -2.34
CA SER G 1583 -91.43 -36.82 -3.31
C SER G 1583 -91.30 -37.65 -4.58
N GLU G 1584 -91.56 -38.95 -4.51
CA GLU G 1584 -91.46 -39.84 -5.65
C GLU G 1584 -92.82 -40.20 -6.24
N ARG G 1585 -93.86 -39.44 -5.90
CA ARG G 1585 -95.21 -39.82 -6.31
C ARG G 1585 -95.33 -40.00 -7.82
N LYS G 1586 -94.54 -39.24 -8.59
CA LYS G 1586 -94.62 -39.27 -10.04
C LYS G 1586 -93.30 -39.72 -10.67
N ASN G 1587 -92.52 -40.52 -9.94
CA ASN G 1587 -91.24 -40.99 -10.43
C ASN G 1587 -91.35 -42.46 -10.78
N PRO G 1588 -91.41 -42.84 -12.06
CA PRO G 1588 -91.55 -44.26 -12.40
C PRO G 1588 -90.30 -45.09 -12.16
N ALA G 1589 -89.16 -44.47 -11.86
CA ALA G 1589 -87.94 -45.22 -11.66
C ALA G 1589 -87.97 -45.93 -10.31
N PRO G 1590 -87.84 -47.25 -10.27
CA PRO G 1590 -87.85 -47.94 -8.97
C PRO G 1590 -86.71 -47.49 -8.08
N GLN G 1591 -86.97 -47.43 -6.78
CA GLN G 1591 -85.96 -47.06 -5.79
C GLN G 1591 -86.19 -47.84 -4.50
N CYS G 1592 -85.13 -47.95 -3.71
CA CYS G 1592 -85.18 -48.60 -2.41
C CYS G 1592 -84.40 -47.73 -1.42
N PRO G 1593 -85.00 -46.64 -0.94
CA PRO G 1593 -84.30 -45.72 -0.05
C PRO G 1593 -83.89 -46.40 1.24
N PRO G 1594 -83.01 -45.77 2.02
CA PRO G 1594 -82.55 -46.41 3.27
C PRO G 1594 -83.67 -46.69 4.26
N ARG G 1595 -84.72 -45.88 4.29
CA ARG G 1595 -85.79 -46.12 5.25
C ARG G 1595 -86.51 -47.43 4.97
N LEU G 1596 -86.55 -47.86 3.72
CA LEU G 1596 -87.18 -49.13 3.36
C LEU G 1596 -86.24 -50.27 3.71
N GLU G 1597 -86.67 -51.13 4.63
CA GLU G 1597 -85.85 -52.23 5.09
C GLU G 1597 -86.73 -53.39 5.50
N VAL G 1598 -86.11 -54.55 5.69
CA VAL G 1598 -86.82 -55.76 6.06
C VAL G 1598 -86.91 -55.82 7.58
N GLN G 1599 -88.11 -56.12 8.08
CA GLN G 1599 -88.36 -56.29 9.50
C GLN G 1599 -88.90 -57.68 9.73
N MET G 1600 -88.54 -58.28 10.85
CA MET G 1600 -89.01 -59.61 11.22
C MET G 1600 -89.86 -59.51 12.47
N LEU G 1601 -90.78 -60.47 12.62
CA LEU G 1601 -91.64 -60.52 13.78
C LEU G 1601 -90.87 -61.13 14.96
N MET G 1602 -90.78 -60.39 16.05
CA MET G 1602 -90.13 -60.81 17.28
C MET G 1602 -91.18 -61.10 18.33
N PRO G 1603 -91.08 -62.24 19.03
CA PRO G 1603 -92.22 -62.69 19.85
C PRO G 1603 -92.41 -61.90 21.13
N VAL G 1604 -91.35 -61.39 21.74
CA VAL G 1604 -91.43 -60.74 23.04
C VAL G 1604 -90.67 -59.43 22.98
N SER G 1605 -91.14 -58.44 23.74
CA SER G 1605 -90.46 -57.15 23.80
C SER G 1605 -90.69 -56.52 25.15
N TRP G 1606 -89.78 -55.63 25.54
CA TRP G 1606 -89.91 -54.94 26.82
C TRP G 1606 -91.00 -53.89 26.76
N SER G 1607 -91.72 -53.72 27.86
CA SER G 1607 -92.79 -52.73 27.94
C SER G 1607 -92.84 -52.14 29.34
N ARG G 1608 -92.97 -50.83 29.41
CA ARG G 1608 -93.02 -50.14 30.70
C ARG G 1608 -94.32 -50.43 31.42
N MET G 1609 -94.24 -50.62 32.73
CA MET G 1609 -95.44 -50.85 33.53
C MET G 1609 -96.00 -49.51 34.00
N PRO G 1610 -97.30 -49.26 33.84
CA PRO G 1610 -97.86 -48.02 34.38
C PRO G 1610 -97.62 -47.90 35.86
N ASN G 1611 -97.34 -46.68 36.32
CA ASN G 1611 -97.12 -46.47 37.74
C ASN G 1611 -98.41 -46.46 38.53
N HIS G 1612 -99.54 -46.20 37.87
CA HIS G 1612 -100.84 -46.21 38.51
C HIS G 1612 -101.82 -46.97 37.62
N PHE G 1613 -102.76 -47.65 38.27
CA PHE G 1613 -103.68 -48.54 37.59
C PHE G 1613 -105.11 -48.19 37.94
N LEU G 1614 -106.01 -48.46 37.01
CA LEU G 1614 -107.43 -48.19 37.24
C LEU G 1614 -107.93 -49.05 38.40
N GLN G 1615 -108.71 -48.43 39.28
CA GLN G 1615 -109.29 -49.12 40.44
C GLN G 1615 -110.69 -49.56 40.06
N VAL G 1616 -110.85 -50.85 39.79
CA VAL G 1616 -112.13 -51.42 39.37
C VAL G 1616 -112.68 -52.23 40.53
N ASP G 1617 -113.93 -51.97 40.88
CA ASP G 1617 -114.62 -52.71 41.94
C ASP G 1617 -115.64 -53.64 41.31
N THR G 1618 -115.52 -54.93 41.59
CA THR G 1618 -116.42 -55.95 41.09
C THR G 1618 -117.08 -56.65 42.26
N ARG G 1619 -118.40 -56.79 42.20
CA ARG G 1619 -119.11 -57.42 43.31
C ARG G 1619 -120.46 -57.92 42.85
N ARG G 1620 -120.94 -58.99 43.49
CA ARG G 1620 -122.26 -59.53 43.17
C ARG G 1620 -123.31 -58.65 43.84
N ALA G 1621 -124.05 -57.88 43.05
CA ALA G 1621 -125.04 -56.99 43.62
C ALA G 1621 -126.18 -57.76 44.27
N GLY G 1622 -126.63 -58.84 43.62
CA GLY G 1622 -127.71 -59.63 44.17
C GLY G 1622 -128.11 -60.71 43.18
N GLU G 1623 -129.07 -61.54 43.60
CA GLU G 1623 -129.54 -62.61 42.74
C GLU G 1623 -130.37 -62.11 41.58
N ARG G 1624 -130.86 -60.87 41.64
CA ARG G 1624 -131.59 -60.25 40.53
C ARG G 1624 -130.84 -59.10 39.91
N LEU G 1625 -129.98 -58.41 40.67
CA LEU G 1625 -129.26 -57.28 40.13
C LEU G 1625 -128.09 -57.73 39.27
N GLY G 1626 -127.49 -58.88 39.58
CA GLY G 1626 -126.42 -59.41 38.77
C GLY G 1626 -125.04 -59.14 39.35
N TRP G 1627 -124.06 -58.92 38.48
CA TRP G 1627 -122.69 -58.67 38.90
C TRP G 1627 -122.27 -57.28 38.48
N ALA G 1628 -121.99 -56.42 39.45
CA ALA G 1628 -121.72 -55.01 39.23
C ALA G 1628 -120.23 -54.75 39.08
N VAL G 1629 -119.89 -54.01 38.02
CA VAL G 1629 -118.55 -53.48 37.78
C VAL G 1629 -118.64 -51.97 37.92
N GLN G 1630 -117.67 -51.38 38.61
CA GLN G 1630 -117.68 -49.95 38.86
C GLN G 1630 -116.27 -49.39 38.74
N CYS G 1631 -116.15 -48.21 38.14
CA CYS G 1631 -114.87 -47.53 38.02
C CYS G 1631 -115.11 -46.03 37.95
N GLN G 1632 -114.62 -45.29 38.95
CA GLN G 1632 -114.98 -43.89 39.11
C GLN G 1632 -113.81 -42.91 39.09
N GLU G 1633 -112.58 -43.37 39.32
CA GLU G 1633 -111.45 -42.46 39.42
C GLU G 1633 -110.76 -42.33 38.07
N PRO G 1634 -110.67 -41.15 37.49
CA PRO G 1634 -110.05 -41.01 36.17
C PRO G 1634 -108.55 -41.24 36.21
N LEU G 1635 -108.00 -41.67 35.07
CA LEU G 1635 -106.57 -41.94 34.94
C LEU G 1635 -106.19 -41.75 33.49
N MET G 1636 -105.26 -40.85 33.23
CA MET G 1636 -104.85 -40.49 31.88
C MET G 1636 -103.37 -40.73 31.69
N MET G 1637 -102.95 -40.76 30.43
CA MET G 1637 -101.55 -40.95 30.08
C MET G 1637 -101.25 -40.17 28.81
N MET G 1638 -100.02 -39.68 28.70
CA MET G 1638 -99.56 -39.05 27.47
C MET G 1638 -99.01 -40.11 26.53
N ALA G 1639 -99.60 -40.21 25.35
CA ALA G 1639 -99.29 -41.27 24.41
C ALA G 1639 -98.47 -40.71 23.26
N LEU G 1640 -97.38 -41.40 22.93
CA LEU G 1640 -96.55 -41.07 21.78
C LEU G 1640 -96.92 -42.03 20.66
N HIS G 1641 -97.30 -41.50 19.51
CA HIS G 1641 -97.88 -42.26 18.42
C HIS G 1641 -96.93 -42.26 17.23
N ILE G 1642 -96.59 -43.45 16.74
CA ILE G 1642 -95.79 -43.58 15.53
C ILE G 1642 -96.76 -43.60 14.34
N PRO G 1643 -96.77 -42.57 13.48
CA PRO G 1643 -97.81 -42.53 12.45
C PRO G 1643 -97.79 -43.71 11.49
N GLU G 1644 -96.62 -44.07 10.96
CA GLU G 1644 -96.59 -45.09 9.91
C GLU G 1644 -97.05 -46.45 10.41
N GLU G 1645 -96.72 -46.79 11.65
CA GLU G 1645 -97.08 -48.08 12.21
C GLU G 1645 -98.45 -48.08 12.89
N ASN G 1646 -99.08 -46.92 13.04
CA ASN G 1646 -100.41 -46.82 13.62
C ASN G 1646 -100.47 -47.50 14.99
N ARG G 1647 -99.50 -47.19 15.83
CA ARG G 1647 -99.50 -47.66 17.21
C ARG G 1647 -98.94 -46.56 18.09
N CYS G 1648 -99.14 -46.73 19.39
CA CYS G 1648 -98.70 -45.75 20.37
C CYS G 1648 -98.09 -46.46 21.57
N MET G 1649 -97.26 -45.71 22.30
CA MET G 1649 -96.67 -46.15 23.54
C MET G 1649 -96.83 -45.04 24.56
N ASP G 1650 -96.45 -45.32 25.80
CA ASP G 1650 -96.33 -44.27 26.79
C ASP G 1650 -95.10 -43.44 26.48
N ILE G 1651 -95.25 -42.11 26.49
CA ILE G 1651 -94.10 -41.26 26.23
C ILE G 1651 -93.02 -41.50 27.26
N LEU G 1652 -93.37 -42.03 28.42
CA LEU G 1652 -92.39 -42.37 29.44
C LEU G 1652 -91.48 -43.51 29.02
N GLU G 1653 -91.83 -44.25 27.96
CA GLU G 1653 -90.93 -45.27 27.45
C GLU G 1653 -89.70 -44.67 26.80
N LEU G 1654 -89.71 -43.37 26.51
CA LEU G 1654 -88.55 -42.72 25.93
C LEU G 1654 -87.40 -42.59 26.91
N SER G 1655 -87.61 -42.96 28.18
CA SER G 1655 -86.49 -43.05 29.11
C SER G 1655 -85.54 -44.19 28.73
N GLU G 1656 -86.06 -45.24 28.11
CA GLU G 1656 -85.23 -46.35 27.64
C GLU G 1656 -85.08 -46.39 26.13
N ARG G 1657 -86.05 -45.89 25.37
CA ARG G 1657 -85.92 -45.80 23.92
C ARG G 1657 -85.20 -44.49 23.59
N LEU G 1658 -83.88 -44.55 23.55
CA LEU G 1658 -83.08 -43.34 23.49
C LEU G 1658 -83.14 -42.68 22.12
N ASP G 1659 -83.16 -43.47 21.05
CA ASP G 1659 -83.22 -42.87 19.71
C ASP G 1659 -84.50 -42.07 19.54
N LEU G 1660 -85.63 -42.65 19.93
CA LEU G 1660 -86.88 -41.90 19.88
C LEU G 1660 -86.84 -40.70 20.81
N GLN G 1661 -86.19 -40.83 21.97
CA GLN G 1661 -86.06 -39.69 22.87
C GLN G 1661 -85.30 -38.55 22.20
N ARG G 1662 -84.17 -38.87 21.57
CA ARG G 1662 -83.40 -37.83 20.90
C ARG G 1662 -84.21 -37.18 19.79
N PHE G 1663 -84.89 -38.00 18.98
CA PHE G 1663 -85.65 -37.44 17.87
C PHE G 1663 -86.77 -36.55 18.37
N HIS G 1664 -87.46 -36.97 19.44
CA HIS G 1664 -88.58 -36.17 19.94
C HIS G 1664 -88.08 -34.89 20.59
N SER G 1665 -86.97 -34.94 21.31
CA SER G 1665 -86.43 -33.72 21.88
C SER G 1665 -86.04 -32.72 20.79
N HIS G 1666 -85.43 -33.20 19.72
CA HIS G 1666 -85.12 -32.30 18.62
C HIS G 1666 -86.37 -31.85 17.88
N THR G 1667 -87.43 -32.66 17.88
CA THR G 1667 -88.71 -32.20 17.36
C THR G 1667 -89.26 -31.03 18.17
N LEU G 1668 -89.15 -31.12 19.50
CA LEU G 1668 -89.56 -30.00 20.33
C LEU G 1668 -88.69 -28.77 20.05
N SER G 1669 -87.39 -28.98 19.84
CA SER G 1669 -86.53 -27.86 19.44
C SER G 1669 -87.03 -27.24 18.13
N LEU G 1670 -87.42 -28.06 17.17
CA LEU G 1670 -87.93 -27.55 15.90
C LEU G 1670 -89.23 -26.77 16.11
N TYR G 1671 -90.10 -27.27 16.98
CA TYR G 1671 -91.32 -26.55 17.31
C TYR G 1671 -91.00 -25.18 17.85
N ARG G 1672 -90.02 -25.10 18.75
CA ARG G 1672 -89.61 -23.80 19.27
C ARG G 1672 -89.04 -22.92 18.18
N SER G 1673 -88.22 -23.48 17.29
CA SER G 1673 -87.60 -22.68 16.25
C SER G 1673 -88.62 -22.09 15.28
N VAL G 1674 -89.64 -22.86 14.90
CA VAL G 1674 -90.57 -22.37 13.89
C VAL G 1674 -91.46 -21.26 14.43
N CYS G 1675 -91.51 -21.05 15.74
CA CYS G 1675 -92.30 -19.97 16.33
C CYS G 1675 -91.39 -18.98 17.05
N ALA G 1676 -90.08 -19.14 16.94
CA ALA G 1676 -89.13 -18.29 17.62
C ALA G 1676 -89.26 -16.85 17.16
N LEU G 1677 -89.09 -15.93 18.12
CA LEU G 1677 -88.97 -14.50 17.84
C LEU G 1677 -90.25 -13.93 17.24
N GLY G 1678 -91.38 -14.22 17.88
CA GLY G 1678 -92.61 -13.51 17.58
C GLY G 1678 -93.39 -13.97 16.38
N ASN G 1679 -93.37 -15.27 16.07
CA ASN G 1679 -94.22 -15.82 15.01
C ASN G 1679 -95.51 -16.35 15.65
N ASN G 1680 -96.39 -15.40 15.98
CA ASN G 1680 -97.61 -15.76 16.70
C ASN G 1680 -98.52 -16.64 15.88
N ARG G 1681 -98.51 -16.49 14.55
CA ARG G 1681 -99.33 -17.35 13.71
C ARG G 1681 -98.87 -18.79 13.81
N VAL G 1682 -97.56 -19.02 13.76
CA VAL G 1682 -97.04 -20.38 13.88
C VAL G 1682 -97.25 -20.89 15.30
N ALA G 1683 -97.22 -20.00 16.30
CA ALA G 1683 -97.54 -20.43 17.65
C ALA G 1683 -98.97 -20.91 17.75
N HIS G 1684 -99.90 -20.18 17.13
CA HIS G 1684 -101.29 -20.63 17.09
C HIS G 1684 -101.39 -21.98 16.41
N ALA G 1685 -100.66 -22.16 15.32
CA ALA G 1685 -100.67 -23.46 14.64
C ALA G 1685 -100.17 -24.57 15.55
N LEU G 1686 -99.08 -24.32 16.26
CA LEU G 1686 -98.52 -25.32 17.17
C LEU G 1686 -99.44 -25.64 18.33
N CYS G 1687 -100.32 -24.69 18.70
CA CYS G 1687 -101.29 -25.01 19.73
C CYS G 1687 -102.20 -26.15 19.33
N SER G 1688 -102.31 -26.46 18.04
CA SER G 1688 -103.05 -27.63 17.60
C SER G 1688 -102.29 -28.93 17.79
N HIS G 1689 -100.96 -28.90 17.65
CA HIS G 1689 -100.17 -30.12 17.75
C HIS G 1689 -99.77 -30.45 19.18
N VAL G 1690 -99.48 -29.44 19.99
CA VAL G 1690 -99.16 -29.63 21.40
C VAL G 1690 -100.08 -28.71 22.17
N ASP G 1691 -101.19 -29.26 22.65
CA ASP G 1691 -102.25 -28.44 23.21
C ASP G 1691 -101.99 -28.12 24.67
N GLN G 1692 -102.87 -27.28 25.23
CA GLN G 1692 -102.67 -26.77 26.58
C GLN G 1692 -102.71 -27.90 27.61
N ALA G 1693 -103.60 -28.87 27.42
CA ALA G 1693 -103.67 -29.97 28.36
C ALA G 1693 -102.37 -30.77 28.37
N GLN G 1694 -101.83 -31.05 27.19
CA GLN G 1694 -100.55 -31.76 27.13
C GLN G 1694 -99.45 -30.97 27.80
N LEU G 1695 -99.38 -29.66 27.53
CA LEU G 1695 -98.33 -28.85 28.13
C LEU G 1695 -98.43 -28.84 29.64
N LEU G 1696 -99.63 -28.59 30.17
CA LEU G 1696 -99.82 -28.51 31.61
C LEU G 1696 -99.62 -29.86 32.28
N HIS G 1697 -99.88 -30.96 31.58
CA HIS G 1697 -99.63 -32.27 32.15
C HIS G 1697 -98.14 -32.58 32.18
N ALA G 1698 -97.43 -32.22 31.11
CA ALA G 1698 -95.98 -32.43 31.07
C ALA G 1698 -95.28 -31.60 32.13
N LEU G 1699 -95.78 -30.39 32.40
CA LEU G 1699 -95.15 -29.56 33.42
C LEU G 1699 -95.05 -30.29 34.75
N GLU G 1700 -96.10 -31.03 35.13
CA GLU G 1700 -96.11 -31.72 36.41
C GLU G 1700 -95.63 -33.16 36.32
N ASP G 1701 -95.56 -33.74 35.13
CA ASP G 1701 -95.10 -35.12 35.02
C ASP G 1701 -93.70 -35.25 35.59
N ALA G 1702 -93.58 -35.97 36.70
CA ALA G 1702 -92.32 -36.13 37.40
C ALA G 1702 -91.47 -37.27 36.86
N ARG G 1703 -91.97 -38.04 35.89
CA ARG G 1703 -91.25 -39.19 35.37
C ARG G 1703 -90.68 -38.95 33.99
N LEU G 1704 -90.88 -37.78 33.39
CA LEU G 1704 -90.35 -37.52 32.06
C LEU G 1704 -88.83 -37.55 32.10
N PRO G 1705 -88.17 -38.00 31.04
CA PRO G 1705 -86.73 -37.80 30.94
C PRO G 1705 -86.39 -36.32 30.95
N GLY G 1706 -85.19 -36.00 31.42
CA GLY G 1706 -84.79 -34.63 31.58
C GLY G 1706 -84.88 -33.81 30.31
N PRO G 1707 -84.36 -34.36 29.21
CA PRO G 1707 -84.45 -33.64 27.93
C PRO G 1707 -85.87 -33.31 27.53
N LEU G 1708 -86.81 -34.24 27.70
CA LEU G 1708 -88.19 -33.99 27.32
C LEU G 1708 -88.86 -33.01 28.28
N ARG G 1709 -88.56 -33.11 29.57
CA ARG G 1709 -89.10 -32.16 30.53
C ARG G 1709 -88.67 -30.74 30.19
N ALA G 1710 -87.37 -30.55 29.96
CA ALA G 1710 -86.87 -29.24 29.58
C ALA G 1710 -87.47 -28.78 28.26
N GLY G 1711 -87.58 -29.70 27.30
CA GLY G 1711 -88.15 -29.33 26.02
C GLY G 1711 -89.59 -28.86 26.13
N TYR G 1712 -90.38 -29.51 26.98
CA TYR G 1712 -91.78 -29.13 27.09
C TYR G 1712 -91.94 -27.82 27.86
N TYR G 1713 -91.12 -27.60 28.90
CA TYR G 1713 -91.14 -26.30 29.55
C TYR G 1713 -90.79 -25.19 28.57
N ASP G 1714 -89.72 -25.39 27.80
CA ASP G 1714 -89.32 -24.38 26.82
C ASP G 1714 -90.39 -24.20 25.76
N LEU G 1715 -91.07 -25.28 25.37
CA LEU G 1715 -92.13 -25.18 24.39
C LEU G 1715 -93.28 -24.35 24.91
N LEU G 1716 -93.68 -24.56 26.16
CA LEU G 1716 -94.73 -23.73 26.74
C LEU G 1716 -94.32 -22.27 26.72
N ILE G 1717 -93.10 -21.97 27.16
CA ILE G 1717 -92.65 -20.58 27.18
C ILE G 1717 -92.64 -20.00 25.78
N SER G 1718 -92.13 -20.75 24.80
CA SER G 1718 -92.03 -20.24 23.44
C SER G 1718 -93.40 -19.99 22.84
N ILE G 1719 -94.34 -20.92 23.02
CA ILE G 1719 -95.64 -20.78 22.39
C ILE G 1719 -96.44 -19.65 23.02
N HIS G 1720 -96.45 -19.58 24.36
CA HIS G 1720 -97.42 -18.73 25.04
C HIS G 1720 -96.84 -17.50 25.72
N LEU G 1721 -95.55 -17.46 26.02
CA LEU G 1721 -95.00 -16.42 26.88
C LEU G 1721 -93.85 -15.64 26.28
N GLU G 1722 -93.17 -16.17 25.26
CA GLU G 1722 -91.90 -15.60 24.83
C GLU G 1722 -92.06 -14.18 24.32
N SER G 1723 -93.03 -13.97 23.41
CA SER G 1723 -93.16 -12.65 22.79
C SER G 1723 -93.59 -11.59 23.80
N ALA G 1724 -94.55 -11.93 24.66
CA ALA G 1724 -94.97 -10.98 25.69
C ALA G 1724 -93.82 -10.66 26.64
N CYS G 1725 -93.09 -11.68 27.07
CA CYS G 1725 -91.96 -11.44 27.95
C CYS G 1725 -90.91 -10.56 27.29
N ARG G 1726 -90.66 -10.78 26.00
CA ARG G 1726 -89.63 -9.99 25.31
C ARG G 1726 -90.07 -8.54 25.15
N SER G 1727 -91.34 -8.30 24.81
CA SER G 1727 -91.81 -6.93 24.70
C SER G 1727 -91.75 -6.21 26.05
N ARG G 1728 -92.20 -6.89 27.11
CA ARG G 1728 -92.13 -6.27 28.44
C ARG G 1728 -90.69 -6.00 28.83
N ARG G 1729 -89.77 -6.94 28.53
CA ARG G 1729 -88.37 -6.72 28.83
C ARG G 1729 -87.84 -5.50 28.10
N SER G 1730 -88.21 -5.35 26.82
CA SER G 1730 -87.76 -4.18 26.06
C SER G 1730 -88.26 -2.90 26.70
N MET G 1731 -89.51 -2.88 27.17
CA MET G 1731 -90.08 -1.69 27.78
C MET G 1731 -89.61 -1.46 29.21
N LEU G 1732 -89.04 -2.46 29.87
CA LEU G 1732 -88.74 -2.38 31.30
C LEU G 1732 -87.57 -1.46 31.63
N SER G 1733 -86.83 -0.99 30.64
CA SER G 1733 -85.65 -0.18 30.91
C SER G 1733 -85.93 1.32 30.87
N GLU G 1734 -87.18 1.73 30.67
CA GLU G 1734 -87.58 3.12 30.67
C GLU G 1734 -88.64 3.35 31.73
N TYR G 1735 -88.68 4.56 32.27
CA TYR G 1735 -89.58 4.91 33.38
C TYR G 1735 -90.35 6.17 32.99
N ILE G 1736 -91.56 5.97 32.46
CA ILE G 1736 -92.45 7.08 32.14
C ILE G 1736 -93.48 7.15 33.27
N VAL G 1737 -93.24 8.03 34.23
CA VAL G 1737 -94.05 8.10 35.44
C VAL G 1737 -95.18 9.08 35.20
N PRO G 1738 -96.45 8.65 35.24
CA PRO G 1738 -97.56 9.60 35.14
C PRO G 1738 -97.81 10.26 36.48
N LEU G 1739 -98.02 11.59 36.45
CA LEU G 1739 -98.20 12.37 37.67
C LEU G 1739 -99.64 12.23 38.15
N THR G 1740 -99.88 11.15 38.88
CA THR G 1740 -101.18 10.80 39.42
C THR G 1740 -101.13 10.67 40.94
N PRO G 1741 -102.29 10.56 41.59
CA PRO G 1741 -102.28 10.36 43.05
C PRO G 1741 -101.52 9.12 43.48
N GLU G 1742 -101.58 8.04 42.68
CA GLU G 1742 -100.79 6.86 42.99
C GLU G 1742 -99.32 7.19 43.00
N THR G 1743 -98.86 7.97 42.03
CA THR G 1743 -97.47 8.41 42.02
C THR G 1743 -97.16 9.26 43.24
N ARG G 1744 -98.05 10.18 43.58
CA ARG G 1744 -97.83 11.03 44.75
C ARG G 1744 -97.71 10.21 46.03
N ALA G 1745 -98.41 9.09 46.11
CA ALA G 1745 -98.37 8.26 47.32
C ALA G 1745 -97.09 7.46 47.47
N ILE G 1746 -96.21 7.45 46.46
CA ILE G 1746 -95.01 6.62 46.52
C ILE G 1746 -93.97 7.32 47.39
N THR G 1747 -93.31 6.55 48.25
CA THR G 1747 -92.24 7.04 49.10
C THR G 1747 -91.08 6.05 49.06
N LEU G 1748 -89.87 6.56 49.31
CA LEU G 1748 -88.69 5.71 49.24
C LEU G 1748 -88.77 4.58 50.26
N PHE G 1749 -89.16 4.88 51.49
CA PHE G 1749 -89.21 3.88 52.53
C PHE G 1749 -90.64 3.63 52.97
N PRO G 1750 -90.98 2.42 53.41
CA PRO G 1750 -92.34 2.16 53.86
C PRO G 1750 -92.71 3.07 55.02
N PRO G 1751 -93.96 3.53 55.09
CA PRO G 1751 -94.32 4.43 56.19
C PRO G 1751 -94.34 3.72 57.54
N GLY G 1752 -93.17 3.39 58.04
CA GLY G 1752 -93.05 2.71 59.32
C GLY G 1752 -92.36 3.56 60.35
N ARG G 1753 -91.90 2.94 61.45
CA ARG G 1753 -91.25 3.66 62.53
C ARG G 1753 -89.96 3.01 63.00
N SER G 1754 -89.41 2.05 62.24
CA SER G 1754 -88.15 1.43 62.64
C SER G 1754 -87.07 2.48 62.89
N ALA G 1755 -86.88 3.38 61.93
CA ALA G 1755 -86.05 4.56 62.10
C ALA G 1755 -86.80 5.75 61.52
N GLU G 1756 -86.87 6.84 62.28
CA GLU G 1756 -87.71 7.96 61.89
C GLU G 1756 -87.27 8.53 60.54
N ASP G 1757 -85.97 8.71 60.35
CA ASP G 1757 -85.40 9.19 59.09
C ASP G 1757 -84.75 8.03 58.35
N GLY G 1758 -85.10 7.88 57.08
CA GLY G 1758 -84.62 6.79 56.28
C GLY G 1758 -84.77 5.47 57.01
N PRO G 1759 -86.02 5.05 57.26
CA PRO G 1759 -86.26 3.80 58.00
C PRO G 1759 -85.30 2.69 57.62
N ARG G 1760 -84.62 2.13 58.62
CA ARG G 1760 -83.53 1.20 58.35
C ARG G 1760 -83.98 0.06 57.44
N ARG G 1761 -85.21 -0.41 57.63
CA ARG G 1761 -85.72 -1.53 56.85
C ARG G 1761 -86.34 -1.05 55.55
N HIS G 1762 -85.89 -1.62 54.43
CA HIS G 1762 -86.53 -1.40 53.15
C HIS G 1762 -87.88 -2.11 53.14
N GLY G 1763 -88.61 -1.95 52.04
CA GLY G 1763 -89.78 -2.77 51.77
C GLY G 1763 -89.36 -3.93 50.89
N LEU G 1764 -90.20 -4.95 50.85
CA LEU G 1764 -89.89 -6.12 50.04
C LEU G 1764 -89.77 -5.72 48.57
N PRO G 1765 -88.67 -6.06 47.90
CA PRO G 1765 -88.51 -5.63 46.50
C PRO G 1765 -89.58 -6.23 45.61
N GLY G 1766 -90.08 -5.44 44.67
CA GLY G 1766 -91.10 -5.90 43.75
C GLY G 1766 -92.49 -5.94 44.33
N VAL G 1767 -92.67 -5.54 45.59
CA VAL G 1767 -93.97 -5.53 46.25
C VAL G 1767 -94.32 -4.09 46.55
N GLY G 1768 -95.48 -3.65 46.08
CA GLY G 1768 -95.94 -2.31 46.32
C GLY G 1768 -96.59 -1.74 45.08
N VAL G 1769 -96.60 -0.41 44.99
CA VAL G 1769 -97.25 0.31 43.91
C VAL G 1769 -96.20 0.80 42.95
N THR G 1770 -96.38 0.50 41.66
CA THR G 1770 -95.53 1.01 40.60
C THR G 1770 -96.42 1.69 39.57
N THR G 1771 -96.04 2.91 39.17
CA THR G 1771 -96.85 3.69 38.25
C THR G 1771 -96.23 3.86 36.87
N SER G 1772 -94.99 3.39 36.67
CA SER G 1772 -94.36 3.50 35.36
C SER G 1772 -95.24 2.83 34.31
N LEU G 1773 -95.33 3.47 33.16
CA LEU G 1773 -96.23 3.01 32.11
C LEU G 1773 -95.62 1.82 31.37
N ARG G 1774 -96.28 0.68 31.42
CA ARG G 1774 -95.91 -0.49 30.63
C ARG G 1774 -97.15 -0.94 29.87
N PRO G 1775 -97.09 -1.07 28.55
CA PRO G 1775 -98.28 -1.48 27.81
C PRO G 1775 -98.74 -2.86 28.23
N PRO G 1776 -100.05 -3.12 28.22
CA PRO G 1776 -100.54 -4.43 28.66
C PRO G 1776 -100.18 -5.52 27.68
N HIS G 1777 -100.51 -6.76 28.07
CA HIS G 1777 -100.32 -7.92 27.23
C HIS G 1777 -101.60 -8.21 26.46
N HIS G 1778 -101.45 -8.69 25.22
CA HIS G 1778 -102.59 -9.03 24.38
C HIS G 1778 -102.43 -10.46 23.90
N PHE G 1779 -103.44 -11.28 24.14
CA PHE G 1779 -103.45 -12.67 23.74
C PHE G 1779 -104.75 -12.97 23.00
N SER G 1780 -104.72 -14.01 22.18
CA SER G 1780 -105.88 -14.42 21.42
C SER G 1780 -106.20 -15.89 21.72
N PRO G 1781 -107.46 -16.25 21.89
CA PRO G 1781 -107.79 -17.65 22.16
C PRO G 1781 -107.37 -18.55 21.01
N PRO G 1782 -106.81 -19.72 21.28
CA PRO G 1782 -106.53 -20.66 20.19
C PRO G 1782 -107.77 -21.42 19.77
N CYS G 1783 -108.32 -21.08 18.61
CA CYS G 1783 -109.51 -21.73 18.08
C CYS G 1783 -109.28 -22.04 16.61
N PHE G 1784 -109.63 -23.26 16.20
CA PHE G 1784 -109.39 -23.73 14.84
C PHE G 1784 -110.69 -24.07 14.13
N VAL G 1785 -111.78 -23.43 14.53
CA VAL G 1785 -113.05 -23.50 13.82
C VAL G 1785 -113.56 -22.14 13.40
N VAL G 1786 -112.82 -21.07 13.69
CA VAL G 1786 -113.22 -19.73 13.29
C VAL G 1786 -113.02 -19.55 11.80
N ALA G 1787 -113.83 -18.68 11.20
CA ALA G 1787 -113.70 -18.40 9.78
C ALA G 1787 -112.38 -17.70 9.52
N LEU G 1788 -111.67 -18.13 8.48
CA LEU G 1788 -110.41 -17.49 8.12
C LEU G 1788 -110.66 -16.06 7.70
N PRO G 1789 -109.91 -15.08 8.21
CA PRO G 1789 -110.08 -13.71 7.73
C PRO G 1789 -109.95 -13.62 6.22
N ALA G 1790 -111.02 -13.24 5.53
CA ALA G 1790 -110.98 -13.13 4.08
C ALA G 1790 -109.93 -12.11 3.64
N ALA G 1791 -109.57 -11.17 4.52
CA ALA G 1791 -108.54 -10.20 4.22
C ALA G 1791 -107.25 -10.90 3.80
N GLY G 1792 -106.78 -10.57 2.59
CA GLY G 1792 -105.57 -11.19 2.08
C GLY G 1792 -104.38 -10.95 2.99
N ALA G 1793 -103.29 -11.64 2.67
CA ALA G 1793 -102.07 -11.49 3.44
C ALA G 1793 -101.54 -10.06 3.32
N THR G 1794 -100.82 -9.63 4.36
CA THR G 1794 -100.21 -8.31 4.38
C THR G 1794 -101.25 -7.22 4.62
N GLU G 1795 -102.46 -7.64 5.02
CA GLU G 1795 -103.53 -6.69 5.29
C GLU G 1795 -104.12 -6.92 6.68
N ALA G 1796 -104.20 -8.19 7.10
CA ALA G 1796 -104.81 -8.51 8.37
C ALA G 1796 -103.91 -8.04 9.52
N PRO G 1797 -104.48 -7.74 10.68
CA PRO G 1797 -103.65 -7.40 11.84
C PRO G 1797 -102.77 -8.57 12.24
N ALA G 1798 -101.57 -8.25 12.73
CA ALA G 1798 -100.65 -9.29 13.18
C ALA G 1798 -101.30 -10.14 14.26
N ARG G 1799 -101.07 -11.45 14.18
CA ARG G 1799 -101.66 -12.36 15.14
C ARG G 1799 -101.10 -12.11 16.53
N LEU G 1800 -101.93 -12.35 17.54
CA LEU G 1800 -101.49 -12.26 18.93
C LEU G 1800 -101.09 -13.65 19.42
N SER G 1801 -100.29 -13.67 20.48
CA SER G 1801 -99.85 -14.94 21.02
C SER G 1801 -101.05 -15.73 21.54
N PRO G 1802 -101.08 -17.04 21.35
CA PRO G 1802 -102.18 -17.84 21.88
C PRO G 1802 -102.25 -17.71 23.39
N ALA G 1803 -103.47 -17.67 23.92
CA ALA G 1803 -103.69 -17.45 25.34
C ALA G 1803 -103.66 -18.76 26.11
N ILE G 1804 -103.12 -18.69 27.33
CA ILE G 1804 -103.16 -19.82 28.26
C ILE G 1804 -103.54 -19.28 29.62
N PRO G 1805 -104.40 -19.96 30.40
CA PRO G 1805 -104.86 -19.38 31.67
C PRO G 1805 -103.71 -18.99 32.59
N LEU G 1806 -103.54 -17.67 32.77
CA LEU G 1806 -102.38 -17.16 33.46
C LEU G 1806 -102.45 -17.34 34.97
N GLU G 1807 -103.62 -17.18 35.58
CA GLU G 1807 -103.71 -17.39 37.02
C GLU G 1807 -103.44 -18.84 37.38
N ALA G 1808 -103.99 -19.77 36.61
CA ALA G 1808 -103.73 -21.19 36.86
C ALA G 1808 -102.27 -21.52 36.62
N LEU G 1809 -101.68 -21.00 35.54
CA LEU G 1809 -100.26 -21.24 35.29
C LEU G 1809 -99.42 -20.68 36.43
N ARG G 1810 -99.80 -19.51 36.95
CA ARG G 1810 -99.08 -18.90 38.05
C ARG G 1810 -99.11 -19.78 39.29
N ASP G 1811 -100.30 -20.24 39.67
CA ASP G 1811 -100.41 -21.11 40.84
C ASP G 1811 -99.61 -22.39 40.65
N LYS G 1812 -99.71 -23.00 39.47
CA LYS G 1812 -98.99 -24.24 39.22
C LYS G 1812 -97.48 -24.02 39.30
N ALA G 1813 -97.00 -22.89 38.76
CA ALA G 1813 -95.56 -22.62 38.79
C ALA G 1813 -95.07 -22.46 40.22
N LEU G 1814 -95.81 -21.71 41.04
CA LEU G 1814 -95.39 -21.57 42.43
C LEU G 1814 -95.42 -22.90 43.16
N ARG G 1815 -96.44 -23.71 42.92
CA ARG G 1815 -96.52 -25.00 43.59
C ARG G 1815 -95.36 -25.89 43.19
N MET G 1816 -95.01 -25.92 41.91
CA MET G 1816 -93.88 -26.74 41.48
C MET G 1816 -92.58 -26.25 42.09
N LEU G 1817 -92.40 -24.93 42.18
CA LEU G 1817 -91.18 -24.41 42.78
C LEU G 1817 -91.09 -24.82 44.25
N GLY G 1818 -92.20 -24.74 44.98
CA GLY G 1818 -92.19 -25.16 46.37
C GLY G 1818 -91.86 -26.64 46.51
N GLU G 1819 -92.47 -27.48 45.67
CA GLU G 1819 -92.18 -28.91 45.72
C GLU G 1819 -90.71 -29.16 45.42
N ALA G 1820 -90.16 -28.45 44.43
CA ALA G 1820 -88.75 -28.62 44.10
C ALA G 1820 -87.86 -28.25 45.27
N VAL G 1821 -88.19 -27.15 45.95
CA VAL G 1821 -87.39 -26.74 47.10
C VAL G 1821 -87.42 -27.81 48.18
N ARG G 1822 -88.61 -28.34 48.48
CA ARG G 1822 -88.70 -29.36 49.52
C ARG G 1822 -87.92 -30.61 49.14
N ASP G 1823 -88.03 -31.05 47.88
CA ASP G 1823 -87.31 -32.24 47.45
C ASP G 1823 -85.80 -32.02 47.51
N GLY G 1824 -85.35 -30.84 47.08
CA GLY G 1824 -83.94 -30.52 47.16
C GLY G 1824 -83.46 -30.59 48.59
N GLY G 1825 -84.28 -30.10 49.52
CA GLY G 1825 -83.94 -30.22 50.92
C GLY G 1825 -83.84 -31.67 51.37
N GLN G 1826 -84.73 -32.52 50.86
CA GLN G 1826 -84.73 -33.93 51.27
C GLN G 1826 -83.55 -34.70 50.70
N HIS G 1827 -83.02 -34.28 49.55
CA HIS G 1827 -81.86 -34.92 48.93
C HIS G 1827 -82.15 -36.39 48.60
N ALA G 1828 -83.10 -36.58 47.69
CA ALA G 1828 -83.45 -37.91 47.24
C ALA G 1828 -82.49 -38.40 46.16
N ARG G 1829 -82.59 -39.68 45.82
CA ARG G 1829 -81.73 -40.29 44.82
C ARG G 1829 -82.38 -40.43 43.45
N ASP G 1830 -83.59 -39.92 43.27
CA ASP G 1830 -84.28 -39.93 41.97
C ASP G 1830 -84.85 -38.54 41.71
N PRO G 1831 -83.98 -37.56 41.43
CA PRO G 1831 -84.48 -36.20 41.19
C PRO G 1831 -85.39 -36.15 39.99
N VAL G 1832 -86.42 -35.30 40.08
CA VAL G 1832 -87.33 -35.10 38.96
C VAL G 1832 -86.52 -34.70 37.74
N GLY G 1833 -86.75 -35.39 36.63
CA GLY G 1833 -86.01 -35.14 35.42
C GLY G 1833 -84.67 -35.82 35.35
N GLY G 1834 -84.26 -36.53 36.40
CA GLY G 1834 -83.03 -37.27 36.42
C GLY G 1834 -81.89 -36.58 37.15
N SER G 1835 -81.99 -35.28 37.39
CA SER G 1835 -80.93 -34.56 38.07
C SER G 1835 -81.48 -33.28 38.67
N VAL G 1836 -80.70 -32.71 39.58
CA VAL G 1836 -81.08 -31.43 40.20
C VAL G 1836 -81.22 -30.36 39.13
N GLU G 1837 -80.36 -30.39 38.12
CA GLU G 1837 -80.44 -29.41 37.05
C GLU G 1837 -81.77 -29.50 36.32
N PHE G 1838 -82.16 -30.69 35.87
CA PHE G 1838 -83.42 -30.85 35.17
C PHE G 1838 -84.63 -30.70 36.07
N GLN G 1839 -84.45 -30.77 37.39
CA GLN G 1839 -85.55 -30.49 38.30
C GLN G 1839 -85.75 -29.01 38.54
N PHE G 1840 -84.68 -28.23 38.61
CA PHE G 1840 -84.78 -26.82 38.98
C PHE G 1840 -84.81 -25.88 37.79
N VAL G 1841 -83.93 -26.06 36.80
CA VAL G 1841 -83.78 -25.06 35.75
C VAL G 1841 -85.10 -24.79 35.03
N PRO G 1842 -85.87 -25.79 34.61
CA PRO G 1842 -87.14 -25.48 33.91
C PRO G 1842 -88.12 -24.68 34.76
N VAL G 1843 -88.30 -25.06 36.02
CA VAL G 1843 -89.24 -24.35 36.88
C VAL G 1843 -88.79 -22.92 37.08
N LEU G 1844 -87.49 -22.72 37.30
CA LEU G 1844 -86.97 -21.37 37.51
C LEU G 1844 -87.09 -20.53 36.25
N LYS G 1845 -86.89 -21.14 35.07
CA LYS G 1845 -87.11 -20.40 33.83
C LYS G 1845 -88.57 -19.95 33.72
N LEU G 1846 -89.50 -20.84 34.02
CA LEU G 1846 -90.91 -20.47 33.96
C LEU G 1846 -91.22 -19.33 34.92
N VAL G 1847 -90.70 -19.43 36.15
CA VAL G 1847 -91.00 -18.41 37.16
C VAL G 1847 -90.38 -17.07 36.77
N SER G 1848 -89.15 -17.09 36.25
CA SER G 1848 -88.52 -15.85 35.82
C SER G 1848 -89.30 -15.22 34.67
N THR G 1849 -89.73 -16.02 33.71
CA THR G 1849 -90.52 -15.49 32.61
C THR G 1849 -91.80 -14.85 33.13
N LEU G 1850 -92.48 -15.52 34.05
CA LEU G 1850 -93.73 -14.97 34.59
C LEU G 1850 -93.49 -13.69 35.36
N LEU G 1851 -92.43 -13.64 36.17
CA LEU G 1851 -92.10 -12.40 36.87
C LEU G 1851 -91.86 -11.26 35.89
N VAL G 1852 -90.99 -11.47 34.91
CA VAL G 1852 -90.67 -10.40 33.97
C VAL G 1852 -91.93 -9.95 33.25
N MET G 1853 -92.80 -10.89 32.89
CA MET G 1853 -94.10 -10.51 32.36
C MET G 1853 -94.91 -9.72 33.38
N GLY G 1854 -94.61 -9.89 34.66
CA GLY G 1854 -95.29 -9.13 35.68
C GLY G 1854 -96.70 -9.57 35.97
N VAL G 1855 -96.99 -10.86 35.85
CA VAL G 1855 -98.31 -11.38 36.13
C VAL G 1855 -98.46 -11.79 37.60
N PHE G 1856 -97.36 -11.93 38.33
CA PHE G 1856 -97.44 -12.34 39.72
C PHE G 1856 -98.08 -11.25 40.57
N SER G 1857 -98.89 -11.66 41.54
CA SER G 1857 -99.48 -10.72 42.47
C SER G 1857 -98.52 -10.44 43.62
N ASP G 1858 -98.93 -9.56 44.54
CA ASP G 1858 -98.07 -9.22 45.67
C ASP G 1858 -97.84 -10.43 46.56
N GLU G 1859 -98.89 -11.19 46.85
CA GLU G 1859 -98.74 -12.39 47.66
C GLU G 1859 -97.84 -13.40 46.98
N ASP G 1860 -97.98 -13.55 45.67
CA ASP G 1860 -97.14 -14.47 44.92
C ASP G 1860 -95.68 -14.05 45.00
N VAL G 1861 -95.41 -12.76 44.84
CA VAL G 1861 -94.04 -12.27 44.91
C VAL G 1861 -93.48 -12.47 46.31
N LYS G 1862 -94.30 -12.28 47.33
CA LYS G 1862 -93.84 -12.52 48.70
C LYS G 1862 -93.48 -13.98 48.91
N GLN G 1863 -94.30 -14.89 48.37
CA GLN G 1863 -93.97 -16.31 48.47
C GLN G 1863 -92.66 -16.62 47.76
N ILE G 1864 -92.47 -16.04 46.57
CA ILE G 1864 -91.22 -16.27 45.84
C ILE G 1864 -90.04 -15.77 46.64
N LEU G 1865 -90.17 -14.60 47.25
CA LEU G 1865 -89.08 -14.04 48.04
C LEU G 1865 -88.77 -14.93 49.23
N LYS G 1866 -89.80 -15.45 49.90
CA LYS G 1866 -89.56 -16.35 51.03
C LYS G 1866 -88.92 -17.66 50.57
N MET G 1867 -89.26 -18.13 49.37
CA MET G 1867 -88.55 -19.28 48.83
C MET G 1867 -87.08 -18.97 48.58
N ILE G 1868 -86.79 -17.76 48.10
CA ILE G 1868 -85.40 -17.39 47.82
C ILE G 1868 -84.60 -17.32 49.12
N GLU G 1869 -85.13 -16.63 50.12
CA GLU G 1869 -84.41 -16.41 51.37
C GLU G 1869 -85.42 -16.17 52.48
N PRO G 1870 -85.76 -17.18 53.28
CA PRO G 1870 -86.83 -17.01 54.28
C PRO G 1870 -86.56 -15.90 55.29
N GLU G 1871 -85.33 -15.71 55.73
CA GLU G 1871 -85.05 -14.78 56.81
C GLU G 1871 -85.00 -13.33 56.33
N VAL G 1872 -84.22 -13.06 55.28
CA VAL G 1872 -84.06 -11.69 54.81
C VAL G 1872 -85.41 -11.10 54.42
N PHE G 1873 -86.23 -11.88 53.72
CA PHE G 1873 -87.50 -11.39 53.17
C PHE G 1873 -88.70 -11.83 54.00
N ARG G 1874 -88.50 -12.02 55.30
CA ARG G 1874 -89.63 -12.28 56.19
C ARG G 1874 -90.47 -11.02 56.32
N GLU G 1875 -91.72 -11.21 56.73
CA GLU G 1875 -92.64 -10.12 56.97
C GLU G 1875 -93.07 -10.12 58.43
N GLU G 1876 -93.05 -8.95 59.05
CA GLU G 1876 -93.41 -8.82 60.45
C GLU G 1876 -94.92 -8.81 60.63
N LEU G 1923 -89.77 -24.74 54.77
CA LEU G 1923 -88.37 -25.09 54.89
C LEU G 1923 -87.54 -23.83 55.15
N GLU G 1924 -86.73 -23.87 56.21
CA GLU G 1924 -85.96 -22.71 56.63
C GLU G 1924 -84.71 -22.55 55.76
N GLU G 1925 -84.53 -23.44 54.79
CA GLU G 1925 -83.42 -23.39 53.85
C GLU G 1925 -83.91 -22.82 52.53
N GLY G 1926 -83.41 -21.63 52.18
CA GLY G 1926 -83.80 -21.00 50.94
C GLY G 1926 -83.01 -21.50 49.76
N LEU G 1927 -83.43 -21.07 48.56
CA LEU G 1927 -82.75 -21.49 47.35
C LEU G 1927 -81.29 -21.08 47.35
N LEU G 1928 -80.99 -19.89 47.87
CA LEU G 1928 -79.64 -19.36 47.77
C LEU G 1928 -78.63 -20.18 48.57
N GLN G 1929 -79.07 -21.08 49.43
CA GLN G 1929 -78.17 -21.98 50.16
C GLN G 1929 -78.70 -23.41 50.00
N MET G 1930 -78.38 -24.06 48.89
CA MET G 1930 -78.75 -25.46 48.71
C MET G 1930 -77.67 -26.22 47.95
N LYS G 1931 -76.47 -25.66 47.86
CA LYS G 1931 -75.41 -26.34 47.12
C LYS G 1931 -75.91 -26.74 45.73
N LEU G 1932 -76.23 -25.76 44.90
CA LEU G 1932 -76.87 -25.99 43.62
C LEU G 1932 -75.85 -25.99 42.49
N PRO G 1933 -76.17 -26.63 41.36
CA PRO G 1933 -75.27 -26.56 40.21
C PRO G 1933 -75.19 -25.14 39.67
N GLU G 1934 -74.37 -24.97 38.62
CA GLU G 1934 -74.10 -23.64 38.10
C GLU G 1934 -75.25 -23.09 37.27
N SER G 1935 -75.95 -23.94 36.52
CA SER G 1935 -77.09 -23.46 35.74
C SER G 1935 -78.21 -22.98 36.65
N VAL G 1936 -78.49 -23.72 37.72
CA VAL G 1936 -79.47 -23.27 38.69
C VAL G 1936 -79.02 -21.95 39.30
N LYS G 1937 -77.72 -21.80 39.52
CA LYS G 1937 -77.20 -20.53 40.00
C LYS G 1937 -77.44 -19.41 38.99
N LEU G 1938 -77.36 -19.73 37.70
CA LEU G 1938 -77.65 -18.72 36.69
C LEU G 1938 -79.10 -18.28 36.75
N GLN G 1939 -80.02 -19.23 36.92
CA GLN G 1939 -81.44 -18.86 37.04
C GLN G 1939 -81.67 -18.04 38.30
N MET G 1940 -81.03 -18.40 39.41
CA MET G 1940 -81.13 -17.59 40.61
C MET G 1940 -80.61 -16.19 40.38
N CYS G 1941 -79.54 -16.06 39.60
CA CYS G 1941 -79.03 -14.74 39.25
C CYS G 1941 -80.05 -13.95 38.44
N HIS G 1942 -80.77 -14.61 37.53
CA HIS G 1942 -81.82 -13.91 36.79
C HIS G 1942 -82.91 -13.41 37.73
N LEU G 1943 -83.32 -14.23 38.69
CA LEU G 1943 -84.33 -13.78 39.65
C LEU G 1943 -83.84 -12.57 40.44
N LEU G 1944 -82.62 -12.65 40.95
CA LEU G 1944 -82.07 -11.52 41.70
C LEU G 1944 -81.95 -10.28 40.83
N GLU G 1945 -81.63 -10.46 39.55
CA GLU G 1945 -81.58 -9.33 38.64
C GLU G 1945 -82.95 -8.66 38.54
N TYR G 1946 -84.00 -9.47 38.42
CA TYR G 1946 -85.34 -8.89 38.36
C TYR G 1946 -85.64 -8.08 39.60
N PHE G 1947 -85.33 -8.63 40.78
CA PHE G 1947 -85.67 -7.91 42.00
C PHE G 1947 -84.83 -6.64 42.17
N CYS G 1948 -83.57 -6.67 41.76
CA CYS G 1948 -82.75 -5.46 41.79
C CYS G 1948 -83.30 -4.40 40.84
N ASP G 1949 -83.74 -4.82 39.65
CA ASP G 1949 -84.38 -3.88 38.73
C ASP G 1949 -85.64 -3.29 39.34
N GLN G 1950 -86.40 -4.10 40.07
CA GLN G 1950 -87.59 -3.57 40.74
C GLN G 1950 -87.23 -2.54 41.79
N GLU G 1951 -86.17 -2.76 42.56
CA GLU G 1951 -85.75 -1.73 43.52
C GLU G 1951 -85.30 -0.46 42.82
N LEU G 1952 -84.59 -0.58 41.71
CA LEU G 1952 -84.20 0.60 40.95
C LEU G 1952 -85.42 1.37 40.45
N GLN G 1953 -86.42 0.64 39.94
CA GLN G 1953 -87.65 1.28 39.49
C GLN G 1953 -88.34 1.99 40.64
N HIS G 1954 -88.36 1.37 41.82
CA HIS G 1954 -88.95 2.03 42.98
C HIS G 1954 -88.20 3.32 43.31
N ARG G 1955 -86.87 3.29 43.23
CA ARG G 1955 -86.10 4.49 43.49
C ARG G 1955 -86.49 5.60 42.52
N VAL G 1956 -86.56 5.28 41.23
CA VAL G 1956 -86.87 6.29 40.23
C VAL G 1956 -88.26 6.85 40.46
N GLU G 1957 -89.24 5.99 40.72
CA GLU G 1957 -90.60 6.46 40.94
C GLU G 1957 -90.69 7.31 42.19
N SER G 1958 -90.00 6.94 43.26
CA SER G 1958 -89.99 7.76 44.46
C SER G 1958 -89.38 9.12 44.19
N LEU G 1959 -88.30 9.17 43.42
CA LEU G 1959 -87.69 10.44 43.08
C LEU G 1959 -88.66 11.32 42.30
N ALA G 1960 -89.37 10.74 41.32
CA ALA G 1960 -90.32 11.53 40.56
C ALA G 1960 -91.47 12.03 41.43
N ALA G 1961 -91.96 11.17 42.33
CA ALA G 1961 -93.05 11.58 43.21
C ALA G 1961 -92.62 12.72 44.12
N PHE G 1962 -91.40 12.65 44.66
CA PHE G 1962 -90.90 13.77 45.45
C PHE G 1962 -90.74 15.02 44.59
N ALA G 1963 -90.25 14.85 43.37
CA ALA G 1963 -89.98 16.00 42.50
C ALA G 1963 -91.25 16.77 42.22
N GLU G 1964 -92.37 16.07 42.03
CA GLU G 1964 -93.63 16.77 41.79
C GLU G 1964 -93.93 17.75 42.92
N CYS G 1965 -93.96 17.25 44.16
CA CYS G 1965 -94.29 18.11 45.29
C CYS G 1965 -93.25 19.22 45.46
N TYR G 1966 -91.97 18.89 45.33
CA TYR G 1966 -90.93 19.89 45.57
C TYR G 1966 -90.98 21.00 44.53
N VAL G 1967 -91.17 20.64 43.26
CA VAL G 1967 -91.21 21.66 42.23
C VAL G 1967 -92.47 22.50 42.38
N ASP G 1968 -93.57 21.90 42.83
CA ASP G 1968 -94.77 22.68 43.12
C ASP G 1968 -94.48 23.72 44.20
N LYS G 1969 -93.80 23.30 45.27
CA LYS G 1969 -93.46 24.23 46.34
C LYS G 1969 -92.53 25.33 45.83
N MET G 1970 -91.55 24.97 45.01
CA MET G 1970 -90.65 25.96 44.45
C MET G 1970 -91.41 26.97 43.60
N GLN G 1971 -92.36 26.50 42.79
CA GLN G 1971 -93.14 27.40 41.95
C GLN G 1971 -93.96 28.35 42.80
N GLY G 1972 -94.60 27.84 43.84
CA GLY G 1972 -95.34 28.71 44.74
C GLY G 1972 -94.46 29.75 45.39
N ASN G 1973 -93.30 29.32 45.88
CA ASN G 1973 -92.33 30.26 46.45
C ASN G 1973 -91.99 31.36 45.47
N GLN G 1974 -91.66 30.99 44.22
CA GLN G 1974 -91.22 31.98 43.27
C GLN G 1974 -92.35 32.93 42.88
N ARG G 1975 -93.58 32.41 42.80
CA ARG G 1975 -94.72 33.29 42.54
C ARG G 1975 -94.89 34.30 43.66
N GLY G 1976 -94.78 33.85 44.91
CA GLY G 1976 -94.87 34.79 46.03
C GLY G 1976 -93.76 35.84 45.98
N ARG G 1977 -92.55 35.39 45.69
CA ARG G 1977 -91.43 36.32 45.62
C ARG G 1977 -91.63 37.35 44.52
N TYR G 1978 -92.13 36.92 43.36
CA TYR G 1978 -92.39 37.88 42.29
C TYR G 1978 -93.49 38.85 42.68
N GLY G 1979 -94.51 38.36 43.39
CA GLY G 1979 -95.54 39.26 43.87
C GLY G 1979 -94.97 40.34 44.77
N LEU G 1980 -94.11 39.94 45.71
CA LEU G 1980 -93.47 40.91 46.58
C LEU G 1980 -92.59 41.88 45.78
N LEU G 1981 -91.88 41.37 44.78
CA LEU G 1981 -91.01 42.22 43.98
C LEU G 1981 -91.82 43.28 43.24
N MET G 1982 -92.93 42.86 42.62
CA MET G 1982 -93.80 43.83 41.95
C MET G 1982 -94.38 44.83 42.96
N LYS G 1983 -94.77 44.35 44.13
CA LYS G 1983 -95.30 45.26 45.14
C LYS G 1983 -94.28 46.31 45.54
N ALA G 1984 -93.01 45.91 45.65
CA ALA G 1984 -91.95 46.85 45.96
C ALA G 1984 -91.97 48.01 44.97
N PHE G 1985 -92.24 49.21 45.47
CA PHE G 1985 -92.41 50.39 44.63
C PHE G 1985 -91.09 51.15 44.55
N THR G 1986 -90.27 50.79 43.56
CA THR G 1986 -89.03 51.49 43.28
C THR G 1986 -88.19 51.67 44.54
N MET G 1987 -88.06 50.60 45.34
CA MET G 1987 -87.23 50.66 46.53
C MET G 1987 -85.82 51.09 46.12
N SER G 1988 -85.27 50.43 45.10
CA SER G 1988 -84.02 50.84 44.48
C SER G 1988 -83.90 50.19 43.11
N ALA G 1989 -83.94 50.97 42.04
CA ALA G 1989 -83.97 50.41 40.70
C ALA G 1989 -82.86 49.38 40.46
N ALA G 1990 -81.65 49.67 40.94
CA ALA G 1990 -80.56 48.71 40.82
C ALA G 1990 -80.91 47.42 41.54
N GLU G 1991 -81.49 47.53 42.74
CA GLU G 1991 -81.97 46.35 43.46
C GLU G 1991 -83.02 45.59 42.65
N THR G 1992 -83.93 46.31 42.02
CA THR G 1992 -84.98 45.66 41.24
C THR G 1992 -84.40 44.86 40.09
N ALA G 1993 -83.43 45.43 39.37
CA ALA G 1993 -82.75 44.68 38.32
C ALA G 1993 -82.01 43.48 38.90
N ARG G 1994 -81.35 43.69 40.04
CA ARG G 1994 -80.55 42.66 40.67
C ARG G 1994 -81.41 41.46 41.05
N ARG G 1995 -82.69 41.68 41.34
CA ARG G 1995 -83.57 40.55 41.58
C ARG G 1995 -84.15 40.01 40.27
N THR G 1996 -84.53 40.91 39.35
CA THR G 1996 -85.34 40.48 38.22
C THR G 1996 -84.53 39.76 37.15
N ARG G 1997 -83.21 39.78 37.22
CA ARG G 1997 -82.54 39.02 36.16
C ARG G 1997 -82.99 37.57 36.27
N GLU G 1998 -83.13 37.08 37.51
CA GLU G 1998 -83.64 35.73 37.73
C GLU G 1998 -84.84 35.44 36.83
N PHE G 1999 -85.91 36.22 36.98
CA PHE G 1999 -87.09 36.02 36.16
C PHE G 1999 -86.84 36.27 34.70
N ARG G 2000 -85.78 36.99 34.32
CA ARG G 2000 -85.44 37.09 32.91
C ARG G 2000 -84.73 35.86 32.35
N SER G 2001 -84.21 34.97 33.21
CA SER G 2001 -83.43 33.83 32.74
C SER G 2001 -84.33 32.68 32.36
N PRO G 2002 -83.82 31.72 31.58
CA PRO G 2002 -84.62 30.56 31.18
C PRO G 2002 -84.98 29.69 32.38
N PRO G 2003 -86.10 28.97 32.31
CA PRO G 2003 -86.53 28.17 33.48
C PRO G 2003 -85.50 27.15 33.93
N GLN G 2004 -84.72 26.58 33.01
CA GLN G 2004 -83.71 25.61 33.42
C GLN G 2004 -82.67 26.27 34.32
N GLU G 2005 -82.21 27.46 33.96
CA GLU G 2005 -81.25 28.15 34.80
C GLU G 2005 -81.89 28.66 36.09
N GLN G 2006 -83.17 29.00 36.05
CA GLN G 2006 -83.85 29.32 37.31
C GLN G 2006 -83.84 28.11 38.25
N ILE G 2007 -84.12 26.92 37.70
CA ILE G 2007 -84.10 25.71 38.51
C ILE G 2007 -82.70 25.47 39.07
N ASN G 2008 -81.68 25.60 38.23
CA ASN G 2008 -80.32 25.36 38.69
C ASN G 2008 -79.94 26.35 39.80
N MET G 2009 -80.28 27.62 39.62
CA MET G 2009 -79.97 28.61 40.64
C MET G 2009 -80.70 28.31 41.94
N LEU G 2010 -81.97 27.92 41.84
CA LEU G 2010 -82.73 27.64 43.05
C LEU G 2010 -82.26 26.38 43.77
N LEU G 2011 -81.71 25.41 43.06
CA LEU G 2011 -81.22 24.18 43.68
C LEU G 2011 -79.76 24.27 44.10
N HIS G 2012 -79.02 25.27 43.63
CA HIS G 2012 -77.59 25.38 43.97
C HIS G 2012 -77.46 25.89 45.41
N PHE G 2013 -77.78 25.01 46.36
CA PHE G 2013 -77.55 25.32 47.77
C PHE G 2013 -77.05 24.11 48.54
N LYS G 2014 -76.46 23.11 47.88
CA LYS G 2014 -76.06 21.91 48.58
C LYS G 2014 -75.02 22.21 49.64
N ASN G 2015 -74.01 23.01 49.31
CA ASN G 2015 -72.93 23.33 50.23
C ASN G 2015 -73.19 24.62 51.00
N GLY G 2016 -74.41 25.15 50.95
CA GLY G 2016 -74.74 26.36 51.67
C GLY G 2016 -74.75 27.58 50.77
N ALA G 2017 -75.71 28.47 50.99
CA ALA G 2017 -75.80 29.70 50.22
C ALA G 2017 -76.66 30.69 51.00
N ASP G 2018 -76.46 31.96 50.72
CA ASP G 2018 -77.22 33.03 51.36
C ASP G 2018 -78.46 33.36 50.55
N GLU G 2019 -79.35 34.15 51.15
CA GLU G 2019 -80.62 34.47 50.51
C GLU G 2019 -80.40 35.13 49.15
N GLU G 2020 -79.27 35.82 48.98
CA GLU G 2020 -78.97 36.44 47.70
C GLU G 2020 -78.66 35.39 46.64
N GLU G 2021 -77.77 34.45 46.97
CA GLU G 2021 -77.36 33.44 46.00
C GLU G 2021 -78.53 32.52 45.63
N CYS G 2022 -79.29 32.09 46.63
CA CYS G 2022 -80.42 31.18 46.42
C CYS G 2022 -81.58 31.62 47.30
N PRO G 2023 -82.67 32.14 46.73
CA PRO G 2023 -83.75 32.69 47.57
C PRO G 2023 -84.63 31.66 48.24
N LEU G 2024 -84.37 30.36 48.09
CA LEU G 2024 -85.26 29.37 48.69
C LEU G 2024 -85.26 29.52 50.20
N PRO G 2025 -86.43 29.52 50.85
CA PRO G 2025 -86.45 29.52 52.32
C PRO G 2025 -85.81 28.27 52.91
N GLU G 2026 -85.47 28.38 54.20
CA GLU G 2026 -84.74 27.31 54.86
C GLU G 2026 -85.57 26.04 54.94
N GLU G 2027 -86.88 26.16 55.16
CA GLU G 2027 -87.72 24.97 55.24
C GLU G 2027 -87.78 24.25 53.88
N ILE G 2028 -87.89 25.02 52.80
CA ILE G 2028 -87.89 24.42 51.47
C ILE G 2028 -86.56 23.73 51.21
N ARG G 2029 -85.46 24.36 51.60
CA ARG G 2029 -84.16 23.71 51.47
C ARG G 2029 -84.10 22.43 52.30
N GLN G 2030 -84.64 22.47 53.51
CA GLN G 2030 -84.53 21.35 54.43
C GLN G 2030 -85.29 20.14 53.90
N GLU G 2031 -86.42 20.36 53.23
CA GLU G 2031 -87.13 19.24 52.64
C GLU G 2031 -86.23 18.48 51.68
N LEU G 2032 -85.56 19.20 50.79
CA LEU G 2032 -84.67 18.54 49.84
C LEU G 2032 -83.49 17.88 50.54
N VAL G 2033 -82.95 18.52 51.58
CA VAL G 2033 -81.83 17.92 52.29
C VAL G 2033 -82.25 16.59 52.92
N ASN G 2034 -83.43 16.56 53.55
CA ASN G 2034 -83.91 15.33 54.16
C ASN G 2034 -84.15 14.27 53.10
N PHE G 2035 -84.73 14.64 51.96
CA PHE G 2035 -84.95 13.64 50.92
C PHE G 2035 -83.64 13.11 50.38
N HIS G 2036 -82.62 13.97 50.26
CA HIS G 2036 -81.32 13.52 49.79
C HIS G 2036 -80.72 12.52 50.78
N GLN G 2037 -80.84 12.80 52.07
CA GLN G 2037 -80.38 11.84 53.07
C GLN G 2037 -81.11 10.51 52.91
N ASP G 2038 -82.43 10.57 52.73
CA ASP G 2038 -83.20 9.34 52.57
C ASP G 2038 -82.77 8.56 51.34
N LEU G 2039 -82.54 9.27 50.23
CA LEU G 2039 -82.13 8.60 49.01
C LEU G 2039 -80.78 7.94 49.17
N LEU G 2040 -79.83 8.62 49.82
CA LEU G 2040 -78.53 8.01 50.06
C LEU G 2040 -78.68 6.77 50.94
N ALA G 2041 -79.50 6.86 51.98
CA ALA G 2041 -79.71 5.70 52.84
C ALA G 2041 -80.31 4.53 52.06
N HIS G 2042 -81.29 4.82 51.19
CA HIS G 2042 -81.89 3.76 50.39
C HIS G 2042 -80.89 3.13 49.44
N CYS G 2043 -80.04 3.94 48.81
CA CYS G 2043 -78.98 3.41 47.98
C CYS G 2043 -77.87 2.74 48.78
N GLY G 2044 -77.89 2.88 50.11
CA GLY G 2044 -76.89 2.27 50.95
C GLY G 2044 -75.69 3.14 51.22
N ILE G 2045 -75.64 4.35 50.64
CA ILE G 2045 -74.50 5.23 50.83
C ILE G 2045 -74.32 5.56 52.30
N GLN G 2046 -75.42 5.86 52.98
CA GLN G 2046 -75.36 6.36 54.35
C GLN G 2046 -74.52 5.44 55.22
N LEU G 2047 -73.46 6.00 55.81
CA LEU G 2047 -72.56 5.23 56.66
C LEU G 2047 -72.01 6.11 57.77
N GLU G 2089 -74.05 -6.42 58.85
CA GLU G 2089 -74.33 -7.41 59.88
C GLU G 2089 -74.03 -8.80 59.35
N HIS G 2090 -73.78 -9.76 60.26
CA HIS G 2090 -73.48 -11.12 59.82
C HIS G 2090 -74.67 -11.73 59.09
N LYS G 2091 -75.88 -11.25 59.37
CA LYS G 2091 -77.05 -11.61 58.55
C LYS G 2091 -77.33 -10.48 57.56
N PRO G 2092 -77.57 -10.79 56.28
CA PRO G 2092 -77.75 -9.72 55.29
C PRO G 2092 -78.77 -8.67 55.70
N GLN G 2093 -80.01 -9.09 55.97
CA GLN G 2093 -81.10 -8.21 56.38
C GLN G 2093 -81.46 -7.18 55.33
N SER G 2094 -81.15 -7.44 54.06
CA SER G 2094 -81.51 -6.52 52.98
C SER G 2094 -81.12 -7.17 51.66
N LEU G 2095 -81.78 -6.72 50.59
CA LEU G 2095 -81.48 -7.30 49.28
C LEU G 2095 -80.05 -7.02 48.86
N GLN G 2096 -79.57 -5.81 49.12
CA GLN G 2096 -78.21 -5.44 48.73
C GLN G 2096 -77.18 -6.33 49.43
N GLU G 2097 -77.28 -6.43 50.75
CA GLU G 2097 -76.35 -7.26 51.50
C GLU G 2097 -76.49 -8.72 51.09
N LEU G 2098 -77.72 -9.18 50.90
CA LEU G 2098 -77.93 -10.57 50.49
C LEU G 2098 -77.22 -10.87 49.18
N VAL G 2099 -77.43 -10.03 48.17
CA VAL G 2099 -76.83 -10.27 46.86
C VAL G 2099 -75.32 -10.22 46.95
N SER G 2100 -74.78 -9.20 47.63
CA SER G 2100 -73.33 -9.09 47.73
C SER G 2100 -72.74 -10.32 48.41
N HIS G 2101 -73.28 -10.69 49.57
CA HIS G 2101 -72.73 -11.80 50.32
C HIS G 2101 -72.88 -13.10 49.54
N THR G 2102 -74.01 -13.29 48.86
CA THR G 2102 -74.22 -14.52 48.11
C THR G 2102 -73.23 -14.65 46.96
N VAL G 2103 -73.04 -13.57 46.20
CA VAL G 2103 -72.13 -13.64 45.06
C VAL G 2103 -70.71 -13.90 45.55
N VAL G 2104 -70.29 -13.18 46.59
CA VAL G 2104 -68.93 -13.38 47.09
C VAL G 2104 -68.77 -14.79 47.63
N ARG G 2105 -69.81 -15.32 48.29
CA ARG G 2105 -69.74 -16.67 48.83
C ARG G 2105 -69.61 -17.71 47.72
N TRP G 2106 -70.38 -17.54 46.64
CA TRP G 2106 -70.26 -18.47 45.52
C TRP G 2106 -68.85 -18.44 44.94
N ALA G 2107 -68.34 -17.23 44.66
CA ALA G 2107 -67.02 -17.12 44.07
C ALA G 2107 -65.94 -17.66 45.00
N GLN G 2108 -66.11 -17.49 46.31
CA GLN G 2108 -65.16 -18.04 47.26
C GLN G 2108 -65.23 -19.56 47.30
N GLU G 2109 -66.43 -20.12 47.18
CA GLU G 2109 -66.62 -21.56 47.31
C GLU G 2109 -66.05 -22.30 46.11
N ASP G 2110 -66.32 -21.82 44.90
CA ASP G 2110 -65.94 -22.59 43.72
C ASP G 2110 -65.27 -21.68 42.69
N PHE G 2111 -64.44 -22.31 41.86
CA PHE G 2111 -63.89 -21.67 40.68
C PHE G 2111 -64.93 -21.79 39.58
N VAL G 2112 -65.80 -20.79 39.49
CA VAL G 2112 -66.95 -20.86 38.61
C VAL G 2112 -66.48 -21.07 37.18
N GLN G 2113 -67.10 -22.02 36.48
CA GLN G 2113 -66.68 -22.39 35.14
C GLN G 2113 -67.54 -21.79 34.04
N SER G 2114 -68.75 -21.37 34.34
CA SER G 2114 -69.64 -20.84 33.31
C SER G 2114 -69.38 -19.35 33.13
N PRO G 2115 -68.89 -18.91 31.97
CA PRO G 2115 -68.67 -17.47 31.79
C PRO G 2115 -69.94 -16.65 31.91
N GLU G 2116 -71.08 -17.18 31.49
CA GLU G 2116 -72.34 -16.46 31.67
C GLU G 2116 -72.65 -16.29 33.15
N LEU G 2117 -72.45 -17.33 33.95
CA LEU G 2117 -72.67 -17.21 35.38
C LEU G 2117 -71.73 -16.20 36.00
N VAL G 2118 -70.46 -16.20 35.58
CA VAL G 2118 -69.50 -15.24 36.13
C VAL G 2118 -69.93 -13.82 35.79
N ARG G 2119 -70.33 -13.59 34.53
CA ARG G 2119 -70.73 -12.26 34.12
C ARG G 2119 -71.96 -11.80 34.90
N ALA G 2120 -72.94 -12.67 35.06
CA ALA G 2120 -74.14 -12.29 35.81
C ALA G 2120 -73.80 -11.99 37.26
N MET G 2121 -72.98 -12.85 37.87
CA MET G 2121 -72.60 -12.64 39.27
C MET G 2121 -71.95 -11.29 39.46
N PHE G 2122 -70.98 -10.96 38.62
CA PHE G 2122 -70.25 -9.72 38.82
C PHE G 2122 -71.04 -8.49 38.40
N SER G 2123 -71.95 -8.63 37.43
CA SER G 2123 -72.86 -7.52 37.15
C SER G 2123 -73.76 -7.24 38.35
N LEU G 2124 -74.29 -8.28 38.98
CA LEU G 2124 -75.10 -8.09 40.17
C LEU G 2124 -74.29 -7.44 41.28
N LEU G 2125 -73.06 -7.91 41.49
CA LEU G 2125 -72.22 -7.35 42.55
C LEU G 2125 -71.94 -5.88 42.29
N HIS G 2126 -71.62 -5.52 41.05
CA HIS G 2126 -71.38 -4.13 40.73
C HIS G 2126 -72.61 -3.27 41.00
N ARG G 2127 -73.78 -3.75 40.59
CA ARG G 2127 -74.99 -2.98 40.86
C ARG G 2127 -75.19 -2.79 42.36
N GLN G 2128 -74.95 -3.82 43.15
CA GLN G 2128 -75.15 -3.69 44.58
C GLN G 2128 -74.18 -2.70 45.21
N TYR G 2129 -72.91 -2.73 44.79
CA TYR G 2129 -71.94 -1.82 45.39
C TYR G 2129 -72.15 -0.38 44.95
N ASP G 2130 -72.36 -0.15 43.66
CA ASP G 2130 -72.56 1.21 43.14
C ASP G 2130 -74.05 1.52 43.02
N GLY G 2131 -74.69 1.64 44.18
CA GLY G 2131 -76.11 1.89 44.19
C GLY G 2131 -76.47 3.23 43.58
N LEU G 2132 -75.72 4.28 43.93
CA LEU G 2132 -76.02 5.61 43.43
C LEU G 2132 -75.71 5.72 41.95
N GLY G 2133 -74.62 5.10 41.49
CA GLY G 2133 -74.29 5.16 40.08
C GLY G 2133 -75.36 4.54 39.20
N GLU G 2134 -75.98 3.46 39.68
CA GLU G 2134 -77.04 2.82 38.91
C GLU G 2134 -78.21 3.77 38.71
N LEU G 2135 -78.64 4.45 39.78
CA LEU G 2135 -79.70 5.43 39.65
C LEU G 2135 -79.29 6.57 38.74
N LEU G 2136 -78.04 7.01 38.87
CA LEU G 2136 -77.54 8.10 38.03
C LEU G 2136 -77.61 7.74 36.55
N ARG G 2137 -77.21 6.53 36.20
CA ARG G 2137 -77.25 6.07 34.83
C ARG G 2137 -78.65 5.73 34.35
N ALA G 2138 -79.57 5.43 35.26
CA ALA G 2138 -80.95 5.14 34.89
C ALA G 2138 -81.82 6.38 34.71
N LEU G 2139 -81.51 7.46 35.42
CA LEU G 2139 -82.35 8.65 35.33
C LEU G 2139 -82.49 9.19 33.91
N PRO G 2140 -81.46 9.22 33.08
CA PRO G 2140 -81.62 9.74 31.71
C PRO G 2140 -82.82 9.16 30.97
N ARG G 2141 -83.31 7.99 31.38
CA ARG G 2141 -84.44 7.34 30.72
C ARG G 2141 -85.72 7.49 31.53
N ALA G 2142 -85.75 8.41 32.47
CA ALA G 2142 -86.92 8.67 33.31
C ALA G 2142 -87.61 9.94 32.81
N TYR G 2143 -88.93 9.88 32.69
CA TYR G 2143 -89.70 10.99 32.17
C TYR G 2143 -91.03 11.04 32.90
N THR G 2144 -91.48 12.24 33.23
CA THR G 2144 -92.76 12.44 33.90
C THR G 2144 -93.73 13.09 32.93
N ILE G 2145 -94.97 12.59 32.90
CA ILE G 2145 -95.99 13.10 32.02
C ILE G 2145 -97.24 13.42 32.83
N SER G 2146 -98.09 14.26 32.27
CA SER G 2146 -99.35 14.59 32.90
C SER G 2146 -100.36 13.48 32.64
N VAL G 2147 -101.44 13.50 33.44
CA VAL G 2147 -102.45 12.46 33.33
C VAL G 2147 -103.12 12.49 31.97
N SER G 2148 -103.28 13.68 31.38
CA SER G 2148 -104.00 13.80 30.12
C SER G 2148 -103.26 13.14 28.95
N SER G 2149 -102.00 12.78 29.13
CA SER G 2149 -101.21 12.19 28.06
C SER G 2149 -101.03 10.68 28.21
N VAL G 2150 -101.65 10.07 29.22
CA VAL G 2150 -101.38 8.66 29.51
C VAL G 2150 -101.85 7.77 28.37
N GLU G 2151 -103.06 8.01 27.88
CA GLU G 2151 -103.60 7.16 26.83
C GLU G 2151 -102.77 7.24 25.56
N ASP G 2152 -102.43 8.46 25.13
CA ASP G 2152 -101.63 8.62 23.93
C ASP G 2152 -100.25 8.01 24.11
N THR G 2153 -99.65 8.17 25.29
CA THR G 2153 -98.35 7.58 25.54
C THR G 2153 -98.42 6.07 25.50
N MET G 2154 -99.49 5.48 26.03
CA MET G 2154 -99.64 4.04 25.96
C MET G 2154 -99.76 3.56 24.53
N SER G 2155 -100.54 4.27 23.71
CA SER G 2155 -100.64 3.89 22.31
C SER G 2155 -99.29 3.98 21.61
N LEU G 2156 -98.55 5.05 21.89
CA LEU G 2156 -97.25 5.20 21.26
C LEU G 2156 -96.28 4.13 21.72
N LEU G 2157 -96.40 3.71 22.99
CA LEU G 2157 -95.58 2.61 23.47
C LEU G 2157 -95.92 1.31 22.76
N GLU G 2158 -97.21 1.08 22.50
CA GLU G 2158 -97.60 -0.08 21.70
C GLU G 2158 -96.90 -0.05 20.35
N CYS G 2159 -97.00 1.06 19.64
CA CYS G 2159 -96.39 1.16 18.31
C CYS G 2159 -94.88 0.97 18.38
N LEU G 2160 -94.23 1.59 19.37
CA LEU G 2160 -92.79 1.45 19.51
C LEU G 2160 -92.40 0.02 19.83
N GLY G 2161 -93.24 -0.69 20.60
CA GLY G 2161 -92.97 -2.09 20.86
C GLY G 2161 -93.02 -2.91 19.59
N GLN G 2162 -94.02 -2.64 18.73
CA GLN G 2162 -94.05 -3.32 17.45
C GLN G 2162 -92.77 -3.06 16.64
N ILE G 2163 -92.38 -1.78 16.56
CA ILE G 2163 -91.20 -1.44 15.78
C ILE G 2163 -89.97 -2.14 16.33
N ARG G 2164 -89.80 -2.13 17.65
CA ARG G 2164 -88.65 -2.80 18.25
C ARG G 2164 -88.68 -4.30 17.97
N SER G 2165 -89.85 -4.92 18.08
CA SER G 2165 -89.96 -6.34 17.76
C SER G 2165 -89.55 -6.63 16.33
N LEU G 2166 -89.71 -5.67 15.42
CA LEU G 2166 -89.28 -5.87 14.04
C LEU G 2166 -87.78 -5.84 13.86
N LEU G 2167 -86.99 -5.62 14.91
CA LEU G 2167 -85.54 -5.60 14.79
C LEU G 2167 -84.93 -7.00 14.76
N ILE G 2168 -85.67 -8.03 15.17
CA ILE G 2168 -85.15 -9.37 15.30
C ILE G 2168 -85.68 -10.31 14.22
N VAL G 2169 -86.38 -9.76 13.22
CA VAL G 2169 -86.97 -10.57 12.16
C VAL G 2169 -86.53 -10.00 10.82
N GLN G 2170 -86.26 -10.90 9.88
CA GLN G 2170 -85.89 -10.50 8.53
C GLN G 2170 -87.08 -9.87 7.83
N MET G 2171 -86.87 -8.72 7.21
CA MET G 2171 -87.97 -7.96 6.63
C MET G 2171 -88.66 -8.75 5.54
N GLY G 2172 -89.99 -8.76 5.59
CA GLY G 2172 -90.82 -9.32 4.55
C GLY G 2172 -91.98 -8.39 4.26
N PRO G 2173 -92.93 -8.84 3.43
CA PRO G 2173 -94.06 -7.95 3.11
C PRO G 2173 -94.92 -7.61 4.32
N GLN G 2174 -95.28 -8.60 5.14
CA GLN G 2174 -96.09 -8.32 6.31
C GLN G 2174 -95.36 -7.42 7.30
N GLU G 2175 -94.07 -7.69 7.51
CA GLU G 2175 -93.28 -6.83 8.40
C GLU G 2175 -93.20 -5.42 7.86
N GLU G 2176 -93.06 -5.27 6.54
CA GLU G 2176 -93.06 -3.94 5.94
C GLU G 2176 -94.36 -3.21 6.23
N ASN G 2177 -95.48 -3.90 6.03
CA ASN G 2177 -96.79 -3.27 6.28
C ASN G 2177 -96.93 -2.87 7.74
N LEU G 2178 -96.52 -3.76 8.65
CA LEU G 2178 -96.62 -3.44 10.07
C LEU G 2178 -95.75 -2.25 10.43
N MET G 2179 -94.53 -2.19 9.88
CA MET G 2179 -93.64 -1.08 10.13
C MET G 2179 -94.25 0.23 9.65
N ILE G 2180 -94.84 0.21 8.45
CA ILE G 2180 -95.43 1.42 7.89
C ILE G 2180 -96.60 1.87 8.75
N GLN G 2181 -97.45 0.93 9.17
CA GLN G 2181 -98.59 1.30 10.01
C GLN G 2181 -98.14 1.86 11.35
N SER G 2182 -97.11 1.26 11.95
CA SER G 2182 -96.60 1.76 13.22
C SER G 2182 -96.07 3.17 13.06
N ILE G 2183 -95.32 3.43 11.99
CA ILE G 2183 -94.81 4.78 11.75
C ILE G 2183 -95.96 5.76 11.57
N GLY G 2184 -96.99 5.37 10.82
CA GLY G 2184 -98.12 6.26 10.62
C GLY G 2184 -98.81 6.60 11.93
N ASN G 2185 -99.04 5.59 12.77
CA ASN G 2185 -99.67 5.84 14.06
C ASN G 2185 -98.81 6.74 14.92
N ILE G 2186 -97.49 6.52 14.91
CA ILE G 2186 -96.60 7.36 15.70
C ILE G 2186 -96.68 8.80 15.22
N MET G 2187 -96.66 9.02 13.91
CA MET G 2187 -96.79 10.38 13.39
C MET G 2187 -98.11 11.03 13.75
N ASN G 2188 -99.21 10.29 13.70
CA ASN G 2188 -100.53 10.86 14.01
C ASN G 2188 -100.73 11.01 15.51
N ASN G 2189 -99.86 10.41 16.32
CA ASN G 2189 -99.94 10.53 17.76
C ASN G 2189 -99.50 11.92 18.21
N LYS G 2190 -100.27 12.53 19.12
CA LYS G 2190 -99.96 13.86 19.60
C LYS G 2190 -98.63 13.90 20.35
N VAL G 2191 -98.39 12.89 21.18
CA VAL G 2191 -97.22 12.93 22.07
C VAL G 2191 -95.94 13.02 21.27
N PHE G 2192 -95.93 12.49 20.05
CA PHE G 2192 -94.70 12.50 19.26
C PHE G 2192 -94.20 13.92 19.03
N TYR G 2193 -95.10 14.90 19.00
CA TYR G 2193 -94.74 16.29 18.77
C TYR G 2193 -94.52 17.06 20.06
N GLN G 2194 -95.26 16.73 21.12
CA GLN G 2194 -95.23 17.54 22.33
C GLN G 2194 -94.05 17.18 23.22
N HIS G 2195 -93.52 15.96 23.10
CA HIS G 2195 -92.48 15.44 23.98
C HIS G 2195 -91.34 14.86 23.16
N PRO G 2196 -90.61 15.71 22.43
CA PRO G 2196 -89.45 15.20 21.69
C PRO G 2196 -88.35 14.66 22.59
N ASN G 2197 -88.18 15.20 23.80
CA ASN G 2197 -87.18 14.66 24.70
C ASN G 2197 -87.52 13.24 25.10
N LEU G 2198 -88.80 12.97 25.35
CA LEU G 2198 -89.22 11.59 25.63
C LEU G 2198 -88.85 10.67 24.48
N MET G 2199 -88.96 11.17 23.25
CA MET G 2199 -88.73 10.31 22.09
C MET G 2199 -87.24 10.03 21.93
N ARG G 2200 -86.42 11.06 22.13
CA ARG G 2200 -84.97 10.83 22.13
C ARG G 2200 -84.59 9.85 23.23
N ALA G 2201 -85.19 9.97 24.41
CA ALA G 2201 -84.90 9.05 25.50
C ALA G 2201 -85.28 7.62 25.13
N LEU G 2202 -86.46 7.43 24.55
CA LEU G 2202 -86.88 6.13 24.07
C LEU G 2202 -86.00 5.62 22.93
N GLY G 2203 -85.27 6.51 22.26
CA GLY G 2203 -84.42 6.10 21.16
C GLY G 2203 -85.17 5.63 19.94
N MET G 2204 -86.31 6.25 19.62
CA MET G 2204 -87.08 5.84 18.45
C MET G 2204 -86.29 6.03 17.18
N HIS G 2205 -85.58 7.15 17.07
CA HIS G 2205 -84.79 7.40 15.87
C HIS G 2205 -83.75 6.32 15.66
N GLU G 2206 -83.08 5.88 16.72
CA GLU G 2206 -82.09 4.82 16.58
C GLU G 2206 -82.73 3.55 16.04
N THR G 2207 -83.89 3.17 16.58
CA THR G 2207 -84.54 1.95 16.14
C THR G 2207 -84.94 2.03 14.67
N VAL G 2208 -85.56 3.15 14.27
CA VAL G 2208 -86.01 3.28 12.89
C VAL G 2208 -84.81 3.28 11.95
N MET G 2209 -83.75 3.99 12.32
CA MET G 2209 -82.54 4.01 11.51
C MET G 2209 -81.95 2.61 11.38
N GLU G 2210 -81.94 1.85 12.48
CA GLU G 2210 -81.37 0.51 12.43
C GLU G 2210 -82.17 -0.39 11.49
N VAL G 2211 -83.50 -0.29 11.56
CA VAL G 2211 -84.33 -1.07 10.64
C VAL G 2211 -84.03 -0.69 9.20
N MET G 2212 -83.97 0.61 8.93
CA MET G 2212 -83.70 1.09 7.58
C MET G 2212 -82.37 0.56 7.08
N VAL G 2213 -81.34 0.61 7.92
CA VAL G 2213 -80.00 0.22 7.50
C VAL G 2213 -79.94 -1.29 7.29
N ASN G 2214 -80.60 -2.06 8.16
CA ASN G 2214 -80.67 -3.50 7.93
C ASN G 2214 -81.22 -3.79 6.55
N VAL G 2215 -82.36 -3.17 6.20
CA VAL G 2215 -82.96 -3.45 4.91
C VAL G 2215 -82.06 -2.97 3.77
N LEU G 2216 -81.49 -1.78 3.91
CA LEU G 2216 -80.65 -1.24 2.85
C LEU G 2216 -79.45 -2.15 2.60
N GLY G 2217 -78.76 -2.55 3.66
CA GLY G 2217 -77.65 -3.47 3.49
C GLY G 2217 -78.07 -4.78 2.88
N GLY G 2218 -79.22 -5.32 3.30
CA GLY G 2218 -79.73 -6.53 2.69
C GLY G 2218 -79.99 -6.33 1.22
N GLY G 2219 -79.29 -7.10 0.39
CA GLY G 2219 -79.41 -6.96 -1.05
C GLY G 2219 -79.01 -5.59 -1.54
N GLU G 2220 -77.96 -5.01 -0.94
CA GLU G 2220 -77.50 -3.69 -1.37
C GLU G 2220 -76.92 -3.73 -2.76
N SER G 2221 -76.24 -4.83 -3.13
CA SER G 2221 -75.67 -4.93 -4.46
C SER G 2221 -76.75 -4.86 -5.53
N LYS G 2222 -77.85 -5.57 -5.33
CA LYS G 2222 -78.97 -5.58 -6.25
C LYS G 2222 -79.98 -4.50 -5.83
N GLU G 2223 -81.17 -4.53 -6.44
CA GLU G 2223 -82.19 -3.54 -6.12
C GLU G 2223 -82.59 -3.65 -4.66
N ILE G 2224 -82.91 -2.51 -4.07
CA ILE G 2224 -83.33 -2.44 -2.66
C ILE G 2224 -84.82 -2.78 -2.62
N ARG G 2225 -85.17 -3.89 -1.99
CA ARG G 2225 -86.57 -4.19 -1.76
C ARG G 2225 -87.14 -3.25 -0.69
N PHE G 2226 -88.46 -3.21 -0.62
CA PHE G 2226 -89.18 -2.40 0.35
C PHE G 2226 -88.85 -0.90 0.21
N PRO G 2227 -88.87 -0.37 -1.01
CA PRO G 2227 -88.67 1.07 -1.16
C PRO G 2227 -89.73 1.88 -0.44
N LYS G 2228 -90.95 1.35 -0.34
CA LYS G 2228 -91.97 2.04 0.44
C LYS G 2228 -91.54 2.15 1.90
N MET G 2229 -90.96 1.09 2.44
CA MET G 2229 -90.53 1.12 3.83
C MET G 2229 -89.40 2.14 4.01
N VAL G 2230 -88.47 2.21 3.06
CA VAL G 2230 -87.37 3.19 3.20
C VAL G 2230 -87.91 4.62 3.06
N THR G 2231 -88.87 4.81 2.16
CA THR G 2231 -89.50 6.11 2.02
C THR G 2231 -90.16 6.52 3.32
N SER G 2232 -90.83 5.58 3.98
CA SER G 2232 -91.35 5.85 5.32
C SER G 2232 -90.20 6.11 6.30
N CYS G 2233 -89.03 5.52 6.05
CA CYS G 2233 -87.92 5.67 6.98
C CYS G 2233 -87.43 7.11 7.04
N CYS G 2234 -87.28 7.80 5.89
CA CYS G 2234 -87.46 9.25 6.06
C CYS G 2234 -88.75 9.60 6.72
N ARG G 2235 -89.88 9.48 6.03
CA ARG G 2235 -90.97 10.36 6.41
C ARG G 2235 -90.93 10.53 7.92
N PHE G 2236 -90.75 9.42 8.65
CA PHE G 2236 -90.55 9.47 10.09
C PHE G 2236 -89.27 10.21 10.50
N LEU G 2237 -88.08 9.63 10.23
CA LEU G 2237 -86.84 10.20 10.78
C LEU G 2237 -86.64 11.62 10.27
N CYS G 2238 -87.20 11.90 9.13
CA CYS G 2238 -86.75 12.93 8.23
C CYS G 2238 -87.78 14.06 8.29
N TYR G 2239 -88.87 13.83 9.06
CA TYR G 2239 -89.64 14.80 9.84
C TYR G 2239 -89.09 15.00 11.25
N PHE G 2240 -88.62 13.91 11.86
CA PHE G 2240 -88.13 13.94 13.24
C PHE G 2240 -87.02 14.95 13.40
N CYS G 2241 -86.15 15.04 12.40
CA CYS G 2241 -85.15 16.11 12.41
C CYS G 2241 -85.81 17.48 12.53
N ARG G 2242 -86.91 17.70 11.80
CA ARG G 2242 -87.58 19.00 11.83
C ARG G 2242 -88.28 19.27 13.15
N ILE G 2243 -88.66 18.23 13.89
CA ILE G 2243 -89.48 18.45 15.08
C ILE G 2243 -88.81 19.45 16.03
N SER G 2244 -87.51 19.29 16.30
CA SER G 2244 -86.83 20.19 17.22
C SER G 2244 -85.34 20.19 16.93
N ARG G 2245 -84.66 21.21 17.45
CA ARG G 2245 -83.23 21.35 17.18
C ARG G 2245 -82.42 20.26 17.87
N GLN G 2246 -82.83 19.86 19.07
CA GLN G 2246 -82.13 18.77 19.74
C GLN G 2246 -82.24 17.48 18.96
N ASN G 2247 -83.42 17.21 18.39
CA ASN G 2247 -83.59 16.07 17.51
C ASN G 2247 -82.63 16.15 16.33
N GLN G 2248 -82.46 17.37 15.79
CA GLN G 2248 -81.55 17.55 14.67
C GLN G 2248 -80.12 17.23 15.07
N ARG G 2249 -79.71 17.65 16.28
CA ARG G 2249 -78.41 17.24 16.82
C ARG G 2249 -78.30 15.72 16.92
N SER G 2250 -79.32 15.08 17.44
CA SER G 2250 -79.26 13.63 17.63
C SER G 2250 -79.09 12.92 16.30
N MET G 2251 -79.80 13.37 15.27
CA MET G 2251 -79.66 12.74 13.96
C MET G 2251 -78.35 13.13 13.30
N PHE G 2252 -77.89 14.36 13.50
CA PHE G 2252 -76.60 14.78 12.95
C PHE G 2252 -75.48 13.93 13.50
N ASP G 2253 -75.59 13.46 14.73
CA ASP G 2253 -74.53 12.63 15.29
C ASP G 2253 -74.31 11.36 14.48
N HIS G 2254 -75.27 10.96 13.65
CA HIS G 2254 -75.14 9.78 12.81
C HIS G 2254 -74.99 10.12 11.33
N LEU G 2255 -74.44 11.30 11.00
CA LEU G 2255 -74.36 11.71 9.61
C LEU G 2255 -73.52 10.75 8.78
N SER G 2256 -72.35 10.38 9.29
CA SER G 2256 -71.48 9.47 8.53
C SER G 2256 -72.16 8.13 8.31
N TYR G 2257 -72.86 7.62 9.31
CA TYR G 2257 -73.62 6.39 9.15
C TYR G 2257 -74.61 6.51 7.99
N LEU G 2258 -75.41 7.58 7.99
CA LEU G 2258 -76.36 7.80 6.90
C LEU G 2258 -75.64 8.00 5.58
N LEU G 2259 -74.56 8.78 5.58
CA LEU G 2259 -73.80 8.97 4.36
C LEU G 2259 -73.18 7.66 3.90
N GLU G 2260 -72.73 6.84 4.85
CA GLU G 2260 -72.17 5.54 4.50
C GLU G 2260 -73.22 4.67 3.80
N ASN G 2261 -74.44 4.66 4.32
CA ASN G 2261 -75.50 3.81 3.78
C ASN G 2261 -76.22 4.42 2.58
N SER G 2262 -75.95 5.69 2.27
CA SER G 2262 -76.59 6.36 1.14
C SER G 2262 -75.83 6.16 -0.16
N GLY G 2263 -74.96 5.16 -0.23
CA GLY G 2263 -74.17 4.97 -1.45
C GLY G 2263 -75.02 4.75 -2.69
N ILE G 2264 -76.08 3.94 -2.58
CA ILE G 2264 -76.95 3.63 -3.70
C ILE G 2264 -78.37 4.06 -3.33
N GLY G 2265 -79.01 4.79 -4.25
CA GLY G 2265 -80.37 5.23 -4.03
C GLY G 2265 -81.07 5.55 -5.32
N LEU G 2266 -82.07 6.42 -5.26
CA LEU G 2266 -82.80 6.90 -6.44
C LEU G 2266 -83.73 5.83 -6.99
N GLY G 2267 -83.66 4.62 -6.46
CA GLY G 2267 -84.62 3.60 -6.84
C GLY G 2267 -85.94 3.83 -6.14
N MET G 2268 -85.87 4.54 -5.01
CA MET G 2268 -87.05 4.74 -4.19
C MET G 2268 -88.04 5.70 -4.85
N GLN G 2269 -87.53 6.75 -5.51
CA GLN G 2269 -88.37 7.83 -6.04
C GLN G 2269 -89.14 8.54 -4.93
N GLY G 2270 -88.78 8.25 -3.68
CA GLY G 2270 -89.45 8.86 -2.53
C GLY G 2270 -88.48 9.69 -1.72
N SER G 2271 -88.12 9.16 -0.55
CA SER G 2271 -87.17 9.83 0.33
C SER G 2271 -86.08 8.84 0.69
N THR G 2272 -84.88 9.33 0.97
CA THR G 2272 -83.69 8.51 1.07
C THR G 2272 -82.85 8.89 2.29
N PRO G 2273 -81.94 8.02 2.71
CA PRO G 2273 -81.02 8.40 3.78
C PRO G 2273 -80.23 9.65 3.47
N LEU G 2274 -79.99 9.95 2.20
CA LEU G 2274 -79.38 11.23 1.85
C LEU G 2274 -80.31 12.37 2.20
N ASP G 2275 -81.62 12.19 2.01
CA ASP G 2275 -82.58 13.19 2.46
C ASP G 2275 -82.55 13.33 3.98
N VAL G 2276 -82.41 12.22 4.70
CA VAL G 2276 -82.25 12.30 6.14
C VAL G 2276 -81.04 13.15 6.50
N ALA G 2277 -79.92 12.90 5.82
CA ALA G 2277 -78.70 13.63 6.09
C ALA G 2277 -78.89 15.12 5.84
N ALA G 2278 -79.53 15.46 4.72
CA ALA G 2278 -79.77 16.87 4.43
C ALA G 2278 -80.66 17.51 5.49
N ALA G 2279 -81.73 16.81 5.89
CA ALA G 2279 -82.62 17.35 6.91
C ALA G 2279 -81.93 17.48 8.26
N SER G 2280 -80.90 16.70 8.52
CA SER G 2280 -80.20 16.77 9.78
C SER G 2280 -79.26 17.96 9.89
N VAL G 2281 -79.11 18.75 8.82
CA VAL G 2281 -78.21 19.91 8.86
C VAL G 2281 -78.89 21.15 8.30
N ILE G 2282 -80.04 20.98 7.67
CA ILE G 2282 -80.70 22.12 7.00
C ILE G 2282 -80.96 23.22 8.02
N ASP G 2283 -80.66 24.46 7.62
CA ASP G 2283 -80.98 25.66 8.39
C ASP G 2283 -80.56 25.52 9.84
N ASN G 2284 -79.28 25.21 10.04
CA ASN G 2284 -78.69 25.13 11.38
C ASN G 2284 -77.21 25.50 11.23
N ASN G 2285 -76.90 26.75 11.54
CA ASN G 2285 -75.52 27.22 11.42
C ASN G 2285 -74.58 26.41 12.31
N GLU G 2286 -75.02 26.15 13.54
CA GLU G 2286 -74.16 25.47 14.50
C GLU G 2286 -73.82 24.06 14.01
N LEU G 2287 -74.77 23.37 13.37
CA LEU G 2287 -74.51 22.06 12.80
C LEU G 2287 -73.66 22.15 11.53
N ALA G 2288 -73.96 23.10 10.65
CA ALA G 2288 -73.21 23.23 9.41
C ALA G 2288 -71.75 23.53 9.70
N LEU G 2289 -71.48 24.24 10.79
CA LEU G 2289 -70.10 24.52 11.17
C LEU G 2289 -69.42 23.32 11.78
N ALA G 2290 -70.18 22.42 12.42
CA ALA G 2290 -69.65 21.17 12.95
C ALA G 2290 -69.53 20.09 11.89
N LEU G 2291 -70.06 20.32 10.70
CA LEU G 2291 -69.95 19.35 9.62
C LEU G 2291 -68.48 19.06 9.32
N GLN G 2292 -68.18 17.82 8.94
CA GLN G 2292 -66.80 17.37 8.83
C GLN G 2292 -66.32 17.24 7.40
N GLU G 2293 -65.03 17.53 7.21
CA GLU G 2293 -64.44 17.48 5.88
C GLU G 2293 -64.46 16.07 5.32
N GLN G 2294 -64.32 15.05 6.17
CA GLN G 2294 -64.35 13.69 5.66
C GLN G 2294 -65.74 13.33 5.15
N ASP G 2295 -66.80 13.81 5.81
CA ASP G 2295 -68.14 13.60 5.28
C ASP G 2295 -68.32 14.31 3.94
N LEU G 2296 -67.83 15.55 3.85
CA LEU G 2296 -67.88 16.23 2.57
C LEU G 2296 -67.11 15.46 1.50
N GLU G 2297 -65.98 14.87 1.87
CA GLU G 2297 -65.20 14.07 0.93
C GLU G 2297 -65.97 12.84 0.48
N LYS G 2298 -66.68 12.18 1.41
CA LYS G 2298 -67.49 11.03 1.02
C LYS G 2298 -68.54 11.44 -0.01
N VAL G 2299 -69.23 12.55 0.24
CA VAL G 2299 -70.26 12.98 -0.70
C VAL G 2299 -69.62 13.35 -2.04
N VAL G 2300 -68.46 13.99 -2.01
CA VAL G 2300 -67.79 14.39 -3.25
C VAL G 2300 -67.36 13.16 -4.04
N SER G 2301 -66.87 12.13 -3.34
CA SER G 2301 -66.47 10.90 -4.02
C SER G 2301 -67.67 10.21 -4.65
N TYR G 2302 -68.80 10.19 -3.94
CA TYR G 2302 -70.02 9.64 -4.54
C TYR G 2302 -70.39 10.42 -5.80
N LEU G 2303 -70.30 11.75 -5.74
CA LEU G 2303 -70.64 12.55 -6.90
C LEU G 2303 -69.69 12.27 -8.06
N ALA G 2304 -68.40 12.08 -7.77
CA ALA G 2304 -67.45 11.75 -8.81
C ALA G 2304 -67.80 10.41 -9.47
N GLY G 2305 -68.11 9.41 -8.65
CA GLY G 2305 -68.54 8.14 -9.20
C GLY G 2305 -69.77 8.28 -10.08
N CYS G 2306 -70.72 9.11 -9.65
CA CYS G 2306 -71.94 9.32 -10.42
C CYS G 2306 -71.63 10.03 -11.73
N GLY G 2307 -70.60 10.88 -11.73
CA GLY G 2307 -70.24 11.61 -12.93
C GLY G 2307 -69.35 10.79 -13.84
N LEU G 2308 -68.88 9.64 -13.35
CA LEU G 2308 -68.02 8.76 -14.15
C LEU G 2308 -68.70 7.51 -14.69
N GLN G 2309 -69.65 6.92 -13.97
CA GLN G 2309 -70.25 5.66 -14.38
C GLN G 2309 -71.76 5.79 -14.50
N SER G 2310 -72.32 5.14 -15.51
CA SER G 2310 -73.75 5.16 -15.75
C SER G 2310 -74.49 4.40 -14.66
N CYS G 2311 -75.80 4.65 -14.57
CA CYS G 2311 -76.60 4.06 -13.51
C CYS G 2311 -76.96 2.62 -13.87
N PRO G 2312 -76.56 1.64 -13.06
CA PRO G 2312 -76.91 0.24 -13.40
C PRO G 2312 -78.41 0.00 -13.51
N MET G 2313 -79.20 0.65 -12.65
CA MET G 2313 -80.64 0.45 -12.71
C MET G 2313 -81.21 0.94 -14.03
N LEU G 2314 -80.79 2.12 -14.47
CA LEU G 2314 -81.26 2.63 -15.76
C LEU G 2314 -80.78 1.74 -16.90
N LEU G 2315 -79.53 1.27 -16.84
CA LEU G 2315 -79.03 0.38 -17.89
C LEU G 2315 -79.86 -0.89 -17.95
N ALA G 2316 -80.20 -1.46 -16.80
CA ALA G 2316 -81.05 -2.65 -16.78
C ALA G 2316 -82.43 -2.35 -17.36
N LYS G 2317 -83.00 -1.19 -16.99
CA LYS G 2317 -84.29 -0.81 -17.54
C LYS G 2317 -84.22 -0.59 -19.04
N GLY G 2318 -83.04 -0.34 -19.59
CA GLY G 2318 -82.86 -0.20 -21.02
C GLY G 2318 -82.53 1.19 -21.49
N TYR G 2319 -82.30 2.13 -20.59
CA TYR G 2319 -81.96 3.48 -21.00
C TYR G 2319 -80.64 3.47 -21.77
N PRO G 2320 -80.49 4.31 -22.79
CA PRO G 2320 -79.20 4.37 -23.49
C PRO G 2320 -78.09 4.76 -22.54
N ASP G 2321 -76.92 4.19 -22.77
CA ASP G 2321 -75.75 4.49 -21.94
C ASP G 2321 -75.17 5.83 -22.35
N ILE G 2322 -75.17 6.80 -21.43
CA ILE G 2322 -74.63 8.11 -21.69
C ILE G 2322 -73.27 8.33 -21.04
N GLY G 2323 -72.84 7.44 -20.14
CA GLY G 2323 -71.52 7.48 -19.57
C GLY G 2323 -71.45 8.07 -18.18
N TRP G 2324 -72.56 8.56 -17.63
CA TRP G 2324 -72.55 9.16 -16.32
C TRP G 2324 -73.97 9.16 -15.76
N ASN G 2325 -74.10 9.63 -14.52
CA ASN G 2325 -75.33 9.46 -13.74
C ASN G 2325 -75.84 10.82 -13.27
N PRO G 2326 -76.49 11.60 -14.14
CA PRO G 2326 -76.97 12.92 -13.72
C PRO G 2326 -77.96 12.86 -12.58
N CYS G 2327 -78.80 11.83 -12.56
CA CYS G 2327 -79.89 11.79 -11.60
C CYS G 2327 -79.39 11.53 -10.19
N GLY G 2328 -78.29 10.77 -10.04
CA GLY G 2328 -77.68 10.63 -8.73
C GLY G 2328 -76.79 11.82 -8.39
N GLY G 2329 -76.08 12.34 -9.38
CA GLY G 2329 -75.28 13.53 -9.14
C GLY G 2329 -76.11 14.67 -8.61
N GLU G 2330 -77.36 14.77 -9.07
CA GLU G 2330 -78.24 15.84 -8.64
C GLU G 2330 -78.55 15.73 -7.15
N ARG G 2331 -78.83 14.52 -6.66
CA ARG G 2331 -79.06 14.37 -5.23
C ARG G 2331 -77.81 14.71 -4.42
N TYR G 2332 -76.65 14.25 -4.88
CA TYR G 2332 -75.44 14.58 -4.12
C TYR G 2332 -75.20 16.08 -4.10
N LEU G 2333 -75.44 16.75 -5.23
CA LEU G 2333 -75.28 18.19 -5.30
C LEU G 2333 -76.29 18.89 -4.40
N ASP G 2334 -77.52 18.37 -4.32
CA ASP G 2334 -78.51 18.96 -3.42
C ASP G 2334 -78.06 18.88 -1.97
N PHE G 2335 -77.52 17.73 -1.57
CA PHE G 2335 -77.01 17.63 -0.20
C PHE G 2335 -75.90 18.64 0.04
N LEU G 2336 -74.96 18.76 -0.90
CA LEU G 2336 -73.88 19.71 -0.70
C LEU G 2336 -74.42 21.14 -0.65
N ARG G 2337 -75.45 21.44 -1.44
CA ARG G 2337 -76.05 22.76 -1.40
C ARG G 2337 -76.60 23.07 -0.01
N PHE G 2338 -77.37 22.13 0.56
CA PHE G 2338 -77.87 22.33 1.91
C PHE G 2338 -76.75 22.42 2.93
N ALA G 2339 -75.62 21.75 2.70
CA ALA G 2339 -74.49 21.83 3.62
C ALA G 2339 -73.75 23.15 3.55
N VAL G 2340 -73.68 23.79 2.39
CA VAL G 2340 -72.89 25.00 2.23
C VAL G 2340 -73.70 26.28 2.40
N PHE G 2341 -75.02 26.25 2.20
CA PHE G 2341 -75.82 27.47 2.23
C PHE G 2341 -76.84 27.34 3.35
N VAL G 2342 -76.82 28.28 4.30
CA VAL G 2342 -77.67 28.24 5.48
C VAL G 2342 -78.30 29.61 5.70
N ASN G 2343 -79.62 29.63 5.90
CA ASN G 2343 -80.34 30.83 6.29
C ASN G 2343 -80.05 32.00 5.34
N GLY G 2344 -79.98 31.71 4.05
CA GLY G 2344 -79.80 32.78 3.09
C GLY G 2344 -78.40 33.35 3.05
N GLU G 2345 -77.46 32.74 3.77
CA GLU G 2345 -76.09 33.22 3.82
C GLU G 2345 -75.14 32.05 3.66
N SER G 2346 -74.10 32.25 2.85
CA SER G 2346 -73.14 31.19 2.60
C SER G 2346 -72.29 30.93 3.84
N VAL G 2347 -71.98 29.65 4.09
CA VAL G 2347 -71.07 29.27 5.15
C VAL G 2347 -69.69 29.09 4.54
N GLU G 2348 -68.79 30.03 4.78
CA GLU G 2348 -67.52 30.07 4.06
C GLU G 2348 -66.68 28.83 4.35
N GLU G 2349 -66.69 28.36 5.60
CA GLU G 2349 -65.86 27.22 5.96
C GLU G 2349 -66.20 26.00 5.10
N ASN G 2350 -67.49 25.73 4.93
CA ASN G 2350 -67.89 24.59 4.10
C ASN G 2350 -67.76 24.91 2.62
N ALA G 2351 -68.03 26.16 2.24
CA ALA G 2351 -67.99 26.51 0.82
C ALA G 2351 -66.59 26.35 0.25
N ASN G 2352 -65.57 26.82 0.97
CA ASN G 2352 -64.21 26.71 0.47
C ASN G 2352 -63.81 25.25 0.34
N VAL G 2353 -64.14 24.44 1.33
CA VAL G 2353 -63.80 23.02 1.30
C VAL G 2353 -64.47 22.35 0.12
N VAL G 2354 -65.75 22.65 -0.10
CA VAL G 2354 -66.49 22.01 -1.18
C VAL G 2354 -65.90 22.41 -2.53
N VAL G 2355 -65.58 23.70 -2.69
CA VAL G 2355 -65.00 24.15 -3.96
C VAL G 2355 -63.68 23.44 -4.21
N ARG G 2356 -62.83 23.35 -3.18
CA ARG G 2356 -61.54 22.71 -3.35
C ARG G 2356 -61.70 21.25 -3.73
N LEU G 2357 -62.60 20.53 -3.04
CA LEU G 2357 -62.82 19.13 -3.38
C LEU G 2357 -63.35 18.97 -4.79
N LEU G 2358 -64.30 19.83 -5.20
CA LEU G 2358 -64.88 19.71 -6.52
C LEU G 2358 -63.83 19.95 -7.60
N ILE G 2359 -62.95 20.92 -7.41
CA ILE G 2359 -61.90 21.13 -8.40
C ILE G 2359 -60.86 20.02 -8.36
N ARG G 2360 -60.57 19.44 -7.18
CA ARG G 2360 -59.63 18.34 -7.12
C ARG G 2360 -60.19 17.07 -7.75
N LYS G 2361 -61.51 16.97 -7.91
CA LYS G 2361 -62.14 15.88 -8.65
C LYS G 2361 -63.01 16.45 -9.76
N PRO G 2362 -62.39 16.90 -10.86
CA PRO G 2362 -63.15 17.62 -11.89
C PRO G 2362 -64.26 16.82 -12.54
N GLU G 2363 -64.20 15.49 -12.45
CA GLU G 2363 -65.25 14.68 -13.03
C GLU G 2363 -66.60 14.94 -12.38
N CYS G 2364 -66.60 15.54 -11.18
CA CYS G 2364 -67.84 15.92 -10.54
C CYS G 2364 -68.58 16.98 -11.35
N PHE G 2365 -67.84 17.84 -12.04
CA PHE G 2365 -68.46 18.93 -12.78
C PHE G 2365 -69.26 18.40 -13.96
N GLY G 2366 -69.09 17.12 -14.27
CA GLY G 2366 -69.83 16.50 -15.36
C GLY G 2366 -69.05 16.55 -16.65
N PRO G 2367 -69.50 15.79 -17.65
CA PRO G 2367 -68.77 15.77 -18.92
C PRO G 2367 -68.69 17.12 -19.60
N ALA G 2368 -69.71 17.96 -19.45
CA ALA G 2368 -69.72 19.25 -20.16
C ALA G 2368 -68.57 20.14 -19.74
N LEU G 2369 -68.32 20.25 -18.44
CA LEU G 2369 -67.26 21.10 -17.92
C LEU G 2369 -65.94 20.37 -17.80
N ARG G 2370 -65.74 19.32 -18.59
CA ARG G 2370 -64.48 18.59 -18.56
C ARG G 2370 -63.38 19.45 -19.15
N GLY G 2371 -62.13 19.07 -18.85
CA GLY G 2371 -60.99 19.84 -19.30
C GLY G 2371 -60.91 19.96 -20.81
N GLU G 2372 -60.62 18.86 -21.50
CA GLU G 2372 -60.37 18.90 -22.92
C GLU G 2372 -61.65 18.71 -23.72
N GLY G 2373 -62.34 17.59 -23.51
CA GLY G 2373 -63.51 17.26 -24.29
C GLY G 2373 -64.73 18.07 -23.90
N GLY G 2374 -64.62 18.87 -22.85
CA GLY G 2374 -65.76 19.65 -22.40
C GLY G 2374 -66.29 20.53 -23.51
N SER G 2375 -67.60 20.43 -23.75
CA SER G 2375 -68.26 21.22 -24.79
C SER G 2375 -68.80 22.54 -24.28
N GLY G 2376 -68.75 22.80 -22.99
CA GLY G 2376 -69.28 24.02 -22.42
C GLY G 2376 -70.69 23.84 -21.90
N LEU G 2377 -71.04 24.66 -20.91
CA LEU G 2377 -72.34 24.53 -20.25
C LEU G 2377 -73.48 24.79 -21.23
N LEU G 2378 -73.35 25.85 -22.04
CA LEU G 2378 -74.41 26.19 -22.98
C LEU G 2378 -74.62 25.08 -24.00
N ALA G 2379 -73.53 24.58 -24.58
CA ALA G 2379 -73.64 23.50 -25.54
C ALA G 2379 -74.23 22.25 -24.90
N ALA G 2380 -73.86 21.98 -23.65
CA ALA G 2380 -74.41 20.82 -22.95
C ALA G 2380 -75.91 20.95 -22.76
N ILE G 2381 -76.37 22.13 -22.37
CA ILE G 2381 -77.81 22.34 -22.17
C ILE G 2381 -78.55 22.21 -23.50
N GLU G 2382 -77.99 22.76 -24.57
CA GLU G 2382 -78.63 22.62 -25.87
C GLU G 2382 -78.70 21.16 -26.31
N GLU G 2383 -77.62 20.41 -26.08
CA GLU G 2383 -77.63 18.99 -26.41
C GLU G 2383 -78.67 18.26 -25.58
N ALA G 2384 -78.81 18.64 -24.31
CA ALA G 2384 -79.82 18.03 -23.46
C ALA G 2384 -81.22 18.30 -24.01
N ILE G 2385 -81.45 19.52 -24.49
CA ILE G 2385 -82.75 19.85 -25.07
C ILE G 2385 -83.02 18.99 -26.30
N ARG G 2386 -82.01 18.84 -27.16
CA ARG G 2386 -82.18 18.00 -28.35
C ARG G 2386 -82.47 16.56 -27.95
N ILE G 2387 -81.77 16.06 -26.93
CA ILE G 2387 -82.04 14.72 -26.43
C ILE G 2387 -83.50 14.62 -25.98
N SER G 2388 -83.95 15.63 -25.22
CA SER G 2388 -85.32 15.60 -24.72
C SER G 2388 -86.33 15.54 -25.85
N GLU G 2389 -86.08 16.28 -26.93
CA GLU G 2389 -86.98 16.25 -28.08
C GLU G 2389 -86.81 14.99 -28.92
N ASP G 2390 -85.73 14.25 -28.75
CA ASP G 2390 -85.48 13.03 -29.53
C ASP G 2390 -85.74 11.79 -28.68
N PRO G 2391 -86.81 11.04 -28.94
CA PRO G 2391 -86.97 9.74 -28.28
C PRO G 2391 -85.94 8.74 -28.77
N ALA G 2392 -85.80 7.65 -28.02
CA ALA G 2392 -84.82 6.61 -28.28
C ALA G 2392 -83.42 7.09 -27.92
N ARG G 2393 -83.29 8.35 -27.52
CA ARG G 2393 -82.08 8.88 -26.94
C ARG G 2393 -82.35 9.56 -25.60
N ASP G 2394 -83.61 9.79 -25.25
CA ASP G 2394 -84.00 10.33 -23.96
C ASP G 2394 -84.54 9.27 -23.01
N GLY G 2395 -84.99 8.14 -23.52
CA GLY G 2395 -85.55 7.09 -22.69
C GLY G 2395 -85.34 5.73 -23.31
N PRO G 2396 -85.96 4.70 -22.72
CA PRO G 2396 -85.77 3.35 -23.25
C PRO G 2396 -86.23 3.19 -24.68
N GLY G 2397 -87.24 3.94 -25.11
CA GLY G 2397 -87.74 3.81 -26.47
C GLY G 2397 -88.51 2.54 -26.71
N VAL G 2398 -89.03 1.92 -25.66
CA VAL G 2398 -89.80 0.68 -25.79
C VAL G 2398 -91.20 0.88 -25.27
N PRO G 2411 -94.24 2.61 -15.64
CA PRO G 2411 -94.28 4.08 -15.78
C PRO G 2411 -95.08 4.77 -14.67
N PRO G 2412 -94.76 4.46 -13.41
CA PRO G 2412 -95.48 5.14 -12.31
C PRO G 2412 -95.36 6.65 -12.37
N GLU G 2413 -94.19 7.17 -12.75
CA GLU G 2413 -94.00 8.59 -12.96
C GLU G 2413 -94.01 8.96 -14.44
N GLU G 2414 -94.74 8.21 -15.27
CA GLU G 2414 -94.80 8.49 -16.70
C GLU G 2414 -93.39 8.44 -17.31
N ASN G 2415 -92.81 7.25 -17.35
CA ASN G 2415 -91.47 7.01 -17.88
C ASN G 2415 -90.37 7.36 -16.89
N ARG G 2416 -90.70 7.49 -15.61
CA ARG G 2416 -89.71 7.81 -14.57
C ARG G 2416 -88.85 8.98 -14.99
N VAL G 2417 -87.63 8.69 -15.46
CA VAL G 2417 -86.62 9.72 -15.71
C VAL G 2417 -86.48 9.91 -17.21
N HIS G 2418 -86.42 11.16 -17.63
CA HIS G 2418 -86.11 11.53 -19.00
C HIS G 2418 -84.70 12.10 -19.00
N LEU G 2419 -83.81 11.50 -19.79
CA LEU G 2419 -82.39 11.81 -19.66
C LEU G 2419 -82.11 13.28 -19.95
N GLY G 2420 -82.85 13.89 -20.86
CA GLY G 2420 -82.64 15.30 -21.13
C GLY G 2420 -82.88 16.14 -19.89
N HIS G 2421 -84.02 15.90 -19.24
CA HIS G 2421 -84.33 16.62 -18.02
C HIS G 2421 -83.34 16.28 -16.93
N ALA G 2422 -82.87 15.04 -16.87
CA ALA G 2422 -81.88 14.67 -15.87
C ALA G 2422 -80.60 15.46 -16.04
N ILE G 2423 -80.13 15.59 -17.28
CA ILE G 2423 -78.91 16.34 -17.54
C ILE G 2423 -79.10 17.81 -17.20
N MET G 2424 -80.21 18.38 -17.66
CA MET G 2424 -80.47 19.79 -17.34
C MET G 2424 -80.52 20.00 -15.83
N SER G 2425 -81.19 19.10 -15.12
CA SER G 2425 -81.31 19.25 -13.67
C SER G 2425 -79.97 19.12 -12.99
N PHE G 2426 -79.14 18.18 -13.45
CA PHE G 2426 -77.81 18.05 -12.86
C PHE G 2426 -77.01 19.33 -13.01
N TYR G 2427 -76.98 19.88 -14.22
CA TYR G 2427 -76.18 21.09 -14.43
C TYR G 2427 -76.76 22.27 -13.67
N ALA G 2428 -78.10 22.37 -13.61
CA ALA G 2428 -78.71 23.44 -12.84
C ALA G 2428 -78.34 23.31 -11.37
N ALA G 2429 -78.37 22.10 -10.82
CA ALA G 2429 -78.02 21.91 -9.43
C ALA G 2429 -76.55 22.24 -9.18
N LEU G 2430 -75.67 21.86 -10.11
CA LEU G 2430 -74.26 22.17 -9.96
C LEU G 2430 -74.04 23.68 -9.93
N ILE G 2431 -74.68 24.39 -10.86
CA ILE G 2431 -74.53 25.83 -10.91
C ILE G 2431 -75.09 26.48 -9.65
N ASP G 2432 -76.22 25.96 -9.17
CA ASP G 2432 -76.80 26.47 -7.92
C ASP G 2432 -75.82 26.28 -6.77
N LEU G 2433 -75.22 25.10 -6.68
CA LEU G 2433 -74.27 24.83 -5.59
C LEU G 2433 -73.08 25.78 -5.67
N LEU G 2434 -72.54 25.98 -6.86
CA LEU G 2434 -71.40 26.88 -6.98
C LEU G 2434 -71.77 28.31 -6.63
N GLY G 2435 -72.90 28.79 -7.15
CA GLY G 2435 -73.35 30.12 -6.82
C GLY G 2435 -73.55 30.33 -5.33
N ARG G 2436 -74.06 29.29 -4.65
CA ARG G 2436 -74.21 29.36 -3.21
C ARG G 2436 -72.87 29.29 -2.48
N CYS G 2437 -71.89 28.58 -3.03
CA CYS G 2437 -70.54 28.61 -2.50
C CYS G 2437 -69.84 29.94 -2.73
N ALA G 2438 -70.37 30.79 -3.60
CA ALA G 2438 -69.75 32.07 -3.87
C ALA G 2438 -69.65 32.89 -2.58
N PRO G 2439 -68.58 33.67 -2.39
CA PRO G 2439 -68.43 34.41 -1.14
C PRO G 2439 -69.43 35.54 -1.00
N GLU G 2440 -69.52 36.07 0.21
CA GLU G 2440 -70.48 37.12 0.51
C GLU G 2440 -69.94 38.49 0.07
N THR G 2441 -70.88 39.40 -0.19
CA THR G 2441 -70.52 40.73 -0.67
C THR G 2441 -69.70 41.48 0.35
N HIS G 2442 -70.04 41.36 1.63
CA HIS G 2442 -69.28 42.08 2.65
C HIS G 2442 -67.84 41.59 2.71
N LEU G 2443 -67.64 40.27 2.59
CA LEU G 2443 -66.28 39.75 2.54
C LEU G 2443 -65.54 40.27 1.31
N ILE G 2444 -66.21 40.29 0.16
CA ILE G 2444 -65.54 40.78 -1.05
C ILE G 2444 -65.15 42.24 -0.89
N GLN G 2445 -66.04 43.04 -0.31
CA GLN G 2445 -65.72 44.44 -0.07
C GLN G 2445 -64.52 44.57 0.89
N ALA G 2446 -64.53 43.77 1.96
CA ALA G 2446 -63.37 43.76 2.84
C ALA G 2446 -62.11 43.34 2.11
N GLY G 2447 -62.26 42.64 0.98
CA GLY G 2447 -61.12 42.27 0.18
C GLY G 2447 -60.35 41.08 0.69
N LYS G 2448 -61.01 40.15 1.37
CA LYS G 2448 -60.33 38.97 1.87
C LYS G 2448 -59.73 38.18 0.72
N GLY G 2449 -58.46 37.78 0.88
CA GLY G 2449 -57.78 37.08 -0.19
C GLY G 2449 -58.44 35.77 -0.54
N GLU G 2450 -58.85 35.02 0.48
CA GLU G 2450 -59.51 33.73 0.22
C GLU G 2450 -60.82 33.93 -0.53
N ALA G 2451 -61.61 34.92 -0.14
CA ALA G 2451 -62.87 35.19 -0.82
C ALA G 2451 -62.62 35.57 -2.29
N LEU G 2452 -61.65 36.44 -2.53
CA LEU G 2452 -61.35 36.82 -3.90
C LEU G 2452 -60.87 35.62 -4.72
N ARG G 2453 -60.04 34.77 -4.13
CA ARG G 2453 -59.56 33.59 -4.84
C ARG G 2453 -60.71 32.66 -5.20
N ILE G 2454 -61.62 32.43 -4.26
CA ILE G 2454 -62.75 31.54 -4.53
C ILE G 2454 -63.63 32.11 -5.62
N ARG G 2455 -63.90 33.42 -5.56
CA ARG G 2455 -64.71 34.05 -6.60
C ARG G 2455 -64.03 33.91 -7.96
N ALA G 2456 -62.71 34.08 -8.00
CA ALA G 2456 -61.98 33.94 -9.27
C ALA G 2456 -62.11 32.51 -9.80
N ILE G 2457 -61.98 31.53 -8.92
CA ILE G 2457 -62.10 30.13 -9.35
C ILE G 2457 -63.49 29.88 -9.93
N LEU G 2458 -64.53 30.34 -9.25
CA LEU G 2458 -65.89 30.13 -9.72
C LEU G 2458 -66.11 30.81 -11.07
N ARG G 2459 -65.60 32.03 -11.22
CA ARG G 2459 -65.69 32.70 -12.51
C ARG G 2459 -64.98 31.92 -13.60
N SER G 2460 -63.82 31.36 -13.29
CA SER G 2460 -63.10 30.56 -14.27
C SER G 2460 -63.92 29.34 -14.69
N LEU G 2461 -64.54 28.66 -13.72
CA LEU G 2461 -65.35 27.49 -14.06
C LEU G 2461 -66.51 27.87 -14.96
N VAL G 2462 -67.28 28.88 -14.59
CA VAL G 2462 -68.49 29.22 -15.33
C VAL G 2462 -68.27 30.55 -16.03
N PRO G 2463 -68.19 30.58 -17.36
CA PRO G 2463 -68.15 31.86 -18.07
C PRO G 2463 -69.47 32.60 -17.99
N LEU G 2464 -69.41 33.92 -18.08
CA LEU G 2464 -70.62 34.74 -18.06
C LEU G 2464 -71.47 34.48 -19.31
N ASP G 2465 -70.83 34.31 -20.45
CA ASP G 2465 -71.57 34.12 -21.69
C ASP G 2465 -72.43 32.87 -21.63
N ASP G 2466 -71.94 31.82 -20.97
CA ASP G 2466 -72.73 30.59 -20.85
C ASP G 2466 -73.98 30.85 -20.02
N LEU G 2467 -73.85 31.56 -18.91
CA LEU G 2467 -75.01 31.88 -18.09
C LEU G 2467 -76.02 32.70 -18.88
N VAL G 2468 -75.53 33.71 -19.61
CA VAL G 2468 -76.45 34.56 -20.37
C VAL G 2468 -77.14 33.74 -21.45
N GLY G 2469 -76.41 32.85 -22.12
CA GLY G 2469 -77.03 32.03 -23.15
C GLY G 2469 -78.10 31.12 -22.59
N ILE G 2470 -77.81 30.47 -21.46
CA ILE G 2470 -78.81 29.59 -20.86
C ILE G 2470 -80.03 30.39 -20.43
N ILE G 2471 -79.82 31.56 -19.83
CA ILE G 2471 -80.94 32.40 -19.45
C ILE G 2471 -81.72 32.87 -20.67
N SER G 2472 -81.06 32.98 -21.82
CA SER G 2472 -81.71 33.40 -23.05
C SER G 2472 -82.39 32.26 -23.80
N LEU G 2473 -82.11 31.01 -23.42
CA LEU G 2473 -82.74 29.90 -24.13
C LEU G 2473 -84.26 29.99 -24.00
N PRO G 2474 -85.00 29.65 -25.05
CA PRO G 2474 -86.46 29.80 -25.00
C PRO G 2474 -87.14 28.62 -24.33
N LEU G 2475 -88.25 28.89 -23.66
CA LEU G 2475 -89.07 27.88 -23.02
C LEU G 2475 -90.32 27.62 -23.86
N GLN G 2476 -90.90 26.44 -23.69
CA GLN G 2476 -92.16 26.11 -24.33
C GLN G 2476 -93.31 26.68 -23.51
N ILE G 2477 -94.21 27.39 -24.17
CA ILE G 2477 -95.34 28.03 -23.51
C ILE G 2477 -96.59 27.22 -23.83
N PRO G 2478 -97.45 26.94 -22.86
CA PRO G 2478 -98.72 26.26 -23.19
C PRO G 2478 -99.50 27.04 -24.23
N THR G 2479 -99.98 26.33 -25.24
CA THR G 2479 -100.69 26.96 -26.34
C THR G 2479 -101.96 26.18 -26.64
N LEU G 2480 -103.00 26.91 -27.01
CA LEU G 2480 -104.27 26.29 -27.34
C LEU G 2480 -104.26 25.78 -28.78
N GLY G 2481 -104.84 24.61 -28.97
CA GLY G 2481 -104.89 24.01 -30.29
C GLY G 2481 -105.97 22.95 -30.35
N LYS G 2482 -106.25 22.51 -31.57
CA LYS G 2482 -107.25 21.47 -31.82
C LYS G 2482 -108.50 21.71 -30.98
N ASP G 2483 -109.16 22.84 -31.22
CA ASP G 2483 -110.43 23.20 -30.60
C ASP G 2483 -110.53 22.76 -29.15
N GLY G 2484 -109.59 23.20 -28.31
CA GLY G 2484 -109.63 22.94 -26.89
C GLY G 2484 -108.47 22.12 -26.37
N ALA G 2485 -107.57 21.66 -27.23
CA ALA G 2485 -106.44 20.84 -26.78
C ALA G 2485 -105.36 21.76 -26.23
N LEU G 2486 -105.10 21.65 -24.93
CA LEU G 2486 -104.04 22.41 -24.28
C LEU G 2486 -102.73 21.66 -24.52
N VAL G 2487 -101.87 22.24 -25.35
CA VAL G 2487 -100.58 21.63 -25.65
C VAL G 2487 -99.59 22.08 -24.59
N GLN G 2488 -99.59 21.38 -23.46
CA GLN G 2488 -98.73 21.75 -22.35
C GLN G 2488 -97.42 20.96 -22.42
N PRO G 2489 -96.27 21.63 -22.26
CA PRO G 2489 -95.02 20.88 -22.20
C PRO G 2489 -94.97 20.00 -20.97
N LYS G 2490 -94.32 18.85 -21.10
CA LYS G 2490 -94.20 17.91 -19.98
C LYS G 2490 -93.11 18.42 -19.06
N MET G 2491 -93.52 18.95 -17.90
CA MET G 2491 -92.56 19.58 -17.01
C MET G 2491 -91.44 18.64 -16.62
N SER G 2492 -91.76 17.37 -16.40
CA SER G 2492 -90.76 16.40 -15.99
C SER G 2492 -89.87 15.97 -17.11
N ALA G 2493 -90.01 16.50 -18.33
CA ALA G 2493 -89.17 16.04 -19.43
C ALA G 2493 -88.69 17.15 -20.35
N SER G 2494 -88.59 18.38 -19.87
CA SER G 2494 -88.22 19.50 -20.73
C SER G 2494 -87.48 20.55 -19.92
N PHE G 2495 -87.07 21.60 -20.62
CA PHE G 2495 -86.36 22.72 -20.01
C PHE G 2495 -87.35 23.57 -19.21
N VAL G 2496 -87.15 23.63 -17.90
CA VAL G 2496 -88.10 24.29 -17.01
C VAL G 2496 -87.48 25.54 -16.39
N PRO G 2497 -88.27 26.47 -15.87
CA PRO G 2497 -87.71 27.72 -15.35
C PRO G 2497 -86.73 27.56 -14.20
N ASP G 2498 -86.80 26.47 -13.43
CA ASP G 2498 -85.86 26.30 -12.33
C ASP G 2498 -84.43 26.21 -12.84
N HIS G 2499 -84.24 25.63 -14.01
CA HIS G 2499 -82.91 25.54 -14.59
C HIS G 2499 -82.33 26.93 -14.83
N LYS G 2500 -83.16 27.86 -15.29
CA LYS G 2500 -82.70 29.23 -15.46
C LYS G 2500 -82.58 29.95 -14.12
N ALA G 2501 -83.40 29.58 -13.14
CA ALA G 2501 -83.29 30.19 -11.83
C ALA G 2501 -81.94 29.91 -11.19
N SER G 2502 -81.43 28.70 -11.37
CA SER G 2502 -80.10 28.39 -10.88
C SER G 2502 -79.04 29.28 -11.51
N MET G 2503 -79.13 29.48 -12.83
CA MET G 2503 -78.16 30.35 -13.51
C MET G 2503 -78.28 31.78 -13.03
N VAL G 2504 -79.51 32.24 -12.79
CA VAL G 2504 -79.69 33.60 -12.28
C VAL G 2504 -79.05 33.73 -10.90
N LEU G 2505 -79.22 32.73 -10.04
CA LEU G 2505 -78.58 32.77 -8.73
C LEU G 2505 -77.07 32.87 -8.88
N PHE G 2506 -76.48 32.03 -9.72
CA PHE G 2506 -75.04 32.07 -9.92
C PHE G 2506 -74.60 33.42 -10.44
N LEU G 2507 -75.30 33.95 -11.44
CA LEU G 2507 -74.93 35.24 -12.01
C LEU G 2507 -74.99 36.34 -10.98
N ASP G 2508 -76.04 36.35 -10.16
CA ASP G 2508 -76.19 37.39 -9.15
C ASP G 2508 -75.09 37.30 -8.11
N ARG G 2509 -74.75 36.08 -7.67
CA ARG G 2509 -73.85 35.95 -6.53
C ARG G 2509 -72.37 35.99 -6.90
N VAL G 2510 -72.00 35.48 -8.08
CA VAL G 2510 -70.59 35.43 -8.46
C VAL G 2510 -70.23 36.64 -9.30
N TYR G 2511 -70.84 36.77 -10.47
CA TYR G 2511 -70.50 37.87 -11.36
C TYR G 2511 -71.14 39.18 -10.89
N GLY G 2512 -72.44 39.14 -10.59
CA GLY G 2512 -73.13 40.34 -10.16
C GLY G 2512 -73.36 41.29 -11.31
N ILE G 2513 -74.44 42.05 -11.27
CA ILE G 2513 -74.75 43.04 -12.29
C ILE G 2513 -74.35 44.39 -11.75
N GLU G 2514 -73.36 45.01 -12.39
CA GLU G 2514 -72.83 46.30 -11.94
C GLU G 2514 -72.74 47.33 -13.04
N ASN G 2515 -72.94 46.96 -14.30
CA ASN G 2515 -72.83 47.88 -15.43
C ASN G 2515 -74.20 48.01 -16.07
N GLN G 2516 -74.61 49.26 -16.35
CA GLN G 2516 -75.92 49.48 -16.95
C GLN G 2516 -76.03 48.82 -18.30
N ASP G 2517 -74.94 48.82 -19.08
CA ASP G 2517 -74.97 48.16 -20.38
C ASP G 2517 -75.26 46.68 -20.23
N PHE G 2518 -74.58 46.01 -19.29
CA PHE G 2518 -74.84 44.60 -19.07
C PHE G 2518 -76.27 44.37 -18.59
N LEU G 2519 -76.75 45.20 -17.67
CA LEU G 2519 -78.11 45.02 -17.20
C LEU G 2519 -79.10 45.13 -18.34
N LEU G 2520 -78.93 46.13 -19.21
CA LEU G 2520 -79.84 46.29 -20.33
C LEU G 2520 -79.73 45.12 -21.30
N HIS G 2521 -78.52 44.61 -21.53
CA HIS G 2521 -78.36 43.47 -22.42
C HIS G 2521 -79.08 42.24 -21.89
N VAL G 2522 -78.90 41.95 -20.60
CA VAL G 2522 -79.58 40.80 -20.01
C VAL G 2522 -81.09 40.98 -20.07
N LEU G 2523 -81.58 42.18 -19.76
CA LEU G 2523 -83.01 42.42 -19.85
C LEU G 2523 -83.51 42.19 -21.26
N ASP G 2524 -82.79 42.70 -22.25
CA ASP G 2524 -83.24 42.59 -23.63
C ASP G 2524 -83.27 41.14 -24.08
N VAL G 2525 -82.25 40.35 -23.73
CA VAL G 2525 -82.14 39.01 -24.30
C VAL G 2525 -82.84 37.93 -23.47
N GLY G 2526 -82.62 37.89 -22.15
CA GLY G 2526 -83.09 36.78 -21.36
C GLY G 2526 -84.29 37.01 -20.46
N PHE G 2527 -84.32 38.12 -19.75
CA PHE G 2527 -85.35 38.31 -18.73
C PHE G 2527 -86.65 38.79 -19.36
N LEU G 2528 -86.59 39.87 -20.13
CA LEU G 2528 -87.81 40.48 -20.62
C LEU G 2528 -88.67 39.52 -21.44
N PRO G 2529 -88.12 38.68 -22.31
CA PRO G 2529 -88.96 37.70 -23.01
C PRO G 2529 -89.71 36.79 -22.06
N ASP G 2530 -89.04 36.35 -20.99
CA ASP G 2530 -89.69 35.46 -20.03
C ASP G 2530 -90.78 36.20 -19.25
N MET G 2531 -90.52 37.45 -18.87
CA MET G 2531 -91.57 38.22 -18.21
C MET G 2531 -92.77 38.42 -19.13
N ARG G 2532 -92.50 38.69 -20.41
CA ARG G 2532 -93.59 38.84 -21.37
C ARG G 2532 -94.39 37.55 -21.51
N ALA G 2533 -93.71 36.40 -21.57
CA ALA G 2533 -94.42 35.13 -21.65
C ALA G 2533 -95.27 34.89 -20.42
N ALA G 2534 -94.72 35.17 -19.23
CA ALA G 2534 -95.47 34.99 -18.00
C ALA G 2534 -96.70 35.87 -18.00
N ALA G 2535 -96.56 37.12 -18.43
CA ALA G 2535 -97.70 38.03 -18.51
C ALA G 2535 -98.74 37.52 -19.49
N SER G 2536 -98.30 37.04 -20.66
CA SER G 2536 -99.23 36.54 -21.66
C SER G 2536 -99.96 35.30 -21.20
N LEU G 2537 -99.38 34.51 -20.31
CA LEU G 2537 -100.05 33.35 -19.73
C LEU G 2537 -101.05 33.72 -18.66
N ASP G 2538 -101.39 35.00 -18.51
CA ASP G 2538 -102.32 35.42 -17.48
C ASP G 2538 -103.78 35.17 -17.85
N THR G 2539 -104.06 34.76 -19.08
CA THR G 2539 -105.43 34.48 -19.47
C THR G 2539 -106.02 33.38 -18.58
N ALA G 2540 -107.35 33.25 -18.62
CA ALA G 2540 -108.02 32.31 -17.73
C ALA G 2540 -107.59 30.87 -18.03
N THR G 2541 -107.43 30.53 -19.31
CA THR G 2541 -107.13 29.15 -19.67
C THR G 2541 -105.76 28.74 -19.11
N PHE G 2542 -104.73 29.53 -19.38
CA PHE G 2542 -103.36 29.16 -19.03
C PHE G 2542 -102.95 29.64 -17.64
N SER G 2543 -103.84 30.26 -16.88
CA SER G 2543 -103.44 30.89 -15.63
C SER G 2543 -102.84 29.88 -14.66
N THR G 2544 -103.47 28.72 -14.52
CA THR G 2544 -103.09 27.74 -13.51
C THR G 2544 -102.25 26.61 -14.08
N THR G 2545 -101.79 26.72 -15.32
CA THR G 2545 -100.97 25.67 -15.90
C THR G 2545 -99.67 25.53 -15.13
N GLU G 2546 -99.09 24.33 -15.19
CA GLU G 2546 -97.83 24.08 -14.48
C GLU G 2546 -96.74 25.00 -14.99
N MET G 2547 -96.66 25.20 -16.30
CA MET G 2547 -95.65 26.11 -16.85
C MET G 2547 -95.88 27.53 -16.37
N ALA G 2548 -97.13 27.98 -16.32
CA ALA G 2548 -97.41 29.34 -15.87
C ALA G 2548 -97.00 29.52 -14.41
N LEU G 2549 -97.35 28.55 -13.54
CA LEU G 2549 -96.96 28.67 -12.14
C LEU G 2549 -95.44 28.60 -11.99
N ALA G 2550 -94.78 27.75 -12.76
CA ALA G 2550 -93.32 27.67 -12.70
C ALA G 2550 -92.70 28.99 -13.13
N LEU G 2551 -93.23 29.61 -14.17
CA LEU G 2551 -92.72 30.91 -14.60
C LEU G 2551 -92.93 31.96 -13.52
N ASN G 2552 -94.10 31.95 -12.88
CA ASN G 2552 -94.34 32.92 -11.81
C ASN G 2552 -93.33 32.74 -10.69
N ARG G 2553 -93.09 31.49 -10.27
CA ARG G 2553 -92.12 31.26 -9.22
C ARG G 2553 -90.73 31.70 -9.66
N TYR G 2554 -90.31 31.32 -10.86
CA TYR G 2554 -89.01 31.71 -11.37
C TYR G 2554 -88.84 33.22 -11.32
N LEU G 2555 -89.80 33.95 -11.89
CA LEU G 2555 -89.72 35.40 -11.87
C LEU G 2555 -89.62 35.90 -10.43
N CYS G 2556 -90.65 35.68 -9.63
CA CYS G 2556 -90.77 36.29 -8.32
C CYS G 2556 -89.69 35.85 -7.33
N LEU G 2557 -88.95 34.78 -7.63
CA LEU G 2557 -87.90 34.32 -6.72
C LEU G 2557 -86.49 34.60 -7.22
N ALA G 2558 -86.27 34.76 -8.53
CA ALA G 2558 -84.93 34.97 -9.03
C ALA G 2558 -84.81 36.29 -9.79
N VAL G 2559 -85.73 36.56 -10.70
CA VAL G 2559 -85.53 37.63 -11.67
C VAL G 2559 -85.91 38.98 -11.06
N LEU G 2560 -87.18 39.12 -10.69
CA LEU G 2560 -87.67 40.42 -10.21
C LEU G 2560 -86.87 40.93 -9.01
N PRO G 2561 -86.49 40.10 -8.03
CA PRO G 2561 -85.61 40.61 -6.97
C PRO G 2561 -84.31 41.17 -7.49
N LEU G 2562 -83.72 40.56 -8.52
CA LEU G 2562 -82.48 41.07 -9.09
C LEU G 2562 -82.69 42.44 -9.70
N ILE G 2563 -83.78 42.62 -10.44
CA ILE G 2563 -84.06 43.92 -11.04
C ILE G 2563 -84.31 44.94 -9.94
N THR G 2564 -85.01 44.55 -8.88
CA THR G 2564 -85.23 45.46 -7.76
C THR G 2564 -83.90 45.91 -7.17
N LYS G 2565 -82.97 44.96 -6.99
CA LYS G 2565 -81.67 45.32 -6.43
C LYS G 2565 -80.91 46.25 -7.37
N CYS G 2566 -80.96 45.99 -8.67
CA CYS G 2566 -80.27 46.80 -9.66
C CYS G 2566 -81.11 47.97 -10.16
N ALA G 2567 -82.17 48.34 -9.44
CA ALA G 2567 -83.02 49.45 -9.88
C ALA G 2567 -82.24 50.73 -10.13
N PRO G 2568 -81.29 51.14 -9.29
CA PRO G 2568 -80.62 52.43 -9.50
C PRO G 2568 -79.96 52.55 -10.87
N LEU G 2569 -79.56 51.43 -11.48
CA LEU G 2569 -78.85 51.50 -12.75
C LEU G 2569 -79.74 51.98 -13.88
N PHE G 2570 -81.05 52.05 -13.67
CA PHE G 2570 -81.97 52.47 -14.72
C PHE G 2570 -82.00 53.98 -14.93
N ALA G 2571 -81.35 54.75 -14.07
CA ALA G 2571 -81.29 56.19 -14.25
C ALA G 2571 -80.48 56.52 -15.50
N GLY G 2572 -80.94 57.51 -16.26
CA GLY G 2572 -80.23 57.91 -17.46
C GLY G 2572 -80.25 56.87 -18.56
N THR G 2573 -81.40 56.25 -18.81
CA THR G 2573 -81.53 55.25 -19.86
C THR G 2573 -82.39 55.73 -21.02
N GLU G 2574 -82.24 56.99 -21.44
CA GLU G 2574 -83.04 57.53 -22.53
C GLU G 2574 -82.85 56.69 -23.78
N HIS G 2575 -81.61 56.25 -24.02
CA HIS G 2575 -81.26 55.65 -25.30
C HIS G 2575 -81.95 54.30 -25.51
N ARG G 2576 -82.56 53.75 -24.47
CA ARG G 2576 -83.39 52.55 -24.64
C ARG G 2576 -84.73 52.74 -23.95
N ALA G 2577 -85.35 53.90 -24.18
CA ALA G 2577 -86.64 54.19 -23.58
C ALA G 2577 -87.71 53.21 -24.03
N ILE G 2578 -87.64 52.77 -25.27
CA ILE G 2578 -88.64 51.82 -25.77
C ILE G 2578 -88.63 50.56 -24.91
N MET G 2579 -87.44 49.99 -24.69
CA MET G 2579 -87.35 48.74 -23.94
C MET G 2579 -87.69 48.98 -22.48
N VAL G 2580 -87.29 50.13 -21.91
CA VAL G 2580 -87.63 50.41 -20.52
C VAL G 2580 -89.14 50.49 -20.36
N ASP G 2581 -89.81 51.17 -21.29
CA ASP G 2581 -91.26 51.28 -21.24
C ASP G 2581 -91.92 49.92 -21.36
N SER G 2582 -91.40 49.08 -22.27
CA SER G 2582 -91.95 47.73 -22.40
C SER G 2582 -91.80 46.96 -21.10
N MET G 2583 -90.65 47.09 -20.45
CA MET G 2583 -90.44 46.42 -19.17
C MET G 2583 -91.45 46.90 -18.13
N LEU G 2584 -91.67 48.21 -18.07
CA LEU G 2584 -92.62 48.74 -17.09
C LEU G 2584 -94.02 48.20 -17.34
N HIS G 2585 -94.46 48.18 -18.60
CA HIS G 2585 -95.78 47.65 -18.90
C HIS G 2585 -95.88 46.18 -18.54
N THR G 2586 -94.84 45.40 -18.84
CA THR G 2586 -94.86 43.98 -18.52
C THR G 2586 -94.96 43.78 -17.01
N VAL G 2587 -94.20 44.55 -16.25
CA VAL G 2587 -94.23 44.40 -14.80
C VAL G 2587 -95.59 44.77 -14.24
N TYR G 2588 -96.19 45.84 -14.75
CA TYR G 2588 -97.52 46.23 -14.29
C TYR G 2588 -98.55 45.14 -14.59
N ARG G 2589 -98.49 44.59 -15.81
CA ARG G 2589 -99.44 43.54 -16.17
C ARG G 2589 -99.24 42.31 -15.30
N LEU G 2590 -97.98 41.97 -14.99
CA LEU G 2590 -97.74 40.88 -14.05
C LEU G 2590 -98.33 41.19 -12.68
N SER G 2591 -98.17 42.42 -12.22
CA SER G 2591 -98.69 42.80 -10.90
C SER G 2591 -100.19 42.56 -10.85
N ARG G 2592 -100.92 43.00 -11.88
CA ARG G 2592 -102.34 42.71 -11.95
C ARG G 2592 -102.56 41.36 -12.64
N GLY G 2593 -102.30 40.30 -11.89
CA GLY G 2593 -102.43 38.95 -12.41
C GLY G 2593 -103.15 38.03 -11.44
N ARG G 2594 -103.87 37.07 -11.99
CA ARG G 2594 -104.55 36.07 -11.18
C ARG G 2594 -103.59 34.94 -10.83
N SER G 2595 -104.09 33.97 -10.07
CA SER G 2595 -103.30 32.79 -9.68
C SER G 2595 -101.96 33.18 -9.08
N LEU G 2596 -101.88 34.37 -8.50
CA LEU G 2596 -100.63 34.93 -8.01
C LEU G 2596 -100.73 35.08 -6.50
N THR G 2597 -99.84 34.40 -5.78
CA THR G 2597 -99.92 34.43 -4.32
C THR G 2597 -99.52 35.79 -3.80
N LYS G 2598 -99.85 36.04 -2.53
CA LYS G 2598 -99.64 37.37 -1.95
C LYS G 2598 -98.16 37.73 -1.91
N ALA G 2599 -97.30 36.78 -1.55
CA ALA G 2599 -95.87 37.07 -1.50
C ALA G 2599 -95.34 37.43 -2.87
N GLN G 2600 -95.76 36.67 -3.90
CA GLN G 2600 -95.34 36.97 -5.26
C GLN G 2600 -95.82 38.35 -5.68
N ARG G 2601 -97.06 38.67 -5.35
CA ARG G 2601 -97.61 39.98 -5.71
C ARG G 2601 -96.84 41.10 -5.02
N ASP G 2602 -96.47 40.87 -3.75
CA ASP G 2602 -95.68 41.86 -3.03
C ASP G 2602 -94.32 42.07 -3.70
N VAL G 2603 -93.69 40.98 -4.13
CA VAL G 2603 -92.40 41.09 -4.81
C VAL G 2603 -92.56 41.92 -6.09
N ILE G 2604 -93.60 41.63 -6.86
CA ILE G 2604 -93.82 42.37 -8.11
C ILE G 2604 -94.04 43.85 -7.83
N GLU G 2605 -94.85 44.16 -6.82
CA GLU G 2605 -95.13 45.55 -6.50
C GLU G 2605 -93.86 46.26 -6.04
N ASP G 2606 -93.04 45.59 -5.23
CA ASP G 2606 -91.78 46.17 -4.81
C ASP G 2606 -90.89 46.47 -5.99
N CYS G 2607 -90.82 45.54 -6.96
CA CYS G 2607 -90.01 45.78 -8.14
C CYS G 2607 -90.52 47.00 -8.90
N LEU G 2608 -91.83 47.10 -9.10
CA LEU G 2608 -92.38 48.22 -9.85
C LEU G 2608 -92.06 49.54 -9.16
N MET G 2609 -92.28 49.61 -7.85
CA MET G 2609 -92.01 50.84 -7.13
C MET G 2609 -90.52 51.19 -7.16
N ALA G 2610 -89.66 50.18 -7.03
CA ALA G 2610 -88.23 50.44 -7.06
C ALA G 2610 -87.82 51.02 -8.41
N LEU G 2611 -88.33 50.44 -9.50
CA LEU G 2611 -88.02 50.98 -10.82
C LEU G 2611 -88.50 52.42 -10.95
N CYS G 2612 -89.77 52.66 -10.60
CA CYS G 2612 -90.32 54.01 -10.75
C CYS G 2612 -89.60 55.02 -9.87
N ARG G 2613 -88.96 54.58 -8.80
CA ARG G 2613 -88.22 55.50 -7.94
C ARG G 2613 -87.00 56.08 -8.63
N TYR G 2614 -86.51 55.45 -9.69
CA TYR G 2614 -85.28 55.89 -10.34
C TYR G 2614 -85.45 56.26 -11.81
N ILE G 2615 -86.44 55.69 -12.51
CA ILE G 2615 -86.63 56.05 -13.91
C ILE G 2615 -87.00 57.52 -14.02
N ARG G 2616 -86.52 58.17 -15.08
CA ARG G 2616 -86.75 59.59 -15.24
C ARG G 2616 -88.24 59.88 -15.44
N PRO G 2617 -88.74 61.02 -14.95
CA PRO G 2617 -90.18 61.28 -15.06
C PRO G 2617 -90.70 61.28 -16.48
N SER G 2618 -89.91 61.75 -17.45
CA SER G 2618 -90.38 61.78 -18.82
C SER G 2618 -90.65 60.39 -19.38
N MET G 2619 -90.05 59.35 -18.78
CA MET G 2619 -90.14 58.01 -19.32
C MET G 2619 -91.30 57.21 -18.76
N LEU G 2620 -92.05 57.76 -17.80
CA LEU G 2620 -93.19 57.08 -17.21
C LEU G 2620 -94.51 57.55 -17.80
N GLN G 2621 -94.47 58.24 -18.93
CA GLN G 2621 -95.69 58.80 -19.51
C GLN G 2621 -96.68 57.70 -19.90
N HIS G 2622 -96.19 56.63 -20.50
CA HIS G 2622 -97.10 55.56 -20.93
C HIS G 2622 -97.65 54.79 -19.75
N LEU G 2623 -96.83 54.57 -18.73
CA LEU G 2623 -97.34 53.95 -17.51
C LEU G 2623 -98.42 54.83 -16.88
N LEU G 2624 -98.23 56.14 -16.89
CA LEU G 2624 -99.28 57.04 -16.42
C LEU G 2624 -100.51 56.93 -17.29
N ARG G 2625 -100.35 56.78 -18.61
CA ARG G 2625 -101.50 56.67 -19.49
C ARG G 2625 -102.31 55.42 -19.19
N ARG G 2626 -101.64 54.33 -18.78
CA ARG G 2626 -102.38 53.14 -18.37
C ARG G 2626 -103.00 53.31 -17.00
N LEU G 2627 -102.27 53.94 -16.08
CA LEU G 2627 -102.77 54.09 -14.71
C LEU G 2627 -104.00 55.00 -14.67
N VAL G 2628 -104.02 56.04 -15.49
CA VAL G 2628 -105.16 56.95 -15.50
C VAL G 2628 -106.43 56.20 -15.86
N PHE G 2629 -106.32 55.17 -16.69
CA PHE G 2629 -107.47 54.33 -16.98
C PHE G 2629 -107.77 53.34 -15.87
N ASP G 2630 -106.75 52.77 -15.24
CA ASP G 2630 -106.96 51.70 -14.26
C ASP G 2630 -107.41 52.22 -12.90
N VAL G 2631 -106.68 53.15 -12.31
CA VAL G 2631 -106.85 53.55 -10.91
C VAL G 2631 -108.26 54.06 -10.61
N PRO G 2632 -108.83 54.97 -11.43
CA PRO G 2632 -110.15 55.52 -11.10
C PRO G 2632 -111.17 54.52 -10.60
N ILE G 2633 -111.06 53.26 -11.06
CA ILE G 2633 -112.00 52.23 -10.61
C ILE G 2633 -111.94 52.07 -9.11
N LEU G 2634 -110.76 52.26 -8.52
CA LEU G 2634 -110.59 52.17 -7.07
C LEU G 2634 -111.03 50.82 -6.54
N ASN G 2635 -110.74 49.78 -7.32
CA ASN G 2635 -110.99 48.41 -6.86
C ASN G 2635 -109.82 47.95 -5.99
N GLU G 2636 -109.76 46.66 -5.69
CA GLU G 2636 -108.67 46.14 -4.87
C GLU G 2636 -107.32 46.36 -5.54
N PHE G 2637 -107.25 46.17 -6.85
CA PHE G 2637 -105.98 46.33 -7.55
C PHE G 2637 -105.47 47.76 -7.47
N ALA G 2638 -106.35 48.72 -7.18
CA ALA G 2638 -105.96 50.13 -7.20
C ALA G 2638 -105.09 50.52 -6.01
N LYS G 2639 -104.89 49.64 -5.04
CA LYS G 2639 -104.12 50.01 -3.86
C LYS G 2639 -102.68 50.37 -4.22
N MET G 2640 -101.98 49.45 -4.93
CA MET G 2640 -100.58 49.71 -5.25
C MET G 2640 -100.41 50.88 -6.19
N PRO G 2641 -101.18 50.99 -7.29
CA PRO G 2641 -101.00 52.14 -8.19
C PRO G 2641 -101.12 53.47 -7.47
N LEU G 2642 -101.99 53.53 -6.45
CA LEU G 2642 -102.13 54.77 -5.70
C LEU G 2642 -100.83 55.13 -5.00
N LYS G 2643 -100.20 54.16 -4.34
CA LYS G 2643 -98.92 54.42 -3.69
C LYS G 2643 -97.85 54.79 -4.71
N LEU G 2644 -97.85 54.11 -5.85
CA LEU G 2644 -96.85 54.40 -6.88
C LEU G 2644 -96.99 55.84 -7.36
N LEU G 2645 -98.21 56.27 -7.66
CA LEU G 2645 -98.43 57.64 -8.09
C LEU G 2645 -98.09 58.63 -6.99
N THR G 2646 -98.43 58.31 -5.76
CA THR G 2646 -98.08 59.19 -4.64
C THR G 2646 -96.58 59.44 -4.61
N ASN G 2647 -95.80 58.37 -4.61
CA ASN G 2647 -94.35 58.54 -4.57
C ASN G 2647 -93.85 59.26 -5.81
N HIS G 2648 -94.36 58.89 -6.99
CA HIS G 2648 -93.88 59.49 -8.23
C HIS G 2648 -94.07 60.99 -8.21
N TYR G 2649 -95.27 61.45 -7.86
CA TYR G 2649 -95.54 62.88 -7.85
C TYR G 2649 -94.86 63.60 -6.71
N GLU G 2650 -94.83 63.02 -5.51
CA GLU G 2650 -94.11 63.64 -4.42
C GLU G 2650 -92.63 63.81 -4.73
N ARG G 2651 -92.06 62.95 -5.57
CA ARG G 2651 -90.66 63.07 -5.94
C ARG G 2651 -90.43 64.00 -7.12
N CYS G 2652 -91.33 63.99 -8.12
CA CYS G 2652 -91.12 64.72 -9.36
C CYS G 2652 -92.04 65.93 -9.48
N TRP G 2653 -92.51 66.48 -8.35
CA TRP G 2653 -93.45 67.58 -8.40
C TRP G 2653 -92.89 68.77 -9.18
N LYS G 2654 -91.57 69.01 -9.07
CA LYS G 2654 -90.99 70.13 -9.80
C LYS G 2654 -91.11 69.94 -11.30
N TYR G 2655 -90.92 68.70 -11.78
CA TYR G 2655 -90.98 68.45 -13.22
C TYR G 2655 -92.31 68.86 -13.81
N TYR G 2656 -93.37 68.89 -13.01
CA TYR G 2656 -94.70 69.23 -13.47
C TYR G 2656 -95.11 70.65 -13.14
N CYS G 2657 -94.78 71.14 -11.95
CA CYS G 2657 -95.27 72.43 -11.49
C CYS G 2657 -94.45 73.58 -12.03
N LEU G 2658 -93.16 73.60 -11.72
CA LEU G 2658 -92.30 74.73 -12.07
C LEU G 2658 -92.28 74.94 -13.58
N PRO G 2659 -92.44 76.18 -14.06
CA PRO G 2659 -92.33 76.40 -15.51
C PRO G 2659 -90.99 75.99 -16.08
N THR G 2660 -89.90 76.23 -15.34
CA THR G 2660 -88.58 75.85 -15.83
C THR G 2660 -88.42 74.34 -15.84
N GLY G 2661 -89.06 73.65 -14.91
CA GLY G 2661 -88.98 72.20 -14.81
C GLY G 2661 -87.90 71.77 -13.83
N TRP G 2662 -87.80 70.46 -13.67
CA TRP G 2662 -86.81 69.88 -12.77
C TRP G 2662 -85.44 69.92 -13.41
N ALA G 2663 -84.40 69.98 -12.59
CA ALA G 2663 -83.04 70.12 -13.09
C ALA G 2663 -82.61 68.85 -13.83
N ASN G 2664 -82.22 69.03 -15.09
CA ASN G 2664 -81.63 67.96 -15.89
C ASN G 2664 -82.67 66.93 -16.34
N PHE G 2665 -83.91 67.05 -15.85
CA PHE G 2665 -84.95 66.13 -16.26
C PHE G 2665 -85.89 66.75 -17.27
N GLY G 2666 -85.77 68.06 -17.49
CA GLY G 2666 -86.63 68.76 -18.43
C GLY G 2666 -87.86 69.33 -17.75
N VAL G 2667 -88.89 69.55 -18.58
CA VAL G 2667 -90.16 70.06 -18.11
C VAL G 2667 -91.28 69.19 -18.69
N THR G 2668 -92.40 69.17 -17.99
CA THR G 2668 -93.53 68.37 -18.43
C THR G 2668 -94.04 68.87 -19.77
N SER G 2669 -94.98 68.11 -20.34
CA SER G 2669 -95.62 68.47 -21.59
C SER G 2669 -97.13 68.48 -21.41
N GLU G 2670 -97.81 69.11 -22.36
CA GLU G 2670 -99.26 69.25 -22.29
C GLU G 2670 -99.93 67.90 -22.07
N GLU G 2671 -99.45 66.86 -22.75
CA GLU G 2671 -100.08 65.56 -22.64
C GLU G 2671 -99.95 65.00 -21.23
N GLU G 2672 -98.76 65.13 -20.63
CA GLU G 2672 -98.56 64.64 -19.28
C GLU G 2672 -99.39 65.42 -18.27
N LEU G 2673 -99.48 66.74 -18.44
CA LEU G 2673 -100.33 67.54 -17.56
C LEU G 2673 -101.78 67.13 -17.70
N HIS G 2674 -102.23 66.88 -18.92
CA HIS G 2674 -103.60 66.44 -19.16
C HIS G 2674 -103.87 65.12 -18.47
N LEU G 2675 -102.93 64.17 -18.60
CA LEU G 2675 -103.09 62.88 -17.95
C LEU G 2675 -103.15 63.04 -16.43
N THR G 2676 -102.30 63.91 -15.89
CA THR G 2676 -102.31 64.13 -14.44
C THR G 2676 -103.65 64.70 -14.00
N ARG G 2677 -104.19 65.66 -14.75
CA ARG G 2677 -105.47 66.26 -14.38
C ARG G 2677 -106.59 65.22 -14.44
N LYS G 2678 -106.60 64.40 -15.49
CA LYS G 2678 -107.61 63.35 -15.58
C LYS G 2678 -107.49 62.38 -14.42
N LEU G 2679 -106.26 62.00 -14.08
CA LEU G 2679 -106.05 61.11 -12.94
C LEU G 2679 -106.63 61.70 -11.67
N PHE G 2680 -106.28 62.97 -11.40
CA PHE G 2680 -106.76 63.62 -10.19
C PHE G 2680 -108.28 63.62 -10.14
N TRP G 2681 -108.93 64.08 -11.21
CA TRP G 2681 -110.38 64.22 -11.17
C TRP G 2681 -111.07 62.87 -11.13
N GLY G 2682 -110.55 61.87 -11.83
CA GLY G 2682 -111.13 60.54 -11.76
C GLY G 2682 -111.07 59.98 -10.36
N ILE G 2683 -109.91 60.07 -9.72
CA ILE G 2683 -109.79 59.58 -8.36
C ILE G 2683 -110.72 60.34 -7.44
N PHE G 2684 -110.79 61.67 -7.61
CA PHE G 2684 -111.62 62.48 -6.74
C PHE G 2684 -113.09 62.08 -6.86
N ASP G 2685 -113.59 61.96 -8.08
CA ASP G 2685 -114.99 61.61 -8.27
C ASP G 2685 -115.28 60.20 -7.74
N SER G 2686 -114.40 59.25 -8.04
CA SER G 2686 -114.63 57.89 -7.57
C SER G 2686 -114.67 57.83 -6.05
N LEU G 2687 -113.73 58.52 -5.39
CA LEU G 2687 -113.71 58.53 -3.94
C LEU G 2687 -114.95 59.22 -3.37
N ALA G 2688 -115.37 60.31 -4.01
CA ALA G 2688 -116.56 61.01 -3.53
C ALA G 2688 -117.79 60.13 -3.58
N HIS G 2689 -117.95 59.37 -4.67
CA HIS G 2689 -119.14 58.53 -4.81
C HIS G 2689 -119.02 57.19 -4.10
N LYS G 2690 -117.82 56.79 -3.69
CA LYS G 2690 -117.66 55.49 -3.04
C LYS G 2690 -118.01 55.56 -1.55
N LYS G 2691 -118.44 54.42 -1.02
CA LYS G 2691 -118.69 54.29 0.41
C LYS G 2691 -117.38 54.36 1.19
N TYR G 2692 -117.50 54.77 2.45
CA TYR G 2692 -116.32 54.95 3.28
C TYR G 2692 -115.59 53.63 3.49
N ASP G 2693 -114.26 53.68 3.41
CA ASP G 2693 -113.40 52.54 3.72
C ASP G 2693 -112.08 53.10 4.23
N GLN G 2694 -111.70 52.74 5.44
CA GLN G 2694 -110.53 53.34 6.08
C GLN G 2694 -109.27 53.11 5.25
N GLU G 2695 -109.06 51.87 4.80
CA GLU G 2695 -107.86 51.56 4.04
C GLU G 2695 -107.77 52.40 2.78
N LEU G 2696 -108.85 52.41 1.99
CA LEU G 2696 -108.83 53.13 0.72
C LEU G 2696 -108.65 54.62 0.95
N TYR G 2697 -109.34 55.18 1.95
CA TYR G 2697 -109.20 56.61 2.21
C TYR G 2697 -107.77 56.95 2.62
N ARG G 2698 -107.19 56.15 3.51
CA ARG G 2698 -105.82 56.43 3.95
C ARG G 2698 -104.83 56.30 2.82
N ILE G 2699 -105.09 55.43 1.85
CA ILE G 2699 -104.16 55.22 0.75
C ILE G 2699 -104.37 56.28 -0.32
N ALA G 2700 -105.59 56.83 -0.39
CA ALA G 2700 -105.94 57.72 -1.51
C ALA G 2700 -105.67 59.18 -1.18
N MET G 2701 -105.95 59.62 0.04
CA MET G 2701 -105.78 61.03 0.37
C MET G 2701 -104.37 61.54 0.05
N PRO G 2702 -103.30 60.85 0.44
CA PRO G 2702 -101.96 61.31 0.03
C PRO G 2702 -101.79 61.39 -1.46
N CYS G 2703 -102.40 60.47 -2.21
CA CYS G 2703 -102.29 60.51 -3.67
C CYS G 2703 -102.92 61.78 -4.21
N LEU G 2704 -104.11 62.13 -3.73
CA LEU G 2704 -104.75 63.35 -4.18
C LEU G 2704 -103.92 64.56 -3.82
N CYS G 2705 -103.37 64.60 -2.61
CA CYS G 2705 -102.53 65.72 -2.21
C CYS G 2705 -101.33 65.86 -3.13
N ALA G 2706 -100.66 64.74 -3.42
CA ALA G 2706 -99.47 64.78 -4.26
C ALA G 2706 -99.80 65.25 -5.66
N ILE G 2707 -100.87 64.72 -6.25
CA ILE G 2707 -101.23 65.10 -7.61
C ILE G 2707 -101.61 66.58 -7.67
N ALA G 2708 -102.36 67.06 -6.67
CA ALA G 2708 -102.74 68.46 -6.65
C ALA G 2708 -101.52 69.35 -6.51
N GLY G 2709 -100.58 68.97 -5.64
CA GLY G 2709 -99.36 69.74 -5.51
C GLY G 2709 -98.49 69.70 -6.75
N ALA G 2710 -98.60 68.64 -7.55
CA ALA G 2710 -97.85 68.55 -8.79
C ALA G 2710 -98.44 69.43 -9.89
N LEU G 2711 -99.76 69.42 -10.04
CA LEU G 2711 -100.40 70.20 -11.09
C LEU G 2711 -100.14 71.69 -10.88
N PRO G 2712 -99.74 72.43 -11.90
CA PRO G 2712 -99.67 73.89 -11.77
C PRO G 2712 -101.04 74.47 -11.46
N PRO G 2713 -101.13 75.47 -10.59
CA PRO G 2713 -102.45 76.01 -10.25
C PRO G 2713 -103.22 76.54 -11.44
N ASP G 2714 -102.55 77.16 -12.40
CA ASP G 2714 -103.20 77.84 -13.51
C ASP G 2714 -103.16 77.04 -14.81
N TYR G 2715 -102.81 75.76 -14.73
CA TYR G 2715 -102.79 74.92 -15.93
C TYR G 2715 -104.17 74.92 -16.57
N VAL G 2716 -104.22 75.18 -17.87
CA VAL G 2716 -105.45 75.19 -18.65
C VAL G 2716 -105.40 74.02 -19.61
N ASP G 2717 -106.41 73.16 -19.55
CA ASP G 2717 -106.44 71.97 -20.39
C ASP G 2717 -106.77 72.35 -21.82
N ALA G 2718 -105.84 72.11 -22.74
CA ALA G 2718 -106.07 72.47 -24.13
C ALA G 2718 -107.27 71.74 -24.70
N SER G 2719 -107.38 70.43 -24.45
CA SER G 2719 -108.54 69.64 -24.86
C SER G 2719 -109.63 69.67 -23.80
N TYR G 2720 -110.05 70.85 -23.38
CA TYR G 2720 -111.06 70.96 -22.33
C TYR G 2720 -112.43 70.58 -22.87
N SER G 2721 -113.23 69.94 -22.03
CA SER G 2721 -114.59 69.55 -22.39
C SER G 2721 -115.52 69.84 -21.21
N SER G 2722 -116.79 70.08 -21.53
CA SER G 2722 -117.82 70.32 -20.53
C SER G 2722 -118.78 69.13 -20.42
N LYS G 2723 -119.22 68.58 -21.55
CA LYS G 2723 -120.08 67.40 -21.50
C LYS G 2723 -119.34 66.23 -20.87
N THR G 2724 -118.08 66.03 -21.24
CA THR G 2724 -117.24 64.96 -20.69
C THR G 2724 -117.98 63.61 -20.75
N GLU G 2725 -118.48 63.28 -21.93
CA GLU G 2725 -119.19 62.03 -22.12
C GLU G 2725 -118.31 60.85 -21.72
N LYS G 2726 -118.88 59.93 -20.95
CA LYS G 2726 -118.15 58.79 -20.39
C LYS G 2726 -116.73 59.18 -19.99
N ASN G 2735 -109.91 46.62 -19.81
CA ASN G 2735 -111.34 46.38 -19.88
C ASN G 2735 -112.03 47.43 -20.75
N PHE G 2736 -111.24 48.16 -21.53
CA PHE G 2736 -111.80 49.18 -22.41
C PHE G 2736 -112.75 48.53 -23.41
N ASP G 2737 -113.90 49.16 -23.61
CA ASP G 2737 -114.97 48.64 -24.48
C ASP G 2737 -115.35 49.72 -25.48
N PRO G 2738 -114.55 49.89 -26.53
CA PRO G 2738 -114.89 50.89 -27.56
C PRO G 2738 -116.03 50.43 -28.45
N ARG G 2739 -117.18 51.08 -28.31
CA ARG G 2739 -118.37 50.76 -29.11
C ARG G 2739 -118.80 51.97 -29.91
N PRO G 2740 -118.64 51.97 -31.23
CA PRO G 2740 -119.09 53.12 -32.03
C PRO G 2740 -120.61 53.16 -32.12
N VAL G 2741 -121.11 54.37 -32.41
CA VAL G 2741 -122.55 54.54 -32.61
C VAL G 2741 -123.00 53.64 -33.75
N GLU G 2742 -124.21 53.09 -33.61
CA GLU G 2742 -124.71 52.13 -34.58
C GLU G 2742 -125.06 52.80 -35.90
N THR G 2743 -124.11 52.75 -36.85
CA THR G 2743 -124.32 53.40 -38.14
C THR G 2743 -125.46 52.74 -38.90
N LEU G 2744 -125.56 51.41 -38.83
CA LEU G 2744 -126.55 50.68 -39.61
C LEU G 2744 -127.97 51.13 -39.27
N ASN G 2745 -128.19 51.55 -38.03
CA ASN G 2745 -129.54 51.89 -37.59
C ASN G 2745 -130.13 53.03 -38.41
N VAL G 2746 -129.35 54.11 -38.59
CA VAL G 2746 -129.83 55.29 -39.30
C VAL G 2746 -129.68 55.08 -40.80
N ILE G 2747 -130.26 55.97 -41.59
CA ILE G 2747 -130.21 55.89 -43.05
C ILE G 2747 -129.30 56.99 -43.59
N ILE G 2748 -129.05 56.96 -44.89
CA ILE G 2748 -128.16 57.92 -45.55
C ILE G 2748 -129.00 58.77 -46.50
N PRO G 2749 -128.99 60.10 -46.39
CA PRO G 2749 -129.72 60.91 -47.36
C PRO G 2749 -129.15 60.77 -48.75
N GLU G 2750 -129.97 61.11 -49.76
CA GLU G 2750 -129.52 60.99 -51.14
C GLU G 2750 -128.57 62.10 -51.54
N LYS G 2751 -128.80 63.32 -51.04
CA LYS G 2751 -127.83 64.39 -51.25
C LYS G 2751 -126.48 64.00 -50.66
N LEU G 2752 -126.51 63.38 -49.49
CA LEU G 2752 -125.26 62.94 -48.87
C LEU G 2752 -124.71 61.69 -49.57
N ASP G 2753 -125.56 60.94 -50.28
CA ASP G 2753 -125.05 59.87 -51.12
C ASP G 2753 -124.26 60.44 -52.29
N SER G 2754 -124.76 61.51 -52.90
CA SER G 2754 -123.99 62.19 -53.93
C SER G 2754 -122.69 62.74 -53.37
N PHE G 2755 -122.77 63.37 -52.19
CA PHE G 2755 -121.56 63.79 -51.50
C PHE G 2755 -120.58 62.64 -51.30
N ILE G 2756 -121.10 61.47 -50.93
CA ILE G 2756 -120.26 60.32 -50.63
C ILE G 2756 -119.61 59.80 -51.92
N ASN G 2757 -120.34 59.85 -53.03
CA ASN G 2757 -119.76 59.47 -54.31
C ASN G 2757 -118.62 60.40 -54.68
N LYS G 2758 -118.83 61.71 -54.52
CA LYS G 2758 -117.76 62.67 -54.80
C LYS G 2758 -116.57 62.43 -53.89
N PHE G 2759 -116.82 62.17 -52.61
CA PHE G 2759 -115.72 61.94 -51.68
C PHE G 2759 -114.99 60.65 -52.02
N ALA G 2760 -115.70 59.66 -52.55
CA ALA G 2760 -115.06 58.40 -52.92
C ALA G 2760 -114.14 58.59 -54.11
N GLU G 2761 -114.61 59.35 -55.11
CA GLU G 2761 -113.73 59.75 -56.20
C GLU G 2761 -112.49 60.46 -55.64
N TYR G 2762 -112.72 61.39 -54.72
CA TYR G 2762 -111.61 62.11 -54.08
C TYR G 2762 -110.67 61.18 -53.35
N THR G 2763 -111.21 60.20 -52.62
CA THR G 2763 -110.37 59.30 -51.83
C THR G 2763 -109.51 58.45 -52.75
N HIS G 2764 -110.09 57.92 -53.83
CA HIS G 2764 -109.30 57.21 -54.81
C HIS G 2764 -108.21 58.11 -55.37
N GLU G 2765 -108.54 59.37 -55.67
CA GLU G 2765 -107.55 60.26 -56.26
C GLU G 2765 -106.39 60.53 -55.32
N LYS G 2766 -106.66 60.85 -54.06
CA LYS G 2766 -105.57 61.10 -53.12
C LYS G 2766 -104.77 59.83 -52.84
N TRP G 2767 -105.44 58.68 -52.71
CA TRP G 2767 -104.70 57.45 -52.41
C TRP G 2767 -103.81 57.08 -53.59
N ALA G 2768 -104.28 57.34 -54.81
CA ALA G 2768 -103.42 57.13 -55.98
C ALA G 2768 -102.31 58.16 -56.05
N PHE G 2769 -102.54 59.39 -55.58
CA PHE G 2769 -101.44 60.36 -55.52
C PHE G 2769 -100.38 59.92 -54.53
N ASP G 2770 -100.79 59.38 -53.39
CA ASP G 2770 -99.84 58.81 -52.44
C ASP G 2770 -99.10 57.63 -53.05
N LYS G 2771 -99.81 56.80 -53.82
CA LYS G 2771 -99.14 55.73 -54.55
C LYS G 2771 -98.12 56.28 -55.53
N ILE G 2772 -98.42 57.40 -56.19
CA ILE G 2772 -97.44 58.05 -57.07
C ILE G 2772 -96.23 58.49 -56.27
N GLN G 2773 -96.46 59.12 -55.11
CA GLN G 2773 -95.35 59.46 -54.22
C GLN G 2773 -94.53 58.22 -53.88
N ASN G 2774 -95.18 57.07 -53.80
CA ASN G 2774 -94.51 55.78 -53.64
C ASN G 2774 -93.97 55.24 -54.95
N ASN G 2775 -94.20 55.94 -56.06
CA ASN G 2775 -93.73 55.52 -57.38
C ASN G 2775 -94.46 54.27 -57.87
N TRP G 2776 -95.78 54.29 -57.78
CA TRP G 2776 -96.59 53.19 -58.27
C TRP G 2776 -96.85 53.33 -59.77
N SER G 2777 -97.29 52.24 -60.39
CA SER G 2777 -97.57 52.18 -61.81
C SER G 2777 -98.89 51.46 -62.06
N TYR G 2778 -99.49 51.76 -63.22
CA TYR G 2778 -100.76 51.17 -63.61
C TYR G 2778 -100.48 49.90 -64.40
N GLY G 2779 -100.64 48.76 -63.76
CA GLY G 2779 -100.43 47.46 -64.37
C GLY G 2779 -101.61 46.55 -64.11
N GLU G 2780 -101.90 45.67 -65.09
CA GLU G 2780 -103.10 44.84 -65.01
C GLU G 2780 -103.10 43.94 -63.78
N ASN G 2781 -101.93 43.67 -63.22
CA ASN G 2781 -101.81 42.83 -62.03
C ASN G 2781 -101.47 43.68 -60.81
N ILE G 2782 -101.76 43.15 -59.64
CA ILE G 2782 -101.50 43.80 -58.37
C ILE G 2782 -100.30 43.13 -57.72
N ASP G 2783 -99.22 43.89 -57.53
CA ASP G 2783 -98.01 43.37 -56.92
C ASP G 2783 -97.11 44.53 -56.55
N GLU G 2784 -96.68 44.56 -55.28
CA GLU G 2784 -95.78 45.62 -54.82
C GLU G 2784 -94.40 45.49 -55.44
N GLU G 2785 -93.88 44.26 -55.50
CA GLU G 2785 -92.55 44.06 -56.05
C GLU G 2785 -92.48 44.52 -57.51
N LEU G 2786 -93.43 44.07 -58.33
CA LEU G 2786 -93.56 44.59 -59.68
C LEU G 2786 -94.03 46.05 -59.68
N LYS G 2787 -94.56 46.53 -58.56
CA LYS G 2787 -95.05 47.90 -58.46
C LYS G 2787 -96.13 48.16 -59.49
N THR G 2788 -96.97 47.15 -59.72
CA THR G 2788 -98.09 47.22 -60.65
C THR G 2788 -99.38 47.18 -59.86
N HIS G 2789 -100.38 47.93 -60.31
CA HIS G 2789 -101.60 48.14 -59.55
C HIS G 2789 -102.74 48.37 -60.52
N PRO G 2790 -103.69 47.43 -60.66
CA PRO G 2790 -104.67 47.53 -61.75
C PRO G 2790 -105.72 48.61 -61.58
N MET G 2791 -105.86 49.20 -60.41
CA MET G 2791 -106.91 50.20 -60.18
C MET G 2791 -106.43 51.62 -60.42
N LEU G 2792 -105.23 51.82 -60.97
CA LEU G 2792 -104.81 53.15 -61.41
C LEU G 2792 -105.50 53.49 -62.73
N ARG G 2793 -106.82 53.60 -62.65
CA ARG G 2793 -107.68 53.95 -63.76
C ARG G 2793 -108.74 54.94 -63.29
N PRO G 2794 -109.24 55.78 -64.18
CA PRO G 2794 -110.13 56.86 -63.73
C PRO G 2794 -111.33 56.33 -62.97
N TYR G 2795 -111.86 57.13 -62.04
CA TYR G 2795 -112.94 56.65 -61.19
C TYR G 2795 -114.16 56.25 -62.01
N LYS G 2796 -114.27 56.77 -63.24
CA LYS G 2796 -115.34 56.30 -64.13
C LYS G 2796 -115.16 54.81 -64.42
N THR G 2797 -113.94 54.37 -64.69
CA THR G 2797 -113.64 52.98 -64.95
C THR G 2797 -113.27 52.21 -63.69
N PHE G 2798 -113.15 52.90 -62.55
CA PHE G 2798 -112.83 52.23 -61.30
C PHE G 2798 -113.90 51.20 -60.98
N SER G 2799 -113.46 50.00 -60.59
CA SER G 2799 -114.36 48.86 -60.54
C SER G 2799 -115.53 49.13 -59.58
N GLU G 2800 -116.71 48.61 -59.95
CA GLU G 2800 -117.90 48.85 -59.15
C GLU G 2800 -117.74 48.31 -57.73
N LYS G 2801 -117.21 47.09 -57.60
CA LYS G 2801 -116.93 46.56 -56.26
C LYS G 2801 -115.90 47.42 -55.56
N ASP G 2802 -114.86 47.85 -56.28
CA ASP G 2802 -113.85 48.72 -55.70
C ASP G 2802 -114.45 50.09 -55.38
N LYS G 2803 -115.32 50.60 -56.26
CA LYS G 2803 -116.10 51.78 -55.92
C LYS G 2803 -116.85 51.56 -54.62
N GLU G 2804 -117.50 50.40 -54.48
CA GLU G 2804 -118.34 50.15 -53.32
C GLU G 2804 -117.51 50.14 -52.04
N ILE G 2805 -116.32 49.53 -52.10
CA ILE G 2805 -115.49 49.44 -50.89
C ILE G 2805 -114.76 50.73 -50.57
N TYR G 2806 -114.49 51.58 -51.57
CA TYR G 2806 -113.95 52.90 -51.31
C TYR G 2806 -115.02 53.92 -50.97
N ARG G 2807 -116.29 53.55 -51.13
CA ARG G 2807 -117.41 54.39 -50.77
C ARG G 2807 -118.06 53.99 -49.44
N TRP G 2808 -117.94 52.73 -49.05
CA TRP G 2808 -118.54 52.23 -47.81
C TRP G 2808 -117.99 52.88 -46.55
N PRO G 2809 -116.68 53.08 -46.40
CA PRO G 2809 -116.19 53.71 -45.16
C PRO G 2809 -116.88 55.03 -44.88
N ILE G 2810 -117.10 55.82 -45.92
CA ILE G 2810 -117.75 57.12 -45.73
C ILE G 2810 -119.23 56.94 -45.46
N LYS G 2811 -119.86 55.96 -46.10
CA LYS G 2811 -121.25 55.67 -45.78
C LYS G 2811 -121.40 55.40 -44.29
N GLU G 2812 -120.54 54.53 -43.75
CA GLU G 2812 -120.60 54.20 -42.33
C GLU G 2812 -120.29 55.42 -41.47
N SER G 2813 -119.27 56.18 -41.84
CA SER G 2813 -118.89 57.35 -41.05
C SER G 2813 -120.02 58.37 -41.01
N LEU G 2814 -120.66 58.61 -42.15
CA LEU G 2814 -121.70 59.63 -42.24
C LEU G 2814 -122.97 59.16 -41.53
N LYS G 2815 -123.26 57.85 -41.58
CA LYS G 2815 -124.38 57.33 -40.80
C LYS G 2815 -124.08 57.42 -39.31
N ALA G 2816 -122.81 57.24 -38.93
CA ALA G 2816 -122.41 57.50 -37.55
C ALA G 2816 -122.66 58.95 -37.18
N MET G 2817 -122.33 59.88 -38.08
CA MET G 2817 -122.57 61.29 -37.82
C MET G 2817 -124.07 61.58 -37.66
N ILE G 2818 -124.88 60.97 -38.51
CA ILE G 2818 -126.33 61.13 -38.40
C ILE G 2818 -126.82 60.62 -37.05
N ALA G 2819 -126.36 59.43 -36.65
CA ALA G 2819 -126.68 58.93 -35.31
C ALA G 2819 -126.21 59.89 -34.23
N TRP G 2820 -125.08 60.57 -34.44
CA TRP G 2820 -124.62 61.62 -33.56
C TRP G 2820 -125.47 62.88 -33.66
N GLU G 2821 -126.38 62.95 -34.63
CA GLU G 2821 -127.24 64.10 -34.86
C GLU G 2821 -126.49 65.30 -35.42
N TRP G 2822 -125.35 65.06 -36.07
CA TRP G 2822 -124.59 66.13 -36.71
C TRP G 2822 -125.16 66.40 -38.10
N THR G 2823 -126.35 66.99 -38.11
CA THR G 2823 -127.04 67.29 -39.36
C THR G 2823 -126.15 68.09 -40.29
N VAL G 2824 -125.87 67.52 -41.47
CA VAL G 2824 -124.96 68.11 -42.44
C VAL G 2824 -125.76 68.35 -43.72
N GLU G 2825 -125.70 69.58 -44.24
CA GLU G 2825 -126.56 70.00 -45.33
C GLU G 2825 -125.77 70.77 -46.38
N LYS G 2826 -126.32 70.79 -47.60
CA LYS G 2826 -125.69 71.44 -48.74
C LYS G 2826 -125.86 72.95 -48.66
N ALA G 2827 -125.13 73.60 -47.74
CA ALA G 2827 -125.26 75.04 -47.55
C ALA G 2827 -124.62 75.81 -48.69
N ARG G 2828 -123.42 75.41 -49.10
CA ARG G 2828 -122.62 76.13 -50.09
C ARG G 2828 -122.28 75.20 -51.25
N GLU G 2829 -121.81 75.80 -52.35
CA GLU G 2829 -121.47 75.05 -53.55
C GLU G 2829 -120.63 73.82 -53.22
N GLY G 2830 -120.80 72.78 -54.04
CA GLY G 2830 -120.10 71.54 -53.82
C GLY G 2830 -119.17 71.14 -54.96
N GLU G 2831 -118.00 70.60 -54.59
CA GLU G 2831 -117.01 70.17 -55.57
C GLU G 2831 -116.92 68.65 -55.63
N TYR G 2856 -104.07 56.15 -64.83
CA TYR G 2856 -104.40 57.53 -65.19
C TYR G 2856 -103.39 58.49 -64.58
N ASN G 2857 -103.79 59.75 -64.38
CA ASN G 2857 -102.93 60.74 -63.76
C ASN G 2857 -103.45 61.03 -62.36
N PRO G 2858 -102.88 60.44 -61.31
CA PRO G 2858 -103.38 60.70 -59.96
C PRO G 2858 -103.01 62.10 -59.47
N GLN G 2859 -104.00 62.79 -58.91
CA GLN G 2859 -103.81 64.09 -58.29
C GLN G 2859 -104.57 64.13 -56.97
N PRO G 2860 -104.01 64.76 -55.95
CA PRO G 2860 -104.74 64.94 -54.70
C PRO G 2860 -105.58 66.20 -54.72
N PRO G 2861 -106.92 66.09 -54.70
CA PRO G 2861 -107.73 67.29 -54.49
C PRO G 2861 -107.39 67.95 -53.16
N ASP G 2862 -107.20 69.27 -53.19
CA ASP G 2862 -106.72 69.98 -52.02
C ASP G 2862 -107.82 70.08 -50.96
N LEU G 2863 -107.53 69.57 -49.76
CA LEU G 2863 -108.41 69.67 -48.61
C LEU G 2863 -107.81 70.43 -47.43
N SER G 2864 -106.49 70.40 -47.26
CA SER G 2864 -105.89 71.12 -46.14
C SER G 2864 -106.11 72.63 -46.27
N VAL G 2865 -106.51 73.09 -47.47
CA VAL G 2865 -106.76 74.52 -47.67
C VAL G 2865 -107.86 75.00 -46.74
N VAL G 2866 -108.94 74.22 -46.64
CA VAL G 2866 -110.03 74.58 -45.73
C VAL G 2866 -109.69 74.08 -44.33
N THR G 2867 -109.79 74.98 -43.35
CA THR G 2867 -109.39 74.69 -41.97
C THR G 2867 -110.64 74.68 -41.09
N LEU G 2868 -110.73 73.67 -40.22
CA LEU G 2868 -111.85 73.59 -39.30
C LEU G 2868 -111.63 74.55 -38.14
N SER G 2869 -112.59 75.43 -37.89
CA SER G 2869 -112.50 76.31 -36.74
C SER G 2869 -112.70 75.50 -35.47
N ARG G 2870 -112.20 76.04 -34.34
CA ARG G 2870 -112.07 75.27 -33.11
C ARG G 2870 -113.26 74.35 -32.84
N GLU G 2871 -114.49 74.86 -33.04
CA GLU G 2871 -115.66 74.03 -32.76
C GLU G 2871 -115.74 72.84 -33.73
N LEU G 2872 -115.49 73.09 -35.01
CA LEU G 2872 -115.50 71.97 -35.97
C LEU G 2872 -114.32 71.05 -35.74
N GLN G 2873 -113.22 71.59 -35.21
CA GLN G 2873 -112.10 70.73 -34.81
C GLN G 2873 -112.52 69.80 -33.67
N ALA G 2874 -113.27 70.31 -32.71
CA ALA G 2874 -113.81 69.46 -31.65
C ALA G 2874 -114.76 68.41 -32.23
N MET G 2875 -115.57 68.82 -33.21
CA MET G 2875 -116.46 67.87 -33.87
C MET G 2875 -115.66 66.77 -34.54
N ALA G 2876 -114.57 67.14 -35.21
CA ALA G 2876 -113.71 66.15 -35.85
C ALA G 2876 -112.99 65.29 -34.82
N GLU G 2877 -112.69 65.85 -33.65
CA GLU G 2877 -112.11 65.06 -32.57
C GLU G 2877 -113.10 63.98 -32.13
N GLN G 2878 -114.37 64.34 -31.99
CA GLN G 2878 -115.39 63.37 -31.64
C GLN G 2878 -115.53 62.31 -32.74
N LEU G 2879 -115.49 62.74 -34.00
CA LEU G 2879 -115.58 61.80 -35.11
C LEU G 2879 -114.39 60.86 -35.12
N ALA G 2880 -113.19 61.38 -34.83
CA ALA G 2880 -112.02 60.53 -34.75
C ALA G 2880 -112.11 59.59 -33.56
N GLU G 2881 -112.74 60.02 -32.47
CA GLU G 2881 -112.98 59.12 -31.35
C GLU G 2881 -113.91 57.98 -31.77
N ASN G 2882 -114.92 58.29 -32.58
CA ASN G 2882 -115.80 57.23 -33.08
C ASN G 2882 -115.04 56.27 -34.00
N TYR G 2883 -114.18 56.82 -34.86
CA TYR G 2883 -113.35 55.96 -35.71
C TYR G 2883 -112.45 55.07 -34.86
N HIS G 2884 -111.85 55.66 -33.82
CA HIS G 2884 -111.06 54.87 -32.88
C HIS G 2884 -111.90 53.81 -32.20
N ASN G 2885 -113.18 54.10 -31.98
CA ASN G 2885 -114.07 53.11 -31.37
C ASN G 2885 -114.25 51.92 -32.29
N THR G 2886 -114.53 52.19 -33.57
CA THR G 2886 -114.66 51.10 -34.54
C THR G 2886 -113.35 50.32 -34.65
N TRP G 2887 -112.25 51.05 -34.69
CA TRP G 2887 -110.91 50.46 -34.85
C TRP G 2887 -110.59 49.55 -33.67
N GLY G 2888 -110.81 50.04 -32.45
CA GLY G 2888 -110.57 49.22 -31.27
C GLY G 2888 -111.59 48.11 -31.13
N ARG G 2889 -112.77 48.27 -31.73
CA ARG G 2889 -113.71 47.17 -31.77
C ARG G 2889 -113.18 46.04 -32.64
N LYS G 2890 -112.58 46.39 -33.77
CA LYS G 2890 -111.94 45.37 -34.61
C LYS G 2890 -110.82 44.66 -33.83
N LYS G 2891 -109.99 45.43 -33.13
CA LYS G 2891 -108.98 44.80 -32.29
C LYS G 2891 -109.60 43.96 -31.18
N LYS G 2892 -110.73 44.38 -30.62
CA LYS G 2892 -111.43 43.51 -29.68
C LYS G 2892 -111.76 42.18 -30.33
N GLN G 2893 -112.41 42.23 -31.50
CA GLN G 2893 -112.73 41.00 -32.21
C GLN G 2893 -111.50 40.12 -32.35
N GLU G 2894 -110.36 40.73 -32.65
CA GLU G 2894 -109.11 39.97 -32.69
C GLU G 2894 -108.80 39.34 -31.33
N LEU G 2895 -109.10 40.06 -30.24
CA LEU G 2895 -108.85 39.50 -28.91
C LEU G 2895 -109.73 38.29 -28.64
N GLU G 2896 -111.03 38.36 -28.98
CA GLU G 2896 -111.87 37.18 -28.82
C GLU G 2896 -111.38 36.04 -29.71
N ALA G 2897 -110.88 36.37 -30.91
CA ALA G 2897 -110.31 35.33 -31.76
C ALA G 2897 -109.12 34.66 -31.08
N LYS G 2898 -108.27 35.46 -30.43
CA LYS G 2898 -107.14 34.89 -29.70
C LYS G 2898 -107.61 34.03 -28.53
N GLY G 2899 -108.65 34.47 -27.82
CA GLY G 2899 -109.09 33.78 -26.64
C GLY G 2899 -108.48 34.28 -25.35
N GLY G 2900 -108.02 35.52 -25.34
CA GLY G 2900 -107.41 36.10 -24.15
C GLY G 2900 -106.18 36.92 -24.46
N GLY G 2901 -106.14 38.16 -23.98
CA GLY G 2901 -105.02 39.03 -24.24
C GLY G 2901 -105.38 40.48 -23.95
N SER G 2902 -104.59 41.38 -24.53
CA SER G 2902 -104.81 42.81 -24.37
C SER G 2902 -104.13 43.54 -25.52
N HIS G 2903 -104.88 44.41 -26.19
CA HIS G 2903 -104.33 45.17 -27.30
C HIS G 2903 -103.55 46.37 -26.77
N PRO G 2904 -102.27 46.53 -27.13
CA PRO G 2904 -101.48 47.61 -26.51
C PRO G 2904 -102.09 49.00 -26.67
N LEU G 2905 -102.69 49.29 -27.83
CA LEU G 2905 -103.23 50.61 -28.11
C LEU G 2905 -104.74 50.68 -27.90
N LEU G 2906 -105.27 49.93 -26.95
CA LEU G 2906 -106.69 49.96 -26.60
C LEU G 2906 -107.02 51.03 -25.57
N VAL G 2907 -106.16 52.02 -25.40
CA VAL G 2907 -106.37 53.09 -24.43
C VAL G 2907 -107.16 54.20 -25.12
N PRO G 2908 -108.20 54.76 -24.49
CA PRO G 2908 -109.08 55.68 -25.21
C PRO G 2908 -108.36 56.83 -25.88
N TYR G 2909 -109.09 57.52 -26.77
CA TYR G 2909 -108.58 58.62 -27.58
C TYR G 2909 -108.00 59.73 -26.72
N ASP G 2910 -108.73 60.17 -25.69
CA ASP G 2910 -108.24 61.24 -24.83
C ASP G 2910 -106.95 60.84 -24.15
N THR G 2911 -106.87 59.58 -23.71
CA THR G 2911 -105.62 59.08 -23.12
C THR G 2911 -104.48 59.11 -24.12
N LEU G 2912 -104.77 58.75 -25.37
CA LEU G 2912 -103.72 58.74 -26.40
C LEU G 2912 -103.10 60.12 -26.54
N THR G 2913 -101.78 60.13 -26.78
CA THR G 2913 -101.10 61.36 -27.13
C THR G 2913 -101.36 61.70 -28.59
N ALA G 2914 -100.96 62.92 -28.97
CA ALA G 2914 -101.24 63.40 -30.32
C ALA G 2914 -100.67 62.50 -31.40
N LYS G 2915 -99.59 61.76 -31.10
CA LYS G 2915 -98.95 60.94 -32.13
C LYS G 2915 -99.90 59.90 -32.68
N GLU G 2916 -100.51 59.10 -31.80
CA GLU G 2916 -101.46 58.09 -32.27
C GLU G 2916 -102.77 58.72 -32.70
N LYS G 2917 -103.17 59.82 -32.03
CA LYS G 2917 -104.38 60.53 -32.44
C LYS G 2917 -104.25 61.05 -33.86
N ALA G 2918 -103.06 61.53 -34.22
CA ALA G 2918 -102.89 62.36 -35.41
C ALA G 2918 -103.50 61.73 -36.66
N ARG G 2919 -103.29 60.43 -36.88
CA ARG G 2919 -103.76 59.81 -38.11
C ARG G 2919 -105.29 59.83 -38.19
N ASP G 2920 -105.95 59.37 -37.11
CA ASP G 2920 -107.41 59.33 -37.11
C ASP G 2920 -108.00 60.74 -37.12
N ARG G 2921 -107.33 61.68 -36.43
CA ARG G 2921 -107.75 63.07 -36.49
C ARG G 2921 -107.68 63.59 -37.93
N GLU G 2922 -106.61 63.24 -38.64
CA GLU G 2922 -106.48 63.65 -40.03
C GLU G 2922 -107.59 63.06 -40.89
N LYS G 2923 -107.92 61.79 -40.66
CA LYS G 2923 -108.99 61.16 -41.44
C LYS G 2923 -110.33 61.86 -41.22
N ALA G 2924 -110.68 62.07 -39.95
CA ALA G 2924 -111.93 62.77 -39.65
C ALA G 2924 -111.91 64.20 -40.19
N GLN G 2925 -110.76 64.86 -40.09
CA GLN G 2925 -110.62 66.22 -40.59
C GLN G 2925 -110.84 66.27 -42.09
N GLU G 2926 -110.26 65.31 -42.83
CA GLU G 2926 -110.47 65.26 -44.26
C GLU G 2926 -111.94 65.05 -44.60
N LEU G 2927 -112.61 64.16 -43.87
CA LEU G 2927 -114.03 63.93 -44.13
C LEU G 2927 -114.82 65.23 -43.94
N LEU G 2928 -114.57 65.93 -42.83
CA LEU G 2928 -115.34 67.15 -42.56
C LEU G 2928 -114.94 68.27 -43.52
N LYS G 2929 -113.69 68.29 -43.97
CA LYS G 2929 -113.24 69.30 -44.92
C LYS G 2929 -113.96 69.11 -46.26
N PHE G 2930 -114.07 67.87 -46.72
CA PHE G 2930 -114.85 67.62 -47.93
C PHE G 2930 -116.32 67.94 -47.71
N LEU G 2931 -116.84 67.70 -46.50
CA LEU G 2931 -118.21 68.13 -46.20
C LEU G 2931 -118.36 69.64 -46.39
N GLN G 2932 -117.39 70.41 -45.89
CA GLN G 2932 -117.48 71.86 -46.02
C GLN G 2932 -117.39 72.29 -47.47
N MET G 2933 -116.41 71.77 -48.22
CA MET G 2933 -116.35 72.11 -49.64
C MET G 2933 -117.59 71.64 -50.38
N ASN G 2934 -118.35 70.71 -49.82
CA ASN G 2934 -119.64 70.33 -50.35
C ASN G 2934 -120.79 70.99 -49.62
N GLY G 2935 -120.52 72.07 -48.88
CA GLY G 2935 -121.56 72.83 -48.19
C GLY G 2935 -122.02 72.19 -46.89
N TYR G 2936 -121.89 70.89 -46.77
CA TYR G 2936 -122.38 70.17 -45.60
C TYR G 2936 -121.60 70.57 -44.35
N ALA G 2937 -122.33 70.95 -43.30
CA ALA G 2937 -121.75 71.43 -42.06
C ALA G 2937 -122.42 70.75 -40.87
N VAL G 2938 -121.60 70.29 -39.92
CA VAL G 2938 -122.08 69.53 -38.77
C VAL G 2938 -122.89 70.44 -37.84
N THR G 2939 -123.68 69.81 -36.97
CA THR G 2939 -124.54 70.52 -36.01
C THR G 2939 -123.73 70.76 -34.74
N ARG G 2940 -123.34 72.02 -34.53
CA ARG G 2940 -122.63 72.42 -33.32
C ARG G 2940 -123.58 72.76 -32.18
N GLY G 2941 -124.85 73.02 -32.47
CA GLY G 2941 -125.82 73.34 -31.44
C GLY G 2941 -125.38 74.50 -30.57
N LEU G 2942 -125.46 74.33 -29.25
CA LEU G 2942 -124.96 75.31 -28.30
C LEU G 2942 -123.76 74.80 -27.53
N LYS G 2943 -123.31 73.57 -27.80
CA LYS G 2943 -122.22 72.98 -27.04
C LYS G 2943 -120.95 73.81 -27.16
N ASP G 2944 -120.68 74.35 -28.34
CA ASP G 2944 -119.42 75.07 -28.55
C ASP G 2944 -119.31 76.27 -27.61
N MET G 2945 -120.32 77.15 -27.60
CA MET G 2945 -120.19 78.38 -26.83
C MET G 2945 -120.61 78.18 -25.37
N GLU G 2946 -121.17 77.01 -25.04
CA GLU G 2946 -121.32 76.69 -23.62
C GLU G 2946 -120.09 75.96 -23.09
N LEU G 2947 -119.20 75.52 -23.99
CA LEU G 2947 -117.88 75.07 -23.58
C LEU G 2947 -116.88 76.21 -23.53
N ASP G 2948 -117.06 77.23 -24.38
CA ASP G 2948 -116.05 78.26 -24.56
C ASP G 2948 -115.53 78.82 -23.24
N THR G 2949 -116.45 79.16 -22.32
CA THR G 2949 -116.07 79.74 -21.03
C THR G 2949 -114.89 80.70 -21.18
N SER G 2950 -113.75 80.35 -20.61
CA SER G 2950 -112.53 81.13 -20.79
C SER G 2950 -111.40 80.43 -20.06
N SER G 2951 -110.18 80.88 -20.34
CA SER G 2951 -109.02 80.31 -19.68
C SER G 2951 -109.16 80.35 -18.16
N ILE G 2952 -109.73 81.44 -17.64
CA ILE G 2952 -109.89 81.57 -16.20
C ILE G 2952 -110.77 80.45 -15.67
N GLU G 2953 -111.90 80.20 -16.32
CA GLU G 2953 -112.77 79.10 -15.90
C GLU G 2953 -112.17 77.74 -16.18
N LYS G 2954 -111.16 77.65 -17.05
CA LYS G 2954 -110.53 76.36 -17.33
C LYS G 2954 -109.30 76.09 -16.49
N ARG G 2955 -108.81 77.06 -15.73
CA ARG G 2955 -107.67 76.81 -14.87
C ARG G 2955 -108.00 75.71 -13.85
N PHE G 2956 -107.01 74.91 -13.52
CA PHE G 2956 -107.24 73.81 -12.59
C PHE G 2956 -107.71 74.32 -11.23
N ALA G 2957 -107.07 75.39 -10.74
CA ALA G 2957 -107.45 75.93 -9.44
C ALA G 2957 -108.91 76.36 -9.45
N PHE G 2958 -109.38 76.91 -10.57
CA PHE G 2958 -110.77 77.36 -10.64
C PHE G 2958 -111.73 76.19 -10.43
N GLY G 2959 -111.53 75.10 -11.16
CA GLY G 2959 -112.40 73.95 -11.00
C GLY G 2959 -112.30 73.33 -9.62
N PHE G 2960 -111.08 73.26 -9.09
CA PHE G 2960 -110.89 72.73 -7.75
C PHE G 2960 -111.67 73.53 -6.73
N LEU G 2961 -111.60 74.86 -6.83
CA LEU G 2961 -112.30 75.71 -5.87
C LEU G 2961 -113.81 75.62 -6.06
N GLN G 2962 -114.27 75.49 -7.31
CA GLN G 2962 -115.69 75.30 -7.54
C GLN G 2962 -116.19 74.05 -6.85
N GLN G 2963 -115.46 72.94 -7.02
CA GLN G 2963 -115.85 71.70 -6.36
C GLN G 2963 -115.82 71.84 -4.85
N LEU G 2964 -114.80 72.52 -4.31
CA LEU G 2964 -114.73 72.72 -2.88
C LEU G 2964 -115.93 73.52 -2.38
N LEU G 2965 -116.33 74.55 -3.11
CA LEU G 2965 -117.48 75.34 -2.69
C LEU G 2965 -118.77 74.53 -2.74
N ARG G 2966 -118.93 73.70 -3.78
CA ARG G 2966 -120.11 72.85 -3.84
C ARG G 2966 -120.14 71.89 -2.65
N TRP G 2967 -118.99 71.30 -2.33
CA TRP G 2967 -118.94 70.41 -1.18
C TRP G 2967 -119.18 71.18 0.12
N MET G 2968 -118.83 72.46 0.16
CA MET G 2968 -119.13 73.27 1.32
C MET G 2968 -120.64 73.48 1.46
N ASP G 2969 -121.32 73.66 0.33
CA ASP G 2969 -122.78 73.73 0.35
C ASP G 2969 -123.38 72.43 0.89
N ILE G 2970 -122.83 71.29 0.46
CA ILE G 2970 -123.27 70.00 1.02
C ILE G 2970 -122.99 69.95 2.52
N SER G 2971 -121.87 70.55 2.93
CA SER G 2971 -121.48 70.58 4.33
C SER G 2971 -122.53 71.31 5.15
N GLN G 2972 -123.02 72.43 4.63
CA GLN G 2972 -124.10 73.13 5.32
C GLN G 2972 -125.26 72.19 5.61
N GLU G 2973 -125.68 71.42 4.59
CA GLU G 2973 -126.84 70.56 4.75
C GLU G 2973 -126.62 69.49 5.80
N PHE G 2974 -125.54 68.71 5.68
CA PHE G 2974 -125.45 67.63 6.67
C PHE G 2974 -125.00 68.12 8.04
N ILE G 2975 -124.33 69.26 8.16
CA ILE G 2975 -124.07 69.76 9.50
C ILE G 2975 -125.38 70.22 10.13
N ALA G 2976 -126.27 70.82 9.35
CA ALA G 2976 -127.60 71.13 9.87
C ALA G 2976 -128.31 69.88 10.35
N HIS G 2977 -128.26 68.82 9.56
CA HIS G 2977 -128.93 67.57 9.96
C HIS G 2977 -128.30 67.01 11.23
N LEU G 2978 -126.97 67.01 11.31
CA LEU G 2978 -126.29 66.46 12.47
C LEU G 2978 -126.64 67.25 13.72
N GLU G 2979 -126.70 68.59 13.59
CA GLU G 2979 -127.10 69.41 14.73
C GLU G 2979 -128.52 69.07 15.15
N ALA G 2980 -129.43 68.92 14.19
CA ALA G 2980 -130.82 68.63 14.51
C ALA G 2980 -130.92 67.30 15.26
N VAL G 2981 -130.23 66.28 14.78
CA VAL G 2981 -130.34 64.96 15.42
C VAL G 2981 -129.67 64.98 16.79
N VAL G 2982 -128.54 65.69 16.93
CA VAL G 2982 -127.86 65.73 18.22
C VAL G 2982 -128.70 66.47 19.25
N SER G 2983 -129.40 67.52 18.83
CA SER G 2983 -130.25 68.26 19.76
C SER G 2983 -131.32 67.36 20.35
N SER G 2984 -131.99 66.57 19.51
CA SER G 2984 -133.04 65.67 19.96
C SER G 2984 -133.26 64.61 18.91
N GLY G 2985 -133.97 63.56 19.30
CA GLY G 2985 -134.32 62.49 18.37
C GLY G 2985 -133.12 61.73 17.86
N ARG G 2986 -132.50 60.93 18.73
CA ARG G 2986 -131.31 60.17 18.35
C ARG G 2986 -131.55 59.41 17.06
N VAL G 2987 -130.74 59.70 16.05
CA VAL G 2987 -130.76 58.99 14.76
C VAL G 2987 -129.36 58.48 14.48
N GLU G 2988 -129.23 57.15 14.39
CA GLU G 2988 -127.97 56.53 14.04
C GLU G 2988 -127.84 56.23 12.56
N LYS G 2989 -128.88 56.50 11.76
CA LYS G 2989 -128.81 56.24 10.33
C LYS G 2989 -127.73 57.08 9.67
N SER G 2990 -127.65 58.36 10.01
CA SER G 2990 -126.69 59.26 9.39
C SER G 2990 -126.80 59.13 7.86
N PRO G 2991 -127.88 59.65 7.27
CA PRO G 2991 -128.09 59.44 5.83
C PRO G 2991 -126.99 60.04 4.98
N HIS G 2992 -126.18 60.92 5.57
CA HIS G 2992 -125.05 61.54 4.87
C HIS G 2992 -123.72 60.98 5.38
N GLU G 2993 -123.74 59.81 6.01
CA GLU G 2993 -122.56 59.33 6.72
C GLU G 2993 -121.32 59.39 5.85
N GLN G 2994 -121.41 58.93 4.61
CA GLN G 2994 -120.25 58.94 3.74
C GLN G 2994 -119.88 60.37 3.35
N GLU G 2995 -120.87 61.26 3.30
CA GLU G 2995 -120.56 62.67 3.06
C GLU G 2995 -119.74 63.25 4.20
N ILE G 2996 -120.13 62.98 5.45
CA ILE G 2996 -119.33 63.43 6.59
C ILE G 2996 -117.93 62.85 6.48
N LYS G 2997 -117.82 61.56 6.23
CA LYS G 2997 -116.51 60.92 6.23
C LYS G 2997 -115.63 61.51 5.14
N PHE G 2998 -116.17 61.71 3.95
CA PHE G 2998 -115.41 62.34 2.88
C PHE G 2998 -114.95 63.73 3.30
N PHE G 2999 -115.90 64.57 3.74
CA PHE G 2999 -115.56 65.95 4.05
C PHE G 2999 -114.47 66.03 5.13
N ALA G 3000 -114.51 65.11 6.09
CA ALA G 3000 -113.58 65.17 7.21
C ALA G 3000 -112.27 64.45 6.95
N LYS G 3001 -112.22 63.50 6.03
CA LYS G 3001 -111.03 62.68 5.83
C LYS G 3001 -110.29 62.99 4.54
N ILE G 3002 -110.89 63.70 3.59
CA ILE G 3002 -110.24 63.96 2.31
C ILE G 3002 -110.12 65.45 2.08
N LEU G 3003 -111.26 66.16 2.04
CA LEU G 3003 -111.24 67.57 1.68
C LEU G 3003 -110.38 68.37 2.64
N LEU G 3004 -110.55 68.15 3.95
CA LEU G 3004 -109.82 68.97 4.91
C LEU G 3004 -108.31 68.77 4.80
N PRO G 3005 -107.77 67.56 4.86
CA PRO G 3005 -106.33 67.42 4.60
C PRO G 3005 -105.93 67.94 3.23
N LEU G 3006 -106.78 67.71 2.22
CA LEU G 3006 -106.51 68.22 0.90
C LEU G 3006 -106.40 69.73 0.92
N ILE G 3007 -107.51 70.41 1.23
CA ILE G 3007 -107.49 71.87 1.35
C ILE G 3007 -106.24 72.33 2.07
N ASN G 3008 -105.95 71.73 3.22
CA ASN G 3008 -104.79 72.15 4.00
C ASN G 3008 -103.52 72.10 3.16
N GLN G 3009 -103.21 70.94 2.59
CA GLN G 3009 -101.93 70.77 1.89
C GLN G 3009 -101.88 71.61 0.61
N TYR G 3010 -102.98 71.65 -0.13
CA TYR G 3010 -103.04 72.40 -1.38
C TYR G 3010 -102.79 73.88 -1.14
N PHE G 3011 -103.48 74.47 -0.17
CA PHE G 3011 -103.32 75.90 0.07
C PHE G 3011 -102.11 76.21 0.93
N THR G 3012 -101.46 75.22 1.52
CA THR G 3012 -100.14 75.44 2.08
C THR G 3012 -99.09 75.49 1.00
N ASN G 3013 -99.24 74.69 -0.06
CA ASN G 3013 -98.28 74.72 -1.15
C ASN G 3013 -98.49 75.93 -2.05
N HIS G 3014 -99.65 76.03 -2.69
CA HIS G 3014 -99.92 77.12 -3.63
C HIS G 3014 -100.49 78.31 -2.88
N CYS G 3015 -99.69 78.85 -1.97
CA CYS G 3015 -100.06 80.02 -1.19
C CYS G 3015 -99.68 81.33 -1.88
N LEU G 3016 -98.49 81.38 -2.48
CA LEU G 3016 -98.06 82.61 -3.15
C LEU G 3016 -98.88 82.85 -4.41
N TYR G 3017 -99.30 81.79 -5.08
CA TYR G 3017 -100.07 81.96 -6.31
C TYR G 3017 -101.35 82.74 -6.05
N PHE G 3018 -102.03 82.45 -4.94
CA PHE G 3018 -103.28 83.12 -4.63
C PHE G 3018 -103.09 84.51 -4.06
N LEU G 3019 -101.87 84.86 -3.63
CA LEU G 3019 -101.57 86.17 -3.09
C LEU G 3019 -100.87 87.09 -4.08
N SER G 3020 -100.34 86.54 -5.17
CA SER G 3020 -99.65 87.36 -6.16
C SER G 3020 -100.65 88.20 -6.95
N THR G 3021 -100.19 89.36 -7.39
CA THR G 3021 -100.95 90.26 -8.24
C THR G 3021 -100.16 90.59 -9.48
N PRO G 3022 -100.82 91.03 -10.55
CA PRO G 3022 -100.09 91.31 -11.79
C PRO G 3022 -98.92 92.26 -11.58
N ALA G 3023 -99.13 93.27 -10.73
CA ALA G 3023 -98.04 94.21 -10.43
C ALA G 3023 -96.91 93.53 -9.68
N LYS G 3024 -97.25 92.69 -8.71
CA LYS G 3024 -96.29 92.10 -7.78
C LYS G 3024 -96.55 90.60 -7.67
N VAL G 3025 -95.67 89.81 -8.27
CA VAL G 3025 -95.81 88.35 -8.30
C VAL G 3025 -94.82 87.78 -7.28
N LEU G 3026 -95.35 87.21 -6.21
CA LEU G 3026 -94.51 86.58 -5.19
C LEU G 3026 -94.14 85.15 -5.54
N GLY G 3027 -95.02 84.43 -6.21
CA GLY G 3027 -94.75 83.04 -6.52
C GLY G 3027 -93.71 82.90 -7.61
N SER G 3028 -93.35 81.63 -7.88
CA SER G 3028 -92.38 81.37 -8.93
C SER G 3028 -92.90 81.85 -10.29
N GLY G 3029 -94.17 81.59 -10.57
CA GLY G 3029 -94.78 82.05 -11.79
C GLY G 3029 -96.29 81.92 -11.75
N GLY G 3030 -96.99 82.91 -12.30
CA GLY G 3030 -98.43 82.87 -12.33
C GLY G 3030 -99.05 83.63 -11.17
N HIS G 3031 -100.22 84.22 -11.39
CA HIS G 3031 -100.94 84.95 -10.37
C HIS G 3031 -102.42 84.61 -10.47
N ALA G 3032 -103.04 84.37 -9.32
CA ALA G 3032 -104.44 83.96 -9.31
C ALA G 3032 -105.32 85.07 -9.86
N SER G 3033 -106.36 84.67 -10.59
CA SER G 3033 -107.32 85.63 -11.10
C SER G 3033 -108.21 86.17 -9.99
N ASN G 3034 -108.86 87.30 -10.27
CA ASN G 3034 -109.75 87.90 -9.29
C ASN G 3034 -110.86 86.94 -8.89
N LYS G 3035 -111.36 86.16 -9.85
CA LYS G 3035 -112.40 85.20 -9.54
C LYS G 3035 -111.89 84.13 -8.59
N GLU G 3036 -110.65 83.67 -8.80
CA GLU G 3036 -110.07 82.69 -7.89
C GLU G 3036 -109.89 83.26 -6.50
N LYS G 3037 -109.42 84.51 -6.41
CA LYS G 3037 -109.27 85.15 -5.10
C LYS G 3037 -110.61 85.26 -4.39
N GLU G 3038 -111.65 85.67 -5.12
CA GLU G 3038 -112.98 85.75 -4.54
C GLU G 3038 -113.46 84.37 -4.08
N MET G 3039 -113.20 83.33 -4.85
CA MET G 3039 -113.64 82.00 -4.48
C MET G 3039 -112.94 81.52 -3.22
N ILE G 3040 -111.64 81.77 -3.08
CA ILE G 3040 -110.95 81.34 -1.87
C ILE G 3040 -111.45 82.12 -0.66
N THR G 3041 -111.71 83.42 -0.84
CA THR G 3041 -112.28 84.20 0.25
C THR G 3041 -113.64 83.64 0.67
N SER G 3042 -114.49 83.30 -0.30
CA SER G 3042 -115.79 82.75 0.01
C SER G 3042 -115.65 81.41 0.71
N LEU G 3043 -114.68 80.59 0.29
CA LEU G 3043 -114.44 79.32 0.96
C LEU G 3043 -114.09 79.54 2.43
N PHE G 3044 -113.19 80.49 2.70
CA PHE G 3044 -112.82 80.77 4.08
C PHE G 3044 -114.03 81.19 4.89
N CYS G 3045 -114.80 82.14 4.36
CA CYS G 3045 -115.97 82.63 5.10
C CYS G 3045 -116.96 81.50 5.36
N LYS G 3046 -117.22 80.68 4.35
CA LYS G 3046 -118.20 79.60 4.51
C LYS G 3046 -117.74 78.58 5.53
N LEU G 3047 -116.45 78.21 5.50
CA LEU G 3047 -115.96 77.25 6.48
C LEU G 3047 -116.01 77.82 7.89
N ALA G 3048 -115.66 79.10 8.05
CA ALA G 3048 -115.76 79.71 9.37
C ALA G 3048 -117.21 79.71 9.87
N ALA G 3049 -118.14 80.07 9.00
CA ALA G 3049 -119.55 80.05 9.39
C ALA G 3049 -119.98 78.64 9.76
N LEU G 3050 -119.52 77.64 8.99
CA LEU G 3050 -119.86 76.27 9.31
C LEU G 3050 -119.39 75.89 10.70
N VAL G 3051 -118.16 76.27 11.05
CA VAL G 3051 -117.60 75.90 12.35
C VAL G 3051 -118.19 76.70 13.50
N ARG G 3052 -118.73 77.88 13.24
CA ARG G 3052 -119.17 78.77 14.32
C ARG G 3052 -120.05 78.01 15.31
N HIS G 3053 -119.62 78.00 16.58
CA HIS G 3053 -120.41 77.43 17.67
C HIS G 3053 -120.74 75.95 17.44
N ARG G 3054 -119.89 75.26 16.67
CA ARG G 3054 -120.17 73.86 16.34
C ARG G 3054 -118.90 73.02 16.38
N VAL G 3055 -117.96 73.35 17.27
CA VAL G 3055 -116.71 72.61 17.33
C VAL G 3055 -116.96 71.18 17.79
N SER G 3056 -117.84 71.00 18.79
CA SER G 3056 -118.08 69.66 19.31
C SER G 3056 -118.61 68.73 18.23
N LEU G 3057 -119.53 69.23 17.40
CA LEU G 3057 -120.09 68.40 16.34
C LEU G 3057 -119.00 67.75 15.50
N PHE G 3058 -118.01 68.54 15.10
CA PHE G 3058 -116.87 67.97 14.38
C PHE G 3058 -116.04 67.07 15.28
N GLY G 3059 -115.92 67.43 16.55
CA GLY G 3059 -115.21 66.56 17.48
C GLY G 3059 -113.74 66.44 17.13
N THR G 3060 -113.30 65.20 16.90
CA THR G 3060 -111.87 64.94 16.69
C THR G 3060 -111.34 65.63 15.44
N ASP G 3061 -112.21 66.03 14.51
CA ASP G 3061 -111.76 66.73 13.31
C ASP G 3061 -111.68 68.24 13.50
N ALA G 3062 -112.14 68.76 14.63
CA ALA G 3062 -112.08 70.20 14.86
C ALA G 3062 -110.66 70.74 14.71
N PRO G 3063 -109.62 70.08 15.21
CA PRO G 3063 -108.25 70.58 14.96
C PRO G 3063 -107.97 70.71 13.47
N ALA G 3064 -108.43 69.74 12.69
CA ALA G 3064 -108.21 69.79 11.24
C ALA G 3064 -108.94 70.98 10.63
N VAL G 3065 -110.17 71.22 11.05
CA VAL G 3065 -110.92 72.35 10.49
C VAL G 3065 -110.24 73.66 10.86
N VAL G 3066 -109.76 73.77 12.09
CA VAL G 3066 -109.09 74.99 12.51
C VAL G 3066 -107.81 75.19 11.71
N ASN G 3067 -107.07 74.12 11.47
CA ASN G 3067 -105.85 74.25 10.66
C ASN G 3067 -106.19 74.70 9.24
N CYS G 3068 -107.26 74.15 8.66
CA CYS G 3068 -107.68 74.60 7.34
C CYS G 3068 -108.03 76.08 7.35
N LEU G 3069 -108.72 76.53 8.41
CA LEU G 3069 -109.05 77.94 8.51
C LEU G 3069 -107.79 78.79 8.58
N HIS G 3070 -106.79 78.35 9.34
CA HIS G 3070 -105.53 79.08 9.40
C HIS G 3070 -104.90 79.19 8.02
N ILE G 3071 -104.86 78.07 7.29
CA ILE G 3071 -104.24 78.09 5.96
C ILE G 3071 -104.97 79.05 5.04
N LEU G 3072 -106.29 78.98 5.02
CA LEU G 3072 -107.05 79.86 4.14
C LEU G 3072 -106.85 81.32 4.54
N ALA G 3073 -106.85 81.61 5.84
CA ALA G 3073 -106.64 82.98 6.29
C ALA G 3073 -105.29 83.49 5.82
N ARG G 3074 -104.25 82.67 5.90
CA ARG G 3074 -102.94 83.07 5.42
C ARG G 3074 -102.85 83.11 3.90
N SER G 3075 -103.81 82.53 3.20
CA SER G 3075 -103.82 82.55 1.74
C SER G 3075 -104.84 83.51 1.16
N LEU G 3076 -105.52 84.31 1.98
CA LEU G 3076 -106.61 85.18 1.55
C LEU G 3076 -106.06 86.52 1.06
N ASP G 3077 -106.52 86.95 -0.12
CA ASP G 3077 -106.13 88.25 -0.70
C ASP G 3077 -107.23 89.28 -0.45
N ALA G 3078 -107.28 89.75 0.79
CA ALA G 3078 -108.36 90.65 1.21
C ALA G 3078 -108.32 91.97 0.45
N ARG G 3079 -107.13 92.51 0.18
CA ARG G 3079 -107.05 93.79 -0.53
C ARG G 3079 -107.82 93.74 -1.83
N THR G 3080 -107.44 92.82 -2.72
CA THR G 3080 -108.09 92.72 -4.02
C THR G 3080 -109.57 92.38 -3.85
N VAL G 3081 -109.88 91.42 -2.97
CA VAL G 3081 -111.26 90.99 -2.84
C VAL G 3081 -112.16 92.16 -2.46
N MET G 3082 -111.69 93.00 -1.53
CA MET G 3082 -112.49 94.14 -1.09
C MET G 3082 -112.54 95.23 -2.14
N LYS G 3083 -111.38 95.55 -2.75
CA LYS G 3083 -111.34 96.65 -3.69
C LYS G 3083 -112.22 96.39 -4.90
N SER G 3084 -112.18 95.16 -5.42
CA SER G 3084 -112.98 94.79 -6.59
C SER G 3084 -113.44 93.36 -6.43
N GLY G 3085 -114.70 93.17 -6.05
CA GLY G 3085 -115.26 91.86 -5.88
C GLY G 3085 -116.76 91.88 -5.77
N PRO G 3086 -117.41 90.74 -5.93
CA PRO G 3086 -118.87 90.68 -5.82
C PRO G 3086 -119.34 91.13 -4.45
N GLU G 3087 -120.48 91.82 -4.43
CA GLU G 3087 -121.07 92.26 -3.17
C GLU G 3087 -121.34 91.07 -2.27
N ILE G 3088 -121.61 89.91 -2.85
CA ILE G 3088 -121.88 88.71 -2.04
C ILE G 3088 -120.64 88.34 -1.24
N VAL G 3089 -119.48 88.27 -1.92
CA VAL G 3089 -118.25 87.92 -1.23
C VAL G 3089 -117.88 88.98 -0.20
N LYS G 3090 -118.04 90.25 -0.57
CA LYS G 3090 -117.71 91.32 0.37
C LYS G 3090 -118.59 91.23 1.61
N ALA G 3091 -119.88 91.00 1.43
CA ALA G 3091 -120.79 90.86 2.56
C ALA G 3091 -120.43 89.64 3.39
N GLY G 3092 -119.98 88.57 2.75
CA GLY G 3092 -119.58 87.39 3.49
C GLY G 3092 -118.44 87.70 4.43
N LEU G 3093 -117.41 88.39 3.92
CA LEU G 3093 -116.26 88.70 4.77
C LEU G 3093 -116.66 89.67 5.88
N ARG G 3094 -117.47 90.67 5.55
CA ARG G 3094 -117.92 91.61 6.56
C ARG G 3094 -118.72 90.90 7.65
N SER G 3095 -119.58 89.96 7.25
CA SER G 3095 -120.33 89.19 8.23
C SER G 3095 -119.42 88.35 9.09
N PHE G 3096 -118.36 87.78 8.51
CA PHE G 3096 -117.40 87.06 9.33
C PHE G 3096 -116.85 87.95 10.43
N PHE G 3097 -116.37 89.14 10.06
CA PHE G 3097 -115.81 90.03 11.06
C PHE G 3097 -116.84 90.43 12.11
N GLU G 3098 -118.07 90.72 11.67
CA GLU G 3098 -119.10 91.16 12.60
C GLU G 3098 -119.45 90.04 13.59
N SER G 3099 -119.58 88.82 13.10
CA SER G 3099 -119.87 87.68 13.97
C SER G 3099 -118.73 87.45 14.94
N ALA G 3100 -117.49 87.59 14.46
CA ALA G 3100 -116.35 87.44 15.36
C ALA G 3100 -116.41 88.46 16.49
N SER G 3101 -116.73 89.71 16.15
CA SER G 3101 -116.82 90.74 17.17
C SER G 3101 -117.90 90.40 18.19
N GLU G 3102 -119.06 89.96 17.70
CA GLU G 3102 -120.15 89.60 18.62
C GLU G 3102 -119.73 88.46 19.55
N ASP G 3103 -119.09 87.44 19.00
CA ASP G 3103 -118.68 86.30 19.82
C ASP G 3103 -117.65 86.72 20.85
N ILE G 3104 -116.72 87.60 20.47
CA ILE G 3104 -115.73 88.08 21.44
C ILE G 3104 -116.41 88.86 22.55
N GLU G 3105 -117.40 89.68 22.21
CA GLU G 3105 -118.11 90.42 23.25
C GLU G 3105 -118.81 89.48 24.21
N LYS G 3106 -119.47 88.46 23.68
CA LYS G 3106 -120.15 87.49 24.54
C LYS G 3106 -119.15 86.76 25.45
N MET G 3107 -118.01 86.35 24.88
CA MET G 3107 -117.00 85.70 25.70
C MET G 3107 -116.52 86.63 26.81
N VAL G 3108 -116.30 87.90 26.48
CA VAL G 3108 -115.79 88.83 27.47
C VAL G 3108 -116.78 89.01 28.61
N GLU G 3109 -118.06 89.19 28.28
CA GLU G 3109 -119.04 89.38 29.34
C GLU G 3109 -119.19 88.12 30.18
N ASN G 3110 -119.17 86.95 29.55
CA ASN G 3110 -119.26 85.72 30.33
C ASN G 3110 -118.07 85.57 31.27
N LEU G 3111 -116.86 85.84 30.78
CA LEU G 3111 -115.69 85.78 31.66
C LEU G 3111 -115.81 86.77 32.80
N ARG G 3112 -116.28 87.98 32.52
CA ARG G 3112 -116.50 88.96 33.57
C ARG G 3112 -117.53 88.46 34.58
N LEU G 3113 -118.44 87.59 34.14
CA LEU G 3113 -119.44 87.02 35.03
C LEU G 3113 -120.30 88.12 35.64
N LYS G 3124 -124.23 75.78 29.37
CA LYS G 3124 -124.82 75.56 28.05
C LYS G 3124 -124.17 76.48 27.01
N GLY G 3125 -124.96 77.38 26.41
CA GLY G 3125 -124.40 78.34 25.48
C GLY G 3125 -123.12 78.98 25.98
N VAL G 3126 -123.01 79.19 27.30
CA VAL G 3126 -121.80 79.78 27.85
C VAL G 3126 -120.60 78.89 27.56
N GLY G 3127 -120.70 77.60 27.87
CA GLY G 3127 -119.60 76.70 27.62
C GLY G 3127 -119.33 76.54 26.14
N GLN G 3128 -120.38 76.42 25.34
CA GLN G 3128 -120.21 76.31 23.89
C GLN G 3128 -119.43 77.50 23.36
N ASN G 3129 -119.87 78.71 23.70
CA ASN G 3129 -119.21 79.91 23.20
C ASN G 3129 -117.78 80.01 23.69
N LEU G 3130 -117.54 79.71 24.96
CA LEU G 3130 -116.18 79.80 25.49
C LEU G 3130 -115.25 78.85 24.74
N THR G 3131 -115.68 77.60 24.58
CA THR G 3131 -114.85 76.64 23.87
C THR G 3131 -114.62 77.08 22.43
N TYR G 3132 -115.68 77.52 21.75
CA TYR G 3132 -115.54 77.94 20.36
C TYR G 3132 -114.54 79.07 20.23
N THR G 3133 -114.71 80.14 21.02
CA THR G 3133 -113.83 81.29 20.87
C THR G 3133 -112.40 80.95 21.27
N THR G 3134 -112.22 80.14 22.32
CA THR G 3134 -110.87 79.85 22.78
C THR G 3134 -110.18 78.78 21.95
N VAL G 3135 -110.88 78.06 21.08
CA VAL G 3135 -110.27 77.03 20.27
C VAL G 3135 -110.18 77.39 18.79
N ALA G 3136 -111.18 78.06 18.22
CA ALA G 3136 -111.19 78.33 16.79
C ALA G 3136 -111.07 79.81 16.49
N LEU G 3137 -111.96 80.62 17.06
CA LEU G 3137 -112.03 82.04 16.72
C LEU G 3137 -110.73 82.76 17.01
N LEU G 3138 -110.32 82.79 18.27
CA LEU G 3138 -109.19 83.61 18.67
C LEU G 3138 -107.95 83.24 17.86
N PRO G 3139 -107.60 81.96 17.73
CA PRO G 3139 -106.47 81.62 16.86
C PRO G 3139 -106.66 82.05 15.41
N VAL G 3140 -107.82 81.74 14.82
CA VAL G 3140 -108.06 82.09 13.42
C VAL G 3140 -108.08 83.59 13.24
N LEU G 3141 -108.75 84.31 14.14
CA LEU G 3141 -108.81 85.76 14.05
C LEU G 3141 -107.42 86.37 14.18
N THR G 3142 -106.62 85.84 15.10
CA THR G 3142 -105.25 86.31 15.26
C THR G 3142 -104.45 86.09 13.98
N THR G 3143 -104.60 84.91 13.37
CA THR G 3143 -103.88 84.64 12.13
C THR G 3143 -104.31 85.58 11.03
N LEU G 3144 -105.60 85.84 10.91
CA LEU G 3144 -106.09 86.76 9.89
C LEU G 3144 -105.53 88.16 10.09
N PHE G 3145 -105.54 88.64 11.33
CA PHE G 3145 -105.01 89.97 11.60
C PHE G 3145 -103.52 90.04 11.32
N GLN G 3146 -102.79 89.00 11.69
CA GLN G 3146 -101.36 88.97 11.41
C GLN G 3146 -101.10 89.00 9.90
N HIS G 3147 -101.89 88.25 9.14
CA HIS G 3147 -101.74 88.23 7.69
C HIS G 3147 -101.99 89.61 7.11
N ILE G 3148 -103.07 90.27 7.56
CA ILE G 3148 -103.37 91.61 7.08
C ILE G 3148 -102.24 92.57 7.41
N ALA G 3149 -101.74 92.52 8.64
CA ALA G 3149 -100.66 93.42 9.04
C ALA G 3149 -99.41 93.17 8.22
N GLN G 3150 -99.07 91.90 7.99
CA GLN G 3150 -97.86 91.59 7.25
C GLN G 3150 -97.95 92.09 5.82
N HIS G 3151 -99.10 91.93 5.18
CA HIS G 3151 -99.25 92.33 3.78
C HIS G 3151 -99.76 93.75 3.61
N GLN G 3152 -99.87 94.51 4.70
CA GLN G 3152 -100.30 95.91 4.63
C GLN G 3152 -101.64 96.03 3.93
N PHE G 3153 -102.54 95.10 4.26
CA PHE G 3153 -103.90 95.15 3.76
C PHE G 3153 -104.82 95.99 4.65
N GLY G 3154 -104.32 96.47 5.79
CA GLY G 3154 -105.17 97.18 6.72
C GLY G 3154 -105.82 98.41 6.12
N ASP G 3155 -105.05 99.16 5.32
CA ASP G 3155 -105.59 100.37 4.71
C ASP G 3155 -106.66 100.09 3.67
N ASP G 3156 -106.84 98.83 3.27
CA ASP G 3156 -107.82 98.47 2.26
C ASP G 3156 -108.93 97.57 2.77
N VAL G 3157 -108.69 96.80 3.83
CA VAL G 3157 -109.65 95.81 4.29
C VAL G 3157 -110.44 96.36 5.47
N ILE G 3158 -109.74 96.92 6.46
CA ILE G 3158 -110.39 97.33 7.69
C ILE G 3158 -110.94 98.74 7.50
N LEU G 3159 -112.11 98.83 6.88
CA LEU G 3159 -112.80 100.09 6.67
C LEU G 3159 -114.29 99.92 6.89
N ASP G 3160 -114.95 101.01 7.26
CA ASP G 3160 -116.41 101.06 7.34
C ASP G 3160 -116.88 99.98 8.32
N ASP G 3161 -117.74 99.05 7.91
CA ASP G 3161 -118.31 98.08 8.85
C ASP G 3161 -117.23 97.23 9.47
N VAL G 3162 -116.23 96.83 8.69
CA VAL G 3162 -115.12 96.05 9.25
C VAL G 3162 -114.39 96.87 10.30
N GLN G 3163 -114.22 98.16 10.06
CA GLN G 3163 -113.57 99.02 11.05
C GLN G 3163 -114.39 99.09 12.33
N VAL G 3164 -115.71 99.18 12.21
CA VAL G 3164 -116.56 99.22 13.39
C VAL G 3164 -116.44 97.92 14.17
N SER G 3165 -116.46 96.79 13.46
CA SER G 3165 -116.32 95.51 14.12
C SER G 3165 -114.98 95.39 14.83
N CYS G 3166 -113.92 95.91 14.21
CA CYS G 3166 -112.61 95.87 14.86
C CYS G 3166 -112.55 96.77 16.08
N TYR G 3167 -113.19 97.94 16.02
CA TYR G 3167 -113.36 98.73 17.24
C TYR G 3167 -114.01 97.92 18.34
N ARG G 3168 -115.12 97.24 18.03
CA ARG G 3168 -115.81 96.49 19.07
C ARG G 3168 -114.92 95.40 19.65
N THR G 3169 -114.22 94.66 18.79
CA THR G 3169 -113.34 93.61 19.28
C THR G 3169 -112.23 94.17 20.15
N LEU G 3170 -111.54 95.20 19.66
CA LEU G 3170 -110.47 95.82 20.42
C LEU G 3170 -110.96 96.31 21.78
N CYS G 3171 -112.06 97.04 21.78
CA CYS G 3171 -112.57 97.65 23.01
C CYS G 3171 -113.04 96.62 24.01
N SER G 3172 -113.64 95.51 23.57
CA SER G 3172 -114.02 94.44 24.47
C SER G 3172 -112.80 93.72 25.05
N ILE G 3173 -111.83 93.37 24.21
CA ILE G 3173 -110.65 92.67 24.72
C ILE G 3173 -109.93 93.54 25.74
N TYR G 3174 -109.74 94.83 25.44
CA TYR G 3174 -109.07 95.69 26.41
C TYR G 3174 -109.93 95.89 27.65
N SER G 3175 -111.23 96.14 27.48
CA SER G 3175 -112.09 96.36 28.63
C SER G 3175 -112.09 95.16 29.57
N LEU G 3176 -111.79 93.97 29.06
CA LEU G 3176 -111.66 92.81 29.93
C LEU G 3176 -110.58 92.98 30.99
N GLY G 3177 -109.73 94.01 30.89
CA GLY G 3177 -108.61 94.12 31.80
C GLY G 3177 -109.01 94.22 33.26
N THR G 3178 -110.10 94.93 33.55
CA THR G 3178 -110.47 95.17 34.94
C THR G 3178 -110.73 93.87 35.69
N THR G 3179 -111.15 92.82 34.98
CA THR G 3179 -111.48 91.56 35.62
C THR G 3179 -110.22 90.85 36.10
N ARG G 3180 -110.36 90.06 37.17
CA ARG G 3180 -109.25 89.33 37.76
C ARG G 3180 -109.61 87.88 38.06
N ASN G 3181 -110.43 87.26 37.23
CA ASN G 3181 -110.87 85.89 37.51
C ASN G 3181 -109.77 84.90 37.11
N PRO G 3182 -109.75 83.71 37.70
CA PRO G 3182 -108.77 82.70 37.27
C PRO G 3182 -108.90 82.32 35.81
N TYR G 3183 -110.12 82.31 35.27
CA TYR G 3183 -110.29 82.02 33.85
C TYR G 3183 -109.58 83.08 33.00
N VAL G 3184 -109.72 84.34 33.38
CA VAL G 3184 -108.96 85.39 32.71
C VAL G 3184 -107.47 85.15 32.88
N GLU G 3185 -107.06 84.73 34.07
CA GLU G 3185 -105.64 84.50 34.30
C GLU G 3185 -105.09 83.48 33.31
N LYS G 3186 -105.94 82.61 32.78
CA LYS G 3186 -105.52 81.63 31.78
C LYS G 3186 -105.68 82.15 30.35
N LEU G 3187 -106.67 82.99 30.11
CA LEU G 3187 -106.93 83.46 28.75
C LEU G 3187 -106.16 84.71 28.36
N ARG G 3188 -105.49 85.37 29.31
CA ARG G 3188 -104.82 86.63 29.00
C ARG G 3188 -103.83 86.51 27.84
N PRO G 3189 -103.00 85.48 27.77
CA PRO G 3189 -102.01 85.40 26.69
C PRO G 3189 -102.62 85.45 25.29
N ALA G 3190 -103.64 84.62 25.06
CA ALA G 3190 -104.26 84.57 23.74
C ALA G 3190 -104.91 85.90 23.39
N LEU G 3191 -105.61 86.50 24.35
CA LEU G 3191 -106.23 87.80 24.11
C LEU G 3191 -105.19 88.85 23.82
N GLY G 3192 -104.07 88.83 24.54
CA GLY G 3192 -103.02 89.80 24.28
C GLY G 3192 -102.41 89.65 22.91
N GLU G 3193 -102.18 88.41 22.47
CA GLU G 3193 -101.65 88.20 21.12
C GLU G 3193 -102.63 88.70 20.08
N CYS G 3194 -103.92 88.37 20.26
CA CYS G 3194 -104.92 88.83 19.31
C CYS G 3194 -104.97 90.35 19.27
N LEU G 3195 -104.91 90.99 20.42
CA LEU G 3195 -104.94 92.45 20.46
C LEU G 3195 -103.71 93.05 19.80
N ALA G 3196 -102.54 92.43 20.00
CA ALA G 3196 -101.33 92.92 19.36
C ALA G 3196 -101.47 92.87 17.85
N ARG G 3197 -101.95 91.75 17.32
CA ARG G 3197 -102.13 91.65 15.87
C ARG G 3197 -103.16 92.65 15.39
N LEU G 3198 -104.26 92.81 16.13
CA LEU G 3198 -105.28 93.77 15.74
C LEU G 3198 -104.72 95.18 15.70
N ALA G 3199 -103.90 95.54 16.68
CA ALA G 3199 -103.29 96.86 16.69
C ALA G 3199 -102.34 97.03 15.51
N ALA G 3200 -101.61 95.97 15.19
CA ALA G 3200 -100.72 96.03 14.03
C ALA G 3200 -101.49 96.18 12.73
N ALA G 3201 -102.73 95.70 12.66
CA ALA G 3201 -103.50 95.71 11.42
C ALA G 3201 -104.40 96.94 11.28
N MET G 3202 -104.96 97.45 12.36
CA MET G 3202 -105.98 98.49 12.31
C MET G 3202 -105.40 99.76 11.69
N PRO G 3203 -106.11 100.41 10.76
CA PRO G 3203 -105.56 101.57 10.06
C PRO G 3203 -105.85 102.91 10.72
N VAL G 3204 -106.33 102.94 11.96
CA VAL G 3204 -106.65 104.19 12.64
C VAL G 3204 -105.90 104.23 13.97
N ALA G 3205 -105.35 105.40 14.28
CA ALA G 3205 -104.62 105.60 15.53
C ALA G 3205 -105.64 105.71 16.65
N PHE G 3206 -106.14 104.57 17.10
CA PHE G 3206 -107.19 104.57 18.12
C PHE G 3206 -106.70 105.12 19.45
N LEU G 3207 -105.39 105.18 19.67
CA LEU G 3207 -104.85 105.79 20.87
C LEU G 3207 -104.57 107.28 20.71
N GLU G 3208 -104.81 107.83 19.52
CA GLU G 3208 -104.59 109.25 19.25
C GLU G 3208 -105.82 109.82 18.56
N PRO G 3209 -106.97 109.81 19.24
CA PRO G 3209 -108.18 110.33 18.60
C PRO G 3209 -108.10 111.80 18.25
N GLU G 3210 -107.25 112.58 18.92
CA GLU G 3210 -107.20 114.01 18.68
C GLU G 3210 -106.81 114.32 17.24
N LEU G 3211 -105.84 113.57 16.71
CA LEU G 3211 -105.34 113.79 15.36
C LEU G 3211 -106.04 112.91 14.33
N ASN G 3212 -107.30 112.56 14.58
CA ASN G 3212 -108.00 111.67 13.66
C ASN G 3212 -108.52 112.41 12.44
N GLU G 3213 -108.54 113.75 12.47
CA GLU G 3213 -109.08 114.50 11.35
C GLU G 3213 -108.30 114.22 10.06
N TYR G 3214 -107.02 113.90 10.18
CA TYR G 3214 -106.15 113.73 9.03
C TYR G 3214 -106.06 112.28 8.56
N ASN G 3215 -106.84 111.39 9.15
CA ASN G 3215 -106.82 109.98 8.77
C ASN G 3215 -107.82 109.74 7.64
N ALA G 3216 -107.31 109.35 6.48
CA ALA G 3216 -108.14 109.08 5.32
C ALA G 3216 -108.80 107.70 5.35
N CYS G 3217 -108.42 106.85 6.31
CA CYS G 3217 -109.02 105.53 6.43
C CYS G 3217 -110.07 105.46 7.53
N SER G 3218 -110.16 106.47 8.39
CA SER G 3218 -111.14 106.44 9.46
C SER G 3218 -112.55 106.50 8.90
N VAL G 3219 -113.45 105.75 9.53
CA VAL G 3219 -114.85 105.77 9.10
C VAL G 3219 -115.40 107.17 9.22
N TYR G 3220 -114.95 107.94 10.21
CA TYR G 3220 -115.45 109.29 10.40
C TYR G 3220 -115.09 110.21 9.23
N THR G 3221 -114.16 109.80 8.38
CA THR G 3221 -113.83 110.53 7.16
C THR G 3221 -114.43 109.88 5.93
N THR G 3222 -114.34 108.56 5.81
CA THR G 3222 -114.89 107.88 4.64
C THR G 3222 -116.39 108.07 4.55
N LYS G 3223 -117.09 107.93 5.66
CA LYS G 3223 -118.53 108.14 5.70
C LYS G 3223 -118.87 109.60 5.95
N SER G 3224 -120.11 109.97 5.62
CA SER G 3224 -120.58 111.33 5.77
C SER G 3224 -121.32 111.49 7.10
N PRO G 3225 -121.39 112.71 7.64
CA PRO G 3225 -122.15 112.91 8.88
C PRO G 3225 -123.60 112.50 8.74
N ARG G 3226 -124.21 112.70 7.56
CA ARG G 3226 -125.56 112.19 7.34
C ARG G 3226 -125.60 110.69 7.58
N GLU G 3227 -124.67 109.96 6.96
CA GLU G 3227 -124.44 108.57 7.32
C GLU G 3227 -123.76 108.53 8.67
N ARG G 3228 -123.42 107.32 9.15
CA ARG G 3228 -122.76 107.15 10.44
C ARG G 3228 -123.75 107.41 11.58
N ALA G 3229 -124.95 107.89 11.23
CA ALA G 3229 -126.03 107.96 12.20
C ALA G 3229 -127.11 106.95 11.87
N ILE G 3230 -127.25 106.59 10.59
CA ILE G 3230 -128.06 105.42 10.23
C ILE G 3230 -127.48 104.17 10.86
N LEU G 3231 -126.19 104.18 11.17
CA LEU G 3231 -125.57 103.19 12.02
C LEU G 3231 -125.53 103.75 13.45
N GLY G 3232 -125.02 102.96 14.39
CA GLY G 3232 -124.93 103.38 15.77
C GLY G 3232 -123.67 104.14 16.11
N LEU G 3233 -122.91 104.58 15.12
CA LEU G 3233 -121.65 105.26 15.38
C LEU G 3233 -121.90 106.54 16.18
N PRO G 3234 -121.10 106.82 17.21
CA PRO G 3234 -121.29 108.06 17.96
C PRO G 3234 -120.82 109.26 17.16
N ASN G 3235 -121.20 110.45 17.66
CA ASN G 3235 -120.88 111.68 16.94
C ASN G 3235 -119.38 111.92 16.87
N SER G 3236 -118.66 111.65 17.96
CA SER G 3236 -117.24 111.94 18.05
C SER G 3236 -116.44 110.65 18.10
N VAL G 3237 -115.28 110.66 17.44
CA VAL G 3237 -114.43 109.48 17.42
C VAL G 3237 -114.00 109.11 18.83
N GLU G 3238 -113.75 110.11 19.68
CA GLU G 3238 -113.40 109.83 21.06
C GLU G 3238 -114.45 108.96 21.73
N GLU G 3239 -115.70 109.11 21.33
CA GLU G 3239 -116.81 108.42 21.97
C GLU G 3239 -117.00 106.99 21.46
N MET G 3240 -116.17 106.51 20.54
CA MET G 3240 -116.29 105.13 20.12
C MET G 3240 -116.29 104.21 21.33
N CYS G 3241 -115.28 104.35 22.18
CA CYS G 3241 -115.37 103.89 23.55
C CYS G 3241 -114.20 104.47 24.34
N PRO G 3242 -114.45 105.13 25.48
CA PRO G 3242 -113.36 105.81 26.20
C PRO G 3242 -112.59 104.93 27.18
N ASP G 3243 -112.85 103.62 27.22
CA ASP G 3243 -112.16 102.78 28.20
C ASP G 3243 -110.66 102.77 27.96
N ILE G 3244 -110.23 102.70 26.71
CA ILE G 3244 -108.79 102.70 26.40
C ILE G 3244 -108.25 104.11 26.62
N PRO G 3245 -107.21 104.30 27.43
CA PRO G 3245 -106.63 105.63 27.59
C PRO G 3245 -105.88 106.06 26.34
N VAL G 3246 -105.68 107.37 26.24
CA VAL G 3246 -104.90 107.91 25.13
C VAL G 3246 -103.44 107.51 25.28
N LEU G 3247 -102.67 107.72 24.20
CA LEU G 3247 -101.29 107.24 24.16
C LEU G 3247 -100.46 107.87 25.26
N GLU G 3248 -100.60 109.18 25.47
CA GLU G 3248 -99.79 109.85 26.48
C GLU G 3248 -100.05 109.29 27.87
N ARG G 3249 -101.33 109.16 28.24
CA ARG G 3249 -101.66 108.63 29.55
C ARG G 3249 -101.20 107.20 29.70
N LEU G 3250 -101.36 106.38 28.65
CA LEU G 3250 -100.96 104.98 28.74
C LEU G 3250 -99.46 104.86 28.93
N MET G 3251 -98.69 105.65 28.18
CA MET G 3251 -97.23 105.64 28.33
C MET G 3251 -96.84 106.12 29.73
N ALA G 3252 -97.50 107.15 30.22
CA ALA G 3252 -97.20 107.65 31.56
C ALA G 3252 -97.46 106.58 32.61
N GLU G 3253 -98.57 105.87 32.49
CA GLU G 3253 -98.89 104.81 33.45
C GLU G 3253 -97.86 103.70 33.40
N ILE G 3254 -97.46 103.28 32.19
CA ILE G 3254 -96.47 102.22 32.09
C ILE G 3254 -95.15 102.66 32.72
N GLY G 3255 -94.73 103.90 32.42
CA GLY G 3255 -93.50 104.41 33.02
C GLY G 3255 -93.59 104.48 34.53
N GLY G 3256 -94.75 104.90 35.04
CA GLY G 3256 -94.92 104.96 36.48
C GLY G 3256 -94.80 103.60 37.13
N LEU G 3257 -95.45 102.60 36.53
CA LEU G 3257 -95.33 101.24 37.06
C LEU G 3257 -93.89 100.77 37.03
N ALA G 3258 -93.21 100.96 35.91
CA ALA G 3258 -91.83 100.48 35.78
C ALA G 3258 -90.93 101.14 36.83
N GLU G 3259 -91.08 102.45 37.00
CA GLU G 3259 -90.26 103.14 38.00
C GLU G 3259 -90.61 102.71 39.41
N SER G 3260 -91.90 102.54 39.71
CA SER G 3260 -92.31 102.07 41.02
C SER G 3260 -91.87 100.65 41.30
N GLY G 3261 -91.47 99.91 40.27
CA GLY G 3261 -90.93 98.58 40.48
C GLY G 3261 -91.94 97.58 41.00
N ALA G 3262 -93.12 97.57 40.39
CA ALA G 3262 -94.15 96.60 40.72
C ALA G 3262 -93.76 95.23 40.16
N ARG G 3263 -94.42 94.20 40.69
CA ARG G 3263 -94.21 92.84 40.25
C ARG G 3263 -95.31 92.43 39.26
N TYR G 3264 -95.11 91.28 38.63
CA TYR G 3264 -96.07 90.82 37.62
C TYR G 3264 -97.47 90.71 38.21
N THR G 3265 -97.58 90.41 39.50
CA THR G 3265 -98.89 90.23 40.10
C THR G 3265 -99.67 91.53 40.11
N GLU G 3266 -99.00 92.66 40.34
CA GLU G 3266 -99.71 93.92 40.51
C GLU G 3266 -100.29 94.43 39.19
N MET G 3267 -99.68 94.08 38.07
CA MET G 3267 -100.13 94.58 36.76
C MET G 3267 -100.17 93.43 35.76
N PRO G 3268 -101.04 92.45 35.97
CA PRO G 3268 -101.14 91.36 35.00
C PRO G 3268 -101.62 91.87 33.65
N HIS G 3269 -102.55 92.81 33.66
CA HIS G 3269 -103.12 93.32 32.42
C HIS G 3269 -102.09 94.07 31.60
N VAL G 3270 -101.29 94.92 32.25
CA VAL G 3270 -100.32 95.73 31.52
C VAL G 3270 -99.30 94.84 30.84
N ILE G 3271 -98.83 93.81 31.54
CA ILE G 3271 -97.74 92.99 31.02
C ILE G 3271 -98.24 92.03 29.95
N GLU G 3272 -99.54 91.69 29.98
CA GLU G 3272 -100.07 90.67 29.08
C GLU G 3272 -100.80 91.22 27.88
N ILE G 3273 -101.42 92.39 27.98
CA ILE G 3273 -102.27 92.90 26.92
C ILE G 3273 -101.82 94.29 26.49
N THR G 3274 -101.73 95.23 27.44
CA THR G 3274 -101.41 96.59 27.08
C THR G 3274 -100.05 96.67 26.40
N LEU G 3275 -99.02 96.09 27.02
CA LEU G 3275 -97.68 96.20 26.45
C LEU G 3275 -97.58 95.54 25.08
N PRO G 3276 -98.07 94.32 24.87
CA PRO G 3276 -98.07 93.76 23.52
C PRO G 3276 -98.84 94.60 22.53
N MET G 3277 -99.90 95.29 22.95
CA MET G 3277 -100.62 96.16 22.05
C MET G 3277 -99.75 97.33 21.61
N LEU G 3278 -99.03 97.94 22.55
CA LEU G 3278 -98.16 99.06 22.19
C LEU G 3278 -96.99 98.63 21.34
N CYS G 3279 -96.39 97.48 21.65
CA CYS G 3279 -95.26 96.98 20.89
C CYS G 3279 -95.60 96.74 19.42
N SER G 3280 -96.86 96.78 19.06
CA SER G 3280 -97.29 96.70 17.67
C SER G 3280 -97.87 98.00 17.17
N TYR G 3281 -98.53 98.77 18.04
CA TYR G 3281 -99.09 100.06 17.63
C TYR G 3281 -97.98 101.05 17.31
N LEU G 3282 -96.97 101.15 18.17
CA LEU G 3282 -95.93 102.16 17.97
C LEU G 3282 -95.12 101.91 16.71
N PRO G 3283 -94.59 100.72 16.45
CA PRO G 3283 -93.85 100.52 15.19
C PRO G 3283 -94.66 100.83 13.96
N ARG G 3284 -95.95 100.51 13.97
CA ARG G 3284 -96.77 100.73 12.78
C ARG G 3284 -96.97 102.21 12.51
N TRP G 3285 -97.35 102.96 13.54
CA TRP G 3285 -97.66 104.36 13.35
C TRP G 3285 -96.43 105.26 13.32
N TRP G 3286 -95.28 104.77 13.76
CA TRP G 3286 -94.06 105.52 13.57
C TRP G 3286 -93.77 105.72 12.08
N GLU G 3287 -93.95 104.66 11.29
CA GLU G 3287 -93.69 104.75 9.86
C GLU G 3287 -94.56 105.82 9.20
N ARG G 3288 -95.77 106.00 9.70
CA ARG G 3288 -96.75 106.88 9.06
C ARG G 3288 -96.92 108.21 9.78
N GLY G 3289 -96.16 108.43 10.84
CA GLY G 3289 -96.19 109.69 11.56
C GLY G 3289 -95.01 110.55 11.19
N PRO G 3290 -94.78 111.63 11.95
CA PRO G 3290 -93.60 112.47 11.68
C PRO G 3290 -92.32 111.69 11.93
N GLU G 3291 -91.18 112.30 11.65
CA GLU G 3291 -89.90 111.63 11.85
C GLU G 3291 -89.87 110.29 11.10
N ALA G 3292 -90.39 110.29 9.88
CA ALA G 3292 -90.46 109.09 9.06
C ALA G 3292 -89.87 109.38 7.69
N PRO G 3293 -89.42 108.37 6.97
CA PRO G 3293 -89.04 108.55 5.58
C PRO G 3293 -90.04 109.44 4.88
N PRO G 3294 -89.61 110.59 4.37
CA PRO G 3294 -90.54 111.50 3.69
C PRO G 3294 -90.52 111.33 2.17
N PRO G 3295 -91.14 110.28 1.62
CA PRO G 3295 -91.32 110.25 0.16
C PRO G 3295 -92.48 111.09 -0.33
N ALA G 3296 -93.47 111.38 0.52
CA ALA G 3296 -94.65 112.13 0.13
C ALA G 3296 -94.51 113.63 0.35
N LEU G 3297 -93.42 114.08 0.95
CA LEU G 3297 -93.24 115.52 1.18
C LEU G 3297 -93.29 116.35 -0.09
N PRO G 3298 -92.77 115.89 -1.24
CA PRO G 3298 -92.85 116.73 -2.45
C PRO G 3298 -94.26 117.25 -2.70
N ALA G 3299 -95.26 116.41 -2.46
CA ALA G 3299 -96.64 116.86 -2.54
C ALA G 3299 -97.05 117.57 -1.25
N GLY G 3300 -98.21 118.22 -1.28
CA GLY G 3300 -98.72 118.88 -0.10
C GLY G 3300 -99.25 117.87 0.90
N ALA G 3301 -98.34 117.08 1.47
CA ALA G 3301 -98.74 115.99 2.34
C ALA G 3301 -99.58 116.51 3.49
N PRO G 3302 -100.74 115.91 3.76
CA PRO G 3302 -101.55 116.39 4.88
C PRO G 3302 -100.83 116.12 6.20
N PRO G 3303 -101.24 116.80 7.27
CA PRO G 3303 -100.57 116.58 8.56
C PRO G 3303 -100.61 115.12 8.95
N PRO G 3304 -99.55 114.60 9.54
CA PRO G 3304 -99.59 113.19 9.98
C PRO G 3304 -100.70 112.98 10.99
N CYS G 3305 -101.37 111.84 10.88
CA CYS G 3305 -102.49 111.53 11.74
C CYS G 3305 -102.06 111.09 13.13
N THR G 3306 -100.76 110.90 13.37
CA THR G 3306 -100.25 110.45 14.64
C THR G 3306 -99.09 111.33 15.08
N ALA G 3307 -98.60 111.09 16.29
CA ALA G 3307 -97.48 111.83 16.85
C ALA G 3307 -96.36 110.92 17.32
N VAL G 3308 -96.36 109.65 16.91
CA VAL G 3308 -95.34 108.72 17.39
C VAL G 3308 -93.98 109.12 16.85
N THR G 3309 -92.99 109.18 17.73
CA THR G 3309 -91.62 109.49 17.37
C THR G 3309 -90.70 108.44 17.98
N SER G 3310 -89.42 108.52 17.62
CA SER G 3310 -88.45 107.59 18.18
C SER G 3310 -88.43 107.68 19.71
N ASP G 3311 -88.81 108.82 20.27
CA ASP G 3311 -88.81 108.97 21.72
C ASP G 3311 -89.78 108.00 22.38
N HIS G 3312 -90.97 107.83 21.78
CA HIS G 3312 -91.94 106.90 22.34
C HIS G 3312 -91.38 105.49 22.36
N LEU G 3313 -90.78 105.06 21.24
CA LEU G 3313 -90.23 103.71 21.17
C LEU G 3313 -89.09 103.53 22.15
N ASN G 3314 -88.20 104.51 22.26
CA ASN G 3314 -87.10 104.40 23.21
C ASN G 3314 -87.62 104.30 24.64
N SER G 3315 -88.60 105.13 24.99
CA SER G 3315 -89.17 105.09 26.33
C SER G 3315 -89.82 103.74 26.60
N LEU G 3316 -90.57 103.21 25.63
CA LEU G 3316 -91.23 101.92 25.84
C LEU G 3316 -90.20 100.82 26.04
N LEU G 3317 -89.14 100.81 25.24
CA LEU G 3317 -88.13 99.76 25.40
C LEU G 3317 -87.44 99.89 26.75
N GLY G 3318 -87.12 101.12 27.18
CA GLY G 3318 -86.53 101.29 28.49
C GLY G 3318 -87.45 100.80 29.59
N ASN G 3319 -88.74 101.10 29.47
CA ASN G 3319 -89.70 100.65 30.48
C ASN G 3319 -89.80 99.14 30.51
N ILE G 3320 -89.80 98.49 29.34
CA ILE G 3320 -89.88 97.04 29.30
C ILE G 3320 -88.66 96.43 29.96
N LEU G 3321 -87.48 96.96 29.66
CA LEU G 3321 -86.27 96.46 30.32
C LEU G 3321 -86.34 96.65 31.82
N ARG G 3322 -86.83 97.82 32.26
CA ARG G 3322 -86.93 98.08 33.69
C ARG G 3322 -87.90 97.10 34.35
N ILE G 3323 -89.01 96.80 33.69
CA ILE G 3323 -89.99 95.86 34.24
C ILE G 3323 -89.40 94.46 34.36
N ILE G 3324 -88.69 94.02 33.32
CA ILE G 3324 -88.07 92.71 33.38
C ILE G 3324 -87.05 92.67 34.51
N VAL G 3325 -86.27 93.74 34.68
CA VAL G 3325 -85.32 93.81 35.78
C VAL G 3325 -86.04 93.70 37.12
N ASN G 3326 -87.15 94.42 37.26
CA ASN G 3326 -87.91 94.38 38.51
C ASN G 3326 -88.39 92.97 38.82
N ASN G 3327 -88.93 92.27 37.82
CA ASN G 3327 -89.41 90.91 37.99
C ASN G 3327 -88.29 89.88 37.85
N LEU G 3328 -87.05 90.34 37.82
CA LEU G 3328 -85.91 89.46 37.68
C LEU G 3328 -85.74 88.60 38.93
N GLY G 3329 -85.55 87.29 38.72
CA GLY G 3329 -85.27 86.36 39.77
C GLY G 3329 -86.47 85.60 40.30
N ILE G 3330 -87.68 86.04 39.95
CA ILE G 3330 -88.90 85.39 40.44
C ILE G 3330 -88.91 83.93 40.04
N ASP G 3331 -89.48 83.08 40.89
CA ASP G 3331 -89.50 81.64 40.61
C ASP G 3331 -90.29 81.33 39.36
N GLU G 3332 -91.46 81.95 39.20
CA GLU G 3332 -92.36 81.67 38.08
C GLU G 3332 -92.62 82.97 37.33
N ALA G 3333 -92.06 83.08 36.13
CA ALA G 3333 -92.25 84.25 35.29
C ALA G 3333 -92.44 83.88 33.84
N SER G 3334 -93.32 82.91 33.57
CA SER G 3334 -93.54 82.42 32.22
C SER G 3334 -93.88 83.53 31.22
N TRP G 3335 -94.20 84.74 31.69
CA TRP G 3335 -94.60 85.81 30.79
C TRP G 3335 -93.41 86.49 30.14
N MET G 3336 -92.20 86.31 30.69
CA MET G 3336 -91.04 87.01 30.14
C MET G 3336 -90.76 86.57 28.71
N LYS G 3337 -90.89 85.28 28.42
CA LYS G 3337 -90.59 84.81 27.07
C LYS G 3337 -91.52 85.47 26.05
N ARG G 3338 -92.80 85.59 26.38
CA ARG G 3338 -93.73 86.25 25.46
C ARG G 3338 -93.43 87.73 25.36
N LEU G 3339 -93.12 88.38 26.48
CA LEU G 3339 -92.87 89.82 26.44
C LEU G 3339 -91.64 90.15 25.60
N ALA G 3340 -90.58 89.34 25.71
CA ALA G 3340 -89.39 89.59 24.93
C ALA G 3340 -89.68 89.49 23.43
N VAL G 3341 -90.44 88.46 23.03
CA VAL G 3341 -90.78 88.31 21.63
C VAL G 3341 -91.62 89.48 21.16
N PHE G 3342 -92.56 89.93 22.00
CA PHE G 3342 -93.39 91.05 21.60
C PHE G 3342 -92.60 92.35 21.50
N ALA G 3343 -91.56 92.49 22.31
CA ALA G 3343 -90.78 93.72 22.34
C ALA G 3343 -89.63 93.71 21.35
N GLN G 3344 -89.33 92.58 20.74
CA GLN G 3344 -88.26 92.55 19.73
C GLN G 3344 -88.47 93.53 18.57
N PRO G 3345 -89.64 93.63 17.96
CA PRO G 3345 -89.79 94.49 16.77
C PRO G 3345 -89.47 95.95 17.04
N ILE G 3346 -89.64 96.40 18.28
CA ILE G 3346 -89.47 97.81 18.62
C ILE G 3346 -88.03 98.18 18.92
N VAL G 3347 -87.11 97.21 18.95
CA VAL G 3347 -85.73 97.51 19.32
C VAL G 3347 -85.01 98.28 18.23
N SER G 3348 -85.39 98.08 16.97
CA SER G 3348 -84.61 98.64 15.87
C SER G 3348 -84.45 100.15 16.00
N ARG G 3349 -85.42 100.83 16.60
CA ARG G 3349 -85.36 102.28 16.74
C ARG G 3349 -84.85 102.72 18.10
N ALA G 3350 -84.15 101.84 18.82
CA ALA G 3350 -83.58 102.22 20.09
C ALA G 3350 -82.51 103.29 19.90
N ARG G 3351 -82.32 104.09 20.94
CA ARG G 3351 -81.42 105.24 20.86
C ARG G 3351 -80.11 104.92 21.57
N PRO G 3352 -78.96 105.46 21.13
CA PRO G 3352 -77.67 105.03 21.69
C PRO G 3352 -77.55 105.11 23.20
N GLU G 3353 -78.13 106.14 23.83
CA GLU G 3353 -78.01 106.25 25.28
C GLU G 3353 -78.65 105.07 26.01
N LEU G 3354 -79.50 104.31 25.33
CA LEU G 3354 -80.12 103.15 25.96
C LEU G 3354 -79.07 102.21 26.51
N LEU G 3355 -77.95 102.05 25.80
CA LEU G 3355 -76.91 101.14 26.27
C LEU G 3355 -76.57 101.42 27.72
N ARG G 3356 -75.99 102.58 28.00
CA ARG G 3356 -75.57 102.89 29.36
C ARG G 3356 -76.74 103.05 30.30
N SER G 3357 -77.87 103.57 29.81
CA SER G 3357 -79.00 103.81 30.69
C SER G 3357 -79.54 102.51 31.27
N HIS G 3358 -79.77 101.50 30.44
CA HIS G 3358 -80.49 100.30 30.84
C HIS G 3358 -79.69 99.02 30.66
N PHE G 3359 -79.04 98.83 29.51
CA PHE G 3359 -78.50 97.51 29.19
C PHE G 3359 -77.33 97.17 30.09
N ILE G 3360 -76.45 98.14 30.33
CA ILE G 3360 -75.24 97.87 31.11
C ILE G 3360 -75.62 97.46 32.53
N PRO G 3361 -76.43 98.23 33.26
CA PRO G 3361 -76.80 97.78 34.61
C PRO G 3361 -77.51 96.44 34.64
N THR G 3362 -78.37 96.19 33.67
CA THR G 3362 -79.14 94.94 33.67
C THR G 3362 -78.21 93.74 33.51
N ILE G 3363 -77.36 93.77 32.50
CA ILE G 3363 -76.43 92.66 32.28
C ILE G 3363 -75.43 92.58 33.42
N GLY G 3364 -75.11 93.71 34.05
CA GLY G 3364 -74.24 93.65 35.22
C GLY G 3364 -74.88 92.87 36.36
N ARG G 3365 -76.15 93.16 36.65
CA ARG G 3365 -76.87 92.40 37.67
C ARG G 3365 -76.92 90.93 37.29
N LEU G 3366 -77.18 90.63 36.02
CA LEU G 3366 -77.30 89.25 35.59
C LEU G 3366 -75.96 88.53 35.73
N ARG G 3367 -74.86 89.20 35.40
CA ARG G 3367 -73.54 88.61 35.60
C ARG G 3367 -73.28 88.36 37.09
N LYS G 3368 -73.66 89.31 37.94
CA LYS G 3368 -73.47 89.12 39.37
C LYS G 3368 -74.20 87.87 39.85
N ARG G 3369 -75.45 87.70 39.42
CA ARG G 3369 -76.21 86.52 39.82
C ARG G 3369 -75.54 85.26 39.31
N ALA G 3370 -75.07 85.27 38.06
CA ALA G 3370 -74.40 84.10 37.52
C ALA G 3370 -73.17 83.75 38.35
N GLY G 3371 -72.39 84.78 38.73
CA GLY G 3371 -71.21 84.55 39.55
C GLY G 3371 -71.57 83.95 40.90
N LYS G 3372 -72.62 84.46 41.53
CA LYS G 3372 -73.04 83.92 42.82
C LYS G 3372 -73.41 82.44 42.69
N VAL G 3373 -74.20 82.10 41.67
CA VAL G 3373 -74.61 80.71 41.51
C VAL G 3373 -73.41 79.83 41.21
N VAL G 3374 -72.44 80.35 40.46
CA VAL G 3374 -71.23 79.58 40.18
C VAL G 3374 -70.45 79.33 41.46
N ALA G 3375 -70.38 80.35 42.33
CA ALA G 3375 -69.70 80.17 43.60
C ALA G 3375 -70.39 79.10 44.43
N GLU G 3376 -71.72 79.10 44.44
CA GLU G 3376 -72.45 78.05 45.15
C GLU G 3376 -72.13 76.69 44.55
N GLU G 3377 -72.05 76.60 43.23
CA GLU G 3377 -71.65 75.36 42.58
C GLU G 3377 -70.29 74.89 43.09
N GLU G 3378 -69.34 75.80 43.15
CA GLU G 3378 -67.99 75.43 43.61
C GLU G 3378 -68.03 74.95 45.05
N GLN G 3379 -68.81 75.61 45.90
CA GLN G 3379 -68.93 75.15 47.30
C GLN G 3379 -69.52 73.76 47.37
N LEU G 3380 -70.54 73.46 46.55
CA LEU G 3380 -71.11 72.12 46.54
C LEU G 3380 -70.07 71.10 46.10
N ARG G 3381 -69.30 71.41 45.06
CA ARG G 3381 -68.26 70.48 44.63
C ARG G 3381 -67.20 70.30 45.70
N LEU G 3382 -66.91 71.35 46.47
CA LEU G 3382 -66.01 71.19 47.62
C LEU G 3382 -66.59 70.20 48.62
N GLU G 3383 -67.89 70.31 48.89
CA GLU G 3383 -68.56 69.35 49.76
C GLU G 3383 -68.78 68.04 48.99
N ALA G 3384 -69.28 67.03 49.70
CA ALA G 3384 -69.41 65.69 49.13
C ALA G 3384 -70.56 64.96 49.81
N LYS G 3385 -70.90 63.79 49.27
CA LYS G 3385 -71.94 62.90 49.79
C LYS G 3385 -73.24 63.70 49.92
N ALA G 3386 -73.94 63.62 51.05
CA ALA G 3386 -75.24 64.29 51.16
C ALA G 3386 -75.10 65.79 51.02
N GLU G 3387 -73.99 66.35 51.51
CA GLU G 3387 -73.76 67.78 51.37
C GLU G 3387 -73.70 68.18 49.90
N ALA G 3388 -73.01 67.38 49.09
CA ALA G 3388 -72.98 67.65 47.65
C ALA G 3388 -74.32 67.34 46.99
N GLU G 3389 -74.92 66.19 47.33
CA GLU G 3389 -76.22 65.86 46.77
C GLU G 3389 -77.28 66.87 47.19
N GLU G 3390 -77.30 67.25 48.46
CA GLU G 3390 -78.21 68.29 48.93
C GLU G 3390 -77.71 69.66 48.49
N GLY G 3391 -78.65 70.49 48.04
CA GLY G 3391 -78.31 71.79 47.51
C GLY G 3391 -77.97 71.71 46.03
N GLU G 3392 -77.74 70.49 45.54
CA GLU G 3392 -77.51 70.32 44.11
C GLU G 3392 -78.75 70.71 43.33
N LEU G 3393 -79.92 70.28 43.78
CA LEU G 3393 -81.16 70.71 43.14
C LEU G 3393 -81.37 72.21 43.33
N LEU G 3394 -80.93 72.75 44.47
CA LEU G 3394 -81.05 74.19 44.69
C LEU G 3394 -80.27 74.97 43.63
N VAL G 3395 -79.02 74.59 43.41
CA VAL G 3395 -78.21 75.28 42.41
C VAL G 3395 -78.75 75.02 41.01
N ARG G 3396 -79.27 73.83 40.76
CA ARG G 3396 -79.88 73.56 39.46
C ARG G 3396 -81.07 74.49 39.20
N ASP G 3397 -81.92 74.69 40.21
CA ASP G 3397 -83.05 75.59 40.05
C ASP G 3397 -82.59 77.03 39.91
N GLU G 3398 -81.55 77.43 40.64
CA GLU G 3398 -81.03 78.78 40.48
C GLU G 3398 -80.52 79.00 39.07
N PHE G 3399 -79.79 78.02 38.52
CA PHE G 3399 -79.36 78.13 37.14
C PHE G 3399 -80.55 78.12 36.18
N SER G 3400 -81.62 77.40 36.53
CA SER G 3400 -82.80 77.41 35.68
C SER G 3400 -83.42 78.80 35.59
N VAL G 3401 -83.59 79.45 36.73
CA VAL G 3401 -84.16 80.79 36.72
C VAL G 3401 -83.21 81.76 36.03
N LEU G 3402 -81.90 81.59 36.23
CA LEU G 3402 -80.93 82.46 35.56
C LEU G 3402 -81.01 82.28 34.05
N CYS G 3403 -81.14 81.05 33.58
CA CYS G 3403 -81.28 80.81 32.15
C CYS G 3403 -82.57 81.39 31.61
N ARG G 3404 -83.66 81.32 32.39
CA ARG G 3404 -84.89 81.97 31.97
C ARG G 3404 -84.68 83.46 31.77
N ASP G 3405 -84.03 84.11 32.73
CA ASP G 3405 -83.78 85.55 32.60
C ASP G 3405 -82.87 85.84 31.41
N LEU G 3406 -81.85 85.00 31.21
CA LEU G 3406 -80.95 85.20 30.08
C LEU G 3406 -81.69 85.10 28.76
N TYR G 3407 -82.57 84.11 28.63
CA TYR G 3407 -83.30 83.93 27.38
C TYR G 3407 -84.41 84.95 27.26
N ALA G 3408 -84.71 85.65 28.35
CA ALA G 3408 -85.67 86.74 28.28
C ALA G 3408 -85.00 88.04 27.83
N LEU G 3409 -83.73 88.23 28.19
CA LEU G 3409 -83.03 89.48 27.92
C LEU G 3409 -82.16 89.45 26.68
N TYR G 3410 -81.30 88.44 26.50
CA TYR G 3410 -80.43 88.42 25.33
C TYR G 3410 -81.18 88.57 24.01
N PRO G 3411 -82.34 87.96 23.80
CA PRO G 3411 -83.00 88.19 22.50
C PRO G 3411 -83.20 89.66 22.18
N LEU G 3412 -83.40 90.50 23.19
CA LEU G 3412 -83.45 91.93 22.95
C LEU G 3412 -82.06 92.51 22.74
N LEU G 3413 -81.08 92.04 23.51
CA LEU G 3413 -79.73 92.59 23.44
C LEU G 3413 -79.14 92.39 22.06
N ILE G 3414 -79.34 91.21 21.48
CA ILE G 3414 -78.77 90.87 20.18
C ILE G 3414 -79.24 91.87 19.13
N ARG G 3415 -80.53 92.18 19.12
CA ARG G 3415 -81.04 93.14 18.15
C ARG G 3415 -80.42 94.51 18.36
N TYR G 3416 -80.30 94.94 19.61
CA TYR G 3416 -79.68 96.23 19.89
C TYR G 3416 -78.23 96.23 19.42
N VAL G 3417 -77.53 95.11 19.60
CA VAL G 3417 -76.15 95.01 19.14
C VAL G 3417 -76.09 95.05 17.62
N ASP G 3418 -76.97 94.29 16.97
CA ASP G 3418 -76.92 94.18 15.51
C ASP G 3418 -77.13 95.53 14.84
N ASN G 3419 -77.81 96.46 15.51
CA ASN G 3419 -78.08 97.76 14.91
C ASN G 3419 -77.04 98.80 15.27
N ASN G 3420 -76.25 98.56 16.31
CA ASN G 3420 -75.23 99.52 16.75
C ASN G 3420 -73.82 98.96 16.64
N ARG G 3421 -73.65 97.75 16.11
CA ARG G 3421 -72.31 97.21 15.92
C ARG G 3421 -71.50 98.12 15.02
N ALA G 3422 -72.10 98.60 13.94
CA ALA G 3422 -71.38 99.43 12.99
C ALA G 3422 -70.80 100.66 13.67
N HIS G 3423 -71.63 101.39 14.41
CA HIS G 3423 -71.15 102.59 15.08
C HIS G 3423 -70.13 102.26 16.16
N TRP G 3424 -70.37 101.19 16.93
CA TRP G 3424 -69.43 100.83 17.98
C TRP G 3424 -68.06 100.52 17.41
N LEU G 3425 -68.00 99.76 16.31
CA LEU G 3425 -66.73 99.39 15.72
C LEU G 3425 -66.07 100.56 15.01
N THR G 3426 -66.85 101.40 14.32
CA THR G 3426 -66.27 102.57 13.67
C THR G 3426 -65.64 103.50 14.69
N GLU G 3427 -66.37 103.86 15.73
CA GLU G 3427 -65.86 104.73 16.78
C GLU G 3427 -65.79 103.94 18.08
N PRO G 3428 -64.63 103.81 18.71
CA PRO G 3428 -64.55 103.02 19.95
C PRO G 3428 -65.49 103.54 21.01
N ASN G 3429 -66.11 102.63 21.75
CA ASN G 3429 -67.09 102.97 22.77
C ASN G 3429 -66.73 102.24 24.07
N PRO G 3430 -66.29 102.94 25.12
CA PRO G 3430 -65.99 102.23 26.37
C PRO G 3430 -67.19 101.48 26.93
N ASN G 3431 -68.40 102.01 26.76
CA ASN G 3431 -69.58 101.29 27.20
C ASN G 3431 -69.74 99.98 26.45
N ALA G 3432 -69.50 100.00 25.14
CA ALA G 3432 -69.55 98.77 24.37
C ALA G 3432 -68.49 97.78 24.84
N GLU G 3433 -67.29 98.30 25.17
CA GLU G 3433 -66.26 97.42 25.68
C GLU G 3433 -66.68 96.77 27.01
N GLU G 3434 -67.30 97.56 27.89
CA GLU G 3434 -67.77 97.02 29.15
C GLU G 3434 -68.85 95.97 28.93
N LEU G 3435 -69.74 96.21 27.98
CA LEU G 3435 -70.75 95.22 27.64
C LEU G 3435 -70.09 93.94 27.15
N PHE G 3436 -69.05 94.06 26.34
CA PHE G 3436 -68.31 92.88 25.90
C PHE G 3436 -67.73 92.14 27.10
N ARG G 3437 -67.16 92.87 28.06
CA ARG G 3437 -66.60 92.22 29.23
C ARG G 3437 -67.67 91.44 29.99
N MET G 3438 -68.84 92.06 30.17
CA MET G 3438 -69.92 91.39 30.90
C MET G 3438 -70.36 90.12 30.18
N VAL G 3439 -70.65 90.23 28.89
CA VAL G 3439 -71.11 89.06 28.15
C VAL G 3439 -70.03 87.99 28.13
N GLY G 3440 -68.76 88.41 28.05
CA GLY G 3440 -67.68 87.45 28.05
C GLY G 3440 -67.57 86.70 29.36
N GLU G 3441 -67.71 87.41 30.47
CA GLU G 3441 -67.68 86.73 31.77
C GLU G 3441 -68.84 85.76 31.90
N ILE G 3442 -70.03 86.15 31.42
CA ILE G 3442 -71.16 85.22 31.48
C ILE G 3442 -70.87 83.98 30.64
N PHE G 3443 -70.28 84.14 29.45
CA PHE G 3443 -69.94 82.98 28.63
C PHE G 3443 -68.88 82.13 29.30
N ILE G 3444 -67.90 82.76 29.95
CA ILE G 3444 -66.86 82.01 30.65
C ILE G 3444 -67.49 81.17 31.75
N TYR G 3445 -68.46 81.74 32.47
CA TYR G 3445 -69.19 80.95 33.46
C TYR G 3445 -69.93 79.80 32.80
N TRP G 3446 -70.60 80.06 31.68
CA TRP G 3446 -71.30 79.00 30.96
C TRP G 3446 -70.36 77.86 30.62
N SER G 3447 -69.13 78.19 30.23
CA SER G 3447 -68.18 77.16 29.85
C SER G 3447 -67.63 76.42 31.08
N LYS G 3448 -67.18 77.17 32.08
CA LYS G 3448 -66.61 76.55 33.27
C LYS G 3448 -67.64 75.69 33.99
N SER G 3449 -68.69 76.32 34.53
CA SER G 3449 -69.72 75.58 35.23
C SER G 3449 -70.48 74.70 34.24
N HIS G 3450 -70.85 73.50 34.68
CA HIS G 3450 -71.41 72.50 33.79
C HIS G 3450 -72.89 72.24 34.02
N ASN G 3451 -73.40 72.48 35.23
CA ASN G 3451 -74.84 72.40 35.45
C ASN G 3451 -75.57 73.42 34.59
N PHE G 3452 -74.99 74.61 34.45
CA PHE G 3452 -75.64 75.70 33.72
C PHE G 3452 -75.98 75.27 32.30
N LYS G 3453 -75.16 74.40 31.71
CA LYS G 3453 -75.45 73.90 30.37
C LYS G 3453 -76.73 73.07 30.33
N ARG G 3454 -76.86 72.09 31.23
CA ARG G 3454 -78.10 71.31 31.25
C ARG G 3454 -79.28 72.21 31.54
N GLU G 3455 -79.12 73.18 32.44
CA GLU G 3455 -80.26 74.02 32.77
C GLU G 3455 -80.71 74.85 31.58
N GLU G 3456 -79.76 75.43 30.83
CA GLU G 3456 -80.12 76.16 29.62
C GLU G 3456 -80.81 75.25 28.62
N GLN G 3457 -80.24 74.06 28.40
CA GLN G 3457 -80.81 73.14 27.41
C GLN G 3457 -82.22 72.71 27.81
N ASN G 3458 -82.40 72.39 29.09
CA ASN G 3458 -83.71 71.99 29.58
C ASN G 3458 -84.71 73.12 29.44
N PHE G 3459 -84.30 74.34 29.78
CA PHE G 3459 -85.19 75.49 29.60
C PHE G 3459 -85.65 75.60 28.16
N VAL G 3460 -84.69 75.60 27.22
CA VAL G 3460 -85.05 75.84 25.83
C VAL G 3460 -85.95 74.74 25.31
N VAL G 3461 -85.63 73.48 25.61
CA VAL G 3461 -86.45 72.39 25.10
C VAL G 3461 -87.83 72.41 25.74
N GLN G 3462 -87.91 72.63 27.05
CA GLN G 3462 -89.20 72.59 27.74
C GLN G 3462 -90.11 73.70 27.26
N ASN G 3463 -89.56 74.90 27.05
CA ASN G 3463 -90.39 76.02 26.60
C ASN G 3463 -90.57 76.05 25.08
N GLU G 3464 -89.85 75.23 24.34
CA GLU G 3464 -89.99 75.16 22.89
C GLU G 3464 -89.87 76.54 22.26
N ILE G 3465 -88.95 77.35 22.79
CA ILE G 3465 -88.66 78.67 22.26
C ILE G 3465 -87.60 78.51 21.17
N ASN G 3466 -87.90 78.98 19.97
CA ASN G 3466 -87.00 78.81 18.84
C ASN G 3466 -85.93 79.89 18.85
N ASN G 3467 -84.68 79.48 19.12
CA ASN G 3467 -83.58 80.44 19.17
C ASN G 3467 -83.34 81.06 17.81
N MET G 3468 -83.61 80.33 16.73
CA MET G 3468 -83.40 80.85 15.40
C MET G 3468 -84.25 82.10 15.15
N SER G 3469 -85.49 82.09 15.66
CA SER G 3469 -86.35 83.25 15.50
C SER G 3469 -85.73 84.49 16.15
N PHE G 3470 -85.20 84.34 17.35
CA PHE G 3470 -84.55 85.48 18.01
C PHE G 3470 -83.31 85.92 17.25
N LEU G 3471 -82.51 84.97 16.79
CA LEU G 3471 -81.28 85.32 16.09
C LEU G 3471 -81.57 86.06 14.80
N THR G 3472 -82.56 85.60 14.03
CA THR G 3472 -82.89 86.22 12.76
C THR G 3472 -83.79 87.44 12.96
N TYR G 3504 -81.53 74.01 22.01
CA TYR G 3504 -81.50 72.78 21.22
C TYR G 3504 -80.05 72.36 20.98
N SER G 3505 -79.33 73.16 20.21
CA SER G 3505 -77.92 72.90 19.94
C SER G 3505 -77.05 73.98 20.55
N VAL G 3506 -75.75 73.68 20.64
CA VAL G 3506 -74.80 74.65 21.16
C VAL G 3506 -74.84 75.92 20.31
N GLN G 3507 -74.95 75.75 18.99
CA GLN G 3507 -75.06 76.91 18.11
C GLN G 3507 -76.29 77.74 18.45
N THR G 3508 -77.42 77.08 18.70
CA THR G 3508 -78.64 77.82 19.05
C THR G 3508 -78.51 78.50 20.40
N SER G 3509 -77.71 77.93 21.31
CA SER G 3509 -77.54 78.51 22.64
C SER G 3509 -77.24 80.00 22.56
N LEU G 3510 -78.11 80.83 23.13
CA LEU G 3510 -77.91 82.28 23.07
C LEU G 3510 -76.68 82.72 23.83
N ILE G 3511 -76.22 81.91 24.80
CA ILE G 3511 -75.07 82.33 25.60
C ILE G 3511 -73.84 82.47 24.72
N VAL G 3512 -73.63 81.52 23.80
CA VAL G 3512 -72.47 81.58 22.92
C VAL G 3512 -72.75 82.49 21.74
N ALA G 3513 -74.00 82.51 21.25
CA ALA G 3513 -74.32 83.34 20.09
C ALA G 3513 -74.14 84.82 20.41
N THR G 3514 -74.60 85.26 21.58
CA THR G 3514 -74.46 86.65 21.95
C THR G 3514 -72.99 87.05 22.02
N LEU G 3515 -72.15 86.18 22.57
CA LEU G 3515 -70.73 86.50 22.64
C LEU G 3515 -70.10 86.50 21.25
N LYS G 3516 -70.50 85.56 20.39
CA LYS G 3516 -69.97 85.58 19.03
C LYS G 3516 -70.37 86.86 18.32
N LYS G 3517 -71.52 87.43 18.70
CA LYS G 3517 -71.93 88.69 18.11
C LYS G 3517 -71.18 89.87 18.69
N MET G 3518 -70.83 89.82 19.98
CA MET G 3518 -70.10 90.90 20.63
C MET G 3518 -68.59 90.78 20.47
N LEU G 3519 -68.09 89.67 19.94
CA LEU G 3519 -66.65 89.44 19.92
C LEU G 3519 -65.91 90.49 19.11
N PRO G 3520 -66.35 90.87 17.91
CA PRO G 3520 -65.60 91.87 17.15
C PRO G 3520 -65.34 93.14 17.95
N ILE G 3521 -66.33 93.56 18.75
CA ILE G 3521 -66.16 94.73 19.58
C ILE G 3521 -65.06 94.53 20.62
N GLY G 3522 -64.79 93.28 20.98
CA GLY G 3522 -63.73 93.00 21.93
C GLY G 3522 -62.38 92.93 21.27
N LEU G 3523 -62.31 92.24 20.13
CA LEU G 3523 -61.07 92.21 19.37
C LEU G 3523 -60.66 93.60 18.93
N ASN G 3524 -61.64 94.50 18.76
CA ASN G 3524 -61.34 95.84 18.26
C ASN G 3524 -60.52 96.66 19.24
N MET G 3525 -60.53 96.32 20.53
CA MET G 3525 -59.68 97.03 21.49
C MET G 3525 -58.30 96.41 21.62
N CYS G 3526 -58.02 95.34 20.89
CA CYS G 3526 -56.70 94.71 20.86
C CYS G 3526 -55.97 95.17 19.61
N ALA G 3527 -54.85 95.85 19.81
CA ALA G 3527 -54.07 96.32 18.68
C ALA G 3527 -53.49 95.11 17.93
N PRO G 3528 -53.19 95.27 16.64
CA PRO G 3528 -52.65 94.13 15.89
C PRO G 3528 -51.36 93.58 16.49
N THR G 3529 -50.55 94.44 17.10
CA THR G 3529 -49.29 93.98 17.67
C THR G 3529 -49.50 92.93 18.76
N ASP G 3530 -50.70 92.86 19.32
CA ASP G 3530 -50.99 92.02 20.48
C ASP G 3530 -51.40 90.61 20.12
N GLN G 3531 -51.36 90.23 18.84
CA GLN G 3531 -51.83 88.91 18.45
C GLN G 3531 -50.97 87.80 19.06
N ASP G 3532 -49.66 87.97 19.06
CA ASP G 3532 -48.77 86.96 19.65
C ASP G 3532 -48.98 86.84 21.15
N LEU G 3533 -49.16 87.96 21.84
CA LEU G 3533 -49.47 87.90 23.26
C LEU G 3533 -50.80 87.20 23.49
N ILE G 3534 -51.77 87.43 22.62
CA ILE G 3534 -53.05 86.73 22.74
C ILE G 3534 -52.84 85.23 22.62
N VAL G 3535 -51.99 84.81 21.67
CA VAL G 3535 -51.73 83.38 21.51
C VAL G 3535 -51.07 82.82 22.76
N LEU G 3536 -50.10 83.55 23.32
CA LEU G 3536 -49.43 83.07 24.53
C LEU G 3536 -50.44 82.93 25.68
N ALA G 3537 -51.31 83.93 25.84
CA ALA G 3537 -52.30 83.87 26.91
C ALA G 3537 -53.27 82.71 26.70
N LYS G 3538 -53.67 82.47 25.45
CA LYS G 3538 -54.46 81.29 25.14
C LYS G 3538 -53.73 80.01 25.52
N ALA G 3539 -52.42 79.95 25.33
CA ALA G 3539 -51.65 78.80 25.78
C ALA G 3539 -51.70 78.64 27.29
N ARG G 3540 -51.53 79.74 28.03
CA ARG G 3540 -51.62 79.65 29.48
C ARG G 3540 -52.99 79.13 29.92
N TYR G 3541 -54.05 79.69 29.38
CA TYR G 3541 -55.39 79.24 29.75
C TYR G 3541 -55.60 77.78 29.39
N ALA G 3542 -54.90 77.30 28.35
CA ALA G 3542 -54.88 75.87 28.09
C ALA G 3542 -54.17 75.12 29.22
N LEU G 3543 -53.06 75.68 29.72
CA LEU G 3543 -52.40 75.15 30.91
C LEU G 3543 -53.24 75.29 32.16
N LYS G 3544 -54.40 75.92 32.07
CA LYS G 3544 -55.35 75.98 33.18
C LYS G 3544 -54.84 76.88 34.31
N ASP G 3545 -54.28 78.02 33.92
CA ASP G 3545 -53.84 79.01 34.88
C ASP G 3545 -54.99 79.95 35.21
N THR G 3546 -54.96 80.49 36.44
CA THR G 3546 -55.99 81.42 36.84
C THR G 3546 -55.81 82.75 36.10
N ASP G 3547 -56.85 83.58 36.15
CA ASP G 3547 -56.77 84.88 35.50
C ASP G 3547 -55.59 85.68 36.05
N GLU G 3548 -55.38 85.63 37.37
CA GLU G 3548 -54.23 86.33 37.95
C GLU G 3548 -52.92 85.77 37.43
N GLU G 3549 -52.83 84.45 37.28
CA GLU G 3549 -51.60 83.84 36.78
C GLU G 3549 -51.31 84.32 35.37
N VAL G 3550 -52.34 84.38 34.52
CA VAL G 3550 -52.13 84.86 33.14
C VAL G 3550 -51.77 86.34 33.15
N ARG G 3551 -52.39 87.11 34.04
CA ARG G 3551 -52.08 88.52 34.14
C ARG G 3551 -50.61 88.72 34.49
N GLU G 3552 -50.11 87.96 35.47
CA GLU G 3552 -48.70 88.07 35.84
C GLU G 3552 -47.80 87.61 34.71
N PHE G 3553 -48.18 86.52 34.03
CA PHE G 3553 -47.40 86.04 32.90
C PHE G 3553 -47.22 87.13 31.86
N LEU G 3554 -48.31 87.77 31.46
CA LEU G 3554 -48.21 88.84 30.48
C LEU G 3554 -47.39 90.01 31.03
N GLN G 3555 -47.61 90.36 32.30
CA GLN G 3555 -46.90 91.47 32.90
C GLN G 3555 -45.40 91.28 32.79
N ASN G 3556 -44.90 90.08 33.13
CA ASN G 3556 -43.46 89.89 33.08
C ASN G 3556 -42.97 89.69 31.65
N ASN G 3557 -43.74 88.98 30.83
CA ASN G 3557 -43.41 88.87 29.42
C ASN G 3557 -44.08 89.96 28.61
N LEU G 3558 -43.95 91.20 29.08
CA LEU G 3558 -44.38 92.35 28.28
C LEU G 3558 -43.75 92.33 26.89
N ASN G 3559 -42.54 91.80 26.77
CA ASN G 3559 -41.91 91.64 25.46
C ASN G 3559 -42.59 90.48 24.73
N LEU G 3560 -42.02 90.05 23.61
CA LEU G 3560 -42.69 89.10 22.72
C LEU G 3560 -43.97 89.73 22.14
N GLN G 3561 -43.85 90.98 21.73
CA GLN G 3561 -44.95 91.74 21.15
C GLN G 3561 -44.74 91.83 19.65
N GLY G 3562 -45.77 91.51 18.88
CA GLY G 3562 -45.68 91.52 17.44
C GLY G 3562 -45.02 92.77 16.88
N LYS G 3563 -43.90 92.59 16.18
CA LYS G 3563 -43.15 93.70 15.63
C LYS G 3563 -43.68 94.06 14.24
N VAL G 3564 -43.81 95.36 13.98
CA VAL G 3564 -44.41 95.80 12.72
C VAL G 3564 -43.56 95.36 11.54
N GLU G 3565 -42.23 95.51 11.65
CA GLU G 3565 -41.35 95.14 10.56
C GLU G 3565 -41.39 93.65 10.26
N GLY G 3566 -41.91 92.85 11.18
CA GLY G 3566 -41.87 91.40 10.99
C GLY G 3566 -42.59 90.95 9.74
N SER G 3567 -43.80 91.47 9.51
CA SER G 3567 -44.60 91.05 8.37
C SER G 3567 -45.37 92.24 7.80
N PRO G 3568 -45.66 92.22 6.49
CA PRO G 3568 -46.53 93.28 5.96
C PRO G 3568 -47.90 93.30 6.59
N SER G 3569 -48.41 92.15 7.02
CA SER G 3569 -49.74 92.12 7.65
C SER G 3569 -49.78 93.04 8.85
N LEU G 3570 -48.79 92.94 9.74
CA LEU G 3570 -48.71 93.84 10.88
C LEU G 3570 -48.40 95.28 10.47
N ARG G 3571 -48.16 95.55 9.19
CA ARG G 3571 -47.97 96.91 8.73
C ARG G 3571 -49.28 97.55 8.30
N TRP G 3572 -50.00 96.91 7.37
CA TRP G 3572 -51.27 97.47 6.93
C TRP G 3572 -52.32 97.39 8.01
N GLN G 3573 -52.35 96.28 8.77
CA GLN G 3573 -53.26 96.21 9.91
C GLN G 3573 -53.00 97.34 10.88
N MET G 3574 -51.72 97.55 11.21
CA MET G 3574 -51.37 98.58 12.19
C MET G 3574 -51.68 99.96 11.67
N ALA G 3575 -51.46 100.21 10.37
CA ALA G 3575 -51.78 101.50 9.81
C ALA G 3575 -53.28 101.77 9.89
N LEU G 3576 -54.09 100.79 9.49
CA LEU G 3576 -55.53 100.96 9.60
C LEU G 3576 -55.93 101.20 11.05
N TYR G 3577 -55.27 100.51 11.99
CA TYR G 3577 -55.65 100.62 13.40
C TYR G 3577 -55.30 101.99 13.95
N ARG G 3578 -54.10 102.50 13.65
CA ARG G 3578 -53.76 103.89 13.88
C ARG G 3578 -54.79 104.83 13.29
N GLY G 3579 -55.35 104.47 12.12
CA GLY G 3579 -56.25 105.39 11.43
C GLY G 3579 -57.42 105.82 12.29
N VAL G 3580 -57.97 104.91 13.08
CA VAL G 3580 -59.15 105.18 13.89
C VAL G 3580 -58.86 106.36 14.81
N PRO G 3581 -59.70 107.39 14.83
CA PRO G 3581 -59.44 108.52 15.73
C PRO G 3581 -59.44 108.09 17.19
N GLY G 3582 -58.54 108.69 17.97
CA GLY G 3582 -58.47 108.47 19.39
C GLY G 3582 -57.57 107.32 19.82
N ARG G 3583 -57.05 106.54 18.87
CA ARG G 3583 -56.21 105.39 19.21
C ARG G 3583 -54.74 105.81 19.19
N GLU G 3584 -54.45 106.86 19.96
CA GLU G 3584 -53.08 107.35 20.08
C GLU G 3584 -52.60 107.32 21.53
N GLU G 3585 -53.48 107.69 22.47
CA GLU G 3585 -53.12 107.63 23.88
C GLU G 3585 -53.24 106.21 24.43
N ASP G 3586 -54.09 105.37 23.85
CA ASP G 3586 -54.26 104.01 24.31
C ASP G 3586 -53.00 103.19 24.04
N ALA G 3587 -52.93 102.04 24.71
CA ALA G 3587 -51.79 101.13 24.57
C ALA G 3587 -50.52 101.72 25.17
N ASP G 3588 -50.63 102.90 25.78
CA ASP G 3588 -49.49 103.46 26.50
C ASP G 3588 -49.28 102.76 27.83
N ASP G 3589 -50.33 102.14 28.36
CA ASP G 3589 -50.30 101.60 29.71
C ASP G 3589 -50.08 100.10 29.71
N PRO G 3590 -48.93 99.60 30.13
CA PRO G 3590 -48.73 98.14 30.13
C PRO G 3590 -49.81 97.41 30.90
N GLU G 3591 -50.29 97.98 32.00
CA GLU G 3591 -51.41 97.37 32.70
C GLU G 3591 -52.63 97.29 31.77
N LYS G 3592 -52.87 98.34 30.99
CA LYS G 3592 -53.99 98.31 30.05
C LYS G 3592 -53.85 97.18 29.03
N ILE G 3593 -52.66 97.07 28.42
CA ILE G 3593 -52.43 96.02 27.45
C ILE G 3593 -52.66 94.66 28.07
N VAL G 3594 -52.13 94.43 29.27
CA VAL G 3594 -52.31 93.12 29.88
C VAL G 3594 -53.79 92.88 30.17
N ARG G 3595 -54.51 93.94 30.57
CA ARG G 3595 -55.92 93.76 30.88
C ARG G 3595 -56.56 93.13 29.66
N ARG G 3596 -56.41 93.86 28.54
CA ARG G 3596 -57.16 93.52 27.34
C ARG G 3596 -56.75 92.15 26.80
N VAL G 3597 -55.44 91.88 26.77
CA VAL G 3597 -54.98 90.60 26.26
C VAL G 3597 -55.50 89.46 27.10
N GLN G 3598 -55.43 89.59 28.43
CA GLN G 3598 -55.93 88.52 29.28
C GLN G 3598 -57.40 88.26 29.01
N GLU G 3599 -58.21 89.33 28.97
CA GLU G 3599 -59.65 89.15 28.81
C GLU G 3599 -59.98 88.48 27.48
N VAL G 3600 -59.48 89.05 26.37
CA VAL G 3600 -59.83 88.51 25.06
C VAL G 3600 -59.27 87.11 24.88
N SER G 3601 -58.08 86.85 25.42
CA SER G 3601 -57.51 85.52 25.32
C SER G 3601 -58.37 84.49 26.04
N ALA G 3602 -58.84 84.82 27.24
CA ALA G 3602 -59.71 83.90 27.96
C ALA G 3602 -60.98 83.62 27.16
N VAL G 3603 -61.59 84.67 26.62
CA VAL G 3603 -62.82 84.50 25.85
C VAL G 3603 -62.57 83.58 24.66
N LEU G 3604 -61.48 83.85 23.92
CA LEU G 3604 -61.18 83.04 22.74
C LEU G 3604 -60.90 81.59 23.10
N TYR G 3605 -60.17 81.37 24.20
CA TYR G 3605 -59.87 80.00 24.62
C TYR G 3605 -61.15 79.22 24.89
N HIS G 3606 -62.05 79.80 25.70
CA HIS G 3606 -63.27 79.09 26.01
C HIS G 3606 -64.15 78.92 24.78
N LEU G 3607 -64.15 79.91 23.88
CA LEU G 3607 -64.91 79.76 22.65
C LEU G 3607 -64.35 78.62 21.81
N ASP G 3608 -63.03 78.44 21.82
CA ASP G 3608 -62.42 77.32 21.12
C ASP G 3608 -62.91 76.00 21.68
N GLN G 3609 -62.84 75.85 23.01
CA GLN G 3609 -63.35 74.62 23.60
C GLN G 3609 -64.80 74.38 23.22
N THR G 3610 -65.61 75.43 23.25
CA THR G 3610 -67.03 75.28 22.92
C THR G 3610 -67.20 74.82 21.48
N GLU G 3611 -66.55 75.49 20.54
CA GLU G 3611 -66.81 75.25 19.13
C GLU G 3611 -66.30 73.88 18.71
N HIS G 3612 -65.15 73.46 19.25
CA HIS G 3612 -64.66 72.10 18.98
C HIS G 3612 -64.76 71.28 20.25
N PRO G 3613 -65.74 70.38 20.39
CA PRO G 3613 -65.88 69.61 21.63
C PRO G 3613 -64.68 68.71 21.89
N VAL G 3634 -86.49 41.10 22.50
CA VAL G 3634 -87.58 41.45 23.39
C VAL G 3634 -87.51 40.63 24.68
N ALA G 3635 -86.57 39.69 24.72
CA ALA G 3635 -86.45 38.82 25.89
C ALA G 3635 -86.22 39.62 27.16
N CYS G 3636 -85.53 40.77 27.07
CA CYS G 3636 -85.26 41.56 28.26
C CYS G 3636 -86.55 41.98 28.95
N PHE G 3637 -87.52 42.48 28.18
CA PHE G 3637 -88.82 42.82 28.76
C PHE G 3637 -89.64 41.58 29.05
N ARG G 3638 -89.62 40.60 28.15
CA ARG G 3638 -90.41 39.39 28.32
C ARG G 3638 -89.93 38.59 29.53
N MET G 3639 -90.89 38.10 30.31
CA MET G 3639 -90.63 37.25 31.47
C MET G 3639 -90.90 35.80 31.10
N THR G 3640 -90.14 34.89 31.70
CA THR G 3640 -90.40 33.45 31.62
C THR G 3640 -90.32 32.88 33.03
N PRO G 3641 -91.24 33.26 33.91
CA PRO G 3641 -91.18 32.75 35.28
C PRO G 3641 -91.38 31.25 35.31
N LEU G 3642 -90.69 30.60 36.25
CA LEU G 3642 -90.83 29.16 36.41
C LEU G 3642 -92.24 28.77 36.87
N TYR G 3643 -92.92 29.64 37.61
CA TYR G 3643 -94.22 29.28 38.18
C TYR G 3643 -95.31 29.16 37.13
N ASN G 3644 -95.07 29.61 35.90
CA ASN G 3644 -96.04 29.44 34.82
C ASN G 3644 -95.82 28.17 34.02
N LEU G 3645 -94.66 27.54 34.16
CA LEU G 3645 -94.35 26.34 33.38
C LEU G 3645 -95.26 25.20 33.83
N PRO G 3646 -95.67 24.31 32.92
CA PRO G 3646 -96.52 23.19 33.33
C PRO G 3646 -95.81 22.28 34.31
N THR G 3647 -96.58 21.64 35.19
CA THR G 3647 -96.00 20.90 36.29
C THR G 3647 -95.09 19.78 35.82
N HIS G 3648 -95.51 19.02 34.80
CA HIS G 3648 -94.70 17.90 34.35
C HIS G 3648 -93.39 18.36 33.72
N ARG G 3649 -93.44 19.43 32.93
CA ARG G 3649 -92.20 19.98 32.37
C ARG G 3649 -91.27 20.46 33.47
N ALA G 3650 -91.83 21.10 34.50
CA ALA G 3650 -91.02 21.54 35.63
C ALA G 3650 -90.42 20.35 36.34
N CYS G 3651 -91.16 19.25 36.47
CA CYS G 3651 -90.62 18.05 37.10
C CYS G 3651 -89.45 17.51 36.30
N ASN G 3652 -89.57 17.46 34.98
CA ASN G 3652 -88.46 16.96 34.18
C ASN G 3652 -87.23 17.85 34.32
N MET G 3653 -87.43 19.17 34.31
CA MET G 3653 -86.30 20.07 34.52
C MET G 3653 -85.68 19.87 35.89
N PHE G 3654 -86.50 19.69 36.91
CA PHE G 3654 -85.98 19.46 38.26
C PHE G 3654 -85.19 18.17 38.32
N LEU G 3655 -85.68 17.11 37.68
CA LEU G 3655 -84.93 15.87 37.68
C LEU G 3655 -83.57 16.05 37.03
N GLU G 3656 -83.54 16.70 35.86
CA GLU G 3656 -82.25 16.95 35.21
C GLU G 3656 -81.31 17.74 36.12
N SER G 3657 -81.80 18.84 36.67
CA SER G 3657 -80.97 19.66 37.55
C SER G 3657 -80.48 18.85 38.73
N TYR G 3658 -81.40 18.40 39.58
CA TYR G 3658 -81.05 17.59 40.75
C TYR G 3658 -80.01 16.53 40.41
N LYS G 3659 -80.20 15.82 39.31
CA LYS G 3659 -79.21 14.82 38.91
C LYS G 3659 -77.84 15.44 38.73
N ALA G 3660 -77.77 16.56 37.99
CA ALA G 3660 -76.48 17.16 37.71
C ALA G 3660 -75.83 17.79 38.94
N SER G 3661 -76.65 18.28 39.87
CA SER G 3661 -76.13 19.17 40.92
C SER G 3661 -75.93 18.46 42.25
N TRP G 3662 -76.79 17.49 42.58
CA TRP G 3662 -76.72 16.81 43.88
C TRP G 3662 -76.24 15.38 43.75
N ILE G 3663 -76.87 14.57 42.91
CA ILE G 3663 -76.48 13.16 42.81
C ILE G 3663 -75.09 13.05 42.20
N LEU G 3664 -74.84 13.75 41.10
CA LEU G 3664 -73.56 13.62 40.41
C LEU G 3664 -72.42 14.12 41.28
N THR G 3665 -72.63 15.22 42.01
CA THR G 3665 -71.58 15.77 42.85
C THR G 3665 -71.24 14.83 44.00
N GLU G 3666 -72.21 14.06 44.49
CA GLU G 3666 -71.97 13.17 45.61
C GLU G 3666 -70.81 12.23 45.30
N ASP G 3667 -69.90 12.10 46.25
CA ASP G 3667 -68.70 11.27 46.10
C ASP G 3667 -68.80 10.07 47.03
N HIS G 3668 -68.88 8.88 46.44
CA HIS G 3668 -68.84 7.62 47.17
C HIS G 3668 -67.53 6.93 46.84
N SER G 3669 -66.82 6.50 47.88
CA SER G 3669 -65.55 5.78 47.72
C SER G 3669 -65.79 4.34 48.15
N PHE G 3670 -66.19 3.50 47.19
CA PHE G 3670 -66.41 2.09 47.46
C PHE G 3670 -65.40 1.18 46.82
N GLU G 3671 -64.47 1.71 46.01
CA GLU G 3671 -63.57 0.87 45.24
C GLU G 3671 -62.64 0.06 46.16
N ASP G 3672 -62.09 0.72 47.16
CA ASP G 3672 -61.19 0.02 48.08
C ASP G 3672 -61.91 -1.09 48.81
N ARG G 3673 -63.10 -0.79 49.34
CA ARG G 3673 -63.88 -1.80 50.05
C ARG G 3673 -64.21 -2.96 49.12
N MET G 3674 -64.62 -2.66 47.89
CA MET G 3674 -65.00 -3.72 46.96
C MET G 3674 -63.80 -4.61 46.65
N ILE G 3675 -62.64 -4.00 46.39
CA ILE G 3675 -61.47 -4.79 46.02
C ILE G 3675 -61.00 -5.62 47.20
N ASP G 3676 -61.06 -5.06 48.42
CA ASP G 3676 -60.68 -5.85 49.58
C ASP G 3676 -61.62 -7.04 49.76
N ASP G 3677 -62.93 -6.81 49.63
CA ASP G 3677 -63.89 -7.90 49.79
C ASP G 3677 -63.66 -8.97 48.74
N LEU G 3678 -63.43 -8.59 47.49
CA LEU G 3678 -63.21 -9.55 46.43
C LEU G 3678 -61.87 -10.25 46.54
N SER G 3679 -60.86 -9.61 47.13
CA SER G 3679 -59.57 -10.23 47.32
C SER G 3679 -59.54 -11.23 48.45
N LYS G 3680 -60.31 -11.00 49.52
CA LYS G 3680 -60.35 -11.93 50.63
C LYS G 3680 -60.94 -13.26 50.15
N ALA G 3681 -60.21 -14.34 50.37
CA ALA G 3681 -60.74 -15.69 50.23
C ALA G 3681 -61.24 -16.17 51.58
N GLY G 3682 -62.00 -17.26 51.56
CA GLY G 3682 -62.60 -17.75 52.80
C GLY G 3682 -62.79 -19.25 52.79
N GLU G 3683 -62.61 -19.85 53.96
CA GLU G 3683 -62.99 -21.24 54.24
C GLU G 3683 -62.09 -22.22 53.49
N GLN G 3684 -61.11 -21.69 52.75
CA GLN G 3684 -60.05 -22.55 52.21
C GLN G 3684 -59.53 -23.49 53.28
N GLU G 3685 -59.56 -23.07 54.54
CA GLU G 3685 -59.14 -23.94 55.64
C GLU G 3685 -60.14 -25.06 55.91
N GLU G 3686 -61.45 -24.79 55.85
CA GLU G 3686 -62.40 -25.86 56.16
C GLU G 3686 -62.37 -26.92 55.07
N GLU G 3687 -62.30 -26.50 53.81
CA GLU G 3687 -62.20 -27.52 52.76
C GLU G 3687 -60.79 -28.07 52.63
N GLU G 3688 -59.79 -27.39 53.19
CA GLU G 3688 -58.42 -27.90 53.29
C GLU G 3688 -57.99 -28.50 51.96
N GLU G 3689 -58.21 -27.78 50.87
CA GLU G 3689 -57.83 -28.27 49.54
C GLU G 3689 -56.34 -28.54 49.49
N GLU G 3690 -55.97 -29.81 49.31
CA GLU G 3690 -54.57 -30.20 49.20
C GLU G 3690 -54.01 -29.99 47.79
N VAL G 3691 -54.85 -29.60 46.84
CA VAL G 3691 -54.38 -29.24 45.51
C VAL G 3691 -53.60 -27.94 45.65
N GLU G 3692 -52.29 -27.99 45.36
CA GLU G 3692 -51.46 -26.80 45.51
C GLU G 3692 -51.97 -25.66 44.64
N GLU G 3693 -52.66 -25.97 43.55
CA GLU G 3693 -53.29 -24.95 42.73
C GLU G 3693 -54.54 -24.46 43.44
N LYS G 3694 -54.35 -23.61 44.46
CA LYS G 3694 -55.48 -23.05 45.18
C LYS G 3694 -56.42 -22.36 44.23
N LYS G 3695 -57.71 -22.61 44.38
CA LYS G 3695 -58.69 -22.04 43.47
C LYS G 3695 -58.57 -20.52 43.50
N PRO G 3696 -58.65 -19.85 42.35
CA PRO G 3696 -58.54 -18.39 42.35
C PRO G 3696 -59.64 -17.74 43.18
N ASP G 3697 -59.26 -16.69 43.90
CA ASP G 3697 -60.22 -15.94 44.69
C ASP G 3697 -61.06 -15.04 43.79
N PRO G 3698 -62.17 -14.51 44.30
CA PRO G 3698 -63.13 -13.82 43.40
C PRO G 3698 -62.51 -12.77 42.51
N LEU G 3699 -61.59 -11.94 43.03
CA LEU G 3699 -60.96 -10.94 42.19
C LEU G 3699 -60.13 -11.59 41.09
N HIS G 3700 -59.41 -12.66 41.42
CA HIS G 3700 -58.66 -13.40 40.42
C HIS G 3700 -59.60 -13.95 39.35
N GLN G 3701 -60.74 -14.49 39.76
CA GLN G 3701 -61.69 -15.02 38.80
C GLN G 3701 -62.24 -13.92 37.89
N LEU G 3702 -62.50 -12.73 38.43
CA LEU G 3702 -62.94 -11.63 37.60
C LEU G 3702 -61.89 -11.27 36.57
N VAL G 3703 -60.64 -11.15 36.99
CA VAL G 3703 -59.57 -10.81 36.06
C VAL G 3703 -59.44 -11.90 34.99
N LEU G 3704 -59.56 -13.16 35.40
CA LEU G 3704 -59.48 -14.25 34.44
C LEU G 3704 -60.63 -14.20 33.44
N HIS G 3705 -61.83 -13.83 33.90
CA HIS G 3705 -62.95 -13.71 32.99
C HIS G 3705 -62.70 -12.63 31.95
N PHE G 3706 -62.17 -11.49 32.38
CA PHE G 3706 -61.89 -10.43 31.42
C PHE G 3706 -60.75 -10.80 30.48
N SER G 3707 -59.76 -11.55 30.97
CA SER G 3707 -58.72 -12.06 30.08
C SER G 3707 -59.30 -13.00 29.04
N ARG G 3708 -60.23 -13.86 29.46
CA ARG G 3708 -60.94 -14.72 28.52
C ARG G 3708 -61.63 -13.89 27.44
N THR G 3709 -62.38 -12.87 27.85
CA THR G 3709 -63.06 -12.04 26.88
C THR G 3709 -62.08 -11.38 25.92
N ALA G 3710 -60.95 -10.89 26.42
CA ALA G 3710 -59.97 -10.26 25.56
C ALA G 3710 -59.35 -11.26 24.59
N LEU G 3711 -59.07 -12.48 25.04
CA LEU G 3711 -58.41 -13.47 24.22
C LEU G 3711 -59.34 -14.14 23.22
N THR G 3712 -60.65 -14.04 23.41
CA THR G 3712 -61.58 -14.63 22.45
C THR G 3712 -61.31 -14.08 21.06
N GLU G 3713 -61.20 -14.97 20.08
CA GLU G 3713 -60.94 -14.57 18.71
C GLU G 3713 -62.17 -13.87 18.14
N LYS G 3714 -62.00 -12.66 17.64
CA LYS G 3714 -63.13 -11.84 17.24
C LYS G 3714 -62.65 -10.74 16.32
N SER G 3715 -63.57 -10.22 15.50
CA SER G 3715 -63.21 -9.19 14.54
C SER G 3715 -62.90 -7.86 15.23
N LYS G 3716 -63.67 -7.52 16.26
CA LYS G 3716 -63.47 -6.26 16.97
C LYS G 3716 -63.79 -6.48 18.44
N LEU G 3717 -63.45 -5.48 19.25
CA LEU G 3717 -63.70 -5.54 20.69
C LEU G 3717 -64.99 -4.78 20.97
N ASP G 3718 -66.05 -5.53 21.28
CA ASP G 3718 -67.34 -4.90 21.55
C ASP G 3718 -67.28 -4.10 22.85
N GLU G 3719 -67.93 -2.95 22.84
CA GLU G 3719 -67.93 -2.08 24.02
C GLU G 3719 -68.64 -2.76 25.17
N ASP G 3720 -68.01 -2.80 26.34
CA ASP G 3720 -68.48 -3.58 27.47
C ASP G 3720 -68.51 -2.72 28.73
N TYR G 3721 -69.72 -2.33 29.15
CA TYR G 3721 -69.85 -1.46 30.30
C TYR G 3721 -69.32 -2.13 31.56
N LEU G 3722 -69.54 -3.44 31.69
CA LEU G 3722 -69.04 -4.15 32.85
C LEU G 3722 -67.52 -4.06 32.93
N TYR G 3723 -66.84 -4.31 31.80
CA TYR G 3723 -65.39 -4.22 31.81
C TYR G 3723 -64.94 -2.82 32.17
N MET G 3724 -65.60 -1.80 31.59
CA MET G 3724 -65.19 -0.44 31.90
C MET G 3724 -65.37 -0.14 33.38
N ALA G 3725 -66.51 -0.53 33.96
CA ALA G 3725 -66.78 -0.24 35.36
C ALA G 3725 -65.76 -0.92 36.26
N TYR G 3726 -65.46 -2.19 35.98
CA TYR G 3726 -64.54 -2.90 36.86
C TYR G 3726 -63.10 -2.45 36.65
N ALA G 3727 -62.74 -2.06 35.43
CA ALA G 3727 -61.42 -1.46 35.21
C ALA G 3727 -61.29 -0.15 35.97
N ASP G 3728 -62.34 0.67 35.98
CA ASP G 3728 -62.30 1.90 36.75
C ASP G 3728 -62.18 1.62 38.24
N ILE G 3729 -62.92 0.63 38.74
CA ILE G 3729 -62.82 0.28 40.15
C ILE G 3729 -61.40 -0.17 40.49
N MET G 3730 -60.83 -1.05 39.67
CA MET G 3730 -59.48 -1.53 39.93
C MET G 3730 -58.47 -0.39 39.87
N ALA G 3731 -58.62 0.50 38.90
CA ALA G 3731 -57.69 1.63 38.78
C ALA G 3731 -57.78 2.55 39.99
N LYS G 3732 -59.00 2.83 40.46
CA LYS G 3732 -59.15 3.70 41.63
C LYS G 3732 -58.67 3.01 42.90
N SER G 3733 -58.64 1.68 42.91
CA SER G 3733 -58.15 0.99 44.10
C SER G 3733 -56.70 1.36 44.41
N CYS G 3734 -55.91 1.63 43.37
CA CYS G 3734 -54.52 2.04 43.54
C CYS G 3734 -54.49 3.57 43.58
N HIS G 3735 -54.49 4.12 44.78
CA HIS G 3735 -54.75 5.55 44.96
C HIS G 3735 -53.63 6.41 44.39
N LEU G 3736 -52.39 6.15 44.81
CA LEU G 3736 -51.29 7.06 44.48
C LEU G 3736 -51.61 8.46 44.99
N GLU G 3737 -51.74 8.62 46.30
CA GLU G 3737 -52.03 9.93 46.88
C GLU G 3737 -50.77 10.79 46.89
N VAL G 3752 -47.63 21.71 54.66
CA VAL G 3752 -46.57 21.22 55.54
C VAL G 3752 -45.61 20.35 54.74
N GLU G 3753 -44.77 19.60 55.45
CA GLU G 3753 -43.81 18.70 54.84
C GLU G 3753 -43.99 17.30 55.42
N VAL G 3754 -44.47 16.38 54.60
CA VAL G 3754 -44.66 15.00 55.05
C VAL G 3754 -43.31 14.37 55.34
N SER G 3755 -43.25 13.61 56.45
CA SER G 3755 -41.99 13.04 56.88
C SER G 3755 -41.50 11.97 55.92
N PHE G 3756 -40.23 11.63 56.04
CA PHE G 3756 -39.66 10.57 55.21
C PHE G 3756 -40.36 9.24 55.47
N GLU G 3757 -40.63 8.94 56.73
CA GLU G 3757 -41.36 7.72 57.05
C GLU G 3757 -42.75 7.74 56.42
N GLU G 3758 -43.41 8.90 56.44
CA GLU G 3758 -44.72 9.00 55.80
C GLU G 3758 -44.63 8.75 54.30
N LYS G 3759 -43.62 9.32 53.65
CA LYS G 3759 -43.45 9.08 52.22
C LYS G 3759 -43.25 7.59 51.94
N GLU G 3760 -42.34 6.97 52.69
CA GLU G 3760 -42.07 5.55 52.47
C GLU G 3760 -43.31 4.71 52.74
N MET G 3761 -44.11 5.11 53.71
CA MET G 3761 -45.29 4.33 54.07
C MET G 3761 -46.35 4.44 52.98
N GLU G 3762 -46.52 5.64 52.41
CA GLU G 3762 -47.40 5.77 51.27
C GLU G 3762 -46.91 4.93 50.10
N LYS G 3763 -45.59 4.90 49.89
CA LYS G 3763 -45.02 4.08 48.83
C LYS G 3763 -45.36 2.62 49.05
N GLN G 3764 -45.24 2.14 50.29
CA GLN G 3764 -45.56 0.75 50.58
C GLN G 3764 -47.04 0.46 50.39
N ARG G 3765 -47.92 1.38 50.80
CA ARG G 3765 -49.34 1.18 50.51
C ARG G 3765 -49.57 1.03 49.01
N LEU G 3766 -48.96 1.90 48.22
CA LEU G 3766 -49.19 1.84 46.78
C LEU G 3766 -48.67 0.52 46.21
N LEU G 3767 -47.52 0.06 46.68
CA LEU G 3767 -47.01 -1.22 46.22
C LEU G 3767 -47.96 -2.35 46.58
N TYR G 3768 -48.51 -2.35 47.79
CA TYR G 3768 -49.43 -3.40 48.18
C TYR G 3768 -50.70 -3.36 47.34
N GLN G 3769 -51.23 -2.17 47.11
CA GLN G 3769 -52.44 -2.04 46.31
C GLN G 3769 -52.21 -2.53 44.89
N GLN G 3770 -51.05 -2.22 44.32
CA GLN G 3770 -50.74 -2.69 42.98
C GLN G 3770 -50.50 -4.19 42.96
N SER G 3771 -49.96 -4.73 44.06
CA SER G 3771 -49.77 -6.17 44.16
C SER G 3771 -51.10 -6.91 44.16
N ARG G 3772 -52.09 -6.38 44.88
CA ARG G 3772 -53.39 -7.04 44.90
C ARG G 3772 -53.87 -7.33 43.49
N LEU G 3773 -53.52 -6.49 42.53
CA LEU G 3773 -53.96 -6.65 41.15
C LEU G 3773 -52.99 -7.44 40.30
N HIS G 3774 -51.70 -7.08 40.29
CA HIS G 3774 -50.80 -7.76 39.37
C HIS G 3774 -50.41 -9.15 39.85
N ASN G 3775 -50.73 -9.51 41.09
CA ASN G 3775 -50.61 -10.89 41.51
C ASN G 3775 -51.79 -11.74 41.05
N ARG G 3776 -52.74 -11.15 40.33
CA ARG G 3776 -53.94 -11.84 39.88
C ARG G 3776 -54.14 -11.74 38.37
N GLY G 3777 -53.12 -11.32 37.62
CA GLY G 3777 -53.20 -11.29 36.18
C GLY G 3777 -53.58 -9.97 35.57
N ALA G 3778 -53.61 -8.89 36.34
CA ALA G 3778 -54.06 -7.61 35.81
C ALA G 3778 -53.16 -7.12 34.68
N ALA G 3779 -51.84 -7.31 34.80
CA ALA G 3779 -50.93 -6.82 33.76
C ALA G 3779 -51.17 -7.56 32.44
N GLU G 3780 -51.27 -8.89 32.51
CA GLU G 3780 -51.56 -9.66 31.31
C GLU G 3780 -52.90 -9.27 30.73
N MET G 3781 -53.90 -9.02 31.58
CA MET G 3781 -55.20 -8.60 31.07
C MET G 3781 -55.10 -7.26 30.34
N VAL G 3782 -54.33 -6.33 30.90
CA VAL G 3782 -54.17 -5.02 30.27
C VAL G 3782 -53.54 -5.17 28.90
N LEU G 3783 -52.46 -5.94 28.82
CA LEU G 3783 -51.81 -6.15 27.53
C LEU G 3783 -52.75 -6.83 26.53
N GLN G 3784 -53.48 -7.84 26.99
CA GLN G 3784 -54.41 -8.54 26.10
C GLN G 3784 -55.49 -7.62 25.58
N MET G 3785 -56.04 -6.75 26.43
CA MET G 3785 -57.07 -5.83 25.99
C MET G 3785 -56.52 -4.76 25.04
N ILE G 3786 -55.31 -4.27 25.28
CA ILE G 3786 -54.73 -3.32 24.34
C ILE G 3786 -54.53 -3.99 22.98
N SER G 3787 -54.06 -5.24 22.97
CA SER G 3787 -53.92 -5.94 21.71
C SER G 3787 -55.27 -6.17 21.05
N ALA G 3788 -56.30 -6.46 21.85
CA ALA G 3788 -57.60 -6.79 21.29
C ALA G 3788 -58.31 -5.57 20.71
N CYS G 3789 -58.05 -4.38 21.24
CA CYS G 3789 -58.71 -3.20 20.69
C CYS G 3789 -58.36 -2.99 19.23
N LYS G 3790 -57.24 -3.55 18.76
CA LYS G 3790 -56.86 -3.50 17.35
C LYS G 3790 -56.77 -2.06 16.85
N GLY G 3791 -56.22 -1.19 17.69
CA GLY G 3791 -55.96 0.17 17.27
C GLY G 3791 -57.19 1.03 17.10
N GLU G 3792 -58.30 0.67 17.73
CA GLU G 3792 -59.54 1.44 17.66
C GLU G 3792 -59.69 2.25 18.93
N THR G 3793 -59.68 3.57 18.80
CA THR G 3793 -59.86 4.44 19.95
C THR G 3793 -61.26 4.26 20.52
N GLY G 3794 -61.37 4.35 21.83
CA GLY G 3794 -62.67 4.25 22.46
C GLY G 3794 -62.55 4.15 23.96
N ALA G 3795 -63.71 4.04 24.62
CA ALA G 3795 -63.75 3.92 26.06
C ALA G 3795 -63.09 2.65 26.56
N MET G 3796 -63.19 1.56 25.80
CA MET G 3796 -62.55 0.32 26.22
C MET G 3796 -61.04 0.51 26.37
N VAL G 3797 -60.40 1.04 25.34
CA VAL G 3797 -58.96 1.24 25.40
C VAL G 3797 -58.60 2.34 26.39
N SER G 3798 -59.44 3.37 26.54
CA SER G 3798 -59.16 4.40 27.54
C SER G 3798 -59.13 3.79 28.93
N SER G 3799 -60.12 2.97 29.27
CA SER G 3799 -60.13 2.32 30.58
C SER G 3799 -58.95 1.39 30.74
N THR G 3800 -58.61 0.64 29.69
CA THR G 3800 -57.46 -0.26 29.78
C THR G 3800 -56.18 0.52 30.05
N LEU G 3801 -55.97 1.63 29.33
CA LEU G 3801 -54.77 2.42 29.53
C LEU G 3801 -54.73 3.02 30.93
N LYS G 3802 -55.87 3.50 31.43
CA LYS G 3802 -55.88 4.04 32.78
C LYS G 3802 -55.57 2.96 33.82
N LEU G 3803 -56.10 1.75 33.64
CA LEU G 3803 -55.76 0.66 34.55
C LEU G 3803 -54.27 0.34 34.49
N GLY G 3804 -53.71 0.29 33.28
CA GLY G 3804 -52.29 0.02 33.15
C GLY G 3804 -51.45 1.05 33.87
N ILE G 3805 -51.78 2.33 33.68
CA ILE G 3805 -51.07 3.39 34.39
C ILE G 3805 -51.24 3.22 35.89
N SER G 3806 -52.43 2.87 36.34
CA SER G 3806 -52.68 2.74 37.76
C SER G 3806 -51.79 1.67 38.38
N ILE G 3807 -51.65 0.52 37.71
CA ILE G 3807 -50.82 -0.55 38.26
C ILE G 3807 -49.34 -0.35 37.97
N LEU G 3808 -48.98 0.55 37.06
CA LEU G 3808 -47.58 0.80 36.76
C LEU G 3808 -47.01 2.03 37.46
N ASN G 3809 -47.85 2.84 38.09
CA ASN G 3809 -47.38 4.10 38.67
C ASN G 3809 -46.27 3.86 39.65
N GLY G 3810 -45.30 4.78 39.67
CA GLY G 3810 -44.11 4.60 40.46
C GLY G 3810 -43.06 3.73 39.83
N GLY G 3811 -43.20 3.38 38.56
CA GLY G 3811 -42.25 2.51 37.91
C GLY G 3811 -42.19 1.14 38.54
N ASN G 3812 -43.34 0.52 38.74
CA ASN G 3812 -43.39 -0.79 39.40
C ASN G 3812 -42.55 -1.81 38.64
N ALA G 3813 -41.43 -2.21 39.23
CA ALA G 3813 -40.52 -3.12 38.56
C ALA G 3813 -41.15 -4.49 38.37
N GLU G 3814 -41.89 -4.98 39.36
CA GLU G 3814 -42.51 -6.29 39.25
C GLU G 3814 -43.52 -6.31 38.10
N VAL G 3815 -44.35 -5.27 38.01
CA VAL G 3815 -45.32 -5.20 36.92
C VAL G 3815 -44.61 -5.08 35.58
N GLN G 3816 -43.55 -4.29 35.52
CA GLN G 3816 -42.79 -4.18 34.28
C GLN G 3816 -42.25 -5.54 33.86
N GLN G 3817 -41.69 -6.30 34.80
CA GLN G 3817 -41.15 -7.61 34.49
C GLN G 3817 -42.25 -8.54 34.01
N LYS G 3818 -43.40 -8.54 34.68
CA LYS G 3818 -44.49 -9.41 34.26
C LYS G 3818 -44.94 -9.07 32.84
N MET G 3819 -45.12 -7.78 32.55
CA MET G 3819 -45.55 -7.38 31.21
C MET G 3819 -44.53 -7.80 30.17
N LEU G 3820 -43.24 -7.56 30.42
CA LEU G 3820 -42.22 -7.90 29.44
C LEU G 3820 -42.17 -9.40 29.21
N ASP G 3821 -42.24 -10.18 30.30
CA ASP G 3821 -42.21 -11.63 30.16
C ASP G 3821 -43.40 -12.12 29.36
N TYR G 3822 -44.59 -11.58 29.63
CA TYR G 3822 -45.76 -11.99 28.87
C TYR G 3822 -45.59 -11.67 27.39
N LEU G 3823 -45.14 -10.46 27.08
CA LEU G 3823 -44.99 -10.08 25.67
C LEU G 3823 -43.97 -10.97 24.97
N LYS G 3824 -42.83 -11.21 25.62
CA LYS G 3824 -41.79 -12.01 24.97
C LYS G 3824 -42.20 -13.46 24.86
N ASP G 3825 -43.01 -13.97 25.78
CA ASP G 3825 -43.46 -15.35 25.70
C ASP G 3825 -44.51 -15.54 24.61
N LYS G 3826 -45.44 -14.60 24.49
CA LYS G 3826 -46.51 -14.76 23.51
C LYS G 3826 -46.06 -14.42 22.11
N LYS G 3827 -45.13 -13.48 21.96
CA LYS G 3827 -44.58 -13.13 20.64
C LYS G 3827 -45.69 -12.71 19.68
N GLU G 3828 -46.61 -11.90 20.18
CA GLU G 3828 -47.72 -11.40 19.37
C GLU G 3828 -47.41 -10.01 18.87
N VAL G 3829 -47.69 -9.76 17.60
CA VAL G 3829 -47.42 -8.48 16.96
C VAL G 3829 -48.61 -7.54 17.19
N GLY G 3830 -49.72 -8.10 17.65
CA GLY G 3830 -50.93 -7.33 17.83
C GLY G 3830 -50.78 -6.18 18.79
N PHE G 3831 -50.02 -6.38 19.87
CA PHE G 3831 -49.88 -5.33 20.87
C PHE G 3831 -49.26 -4.08 20.28
N PHE G 3832 -48.11 -4.22 19.62
CA PHE G 3832 -47.44 -3.04 19.09
C PHE G 3832 -48.14 -2.50 17.85
N GLN G 3833 -48.79 -3.38 17.06
CA GLN G 3833 -49.59 -2.86 15.96
C GLN G 3833 -50.72 -1.98 16.48
N SER G 3834 -51.38 -2.41 17.55
CA SER G 3834 -52.45 -1.61 18.13
C SER G 3834 -51.90 -0.31 18.70
N ILE G 3835 -50.76 -0.37 19.37
CA ILE G 3835 -50.18 0.86 19.92
C ILE G 3835 -49.87 1.84 18.81
N GLN G 3836 -49.27 1.36 17.72
CA GLN G 3836 -48.92 2.23 16.60
C GLN G 3836 -50.18 2.84 15.98
N ALA G 3837 -51.22 2.03 15.80
CA ALA G 3837 -52.45 2.56 15.22
C ALA G 3837 -53.07 3.62 16.11
N LEU G 3838 -53.11 3.38 17.42
CA LEU G 3838 -53.65 4.39 18.33
C LEU G 3838 -52.83 5.67 18.27
N MET G 3839 -51.50 5.53 18.26
CA MET G 3839 -50.64 6.70 18.25
C MET G 3839 -50.82 7.50 16.97
N GLN G 3840 -51.05 6.82 15.84
CA GLN G 3840 -51.37 7.53 14.61
C GLN G 3840 -52.73 8.21 14.66
N THR G 3841 -53.70 7.62 15.35
CA THR G 3841 -55.01 8.25 15.47
C THR G 3841 -55.03 9.41 16.45
N CYS G 3842 -54.02 9.52 17.32
CA CYS G 3842 -53.95 10.65 18.24
C CYS G 3842 -53.96 11.97 17.46
N SER G 3843 -54.71 12.94 17.98
CA SER G 3843 -54.96 14.18 17.26
C SER G 3843 -54.04 15.30 17.76
N VAL G 3844 -53.97 16.37 16.96
CA VAL G 3844 -53.16 17.54 17.27
C VAL G 3844 -54.00 18.80 17.08
N LEU G 3845 -53.38 19.96 17.25
CA LEU G 3845 -54.09 21.22 17.10
C LEU G 3845 -54.60 21.37 15.68
N ASP G 3846 -55.87 21.75 15.54
CA ASP G 3846 -56.50 21.90 14.23
C ASP G 3846 -57.08 23.30 14.12
N LEU G 3847 -56.49 24.12 13.26
CA LEU G 3847 -56.90 25.52 13.19
C LEU G 3847 -58.25 25.68 12.49
N ASN G 3848 -58.55 24.82 11.51
CA ASN G 3848 -59.87 24.88 10.88
C ASN G 3848 -60.95 24.62 11.92
N ALA G 3849 -60.75 23.60 12.74
CA ALA G 3849 -61.70 23.33 13.82
C ALA G 3849 -61.76 24.49 14.80
N PHE G 3850 -60.60 25.09 15.10
CA PHE G 3850 -60.60 26.22 16.01
C PHE G 3850 -61.45 27.38 15.47
N GLU G 3851 -61.28 27.70 14.19
CA GLU G 3851 -62.04 28.79 13.59
C GLU G 3851 -63.52 28.47 13.53
N ARG G 3852 -63.86 27.23 13.21
CA ARG G 3852 -65.26 26.82 13.20
C ARG G 3852 -65.87 26.97 14.59
N GLN G 3853 -65.12 26.57 15.62
CA GLN G 3853 -65.61 26.74 16.99
C GLN G 3853 -65.75 28.21 17.33
N ASN G 3854 -64.83 29.05 16.87
CA ASN G 3854 -64.94 30.48 17.14
C ASN G 3854 -66.22 31.05 16.54
N LYS G 3855 -66.52 30.69 15.30
CA LYS G 3855 -67.75 31.19 14.68
C LYS G 3855 -68.98 30.62 15.37
N ALA G 3856 -68.94 29.36 15.79
CA ALA G 3856 -70.07 28.79 16.50
C ALA G 3856 -70.31 29.53 17.81
N GLU G 3857 -69.25 29.85 18.54
CA GLU G 3857 -69.40 30.63 19.76
C GLU G 3857 -69.93 32.03 19.46
N GLY G 3858 -69.41 32.66 18.40
CA GLY G 3858 -69.91 33.96 18.02
C GLY G 3858 -71.40 33.95 17.76
N LEU G 3859 -71.89 32.91 17.13
CA LEU G 3859 -73.33 32.72 17.02
C LEU G 3859 -73.93 32.54 18.41
N GLY G 3860 -75.05 33.22 18.66
CA GLY G 3860 -75.75 33.11 19.93
C GLY G 3860 -77.21 32.82 19.72
N MET G 3861 -77.72 31.78 20.37
CA MET G 3861 -79.11 31.38 20.19
C MET G 3861 -80.05 32.53 20.53
N VAL G 3862 -81.02 32.79 19.65
CA VAL G 3862 -81.95 33.90 19.86
C VAL G 3862 -82.95 33.52 20.95
N ASN G 3863 -83.69 32.43 20.74
CA ASN G 3863 -84.61 31.95 21.75
C ASN G 3863 -83.84 31.59 23.02
N GLU G 3864 -84.57 31.39 24.12
CA GLU G 3864 -83.95 31.12 25.41
C GLU G 3864 -82.89 30.02 25.29
N ASP G 3865 -81.64 30.40 25.56
CA ASP G 3865 -80.51 29.51 25.33
C ASP G 3865 -80.71 28.18 26.06
N GLY G 3866 -81.00 28.25 27.35
CA GLY G 3866 -81.19 27.01 28.12
C GLY G 3866 -82.30 26.15 27.56
N THR G 3867 -83.40 26.77 27.15
CA THR G 3867 -84.49 26.01 26.56
C THR G 3867 -84.09 25.38 25.23
N VAL G 3868 -83.06 25.93 24.59
CA VAL G 3868 -82.62 25.42 23.29
C VAL G 3868 -81.22 24.84 23.46
N ILE G 3869 -80.64 24.32 22.38
CA ILE G 3869 -79.34 23.66 22.43
C ILE G 3869 -78.32 24.45 23.26
N ASN G 3870 -78.45 25.76 23.30
CA ASN G 3870 -77.57 26.60 24.11
C ASN G 3870 -76.11 26.47 23.66
N ARG G 3871 -75.93 26.21 22.37
CA ARG G 3871 -74.61 26.01 21.79
C ARG G 3871 -73.86 24.90 22.54
N GLN G 3872 -74.50 23.74 22.60
CA GLN G 3872 -73.94 22.57 23.27
C GLN G 3872 -72.85 21.97 22.38
N ASN G 3873 -71.74 22.71 22.30
CA ASN G 3873 -70.59 22.31 21.49
C ASN G 3873 -69.43 21.97 22.40
N GLY G 3874 -68.88 20.77 22.22
CA GLY G 3874 -67.72 20.36 22.98
C GLY G 3874 -66.43 20.80 22.32
N GLU G 3875 -65.33 20.64 23.06
CA GLU G 3875 -64.03 21.01 22.54
C GLU G 3875 -63.69 20.18 21.32
N LYS G 3876 -63.53 20.86 20.18
CA LYS G 3876 -63.19 20.20 18.93
C LYS G 3876 -61.71 20.23 18.62
N VAL G 3877 -60.93 21.01 19.35
CA VAL G 3877 -59.49 21.11 19.14
C VAL G 3877 -58.79 20.22 20.16
N MET G 3878 -58.09 19.20 19.68
CA MET G 3878 -57.47 18.20 20.53
C MET G 3878 -58.46 17.72 21.59
N ALA G 3879 -59.53 17.10 21.11
CA ALA G 3879 -60.55 16.58 22.01
C ALA G 3879 -60.09 15.33 22.76
N ASP G 3880 -59.04 14.66 22.27
CA ASP G 3880 -58.53 13.45 22.89
C ASP G 3880 -57.19 13.67 23.58
N ASP G 3881 -56.94 14.88 24.09
CA ASP G 3881 -55.68 15.16 24.76
C ASP G 3881 -55.48 14.24 25.95
N GLU G 3882 -56.56 13.97 26.68
CA GLU G 3882 -56.46 13.07 27.82
C GLU G 3882 -56.01 11.68 27.39
N PHE G 3883 -56.59 11.17 26.30
CA PHE G 3883 -56.19 9.86 25.81
C PHE G 3883 -54.74 9.85 25.34
N THR G 3884 -54.32 10.91 24.63
CA THR G 3884 -52.94 10.96 24.18
C THR G 3884 -51.97 10.98 25.36
N GLN G 3885 -52.29 11.77 26.38
CA GLN G 3885 -51.45 11.80 27.57
C GLN G 3885 -51.44 10.45 28.26
N ASP G 3886 -52.58 9.76 28.33
CA ASP G 3886 -52.59 8.43 28.94
C ASP G 3886 -51.73 7.46 28.16
N LEU G 3887 -51.82 7.48 26.83
CA LEU G 3887 -51.02 6.57 26.02
C LEU G 3887 -49.54 6.80 26.25
N PHE G 3888 -49.11 8.05 26.17
CA PHE G 3888 -47.68 8.31 26.31
C PHE G 3888 -47.20 8.13 27.75
N ARG G 3889 -48.08 8.37 28.73
CA ARG G 3889 -47.74 8.05 30.11
C ARG G 3889 -47.54 6.55 30.30
N PHE G 3890 -48.40 5.75 29.67
CA PHE G 3890 -48.24 4.31 29.75
C PHE G 3890 -46.91 3.88 29.15
N LEU G 3891 -46.59 4.41 27.97
CA LEU G 3891 -45.32 4.05 27.35
C LEU G 3891 -44.13 4.49 28.22
N GLN G 3892 -44.20 5.69 28.81
CA GLN G 3892 -43.13 6.13 29.69
C GLN G 3892 -43.02 5.22 30.91
N LEU G 3893 -44.14 4.87 31.52
CA LEU G 3893 -44.13 4.02 32.70
C LEU G 3893 -43.56 2.65 32.41
N LEU G 3894 -43.70 2.17 31.18
CA LEU G 3894 -43.07 0.89 30.85
C LEU G 3894 -41.56 0.95 31.01
N CYS G 3895 -40.94 2.05 30.60
CA CYS G 3895 -39.48 2.18 30.65
C CYS G 3895 -38.98 2.87 31.90
N GLU G 3896 -39.85 3.40 32.75
CA GLU G 3896 -39.39 4.20 33.88
C GLU G 3896 -38.53 3.38 34.82
N GLY G 3897 -37.54 4.02 35.41
CA GLY G 3897 -36.57 3.34 36.22
C GLY G 3897 -35.35 2.83 35.48
N HIS G 3898 -35.13 3.30 34.25
CA HIS G 3898 -34.03 2.83 33.42
C HIS G 3898 -34.11 1.32 33.20
N ASN G 3899 -35.28 0.87 32.76
CA ASN G 3899 -35.50 -0.53 32.44
C ASN G 3899 -34.95 -0.77 31.03
N ASN G 3900 -33.70 -1.23 30.97
CA ASN G 3900 -33.05 -1.42 29.68
C ASN G 3900 -33.80 -2.41 28.81
N ASP G 3901 -34.43 -3.42 29.42
CA ASP G 3901 -35.09 -4.46 28.64
C ASP G 3901 -36.26 -3.89 27.85
N PHE G 3902 -37.16 -3.16 28.52
CA PHE G 3902 -38.20 -2.45 27.76
C PHE G 3902 -37.63 -1.37 26.85
N GLN G 3903 -36.60 -0.66 27.29
CA GLN G 3903 -36.04 0.38 26.43
C GLN G 3903 -35.60 -0.20 25.10
N ASN G 3904 -35.12 -1.45 25.10
CA ASN G 3904 -34.73 -2.10 23.86
C ASN G 3904 -35.93 -2.73 23.16
N TYR G 3905 -36.85 -3.31 23.92
CA TYR G 3905 -37.99 -4.00 23.32
C TYR G 3905 -38.88 -3.02 22.56
N LEU G 3906 -39.08 -1.82 23.11
CA LEU G 3906 -39.91 -0.82 22.44
C LEU G 3906 -39.32 -0.41 21.09
N ARG G 3907 -38.04 -0.67 20.86
CA ARG G 3907 -37.39 -0.37 19.60
C ARG G 3907 -37.38 -1.58 18.66
N THR G 3908 -37.01 -2.75 19.16
CA THR G 3908 -36.96 -3.96 18.33
C THR G 3908 -37.50 -5.14 19.12
N GLN G 3909 -38.55 -5.75 18.62
CA GLN G 3909 -39.08 -7.00 19.18
C GLN G 3909 -38.41 -8.15 18.45
N THR G 3910 -37.34 -8.67 19.05
CA THR G 3910 -36.50 -9.66 18.38
C THR G 3910 -37.27 -10.91 18.00
N GLY G 3911 -38.02 -11.47 18.95
CA GLY G 3911 -38.71 -12.73 18.68
C GLY G 3911 -39.80 -12.59 17.63
N ASN G 3912 -40.50 -11.47 17.64
CA ASN G 3912 -41.66 -11.31 16.76
C ASN G 3912 -41.24 -11.41 15.29
N THR G 3913 -42.20 -11.78 14.45
CA THR G 3913 -41.94 -11.84 13.01
C THR G 3913 -41.70 -10.46 12.43
N THR G 3914 -42.46 -9.47 12.88
CA THR G 3914 -42.30 -8.09 12.44
C THR G 3914 -42.16 -7.19 13.66
N THR G 3915 -41.31 -6.18 13.56
CA THR G 3915 -41.04 -5.26 14.64
C THR G 3915 -41.58 -3.87 14.29
N ILE G 3916 -41.94 -3.12 15.33
CA ILE G 3916 -42.40 -1.74 15.19
C ILE G 3916 -41.57 -0.88 16.12
N ASN G 3917 -41.04 0.22 15.60
CA ASN G 3917 -40.15 1.09 16.38
C ASN G 3917 -41.01 2.15 17.06
N ILE G 3918 -41.42 1.87 18.29
CA ILE G 3918 -42.27 2.81 19.02
C ILE G 3918 -41.52 4.11 19.28
N ILE G 3919 -40.19 4.07 19.35
CA ILE G 3919 -39.43 5.31 19.49
C ILE G 3919 -39.69 6.21 18.29
N ILE G 3920 -39.59 5.66 17.09
CA ILE G 3920 -39.82 6.47 15.89
C ILE G 3920 -41.28 6.87 15.78
N CYS G 3921 -42.21 6.02 16.21
CA CYS G 3921 -43.61 6.44 16.20
C CYS G 3921 -43.84 7.63 17.12
N THR G 3922 -43.23 7.63 18.31
CA THR G 3922 -43.32 8.77 19.20
C THR G 3922 -42.72 10.01 18.56
N VAL G 3923 -41.58 9.86 17.90
CA VAL G 3923 -40.97 11.02 17.23
C VAL G 3923 -41.90 11.55 16.15
N ASP G 3924 -42.56 10.67 15.41
CA ASP G 3924 -43.47 11.11 14.35
C ASP G 3924 -44.64 11.89 14.95
N TYR G 3925 -45.24 11.39 16.03
CA TYR G 3925 -46.31 12.15 16.65
C TYR G 3925 -45.81 13.50 17.15
N LEU G 3926 -44.60 13.53 17.71
CA LEU G 3926 -44.06 14.81 18.19
C LEU G 3926 -43.90 15.78 17.03
N LEU G 3927 -43.44 15.30 15.89
CA LEU G 3927 -43.28 16.17 14.72
C LEU G 3927 -44.64 16.72 14.27
N ARG G 3928 -45.66 15.87 14.24
CA ARG G 3928 -46.99 16.36 13.89
C ARG G 3928 -47.46 17.44 14.86
N LEU G 3929 -47.28 17.19 16.15
CA LEU G 3929 -47.70 18.17 17.15
C LEU G 3929 -46.93 19.47 17.02
N GLN G 3930 -45.63 19.39 16.75
CA GLN G 3930 -44.83 20.59 16.57
C GLN G 3930 -45.32 21.40 15.39
N GLU G 3931 -45.62 20.73 14.28
CA GLU G 3931 -46.12 21.45 13.11
C GLU G 3931 -47.44 22.13 13.43
N SER G 3932 -48.34 21.43 14.14
CA SER G 3932 -49.61 22.04 14.50
C SER G 3932 -49.41 23.27 15.38
N ILE G 3933 -48.51 23.17 16.35
CA ILE G 3933 -48.26 24.28 17.27
C ILE G 3933 -47.66 25.46 16.51
N SER G 3934 -46.75 25.20 15.57
CA SER G 3934 -46.19 26.29 14.78
C SER G 3934 -47.26 26.97 13.95
N ASP G 3935 -48.17 26.19 13.35
CA ASP G 3935 -49.26 26.78 12.60
C ASP G 3935 -50.12 27.67 13.49
N PHE G 3936 -50.41 27.18 14.70
CA PHE G 3936 -51.28 27.93 15.60
C PHE G 3936 -50.60 29.23 16.05
N TYR G 3937 -49.30 29.17 16.32
CA TYR G 3937 -48.55 30.37 16.62
C TYR G 3937 -48.61 31.35 15.46
N TRP G 3938 -48.31 30.89 14.25
CA TRP G 3938 -48.39 31.78 13.09
C TRP G 3938 -49.77 32.41 12.98
N TYR G 3939 -50.82 31.67 13.32
CA TYR G 3939 -52.15 32.26 13.34
C TYR G 3939 -52.23 33.42 14.32
N TYR G 3940 -51.65 33.25 15.52
CA TYR G 3940 -51.72 34.28 16.53
C TYR G 3940 -50.58 35.29 16.50
N SER G 3941 -49.72 35.24 15.49
CA SER G 3941 -48.52 36.07 15.49
C SER G 3941 -48.88 37.56 15.39
N GLY G 3942 -49.75 37.90 14.44
CA GLY G 3942 -50.11 39.28 14.23
C GLY G 3942 -50.86 39.89 15.39
N LYS G 3943 -51.80 39.13 15.96
CA LYS G 3943 -52.65 39.64 17.02
C LYS G 3943 -51.81 40.08 18.21
N ASP G 3944 -52.21 41.20 18.82
CA ASP G 3944 -51.46 41.75 19.94
C ASP G 3944 -51.55 40.84 21.17
N VAL G 3945 -52.75 40.34 21.46
CA VAL G 3945 -52.98 39.51 22.64
C VAL G 3945 -53.70 38.24 22.22
N ILE G 3946 -53.54 37.20 23.03
CA ILE G 3946 -54.18 35.91 22.77
C ILE G 3946 -55.41 35.78 23.66
N GLU G 3947 -56.53 35.41 23.06
CA GLU G 3947 -57.78 35.30 23.81
C GLU G 3947 -57.83 33.97 24.59
N GLU G 3948 -58.89 33.84 25.37
CA GLU G 3948 -58.94 32.78 26.39
C GLU G 3948 -58.93 31.39 25.78
N GLN G 3949 -59.72 31.18 24.72
CA GLN G 3949 -59.74 29.86 24.10
C GLN G 3949 -58.42 29.54 23.44
N GLY G 3950 -57.77 30.54 22.84
CA GLY G 3950 -56.43 30.32 22.32
C GLY G 3950 -55.46 29.91 23.41
N LYS G 3951 -55.56 30.55 24.57
CA LYS G 3951 -54.69 30.17 25.68
C LYS G 3951 -54.95 28.74 26.12
N ARG G 3952 -56.22 28.36 26.20
CA ARG G 3952 -56.56 27.00 26.60
C ARG G 3952 -56.02 25.97 25.61
N ASN G 3953 -56.14 26.26 24.31
CA ASN G 3953 -55.63 25.35 23.32
C ASN G 3953 -54.11 25.24 23.37
N PHE G 3954 -53.42 26.37 23.54
CA PHE G 3954 -51.98 26.32 23.76
C PHE G 3954 -51.65 25.46 24.96
N SER G 3955 -52.37 25.62 26.06
CA SER G 3955 -52.07 24.87 27.28
C SER G 3955 -52.25 23.37 27.04
N LYS G 3956 -53.33 22.98 26.36
CA LYS G 3956 -53.53 21.57 26.07
C LYS G 3956 -52.40 21.01 25.21
N ALA G 3957 -52.10 21.68 24.12
CA ALA G 3957 -51.04 21.21 23.23
C ALA G 3957 -49.71 21.12 23.97
N MET G 3958 -49.44 22.10 24.83
CA MET G 3958 -48.16 22.14 25.52
C MET G 3958 -48.07 21.07 26.60
N SER G 3959 -49.18 20.76 27.28
CA SER G 3959 -49.17 19.64 28.21
C SER G 3959 -48.88 18.33 27.48
N VAL G 3960 -49.53 18.14 26.31
CA VAL G 3960 -49.28 16.91 25.56
C VAL G 3960 -47.82 16.84 25.12
N ALA G 3961 -47.29 17.96 24.64
CA ALA G 3961 -45.89 17.98 24.20
C ALA G 3961 -44.95 17.69 25.35
N LYS G 3962 -45.25 18.23 26.54
CA LYS G 3962 -44.44 17.93 27.71
C LYS G 3962 -44.45 16.45 28.03
N GLN G 3963 -45.62 15.83 27.97
CA GLN G 3963 -45.70 14.39 28.23
C GLN G 3963 -44.87 13.61 27.21
N VAL G 3964 -44.96 14.01 25.94
CA VAL G 3964 -44.21 13.29 24.90
C VAL G 3964 -42.71 13.44 25.12
N PHE G 3965 -42.26 14.64 25.48
CA PHE G 3965 -40.85 14.85 25.75
C PHE G 3965 -40.39 14.00 26.93
N ASN G 3966 -41.21 13.92 27.97
CA ASN G 3966 -40.88 13.05 29.09
C ASN G 3966 -40.77 11.60 28.67
N SER G 3967 -41.68 11.14 27.80
CA SER G 3967 -41.62 9.77 27.32
C SER G 3967 -40.33 9.52 26.54
N LEU G 3968 -39.92 10.45 25.69
CA LEU G 3968 -38.68 10.27 24.95
C LEU G 3968 -37.48 10.23 25.89
N THR G 3969 -37.45 11.13 26.88
CA THR G 3969 -36.36 11.12 27.84
C THR G 3969 -36.30 9.79 28.58
N GLU G 3970 -37.46 9.26 28.96
CA GLU G 3970 -37.49 7.95 29.61
C GLU G 3970 -37.03 6.84 28.67
N TYR G 3971 -37.33 6.94 27.39
CA TYR G 3971 -36.81 5.97 26.44
C TYR G 3971 -35.29 5.95 26.42
N ILE G 3972 -34.66 7.13 26.41
CA ILE G 3972 -33.23 7.20 26.14
C ILE G 3972 -32.37 7.11 27.40
N GLN G 3973 -32.86 7.55 28.55
CA GLN G 3973 -31.99 7.59 29.74
C GLN G 3973 -31.58 6.20 30.16
N GLY G 3974 -30.41 6.11 30.80
CA GLY G 3974 -29.90 4.87 31.35
C GLY G 3974 -28.42 4.65 31.12
N PRO G 3975 -27.87 5.03 29.95
CA PRO G 3975 -28.46 5.37 28.66
C PRO G 3975 -28.72 4.13 27.81
N CYS G 3976 -29.79 4.15 27.02
CA CYS G 3976 -30.06 3.09 26.06
C CYS G 3976 -29.45 3.52 24.74
N THR G 3977 -28.25 3.01 24.46
CA THR G 3977 -27.50 3.45 23.28
C THR G 3977 -28.27 3.19 21.99
N GLY G 3978 -28.98 2.07 21.93
CA GLY G 3978 -29.76 1.78 20.75
C GLY G 3978 -30.80 2.85 20.48
N ASN G 3979 -31.54 3.25 21.51
CA ASN G 3979 -32.53 4.31 21.36
C ASN G 3979 -31.87 5.64 21.05
N GLN G 3980 -30.70 5.91 21.64
CA GLN G 3980 -30.00 7.15 21.32
C GLN G 3980 -29.66 7.22 19.85
N GLN G 3981 -29.11 6.13 19.30
CA GLN G 3981 -28.79 6.11 17.87
C GLN G 3981 -30.06 6.24 17.04
N SER G 3982 -31.12 5.53 17.43
CA SER G 3982 -32.36 5.57 16.65
C SER G 3982 -32.92 6.99 16.59
N LEU G 3983 -32.91 7.70 17.72
CA LEU G 3983 -33.38 9.08 17.71
C LEU G 3983 -32.43 9.99 16.96
N ALA G 3984 -31.12 9.75 17.04
CA ALA G 3984 -30.18 10.57 16.30
C ALA G 3984 -30.43 10.46 14.80
N HIS G 3985 -30.84 9.29 14.34
CA HIS G 3985 -31.15 9.09 12.91
C HIS G 3985 -32.63 9.23 12.61
N SER G 3986 -33.34 10.12 13.30
CA SER G 3986 -34.77 10.29 13.13
C SER G 3986 -35.07 11.75 12.77
N ARG G 3987 -36.38 12.06 12.72
CA ARG G 3987 -36.85 13.40 12.45
C ARG G 3987 -36.93 14.25 13.70
N LEU G 3988 -36.31 13.82 14.79
CA LEU G 3988 -36.39 14.56 16.04
C LEU G 3988 -35.78 15.94 15.90
N TRP G 3989 -34.70 16.06 15.14
CA TRP G 3989 -34.00 17.33 15.03
C TRP G 3989 -34.91 18.39 14.42
N ASP G 3990 -35.71 18.03 13.41
CA ASP G 3990 -36.62 18.99 12.81
C ASP G 3990 -37.65 19.47 13.82
N ALA G 3991 -38.18 18.55 14.63
CA ALA G 3991 -39.13 18.93 15.67
C ALA G 3991 -38.49 19.88 16.66
N VAL G 3992 -37.25 19.61 17.04
CA VAL G 3992 -36.55 20.48 17.98
C VAL G 3992 -36.36 21.87 17.38
N VAL G 3993 -36.03 21.94 16.09
CA VAL G 3993 -35.83 23.24 15.44
C VAL G 3993 -37.13 24.02 15.44
N GLY G 3994 -38.24 23.38 15.06
CA GLY G 3994 -39.51 24.08 15.07
C GLY G 3994 -39.90 24.53 16.46
N PHE G 3995 -39.68 23.67 17.46
CA PHE G 3995 -40.00 24.03 18.83
C PHE G 3995 -39.16 25.20 19.30
N LEU G 3996 -37.89 25.25 18.89
CA LEU G 3996 -37.04 26.38 19.28
C LEU G 3996 -37.56 27.67 18.68
N HIS G 3997 -37.96 27.64 17.41
CA HIS G 3997 -38.52 28.84 16.80
C HIS G 3997 -39.76 29.30 17.56
N VAL G 3998 -40.67 28.38 17.83
CA VAL G 3998 -41.91 28.72 18.52
C VAL G 3998 -41.59 29.26 19.90
N PHE G 3999 -40.67 28.61 20.63
CA PHE G 3999 -40.31 29.05 21.96
C PHE G 3999 -39.78 30.47 21.94
N ALA G 4000 -38.84 30.75 21.05
CA ALA G 4000 -38.26 32.10 21.01
C ALA G 4000 -39.33 33.14 20.79
N HIS G 4001 -40.14 32.97 19.74
CA HIS G 4001 -41.10 34.02 19.41
C HIS G 4001 -42.21 34.12 20.46
N MET G 4002 -42.69 32.99 20.97
CA MET G 4002 -43.74 33.02 21.97
C MET G 4002 -43.25 33.63 23.27
N MET G 4003 -42.00 33.37 23.66
CA MET G 4003 -41.47 34.02 24.86
C MET G 4003 -41.42 35.52 24.66
N MET G 4004 -40.84 35.96 23.54
CA MET G 4004 -40.72 37.40 23.30
C MET G 4004 -42.08 38.07 23.29
N LYS G 4005 -43.11 37.38 22.78
CA LYS G 4005 -44.44 37.98 22.76
C LYS G 4005 -45.08 37.95 24.14
N LEU G 4006 -45.20 36.76 24.73
CA LEU G 4006 -45.89 36.61 26.01
C LEU G 4006 -45.25 37.44 27.12
N ALA G 4007 -43.97 37.79 26.99
CA ALA G 4007 -43.37 38.62 28.01
C ALA G 4007 -44.04 39.99 28.10
N GLN G 4008 -44.40 40.57 26.95
CA GLN G 4008 -44.86 41.95 26.91
C GLN G 4008 -46.19 42.17 27.61
N ASP G 4009 -46.91 41.10 27.97
CA ASP G 4009 -48.19 41.22 28.66
C ASP G 4009 -48.12 40.50 30.00
N SER G 4010 -48.99 40.92 30.92
CA SER G 4010 -49.06 40.35 32.25
C SER G 4010 -50.26 39.45 32.48
N SER G 4011 -51.25 39.49 31.59
CA SER G 4011 -52.42 38.62 31.75
C SER G 4011 -52.13 37.18 31.34
N GLN G 4012 -50.94 36.91 30.82
CA GLN G 4012 -50.58 35.59 30.30
C GLN G 4012 -49.29 35.06 30.90
N ILE G 4013 -49.02 35.47 32.15
CA ILE G 4013 -47.85 34.97 32.86
C ILE G 4013 -47.94 33.47 33.02
N GLU G 4014 -49.15 32.94 33.23
CA GLU G 4014 -49.30 31.51 33.40
C GLU G 4014 -48.90 30.75 32.13
N LEU G 4015 -49.35 31.24 30.97
CA LEU G 4015 -48.94 30.61 29.72
C LEU G 4015 -47.43 30.71 29.53
N LEU G 4016 -46.85 31.85 29.87
CA LEU G 4016 -45.40 31.97 29.74
C LEU G 4016 -44.68 30.96 30.64
N LYS G 4017 -45.18 30.78 31.86
CA LYS G 4017 -44.59 29.82 32.78
C LYS G 4017 -44.67 28.41 32.21
N GLU G 4018 -45.83 28.04 31.67
CA GLU G 4018 -45.99 26.70 31.12
C GLU G 4018 -45.07 26.50 29.92
N LEU G 4019 -44.93 27.53 29.07
CA LEU G 4019 -44.00 27.45 27.96
C LEU G 4019 -42.58 27.23 28.44
N LEU G 4020 -42.19 27.96 29.48
CA LEU G 4020 -40.84 27.80 30.01
C LEU G 4020 -40.62 26.40 30.57
N ASP G 4021 -41.62 25.83 31.23
CA ASP G 4021 -41.50 24.46 31.73
C ASP G 4021 -41.32 23.47 30.58
N LEU G 4022 -42.11 23.65 29.52
CA LEU G 4022 -41.96 22.77 28.36
C LEU G 4022 -40.56 22.89 27.76
N GLN G 4023 -40.05 24.12 27.70
CA GLN G 4023 -38.69 24.32 27.19
C GLN G 4023 -37.67 23.61 28.05
N LYS G 4024 -37.83 23.68 29.37
CA LYS G 4024 -36.92 22.94 30.25
C LYS G 4024 -36.97 21.45 29.95
N ASP G 4025 -38.17 20.91 29.74
CA ASP G 4025 -38.27 19.48 29.45
C ASP G 4025 -37.59 19.13 28.14
N MET G 4026 -37.72 19.98 27.12
CA MET G 4026 -37.00 19.75 25.87
C MET G 4026 -35.49 19.72 26.09
N VAL G 4027 -34.98 20.68 26.86
CA VAL G 4027 -33.54 20.73 27.09
C VAL G 4027 -33.08 19.51 27.87
N VAL G 4028 -33.91 19.04 28.81
CA VAL G 4028 -33.57 17.83 29.56
C VAL G 4028 -33.50 16.64 28.63
N MET G 4029 -34.42 16.57 27.67
CA MET G 4029 -34.39 15.47 26.70
C MET G 4029 -33.10 15.51 25.88
N LEU G 4030 -32.70 16.70 25.46
CA LEU G 4030 -31.44 16.82 24.70
C LEU G 4030 -30.25 16.39 25.55
N LEU G 4031 -30.21 16.82 26.81
CA LEU G 4031 -29.11 16.41 27.68
C LEU G 4031 -29.09 14.91 27.84
N SER G 4032 -30.26 14.28 28.00
CA SER G 4032 -30.31 12.82 28.07
C SER G 4032 -29.78 12.19 26.80
N LEU G 4033 -30.08 12.77 25.64
CA LEU G 4033 -29.47 12.30 24.40
C LEU G 4033 -27.95 12.36 24.46
N LEU G 4034 -27.40 13.36 25.14
CA LEU G 4034 -25.95 13.51 25.24
C LEU G 4034 -25.33 12.64 26.33
N GLU G 4035 -26.05 11.64 26.84
CA GLU G 4035 -25.49 10.73 27.84
C GLU G 4035 -24.51 9.78 27.17
N GLY G 4036 -23.47 9.40 27.90
CA GLY G 4036 -22.46 8.53 27.33
C GLY G 4036 -21.76 9.11 26.14
N ASN G 4037 -21.73 10.43 26.03
CA ASN G 4037 -21.18 11.08 24.85
C ASN G 4037 -19.69 10.80 24.73
N VAL G 4038 -19.20 10.83 23.49
CA VAL G 4038 -17.77 10.74 23.20
C VAL G 4038 -17.36 11.99 22.45
N VAL G 4039 -16.05 12.25 22.43
CA VAL G 4039 -15.54 13.40 21.72
C VAL G 4039 -15.77 13.21 20.23
N ASN G 4040 -16.25 14.26 19.57
CA ASN G 4040 -16.61 14.21 18.16
C ASN G 4040 -17.63 13.11 17.88
N GLY G 4041 -18.50 12.83 18.85
CA GLY G 4041 -19.52 11.84 18.65
C GLY G 4041 -20.55 12.25 17.62
N MET G 4042 -21.21 11.24 17.05
CA MET G 4042 -22.19 11.50 16.00
C MET G 4042 -23.36 12.31 16.52
N ILE G 4043 -23.88 11.95 17.70
CA ILE G 4043 -25.01 12.68 18.26
C ILE G 4043 -24.61 14.11 18.57
N ALA G 4044 -23.40 14.30 19.11
CA ALA G 4044 -22.93 15.65 19.41
C ALA G 4044 -22.83 16.47 18.13
N ARG G 4045 -22.27 15.91 17.07
CA ARG G 4045 -22.15 16.65 15.82
C ARG G 4045 -23.52 17.00 15.25
N GLN G 4046 -24.46 16.05 15.31
CA GLN G 4046 -25.79 16.34 14.78
C GLN G 4046 -26.51 17.39 15.60
N MET G 4047 -26.30 17.39 16.91
CA MET G 4047 -26.91 18.41 17.75
C MET G 4047 -26.30 19.78 17.47
N VAL G 4048 -24.98 19.81 17.21
CA VAL G 4048 -24.35 21.07 16.83
C VAL G 4048 -24.93 21.57 15.52
N ASP G 4049 -25.13 20.67 14.56
CA ASP G 4049 -25.74 21.07 13.30
C ASP G 4049 -27.15 21.61 13.51
N MET G 4050 -27.92 20.97 14.39
CA MET G 4050 -29.26 21.44 14.68
C MET G 4050 -29.24 22.85 15.27
N LEU G 4051 -28.34 23.08 16.23
CA LEU G 4051 -28.25 24.41 16.83
C LEU G 4051 -27.84 25.45 15.79
N VAL G 4052 -26.88 25.11 14.94
CA VAL G 4052 -26.45 26.04 13.90
C VAL G 4052 -27.62 26.36 12.97
N GLU G 4053 -28.42 25.35 12.64
CA GLU G 4053 -29.58 25.58 11.80
C GLU G 4053 -30.57 26.52 12.46
N SER G 4054 -30.78 26.36 13.78
CA SER G 4054 -31.71 27.20 14.53
C SER G 4054 -30.99 28.31 15.28
N SER G 4055 -29.89 28.83 14.73
CA SER G 4055 -29.06 29.77 15.45
C SER G 4055 -29.83 30.98 15.95
N SER G 4056 -30.58 31.64 15.07
CA SER G 4056 -31.20 32.92 15.44
C SER G 4056 -32.16 32.75 16.61
N ASN G 4057 -32.97 31.69 16.58
CA ASN G 4057 -33.91 31.46 17.67
C ASN G 4057 -33.18 31.21 18.98
N VAL G 4058 -32.08 30.45 18.93
CA VAL G 4058 -31.28 30.24 20.12
C VAL G 4058 -30.73 31.56 20.63
N GLU G 4059 -30.29 32.43 19.73
CA GLU G 4059 -29.79 33.73 20.14
C GLU G 4059 -30.88 34.53 20.84
N MET G 4060 -32.10 34.52 20.31
CA MET G 4060 -33.19 35.23 20.95
C MET G 4060 -33.48 34.68 22.34
N ILE G 4061 -33.49 33.36 22.47
CA ILE G 4061 -33.72 32.73 23.77
C ILE G 4061 -32.66 33.18 24.77
N LEU G 4062 -31.40 33.13 24.33
CA LEU G 4062 -30.31 33.49 25.23
C LEU G 4062 -30.40 34.95 25.64
N LYS G 4063 -30.76 35.83 24.71
CA LYS G 4063 -30.93 37.24 25.05
C LYS G 4063 -32.04 37.41 26.08
N PHE G 4064 -33.18 36.75 25.88
CA PHE G 4064 -34.25 36.82 26.86
C PHE G 4064 -33.75 36.44 28.24
N PHE G 4065 -33.07 35.28 28.32
CA PHE G 4065 -32.63 34.79 29.62
C PHE G 4065 -31.62 35.74 30.26
N ASP G 4066 -30.65 36.24 29.49
CA ASP G 4066 -29.64 37.11 30.10
C ASP G 4066 -30.25 38.42 30.56
N MET G 4067 -31.20 38.95 29.79
CA MET G 4067 -31.89 40.17 30.21
C MET G 4067 -32.57 39.98 31.55
N PHE G 4068 -33.39 38.93 31.67
CA PHE G 4068 -34.13 38.76 32.91
C PHE G 4068 -33.29 38.19 34.02
N LEU G 4069 -32.04 37.79 33.74
CA LEU G 4069 -31.11 37.47 34.81
C LEU G 4069 -30.42 38.72 35.32
N LYS G 4070 -29.98 39.59 34.41
CA LYS G 4070 -29.36 40.85 34.83
C LYS G 4070 -30.36 41.75 35.55
N LEU G 4071 -31.65 41.58 35.26
CA LEU G 4071 -32.64 42.44 35.89
C LEU G 4071 -32.60 42.32 37.41
N LYS G 4072 -32.63 41.09 37.90
CA LYS G 4072 -32.67 40.88 39.37
C LYS G 4072 -31.43 41.56 39.98
N ASP G 4073 -30.29 41.42 39.32
CA ASP G 4073 -29.04 42.04 39.83
C ASP G 4073 -29.22 43.56 39.92
N ILE G 4074 -29.66 44.20 38.83
CA ILE G 4074 -29.76 45.69 38.83
C ILE G 4074 -30.76 46.10 39.91
N VAL G 4075 -31.89 45.38 40.03
CA VAL G 4075 -32.92 45.73 41.04
C VAL G 4075 -32.24 45.70 42.42
N GLY G 4076 -31.41 44.69 42.66
CA GLY G 4076 -30.66 44.63 43.93
C GLY G 4076 -29.63 45.74 44.00
N SER G 4077 -29.05 46.11 42.85
CA SER G 4077 -27.98 47.13 42.83
C SER G 4077 -28.48 48.40 43.52
N GLU G 4078 -27.67 48.96 44.42
CA GLU G 4078 -28.10 50.17 45.18
C GLU G 4078 -28.29 51.33 44.19
N ALA G 4079 -27.49 51.38 43.13
CA ALA G 4079 -27.66 52.44 42.11
C ALA G 4079 -29.12 52.51 41.69
N PHE G 4080 -29.72 51.35 41.41
CA PHE G 4080 -31.16 51.33 41.04
C PHE G 4080 -31.97 51.78 42.25
N GLN G 4081 -31.70 51.18 43.41
CA GLN G 4081 -32.51 51.51 44.62
C GLN G 4081 -32.39 53.03 44.87
N ASP G 4082 -31.23 53.59 44.57
CA ASP G 4082 -31.04 55.07 44.73
C ASP G 4082 -31.93 55.78 43.72
N TYR G 4083 -31.84 55.40 42.44
CA TYR G 4083 -32.65 56.08 41.40
C TYR G 4083 -34.12 55.99 41.79
N VAL G 4084 -34.46 55.07 42.71
CA VAL G 4084 -35.86 54.98 43.21
C VAL G 4084 -36.05 56.04 44.30
N THR G 4085 -36.80 57.10 44.00
CA THR G 4085 -37.06 58.17 44.98
C THR G 4085 -38.40 57.92 45.63
N ASP G 4086 -39.37 57.45 44.84
CA ASP G 4086 -40.73 57.15 45.38
C ASP G 4086 -40.59 56.31 46.65
N PRO G 4087 -41.21 56.72 47.78
CA PRO G 4087 -41.12 55.96 49.02
C PRO G 4087 -41.70 54.56 48.89
N ARG G 4088 -42.81 54.43 48.15
CA ARG G 4088 -43.48 53.11 48.00
C ARG G 4088 -42.51 52.12 47.33
N GLY G 4089 -41.63 52.63 46.46
CA GLY G 4089 -40.62 51.77 45.81
C GLY G 4089 -40.79 51.78 44.30
N LEU G 4090 -42.02 51.98 43.83
CA LEU G 4090 -42.31 51.94 42.38
C LEU G 4090 -41.64 53.14 41.68
N ILE G 4091 -40.60 52.89 40.90
CA ILE G 4091 -39.94 53.98 40.12
C ILE G 4091 -40.87 54.34 38.95
N SER G 4092 -40.60 55.46 38.28
CA SER G 4092 -41.45 55.91 37.14
C SER G 4092 -40.98 55.24 35.84
N LYS G 4093 -41.88 55.09 34.86
CA LYS G 4093 -41.48 54.50 33.57
C LYS G 4093 -40.32 55.32 33.00
N LYS G 4094 -40.41 56.65 33.09
CA LYS G 4094 -39.30 57.52 32.63
C LYS G 4094 -38.09 57.33 33.56
N ASP G 4095 -38.36 57.04 34.84
CA ASP G 4095 -37.28 56.89 35.87
C ASP G 4095 -36.58 55.53 35.73
N PHE G 4096 -37.36 54.47 35.52
CA PHE G 4096 -36.73 53.14 35.28
C PHE G 4096 -35.81 53.29 34.08
N GLN G 4097 -36.29 53.99 33.05
CA GLN G 4097 -35.43 54.23 31.85
C GLN G 4097 -34.10 54.80 32.34
N LYS G 4098 -34.12 55.66 33.36
CA LYS G 4098 -32.88 56.28 33.89
C LYS G 4098 -32.01 55.22 34.57
N ALA G 4099 -32.60 54.38 35.42
CA ALA G 4099 -31.79 53.39 36.17
C ALA G 4099 -31.00 52.55 35.16
N MET G 4100 -31.69 52.04 34.14
CA MET G 4100 -31.02 51.23 33.10
C MET G 4100 -29.98 52.10 32.39
N ASP G 4101 -30.32 53.35 32.08
CA ASP G 4101 -29.37 54.27 31.42
C ASP G 4101 -28.08 54.34 32.26
N SER G 4102 -28.21 54.43 33.58
CA SER G 4102 -27.02 54.56 34.47
C SER G 4102 -26.09 53.36 34.29
N GLN G 4103 -26.61 52.14 34.45
CA GLN G 4103 -25.75 50.93 34.40
C GLN G 4103 -25.14 50.77 32.99
N LYS G 4104 -25.71 51.44 31.98
CA LYS G 4104 -25.22 51.30 30.59
C LYS G 4104 -25.08 49.80 30.28
N GLN G 4105 -25.90 48.96 30.90
CA GLN G 4105 -25.86 47.50 30.68
C GLN G 4105 -26.81 47.14 29.53
N PHE G 4106 -28.13 47.27 29.73
CA PHE G 4106 -29.12 47.00 28.69
C PHE G 4106 -29.03 48.05 27.59
N THR G 4107 -29.18 47.62 26.34
CA THR G 4107 -29.15 48.54 25.22
C THR G 4107 -30.55 49.12 25.00
N GLY G 4108 -30.61 50.24 24.27
CA GLY G 4108 -31.83 50.99 24.09
C GLY G 4108 -33.08 50.14 23.85
N PRO G 4109 -33.08 49.37 22.77
CA PRO G 4109 -34.23 48.48 22.50
C PRO G 4109 -34.49 47.52 23.64
N GLU G 4110 -33.43 47.07 24.31
CA GLU G 4110 -33.60 46.16 25.43
C GLU G 4110 -34.36 46.84 26.56
N ILE G 4111 -34.02 48.10 26.82
CA ILE G 4111 -34.73 48.86 27.85
C ILE G 4111 -36.18 49.08 27.43
N GLN G 4112 -36.40 49.32 26.14
CA GLN G 4112 -37.77 49.45 25.65
C GLN G 4112 -38.57 48.18 25.90
N PHE G 4113 -37.96 47.02 25.62
CA PHE G 4113 -38.63 45.76 25.85
C PHE G 4113 -38.91 45.54 27.33
N LEU G 4114 -37.94 45.89 28.19
CA LEU G 4114 -38.15 45.75 29.62
C LEU G 4114 -39.29 46.65 30.09
N LEU G 4115 -39.37 47.86 29.56
CA LEU G 4115 -40.49 48.74 29.89
C LEU G 4115 -41.80 48.12 29.45
N SER G 4116 -41.85 47.60 28.22
CA SER G 4116 -43.06 46.95 27.72
C SER G 4116 -43.48 45.80 28.63
N CYS G 4117 -42.53 45.05 29.15
CA CYS G 4117 -42.80 43.97 30.07
C CYS G 4117 -42.99 44.44 31.51
N SER G 4118 -42.80 45.74 31.76
CA SER G 4118 -42.78 46.25 33.12
C SER G 4118 -44.13 46.11 33.82
N GLU G 4119 -45.22 46.04 33.08
CA GLU G 4119 -46.56 46.01 33.68
C GLU G 4119 -46.78 47.27 34.52
N ALA G 4120 -46.49 48.42 33.91
CA ALA G 4120 -46.62 49.68 34.62
C ALA G 4120 -48.08 49.93 35.00
N ASP G 4121 -48.27 50.46 36.20
CA ASP G 4121 -49.60 50.78 36.67
C ASP G 4121 -50.14 52.03 35.98
N GLU G 4122 -51.38 52.40 36.33
CA GLU G 4122 -51.99 53.58 35.72
C GLU G 4122 -51.14 54.82 35.92
N ASN G 4123 -50.35 54.83 36.99
CA ASN G 4123 -49.48 56.00 37.30
C ASN G 4123 -48.03 55.68 36.94
N GLU G 4124 -47.82 54.81 35.94
CA GLU G 4124 -46.44 54.47 35.48
C GLU G 4124 -45.61 54.00 36.68
N MET G 4125 -46.23 53.26 37.60
CA MET G 4125 -45.52 52.76 38.81
C MET G 4125 -45.09 51.29 38.59
N ILE G 4126 -43.82 50.96 38.84
CA ILE G 4126 -43.30 49.59 38.55
C ILE G 4126 -42.76 48.95 39.84
N ASN G 4127 -43.51 48.01 40.42
CA ASN G 4127 -43.00 47.26 41.60
C ASN G 4127 -41.80 46.46 41.15
N CYS G 4128 -40.63 47.10 41.03
CA CYS G 4128 -39.44 46.40 40.46
C CYS G 4128 -39.15 45.10 41.22
N GLU G 4129 -39.37 45.06 42.53
CA GLU G 4129 -39.19 43.79 43.26
C GLU G 4129 -39.91 42.68 42.49
N GLU G 4130 -41.15 42.93 42.09
CA GLU G 4130 -41.95 41.93 41.37
C GLU G 4130 -41.49 41.81 39.93
N PHE G 4131 -41.16 42.94 39.31
CA PHE G 4131 -40.65 42.92 37.93
C PHE G 4131 -39.46 41.98 37.82
N ALA G 4132 -38.48 42.15 38.70
CA ALA G 4132 -37.28 41.31 38.65
C ALA G 4132 -37.59 39.87 39.02
N ASN G 4133 -38.46 39.66 40.00
CA ASN G 4133 -38.72 38.32 40.50
C ASN G 4133 -39.73 37.54 39.66
N ARG G 4134 -40.30 38.17 38.62
CA ARG G 4134 -41.33 37.49 37.84
C ARG G 4134 -40.83 36.17 37.24
N PHE G 4135 -39.71 36.22 36.52
CA PHE G 4135 -39.20 35.05 35.81
C PHE G 4135 -37.94 34.47 36.43
N GLN G 4136 -37.46 35.04 37.54
CA GLN G 4136 -36.12 34.69 38.00
C GLN G 4136 -35.95 33.19 38.18
N GLU G 4137 -37.00 32.50 38.67
CA GLU G 4137 -36.87 31.07 38.91
C GLU G 4137 -36.87 30.27 37.62
N PRO G 4138 -37.93 30.27 36.80
CA PRO G 4138 -37.90 29.48 35.57
C PRO G 4138 -36.78 29.90 34.64
N ALA G 4139 -36.53 31.20 34.57
CA ALA G 4139 -35.42 31.69 33.75
C ALA G 4139 -34.10 31.10 34.24
N ARG G 4140 -33.88 31.11 35.54
CA ARG G 4140 -32.62 30.57 36.07
C ARG G 4140 -32.50 29.09 35.76
N ASP G 4141 -33.57 28.33 35.95
CA ASP G 4141 -33.52 26.89 35.72
C ASP G 4141 -33.19 26.58 34.27
N ILE G 4142 -33.94 27.17 33.35
CA ILE G 4142 -33.72 26.86 31.93
C ILE G 4142 -32.37 27.41 31.48
N GLY G 4143 -31.96 28.56 32.00
CA GLY G 4143 -30.66 29.09 31.64
C GLY G 4143 -29.54 28.18 32.09
N PHE G 4144 -29.64 27.64 33.30
CA PHE G 4144 -28.62 26.71 33.77
C PHE G 4144 -28.58 25.47 32.90
N ASN G 4145 -29.74 24.92 32.56
CA ASN G 4145 -29.74 23.72 31.73
C ASN G 4145 -29.17 24.01 30.35
N VAL G 4146 -29.47 25.17 29.78
CA VAL G 4146 -28.93 25.54 28.49
C VAL G 4146 -27.42 25.73 28.58
N ALA G 4147 -26.94 26.32 29.67
CA ALA G 4147 -25.50 26.47 29.86
C ALA G 4147 -24.82 25.11 29.97
N VAL G 4148 -25.45 24.17 30.68
CA VAL G 4148 -24.89 22.83 30.78
C VAL G 4148 -24.84 22.19 29.41
N LEU G 4149 -25.90 22.33 28.62
CA LEU G 4149 -25.92 21.76 27.28
C LEU G 4149 -24.80 22.34 26.43
N LEU G 4150 -24.65 23.66 26.43
CA LEU G 4150 -23.62 24.29 25.60
C LEU G 4150 -22.23 23.92 26.08
N THR G 4151 -22.01 23.83 27.40
CA THR G 4151 -20.71 23.39 27.90
C THR G 4151 -20.41 21.97 27.48
N ASN G 4152 -21.40 21.08 27.58
CA ASN G 4152 -21.21 19.71 27.15
C ASN G 4152 -20.80 19.65 25.69
N LEU G 4153 -21.55 20.35 24.83
CA LEU G 4153 -21.23 20.32 23.41
C LEU G 4153 -19.86 20.93 23.14
N SER G 4154 -19.54 22.02 23.80
CA SER G 4154 -18.24 22.67 23.57
C SER G 4154 -17.09 21.75 23.97
N GLU G 4155 -17.24 21.02 25.07
CA GLU G 4155 -16.17 20.15 25.53
C GLU G 4155 -16.12 18.82 24.82
N HIS G 4156 -17.19 18.41 24.13
CA HIS G 4156 -17.16 17.15 23.38
C HIS G 4156 -17.06 17.34 21.87
N VAL G 4157 -17.10 18.57 21.38
CA VAL G 4157 -16.84 18.86 19.97
C VAL G 4157 -15.83 19.99 19.93
N PRO G 4158 -14.59 19.75 20.36
CA PRO G 4158 -13.68 20.87 20.65
C PRO G 4158 -13.41 21.79 19.48
N HIS G 4159 -13.30 21.27 18.26
CA HIS G 4159 -12.92 22.06 17.10
C HIS G 4159 -14.14 22.24 16.20
N ASP G 4160 -14.86 23.35 16.39
CA ASP G 4160 -15.99 23.69 15.54
C ASP G 4160 -16.26 25.19 15.59
N PRO G 4161 -15.83 25.95 14.57
CA PRO G 4161 -16.08 27.40 14.61
C PRO G 4161 -17.55 27.76 14.73
N ARG G 4162 -18.42 26.94 14.14
CA ARG G 4162 -19.85 27.21 14.22
C ARG G 4162 -20.32 27.19 15.67
N LEU G 4163 -19.84 26.21 16.44
CA LEU G 4163 -20.16 26.17 17.86
C LEU G 4163 -19.46 27.29 18.61
N ARG G 4164 -18.26 27.66 18.17
CA ARG G 4164 -17.51 28.72 18.83
C ARG G 4164 -18.31 30.02 18.78
N ASN G 4165 -18.96 30.27 17.66
CA ASN G 4165 -19.81 31.46 17.54
C ASN G 4165 -20.94 31.44 18.56
N PHE G 4166 -21.58 30.29 18.74
CA PHE G 4166 -22.63 30.20 19.75
C PHE G 4166 -22.09 30.45 21.14
N LEU G 4167 -20.91 29.92 21.44
CA LEU G 4167 -20.34 30.17 22.76
C LEU G 4167 -20.07 31.65 22.97
N GLU G 4168 -19.55 32.33 21.96
CA GLU G 4168 -19.38 33.78 22.06
C GLU G 4168 -20.71 34.46 22.32
N LEU G 4169 -21.76 34.05 21.60
CA LEU G 4169 -23.07 34.66 21.80
C LEU G 4169 -23.58 34.44 23.21
N ALA G 4170 -23.39 33.24 23.76
CA ALA G 4170 -23.93 32.86 25.06
C ALA G 4170 -22.96 33.15 26.20
N GLU G 4171 -21.88 33.88 25.92
CA GLU G 4171 -20.88 34.14 26.96
C GLU G 4171 -21.51 34.69 28.23
N SER G 4172 -22.52 35.55 28.10
CA SER G 4172 -23.12 36.17 29.29
C SER G 4172 -23.72 35.12 30.21
N ILE G 4173 -24.56 34.23 29.66
CA ILE G 4173 -25.19 33.21 30.48
C ILE G 4173 -24.14 32.27 31.07
N LEU G 4174 -23.16 31.90 30.26
CA LEU G 4174 -22.11 31.01 30.75
C LEU G 4174 -21.35 31.65 31.90
N GLU G 4175 -21.03 32.94 31.77
CA GLU G 4175 -20.35 33.63 32.87
C GLU G 4175 -21.23 33.70 34.10
N TYR G 4176 -22.53 33.96 33.93
CA TYR G 4176 -23.41 34.05 35.08
C TYR G 4176 -23.49 32.71 35.82
N PHE G 4177 -23.54 31.62 35.08
CA PHE G 4177 -23.70 30.30 35.69
C PHE G 4177 -22.38 29.59 35.98
N ARG G 4178 -21.25 30.22 35.67
CA ARG G 4178 -19.95 29.60 35.85
C ARG G 4178 -19.75 29.10 37.27
N PRO G 4179 -20.03 29.90 38.31
CA PRO G 4179 -19.81 29.44 39.68
C PRO G 4179 -20.74 28.32 40.11
N TYR G 4180 -21.77 27.99 39.32
CA TYR G 4180 -22.75 26.99 39.72
C TYR G 4180 -22.73 25.74 38.87
N LEU G 4181 -21.93 25.70 37.81
CA LEU G 4181 -21.89 24.54 36.91
C LEU G 4181 -20.79 23.60 37.39
N GLY G 4182 -21.15 22.65 38.26
CA GLY G 4182 -20.18 21.68 38.72
C GLY G 4182 -19.94 20.60 37.67
N ARG G 4183 -18.69 20.12 37.66
CA ARG G 4183 -18.23 19.21 36.60
C ARG G 4183 -17.29 18.20 37.23
N ILE G 4184 -17.54 16.92 36.99
CA ILE G 4184 -16.67 15.85 37.48
C ILE G 4184 -16.45 14.82 36.39
N GLU G 4185 -15.49 13.92 36.63
CA GLU G 4185 -15.21 12.81 35.74
C GLU G 4185 -15.32 11.49 36.49
N ILE G 4186 -15.92 10.50 35.86
CA ILE G 4186 -16.07 9.17 36.43
C ILE G 4186 -15.69 8.13 35.40
N MET G 4187 -15.52 6.89 35.86
CA MET G 4187 -15.43 5.74 34.96
C MET G 4187 -16.83 5.19 34.80
N GLY G 4188 -17.48 5.50 33.67
CA GLY G 4188 -18.88 5.21 33.49
C GLY G 4188 -19.15 3.77 33.13
N ALA G 4189 -20.44 3.46 32.98
CA ALA G 4189 -20.85 2.10 32.64
C ALA G 4189 -20.29 1.68 31.29
N SER G 4190 -19.97 2.64 30.42
CA SER G 4190 -19.46 2.34 29.10
C SER G 4190 -17.98 1.97 29.14
N ARG G 4191 -17.41 1.88 30.35
CA ARG G 4191 -16.00 1.54 30.55
C ARG G 4191 -15.08 2.63 29.98
N ARG G 4192 -15.60 3.84 29.81
CA ARG G 4192 -14.83 4.98 29.36
C ARG G 4192 -14.98 6.10 30.37
N ILE G 4193 -13.99 6.98 30.45
CA ILE G 4193 -14.11 8.15 31.30
C ILE G 4193 -15.19 9.05 30.74
N GLU G 4194 -16.17 9.39 31.56
CA GLU G 4194 -17.27 10.25 31.20
C GLU G 4194 -17.27 11.47 32.09
N ARG G 4195 -17.80 12.57 31.57
CA ARG G 4195 -17.84 13.84 32.28
C ARG G 4195 -19.28 14.18 32.62
N ILE G 4196 -19.54 14.46 33.89
CA ILE G 4196 -20.88 14.70 34.41
C ILE G 4196 -20.99 16.15 34.84
N TYR G 4197 -22.08 16.79 34.47
CA TYR G 4197 -22.36 18.19 34.80
C TYR G 4197 -23.57 18.25 35.72
N PHE G 4198 -23.50 19.08 36.75
CA PHE G 4198 -24.57 19.21 37.72
C PHE G 4198 -24.58 20.63 38.27
N GLU G 4199 -25.50 20.87 39.20
CA GLU G 4199 -25.74 22.20 39.76
C GLU G 4199 -25.20 22.28 41.18
N ILE G 4200 -24.47 23.36 41.46
CA ILE G 4200 -23.99 23.65 42.80
C ILE G 4200 -24.77 24.85 43.32
N SER G 4201 -25.32 24.74 44.51
CA SER G 4201 -26.12 25.83 45.06
C SER G 4201 -25.23 26.86 45.74
N GLU G 4202 -25.71 28.10 45.74
CA GLU G 4202 -24.94 29.20 46.34
C GLU G 4202 -24.71 28.94 47.82
N THR G 4203 -25.71 28.42 48.52
CA THR G 4203 -25.55 28.12 49.93
C THR G 4203 -24.43 27.10 50.14
N ASN G 4204 -24.41 26.05 49.33
CA ASN G 4204 -23.38 25.04 49.45
C ASN G 4204 -22.00 25.62 49.18
N ARG G 4205 -21.88 26.46 48.15
CA ARG G 4205 -20.58 27.03 47.84
C ARG G 4205 -20.09 27.96 48.95
N ALA G 4206 -21.01 28.76 49.51
CA ALA G 4206 -20.62 29.64 50.61
C ALA G 4206 -20.19 28.83 51.83
N GLN G 4207 -20.92 27.74 52.12
CA GLN G 4207 -20.54 26.89 53.23
C GLN G 4207 -19.17 26.26 52.98
N TRP G 4208 -18.89 25.88 51.73
CA TRP G 4208 -17.59 25.35 51.40
C TRP G 4208 -16.49 26.38 51.61
N GLU G 4209 -16.75 27.64 51.24
CA GLU G 4209 -15.75 28.68 51.41
C GLU G 4209 -15.61 29.14 52.86
N MET G 4210 -16.54 28.76 53.72
CA MET G 4210 -16.42 29.11 55.13
C MET G 4210 -15.06 28.63 55.65
N PRO G 4211 -14.34 29.44 56.44
CA PRO G 4211 -12.95 29.08 56.78
C PRO G 4211 -12.82 27.78 57.56
N GLN G 4212 -13.80 27.41 58.39
CA GLN G 4212 -13.69 26.17 59.15
C GLN G 4212 -13.59 24.97 58.21
N VAL G 4213 -14.40 24.97 57.15
CA VAL G 4213 -14.39 23.85 56.20
C VAL G 4213 -13.03 23.77 55.51
N LYS G 4214 -12.41 24.91 55.23
CA LYS G 4214 -11.07 24.90 54.64
C LYS G 4214 -10.07 24.25 55.57
N GLU G 4215 -10.14 24.56 56.86
CA GLU G 4215 -9.25 23.93 57.81
C GLU G 4215 -9.49 22.42 57.87
N SER G 4216 -10.76 22.01 57.84
CA SER G 4216 -11.06 20.58 57.84
C SER G 4216 -10.48 19.90 56.60
N LYS G 4217 -10.61 20.54 55.43
CA LYS G 4217 -10.04 19.97 54.22
C LYS G 4217 -8.53 19.85 54.33
N ARG G 4218 -7.88 20.88 54.85
CA ARG G 4218 -6.43 20.83 54.99
C ARG G 4218 -6.01 19.69 55.90
N GLN G 4219 -6.71 19.53 57.02
CA GLN G 4219 -6.39 18.44 57.94
C GLN G 4219 -6.60 17.09 57.28
N PHE G 4220 -7.69 16.95 56.52
CA PHE G 4220 -7.98 15.69 55.85
C PHE G 4220 -6.90 15.36 54.83
N ILE G 4221 -6.47 16.35 54.05
CA ILE G 4221 -5.42 16.12 53.07
C ILE G 4221 -4.14 15.71 53.76
N PHE G 4222 -3.79 16.39 54.85
CA PHE G 4222 -2.59 16.04 55.61
C PHE G 4222 -2.67 14.58 56.06
N ASP G 4223 -3.80 14.19 56.65
CA ASP G 4223 -3.94 12.83 57.13
C ASP G 4223 -3.82 11.81 56.00
N VAL G 4224 -4.53 12.04 54.89
CA VAL G 4224 -4.49 11.08 53.80
C VAL G 4224 -3.09 10.93 53.25
N VAL G 4225 -2.39 12.05 53.04
CA VAL G 4225 -1.07 11.97 52.43
C VAL G 4225 -0.08 11.30 53.37
N ASN G 4226 -0.10 11.66 54.66
CA ASN G 4226 0.91 11.15 55.57
C ASN G 4226 0.60 9.76 56.11
N GLU G 4227 -0.49 9.63 56.88
CA GLU G 4227 -0.75 8.35 57.52
C GLU G 4227 -1.62 7.44 56.65
N GLY G 4228 -2.46 8.03 55.81
CA GLY G 4228 -3.32 7.24 54.96
C GLY G 4228 -2.54 6.45 53.93
N GLY G 4229 -3.18 5.39 53.43
CA GLY G 4229 -2.62 4.53 52.40
C GLY G 4229 -3.05 4.95 51.02
N GLU G 4230 -3.21 3.97 50.14
CA GLU G 4230 -3.63 4.20 48.77
C GLU G 4230 -4.86 3.40 48.38
N SER G 4231 -5.03 2.18 48.91
CA SER G 4231 -6.23 1.41 48.62
C SER G 4231 -7.45 1.98 49.31
N GLU G 4232 -7.26 2.61 50.46
CA GLU G 4232 -8.34 3.21 51.24
C GLU G 4232 -8.48 4.70 51.02
N LYS G 4233 -7.73 5.27 50.07
CA LYS G 4233 -7.76 6.71 49.86
C LYS G 4233 -9.16 7.20 49.49
N MET G 4234 -9.80 6.52 48.55
CA MET G 4234 -11.14 6.94 48.14
C MET G 4234 -12.16 6.70 49.23
N GLU G 4235 -12.00 5.62 50.01
CA GLU G 4235 -12.89 5.41 51.15
C GLU G 4235 -12.81 6.57 52.13
N MET G 4236 -11.59 6.97 52.48
CA MET G 4236 -11.42 8.09 53.40
C MET G 4236 -11.96 9.38 52.78
N PHE G 4237 -11.76 9.56 51.49
CA PHE G 4237 -12.28 10.77 50.82
C PHE G 4237 -13.80 10.82 50.91
N VAL G 4238 -14.46 9.70 50.64
CA VAL G 4238 -15.92 9.70 50.69
C VAL G 4238 -16.41 9.92 52.11
N SER G 4239 -15.71 9.34 53.09
CA SER G 4239 -16.08 9.59 54.48
C SER G 4239 -15.95 11.06 54.82
N PHE G 4240 -14.87 11.70 54.36
CA PHE G 4240 -14.68 13.12 54.61
C PHE G 4240 -15.80 13.94 53.95
N CYS G 4241 -16.17 13.58 52.73
CA CYS G 4241 -17.26 14.29 52.06
C CYS G 4241 -18.56 14.15 52.84
N GLU G 4242 -18.84 12.96 53.35
CA GLU G 4242 -20.06 12.76 54.12
C GLU G 4242 -20.05 13.61 55.40
N ASP G 4243 -18.91 13.62 56.10
CA ASP G 4243 -18.81 14.44 57.30
C ASP G 4243 -19.01 15.92 56.97
N THR G 4244 -18.41 16.37 55.88
CA THR G 4244 -18.54 17.77 55.48
C THR G 4244 -19.98 18.10 55.14
N ILE G 4245 -20.67 17.19 54.46
CA ILE G 4245 -22.07 17.42 54.13
C ILE G 4245 -22.90 17.56 55.39
N PHE G 4246 -22.70 16.67 56.36
CA PHE G 4246 -23.45 16.76 57.60
C PHE G 4246 -23.13 18.06 58.33
N GLU G 4247 -21.86 18.47 58.33
CA GLU G 4247 -21.49 19.72 58.97
C GLU G 4247 -22.18 20.90 58.32
N MET G 4248 -22.26 20.91 56.99
CA MET G 4248 -22.96 21.99 56.31
C MET G 4248 -24.44 21.98 56.63
N GLN G 4249 -25.05 20.80 56.76
CA GLN G 4249 -26.45 20.75 57.17
C GLN G 4249 -26.63 21.36 58.56
N ILE G 4250 -25.73 21.04 59.48
CA ILE G 4250 -25.82 21.61 60.82
C ILE G 4250 -25.65 23.13 60.76
N ALA G 4251 -24.71 23.60 59.95
CA ALA G 4251 -24.49 25.04 59.82
C ALA G 4251 -25.74 25.73 59.29
N ALA G 4252 -26.36 25.13 58.27
CA ALA G 4252 -27.60 25.70 57.73
C ALA G 4252 -28.69 25.73 58.79
N GLN G 4253 -28.80 24.67 59.58
CA GLN G 4253 -29.80 24.63 60.64
C GLN G 4253 -29.59 25.77 61.63
N ILE G 4254 -28.37 25.91 62.15
CA ILE G 4254 -28.14 26.91 63.19
C ILE G 4254 -28.22 28.32 62.63
N SER G 4255 -27.85 28.51 61.36
CA SER G 4255 -27.79 29.85 60.79
C SER G 4255 -29.13 30.56 60.94
N GLU G 4256 -29.07 31.80 61.40
CA GLU G 4256 -30.28 32.59 61.61
C GLU G 4256 -30.84 33.07 60.27
N PRO G 4257 -32.17 33.20 60.14
CA PRO G 4257 -32.76 33.68 58.89
C PRO G 4257 -32.52 35.16 58.65
N ARG G 4318 14.31 56.60 87.44
CA ARG G 4318 12.85 56.38 87.69
C ARG G 4318 12.67 55.18 88.62
N ARG G 4319 11.53 55.06 89.29
CA ARG G 4319 11.20 53.90 90.15
C ARG G 4319 9.95 53.22 89.57
N LEU G 4320 9.98 51.89 89.41
CA LEU G 4320 8.85 51.13 88.85
C LEU G 4320 8.25 50.23 89.92
N THR G 4321 6.93 50.30 90.13
CA THR G 4321 6.20 49.45 91.10
C THR G 4321 6.17 48.05 90.56
N ALA G 4322 6.14 47.02 91.41
CA ALA G 4322 5.99 45.63 90.94
C ALA G 4322 4.64 45.53 90.24
N ARG G 4323 3.60 46.15 90.80
CA ARG G 4323 2.26 46.17 90.16
C ARG G 4323 2.34 46.90 88.82
N GLU G 4324 3.07 48.01 88.76
CA GLU G 4324 3.17 48.80 87.51
C GLU G 4324 3.84 47.92 86.45
N ALA G 4325 4.87 47.19 86.85
CA ALA G 4325 5.55 46.25 85.94
C ALA G 4325 4.57 45.16 85.54
N ALA G 4326 3.76 44.68 86.48
CA ALA G 4326 2.77 43.59 86.26
C ALA G 4326 1.70 44.01 85.24
N THR G 4327 1.21 45.24 85.29
CA THR G 4327 0.09 45.69 84.42
C THR G 4327 0.56 45.75 82.99
N ALA G 4328 1.80 46.17 82.75
CA ALA G 4328 2.36 46.33 81.38
C ALA G 4328 2.66 44.95 80.78
N VAL G 4329 3.21 44.04 81.59
CA VAL G 4329 3.60 42.68 81.12
C VAL G 4329 2.34 41.93 80.69
N ALA G 4330 1.24 42.08 81.44
CA ALA G 4330 -0.02 41.35 81.17
C ALA G 4330 -0.57 41.76 79.80
N ALA G 4331 -0.51 43.05 79.48
CA ALA G 4331 -1.01 43.57 78.19
C ALA G 4331 -0.21 42.90 77.07
N LEU G 4332 1.09 42.74 77.26
CA LEU G 4332 1.99 42.16 76.22
C LEU G 4332 1.58 40.70 75.98
N LEU G 4333 1.27 39.95 77.04
CA LEU G 4333 0.97 38.51 76.91
C LEU G 4333 -0.39 38.33 76.25
N TRP G 4334 -1.38 39.11 76.67
CA TRP G 4334 -2.73 39.03 76.06
C TRP G 4334 -2.61 39.29 74.56
N ALA G 4335 -1.77 40.26 74.19
CA ALA G 4335 -1.59 40.61 72.76
C ALA G 4335 -1.02 39.40 72.02
N LEU G 4336 -0.08 38.69 72.63
CA LEU G 4336 0.44 37.45 71.99
C LEU G 4336 -0.73 36.49 71.80
N VAL G 4337 -1.62 36.38 72.79
CA VAL G 4337 -2.71 35.42 72.69
C VAL G 4337 -3.72 35.87 71.64
N THR G 4338 -4.09 37.15 71.66
CA THR G 4338 -5.04 37.65 70.68
C THR G 4338 -4.50 37.54 69.26
N ARG G 4339 -3.21 37.84 69.06
CA ARG G 4339 -2.61 37.70 67.74
C ARG G 4339 -2.67 36.25 67.28
N ALA G 4340 -2.37 35.31 68.17
CA ALA G 4340 -2.44 33.89 67.83
C ALA G 4340 -3.62 33.24 68.54
N PHE G 4538 -48.05 28.90 75.72
CA PHE G 4538 -46.77 29.48 76.09
C PHE G 4538 -45.62 28.50 75.81
N TRP G 4539 -45.95 27.21 75.72
CA TRP G 4539 -44.95 26.21 75.34
C TRP G 4539 -44.31 26.57 74.00
N GLY G 4540 -45.11 27.05 73.04
CA GLY G 4540 -44.55 27.46 71.77
C GLY G 4540 -43.57 28.61 71.91
N GLU G 4541 -43.91 29.60 72.75
CA GLU G 4541 -43.01 30.72 72.97
C GLU G 4541 -41.70 30.25 73.60
N LEU G 4542 -41.79 29.36 74.59
CA LEU G 4542 -40.57 28.83 75.18
C LEU G 4542 -39.75 28.06 74.16
N GLU G 4543 -40.40 27.28 73.30
CA GLU G 4543 -39.67 26.52 72.30
C GLU G 4543 -38.94 27.43 71.33
N VAL G 4544 -39.61 28.47 70.84
CA VAL G 4544 -38.96 29.37 69.90
C VAL G 4544 -37.80 30.11 70.57
N GLN G 4545 -38.01 30.57 71.81
CA GLN G 4545 -36.94 31.25 72.52
C GLN G 4545 -35.75 30.33 72.75
N ARG G 4546 -36.03 29.09 73.15
CA ARG G 4546 -34.97 28.12 73.40
C ARG G 4546 -34.18 27.81 72.13
N VAL G 4547 -34.89 27.65 71.01
CA VAL G 4547 -34.21 27.38 69.75
C VAL G 4547 -33.33 28.57 69.36
N LYS G 4548 -33.85 29.78 69.52
CA LYS G 4548 -33.03 30.96 69.24
C LYS G 4548 -31.79 30.98 70.11
N PHE G 4549 -31.95 30.68 71.41
CA PHE G 4549 -30.82 30.71 72.33
C PHE G 4549 -29.76 29.69 71.94
N LEU G 4550 -30.20 28.45 71.67
CA LEU G 4550 -29.25 27.40 71.30
C LEU G 4550 -28.57 27.72 69.97
N ASN G 4551 -29.31 28.27 69.01
CA ASN G 4551 -28.69 28.65 67.75
C ASN G 4551 -27.64 29.74 67.97
N TYR G 4552 -27.94 30.71 68.83
CA TYR G 4552 -26.96 31.75 69.13
C TYR G 4552 -25.70 31.16 69.74
N LEU G 4553 -25.87 30.25 70.70
CA LEU G 4553 -24.72 29.60 71.32
C LEU G 4553 -23.91 28.83 70.29
N SER G 4554 -24.59 28.07 69.43
CA SER G 4554 -23.89 27.30 68.42
C SER G 4554 -23.12 28.21 67.47
N ARG G 4555 -23.72 29.32 67.07
CA ARG G 4555 -23.04 30.26 66.19
C ARG G 4555 -21.83 30.90 66.85
N ASN G 4556 -21.90 31.18 68.15
CA ASN G 4556 -20.83 31.91 68.84
C ASN G 4556 -20.04 31.00 69.78
N PHE G 4557 -20.00 29.70 69.50
CA PHE G 4557 -19.27 28.77 70.36
C PHE G 4557 -17.80 29.19 70.49
N TYR G 4558 -17.12 29.37 69.37
CA TYR G 4558 -15.69 29.68 69.43
C TYR G 4558 -15.45 31.03 70.10
N THR G 4559 -16.30 32.01 69.80
CA THR G 4559 -16.19 33.30 70.48
C THR G 4559 -16.35 33.12 71.99
N LEU G 4560 -17.27 32.25 72.40
CA LEU G 4560 -17.45 32.00 73.82
C LEU G 4560 -16.21 31.37 74.43
N ARG G 4561 -15.55 30.46 73.70
CA ARG G 4561 -14.32 29.88 74.20
C ARG G 4561 -13.23 30.94 74.38
N PHE G 4562 -13.08 31.83 73.40
CA PHE G 4562 -12.11 32.91 73.53
C PHE G 4562 -12.46 33.81 74.70
N LEU G 4563 -13.75 34.09 74.91
CA LEU G 4563 -14.16 34.90 76.05
C LEU G 4563 -13.81 34.22 77.36
N ALA G 4564 -14.00 32.90 77.44
CA ALA G 4564 -13.63 32.17 78.63
C ALA G 4564 -12.14 32.27 78.90
N LEU G 4565 -11.34 32.16 77.84
CA LEU G 4565 -9.90 32.30 78.00
C LEU G 4565 -9.53 33.67 78.53
N PHE G 4566 -10.16 34.72 77.97
CA PHE G 4566 -9.87 36.07 78.43
C PHE G 4566 -10.26 36.25 79.89
N LEU G 4567 -11.41 35.71 80.27
CA LEU G 4567 -11.84 35.80 81.66
C LEU G 4567 -10.87 35.08 82.58
N ALA G 4568 -10.35 33.93 82.15
CA ALA G 4568 -9.36 33.22 82.94
C ALA G 4568 -8.11 34.07 83.15
N PHE G 4569 -7.63 34.70 82.08
CA PHE G 4569 -6.45 35.57 82.23
C PHE G 4569 -6.73 36.72 83.17
N ALA G 4570 -7.89 37.35 83.06
CA ALA G 4570 -8.20 38.46 83.96
C ALA G 4570 -8.24 37.99 85.41
N ILE G 4571 -8.89 36.85 85.65
CA ILE G 4571 -8.98 36.32 87.00
C ILE G 4571 -7.61 36.04 87.55
N ASN G 4572 -6.71 35.47 86.74
CA ASN G 4572 -5.38 35.16 87.24
C ASN G 4572 -4.56 36.41 87.46
N PHE G 4573 -4.74 37.43 86.62
CA PHE G 4573 -4.02 38.71 86.87
C PHE G 4573 -4.44 39.21 88.24
N ILE G 4574 -5.75 39.19 88.51
CA ILE G 4574 -6.19 39.65 89.83
C ILE G 4574 -5.62 38.76 90.93
N LEU G 4575 -5.60 37.44 90.71
CA LEU G 4575 -5.01 36.53 91.67
C LEU G 4575 -3.59 36.91 92.03
N LEU G 4576 -2.84 37.50 91.09
CA LEU G 4576 -1.41 37.83 91.33
C LEU G 4576 -1.27 38.84 92.47
N PHE G 4577 -2.37 39.32 93.05
CA PHE G 4577 -2.28 40.37 94.09
C PHE G 4577 -2.65 39.83 95.46
N TYR G 4578 -2.81 38.50 95.62
CA TYR G 4578 -3.07 37.99 96.95
C TYR G 4578 -1.87 38.17 97.87
N LYS G 4579 -2.18 38.15 99.16
CA LYS G 4579 -1.21 38.23 100.25
C LYS G 4579 -1.72 37.32 101.35
N VAL G 4580 -0.79 36.80 102.15
CA VAL G 4580 -1.13 35.91 103.25
C VAL G 4580 -0.60 36.52 104.54
N SER G 4581 -1.43 36.52 105.57
CA SER G 4581 -1.04 37.09 106.85
C SER G 4581 -1.50 36.17 107.97
N ASP G 4582 -0.86 36.34 109.13
CA ASP G 4582 -1.29 35.65 110.34
C ASP G 4582 -2.36 36.41 111.10
N SER G 4583 -2.60 37.69 110.75
CA SER G 4583 -3.63 38.51 111.34
C SER G 4583 -4.67 38.90 110.29
N PRO G 4584 -5.90 39.19 110.69
CA PRO G 4584 -6.93 39.51 109.69
C PRO G 4584 -6.51 40.71 108.85
N PRO G 4585 -7.21 40.96 107.74
CA PRO G 4585 -6.86 42.03 106.80
C PRO G 4585 -6.67 43.38 107.48
N ASN G 4624 -3.57 28.26 114.55
CA ASN G 4624 -2.51 28.79 113.70
C ASN G 4624 -3.01 28.98 112.27
N MET G 4625 -4.24 29.47 112.13
CA MET G 4625 -4.80 29.68 110.80
C MET G 4625 -4.23 30.96 110.19
N VAL G 4626 -4.44 31.11 108.88
CA VAL G 4626 -3.91 32.22 108.11
C VAL G 4626 -5.00 32.83 107.26
N TYR G 4627 -4.87 34.13 107.00
CA TYR G 4627 -5.81 34.87 106.17
C TYR G 4627 -5.18 35.07 104.80
N TYR G 4628 -5.88 34.64 103.76
CA TYR G 4628 -5.52 34.96 102.38
C TYR G 4628 -6.42 36.11 101.94
N PHE G 4629 -5.84 37.29 101.74
CA PHE G 4629 -6.62 38.46 101.37
C PHE G 4629 -5.97 39.18 100.21
N LEU G 4630 -6.79 39.88 99.44
CA LEU G 4630 -6.32 40.61 98.28
C LEU G 4630 -5.85 42.00 98.71
N GLU G 4631 -4.65 42.37 98.28
CA GLU G 4631 -4.00 43.62 98.68
C GLU G 4631 -3.93 44.54 97.48
N GLU G 4632 -4.93 45.42 97.36
CA GLU G 4632 -4.98 46.35 96.21
C GLU G 4632 -5.29 47.77 96.71
N SER G 4633 -4.59 48.76 96.21
CA SER G 4633 -4.80 50.16 96.59
C SER G 4633 -6.12 50.69 96.04
N THR G 4634 -6.44 50.36 94.79
CA THR G 4634 -7.66 50.87 94.17
C THR G 4634 -8.90 50.40 94.92
N GLY G 4635 -8.92 49.14 95.32
CA GLY G 4635 -10.07 48.58 96.01
C GLY G 4635 -11.18 48.08 95.11
N TYR G 4636 -11.05 48.26 93.79
CA TYR G 4636 -12.05 47.78 92.85
C TYR G 4636 -11.84 46.34 92.42
N MET G 4637 -10.67 45.78 92.77
CA MET G 4637 -10.27 44.43 92.28
C MET G 4637 -11.13 43.31 92.88
N GLU G 4638 -11.44 43.37 94.17
CA GLU G 4638 -12.19 42.28 94.81
C GLU G 4638 -13.60 42.15 94.24
N PRO G 4639 -14.39 43.22 94.12
CA PRO G 4639 -15.67 43.10 93.40
C PRO G 4639 -15.47 42.63 91.97
N ALA G 4640 -14.42 43.13 91.32
CA ALA G 4640 -14.11 42.69 89.97
C ALA G 4640 -13.83 41.19 89.95
N LEU G 4641 -13.09 40.69 90.95
CA LEU G 4641 -12.83 39.26 91.03
C LEU G 4641 -14.13 38.47 91.17
N ARG G 4642 -15.02 38.95 92.04
CA ARG G 4642 -16.28 38.24 92.23
C ARG G 4642 -17.07 38.15 90.93
N CYS G 4643 -17.27 39.30 90.27
CA CYS G 4643 -18.08 39.31 89.05
C CYS G 4643 -17.41 38.49 87.96
N LEU G 4644 -16.08 38.58 87.85
CA LEU G 4644 -15.37 37.84 86.82
C LEU G 4644 -15.48 36.35 87.05
N SER G 4645 -15.38 35.90 88.30
CA SER G 4645 -15.52 34.47 88.57
C SER G 4645 -16.92 33.98 88.22
N LEU G 4646 -17.95 34.72 88.61
CA LEU G 4646 -19.30 34.31 88.25
C LEU G 4646 -19.47 34.25 86.74
N LEU G 4647 -18.97 35.27 86.04
CA LEU G 4647 -19.11 35.33 84.59
C LEU G 4647 -18.35 34.19 83.93
N HIS G 4648 -17.19 33.84 84.47
CA HIS G 4648 -16.41 32.73 83.92
C HIS G 4648 -17.17 31.42 84.06
N THR G 4649 -17.77 31.18 85.23
CA THR G 4649 -18.55 29.96 85.39
C THR G 4649 -19.72 29.93 84.41
N LEU G 4650 -20.42 31.05 84.25
CA LEU G 4650 -21.53 31.10 83.31
C LEU G 4650 -21.05 30.80 81.91
N VAL G 4651 -19.93 31.38 81.50
CA VAL G 4651 -19.43 31.18 80.14
C VAL G 4651 -19.01 29.73 79.93
N ALA G 4652 -18.45 29.09 80.96
CA ALA G 4652 -18.10 27.68 80.85
C ALA G 4652 -19.34 26.83 80.61
N PHE G 4653 -20.41 27.12 81.37
CA PHE G 4653 -21.66 26.39 81.15
C PHE G 4653 -22.18 26.61 79.73
N LEU G 4654 -22.14 27.85 79.26
CA LEU G 4654 -22.60 28.14 77.91
C LEU G 4654 -21.73 27.43 76.87
N CYS G 4655 -20.44 27.30 77.15
CA CYS G 4655 -19.56 26.58 76.23
C CYS G 4655 -19.93 25.11 76.15
N ILE G 4656 -20.26 24.49 77.29
CA ILE G 4656 -20.70 23.10 77.25
C ILE G 4656 -21.97 22.98 76.41
N ILE G 4657 -22.93 23.89 76.61
CA ILE G 4657 -24.17 23.80 75.85
C ILE G 4657 -23.89 24.00 74.36
N GLY G 4658 -23.03 24.97 74.02
CA GLY G 4658 -22.72 25.21 72.62
C GLY G 4658 -22.08 24.00 71.97
N TYR G 4659 -21.14 23.36 72.66
CA TYR G 4659 -20.55 22.14 72.14
C TYR G 4659 -21.63 21.08 71.93
N ASN G 4660 -22.44 20.84 72.95
CA ASN G 4660 -23.48 19.83 72.85
C ASN G 4660 -24.44 20.09 71.70
N CYS G 4661 -24.66 21.35 71.32
CA CYS G 4661 -25.57 21.66 70.24
C CYS G 4661 -24.88 21.79 68.88
N LEU G 4662 -23.57 21.91 68.84
CA LEU G 4662 -22.88 22.15 67.56
C LEU G 4662 -22.05 20.98 67.09
N LYS G 4663 -21.31 20.31 67.97
CA LYS G 4663 -20.33 19.32 67.55
C LYS G 4663 -20.69 17.90 67.96
N VAL G 4664 -21.46 17.72 69.03
CA VAL G 4664 -21.94 16.38 69.38
C VAL G 4664 -22.71 15.75 68.24
N PRO G 4665 -23.55 16.46 67.49
CA PRO G 4665 -24.27 15.82 66.39
C PRO G 4665 -23.33 15.14 65.41
N LEU G 4666 -22.18 15.74 65.13
CA LEU G 4666 -21.23 15.10 64.23
C LEU G 4666 -20.66 13.82 64.83
N VAL G 4667 -20.39 13.83 66.14
CA VAL G 4667 -19.88 12.63 66.79
C VAL G 4667 -20.89 11.50 66.67
N ILE G 4668 -22.15 11.80 66.96
CA ILE G 4668 -23.20 10.79 66.86
C ILE G 4668 -23.34 10.32 65.42
N PHE G 4669 -23.27 11.26 64.48
CA PHE G 4669 -23.38 10.90 63.06
C PHE G 4669 -22.28 9.92 62.67
N LYS G 4670 -21.04 10.22 63.06
CA LYS G 4670 -19.93 9.35 62.70
C LYS G 4670 -20.08 7.98 63.33
N ARG G 4671 -20.46 7.93 64.61
CA ARG G 4671 -20.65 6.64 65.27
C ARG G 4671 -21.72 5.82 64.57
N GLU G 4672 -22.87 6.44 64.28
CA GLU G 4672 -23.95 5.72 63.63
C GLU G 4672 -23.53 5.26 62.24
N LYS G 4673 -22.83 6.11 61.50
CA LYS G 4673 -22.39 5.76 60.16
C LYS G 4673 -21.46 4.55 60.21
N GLU G 4674 -20.46 4.58 61.10
CA GLU G 4674 -19.53 3.47 61.19
C GLU G 4674 -20.26 2.19 61.59
N LEU G 4675 -21.17 2.27 62.55
CA LEU G 4675 -21.88 1.07 62.99
C LEU G 4675 -22.74 0.51 61.87
N ALA G 4676 -23.40 1.38 61.11
CA ALA G 4676 -24.21 0.91 60.00
C ALA G 4676 -23.36 0.23 58.94
N ARG G 4677 -22.21 0.81 58.62
CA ARG G 4677 -21.35 0.19 57.61
C ARG G 4677 -20.83 -1.16 58.10
N LYS G 4678 -20.45 -1.25 59.37
CA LYS G 4678 -20.01 -2.52 59.93
C LYS G 4678 -21.12 -3.55 59.92
N LEU G 4679 -22.36 -3.14 60.21
CA LEU G 4679 -23.49 -4.04 60.18
C LEU G 4679 -23.80 -4.56 58.78
N GLU G 4680 -23.70 -3.70 57.77
CA GLU G 4680 -24.16 -4.06 56.43
C GLU G 4680 -23.07 -4.69 55.57
N PHE G 4681 -21.79 -4.39 55.81
CA PHE G 4681 -20.71 -4.91 54.97
C PHE G 4681 -19.72 -5.77 55.72
N ASP G 4682 -19.91 -5.97 57.03
CA ASP G 4682 -19.03 -6.84 57.79
C ASP G 4682 -19.81 -7.85 58.61
N GLY G 4683 -21.12 -7.62 58.79
CA GLY G 4683 -21.90 -8.50 59.62
C GLY G 4683 -21.34 -8.56 61.02
N LEU G 4684 -21.03 -7.39 61.59
CA LEU G 4684 -20.30 -7.34 62.84
C LEU G 4684 -21.03 -8.09 63.95
N TYR G 4685 -22.35 -7.93 64.02
CA TYR G 4685 -23.16 -8.61 65.02
C TYR G 4685 -23.97 -9.74 64.42
N ILE G 4686 -23.65 -10.15 63.19
CA ILE G 4686 -24.37 -11.22 62.52
C ILE G 4686 -23.40 -12.33 62.18
N THR G 4687 -22.40 -12.03 61.36
CA THR G 4687 -21.43 -13.04 60.96
C THR G 4687 -20.34 -13.18 62.01
N GLU G 4688 -19.92 -12.07 62.61
CA GLU G 4688 -18.87 -12.05 63.60
C GLU G 4688 -19.42 -11.47 64.91
N GLN G 4689 -18.53 -11.25 65.87
CA GLN G 4689 -18.86 -10.59 67.12
C GLN G 4689 -17.69 -9.70 67.52
N PRO G 4690 -17.95 -8.64 68.28
CA PRO G 4690 -16.84 -7.86 68.84
C PRO G 4690 -15.91 -8.74 69.64
N GLU G 4691 -14.68 -8.27 69.83
CA GLU G 4691 -13.61 -9.07 70.44
C GLU G 4691 -13.65 -9.04 71.95
N ASP G 4692 -14.63 -8.37 72.56
CA ASP G 4692 -14.81 -8.35 74.00
C ASP G 4692 -13.78 -7.46 74.68
N ASP G 4693 -12.80 -6.98 73.92
CA ASP G 4693 -11.96 -5.88 74.40
C ASP G 4693 -12.32 -4.59 73.67
N ASP G 4694 -13.10 -4.70 72.60
CA ASP G 4694 -13.53 -3.53 71.83
C ASP G 4694 -14.73 -2.91 72.54
N VAL G 4695 -14.44 -2.06 73.53
CA VAL G 4695 -15.49 -1.46 74.35
C VAL G 4695 -16.46 -0.68 73.46
N LYS G 4696 -15.96 -0.11 72.37
CA LYS G 4696 -16.83 0.62 71.47
C LYS G 4696 -17.95 -0.26 70.95
N GLY G 4697 -17.60 -1.44 70.42
CA GLY G 4697 -18.62 -2.35 69.92
C GLY G 4697 -19.49 -2.92 71.03
N GLN G 4698 -18.87 -3.24 72.17
CA GLN G 4698 -19.66 -3.76 73.28
C GLN G 4698 -20.73 -2.77 73.69
N TRP G 4699 -20.39 -1.48 73.77
CA TRP G 4699 -21.39 -0.47 74.08
C TRP G 4699 -22.38 -0.31 72.94
N ASP G 4700 -21.91 -0.35 71.70
CA ASP G 4700 -22.79 -0.20 70.56
C ASP G 4700 -23.87 -1.26 70.53
N ARG G 4701 -23.64 -2.40 71.17
CA ARG G 4701 -24.64 -3.50 71.19
C ARG G 4701 -25.96 -2.99 71.79
N LEU G 4702 -26.03 -1.72 72.19
CA LEU G 4702 -27.24 -1.22 72.88
C LEU G 4702 -28.18 -0.49 71.91
N VAL G 4703 -27.63 0.10 70.85
CA VAL G 4703 -28.48 0.93 69.94
C VAL G 4703 -29.05 0.05 68.82
N LEU G 4704 -28.57 -1.18 68.69
CA LEU G 4704 -29.01 -2.03 67.55
C LEU G 4704 -30.54 -2.20 67.57
N ASN G 4705 -31.12 -2.53 68.73
CA ASN G 4705 -32.58 -2.81 68.79
C ASN G 4705 -33.35 -1.50 68.96
N THR G 4706 -32.65 -0.39 69.18
CA THR G 4706 -33.33 0.89 69.46
C THR G 4706 -34.14 1.30 68.24
N PRO G 4707 -35.38 1.79 68.43
CA PRO G 4707 -36.21 2.23 67.32
C PRO G 4707 -35.60 3.33 66.48
N SER G 4708 -34.68 4.11 67.05
CA SER G 4708 -34.13 5.29 66.32
C SER G 4708 -32.64 5.10 66.05
N PHE G 4709 -32.21 3.90 65.62
CA PHE G 4709 -30.75 3.65 65.45
C PHE G 4709 -30.18 4.70 64.48
N PRO G 4710 -30.72 4.93 63.27
CA PRO G 4710 -30.20 5.99 62.42
C PRO G 4710 -30.94 7.30 62.63
N SER G 4711 -30.57 8.06 63.68
CA SER G 4711 -31.19 9.35 63.95
C SER G 4711 -30.44 10.50 63.30
N ASN G 4712 -29.11 10.44 63.26
CA ASN G 4712 -28.30 11.46 62.59
C ASN G 4712 -27.85 11.02 61.21
N TYR G 4713 -27.38 9.79 61.06
CA TYR G 4713 -27.06 9.26 59.75
C TYR G 4713 -28.31 9.28 58.88
N TRP G 4714 -28.16 9.78 57.64
CA TRP G 4714 -29.30 9.99 56.77
C TRP G 4714 -29.83 8.69 56.16
N ASP G 4715 -29.07 7.62 56.18
CA ASP G 4715 -29.52 6.35 55.60
C ASP G 4715 -30.52 5.71 56.55
N LYS G 4716 -31.82 5.85 56.24
CA LYS G 4716 -32.88 5.29 57.07
C LYS G 4716 -33.24 3.87 56.66
N PHE G 4717 -32.58 3.31 55.65
CA PHE G 4717 -32.87 1.97 55.18
C PHE G 4717 -31.87 0.94 55.71
N VAL G 4718 -31.00 1.35 56.63
CA VAL G 4718 -29.92 0.44 57.11
C VAL G 4718 -30.52 -0.86 57.65
N LYS G 4719 -31.50 -0.76 58.55
CA LYS G 4719 -32.04 -1.99 59.20
C LYS G 4719 -32.52 -2.98 58.11
N ARG G 4720 -33.28 -2.49 57.13
CA ARG G 4720 -33.77 -3.38 56.04
C ARG G 4720 -32.57 -3.93 55.27
N LYS G 4721 -31.70 -3.06 54.77
CA LYS G 4721 -30.58 -3.49 53.97
C LYS G 4721 -29.87 -4.66 54.63
N VAL G 4722 -29.52 -4.48 55.91
CA VAL G 4722 -28.77 -5.53 56.67
C VAL G 4722 -29.65 -6.76 56.74
N LEU G 4723 -30.93 -6.59 57.09
CA LEU G 4723 -31.85 -7.75 57.26
C LEU G 4723 -31.80 -8.57 55.97
N ASP G 4724 -32.09 -7.95 54.83
CA ASP G 4724 -32.18 -8.72 53.57
C ASP G 4724 -30.83 -9.34 53.23
N LYS G 4725 -29.73 -8.61 53.38
CA LYS G 4725 -28.41 -9.11 52.96
C LYS G 4725 -27.97 -10.35 53.77
N HIS G 4726 -28.16 -10.33 55.09
CA HIS G 4726 -27.73 -11.45 55.98
C HIS G 4726 -28.93 -12.33 56.34
N GLY G 4727 -30.11 -12.01 55.84
CA GLY G 4727 -31.33 -12.72 56.27
C GLY G 4727 -31.32 -14.19 55.92
N ASP G 4728 -30.88 -14.58 54.74
CA ASP G 4728 -31.00 -16.03 54.40
C ASP G 4728 -30.14 -16.88 55.33
N ILE G 4729 -28.90 -16.47 55.59
CA ILE G 4729 -27.97 -17.28 56.42
C ILE G 4729 -28.43 -17.37 57.89
N PHE G 4730 -28.89 -16.26 58.48
CA PHE G 4730 -29.26 -16.21 59.92
C PHE G 4730 -30.76 -16.24 60.10
N GLY G 4731 -31.50 -16.39 59.01
CA GLY G 4731 -32.97 -16.39 59.06
C GLY G 4731 -33.45 -14.96 59.06
N ARG G 4732 -34.75 -14.74 59.02
CA ARG G 4732 -35.33 -13.38 59.02
C ARG G 4732 -35.81 -13.08 60.43
N GLU G 4733 -35.93 -14.09 61.30
CA GLU G 4733 -36.29 -13.85 62.72
C GLU G 4733 -35.11 -13.51 63.67
N ARG G 4734 -33.90 -14.07 63.55
CA ARG G 4734 -32.78 -13.66 64.37
C ARG G 4734 -32.36 -12.23 64.08
N ILE G 4735 -32.27 -11.87 62.79
CA ILE G 4735 -31.89 -10.51 62.43
C ILE G 4735 -32.96 -9.52 62.89
N ALA G 4736 -34.23 -9.90 62.74
CA ALA G 4736 -35.30 -9.02 63.21
C ALA G 4736 -35.21 -8.80 64.71
N GLU G 4737 -34.93 -9.86 65.47
CA GLU G 4737 -34.78 -9.72 66.92
C GLU G 4737 -33.60 -8.82 67.25
N LEU G 4738 -32.46 -9.02 66.58
CA LEU G 4738 -31.27 -8.24 66.88
C LEU G 4738 -31.48 -6.76 66.56
N LEU G 4739 -32.12 -6.46 65.45
CA LEU G 4739 -32.31 -5.08 65.03
C LEU G 4739 -33.61 -4.48 65.54
N GLY G 4740 -34.37 -5.20 66.34
CA GLY G 4740 -35.57 -4.65 66.93
C GLY G 4740 -36.56 -4.16 65.88
N MET G 4741 -36.68 -4.91 64.80
CA MET G 4741 -37.59 -4.59 63.72
C MET G 4741 -38.58 -5.74 63.54
N ASP G 4742 -39.85 -5.39 63.35
CA ASP G 4742 -40.93 -6.37 63.32
C ASP G 4742 -41.37 -6.59 61.88
N LEU G 4743 -41.11 -7.79 61.36
CA LEU G 4743 -41.58 -8.14 60.02
C LEU G 4743 -43.09 -8.17 59.96
N ALA G 4744 -43.73 -8.69 61.02
CA ALA G 4744 -45.18 -8.66 61.09
C ALA G 4744 -45.68 -7.24 60.90
N SER G 4745 -45.01 -6.27 61.53
CA SER G 4745 -45.35 -4.87 61.29
C SER G 4745 -45.08 -4.50 59.84
N LEU G 4746 -43.90 -4.84 59.33
CA LEU G 4746 -43.54 -4.41 57.97
C LEU G 4746 -44.59 -4.85 56.96
N GLU G 4747 -45.26 -5.97 57.22
CA GLU G 4747 -46.28 -6.47 56.30
C GLU G 4747 -47.69 -5.96 56.62
N ILE G 4748 -48.09 -6.01 57.89
CA ILE G 4748 -49.44 -5.60 58.25
C ILE G 4748 -49.62 -4.10 58.04
N THR G 4749 -48.53 -3.33 58.20
CA THR G 4749 -48.59 -1.90 57.93
C THR G 4749 -48.97 -1.65 56.47
N ALA G 4750 -48.27 -2.32 55.55
CA ALA G 4750 -48.59 -2.18 54.14
C ALA G 4750 -50.03 -2.62 53.87
N HIS G 4751 -50.44 -3.74 54.47
CA HIS G 4751 -51.77 -4.27 54.22
C HIS G 4751 -52.86 -3.31 54.69
N ASN G 4752 -52.76 -2.83 55.93
CA ASN G 4752 -53.74 -1.90 56.48
C ASN G 4752 -53.13 -1.30 57.74
N GLU G 4753 -53.28 0.01 57.91
CA GLU G 4753 -52.64 0.76 58.98
C GLU G 4753 -53.45 2.01 59.28
N ARG G 4754 -53.16 2.63 60.42
CA ARG G 4754 -53.84 3.85 60.85
C ARG G 4754 -52.82 4.92 61.22
N LYS G 4755 -53.25 6.17 61.08
CA LYS G 4755 -52.51 7.35 61.54
C LYS G 4755 -53.27 7.99 62.69
N PRO G 4756 -52.99 7.60 63.94
CA PRO G 4756 -53.45 8.38 65.07
C PRO G 4756 -52.49 9.51 65.40
N ASP G 4757 -53.07 10.66 65.75
CA ASP G 4757 -52.28 11.84 66.09
C ASP G 4757 -52.35 12.08 67.59
N PRO G 4758 -51.29 11.82 68.36
CA PRO G 4758 -51.34 12.05 69.80
C PRO G 4758 -51.56 13.51 70.11
N PRO G 4759 -52.31 13.84 71.16
CA PRO G 4759 -52.49 15.24 71.54
C PRO G 4759 -51.14 15.90 71.82
N PRO G 4760 -50.74 16.89 71.01
CA PRO G 4760 -49.45 17.55 71.25
C PRO G 4760 -49.31 18.07 72.68
N GLY G 4761 -48.27 17.62 73.39
CA GLY G 4761 -48.07 18.07 74.75
C GLY G 4761 -46.84 17.44 75.36
N LEU G 4762 -46.53 17.92 76.56
CA LEU G 4762 -45.37 17.39 77.28
C LEU G 4762 -45.55 15.92 77.59
N LEU G 4763 -46.79 15.47 77.80
CA LEU G 4763 -47.03 14.04 77.98
C LEU G 4763 -46.62 13.26 76.74
N THR G 4764 -47.01 13.76 75.57
CA THR G 4764 -46.61 13.11 74.32
C THR G 4764 -45.10 13.09 74.19
N TRP G 4765 -44.45 14.22 74.50
CA TRP G 4765 -43.01 14.29 74.45
C TRP G 4765 -42.38 13.26 75.39
N ILE G 4766 -42.97 13.08 76.57
CA ILE G 4766 -42.42 12.14 77.54
C ILE G 4766 -42.54 10.71 77.04
N MET G 4767 -43.74 10.33 76.56
CA MET G 4767 -43.87 8.96 76.05
C MET G 4767 -42.99 8.73 74.83
N SER G 4768 -42.72 9.77 74.04
CA SER G 4768 -41.89 9.63 72.85
C SER G 4768 -40.43 9.89 73.21
N ILE G 4769 -39.88 9.05 74.08
CA ILE G 4769 -38.44 9.19 74.45
C ILE G 4769 -37.79 7.80 74.36
N ASP G 4770 -36.83 7.61 73.46
CA ASP G 4770 -36.15 6.29 73.30
C ASP G 4770 -35.06 6.19 74.36
N VAL G 4771 -35.43 5.83 75.58
CA VAL G 4771 -34.43 5.81 76.70
C VAL G 4771 -33.19 5.03 76.26
N LYS G 4772 -33.35 3.85 75.67
CA LYS G 4772 -32.16 3.03 75.31
C LYS G 4772 -31.24 3.83 74.39
N TYR G 4773 -31.81 4.50 73.38
CA TYR G 4773 -30.99 5.34 72.47
C TYR G 4773 -30.37 6.45 73.30
N GLN G 4774 -31.20 7.20 74.01
CA GLN G 4774 -30.69 8.32 74.84
C GLN G 4774 -29.56 7.78 75.71
N ILE G 4775 -29.75 6.61 76.32
CA ILE G 4775 -28.70 6.09 77.24
C ILE G 4775 -27.44 5.84 76.42
N TRP G 4776 -27.60 5.27 75.23
CA TRP G 4776 -26.45 5.00 74.33
C TRP G 4776 -25.83 6.32 73.91
N LYS G 4777 -26.63 7.33 73.62
CA LYS G 4777 -26.12 8.62 73.14
C LYS G 4777 -25.23 9.24 74.22
N PHE G 4778 -25.62 9.18 75.49
CA PHE G 4778 -24.91 9.77 76.62
C PHE G 4778 -23.59 9.06 76.85
N GLY G 4779 -23.58 7.74 76.72
CA GLY G 4779 -22.32 7.03 76.80
C GLY G 4779 -21.31 7.52 75.77
N VAL G 4780 -21.75 7.68 74.53
CA VAL G 4780 -20.86 8.15 73.48
C VAL G 4780 -20.33 9.54 73.83
N ILE G 4781 -21.22 10.44 74.25
CA ILE G 4781 -20.81 11.81 74.54
C ILE G 4781 -19.80 11.84 75.68
N PHE G 4782 -20.10 11.11 76.76
CA PHE G 4782 -19.23 11.14 77.93
C PHE G 4782 -17.95 10.37 77.68
N THR G 4783 -17.89 9.62 76.58
CA THR G 4783 -16.63 9.04 76.14
C THR G 4783 -15.91 9.91 75.13
N ASP G 4784 -16.56 10.96 74.62
CA ASP G 4784 -15.90 11.90 73.71
C ASP G 4784 -14.88 12.74 74.47
N ASN G 4785 -13.70 12.94 73.88
CA ASN G 4785 -12.62 13.62 74.59
C ASN G 4785 -12.91 15.10 74.80
N SER G 4786 -13.35 15.79 73.75
CA SER G 4786 -13.55 17.24 73.85
C SER G 4786 -14.65 17.57 74.85
N PHE G 4787 -15.72 16.78 74.86
CA PHE G 4787 -16.77 17.01 75.85
C PHE G 4787 -16.25 16.82 77.26
N LEU G 4788 -15.40 15.80 77.47
CA LEU G 4788 -14.82 15.60 78.79
C LEU G 4788 -13.92 16.77 79.17
N TYR G 4789 -13.16 17.31 78.21
CA TYR G 4789 -12.34 18.47 78.49
C TYR G 4789 -13.19 19.65 78.92
N LEU G 4790 -14.29 19.88 78.22
CA LEU G 4790 -15.18 21.00 78.59
C LEU G 4790 -15.81 20.75 79.95
N GLY G 4791 -16.18 19.51 80.25
CA GLY G 4791 -16.74 19.21 81.56
C GLY G 4791 -15.73 19.45 82.68
N TRP G 4792 -14.48 19.05 82.46
CA TRP G 4792 -13.44 19.32 83.43
C TRP G 4792 -13.23 20.83 83.60
N TYR G 4793 -13.27 21.57 82.49
CA TYR G 4793 -13.19 23.01 82.57
C TYR G 4793 -14.29 23.57 83.47
N MET G 4794 -15.53 23.11 83.27
CA MET G 4794 -16.64 23.57 84.10
C MET G 4794 -16.44 23.19 85.56
N VAL G 4795 -15.97 21.97 85.81
CA VAL G 4795 -15.79 21.51 87.19
C VAL G 4795 -14.76 22.37 87.90
N MET G 4796 -13.63 22.64 87.23
CA MET G 4796 -12.62 23.50 87.84
C MET G 4796 -13.13 24.91 88.02
N SER G 4797 -13.95 25.40 87.07
CA SER G 4797 -14.52 26.73 87.24
C SER G 4797 -15.42 26.80 88.46
N LEU G 4798 -16.20 25.75 88.70
CA LEU G 4798 -17.03 25.69 89.91
C LEU G 4798 -16.16 25.63 91.16
N LEU G 4799 -15.14 24.79 91.15
CA LEU G 4799 -14.23 24.70 92.29
C LEU G 4799 -13.55 26.02 92.57
N GLY G 4800 -13.37 26.86 91.54
CA GLY G 4800 -12.80 28.16 91.72
C GLY G 4800 -13.57 29.08 92.62
N HIS G 4801 -14.87 28.83 92.79
CA HIS G 4801 -15.66 29.57 93.75
C HIS G 4801 -15.50 29.05 95.16
N TYR G 4802 -15.01 27.82 95.31
CA TYR G 4802 -14.64 27.31 96.62
C TYR G 4802 -13.27 27.81 97.02
N ASN G 4803 -12.33 27.83 96.07
CA ASN G 4803 -11.02 28.43 96.27
C ASN G 4803 -10.60 29.11 94.98
N ASN G 4804 -10.36 30.42 95.05
CA ASN G 4804 -10.09 31.18 93.84
C ASN G 4804 -8.88 30.67 93.08
N PHE G 4805 -7.94 30.03 93.75
CA PHE G 4805 -6.71 29.61 93.10
C PHE G 4805 -6.91 28.41 92.18
N PHE G 4806 -8.05 27.74 92.25
CA PHE G 4806 -8.37 26.72 91.27
C PHE G 4806 -8.59 27.30 89.88
N PHE G 4807 -8.78 28.62 89.78
CA PHE G 4807 -8.93 29.28 88.48
C PHE G 4807 -7.64 29.31 87.70
N ALA G 4808 -6.50 28.99 88.32
CA ALA G 4808 -5.25 28.93 87.59
C ALA G 4808 -5.20 27.72 86.65
N ALA G 4809 -5.97 26.68 86.97
CA ALA G 4809 -6.00 25.50 86.10
C ALA G 4809 -6.46 25.86 84.70
N HIS G 4810 -7.27 26.90 84.56
CA HIS G 4810 -7.80 27.29 83.27
C HIS G 4810 -6.77 27.98 82.39
N LEU G 4811 -5.61 28.34 82.94
CA LEU G 4811 -4.52 28.84 82.12
C LEU G 4811 -3.92 27.76 81.23
N LEU G 4812 -4.11 26.49 81.58
CA LEU G 4812 -3.70 25.41 80.71
C LEU G 4812 -4.51 25.37 79.42
N ASP G 4813 -5.61 26.12 79.36
CA ASP G 4813 -6.43 26.15 78.16
C ASP G 4813 -5.71 26.81 76.98
N ILE G 4814 -4.60 27.50 77.22
CA ILE G 4814 -3.88 28.14 76.13
C ILE G 4814 -3.34 27.11 75.16
N ALA G 4815 -2.90 25.96 75.68
CA ALA G 4815 -2.41 24.90 74.81
C ALA G 4815 -3.49 24.43 73.85
N MET G 4816 -4.71 24.25 74.36
CA MET G 4816 -5.81 23.84 73.51
C MET G 4816 -6.25 24.95 72.56
N GLY G 4817 -6.22 26.21 73.03
CA GLY G 4817 -6.73 27.32 72.26
C GLY G 4817 -5.80 27.83 71.18
N VAL G 4818 -4.64 28.35 71.58
CA VAL G 4818 -3.75 28.99 70.62
C VAL G 4818 -3.16 27.94 69.70
N LYS G 4819 -3.21 28.20 68.39
CA LYS G 4819 -2.75 27.22 67.42
C LYS G 4819 -1.23 27.10 67.44
N THR G 4820 -0.52 28.22 67.52
CA THR G 4820 0.94 28.18 67.54
C THR G 4820 1.43 27.37 68.72
N LEU G 4821 0.85 27.60 69.90
CA LEU G 4821 1.24 26.83 71.08
C LEU G 4821 0.88 25.37 70.91
N ARG G 4822 -0.25 25.08 70.26
CA ARG G 4822 -0.61 23.69 70.02
C ARG G 4822 0.44 23.00 69.18
N THR G 4823 0.93 23.68 68.14
CA THR G 4823 1.99 23.08 67.30
C THR G 4823 3.28 22.91 68.09
N ILE G 4824 3.67 23.92 68.86
CA ILE G 4824 4.91 23.83 69.64
C ILE G 4824 4.82 22.67 70.61
N LEU G 4825 3.65 22.44 71.21
CA LEU G 4825 3.51 21.34 72.16
C LEU G 4825 3.38 20.00 71.44
N SER G 4826 2.81 19.99 70.23
CA SER G 4826 2.81 18.77 69.45
C SER G 4826 4.23 18.35 69.10
N SER G 4827 5.13 19.33 68.98
CA SER G 4827 6.53 18.98 68.81
C SER G 4827 7.04 18.15 69.99
N VAL G 4828 6.67 18.53 71.21
CA VAL G 4828 7.10 17.77 72.38
C VAL G 4828 6.40 16.41 72.45
N THR G 4829 5.10 16.37 72.18
CA THR G 4829 4.33 15.13 72.34
C THR G 4829 4.50 14.18 71.17
N HIS G 4830 5.16 14.60 70.09
CA HIS G 4830 5.35 13.71 68.95
C HIS G 4830 6.14 12.48 69.36
N ASN G 4831 7.18 12.66 70.17
CA ASN G 4831 7.97 11.57 70.71
C ASN G 4831 7.77 11.42 72.22
N GLY G 4832 6.53 11.57 72.68
CA GLY G 4832 6.27 11.51 74.11
C GLY G 4832 6.60 10.16 74.70
N LYS G 4833 6.27 9.08 73.98
CA LYS G 4833 6.58 7.75 74.47
C LYS G 4833 8.08 7.57 74.63
N GLN G 4834 8.85 8.03 73.64
CA GLN G 4834 10.31 7.93 73.73
C GLN G 4834 10.84 8.77 74.89
N LEU G 4835 10.27 9.96 75.11
CA LEU G 4835 10.71 10.78 76.22
C LEU G 4835 10.46 10.09 77.55
N VAL G 4836 9.28 9.49 77.71
CA VAL G 4836 8.97 8.80 78.96
C VAL G 4836 9.90 7.60 79.15
N MET G 4837 10.15 6.84 78.09
CA MET G 4837 11.06 5.71 78.21
C MET G 4837 12.48 6.17 78.53
N THR G 4838 12.89 7.32 78.00
CA THR G 4838 14.20 7.86 78.32
C THR G 4838 14.29 8.23 79.79
N VAL G 4839 13.23 8.82 80.33
CA VAL G 4839 13.21 9.13 81.77
C VAL G 4839 13.30 7.85 82.58
N GLY G 4840 12.60 6.80 82.15
CA GLY G 4840 12.71 5.52 82.84
C GLY G 4840 14.12 4.96 82.81
N LEU G 4841 14.77 5.06 81.64
CA LEU G 4841 16.16 4.61 81.53
C LEU G 4841 17.07 5.41 82.45
N LEU G 4842 16.84 6.72 82.56
CA LEU G 4842 17.61 7.54 83.49
C LEU G 4842 17.40 7.06 84.92
N ALA G 4843 16.16 6.73 85.27
CA ALA G 4843 15.90 6.22 86.61
C ALA G 4843 16.67 4.93 86.87
N VAL G 4844 16.68 4.01 85.89
CA VAL G 4844 17.39 2.75 86.08
C VAL G 4844 18.89 2.98 86.23
N VAL G 4845 19.45 3.85 85.39
CA VAL G 4845 20.89 4.11 85.46
C VAL G 4845 21.25 4.72 86.81
N VAL G 4846 20.44 5.68 87.28
CA VAL G 4846 20.71 6.28 88.57
C VAL G 4846 20.57 5.24 89.68
N TYR G 4847 19.65 4.29 89.52
CA TYR G 4847 19.55 3.21 90.49
C TYR G 4847 20.82 2.38 90.54
N LEU G 4848 21.40 2.08 89.38
CA LEU G 4848 22.65 1.32 89.36
C LEU G 4848 23.76 2.10 90.06
N TYR G 4849 23.85 3.40 89.78
CA TYR G 4849 24.84 4.22 90.47
C TYR G 4849 24.58 4.23 91.97
N THR G 4850 23.32 4.26 92.37
CA THR G 4850 22.99 4.22 93.79
C THR G 4850 23.46 2.91 94.42
N VAL G 4851 23.26 1.79 93.72
CA VAL G 4851 23.72 0.51 94.23
C VAL G 4851 25.22 0.55 94.47
N VAL G 4852 25.98 1.03 93.47
CA VAL G 4852 27.43 1.07 93.63
C VAL G 4852 27.83 1.97 94.80
N ALA G 4853 27.21 3.15 94.89
CA ALA G 4853 27.57 4.08 95.97
C ALA G 4853 27.24 3.48 97.33
N PHE G 4854 26.07 2.86 97.45
CA PHE G 4854 25.68 2.25 98.72
C PHE G 4854 26.64 1.15 99.11
N ASN G 4855 27.11 0.36 98.16
CA ASN G 4855 27.99 -0.74 98.50
C ASN G 4855 29.41 -0.29 98.83
N PHE G 4856 29.93 0.74 98.14
CA PHE G 4856 31.34 1.09 98.27
C PHE G 4856 31.54 2.49 98.85
N PHE G 4857 30.92 3.52 98.26
CA PHE G 4857 31.16 4.90 98.69
C PHE G 4857 30.02 5.35 99.60
N ARG G 4858 30.12 5.01 100.89
CA ARG G 4858 29.21 5.55 101.89
C ARG G 4858 29.82 6.63 102.76
N LYS G 4859 31.14 6.57 103.01
CA LYS G 4859 31.76 7.55 103.88
C LYS G 4859 31.66 8.96 103.32
N PHE G 4860 31.43 9.10 102.02
CA PHE G 4860 31.44 10.39 101.36
C PHE G 4860 30.08 11.06 101.31
N TYR G 4861 29.02 10.40 101.78
CA TYR G 4861 27.66 10.92 101.65
C TYR G 4861 27.18 11.54 102.96
N ASN G 4862 28.08 12.16 103.71
CA ASN G 4862 27.72 12.87 104.93
C ASN G 4862 27.46 14.32 104.58
N LYS G 4863 26.18 14.70 104.56
CA LYS G 4863 25.77 16.06 104.20
C LYS G 4863 25.53 16.92 105.43
N SER G 4864 26.28 16.70 106.50
CA SER G 4864 26.17 17.47 107.72
C SER G 4864 27.49 18.14 108.03
N GLU G 4865 27.40 19.39 108.52
CA GLU G 4865 28.56 20.13 108.95
C GLU G 4865 28.87 19.96 110.43
N ASP G 4866 27.87 19.64 111.24
CA ASP G 4866 28.07 19.41 112.67
C ASP G 4866 28.61 18.01 112.88
N GLU G 4867 29.86 17.91 113.32
CA GLU G 4867 30.47 16.60 113.51
C GLU G 4867 29.73 15.79 114.56
N ASP G 4868 29.07 16.45 115.50
CA ASP G 4868 28.35 15.73 116.55
C ASP G 4868 27.10 15.07 116.00
N GLU G 4869 26.54 15.60 114.91
CA GLU G 4869 25.27 15.12 114.34
C GLU G 4869 25.46 14.83 112.87
N PRO G 4870 25.97 13.65 112.51
CA PRO G 4870 26.11 13.30 111.10
C PRO G 4870 24.76 13.13 110.42
N ASP G 4871 24.75 13.40 109.11
CA ASP G 4871 23.56 13.18 108.28
C ASP G 4871 23.98 12.37 107.05
N MET G 4872 23.97 11.05 107.19
CA MET G 4872 24.37 10.18 106.11
C MET G 4872 23.19 9.96 105.15
N LYS G 4873 23.38 10.35 103.90
CA LYS G 4873 22.34 10.24 102.89
C LYS G 4873 22.41 8.93 102.12
N CYS G 4874 23.34 8.04 102.47
CA CYS G 4874 23.47 6.77 101.77
C CYS G 4874 23.67 5.62 102.76
N ASP G 4875 23.04 5.68 103.92
CA ASP G 4875 23.05 4.57 104.86
C ASP G 4875 21.88 3.62 104.65
N ASP G 4876 20.94 3.96 103.77
CA ASP G 4876 19.91 3.04 103.34
C ASP G 4876 19.67 3.27 101.86
N MET G 4877 19.22 2.21 101.17
CA MET G 4877 19.11 2.30 99.72
C MET G 4877 18.04 3.28 99.29
N MET G 4878 16.91 3.34 99.99
CA MET G 4878 15.87 4.29 99.60
C MET G 4878 16.36 5.72 99.71
N THR G 4879 17.00 6.05 100.84
CA THR G 4879 17.52 7.41 101.02
C THR G 4879 18.60 7.71 99.99
N CYS G 4880 19.49 6.76 99.72
CA CYS G 4880 20.56 7.01 98.76
C CYS G 4880 20.00 7.21 97.36
N TYR G 4881 19.01 6.42 96.97
CA TYR G 4881 18.40 6.58 95.65
C TYR G 4881 17.69 7.91 95.55
N LEU G 4882 16.96 8.30 96.59
CA LEU G 4882 16.31 9.60 96.56
C LEU G 4882 17.34 10.71 96.44
N PHE G 4883 18.41 10.64 97.23
CA PHE G 4883 19.48 11.63 97.14
C PHE G 4883 20.01 11.72 95.72
N HIS G 4884 20.36 10.58 95.13
CA HIS G 4884 20.89 10.61 93.77
C HIS G 4884 19.89 11.23 92.81
N MET G 4885 18.71 10.65 92.67
CA MET G 4885 17.75 11.12 91.68
C MET G 4885 17.38 12.58 91.89
N TYR G 4886 17.40 13.07 93.13
CA TYR G 4886 16.92 14.42 93.40
C TYR G 4886 18.03 15.46 93.30
N VAL G 4887 19.26 15.07 93.60
CA VAL G 4887 20.34 16.05 93.72
C VAL G 4887 21.38 15.89 92.62
N GLY G 4888 21.83 14.66 92.36
CA GLY G 4888 22.86 14.48 91.35
C GLY G 4888 22.37 14.81 89.95
N VAL G 4889 21.15 14.41 89.63
CA VAL G 4889 20.60 14.68 88.32
C VAL G 4889 20.47 16.18 88.10
N ARG G 4890 20.00 16.91 89.11
CA ARG G 4890 19.84 18.35 88.99
C ARG G 4890 21.15 19.11 89.09
N ALA G 4891 22.20 18.49 89.65
CA ALA G 4891 23.48 19.17 89.75
C ALA G 4891 24.10 19.36 88.37
N GLY G 4892 24.86 20.46 88.23
CA GLY G 4892 25.47 20.76 86.95
C GLY G 4892 26.51 19.75 86.53
N GLY G 4893 27.35 19.32 87.47
CA GLY G 4893 28.38 18.34 87.18
C GLY G 4893 28.13 16.96 87.76
N GLY G 4894 26.90 16.62 88.09
CA GLY G 4894 26.59 15.31 88.61
C GLY G 4894 26.68 15.24 90.12
N ILE G 4895 26.75 14.00 90.62
CA ILE G 4895 26.75 13.77 92.05
C ILE G 4895 28.03 14.31 92.68
N GLY G 4896 29.15 14.26 91.96
CA GLY G 4896 30.42 14.71 92.50
C GLY G 4896 30.41 16.15 92.96
N ASP G 4897 29.55 16.99 92.39
CA ASP G 4897 29.42 18.37 92.84
C ASP G 4897 28.93 18.48 94.27
N GLU G 4898 28.16 17.50 94.75
CA GLU G 4898 27.48 17.60 96.03
C GLU G 4898 28.03 16.67 97.09
N ILE G 4899 28.42 15.46 96.74
CA ILE G 4899 29.03 14.57 97.72
C ILE G 4899 30.51 14.88 97.89
N GLU G 4900 31.14 14.25 98.88
CA GLU G 4900 32.41 14.73 99.43
C GLU G 4900 33.55 14.66 98.42
N ASP G 4901 34.63 15.36 98.75
CA ASP G 4901 35.82 15.39 97.90
C ASP G 4901 36.58 14.08 98.00
N PRO G 4902 37.02 13.50 96.88
CA PRO G 4902 37.72 12.21 96.93
C PRO G 4902 39.22 12.32 97.18
N ALA G 4903 39.78 13.51 97.20
CA ALA G 4903 41.23 13.65 97.24
C ALA G 4903 41.80 13.04 98.52
N GLY G 4904 42.97 12.44 98.41
CA GLY G 4904 43.65 11.86 99.57
C GLY G 4904 42.92 10.69 100.18
N ASP G 4905 42.38 9.80 99.36
CA ASP G 4905 41.66 8.64 99.85
C ASP G 4905 42.07 7.43 99.04
N GLU G 4906 41.94 6.24 99.66
CA GLU G 4906 42.36 5.02 98.99
C GLU G 4906 41.51 4.73 97.76
N TYR G 4907 40.29 5.25 97.72
CA TYR G 4907 39.36 4.99 96.62
C TYR G 4907 39.27 6.19 95.68
N GLU G 4908 40.30 7.03 95.63
CA GLU G 4908 40.21 8.27 94.88
C GLU G 4908 39.98 8.03 93.40
N LEU G 4909 40.73 7.09 92.80
CA LEU G 4909 40.60 6.88 91.36
C LEU G 4909 39.28 6.19 91.03
N TYR G 4910 38.89 5.20 91.83
CA TYR G 4910 37.59 4.56 91.62
C TYR G 4910 36.49 5.62 91.68
N ARG G 4911 36.60 6.55 92.63
CA ARG G 4911 35.61 7.60 92.78
C ARG G 4911 35.63 8.61 91.65
N VAL G 4912 36.81 9.01 91.15
CA VAL G 4912 36.81 9.97 90.06
C VAL G 4912 36.21 9.32 88.82
N VAL G 4913 36.48 8.03 88.60
CA VAL G 4913 35.83 7.34 87.50
C VAL G 4913 34.33 7.31 87.72
N PHE G 4914 33.89 7.02 88.94
CA PHE G 4914 32.47 7.02 89.26
C PHE G 4914 31.82 8.35 88.89
N ASP G 4915 32.41 9.46 89.34
CA ASP G 4915 31.83 10.77 89.11
C ASP G 4915 31.85 11.16 87.63
N ILE G 4916 32.96 10.91 86.95
CA ILE G 4916 33.03 11.27 85.53
C ILE G 4916 32.03 10.46 84.72
N THR G 4917 31.91 9.17 84.99
CA THR G 4917 30.93 8.37 84.27
C THR G 4917 29.51 8.83 84.56
N PHE G 4918 29.21 9.16 85.82
CA PHE G 4918 27.90 9.72 86.12
C PHE G 4918 27.64 10.96 85.30
N PHE G 4919 28.61 11.88 85.28
CA PHE G 4919 28.42 13.14 84.56
C PHE G 4919 28.19 12.89 83.07
N PHE G 4920 28.98 12.00 82.47
CA PHE G 4920 28.88 11.80 81.03
C PHE G 4920 27.61 11.06 80.65
N PHE G 4921 27.28 9.98 81.36
CA PHE G 4921 26.12 9.18 80.98
C PHE G 4921 24.82 9.89 81.32
N VAL G 4922 24.72 10.46 82.52
CA VAL G 4922 23.46 11.02 82.97
C VAL G 4922 23.32 12.46 82.50
N ILE G 4923 24.26 13.32 82.90
CA ILE G 4923 24.11 14.75 82.63
C ILE G 4923 24.27 15.05 81.15
N VAL G 4924 25.22 14.40 80.48
CA VAL G 4924 25.58 14.79 79.13
C VAL G 4924 24.76 14.04 78.09
N ILE G 4925 24.66 12.72 78.23
CA ILE G 4925 24.13 11.90 77.13
C ILE G 4925 22.62 11.79 77.22
N LEU G 4926 22.08 11.35 78.37
CA LEU G 4926 20.63 11.15 78.45
C LEU G 4926 19.89 12.45 78.22
N LEU G 4927 20.33 13.54 78.84
CA LEU G 4927 19.75 14.84 78.53
C LEU G 4927 19.95 15.19 77.07
N ALA G 4928 21.11 14.85 76.49
CA ALA G 4928 21.28 15.04 75.06
C ALA G 4928 20.25 14.23 74.28
N ILE G 4929 19.89 13.04 74.77
CA ILE G 4929 18.88 12.25 74.10
C ILE G 4929 17.53 12.96 74.14
N ILE G 4930 17.20 13.58 75.27
CA ILE G 4930 15.92 14.28 75.38
C ILE G 4930 15.88 15.46 74.40
N GLN G 4931 16.91 16.31 74.44
CA GLN G 4931 16.98 17.40 73.49
C GLN G 4931 16.93 16.91 72.05
N GLY G 4932 17.59 15.79 71.76
CA GLY G 4932 17.56 15.27 70.42
C GLY G 4932 16.20 14.78 69.99
N LEU G 4933 15.46 14.16 70.91
CA LEU G 4933 14.11 13.74 70.59
C LEU G 4933 13.25 14.94 70.22
N ILE G 4934 13.34 16.02 71.00
CA ILE G 4934 12.53 17.20 70.68
C ILE G 4934 12.96 17.79 69.35
N ILE G 4935 14.28 17.93 69.15
CA ILE G 4935 14.78 18.57 67.94
C ILE G 4935 14.41 17.75 66.71
N ASP G 4936 14.41 16.43 66.84
CA ASP G 4936 14.05 15.59 65.71
C ASP G 4936 12.55 15.61 65.47
N ALA G 4937 11.76 15.78 66.52
CA ALA G 4937 10.32 15.92 66.34
C ALA G 4937 10.01 17.14 65.48
N PHE G 4938 10.69 18.26 65.77
CA PHE G 4938 10.49 19.45 64.93
C PHE G 4938 10.72 19.14 63.46
N GLY G 4939 11.86 18.54 63.14
CA GLY G 4939 12.22 18.25 61.77
C GLY G 4939 11.28 17.26 61.12
N GLU G 4940 10.82 16.26 61.88
CA GLU G 4940 9.90 15.28 61.33
C GLU G 4940 8.58 15.94 60.94
N LEU G 4941 8.07 16.82 61.80
CA LEU G 4941 6.84 17.51 61.46
C LEU G 4941 7.02 18.38 60.22
N ARG G 4942 8.13 19.10 60.14
CA ARG G 4942 8.39 19.92 58.96
C ARG G 4942 8.46 19.05 57.71
N ASP G 4943 9.10 17.89 57.81
CA ASP G 4943 9.21 17.00 56.66
C ASP G 4943 7.84 16.49 56.23
N GLN G 4944 6.97 16.18 57.20
CA GLN G 4944 5.63 15.74 56.84
C GLN G 4944 4.89 16.82 56.09
N GLN G 4945 4.97 18.07 56.56
CA GLN G 4945 4.31 19.16 55.85
C GLN G 4945 4.86 19.31 54.44
N GLU G 4946 6.18 19.24 54.30
CA GLU G 4946 6.79 19.38 52.97
C GLU G 4946 6.35 18.25 52.05
N GLN G 4947 6.25 17.03 52.58
CA GLN G 4947 5.81 15.90 51.77
C GLN G 4947 4.38 16.12 51.28
N VAL G 4948 3.51 16.61 52.17
CA VAL G 4948 2.13 16.89 51.76
C VAL G 4948 2.12 17.90 50.61
N LYS G 4949 2.87 18.98 50.77
CA LYS G 4949 2.90 20.01 49.73
C LYS G 4949 3.42 19.46 48.42
N GLU G 4950 4.51 18.68 48.49
CA GLU G 4950 5.11 18.15 47.26
C GLU G 4950 4.15 17.21 46.55
N ASP G 4951 3.48 16.33 47.29
CA ASP G 4951 2.52 15.43 46.66
C ASP G 4951 1.42 16.22 45.99
N MET G 4952 0.82 17.17 46.71
CA MET G 4952 -0.29 17.93 46.14
C MET G 4952 0.14 18.77 44.96
N GLU G 4953 1.41 19.15 44.84
CA GLU G 4953 1.87 19.93 43.69
C GLU G 4953 2.46 19.05 42.58
N THR G 4954 2.66 17.77 42.83
CA THR G 4954 3.28 16.91 41.81
C THR G 4954 2.27 15.98 41.15
N LYS G 4955 1.27 15.50 41.89
CA LYS G 4955 0.32 14.55 41.31
C LYS G 4955 -1.09 14.93 41.71
N CYS G 4956 -2.05 14.52 40.86
CA CYS G 4956 -3.45 14.75 41.14
C CYS G 4956 -3.93 13.84 42.26
N PHE G 4957 -4.77 14.38 43.14
CA PHE G 4957 -5.25 13.60 44.27
C PHE G 4957 -6.16 12.47 43.81
N ILE G 4958 -6.98 12.70 42.78
CA ILE G 4958 -8.01 11.76 42.39
C ILE G 4958 -7.43 10.65 41.51
N CYS G 4959 -6.89 11.01 40.35
CA CYS G 4959 -6.47 9.98 39.39
C CYS G 4959 -5.05 9.53 39.66
N GLY G 4960 -4.21 10.40 40.21
CA GLY G 4960 -2.85 10.06 40.52
C GLY G 4960 -1.86 10.33 39.41
N ILE G 4961 -2.31 10.78 38.25
CA ILE G 4961 -1.38 11.06 37.15
C ILE G 4961 -0.46 12.20 37.54
N GLY G 4962 0.75 12.18 37.00
CA GLY G 4962 1.73 13.18 37.34
C GLY G 4962 1.42 14.54 36.72
N SER G 4963 2.11 15.56 37.22
CA SER G 4963 1.83 16.91 36.77
C SER G 4963 2.40 17.17 35.38
N ASP G 4964 3.46 16.46 35.00
CA ASP G 4964 4.11 16.74 33.72
C ASP G 4964 3.17 16.45 32.55
N TYR G 4965 2.49 15.32 32.60
CA TYR G 4965 1.60 14.95 31.51
C TYR G 4965 0.57 16.05 31.26
N PHE G 4966 -0.06 16.54 32.32
CA PHE G 4966 -1.00 17.64 32.18
C PHE G 4966 -0.32 18.90 31.72
N ASP G 4967 0.87 19.20 32.24
CA ASP G 4967 1.58 20.42 31.88
C ASP G 4967 2.04 20.42 30.43
N THR G 4968 1.96 19.29 29.74
CA THR G 4968 2.13 19.29 28.30
C THR G 4968 1.36 20.43 27.65
N THR G 4969 0.24 20.83 28.26
CA THR G 4969 -0.58 21.96 27.82
C THR G 4969 -0.36 23.15 28.76
N PRO G 4970 -0.45 24.39 28.28
CA PRO G 4970 -0.22 25.54 29.16
C PRO G 4970 -1.12 25.53 30.39
N HIS G 4971 -0.52 25.52 31.58
CA HIS G 4971 -1.26 25.48 32.84
C HIS G 4971 -2.19 24.26 32.87
N GLY G 4972 -1.74 23.19 32.24
CA GLY G 4972 -2.57 22.00 32.16
C GLY G 4972 -2.88 21.40 33.51
N PHE G 4973 -1.86 21.30 34.37
CA PHE G 4973 -2.08 20.74 35.70
C PHE G 4973 -3.02 21.62 36.51
N GLU G 4974 -2.84 22.94 36.44
CA GLU G 4974 -3.72 23.84 37.16
C GLU G 4974 -5.17 23.67 36.70
N THR G 4975 -5.39 23.62 35.38
CA THR G 4975 -6.74 23.43 34.89
C THR G 4975 -7.29 22.08 35.32
N HIS G 4976 -6.46 21.03 35.28
CA HIS G 4976 -6.94 19.70 35.66
C HIS G 4976 -7.37 19.67 37.12
N THR G 4977 -6.58 20.26 38.00
CA THR G 4977 -6.87 20.23 39.42
C THR G 4977 -7.92 21.24 39.84
N LEU G 4978 -8.23 22.23 39.00
CA LEU G 4978 -9.24 23.21 39.33
C LEU G 4978 -10.60 22.95 38.70
N GLU G 4979 -10.64 22.31 37.53
CA GLU G 4979 -11.90 22.09 36.82
C GLU G 4979 -12.19 20.62 36.59
N GLU G 4980 -11.19 19.87 36.11
CA GLU G 4980 -11.46 18.50 35.70
C GLU G 4980 -11.62 17.57 36.90
N HIS G 4981 -10.59 17.43 37.71
CA HIS G 4981 -10.62 16.57 38.90
C HIS G 4981 -10.50 17.45 40.13
N ASN G 4982 -11.64 17.95 40.62
CA ASN G 4982 -11.67 18.88 41.73
C ASN G 4982 -12.36 18.21 42.92
N LEU G 4983 -11.68 18.19 44.07
CA LEU G 4983 -12.25 17.56 45.25
C LEU G 4983 -13.53 18.25 45.67
N ALA G 4984 -13.57 19.58 45.58
CA ALA G 4984 -14.79 20.30 45.92
C ALA G 4984 -15.92 19.89 45.00
N ASN G 4985 -15.64 19.74 43.70
CA ASN G 4985 -16.68 19.32 42.77
C ASN G 4985 -17.19 17.92 43.10
N TYR G 4986 -16.28 17.00 43.45
CA TYR G 4986 -16.72 15.67 43.81
C TYR G 4986 -17.61 15.68 45.04
N MET G 4987 -17.22 16.44 46.07
CA MET G 4987 -18.06 16.51 47.26
C MET G 4987 -19.41 17.13 46.94
N PHE G 4988 -19.41 18.18 46.12
CA PHE G 4988 -20.67 18.80 45.72
C PHE G 4988 -21.54 17.81 44.96
N PHE G 4989 -20.93 16.95 44.16
CA PHE G 4989 -21.70 15.94 43.44
C PHE G 4989 -22.33 14.95 44.42
N LEU G 4990 -21.56 14.52 45.43
CA LEU G 4990 -22.16 13.63 46.42
C LEU G 4990 -23.33 14.30 47.12
N MET G 4991 -23.18 15.57 47.49
CA MET G 4991 -24.29 16.28 48.13
C MET G 4991 -25.50 16.36 47.21
N TYR G 4992 -25.27 16.74 45.95
CA TYR G 4992 -26.36 16.89 44.99
C TYR G 4992 -27.06 15.57 44.75
N LEU G 4993 -26.29 14.49 44.67
CA LEU G 4993 -26.86 13.17 44.42
C LEU G 4993 -27.64 12.68 45.63
N ILE G 4994 -27.16 12.97 46.83
CA ILE G 4994 -27.90 12.58 48.03
C ILE G 4994 -29.21 13.34 48.13
N ASN G 4995 -29.19 14.64 47.83
CA ASN G 4995 -30.41 15.43 47.95
C ASN G 4995 -31.41 15.11 46.85
N LYS G 4996 -30.94 14.86 45.63
CA LYS G 4996 -31.84 14.58 44.53
C LYS G 4996 -32.57 13.26 44.75
N ASP G 4997 -33.81 13.20 44.28
CA ASP G 4997 -34.62 11.99 44.43
C ASP G 4997 -34.13 10.90 43.48
N GLU G 4998 -34.15 9.66 43.96
CA GLU G 4998 -33.77 8.54 43.10
C GLU G 4998 -34.63 8.48 41.86
N THR G 4999 -35.92 8.83 41.97
CA THR G 4999 -36.77 8.84 40.81
C THR G 4999 -36.31 9.87 39.78
N GLU G 5000 -35.73 10.98 40.24
CA GLU G 5000 -35.22 12.01 39.34
C GLU G 5000 -33.78 11.77 38.91
N HIS G 5001 -33.09 10.80 39.50
CA HIS G 5001 -31.73 10.50 39.05
C HIS G 5001 -31.73 10.16 37.57
N THR G 5002 -30.70 10.65 36.87
CA THR G 5002 -30.47 10.28 35.48
C THR G 5002 -29.68 8.98 35.43
N GLY G 5003 -29.40 8.52 34.21
CA GLY G 5003 -28.71 7.24 34.07
C GLY G 5003 -27.33 7.26 34.72
N GLN G 5004 -26.54 8.29 34.42
CA GLN G 5004 -25.22 8.39 35.04
C GLN G 5004 -25.34 8.57 36.55
N GLU G 5005 -26.26 9.43 36.98
CA GLU G 5005 -26.47 9.62 38.41
C GLU G 5005 -26.93 8.33 39.07
N SER G 5006 -27.82 7.58 38.42
CA SER G 5006 -28.27 6.31 38.98
C SER G 5006 -27.12 5.33 39.10
N TYR G 5007 -26.26 5.27 38.08
CA TYR G 5007 -25.11 4.37 38.14
C TYR G 5007 -24.20 4.71 39.30
N VAL G 5008 -23.86 6.00 39.44
CA VAL G 5008 -23.00 6.42 40.54
C VAL G 5008 -23.69 6.17 41.88
N TRP G 5009 -25.01 6.36 41.93
CA TRP G 5009 -25.75 6.14 43.17
C TRP G 5009 -25.69 4.67 43.58
N LYS G 5010 -25.87 3.76 42.62
CA LYS G 5010 -25.78 2.35 42.95
C LYS G 5010 -24.39 1.99 43.45
N MET G 5011 -23.35 2.49 42.77
CA MET G 5011 -22.00 2.18 43.23
C MET G 5011 -21.73 2.76 44.62
N TYR G 5012 -22.23 3.97 44.88
CA TYR G 5012 -22.05 4.58 46.20
C TYR G 5012 -22.77 3.77 47.27
N GLN G 5013 -24.00 3.33 46.98
CA GLN G 5013 -24.74 2.52 47.95
C GLN G 5013 -24.01 1.22 48.24
N GLU G 5014 -23.39 0.61 47.23
CA GLU G 5014 -22.65 -0.62 47.40
C GLU G 5014 -21.23 -0.39 47.88
N ARG G 5015 -20.81 0.86 48.06
CA ARG G 5015 -19.47 1.18 48.54
C ARG G 5015 -18.41 0.68 47.57
N CYS G 5016 -18.69 0.81 46.27
CA CYS G 5016 -17.73 0.48 45.23
C CYS G 5016 -17.19 1.79 44.65
N TRP G 5017 -15.90 2.03 44.85
CA TRP G 5017 -15.27 3.29 44.47
C TRP G 5017 -14.56 3.18 43.13
N ASP G 5018 -15.07 2.33 42.24
CA ASP G 5018 -14.50 2.19 40.91
C ASP G 5018 -14.97 3.27 39.95
N PHE G 5019 -15.99 4.06 40.31
CA PHE G 5019 -16.38 5.16 39.45
C PHE G 5019 -15.41 6.31 39.54
N PHE G 5020 -14.62 6.39 40.60
CA PHE G 5020 -13.58 7.38 40.69
C PHE G 5020 -12.50 7.05 39.66
N PRO G 5021 -12.14 7.98 38.77
CA PRO G 5021 -11.06 7.69 37.82
C PRO G 5021 -9.76 7.40 38.56
N ALA G 5022 -9.01 6.42 38.04
CA ALA G 5022 -7.76 6.00 38.66
C ALA G 5022 -6.76 5.73 37.56
N GLY G 5023 -5.70 6.54 37.50
CA GLY G 5023 -4.73 6.40 36.43
C GLY G 5023 -5.27 6.71 35.06
N ASP G 5024 -6.41 7.39 34.97
CA ASP G 5024 -7.03 7.71 33.70
C ASP G 5024 -7.79 9.01 33.84
N CYS G 5025 -8.05 9.65 32.71
CA CYS G 5025 -8.75 10.92 32.70
C CYS G 5025 -9.35 11.14 31.32
N PHE G 5026 -10.14 12.21 31.21
CA PHE G 5026 -10.77 12.56 29.94
C PHE G 5026 -9.71 12.83 28.87
N ARG G 5027 -8.66 13.56 29.23
CA ARG G 5027 -7.64 13.91 28.26
C ARG G 5027 -6.94 12.67 27.74
N LYS G 5028 -6.56 11.76 28.63
CA LYS G 5028 -5.92 10.53 28.18
C LYS G 5028 -6.89 9.67 27.36
N GLN G 5029 -8.15 9.61 27.76
CA GLN G 5029 -9.12 8.79 27.04
C GLN G 5029 -9.27 9.27 25.60
N TYR G 5030 -9.43 10.58 25.41
CA TYR G 5030 -9.62 11.15 24.08
C TYR G 5030 -8.40 11.93 23.60
N GLU G 5031 -7.20 11.43 23.90
CA GLU G 5031 -5.99 12.17 23.56
C GLU G 5031 -5.90 12.49 22.08
N ASP G 5032 -6.04 11.46 21.23
CA ASP G 5032 -5.79 11.66 19.81
C ASP G 5032 -6.90 12.47 19.15
N GLN G 5033 -8.16 12.24 19.53
CA GLN G 5033 -9.23 13.07 18.97
C GLN G 5033 -9.11 14.51 19.47
N LEU G 5034 -8.81 14.69 20.75
CA LEU G 5034 -8.70 16.03 21.29
C LEU G 5034 -7.56 16.80 20.63
N SER G 5035 -6.42 16.14 20.42
CA SER G 5035 -5.27 16.78 19.80
C SER G 5035 -5.62 17.32 18.41
N GLU H 11 -24.33 10.63 0.89
CA GLU H 11 -25.13 11.62 1.62
C GLU H 11 -26.15 12.28 0.70
N VAL H 12 -27.44 12.11 1.05
CA VAL H 12 -28.49 12.72 0.26
C VAL H 12 -28.36 14.23 0.33
N GLN H 13 -28.60 14.90 -0.80
CA GLN H 13 -28.45 16.35 -0.89
C GLN H 13 -29.82 17.02 -0.85
N PHE H 14 -29.89 18.14 -0.15
CA PHE H 14 -31.13 18.88 0.05
C PHE H 14 -31.08 20.18 -0.72
N LEU H 15 -32.17 20.50 -1.43
CA LEU H 15 -32.25 21.78 -2.10
C LEU H 15 -32.37 22.91 -1.08
N ARG H 16 -31.74 24.02 -1.38
CA ARG H 16 -31.72 25.18 -0.50
C ARG H 16 -31.99 26.43 -1.32
N THR H 17 -32.51 27.46 -0.65
CA THR H 17 -32.75 28.72 -1.33
C THR H 17 -31.43 29.27 -1.87
N ASP H 18 -31.54 30.18 -2.85
CA ASP H 18 -30.41 30.76 -3.56
C ASP H 18 -29.70 29.75 -4.44
N ASP H 19 -30.31 28.59 -4.71
CA ASP H 19 -29.75 27.58 -5.58
C ASP H 19 -30.43 27.62 -6.94
N GLU H 20 -29.64 27.50 -7.99
CA GLU H 20 -30.17 27.44 -9.34
C GLU H 20 -30.72 26.05 -9.62
N VAL H 21 -31.87 25.98 -10.29
CA VAL H 21 -32.52 24.71 -10.58
C VAL H 21 -33.13 24.75 -11.97
N VAL H 22 -33.45 23.56 -12.48
CA VAL H 22 -34.22 23.41 -13.71
C VAL H 22 -35.42 22.52 -13.39
N LEU H 23 -36.60 22.97 -13.79
CA LEU H 23 -37.82 22.19 -13.62
C LEU H 23 -37.99 21.29 -14.83
N GLN H 24 -37.84 19.99 -14.62
CA GLN H 24 -37.81 19.00 -15.70
C GLN H 24 -39.01 18.08 -15.58
N CYS H 25 -39.50 17.62 -16.73
CA CYS H 25 -40.62 16.70 -16.80
C CYS H 25 -40.36 15.68 -17.89
N SER H 26 -41.11 14.58 -17.85
CA SER H 26 -40.94 13.47 -18.78
C SER H 26 -42.22 13.28 -19.58
N ALA H 27 -42.07 13.03 -20.88
CA ALA H 27 -43.20 12.76 -21.76
C ALA H 27 -42.82 11.58 -22.65
N THR H 28 -43.70 10.58 -22.75
CA THR H 28 -43.42 9.46 -23.64
C THR H 28 -44.00 9.75 -25.02
N VAL H 29 -43.12 9.78 -26.02
CA VAL H 29 -43.51 10.01 -27.41
C VAL H 29 -42.89 8.91 -28.25
N LEU H 30 -43.71 8.26 -29.07
CA LEU H 30 -43.26 7.19 -29.96
C LEU H 30 -42.49 6.13 -29.17
N LYS H 31 -43.04 5.75 -28.02
CA LYS H 31 -42.45 4.74 -27.16
C LYS H 31 -41.03 5.11 -26.75
N GLU H 32 -40.74 6.40 -26.72
CA GLU H 32 -39.41 6.91 -26.39
C GLU H 32 -39.57 8.04 -25.37
N GLN H 33 -39.06 7.82 -24.16
CA GLN H 33 -39.12 8.85 -23.13
C GLN H 33 -38.32 10.06 -23.57
N LEU H 34 -38.89 11.25 -23.36
CA LEU H 34 -38.26 12.51 -23.74
C LEU H 34 -38.35 13.45 -22.54
N LYS H 35 -37.23 14.06 -22.19
CA LYS H 35 -37.15 14.93 -21.03
C LYS H 35 -37.16 16.39 -21.47
N LEU H 36 -37.96 17.20 -20.80
CA LEU H 36 -38.16 18.59 -21.17
C LEU H 36 -37.91 19.48 -19.96
N CYS H 37 -37.42 20.68 -20.21
CA CYS H 37 -37.17 21.66 -19.15
C CYS H 37 -38.03 22.88 -19.37
N LEU H 38 -38.63 23.39 -18.31
CA LEU H 38 -39.40 24.62 -18.40
C LEU H 38 -38.48 25.77 -18.78
N ALA H 39 -38.90 26.57 -19.76
CA ALA H 39 -38.07 27.65 -20.26
C ALA H 39 -38.94 28.84 -20.61
N ALA H 40 -38.31 30.02 -20.64
CA ALA H 40 -38.99 31.24 -21.04
C ALA H 40 -37.93 32.28 -21.33
N GLU H 41 -38.28 33.24 -22.20
CA GLU H 41 -37.35 34.27 -22.60
C GLU H 41 -37.47 35.53 -21.75
N GLY H 42 -38.67 35.85 -21.26
CA GLY H 42 -38.86 37.02 -20.44
C GLY H 42 -39.06 38.28 -21.27
N PHE H 43 -37.99 38.78 -21.87
CA PHE H 43 -38.06 39.97 -22.71
C PHE H 43 -38.61 39.55 -24.08
N GLY H 44 -39.73 40.14 -24.47
CA GLY H 44 -40.32 39.86 -25.76
C GLY H 44 -41.39 38.79 -25.73
N ASN H 45 -41.28 37.86 -24.78
CA ASN H 45 -42.24 36.78 -24.68
C ASN H 45 -42.24 36.28 -23.23
N ARG H 46 -43.32 36.55 -22.51
CA ARG H 46 -43.43 36.13 -21.11
C ARG H 46 -43.90 34.70 -20.96
N LEU H 47 -44.44 34.08 -22.00
CA LEU H 47 -44.99 32.74 -21.88
C LEU H 47 -43.89 31.70 -21.78
N CYS H 48 -44.16 30.64 -21.02
CA CYS H 48 -43.22 29.55 -20.84
C CYS H 48 -43.49 28.45 -21.85
N PHE H 49 -42.42 27.86 -22.35
CA PHE H 49 -42.48 26.70 -23.23
C PHE H 49 -41.58 25.62 -22.66
N LEU H 50 -41.42 24.54 -23.41
CA LEU H 50 -40.64 23.39 -22.97
C LEU H 50 -39.48 23.17 -23.94
N GLU H 51 -38.27 23.05 -23.37
CA GLU H 51 -37.07 22.84 -24.15
C GLU H 51 -36.62 21.39 -23.98
N PRO H 52 -36.63 20.57 -25.03
CA PRO H 52 -36.13 19.20 -24.86
C PRO H 52 -34.66 19.17 -24.49
N THR H 53 -34.28 18.19 -23.68
CA THR H 53 -32.90 18.03 -23.22
C THR H 53 -32.49 16.57 -23.25
N SER H 54 -33.14 15.78 -24.11
CA SER H 54 -32.82 14.37 -24.26
C SER H 54 -31.84 14.08 -25.37
N ASN H 55 -31.80 14.90 -26.42
CA ASN H 55 -30.87 14.74 -27.53
C ASN H 55 -29.64 15.62 -27.38
N ALA H 56 -29.27 15.96 -26.14
CA ALA H 56 -28.18 16.90 -25.92
C ALA H 56 -26.90 16.45 -26.61
N GLN H 57 -26.69 15.13 -26.70
CA GLN H 57 -25.44 14.63 -27.27
C GLN H 57 -25.40 14.82 -28.78
N ASN H 58 -26.49 15.24 -29.40
CA ASN H 58 -26.49 15.67 -30.79
C ASN H 58 -26.74 17.17 -30.95
N VAL H 59 -27.79 17.68 -30.33
CA VAL H 59 -28.16 19.08 -30.45
C VAL H 59 -28.19 19.70 -29.06
N PRO H 60 -27.24 20.56 -28.69
CA PRO H 60 -27.22 21.13 -27.34
C PRO H 60 -28.50 21.91 -27.07
N PRO H 61 -29.04 21.82 -25.85
CA PRO H 61 -30.25 22.59 -25.54
C PRO H 61 -29.92 24.03 -25.18
N ASP H 62 -30.92 24.89 -25.34
CA ASP H 62 -30.81 26.30 -24.98
C ASP H 62 -31.02 26.40 -23.47
N LEU H 63 -29.98 26.01 -22.72
CA LEU H 63 -30.12 25.84 -21.29
C LEU H 63 -30.04 27.16 -20.53
N ALA H 64 -29.65 28.25 -21.19
CA ALA H 64 -29.48 29.52 -20.48
C ALA H 64 -30.80 30.02 -19.92
N ILE H 65 -31.90 29.82 -20.65
CA ILE H 65 -33.19 30.39 -20.27
C ILE H 65 -34.02 29.37 -19.51
N CYS H 66 -33.39 28.27 -19.10
CA CYS H 66 -34.07 27.22 -18.34
C CYS H 66 -33.72 27.25 -16.86
N CYS H 67 -32.98 28.26 -16.40
CA CYS H 67 -32.43 28.28 -15.06
C CYS H 67 -33.25 29.20 -14.17
N PHE H 68 -33.66 28.68 -13.01
CA PHE H 68 -34.42 29.45 -12.03
C PHE H 68 -33.70 29.43 -10.69
N ILE H 69 -33.71 30.57 -10.01
CA ILE H 69 -33.15 30.70 -8.67
C ILE H 69 -34.29 30.62 -7.66
N LEU H 70 -34.09 29.81 -6.63
CA LEU H 70 -35.05 29.69 -5.53
C LEU H 70 -34.83 30.85 -4.57
N GLU H 71 -35.54 31.95 -4.82
CA GLU H 71 -35.29 33.17 -4.04
C GLU H 71 -35.78 33.03 -2.61
N GLN H 72 -36.95 32.41 -2.42
CA GLN H 72 -37.55 32.31 -1.09
C GLN H 72 -38.33 31.02 -0.98
N SER H 73 -38.52 30.57 0.27
CA SER H 73 -39.31 29.38 0.57
C SER H 73 -39.90 29.57 1.97
N LEU H 74 -41.16 30.00 2.00
CA LEU H 74 -41.89 30.21 3.25
C LEU H 74 -42.99 29.16 3.38
N SER H 75 -43.45 28.99 4.62
CA SER H 75 -44.64 28.21 4.87
C SER H 75 -45.86 28.95 4.33
N VAL H 76 -46.97 28.22 4.17
CA VAL H 76 -48.17 28.83 3.62
C VAL H 76 -48.63 29.99 4.52
N ARG H 77 -48.58 29.78 5.83
CA ARG H 77 -49.04 30.81 6.76
C ARG H 77 -48.09 32.00 6.78
N ALA H 78 -46.79 31.74 6.73
CA ALA H 78 -45.84 32.82 6.64
C ALA H 78 -46.07 33.64 5.38
N LEU H 79 -46.38 32.97 4.27
CA LEU H 79 -46.68 33.67 3.03
C LEU H 79 -47.95 34.50 3.18
N GLN H 80 -48.96 33.95 3.85
CA GLN H 80 -50.19 34.70 4.08
C GLN H 80 -49.89 35.98 4.85
N GLU H 81 -49.11 35.87 5.92
CA GLU H 81 -48.77 37.07 6.70
C GLU H 81 -47.98 38.06 5.87
N MET H 82 -47.01 37.57 5.09
CA MET H 82 -46.20 38.48 4.28
C MET H 82 -47.06 39.21 3.27
N LEU H 83 -47.99 38.50 2.63
CA LEU H 83 -48.88 39.14 1.66
C LEU H 83 -49.79 40.15 2.35
N ALA H 84 -50.30 39.80 3.54
CA ALA H 84 -51.17 40.71 4.26
C ALA H 84 -50.44 42.00 4.60
N ASN H 85 -49.19 41.88 5.03
CA ASN H 85 -48.38 43.06 5.35
C ASN H 85 -48.32 44.00 4.14
N HIS H 99 -29.87 31.10 3.58
CA HIS H 99 -29.94 29.80 2.92
C HIS H 99 -30.77 28.82 3.73
N ARG H 100 -32.04 28.71 3.37
CA ARG H 100 -33.00 27.85 4.07
C ARG H 100 -33.32 26.65 3.22
N THR H 101 -33.39 25.48 3.86
CA THR H 101 -33.74 24.27 3.14
C THR H 101 -35.20 24.31 2.70
N LEU H 102 -35.49 23.59 1.62
CA LEU H 102 -36.84 23.50 1.10
C LEU H 102 -37.57 22.35 1.78
N LEU H 103 -38.71 22.64 2.38
CA LEU H 103 -39.51 21.67 3.11
C LEU H 103 -40.83 21.47 2.37
N TYR H 104 -41.24 20.22 2.22
CA TYR H 104 -42.50 19.93 1.54
C TYR H 104 -43.64 20.70 2.17
N GLY H 105 -44.50 21.27 1.34
CA GLY H 105 -45.62 22.07 1.79
C GLY H 105 -45.32 23.55 1.87
N HIS H 106 -44.06 23.95 1.75
CA HIS H 106 -43.71 25.37 1.72
C HIS H 106 -43.98 25.94 0.34
N ALA H 107 -44.06 27.27 0.28
CA ALA H 107 -44.31 27.99 -0.96
C ALA H 107 -43.01 28.63 -1.43
N ILE H 108 -42.64 28.37 -2.68
CA ILE H 108 -41.35 28.79 -3.21
C ILE H 108 -41.55 29.89 -4.24
N LEU H 109 -40.54 30.74 -4.35
CA LEU H 109 -40.50 31.84 -5.31
C LEU H 109 -39.31 31.60 -6.24
N LEU H 110 -39.55 31.67 -7.54
CA LEU H 110 -38.53 31.36 -8.53
C LEU H 110 -38.26 32.59 -9.39
N ARG H 111 -37.01 33.04 -9.42
CA ARG H 111 -36.58 34.06 -10.38
C ARG H 111 -36.02 33.40 -11.63
N HIS H 112 -36.47 33.85 -12.78
CA HIS H 112 -35.78 33.52 -14.01
C HIS H 112 -34.37 34.10 -13.96
N ALA H 113 -33.37 33.24 -14.14
CA ALA H 113 -31.99 33.68 -13.98
C ALA H 113 -31.62 34.77 -14.98
N HIS H 114 -32.08 34.63 -16.22
CA HIS H 114 -31.69 35.60 -17.25
C HIS H 114 -32.47 36.89 -17.12
N SER H 115 -33.80 36.82 -17.16
CA SER H 115 -34.63 38.02 -17.17
C SER H 115 -34.87 38.60 -15.78
N ARG H 116 -34.57 37.86 -14.72
CA ARG H 116 -34.82 38.30 -13.36
C ARG H 116 -36.31 38.46 -13.07
N MET H 117 -37.16 37.86 -13.89
CA MET H 117 -38.59 37.83 -13.64
C MET H 117 -38.95 36.56 -12.87
N TYR H 118 -40.20 36.49 -12.44
CA TYR H 118 -40.65 35.45 -11.53
C TYR H 118 -41.65 34.53 -12.22
N LEU H 119 -41.43 33.23 -12.08
CA LEU H 119 -42.39 32.26 -12.59
C LEU H 119 -43.72 32.42 -11.86
N SER H 120 -44.79 32.60 -12.62
CA SER H 120 -46.10 32.88 -12.06
C SER H 120 -47.17 32.22 -12.90
N CYS H 121 -48.39 32.20 -12.36
CA CYS H 121 -49.55 31.67 -13.05
C CYS H 121 -50.31 32.86 -13.62
N LEU H 122 -50.36 32.94 -14.95
CA LEU H 122 -50.97 34.08 -15.60
C LEU H 122 -52.49 33.93 -15.64
N THR H 123 -53.18 35.06 -15.72
CA THR H 123 -54.65 35.02 -15.77
C THR H 123 -55.15 34.60 -17.15
N THR H 124 -54.42 34.94 -18.21
CA THR H 124 -54.86 34.61 -19.55
C THR H 124 -54.71 33.11 -19.80
N SER H 125 -55.35 32.64 -20.87
CA SER H 125 -55.28 31.25 -21.27
C SER H 125 -55.40 31.16 -22.79
N ARG H 126 -54.32 30.72 -23.44
CA ARG H 126 -54.31 30.56 -24.88
C ARG H 126 -54.80 29.18 -25.32
N SER H 127 -54.98 28.26 -24.39
CA SER H 127 -55.35 26.90 -24.73
C SER H 127 -56.77 26.84 -25.27
N MET H 128 -56.95 26.17 -26.41
CA MET H 128 -58.27 25.92 -26.95
C MET H 128 -58.87 24.60 -26.47
N THR H 129 -58.03 23.58 -26.27
CA THR H 129 -58.54 22.29 -25.82
C THR H 129 -59.10 22.40 -24.39
N ASP H 130 -58.32 22.98 -23.48
CA ASP H 130 -58.73 23.11 -22.09
C ASP H 130 -59.26 24.51 -21.84
N LYS H 131 -60.40 24.60 -21.15
CA LYS H 131 -61.02 25.87 -20.82
C LYS H 131 -60.84 26.27 -19.37
N LEU H 132 -60.46 25.34 -18.50
CA LEU H 132 -60.24 25.63 -17.10
C LEU H 132 -58.76 25.86 -16.79
N ALA H 133 -57.89 25.80 -17.80
CA ALA H 133 -56.45 25.92 -17.60
C ALA H 133 -56.00 27.34 -17.91
N PHE H 134 -54.96 27.78 -17.21
CA PHE H 134 -54.38 29.09 -17.39
C PHE H 134 -52.96 28.96 -17.92
N ASP H 135 -52.43 30.07 -18.42
CA ASP H 135 -51.08 30.10 -18.94
C ASP H 135 -50.07 30.35 -17.83
N VAL H 136 -48.90 29.73 -17.95
CA VAL H 136 -47.81 29.91 -17.00
C VAL H 136 -46.70 30.68 -17.70
N GLY H 137 -46.33 31.81 -17.11
CA GLY H 137 -45.28 32.64 -17.69
C GLY H 137 -44.50 33.39 -16.63
N LEU H 138 -43.83 34.45 -17.05
CA LEU H 138 -43.02 35.27 -16.16
C LEU H 138 -43.72 36.60 -15.93
N GLN H 139 -43.53 37.18 -14.75
CA GLN H 139 -44.04 38.52 -14.46
C GLN H 139 -42.93 39.33 -13.81
N GLU H 140 -43.00 40.65 -14.01
CA GLU H 140 -41.90 41.52 -13.63
C GLU H 140 -41.73 41.59 -12.12
N ASP H 141 -42.83 41.69 -11.38
CA ASP H 141 -42.77 41.94 -9.94
C ASP H 141 -43.08 40.67 -9.16
N ALA H 142 -42.55 40.62 -7.94
CA ALA H 142 -42.81 39.52 -7.02
C ALA H 142 -44.03 39.77 -6.13
N THR H 143 -44.75 40.86 -6.39
CA THR H 143 -45.94 41.18 -5.60
C THR H 143 -47.08 40.25 -5.96
N GLY H 144 -48.00 40.08 -5.02
CA GLY H 144 -49.13 39.20 -5.20
C GLY H 144 -48.79 37.77 -4.92
N GLU H 145 -49.81 36.92 -5.05
CA GLU H 145 -49.67 35.49 -4.79
C GLU H 145 -49.57 34.67 -6.06
N ALA H 146 -49.56 35.30 -7.24
CA ALA H 146 -49.47 34.56 -8.47
C ALA H 146 -48.10 33.94 -8.67
N CYS H 147 -47.07 34.53 -8.07
CA CYS H 147 -45.70 34.09 -8.26
C CYS H 147 -45.24 33.07 -7.23
N TRP H 148 -46.16 32.49 -6.45
CA TRP H 148 -45.82 31.55 -5.39
C TRP H 148 -46.39 30.19 -5.70
N TRP H 149 -45.59 29.15 -5.49
CA TRP H 149 -45.97 27.78 -5.76
C TRP H 149 -45.67 26.91 -4.56
N THR H 150 -46.57 26.01 -4.23
CA THR H 150 -46.40 25.08 -3.12
C THR H 150 -45.97 23.72 -3.65
N MET H 151 -44.94 23.17 -3.04
CA MET H 151 -44.41 21.86 -3.41
C MET H 151 -45.08 20.78 -2.57
N HIS H 152 -45.52 19.70 -3.23
CA HIS H 152 -46.13 18.59 -2.53
C HIS H 152 -45.53 17.29 -3.03
N PRO H 153 -45.43 16.28 -2.17
CA PRO H 153 -44.81 15.02 -2.58
C PRO H 153 -45.56 14.36 -3.72
N ALA H 154 -44.80 13.78 -4.64
CA ALA H 154 -45.42 13.07 -5.75
C ALA H 154 -46.02 11.74 -5.31
N SER H 155 -45.34 11.04 -4.41
CA SER H 155 -45.78 9.76 -3.90
C SER H 155 -45.91 9.84 -2.38
N LYS H 156 -46.19 8.71 -1.75
CA LYS H 156 -46.43 8.66 -0.31
C LYS H 156 -45.16 8.43 0.50
N GLN H 157 -44.03 8.14 -0.13
CA GLN H 157 -42.80 7.96 0.66
C GLN H 157 -42.40 9.26 1.34
N ARG H 158 -42.54 10.38 0.64
CA ARG H 158 -42.30 11.70 1.22
C ARG H 158 -43.59 12.19 1.87
N SER H 159 -43.45 13.16 2.78
CA SER H 159 -44.60 13.71 3.49
C SER H 159 -44.31 15.16 3.87
N GLU H 160 -45.39 15.88 4.17
CA GLU H 160 -45.25 17.30 4.51
C GLU H 160 -44.30 17.47 5.69
N GLY H 161 -43.50 18.53 5.63
CA GLY H 161 -42.54 18.81 6.68
C GLY H 161 -41.21 18.13 6.46
N GLU H 162 -41.12 17.28 5.44
CA GLU H 162 -39.85 16.67 5.11
C GLU H 162 -39.03 17.60 4.23
N LYS H 163 -37.71 17.44 4.28
CA LYS H 163 -36.83 18.19 3.39
C LYS H 163 -36.89 17.62 2.00
N VAL H 164 -36.93 18.50 1.00
CA VAL H 164 -36.99 18.08 -0.39
C VAL H 164 -35.60 17.62 -0.80
N ARG H 165 -35.45 16.33 -1.09
CA ARG H 165 -34.18 15.78 -1.50
C ARG H 165 -34.04 15.81 -3.02
N VAL H 166 -32.84 16.17 -3.48
CA VAL H 166 -32.57 16.25 -4.90
C VAL H 166 -32.97 14.95 -5.57
N GLY H 167 -33.57 15.07 -6.76
CA GLY H 167 -34.05 13.93 -7.50
C GLY H 167 -35.46 13.50 -7.15
N ASP H 168 -36.10 14.16 -6.20
CA ASP H 168 -37.46 13.84 -5.83
C ASP H 168 -38.43 14.33 -6.89
N ASP H 169 -39.50 13.56 -7.09
CA ASP H 169 -40.63 13.99 -7.90
C ASP H 169 -41.62 14.74 -7.03
N LEU H 170 -41.98 15.94 -7.47
CA LEU H 170 -42.85 16.81 -6.69
C LEU H 170 -43.87 17.45 -7.62
N ILE H 171 -45.03 17.79 -7.05
CA ILE H 171 -46.09 18.48 -7.78
C ILE H 171 -46.17 19.91 -7.26
N LEU H 172 -46.30 20.86 -8.17
CA LEU H 172 -46.30 22.28 -7.85
C LEU H 172 -47.72 22.81 -8.03
N VAL H 173 -48.26 23.43 -7.00
CA VAL H 173 -49.61 23.99 -7.02
C VAL H 173 -49.52 25.50 -6.89
N SER H 174 -50.20 26.20 -7.80
CA SER H 174 -50.21 27.65 -7.74
C SER H 174 -51.00 28.14 -6.54
N VAL H 175 -50.39 29.02 -5.75
CA VAL H 175 -51.07 29.56 -4.58
C VAL H 175 -52.27 30.41 -4.98
N SER H 176 -52.25 31.03 -6.15
CA SER H 176 -53.29 31.97 -6.54
C SER H 176 -54.51 31.30 -7.14
N SER H 177 -54.36 30.11 -7.73
CA SER H 177 -55.45 29.46 -8.43
C SER H 177 -55.61 27.99 -8.12
N GLU H 178 -54.79 27.42 -7.23
CA GLU H 178 -54.91 26.00 -6.88
C GLU H 178 -54.89 25.12 -8.12
N ARG H 179 -54.02 25.46 -9.07
CA ARG H 179 -53.85 24.68 -10.28
C ARG H 179 -52.45 24.07 -10.32
N TYR H 180 -52.37 22.87 -10.86
CA TYR H 180 -51.10 22.16 -10.97
C TYR H 180 -50.31 22.70 -12.14
N LEU H 181 -48.99 22.82 -11.96
CA LEU H 181 -48.11 23.04 -13.10
C LEU H 181 -48.13 21.78 -13.95
N HIS H 182 -48.78 21.85 -15.10
CA HIS H 182 -49.19 20.65 -15.83
C HIS H 182 -48.60 20.64 -17.22
N LEU H 183 -48.22 19.44 -17.67
CA LEU H 183 -47.75 19.21 -19.02
C LEU H 183 -48.95 18.82 -19.89
N SER H 184 -49.23 19.60 -20.91
CA SER H 184 -50.38 19.41 -21.77
C SER H 184 -49.92 18.81 -23.10
N THR H 185 -50.33 17.57 -23.36
CA THR H 185 -50.04 16.90 -24.62
C THR H 185 -51.24 16.88 -25.55
N ALA H 186 -52.29 17.66 -25.23
CA ALA H 186 -53.53 17.57 -26.00
C ALA H 186 -53.29 17.85 -27.47
N SER H 187 -52.65 18.96 -27.79
CA SER H 187 -52.34 19.27 -29.18
C SER H 187 -51.20 18.40 -29.67
N GLY H 188 -50.81 18.61 -30.93
CA GLY H 188 -49.67 17.89 -31.47
C GLY H 188 -48.38 18.20 -30.73
N GLU H 189 -48.16 19.48 -30.43
CA GLU H 189 -46.95 19.91 -29.74
C GLU H 189 -47.14 19.84 -28.23
N LEU H 190 -46.02 19.77 -27.52
CA LEU H 190 -46.01 19.68 -26.07
C LEU H 190 -45.98 21.09 -25.49
N GLN H 191 -46.90 21.38 -24.59
CA GLN H 191 -47.00 22.71 -23.97
C GLN H 191 -47.15 22.56 -22.46
N VAL H 192 -46.96 23.67 -21.76
CA VAL H 192 -47.03 23.73 -20.32
C VAL H 192 -48.06 24.76 -19.93
N ASP H 193 -48.90 24.41 -18.96
CA ASP H 193 -49.95 25.30 -18.49
C ASP H 193 -50.32 24.92 -17.07
N ALA H 194 -51.13 25.76 -16.44
CA ALA H 194 -51.64 25.51 -15.10
C ALA H 194 -53.07 24.99 -15.23
N SER H 195 -53.27 23.72 -14.93
CA SER H 195 -54.56 23.07 -15.05
C SER H 195 -54.87 22.31 -13.75
N PHE H 196 -55.97 21.56 -13.79
CA PHE H 196 -56.39 20.76 -12.64
C PHE H 196 -55.89 19.33 -12.71
N MET H 197 -55.22 18.94 -13.79
CA MET H 197 -54.52 17.67 -13.84
C MET H 197 -53.07 17.86 -13.42
N GLN H 198 -52.54 16.90 -12.69
CA GLN H 198 -51.23 17.02 -12.06
C GLN H 198 -50.16 16.41 -12.95
N THR H 199 -48.95 16.96 -12.84
CA THR H 199 -47.78 16.45 -13.53
C THR H 199 -46.62 16.41 -12.54
N LEU H 200 -45.77 15.39 -12.67
CA LEU H 200 -44.64 15.21 -11.77
C LEU H 200 -43.42 15.91 -12.35
N TRP H 201 -42.81 16.78 -11.55
CA TRP H 201 -41.65 17.56 -11.95
C TRP H 201 -40.44 17.16 -11.12
N ASN H 202 -39.26 17.39 -11.66
CA ASN H 202 -38.00 17.22 -10.95
C ASN H 202 -37.29 18.56 -10.92
N MET H 203 -36.84 18.98 -9.74
CA MET H 203 -36.04 20.20 -9.63
C MET H 203 -34.58 19.80 -9.64
N ASN H 204 -34.03 19.62 -10.83
CA ASN H 204 -32.63 19.21 -10.90
C ASN H 204 -31.73 20.40 -10.60
N PRO H 205 -30.80 20.26 -9.66
CA PRO H 205 -29.94 21.40 -9.31
C PRO H 205 -28.93 21.72 -10.38
N ILE H 206 -28.57 22.99 -10.47
CA ILE H 206 -27.54 23.47 -11.38
C ILE H 206 -26.31 23.91 -10.62
N CYS H 207 -26.50 24.69 -9.57
CA CYS H 207 -25.40 25.09 -8.70
C CYS H 207 -25.99 25.49 -7.36
N SER H 208 -25.17 25.40 -6.31
CA SER H 208 -25.57 25.79 -4.97
C SER H 208 -24.77 27.00 -4.50
N GLY H 209 -23.43 26.92 -4.54
CA GLY H 209 -22.61 28.04 -4.19
C GLY H 209 -21.19 27.85 -4.68
N CYS H 210 -20.64 28.85 -5.37
CA CYS H 210 -19.33 28.76 -5.99
C CYS H 210 -18.30 29.43 -5.10
N GLU H 211 -17.19 28.73 -4.86
CA GLU H 211 -16.07 29.34 -4.16
C GLU H 211 -15.62 30.59 -4.91
N GLU H 212 -15.37 31.66 -4.17
CA GLU H 212 -15.10 32.95 -4.79
C GLU H 212 -13.92 32.87 -5.73
N GLY H 213 -14.09 33.43 -6.93
CA GLY H 213 -13.03 33.52 -7.90
C GLY H 213 -12.84 32.32 -8.78
N PHE H 214 -13.63 31.27 -8.61
CA PHE H 214 -13.47 30.04 -9.38
C PHE H 214 -14.50 29.95 -10.49
N VAL H 215 -14.10 29.36 -11.60
CA VAL H 215 -14.96 29.25 -12.77
C VAL H 215 -15.88 28.05 -12.60
N THR H 216 -17.15 28.23 -12.95
CA THR H 216 -18.12 27.15 -12.94
C THR H 216 -18.79 27.07 -14.31
N GLY H 217 -19.32 25.90 -14.62
CA GLY H 217 -20.04 25.73 -15.86
C GLY H 217 -21.22 26.67 -15.95
N GLY H 218 -21.56 27.02 -17.19
CA GLY H 218 -22.70 27.88 -17.42
C GLY H 218 -22.46 29.35 -17.18
N HIS H 219 -21.20 29.76 -17.01
CA HIS H 219 -20.86 31.18 -16.94
C HIS H 219 -20.61 31.73 -18.32
N VAL H 220 -20.91 33.01 -18.48
CA VAL H 220 -20.51 33.81 -19.63
C VAL H 220 -19.23 34.54 -19.26
N LEU H 221 -18.26 34.55 -20.16
CA LEU H 221 -16.94 35.06 -19.85
C LEU H 221 -16.21 35.39 -21.13
N ARG H 222 -15.00 35.91 -20.97
CA ARG H 222 -14.12 36.25 -22.09
C ARG H 222 -12.84 35.43 -21.99
N LEU H 223 -12.37 34.95 -23.14
CA LEU H 223 -11.17 34.13 -23.22
C LEU H 223 -10.03 35.00 -23.74
N PHE H 224 -9.19 35.47 -22.83
CA PHE H 224 -8.11 36.37 -23.18
C PHE H 224 -6.84 35.58 -23.47
N HIS H 225 -6.14 35.96 -24.54
CA HIS H 225 -4.92 35.27 -24.92
C HIS H 225 -3.85 35.53 -23.87
N GLY H 226 -3.59 34.54 -23.02
CA GLY H 226 -2.72 34.74 -21.88
C GLY H 226 -3.18 35.92 -21.04
N HIS H 227 -2.34 36.94 -20.94
CA HIS H 227 -2.71 38.22 -20.34
C HIS H 227 -2.45 39.35 -21.32
N MET H 228 -2.57 39.06 -22.61
CA MET H 228 -2.10 39.96 -23.65
C MET H 228 -3.23 40.77 -24.27
N ASP H 229 -4.22 41.18 -23.47
CA ASP H 229 -5.35 42.01 -23.90
C ASP H 229 -5.78 41.67 -25.33
N GLU H 230 -5.82 40.38 -25.63
CA GLU H 230 -6.43 39.86 -26.85
C GLU H 230 -7.43 38.79 -26.43
N CYS H 231 -8.65 38.87 -26.96
CA CYS H 231 -9.71 37.95 -26.63
C CYS H 231 -10.12 37.16 -27.87
N LEU H 232 -10.57 35.93 -27.62
CA LEU H 232 -11.16 35.13 -28.67
C LEU H 232 -12.51 35.73 -29.07
N THR H 233 -12.76 35.85 -30.36
CA THR H 233 -13.96 36.50 -30.84
C THR H 233 -14.30 36.02 -32.23
N ILE H 234 -15.41 36.53 -32.76
CA ILE H 234 -15.79 36.29 -34.14
C ILE H 234 -15.87 37.63 -34.85
N SER H 235 -16.01 37.61 -36.17
CA SER H 235 -15.95 38.84 -36.93
C SER H 235 -17.15 39.72 -36.59
N PRO H 236 -17.03 41.03 -36.81
CA PRO H 236 -18.16 41.93 -36.51
C PRO H 236 -19.37 41.58 -37.34
N SER H 237 -20.50 42.20 -36.98
CA SER H 237 -21.73 41.96 -37.69
C SER H 237 -21.63 42.46 -39.13
N ASP H 238 -22.31 41.78 -40.03
CA ASP H 238 -22.29 42.09 -41.46
C ASP H 238 -20.85 41.98 -42.00
N SER H 239 -20.32 40.77 -41.94
CA SER H 239 -18.98 40.47 -42.42
C SER H 239 -19.06 39.42 -43.52
N ASP H 240 -18.04 39.44 -44.39
CA ASP H 240 -18.03 38.51 -45.52
C ASP H 240 -17.93 37.06 -45.07
N ASP H 241 -17.24 36.81 -43.96
CA ASP H 241 -17.05 35.45 -43.47
C ASP H 241 -18.31 34.85 -42.86
N GLN H 242 -19.43 35.56 -42.88
CA GLN H 242 -20.68 35.08 -42.31
C GLN H 242 -20.60 34.85 -40.81
N ARG H 243 -19.63 35.47 -40.14
CA ARG H 243 -19.46 35.33 -38.71
C ARG H 243 -19.26 33.87 -38.32
N ARG H 244 -18.51 33.15 -39.15
CA ARG H 244 -18.25 31.72 -38.92
C ARG H 244 -16.82 31.43 -38.53
N LEU H 245 -15.94 32.43 -38.48
CA LEU H 245 -14.53 32.22 -38.19
C LEU H 245 -14.18 32.85 -36.85
N VAL H 246 -13.13 32.32 -36.22
CA VAL H 246 -12.70 32.75 -34.91
C VAL H 246 -11.36 33.44 -35.02
N TYR H 247 -11.21 34.57 -34.33
CA TYR H 247 -9.99 35.36 -34.35
C TYR H 247 -9.57 35.73 -32.94
N TYR H 248 -8.33 36.19 -32.83
CA TYR H 248 -7.77 36.74 -31.61
C TYR H 248 -7.68 38.25 -31.79
N GLU H 249 -8.65 38.98 -31.27
CA GLU H 249 -8.68 40.41 -31.50
C GLU H 249 -8.41 41.16 -30.20
N GLY H 250 -7.71 42.30 -30.31
CA GLY H 250 -7.25 42.99 -29.14
C GLY H 250 -7.58 44.46 -29.07
N GLY H 251 -8.49 44.92 -29.92
CA GLY H 251 -8.87 46.32 -29.94
C GLY H 251 -9.83 46.64 -28.82
N PRO H 252 -10.87 47.44 -29.11
CA PRO H 252 -11.92 47.66 -28.12
C PRO H 252 -12.93 46.54 -28.05
N VAL H 253 -12.77 45.48 -28.83
CA VAL H 253 -13.67 44.34 -28.76
C VAL H 253 -13.62 43.68 -27.40
N CYS H 254 -12.54 43.88 -26.64
CA CYS H 254 -12.46 43.32 -25.30
C CYS H 254 -13.55 43.82 -24.39
N THR H 255 -14.33 44.81 -24.79
CA THR H 255 -15.47 45.29 -24.03
C THR H 255 -16.78 45.15 -24.78
N HIS H 256 -16.77 44.59 -25.99
CA HIS H 256 -17.99 44.40 -26.77
C HIS H 256 -18.63 43.08 -26.40
N ALA H 257 -19.74 42.76 -27.07
CA ALA H 257 -20.51 41.56 -26.79
C ALA H 257 -20.15 40.37 -27.67
N ARG H 258 -19.47 40.60 -28.80
CA ARG H 258 -19.12 39.49 -29.67
C ARG H 258 -17.91 38.71 -29.18
N SER H 259 -17.33 39.11 -28.05
CA SER H 259 -16.23 38.37 -27.43
C SER H 259 -16.67 37.59 -26.21
N LEU H 260 -17.98 37.41 -26.01
CA LEU H 260 -18.51 36.72 -24.84
C LEU H 260 -18.87 35.30 -25.23
N TRP H 261 -18.43 34.34 -24.41
CA TRP H 261 -18.70 32.93 -24.64
C TRP H 261 -19.25 32.32 -23.36
N ARG H 262 -20.17 31.37 -23.52
CA ARG H 262 -20.76 30.66 -22.40
C ARG H 262 -20.21 29.25 -22.35
N LEU H 263 -19.84 28.80 -21.16
CA LEU H 263 -19.30 27.45 -20.98
C LEU H 263 -20.42 26.49 -20.62
N GLU H 264 -20.59 25.44 -21.42
CA GLU H 264 -21.70 24.50 -21.25
C GLU H 264 -21.18 23.09 -21.05
N PRO H 265 -21.06 22.60 -19.83
CA PRO H 265 -20.63 21.22 -19.63
C PRO H 265 -21.61 20.24 -20.26
N LEU H 266 -21.09 19.06 -20.59
CA LEU H 266 -21.89 18.02 -21.24
C LEU H 266 -22.80 17.29 -20.27
N ARG H 267 -23.63 18.02 -19.53
CA ARG H 267 -24.54 17.44 -18.55
C ARG H 267 -25.53 18.52 -18.14
N ILE H 268 -26.73 18.09 -17.78
CA ILE H 268 -27.76 19.04 -17.36
C ILE H 268 -27.74 19.25 -15.86
N SER H 269 -27.77 18.17 -15.09
CA SER H 269 -27.72 18.28 -13.64
C SER H 269 -26.31 18.67 -13.20
N TRP H 270 -26.24 19.63 -12.29
CA TRP H 270 -24.97 20.11 -11.75
C TRP H 270 -24.08 20.67 -12.87
N SER H 271 -24.71 21.19 -13.91
CA SER H 271 -23.97 21.85 -14.98
C SER H 271 -23.35 23.16 -14.52
N GLY H 272 -23.76 23.67 -13.36
CA GLY H 272 -23.16 24.83 -12.76
C GLY H 272 -22.07 24.52 -11.75
N SER H 273 -21.59 23.28 -11.71
CA SER H 273 -20.56 22.90 -10.76
C SER H 273 -19.23 23.52 -11.14
N HIS H 274 -18.29 23.50 -10.19
CA HIS H 274 -16.96 24.00 -10.45
C HIS H 274 -16.35 23.29 -11.64
N LEU H 275 -15.82 24.07 -12.58
CA LEU H 275 -15.21 23.50 -13.76
C LEU H 275 -13.87 22.87 -13.39
N ARG H 276 -13.58 21.72 -13.99
CA ARG H 276 -12.37 20.96 -13.69
C ARG H 276 -11.51 20.82 -14.92
N TRP H 277 -10.22 20.55 -14.70
CA TRP H 277 -9.31 20.32 -15.80
C TRP H 277 -9.70 19.03 -16.53
N GLY H 278 -9.71 19.10 -17.86
CA GLY H 278 -9.99 17.94 -18.67
C GLY H 278 -11.46 17.58 -18.78
N GLN H 279 -12.34 18.35 -18.17
CA GLN H 279 -13.76 18.06 -18.24
C GLN H 279 -14.30 18.48 -19.60
N PRO H 280 -14.91 17.59 -20.37
CA PRO H 280 -15.44 18.00 -21.68
C PRO H 280 -16.54 19.03 -21.53
N LEU H 281 -16.62 19.93 -22.52
CA LEU H 281 -17.64 20.96 -22.50
C LEU H 281 -17.77 21.58 -23.87
N ARG H 282 -18.90 22.22 -24.12
CA ARG H 282 -19.13 23.02 -25.30
C ARG H 282 -18.88 24.48 -24.97
N ILE H 283 -18.54 25.26 -25.99
CA ILE H 283 -18.32 26.69 -25.84
C ILE H 283 -19.26 27.39 -26.82
N ARG H 284 -20.19 28.17 -26.30
CA ARG H 284 -21.26 28.75 -27.08
C ARG H 284 -21.02 30.24 -27.24
N HIS H 285 -21.19 30.75 -28.46
CA HIS H 285 -21.13 32.19 -28.68
C HIS H 285 -22.47 32.80 -28.30
N VAL H 286 -22.48 33.64 -27.27
CA VAL H 286 -23.74 34.07 -26.69
C VAL H 286 -24.56 34.87 -27.69
N THR H 287 -23.93 35.81 -28.40
CA THR H 287 -24.70 36.71 -29.24
C THR H 287 -25.28 36.00 -30.45
N THR H 288 -24.51 35.11 -31.07
CA THR H 288 -24.99 34.41 -32.26
C THR H 288 -25.58 33.04 -31.96
N GLY H 289 -25.35 32.51 -30.77
CA GLY H 289 -25.88 31.21 -30.42
C GLY H 289 -25.22 30.05 -31.14
N ARG H 290 -24.02 30.25 -31.67
CA ARG H 290 -23.29 29.22 -32.38
C ARG H 290 -22.20 28.65 -31.49
N TYR H 291 -21.88 27.38 -31.72
CA TYR H 291 -21.00 26.63 -30.85
C TYR H 291 -19.64 26.45 -31.51
N LEU H 292 -18.58 26.78 -30.77
CA LEU H 292 -17.23 26.55 -31.27
C LEU H 292 -17.04 25.07 -31.57
N GLY H 293 -16.50 24.76 -32.75
CA GLY H 293 -16.38 23.38 -33.17
C GLY H 293 -15.40 23.21 -34.29
N LEU H 294 -15.17 21.95 -34.63
CA LEU H 294 -14.21 21.54 -35.66
C LEU H 294 -14.95 20.84 -36.78
N THR H 295 -15.11 21.52 -37.91
CA THR H 295 -15.64 20.91 -39.11
C THR H 295 -14.48 20.38 -39.95
N GLU H 296 -14.61 19.13 -40.40
CA GLU H 296 -13.52 18.50 -41.13
C GLU H 296 -13.13 19.28 -42.37
N ASP H 297 -14.06 20.01 -42.98
CA ASP H 297 -13.80 20.69 -44.25
C ASP H 297 -13.31 22.13 -44.09
N GLN H 298 -13.44 22.73 -42.92
CA GLN H 298 -13.10 24.13 -42.74
C GLN H 298 -12.32 24.42 -41.46
N GLY H 299 -12.01 23.41 -40.65
CA GLY H 299 -11.22 23.63 -39.45
C GLY H 299 -12.05 24.17 -38.30
N LEU H 300 -11.47 25.09 -37.54
CA LEU H 300 -12.14 25.67 -36.37
C LEU H 300 -13.13 26.73 -36.83
N VAL H 301 -14.40 26.53 -36.53
CA VAL H 301 -15.47 27.45 -36.88
C VAL H 301 -16.46 27.51 -35.72
N VAL H 302 -17.54 28.27 -35.91
CA VAL H 302 -18.70 28.21 -35.03
C VAL H 302 -19.84 27.63 -35.84
N VAL H 303 -20.39 26.52 -35.37
CA VAL H 303 -21.41 25.80 -36.11
C VAL H 303 -22.77 26.06 -35.45
N ASP H 304 -23.82 25.88 -36.24
CA ASP H 304 -25.18 26.03 -35.73
C ASP H 304 -25.48 24.92 -34.73
N ALA H 305 -26.41 25.21 -33.82
CA ALA H 305 -26.76 24.24 -32.79
C ALA H 305 -27.19 22.92 -33.39
N SER H 306 -27.90 22.96 -34.51
CA SER H 306 -28.38 21.71 -35.12
C SER H 306 -27.22 20.82 -35.54
N LYS H 307 -26.09 21.40 -35.91
CA LYS H 307 -24.93 20.65 -36.38
C LYS H 307 -23.86 20.50 -35.30
N ALA H 308 -24.18 20.85 -34.06
CA ALA H 308 -23.20 20.89 -32.99
C ALA H 308 -23.22 19.60 -32.18
N HIS H 309 -22.85 18.50 -32.83
CA HIS H 309 -22.77 17.23 -32.12
C HIS H 309 -21.53 17.19 -31.25
N THR H 310 -21.55 16.30 -30.26
CA THR H 310 -20.53 16.32 -29.21
C THR H 310 -19.14 16.11 -29.79
N LYS H 311 -19.00 15.19 -30.73
CA LYS H 311 -17.68 14.93 -31.31
C LYS H 311 -17.08 16.20 -31.87
N ALA H 312 -17.86 16.99 -32.59
CA ALA H 312 -17.37 18.22 -33.20
C ALA H 312 -17.20 19.36 -32.21
N THR H 313 -18.06 19.45 -31.19
CA THR H 313 -18.13 20.65 -30.36
C THR H 313 -17.67 20.43 -28.93
N SER H 314 -16.99 19.32 -28.64
CA SER H 314 -16.51 19.05 -27.28
C SER H 314 -15.07 19.51 -27.14
N PHE H 315 -14.83 20.38 -26.17
CA PHE H 315 -13.50 20.87 -25.84
C PHE H 315 -13.22 20.61 -24.37
N CYS H 316 -11.97 20.84 -23.96
CA CYS H 316 -11.61 20.71 -22.56
C CYS H 316 -10.46 21.66 -22.25
N PHE H 317 -10.35 22.01 -20.97
CA PHE H 317 -9.28 22.86 -20.48
C PHE H 317 -8.22 21.98 -19.82
N ARG H 318 -6.96 22.24 -20.14
CA ARG H 318 -5.83 21.50 -19.59
C ARG H 318 -4.85 22.46 -18.98
N ILE H 319 -4.14 22.01 -17.95
CA ILE H 319 -3.16 22.85 -17.28
C ILE H 319 -1.82 22.82 -17.99
N SER H 320 -1.59 21.84 -18.86
CA SER H 320 -0.36 21.75 -19.61
C SER H 320 -0.61 20.93 -20.87
N LYS H 321 0.30 21.04 -21.83
CA LYS H 321 0.17 20.37 -23.11
C LYS H 321 0.69 18.93 -23.08
N GLU H 322 1.15 18.45 -21.94
CA GLU H 322 1.65 17.09 -21.85
C GLU H 322 0.52 16.10 -22.00
N LYS H 323 0.80 14.97 -22.65
CA LYS H 323 -0.19 13.94 -22.92
C LYS H 323 -0.39 13.06 -21.67
N LEU H 324 -1.21 13.57 -20.76
CA LEU H 324 -1.61 12.82 -19.56
C LEU H 324 -3.12 12.67 -19.44
N ASP H 325 -3.88 12.92 -20.52
CA ASP H 325 -5.32 12.75 -20.48
C ASP H 325 -5.74 11.29 -20.44
N VAL H 326 -4.78 10.35 -20.36
CA VAL H 326 -5.09 8.92 -20.35
C VAL H 326 -6.04 8.61 -19.20
N ALA H 327 -5.79 9.19 -18.04
CA ALA H 327 -6.63 8.95 -16.88
C ALA H 327 -8.01 9.55 -17.13
N PRO H 328 -9.10 8.77 -17.00
CA PRO H 328 -10.44 9.35 -17.22
C PRO H 328 -10.97 10.07 -15.99
N LYS H 329 -12.22 10.53 -16.07
CA LYS H 329 -12.85 11.25 -14.97
C LYS H 329 -14.26 10.73 -14.78
N ARG H 330 -14.76 10.88 -13.55
CA ARG H 330 -16.07 10.39 -13.16
C ARG H 330 -16.93 11.56 -12.70
N ASP H 331 -18.20 11.56 -13.10
CA ASP H 331 -19.11 12.63 -12.73
C ASP H 331 -19.29 12.67 -11.22
N VAL H 332 -19.40 13.87 -10.66
CA VAL H 332 -19.61 14.08 -9.23
C VAL H 332 -20.92 14.84 -9.05
N GLU H 333 -21.77 14.32 -8.17
CA GLU H 333 -23.08 14.93 -7.91
C GLU H 333 -22.92 16.02 -6.85
N GLY H 334 -22.32 17.12 -7.26
CA GLY H 334 -22.11 18.24 -6.36
C GLY H 334 -21.27 19.30 -7.03
N MET H 335 -21.03 20.38 -6.28
CA MET H 335 -20.26 21.48 -6.82
C MET H 335 -18.83 21.07 -7.16
N GLY H 336 -18.33 20.00 -6.55
CA GLY H 336 -17.01 19.51 -6.85
C GLY H 336 -15.91 20.35 -6.23
N PRO H 337 -14.66 20.02 -6.53
CA PRO H 337 -13.54 20.78 -6.00
C PRO H 337 -13.23 21.98 -6.87
N PRO H 338 -13.01 23.16 -6.28
CA PRO H 338 -12.63 24.32 -7.09
C PRO H 338 -11.23 24.13 -7.68
N GLU H 339 -11.15 24.18 -9.00
CA GLU H 339 -9.89 23.95 -9.69
C GLU H 339 -9.41 25.15 -10.49
N ILE H 340 -10.26 25.68 -11.36
CA ILE H 340 -9.85 26.77 -12.24
C ILE H 340 -10.31 28.10 -11.65
N LYS H 341 -9.44 29.11 -11.76
CA LYS H 341 -9.69 30.42 -11.18
C LYS H 341 -9.77 31.47 -12.29
N TYR H 342 -10.58 32.49 -12.04
CA TYR H 342 -10.69 33.61 -12.97
C TYR H 342 -9.42 34.46 -12.91
N GLY H 343 -8.83 34.70 -14.07
CA GLY H 343 -7.64 35.53 -14.15
C GLY H 343 -6.34 34.83 -13.80
N GLU H 344 -6.34 34.06 -12.71
CA GLU H 344 -5.10 33.42 -12.27
C GLU H 344 -4.73 32.24 -13.15
N SER H 345 -5.59 31.24 -13.21
CA SER H 345 -5.26 30.01 -13.93
C SER H 345 -5.08 30.30 -15.41
N LEU H 346 -4.11 29.62 -16.01
CA LEU H 346 -3.85 29.68 -17.44
C LEU H 346 -4.21 28.33 -18.04
N CYS H 347 -5.09 28.34 -19.04
CA CYS H 347 -5.72 27.13 -19.54
C CYS H 347 -5.41 26.94 -21.01
N PHE H 348 -5.13 25.70 -21.39
CA PHE H 348 -4.98 25.32 -22.80
C PHE H 348 -6.28 24.65 -23.25
N VAL H 349 -6.84 25.13 -24.33
CA VAL H 349 -8.05 24.54 -24.88
C VAL H 349 -7.67 23.44 -25.84
N GLN H 350 -8.26 22.26 -25.66
CA GLN H 350 -7.96 21.11 -26.50
C GLN H 350 -9.26 20.51 -27.00
N HIS H 351 -9.29 20.17 -28.29
CA HIS H 351 -10.40 19.44 -28.85
C HIS H 351 -10.34 17.99 -28.37
N VAL H 352 -11.39 17.55 -27.67
CA VAL H 352 -11.35 16.24 -27.03
C VAL H 352 -11.24 15.14 -28.07
N ALA H 353 -12.08 15.19 -29.11
CA ALA H 353 -12.13 14.12 -30.08
C ALA H 353 -10.80 13.98 -30.83
N SER H 354 -10.28 15.09 -31.35
CA SER H 354 -9.09 15.03 -32.17
C SER H 354 -7.81 15.21 -31.34
N GLY H 355 -7.92 15.90 -30.21
CA GLY H 355 -6.76 16.18 -29.39
C GLY H 355 -5.98 17.41 -29.79
N LEU H 356 -6.35 18.05 -30.89
CA LEU H 356 -5.65 19.24 -31.34
C LEU H 356 -5.73 20.34 -30.28
N TRP H 357 -4.90 21.36 -30.44
CA TRP H 357 -4.80 22.46 -29.49
C TRP H 357 -5.27 23.75 -30.15
N LEU H 358 -6.04 24.53 -29.43
CA LEU H 358 -6.49 25.84 -29.92
C LEU H 358 -5.30 26.79 -29.95
N THR H 359 -4.97 27.28 -31.14
CA THR H 359 -3.82 28.15 -31.32
C THR H 359 -4.14 29.15 -32.42
N TYR H 360 -3.18 30.03 -32.69
CA TYR H 360 -3.32 31.08 -33.68
C TYR H 360 -2.57 30.72 -34.95
N ALA H 361 -3.18 31.02 -36.09
CA ALA H 361 -2.54 30.78 -37.37
C ALA H 361 -1.39 31.78 -37.57
N ALA H 362 -0.47 31.41 -38.45
CA ALA H 362 0.67 32.26 -38.73
C ALA H 362 0.21 33.47 -39.55
N PRO H 363 0.43 34.70 -39.08
CA PRO H 363 -0.05 35.87 -39.84
C PRO H 363 0.58 35.91 -41.23
N ASP H 364 -0.28 35.85 -42.24
CA ASP H 364 0.16 35.89 -43.62
C ASP H 364 0.45 37.33 -44.06
N PRO H 365 1.24 37.51 -45.11
CA PRO H 365 1.55 38.88 -45.56
C PRO H 365 0.38 39.59 -46.21
N LYS H 366 0.52 40.91 -46.32
CA LYS H 366 -0.49 41.84 -46.84
C LYS H 366 -1.60 42.07 -45.82
N ALA H 367 -1.71 41.20 -44.81
CA ALA H 367 -2.63 41.47 -43.71
C ALA H 367 -1.95 42.36 -42.68
N LEU H 368 -0.69 42.05 -42.37
CA LEU H 368 0.12 43.00 -41.63
C LEU H 368 0.16 44.33 -42.34
N ARG H 369 0.14 44.31 -43.68
CA ARG H 369 0.27 45.55 -44.44
C ARG H 369 -1.00 46.38 -44.33
N LEU H 370 -2.16 45.72 -44.48
CA LEU H 370 -3.43 46.39 -44.21
C LEU H 370 -3.45 46.93 -42.79
N GLY H 371 -2.86 46.19 -41.85
CA GLY H 371 -2.79 46.62 -40.46
C GLY H 371 -3.69 45.85 -39.51
N VAL H 372 -4.20 44.70 -39.91
CA VAL H 372 -5.13 43.96 -39.06
C VAL H 372 -4.41 43.53 -37.78
N LEU H 373 -5.11 43.66 -36.65
CA LEU H 373 -4.65 43.16 -35.37
C LEU H 373 -5.29 41.82 -35.01
N LYS H 374 -6.02 41.21 -35.95
CA LYS H 374 -6.76 39.99 -35.71
C LYS H 374 -6.01 38.82 -36.32
N LYS H 375 -5.72 37.80 -35.50
CA LYS H 375 -5.03 36.59 -35.94
C LYS H 375 -6.04 35.46 -35.95
N LYS H 376 -6.22 34.83 -37.11
CA LYS H 376 -7.15 33.71 -37.21
C LYS H 376 -6.74 32.60 -36.27
N ALA H 377 -7.70 32.06 -35.55
CA ALA H 377 -7.45 30.95 -34.63
C ALA H 377 -7.69 29.63 -35.33
N MET H 378 -6.90 28.63 -34.98
CA MET H 378 -6.96 27.33 -35.63
C MET H 378 -6.63 26.25 -34.62
N LEU H 379 -6.88 25.01 -35.02
CA LEU H 379 -6.58 23.83 -34.21
C LEU H 379 -5.37 23.14 -34.82
N HIS H 380 -4.32 22.96 -34.01
CA HIS H 380 -3.05 22.44 -34.50
C HIS H 380 -2.55 21.35 -33.56
N GLN H 381 -1.76 20.43 -34.13
CA GLN H 381 -1.25 19.32 -33.34
C GLN H 381 -0.29 19.78 -32.25
N GLU H 382 0.53 20.79 -32.54
CA GLU H 382 1.51 21.29 -31.59
C GLU H 382 1.23 22.71 -31.11
N GLY H 383 0.68 23.55 -31.98
CA GLY H 383 0.44 24.93 -31.57
C GLY H 383 1.73 25.65 -31.24
N HIS H 384 1.71 26.37 -30.13
CA HIS H 384 2.87 27.13 -29.68
C HIS H 384 2.94 27.05 -28.15
N MET H 385 3.80 27.86 -27.55
CA MET H 385 3.98 27.87 -26.12
C MET H 385 3.03 28.82 -25.40
N ASP H 386 2.61 29.90 -26.06
CA ASP H 386 1.75 30.91 -25.45
C ASP H 386 0.28 30.70 -25.83
N ASP H 387 -0.13 29.46 -26.06
CA ASP H 387 -1.52 29.17 -26.36
C ASP H 387 -2.43 29.23 -25.14
N ALA H 388 -1.86 29.36 -23.95
CA ALA H 388 -2.68 29.38 -22.75
C ALA H 388 -3.62 30.58 -22.75
N LEU H 389 -4.84 30.36 -22.27
CA LEU H 389 -5.86 31.40 -22.20
C LEU H 389 -6.23 31.65 -20.75
N SER H 390 -6.61 32.89 -20.45
CA SER H 390 -7.12 33.26 -19.15
C SER H 390 -8.60 33.58 -19.27
N LEU H 391 -9.37 33.18 -18.27
CA LEU H 391 -10.82 33.36 -18.28
C LEU H 391 -11.15 34.57 -17.42
N THR H 392 -11.91 35.51 -17.99
CA THR H 392 -12.33 36.71 -17.27
C THR H 392 -13.85 36.78 -17.22
N ARG H 393 -14.38 36.95 -16.02
CA ARG H 393 -15.83 37.05 -15.88
C ARG H 393 -16.33 38.35 -16.51
N CYS H 394 -17.51 38.28 -17.09
CA CYS H 394 -18.22 39.46 -17.55
C CYS H 394 -19.37 39.74 -16.60
N GLN H 395 -19.69 41.02 -16.44
CA GLN H 395 -20.71 41.41 -15.48
C GLN H 395 -22.10 40.99 -15.97
N GLN H 396 -23.01 40.88 -15.00
CA GLN H 396 -24.38 40.48 -15.30
C GLN H 396 -24.98 41.38 -16.36
N GLU H 397 -24.60 42.66 -16.36
CA GLU H 397 -25.13 43.58 -17.35
C GLU H 397 -24.80 43.13 -18.76
N GLU H 398 -23.52 42.85 -19.04
CA GLU H 398 -23.15 42.42 -20.38
C GLU H 398 -23.73 41.04 -20.71
N SER H 399 -23.77 40.13 -19.74
CA SER H 399 -24.36 38.83 -20.01
C SER H 399 -25.81 38.98 -20.47
N GLN H 400 -26.60 39.73 -19.70
CA GLN H 400 -28.00 39.93 -20.04
C GLN H 400 -28.13 40.65 -21.37
N ALA H 401 -27.30 41.66 -21.61
CA ALA H 401 -27.38 42.39 -22.87
C ALA H 401 -27.08 41.48 -24.05
N ALA H 402 -26.09 40.60 -23.92
CA ALA H 402 -25.76 39.71 -25.01
C ALA H 402 -26.90 38.74 -25.30
N ARG H 403 -27.50 38.18 -24.25
CA ARG H 403 -28.62 37.27 -24.50
C ARG H 403 -29.80 38.01 -25.13
N MET H 404 -30.08 39.22 -24.65
CA MET H 404 -31.14 40.02 -25.24
C MET H 404 -30.85 40.33 -26.70
N ILE H 405 -29.59 40.61 -27.03
CA ILE H 405 -29.23 40.86 -28.41
C ILE H 405 -29.51 39.63 -29.25
N TYR H 406 -29.14 38.46 -28.76
CA TYR H 406 -29.40 37.23 -29.50
C TYR H 406 -30.90 37.09 -29.80
N SER H 407 -31.73 37.16 -28.76
CA SER H 407 -33.16 36.95 -28.97
C SER H 407 -33.78 38.02 -29.85
N THR H 408 -33.42 39.29 -29.62
CA THR H 408 -33.98 40.38 -30.40
C THR H 408 -33.56 40.28 -31.86
N ALA H 409 -32.30 39.92 -32.12
CA ALA H 409 -31.85 39.74 -33.49
C ALA H 409 -32.68 38.66 -34.18
N GLY H 410 -32.87 37.53 -33.49
CA GLY H 410 -33.70 36.50 -34.09
C GLY H 410 -35.10 36.98 -34.42
N LEU H 411 -35.74 37.64 -33.46
CA LEU H 411 -37.13 38.06 -33.65
C LEU H 411 -37.24 39.09 -34.77
N TYR H 412 -36.36 40.07 -34.80
CA TYR H 412 -36.48 41.13 -35.79
C TYR H 412 -36.09 40.64 -37.18
N ASN H 413 -35.14 39.71 -37.26
CA ASN H 413 -34.86 39.09 -38.56
C ASN H 413 -36.07 38.30 -39.06
N GLN H 414 -36.75 37.60 -38.15
CA GLN H 414 -37.97 36.91 -38.55
C GLN H 414 -39.02 37.90 -39.05
N PHE H 415 -39.16 39.04 -38.37
CA PHE H 415 -40.11 40.06 -38.80
C PHE H 415 -39.76 40.59 -40.18
N ILE H 416 -38.48 40.88 -40.42
CA ILE H 416 -38.06 41.42 -41.71
C ILE H 416 -38.31 40.40 -42.81
N LYS H 417 -38.00 39.14 -42.55
CA LYS H 417 -38.28 38.11 -43.55
C LYS H 417 -39.77 38.00 -43.82
N GLY H 418 -40.59 38.08 -42.78
CA GLY H 418 -42.03 38.05 -42.99
C GLY H 418 -42.51 39.18 -43.89
N LEU H 419 -42.01 40.40 -43.65
CA LEU H 419 -42.40 41.52 -44.49
C LEU H 419 -41.95 41.31 -45.93
N ASP H 420 -40.69 40.90 -46.11
CA ASP H 420 -40.20 40.64 -47.46
C ASP H 420 -40.96 39.53 -48.15
N SER H 421 -41.63 38.66 -47.39
CA SER H 421 -42.40 37.59 -48.00
C SER H 421 -43.49 38.14 -48.92
N PHE H 422 -44.21 39.16 -48.46
CA PHE H 422 -45.29 39.76 -49.25
C PHE H 422 -44.93 41.17 -49.71
N SER H 423 -43.64 41.53 -49.71
CA SER H 423 -43.22 42.85 -50.15
C SER H 423 -44.02 43.34 -51.35
N GLY H 424 -44.15 42.52 -52.39
CA GLY H 424 -44.77 42.96 -53.62
C GLY H 424 -45.86 42.05 -54.15
N LYS H 425 -46.67 41.49 -53.27
CA LYS H 425 -47.69 40.51 -53.64
C LYS H 425 -49.04 40.97 -53.11
N PRO H 426 -49.78 41.78 -53.86
CA PRO H 426 -51.10 42.22 -53.40
C PRO H 426 -52.00 41.06 -53.02
N ARG H 427 -52.57 41.11 -51.81
CA ARG H 427 -53.45 40.04 -51.35
C ARG H 427 -54.76 39.99 -52.12
N GLY H 428 -55.10 41.04 -52.86
CA GLY H 428 -56.39 41.08 -53.52
C GLY H 428 -57.53 41.14 -52.53
N SER H 429 -58.29 40.06 -52.42
CA SER H 429 -59.41 39.99 -51.51
C SER H 429 -59.40 38.63 -50.81
N GLY H 430 -58.22 38.21 -50.34
CA GLY H 430 -58.07 36.90 -49.76
C GLY H 430 -56.83 36.77 -48.90
N PRO H 431 -56.14 35.64 -49.00
CA PRO H 431 -55.04 35.36 -48.07
C PRO H 431 -53.95 36.41 -48.16
N PRO H 432 -53.29 36.72 -47.04
CA PRO H 432 -52.17 37.69 -47.11
C PRO H 432 -51.05 37.25 -48.02
N ALA H 433 -50.96 35.97 -48.35
CA ALA H 433 -49.93 35.47 -49.26
C ALA H 433 -48.53 35.74 -48.72
N GLY H 434 -48.20 35.13 -47.59
CA GLY H 434 -46.87 35.24 -47.03
C GLY H 434 -46.82 34.55 -45.67
N SER H 435 -45.66 34.67 -45.03
CA SER H 435 -45.47 34.13 -43.70
C SER H 435 -46.18 34.98 -42.67
N ALA H 436 -46.65 34.35 -41.60
CA ALA H 436 -47.31 35.09 -40.53
C ALA H 436 -46.32 36.03 -39.85
N LEU H 437 -46.82 37.18 -39.44
CA LEU H 437 -45.95 38.19 -38.85
C LEU H 437 -45.95 38.07 -37.32
N PRO H 438 -44.78 38.05 -36.68
CA PRO H 438 -44.74 38.05 -35.20
C PRO H 438 -45.15 39.39 -34.60
N ILE H 439 -46.40 39.79 -34.84
CA ILE H 439 -46.84 41.12 -34.43
C ILE H 439 -46.79 41.26 -32.92
N GLU H 440 -47.37 40.30 -32.20
CA GLU H 440 -47.42 40.40 -30.74
C GLU H 440 -46.03 40.37 -30.14
N GLY H 441 -45.20 39.45 -30.60
CA GLY H 441 -43.85 39.37 -30.08
C GLY H 441 -43.05 40.62 -30.36
N VAL H 442 -43.19 41.17 -31.56
CA VAL H 442 -42.46 42.38 -31.91
C VAL H 442 -42.89 43.54 -31.02
N ILE H 443 -44.21 43.69 -30.83
CA ILE H 443 -44.70 44.79 -30.00
C ILE H 443 -44.18 44.65 -28.57
N LEU H 444 -44.28 43.45 -28.01
CA LEU H 444 -43.83 43.26 -26.63
C LEU H 444 -42.33 43.50 -26.52
N SER H 445 -41.56 43.01 -27.48
CA SER H 445 -40.12 43.19 -27.45
C SER H 445 -39.75 44.66 -27.54
N LEU H 446 -40.42 45.40 -28.41
CA LEU H 446 -40.13 46.82 -28.55
C LEU H 446 -40.44 47.56 -27.25
N GLN H 447 -41.58 47.25 -26.63
CA GLN H 447 -41.92 47.90 -25.37
C GLN H 447 -40.90 47.57 -24.29
N ASP H 448 -40.51 46.30 -24.20
CA ASP H 448 -39.52 45.90 -23.20
C ASP H 448 -38.20 46.61 -23.42
N LEU H 449 -37.77 46.73 -24.68
CA LEU H 449 -36.49 47.37 -24.95
C LEU H 449 -36.55 48.87 -24.69
N ILE H 450 -37.69 49.50 -24.97
CA ILE H 450 -37.82 50.92 -24.63
C ILE H 450 -37.70 51.11 -23.13
N GLY H 451 -38.39 50.27 -22.35
CA GLY H 451 -38.20 50.32 -20.90
C GLY H 451 -36.78 50.04 -20.48
N TYR H 452 -36.11 49.13 -21.20
CA TYR H 452 -34.74 48.79 -20.89
C TYR H 452 -33.81 49.99 -21.08
N PHE H 453 -34.01 50.75 -22.15
CA PHE H 453 -33.17 51.89 -22.48
C PHE H 453 -33.72 53.19 -21.90
N GLU H 454 -34.77 53.13 -21.09
CA GLU H 454 -35.33 54.33 -20.49
C GLU H 454 -34.25 55.10 -19.74
N PRO H 455 -34.13 56.41 -19.94
CA PRO H 455 -33.08 57.18 -19.26
C PRO H 455 -33.38 57.31 -17.77
N PRO H 456 -32.37 57.50 -16.94
CA PRO H 456 -32.61 57.65 -15.50
C PRO H 456 -33.41 58.91 -15.20
N SER H 457 -34.23 58.83 -14.17
CA SER H 457 -35.06 59.98 -13.78
C SER H 457 -34.19 61.10 -13.21
N GLU H 458 -34.58 62.33 -13.49
CA GLU H 458 -33.81 63.49 -13.05
C GLU H 458 -33.87 63.72 -11.55
N GLU H 459 -34.74 63.02 -10.84
CA GLU H 459 -34.91 63.22 -9.40
C GLU H 459 -34.00 62.33 -8.57
N LEU H 460 -33.18 61.49 -9.20
CA LEU H 460 -32.23 60.68 -8.46
C LEU H 460 -31.09 61.53 -7.93
N GLN H 461 -30.45 61.03 -6.88
CA GLN H 461 -29.25 61.67 -6.38
C GLN H 461 -28.13 61.55 -7.41
N HIS H 462 -27.14 62.42 -7.28
CA HIS H 462 -26.17 62.61 -8.36
C HIS H 462 -25.39 61.33 -8.63
N GLU H 463 -24.90 60.66 -7.59
CA GLU H 463 -24.04 59.50 -7.80
C GLU H 463 -24.81 58.37 -8.47
N GLU H 464 -26.02 58.09 -7.98
CA GLU H 464 -26.84 57.05 -8.59
C GLU H 464 -27.19 57.40 -10.02
N LYS H 465 -27.49 58.67 -10.29
CA LYS H 465 -27.77 59.08 -11.66
C LYS H 465 -26.57 58.84 -12.55
N GLN H 466 -25.37 59.14 -12.05
CA GLN H 466 -24.16 58.93 -12.85
C GLN H 466 -23.95 57.45 -13.13
N THR H 467 -24.16 56.59 -12.14
CA THR H 467 -24.00 55.16 -12.37
C THR H 467 -25.01 54.66 -13.40
N LYS H 468 -26.26 55.11 -13.28
CA LYS H 468 -27.27 54.71 -14.25
C LYS H 468 -26.91 55.20 -15.65
N LEU H 469 -26.39 56.42 -15.76
CA LEU H 469 -25.99 56.94 -17.06
C LEU H 469 -24.87 56.12 -17.65
N ARG H 470 -23.88 55.74 -16.84
CA ARG H 470 -22.79 54.91 -17.34
C ARG H 470 -23.32 53.57 -17.85
N SER H 471 -24.21 52.95 -17.07
CA SER H 471 -24.79 51.68 -17.50
C SER H 471 -25.56 51.84 -18.81
N LEU H 472 -26.33 52.92 -18.92
CA LEU H 472 -27.12 53.16 -20.13
C LEU H 472 -26.21 53.34 -21.34
N ARG H 473 -25.14 54.13 -21.19
CA ARG H 473 -24.22 54.31 -22.30
C ARG H 473 -23.60 52.99 -22.71
N ASN H 474 -23.19 52.18 -21.72
CA ASN H 474 -22.56 50.90 -22.04
C ASN H 474 -23.52 50.00 -22.81
N ARG H 475 -24.77 49.93 -22.36
CA ARG H 475 -25.74 49.05 -23.02
C ARG H 475 -26.09 49.55 -24.42
N GLN H 476 -26.22 50.87 -24.57
CA GLN H 476 -26.44 51.44 -25.90
C GLN H 476 -25.30 51.07 -26.83
N SER H 477 -24.05 51.21 -26.35
CA SER H 477 -22.91 50.88 -27.18
C SER H 477 -22.89 49.40 -27.54
N LEU H 478 -23.22 48.54 -26.58
CA LEU H 478 -23.27 47.11 -26.87
C LEU H 478 -24.25 46.81 -28.00
N PHE H 479 -25.48 47.33 -27.89
CA PHE H 479 -26.48 47.06 -28.92
C PHE H 479 -26.04 47.63 -30.27
N GLN H 480 -25.52 48.85 -30.29
CA GLN H 480 -25.09 49.42 -31.55
C GLN H 480 -23.97 48.61 -32.18
N GLU H 481 -22.97 48.22 -31.38
CA GLU H 481 -21.85 47.46 -31.91
C GLU H 481 -22.29 46.09 -32.41
N GLU H 482 -23.32 45.51 -31.84
CA GLU H 482 -23.86 44.26 -32.36
C GLU H 482 -24.83 44.51 -33.51
N GLY H 483 -25.16 45.75 -33.80
CA GLY H 483 -25.89 46.08 -35.01
C GLY H 483 -27.39 46.11 -34.86
N MET H 484 -27.91 46.20 -33.64
CA MET H 484 -29.35 46.29 -33.47
C MET H 484 -29.88 47.61 -34.03
N LEU H 485 -29.05 48.64 -34.06
CA LEU H 485 -29.47 49.90 -34.69
C LEU H 485 -29.77 49.69 -36.16
N SER H 486 -28.88 48.98 -36.87
CA SER H 486 -29.13 48.70 -38.28
C SER H 486 -30.37 47.84 -38.45
N LEU H 487 -30.62 46.91 -37.53
CA LEU H 487 -31.82 46.08 -37.63
C LEU H 487 -33.07 46.91 -37.47
N VAL H 488 -33.07 47.84 -36.51
CA VAL H 488 -34.24 48.71 -36.32
C VAL H 488 -34.43 49.58 -37.56
N LEU H 489 -33.35 50.11 -38.12
CA LEU H 489 -33.46 50.91 -39.32
C LEU H 489 -34.02 50.09 -40.47
N ASN H 490 -33.60 48.83 -40.59
CA ASN H 490 -34.14 47.98 -41.65
C ASN H 490 -35.63 47.74 -41.46
N CYS H 491 -36.06 47.47 -40.23
CA CYS H 491 -37.48 47.29 -39.98
C CYS H 491 -38.27 48.54 -40.34
N ILE H 492 -37.75 49.72 -39.96
CA ILE H 492 -38.42 50.96 -40.31
C ILE H 492 -38.48 51.12 -41.83
N ASP H 493 -37.40 50.75 -42.53
CA ASP H 493 -37.39 50.85 -43.98
C ASP H 493 -38.48 49.98 -44.59
N ARG H 494 -38.57 48.73 -44.14
CA ARG H 494 -39.57 47.83 -44.71
C ARG H 494 -40.98 48.34 -44.43
N LEU H 495 -41.22 48.84 -43.22
CA LEU H 495 -42.56 49.33 -42.88
C LEU H 495 -42.88 50.68 -43.50
N ASN H 496 -41.87 51.43 -43.96
CA ASN H 496 -42.10 52.74 -44.53
C ASN H 496 -42.66 52.69 -45.96
N VAL H 497 -42.53 51.55 -46.64
CA VAL H 497 -43.01 51.46 -48.02
C VAL H 497 -44.50 51.73 -48.07
N TYR H 498 -45.22 51.43 -47.00
CA TYR H 498 -46.66 51.59 -46.97
C TYR H 498 -47.02 52.92 -46.30
N THR H 499 -47.79 53.73 -47.03
CA THR H 499 -48.09 55.09 -46.60
C THR H 499 -49.12 55.16 -45.49
N THR H 500 -49.94 54.13 -45.31
CA THR H 500 -50.97 54.14 -44.29
C THR H 500 -51.33 52.71 -43.92
N ALA H 501 -52.13 52.59 -42.86
CA ALA H 501 -52.54 51.28 -42.38
C ALA H 501 -53.35 50.54 -43.44
N ALA H 502 -54.21 51.25 -44.18
CA ALA H 502 -54.97 50.61 -45.24
C ALA H 502 -54.06 50.10 -46.35
N HIS H 503 -53.06 50.90 -46.73
CA HIS H 503 -52.13 50.46 -47.75
C HIS H 503 -51.36 49.23 -47.29
N PHE H 504 -50.96 49.20 -46.01
CA PHE H 504 -50.32 48.02 -45.46
C PHE H 504 -51.26 46.82 -45.50
N ALA H 505 -52.53 47.04 -45.15
CA ALA H 505 -53.50 45.96 -45.17
C ALA H 505 -53.63 45.37 -46.56
N GLU H 506 -53.57 46.21 -47.60
CA GLU H 506 -53.64 45.69 -48.96
C GLU H 506 -52.55 44.68 -49.28
N PHE H 507 -51.58 44.48 -48.39
CA PHE H 507 -50.55 43.48 -48.59
C PHE H 507 -50.41 42.48 -47.45
N ALA H 508 -50.82 42.83 -46.23
CA ALA H 508 -50.63 41.98 -45.07
C ALA H 508 -51.91 41.51 -44.41
N GLY H 509 -53.05 42.11 -44.74
CA GLY H 509 -54.31 41.74 -44.12
C GLY H 509 -54.70 42.71 -43.02
N GLU H 510 -56.00 42.76 -42.76
CA GLU H 510 -56.51 43.72 -41.78
C GLU H 510 -55.99 43.44 -40.39
N GLU H 511 -55.90 42.16 -40.01
CA GLU H 511 -55.44 41.83 -38.67
C GLU H 511 -54.02 42.35 -38.43
N ALA H 512 -53.13 42.12 -39.40
CA ALA H 512 -51.78 42.65 -39.27
C ALA H 512 -51.76 44.17 -39.32
N ALA H 513 -52.56 44.76 -40.21
CA ALA H 513 -52.55 46.22 -40.35
C ALA H 513 -53.08 46.91 -39.10
N GLU H 514 -53.80 46.18 -38.26
CA GLU H 514 -54.32 46.77 -37.04
C GLU H 514 -53.21 47.23 -36.10
N SER H 515 -51.98 46.78 -36.34
CA SER H 515 -50.85 47.11 -35.48
C SER H 515 -49.75 47.90 -36.19
N TRP H 516 -49.98 48.32 -37.44
CA TRP H 516 -48.94 48.98 -38.20
C TRP H 516 -48.49 50.28 -37.54
N LYS H 517 -49.45 51.14 -37.21
CA LYS H 517 -49.12 52.44 -36.62
C LYS H 517 -48.40 52.25 -35.28
N GLU H 518 -48.90 51.33 -34.46
CA GLU H 518 -48.26 51.08 -33.16
C GLU H 518 -46.83 50.60 -33.35
N ILE H 519 -46.60 49.69 -34.30
CA ILE H 519 -45.27 49.15 -34.49
C ILE H 519 -44.32 50.24 -34.96
N VAL H 520 -44.75 51.07 -35.91
CA VAL H 520 -43.85 52.11 -36.41
C VAL H 520 -43.54 53.12 -35.31
N ASN H 521 -44.54 53.51 -34.52
CA ASN H 521 -44.27 54.43 -33.42
C ASN H 521 -43.31 53.82 -32.41
N LEU H 522 -43.50 52.54 -32.08
CA LEU H 522 -42.60 51.88 -31.15
C LEU H 522 -41.18 51.80 -31.71
N LEU H 523 -41.05 51.55 -33.01
CA LEU H 523 -39.72 51.48 -33.61
C LEU H 523 -39.01 52.83 -33.52
N TYR H 524 -39.73 53.91 -33.82
CA TYR H 524 -39.10 55.22 -33.70
C TYR H 524 -38.74 55.55 -32.26
N GLU H 525 -39.60 55.18 -31.31
CA GLU H 525 -39.27 55.40 -29.91
C GLU H 525 -38.03 54.62 -29.51
N LEU H 526 -37.92 53.37 -29.98
CA LEU H 526 -36.73 52.58 -29.67
C LEU H 526 -35.48 53.19 -30.29
N LEU H 527 -35.58 53.69 -31.51
CA LEU H 527 -34.43 54.35 -32.13
C LEU H 527 -33.98 55.55 -31.32
N ALA H 528 -34.95 56.36 -30.87
CA ALA H 528 -34.62 57.51 -30.04
C ALA H 528 -33.96 57.07 -28.75
N SER H 529 -34.48 56.00 -28.13
CA SER H 529 -33.89 55.51 -26.89
C SER H 529 -32.47 55.01 -27.10
N LEU H 530 -32.23 54.30 -28.21
CA LEU H 530 -30.89 53.81 -28.51
C LEU H 530 -29.88 54.92 -28.75
N ILE H 531 -30.25 55.99 -29.43
CA ILE H 531 -29.28 57.04 -29.75
C ILE H 531 -29.22 58.15 -28.73
N ARG H 532 -30.23 58.33 -27.88
CA ARG H 532 -30.27 59.50 -27.01
C ARG H 532 -29.03 59.57 -26.13
N GLY H 533 -28.33 60.70 -26.19
CA GLY H 533 -27.18 60.94 -25.35
C GLY H 533 -25.91 60.26 -25.78
N ASN H 534 -25.97 59.42 -26.82
CA ASN H 534 -24.82 58.64 -27.26
C ASN H 534 -24.24 59.30 -28.51
N ARG H 535 -23.06 59.92 -28.37
CA ARG H 535 -22.50 60.68 -29.47
C ARG H 535 -22.16 59.77 -30.65
N THR H 536 -21.65 58.57 -30.40
CA THR H 536 -21.30 57.67 -31.48
C THR H 536 -22.54 57.27 -32.28
N ASN H 537 -23.58 56.80 -31.59
CA ASN H 537 -24.79 56.39 -32.27
C ASN H 537 -25.41 57.56 -33.02
N CYS H 538 -25.40 58.74 -32.43
CA CYS H 538 -25.94 59.90 -33.13
C CYS H 538 -25.12 60.24 -34.37
N ALA H 539 -23.79 60.19 -34.26
CA ALA H 539 -22.93 60.53 -35.38
C ALA H 539 -23.08 59.51 -36.51
N LEU H 540 -23.59 58.32 -36.21
CA LEU H 540 -23.83 57.36 -37.28
C LEU H 540 -24.75 57.91 -38.36
N PHE H 541 -25.60 58.89 -38.05
CA PHE H 541 -26.57 59.41 -39.01
C PHE H 541 -25.97 60.41 -39.98
N SER H 542 -24.69 60.77 -39.82
CA SER H 542 -24.08 61.72 -40.75
C SER H 542 -24.08 61.16 -42.17
N THR H 543 -23.78 59.88 -42.33
CA THR H 543 -23.74 59.30 -43.66
C THR H 543 -25.13 59.32 -44.31
N ASN H 544 -26.17 58.99 -43.57
CA ASN H 544 -27.54 59.03 -44.08
C ASN H 544 -28.39 59.89 -43.13
N LEU H 545 -28.33 61.20 -43.33
CA LEU H 545 -29.29 62.12 -42.74
C LEU H 545 -30.54 62.28 -43.59
N ASP H 546 -30.41 62.25 -44.92
CA ASP H 546 -31.59 62.34 -45.76
C ASP H 546 -32.61 61.28 -45.41
N TRP H 547 -32.15 60.07 -45.05
CA TRP H 547 -33.06 59.01 -44.65
C TRP H 547 -33.97 59.48 -43.54
N LEU H 548 -33.46 60.30 -42.62
CA LEU H 548 -34.27 60.77 -41.50
C LEU H 548 -35.11 61.98 -41.90
N VAL H 549 -34.50 62.98 -42.53
CA VAL H 549 -35.21 64.22 -42.83
C VAL H 549 -36.37 63.97 -43.78
N SER H 550 -36.19 63.06 -44.73
CA SER H 550 -37.25 62.80 -45.71
C SER H 550 -38.50 62.23 -45.07
N LYS H 551 -38.40 61.67 -43.86
CA LYS H 551 -39.53 61.07 -43.18
C LYS H 551 -40.26 62.04 -42.25
N LEU H 552 -39.80 63.28 -42.15
CA LEU H 552 -40.36 64.19 -41.15
C LEU H 552 -41.84 64.45 -41.40
N ASP H 553 -42.27 64.43 -42.65
CA ASP H 553 -43.66 64.77 -42.97
C ASP H 553 -44.60 63.57 -42.86
N ARG H 554 -44.09 62.38 -42.57
CA ARG H 554 -44.96 61.24 -42.34
C ARG H 554 -45.88 61.53 -41.17
N LEU H 555 -47.16 61.21 -41.32
CA LEU H 555 -48.16 61.57 -40.34
C LEU H 555 -48.40 60.49 -39.29
N GLU H 556 -47.86 59.28 -39.46
CA GLU H 556 -48.12 58.23 -38.49
C GLU H 556 -47.27 58.38 -37.24
N ALA H 557 -46.04 58.85 -37.39
CA ALA H 557 -45.10 58.92 -36.28
C ALA H 557 -44.35 60.25 -36.30
N SER H 558 -45.09 61.34 -36.51
CA SER H 558 -44.44 62.65 -36.65
C SER H 558 -43.63 62.99 -35.39
N SER H 559 -44.25 62.86 -34.22
CA SER H 559 -43.55 63.22 -32.99
C SER H 559 -42.34 62.34 -32.76
N GLY H 560 -42.46 61.03 -33.03
CA GLY H 560 -41.33 60.15 -32.84
C GLY H 560 -40.16 60.49 -33.75
N ILE H 561 -40.44 60.76 -35.02
CA ILE H 561 -39.38 61.11 -35.95
C ILE H 561 -38.73 62.43 -35.53
N LEU H 562 -39.55 63.39 -35.09
CA LEU H 562 -38.99 64.66 -34.64
C LEU H 562 -38.10 64.46 -33.42
N GLU H 563 -38.51 63.58 -32.50
CA GLU H 563 -37.68 63.30 -31.33
C GLU H 563 -36.36 62.68 -31.72
N VAL H 564 -36.38 61.74 -32.69
CA VAL H 564 -35.13 61.14 -33.16
C VAL H 564 -34.22 62.22 -33.73
N LEU H 565 -34.77 63.10 -34.55
CA LEU H 565 -33.98 64.18 -35.13
C LEU H 565 -33.41 65.08 -34.05
N TYR H 566 -34.22 65.40 -33.04
CA TYR H 566 -33.75 66.24 -31.95
C TYR H 566 -32.57 65.61 -31.24
N CYS H 567 -32.67 64.32 -30.92
CA CYS H 567 -31.56 63.65 -30.25
C CYS H 567 -30.30 63.70 -31.11
N VAL H 568 -30.44 63.37 -32.40
CA VAL H 568 -29.27 63.35 -33.28
C VAL H 568 -28.61 64.72 -33.33
N LEU H 569 -29.39 65.77 -33.53
CA LEU H 569 -28.81 67.10 -33.66
C LEU H 569 -28.24 67.60 -32.34
N ILE H 570 -28.88 67.27 -31.22
CA ILE H 570 -28.36 67.69 -29.93
C ILE H 570 -27.00 67.07 -29.66
N GLU H 571 -26.81 65.81 -30.04
CA GLU H 571 -25.58 65.12 -29.66
C GLU H 571 -24.45 65.21 -30.67
N SER H 572 -24.75 65.26 -31.98
CA SER H 572 -23.69 65.12 -32.97
C SER H 572 -23.39 66.44 -33.66
N PRO H 573 -22.17 66.98 -33.54
CA PRO H 573 -21.80 68.11 -34.40
C PRO H 573 -21.51 67.71 -35.84
N GLU H 574 -21.12 66.45 -36.06
CA GLU H 574 -20.84 66.00 -37.42
C GLU H 574 -22.06 66.17 -38.31
N VAL H 575 -23.24 65.87 -37.79
CA VAL H 575 -24.47 66.07 -38.56
C VAL H 575 -24.66 67.54 -38.88
N LEU H 576 -24.43 68.41 -37.89
CA LEU H 576 -24.58 69.84 -38.13
C LEU H 576 -23.64 70.32 -39.22
N ASN H 577 -22.46 69.72 -39.34
CA ASN H 577 -21.54 70.13 -40.38
C ASN H 577 -21.97 69.67 -41.76
N ILE H 578 -22.99 68.82 -41.88
CA ILE H 578 -23.47 68.35 -43.17
C ILE H 578 -24.89 68.81 -43.46
N ILE H 579 -25.57 69.44 -42.51
CA ILE H 579 -26.90 69.99 -42.77
C ILE H 579 -26.86 70.81 -44.06
N GLN H 580 -27.97 70.77 -44.81
CA GLN H 580 -28.09 71.44 -46.09
C GLN H 580 -29.36 72.30 -46.13
N GLU H 581 -29.42 73.14 -47.16
CA GLU H 581 -30.56 74.04 -47.32
C GLU H 581 -31.85 73.27 -47.48
N ASN H 582 -31.82 72.16 -48.21
CA ASN H 582 -33.04 71.37 -48.38
C ASN H 582 -33.50 70.78 -47.04
N HIS H 583 -32.56 70.34 -46.20
CA HIS H 583 -32.92 69.85 -44.88
C HIS H 583 -33.57 70.96 -44.05
N ILE H 584 -32.97 72.15 -44.08
CA ILE H 584 -33.53 73.25 -43.30
C ILE H 584 -34.92 73.62 -43.82
N LYS H 585 -35.10 73.61 -45.14
CA LYS H 585 -36.42 73.89 -45.70
C LYS H 585 -37.44 72.85 -45.28
N SER H 586 -37.05 71.56 -45.23
CA SER H 586 -37.98 70.55 -44.75
C SER H 586 -38.35 70.78 -43.29
N ILE H 587 -37.37 71.12 -42.45
CA ILE H 587 -37.67 71.36 -41.04
C ILE H 587 -38.61 72.55 -40.90
N ILE H 588 -38.42 73.58 -41.72
CA ILE H 588 -39.33 74.73 -41.67
C ILE H 588 -40.71 74.35 -42.20
N SER H 589 -40.76 73.49 -43.22
CA SER H 589 -42.04 73.03 -43.71
C SER H 589 -42.79 72.25 -42.64
N LEU H 590 -42.08 71.63 -41.69
CA LEU H 590 -42.77 71.07 -40.54
C LEU H 590 -43.55 72.13 -39.80
N LEU H 591 -42.93 73.28 -39.52
CA LEU H 591 -43.66 74.38 -38.90
C LEU H 591 -44.84 74.79 -39.77
N ASP H 592 -44.63 74.87 -41.08
CA ASP H 592 -45.67 75.35 -41.96
C ASP H 592 -46.88 74.42 -41.99
N LYS H 593 -46.64 73.11 -41.96
CA LYS H 593 -47.69 72.13 -42.23
C LYS H 593 -48.28 71.50 -40.98
N HIS H 594 -47.53 71.38 -39.89
CA HIS H 594 -48.01 70.72 -38.69
C HIS H 594 -48.49 71.66 -37.61
N GLY H 595 -48.18 72.95 -37.71
CA GLY H 595 -48.63 73.93 -36.75
C GLY H 595 -47.47 74.52 -35.97
N ARG H 596 -47.82 75.32 -34.97
CA ARG H 596 -46.84 76.03 -34.16
C ARG H 596 -46.42 75.14 -33.00
N ASN H 597 -45.46 74.27 -33.29
CA ASN H 597 -44.90 73.34 -32.31
C ASN H 597 -43.51 73.83 -31.89
N HIS H 598 -43.32 74.02 -30.59
CA HIS H 598 -42.07 74.59 -30.12
C HIS H 598 -40.91 73.61 -30.20
N LYS H 599 -41.19 72.31 -30.38
CA LYS H 599 -40.08 71.37 -30.55
C LYS H 599 -39.38 71.57 -31.88
N VAL H 600 -40.10 72.00 -32.91
CA VAL H 600 -39.45 72.35 -34.17
C VAL H 600 -38.53 73.55 -33.97
N LEU H 601 -38.97 74.53 -33.17
CA LEU H 601 -38.10 75.65 -32.86
C LEU H 601 -36.87 75.19 -32.09
N ASP H 602 -37.03 74.24 -31.18
CA ASP H 602 -35.89 73.69 -30.47
C ASP H 602 -34.91 73.02 -31.43
N VAL H 603 -35.43 72.26 -32.39
CA VAL H 603 -34.57 71.63 -33.39
C VAL H 603 -33.80 72.69 -34.16
N LEU H 604 -34.49 73.73 -34.60
CA LEU H 604 -33.82 74.80 -35.34
C LEU H 604 -32.75 75.47 -34.49
N CYS H 605 -33.05 75.69 -33.21
CA CYS H 605 -32.05 76.25 -32.30
C CYS H 605 -30.83 75.35 -32.22
N SER H 606 -31.05 74.04 -32.07
CA SER H 606 -29.93 73.12 -31.96
C SER H 606 -29.11 73.08 -33.24
N LEU H 607 -29.73 73.39 -34.38
CA LEU H 607 -28.96 73.45 -35.62
C LEU H 607 -27.94 74.58 -35.63
N CYS H 608 -28.11 75.60 -34.80
CA CYS H 608 -27.26 76.78 -34.89
C CYS H 608 -25.97 76.63 -34.07
N VAL H 609 -26.07 76.08 -32.86
CA VAL H 609 -24.94 75.99 -31.96
C VAL H 609 -24.92 74.60 -31.33
N CYS H 610 -23.72 74.06 -31.16
CA CYS H 610 -23.52 72.77 -30.51
C CYS H 610 -22.20 72.78 -29.76
N ASN H 611 -22.26 72.51 -28.46
CA ASN H 611 -21.06 72.44 -27.62
C ASN H 611 -20.27 73.74 -27.68
N GLY H 612 -20.98 74.87 -27.73
CA GLY H 612 -20.34 76.17 -27.70
C GLY H 612 -19.73 76.62 -28.99
N VAL H 613 -19.98 75.92 -30.09
CA VAL H 613 -19.47 76.29 -31.40
C VAL H 613 -20.65 76.56 -32.32
N ALA H 614 -20.56 77.64 -33.09
CA ALA H 614 -21.65 78.10 -33.94
C ALA H 614 -21.37 77.69 -35.39
N VAL H 615 -22.44 77.34 -36.11
CA VAL H 615 -22.36 76.98 -37.51
C VAL H 615 -22.98 78.13 -38.30
N ARG H 616 -22.11 78.95 -38.89
CA ARG H 616 -22.59 80.15 -39.55
C ARG H 616 -23.49 79.82 -40.74
N SER H 617 -23.15 78.76 -41.47
CA SER H 617 -23.98 78.39 -42.62
C SER H 617 -25.40 78.05 -42.19
N ASN H 618 -25.54 77.25 -41.13
CA ASN H 618 -26.86 76.92 -40.64
C ASN H 618 -27.58 78.16 -40.12
N GLN H 619 -26.88 79.01 -39.39
CA GLN H 619 -27.51 80.23 -38.89
C GLN H 619 -28.06 81.07 -40.04
N ASP H 620 -27.24 81.29 -41.07
CA ASP H 620 -27.66 82.09 -42.20
C ASP H 620 -28.81 81.45 -42.95
N LEU H 621 -28.76 80.13 -43.16
CA LEU H 621 -29.84 79.47 -43.88
C LEU H 621 -31.15 79.57 -43.11
N ILE H 622 -31.12 79.32 -41.80
CA ILE H 622 -32.35 79.44 -41.02
C ILE H 622 -32.88 80.87 -41.10
N THR H 623 -32.01 81.86 -40.90
CA THR H 623 -32.48 83.23 -40.97
C THR H 623 -33.14 83.52 -42.31
N GLU H 624 -32.43 83.26 -43.39
CA GLU H 624 -32.88 83.61 -44.73
C GLU H 624 -34.13 82.86 -45.16
N ASN H 625 -34.33 81.63 -44.69
CA ASN H 625 -35.49 80.86 -45.10
C ASN H 625 -36.66 80.93 -44.13
N LEU H 626 -36.49 81.48 -42.94
CA LEU H 626 -37.58 81.55 -41.98
C LEU H 626 -38.06 82.96 -41.68
N LEU H 627 -37.14 83.93 -41.52
CA LEU H 627 -37.55 85.23 -41.02
C LEU H 627 -38.22 86.11 -42.06
N PRO H 628 -37.64 86.28 -43.26
CA PRO H 628 -38.16 87.32 -44.16
C PRO H 628 -39.63 87.16 -44.53
N GLY H 629 -40.13 85.92 -44.58
CA GLY H 629 -41.52 85.72 -44.95
C GLY H 629 -42.49 86.38 -44.00
N ARG H 630 -42.19 86.36 -42.71
CA ARG H 630 -43.06 86.93 -41.68
C ARG H 630 -44.45 86.32 -41.76
N GLU H 631 -44.50 85.00 -41.87
CA GLU H 631 -45.77 84.29 -41.96
C GLU H 631 -45.92 83.14 -40.98
N LEU H 632 -44.84 82.65 -40.36
CA LEU H 632 -44.92 81.55 -39.41
C LEU H 632 -44.72 82.01 -37.97
N LEU H 633 -43.63 82.72 -37.70
CA LEU H 633 -43.41 83.25 -36.36
C LEU H 633 -44.35 84.41 -36.07
N LEU H 634 -44.76 84.52 -34.82
CA LEU H 634 -45.61 85.62 -34.41
C LEU H 634 -44.83 86.93 -34.47
N GLN H 635 -45.48 87.98 -34.96
CA GLN H 635 -44.84 89.27 -35.15
C GLN H 635 -45.22 90.22 -34.01
N THR H 636 -44.30 91.12 -33.68
CA THR H 636 -44.51 92.08 -32.61
C THR H 636 -44.18 93.48 -33.11
N ASN H 637 -44.79 94.47 -32.47
CA ASN H 637 -44.60 95.86 -32.84
C ASN H 637 -45.33 96.74 -31.85
N LEU H 638 -44.88 97.98 -31.71
CA LEU H 638 -45.53 98.96 -30.84
C LEU H 638 -46.54 99.73 -31.67
N ILE H 639 -47.77 99.85 -31.17
CA ILE H 639 -48.84 100.54 -31.88
C ILE H 639 -49.51 101.52 -30.93
N ASN H 640 -50.14 102.53 -31.51
CA ASN H 640 -50.87 103.51 -30.74
C ASN H 640 -52.26 102.99 -30.39
N TYR H 641 -52.73 103.35 -29.20
CA TYR H 641 -54.13 103.14 -28.86
C TYR H 641 -55.00 104.11 -29.64
N VAL H 642 -56.12 103.62 -30.15
CA VAL H 642 -57.03 104.41 -30.96
C VAL H 642 -58.42 104.28 -30.37
N THR H 643 -59.16 105.39 -30.35
CA THR H 643 -60.49 105.43 -29.76
C THR H 643 -61.40 106.26 -30.64
N SER H 644 -62.71 105.99 -30.52
CA SER H 644 -63.73 106.61 -31.36
C SER H 644 -64.65 107.45 -30.50
N ILE H 645 -65.16 108.53 -31.08
CA ILE H 645 -66.10 109.42 -30.41
C ILE H 645 -67.20 109.77 -31.41
N ARG H 646 -68.44 109.81 -30.90
CA ARG H 646 -69.61 110.12 -31.69
C ARG H 646 -70.53 111.04 -30.91
N PRO H 647 -71.33 111.86 -31.59
CA PRO H 647 -72.51 112.42 -30.94
C PRO H 647 -73.62 111.40 -30.87
N ASN H 648 -74.55 111.62 -29.95
CA ASN H 648 -75.68 110.70 -29.83
C ASN H 648 -76.72 111.01 -30.89
N ILE H 649 -76.34 110.86 -32.15
CA ILE H 649 -77.22 111.09 -33.29
C ILE H 649 -77.30 109.80 -34.09
N PHE H 650 -78.51 109.30 -34.29
CA PHE H 650 -78.74 108.02 -34.95
C PHE H 650 -79.78 108.20 -36.04
N VAL H 651 -79.46 107.75 -37.25
CA VAL H 651 -80.34 107.87 -38.40
C VAL H 651 -80.26 106.58 -39.20
N GLY H 652 -81.41 106.18 -39.74
CA GLY H 652 -81.48 104.96 -40.52
C GLY H 652 -82.63 105.01 -41.50
N ARG H 653 -82.85 103.87 -42.16
CA ARG H 653 -83.92 103.72 -43.13
C ARG H 653 -84.69 102.44 -42.85
N ALA H 654 -86.00 102.50 -42.97
CA ALA H 654 -86.84 101.32 -42.90
C ALA H 654 -88.16 101.62 -43.59
N GLU H 655 -88.85 100.57 -44.02
CA GLU H 655 -90.12 100.73 -44.70
C GLU H 655 -91.13 101.40 -43.76
N GLY H 656 -91.56 102.61 -44.12
CA GLY H 656 -92.49 103.34 -43.29
C GLY H 656 -91.88 104.00 -42.07
N SER H 657 -90.57 104.18 -42.05
CA SER H 657 -89.91 104.83 -40.92
C SER H 657 -90.24 106.32 -40.91
N THR H 658 -90.07 106.93 -39.74
CA THR H 658 -90.37 108.34 -39.55
C THR H 658 -89.14 109.22 -39.65
N GLN H 659 -88.02 108.68 -40.12
CA GLN H 659 -86.74 109.35 -40.10
C GLN H 659 -86.41 109.92 -41.48
N TYR H 660 -85.86 111.12 -41.51
CA TYR H 660 -85.43 111.73 -42.75
C TYR H 660 -84.25 110.95 -43.34
N GLY H 661 -84.03 111.13 -44.64
CA GLY H 661 -83.07 110.30 -45.35
C GLY H 661 -81.68 110.89 -45.51
N LYS H 662 -81.59 112.20 -45.69
CA LYS H 662 -80.33 112.84 -46.03
C LYS H 662 -79.82 113.65 -44.83
N TRP H 663 -78.54 113.46 -44.50
CA TRP H 663 -77.95 114.09 -43.33
C TRP H 663 -76.56 114.62 -43.66
N TYR H 664 -76.12 115.61 -42.87
CA TYR H 664 -74.91 116.35 -43.15
C TYR H 664 -74.28 116.81 -41.84
N PHE H 665 -72.96 116.70 -41.73
CA PHE H 665 -72.27 117.27 -40.59
C PHE H 665 -70.84 117.64 -41.00
N GLU H 666 -70.12 118.27 -40.07
CA GLU H 666 -68.77 118.73 -40.35
C GLU H 666 -67.86 118.47 -39.16
N VAL H 667 -66.57 118.36 -39.44
CA VAL H 667 -65.54 118.23 -38.41
C VAL H 667 -64.41 119.19 -38.77
N MET H 668 -64.05 120.05 -37.83
CA MET H 668 -62.97 121.01 -38.04
C MET H 668 -61.79 120.60 -37.16
N VAL H 669 -60.60 120.58 -37.75
CA VAL H 669 -59.41 120.08 -37.07
C VAL H 669 -58.60 121.28 -36.58
N ASP H 670 -58.44 121.39 -35.26
CA ASP H 670 -57.70 122.51 -34.67
C ASP H 670 -56.22 122.20 -34.52
N GLU H 671 -55.88 121.06 -33.93
CA GLU H 671 -54.49 120.68 -33.71
C GLU H 671 -54.28 119.22 -34.05
N VAL H 672 -53.15 118.93 -34.69
CA VAL H 672 -52.73 117.57 -34.95
C VAL H 672 -51.21 117.49 -34.87
N ALA H 673 -50.71 116.60 -34.03
CA ALA H 673 -49.28 116.33 -34.00
C ALA H 673 -49.03 115.13 -34.89
N PRO H 674 -48.42 115.31 -36.07
CA PRO H 674 -48.32 114.18 -37.00
C PRO H 674 -47.65 112.95 -36.41
N PHE H 675 -46.60 113.16 -35.60
CA PHE H 675 -45.91 112.06 -34.96
C PHE H 675 -45.71 112.39 -33.48
N LEU H 676 -46.72 112.11 -32.68
CA LEU H 676 -46.56 112.24 -31.23
C LEU H 676 -45.77 111.07 -30.67
N THR H 677 -45.86 109.91 -31.31
CA THR H 677 -45.05 108.75 -31.02
C THR H 677 -44.39 108.29 -32.33
N ALA H 678 -43.75 107.12 -32.28
CA ALA H 678 -43.08 106.61 -33.47
C ALA H 678 -44.04 106.22 -34.58
N GLN H 679 -45.32 106.04 -34.27
CA GLN H 679 -46.33 105.71 -35.27
C GLN H 679 -47.13 106.95 -35.64
N ALA H 680 -47.50 107.03 -36.91
CA ALA H 680 -48.23 108.19 -37.40
C ALA H 680 -49.54 108.37 -36.66
N THR H 681 -49.88 109.61 -36.37
CA THR H 681 -51.12 109.89 -35.64
C THR H 681 -52.32 109.46 -36.46
N HIS H 682 -53.29 108.87 -35.77
CA HIS H 682 -54.52 108.38 -36.37
C HIS H 682 -55.59 109.44 -36.25
N LEU H 683 -56.25 109.76 -37.38
CA LEU H 683 -57.36 110.69 -37.37
C LEU H 683 -58.22 110.41 -38.61
N ARG H 684 -59.42 109.89 -38.40
CA ARG H 684 -60.35 109.59 -39.48
C ARG H 684 -61.74 110.07 -39.10
N VAL H 685 -62.49 110.53 -40.11
CA VAL H 685 -63.84 111.04 -39.90
C VAL H 685 -64.79 110.29 -40.82
N GLY H 686 -66.00 110.01 -40.35
CA GLY H 686 -66.97 109.38 -41.23
C GLY H 686 -68.19 108.90 -40.49
N TRP H 687 -68.79 107.84 -41.04
CA TRP H 687 -70.03 107.29 -40.52
C TRP H 687 -69.81 105.84 -40.10
N ALA H 688 -70.68 105.35 -39.22
CA ALA H 688 -70.60 103.97 -38.76
C ALA H 688 -71.99 103.47 -38.45
N LEU H 689 -72.14 102.15 -38.45
CA LEU H 689 -73.43 101.50 -38.22
C LEU H 689 -73.54 101.11 -36.76
N SER H 690 -74.71 101.38 -36.17
CA SER H 690 -74.90 101.18 -34.73
C SER H 690 -74.47 99.79 -34.31
N GLU H 691 -75.13 98.77 -34.83
CA GLU H 691 -74.84 97.38 -34.45
C GLU H 691 -73.76 96.84 -35.37
N GLY H 692 -72.56 96.69 -34.83
CA GLY H 692 -71.47 96.09 -35.57
C GLY H 692 -70.17 96.86 -35.43
N TYR H 693 -70.26 98.17 -35.30
CA TYR H 693 -69.09 99.01 -35.07
C TYR H 693 -68.78 98.99 -33.59
N SER H 694 -67.89 98.09 -33.18
CA SER H 694 -67.51 97.92 -31.78
C SER H 694 -66.00 97.80 -31.69
N PRO H 695 -65.29 98.90 -31.90
CA PRO H 695 -63.82 98.88 -31.80
C PRO H 695 -63.39 98.93 -30.34
N TYR H 696 -62.86 97.82 -29.84
CA TYR H 696 -62.45 97.79 -28.45
C TYR H 696 -61.02 98.30 -28.30
N PRO H 697 -60.67 98.92 -27.18
CA PRO H 697 -59.28 99.37 -27.01
C PRO H 697 -58.31 98.19 -27.09
N GLY H 698 -57.17 98.42 -27.72
CA GLY H 698 -56.14 97.40 -27.79
C GLY H 698 -55.89 96.88 -29.18
N GLY H 699 -55.94 95.57 -29.34
CA GLY H 699 -55.64 94.96 -30.62
C GLY H 699 -56.87 94.30 -31.22
N GLY H 700 -57.07 94.55 -32.51
CA GLY H 700 -58.17 93.95 -33.24
C GLY H 700 -57.74 93.42 -34.58
N GLU H 701 -58.40 93.86 -35.64
CA GLU H 701 -58.07 93.40 -36.98
C GLU H 701 -56.74 93.98 -37.44
N GLY H 702 -56.03 93.24 -38.26
CA GLY H 702 -54.77 93.74 -38.80
C GLY H 702 -53.76 93.94 -37.70
N TRP H 703 -53.22 95.15 -37.61
CA TRP H 703 -52.22 95.50 -36.61
C TRP H 703 -52.80 96.39 -35.52
N GLY H 704 -54.06 96.20 -35.19
CA GLY H 704 -54.68 96.94 -34.12
C GLY H 704 -54.95 98.38 -34.51
N GLY H 705 -55.22 99.19 -33.48
CA GLY H 705 -55.53 100.58 -33.70
C GLY H 705 -56.72 100.75 -34.63
N ASN H 706 -57.78 100.02 -34.35
CA ASN H 706 -58.94 100.00 -35.24
C ASN H 706 -59.81 101.23 -35.01
N GLY H 707 -60.15 101.91 -36.08
CA GLY H 707 -61.00 103.08 -36.02
C GLY H 707 -62.02 103.08 -37.14
N VAL H 708 -62.40 104.26 -37.62
CA VAL H 708 -63.38 104.34 -38.69
C VAL H 708 -62.79 103.72 -39.95
N GLY H 709 -63.54 102.82 -40.57
CA GLY H 709 -63.14 102.20 -41.82
C GLY H 709 -62.33 100.93 -41.67
N ASP H 710 -62.03 100.49 -40.45
CA ASP H 710 -61.27 99.28 -40.24
C ASP H 710 -62.15 98.04 -40.17
N ASP H 711 -63.43 98.17 -40.52
CA ASP H 711 -64.32 97.04 -40.65
C ASP H 711 -65.42 97.44 -41.63
N LEU H 712 -66.24 96.47 -42.02
CA LEU H 712 -67.29 96.71 -42.99
C LEU H 712 -68.55 97.29 -42.37
N TYR H 713 -68.43 97.87 -41.18
CA TYR H 713 -69.53 98.58 -40.54
C TYR H 713 -69.32 100.08 -40.49
N SER H 714 -68.13 100.55 -40.87
CA SER H 714 -67.81 101.97 -40.80
C SER H 714 -67.14 102.39 -42.10
N TYR H 715 -67.29 103.67 -42.43
CA TYR H 715 -66.79 104.24 -43.66
C TYR H 715 -66.16 105.57 -43.32
N GLY H 716 -64.84 105.69 -43.56
CA GLY H 716 -64.08 106.82 -43.08
C GLY H 716 -63.26 107.47 -44.17
N PHE H 717 -62.75 108.66 -43.84
CA PHE H 717 -61.93 109.46 -44.72
C PHE H 717 -60.83 110.06 -43.87
N ASP H 718 -59.58 110.01 -44.37
CA ASP H 718 -58.46 110.52 -43.60
C ASP H 718 -57.69 111.63 -44.31
N GLY H 719 -58.30 112.32 -45.27
CA GLY H 719 -57.66 113.37 -46.01
C GLY H 719 -57.05 112.90 -47.32
N LEU H 720 -56.50 111.70 -47.33
CA LEU H 720 -55.92 111.10 -48.53
C LEU H 720 -56.61 109.84 -48.97
N HIS H 721 -57.19 109.07 -48.06
CA HIS H 721 -57.74 107.77 -48.37
C HIS H 721 -59.17 107.68 -47.87
N LEU H 722 -59.97 106.91 -48.61
CA LEU H 722 -61.24 106.39 -48.14
C LEU H 722 -60.97 105.02 -47.50
N TRP H 723 -61.40 104.86 -46.26
CA TRP H 723 -61.10 103.69 -45.46
C TRP H 723 -62.37 102.87 -45.27
N THR H 724 -62.30 101.59 -45.61
CA THR H 724 -63.40 100.68 -45.30
C THR H 724 -62.89 99.25 -45.37
N GLY H 725 -63.43 98.40 -44.50
CA GLY H 725 -63.00 97.02 -44.46
C GLY H 725 -61.53 96.85 -44.17
N HIS H 726 -60.92 97.80 -43.47
CA HIS H 726 -59.49 97.81 -43.18
C HIS H 726 -58.64 97.99 -44.43
N VAL H 727 -59.23 98.50 -45.50
CA VAL H 727 -58.52 98.80 -46.73
C VAL H 727 -58.60 100.30 -46.97
N ALA H 728 -57.45 100.89 -47.30
CA ALA H 728 -57.36 102.30 -47.61
C ALA H 728 -57.22 102.47 -49.11
N ARG H 729 -58.11 103.25 -49.71
CA ARG H 729 -58.07 103.48 -51.15
C ARG H 729 -57.81 104.95 -51.40
N PRO H 730 -56.72 105.33 -52.07
CA PRO H 730 -56.45 106.75 -52.28
C PRO H 730 -57.57 107.41 -53.05
N VAL H 731 -57.90 108.64 -52.67
CA VAL H 731 -58.98 109.39 -53.30
C VAL H 731 -58.45 110.77 -53.66
N THR H 732 -58.67 111.16 -54.92
CA THR H 732 -58.17 112.43 -55.41
C THR H 732 -58.95 113.58 -54.81
N SER H 733 -58.29 114.72 -54.64
CA SER H 733 -58.91 115.91 -54.10
C SER H 733 -58.00 117.09 -54.39
N PRO H 734 -58.55 118.27 -54.66
CA PRO H 734 -57.70 119.45 -54.89
C PRO H 734 -56.80 119.75 -53.69
N GLY H 735 -55.49 119.71 -53.89
CA GLY H 735 -54.57 119.93 -52.80
C GLY H 735 -54.60 118.82 -51.78
N GLN H 736 -54.26 117.60 -52.22
CA GLN H 736 -54.29 116.45 -51.32
C GLN H 736 -53.34 116.66 -50.14
N HIS H 737 -53.79 116.25 -48.96
CA HIS H 737 -52.90 116.19 -47.81
C HIS H 737 -53.63 115.52 -46.66
N LEU H 738 -52.88 114.84 -45.82
CA LEU H 738 -53.44 114.26 -44.61
C LEU H 738 -54.07 115.35 -43.76
N LEU H 739 -55.18 115.03 -43.12
CA LEU H 739 -55.90 116.00 -42.29
C LEU H 739 -54.94 116.78 -41.42
N ALA H 740 -54.95 118.10 -41.58
CA ALA H 740 -54.04 119.00 -40.89
C ALA H 740 -54.85 120.08 -40.19
N PRO H 741 -54.23 120.87 -39.33
CA PRO H 741 -54.97 121.90 -38.61
C PRO H 741 -55.68 122.85 -39.57
N GLU H 742 -56.87 123.28 -39.16
CA GLU H 742 -57.73 124.22 -39.90
C GLU H 742 -58.40 123.56 -41.10
N ASP H 743 -58.43 122.24 -41.17
CA ASP H 743 -59.14 121.53 -42.21
C ASP H 743 -60.57 121.29 -41.78
N VAL H 744 -61.51 121.45 -42.71
CA VAL H 744 -62.92 121.21 -42.46
C VAL H 744 -63.35 120.06 -43.37
N VAL H 745 -63.78 118.97 -42.76
CA VAL H 745 -64.31 117.83 -43.49
C VAL H 745 -65.82 117.85 -43.38
N SER H 746 -66.50 117.84 -44.51
CA SER H 746 -67.95 117.83 -44.57
C SER H 746 -68.40 116.44 -45.03
N CYS H 747 -69.22 115.79 -44.21
CA CYS H 747 -69.70 114.45 -44.49
C CYS H 747 -71.18 114.49 -44.81
N CYS H 748 -71.55 113.85 -45.92
CA CYS H 748 -72.92 113.78 -46.41
C CYS H 748 -73.34 112.32 -46.49
N LEU H 749 -74.51 112.00 -45.95
CA LEU H 749 -75.06 110.65 -45.98
C LEU H 749 -76.44 110.70 -46.60
N ASP H 750 -76.61 110.05 -47.75
CA ASP H 750 -77.90 109.95 -48.43
C ASP H 750 -78.34 108.50 -48.35
N LEU H 751 -79.30 108.21 -47.50
CA LEU H 751 -79.74 106.83 -47.29
C LEU H 751 -80.62 106.33 -48.41
N SER H 752 -81.02 107.17 -49.36
CA SER H 752 -81.85 106.74 -50.47
C SER H 752 -81.10 105.89 -51.47
N VAL H 753 -79.84 106.21 -51.76
CA VAL H 753 -79.09 105.55 -52.82
C VAL H 753 -78.75 104.12 -52.42
N PRO H 754 -78.07 103.88 -51.28
CA PRO H 754 -77.44 104.77 -50.31
C PRO H 754 -76.02 105.16 -50.69
N SER H 755 -75.54 106.29 -50.17
CA SER H 755 -74.22 106.78 -50.52
C SER H 755 -73.69 107.66 -49.41
N ILE H 756 -72.36 107.70 -49.28
CA ILE H 756 -71.66 108.58 -48.36
C ILE H 756 -70.62 109.35 -49.17
N SER H 757 -70.61 110.66 -49.01
CA SER H 757 -69.69 111.51 -49.76
C SER H 757 -69.02 112.51 -48.82
N PHE H 758 -67.89 113.04 -49.27
CA PHE H 758 -67.06 113.91 -48.46
C PHE H 758 -66.72 115.17 -49.24
N ARG H 759 -66.36 116.21 -48.49
CA ARG H 759 -65.86 117.45 -49.07
C ARG H 759 -64.78 117.98 -48.13
N ILE H 760 -63.62 118.31 -48.67
CA ILE H 760 -62.50 118.81 -47.86
C ILE H 760 -62.32 120.29 -48.16
N ASN H 761 -62.56 121.12 -47.15
CA ASN H 761 -62.47 122.57 -47.28
C ASN H 761 -63.33 123.06 -48.44
N GLY H 762 -64.50 122.42 -48.61
CA GLY H 762 -65.42 122.75 -49.67
C GLY H 762 -65.11 122.11 -51.01
N CYS H 763 -63.90 121.59 -51.19
CA CYS H 763 -63.55 120.95 -52.45
C CYS H 763 -64.06 119.51 -52.46
N PRO H 764 -64.79 119.08 -53.49
CA PRO H 764 -65.32 117.72 -53.50
C PRO H 764 -64.22 116.69 -53.44
N VAL H 765 -64.45 115.62 -52.68
CA VAL H 765 -63.56 114.47 -52.67
C VAL H 765 -64.05 113.48 -53.71
N GLN H 766 -63.19 113.14 -54.67
CA GLN H 766 -63.59 112.37 -55.84
C GLN H 766 -63.66 110.88 -55.50
N GLY H 767 -64.62 110.55 -54.65
CA GLY H 767 -64.88 109.17 -54.28
C GLY H 767 -66.13 109.04 -53.44
N VAL H 768 -66.77 107.88 -53.47
CA VAL H 768 -68.00 107.67 -52.73
C VAL H 768 -68.11 106.22 -52.28
N PHE H 769 -68.75 106.02 -51.14
CA PHE H 769 -69.23 104.73 -50.69
C PHE H 769 -70.68 104.61 -51.14
N GLU H 770 -71.10 103.42 -51.54
CA GLU H 770 -72.47 103.22 -51.95
C GLU H 770 -72.86 101.76 -51.82
N SER H 771 -74.17 101.52 -51.92
CA SER H 771 -74.74 100.17 -51.91
C SER H 771 -74.21 99.35 -50.74
N PHE H 772 -74.26 99.96 -49.56
CA PHE H 772 -73.89 99.27 -48.33
C PHE H 772 -75.15 98.82 -47.59
N ASN H 773 -74.95 98.01 -46.56
CA ASN H 773 -76.08 97.47 -45.82
C ASN H 773 -76.77 98.56 -45.02
N LEU H 774 -78.09 98.41 -44.86
CA LEU H 774 -78.93 99.39 -44.18
C LEU H 774 -79.76 98.73 -43.09
N ASP H 775 -79.12 97.88 -42.28
CA ASP H 775 -79.83 97.14 -41.25
C ASP H 775 -79.46 97.66 -39.87
N GLY H 776 -79.32 98.98 -39.75
CA GLY H 776 -79.02 99.57 -38.47
C GLY H 776 -79.13 101.08 -38.55
N LEU H 777 -78.70 101.74 -37.47
CA LEU H 777 -78.70 103.18 -37.40
C LEU H 777 -77.27 103.71 -37.61
N PHE H 778 -77.16 104.78 -38.37
CA PHE H 778 -75.88 105.40 -38.67
C PHE H 778 -75.66 106.59 -37.76
N PHE H 779 -74.40 106.79 -37.34
CA PHE H 779 -74.07 107.92 -36.51
C PHE H 779 -72.75 108.54 -36.98
N PRO H 780 -72.58 109.86 -36.86
CA PRO H 780 -71.28 110.45 -37.13
C PRO H 780 -70.24 109.92 -36.15
N VAL H 781 -68.99 109.82 -36.61
CA VAL H 781 -67.93 109.29 -35.77
C VAL H 781 -66.59 109.84 -36.23
N VAL H 782 -65.70 110.04 -35.27
CA VAL H 782 -64.30 110.32 -35.53
C VAL H 782 -63.47 109.35 -34.71
N SER H 783 -62.51 108.70 -35.35
CA SER H 783 -61.56 107.83 -34.65
C SER H 783 -60.20 108.51 -34.66
N PHE H 784 -59.47 108.33 -33.56
CA PHE H 784 -58.23 109.09 -33.42
C PHE H 784 -57.31 108.39 -32.42
N SER H 785 -56.04 108.75 -32.51
CA SER H 785 -55.04 108.43 -31.51
C SER H 785 -54.67 109.71 -30.76
N ALA H 786 -53.82 109.57 -29.76
CA ALA H 786 -53.45 110.71 -28.95
C ALA H 786 -52.74 111.76 -29.80
N GLY H 787 -52.99 113.02 -29.47
CA GLY H 787 -52.39 114.14 -30.16
C GLY H 787 -53.30 114.90 -31.09
N ILE H 788 -54.59 115.00 -30.78
CA ILE H 788 -55.53 115.70 -31.64
C ILE H 788 -56.41 116.63 -30.82
N LYS H 789 -57.00 117.59 -31.53
CA LYS H 789 -58.08 118.41 -31.00
C LYS H 789 -58.96 118.77 -32.20
N VAL H 790 -60.21 118.33 -32.17
CA VAL H 790 -61.14 118.55 -33.28
C VAL H 790 -62.47 119.03 -32.71
N ARG H 791 -63.37 119.42 -33.60
CA ARG H 791 -64.68 119.90 -33.21
C ARG H 791 -65.72 119.43 -34.20
N PHE H 792 -66.75 118.74 -33.70
CA PHE H 792 -67.96 118.47 -34.47
C PHE H 792 -68.75 119.76 -34.63
N LEU H 793 -69.13 120.04 -35.88
CA LEU H 793 -70.09 121.08 -36.20
C LEU H 793 -71.34 120.40 -36.72
N LEU H 794 -72.43 120.47 -35.96
CA LEU H 794 -73.66 119.77 -36.28
C LEU H 794 -74.77 120.72 -36.70
N GLY H 795 -74.48 122.01 -36.83
CA GLY H 795 -75.47 122.99 -37.24
C GLY H 795 -76.26 123.54 -36.06
N GLY H 796 -77.10 124.52 -36.38
CA GLY H 796 -77.92 125.13 -35.35
C GLY H 796 -77.05 125.74 -34.26
N ARG H 797 -77.42 125.47 -33.01
CA ARG H 797 -76.67 125.94 -31.86
C ARG H 797 -75.57 124.99 -31.44
N HIS H 798 -75.27 123.99 -32.26
CA HIS H 798 -74.27 122.97 -31.94
C HIS H 798 -73.15 122.98 -32.96
N GLY H 799 -72.67 124.16 -33.31
CA GLY H 799 -71.60 124.29 -34.27
C GLY H 799 -72.09 124.82 -35.61
N GLU H 800 -71.73 126.06 -35.91
CA GLU H 800 -72.16 126.69 -37.15
C GLU H 800 -71.37 126.14 -38.32
N PHE H 801 -72.07 125.69 -39.36
CA PHE H 801 -71.40 125.11 -40.51
C PHE H 801 -70.52 126.15 -41.20
N LYS H 802 -69.34 125.71 -41.65
CA LYS H 802 -68.48 126.57 -42.44
C LYS H 802 -68.84 126.59 -43.91
N PHE H 803 -69.54 125.56 -44.39
CA PHE H 803 -69.99 125.48 -45.77
C PHE H 803 -71.46 125.10 -45.81
N LEU H 804 -72.13 125.54 -46.87
CA LEU H 804 -73.56 125.32 -46.97
C LEU H 804 -73.83 123.84 -47.25
N PRO H 805 -74.73 123.19 -46.52
CA PRO H 805 -75.05 121.80 -46.81
C PRO H 805 -75.61 121.65 -48.22
N PRO H 806 -75.31 120.56 -48.90
CA PRO H 806 -75.83 120.37 -50.25
C PRO H 806 -77.35 120.34 -50.24
N PRO H 807 -78.00 120.76 -51.34
CA PRO H 807 -79.46 120.86 -51.33
C PRO H 807 -80.15 119.58 -50.92
N GLY H 808 -81.01 119.66 -49.90
CA GLY H 808 -81.82 118.55 -49.44
C GLY H 808 -81.31 117.91 -48.17
N TYR H 809 -80.01 117.99 -47.90
CA TYR H 809 -79.46 117.38 -46.71
C TYR H 809 -79.81 118.20 -45.47
N ALA H 810 -79.95 117.51 -44.35
CA ALA H 810 -80.37 118.15 -43.11
C ALA H 810 -79.23 118.18 -42.10
N PRO H 811 -79.11 119.25 -41.32
CA PRO H 811 -78.10 119.26 -40.25
C PRO H 811 -78.34 118.11 -39.27
N CYS H 812 -77.24 117.52 -38.78
CA CYS H 812 -77.37 116.37 -37.91
C CYS H 812 -77.92 116.74 -36.53
N HIS H 813 -77.86 118.01 -36.14
CA HIS H 813 -78.42 118.38 -34.85
C HIS H 813 -79.92 118.18 -34.78
N GLU H 814 -80.59 118.01 -35.92
CA GLU H 814 -82.02 117.78 -35.96
C GLU H 814 -82.40 116.34 -35.66
N ALA H 815 -81.43 115.43 -35.62
CA ALA H 815 -81.71 114.01 -35.43
C ALA H 815 -81.67 113.59 -33.97
N VAL H 816 -81.47 114.52 -33.05
CA VAL H 816 -81.43 114.15 -31.63
C VAL H 816 -82.83 113.81 -31.18
N LEU H 817 -82.98 112.66 -30.51
CA LEU H 817 -84.29 112.16 -30.17
C LEU H 817 -84.92 113.03 -29.08
N PRO H 818 -86.25 113.00 -28.96
CA PRO H 818 -86.91 113.90 -28.00
C PRO H 818 -86.47 113.69 -26.56
N ARG H 819 -86.19 112.44 -26.17
CA ARG H 819 -85.90 112.11 -24.78
C ARG H 819 -84.44 112.32 -24.42
N GLU H 820 -83.62 112.77 -25.36
CA GLU H 820 -82.19 112.84 -25.16
C GLU H 820 -81.69 114.26 -25.39
N ARG H 821 -80.50 114.52 -24.87
CA ARG H 821 -79.81 115.80 -25.03
C ARG H 821 -78.51 115.56 -25.77
N LEU H 822 -78.21 116.43 -26.72
CA LEU H 822 -77.03 116.23 -27.56
C LEU H 822 -75.76 116.30 -26.73
N HIS H 823 -74.85 115.36 -26.99
CA HIS H 823 -73.55 115.35 -26.34
C HIS H 823 -72.67 114.31 -27.04
N LEU H 824 -71.40 114.29 -26.67
CA LEU H 824 -70.45 113.35 -27.24
C LEU H 824 -70.18 112.22 -26.25
N GLN H 825 -70.11 111.00 -26.76
CA GLN H 825 -69.95 109.81 -25.93
C GLN H 825 -69.00 108.85 -26.62
N PRO H 826 -68.39 107.95 -25.85
CA PRO H 826 -67.66 106.83 -26.47
C PRO H 826 -68.64 105.80 -27.02
N ILE H 827 -68.08 104.74 -27.60
CA ILE H 827 -68.85 103.69 -28.24
C ILE H 827 -68.50 102.36 -27.60
N LYS H 828 -69.54 101.64 -27.14
CA LYS H 828 -69.39 100.29 -26.61
C LYS H 828 -68.27 100.23 -25.57
N GLU H 829 -68.41 101.07 -24.55
CA GLU H 829 -67.43 101.14 -23.47
C GLU H 829 -67.78 100.11 -22.40
N TYR H 830 -66.75 99.40 -21.94
CA TYR H 830 -66.88 98.51 -20.79
C TYR H 830 -66.24 99.09 -19.55
N ARG H 831 -65.90 100.37 -19.56
CA ARG H 831 -65.10 100.95 -18.50
C ARG H 831 -65.24 102.47 -18.57
N ARG H 832 -65.27 103.10 -17.41
CA ARG H 832 -65.27 104.55 -17.36
C ARG H 832 -64.69 104.99 -16.02
N GLU H 833 -64.51 106.30 -15.88
CA GLU H 833 -64.02 106.85 -14.61
C GLU H 833 -65.19 107.30 -13.75
N GLY H 834 -64.95 107.35 -12.43
CA GLY H 834 -65.95 107.80 -11.51
C GLY H 834 -65.34 108.27 -10.20
N PRO H 835 -66.18 108.83 -9.33
CA PRO H 835 -65.64 109.59 -8.18
C PRO H 835 -64.63 108.81 -7.37
N ARG H 836 -64.86 107.51 -7.16
CA ARG H 836 -63.98 106.71 -6.31
C ARG H 836 -63.09 105.76 -7.10
N GLY H 837 -63.17 105.77 -8.43
CA GLY H 837 -62.36 104.87 -9.22
C GLY H 837 -63.02 104.48 -10.52
N PRO H 838 -62.47 103.47 -11.20
CA PRO H 838 -63.06 103.03 -12.46
C PRO H 838 -64.34 102.24 -12.23
N HIS H 839 -65.38 102.59 -13.00
CA HIS H 839 -66.62 101.85 -13.04
C HIS H 839 -66.59 100.88 -14.21
N LEU H 840 -67.02 99.64 -13.93
CA LEU H 840 -67.25 98.66 -14.98
C LEU H 840 -68.67 98.80 -15.49
N VAL H 841 -68.82 98.69 -16.81
CA VAL H 841 -70.08 98.97 -17.49
C VAL H 841 -70.51 97.74 -18.27
N GLY H 842 -71.80 97.43 -18.21
CA GLY H 842 -72.36 96.34 -18.98
C GLY H 842 -72.76 96.81 -20.36
N PRO H 843 -73.27 95.90 -21.18
CA PRO H 843 -73.63 96.26 -22.54
C PRO H 843 -74.63 97.40 -22.57
N SER H 844 -74.57 98.20 -23.62
CA SER H 844 -75.49 99.32 -23.80
C SER H 844 -76.63 98.88 -24.71
N ARG H 845 -77.85 99.21 -24.29
CA ARG H 845 -79.03 98.90 -25.10
C ARG H 845 -79.14 99.92 -26.23
N CYS H 846 -79.16 99.44 -27.46
CA CYS H 846 -79.13 100.28 -28.64
C CYS H 846 -80.44 100.17 -29.40
N LEU H 847 -80.87 101.30 -29.95
CA LEU H 847 -82.07 101.31 -30.77
C LEU H 847 -81.82 100.61 -32.10
N SER H 848 -82.90 100.17 -32.74
CA SER H 848 -82.85 99.57 -34.05
C SER H 848 -83.54 100.47 -35.05
N HIS H 849 -83.11 100.38 -36.31
CA HIS H 849 -83.73 101.21 -37.34
C HIS H 849 -85.22 100.92 -37.46
N LEU H 850 -85.66 99.75 -37.02
CA LEU H 850 -87.08 99.40 -37.02
C LEU H 850 -87.82 99.97 -35.82
N ASP H 851 -87.11 100.51 -34.83
CA ASP H 851 -87.76 101.14 -33.69
C ASP H 851 -88.44 102.45 -34.06
N PHE H 852 -88.17 102.98 -35.26
CA PHE H 852 -88.78 104.21 -35.74
C PHE H 852 -89.97 103.96 -36.65
N VAL H 853 -90.41 102.72 -36.78
CA VAL H 853 -91.55 102.36 -37.61
C VAL H 853 -92.78 102.27 -36.70
N PRO H 854 -93.75 103.18 -36.82
CA PRO H 854 -94.97 103.04 -36.03
C PRO H 854 -95.77 101.83 -36.50
N CYS H 855 -96.16 100.99 -35.55
CA CYS H 855 -96.86 99.75 -35.84
C CYS H 855 -98.12 99.68 -34.99
N PRO H 856 -99.15 100.43 -35.36
CA PRO H 856 -100.40 100.40 -34.60
C PRO H 856 -101.24 99.18 -34.95
N VAL H 857 -102.24 98.94 -34.11
CA VAL H 857 -103.16 97.83 -34.33
C VAL H 857 -104.26 98.25 -35.28
N ASP H 858 -104.60 97.37 -36.21
CA ASP H 858 -105.63 97.66 -37.20
C ASP H 858 -106.99 97.86 -36.52
N THR H 859 -107.77 98.80 -37.05
CA THR H 859 -109.07 99.12 -36.49
C THR H 859 -110.19 99.19 -37.52
N ILE H 860 -109.89 99.26 -38.81
CA ILE H 860 -110.95 99.35 -39.81
C ILE H 860 -111.79 98.08 -39.82
N GLN H 861 -111.15 96.93 -39.61
CA GLN H 861 -111.88 95.67 -39.64
C GLN H 861 -112.78 95.50 -38.42
N ILE H 862 -112.48 96.24 -37.33
CA ILE H 862 -113.39 96.27 -36.19
C ILE H 862 -114.74 96.81 -36.65
N VAL H 863 -115.81 96.20 -36.15
CA VAL H 863 -117.17 96.66 -36.39
C VAL H 863 -117.77 97.09 -35.06
N LEU H 864 -118.22 98.34 -34.99
CA LEU H 864 -118.74 98.88 -33.74
C LEU H 864 -120.03 98.17 -33.36
N PRO H 865 -120.20 97.76 -32.09
CA PRO H 865 -121.48 97.20 -31.68
C PRO H 865 -122.51 98.29 -31.43
N PRO H 866 -123.80 97.96 -31.47
CA PRO H 866 -124.82 99.00 -31.25
C PRO H 866 -124.78 99.61 -29.86
N HIS H 867 -124.51 98.81 -28.84
CA HIS H 867 -124.54 99.31 -27.47
C HIS H 867 -123.31 100.16 -27.17
N LEU H 868 -122.29 100.07 -28.02
CA LEU H 868 -121.20 101.04 -27.98
C LEU H 868 -121.54 102.26 -28.82
N GLU H 869 -122.28 102.04 -29.93
CA GLU H 869 -122.66 103.13 -30.79
C GLU H 869 -123.51 104.16 -30.05
N ARG H 870 -124.49 103.67 -29.28
CA ARG H 870 -125.34 104.59 -28.53
C ARG H 870 -124.50 105.54 -27.70
N ILE H 871 -123.43 105.04 -27.09
CA ILE H 871 -122.58 105.86 -26.23
C ILE H 871 -121.74 106.80 -27.06
N ARG H 872 -121.22 106.31 -28.20
CA ARG H 872 -120.28 107.04 -29.04
C ARG H 872 -120.58 108.54 -29.08
N GLU H 873 -121.83 108.89 -29.37
CA GLU H 873 -122.22 110.30 -29.40
C GLU H 873 -121.95 110.98 -28.06
N LYS H 874 -122.61 110.50 -27.00
CA LYS H 874 -122.49 111.15 -25.70
C LYS H 874 -121.04 111.27 -25.29
N LEU H 875 -120.22 110.28 -25.63
CA LEU H 875 -118.79 110.35 -25.35
C LEU H 875 -118.16 111.52 -26.10
N ALA H 876 -118.53 111.69 -27.37
CA ALA H 876 -118.03 112.84 -28.13
C ALA H 876 -118.40 114.15 -27.45
N GLU H 877 -119.67 114.29 -27.06
CA GLU H 877 -120.09 115.53 -26.40
C GLU H 877 -119.32 115.74 -25.10
N ASN H 878 -119.15 114.69 -24.30
CA ASN H 878 -118.48 114.84 -23.01
C ASN H 878 -117.03 115.28 -23.20
N ILE H 879 -116.33 114.64 -24.15
CA ILE H 879 -114.94 115.02 -24.39
C ILE H 879 -114.86 116.45 -24.90
N HIS H 880 -115.84 116.86 -25.70
CA HIS H 880 -115.88 118.25 -26.16
C HIS H 880 -116.09 119.21 -24.99
N GLU H 881 -116.98 118.85 -24.06
CA GLU H 881 -117.19 119.68 -22.88
C GLU H 881 -115.89 119.85 -22.11
N LEU H 882 -115.18 118.74 -21.87
CA LEU H 882 -113.91 118.83 -21.16
C LEU H 882 -112.91 119.68 -21.93
N TRP H 883 -112.86 119.51 -23.25
CA TRP H 883 -111.91 120.24 -24.08
C TRP H 883 -112.17 121.73 -24.00
N ALA H 884 -113.43 122.14 -24.13
CA ALA H 884 -113.77 123.55 -24.03
C ALA H 884 -113.51 124.09 -22.63
N LEU H 885 -113.74 123.25 -21.60
CA LEU H 885 -113.42 123.67 -20.24
C LEU H 885 -111.94 123.99 -20.10
N THR H 886 -111.09 123.11 -20.64
CA THR H 886 -109.65 123.37 -20.59
C THR H 886 -109.29 124.62 -21.39
N ARG H 887 -109.91 124.80 -22.55
CA ARG H 887 -109.70 126.01 -23.34
C ARG H 887 -109.99 127.26 -22.52
N ILE H 888 -111.17 127.32 -21.90
CA ILE H 888 -111.53 128.52 -21.14
C ILE H 888 -110.62 128.68 -19.92
N GLU H 889 -110.25 127.57 -19.28
CA GLU H 889 -109.29 127.66 -18.17
C GLU H 889 -108.00 128.33 -18.62
N GLN H 890 -107.46 127.89 -19.76
CA GLN H 890 -106.28 128.51 -20.33
C GLN H 890 -106.56 129.92 -20.84
N GLY H 891 -107.83 130.30 -20.96
CA GLY H 891 -108.21 131.66 -21.33
C GLY H 891 -108.83 131.82 -22.69
N TRP H 892 -109.15 130.72 -23.37
CA TRP H 892 -109.73 130.83 -24.71
C TRP H 892 -111.08 131.51 -24.65
N THR H 893 -111.30 132.44 -25.57
CA THR H 893 -112.58 133.10 -25.75
C THR H 893 -113.19 132.69 -27.07
N TYR H 894 -114.49 132.91 -27.20
CA TYR H 894 -115.19 132.56 -28.44
C TYR H 894 -115.05 133.68 -29.45
N GLY H 895 -114.61 133.33 -30.66
CA GLY H 895 -114.51 134.26 -31.75
C GLY H 895 -114.56 133.54 -33.08
N PRO H 896 -114.99 134.24 -34.13
CA PRO H 896 -115.33 133.56 -35.38
C PRO H 896 -114.15 132.85 -36.05
N VAL H 897 -112.92 133.23 -35.73
CA VAL H 897 -111.76 132.82 -36.49
C VAL H 897 -110.66 132.32 -35.55
N ARG H 898 -109.70 131.59 -36.14
CA ARG H 898 -108.55 131.05 -35.43
C ARG H 898 -107.55 132.14 -35.06
N ASP H 899 -107.86 132.93 -34.02
CA ASP H 899 -106.91 133.90 -33.48
C ASP H 899 -106.43 133.40 -32.12
N ASP H 900 -105.37 132.58 -32.16
CA ASP H 900 -104.76 132.11 -30.92
C ASP H 900 -104.11 133.24 -30.16
N ASN H 901 -103.64 134.28 -30.87
CA ASN H 901 -103.04 135.43 -30.21
C ASN H 901 -104.03 136.10 -29.25
N LYS H 902 -105.28 136.25 -29.70
CA LYS H 902 -106.35 136.79 -28.86
C LYS H 902 -107.15 135.68 -28.18
N ARG H 903 -106.74 134.43 -28.37
CA ARG H 903 -107.37 133.28 -27.71
C ARG H 903 -108.81 133.07 -28.16
N LEU H 904 -109.15 133.53 -29.36
CA LEU H 904 -110.49 133.39 -29.89
C LEU H 904 -110.73 131.95 -30.32
N HIS H 905 -111.98 131.49 -30.22
CA HIS H 905 -112.32 130.09 -30.43
C HIS H 905 -113.75 129.95 -30.94
N PRO H 906 -113.97 129.92 -32.25
CA PRO H 906 -115.35 129.73 -32.74
C PRO H 906 -115.96 128.40 -32.34
N CYS H 907 -115.15 127.35 -32.24
CA CYS H 907 -115.64 126.04 -31.85
C CYS H 907 -115.95 125.93 -30.37
N LEU H 908 -115.74 127.00 -29.61
CA LEU H 908 -116.05 126.99 -28.18
C LEU H 908 -117.54 126.88 -27.93
N VAL H 909 -118.36 127.05 -28.97
CA VAL H 909 -119.81 126.91 -28.87
C VAL H 909 -120.15 125.47 -28.55
N ASN H 910 -121.40 125.22 -28.16
CA ASN H 910 -121.81 123.88 -27.76
C ASN H 910 -121.58 122.88 -28.88
N PHE H 911 -121.31 121.63 -28.49
CA PHE H 911 -121.18 120.54 -29.47
C PHE H 911 -122.40 120.50 -30.39
N HIS H 912 -123.59 120.65 -29.84
CA HIS H 912 -124.79 120.70 -30.68
C HIS H 912 -124.72 121.88 -31.64
N SER H 913 -124.20 123.02 -31.17
CA SER H 913 -124.02 124.18 -32.04
C SER H 913 -122.75 124.11 -32.88
N LEU H 914 -121.85 123.16 -32.58
CA LEU H 914 -120.62 123.05 -33.35
C LEU H 914 -120.95 122.72 -34.80
N PRO H 915 -120.14 123.20 -35.77
CA PRO H 915 -120.41 122.87 -37.17
C PRO H 915 -120.48 121.37 -37.42
N GLU H 916 -121.27 120.96 -38.40
CA GLU H 916 -121.48 119.54 -38.67
C GLU H 916 -120.19 118.79 -39.01
N PRO H 917 -119.33 119.27 -39.90
CA PRO H 917 -118.08 118.54 -40.17
C PRO H 917 -117.25 118.33 -38.92
N GLU H 918 -117.17 119.34 -38.05
CA GLU H 918 -116.34 119.22 -36.85
C GLU H 918 -116.96 118.28 -35.83
N ARG H 919 -118.29 118.38 -35.64
CA ARG H 919 -118.94 117.46 -34.72
C ARG H 919 -118.74 116.02 -35.20
N ASN H 920 -118.86 115.81 -36.51
CA ASN H 920 -118.63 114.48 -37.07
CA ASN H 920 -118.63 114.48 -37.07
C ASN H 920 -117.18 114.05 -36.88
N TYR H 921 -116.24 114.99 -37.02
CA TYR H 921 -114.83 114.65 -36.88
C TYR H 921 -114.56 114.14 -35.46
N ASN H 922 -115.13 114.85 -34.47
CA ASN H 922 -115.04 114.37 -33.09
C ASN H 922 -115.74 113.03 -32.92
N LEU H 923 -116.88 112.86 -33.59
CA LEU H 923 -117.61 111.60 -33.49
C LEU H 923 -116.74 110.45 -33.98
N GLN H 924 -116.02 110.66 -35.08
CA GLN H 924 -115.00 109.68 -35.46
C GLN H 924 -114.01 109.44 -34.34
N MET H 925 -113.23 110.45 -33.93
CA MET H 925 -112.20 110.13 -32.94
C MET H 925 -112.77 109.30 -31.80
N SER H 926 -114.01 109.58 -31.39
CA SER H 926 -114.65 108.73 -30.40
C SER H 926 -114.79 107.29 -30.90
N GLY H 927 -115.32 107.14 -32.12
CA GLY H 927 -115.52 105.80 -32.66
C GLY H 927 -114.22 105.03 -32.76
N GLU H 928 -113.15 105.70 -33.18
CA GLU H 928 -111.82 105.08 -33.18
C GLU H 928 -111.41 104.69 -31.77
N THR H 929 -111.73 105.51 -30.77
CA THR H 929 -111.37 105.15 -29.41
C THR H 929 -112.02 103.83 -29.01
N LEU H 930 -113.34 103.73 -29.19
CA LEU H 930 -114.03 102.48 -28.84
C LEU H 930 -113.54 101.30 -29.70
N LYS H 931 -113.32 101.54 -30.98
CA LYS H 931 -112.88 100.46 -31.86
C LYS H 931 -111.49 99.96 -31.45
N THR H 932 -110.61 100.87 -31.03
CA THR H 932 -109.31 100.46 -30.52
C THR H 932 -109.48 99.68 -29.23
N LEU H 933 -110.36 100.13 -28.35
CA LEU H 933 -110.66 99.36 -27.15
C LEU H 933 -111.00 97.93 -27.51
N LEU H 934 -111.86 97.75 -28.51
CA LEU H 934 -112.22 96.41 -28.95
C LEU H 934 -111.01 95.67 -29.54
N ALA H 935 -110.24 96.36 -30.38
CA ALA H 935 -109.16 95.70 -31.10
C ALA H 935 -108.10 95.17 -30.15
N LEU H 936 -107.76 95.95 -29.12
CA LEU H 936 -106.82 95.47 -28.12
C LEU H 936 -107.29 94.17 -27.49
N GLY H 937 -108.60 93.93 -27.50
CA GLY H 937 -109.20 92.76 -26.90
C GLY H 937 -110.02 93.07 -25.66
N CYS H 938 -110.12 94.34 -25.27
CA CYS H 938 -110.90 94.69 -24.09
C CYS H 938 -112.35 94.26 -24.26
N HIS H 939 -112.91 93.70 -23.21
CA HIS H 939 -114.33 93.38 -23.18
C HIS H 939 -115.08 94.53 -22.53
N VAL H 940 -116.04 95.10 -23.26
CA VAL H 940 -116.80 96.25 -22.79
C VAL H 940 -118.26 95.85 -22.73
N GLY H 941 -118.89 96.08 -21.58
CA GLY H 941 -120.29 95.69 -21.44
C GLY H 941 -121.06 96.57 -20.50
N MET H 942 -122.30 96.84 -20.87
CA MET H 942 -123.18 97.64 -20.00
C MET H 942 -123.35 96.93 -18.66
N ALA H 943 -123.26 97.72 -17.59
CA ALA H 943 -123.33 97.18 -16.24
C ALA H 943 -124.53 97.71 -15.46
N ASP H 944 -124.69 99.04 -15.43
CA ASP H 944 -125.72 99.66 -14.59
C ASP H 944 -126.25 100.90 -15.29
N GLU H 945 -127.51 100.86 -15.71
CA GLU H 945 -128.16 102.06 -16.22
C GLU H 945 -128.52 103.02 -15.09
N LYS H 946 -128.67 102.49 -13.87
CA LYS H 946 -128.93 103.36 -12.73
C LYS H 946 -127.80 104.34 -12.52
N ALA H 947 -126.55 103.88 -12.66
CA ALA H 947 -125.42 104.80 -12.52
C ALA H 947 -125.46 105.86 -13.61
N GLU H 948 -125.76 105.47 -14.85
CA GLU H 948 -125.89 106.44 -15.93
C GLU H 948 -126.92 107.51 -15.59
N ASP H 949 -128.07 107.08 -15.07
CA ASP H 949 -129.10 108.04 -14.66
C ASP H 949 -128.59 108.94 -13.54
N ASN H 950 -127.87 108.37 -12.58
CA ASN H 950 -127.40 109.14 -11.44
C ASN H 950 -126.37 110.19 -11.88
N LEU H 951 -125.62 109.91 -12.94
CA LEU H 951 -124.58 110.82 -13.37
C LEU H 951 -125.13 112.23 -13.54
N LYS H 952 -124.43 113.20 -12.95
CA LYS H 952 -124.86 114.60 -12.95
C LYS H 952 -123.74 115.47 -13.49
N LYS H 953 -124.10 116.40 -14.36
CA LYS H 953 -123.12 117.35 -14.90
C LYS H 953 -122.68 118.30 -13.80
N THR H 954 -121.38 118.59 -13.75
CA THR H 954 -120.85 119.50 -12.76
C THR H 954 -121.32 120.92 -13.05
N LYS H 955 -121.57 121.68 -11.98
CA LYS H 955 -121.96 123.08 -12.15
C LYS H 955 -120.78 123.88 -12.71
N LEU H 956 -121.10 124.84 -13.58
CA LEU H 956 -120.08 125.67 -14.20
C LEU H 956 -120.20 127.11 -13.72
N PRO H 957 -119.12 127.73 -13.26
CA PRO H 957 -119.19 129.12 -12.84
C PRO H 957 -119.70 130.02 -13.97
N LYS H 958 -120.49 131.02 -13.59
CA LYS H 958 -120.97 131.99 -14.59
C LYS H 958 -119.81 132.68 -15.28
N THR H 959 -118.68 132.85 -14.58
CA THR H 959 -117.51 133.46 -15.19
C THR H 959 -117.02 132.63 -16.37
N TYR H 960 -117.21 131.30 -16.32
CA TYR H 960 -116.76 130.45 -17.40
C TYR H 960 -117.51 130.76 -18.69
N MET H 961 -118.67 131.40 -18.58
CA MET H 961 -119.41 131.84 -19.75
C MET H 961 -118.55 132.78 -20.60
N MET H 962 -118.15 132.33 -21.77
CA MET H 962 -117.40 133.16 -22.71
C MET H 962 -118.40 133.75 -23.72
N SER H 963 -117.90 134.39 -24.78
CA SER H 963 -118.79 134.93 -25.79
C SER H 963 -119.50 133.83 -26.56
N ASN H 964 -119.13 132.57 -26.30
CA ASN H 964 -119.82 131.43 -26.90
C ASN H 964 -121.29 131.43 -26.51
N GLY H 965 -121.60 131.99 -25.34
CA GLY H 965 -122.93 131.89 -24.78
C GLY H 965 -123.25 130.47 -24.39
N TYR H 966 -122.25 129.75 -23.87
CA TYR H 966 -122.38 128.35 -23.51
C TYR H 966 -121.39 128.00 -22.41
N LYS H 967 -121.79 127.07 -21.55
CA LYS H 967 -120.93 126.56 -20.48
C LYS H 967 -120.63 125.08 -20.75
N PRO H 968 -119.36 124.70 -21.00
CA PRO H 968 -119.09 123.29 -21.31
C PRO H 968 -119.18 122.39 -20.09
N ALA H 969 -120.39 121.94 -19.78
CA ALA H 969 -120.60 121.15 -18.57
C ALA H 969 -120.00 119.75 -18.72
N PRO H 970 -119.03 119.36 -17.87
CA PRO H 970 -118.58 117.96 -17.89
C PRO H 970 -119.29 117.13 -16.84
N LEU H 971 -119.44 115.83 -17.10
CA LEU H 971 -120.02 114.94 -16.11
C LEU H 971 -119.03 114.69 -14.98
N ASP H 972 -119.43 115.00 -13.75
CA ASP H 972 -118.55 114.76 -12.62
C ASP H 972 -118.30 113.27 -12.46
N LEU H 973 -117.08 112.84 -12.74
CA LEU H 973 -116.69 111.44 -12.62
C LEU H 973 -115.79 111.19 -11.41
N SER H 974 -115.88 112.03 -10.39
CA SER H 974 -115.03 111.87 -9.22
C SER H 974 -115.17 110.49 -8.61
N HIS H 975 -116.39 109.94 -8.59
CA HIS H 975 -116.60 108.63 -7.99
C HIS H 975 -115.75 107.58 -8.69
N VAL H 976 -115.59 107.70 -10.02
CA VAL H 976 -114.93 106.67 -10.79
C VAL H 976 -113.46 106.60 -10.41
N ARG H 977 -112.99 105.38 -10.13
CA ARG H 977 -111.57 105.12 -9.84
C ARG H 977 -111.03 104.19 -10.91
N LEU H 978 -109.82 104.48 -11.38
CA LEU H 978 -109.18 103.62 -12.37
C LEU H 978 -108.33 102.57 -11.66
N THR H 979 -108.46 101.32 -12.10
CA THR H 979 -107.58 100.28 -11.60
C THR H 979 -106.21 100.38 -12.26
N PRO H 980 -105.18 99.79 -11.65
CA PRO H 980 -103.86 99.79 -12.31
C PRO H 980 -103.87 99.16 -13.70
N ALA H 981 -104.60 98.07 -13.86
CA ALA H 981 -104.72 97.47 -15.19
C ALA H 981 -105.41 98.43 -16.14
N GLN H 982 -106.43 99.14 -15.66
CA GLN H 982 -107.10 100.13 -16.49
C GLN H 982 -106.13 101.24 -16.90
N THR H 983 -105.25 101.65 -15.99
CA THR H 983 -104.27 102.69 -16.31
C THR H 983 -103.29 102.20 -17.38
N THR H 984 -102.84 100.96 -17.26
CA THR H 984 -102.00 100.39 -18.31
C THR H 984 -102.75 100.36 -19.63
N LEU H 985 -104.04 100.05 -19.58
CA LEU H 985 -104.87 100.06 -20.78
C LEU H 985 -104.91 101.46 -21.40
N VAL H 986 -105.04 102.48 -20.55
CA VAL H 986 -105.09 103.86 -21.02
C VAL H 986 -103.78 104.18 -21.73
N ASP H 987 -102.67 103.73 -21.12
CA ASP H 987 -101.38 103.89 -21.77
C ASP H 987 -101.39 103.26 -23.16
N ARG H 988 -101.95 102.05 -23.26
CA ARG H 988 -101.94 101.36 -24.55
C ARG H 988 -102.80 102.07 -25.58
N LEU H 989 -103.96 102.57 -25.17
CA LEU H 989 -104.78 103.37 -26.09
C LEU H 989 -104.04 104.60 -26.58
N ALA H 990 -103.38 105.32 -25.66
CA ALA H 990 -102.64 106.50 -26.08
C ALA H 990 -101.56 106.12 -27.08
N GLU H 991 -100.83 105.05 -26.79
CA GLU H 991 -99.77 104.61 -27.70
C GLU H 991 -100.34 104.27 -29.07
N ASN H 992 -101.44 103.52 -29.11
CA ASN H 992 -102.02 103.12 -30.39
C ASN H 992 -102.48 104.33 -31.18
N GLY H 993 -103.13 105.29 -30.51
CA GLY H 993 -103.59 106.47 -31.20
C GLY H 993 -102.45 107.26 -31.79
N HIS H 994 -101.40 107.47 -30.99
CA HIS H 994 -100.25 108.22 -31.49
C HIS H 994 -99.60 107.50 -32.65
N ASN H 995 -99.48 106.17 -32.57
CA ASN H 995 -98.86 105.43 -33.65
C ASN H 995 -99.69 105.51 -34.93
N VAL H 996 -101.01 105.47 -34.80
CA VAL H 996 -101.87 105.62 -35.98
C VAL H 996 -101.64 106.98 -36.61
N TRP H 997 -101.61 108.02 -35.78
CA TRP H 997 -101.38 109.37 -36.30
C TRP H 997 -100.03 109.45 -37.01
N ALA H 998 -98.99 108.89 -36.39
CA ALA H 998 -97.66 108.94 -36.96
C ALA H 998 -97.60 108.20 -38.30
N ARG H 999 -98.24 107.03 -38.37
CA ARG H 999 -98.27 106.31 -39.62
C ARG H 999 -98.95 107.13 -40.70
N ASP H 1000 -100.05 107.78 -40.36
CA ASP H 1000 -100.75 108.61 -41.34
C ASP H 1000 -99.84 109.74 -41.83
N ARG H 1001 -99.16 110.41 -40.91
CA ARG H 1001 -98.31 111.53 -41.32
C ARG H 1001 -97.14 111.04 -42.18
N VAL H 1002 -96.58 109.89 -41.84
CA VAL H 1002 -95.50 109.33 -42.66
C VAL H 1002 -96.02 109.04 -44.06
N ALA H 1003 -97.21 108.46 -44.15
CA ALA H 1003 -97.80 108.22 -45.47
C ALA H 1003 -97.95 109.53 -46.23
N GLN H 1004 -98.38 110.59 -45.55
CA GLN H 1004 -98.42 111.90 -46.19
C GLN H 1004 -97.03 112.32 -46.67
N GLY H 1005 -96.00 111.93 -45.93
CA GLY H 1005 -94.63 112.23 -46.33
C GLY H 1005 -93.91 113.13 -45.35
N TRP H 1006 -94.26 113.04 -44.07
CA TRP H 1006 -93.64 113.83 -43.03
C TRP H 1006 -92.47 113.05 -42.42
N SER H 1007 -91.65 113.75 -41.64
CA SER H 1007 -90.50 113.12 -41.03
C SER H 1007 -90.16 113.84 -39.73
N TYR H 1008 -89.35 113.17 -38.90
CA TYR H 1008 -88.97 113.71 -37.61
C TYR H 1008 -87.90 114.79 -37.75
N SER H 1009 -87.90 115.72 -36.81
CA SER H 1009 -86.90 116.77 -36.75
C SER H 1009 -86.98 117.47 -35.40
N ALA H 1010 -85.83 117.64 -34.74
CA ALA H 1010 -85.82 118.26 -33.42
C ALA H 1010 -86.40 119.67 -33.47
N VAL H 1011 -86.26 120.34 -34.61
CA VAL H 1011 -86.82 121.67 -34.81
C VAL H 1011 -87.96 121.57 -35.81
N GLN H 1012 -89.12 122.09 -35.44
CA GLN H 1012 -90.28 121.99 -36.29
C GLN H 1012 -90.11 122.81 -37.57
N ASP H 1013 -90.63 122.28 -38.68
CA ASP H 1013 -90.65 122.99 -39.95
C ASP H 1013 -91.91 122.54 -40.69
N ILE H 1014 -92.98 123.32 -40.53
CA ILE H 1014 -94.24 122.97 -41.18
C ILE H 1014 -94.11 122.98 -42.69
N PRO H 1015 -93.51 123.98 -43.33
CA PRO H 1015 -93.38 123.95 -44.79
C PRO H 1015 -92.65 122.72 -45.30
N ALA H 1016 -91.71 122.18 -44.54
CA ALA H 1016 -90.91 121.03 -44.95
C ALA H 1016 -91.49 119.71 -44.47
N ARG H 1017 -92.64 119.73 -43.80
CA ARG H 1017 -93.25 118.51 -43.27
C ARG H 1017 -92.29 117.79 -42.34
N ARG H 1018 -91.65 118.55 -41.46
CA ARG H 1018 -90.79 118.03 -40.41
C ARG H 1018 -91.42 118.38 -39.07
N ASN H 1019 -91.57 117.38 -38.22
CA ASN H 1019 -92.25 117.59 -36.95
C ASN H 1019 -91.39 117.10 -35.79
N PRO H 1020 -91.50 117.70 -34.60
CA PRO H 1020 -90.75 117.20 -33.45
C PRO H 1020 -91.42 116.06 -32.72
N ARG H 1021 -92.64 115.68 -33.12
CA ARG H 1021 -93.38 114.62 -32.45
C ARG H 1021 -93.53 113.38 -33.31
N LEU H 1022 -93.20 113.45 -34.60
CA LEU H 1022 -93.42 112.33 -35.51
C LEU H 1022 -92.38 111.25 -35.25
N VAL H 1023 -92.55 110.59 -34.11
CA VAL H 1023 -91.71 109.47 -33.71
C VAL H 1023 -92.63 108.45 -33.03
N PRO H 1024 -92.32 107.16 -33.06
CA PRO H 1024 -93.18 106.19 -32.38
C PRO H 1024 -93.33 106.52 -30.91
N TYR H 1025 -94.52 106.22 -30.37
CA TYR H 1025 -94.90 106.69 -29.04
C TYR H 1025 -93.85 106.37 -27.98
N ARG H 1026 -93.24 105.19 -28.06
CA ARG H 1026 -92.29 104.78 -27.03
C ARG H 1026 -91.13 105.75 -26.89
N LEU H 1027 -90.78 106.49 -27.95
CA LEU H 1027 -89.64 107.38 -27.93
C LEU H 1027 -90.02 108.81 -27.58
N LEU H 1028 -91.29 109.09 -27.31
CA LEU H 1028 -91.72 110.44 -27.01
C LEU H 1028 -91.30 110.83 -25.59
N ASP H 1029 -91.15 112.13 -25.38
CA ASP H 1029 -90.84 112.65 -24.06
C ASP H 1029 -92.07 112.58 -23.17
N GLU H 1030 -91.84 112.48 -21.86
CA GLU H 1030 -92.92 112.31 -20.91
C GLU H 1030 -93.99 113.37 -21.06
N ALA H 1031 -93.59 114.61 -21.34
CA ALA H 1031 -94.54 115.70 -21.46
C ALA H 1031 -95.69 115.35 -22.40
N THR H 1032 -95.35 115.03 -23.65
CA THR H 1032 -96.39 114.71 -24.63
C THR H 1032 -97.11 113.41 -24.27
N LYS H 1033 -96.38 112.44 -23.74
CA LYS H 1033 -97.00 111.17 -23.39
C LYS H 1033 -98.12 111.38 -22.38
N ARG H 1034 -97.86 112.15 -21.33
CA ARG H 1034 -98.92 112.45 -20.37
C ARG H 1034 -99.97 113.37 -20.98
N SER H 1035 -99.55 114.29 -21.86
CA SER H 1035 -100.51 115.16 -22.51
C SER H 1035 -101.56 114.35 -23.25
N ASN H 1036 -101.18 113.18 -23.74
CA ASN H 1036 -102.15 112.29 -24.41
C ASN H 1036 -102.87 111.40 -23.41
N ARG H 1037 -102.13 110.84 -22.45
CA ARG H 1037 -102.75 109.94 -21.49
C ARG H 1037 -103.86 110.64 -20.72
N ASP H 1038 -103.76 111.95 -20.53
CA ASP H 1038 -104.81 112.64 -19.80
C ASP H 1038 -106.14 112.53 -20.56
N SER H 1039 -106.13 112.86 -21.85
CA SER H 1039 -107.36 112.78 -22.63
C SER H 1039 -107.87 111.34 -22.68
N LEU H 1040 -106.97 110.38 -22.87
CA LEU H 1040 -107.43 108.99 -22.94
C LEU H 1040 -108.03 108.54 -21.61
N CYS H 1041 -107.40 108.91 -20.50
CA CYS H 1041 -107.91 108.52 -19.19
C CYS H 1041 -109.27 109.16 -18.93
N GLN H 1042 -109.44 110.41 -19.35
CA GLN H 1042 -110.75 111.05 -19.20
C GLN H 1042 -111.80 110.32 -20.03
N ALA H 1043 -111.42 109.87 -21.24
CA ALA H 1043 -112.37 109.12 -22.06
C ALA H 1043 -112.80 107.84 -21.36
N VAL H 1044 -111.84 107.06 -20.86
CA VAL H 1044 -112.20 105.81 -20.19
C VAL H 1044 -112.98 106.11 -18.92
N ARG H 1045 -112.69 107.23 -18.27
CA ARG H 1045 -113.47 107.65 -17.12
C ARG H 1045 -114.92 107.88 -17.51
N THR H 1046 -115.13 108.52 -18.66
CA THR H 1046 -116.49 108.74 -19.15
C THR H 1046 -117.19 107.41 -19.39
N LEU H 1047 -116.49 106.46 -20.00
CA LEU H 1047 -117.08 105.13 -20.20
C LEU H 1047 -117.49 104.51 -18.87
N LEU H 1048 -116.57 104.48 -17.91
CA LEU H 1048 -116.88 103.85 -16.63
C LEU H 1048 -118.02 104.55 -15.93
N GLY H 1049 -118.05 105.88 -15.97
CA GLY H 1049 -119.15 106.61 -15.38
C GLY H 1049 -120.48 106.26 -16.02
N TYR H 1050 -120.50 106.15 -17.36
CA TYR H 1050 -121.68 105.64 -18.03
C TYR H 1050 -121.95 104.18 -17.68
N GLY H 1051 -121.02 103.52 -17.02
CA GLY H 1051 -121.34 102.26 -16.36
C GLY H 1051 -120.99 101.04 -17.16
N TYR H 1052 -119.74 100.95 -17.58
CA TYR H 1052 -119.27 99.90 -18.47
C TYR H 1052 -118.20 99.06 -17.79
N ASN H 1053 -118.44 97.77 -17.68
CA ASN H 1053 -117.38 96.85 -17.29
C ASN H 1053 -116.35 96.81 -18.41
N ILE H 1054 -115.10 97.09 -18.04
CA ILE H 1054 -113.99 97.24 -18.97
C ILE H 1054 -112.95 96.21 -18.56
N GLU H 1055 -113.03 95.01 -19.12
CA GLU H 1055 -112.08 93.96 -18.83
C GLU H 1055 -110.90 94.09 -19.77
N PRO H 1056 -109.71 94.42 -19.24
CA PRO H 1056 -108.45 94.35 -20.06
C PRO H 1056 -108.21 92.93 -20.56
N PRO H 1057 -107.71 92.79 -21.79
CA PRO H 1057 -107.25 91.48 -22.25
C PRO H 1057 -106.40 90.79 -21.19
N ASP H 1058 -106.42 89.45 -21.22
CA ASP H 1058 -105.43 88.69 -20.48
C ASP H 1058 -104.05 88.96 -21.06
N GLN H 1059 -103.21 89.65 -20.29
CA GLN H 1059 -101.89 90.05 -20.78
C GLN H 1059 -100.99 88.82 -20.74
N GLU H 1060 -101.09 88.00 -21.79
CA GLU H 1060 -100.29 86.80 -21.88
C GLU H 1060 -98.81 87.17 -21.90
N PRO H 1061 -97.98 86.59 -21.04
CA PRO H 1061 -96.56 86.94 -21.06
C PRO H 1061 -95.94 86.71 -22.43
N SER H 1062 -95.11 87.66 -22.87
CA SER H 1062 -94.41 87.59 -24.15
C SER H 1062 -92.95 87.91 -23.90
N GLN H 1063 -92.17 86.88 -23.58
CA GLN H 1063 -90.75 87.07 -23.32
C GLN H 1063 -90.05 87.58 -24.57
N VAL H 1064 -89.49 88.80 -24.49
CA VAL H 1064 -88.89 89.42 -25.66
C VAL H 1064 -87.64 88.68 -26.11
N ASP H 1065 -86.86 88.16 -25.15
CA ASP H 1065 -85.61 87.43 -25.42
C ASP H 1065 -84.87 87.99 -26.62
N SER H 1066 -84.73 89.32 -26.63
CA SER H 1066 -84.08 89.99 -27.75
C SER H 1066 -82.63 89.57 -27.88
N GLN H 1067 -82.02 89.15 -26.78
CA GLN H 1067 -80.60 88.83 -26.73
C GLN H 1067 -80.38 87.47 -26.09
N SER H 1068 -79.21 86.89 -26.36
CA SER H 1068 -78.78 85.67 -25.70
C SER H 1068 -78.29 86.01 -24.30
N ARG H 1069 -78.99 85.51 -23.27
CA ARG H 1069 -78.66 85.88 -21.90
C ARG H 1069 -77.24 85.46 -21.53
N GLY H 1070 -76.85 84.25 -21.93
CA GLY H 1070 -75.51 83.78 -21.61
C GLY H 1070 -74.43 84.65 -22.22
N ASP H 1071 -74.68 85.18 -23.42
CA ASP H 1071 -73.72 85.98 -24.15
C ASP H 1071 -73.91 87.48 -23.92
N ARG H 1072 -74.99 87.89 -23.25
CA ARG H 1072 -75.28 89.31 -23.13
C ARG H 1072 -74.50 89.97 -22.01
N ALA H 1073 -74.75 89.58 -20.76
CA ALA H 1073 -74.08 90.22 -19.64
C ALA H 1073 -72.58 90.06 -19.77
N ARG H 1074 -71.84 91.15 -19.52
CA ARG H 1074 -70.40 91.09 -19.62
C ARG H 1074 -69.81 90.70 -18.27
N ILE H 1075 -68.93 89.71 -18.31
CA ILE H 1075 -68.27 89.19 -17.11
C ILE H 1075 -66.88 89.81 -17.02
N PHE H 1076 -66.55 90.34 -15.86
CA PHE H 1076 -65.22 90.84 -15.54
C PHE H 1076 -64.65 89.99 -14.42
N ARG H 1077 -63.47 89.42 -14.66
CA ARG H 1077 -62.83 88.57 -13.66
C ARG H 1077 -61.37 89.01 -13.50
N ALA H 1078 -60.80 88.64 -12.36
CA ALA H 1078 -59.37 88.85 -12.19
C ALA H 1078 -58.59 87.87 -13.07
N GLU H 1079 -57.36 88.24 -13.39
CA GLU H 1079 -56.53 87.37 -14.21
C GLU H 1079 -56.25 86.06 -13.49
N LYS H 1080 -56.08 84.99 -14.26
CA LYS H 1080 -55.93 83.66 -13.67
C LYS H 1080 -54.75 83.59 -12.72
N SER H 1081 -53.69 84.35 -13.00
CA SER H 1081 -52.48 84.26 -12.17
C SER H 1081 -52.72 84.73 -10.74
N TYR H 1082 -53.83 85.42 -10.49
CA TYR H 1082 -54.16 85.92 -9.16
C TYR H 1082 -54.98 84.93 -8.35
N ALA H 1083 -55.26 83.73 -8.89
CA ALA H 1083 -56.10 82.78 -8.18
C ALA H 1083 -55.52 82.46 -6.82
N VAL H 1084 -56.37 82.47 -5.80
CA VAL H 1084 -55.98 82.22 -4.43
C VAL H 1084 -56.41 80.82 -4.05
N GLN H 1085 -55.51 80.06 -3.44
CA GLN H 1085 -55.77 78.69 -3.05
C GLN H 1085 -55.78 78.48 -1.54
N SER H 1086 -55.58 79.54 -0.77
CA SER H 1086 -55.62 79.44 0.69
C SER H 1086 -55.79 80.82 1.27
N GLY H 1087 -56.26 80.87 2.51
CA GLY H 1087 -56.39 82.10 3.25
C GLY H 1087 -57.83 82.59 3.30
N ARG H 1088 -57.97 83.83 3.78
CA ARG H 1088 -59.27 84.46 3.97
C ARG H 1088 -59.24 85.81 3.27
N TRP H 1089 -60.00 85.94 2.18
CA TRP H 1089 -59.89 87.09 1.30
C TRP H 1089 -61.22 87.83 1.21
N TYR H 1090 -61.12 89.15 1.02
CA TYR H 1090 -62.25 90.06 1.03
C TYR H 1090 -62.14 91.03 -0.13
N PHE H 1091 -63.28 91.41 -0.68
CA PHE H 1091 -63.30 92.50 -1.67
C PHE H 1091 -64.72 93.06 -1.73
N GLU H 1092 -64.88 94.22 -2.37
CA GLU H 1092 -66.14 94.93 -2.36
C GLU H 1092 -66.60 95.22 -3.78
N PHE H 1093 -67.91 95.38 -3.93
CA PHE H 1093 -68.54 95.67 -5.22
C PHE H 1093 -69.71 96.60 -4.96
N GLU H 1094 -69.58 97.85 -5.38
CA GLU H 1094 -70.66 98.82 -5.24
C GLU H 1094 -71.53 98.77 -6.48
N ALA H 1095 -72.85 98.74 -6.28
CA ALA H 1095 -73.80 98.67 -7.39
C ALA H 1095 -74.27 100.08 -7.69
N VAL H 1096 -73.70 100.71 -8.73
CA VAL H 1096 -74.12 102.06 -9.08
C VAL H 1096 -75.56 102.05 -9.55
N THR H 1097 -75.93 101.07 -10.36
CA THR H 1097 -77.30 100.84 -10.75
C THR H 1097 -77.93 99.78 -9.85
N THR H 1098 -79.17 99.41 -10.14
CA THR H 1098 -79.92 98.49 -9.30
C THR H 1098 -80.47 97.32 -10.10
N GLY H 1099 -79.87 97.01 -11.24
CA GLY H 1099 -80.38 96.01 -12.14
C GLY H 1099 -79.67 94.68 -12.00
N GLU H 1100 -79.63 93.93 -13.11
CA GLU H 1100 -79.07 92.59 -13.12
C GLU H 1100 -77.55 92.66 -13.03
N MET H 1101 -77.02 92.28 -11.87
CA MET H 1101 -75.58 92.18 -11.68
C MET H 1101 -75.32 91.05 -10.70
N ARG H 1102 -74.25 90.30 -10.95
CA ARG H 1102 -73.85 89.20 -10.09
C ARG H 1102 -72.41 89.42 -9.67
N VAL H 1103 -72.07 89.04 -8.45
CA VAL H 1103 -70.72 89.25 -7.93
C VAL H 1103 -70.34 88.08 -7.03
N GLY H 1104 -69.09 87.64 -7.12
CA GLY H 1104 -68.64 86.53 -6.30
C GLY H 1104 -67.29 85.97 -6.70
N TRP H 1105 -67.14 84.65 -6.60
CA TRP H 1105 -65.86 84.00 -6.81
C TRP H 1105 -65.98 82.96 -7.91
N ALA H 1106 -65.02 82.96 -8.83
CA ALA H 1106 -65.05 82.06 -9.98
C ALA H 1106 -63.78 81.23 -10.03
N ARG H 1107 -63.88 80.08 -10.66
CA ARG H 1107 -62.70 79.26 -10.86
C ARG H 1107 -61.93 79.75 -12.09
N PRO H 1108 -60.63 79.49 -12.14
CA PRO H 1108 -59.83 80.02 -13.27
C PRO H 1108 -60.35 79.60 -14.63
N GLU H 1109 -60.94 78.42 -14.74
CA GLU H 1109 -61.43 77.90 -16.02
C GLU H 1109 -62.86 78.34 -16.31
N LEU H 1110 -63.29 79.45 -15.72
CA LEU H 1110 -64.63 79.96 -15.97
C LEU H 1110 -64.82 80.23 -17.45
N ARG H 1111 -65.95 79.82 -17.99
CA ARG H 1111 -66.22 80.04 -19.41
C ARG H 1111 -66.86 81.41 -19.61
N PRO H 1112 -66.64 82.02 -20.78
CA PRO H 1112 -67.17 83.37 -21.02
C PRO H 1112 -68.60 83.40 -21.53
N ASP H 1113 -69.09 82.32 -22.11
CA ASP H 1113 -70.42 82.31 -22.71
C ASP H 1113 -71.50 81.76 -21.80
N VAL H 1114 -71.14 81.28 -20.62
CA VAL H 1114 -72.12 80.76 -19.67
C VAL H 1114 -72.44 81.83 -18.63
N GLU H 1115 -73.69 81.88 -18.19
CA GLU H 1115 -74.06 82.78 -17.11
C GLU H 1115 -73.32 82.41 -15.84
N LEU H 1116 -72.99 83.43 -15.04
CA LEU H 1116 -72.31 83.17 -13.78
C LEU H 1116 -73.21 82.34 -12.87
N GLY H 1117 -72.66 81.24 -12.35
CA GLY H 1117 -73.38 80.40 -11.44
C GLY H 1117 -74.35 79.44 -12.07
N ALA H 1118 -74.53 79.49 -13.39
CA ALA H 1118 -75.31 78.48 -14.07
C ALA H 1118 -74.60 77.14 -14.15
N ASP H 1119 -73.29 77.12 -13.88
CA ASP H 1119 -72.53 75.88 -13.83
C ASP H 1119 -71.80 75.82 -12.50
N ASP H 1120 -70.88 74.86 -12.36
CA ASP H 1120 -70.17 74.65 -11.10
C ASP H 1120 -68.92 75.51 -10.99
N LEU H 1121 -68.67 76.40 -11.94
CA LEU H 1121 -67.43 77.16 -11.98
C LEU H 1121 -67.52 78.53 -11.31
N ALA H 1122 -68.64 78.86 -10.69
CA ALA H 1122 -68.75 80.16 -10.04
C ALA H 1122 -69.77 80.10 -8.91
N TYR H 1123 -69.43 80.75 -7.80
CA TYR H 1123 -70.33 80.94 -6.67
C TYR H 1123 -70.56 82.44 -6.58
N VAL H 1124 -71.76 82.91 -6.94
CA VAL H 1124 -72.01 84.34 -7.03
C VAL H 1124 -73.32 84.68 -6.34
N PHE H 1125 -73.51 85.98 -6.12
CA PHE H 1125 -74.71 86.53 -5.53
C PHE H 1125 -75.31 87.51 -6.52
N ASN H 1126 -76.58 87.32 -6.85
CA ASN H 1126 -77.31 88.20 -7.73
C ASN H 1126 -78.36 88.93 -6.93
N GLY H 1127 -78.11 90.19 -6.62
CA GLY H 1127 -78.97 90.93 -5.71
C GLY H 1127 -80.01 91.81 -6.35
N HIS H 1128 -80.39 91.57 -7.60
CA HIS H 1128 -81.54 92.28 -8.12
C HIS H 1128 -82.83 91.73 -7.51
N ARG H 1129 -82.89 90.40 -7.34
CA ARG H 1129 -83.96 89.79 -6.57
C ARG H 1129 -83.45 89.04 -5.35
N GLY H 1130 -82.15 89.03 -5.08
CA GLY H 1130 -81.64 88.36 -3.90
C GLY H 1130 -81.51 86.86 -4.02
N GLN H 1131 -80.60 86.40 -4.86
CA GLN H 1131 -80.40 84.98 -5.11
C GLN H 1131 -78.92 84.63 -4.96
N ARG H 1132 -78.65 83.39 -4.59
CA ARG H 1132 -77.31 82.83 -4.72
C ARG H 1132 -77.29 81.95 -5.96
N TRP H 1133 -76.19 81.95 -6.67
CA TRP H 1133 -76.04 81.18 -7.90
C TRP H 1133 -74.83 80.27 -7.80
N HIS H 1134 -75.07 78.97 -7.90
CA HIS H 1134 -74.05 77.97 -8.16
C HIS H 1134 -74.75 76.70 -8.66
N LEU H 1135 -74.50 76.31 -9.90
CA LEU H 1135 -75.23 75.20 -10.52
C LEU H 1135 -76.73 75.43 -10.47
N GLY H 1136 -77.15 76.70 -10.51
CA GLY H 1136 -78.54 77.07 -10.42
C GLY H 1136 -78.74 78.15 -9.37
N SER H 1137 -79.99 78.59 -9.26
CA SER H 1137 -80.36 79.69 -8.39
C SER H 1137 -81.04 79.19 -7.12
N GLU H 1138 -80.97 80.01 -6.08
CA GLU H 1138 -81.68 79.78 -4.83
C GLU H 1138 -81.91 81.13 -4.15
N PRO H 1139 -83.06 81.35 -3.53
CA PRO H 1139 -83.25 82.61 -2.80
C PRO H 1139 -82.22 82.77 -1.71
N PHE H 1140 -81.74 84.00 -1.54
CA PHE H 1140 -80.71 84.28 -0.54
C PHE H 1140 -80.57 85.78 -0.40
N GLY H 1141 -80.43 86.25 0.83
CA GLY H 1141 -80.21 87.66 1.04
C GLY H 1141 -81.42 88.48 0.62
N ARG H 1142 -81.17 89.78 0.45
CA ARG H 1142 -82.16 90.74 0.02
C ARG H 1142 -81.62 91.57 -1.13
N PRO H 1143 -82.47 92.10 -1.99
CA PRO H 1143 -81.99 92.92 -3.10
C PRO H 1143 -81.34 94.21 -2.60
N TRP H 1144 -80.33 94.66 -3.34
CA TRP H 1144 -79.71 95.94 -3.04
C TRP H 1144 -80.51 97.11 -3.62
N GLN H 1145 -80.07 98.31 -3.26
CA GLN H 1145 -80.52 99.55 -3.84
C GLN H 1145 -79.29 100.29 -4.36
N SER H 1146 -79.54 101.33 -5.15
CA SER H 1146 -78.43 102.09 -5.74
C SER H 1146 -77.49 102.58 -4.64
N GLY H 1147 -76.19 102.39 -4.85
CA GLY H 1147 -75.18 102.81 -3.91
C GLY H 1147 -74.81 101.77 -2.88
N ASP H 1148 -75.47 100.63 -2.87
CA ASP H 1148 -75.15 99.59 -1.89
C ASP H 1148 -73.86 98.88 -2.26
N VAL H 1149 -73.10 98.51 -1.23
CA VAL H 1149 -71.79 97.88 -1.37
C VAL H 1149 -71.90 96.46 -0.88
N VAL H 1150 -71.69 95.49 -1.77
CA VAL H 1150 -71.66 94.09 -1.38
C VAL H 1150 -70.21 93.71 -1.08
N GLY H 1151 -69.98 93.16 0.10
CA GLY H 1151 -68.69 92.64 0.47
C GLY H 1151 -68.68 91.12 0.33
N CYS H 1152 -67.75 90.63 -0.49
CA CYS H 1152 -67.59 89.21 -0.74
C CYS H 1152 -66.36 88.72 -0.01
N MET H 1153 -66.54 87.66 0.78
CA MET H 1153 -65.46 87.04 1.54
C MET H 1153 -65.40 85.56 1.20
N ILE H 1154 -64.19 85.05 0.99
CA ILE H 1154 -63.96 83.62 0.81
C ILE H 1154 -62.99 83.17 1.89
N ASP H 1155 -63.39 82.14 2.63
CA ASP H 1155 -62.58 81.56 3.69
C ASP H 1155 -62.20 80.16 3.26
N LEU H 1156 -60.97 79.99 2.78
CA LEU H 1156 -60.51 78.71 2.26
C LEU H 1156 -60.01 77.79 3.35
N THR H 1157 -59.82 78.28 4.57
CA THR H 1157 -59.56 77.41 5.71
C THR H 1157 -60.81 76.70 6.17
N GLU H 1158 -61.96 77.36 6.08
CA GLU H 1158 -63.25 76.76 6.40
C GLU H 1158 -64.02 76.31 5.16
N ASN H 1159 -63.54 76.67 3.96
CA ASN H 1159 -64.22 76.32 2.71
C ASN H 1159 -65.63 76.90 2.68
N THR H 1160 -65.71 78.22 2.85
CA THR H 1160 -66.99 78.91 2.88
C THR H 1160 -66.91 80.22 2.11
N ILE H 1161 -68.08 80.73 1.74
CA ILE H 1161 -68.21 82.01 1.06
C ILE H 1161 -69.32 82.79 1.76
N ILE H 1162 -69.03 84.06 2.07
CA ILE H 1162 -69.95 84.92 2.82
C ILE H 1162 -70.16 86.21 2.05
N PHE H 1163 -71.39 86.71 2.07
CA PHE H 1163 -71.75 87.96 1.44
C PHE H 1163 -72.33 88.90 2.49
N THR H 1164 -71.95 90.16 2.42
CA THR H 1164 -72.51 91.19 3.30
C THR H 1164 -73.06 92.31 2.44
N LEU H 1165 -74.18 92.88 2.85
CA LEU H 1165 -74.78 94.02 2.17
C LEU H 1165 -74.71 95.22 3.11
N ASN H 1166 -73.87 96.18 2.76
CA ASN H 1166 -73.65 97.36 3.60
C ASN H 1166 -73.18 96.98 5.00
N GLY H 1167 -72.36 95.95 5.09
CA GLY H 1167 -71.73 95.55 6.33
C GLY H 1167 -72.46 94.47 7.10
N GLU H 1168 -73.73 94.24 6.78
CA GLU H 1168 -74.53 93.24 7.46
C GLU H 1168 -74.49 91.94 6.67
N VAL H 1169 -74.16 90.84 7.34
CA VAL H 1169 -74.08 89.56 6.67
C VAL H 1169 -75.45 89.19 6.12
N LEU H 1170 -75.48 88.72 4.88
CA LEU H 1170 -76.72 88.23 4.29
C LEU H 1170 -76.92 86.78 4.68
N MET H 1171 -78.13 86.46 5.15
CA MET H 1171 -78.46 85.13 5.62
C MET H 1171 -79.40 84.45 4.64
N SER H 1172 -79.33 83.12 4.62
CA SER H 1172 -80.26 82.33 3.84
C SER H 1172 -81.63 82.31 4.52
N ASP H 1173 -82.59 81.70 3.85
CA ASP H 1173 -83.90 81.50 4.46
C ASP H 1173 -83.77 80.60 5.69
N SER H 1174 -82.92 79.58 5.61
CA SER H 1174 -82.67 78.72 6.76
C SER H 1174 -82.10 79.51 7.93
N GLY H 1175 -81.47 80.64 7.66
CA GLY H 1175 -80.81 81.42 8.69
C GLY H 1175 -79.32 81.23 8.78
N SER H 1176 -78.72 80.43 7.89
CA SER H 1176 -77.28 80.24 7.91
C SER H 1176 -76.57 81.52 7.51
N GLU H 1177 -75.45 81.80 8.17
CA GLU H 1177 -74.68 83.00 7.84
C GLU H 1177 -73.92 82.81 6.53
N THR H 1178 -73.34 81.64 6.31
CA THR H 1178 -72.60 81.39 5.10
C THR H 1178 -73.54 81.28 3.90
N ALA H 1179 -73.00 81.55 2.71
CA ALA H 1179 -73.76 81.40 1.48
C ALA H 1179 -73.47 80.09 0.78
N PHE H 1180 -72.22 79.62 0.84
CA PHE H 1180 -71.84 78.34 0.28
C PHE H 1180 -70.91 77.63 1.26
N ARG H 1181 -70.93 76.31 1.24
CA ARG H 1181 -70.14 75.49 2.15
C ARG H 1181 -69.54 74.32 1.40
N ASP H 1182 -68.60 73.63 2.06
CA ASP H 1182 -68.01 72.41 1.53
C ASP H 1182 -67.43 72.65 0.13
N ILE H 1183 -66.73 73.77 -0.01
CA ILE H 1183 -66.19 74.19 -1.30
C ILE H 1183 -64.84 73.50 -1.51
N GLU H 1184 -64.69 72.82 -2.63
CA GLU H 1184 -63.41 72.24 -2.98
C GLU H 1184 -62.47 73.31 -3.49
N ILE H 1185 -61.24 73.33 -2.99
CA ILE H 1185 -60.30 74.37 -3.38
C ILE H 1185 -59.97 74.29 -4.86
N GLY H 1186 -59.67 73.09 -5.34
CA GLY H 1186 -59.34 72.94 -6.74
C GLY H 1186 -58.14 73.79 -7.11
N ASP H 1187 -58.27 74.58 -8.18
CA ASP H 1187 -57.20 75.42 -8.67
C ASP H 1187 -57.23 76.84 -8.12
N GLY H 1188 -58.14 77.14 -7.21
CA GLY H 1188 -58.23 78.46 -6.61
C GLY H 1188 -59.46 79.22 -7.08
N PHE H 1189 -59.54 80.46 -6.62
CA PHE H 1189 -60.68 81.31 -6.90
C PHE H 1189 -60.22 82.71 -7.28
N LEU H 1190 -61.07 83.40 -8.03
CA LEU H 1190 -60.79 84.73 -8.55
C LEU H 1190 -62.01 85.61 -8.29
N PRO H 1191 -61.81 86.88 -7.98
CA PRO H 1191 -62.95 87.81 -7.97
C PRO H 1191 -63.59 87.88 -9.34
N VAL H 1192 -64.91 87.86 -9.37
CA VAL H 1192 -65.66 87.88 -10.62
C VAL H 1192 -66.94 88.67 -10.42
N CYS H 1193 -67.39 89.31 -11.48
CA CYS H 1193 -68.67 89.99 -11.50
C CYS H 1193 -69.19 89.95 -12.92
N SER H 1194 -70.49 90.15 -13.06
CA SER H 1194 -71.14 90.23 -14.37
C SER H 1194 -72.19 91.31 -14.31
N LEU H 1195 -72.21 92.16 -15.34
CA LEU H 1195 -73.16 93.26 -15.43
C LEU H 1195 -74.03 93.03 -16.65
N GLY H 1196 -75.35 93.15 -16.48
CA GLY H 1196 -76.26 93.06 -17.60
C GLY H 1196 -76.32 94.37 -18.34
N PRO H 1197 -77.13 94.41 -19.39
CA PRO H 1197 -77.19 95.62 -20.22
C PRO H 1197 -77.60 96.84 -19.40
N GLY H 1198 -76.86 97.93 -19.58
CA GLY H 1198 -77.18 99.18 -18.91
C GLY H 1198 -76.85 99.23 -17.45
N GLN H 1199 -75.99 98.34 -16.95
CA GLN H 1199 -75.66 98.26 -15.54
C GLN H 1199 -74.25 98.80 -15.30
N VAL H 1200 -74.02 99.32 -14.10
CA VAL H 1200 -72.75 99.90 -13.72
C VAL H 1200 -72.36 99.43 -12.33
N GLY H 1201 -71.14 98.92 -12.21
CA GLY H 1201 -70.63 98.50 -10.93
C GLY H 1201 -69.26 99.11 -10.69
N HIS H 1202 -68.81 99.01 -9.44
CA HIS H 1202 -67.49 99.46 -9.04
C HIS H 1202 -66.84 98.37 -8.21
N LEU H 1203 -65.83 97.72 -8.76
CA LEU H 1203 -65.13 96.62 -8.10
C LEU H 1203 -63.93 97.18 -7.36
N ASN H 1204 -63.92 97.06 -6.04
CA ASN H 1204 -62.81 97.50 -5.21
C ASN H 1204 -62.14 96.26 -4.64
N LEU H 1205 -60.95 95.95 -5.13
CA LEU H 1205 -60.21 94.80 -4.66
C LEU H 1205 -59.36 95.12 -3.44
N GLY H 1206 -59.38 96.35 -2.97
CA GLY H 1206 -58.77 96.70 -1.71
C GLY H 1206 -57.29 97.03 -1.74
N GLN H 1207 -56.76 97.43 -2.90
CA GLN H 1207 -55.35 97.81 -2.94
C GLN H 1207 -55.08 98.98 -2.01
N ASP H 1208 -55.99 99.95 -1.98
CA ASP H 1208 -55.94 101.04 -1.01
C ASP H 1208 -56.95 100.70 0.08
N VAL H 1209 -56.46 100.12 1.19
CA VAL H 1209 -57.34 99.60 2.22
C VAL H 1209 -58.26 100.67 2.77
N SER H 1210 -57.87 101.95 2.66
CA SER H 1210 -58.74 103.02 3.14
C SER H 1210 -59.93 103.23 2.23
N SER H 1211 -59.82 102.84 0.96
CA SER H 1211 -60.94 103.03 0.05
C SER H 1211 -62.10 102.10 0.37
N LEU H 1212 -61.83 100.93 0.95
CA LEU H 1212 -62.89 100.02 1.34
C LEU H 1212 -63.81 100.70 2.34
N ARG H 1213 -65.12 100.50 2.15
CA ARG H 1213 -66.13 101.24 2.90
C ARG H 1213 -66.71 100.45 4.07
N PHE H 1214 -66.64 99.12 4.03
CA PHE H 1214 -67.21 98.30 5.11
C PHE H 1214 -66.26 97.20 5.56
N PHE H 1215 -64.99 97.27 5.20
CA PHE H 1215 -64.04 96.24 5.63
C PHE H 1215 -63.91 96.22 7.15
N ALA H 1216 -63.82 97.40 7.76
CA ALA H 1216 -63.72 97.46 9.22
C ALA H 1216 -64.97 96.93 9.89
N ILE H 1217 -66.13 97.23 9.31
CA ILE H 1217 -67.40 96.85 9.95
C ILE H 1217 -67.54 95.34 9.99
N CYS H 1218 -67.12 94.65 8.94
CA CYS H 1218 -67.25 93.20 8.89
C CYS H 1218 -66.13 92.63 8.03
N GLY H 1219 -65.23 91.87 8.64
CA GLY H 1219 -64.18 91.17 7.93
C GLY H 1219 -62.81 91.44 8.51
N LEU H 1220 -62.57 92.68 8.92
CA LEU H 1220 -61.27 93.04 9.48
C LEU H 1220 -61.00 92.25 10.76
N GLN H 1221 -61.94 92.29 11.70
CA GLN H 1221 -61.77 91.55 12.94
C GLN H 1221 -61.95 90.05 12.76
N GLU H 1222 -62.73 89.62 11.77
CA GLU H 1222 -62.87 88.21 11.45
C GLU H 1222 -61.62 87.67 10.78
N GLY H 1223 -60.70 88.53 10.35
CA GLY H 1223 -59.42 88.07 9.86
C GLY H 1223 -59.35 87.90 8.36
N PHE H 1224 -60.20 88.61 7.61
CA PHE H 1224 -60.16 88.57 6.16
C PHE H 1224 -59.26 89.67 5.65
N GLU H 1225 -58.51 89.37 4.60
CA GLU H 1225 -57.54 90.29 4.05
C GLU H 1225 -58.01 90.80 2.69
N PRO H 1226 -57.88 92.10 2.40
CA PRO H 1226 -58.29 92.58 1.08
C PRO H 1226 -57.54 91.83 -0.01
N PHE H 1227 -58.24 91.57 -1.12
CA PHE H 1227 -57.71 90.67 -2.13
C PHE H 1227 -56.37 91.18 -2.68
N ALA H 1228 -56.24 92.49 -2.83
CA ALA H 1228 -55.04 93.07 -3.44
C ALA H 1228 -54.29 93.93 -2.45
N ILE H 1229 -54.14 93.46 -1.21
CA ILE H 1229 -53.66 94.33 -0.14
C ILE H 1229 -52.22 94.76 -0.39
N ASN H 1230 -51.35 93.83 -0.80
CA ASN H 1230 -49.93 94.11 -0.89
C ASN H 1230 -49.40 93.95 -2.30
N MET H 1231 -50.11 94.50 -3.28
CA MET H 1231 -49.69 94.45 -4.67
C MET H 1231 -49.27 95.85 -5.11
N GLN H 1232 -48.08 95.95 -5.69
CA GLN H 1232 -47.57 97.25 -6.11
C GLN H 1232 -48.47 97.89 -7.16
N ARG H 1233 -49.10 97.08 -7.98
CA ARG H 1233 -49.81 97.56 -9.14
C ARG H 1233 -51.26 97.09 -9.13
N PRO H 1234 -52.18 97.81 -9.75
CA PRO H 1234 -53.57 97.37 -9.78
C PRO H 1234 -53.70 95.99 -10.43
N VAL H 1235 -54.68 95.24 -9.96
CA VAL H 1235 -54.89 93.87 -10.45
C VAL H 1235 -55.40 93.94 -11.87
N THR H 1236 -54.80 93.15 -12.76
CA THR H 1236 -55.28 93.06 -14.13
C THR H 1236 -56.59 92.30 -14.18
N THR H 1237 -57.47 92.70 -15.09
CA THR H 1237 -58.76 92.07 -15.26
C THR H 1237 -58.95 91.64 -16.71
N TRP H 1238 -59.79 90.64 -16.89
CA TRP H 1238 -60.23 90.19 -18.19
C TRP H 1238 -61.74 90.29 -18.25
N PHE H 1239 -62.27 90.48 -19.46
CA PHE H 1239 -63.70 90.60 -19.64
C PHE H 1239 -64.14 89.75 -20.82
N SER H 1240 -65.41 89.36 -20.79
CA SER H 1240 -66.00 88.52 -21.82
C SER H 1240 -66.38 89.40 -23.00
N LYS H 1241 -65.52 89.45 -24.00
CA LYS H 1241 -65.75 90.21 -25.21
C LYS H 1241 -66.71 89.46 -26.12
N SER H 1242 -67.77 90.15 -26.55
CA SER H 1242 -68.79 89.57 -27.43
C SER H 1242 -68.48 89.83 -28.89
N LEU H 1243 -67.28 89.51 -29.33
CA LEU H 1243 -66.92 89.60 -30.74
C LEU H 1243 -66.72 88.19 -31.26
N PRO H 1244 -67.60 87.64 -32.08
CA PRO H 1244 -67.45 86.24 -32.49
C PRO H 1244 -66.09 86.00 -33.15
N GLN H 1245 -65.48 84.88 -32.80
CA GLN H 1245 -64.16 84.54 -33.30
C GLN H 1245 -64.11 83.06 -33.65
N PHE H 1246 -63.31 82.72 -34.66
CA PHE H 1246 -63.19 81.34 -35.09
C PHE H 1246 -62.18 80.60 -34.23
N GLU H 1247 -62.58 79.47 -33.66
CA GLU H 1247 -61.72 78.66 -32.83
C GLU H 1247 -61.89 77.19 -33.21
N PRO H 1248 -60.86 76.36 -33.00
CA PRO H 1248 -60.98 74.96 -33.38
C PRO H 1248 -62.14 74.28 -32.68
N VAL H 1249 -62.78 73.36 -33.37
CA VAL H 1249 -63.89 72.62 -32.80
C VAL H 1249 -63.37 71.81 -31.63
N PRO H 1250 -63.87 71.99 -30.42
CA PRO H 1250 -63.34 71.23 -29.29
C PRO H 1250 -63.48 69.73 -29.51
N LEU H 1251 -62.45 68.98 -29.11
CA LEU H 1251 -62.44 67.54 -29.30
C LEU H 1251 -63.49 66.84 -28.45
N GLU H 1252 -64.08 67.51 -27.47
CA GLU H 1252 -65.10 66.93 -26.61
C GLU H 1252 -66.41 67.69 -26.70
N HIS H 1253 -66.66 68.38 -27.80
CA HIS H 1253 -67.87 69.17 -27.93
C HIS H 1253 -69.09 68.27 -27.79
N PRO H 1254 -70.08 68.63 -26.97
CA PRO H 1254 -71.21 67.71 -26.74
C PRO H 1254 -72.03 67.40 -27.97
N HIS H 1255 -72.00 68.22 -29.01
CA HIS H 1255 -72.89 68.07 -30.15
C HIS H 1255 -72.19 67.86 -31.48
N TYR H 1256 -71.04 68.47 -31.71
CA TYR H 1256 -70.39 68.47 -33.00
C TYR H 1256 -69.12 67.62 -32.96
N GLU H 1257 -68.95 66.77 -33.97
CA GLU H 1257 -67.79 65.92 -34.08
C GLU H 1257 -67.22 66.05 -35.49
N VAL H 1258 -65.91 66.17 -35.59
CA VAL H 1258 -65.21 66.31 -36.87
C VAL H 1258 -64.29 65.12 -37.03
N ALA H 1259 -64.39 64.45 -38.17
CA ALA H 1259 -63.59 63.26 -38.47
C ALA H 1259 -62.65 63.57 -39.64
N ARG H 1260 -61.38 63.26 -39.46
CA ARG H 1260 -60.38 63.47 -40.51
C ARG H 1260 -60.30 62.20 -41.33
N MET H 1261 -60.98 62.19 -42.47
CA MET H 1261 -61.05 61.01 -43.31
C MET H 1261 -59.86 60.98 -44.27
N ASP H 1262 -59.14 59.86 -44.29
CA ASP H 1262 -58.00 59.72 -45.17
C ASP H 1262 -58.46 59.57 -46.62
N GLY H 1263 -57.56 59.95 -47.54
CA GLY H 1263 -57.84 59.78 -48.94
C GLY H 1263 -57.70 58.33 -49.36
N THR H 1264 -58.50 57.95 -50.35
CA THR H 1264 -58.48 56.60 -50.91
C THR H 1264 -58.22 56.68 -52.40
N VAL H 1265 -58.30 55.53 -53.07
CA VAL H 1265 -58.08 55.49 -54.51
C VAL H 1265 -59.14 56.28 -55.27
N ASP H 1266 -60.36 56.37 -54.73
CA ASP H 1266 -61.45 57.04 -55.40
C ASP H 1266 -61.95 58.29 -54.71
N THR H 1267 -61.58 58.53 -53.45
CA THR H 1267 -61.97 59.75 -52.76
C THR H 1267 -60.75 60.53 -52.29
N PRO H 1268 -60.85 61.85 -52.17
CA PRO H 1268 -59.73 62.63 -51.66
C PRO H 1268 -59.77 62.71 -50.14
N PRO H 1269 -58.83 63.43 -49.54
CA PRO H 1269 -58.94 63.69 -48.10
C PRO H 1269 -60.21 64.49 -47.78
N CYS H 1270 -60.78 64.23 -46.61
CA CYS H 1270 -62.03 64.87 -46.24
C CYS H 1270 -62.04 65.18 -44.75
N LEU H 1271 -62.81 66.21 -44.40
CA LEU H 1271 -63.10 66.58 -43.02
C LEU H 1271 -64.61 66.57 -42.89
N ARG H 1272 -65.15 65.57 -42.21
CA ARG H 1272 -66.58 65.33 -42.14
C ARG H 1272 -67.14 65.83 -40.82
N LEU H 1273 -68.32 66.45 -40.87
CA LEU H 1273 -69.01 66.92 -39.67
C LEU H 1273 -70.22 66.04 -39.40
N THR H 1274 -70.41 65.70 -38.13
CA THR H 1274 -71.56 64.92 -37.70
C THR H 1274 -72.14 65.53 -36.44
N HIS H 1275 -73.45 65.34 -36.27
CA HIS H 1275 -74.17 65.84 -35.11
C HIS H 1275 -74.41 64.68 -34.15
N ARG H 1276 -73.67 64.66 -33.05
CA ARG H 1276 -73.75 63.51 -32.14
C ARG H 1276 -75.14 63.37 -31.53
N THR H 1277 -75.71 64.48 -31.06
CA THR H 1277 -76.96 64.45 -30.30
C THR H 1277 -78.18 64.69 -31.17
N TRP H 1278 -78.10 64.40 -32.46
CA TRP H 1278 -79.24 64.63 -33.33
C TRP H 1278 -80.38 63.68 -32.97
N GLY H 1279 -81.60 64.17 -33.14
CA GLY H 1279 -82.78 63.36 -32.93
C GLY H 1279 -82.89 62.82 -31.52
N SER H 1280 -82.67 63.68 -30.54
CA SER H 1280 -82.80 63.27 -29.14
C SER H 1280 -83.09 64.50 -28.30
N GLN H 1281 -83.56 64.27 -27.09
CA GLN H 1281 -83.75 65.36 -26.15
C GLN H 1281 -82.40 65.91 -25.74
N ASN H 1282 -82.32 67.24 -25.61
CA ASN H 1282 -81.15 68.09 -25.39
C ASN H 1282 -80.43 68.39 -26.69
N SER H 1283 -80.89 67.89 -27.83
CA SER H 1283 -80.24 68.18 -29.10
C SER H 1283 -80.21 69.69 -29.34
N LEU H 1284 -79.06 70.17 -29.83
CA LEU H 1284 -78.86 71.57 -30.12
C LEU H 1284 -78.90 71.75 -31.63
N VAL H 1285 -79.87 72.53 -32.11
CA VAL H 1285 -80.03 72.80 -33.53
C VAL H 1285 -80.02 74.30 -33.77
N GLU H 1286 -78.89 74.82 -34.24
CA GLU H 1286 -78.73 76.24 -34.50
C GLU H 1286 -77.70 76.42 -35.60
N MET H 1287 -77.63 77.64 -36.12
CA MET H 1287 -76.66 77.94 -37.17
C MET H 1287 -75.25 77.60 -36.72
N LEU H 1288 -74.48 77.01 -37.63
CA LEU H 1288 -73.10 76.64 -37.39
C LEU H 1288 -72.25 77.27 -38.48
N PHE H 1289 -71.25 78.04 -38.08
CA PHE H 1289 -70.36 78.75 -39.01
C PHE H 1289 -69.00 78.11 -38.92
N LEU H 1290 -68.58 77.44 -39.99
CA LEU H 1290 -67.33 76.70 -40.01
C LEU H 1290 -66.40 77.30 -41.06
N ARG H 1291 -65.10 77.28 -40.75
CA ARG H 1291 -64.09 77.60 -41.74
C ARG H 1291 -62.92 76.64 -41.56
N LEU H 1292 -61.96 76.74 -42.47
CA LEU H 1292 -60.74 75.97 -42.35
C LEU H 1292 -59.63 76.84 -41.78
N SER H 1293 -58.73 76.20 -41.02
CA SER H 1293 -57.77 76.97 -40.22
C SER H 1293 -56.85 77.82 -41.08
N LEU H 1294 -56.59 77.42 -42.31
CA LEU H 1294 -55.59 78.11 -43.12
C LEU H 1294 -56.23 78.79 -44.32
N PRO H 1295 -55.76 80.00 -44.69
CA PRO H 1295 -56.30 80.67 -45.87
C PRO H 1295 -55.50 80.44 -47.14
N VAL H 1296 -56.11 80.74 -48.28
CA VAL H 1296 -55.40 80.88 -49.55
C VAL H 1296 -55.29 82.37 -49.84
N GLN H 1297 -54.11 82.79 -50.27
CA GLN H 1297 -53.82 84.21 -50.47
C GLN H 1297 -53.59 84.49 -51.94
N PHE H 1298 -54.29 85.48 -52.46
CA PHE H 1298 -54.17 85.84 -53.87
C PHE H 1298 -52.85 86.54 -54.13
N HIS H 1299 -52.39 86.46 -55.37
CA HIS H 1299 -51.07 86.97 -55.72
C HIS H 1299 -51.01 88.50 -55.56
N GLN H 1300 -49.79 88.99 -55.39
CA GLN H 1300 -49.59 90.44 -55.25
C GLN H 1300 -49.99 91.17 -56.52
N HIS H 1301 -49.66 90.62 -57.69
CA HIS H 1301 -49.98 91.22 -58.98
C HIS H 1301 -50.79 90.24 -59.80
N PHE H 1302 -51.84 90.74 -60.43
CA PHE H 1302 -52.69 89.92 -61.28
C PHE H 1302 -52.20 89.99 -62.72
N ARG H 1303 -52.24 88.85 -63.41
CA ARG H 1303 -51.75 88.81 -64.78
C ARG H 1303 -52.51 89.81 -65.64
N CYS H 1304 -51.77 90.52 -66.49
CA CYS H 1304 -52.36 91.56 -67.31
C CYS H 1304 -53.39 90.95 -68.26
N THR H 1305 -54.65 91.30 -68.04
CA THR H 1305 -55.74 90.81 -68.89
C THR H 1305 -55.70 89.29 -69.01
N ASP H 1420 -57.71 60.97 -71.39
CA ASP H 1420 -58.92 60.99 -70.58
C ASP H 1420 -58.59 61.18 -69.11
N ASN H 1421 -59.10 62.25 -68.53
CA ASN H 1421 -58.99 62.59 -67.11
C ASN H 1421 -57.64 62.20 -66.50
N ARG H 1422 -56.55 62.55 -67.17
CA ARG H 1422 -55.23 62.68 -66.54
C ARG H 1422 -54.76 64.11 -66.74
N ASP H 1423 -54.16 64.68 -65.70
CA ASP H 1423 -53.68 66.05 -65.77
C ASP H 1423 -52.59 66.17 -66.82
N ASP H 1424 -52.67 67.22 -67.63
CA ASP H 1424 -51.61 67.51 -68.58
C ASP H 1424 -50.44 68.17 -67.84
N PRO H 1425 -49.24 67.57 -67.84
CA PRO H 1425 -48.18 68.06 -66.94
C PRO H 1425 -47.95 69.56 -66.99
N GLU H 1426 -47.80 70.13 -68.18
CA GLU H 1426 -47.51 71.57 -68.25
C GLU H 1426 -48.67 72.39 -67.72
N ILE H 1427 -49.91 72.00 -68.06
CA ILE H 1427 -51.06 72.75 -67.59
C ILE H 1427 -51.14 72.70 -66.07
N ILE H 1428 -51.00 71.51 -65.50
CA ILE H 1428 -51.12 71.35 -64.05
C ILE H 1428 -49.96 72.02 -63.32
N LEU H 1429 -48.79 72.13 -63.95
CA LEU H 1429 -47.65 72.75 -63.31
C LEU H 1429 -47.55 74.25 -63.55
N ASN H 1430 -48.37 74.80 -64.46
CA ASN H 1430 -48.42 76.24 -64.66
C ASN H 1430 -49.78 76.85 -64.33
N THR H 1431 -50.72 76.07 -63.79
CA THR H 1431 -52.03 76.57 -63.45
C THR H 1431 -51.98 77.33 -62.13
N THR H 1432 -52.82 78.36 -62.02
CA THR H 1432 -52.99 79.11 -60.78
C THR H 1432 -54.40 78.99 -60.24
N THR H 1433 -55.14 77.97 -60.68
CA THR H 1433 -56.50 77.74 -60.24
C THR H 1433 -56.53 76.61 -59.23
N TYR H 1434 -57.22 76.82 -58.12
CA TYR H 1434 -57.32 75.86 -57.04
C TYR H 1434 -58.77 75.58 -56.72
N TYR H 1435 -59.02 74.40 -56.15
CA TYR H 1435 -60.35 73.84 -56.06
C TYR H 1435 -60.56 73.18 -54.71
N TYR H 1436 -61.78 73.25 -54.20
CA TYR H 1436 -62.18 72.38 -53.09
C TYR H 1436 -63.68 72.22 -53.14
N SER H 1437 -64.19 71.09 -52.66
CA SER H 1437 -65.63 70.86 -52.74
C SER H 1437 -66.20 70.64 -51.35
N VAL H 1438 -67.52 70.79 -51.25
CA VAL H 1438 -68.27 70.50 -50.04
C VAL H 1438 -69.37 69.53 -50.43
N ARG H 1439 -69.40 68.38 -49.77
CA ARG H 1439 -70.46 67.40 -49.97
C ARG H 1439 -71.48 67.58 -48.85
N VAL H 1440 -72.68 68.03 -49.22
CA VAL H 1440 -73.81 68.10 -48.32
C VAL H 1440 -74.49 66.75 -48.38
N PHE H 1441 -74.51 66.03 -47.25
CA PHE H 1441 -75.00 64.66 -47.27
C PHE H 1441 -76.51 64.62 -47.46
N ALA H 1442 -76.98 63.55 -48.10
CA ALA H 1442 -78.41 63.36 -48.27
C ALA H 1442 -79.09 63.31 -46.92
N GLY H 1443 -80.19 64.05 -46.79
CA GLY H 1443 -80.87 64.27 -45.52
C GLY H 1443 -80.60 65.63 -44.93
N GLN H 1444 -79.44 66.22 -45.23
CA GLN H 1444 -79.16 67.60 -44.91
C GLN H 1444 -79.77 68.47 -46.00
N GLU H 1445 -80.76 69.27 -45.64
CA GLU H 1445 -81.46 70.07 -46.63
C GLU H 1445 -80.48 71.05 -47.28
N PRO H 1446 -80.34 71.04 -48.60
CA PRO H 1446 -79.47 72.03 -49.24
C PRO H 1446 -79.90 73.46 -48.99
N SER H 1447 -81.17 73.69 -48.69
CA SER H 1447 -81.65 75.04 -48.42
C SER H 1447 -81.07 75.63 -47.15
N CYS H 1448 -80.43 74.81 -46.32
CA CYS H 1448 -79.86 75.25 -45.05
C CYS H 1448 -78.34 75.26 -45.07
N VAL H 1449 -77.72 75.38 -46.25
CA VAL H 1449 -76.27 75.32 -46.39
C VAL H 1449 -75.82 76.47 -47.27
N TRP H 1450 -74.75 77.14 -46.86
CA TRP H 1450 -74.07 78.14 -47.68
C TRP H 1450 -72.61 77.75 -47.76
N VAL H 1451 -72.07 77.72 -48.97
CA VAL H 1451 -70.71 77.25 -49.21
C VAL H 1451 -69.94 78.36 -49.93
N GLY H 1452 -68.69 78.54 -49.54
CA GLY H 1452 -67.85 79.54 -50.18
C GLY H 1452 -66.61 79.90 -49.38
N TRP H 1453 -66.35 81.18 -49.24
CA TRP H 1453 -65.14 81.67 -48.58
C TRP H 1453 -65.49 82.83 -47.67
N VAL H 1454 -64.63 83.04 -46.68
CA VAL H 1454 -64.72 84.21 -45.80
C VAL H 1454 -63.34 84.85 -45.73
N THR H 1455 -63.33 86.15 -45.47
CA THR H 1455 -62.10 86.88 -45.23
C THR H 1455 -61.77 86.86 -43.75
N PRO H 1456 -60.58 87.28 -43.36
CA PRO H 1456 -60.16 87.15 -41.96
C PRO H 1456 -61.05 87.91 -40.99
N ASP H 1457 -61.85 88.85 -41.47
CA ASP H 1457 -62.62 89.75 -40.62
C ASP H 1457 -64.12 89.45 -40.68
N TYR H 1458 -64.50 88.18 -40.72
CA TYR H 1458 -65.90 87.81 -40.60
C TYR H 1458 -66.24 87.54 -39.14
N HIS H 1459 -67.20 88.29 -38.59
CA HIS H 1459 -67.52 88.20 -37.16
C HIS H 1459 -69.02 88.25 -36.94
N GLN H 1460 -69.81 87.61 -37.81
CA GLN H 1460 -71.27 87.64 -37.70
C GLN H 1460 -71.77 86.28 -37.22
N HIS H 1461 -72.26 86.25 -35.98
CA HIS H 1461 -72.91 85.06 -35.43
C HIS H 1461 -74.42 85.17 -35.55
N ASP H 1462 -74.88 85.28 -36.80
CA ASP H 1462 -76.29 85.52 -37.08
C ASP H 1462 -77.06 84.20 -37.10
N MET H 1463 -77.98 84.04 -36.15
CA MET H 1463 -78.77 82.82 -36.07
C MET H 1463 -79.84 82.73 -37.16
N SER H 1464 -80.04 83.78 -37.95
CA SER H 1464 -80.98 83.79 -39.06
C SER H 1464 -80.27 84.20 -40.33
N PHE H 1465 -79.13 83.57 -40.58
CA PHE H 1465 -78.24 84.01 -41.64
C PHE H 1465 -78.89 83.86 -43.01
N ASP H 1466 -78.68 84.87 -43.87
CA ASP H 1466 -79.05 84.83 -45.26
C ASP H 1466 -77.97 85.53 -46.06
N LEU H 1467 -77.92 85.26 -47.36
CA LEU H 1467 -76.92 85.91 -48.21
C LEU H 1467 -77.20 87.40 -48.28
N SER H 1468 -78.39 87.82 -47.86
CA SER H 1468 -78.71 89.24 -47.77
C SER H 1468 -78.13 89.89 -46.51
N LYS H 1469 -77.71 89.10 -45.54
CA LYS H 1469 -77.08 89.62 -44.33
C LYS H 1469 -75.60 89.89 -44.51
N VAL H 1470 -75.02 89.48 -45.64
CA VAL H 1470 -73.58 89.61 -45.84
C VAL H 1470 -73.23 91.09 -45.98
N ARG H 1471 -72.23 91.51 -45.23
CA ARG H 1471 -71.73 92.88 -45.35
C ARG H 1471 -71.15 93.10 -46.74
N ALA H 1472 -71.48 94.24 -47.33
CA ALA H 1472 -70.96 94.58 -48.65
C ALA H 1472 -70.98 96.09 -48.82
N VAL H 1473 -70.08 96.60 -49.65
CA VAL H 1473 -70.02 98.02 -49.94
C VAL H 1473 -69.33 98.19 -51.29
N THR H 1474 -69.61 99.31 -51.96
CA THR H 1474 -68.96 99.63 -53.22
C THR H 1474 -68.25 100.96 -53.06
N VAL H 1475 -66.96 100.98 -53.39
CA VAL H 1475 -66.16 102.20 -53.38
C VAL H 1475 -65.97 102.62 -54.83
N THR H 1476 -66.43 103.81 -55.17
CA THR H 1476 -66.40 104.31 -56.54
C THR H 1476 -65.54 105.56 -56.60
N MET H 1477 -64.52 105.53 -57.45
CA MET H 1477 -63.66 106.68 -57.69
C MET H 1477 -63.82 107.16 -59.13
N GLY H 1478 -63.90 108.47 -59.28
CA GLY H 1478 -64.03 109.10 -60.58
C GLY H 1478 -63.29 110.41 -60.62
N ASP H 1479 -63.47 111.15 -61.71
CA ASP H 1479 -62.83 112.44 -61.87
C ASP H 1479 -63.73 113.54 -61.30
N GLU H 1480 -63.38 114.79 -61.62
CA GLU H 1480 -64.16 115.92 -61.13
C GLU H 1480 -65.60 115.86 -61.66
N GLN H 1481 -65.75 115.61 -62.96
CA GLN H 1481 -67.07 115.55 -63.59
C GLN H 1481 -67.53 114.10 -63.76
N GLY H 1482 -67.69 113.41 -62.63
CA GLY H 1482 -68.13 112.03 -62.67
C GLY H 1482 -67.06 111.15 -63.31
N ASN H 1483 -67.40 110.56 -64.45
CA ASN H 1483 -66.48 109.71 -65.21
C ASN H 1483 -65.78 108.71 -64.29
N VAL H 1484 -66.60 107.81 -63.74
CA VAL H 1484 -66.09 106.80 -62.82
C VAL H 1484 -64.85 106.15 -63.42
N HIS H 1485 -63.74 106.19 -62.67
CA HIS H 1485 -62.54 105.46 -63.03
C HIS H 1485 -62.55 104.03 -62.52
N SER H 1486 -63.06 103.80 -61.31
CA SER H 1486 -63.06 102.45 -60.75
C SER H 1486 -64.24 102.30 -59.82
N SER H 1487 -64.71 101.07 -59.67
CA SER H 1487 -65.82 100.74 -58.77
C SER H 1487 -65.54 99.34 -58.21
N LEU H 1488 -65.04 99.31 -56.98
CA LEU H 1488 -64.64 98.06 -56.34
C LEU H 1488 -65.69 97.63 -55.33
N LYS H 1489 -66.04 96.35 -55.35
CA LYS H 1489 -66.96 95.79 -54.38
C LYS H 1489 -66.18 95.08 -53.28
N CYS H 1490 -66.52 95.39 -52.04
CA CYS H 1490 -65.83 94.88 -50.86
C CYS H 1490 -66.82 94.10 -50.01
N SER H 1491 -66.40 92.95 -49.53
CA SER H 1491 -67.22 92.10 -48.66
C SER H 1491 -66.29 91.20 -47.87
N ASN H 1492 -66.87 90.47 -46.92
CA ASN H 1492 -66.13 89.50 -46.14
C ASN H 1492 -66.68 88.09 -46.24
N CYS H 1493 -67.70 87.87 -47.08
CA CYS H 1493 -68.31 86.56 -47.23
C CYS H 1493 -68.64 86.36 -48.70
N TYR H 1494 -68.09 85.30 -49.30
CA TYR H 1494 -68.29 84.98 -50.71
C TYR H 1494 -68.81 83.56 -50.77
N MET H 1495 -70.13 83.41 -50.87
CA MET H 1495 -70.76 82.10 -50.76
C MET H 1495 -71.89 81.99 -51.77
N VAL H 1496 -72.33 80.75 -51.99
CA VAL H 1496 -73.50 80.43 -52.80
C VAL H 1496 -74.48 79.67 -51.92
N TRP H 1497 -75.74 80.06 -51.98
CA TRP H 1497 -76.77 79.38 -51.21
C TRP H 1497 -77.07 78.01 -51.81
N GLY H 1498 -77.14 77.00 -50.95
CA GLY H 1498 -77.41 75.66 -51.43
C GLY H 1498 -78.76 75.53 -52.10
N GLY H 1499 -79.69 76.43 -51.77
CA GLY H 1499 -81.01 76.38 -52.38
C GLY H 1499 -81.03 76.74 -53.84
N ASP H 1500 -79.95 77.33 -54.36
CA ASP H 1500 -79.90 77.66 -55.77
C ASP H 1500 -79.80 76.41 -56.63
N PHE H 1501 -79.21 75.34 -56.10
CA PHE H 1501 -78.93 74.14 -56.86
C PHE H 1501 -79.95 73.03 -56.60
N VAL H 1502 -81.05 73.34 -55.92
CA VAL H 1502 -82.13 72.37 -55.73
C VAL H 1502 -83.06 72.44 -56.93
N SER H 1503 -83.28 71.30 -57.57
CA SER H 1503 -84.11 71.27 -58.76
C SER H 1503 -85.52 71.77 -58.42
N PRO H 1504 -86.14 72.59 -59.27
CA PRO H 1504 -87.46 73.13 -58.91
C PRO H 1504 -88.49 72.04 -58.61
N GLY H 1505 -88.47 70.94 -59.35
CA GLY H 1505 -89.36 69.84 -59.02
C GLY H 1505 -89.00 69.19 -57.70
N GLN H 1506 -87.71 68.99 -57.44
CA GLN H 1506 -87.28 68.38 -56.20
C GLN H 1506 -87.65 69.23 -54.98
N GLN H 1507 -87.83 70.53 -55.18
CA GLN H 1507 -88.17 71.42 -54.08
C GLN H 1507 -89.44 70.96 -53.40
N GLY H 1508 -89.43 70.96 -52.06
CA GLY H 1508 -90.55 70.52 -51.26
C GLY H 1508 -90.49 69.07 -50.85
N ARG H 1509 -89.55 68.30 -51.40
CA ARG H 1509 -89.40 66.88 -51.08
C ARG H 1509 -87.94 66.61 -50.71
N ILE H 1510 -87.75 65.78 -49.68
CA ILE H 1510 -86.41 65.39 -49.28
C ILE H 1510 -85.79 64.51 -50.36
N SER H 1511 -84.50 64.65 -50.57
CA SER H 1511 -83.76 63.92 -51.57
C SER H 1511 -82.96 62.80 -50.93
N HIS H 1512 -82.56 61.84 -51.76
CA HIS H 1512 -81.74 60.72 -51.34
C HIS H 1512 -80.33 60.78 -51.94
N THR H 1513 -79.96 61.90 -52.55
CA THR H 1513 -78.65 62.08 -53.15
C THR H 1513 -77.88 63.17 -52.42
N ASP H 1514 -76.56 63.13 -52.58
CA ASP H 1514 -75.67 64.12 -51.98
C ASP H 1514 -75.50 65.28 -52.95
N LEU H 1515 -75.30 66.48 -52.39
CA LEU H 1515 -75.08 67.66 -53.21
C LEU H 1515 -73.62 68.10 -53.06
N VAL H 1516 -72.89 68.12 -54.17
CA VAL H 1516 -71.48 68.45 -54.15
C VAL H 1516 -71.31 69.81 -54.79
N ILE H 1517 -70.87 70.79 -54.01
CA ILE H 1517 -70.62 72.14 -54.49
C ILE H 1517 -69.11 72.36 -54.52
N GLY H 1518 -68.58 72.61 -55.71
CA GLY H 1518 -67.15 72.85 -55.89
C GLY H 1518 -66.87 74.34 -56.03
N CYS H 1519 -65.78 74.79 -55.42
CA CYS H 1519 -65.37 76.18 -55.42
C CYS H 1519 -64.01 76.27 -56.08
N LEU H 1520 -63.88 77.17 -57.05
CA LEU H 1520 -62.68 77.41 -57.82
C LEU H 1520 -62.22 78.84 -57.61
N VAL H 1521 -60.92 79.01 -57.42
CA VAL H 1521 -60.32 80.33 -57.27
C VAL H 1521 -59.08 80.42 -58.15
N ASP H 1522 -58.97 81.50 -58.91
CA ASP H 1522 -57.79 81.77 -59.71
C ASP H 1522 -56.95 82.80 -58.97
N LEU H 1523 -55.86 82.35 -58.36
CA LEU H 1523 -55.04 83.23 -57.53
C LEU H 1523 -54.28 84.27 -58.34
N ALA H 1524 -54.27 84.15 -59.66
CA ALA H 1524 -53.54 85.08 -60.52
C ALA H 1524 -54.44 86.11 -61.18
N THR H 1525 -55.75 85.89 -61.20
CA THR H 1525 -56.70 86.84 -61.79
C THR H 1525 -57.71 87.37 -60.80
N GLY H 1526 -57.85 86.78 -59.63
CA GLY H 1526 -58.80 87.23 -58.65
C GLY H 1526 -60.22 86.78 -58.87
N LEU H 1527 -60.43 85.80 -59.74
CA LEU H 1527 -61.78 85.35 -60.09
C LEU H 1527 -62.16 84.14 -59.24
N MET H 1528 -63.41 84.10 -58.81
CA MET H 1528 -63.93 83.03 -57.97
C MET H 1528 -65.21 82.51 -58.62
N THR H 1529 -65.27 81.20 -58.84
CA THR H 1529 -66.41 80.57 -59.49
C THR H 1529 -66.86 79.35 -58.70
N PHE H 1530 -68.08 78.91 -59.00
CA PHE H 1530 -68.70 77.79 -58.29
C PHE H 1530 -69.35 76.85 -59.28
N THR H 1531 -69.38 75.57 -58.92
CA THR H 1531 -70.07 74.55 -59.69
C THR H 1531 -70.90 73.69 -58.74
N ALA H 1532 -72.01 73.15 -59.24
CA ALA H 1532 -72.88 72.30 -58.46
C ALA H 1532 -73.11 71.01 -59.23
N ASN H 1533 -72.69 69.89 -58.63
CA ASN H 1533 -72.84 68.57 -59.25
C ASN H 1533 -72.21 68.56 -60.64
N GLY H 1534 -71.09 69.28 -60.78
CA GLY H 1534 -70.35 69.34 -62.01
C GLY H 1534 -70.84 70.42 -62.97
N LYS H 1535 -72.02 70.98 -62.73
CA LYS H 1535 -72.57 72.03 -63.58
C LYS H 1535 -72.11 73.39 -63.06
N GLU H 1536 -71.57 74.21 -63.96
CA GLU H 1536 -71.14 75.54 -63.58
C GLU H 1536 -72.34 76.39 -63.19
N SER H 1537 -72.16 77.20 -62.15
CA SER H 1537 -73.22 78.09 -61.69
C SER H 1537 -73.00 79.50 -62.22
N ASN H 1538 -73.98 80.36 -62.01
CA ASN H 1538 -73.95 81.73 -62.49
C ASN H 1538 -73.32 82.70 -61.51
N THR H 1539 -73.04 82.26 -60.28
CA THR H 1539 -72.46 83.15 -59.28
C THR H 1539 -70.95 83.19 -59.45
N PHE H 1540 -70.40 84.40 -59.53
CA PHE H 1540 -68.96 84.59 -59.60
C PHE H 1540 -68.59 85.84 -58.82
N PHE H 1541 -67.36 85.88 -58.34
CA PHE H 1541 -66.87 86.98 -57.53
C PHE H 1541 -65.50 87.42 -58.03
N GLN H 1542 -65.16 88.68 -57.74
CA GLN H 1542 -63.86 89.25 -58.11
C GLN H 1542 -63.26 89.89 -56.88
N VAL H 1543 -62.03 89.51 -56.54
CA VAL H 1543 -61.35 90.03 -55.37
C VAL H 1543 -60.07 90.72 -55.81
N GLU H 1544 -59.51 91.50 -54.90
CA GLU H 1544 -58.29 92.25 -55.16
C GLU H 1544 -57.06 91.45 -54.78
N PRO H 1545 -55.89 91.82 -55.30
CA PRO H 1545 -54.67 91.10 -54.94
C PRO H 1545 -54.37 91.18 -53.45
N ASN H 1546 -53.69 90.15 -52.96
CA ASN H 1546 -53.30 89.96 -51.56
C ASN H 1546 -54.46 89.50 -50.69
N THR H 1547 -55.66 89.39 -51.23
CA THR H 1547 -56.81 88.98 -50.42
C THR H 1547 -56.59 87.58 -49.87
N LYS H 1548 -56.88 87.41 -48.59
CA LYS H 1548 -56.84 86.12 -47.93
C LYS H 1548 -58.26 85.58 -47.81
N LEU H 1549 -58.46 84.32 -48.18
CA LEU H 1549 -59.77 83.72 -48.15
C LEU H 1549 -59.69 82.37 -47.45
N PHE H 1550 -60.58 82.15 -46.49
CA PHE H 1550 -60.67 80.88 -45.80
C PHE H 1550 -61.81 80.06 -46.38
N PRO H 1551 -61.62 78.79 -46.71
CA PRO H 1551 -62.78 77.96 -47.06
C PRO H 1551 -63.77 77.94 -45.90
N ALA H 1552 -65.06 78.04 -46.23
CA ALA H 1552 -66.07 78.21 -45.20
C ALA H 1552 -67.36 77.52 -45.60
N VAL H 1553 -68.15 77.17 -44.59
CA VAL H 1553 -69.46 76.56 -44.78
C VAL H 1553 -70.35 76.99 -43.61
N PHE H 1554 -71.51 77.55 -43.93
CA PHE H 1554 -72.51 77.90 -42.93
C PHE H 1554 -73.70 76.97 -43.11
N VAL H 1555 -74.10 76.30 -42.03
CA VAL H 1555 -75.09 75.24 -42.15
C VAL H 1555 -75.99 75.25 -40.92
N LEU H 1556 -77.27 74.97 -41.14
CA LEU H 1556 -78.19 74.67 -40.05
C LEU H 1556 -78.45 73.17 -40.09
N PRO H 1557 -77.89 72.39 -39.17
CA PRO H 1557 -78.01 70.93 -39.29
C PRO H 1557 -79.45 70.48 -39.33
N THR H 1558 -79.72 69.48 -40.18
CA THR H 1558 -81.03 68.84 -40.25
C THR H 1558 -80.89 67.33 -40.34
N HIS H 1559 -79.71 66.80 -40.02
CA HIS H 1559 -79.44 65.37 -40.12
C HIS H 1559 -78.21 65.06 -39.30
N GLN H 1560 -78.00 63.77 -39.02
CA GLN H 1560 -76.83 63.37 -38.27
C GLN H 1560 -75.56 63.56 -39.09
N ASN H 1561 -75.64 63.34 -40.40
CA ASN H 1561 -74.53 63.61 -41.31
C ASN H 1561 -74.83 64.91 -42.04
N VAL H 1562 -73.97 65.91 -41.85
CA VAL H 1562 -74.29 67.24 -42.35
C VAL H 1562 -73.50 67.55 -43.62
N VAL H 1563 -72.18 67.72 -43.47
CA VAL H 1563 -71.35 68.20 -44.57
C VAL H 1563 -69.96 67.59 -44.46
N GLN H 1564 -69.22 67.75 -45.55
CA GLN H 1564 -67.88 67.18 -45.68
C GLN H 1564 -67.05 68.12 -46.53
N PHE H 1565 -65.99 68.68 -45.95
CA PHE H 1565 -64.98 69.38 -46.72
C PHE H 1565 -64.17 68.34 -47.48
N GLU H 1566 -64.23 68.35 -48.81
CA GLU H 1566 -63.47 67.43 -49.63
C GLU H 1566 -62.34 68.22 -50.27
N LEU H 1567 -61.11 67.91 -49.87
CA LEU H 1567 -59.92 68.65 -50.29
C LEU H 1567 -59.30 67.95 -51.50
N GLY H 1568 -60.12 67.78 -52.53
CA GLY H 1568 -59.70 67.06 -53.72
C GLY H 1568 -59.19 67.98 -54.80
N LYS H 1569 -59.40 67.61 -56.06
CA LYS H 1569 -58.95 68.41 -57.17
C LYS H 1569 -59.78 68.07 -58.40
N GLN H 1570 -59.51 68.79 -59.48
CA GLN H 1570 -60.15 68.55 -60.77
C GLN H 1570 -59.06 68.41 -61.83
N LYS H 1571 -59.48 68.07 -63.04
CA LYS H 1571 -58.53 67.95 -64.14
C LYS H 1571 -57.87 69.29 -64.40
N ASN H 1572 -56.54 69.31 -64.33
CA ASN H 1572 -55.73 70.50 -64.57
C ASN H 1572 -56.00 71.59 -63.53
N ILE H 1573 -56.49 71.22 -62.36
CA ILE H 1573 -56.74 72.14 -61.26
C ILE H 1573 -56.07 71.60 -60.02
N MET H 1574 -55.31 72.44 -59.34
CA MET H 1574 -54.54 71.99 -58.19
C MET H 1574 -55.41 71.98 -56.93
N PRO H 1575 -55.06 71.16 -55.94
CA PRO H 1575 -55.81 71.14 -54.69
C PRO H 1575 -55.45 72.33 -53.80
N LEU H 1576 -56.19 72.46 -52.71
CA LEU H 1576 -55.95 73.56 -51.78
C LEU H 1576 -54.56 73.49 -51.18
N SER H 1577 -54.12 72.29 -50.81
CA SER H 1577 -52.82 72.16 -50.17
C SER H 1577 -51.73 72.85 -50.97
N ALA H 1578 -51.79 72.75 -52.29
CA ALA H 1578 -50.79 73.38 -53.14
C ALA H 1578 -50.76 74.89 -53.00
N ALA H 1579 -51.90 75.52 -52.69
CA ALA H 1579 -51.94 76.95 -52.46
C ALA H 1579 -51.68 77.33 -51.01
N MET H 1580 -52.01 76.44 -50.08
CA MET H 1580 -51.87 76.73 -48.66
C MET H 1580 -50.45 76.55 -48.15
N PHE H 1581 -49.69 75.62 -48.70
CA PHE H 1581 -48.38 75.28 -48.18
C PHE H 1581 -47.33 75.50 -49.25
N LEU H 1582 -46.27 76.24 -48.89
CA LEU H 1582 -45.22 76.57 -49.85
C LEU H 1582 -44.50 75.31 -50.34
N SER H 1583 -44.23 74.38 -49.43
CA SER H 1583 -43.48 73.19 -49.82
C SER H 1583 -44.27 72.33 -50.80
N GLU H 1584 -45.59 72.51 -50.86
CA GLU H 1584 -46.45 71.75 -51.75
C GLU H 1584 -46.89 72.57 -52.95
N ARG H 1585 -46.23 73.69 -53.23
CA ARG H 1585 -46.69 74.59 -54.27
C ARG H 1585 -46.84 73.89 -55.62
N LYS H 1586 -46.02 72.87 -55.88
CA LYS H 1586 -46.03 72.17 -57.16
C LYS H 1586 -46.37 70.70 -57.00
N ASN H 1587 -47.12 70.35 -55.95
CA ASN H 1587 -47.48 68.97 -55.69
C ASN H 1587 -48.96 68.78 -56.00
N PRO H 1588 -49.31 68.13 -57.12
CA PRO H 1588 -50.73 67.98 -57.44
C PRO H 1588 -51.47 66.98 -56.57
N ALA H 1589 -50.77 66.22 -55.74
CA ALA H 1589 -51.43 65.21 -54.91
C ALA H 1589 -52.17 65.91 -53.75
N PRO H 1590 -53.48 65.72 -53.61
CA PRO H 1590 -54.20 66.35 -52.51
C PRO H 1590 -53.67 65.88 -51.16
N GLN H 1591 -53.66 66.80 -50.18
CA GLN H 1591 -53.23 66.48 -48.83
C GLN H 1591 -54.06 67.28 -47.84
N CYS H 1592 -54.10 66.79 -46.60
CA CYS H 1592 -54.76 67.48 -45.50
C CYS H 1592 -53.86 67.40 -44.28
N PRO H 1593 -52.84 68.24 -44.21
CA PRO H 1593 -51.88 68.16 -43.10
C PRO H 1593 -52.55 68.45 -41.77
N PRO H 1594 -51.88 68.15 -40.65
CA PRO H 1594 -52.50 68.37 -39.34
C PRO H 1594 -52.88 69.82 -39.07
N ARG H 1595 -52.15 70.80 -39.62
CA ARG H 1595 -52.49 72.18 -39.35
C ARG H 1595 -53.85 72.55 -39.94
N LEU H 1596 -54.25 71.89 -41.02
CA LEU H 1596 -55.56 72.15 -41.63
C LEU H 1596 -56.63 71.46 -40.80
N GLU H 1597 -57.54 72.24 -40.22
CA GLU H 1597 -58.59 71.70 -39.37
C GLU H 1597 -59.81 72.58 -39.47
N VAL H 1598 -60.92 72.08 -38.96
CA VAL H 1598 -62.20 72.78 -38.98
C VAL H 1598 -62.29 73.64 -37.74
N GLN H 1599 -62.67 74.90 -37.92
CA GLN H 1599 -62.90 75.84 -36.84
C GLN H 1599 -64.34 76.33 -36.91
N MET H 1600 -64.93 76.55 -35.73
CA MET H 1600 -66.29 77.05 -35.64
C MET H 1600 -66.28 78.44 -35.02
N LEU H 1601 -67.31 79.21 -35.36
CA LEU H 1601 -67.45 80.56 -34.81
C LEU H 1601 -68.02 80.48 -33.41
N MET H 1602 -67.29 81.02 -32.44
CA MET H 1602 -67.68 81.08 -31.04
C MET H 1602 -68.08 82.51 -30.69
N PRO H 1603 -69.21 82.71 -30.01
CA PRO H 1603 -69.76 84.07 -29.90
C PRO H 1603 -69.02 84.97 -28.93
N VAL H 1604 -68.44 84.41 -27.87
CA VAL H 1604 -67.82 85.21 -26.81
C VAL H 1604 -66.45 84.63 -26.50
N SER H 1605 -65.52 85.49 -26.12
CA SER H 1605 -64.19 85.04 -25.75
C SER H 1605 -63.59 86.00 -24.72
N TRP H 1606 -62.64 85.50 -23.94
CA TRP H 1606 -62.00 86.32 -22.93
C TRP H 1606 -61.03 87.30 -23.58
N SER H 1607 -60.93 88.50 -23.02
CA SER H 1607 -60.04 89.51 -23.53
C SER H 1607 -59.48 90.34 -22.38
N ARG H 1608 -58.17 90.58 -22.42
CA ARG H 1608 -57.52 91.34 -21.37
C ARG H 1608 -57.93 92.80 -21.43
N MET H 1609 -58.13 93.41 -20.26
CA MET H 1609 -58.46 94.83 -20.21
C MET H 1609 -57.18 95.65 -20.13
N PRO H 1610 -57.02 96.68 -20.95
CA PRO H 1610 -55.83 97.54 -20.82
C PRO H 1610 -55.72 98.12 -19.42
N ASN H 1611 -54.50 98.21 -18.92
CA ASN H 1611 -54.30 98.78 -17.59
C ASN H 1611 -54.40 100.29 -17.60
N HIS H 1612 -54.21 100.92 -18.76
CA HIS H 1612 -54.33 102.36 -18.90
C HIS H 1612 -55.14 102.67 -20.14
N PHE H 1613 -55.90 103.76 -20.07
CA PHE H 1613 -56.85 104.11 -21.12
C PHE H 1613 -56.61 105.54 -21.57
N LEU H 1614 -56.93 105.80 -22.83
CA LEU H 1614 -56.78 107.15 -23.37
C LEU H 1614 -57.69 108.12 -22.64
N GLN H 1615 -57.15 109.28 -22.31
CA GLN H 1615 -57.89 110.33 -21.61
C GLN H 1615 -58.43 111.29 -22.66
N VAL H 1616 -59.72 111.19 -22.94
CA VAL H 1616 -60.39 112.01 -23.94
C VAL H 1616 -61.25 113.03 -23.23
N ASP H 1617 -61.09 114.31 -23.59
CA ASP H 1617 -61.91 115.38 -23.04
C ASP H 1617 -62.90 115.84 -24.08
N THR H 1618 -64.18 115.79 -23.76
CA THR H 1618 -65.25 116.22 -24.64
C THR H 1618 -66.03 117.34 -23.96
N ARG H 1619 -66.27 118.42 -24.70
CA ARG H 1619 -66.97 119.56 -24.10
C ARG H 1619 -67.56 120.43 -25.20
N ARG H 1620 -68.67 121.09 -24.88
CA ARG H 1620 -69.29 122.01 -25.82
C ARG H 1620 -68.51 123.31 -25.82
N ALA H 1621 -67.79 123.58 -26.90
CA ALA H 1621 -66.97 124.79 -26.96
C ALA H 1621 -67.85 126.03 -26.99
N GLY H 1622 -68.94 126.00 -27.74
CA GLY H 1622 -69.83 127.15 -27.82
C GLY H 1622 -70.91 126.89 -28.85
N GLU H 1623 -71.81 127.86 -28.97
CA GLU H 1623 -72.90 127.73 -29.92
C GLU H 1623 -72.44 127.87 -31.37
N ARG H 1624 -71.25 128.41 -31.60
CA ARG H 1624 -70.67 128.50 -32.93
C ARG H 1624 -69.45 127.61 -33.11
N LEU H 1625 -68.72 127.34 -32.02
CA LEU H 1625 -67.52 126.52 -32.13
C LEU H 1625 -67.86 125.04 -32.24
N GLY H 1626 -68.97 124.62 -31.65
CA GLY H 1626 -69.41 123.24 -31.76
C GLY H 1626 -69.05 122.39 -30.56
N TRP H 1627 -68.74 121.12 -30.78
CA TRP H 1627 -68.39 120.20 -29.71
C TRP H 1627 -66.96 119.72 -29.88
N ALA H 1628 -66.11 120.05 -28.92
CA ALA H 1628 -64.68 119.82 -29.02
C ALA H 1628 -64.31 118.49 -28.37
N VAL H 1629 -63.52 117.71 -29.10
CA VAL H 1629 -62.89 116.49 -28.62
C VAL H 1629 -61.40 116.73 -28.58
N GLN H 1630 -60.74 116.32 -27.49
CA GLN H 1630 -59.32 116.57 -27.32
C GLN H 1630 -58.66 115.35 -26.70
N CYS H 1631 -57.46 115.01 -27.18
CA CYS H 1631 -56.68 113.91 -26.62
C CYS H 1631 -55.20 114.20 -26.84
N GLN H 1632 -54.46 114.36 -25.76
CA GLN H 1632 -53.08 114.85 -25.84
C GLN H 1632 -52.03 113.92 -25.26
N GLU H 1633 -52.39 112.96 -24.41
CA GLU H 1633 -51.40 112.12 -23.75
C GLU H 1633 -51.21 110.84 -24.56
N PRO H 1634 -49.99 110.54 -25.04
CA PRO H 1634 -49.80 109.33 -25.83
C PRO H 1634 -49.90 108.07 -25.00
N LEU H 1635 -50.27 106.98 -25.67
CA LEU H 1635 -50.43 105.68 -25.03
C LEU H 1635 -50.20 104.60 -26.07
N MET H 1636 -49.21 103.74 -25.83
CA MET H 1636 -48.80 102.72 -26.78
C MET H 1636 -48.93 101.34 -26.15
N MET H 1637 -48.90 100.32 -27.01
CA MET H 1637 -48.97 98.94 -26.58
C MET H 1637 -48.16 98.07 -27.52
N MET H 1638 -47.58 97.01 -26.98
CA MET H 1638 -46.89 96.03 -27.79
C MET H 1638 -47.89 95.00 -28.29
N ALA H 1639 -48.01 94.86 -29.60
CA ALA H 1639 -49.03 94.03 -30.21
C ALA H 1639 -48.38 92.76 -30.77
N LEU H 1640 -48.98 91.62 -30.46
CA LEU H 1640 -48.58 90.34 -31.02
C LEU H 1640 -49.54 89.99 -32.15
N HIS H 1641 -49.00 89.76 -33.34
CA HIS H 1641 -49.80 89.62 -34.55
C HIS H 1641 -49.70 88.20 -35.06
N ILE H 1642 -50.85 87.56 -35.28
CA ILE H 1642 -50.89 86.24 -35.90
C ILE H 1642 -50.97 86.44 -37.41
N PRO H 1643 -49.94 86.08 -38.17
CA PRO H 1643 -49.95 86.42 -39.60
C PRO H 1643 -51.10 85.81 -40.38
N GLU H 1644 -51.36 84.51 -40.22
CA GLU H 1644 -52.35 83.86 -41.07
C GLU H 1644 -53.75 84.42 -40.84
N GLU H 1645 -54.09 84.77 -39.60
CA GLU H 1645 -55.42 85.27 -39.28
C GLU H 1645 -55.53 86.78 -39.42
N ASN H 1646 -54.43 87.48 -39.65
CA ASN H 1646 -54.44 88.92 -39.86
C ASN H 1646 -55.14 89.64 -38.72
N ARG H 1647 -54.77 89.28 -37.50
CA ARG H 1647 -55.27 89.96 -36.31
C ARG H 1647 -54.15 90.04 -35.29
N CYS H 1648 -54.36 90.87 -34.27
CA CYS H 1648 -53.37 91.09 -33.23
C CYS H 1648 -54.05 91.14 -31.88
N MET H 1649 -53.26 90.87 -30.85
CA MET H 1649 -53.68 90.99 -29.46
C MET H 1649 -52.61 91.74 -28.71
N ASP H 1650 -52.88 92.04 -27.45
CA ASP H 1650 -51.84 92.54 -26.56
C ASP H 1650 -50.91 91.40 -26.19
N ILE H 1651 -49.60 91.62 -26.31
CA ILE H 1651 -48.65 90.58 -25.95
C ILE H 1651 -48.84 90.17 -24.50
N LEU H 1652 -49.41 91.04 -23.67
CA LEU H 1652 -49.70 90.72 -22.29
C LEU H 1652 -50.76 89.64 -22.14
N GLU H 1653 -51.51 89.33 -23.20
CA GLU H 1653 -52.45 88.23 -23.16
C GLU H 1653 -51.74 86.89 -23.09
N LEU H 1654 -50.45 86.85 -23.35
CA LEU H 1654 -49.70 85.60 -23.26
C LEU H 1654 -49.51 85.16 -21.82
N SER H 1655 -49.91 85.96 -20.84
CA SER H 1655 -49.94 85.49 -19.47
C SER H 1655 -50.98 84.40 -19.28
N GLU H 1656 -52.07 84.44 -20.04
CA GLU H 1656 -53.09 83.41 -19.99
C GLU H 1656 -53.11 82.49 -21.19
N ARG H 1657 -52.65 82.96 -22.36
CA ARG H 1657 -52.53 82.09 -23.52
C ARG H 1657 -51.16 81.41 -23.47
N LEU H 1658 -51.13 80.25 -22.80
CA LEU H 1658 -49.86 79.63 -22.45
C LEU H 1658 -49.18 79.01 -23.68
N ASP H 1659 -49.95 78.42 -24.59
CA ASP H 1659 -49.33 77.81 -25.76
C ASP H 1659 -48.62 78.87 -26.61
N LEU H 1660 -49.29 80.00 -26.85
CA LEU H 1660 -48.65 81.09 -27.56
C LEU H 1660 -47.46 81.61 -26.77
N GLN H 1661 -47.56 81.67 -25.45
CA GLN H 1661 -46.44 82.11 -24.64
C GLN H 1661 -45.23 81.20 -24.84
N ARG H 1662 -45.44 79.89 -24.78
CA ARG H 1662 -44.34 78.95 -24.96
C ARG H 1662 -43.73 79.11 -26.35
N PHE H 1663 -44.59 79.19 -27.38
CA PHE H 1663 -44.07 79.31 -28.73
C PHE H 1663 -43.27 80.59 -28.91
N HIS H 1664 -43.75 81.70 -28.35
CA HIS H 1664 -43.05 82.96 -28.54
C HIS H 1664 -41.75 83.00 -27.75
N SER H 1665 -41.73 82.40 -26.55
CA SER H 1665 -40.48 82.34 -25.80
C SER H 1665 -39.45 81.52 -26.56
N HIS H 1666 -39.86 80.39 -27.14
CA HIS H 1666 -38.92 79.63 -27.94
C HIS H 1666 -38.55 80.33 -29.23
N THR H 1667 -39.43 81.19 -29.76
CA THR H 1667 -39.06 82.03 -30.89
C THR H 1667 -37.95 83.00 -30.51
N LEU H 1668 -38.05 83.59 -29.32
CA LEU H 1668 -36.97 84.46 -28.85
C LEU H 1668 -35.68 83.67 -28.66
N SER H 1669 -35.79 82.44 -28.17
CA SER H 1669 -34.61 81.58 -28.09
C SER H 1669 -34.00 81.36 -29.47
N LEU H 1670 -34.83 81.13 -30.47
CA LEU H 1670 -34.33 80.94 -31.84
C LEU H 1670 -33.66 82.21 -32.34
N TYR H 1671 -34.25 83.37 -32.05
CA TYR H 1671 -33.62 84.63 -32.44
C TYR H 1671 -32.24 84.73 -31.83
N ARG H 1672 -32.10 84.38 -30.55
CA ARG H 1672 -30.80 84.41 -29.92
C ARG H 1672 -29.83 83.42 -30.57
N SER H 1673 -30.32 82.21 -30.88
CA SER H 1673 -29.46 81.19 -31.48
C SER H 1673 -28.94 81.60 -32.84
N VAL H 1674 -29.77 82.21 -33.69
CA VAL H 1674 -29.33 82.52 -35.05
C VAL H 1674 -28.30 83.63 -35.08
N CYS H 1675 -28.13 84.38 -34.00
CA CYS H 1675 -27.12 85.43 -33.92
C CYS H 1675 -26.07 85.12 -32.86
N ALA H 1676 -26.14 83.93 -32.27
CA ALA H 1676 -25.23 83.54 -31.20
C ALA H 1676 -23.79 83.51 -31.69
N LEU H 1677 -22.88 83.93 -30.82
CA LEU H 1677 -21.45 83.80 -31.03
C LEU H 1677 -20.96 84.61 -32.22
N GLY H 1678 -21.33 85.89 -32.26
CA GLY H 1678 -20.72 86.82 -33.17
C GLY H 1678 -21.22 86.82 -34.60
N ASN H 1679 -22.50 86.54 -34.82
CA ASN H 1679 -23.09 86.68 -36.14
C ASN H 1679 -23.73 88.06 -36.27
N ASN H 1680 -22.86 89.05 -36.47
CA ASN H 1680 -23.31 90.44 -36.49
C ASN H 1680 -24.25 90.71 -37.65
N ARG H 1681 -24.07 90.03 -38.78
CA ARG H 1681 -24.98 90.22 -39.90
C ARG H 1681 -26.39 89.77 -39.54
N VAL H 1682 -26.51 88.61 -38.90
CA VAL H 1682 -27.82 88.14 -38.49
C VAL H 1682 -28.38 89.03 -37.38
N ALA H 1683 -27.52 89.59 -36.53
CA ALA H 1683 -27.99 90.53 -35.53
C ALA H 1683 -28.58 91.77 -36.19
N HIS H 1684 -27.91 92.29 -37.22
CA HIS H 1684 -28.46 93.41 -37.96
C HIS H 1684 -29.81 93.04 -38.57
N ALA H 1685 -29.91 91.83 -39.12
CA ALA H 1685 -31.18 91.40 -39.67
C ALA H 1685 -32.27 91.36 -38.61
N LEU H 1686 -31.96 90.83 -37.42
CA LEU H 1686 -32.93 90.75 -36.35
C LEU H 1686 -33.32 92.12 -35.83
N CYS H 1687 -32.47 93.12 -35.99
CA CYS H 1687 -32.87 94.47 -35.61
C CYS H 1687 -34.07 94.96 -36.41
N SER H 1688 -34.37 94.35 -37.55
CA SER H 1688 -35.57 94.66 -38.30
C SER H 1688 -36.82 94.02 -37.71
N HIS H 1689 -36.70 92.83 -37.13
CA HIS H 1689 -37.85 92.10 -36.61
C HIS H 1689 -38.17 92.49 -35.17
N VAL H 1690 -37.16 92.74 -34.35
CA VAL H 1690 -37.35 93.19 -32.98
C VAL H 1690 -36.52 94.46 -32.83
N ASP H 1691 -37.17 95.61 -32.99
CA ASP H 1691 -36.42 96.85 -33.08
C ASP H 1691 -36.12 97.42 -31.69
N GLN H 1692 -35.36 98.52 -31.71
CA GLN H 1692 -34.87 99.10 -30.47
C GLN H 1692 -36.00 99.59 -29.59
N ALA H 1693 -37.03 100.18 -30.19
CA ALA H 1693 -38.17 100.65 -29.40
C ALA H 1693 -38.85 99.49 -28.69
N GLN H 1694 -39.08 98.38 -29.40
CA GLN H 1694 -39.69 97.21 -28.78
C GLN H 1694 -38.82 96.70 -27.64
N LEU H 1695 -37.52 96.60 -27.87
CA LEU H 1695 -36.64 96.07 -26.83
C LEU H 1695 -36.66 96.96 -25.59
N LEU H 1696 -36.52 98.26 -25.78
CA LEU H 1696 -36.47 99.18 -24.65
C LEU H 1696 -37.83 99.27 -23.94
N HIS H 1697 -38.92 99.05 -24.65
CA HIS H 1697 -40.23 99.03 -23.99
C HIS H 1697 -40.41 97.76 -23.19
N ALA H 1698 -39.99 96.62 -23.74
CA ALA H 1698 -40.09 95.36 -23.01
C ALA H 1698 -39.22 95.37 -21.77
N LEU H 1699 -38.07 96.02 -21.82
CA LEU H 1699 -37.21 96.08 -20.64
C LEU H 1699 -37.95 96.65 -19.44
N GLU H 1700 -38.77 97.68 -19.65
CA GLU H 1700 -39.49 98.31 -18.55
C GLU H 1700 -40.88 97.75 -18.33
N ASP H 1701 -41.44 97.02 -19.30
CA ASP H 1701 -42.78 96.48 -19.13
C ASP H 1701 -42.82 95.57 -17.90
N ALA H 1702 -43.55 96.01 -16.88
CA ALA H 1702 -43.62 95.29 -15.62
C ALA H 1702 -44.68 94.20 -15.61
N ARG H 1703 -45.47 94.07 -16.67
CA ARG H 1703 -46.55 93.10 -16.72
C ARG H 1703 -46.25 91.90 -17.60
N LEU H 1704 -45.09 91.86 -18.24
CA LEU H 1704 -44.77 90.72 -19.09
C LEU H 1704 -44.68 89.44 -18.27
N PRO H 1705 -45.06 88.29 -18.82
CA PRO H 1705 -44.76 87.03 -18.15
C PRO H 1705 -43.25 86.86 -18.01
N GLY H 1706 -42.84 86.12 -16.99
CA GLY H 1706 -41.45 85.98 -16.67
C GLY H 1706 -40.63 85.43 -17.82
N PRO H 1707 -41.11 84.37 -18.47
CA PRO H 1707 -40.37 83.83 -19.63
C PRO H 1707 -40.15 84.86 -20.72
N LEU H 1708 -41.14 85.67 -21.04
CA LEU H 1708 -40.98 86.67 -22.09
C LEU H 1708 -40.09 87.81 -21.65
N ARG H 1709 -40.18 88.22 -20.39
CA ARG H 1709 -39.29 89.26 -19.87
C ARG H 1709 -37.84 88.81 -19.98
N ALA H 1710 -37.55 87.60 -19.49
CA ALA H 1710 -36.20 87.07 -19.58
C ALA H 1710 -35.77 86.93 -21.03
N GLY H 1711 -36.67 86.45 -21.89
CA GLY H 1711 -36.32 86.29 -23.29
C GLY H 1711 -35.96 87.60 -23.95
N TYR H 1712 -36.68 88.67 -23.64
CA TYR H 1712 -36.40 89.95 -24.28
C TYR H 1712 -35.13 90.58 -23.73
N TYR H 1713 -34.87 90.44 -22.43
CA TYR H 1713 -33.59 90.90 -21.91
C TYR H 1713 -32.43 90.18 -22.59
N ASP H 1714 -32.54 88.85 -22.68
CA ASP H 1714 -31.49 88.08 -23.32
C ASP H 1714 -31.37 88.42 -24.80
N LEU H 1715 -32.49 88.73 -25.45
CA LEU H 1715 -32.45 89.12 -26.85
C LEU H 1715 -31.71 90.43 -27.03
N LEU H 1716 -31.98 91.41 -26.17
CA LEU H 1716 -31.25 92.67 -26.24
C LEU H 1716 -29.75 92.42 -26.09
N ILE H 1717 -29.38 91.62 -25.08
CA ILE H 1717 -27.96 91.37 -24.84
C ILE H 1717 -27.35 90.66 -26.05
N SER H 1718 -28.04 89.67 -26.60
CA SER H 1718 -27.50 88.90 -27.72
C SER H 1718 -27.34 89.77 -28.96
N ILE H 1719 -28.34 90.59 -29.27
CA ILE H 1719 -28.28 91.38 -30.50
C ILE H 1719 -27.23 92.47 -30.39
N HIS H 1720 -27.18 93.19 -29.27
CA HIS H 1720 -26.43 94.42 -29.22
C HIS H 1720 -25.16 94.38 -28.37
N LEU H 1721 -25.04 93.44 -27.43
CA LEU H 1721 -23.98 93.52 -26.44
C LEU H 1721 -23.11 92.27 -26.36
N GLU H 1722 -23.57 91.13 -26.87
CA GLU H 1722 -22.89 89.86 -26.57
C GLU H 1722 -21.47 89.84 -27.14
N SER H 1723 -21.31 90.20 -28.42
CA SER H 1723 -20.01 90.08 -29.04
C SER H 1723 -19.00 91.05 -28.43
N ALA H 1724 -19.42 92.29 -28.20
CA ALA H 1724 -18.52 93.25 -27.56
C ALA H 1724 -18.13 92.80 -26.16
N CYS H 1725 -19.11 92.32 -25.38
CA CYS H 1725 -18.81 91.85 -24.04
C CYS H 1725 -17.83 90.68 -24.09
N ARG H 1726 -18.01 89.77 -25.04
CA ARG H 1726 -17.14 88.61 -25.11
C ARG H 1726 -15.72 89.00 -25.51
N SER H 1727 -15.57 89.91 -26.46
CA SER H 1727 -14.24 90.36 -26.85
C SER H 1727 -13.54 91.06 -25.67
N ARG H 1728 -14.26 91.95 -25.00
CA ARG H 1728 -13.67 92.62 -23.84
C ARG H 1728 -13.30 91.63 -22.75
N ARG H 1729 -14.16 90.64 -22.52
CA ARG H 1729 -13.84 89.61 -21.53
C ARG H 1729 -12.58 88.87 -21.90
N SER H 1730 -12.43 88.52 -23.19
CA SER H 1730 -11.22 87.83 -23.62
C SER H 1730 -9.98 88.68 -23.38
N MET H 1731 -10.07 89.99 -23.63
CA MET H 1731 -8.94 90.88 -23.43
C MET H 1731 -8.69 91.25 -21.98
N LEU H 1732 -9.67 91.04 -21.09
CA LEU H 1732 -9.58 91.54 -19.73
C LEU H 1732 -8.59 90.79 -18.85
N SER H 1733 -8.05 89.67 -19.31
CA SER H 1733 -7.15 88.87 -18.48
C SER H 1733 -5.69 89.20 -18.70
N GLU H 1734 -5.37 90.18 -19.54
CA GLU H 1734 -4.01 90.62 -19.78
C GLU H 1734 -3.88 92.10 -19.44
N TYR H 1735 -2.68 92.51 -19.01
CA TYR H 1735 -2.42 93.87 -18.56
C TYR H 1735 -1.22 94.41 -19.32
N ILE H 1736 -1.49 95.15 -20.40
CA ILE H 1736 -0.45 95.82 -21.17
C ILE H 1736 -0.48 97.29 -20.74
N VAL H 1737 0.40 97.66 -19.82
CA VAL H 1737 0.38 98.98 -19.21
C VAL H 1737 1.28 99.90 -20.04
N PRO H 1738 0.76 100.95 -20.66
CA PRO H 1738 1.62 101.91 -21.35
C PRO H 1738 2.24 102.88 -20.35
N LEU H 1739 3.54 103.14 -20.51
CA LEU H 1739 4.29 103.98 -19.58
C LEU H 1739 4.03 105.45 -19.92
N THR H 1740 2.93 105.96 -19.40
CA THR H 1740 2.46 107.31 -19.62
C THR H 1740 2.32 108.06 -18.30
N PRO H 1741 2.10 109.38 -18.34
CA PRO H 1741 1.87 110.11 -17.09
C PRO H 1741 0.68 109.61 -16.30
N GLU H 1742 -0.37 109.16 -16.98
CA GLU H 1742 -1.50 108.57 -16.28
C GLU H 1742 -1.07 107.34 -15.50
N THR H 1743 -0.22 106.50 -16.11
CA THR H 1743 0.31 105.35 -15.40
C THR H 1743 1.16 105.78 -14.22
N ARG H 1744 2.00 106.79 -14.42
CA ARG H 1744 2.84 107.28 -13.33
C ARG H 1744 2.02 107.79 -12.16
N ALA H 1745 0.84 108.34 -12.42
CA ALA H 1745 0.00 108.88 -11.36
C ALA H 1745 -0.72 107.81 -10.54
N ILE H 1746 -0.64 106.53 -10.94
CA ILE H 1746 -1.37 105.49 -10.24
C ILE H 1746 -0.62 105.11 -8.97
N THR H 1747 -1.36 104.95 -7.88
CA THR H 1747 -0.80 104.51 -6.60
C THR H 1747 -1.70 103.44 -6.00
N LEU H 1748 -1.10 102.58 -5.17
CA LEU H 1748 -1.86 101.48 -4.59
C LEU H 1748 -3.02 101.99 -3.74
N PHE H 1749 -2.77 102.99 -2.91
CA PHE H 1749 -3.79 103.51 -2.01
C PHE H 1749 -4.14 104.94 -2.39
N PRO H 1750 -5.38 105.36 -2.16
CA PRO H 1750 -5.76 106.74 -2.50
C PRO H 1750 -4.90 107.72 -1.72
N PRO H 1751 -4.53 108.86 -2.31
CA PRO H 1751 -3.68 109.81 -1.59
C PRO H 1751 -4.42 110.48 -0.45
N GLY H 1752 -4.68 109.71 0.61
CA GLY H 1752 -5.37 110.24 1.78
C GLY H 1752 -4.49 110.25 3.01
N ARG H 1753 -5.09 110.40 4.18
CA ARG H 1753 -4.35 110.46 5.43
C ARG H 1753 -4.91 109.56 6.52
N SER H 1754 -5.81 108.62 6.19
CA SER H 1754 -6.34 107.72 7.20
C SER H 1754 -5.22 107.01 7.95
N ALA H 1755 -4.28 106.41 7.21
CA ALA H 1755 -3.06 105.89 7.78
C ALA H 1755 -1.91 106.30 6.86
N GLU H 1756 -0.84 106.85 7.44
CA GLU H 1756 0.23 107.43 6.63
C GLU H 1756 0.84 106.39 5.71
N ASP H 1757 1.12 105.20 6.22
CA ASP H 1757 1.67 104.10 5.43
C ASP H 1757 0.58 103.08 5.18
N GLY H 1758 0.43 102.70 3.90
CA GLY H 1758 -0.62 101.79 3.51
C GLY H 1758 -1.96 102.20 4.08
N PRO H 1759 -2.48 103.36 3.65
CA PRO H 1759 -3.74 103.87 4.19
C PRO H 1759 -4.77 102.77 4.39
N ARG H 1760 -5.30 102.67 5.61
CA ARG H 1760 -6.15 101.53 5.96
C ARG H 1760 -7.30 101.36 4.98
N ARG H 1761 -7.86 102.46 4.51
CA ARG H 1761 -9.01 102.40 3.61
C ARG H 1761 -8.55 102.29 2.16
N HIS H 1762 -9.06 101.28 1.47
CA HIS H 1762 -8.87 101.16 0.03
C HIS H 1762 -9.67 102.25 -0.67
N GLY H 1763 -9.54 102.32 -1.99
CA GLY H 1763 -10.44 103.10 -2.82
C GLY H 1763 -11.56 102.21 -3.32
N LEU H 1764 -12.63 102.82 -3.77
CA LEU H 1764 -13.76 102.05 -4.27
C LEU H 1764 -13.31 101.21 -5.46
N PRO H 1765 -13.56 99.90 -5.46
CA PRO H 1765 -13.09 99.06 -6.57
C PRO H 1765 -13.77 99.45 -7.88
N GLY H 1766 -13.00 99.45 -8.96
CA GLY H 1766 -13.51 99.80 -10.26
C GLY H 1766 -13.67 101.29 -10.50
N VAL H 1767 -13.31 102.12 -9.53
CA VAL H 1767 -13.41 103.56 -9.65
C VAL H 1767 -11.99 104.13 -9.60
N GLY H 1768 -11.64 104.90 -10.62
CA GLY H 1768 -10.34 105.52 -10.70
C GLY H 1768 -9.80 105.46 -12.10
N VAL H 1769 -8.48 105.51 -12.21
CA VAL H 1769 -7.79 105.56 -13.49
C VAL H 1769 -7.20 104.19 -13.77
N THR H 1770 -7.49 103.66 -14.96
CA THR H 1770 -6.89 102.42 -15.43
C THR H 1770 -6.26 102.69 -16.78
N THR H 1771 -5.02 102.24 -16.95
CA THR H 1771 -4.27 102.50 -18.18
C THR H 1771 -4.04 101.27 -19.03
N SER H 1772 -4.41 100.08 -18.55
CA SER H 1772 -4.22 98.87 -19.33
C SER H 1772 -4.94 99.01 -20.67
N LEU H 1773 -4.29 98.53 -21.73
CA LEU H 1773 -4.80 98.71 -23.08
C LEU H 1773 -5.91 97.72 -23.36
N ARG H 1774 -7.11 98.23 -23.63
CA ARG H 1774 -8.23 97.41 -24.07
C ARG H 1774 -8.75 98.04 -25.36
N PRO H 1775 -8.85 97.28 -26.46
CA PRO H 1775 -9.34 97.88 -27.71
C PRO H 1775 -10.76 98.40 -27.56
N PRO H 1776 -11.11 99.47 -28.25
CA PRO H 1776 -12.46 100.03 -28.10
C PRO H 1776 -13.51 99.12 -28.71
N HIS H 1777 -14.77 99.52 -28.53
CA HIS H 1777 -15.90 98.83 -29.12
C HIS H 1777 -16.28 99.49 -30.44
N HIS H 1778 -16.71 98.69 -31.40
CA HIS H 1778 -17.13 99.17 -32.71
C HIS H 1778 -18.53 98.68 -32.99
N PHE H 1779 -19.42 99.63 -33.31
CA PHE H 1779 -20.82 99.32 -33.62
C PHE H 1779 -21.19 100.01 -34.91
N SER H 1780 -22.21 99.47 -35.58
CA SER H 1780 -22.70 100.04 -36.82
C SER H 1780 -24.19 100.34 -36.70
N PRO H 1781 -24.65 101.48 -37.21
CA PRO H 1781 -26.07 101.81 -37.12
C PRO H 1781 -26.90 100.79 -37.86
N PRO H 1782 -28.05 100.36 -37.31
CA PRO H 1782 -28.93 99.48 -38.07
C PRO H 1782 -29.78 100.26 -39.06
N CYS H 1783 -29.46 100.14 -40.35
CA CYS H 1783 -30.19 100.83 -41.40
C CYS H 1783 -30.46 99.84 -42.53
N PHE H 1784 -31.69 99.83 -43.03
CA PHE H 1784 -32.11 98.89 -44.05
C PHE H 1784 -32.53 99.59 -45.33
N VAL H 1785 -31.97 100.77 -45.58
CA VAL H 1785 -32.14 101.47 -46.85
C VAL H 1785 -30.80 101.79 -47.50
N VAL H 1786 -29.70 101.39 -46.89
CA VAL H 1786 -28.38 101.63 -47.47
C VAL H 1786 -28.15 100.68 -48.64
N ALA H 1787 -27.34 101.11 -49.59
CA ALA H 1787 -27.02 100.28 -50.74
C ALA H 1787 -26.21 99.07 -50.29
N LEU H 1788 -26.58 97.90 -50.79
CA LEU H 1788 -25.85 96.69 -50.45
C LEU H 1788 -24.43 96.79 -50.98
N PRO H 1789 -23.40 96.49 -50.17
CA PRO H 1789 -22.04 96.48 -50.70
C PRO H 1789 -21.91 95.58 -51.93
N ALA H 1790 -21.59 96.17 -53.08
CA ALA H 1790 -21.45 95.37 -54.29
C ALA H 1790 -20.35 94.33 -54.14
N ALA H 1791 -19.41 94.55 -53.23
CA ALA H 1791 -18.36 93.59 -52.97
C ALA H 1791 -18.95 92.22 -52.64
N GLY H 1792 -18.57 91.23 -53.41
CA GLY H 1792 -19.08 89.89 -53.22
C GLY H 1792 -18.77 89.37 -51.82
N ALA H 1793 -19.37 88.23 -51.51
CA ALA H 1793 -19.14 87.60 -50.22
C ALA H 1793 -17.69 87.19 -50.07
N THR H 1794 -17.22 87.15 -48.82
CA THR H 1794 -15.85 86.75 -48.52
C THR H 1794 -14.85 87.83 -48.88
N GLU H 1795 -15.36 89.04 -49.15
CA GLU H 1795 -14.50 90.17 -49.51
C GLU H 1795 -14.81 91.36 -48.63
N ALA H 1796 -16.08 91.56 -48.29
CA ALA H 1796 -16.46 92.72 -47.52
C ALA H 1796 -15.96 92.60 -46.08
N PRO H 1797 -15.73 93.72 -45.40
CA PRO H 1797 -15.34 93.64 -43.98
C PRO H 1797 -16.45 93.01 -43.15
N ALA H 1798 -16.06 92.28 -42.11
CA ALA H 1798 -17.03 91.65 -41.23
C ALA H 1798 -17.95 92.70 -40.63
N ARG H 1799 -19.23 92.38 -40.54
CA ARG H 1799 -20.21 93.31 -40.02
C ARG H 1799 -19.93 93.58 -38.54
N LEU H 1800 -20.25 94.79 -38.10
CA LEU H 1800 -20.17 95.15 -36.70
C LEU H 1800 -21.52 94.98 -36.04
N SER H 1801 -21.51 94.85 -34.72
CA SER H 1801 -22.74 94.67 -33.99
C SER H 1801 -23.63 95.89 -34.17
N PRO H 1802 -24.95 95.72 -34.32
CA PRO H 1802 -25.83 96.88 -34.42
C PRO H 1802 -25.74 97.75 -33.16
N ALA H 1803 -25.80 99.05 -33.35
CA ALA H 1803 -25.62 100.00 -32.27
C ALA H 1803 -26.94 100.28 -31.57
N ILE H 1804 -26.86 100.47 -30.25
CA ILE H 1804 -28.00 100.90 -29.45
C ILE H 1804 -27.51 101.99 -28.51
N PRO H 1805 -28.27 103.07 -28.27
CA PRO H 1805 -27.75 104.16 -27.45
C PRO H 1805 -27.29 103.71 -26.08
N LEU H 1806 -25.98 103.75 -25.86
CA LEU H 1806 -25.39 103.15 -24.67
C LEU H 1806 -25.60 103.99 -23.42
N GLU H 1807 -25.53 105.32 -23.52
CA GLU H 1807 -25.78 106.15 -22.33
C GLU H 1807 -27.22 105.98 -21.85
N ALA H 1808 -28.18 105.98 -22.78
CA ALA H 1808 -29.56 105.79 -22.40
C ALA H 1808 -29.79 104.40 -21.82
N LEU H 1809 -29.21 103.37 -22.45
CA LEU H 1809 -29.33 102.02 -21.91
C LEU H 1809 -28.74 101.94 -20.52
N ARG H 1810 -27.61 102.62 -20.30
CA ARG H 1810 -26.96 102.63 -18.99
C ARG H 1810 -27.86 103.24 -17.94
N ASP H 1811 -28.42 104.42 -18.23
CA ASP H 1811 -29.31 105.06 -17.26
C ASP H 1811 -30.53 104.19 -16.98
N LYS H 1812 -31.12 103.61 -18.03
CA LYS H 1812 -32.30 102.77 -17.82
C LYS H 1812 -31.97 101.55 -16.97
N ALA H 1813 -30.80 100.94 -17.21
CA ALA H 1813 -30.42 99.76 -16.44
C ALA H 1813 -30.26 100.11 -14.97
N LEU H 1814 -29.57 101.22 -14.68
CA LEU H 1814 -29.42 101.60 -13.28
C LEU H 1814 -30.77 101.90 -12.64
N ARG H 1815 -31.65 102.59 -13.36
CA ARG H 1815 -32.95 102.91 -12.80
C ARG H 1815 -33.76 101.65 -12.51
N MET H 1816 -33.73 100.68 -13.42
CA MET H 1816 -34.46 99.44 -13.18
C MET H 1816 -33.88 98.70 -11.98
N LEU H 1817 -32.55 98.68 -11.85
CA LEU H 1817 -31.96 98.00 -10.70
C LEU H 1817 -32.38 98.66 -9.40
N GLY H 1818 -32.40 100.00 -9.37
CA GLY H 1818 -32.85 100.68 -8.17
C GLY H 1818 -34.30 100.36 -7.84
N GLU H 1819 -35.16 100.38 -8.85
CA GLU H 1819 -36.57 100.05 -8.63
C GLU H 1819 -36.71 98.63 -8.10
N ALA H 1820 -35.94 97.69 -8.67
CA ALA H 1820 -36.00 96.31 -8.22
C ALA H 1820 -35.57 96.20 -6.76
N VAL H 1821 -34.52 96.92 -6.37
CA VAL H 1821 -34.06 96.87 -4.99
C VAL H 1821 -35.17 97.38 -4.06
N ARG H 1822 -35.79 98.51 -4.42
CA ARG H 1822 -36.83 99.05 -3.55
C ARG H 1822 -38.02 98.10 -3.44
N ASP H 1823 -38.44 97.50 -4.56
CA ASP H 1823 -39.56 96.58 -4.52
C ASP H 1823 -39.23 95.34 -3.69
N GLY H 1824 -38.02 94.83 -3.84
CA GLY H 1824 -37.59 93.69 -3.04
C GLY H 1824 -37.65 94.04 -1.57
N GLY H 1825 -37.23 95.25 -1.22
CA GLY H 1825 -37.36 95.69 0.16
C GLY H 1825 -38.81 95.73 0.62
N GLN H 1826 -39.71 96.15 -0.27
CA GLN H 1826 -41.12 96.27 0.12
C GLN H 1826 -41.79 94.91 0.27
N HIS H 1827 -41.31 93.89 -0.45
CA HIS H 1827 -41.86 92.53 -0.36
C HIS H 1827 -43.34 92.50 -0.75
N ALA H 1828 -43.58 92.82 -2.02
CA ALA H 1828 -44.93 92.78 -2.55
C ALA H 1828 -45.31 91.36 -2.97
N ARG H 1829 -46.59 91.18 -3.28
CA ARG H 1829 -47.11 89.88 -3.66
C ARG H 1829 -47.29 89.70 -5.17
N ASP H 1830 -46.86 90.67 -5.97
CA ASP H 1830 -46.89 90.57 -7.42
C ASP H 1830 -45.55 91.02 -7.98
N PRO H 1831 -44.51 90.22 -7.79
CA PRO H 1831 -43.18 90.61 -8.27
C PRO H 1831 -43.17 90.77 -9.79
N VAL H 1832 -42.40 91.74 -10.26
CA VAL H 1832 -42.26 91.94 -11.69
C VAL H 1832 -41.76 90.65 -12.32
N GLY H 1833 -42.45 90.21 -13.38
CA GLY H 1833 -42.13 88.97 -14.03
C GLY H 1833 -42.70 87.74 -13.36
N GLY H 1834 -43.41 87.90 -12.24
CA GLY H 1834 -44.05 86.80 -11.57
C GLY H 1834 -43.29 86.27 -10.37
N SER H 1835 -42.01 86.58 -10.24
CA SER H 1835 -41.23 86.08 -9.13
C SER H 1835 -40.00 86.96 -8.93
N VAL H 1836 -39.38 86.82 -7.76
CA VAL H 1836 -38.16 87.56 -7.47
C VAL H 1836 -37.08 87.21 -8.47
N GLU H 1837 -37.02 85.93 -8.87
CA GLU H 1837 -36.03 85.52 -9.85
C GLU H 1837 -36.20 86.26 -11.17
N PHE H 1838 -37.41 86.26 -11.73
CA PHE H 1838 -37.66 86.95 -12.98
C PHE H 1838 -37.61 88.46 -12.84
N GLN H 1839 -37.69 88.99 -11.63
CA GLN H 1839 -37.52 90.42 -11.44
C GLN H 1839 -36.06 90.84 -11.37
N PHE H 1840 -35.20 90.02 -10.78
CA PHE H 1840 -33.81 90.40 -10.54
C PHE H 1840 -32.84 89.87 -11.59
N VAL H 1841 -32.95 88.59 -11.97
CA VAL H 1841 -31.92 87.99 -12.81
C VAL H 1841 -31.72 88.75 -14.12
N PRO H 1842 -32.77 89.12 -14.86
CA PRO H 1842 -32.55 89.85 -16.12
C PRO H 1842 -31.83 91.18 -15.94
N VAL H 1843 -32.26 91.97 -14.95
CA VAL H 1843 -31.65 93.27 -14.72
C VAL H 1843 -30.18 93.09 -14.35
N LEU H 1844 -29.89 92.12 -13.48
CA LEU H 1844 -28.51 91.89 -13.07
C LEU H 1844 -27.66 91.39 -14.22
N LYS H 1845 -28.23 90.56 -15.10
CA LYS H 1845 -27.48 90.16 -16.29
C LYS H 1845 -27.14 91.36 -17.15
N LEU H 1846 -28.11 92.25 -17.38
CA LEU H 1846 -27.84 93.43 -18.17
C LEU H 1846 -26.75 94.28 -17.53
N VAL H 1847 -26.82 94.49 -16.23
CA VAL H 1847 -25.86 95.34 -15.54
C VAL H 1847 -24.46 94.71 -15.58
N SER H 1848 -24.38 93.39 -15.38
CA SER H 1848 -23.08 92.73 -15.45
C SER H 1848 -22.49 92.83 -16.84
N THR H 1849 -23.32 92.64 -17.87
CA THR H 1849 -22.82 92.77 -19.24
C THR H 1849 -22.28 94.18 -19.48
N LEU H 1850 -23.02 95.19 -19.03
CA LEU H 1850 -22.58 96.56 -19.24
C LEU H 1850 -21.30 96.86 -18.48
N LEU H 1851 -21.18 96.39 -17.24
CA LEU H 1851 -19.94 96.57 -16.50
C LEU H 1851 -18.77 95.94 -17.23
N VAL H 1852 -18.89 94.66 -17.61
CA VAL H 1852 -17.79 93.99 -18.27
C VAL H 1852 -17.42 94.71 -19.55
N MET H 1853 -18.41 95.19 -20.30
CA MET H 1853 -18.12 96.04 -21.44
C MET H 1853 -17.41 97.32 -21.00
N GLY H 1854 -17.59 97.73 -19.76
CA GLY H 1854 -16.89 98.90 -19.25
C GLY H 1854 -17.43 100.21 -19.74
N VAL H 1855 -18.75 100.29 -19.96
CA VAL H 1855 -19.37 101.53 -20.40
C VAL H 1855 -19.82 102.39 -19.22
N PHE H 1856 -19.89 101.83 -18.02
CA PHE H 1856 -20.33 102.60 -16.87
C PHE H 1856 -19.31 103.66 -16.51
N SER H 1857 -19.79 104.83 -16.09
CA SER H 1857 -18.91 105.89 -15.64
C SER H 1857 -18.60 105.71 -14.16
N ASP H 1858 -17.75 106.58 -13.61
CA ASP H 1858 -17.38 106.47 -12.20
C ASP H 1858 -18.59 106.66 -11.29
N GLU H 1859 -19.43 107.66 -11.59
CA GLU H 1859 -20.62 107.86 -10.78
C GLU H 1859 -21.56 106.65 -10.87
N ASP H 1860 -21.68 106.08 -12.06
CA ASP H 1860 -22.53 104.91 -12.23
C ASP H 1860 -22.01 103.74 -11.40
N VAL H 1861 -20.68 103.53 -11.43
CA VAL H 1861 -20.10 102.43 -10.66
C VAL H 1861 -20.28 102.68 -9.18
N LYS H 1862 -20.18 103.92 -8.73
CA LYS H 1862 -20.40 104.24 -7.33
C LYS H 1862 -21.84 103.93 -6.93
N GLN H 1863 -22.80 104.27 -7.80
CA GLN H 1863 -24.19 103.94 -7.51
C GLN H 1863 -24.40 102.44 -7.43
N ILE H 1864 -23.78 101.69 -8.35
CA ILE H 1864 -23.90 100.24 -8.31
C ILE H 1864 -23.33 99.69 -7.02
N LEU H 1865 -22.17 100.20 -6.60
CA LEU H 1865 -21.57 99.72 -5.37
C LEU H 1865 -22.45 100.02 -4.16
N LYS H 1866 -23.05 101.21 -4.13
CA LYS H 1866 -23.95 101.53 -3.02
C LYS H 1866 -25.19 100.66 -3.05
N MET H 1867 -25.67 100.28 -4.23
CA MET H 1867 -26.76 99.31 -4.29
C MET H 1867 -26.32 97.96 -3.74
N ILE H 1868 -25.10 97.54 -4.04
CA ILE H 1868 -24.62 96.25 -3.55
C ILE H 1868 -24.51 96.25 -2.03
N GLU H 1869 -23.88 97.28 -1.47
CA GLU H 1869 -23.64 97.33 -0.03
C GLU H 1869 -23.48 98.80 0.38
N PRO H 1870 -24.54 99.43 0.90
CA PRO H 1870 -24.46 100.87 1.19
C PRO H 1870 -23.36 101.25 2.16
N GLU H 1871 -23.10 100.44 3.19
CA GLU H 1871 -22.16 100.84 4.23
C GLU H 1871 -20.71 100.66 3.82
N VAL H 1872 -20.35 99.47 3.32
CA VAL H 1872 -18.96 99.19 2.98
C VAL H 1872 -18.48 100.17 1.92
N PHE H 1873 -19.30 100.44 0.91
CA PHE H 1873 -18.90 101.27 -0.23
C PHE H 1873 -19.44 102.69 -0.13
N ARG H 1874 -19.64 103.19 1.07
CA ARG H 1874 -20.00 104.59 1.25
C ARG H 1874 -18.81 105.47 0.88
N GLU H 1875 -19.10 106.73 0.59
CA GLU H 1875 -18.08 107.72 0.28
C GLU H 1875 -18.15 108.84 1.30
N GLU H 1876 -16.98 109.24 1.82
CA GLU H 1876 -16.91 110.29 2.82
C GLU H 1876 -17.02 111.66 2.18
N LEU H 1923 -32.40 103.05 0.25
CA LEU H 1923 -32.66 101.89 1.09
C LEU H 1923 -31.35 101.42 1.72
N GLU H 1924 -31.34 101.29 3.05
CA GLU H 1924 -30.14 100.93 3.78
C GLU H 1924 -29.86 99.44 3.68
N GLU H 1925 -30.72 98.71 2.98
CA GLU H 1925 -30.57 97.28 2.77
C GLU H 1925 -30.00 97.05 1.37
N GLY H 1926 -28.78 96.53 1.30
CA GLY H 1926 -28.15 96.25 0.02
C GLY H 1926 -28.58 94.93 -0.56
N LEU H 1927 -28.15 94.69 -1.81
CA LEU H 1927 -28.51 93.45 -2.47
C LEU H 1927 -27.97 92.24 -1.73
N LEU H 1928 -26.78 92.35 -1.14
CA LEU H 1928 -26.16 91.19 -0.53
C LEU H 1928 -26.90 90.69 0.70
N GLN H 1929 -27.86 91.45 1.23
CA GLN H 1929 -28.70 91.01 2.32
C GLN H 1929 -30.17 91.27 1.96
N MET H 1930 -30.76 90.36 1.18
CA MET H 1930 -32.18 90.48 0.87
C MET H 1930 -32.85 89.11 0.80
N LYS H 1931 -32.21 88.08 1.35
CA LYS H 1931 -32.78 86.74 1.28
C LYS H 1931 -33.19 86.41 -0.15
N LEU H 1932 -32.23 86.32 -1.05
CA LEU H 1932 -32.48 86.18 -2.47
C LEU H 1932 -32.39 84.72 -2.90
N PRO H 1933 -33.02 84.35 -4.00
CA PRO H 1933 -32.85 82.99 -4.53
C PRO H 1933 -31.42 82.75 -4.98
N GLU H 1934 -31.18 81.52 -5.44
CA GLU H 1934 -29.81 81.11 -5.77
C GLU H 1934 -29.34 81.69 -7.09
N SER H 1935 -30.23 81.82 -8.08
CA SER H 1935 -29.82 82.42 -9.35
C SER H 1935 -29.45 83.88 -9.17
N VAL H 1936 -30.22 84.62 -8.39
CA VAL H 1936 -29.86 86.00 -8.09
C VAL H 1936 -28.53 86.05 -7.37
N LYS H 1937 -28.28 85.07 -6.49
CA LYS H 1937 -26.99 84.96 -5.85
C LYS H 1937 -25.88 84.72 -6.86
N LEU H 1938 -26.15 83.95 -7.91
CA LEU H 1938 -25.15 83.74 -8.95
C LEU H 1938 -24.83 85.04 -9.66
N GLN H 1939 -25.85 85.84 -9.98
CA GLN H 1939 -25.59 87.13 -10.63
C GLN H 1939 -24.80 88.05 -9.70
N MET H 1940 -25.14 88.05 -8.41
CA MET H 1940 -24.37 88.83 -7.46
C MET H 1940 -22.92 88.37 -7.42
N CYS H 1941 -22.69 87.07 -7.51
CA CYS H 1941 -21.34 86.54 -7.58
C CYS H 1941 -20.61 87.05 -8.83
N HIS H 1942 -21.31 87.14 -9.96
CA HIS H 1942 -20.68 87.69 -11.15
C HIS H 1942 -20.27 89.14 -10.94
N LEU H 1943 -21.14 89.93 -10.31
CA LEU H 1943 -20.79 91.32 -10.04
C LEU H 1943 -19.57 91.42 -9.13
N LEU H 1944 -19.56 90.63 -8.06
CA LEU H 1944 -18.41 90.65 -7.15
C LEU H 1944 -17.15 90.18 -7.86
N GLU H 1945 -17.27 89.22 -8.78
CA GLU H 1945 -16.12 88.79 -9.57
C GLU H 1945 -15.56 89.95 -10.38
N TYR H 1946 -16.44 90.72 -11.01
CA TYR H 1946 -15.97 91.86 -11.78
C TYR H 1946 -15.20 92.84 -10.90
N PHE H 1947 -15.74 93.14 -9.72
CA PHE H 1947 -15.08 94.12 -8.87
C PHE H 1947 -13.75 93.60 -8.32
N CYS H 1948 -13.69 92.31 -8.00
CA CYS H 1948 -12.42 91.72 -7.58
C CYS H 1948 -11.39 91.76 -8.70
N ASP H 1949 -11.81 91.48 -9.93
CA ASP H 1949 -10.90 91.61 -11.06
C ASP H 1949 -10.42 93.05 -11.22
N GLN H 1950 -11.30 94.03 -10.99
CA GLN H 1950 -10.87 95.42 -11.05
C GLN H 1950 -9.83 95.74 -9.99
N GLU H 1951 -9.99 95.23 -8.76
CA GLU H 1951 -8.95 95.45 -7.76
C GLU H 1951 -7.64 94.80 -8.15
N LEU H 1952 -7.69 93.59 -8.72
CA LEU H 1952 -6.46 92.95 -9.19
C LEU H 1952 -5.78 93.78 -10.28
N GLN H 1953 -6.57 94.32 -11.22
CA GLN H 1953 -6.02 95.16 -12.26
C GLN H 1953 -5.37 96.41 -11.66
N HIS H 1954 -6.02 96.99 -10.65
CA HIS H 1954 -5.43 98.15 -9.98
C HIS H 1954 -4.10 97.78 -9.34
N ARG H 1955 -4.04 96.61 -8.71
CA ARG H 1955 -2.77 96.18 -8.11
C ARG H 1955 -1.68 96.08 -9.16
N VAL H 1956 -1.99 95.44 -10.29
CA VAL H 1956 -0.98 95.26 -11.33
C VAL H 1956 -0.52 96.61 -11.88
N GLU H 1957 -1.47 97.51 -12.15
CA GLU H 1957 -1.10 98.81 -12.68
C GLU H 1957 -0.27 99.61 -11.69
N SER H 1958 -0.62 99.55 -10.40
CA SER H 1958 0.18 100.23 -9.40
C SER H 1958 1.59 99.67 -9.34
N LEU H 1959 1.72 98.35 -9.43
CA LEU H 1959 3.05 97.76 -9.43
C LEU H 1959 3.86 98.23 -10.62
N ALA H 1960 3.25 98.28 -11.81
CA ALA H 1960 3.99 98.75 -12.98
C ALA H 1960 4.38 100.22 -12.84
N ALA H 1961 3.47 101.05 -12.32
CA ALA H 1961 3.78 102.45 -12.15
C ALA H 1961 4.94 102.65 -11.18
N PHE H 1962 4.95 101.89 -10.08
CA PHE H 1962 6.09 101.96 -9.17
C PHE H 1962 7.36 101.46 -9.84
N ALA H 1963 7.25 100.40 -10.63
CA ALA H 1963 8.43 99.80 -11.25
C ALA H 1963 9.10 100.79 -12.17
N GLU H 1964 8.32 101.59 -12.90
CA GLU H 1964 8.94 102.58 -13.79
C GLU H 1964 9.86 103.51 -13.00
N CYS H 1965 9.35 104.14 -11.95
CA CYS H 1965 10.16 105.07 -11.17
C CYS H 1965 11.34 104.36 -10.51
N TYR H 1966 11.10 103.18 -9.94
CA TYR H 1966 12.17 102.50 -9.23
C TYR H 1966 13.30 102.09 -10.16
N VAL H 1967 12.95 101.55 -11.33
CA VAL H 1967 13.99 101.12 -12.26
C VAL H 1967 14.73 102.33 -12.82
N ASP H 1968 14.03 103.45 -12.98
CA ASP H 1968 14.72 104.68 -13.38
C ASP H 1968 15.75 105.08 -12.33
N LYS H 1969 15.36 105.04 -11.06
CA LYS H 1969 16.30 105.37 -9.99
C LYS H 1969 17.47 104.40 -9.96
N MET H 1970 17.21 103.11 -10.15
CA MET H 1970 18.28 102.13 -10.17
C MET H 1970 19.24 102.40 -11.31
N GLN H 1971 18.72 102.74 -12.49
CA GLN H 1971 19.57 103.03 -13.63
C GLN H 1971 20.45 104.24 -13.37
N GLY H 1972 19.86 105.29 -12.80
CA GLY H 1972 20.66 106.46 -12.45
C GLY H 1972 21.74 106.14 -11.45
N ASN H 1973 21.40 105.37 -10.42
CA ASN H 1973 22.39 104.91 -9.45
C ASN H 1973 23.53 104.19 -10.13
N GLN H 1974 23.22 103.23 -11.00
CA GLN H 1974 24.26 102.43 -11.62
C GLN H 1974 25.12 103.26 -12.56
N ARG H 1975 24.52 104.22 -13.26
CA ARG H 1975 25.31 105.11 -14.09
C ARG H 1975 26.29 105.92 -13.25
N GLY H 1976 25.82 106.46 -12.12
CA GLY H 1976 26.73 107.18 -11.24
C GLY H 1976 27.85 106.30 -10.72
N ARG H 1977 27.51 105.07 -10.33
CA ARG H 1977 28.52 104.15 -9.82
C ARG H 1977 29.55 103.83 -10.88
N TYR H 1978 29.11 103.61 -12.13
CA TYR H 1978 30.06 103.35 -13.20
C TYR H 1978 30.94 104.56 -13.46
N GLY H 1979 30.37 105.76 -13.38
CA GLY H 1979 31.18 106.95 -13.53
C GLY H 1979 32.28 107.01 -12.48
N LEU H 1980 31.93 106.75 -11.23
CA LEU H 1980 32.93 106.73 -10.18
C LEU H 1980 33.97 105.65 -10.42
N LEU H 1981 33.54 104.47 -10.89
CA LEU H 1981 34.46 103.38 -11.13
C LEU H 1981 35.47 103.75 -12.21
N MET H 1982 35.00 104.34 -13.32
CA MET H 1982 35.90 104.80 -14.36
C MET H 1982 36.83 105.89 -13.83
N LYS H 1983 36.31 106.81 -13.02
CA LYS H 1983 37.15 107.85 -12.46
C LYS H 1983 38.27 107.27 -11.61
N ALA H 1984 37.97 106.22 -10.85
CA ALA H 1984 38.98 105.55 -10.04
C ALA H 1984 40.14 105.13 -10.92
N PHE H 1985 41.31 105.71 -10.67
CA PHE H 1985 42.50 105.51 -11.50
C PHE H 1985 43.35 104.40 -10.90
N THR H 1986 43.07 103.16 -11.31
CA THR H 1986 43.88 102.01 -10.91
C THR H 1986 44.08 101.97 -9.40
N MET H 1987 43.02 102.20 -8.63
CA MET H 1987 43.11 102.12 -7.18
C MET H 1987 43.66 100.75 -6.80
N SER H 1988 43.07 99.70 -7.37
CA SER H 1988 43.58 98.34 -7.25
C SER H 1988 42.96 97.47 -8.34
N ALA H 1989 43.76 97.00 -9.29
CA ALA H 1989 43.21 96.28 -10.45
C ALA H 1989 42.28 95.15 -10.03
N ALA H 1990 42.66 94.39 -9.00
CA ALA H 1990 41.78 93.33 -8.50
C ALA H 1990 40.45 93.91 -8.04
N GLU H 1991 40.49 95.03 -7.33
CA GLU H 1991 39.27 95.74 -6.94
C GLU H 1991 38.44 96.14 -8.16
N THR H 1992 39.11 96.64 -9.20
CA THR H 1992 38.40 97.08 -10.39
C THR H 1992 37.66 95.92 -11.05
N ALA H 1993 38.33 94.77 -11.17
CA ALA H 1993 37.65 93.58 -11.70
C ALA H 1993 36.50 93.18 -10.79
N ARG H 1994 36.74 93.23 -9.47
CA ARG H 1994 35.75 92.80 -8.49
C ARG H 1994 34.48 93.63 -8.59
N ARG H 1995 34.60 94.89 -9.01
CA ARG H 1995 33.39 95.68 -9.25
C ARG H 1995 32.85 95.45 -10.65
N THR H 1996 33.72 95.36 -11.66
CA THR H 1996 33.27 95.43 -13.04
C THR H 1996 32.61 94.13 -13.50
N ARG H 1997 32.74 93.03 -12.75
CA ARG H 1997 32.06 91.86 -13.29
C ARG H 1997 30.57 92.19 -13.40
N GLU H 1998 30.05 92.92 -12.41
CA GLU H 1998 28.65 93.38 -12.46
C GLU H 1998 28.30 93.90 -13.84
N PHE H 1999 28.99 94.94 -14.29
CA PHE H 1999 28.73 95.50 -15.60
C PHE H 1999 29.02 94.54 -16.72
N ARG H 2000 29.83 93.50 -16.51
CA ARG H 2000 29.98 92.47 -17.53
C ARG H 2000 28.81 91.49 -17.60
N SER H 2001 27.96 91.44 -16.59
CA SER H 2001 26.89 90.45 -16.55
C SER H 2001 25.67 90.92 -17.32
N PRO H 2002 24.77 90.01 -17.69
CA PRO H 2002 23.56 90.40 -18.43
C PRO H 2002 22.64 91.26 -17.57
N PRO H 2003 21.84 92.13 -18.20
CA PRO H 2003 20.99 93.04 -17.41
C PRO H 2003 20.05 92.33 -16.47
N GLN H 2004 19.55 91.15 -16.83
CA GLN H 2004 18.65 90.43 -15.93
C GLN H 2004 19.36 90.07 -14.63
N GLU H 2005 20.60 89.58 -14.73
CA GLU H 2005 21.35 89.26 -13.52
C GLU H 2005 21.77 90.50 -12.77
N GLN H 2006 22.03 91.61 -13.48
CA GLN H 2006 22.26 92.86 -12.77
C GLN H 2006 21.05 93.26 -11.94
N ILE H 2007 19.85 93.12 -12.53
CA ILE H 2007 18.62 93.43 -11.80
C ILE H 2007 18.48 92.53 -10.58
N ASN H 2008 18.70 91.23 -10.77
CA ASN H 2008 18.56 90.30 -9.66
C ASN H 2008 19.54 90.63 -8.54
N MET H 2009 20.80 90.92 -8.90
CA MET H 2009 21.79 91.26 -7.89
C MET H 2009 21.41 92.54 -7.16
N LEU H 2010 20.92 93.54 -7.89
CA LEU H 2010 20.56 94.79 -7.26
C LEU H 2010 19.34 94.67 -6.37
N LEU H 2011 18.41 93.77 -6.67
CA LEU H 2011 17.23 93.59 -5.85
C LEU H 2011 17.41 92.58 -4.73
N HIS H 2012 18.47 91.77 -4.76
CA HIS H 2012 18.68 90.75 -3.74
C HIS H 2012 19.17 91.42 -2.45
N PHE H 2013 18.25 92.13 -1.79
CA PHE H 2013 18.55 92.69 -0.47
C PHE H 2013 17.37 92.60 0.48
N LYS H 2014 16.44 91.67 0.24
CA LYS H 2014 15.24 91.60 1.08
C LYS H 2014 15.60 91.29 2.52
N ASN H 2015 16.48 90.32 2.74
CA ASN H 2015 16.87 89.92 4.08
C ASN H 2015 18.12 90.63 4.58
N GLY H 2016 18.55 91.68 3.89
CA GLY H 2016 19.73 92.42 4.29
C GLY H 2016 20.96 92.05 3.50
N ALA H 2017 21.76 93.05 3.16
CA ALA H 2017 23.00 92.82 2.43
C ALA H 2017 23.90 94.03 2.62
N ASP H 2018 25.20 93.80 2.45
CA ASP H 2018 26.19 94.86 2.59
C ASP H 2018 26.45 95.51 1.23
N GLU H 2019 27.16 96.64 1.27
CA GLU H 2019 27.39 97.40 0.04
C GLU H 2019 28.09 96.55 -1.01
N GLU H 2020 28.86 95.56 -0.58
CA GLU H 2020 29.53 94.68 -1.54
C GLU H 2020 28.52 93.78 -2.24
N GLU H 2021 27.64 93.13 -1.48
CA GLU H 2021 26.69 92.20 -2.07
C GLU H 2021 25.70 92.94 -2.98
N CYS H 2022 25.19 94.07 -2.51
CA CYS H 2022 24.20 94.86 -3.26
C CYS H 2022 24.54 96.33 -3.12
N PRO H 2023 24.99 96.99 -4.20
CA PRO H 2023 25.45 98.39 -4.06
C PRO H 2023 24.33 99.42 -3.93
N LEU H 2024 23.07 99.03 -3.89
CA LEU H 2024 22.00 100.01 -3.82
C LEU H 2024 22.11 100.82 -2.53
N PRO H 2025 22.01 102.15 -2.59
CA PRO H 2025 21.99 102.94 -1.35
C PRO H 2025 20.78 102.61 -0.49
N GLU H 2026 20.89 103.00 0.79
CA GLU H 2026 19.87 102.66 1.75
C GLU H 2026 18.54 103.31 1.42
N GLU H 2027 18.55 104.54 0.92
CA GLU H 2027 17.30 105.21 0.58
C GLU H 2027 16.60 104.49 -0.59
N ILE H 2028 17.38 104.08 -1.59
CA ILE H 2028 16.81 103.34 -2.71
C ILE H 2028 16.23 102.03 -2.23
N ARG H 2029 16.93 101.35 -1.32
CA ARG H 2029 16.38 100.12 -0.74
C ARG H 2029 15.10 100.41 0.02
N GLN H 2030 15.08 101.51 0.77
CA GLN H 2030 13.95 101.82 1.63
C GLN H 2030 12.70 102.09 0.82
N GLU H 2031 12.85 102.72 -0.35
CA GLU H 2031 11.69 102.94 -1.19
C GLU H 2031 11.01 101.61 -1.53
N LEU H 2032 11.79 100.62 -1.94
CA LEU H 2032 11.22 99.32 -2.28
C LEU H 2032 10.64 98.65 -1.05
N VAL H 2033 11.29 98.77 0.10
CA VAL H 2033 10.76 98.15 1.31
C VAL H 2033 9.40 98.74 1.65
N ASN H 2034 9.28 100.07 1.58
CA ASN H 2034 8.00 100.70 1.87
C ASN H 2034 6.94 100.27 0.87
N PHE H 2035 7.29 100.20 -0.42
CA PHE H 2035 6.30 99.77 -1.38
C PHE H 2035 5.88 98.33 -1.14
N HIS H 2036 6.81 97.47 -0.75
CA HIS H 2036 6.46 96.09 -0.45
C HIS H 2036 5.50 96.02 0.72
N GLN H 2037 5.74 96.81 1.76
CA GLN H 2037 4.80 96.88 2.87
C GLN H 2037 3.42 97.32 2.40
N ASP H 2038 3.39 98.35 1.54
CA ASP H 2038 2.11 98.83 1.03
C ASP H 2038 1.39 97.76 0.22
N LEU H 2039 2.13 97.04 -0.62
CA LEU H 2039 1.52 96.01 -1.43
C LEU H 2039 0.95 94.89 -0.57
N LEU H 2040 1.70 94.48 0.46
CA LEU H 2040 1.18 93.45 1.36
C LEU H 2040 -0.09 93.94 2.06
N ALA H 2041 -0.08 95.20 2.52
CA ALA H 2041 -1.27 95.74 3.17
C ALA H 2041 -2.46 95.75 2.21
N HIS H 2042 -2.24 96.15 0.96
CA HIS H 2042 -3.32 96.17 -0.01
C HIS H 2042 -3.85 94.77 -0.27
N CYS H 2043 -2.97 93.78 -0.39
CA CYS H 2043 -3.41 92.41 -0.54
C CYS H 2043 -4.00 91.84 0.74
N GLY H 2044 -3.90 92.56 1.86
CA GLY H 2044 -4.44 92.11 3.11
C GLY H 2044 -3.49 91.29 3.95
N ILE H 2045 -2.27 91.04 3.46
CA ILE H 2045 -1.31 90.23 4.19
C ILE H 2045 -0.99 90.87 5.53
N GLN H 2046 -0.80 92.19 5.53
CA GLN H 2046 -0.32 92.88 6.71
C GLN H 2046 -1.18 92.56 7.92
N LEU H 2047 -0.56 92.01 8.96
CA LEU H 2047 -1.27 91.64 10.17
C LEU H 2047 -0.37 91.81 11.39
N GLU H 2089 -13.05 93.19 11.53
CA GLU H 2089 -14.07 93.90 12.28
C GLU H 2089 -15.43 93.26 12.02
N HIS H 2090 -16.37 93.46 12.95
CA HIS H 2090 -17.70 92.88 12.76
C HIS H 2090 -18.39 93.45 11.53
N LYS H 2091 -18.00 94.66 11.12
CA LYS H 2091 -18.43 95.20 9.82
C LYS H 2091 -17.32 95.00 8.81
N PRO H 2092 -17.61 94.50 7.60
CA PRO H 2092 -16.55 94.23 6.64
C PRO H 2092 -15.58 95.39 6.42
N GLN H 2093 -16.10 96.54 6.02
CA GLN H 2093 -15.31 97.75 5.78
C GLN H 2093 -14.29 97.58 4.67
N SER H 2094 -14.49 96.64 3.75
CA SER H 2094 -13.59 96.44 2.63
C SER H 2094 -14.18 95.38 1.72
N LEU H 2095 -13.77 95.40 0.45
CA LEU H 2095 -14.30 94.43 -0.49
C LEU H 2095 -13.90 93.02 -0.11
N GLN H 2096 -12.65 92.84 0.35
CA GLN H 2096 -12.19 91.49 0.71
C GLN H 2096 -13.01 90.93 1.86
N GLU H 2097 -13.14 91.69 2.94
CA GLU H 2097 -13.92 91.23 4.09
C GLU H 2097 -15.38 91.03 3.70
N LEU H 2098 -15.92 91.93 2.90
CA LEU H 2098 -17.31 91.80 2.47
C LEU H 2098 -17.53 90.50 1.73
N VAL H 2099 -16.69 90.21 0.74
CA VAL H 2099 -16.87 88.99 -0.05
C VAL H 2099 -16.70 87.76 0.82
N SER H 2100 -15.67 87.73 1.65
CA SER H 2100 -15.45 86.56 2.50
C SER H 2100 -16.64 86.33 3.41
N HIS H 2101 -17.06 87.37 4.13
CA HIS H 2101 -18.15 87.21 5.08
C HIS H 2101 -19.44 86.83 4.37
N THR H 2102 -19.71 87.43 3.21
CA THR H 2102 -20.93 87.12 2.48
C THR H 2102 -20.96 85.67 2.03
N VAL H 2103 -19.86 85.19 1.44
CA VAL H 2103 -19.84 83.81 0.95
C VAL H 2103 -20.00 82.84 2.12
N VAL H 2104 -19.27 83.08 3.21
CA VAL H 2104 -19.38 82.18 4.35
C VAL H 2104 -20.78 82.23 4.93
N ARG H 2105 -21.40 83.41 4.96
CA ARG H 2105 -22.75 83.53 5.49
C ARG H 2105 -23.76 82.76 4.63
N TRP H 2106 -23.63 82.87 3.31
CA TRP H 2106 -24.52 82.11 2.44
C TRP H 2106 -24.37 80.62 2.68
N ALA H 2107 -23.13 80.12 2.68
CA ALA H 2107 -22.91 78.70 2.86
C ALA H 2107 -23.38 78.23 4.23
N GLN H 2108 -23.26 79.07 5.25
CA GLN H 2108 -23.75 78.72 6.57
C GLN H 2108 -25.27 78.69 6.61
N GLU H 2109 -25.91 79.62 5.89
CA GLU H 2109 -27.36 79.73 5.94
C GLU H 2109 -28.05 78.57 5.23
N ASP H 2110 -27.55 78.20 4.04
CA ASP H 2110 -28.26 77.20 3.26
C ASP H 2110 -27.30 76.16 2.71
N PHE H 2111 -27.84 74.98 2.46
CA PHE H 2111 -27.15 73.93 1.72
C PHE H 2111 -27.32 74.23 0.24
N VAL H 2112 -26.39 75.01 -0.31
CA VAL H 2112 -26.54 75.51 -1.67
C VAL H 2112 -26.68 74.34 -2.63
N GLN H 2113 -27.65 74.44 -3.54
CA GLN H 2113 -27.97 73.35 -4.44
C GLN H 2113 -27.42 73.54 -5.85
N SER H 2114 -27.09 74.77 -6.24
CA SER H 2114 -26.62 75.02 -7.59
C SER H 2114 -25.10 74.82 -7.64
N PRO H 2115 -24.60 73.82 -8.37
CA PRO H 2115 -23.15 73.65 -8.45
C PRO H 2115 -22.43 74.85 -9.02
N GLU H 2116 -23.04 75.56 -9.98
CA GLU H 2116 -22.42 76.77 -10.50
C GLU H 2116 -22.29 77.83 -9.40
N LEU H 2117 -23.34 77.99 -8.59
CA LEU H 2117 -23.26 78.94 -7.49
C LEU H 2117 -22.18 78.54 -6.49
N VAL H 2118 -22.09 77.24 -6.18
CA VAL H 2118 -21.06 76.79 -5.25
C VAL H 2118 -19.67 77.08 -5.79
N ARG H 2119 -19.46 76.78 -7.06
CA ARG H 2119 -18.15 77.00 -7.66
C ARG H 2119 -17.80 78.48 -7.65
N ALA H 2120 -18.74 79.34 -8.02
CA ALA H 2120 -18.47 80.78 -8.01
C ALA H 2120 -18.18 81.27 -6.60
N MET H 2121 -18.98 80.84 -5.62
CA MET H 2121 -18.78 81.26 -4.25
C MET H 2121 -17.38 80.91 -3.78
N PHE H 2122 -16.96 79.66 -3.99
CA PHE H 2122 -15.68 79.24 -3.46
C PHE H 2122 -14.50 79.78 -4.27
N SER H 2123 -14.68 80.04 -5.57
CA SER H 2123 -13.64 80.74 -6.31
C SER H 2123 -13.45 82.15 -5.75
N LEU H 2124 -14.55 82.85 -5.48
CA LEU H 2124 -14.43 84.18 -4.90
C LEU H 2124 -13.74 84.12 -3.54
N LEU H 2125 -14.13 83.16 -2.70
CA LEU H 2125 -13.52 83.04 -1.38
C LEU H 2125 -12.03 82.77 -1.48
N HIS H 2126 -11.63 81.87 -2.38
CA HIS H 2126 -10.21 81.61 -2.56
C HIS H 2126 -9.46 82.85 -3.00
N ARG H 2127 -10.02 83.61 -3.94
CA ARG H 2127 -9.34 84.82 -4.36
C ARG H 2127 -9.19 85.80 -3.21
N GLN H 2128 -10.23 85.92 -2.37
CA GLN H 2128 -10.14 86.86 -1.26
C GLN H 2128 -9.09 86.43 -0.25
N TYR H 2129 -9.01 85.13 0.07
CA TYR H 2129 -8.05 84.69 1.07
C TYR H 2129 -6.62 84.75 0.55
N ASP H 2130 -6.38 84.28 -0.68
CA ASP H 2130 -5.03 84.26 -1.24
C ASP H 2130 -4.83 85.48 -2.13
N GLY H 2131 -4.78 86.64 -1.49
CA GLY H 2131 -4.63 87.88 -2.23
C GLY H 2131 -3.31 87.97 -2.97
N LEU H 2132 -2.22 87.59 -2.29
CA LEU H 2132 -0.90 87.68 -2.92
C LEU H 2132 -0.74 86.65 -4.02
N GLY H 2133 -1.28 85.44 -3.82
CA GLY H 2133 -1.16 84.42 -4.85
C GLY H 2133 -1.85 84.82 -6.13
N GLU H 2134 -2.97 85.53 -6.03
CA GLU H 2134 -3.68 85.97 -7.23
C GLU H 2134 -2.81 86.93 -8.04
N LEU H 2135 -2.19 87.90 -7.37
CA LEU H 2135 -1.28 88.81 -8.06
C LEU H 2135 -0.10 88.07 -8.63
N LEU H 2136 0.43 87.10 -7.89
CA LEU H 2136 1.57 86.33 -8.37
C LEU H 2136 1.24 85.58 -9.65
N ARG H 2137 0.06 84.97 -9.71
CA ARG H 2137 -0.38 84.25 -10.90
C ARG H 2137 -0.82 85.16 -12.03
N ALA H 2138 -1.20 86.40 -11.73
CA ALA H 2138 -1.58 87.35 -12.76
C ALA H 2138 -0.41 88.09 -13.39
N LEU H 2139 0.68 88.28 -12.65
CA LEU H 2139 1.81 89.03 -13.20
C LEU H 2139 2.36 88.45 -14.49
N PRO H 2140 2.48 87.13 -14.66
CA PRO H 2140 3.01 86.61 -15.92
C PRO H 2140 2.36 87.18 -17.16
N ARG H 2141 1.15 87.73 -17.05
CA ARG H 2141 0.43 88.30 -18.18
C ARG H 2141 0.47 89.82 -18.17
N ALA H 2142 1.38 90.41 -17.40
CA ALA H 2142 1.52 91.85 -17.31
C ALA H 2142 2.74 92.27 -18.12
N TYR H 2143 2.59 93.32 -18.91
CA TYR H 2143 3.65 93.79 -19.79
C TYR H 2143 3.58 95.30 -19.87
N THR H 2144 4.75 95.95 -19.85
CA THR H 2144 4.83 97.39 -19.95
C THR H 2144 5.44 97.76 -21.30
N ILE H 2145 4.84 98.76 -21.96
CA ILE H 2145 5.29 99.21 -23.26
C ILE H 2145 5.49 100.71 -23.22
N SER H 2146 6.28 101.20 -24.16
CA SER H 2146 6.51 102.63 -24.31
C SER H 2146 5.33 103.28 -25.03
N VAL H 2147 5.25 104.60 -24.91
CA VAL H 2147 4.14 105.33 -25.51
C VAL H 2147 4.15 105.19 -27.02
N SER H 2148 5.33 105.10 -27.63
CA SER H 2148 5.43 105.06 -29.08
C SER H 2148 4.85 103.78 -29.68
N SER H 2149 4.58 102.77 -28.86
CA SER H 2149 4.06 101.49 -29.33
C SER H 2149 2.57 101.31 -29.09
N VAL H 2150 1.89 102.32 -28.53
CA VAL H 2150 0.51 102.13 -28.11
C VAL H 2150 -0.39 101.88 -29.31
N GLU H 2151 -0.24 102.68 -30.37
CA GLU H 2151 -1.11 102.52 -31.53
C GLU H 2151 -0.94 101.15 -32.17
N ASP H 2152 0.30 100.74 -32.39
CA ASP H 2152 0.55 99.43 -33.00
C ASP H 2152 0.05 98.31 -32.11
N THR H 2153 0.24 98.43 -30.79
CA THR H 2153 -0.26 97.41 -29.89
C THR H 2153 -1.78 97.33 -29.92
N MET H 2154 -2.45 98.48 -30.01
CA MET H 2154 -3.91 98.46 -30.11
C MET H 2154 -4.37 97.78 -31.39
N SER H 2155 -3.70 98.06 -32.51
CA SER H 2155 -4.06 97.40 -33.76
C SER H 2155 -3.86 95.89 -33.64
N LEU H 2156 -2.75 95.48 -33.04
CA LEU H 2156 -2.47 94.07 -32.89
C LEU H 2156 -3.49 93.41 -31.98
N LEU H 2157 -3.93 94.13 -30.95
CA LEU H 2157 -4.98 93.61 -30.07
C LEU H 2157 -6.29 93.44 -30.84
N GLU H 2158 -6.61 94.39 -31.73
CA GLU H 2158 -7.78 94.20 -32.58
C GLU H 2158 -7.68 92.90 -33.37
N CYS H 2159 -6.55 92.70 -34.05
CA CYS H 2159 -6.39 91.49 -34.86
C CYS H 2159 -6.47 90.23 -34.01
N LEU H 2160 -5.83 90.25 -32.85
CA LEU H 2160 -5.86 89.08 -31.97
C LEU H 2160 -7.26 88.83 -31.46
N GLY H 2161 -8.04 89.88 -31.21
CA GLY H 2161 -9.42 89.68 -30.83
C GLY H 2161 -10.22 89.00 -31.92
N GLN H 2162 -10.01 89.42 -33.17
CA GLN H 2162 -10.67 88.72 -34.28
C GLN H 2162 -10.29 87.25 -34.30
N ILE H 2163 -9.00 86.96 -34.19
CA ILE H 2163 -8.55 85.57 -34.25
C ILE H 2163 -9.17 84.76 -33.13
N ARG H 2164 -9.16 85.31 -31.90
CA ARG H 2164 -9.75 84.60 -30.78
C ARG H 2164 -11.24 84.37 -30.99
N SER H 2165 -11.96 85.37 -31.50
CA SER H 2165 -13.37 85.19 -31.80
C SER H 2165 -13.60 84.07 -32.80
N LEU H 2166 -12.65 83.82 -33.68
CA LEU H 2166 -12.79 82.71 -34.63
C LEU H 2166 -12.64 81.33 -33.98
N LEU H 2167 -12.37 81.24 -32.68
CA LEU H 2167 -12.26 79.94 -32.03
C LEU H 2167 -13.60 79.30 -31.71
N ILE H 2168 -14.69 80.07 -31.73
CA ILE H 2168 -16.00 79.59 -31.31
C ILE H 2168 -16.94 79.42 -32.49
N VAL H 2169 -16.44 79.52 -33.71
CA VAL H 2169 -17.26 79.41 -34.91
C VAL H 2169 -16.64 78.38 -35.83
N GLN H 2170 -17.50 77.59 -36.47
CA GLN H 2170 -17.04 76.60 -37.44
C GLN H 2170 -16.50 77.30 -38.68
N MET H 2171 -15.32 76.87 -39.12
CA MET H 2171 -14.63 77.55 -40.20
C MET H 2171 -15.45 77.52 -41.48
N GLY H 2172 -15.55 78.67 -42.14
CA GLY H 2172 -16.17 78.79 -43.43
C GLY H 2172 -15.31 79.69 -44.31
N PRO H 2173 -15.81 80.03 -45.50
CA PRO H 2173 -15.02 80.89 -46.39
C PRO H 2173 -14.75 82.28 -45.81
N GLN H 2174 -15.78 82.93 -45.28
CA GLN H 2174 -15.59 84.27 -44.72
C GLN H 2174 -14.67 84.22 -43.51
N GLU H 2175 -14.83 83.21 -42.65
CA GLU H 2175 -13.94 83.08 -41.50
C GLU H 2175 -12.51 82.84 -41.95
N GLU H 2176 -12.33 82.03 -43.00
CA GLU H 2176 -11.00 81.81 -43.55
C GLU H 2176 -10.38 83.13 -44.00
N ASN H 2177 -11.14 83.93 -44.74
CA ASN H 2177 -10.61 85.20 -45.22
C ASN H 2177 -10.25 86.11 -44.06
N LEU H 2178 -11.12 86.19 -43.06
CA LEU H 2178 -10.84 87.04 -41.90
C LEU H 2178 -9.58 86.57 -41.17
N MET H 2179 -9.44 85.25 -41.00
CA MET H 2179 -8.26 84.71 -40.35
C MET H 2179 -7.00 85.08 -41.11
N ILE H 2180 -7.03 84.94 -42.43
CA ILE H 2180 -5.86 85.25 -43.25
C ILE H 2180 -5.51 86.72 -43.14
N GLN H 2181 -6.52 87.59 -43.19
CA GLN H 2181 -6.26 89.02 -43.09
C GLN H 2181 -5.69 89.38 -41.73
N SER H 2182 -6.23 88.77 -40.67
CA SER H 2182 -5.71 89.04 -39.33
C SER H 2182 -4.25 88.62 -39.23
N ILE H 2183 -3.93 87.44 -39.74
CA ILE H 2183 -2.54 86.98 -39.71
C ILE H 2183 -1.64 87.93 -40.49
N GLY H 2184 -2.10 88.38 -41.66
CA GLY H 2184 -1.29 89.31 -42.43
C GLY H 2184 -1.03 90.61 -41.70
N ASN H 2185 -2.07 91.17 -41.07
CA ASN H 2185 -1.89 92.39 -40.32
C ASN H 2185 -0.94 92.18 -39.15
N ILE H 2186 -1.07 91.04 -38.46
CA ILE H 2186 -0.16 90.76 -37.35
C ILE H 2186 1.28 90.68 -37.83
N MET H 2187 1.51 89.99 -38.94
CA MET H 2187 2.87 89.93 -39.49
C MET H 2187 3.40 91.29 -39.88
N ASN H 2188 2.59 92.15 -40.49
CA ASN H 2188 3.05 93.46 -40.92
C ASN H 2188 3.15 94.43 -39.76
N ASN H 2189 2.61 94.08 -38.59
CA ASN H 2189 2.70 94.91 -37.40
C ASN H 2189 4.11 94.87 -36.83
N LYS H 2190 4.63 96.05 -36.47
CA LYS H 2190 5.98 96.13 -35.93
C LYS H 2190 6.11 95.40 -34.60
N VAL H 2191 5.10 95.55 -33.73
CA VAL H 2191 5.21 95.04 -32.37
C VAL H 2191 5.41 93.53 -32.37
N PHE H 2192 4.91 92.85 -33.40
CA PHE H 2192 5.02 91.40 -33.44
C PHE H 2192 6.48 90.95 -33.40
N TYR H 2193 7.39 91.77 -33.92
CA TYR H 2193 8.80 91.44 -33.96
C TYR H 2193 9.58 91.99 -32.77
N GLN H 2194 9.17 93.15 -32.24
CA GLN H 2194 9.95 93.81 -31.22
C GLN H 2194 9.66 93.25 -29.83
N HIS H 2195 8.49 92.64 -29.63
CA HIS H 2195 8.04 92.20 -28.32
C HIS H 2195 7.57 90.75 -28.40
N PRO H 2196 8.47 89.81 -28.67
CA PRO H 2196 8.07 88.40 -28.68
C PRO H 2196 7.59 87.90 -27.33
N ASN H 2197 8.12 88.43 -26.23
CA ASN H 2197 7.64 88.01 -24.91
C ASN H 2197 6.18 88.40 -24.72
N LEU H 2198 5.81 89.61 -25.16
CA LEU H 2198 4.42 90.01 -25.12
C LEU H 2198 3.55 89.02 -25.89
N MET H 2199 4.05 88.51 -27.00
CA MET H 2199 3.24 87.65 -27.84
C MET H 2199 3.08 86.27 -27.21
N ARG H 2200 4.15 85.75 -26.62
CA ARG H 2200 4.03 84.52 -25.87
C ARG H 2200 3.07 84.68 -24.70
N ALA H 2201 3.12 85.84 -24.02
CA ALA H 2201 2.20 86.08 -22.91
C ALA H 2201 0.76 86.10 -23.39
N LEU H 2202 0.49 86.80 -24.50
CA LEU H 2202 -0.84 86.79 -25.10
C LEU H 2202 -1.24 85.42 -25.60
N GLY H 2203 -0.29 84.52 -25.81
CA GLY H 2203 -0.62 83.19 -26.29
C GLY H 2203 -1.13 83.15 -27.71
N MET H 2204 -0.59 83.99 -28.59
CA MET H 2204 -1.03 84.01 -29.97
C MET H 2204 -0.76 82.68 -30.66
N HIS H 2205 0.41 82.10 -30.40
CA HIS H 2205 0.75 80.83 -31.02
C HIS H 2205 -0.25 79.74 -30.63
N GLU H 2206 -0.66 79.71 -29.37
CA GLU H 2206 -1.64 78.72 -28.94
C GLU H 2206 -2.95 78.88 -29.71
N THR H 2207 -3.42 80.12 -29.85
CA THR H 2207 -4.68 80.35 -30.54
C THR H 2207 -4.60 79.93 -32.00
N VAL H 2208 -3.53 80.33 -32.68
CA VAL H 2208 -3.40 79.99 -34.10
C VAL H 2208 -3.29 78.48 -34.28
N MET H 2209 -2.52 77.83 -33.42
CA MET H 2209 -2.39 76.38 -33.48
C MET H 2209 -3.73 75.71 -33.25
N GLU H 2210 -4.51 76.22 -32.29
CA GLU H 2210 -5.81 75.61 -32.01
C GLU H 2210 -6.75 75.75 -33.19
N VAL H 2211 -6.75 76.90 -33.84
CA VAL H 2211 -7.57 77.07 -35.03
C VAL H 2211 -7.14 76.09 -36.12
N MET H 2212 -5.82 76.00 -36.34
CA MET H 2212 -5.31 75.10 -37.37
C MET H 2212 -5.72 73.67 -37.09
N VAL H 2213 -5.61 73.24 -35.82
CA VAL H 2213 -5.91 71.86 -35.48
C VAL H 2213 -7.40 71.59 -35.59
N ASN H 2214 -8.22 72.54 -35.18
CA ASN H 2214 -9.66 72.38 -35.38
C ASN H 2214 -9.97 72.09 -36.84
N VAL H 2215 -9.43 72.92 -37.73
CA VAL H 2215 -9.73 72.74 -39.15
C VAL H 2215 -9.16 71.42 -39.67
N LEU H 2216 -7.93 71.09 -39.27
CA LEU H 2216 -7.31 69.86 -39.74
C LEU H 2216 -8.13 68.65 -39.32
N GLY H 2217 -8.50 68.58 -38.04
CA GLY H 2217 -9.33 67.48 -37.58
C GLY H 2217 -10.66 67.43 -38.29
N GLY H 2218 -11.28 68.59 -38.52
CA GLY H 2218 -12.52 68.60 -39.27
C GLY H 2218 -12.31 68.07 -40.68
N GLY H 2219 -13.01 66.99 -41.00
CA GLY H 2219 -12.85 66.35 -42.29
C GLY H 2219 -11.44 65.85 -42.53
N GLU H 2220 -10.80 65.31 -41.48
CA GLU H 2220 -9.45 64.80 -41.63
C GLU H 2220 -9.41 63.57 -42.52
N SER H 2221 -10.44 62.74 -42.45
CA SER H 2221 -10.48 61.53 -43.28
C SER H 2221 -10.48 61.89 -44.76
N LYS H 2222 -11.27 62.88 -45.15
CA LYS H 2222 -11.35 63.35 -46.52
C LYS H 2222 -10.36 64.50 -46.72
N GLU H 2223 -10.46 65.19 -47.85
CA GLU H 2223 -9.56 66.30 -48.14
C GLU H 2223 -9.73 67.39 -47.10
N ILE H 2224 -8.62 68.07 -46.80
CA ILE H 2224 -8.61 69.16 -45.82
C ILE H 2224 -9.05 70.43 -46.56
N ARG H 2225 -10.21 70.97 -46.17
CA ARG H 2225 -10.61 72.26 -46.70
C ARG H 2225 -9.74 73.36 -46.11
N PHE H 2226 -9.80 74.53 -46.75
CA PHE H 2226 -9.06 75.70 -46.31
C PHE H 2226 -7.54 75.47 -46.30
N PRO H 2227 -6.99 74.88 -47.36
CA PRO H 2227 -5.53 74.74 -47.41
C PRO H 2227 -4.82 76.07 -47.37
N LYS H 2228 -5.44 77.12 -47.91
CA LYS H 2228 -4.85 78.45 -47.80
C LYS H 2228 -4.73 78.86 -46.34
N MET H 2229 -5.76 78.56 -45.54
CA MET H 2229 -5.71 78.93 -44.14
C MET H 2229 -4.61 78.15 -43.42
N VAL H 2230 -4.47 76.86 -43.74
CA VAL H 2230 -3.41 76.09 -43.08
C VAL H 2230 -2.02 76.56 -43.50
N THR H 2231 -1.88 76.92 -44.78
CA THR H 2231 -0.63 77.48 -45.26
C THR H 2231 -0.29 78.76 -44.50
N SER H 2232 -1.30 79.60 -44.27
CA SER H 2232 -1.09 80.75 -43.41
C SER H 2232 -0.76 80.31 -41.98
N CYS H 2233 -1.26 79.15 -41.57
CA CYS H 2233 -1.05 78.70 -40.20
C CYS H 2233 0.43 78.43 -39.93
N CYS H 2234 1.14 77.75 -40.84
CA CYS H 2234 2.57 78.08 -40.82
C CYS H 2234 2.82 79.56 -40.94
N ARG H 2235 2.62 80.14 -42.12
CA ARG H 2235 3.41 81.34 -42.38
C ARG H 2235 3.55 82.11 -41.08
N PHE H 2236 2.44 82.26 -40.34
CA PHE H 2236 2.49 82.84 -39.00
C PHE H 2236 3.32 82.02 -38.01
N LEU H 2237 2.83 80.84 -37.61
CA LEU H 2237 3.48 80.11 -36.50
C LEU H 2237 4.92 79.77 -36.85
N CYS H 2238 5.17 79.67 -38.13
CA CYS H 2238 6.26 78.91 -38.68
C CYS H 2238 7.31 79.89 -39.20
N TYR H 2239 6.98 81.20 -39.10
CA TYR H 2239 7.88 82.34 -38.87
C TYR H 2239 8.09 82.62 -37.38
N PHE H 2240 7.03 82.46 -36.59
CA PHE H 2240 7.06 82.76 -35.17
C PHE H 2240 8.15 81.98 -34.47
N CYS H 2241 8.34 80.73 -34.87
CA CYS H 2241 9.47 79.96 -34.36
C CYS H 2241 10.79 80.68 -34.64
N ARG H 2242 10.94 81.25 -35.84
CA ARG H 2242 12.18 81.93 -36.19
C ARG H 2242 12.37 83.24 -35.44
N ILE H 2243 11.29 83.87 -34.99
CA ILE H 2243 11.43 85.20 -34.39
C ILE H 2243 12.45 85.20 -33.27
N SER H 2244 12.39 84.23 -32.35
CA SER H 2244 13.32 84.21 -31.24
C SER H 2244 13.43 82.79 -30.70
N ARG H 2245 14.49 82.55 -29.92
CA ARG H 2245 14.74 81.21 -29.41
C ARG H 2245 13.71 80.80 -28.38
N GLN H 2246 13.26 81.75 -27.56
CA GLN H 2246 12.20 81.43 -26.59
C GLN H 2246 10.93 81.02 -27.29
N ASN H 2247 10.59 81.71 -28.39
CA ASN H 2247 9.44 81.30 -29.19
C ASN H 2247 9.62 79.87 -29.70
N GLN H 2248 10.85 79.54 -30.10
CA GLN H 2248 11.13 78.19 -30.58
C GLN H 2248 10.91 77.16 -29.48
N ARG H 2249 11.33 77.48 -28.25
CA ARG H 2249 11.02 76.64 -27.11
C ARG H 2249 9.52 76.47 -26.93
N SER H 2250 8.77 77.57 -27.00
CA SER H 2250 7.34 77.52 -26.77
C SER H 2250 6.66 76.61 -27.79
N MET H 2251 7.08 76.71 -29.06
CA MET H 2251 6.48 75.86 -30.08
C MET H 2251 6.98 74.43 -29.97
N PHE H 2252 8.24 74.23 -29.59
CA PHE H 2252 8.78 72.89 -29.39
C PHE H 2252 8.00 72.15 -28.32
N ASP H 2253 7.50 72.86 -27.32
CA ASP H 2253 6.74 72.20 -26.27
C ASP H 2253 5.49 71.50 -26.81
N HIS H 2254 5.05 71.84 -28.02
CA HIS H 2254 3.89 71.20 -28.63
C HIS H 2254 4.28 70.33 -29.83
N LEU H 2255 5.50 69.77 -29.84
CA LEU H 2255 5.93 69.02 -31.00
C LEU H 2255 5.06 67.81 -31.24
N SER H 2256 4.76 67.04 -30.18
CA SER H 2256 3.95 65.84 -30.36
C SER H 2256 2.56 66.20 -30.88
N TYR H 2257 1.98 67.28 -30.37
CA TYR H 2257 0.70 67.76 -30.88
C TYR H 2257 0.76 67.99 -32.39
N LEU H 2258 1.77 68.74 -32.83
CA LEU H 2258 1.94 69.00 -34.26
C LEU H 2258 2.21 67.71 -35.01
N LEU H 2259 3.08 66.86 -34.46
CA LEU H 2259 3.35 65.58 -35.11
C LEU H 2259 2.10 64.72 -35.15
N GLU H 2260 1.29 64.78 -34.08
CA GLU H 2260 0.04 64.03 -34.07
C GLU H 2260 -0.89 64.48 -35.18
N ASN H 2261 -0.99 65.80 -35.38
CA ASN H 2261 -1.92 66.35 -36.38
C ASN H 2261 -1.33 66.37 -37.79
N SER H 2262 -0.04 66.09 -37.95
CA SER H 2262 0.59 66.07 -39.25
C SER H 2262 0.47 64.74 -39.96
N GLY H 2263 -0.45 63.88 -39.54
CA GLY H 2263 -0.57 62.57 -40.16
C GLY H 2263 -0.82 62.63 -41.66
N ILE H 2264 -1.70 63.52 -42.10
CA ILE H 2264 -2.06 63.65 -43.51
C ILE H 2264 -1.74 65.07 -43.94
N GLY H 2265 -1.05 65.20 -45.07
CA GLY H 2265 -0.71 66.50 -45.61
C GLY H 2265 -0.42 66.44 -47.09
N LEU H 2266 0.37 67.39 -47.57
CA LEU H 2266 0.82 67.42 -48.97
C LEU H 2266 -0.31 67.84 -49.90
N GLY H 2267 -1.53 67.98 -49.39
CA GLY H 2267 -2.61 68.52 -50.19
C GLY H 2267 -2.48 70.02 -50.29
N MET H 2268 -1.80 70.60 -49.31
CA MET H 2268 -1.69 72.06 -49.24
C MET H 2268 -0.80 72.61 -50.33
N GLN H 2269 0.29 71.92 -50.65
CA GLN H 2269 1.31 72.43 -51.57
C GLN H 2269 1.95 73.71 -51.04
N GLY H 2270 1.66 74.05 -49.79
CA GLY H 2270 2.20 75.25 -49.17
C GLY H 2270 3.07 74.93 -47.99
N SER H 2271 2.56 75.19 -46.79
CA SER H 2271 3.29 74.90 -45.56
C SER H 2271 2.37 74.08 -44.66
N THR H 2272 2.95 73.25 -43.81
CA THR H 2272 2.21 72.24 -43.08
C THR H 2272 2.63 72.19 -41.60
N PRO H 2273 1.82 71.56 -40.76
CA PRO H 2273 2.25 71.37 -39.37
C PRO H 2273 3.57 70.63 -39.25
N LEU H 2274 3.90 69.78 -40.21
CA LEU H 2274 5.23 69.17 -40.22
C LEU H 2274 6.29 70.23 -40.44
N ASP H 2275 6.02 71.23 -41.27
CA ASP H 2275 6.94 72.35 -41.42
C ASP H 2275 7.05 73.13 -40.11
N VAL H 2276 5.93 73.31 -39.40
CA VAL H 2276 6.00 73.94 -38.09
C VAL H 2276 6.93 73.15 -37.17
N ALA H 2277 6.78 71.83 -37.16
CA ALA H 2277 7.59 70.99 -36.31
C ALA H 2277 9.07 71.13 -36.66
N ALA H 2278 9.39 71.12 -37.95
CA ALA H 2278 10.78 71.27 -38.36
C ALA H 2278 11.33 72.63 -37.94
N ALA H 2279 10.54 73.69 -38.14
CA ALA H 2279 10.99 75.02 -37.75
C ALA H 2279 11.16 75.16 -36.25
N SER H 2280 10.44 74.36 -35.46
CA SER H 2280 10.54 74.42 -34.02
C SER H 2280 11.81 73.78 -33.47
N VAL H 2281 12.62 73.16 -34.32
CA VAL H 2281 13.83 72.49 -33.84
C VAL H 2281 15.04 72.87 -34.70
N ILE H 2282 14.80 73.50 -35.84
CA ILE H 2282 15.88 73.80 -36.77
C ILE H 2282 16.96 74.63 -36.08
N ASP H 2283 18.22 74.25 -36.28
CA ASP H 2283 19.38 75.01 -35.82
C ASP H 2283 19.24 75.41 -34.36
N ASN H 2284 19.03 74.40 -33.51
CA ASN H 2284 18.96 74.59 -32.06
C ASN H 2284 19.45 73.29 -31.42
N ASN H 2285 20.71 73.28 -31.03
CA ASN H 2285 21.28 72.07 -30.42
C ASN H 2285 20.54 71.69 -29.16
N GLU H 2286 20.21 72.69 -28.32
CA GLU H 2286 19.58 72.40 -27.04
C GLU H 2286 18.20 71.76 -27.25
N LEU H 2287 17.47 72.18 -28.27
CA LEU H 2287 16.19 71.56 -28.60
C LEU H 2287 16.37 70.19 -29.24
N ALA H 2288 17.32 70.06 -30.17
CA ALA H 2288 17.51 68.77 -30.82
C ALA H 2288 17.92 67.71 -29.82
N LEU H 2289 18.63 68.10 -28.77
CA LEU H 2289 19.01 67.15 -27.74
C LEU H 2289 17.84 66.80 -26.83
N ALA H 2290 16.88 67.72 -26.67
CA ALA H 2290 15.67 67.46 -25.91
C ALA H 2290 14.62 66.73 -26.72
N LEU H 2291 14.82 66.57 -28.02
CA LEU H 2291 13.89 65.83 -28.85
C LEU H 2291 13.71 64.41 -28.33
N GLN H 2292 12.50 63.87 -28.48
CA GLN H 2292 12.16 62.60 -27.83
C GLN H 2292 12.09 61.44 -28.80
N GLU H 2293 12.48 60.26 -28.30
CA GLU H 2293 12.51 59.07 -29.11
C GLU H 2293 11.10 58.68 -29.57
N GLN H 2294 10.08 58.93 -28.75
CA GLN H 2294 8.73 58.59 -29.17
C GLN H 2294 8.28 59.47 -30.33
N ASP H 2295 8.67 60.75 -30.33
CA ASP H 2295 8.37 61.61 -31.48
C ASP H 2295 9.09 61.10 -32.72
N LEU H 2296 10.37 60.74 -32.58
CA LEU H 2296 11.06 60.16 -33.72
C LEU H 2296 10.38 58.89 -34.20
N GLU H 2297 9.87 58.08 -33.27
CA GLU H 2297 9.14 56.87 -33.66
C GLU H 2297 7.86 57.20 -34.42
N LYS H 2298 7.14 58.23 -33.99
CA LYS H 2298 5.95 58.64 -34.71
C LYS H 2298 6.29 59.01 -36.14
N VAL H 2299 7.33 59.82 -36.32
CA VAL H 2299 7.71 60.23 -37.67
C VAL H 2299 8.14 59.01 -38.48
N VAL H 2300 8.87 58.09 -37.86
CA VAL H 2300 9.34 56.91 -38.57
C VAL H 2300 8.16 56.04 -39.00
N SER H 2301 7.15 55.91 -38.13
CA SER H 2301 5.98 55.12 -38.46
C SER H 2301 5.21 55.76 -39.61
N TYR H 2302 5.08 57.09 -39.60
CA TYR H 2302 4.47 57.76 -40.73
C TYR H 2302 5.24 57.48 -42.01
N LEU H 2303 6.57 57.54 -41.94
CA LEU H 2303 7.37 57.27 -43.13
C LEU H 2303 7.18 55.84 -43.62
N ALA H 2304 7.08 54.89 -42.70
CA ALA H 2304 6.84 53.50 -43.08
C ALA H 2304 5.49 53.36 -43.78
N GLY H 2305 4.45 53.99 -43.22
CA GLY H 2305 3.16 53.97 -43.89
C GLY H 2305 3.23 54.55 -45.28
N CYS H 2306 3.98 55.65 -45.43
CA CYS H 2306 4.12 56.29 -46.74
C CYS H 2306 4.87 55.39 -47.70
N GLY H 2307 5.80 54.60 -47.19
CA GLY H 2307 6.56 53.71 -48.05
C GLY H 2307 5.84 52.41 -48.33
N LEU H 2308 4.72 52.20 -47.64
CA LEU H 2308 3.93 50.98 -47.85
C LEU H 2308 2.64 51.19 -48.63
N GLN H 2309 1.95 52.32 -48.50
CA GLN H 2309 0.66 52.53 -49.14
C GLN H 2309 0.70 53.75 -50.04
N SER H 2310 0.01 53.64 -51.18
CA SER H 2310 -0.06 54.74 -52.13
C SER H 2310 -0.90 55.89 -51.57
N CYS H 2311 -0.75 57.05 -52.18
CA CYS H 2311 -1.41 58.25 -51.69
C CYS H 2311 -2.88 58.26 -52.15
N PRO H 2312 -3.84 58.27 -51.22
CA PRO H 2312 -5.25 58.29 -51.67
C PRO H 2312 -5.60 59.48 -52.53
N MET H 2313 -5.03 60.66 -52.23
CA MET H 2313 -5.35 61.84 -53.04
C MET H 2313 -4.87 61.66 -54.47
N LEU H 2314 -3.65 61.15 -54.65
CA LEU H 2314 -3.15 60.91 -56.01
C LEU H 2314 -3.99 59.86 -56.71
N LEU H 2315 -4.37 58.80 -55.99
CA LEU H 2315 -5.19 57.76 -56.60
C LEU H 2315 -6.52 58.32 -57.06
N ALA H 2316 -7.13 59.18 -56.25
CA ALA H 2316 -8.38 59.82 -56.64
C ALA H 2316 -8.16 60.71 -57.87
N LYS H 2317 -7.08 61.48 -57.87
CA LYS H 2317 -6.78 62.31 -59.03
C LYS H 2317 -6.52 61.48 -60.28
N GLY H 2318 -6.17 60.20 -60.13
CA GLY H 2318 -6.00 59.32 -61.26
C GLY H 2318 -4.57 58.91 -61.52
N TYR H 2319 -3.63 59.24 -60.65
CA TYR H 2319 -2.25 58.84 -60.86
C TYR H 2319 -2.15 57.32 -60.83
N PRO H 2320 -1.29 56.71 -61.63
CA PRO H 2320 -1.11 55.26 -61.56
C PRO H 2320 -0.66 54.84 -60.17
N ASP H 2321 -1.14 53.67 -59.74
CA ASP H 2321 -0.77 53.15 -58.43
C ASP H 2321 0.62 52.53 -58.51
N ILE H 2322 1.56 53.10 -57.75
CA ILE H 2322 2.93 52.59 -57.73
C ILE H 2322 3.23 51.81 -56.46
N GLY H 2323 2.36 51.84 -55.45
CA GLY H 2323 2.48 51.02 -54.27
C GLY H 2323 3.05 51.72 -53.06
N TRP H 2324 3.44 52.99 -53.19
CA TRP H 2324 4.02 53.72 -52.07
C TRP H 2324 3.92 55.21 -52.34
N ASN H 2325 4.33 56.01 -51.37
CA ASN H 2325 4.07 57.44 -51.34
C ASN H 2325 5.37 58.23 -51.24
N PRO H 2326 6.12 58.38 -52.34
CA PRO H 2326 7.39 59.10 -52.26
C PRO H 2326 7.23 60.53 -51.81
N CYS H 2327 6.14 61.18 -52.21
CA CYS H 2327 6.00 62.61 -51.96
C CYS H 2327 5.75 62.90 -50.49
N GLY H 2328 5.08 62.00 -49.77
CA GLY H 2328 4.97 62.15 -48.33
C GLY H 2328 6.20 61.66 -47.60
N GLY H 2329 6.80 60.57 -48.08
CA GLY H 2329 8.04 60.10 -47.49
C GLY H 2329 9.10 61.18 -47.50
N GLU H 2330 9.12 62.00 -48.55
CA GLU H 2330 10.11 63.06 -48.67
C GLU H 2330 9.95 64.09 -47.56
N ARG H 2331 8.72 64.50 -47.26
CA ARG H 2331 8.51 65.43 -46.15
C ARG H 2331 8.93 64.82 -44.82
N TYR H 2332 8.57 63.56 -44.59
CA TYR H 2332 8.97 62.96 -43.32
C TYR H 2332 10.50 62.87 -43.21
N LEU H 2333 11.16 62.52 -44.32
CA LEU H 2333 12.62 62.47 -44.33
C LEU H 2333 13.22 63.85 -44.11
N ASP H 2334 12.60 64.90 -44.67
CA ASP H 2334 13.11 66.25 -44.44
C ASP H 2334 13.03 66.61 -42.96
N PHE H 2335 11.93 66.28 -42.31
CA PHE H 2335 11.83 66.57 -40.88
C PHE H 2335 12.92 65.82 -40.12
N LEU H 2336 13.11 64.55 -40.43
CA LEU H 2336 14.15 63.80 -39.71
C LEU H 2336 15.53 64.38 -39.98
N ARG H 2337 15.77 64.87 -41.20
CA ARG H 2337 17.04 65.51 -41.51
C ARG H 2337 17.27 66.72 -40.63
N PHE H 2338 16.28 67.60 -40.53
CA PHE H 2338 16.41 68.73 -39.63
C PHE H 2338 16.56 68.33 -38.18
N ALA H 2339 15.99 67.20 -37.78
CA ALA H 2339 16.12 66.73 -36.41
C ALA H 2339 17.51 66.16 -36.10
N VAL H 2340 18.17 65.54 -37.07
CA VAL H 2340 19.44 64.88 -36.82
C VAL H 2340 20.65 65.75 -37.13
N PHE H 2341 20.52 66.76 -37.98
CA PHE H 2341 21.68 67.55 -38.41
C PHE H 2341 21.46 69.00 -37.99
N VAL H 2342 22.38 69.54 -37.19
CA VAL H 2342 22.25 70.87 -36.62
C VAL H 2342 23.56 71.62 -36.80
N ASN H 2343 23.48 72.84 -37.32
CA ASN H 2343 24.63 73.76 -37.40
C ASN H 2343 25.82 73.10 -38.08
N GLY H 2344 25.56 72.34 -39.13
CA GLY H 2344 26.66 71.77 -39.88
C GLY H 2344 27.32 70.59 -39.21
N GLU H 2345 26.79 70.13 -38.08
CA GLU H 2345 27.37 69.02 -37.34
C GLU H 2345 26.28 68.05 -36.95
N SER H 2346 26.57 66.76 -37.09
CA SER H 2346 25.58 65.73 -36.78
C SER H 2346 25.37 65.65 -35.28
N VAL H 2347 24.12 65.42 -34.87
CA VAL H 2347 23.78 65.18 -33.48
C VAL H 2347 23.71 63.67 -33.27
N GLU H 2348 24.71 63.10 -32.61
CA GLU H 2348 24.86 61.65 -32.56
C GLU H 2348 23.68 61.00 -31.85
N GLU H 2349 23.18 61.63 -30.78
CA GLU H 2349 22.10 61.02 -30.01
C GLU H 2349 20.89 60.78 -30.90
N ASN H 2350 20.52 61.76 -31.71
CA ASN H 2350 19.37 61.58 -32.60
C ASN H 2350 19.72 60.73 -33.80
N ALA H 2351 20.95 60.83 -34.30
CA ALA H 2351 21.35 60.09 -35.49
C ALA H 2351 21.28 58.59 -35.25
N ASN H 2352 21.83 58.14 -34.11
CA ASN H 2352 21.83 56.71 -33.82
C ASN H 2352 20.41 56.19 -33.69
N VAL H 2353 19.55 56.95 -32.99
CA VAL H 2353 18.16 56.54 -32.81
C VAL H 2353 17.47 56.42 -34.15
N VAL H 2354 17.68 57.42 -35.02
CA VAL H 2354 17.00 57.43 -36.30
C VAL H 2354 17.47 56.27 -37.16
N VAL H 2355 18.78 56.00 -37.16
CA VAL H 2355 19.29 54.88 -37.94
C VAL H 2355 18.69 53.57 -37.45
N ARG H 2356 18.65 53.39 -36.12
CA ARG H 2356 18.11 52.15 -35.58
C ARG H 2356 16.64 51.98 -35.95
N LEU H 2357 15.85 53.05 -35.83
CA LEU H 2357 14.44 52.97 -36.19
C LEU H 2357 14.27 52.66 -37.68
N LEU H 2358 15.06 53.31 -38.53
CA LEU H 2358 14.93 53.10 -39.95
C LEU H 2358 15.26 51.67 -40.33
N ILE H 2359 16.30 51.09 -39.74
CA ILE H 2359 16.60 49.69 -40.03
C ILE H 2359 15.57 48.75 -39.43
N ARG H 2360 15.00 49.08 -38.28
CA ARG H 2360 13.96 48.23 -37.70
C ARG H 2360 12.67 48.29 -38.49
N LYS H 2361 12.48 49.32 -39.32
CA LYS H 2361 11.35 49.38 -40.25
C LYS H 2361 11.88 49.58 -41.66
N PRO H 2362 12.40 48.52 -42.29
CA PRO H 2362 13.08 48.67 -43.58
C PRO H 2362 12.20 49.21 -44.69
N GLU H 2363 10.87 49.12 -44.55
CA GLU H 2363 10.00 49.65 -45.59
C GLU H 2363 10.16 51.15 -45.74
N CYS H 2364 10.73 51.82 -44.73
CA CYS H 2364 11.00 53.25 -44.85
C CYS H 2364 12.01 53.53 -45.94
N PHE H 2365 12.95 52.61 -46.17
CA PHE H 2365 14.00 52.81 -47.15
C PHE H 2365 13.44 52.83 -48.56
N GLY H 2366 12.17 52.43 -48.71
CA GLY H 2366 11.52 52.44 -50.00
C GLY H 2366 11.65 51.11 -50.70
N PRO H 2367 10.88 50.91 -51.76
CA PRO H 2367 10.95 49.62 -52.48
C PRO H 2367 12.30 49.31 -53.04
N ALA H 2368 13.07 50.32 -53.46
CA ALA H 2368 14.35 50.05 -54.10
C ALA H 2368 15.33 49.35 -53.16
N LEU H 2369 15.44 49.83 -51.93
CA LEU H 2369 16.36 49.27 -50.95
C LEU H 2369 15.72 48.15 -50.13
N ARG H 2370 14.70 47.50 -50.68
CA ARG H 2370 14.06 46.39 -49.99
C ARG H 2370 15.02 45.20 -49.93
N GLY H 2371 14.73 44.27 -49.01
CA GLY H 2371 15.59 43.13 -48.81
C GLY H 2371 15.74 42.28 -50.06
N GLU H 2372 14.67 41.59 -50.46
CA GLU H 2372 14.77 40.63 -51.55
C GLU H 2372 14.49 41.29 -52.90
N GLY H 2373 13.33 41.90 -53.05
CA GLY H 2373 12.92 42.47 -54.32
C GLY H 2373 13.63 43.76 -54.65
N GLY H 2374 14.42 44.28 -53.71
CA GLY H 2374 15.10 45.54 -53.95
C GLY H 2374 15.96 45.48 -55.19
N SER H 2375 15.78 46.46 -56.08
CA SER H 2375 16.51 46.53 -57.32
C SER H 2375 17.79 47.35 -57.22
N GLY H 2376 18.03 48.00 -56.08
CA GLY H 2376 19.20 48.83 -55.91
C GLY H 2376 18.89 50.30 -56.20
N LEU H 2377 19.67 51.17 -55.56
CA LEU H 2377 19.43 52.61 -55.67
C LEU H 2377 19.63 53.08 -57.10
N LEU H 2378 20.71 52.63 -57.76
CA LEU H 2378 20.98 53.07 -59.12
C LEU H 2378 19.88 52.62 -60.08
N ALA H 2379 19.47 51.36 -59.97
CA ALA H 2379 18.41 50.86 -60.83
C ALA H 2379 17.11 51.62 -60.57
N ALA H 2380 16.84 51.94 -59.30
CA ALA H 2380 15.62 52.67 -58.97
C ALA H 2380 15.64 54.06 -59.59
N ILE H 2381 16.78 54.75 -59.52
CA ILE H 2381 16.87 56.09 -60.12
C ILE H 2381 16.71 56.01 -61.63
N GLU H 2382 17.32 55.01 -62.27
CA GLU H 2382 17.18 54.87 -63.71
C GLU H 2382 15.72 54.58 -64.08
N GLU H 2383 15.05 53.73 -63.31
CA GLU H 2383 13.64 53.46 -63.56
C GLU H 2383 12.81 54.72 -63.38
N ALA H 2384 13.16 55.54 -62.38
CA ALA H 2384 12.46 56.80 -62.17
C ALA H 2384 12.64 57.72 -63.37
N ILE H 2385 13.84 57.75 -63.94
CA ILE H 2385 14.09 58.58 -65.12
C ILE H 2385 13.23 58.09 -66.28
N ARG H 2386 13.18 56.78 -66.49
CA ARG H 2386 12.35 56.25 -67.57
C ARG H 2386 10.88 56.59 -67.34
N ILE H 2387 10.41 56.49 -66.10
CA ILE H 2387 9.04 56.90 -65.80
C ILE H 2387 8.83 58.35 -66.16
N SER H 2388 9.78 59.21 -65.77
CA SER H 2388 9.65 60.63 -66.06
C SER H 2388 9.54 60.89 -67.56
N GLU H 2389 10.31 60.18 -68.36
CA GLU H 2389 10.24 60.32 -69.81
C GLU H 2389 9.01 59.66 -70.41
N ASP H 2390 8.34 58.76 -69.68
CA ASP H 2390 7.16 58.06 -70.19
C ASP H 2390 5.89 58.63 -69.56
N PRO H 2391 5.07 59.35 -70.33
CA PRO H 2391 3.75 59.73 -69.83
C PRO H 2391 2.84 58.53 -69.68
N ALA H 2392 1.75 58.73 -68.94
CA ALA H 2392 0.79 57.68 -68.63
C ALA H 2392 1.36 56.72 -67.60
N ARG H 2393 2.62 56.91 -67.22
CA ARG H 2393 3.23 56.23 -66.10
C ARG H 2393 3.86 57.20 -65.12
N ASP H 2394 4.00 58.47 -65.49
CA ASP H 2394 4.48 59.51 -64.61
C ASP H 2394 3.37 60.40 -64.05
N GLY H 2395 2.21 60.44 -64.71
CA GLY H 2395 1.11 61.25 -64.26
C GLY H 2395 -0.23 60.66 -64.65
N PRO H 2396 -1.30 61.42 -64.44
CA PRO H 2396 -2.64 60.89 -64.77
C PRO H 2396 -2.79 60.51 -66.22
N GLY H 2397 -2.12 61.20 -67.13
CA GLY H 2397 -2.25 60.90 -68.54
C GLY H 2397 -3.57 61.35 -69.13
N VAL H 2398 -4.26 62.29 -68.49
CA VAL H 2398 -5.54 62.77 -68.98
C VAL H 2398 -5.45 64.25 -69.28
N PRO H 2411 -4.14 72.01 -62.70
CA PRO H 2411 -2.68 72.07 -62.87
C PRO H 2411 -2.07 73.38 -62.36
N PRO H 2412 -2.38 73.74 -61.11
CA PRO H 2412 -1.78 74.98 -60.57
C PRO H 2412 -0.26 74.96 -60.58
N GLU H 2413 0.35 73.80 -60.31
CA GLU H 2413 1.79 73.64 -60.43
C GLU H 2413 2.19 72.90 -61.71
N GLU H 2414 1.39 73.03 -62.78
CA GLU H 2414 1.69 72.35 -64.03
C GLU H 2414 1.76 70.85 -63.82
N ASN H 2415 0.62 70.23 -63.51
CA ASN H 2415 0.49 68.79 -63.26
C ASN H 2415 0.92 68.41 -61.85
N ARG H 2416 0.98 69.37 -60.93
CA ARG H 2416 1.36 69.11 -59.54
C ARG H 2416 2.60 68.23 -59.47
N VAL H 2417 2.41 66.94 -59.23
CA VAL H 2417 3.51 66.02 -58.94
C VAL H 2417 3.74 65.12 -60.14
N HIS H 2418 5.00 64.95 -60.50
CA HIS H 2418 5.43 63.99 -61.51
C HIS H 2418 6.09 62.84 -60.78
N LEU H 2419 5.57 61.63 -60.98
CA LEU H 2419 5.99 60.51 -60.14
C LEU H 2419 7.48 60.23 -60.27
N GLY H 2420 8.05 60.44 -61.45
CA GLY H 2420 9.47 60.22 -61.60
C GLY H 2420 10.27 61.13 -60.70
N HIS H 2421 9.93 62.42 -60.73
CA HIS H 2421 10.61 63.38 -59.87
C HIS H 2421 10.33 63.08 -58.40
N ALA H 2422 9.13 62.62 -58.09
CA ALA H 2422 8.80 62.28 -56.71
C ALA H 2422 9.70 61.16 -56.20
N ILE H 2423 9.88 60.12 -57.01
CA ILE H 2423 10.73 59.00 -56.61
C ILE H 2423 12.17 59.45 -56.45
N MET H 2424 12.68 60.20 -57.44
CA MET H 2424 14.04 60.68 -57.34
C MET H 2424 14.22 61.53 -56.09
N SER H 2425 13.26 62.41 -55.80
CA SER H 2425 13.36 63.28 -54.65
C SER H 2425 13.33 62.48 -53.35
N PHE H 2426 12.47 61.47 -53.29
CA PHE H 2426 12.42 60.65 -52.09
C PHE H 2426 13.76 59.99 -51.83
N TYR H 2427 14.34 59.37 -52.85
CA TYR H 2427 15.60 58.67 -52.64
C TYR H 2427 16.73 59.64 -52.33
N ALA H 2428 16.72 60.81 -52.98
CA ALA H 2428 17.73 61.81 -52.66
C ALA H 2428 17.61 62.27 -51.22
N ALA H 2429 16.39 62.50 -50.74
CA ALA H 2429 16.19 62.90 -49.36
C ALA H 2429 16.63 61.81 -48.39
N LEU H 2430 16.32 60.55 -48.71
CA LEU H 2430 16.74 59.45 -47.85
C LEU H 2430 18.27 59.39 -47.75
N ILE H 2431 18.94 59.50 -48.89
CA ILE H 2431 20.40 59.45 -48.89
C ILE H 2431 20.96 60.64 -48.13
N ASP H 2432 20.36 61.82 -48.29
CA ASP H 2432 20.80 62.99 -47.54
C ASP H 2432 20.66 62.76 -46.05
N LEU H 2433 19.53 62.20 -45.62
CA LEU H 2433 19.31 61.94 -44.21
C LEU H 2433 20.35 60.96 -43.66
N LEU H 2434 20.62 59.89 -44.40
CA LEU H 2434 21.59 58.92 -43.93
C LEU H 2434 22.99 59.53 -43.86
N GLY H 2435 23.39 60.26 -44.91
CA GLY H 2435 24.69 60.90 -44.89
C GLY H 2435 24.84 61.88 -43.73
N ARG H 2436 23.76 62.58 -43.39
CA ARG H 2436 23.79 63.47 -42.24
C ARG H 2436 23.81 62.71 -40.92
N CYS H 2437 23.19 61.54 -40.86
CA CYS H 2437 23.30 60.67 -39.70
C CYS H 2437 24.69 60.05 -39.57
N ALA H 2438 25.51 60.12 -40.61
CA ALA H 2438 26.84 59.54 -40.54
C ALA H 2438 27.63 60.19 -39.40
N PRO H 2439 28.49 59.44 -38.70
CA PRO H 2439 29.22 60.01 -37.57
C PRO H 2439 30.27 61.02 -38.00
N GLU H 2440 30.76 61.78 -37.03
CA GLU H 2440 31.74 62.82 -37.30
C GLU H 2440 33.14 62.24 -37.42
N THR H 2441 33.99 62.97 -38.16
CA THR H 2441 35.34 62.50 -38.42
C THR H 2441 36.15 62.39 -37.13
N HIS H 2442 35.97 63.34 -36.21
CA HIS H 2442 36.73 63.30 -34.97
C HIS H 2442 36.34 62.07 -34.15
N LEU H 2443 35.05 61.73 -34.11
CA LEU H 2443 34.63 60.51 -33.43
C LEU H 2443 35.23 59.28 -34.11
N ILE H 2444 35.22 59.24 -35.44
CA ILE H 2444 35.77 58.09 -36.13
C ILE H 2444 37.26 57.94 -35.83
N GLN H 2445 37.98 59.06 -35.81
CA GLN H 2445 39.40 59.01 -35.47
C GLN H 2445 39.60 58.52 -34.05
N ALA H 2446 38.78 59.01 -33.11
CA ALA H 2446 38.84 58.49 -31.75
C ALA H 2446 38.53 57.01 -31.71
N GLY H 2447 37.85 56.50 -32.73
CA GLY H 2447 37.57 55.08 -32.81
C GLY H 2447 36.44 54.60 -31.94
N LYS H 2448 35.45 55.46 -31.69
CA LYS H 2448 34.32 55.05 -30.87
C LYS H 2448 33.59 53.88 -31.52
N GLY H 2449 33.29 52.87 -30.72
CA GLY H 2449 32.66 51.67 -31.25
C GLY H 2449 31.30 51.95 -31.86
N GLU H 2450 30.50 52.78 -31.20
CA GLU H 2450 29.19 53.11 -31.73
C GLU H 2450 29.30 53.83 -33.07
N ALA H 2451 30.23 54.79 -33.17
CA ALA H 2451 30.40 55.51 -34.42
C ALA H 2451 30.82 54.57 -35.54
N LEU H 2452 31.77 53.68 -35.25
CA LEU H 2452 32.20 52.74 -36.27
C LEU H 2452 31.06 51.83 -36.70
N ARG H 2453 30.25 51.36 -35.74
CA ARG H 2453 29.14 50.49 -36.06
C ARG H 2453 28.12 51.21 -36.96
N ILE H 2454 27.81 52.46 -36.62
CA ILE H 2454 26.84 53.21 -37.42
C ILE H 2454 27.37 53.44 -38.83
N ARG H 2455 28.65 53.78 -38.94
CA ARG H 2455 29.24 53.97 -40.26
C ARG H 2455 29.18 52.67 -41.07
N ALA H 2456 29.45 51.55 -40.42
CA ALA H 2456 29.37 50.26 -41.11
C ALA H 2456 27.96 49.99 -41.60
N ILE H 2457 26.96 50.27 -40.76
CA ILE H 2457 25.58 50.04 -41.17
C ILE H 2457 25.22 50.90 -42.37
N LEU H 2458 25.61 52.17 -42.35
CA LEU H 2458 25.30 53.05 -43.46
C LEU H 2458 25.98 52.58 -44.73
N ARG H 2459 27.25 52.16 -44.63
CA ARG H 2459 27.93 51.61 -45.78
C ARG H 2459 27.22 50.39 -46.33
N SER H 2460 26.75 49.51 -45.44
CA SER H 2460 26.02 48.33 -45.88
C SER H 2460 24.76 48.72 -46.64
N LEU H 2461 24.02 49.70 -46.12
CA LEU H 2461 22.79 50.12 -46.80
C LEU H 2461 23.10 50.66 -48.19
N VAL H 2462 24.04 51.59 -48.30
CA VAL H 2462 24.30 52.26 -49.57
C VAL H 2462 25.66 51.80 -50.08
N PRO H 2463 25.72 51.04 -51.18
CA PRO H 2463 27.02 50.73 -51.79
C PRO H 2463 27.64 51.96 -52.43
N LEU H 2464 28.97 51.94 -52.50
CA LEU H 2464 29.69 53.04 -53.15
C LEU H 2464 29.40 53.09 -54.64
N ASP H 2465 29.31 51.94 -55.28
CA ASP H 2465 29.08 51.90 -56.72
C ASP H 2465 27.77 52.57 -57.08
N ASP H 2466 26.74 52.42 -56.25
CA ASP H 2466 25.47 53.07 -56.52
C ASP H 2466 25.60 54.59 -56.49
N LEU H 2467 26.31 55.10 -55.47
CA LEU H 2467 26.52 56.55 -55.40
C LEU H 2467 27.28 57.05 -56.61
N VAL H 2468 28.33 56.33 -57.01
CA VAL H 2468 29.13 56.76 -58.15
C VAL H 2468 28.28 56.73 -59.42
N GLY H 2469 27.47 55.70 -59.59
CA GLY H 2469 26.61 55.62 -60.76
C GLY H 2469 25.62 56.77 -60.83
N ILE H 2470 24.98 57.06 -59.71
CA ILE H 2470 24.01 58.16 -59.69
C ILE H 2470 24.70 59.48 -59.99
N ILE H 2471 25.87 59.70 -59.39
CA ILE H 2471 26.62 60.92 -59.68
C ILE H 2471 27.05 60.96 -61.14
N SER H 2472 27.24 59.81 -61.77
CA SER H 2472 27.63 59.74 -63.16
C SER H 2472 26.45 59.84 -64.12
N LEU H 2473 25.23 59.72 -63.64
CA LEU H 2473 24.08 59.80 -64.53
C LEU H 2473 24.06 61.16 -65.23
N PRO H 2474 23.68 61.23 -66.50
CA PRO H 2474 23.72 62.50 -67.23
C PRO H 2474 22.48 63.33 -66.98
N LEU H 2475 22.66 64.65 -67.00
CA LEU H 2475 21.57 65.60 -66.87
C LEU H 2475 21.24 66.21 -68.22
N GLN H 2476 20.01 66.70 -68.36
CA GLN H 2476 19.60 67.42 -69.55
C GLN H 2476 20.08 68.86 -69.47
N ILE H 2477 20.73 69.33 -70.52
CA ILE H 2477 21.27 70.68 -70.56
C ILE H 2477 20.37 71.51 -71.47
N PRO H 2478 20.00 72.74 -71.09
CA PRO H 2478 19.24 73.58 -72.02
C PRO H 2478 19.99 73.76 -73.33
N THR H 2479 19.27 73.59 -74.43
CA THR H 2479 19.85 73.66 -75.75
C THR H 2479 18.98 74.52 -76.65
N LEU H 2480 19.64 75.27 -77.53
CA LEU H 2480 18.94 76.14 -78.46
C LEU H 2480 18.46 75.33 -79.66
N GLY H 2481 17.24 75.64 -80.11
CA GLY H 2481 16.67 74.95 -81.24
C GLY H 2481 15.54 75.75 -81.84
N LYS H 2482 15.10 75.32 -83.01
CA LYS H 2482 14.00 75.96 -83.72
C LYS H 2482 14.12 77.47 -83.67
N ASP H 2483 15.21 77.99 -84.24
CA ASP H 2483 15.47 79.43 -84.39
C ASP H 2483 14.98 80.23 -83.20
N GLY H 2484 15.48 79.91 -82.00
CA GLY H 2484 15.18 80.67 -80.81
C GLY H 2484 14.44 79.90 -79.73
N ALA H 2485 14.08 78.64 -79.98
CA ALA H 2485 13.34 77.86 -79.00
C ALA H 2485 14.32 77.30 -77.98
N LEU H 2486 14.21 77.75 -76.73
CA LEU H 2486 15.03 77.25 -75.64
C LEU H 2486 14.39 75.96 -75.14
N VAL H 2487 15.04 74.83 -75.41
CA VAL H 2487 14.54 73.54 -74.98
C VAL H 2487 15.04 73.28 -73.56
N GLN H 2488 14.32 73.83 -72.59
CA GLN H 2488 14.73 73.70 -71.20
C GLN H 2488 14.05 72.50 -70.56
N PRO H 2489 14.79 71.66 -69.84
CA PRO H 2489 14.14 70.57 -69.11
C PRO H 2489 13.24 71.12 -68.02
N LYS H 2490 12.14 70.41 -67.77
CA LYS H 2490 11.19 70.82 -66.74
C LYS H 2490 11.78 70.42 -65.39
N MET H 2491 12.24 71.40 -64.62
CA MET H 2491 12.93 71.11 -63.37
C MET H 2491 12.06 70.29 -62.43
N SER H 2492 10.78 70.60 -62.39
CA SER H 2492 9.88 69.88 -61.49
C SER H 2492 9.53 68.50 -61.97
N ALA H 2493 10.07 68.02 -63.09
CA ALA H 2493 9.69 66.70 -63.58
C ALA H 2493 10.85 65.90 -64.14
N SER H 2494 12.08 66.14 -63.70
CA SER H 2494 13.24 65.46 -64.27
C SER H 2494 14.33 65.33 -63.22
N PHE H 2495 15.42 64.70 -63.63
CA PHE H 2495 16.59 64.50 -62.77
C PHE H 2495 17.33 65.82 -62.62
N VAL H 2496 17.38 66.35 -61.40
CA VAL H 2496 17.96 67.67 -61.16
C VAL H 2496 19.24 67.55 -60.33
N PRO H 2497 20.10 68.57 -60.33
CA PRO H 2497 21.38 68.45 -59.61
C PRO H 2497 21.27 68.21 -58.11
N ASP H 2498 20.16 68.59 -57.47
CA ASP H 2498 20.04 68.37 -56.04
C ASP H 2498 20.08 66.87 -55.72
N HIS H 2499 19.53 66.06 -56.61
CA HIS H 2499 19.55 64.62 -56.41
C HIS H 2499 20.97 64.11 -56.33
N LYS H 2500 21.85 64.63 -57.18
CA LYS H 2500 23.27 64.26 -57.12
C LYS H 2500 23.97 64.91 -55.94
N ALA H 2501 23.50 66.08 -55.52
CA ALA H 2501 24.11 66.74 -54.36
C ALA H 2501 23.91 65.89 -53.11
N SER H 2502 22.74 65.27 -52.97
CA SER H 2502 22.52 64.38 -51.83
C SER H 2502 23.51 63.22 -51.85
N MET H 2503 23.73 62.61 -53.01
CA MET H 2503 24.67 61.51 -53.11
C MET H 2503 26.08 61.96 -52.79
N VAL H 2504 26.45 63.17 -53.25
CA VAL H 2504 27.77 63.68 -52.93
C VAL H 2504 27.94 63.87 -51.43
N LEU H 2505 26.90 64.39 -50.77
CA LEU H 2505 26.96 64.54 -49.32
C LEU H 2505 27.18 63.19 -48.65
N PHE H 2506 26.40 62.19 -49.04
CA PHE H 2506 26.55 60.86 -48.46
C PHE H 2506 27.95 60.31 -48.70
N LEU H 2507 28.44 60.43 -49.93
CA LEU H 2507 29.76 59.90 -50.25
C LEU H 2507 30.84 60.59 -49.43
N ASP H 2508 30.75 61.90 -49.29
CA ASP H 2508 31.76 62.62 -48.52
C ASP H 2508 31.72 62.24 -47.06
N ARG H 2509 30.53 62.09 -46.48
CA ARG H 2509 30.45 61.92 -45.04
C ARG H 2509 30.60 60.47 -44.58
N VAL H 2510 30.16 59.50 -45.38
CA VAL H 2510 30.21 58.10 -44.96
C VAL H 2510 31.46 57.44 -45.51
N TYR H 2511 31.57 57.36 -46.84
CA TYR H 2511 32.71 56.69 -47.44
C TYR H 2511 33.95 57.57 -47.42
N GLY H 2512 33.82 58.82 -47.83
CA GLY H 2512 34.94 59.72 -47.85
C GLY H 2512 35.90 59.38 -48.97
N ILE H 2513 36.58 60.38 -49.52
CA ILE H 2513 37.55 60.18 -50.58
C ILE H 2513 38.93 60.22 -49.94
N GLU H 2514 39.64 59.10 -49.98
CA GLU H 2514 40.94 58.97 -49.35
C GLU H 2514 42.01 58.40 -50.26
N ASN H 2515 41.65 57.88 -51.44
CA ASN H 2515 42.59 57.26 -52.36
C ASN H 2515 42.63 58.11 -53.63
N GLN H 2516 43.84 58.40 -54.10
CA GLN H 2516 43.98 59.21 -55.30
C GLN H 2516 43.33 58.54 -56.50
N ASP H 2517 43.44 57.22 -56.59
CA ASP H 2517 42.80 56.51 -57.70
C ASP H 2517 41.30 56.72 -57.70
N PHE H 2518 40.68 56.60 -56.52
CA PHE H 2518 39.23 56.83 -56.44
C PHE H 2518 38.89 58.26 -56.78
N LEU H 2519 39.67 59.22 -56.27
CA LEU H 2519 39.38 60.61 -56.56
C LEU H 2519 39.42 60.87 -58.06
N LEU H 2520 40.45 60.34 -58.73
CA LEU H 2520 40.58 60.54 -60.17
C LEU H 2520 39.44 59.85 -60.90
N HIS H 2521 39.02 58.66 -60.45
CA HIS H 2521 37.92 57.97 -61.11
C HIS H 2521 36.63 58.78 -61.00
N VAL H 2522 36.33 59.28 -59.81
CA VAL H 2522 35.12 60.08 -59.63
C VAL H 2522 35.18 61.33 -60.47
N LEU H 2523 36.33 62.00 -60.49
CA LEU H 2523 36.47 63.20 -61.32
C LEU H 2523 36.22 62.86 -62.78
N ASP H 2524 36.81 61.76 -63.26
CA ASP H 2524 36.69 61.42 -64.67
C ASP H 2524 35.25 61.10 -65.04
N VAL H 2525 34.54 60.36 -64.19
CA VAL H 2525 33.21 59.88 -64.59
C VAL H 2525 32.08 60.82 -64.21
N GLY H 2526 32.03 61.32 -62.98
CA GLY H 2526 30.86 62.05 -62.52
C GLY H 2526 30.99 63.55 -62.38
N PHE H 2527 32.08 64.04 -61.82
CA PHE H 2527 32.18 65.46 -61.51
C PHE H 2527 32.56 66.28 -62.73
N LEU H 2528 33.66 65.90 -63.38
CA LEU H 2528 34.19 66.73 -64.46
C LEU H 2528 33.18 66.95 -65.57
N PRO H 2529 32.40 65.96 -66.00
CA PRO H 2529 31.38 66.24 -67.02
C PRO H 2529 30.39 67.31 -66.58
N ASP H 2530 29.98 67.27 -65.31
CA ASP H 2530 29.04 68.26 -64.82
C ASP H 2530 29.67 69.64 -64.74
N MET H 2531 30.93 69.73 -64.31
CA MET H 2531 31.61 71.01 -64.31
C MET H 2531 31.74 71.55 -65.73
N ARG H 2532 32.04 70.68 -66.69
CA ARG H 2532 32.13 71.12 -68.08
C ARG H 2532 30.79 71.62 -68.58
N ALA H 2533 29.70 70.93 -68.24
CA ALA H 2533 28.38 71.39 -68.66
C ALA H 2533 28.06 72.74 -68.05
N ALA H 2534 28.35 72.92 -66.76
CA ALA H 2534 28.09 74.20 -66.10
C ALA H 2534 28.89 75.31 -66.77
N ALA H 2535 30.15 75.04 -67.08
CA ALA H 2535 30.96 76.04 -67.77
C ALA H 2535 30.40 76.36 -69.15
N SER H 2536 29.98 75.34 -69.89
CA SER H 2536 29.42 75.58 -71.22
C SER H 2536 28.12 76.36 -71.18
N LEU H 2537 27.37 76.26 -70.09
CA LEU H 2537 26.15 77.05 -69.93
C LEU H 2537 26.42 78.49 -69.55
N ASP H 2538 27.67 78.95 -69.64
CA ASP H 2538 28.00 80.32 -69.25
C ASP H 2538 27.65 81.34 -70.33
N THR H 2539 27.25 80.90 -71.51
CA THR H 2539 26.87 81.85 -72.55
C THR H 2539 25.72 82.72 -72.08
N ALA H 2540 25.49 83.82 -72.80
CA ALA H 2540 24.48 84.78 -72.37
C ALA H 2540 23.09 84.17 -72.37
N THR H 2541 22.78 83.34 -73.37
CA THR H 2541 21.43 82.78 -73.48
C THR H 2541 21.11 81.89 -72.29
N PHE H 2542 21.98 80.92 -71.99
CA PHE H 2542 21.72 79.93 -70.97
C PHE H 2542 22.19 80.34 -69.58
N SER H 2543 22.74 81.54 -69.42
CA SER H 2543 23.37 81.89 -68.16
C SER H 2543 22.39 81.83 -66.99
N THR H 2544 21.17 82.35 -67.18
CA THR H 2544 20.22 82.47 -66.10
C THR H 2544 19.16 81.38 -66.11
N THR H 2545 19.33 80.35 -66.93
CA THR H 2545 18.34 79.28 -66.98
C THR H 2545 18.29 78.55 -65.63
N GLU H 2546 17.14 77.95 -65.35
CA GLU H 2546 16.97 77.24 -64.08
C GLU H 2546 17.99 76.11 -63.97
N MET H 2547 18.21 75.37 -65.05
CA MET H 2547 19.20 74.30 -65.01
C MET H 2547 20.60 74.84 -64.75
N ALA H 2548 20.94 75.97 -65.38
CA ALA H 2548 22.27 76.54 -65.17
C ALA H 2548 22.46 76.96 -63.71
N LEU H 2549 21.46 77.64 -63.14
CA LEU H 2549 21.57 78.05 -61.74
C LEU H 2549 21.61 76.84 -60.81
N ALA H 2550 20.82 75.81 -61.10
CA ALA H 2550 20.86 74.60 -60.29
C ALA H 2550 22.23 73.94 -60.36
N LEU H 2551 22.83 73.90 -61.54
CA LEU H 2551 24.17 73.33 -61.68
C LEU H 2551 25.18 74.15 -60.88
N ASN H 2552 25.07 75.48 -60.95
CA ASN H 2552 25.99 76.31 -60.19
C ASN H 2552 25.87 76.04 -58.70
N ARG H 2553 24.64 75.96 -58.19
CA ARG H 2553 24.45 75.67 -56.78
C ARG H 2553 25.00 74.30 -56.43
N TYR H 2554 24.69 73.29 -57.25
CA TYR H 2554 25.18 71.94 -57.00
C TYR H 2554 26.69 71.93 -56.90
N LEU H 2555 27.37 72.49 -57.90
CA LEU H 2555 28.82 72.55 -57.87
C LEU H 2555 29.30 73.25 -56.61
N CYS H 2556 28.98 74.54 -56.47
CA CYS H 2556 29.56 75.36 -55.42
C CYS H 2556 29.18 74.92 -54.01
N LEU H 2557 28.17 74.06 -53.85
CA LEU H 2557 27.79 73.62 -52.52
C LEU H 2557 28.16 72.18 -52.21
N ALA H 2558 28.36 71.33 -53.22
CA ALA H 2558 28.70 69.93 -52.94
C ALA H 2558 30.03 69.53 -53.55
N VAL H 2559 30.26 69.86 -54.82
CA VAL H 2559 31.36 69.26 -55.57
C VAL H 2559 32.66 70.00 -55.28
N LEU H 2560 32.70 71.29 -55.63
CA LEU H 2560 33.94 72.04 -55.50
C LEU H 2560 34.48 72.02 -54.09
N PRO H 2561 33.68 72.16 -53.03
CA PRO H 2561 34.22 72.02 -51.68
C PRO H 2561 34.90 70.67 -51.45
N LEU H 2562 34.34 69.60 -52.01
CA LEU H 2562 34.95 68.28 -51.85
C LEU H 2562 36.32 68.23 -52.51
N ILE H 2563 36.43 68.78 -53.72
CA ILE H 2563 37.71 68.80 -54.41
C ILE H 2563 38.70 69.67 -53.64
N THR H 2564 38.24 70.79 -53.08
CA THR H 2564 39.11 71.62 -52.26
C THR H 2564 39.64 70.84 -51.07
N LYS H 2565 38.77 70.09 -50.41
CA LYS H 2565 39.21 69.29 -49.27
C LYS H 2565 40.21 68.22 -49.68
N CYS H 2566 39.97 67.57 -50.82
CA CYS H 2566 40.85 66.53 -51.31
C CYS H 2566 41.95 67.06 -52.22
N ALA H 2567 42.24 68.36 -52.15
CA ALA H 2567 43.28 68.93 -53.00
C ALA H 2567 44.62 68.24 -52.83
N PRO H 2568 45.08 67.90 -51.63
CA PRO H 2568 46.42 67.31 -51.50
C PRO H 2568 46.62 66.05 -52.32
N LEU H 2569 45.55 65.30 -52.59
CA LEU H 2569 45.70 64.04 -53.31
C LEU H 2569 46.13 64.24 -54.76
N PHE H 2570 46.10 65.47 -55.27
CA PHE H 2570 46.47 65.73 -56.64
C PHE H 2570 47.97 65.75 -56.87
N ALA H 2571 48.77 65.71 -55.81
CA ALA H 2571 50.22 65.67 -55.97
C ALA H 2571 50.63 64.35 -56.61
N GLY H 2572 51.60 64.42 -57.53
CA GLY H 2572 52.07 63.22 -58.19
C GLY H 2572 51.06 62.58 -59.11
N THR H 2573 50.36 63.38 -59.91
CA THR H 2573 49.37 62.88 -60.86
C THR H 2573 49.80 63.03 -62.31
N GLU H 2574 51.07 62.78 -62.61
CA GLU H 2574 51.57 62.92 -63.97
C GLU H 2574 50.78 62.04 -64.92
N HIS H 2575 50.44 60.83 -64.46
CA HIS H 2575 49.90 59.82 -65.36
C HIS H 2575 48.51 60.20 -65.87
N ARG H 2576 47.88 61.22 -65.29
CA ARG H 2576 46.63 61.75 -65.83
C ARG H 2576 46.70 63.27 -65.96
N ALA H 2577 47.82 63.76 -66.50
CA ALA H 2577 48.01 65.18 -66.67
C ALA H 2577 46.96 65.78 -67.59
N ILE H 2578 46.54 65.04 -68.62
CA ILE H 2578 45.53 65.56 -69.53
C ILE H 2578 44.26 65.90 -68.76
N MET H 2579 43.78 64.97 -67.94
CA MET H 2579 42.53 65.21 -67.23
C MET H 2579 42.70 66.26 -66.16
N VAL H 2580 43.87 66.31 -65.51
CA VAL H 2580 44.10 67.35 -64.50
C VAL H 2580 44.08 68.72 -65.16
N ASP H 2581 44.71 68.86 -66.32
CA ASP H 2581 44.72 70.12 -67.03
C ASP H 2581 43.30 70.51 -67.45
N SER H 2582 42.52 69.54 -67.94
CA SER H 2582 41.15 69.83 -68.30
C SER H 2582 40.37 70.33 -67.10
N MET H 2583 40.57 69.70 -65.94
CA MET H 2583 39.88 70.15 -64.73
C MET H 2583 40.27 71.57 -64.39
N LEU H 2584 41.55 71.90 -64.48
CA LEU H 2584 41.99 73.26 -64.15
C LEU H 2584 41.35 74.28 -65.08
N HIS H 2585 41.33 73.98 -66.39
CA HIS H 2585 40.72 74.91 -67.32
C HIS H 2585 39.22 75.08 -67.03
N THR H 2586 38.53 73.97 -66.73
CA THR H 2586 37.11 74.07 -66.43
C THR H 2586 36.87 74.93 -65.19
N VAL H 2587 37.69 74.73 -64.16
CA VAL H 2587 37.50 75.50 -62.93
C VAL H 2587 37.75 76.98 -63.19
N TYR H 2588 38.79 77.30 -63.97
CA TYR H 2588 39.07 78.70 -64.26
C TYR H 2588 37.92 79.33 -65.04
N ARG H 2589 37.39 78.61 -66.04
CA ARG H 2589 36.28 79.14 -66.82
C ARG H 2589 35.05 79.34 -65.94
N LEU H 2590 34.81 78.42 -65.01
CA LEU H 2590 33.72 78.61 -64.06
C LEU H 2590 33.95 79.86 -63.21
N SER H 2591 35.19 80.05 -62.75
CA SER H 2591 35.50 81.21 -61.92
C SER H 2591 35.16 82.50 -62.65
N ARG H 2592 35.56 82.60 -63.91
CA ARG H 2592 35.16 83.75 -64.72
C ARG H 2592 33.81 83.47 -65.40
N GLY H 2593 32.77 83.58 -64.59
CA GLY H 2593 31.41 83.32 -65.07
C GLY H 2593 30.44 84.37 -64.60
N ARG H 2594 29.42 84.63 -65.42
CA ARG H 2594 28.36 85.55 -65.07
C ARG H 2594 27.30 84.82 -64.24
N SER H 2595 26.28 85.57 -63.83
CA SER H 2595 25.16 85.03 -63.06
C SER H 2595 25.63 84.24 -61.85
N LEU H 2596 26.82 84.55 -61.35
CA LEU H 2596 27.46 83.79 -60.29
C LEU H 2596 27.57 84.68 -59.05
N THR H 2597 26.94 84.26 -57.96
CA THR H 2597 26.94 85.08 -56.76
C THR H 2597 28.33 85.12 -56.15
N LYS H 2598 28.52 86.09 -55.24
CA LYS H 2598 29.85 86.30 -54.67
C LYS H 2598 30.32 85.10 -53.87
N ALA H 2599 29.43 84.48 -53.09
CA ALA H 2599 29.82 83.32 -52.30
C ALA H 2599 30.25 82.18 -53.20
N GLN H 2600 29.48 81.94 -54.27
CA GLN H 2600 29.84 80.89 -55.22
C GLN H 2600 31.19 81.18 -55.86
N ARG H 2601 31.42 82.43 -56.25
CA ARG H 2601 32.68 82.80 -56.86
C ARG H 2601 33.83 82.60 -55.89
N ASP H 2602 33.62 82.93 -54.62
CA ASP H 2602 34.64 82.70 -53.61
C ASP H 2602 34.96 81.23 -53.47
N VAL H 2603 33.93 80.38 -53.49
CA VAL H 2603 34.16 78.94 -53.40
C VAL H 2603 34.99 78.46 -54.59
N ILE H 2604 34.65 78.92 -55.79
CA ILE H 2604 35.39 78.51 -56.97
C ILE H 2604 36.84 78.95 -56.89
N GLU H 2605 37.07 80.19 -56.46
CA GLU H 2605 38.43 80.70 -56.36
C GLU H 2605 39.23 79.92 -55.33
N ASP H 2606 38.60 79.59 -54.20
CA ASP H 2606 39.27 78.78 -53.19
C ASP H 2606 39.65 77.43 -53.74
N CYS H 2607 38.75 76.80 -54.50
CA CYS H 2607 39.07 75.51 -55.09
C CYS H 2607 40.27 75.63 -56.03
N LEU H 2608 40.27 76.65 -56.89
CA LEU H 2608 41.36 76.80 -57.84
C LEU H 2608 42.69 77.00 -57.12
N MET H 2609 42.72 77.87 -56.12
CA MET H 2609 43.96 78.11 -55.40
C MET H 2609 44.41 76.86 -54.66
N ALA H 2610 43.48 76.12 -54.06
CA ALA H 2610 43.84 74.91 -53.35
C ALA H 2610 44.46 73.89 -54.29
N LEU H 2611 43.88 73.72 -55.48
CA LEU H 2611 44.47 72.80 -56.46
C LEU H 2611 45.86 73.25 -56.85
N CYS H 2612 46.01 74.52 -57.22
CA CYS H 2612 47.30 75.01 -57.67
C CYS H 2612 48.35 74.93 -56.56
N ARG H 2613 47.94 74.92 -55.30
CA ARG H 2613 48.90 74.81 -54.21
C ARG H 2613 49.59 73.46 -54.17
N TYR H 2614 49.01 72.43 -54.80
CA TYR H 2614 49.54 71.08 -54.74
C TYR H 2614 49.92 70.49 -56.08
N ILE H 2615 49.31 70.92 -57.17
CA ILE H 2615 49.67 70.37 -58.48
C ILE H 2615 51.11 70.74 -58.79
N ARG H 2616 51.81 69.82 -59.47
CA ARG H 2616 53.23 70.04 -59.76
C ARG H 2616 53.40 71.22 -60.71
N PRO H 2617 54.49 71.98 -60.58
CA PRO H 2617 54.64 73.18 -61.43
C PRO H 2617 54.63 72.87 -62.92
N SER H 2618 55.18 71.74 -63.34
CA SER H 2618 55.20 71.41 -64.75
C SER H 2618 53.81 71.24 -65.33
N MET H 2619 52.81 70.97 -64.50
CA MET H 2619 51.47 70.66 -64.97
C MET H 2619 50.57 71.88 -65.07
N LEU H 2620 51.05 73.06 -64.67
CA LEU H 2620 50.28 74.29 -64.74
C LEU H 2620 50.65 75.14 -65.94
N GLN H 2621 51.37 74.56 -66.91
CA GLN H 2621 51.84 75.33 -68.05
C GLN H 2621 50.68 75.89 -68.87
N HIS H 2622 49.65 75.08 -69.11
CA HIS H 2622 48.54 75.54 -69.92
C HIS H 2622 47.70 76.58 -69.19
N LEU H 2623 47.52 76.40 -67.88
CA LEU H 2623 46.85 77.43 -67.09
C LEU H 2623 47.63 78.73 -67.15
N LEU H 2624 48.95 78.66 -67.09
CA LEU H 2624 49.77 79.87 -67.25
C LEU H 2624 49.58 80.46 -68.65
N ARG H 2625 49.46 79.61 -69.67
CA ARG H 2625 49.29 80.11 -71.02
C ARG H 2625 47.97 80.87 -71.16
N ARG H 2626 46.94 80.44 -70.45
CA ARG H 2626 45.68 81.19 -70.46
C ARG H 2626 45.78 82.46 -69.61
N LEU H 2627 46.43 82.37 -68.45
CA LEU H 2627 46.53 83.51 -67.56
C LEU H 2627 47.34 84.64 -68.19
N VAL H 2628 48.41 84.30 -68.92
CA VAL H 2628 49.22 85.34 -69.54
C VAL H 2628 48.38 86.18 -70.49
N PHE H 2629 47.38 85.57 -71.12
CA PHE H 2629 46.46 86.33 -71.95
C PHE H 2629 45.42 87.10 -71.15
N ASP H 2630 44.92 86.51 -70.06
CA ASP H 2630 43.83 87.12 -69.30
C ASP H 2630 44.28 88.27 -68.40
N VAL H 2631 45.25 88.01 -67.53
CA VAL H 2631 45.61 88.93 -66.44
C VAL H 2631 46.01 90.31 -66.94
N PRO H 2632 46.88 90.44 -67.96
CA PRO H 2632 47.34 91.77 -68.37
C PRO H 2632 46.25 92.82 -68.46
N ILE H 2633 45.02 92.41 -68.77
CA ILE H 2633 43.91 93.36 -68.85
C ILE H 2633 43.72 94.08 -67.54
N LEU H 2634 44.00 93.40 -66.42
CA LEU H 2634 43.89 94.00 -65.09
C LEU H 2634 42.50 94.56 -64.84
N ASN H 2635 41.49 93.83 -65.33
CA ASN H 2635 40.11 94.18 -65.04
C ASN H 2635 39.72 93.61 -63.68
N GLU H 2636 38.43 93.62 -63.36
CA GLU H 2636 37.98 93.10 -62.08
C GLU H 2636 38.30 91.61 -61.95
N PHE H 2637 38.15 90.85 -63.02
CA PHE H 2637 38.41 89.41 -62.96
C PHE H 2637 39.88 89.12 -62.66
N ALA H 2638 40.77 90.09 -62.89
CA ALA H 2638 42.20 89.86 -62.74
C ALA H 2638 42.64 89.78 -61.28
N LYS H 2639 41.75 90.04 -60.33
CA LYS H 2639 42.16 90.04 -58.93
C LYS H 2639 42.62 88.64 -58.49
N MET H 2640 41.79 87.62 -58.71
CA MET H 2640 42.15 86.28 -58.25
C MET H 2640 43.36 85.74 -59.00
N PRO H 2641 43.42 85.81 -60.33
CA PRO H 2641 44.59 85.29 -61.03
C PRO H 2641 45.90 85.86 -60.51
N LEU H 2642 45.88 87.13 -60.10
CA LEU H 2642 47.08 87.74 -59.56
C LEU H 2642 47.54 87.03 -58.30
N LYS H 2643 46.60 86.76 -57.37
CA LYS H 2643 46.94 86.03 -56.16
C LYS H 2643 47.41 84.63 -56.48
N LEU H 2644 46.75 83.97 -57.43
CA LEU H 2644 47.13 82.62 -57.81
C LEU H 2644 48.56 82.58 -58.31
N LEU H 2645 48.90 83.50 -59.21
CA LEU H 2645 50.27 83.55 -59.73
C LEU H 2645 51.26 83.91 -58.65
N THR H 2646 50.90 84.82 -57.75
CA THR H 2646 51.77 85.18 -56.64
C THR H 2646 52.14 83.95 -55.84
N ASN H 2647 51.12 83.20 -55.40
CA ASN H 2647 51.41 82.00 -54.61
C ASN H 2647 52.18 80.97 -55.43
N HIS H 2648 51.80 80.76 -56.69
CA HIS H 2648 52.46 79.75 -57.51
C HIS H 2648 53.95 80.04 -57.63
N TYR H 2649 54.31 81.27 -57.97
CA TYR H 2649 55.71 81.61 -58.14
C TYR H 2649 56.45 81.68 -56.82
N GLU H 2650 55.85 82.26 -55.77
CA GLU H 2650 56.50 82.25 -54.47
C GLU H 2650 56.80 80.84 -53.99
N ARG H 2651 55.99 79.85 -54.38
CA ARG H 2651 56.22 78.48 -53.96
C ARG H 2651 57.19 77.74 -54.87
N CYS H 2652 57.13 77.98 -56.18
CA CYS H 2652 57.89 77.21 -57.16
C CYS H 2652 59.05 78.01 -57.75
N TRP H 2653 59.52 79.04 -57.06
CA TRP H 2653 60.56 79.89 -57.62
C TRP H 2653 61.80 79.09 -58.01
N LYS H 2654 62.14 78.06 -57.24
CA LYS H 2654 63.31 77.26 -57.58
C LYS H 2654 63.13 76.57 -58.92
N TYR H 2655 61.93 76.07 -59.20
CA TYR H 2655 61.70 75.33 -60.44
C TYR H 2655 62.02 76.18 -61.66
N TYR H 2656 61.96 77.51 -61.52
CA TYR H 2656 62.20 78.42 -62.63
C TYR H 2656 63.59 79.05 -62.60
N CYS H 2657 64.07 79.43 -61.41
CA CYS H 2657 65.31 80.19 -61.31
C CYS H 2657 66.54 79.28 -61.37
N LEU H 2658 66.65 78.35 -60.43
CA LEU H 2658 67.83 77.52 -60.30
C LEU H 2658 68.08 76.73 -61.58
N PRO H 2659 69.31 76.70 -62.11
CA PRO H 2659 69.57 75.87 -63.30
C PRO H 2659 69.27 74.40 -63.06
N THR H 2660 69.58 73.89 -61.87
CA THR H 2660 69.31 72.49 -61.58
C THR H 2660 67.81 72.22 -61.48
N GLY H 2661 67.05 73.21 -61.00
CA GLY H 2661 65.63 73.09 -60.85
C GLY H 2661 65.25 72.65 -59.44
N TRP H 2662 63.95 72.56 -59.22
CA TRP H 2662 63.44 72.14 -57.92
C TRP H 2662 63.58 70.64 -57.75
N ALA H 2663 63.71 70.20 -56.50
CA ALA H 2663 63.94 68.79 -56.22
C ALA H 2663 62.74 67.94 -56.60
N ASN H 2664 62.97 66.96 -57.47
CA ASN H 2664 61.96 65.97 -57.83
C ASN H 2664 60.87 66.54 -58.72
N PHE H 2665 60.89 67.86 -58.96
CA PHE H 2665 59.89 68.46 -59.84
C PHE H 2665 60.47 68.77 -61.20
N GLY H 2666 61.77 68.66 -61.36
CA GLY H 2666 62.43 68.94 -62.61
C GLY H 2666 62.90 70.38 -62.71
N VAL H 2667 63.04 70.84 -63.95
CA VAL H 2667 63.45 72.21 -64.22
C VAL H 2667 62.52 72.78 -65.28
N THR H 2668 62.40 74.10 -65.27
CA THR H 2668 61.53 74.77 -66.22
C THR H 2668 62.02 74.55 -67.65
N SER H 2669 61.20 74.98 -68.59
CA SER H 2669 61.53 74.89 -70.01
C SER H 2669 61.42 76.27 -70.64
N GLU H 2670 62.02 76.40 -71.82
CA GLU H 2670 62.05 77.68 -72.52
C GLU H 2670 60.65 78.27 -72.66
N GLU H 2671 59.66 77.42 -72.97
CA GLU H 2671 58.31 77.93 -73.17
C GLU H 2671 57.74 78.50 -71.88
N GLU H 2672 57.96 77.82 -70.76
CA GLU H 2672 57.45 78.32 -69.48
C GLU H 2672 58.16 79.61 -69.09
N LEU H 2673 59.47 79.70 -69.31
CA LEU H 2673 60.17 80.94 -69.01
C LEU H 2673 59.66 82.08 -69.89
N HIS H 2674 59.41 81.79 -71.16
CA HIS H 2674 58.87 82.80 -72.07
C HIS H 2674 57.50 83.28 -71.60
N LEU H 2675 56.64 82.35 -71.19
CA LEU H 2675 55.33 82.74 -70.69
C LEU H 2675 55.46 83.58 -69.43
N THR H 2676 56.38 83.22 -68.54
CA THR H 2676 56.58 84.00 -67.32
C THR H 2676 57.03 85.41 -67.65
N ARG H 2677 57.96 85.55 -68.60
CA ARG H 2677 58.45 86.87 -68.97
C ARG H 2677 57.34 87.71 -69.58
N LYS H 2678 56.55 87.12 -70.47
CA LYS H 2678 55.42 87.85 -71.05
C LYS H 2678 54.44 88.28 -69.97
N LEU H 2679 54.14 87.38 -69.02
CA LEU H 2679 53.25 87.73 -67.94
C LEU H 2679 53.78 88.93 -67.16
N PHE H 2680 55.05 88.88 -66.78
CA PHE H 2680 55.65 89.96 -66.01
C PHE H 2680 55.53 91.28 -66.76
N TRP H 2681 55.96 91.30 -68.03
CA TRP H 2681 55.99 92.56 -68.75
C TRP H 2681 54.60 93.08 -69.06
N GLY H 2682 53.65 92.19 -69.35
CA GLY H 2682 52.29 92.62 -69.57
C GLY H 2682 51.71 93.28 -68.33
N ILE H 2683 51.86 92.62 -67.18
CA ILE H 2683 51.35 93.20 -65.94
C ILE H 2683 52.03 94.54 -65.67
N PHE H 2684 53.35 94.60 -65.88
CA PHE H 2684 54.09 95.82 -65.59
C PHE H 2684 53.57 96.97 -66.45
N ASP H 2685 53.44 96.74 -67.75
CA ASP H 2685 52.98 97.81 -68.64
C ASP H 2685 51.56 98.24 -68.31
N SER H 2686 50.67 97.26 -68.08
CA SER H 2686 49.29 97.59 -67.77
C SER H 2686 49.22 98.42 -66.50
N LEU H 2687 49.95 98.02 -65.46
CA LEU H 2687 49.93 98.77 -64.21
C LEU H 2687 50.52 100.15 -64.39
N ALA H 2688 51.59 100.27 -65.18
CA ALA H 2688 52.20 101.57 -65.41
C ALA H 2688 51.21 102.52 -66.08
N HIS H 2689 50.48 102.04 -67.08
CA HIS H 2689 49.55 102.91 -67.79
C HIS H 2689 48.20 103.09 -67.09
N LYS H 2690 47.89 102.26 -66.10
CA LYS H 2690 46.59 102.36 -65.44
C LYS H 2690 46.60 103.44 -64.36
N LYS H 2691 45.43 104.00 -64.10
CA LYS H 2691 45.26 104.96 -63.02
C LYS H 2691 45.42 104.26 -61.67
N TYR H 2692 45.78 105.04 -60.66
CA TYR H 2692 46.03 104.49 -59.34
C TYR H 2692 44.77 103.88 -58.75
N ASP H 2693 44.92 102.72 -58.12
CA ASP H 2693 43.84 102.07 -57.38
C ASP H 2693 44.50 101.26 -56.28
N GLN H 2694 44.13 101.54 -55.03
CA GLN H 2694 44.80 100.93 -53.90
C GLN H 2694 44.69 99.40 -53.94
N GLU H 2695 43.49 98.90 -54.18
CA GLU H 2695 43.27 97.45 -54.19
C GLU H 2695 44.15 96.79 -55.24
N LEU H 2696 44.08 97.29 -56.47
CA LEU H 2696 44.83 96.66 -57.56
C LEU H 2696 46.33 96.74 -57.30
N TYR H 2697 46.81 97.89 -56.83
CA TYR H 2697 48.24 98.01 -56.56
C TYR H 2697 48.68 97.04 -55.47
N ARG H 2698 47.91 96.94 -54.40
CA ARG H 2698 48.29 96.05 -53.31
C ARG H 2698 48.25 94.60 -53.75
N ILE H 2699 47.37 94.25 -54.70
CA ILE H 2699 47.27 92.87 -55.14
C ILE H 2699 48.33 92.57 -56.19
N ALA H 2700 48.79 93.60 -56.90
CA ALA H 2700 49.66 93.38 -58.05
C ALA H 2700 51.13 93.42 -57.66
N MET H 2701 51.53 94.34 -56.78
CA MET H 2701 52.94 94.47 -56.45
C MET H 2701 53.55 93.15 -55.99
N PRO H 2702 52.94 92.39 -55.08
CA PRO H 2702 53.52 91.07 -54.74
C PRO H 2702 53.63 90.16 -55.94
N CYS H 2703 52.68 90.21 -56.86
CA CYS H 2703 52.76 89.35 -58.05
C CYS H 2703 53.99 89.70 -58.88
N LEU H 2704 54.24 90.98 -59.09
CA LEU H 2704 55.43 91.38 -59.84
C LEU H 2704 56.69 90.95 -59.12
N CYS H 2705 56.73 91.13 -57.80
CA CYS H 2705 57.92 90.71 -57.06
C CYS H 2705 58.15 89.21 -57.20
N ALA H 2706 57.08 88.42 -57.09
CA ALA H 2706 57.23 86.97 -57.17
C ALA H 2706 57.71 86.55 -58.56
N ILE H 2707 57.10 87.11 -59.60
CA ILE H 2707 57.50 86.73 -60.96
C ILE H 2707 58.94 87.13 -61.23
N ALA H 2708 59.34 88.32 -60.79
CA ALA H 2708 60.70 88.77 -61.00
C ALA H 2708 61.68 87.87 -60.27
N GLY H 2709 61.36 87.50 -59.03
CA GLY H 2709 62.21 86.58 -58.29
C GLY H 2709 62.26 85.20 -58.90
N ALA H 2710 61.21 84.79 -59.60
CA ALA H 2710 61.20 83.49 -60.27
C ALA H 2710 62.06 83.49 -61.53
N LEU H 2711 61.94 84.53 -62.36
CA LEU H 2711 62.70 84.57 -63.60
C LEU H 2711 64.20 84.58 -63.32
N PRO H 2712 65.00 83.76 -64.01
CA PRO H 2712 66.45 83.87 -63.89
C PRO H 2712 66.91 85.24 -64.36
N PRO H 2713 67.89 85.84 -63.69
CA PRO H 2713 68.33 87.18 -64.09
C PRO H 2713 68.82 87.26 -65.53
N ASP H 2714 69.51 86.23 -66.01
CA ASP H 2714 70.15 86.25 -67.31
C ASP H 2714 69.38 85.49 -68.37
N TYR H 2715 68.13 85.12 -68.09
CA TYR H 2715 67.33 84.42 -69.09
C TYR H 2715 67.22 85.26 -70.36
N VAL H 2716 67.51 84.63 -71.50
CA VAL H 2716 67.44 85.28 -72.80
C VAL H 2716 66.29 84.64 -73.57
N ASP H 2717 65.36 85.47 -74.03
CA ASP H 2717 64.19 84.97 -74.72
C ASP H 2717 64.58 84.54 -76.13
N ALA H 2718 64.42 83.25 -76.42
CA ALA H 2718 64.78 82.73 -77.74
C ALA H 2718 63.97 83.40 -78.84
N SER H 2719 62.67 83.52 -78.64
CA SER H 2719 61.79 84.24 -79.57
C SER H 2719 61.72 85.73 -79.25
N TYR H 2720 62.87 86.39 -79.14
CA TYR H 2720 62.88 87.80 -78.77
C TYR H 2720 62.40 88.65 -79.94
N SER H 2721 61.69 89.73 -79.63
CA SER H 2721 61.21 90.67 -80.64
C SER H 2721 61.41 92.08 -80.13
N SER H 2722 61.56 93.01 -81.06
CA SER H 2722 61.69 94.44 -80.76
C SER H 2722 60.44 95.22 -81.14
N LYS H 2723 59.88 94.97 -82.32
CA LYS H 2723 58.64 95.63 -82.70
C LYS H 2723 57.50 95.24 -81.76
N THR H 2724 57.41 93.96 -81.41
CA THR H 2724 56.40 93.47 -80.48
C THR H 2724 55.01 93.96 -80.88
N GLU H 2725 54.66 93.74 -82.14
CA GLU H 2725 53.36 94.16 -82.65
C GLU H 2725 52.24 93.53 -81.83
N LYS H 2726 51.28 94.35 -81.43
CA LYS H 2726 50.18 93.93 -80.55
C LYS H 2726 50.65 92.98 -79.47
N ASN H 2735 38.65 86.36 -75.47
CA ASN H 2735 38.29 87.52 -76.27
C ASN H 2735 39.30 87.73 -77.40
N PHE H 2736 40.11 86.70 -77.66
CA PHE H 2736 41.10 86.79 -78.73
C PHE H 2736 40.40 87.02 -80.07
N ASP H 2737 40.94 87.95 -80.85
CA ASP H 2737 40.37 88.35 -82.13
C ASP H 2737 41.43 88.23 -83.21
N PRO H 2738 41.69 87.01 -83.69
CA PRO H 2738 42.68 86.83 -84.76
C PRO H 2738 42.16 87.31 -86.12
N ARG H 2739 42.70 88.41 -86.61
CA ARG H 2739 42.31 88.98 -87.91
C ARG H 2739 43.51 89.00 -88.84
N PRO H 2740 43.55 88.18 -89.88
CA PRO H 2740 44.67 88.24 -90.83
C PRO H 2740 44.61 89.47 -91.70
N VAL H 2741 45.77 89.84 -92.24
CA VAL H 2741 45.84 90.96 -93.16
C VAL H 2741 44.93 90.69 -94.35
N GLU H 2742 44.30 91.75 -94.86
CA GLU H 2742 43.31 91.60 -95.92
C GLU H 2742 43.98 91.24 -97.24
N THR H 2743 44.03 89.95 -97.55
CA THR H 2743 44.67 89.49 -98.78
C THR H 2743 43.94 90.02 -100.01
N LEU H 2744 42.61 90.03 -99.96
CA LEU H 2744 41.83 90.41 -101.13
C LEU H 2744 42.16 91.82 -101.59
N ASN H 2745 42.54 92.69 -100.66
CA ASN H 2745 42.77 94.10 -101.00
C ASN H 2745 43.88 94.25 -102.03
N VAL H 2746 45.01 93.59 -101.81
CA VAL H 2746 46.17 93.70 -102.69
C VAL H 2746 46.00 92.77 -103.88
N ILE H 2747 46.85 92.92 -104.89
CA ILE H 2747 46.81 92.11 -106.10
C ILE H 2747 47.98 91.13 -106.10
N ILE H 2748 48.00 90.23 -107.08
CA ILE H 2748 49.03 89.21 -107.20
C ILE H 2748 49.83 89.49 -108.47
N PRO H 2749 51.15 89.63 -108.40
CA PRO H 2749 51.94 89.81 -109.63
C PRO H 2749 51.86 88.57 -110.52
N GLU H 2750 52.17 88.76 -111.80
CA GLU H 2750 52.09 87.66 -112.76
C GLU H 2750 53.29 86.72 -112.61
N LYS H 2751 54.47 87.27 -112.34
CA LYS H 2751 55.61 86.42 -112.04
C LYS H 2751 55.31 85.55 -110.83
N LEU H 2752 54.67 86.15 -109.81
CA LEU H 2752 54.32 85.38 -108.63
C LEU H 2752 53.14 84.45 -108.91
N ASP H 2753 52.34 84.75 -109.94
CA ASP H 2753 51.32 83.79 -110.36
C ASP H 2753 51.96 82.55 -110.96
N SER H 2754 53.01 82.74 -111.77
CA SER H 2754 53.77 81.59 -112.26
C SER H 2754 54.41 80.82 -111.11
N PHE H 2755 55.00 81.55 -110.16
CA PHE H 2755 55.50 80.91 -108.95
C PHE H 2755 54.41 80.11 -108.25
N ILE H 2756 53.21 80.66 -108.17
CA ILE H 2756 52.11 80.00 -107.46
C ILE H 2756 51.68 78.75 -108.20
N ASN H 2757 51.67 78.80 -109.53
CA ASN H 2757 51.37 77.60 -110.30
C ASN H 2757 52.39 76.50 -110.05
N LYS H 2758 53.68 76.87 -110.05
CA LYS H 2758 54.71 75.89 -109.75
C LYS H 2758 54.55 75.33 -108.35
N PHE H 2759 54.25 76.20 -107.38
CA PHE H 2759 54.08 75.74 -106.01
C PHE H 2759 52.86 74.84 -105.88
N ALA H 2760 51.82 75.09 -106.69
CA ALA H 2760 50.63 74.26 -106.63
C ALA H 2760 50.92 72.88 -107.18
N GLU H 2761 51.65 72.80 -108.29
CA GLU H 2761 52.13 71.50 -108.76
C GLU H 2761 52.92 70.80 -107.66
N TYR H 2762 53.82 71.55 -107.01
CA TYR H 2762 54.61 71.00 -105.91
C TYR H 2762 53.74 70.51 -104.76
N THR H 2763 52.71 71.28 -104.40
CA THR H 2763 51.85 70.91 -103.28
C THR H 2763 51.09 69.63 -103.58
N HIS H 2764 50.54 69.54 -104.80
CA HIS H 2764 49.91 68.29 -105.21
C HIS H 2764 50.89 67.14 -105.13
N GLU H 2765 52.14 67.35 -105.58
CA GLU H 2765 53.11 66.28 -105.60
C GLU H 2765 53.45 65.79 -104.19
N LYS H 2766 53.73 66.73 -103.27
CA LYS H 2766 54.03 66.30 -101.90
C LYS H 2766 52.82 65.67 -101.22
N TRP H 2767 51.63 66.23 -101.43
CA TRP H 2767 50.46 65.67 -100.77
C TRP H 2767 50.17 64.26 -101.30
N ALA H 2768 50.42 64.03 -102.58
CA ALA H 2768 50.29 62.69 -103.12
C ALA H 2768 51.40 61.77 -102.62
N PHE H 2769 52.60 62.31 -102.37
CA PHE H 2769 53.65 61.49 -101.77
C PHE H 2769 53.28 61.06 -100.35
N ASP H 2770 52.68 61.98 -99.59
CA ASP H 2770 52.17 61.62 -98.27
C ASP H 2770 51.05 60.59 -98.39
N LYS H 2771 50.19 60.72 -99.39
CA LYS H 2771 49.19 59.70 -99.63
C LYS H 2771 49.83 58.35 -99.96
N ILE H 2772 50.94 58.36 -100.69
CA ILE H 2772 51.67 57.11 -100.94
C ILE H 2772 52.20 56.53 -99.64
N GLN H 2773 52.78 57.37 -98.79
CA GLN H 2773 53.18 56.91 -97.46
C GLN H 2773 52.00 56.31 -96.71
N ASN H 2774 50.80 56.83 -96.96
CA ASN H 2774 49.57 56.25 -96.44
C ASN H 2774 49.09 55.07 -97.26
N ASN H 2775 49.79 54.73 -98.34
CA ASN H 2775 49.43 53.60 -99.22
C ASN H 2775 48.15 53.87 -99.99
N TRP H 2776 48.05 55.05 -100.60
CA TRP H 2776 46.91 55.40 -101.42
C TRP H 2776 47.06 54.84 -102.83
N SER H 2777 45.95 54.81 -103.56
CA SER H 2777 45.90 54.30 -104.92
C SER H 2777 45.10 55.23 -105.80
N TYR H 2778 45.36 55.16 -107.10
CA TYR H 2778 44.69 55.99 -108.10
C TYR H 2778 43.46 55.24 -108.60
N GLY H 2779 42.29 55.64 -108.10
CA GLY H 2779 41.03 55.03 -108.49
C GLY H 2779 40.02 56.11 -108.87
N GLU H 2780 39.16 55.79 -109.83
CA GLU H 2780 38.24 56.79 -110.37
C GLU H 2780 37.31 57.36 -109.30
N ASN H 2781 37.12 56.65 -108.20
CA ASN H 2781 36.27 57.11 -107.11
C ASN H 2781 37.13 57.51 -105.91
N ILE H 2782 36.54 58.34 -105.05
CA ILE H 2782 37.19 58.83 -103.84
C ILE H 2782 36.60 58.09 -102.65
N ASP H 2783 37.44 57.33 -101.94
CA ASP H 2783 37.00 56.58 -100.77
C ASP H 2783 38.22 56.10 -100.01
N GLU H 2784 38.25 56.40 -98.71
CA GLU H 2784 39.36 55.97 -97.87
C GLU H 2784 39.35 54.46 -97.67
N GLU H 2785 38.17 53.89 -97.43
CA GLU H 2785 38.08 52.45 -97.19
C GLU H 2785 38.56 51.67 -98.41
N LEU H 2786 38.05 52.01 -99.59
CA LEU H 2786 38.60 51.45 -100.83
C LEU H 2786 40.01 51.95 -101.11
N LYS H 2787 40.44 53.03 -100.44
CA LYS H 2787 41.76 53.60 -100.64
C LYS H 2787 41.95 53.99 -102.10
N THR H 2788 40.89 54.52 -102.70
CA THR H 2788 40.89 54.99 -104.08
C THR H 2788 40.74 56.50 -104.08
N HIS H 2789 41.43 57.16 -105.01
CA HIS H 2789 41.53 58.62 -105.00
C HIS H 2789 41.70 59.09 -106.44
N PRO H 2790 40.69 59.75 -107.02
CA PRO H 2790 40.73 60.02 -108.48
C PRO H 2790 41.73 61.08 -108.90
N MET H 2791 42.29 61.86 -107.99
CA MET H 2791 43.19 62.93 -108.38
C MET H 2791 44.66 62.52 -108.35
N LEU H 2792 44.96 61.23 -108.20
CA LEU H 2792 46.32 60.73 -108.38
C LEU H 2792 46.63 60.65 -109.87
N ARG H 2793 46.64 61.82 -110.50
CA ARG H 2793 46.95 62.00 -111.91
C ARG H 2793 47.84 63.22 -112.08
N PRO H 2794 48.67 63.24 -113.12
CA PRO H 2794 49.67 64.31 -113.23
C PRO H 2794 49.02 65.68 -113.21
N TYR H 2795 49.78 66.67 -112.70
CA TYR H 2795 49.20 68.00 -112.53
C TYR H 2795 48.73 68.57 -113.86
N LYS H 2796 49.26 68.08 -114.98
CA LYS H 2796 48.73 68.47 -116.28
C LYS H 2796 47.27 68.07 -116.41
N THR H 2797 46.93 66.86 -115.99
CA THR H 2797 45.56 66.35 -116.02
C THR H 2797 44.80 66.65 -114.73
N PHE H 2798 45.47 67.19 -113.72
CA PHE H 2798 44.80 67.53 -112.47
C PHE H 2798 43.70 68.53 -112.72
N SER H 2799 42.52 68.27 -112.14
CA SER H 2799 41.31 68.98 -112.54
C SER H 2799 41.48 70.48 -112.34
N GLU H 2800 40.88 71.26 -113.26
CA GLU H 2800 41.02 72.71 -113.20
C GLU H 2800 40.46 73.27 -111.90
N LYS H 2801 39.28 72.81 -111.48
CA LYS H 2801 38.75 73.23 -110.19
C LYS H 2801 39.67 72.78 -109.07
N ASP H 2802 40.18 71.56 -109.16
CA ASP H 2802 41.12 71.07 -108.16
C ASP H 2802 42.43 71.85 -108.22
N LYS H 2803 42.90 72.15 -109.44
CA LYS H 2803 44.01 73.09 -109.58
C LYS H 2803 43.70 74.39 -108.87
N GLU H 2804 42.50 74.92 -109.07
CA GLU H 2804 42.18 76.23 -108.50
C GLU H 2804 42.19 76.19 -106.98
N ILE H 2805 41.67 75.11 -106.39
CA ILE H 2805 41.63 75.04 -104.93
C ILE H 2805 42.96 74.67 -104.30
N TYR H 2806 43.85 73.98 -105.03
CA TYR H 2806 45.20 73.75 -104.55
C TYR H 2806 46.12 74.92 -104.85
N ARG H 2807 45.67 75.88 -105.64
CA ARG H 2807 46.42 77.09 -105.94
C ARG H 2807 45.94 78.29 -105.14
N TRP H 2808 44.68 78.31 -104.72
CA TRP H 2808 44.12 79.43 -103.97
C TRP H 2808 44.78 79.67 -102.61
N PRO H 2809 45.07 78.66 -101.81
CA PRO H 2809 45.72 78.95 -100.51
C PRO H 2809 46.97 79.77 -100.67
N ILE H 2810 47.77 79.47 -101.68
CA ILE H 2810 49.02 80.21 -101.89
C ILE H 2810 48.73 81.59 -102.43
N LYS H 2811 47.71 81.73 -103.28
CA LYS H 2811 47.31 83.05 -103.73
C LYS H 2811 47.01 83.94 -102.53
N GLU H 2812 46.19 83.42 -101.61
CA GLU H 2812 45.83 84.19 -100.42
C GLU H 2812 47.04 84.48 -99.55
N SER H 2813 47.90 83.46 -99.35
CA SER H 2813 49.08 83.64 -98.51
C SER H 2813 50.01 84.70 -99.08
N LEU H 2814 50.21 84.66 -100.40
CA LEU H 2814 51.15 85.58 -101.04
C LEU H 2814 50.58 86.99 -101.09
N LYS H 2815 49.26 87.11 -101.26
CA LYS H 2815 48.65 88.43 -101.16
C LYS H 2815 48.72 88.97 -99.74
N ALA H 2816 48.63 88.08 -98.76
CA ALA H 2816 48.89 88.48 -97.37
C ALA H 2816 50.32 89.00 -97.23
N MET H 2817 51.28 88.31 -97.83
CA MET H 2817 52.67 88.76 -97.77
C MET H 2817 52.84 90.12 -98.42
N ILE H 2818 52.18 90.33 -99.57
CA ILE H 2818 52.24 91.63 -100.23
C ILE H 2818 51.66 92.72 -99.33
N ALA H 2819 50.51 92.44 -98.71
CA ALA H 2819 49.96 93.37 -97.72
C ALA H 2819 50.94 93.62 -96.58
N TRP H 2820 51.70 92.61 -96.20
CA TRP H 2820 52.77 92.74 -95.22
C TRP H 2820 53.96 93.50 -95.77
N GLU H 2821 53.98 93.77 -97.08
CA GLU H 2821 55.06 94.48 -97.76
C GLU H 2821 56.33 93.63 -97.87
N TRP H 2822 56.20 92.30 -97.82
CA TRP H 2822 57.32 91.40 -97.99
C TRP H 2822 57.58 91.17 -99.49
N THR H 2823 58.07 92.22 -100.14
CA THR H 2823 58.34 92.18 -101.57
C THR H 2823 59.23 90.99 -101.90
N VAL H 2824 58.70 90.10 -102.74
CA VAL H 2824 59.37 88.87 -103.11
C VAL H 2824 59.57 88.89 -104.63
N GLU H 2825 60.81 88.66 -105.07
CA GLU H 2825 61.19 88.85 -106.46
C GLU H 2825 62.03 87.68 -106.96
N LYS H 2826 62.03 87.51 -108.28
CA LYS H 2826 62.77 86.43 -108.94
C LYS H 2826 64.26 86.73 -108.99
N ALA H 2827 64.93 86.64 -107.84
CA ALA H 2827 66.35 86.95 -107.79
C ALA H 2827 67.20 85.86 -108.45
N ARG H 2828 66.90 84.60 -108.15
CA ARG H 2828 67.68 83.46 -108.60
C ARG H 2828 66.81 82.50 -109.38
N GLU H 2829 67.47 81.56 -110.08
CA GLU H 2829 66.77 80.59 -110.91
C GLU H 2829 65.60 79.96 -110.17
N GLY H 2830 64.57 79.60 -110.93
CA GLY H 2830 63.36 79.03 -110.35
C GLY H 2830 63.06 77.62 -110.81
N GLU H 2831 62.60 76.78 -109.89
CA GLU H 2831 62.28 75.38 -110.18
C GLU H 2831 60.77 75.18 -110.17
N TYR H 2856 49.44 58.52 -110.98
CA TYR H 2856 50.79 58.74 -111.49
C TYR H 2856 51.81 58.25 -110.46
N ASN H 2857 53.03 58.79 -110.54
CA ASN H 2857 54.08 58.46 -109.58
C ASN H 2857 54.31 59.65 -108.66
N PRO H 2858 53.73 59.68 -107.46
CA PRO H 2858 53.93 60.83 -106.57
C PRO H 2858 55.34 60.88 -105.99
N GLN H 2859 55.95 62.06 -106.05
CA GLN H 2859 57.25 62.32 -105.47
C GLN H 2859 57.20 63.65 -104.73
N PRO H 2860 57.85 63.77 -103.58
CA PRO H 2860 57.95 65.06 -102.90
C PRO H 2860 59.15 65.85 -103.39
N PRO H 2861 58.94 66.98 -104.06
CA PRO H 2861 60.07 67.87 -104.34
C PRO H 2861 60.73 68.32 -103.04
N ASP H 2862 62.05 68.25 -103.01
CA ASP H 2862 62.78 68.51 -101.77
C ASP H 2862 62.77 70.00 -101.46
N LEU H 2863 62.27 70.34 -100.26
CA LEU H 2863 62.29 71.71 -99.75
C LEU H 2863 63.06 71.86 -98.45
N SER H 2864 63.13 70.83 -97.60
CA SER H 2864 63.88 70.96 -96.36
C SER H 2864 65.36 71.19 -96.63
N VAL H 2865 65.81 70.94 -97.85
CA VAL H 2865 67.22 71.15 -98.19
C VAL H 2865 67.60 72.60 -98.00
N VAL H 2866 66.75 73.53 -98.45
CA VAL H 2866 67.01 74.94 -98.25
C VAL H 2866 66.51 75.35 -96.86
N THR H 2867 67.37 76.02 -96.10
CA THR H 2867 67.10 76.38 -94.72
C THR H 2867 66.97 77.89 -94.62
N LEU H 2868 65.94 78.35 -93.91
CA LEU H 2868 65.76 79.78 -93.70
C LEU H 2868 66.72 80.27 -92.62
N SER H 2869 67.52 81.28 -92.94
CA SER H 2869 68.37 81.88 -91.92
C SER H 2869 67.52 82.64 -90.92
N ARG H 2870 68.08 82.84 -89.73
CA ARG H 2870 67.31 83.34 -88.58
C ARG H 2870 66.29 84.41 -88.95
N GLU H 2871 66.70 85.39 -89.78
CA GLU H 2871 65.79 86.46 -90.14
C GLU H 2871 64.62 85.94 -90.98
N LEU H 2872 64.90 85.07 -91.95
CA LEU H 2872 63.80 84.51 -92.74
C LEU H 2872 62.97 83.55 -91.91
N GLN H 2873 63.58 82.93 -90.89
CA GLN H 2873 62.81 82.14 -89.94
C GLN H 2873 61.83 83.01 -89.17
N ALA H 2874 62.26 84.21 -88.76
CA ALA H 2874 61.35 85.14 -88.12
C ALA H 2874 60.25 85.57 -89.09
N MET H 2875 60.61 85.78 -90.35
CA MET H 2875 59.62 86.12 -91.36
C MET H 2875 58.58 85.01 -91.49
N ALA H 2876 59.04 83.75 -91.49
CA ALA H 2876 58.14 82.62 -91.57
C ALA H 2876 57.31 82.48 -90.30
N GLU H 2877 57.88 82.88 -89.15
CA GLU H 2877 57.10 82.90 -87.92
C GLU H 2877 55.95 83.89 -88.02
N GLN H 2878 56.22 85.07 -88.58
CA GLN H 2878 55.15 86.05 -88.80
C GLN H 2878 54.12 85.51 -89.78
N LEU H 2879 54.58 84.86 -90.85
CA LEU H 2879 53.64 84.28 -91.81
C LEU H 2879 52.79 83.19 -91.17
N ALA H 2880 53.39 82.37 -90.32
CA ALA H 2880 52.64 81.34 -89.61
C ALA H 2880 51.67 81.97 -88.63
N GLU H 2881 52.04 83.11 -88.05
CA GLU H 2881 51.10 83.84 -87.19
C GLU H 2881 49.90 84.32 -88.00
N ASN H 2882 50.14 84.78 -89.23
CA ASN H 2882 49.04 85.18 -90.09
C ASN H 2882 48.15 84.00 -90.46
N TYR H 2883 48.78 82.85 -90.75
CA TYR H 2883 48.00 81.64 -91.02
C TYR H 2883 47.17 81.25 -89.81
N HIS H 2884 47.77 81.34 -88.62
CA HIS H 2884 47.04 81.09 -87.39
C HIS H 2884 45.90 82.08 -87.23
N ASN H 2885 46.10 83.32 -87.71
CA ASN H 2885 45.03 84.31 -87.63
C ASN H 2885 43.85 83.91 -88.50
N THR H 2886 44.11 83.48 -89.74
CA THR H 2886 43.03 83.01 -90.60
C THR H 2886 42.36 81.78 -89.99
N TRP H 2887 43.17 80.87 -89.46
CA TRP H 2887 42.68 79.62 -88.89
C TRP H 2887 41.77 79.89 -87.69
N GLY H 2888 42.23 80.75 -86.78
CA GLY H 2888 41.41 81.10 -85.63
C GLY H 2888 40.22 81.97 -86.02
N ARG H 2889 40.31 82.67 -87.15
CA ARG H 2889 39.13 83.37 -87.66
C ARG H 2889 38.05 82.38 -88.10
N LYS H 2890 38.47 81.30 -88.75
CA LYS H 2890 37.52 80.24 -89.10
C LYS H 2890 36.89 79.64 -87.84
N LYS H 2891 37.71 79.36 -86.83
CA LYS H 2891 37.14 78.89 -85.56
C LYS H 2891 36.23 79.94 -84.93
N LYS H 2892 36.56 81.23 -85.05
CA LYS H 2892 35.62 82.26 -84.60
C LYS H 2892 34.28 82.09 -85.30
N GLN H 2893 34.30 82.03 -86.63
CA GLN H 2893 33.06 81.85 -87.37
C GLN H 2893 32.28 80.66 -86.83
N GLU H 2894 32.98 79.57 -86.50
CA GLU H 2894 32.31 78.45 -85.86
C GLU H 2894 31.69 78.85 -84.53
N LEU H 2895 32.36 79.72 -83.77
CA LEU H 2895 31.80 80.17 -82.50
C LEU H 2895 30.52 80.96 -82.70
N GLU H 2896 30.50 81.89 -83.67
CA GLU H 2896 29.26 82.60 -83.95
C GLU H 2896 28.18 81.64 -84.43
N ALA H 2897 28.56 80.62 -85.19
CA ALA H 2897 27.58 79.61 -85.60
C ALA H 2897 27.00 78.91 -84.38
N LYS H 2898 27.84 78.59 -83.40
CA LYS H 2898 27.35 77.96 -82.17
C LYS H 2898 26.43 78.91 -81.40
N GLY H 2899 26.78 80.19 -81.35
CA GLY H 2899 26.03 81.15 -80.56
C GLY H 2899 26.56 81.34 -79.16
N GLY H 2900 27.84 81.04 -78.93
CA GLY H 2900 28.42 81.20 -77.61
C GLY H 2900 29.34 80.04 -77.25
N GLY H 2901 30.57 80.36 -76.85
CA GLY H 2901 31.53 79.32 -76.51
C GLY H 2901 32.94 79.89 -76.48
N SER H 2902 33.91 78.97 -76.59
CA SER H 2902 35.31 79.35 -76.59
C SER H 2902 36.12 78.23 -77.23
N HIS H 2903 36.94 78.59 -78.22
CA HIS H 2903 37.76 77.59 -78.89
C HIS H 2903 39.00 77.30 -78.06
N PRO H 2904 39.27 76.04 -77.70
CA PRO H 2904 40.39 75.76 -76.78
C PRO H 2904 41.72 76.31 -77.27
N LEU H 2905 42.00 76.22 -78.57
CA LEU H 2905 43.28 76.63 -79.13
C LEU H 2905 43.24 78.03 -79.74
N LEU H 2906 42.42 78.93 -79.19
CA LEU H 2906 42.34 80.31 -79.64
C LEU H 2906 43.36 81.22 -78.96
N VAL H 2907 44.41 80.64 -78.39
CA VAL H 2907 45.44 81.41 -77.70
C VAL H 2907 46.51 81.79 -78.72
N PRO H 2908 46.97 83.05 -78.74
CA PRO H 2908 47.85 83.49 -79.84
C PRO H 2908 49.07 82.61 -80.06
N TYR H 2909 49.70 82.82 -81.21
CA TYR H 2909 50.85 82.05 -81.66
C TYR H 2909 51.99 82.08 -80.65
N ASP H 2910 52.35 83.27 -80.18
CA ASP H 2910 53.44 83.39 -79.21
C ASP H 2910 53.12 82.60 -77.95
N THR H 2911 51.87 82.68 -77.49
CA THR H 2911 51.45 81.90 -76.34
C THR H 2911 51.58 80.41 -76.59
N LEU H 2912 51.23 79.97 -77.79
CA LEU H 2912 51.31 78.55 -78.13
C LEU H 2912 52.73 78.03 -77.95
N THR H 2913 52.85 76.80 -77.46
CA THR H 2913 54.14 76.12 -77.44
C THR H 2913 54.49 75.60 -78.82
N ALA H 2914 55.74 75.15 -78.97
CA ALA H 2914 56.23 74.73 -80.27
C ALA H 2914 55.39 73.60 -80.87
N LYS H 2915 54.72 72.80 -80.04
CA LYS H 2915 53.98 71.66 -80.55
C LYS H 2915 52.87 72.10 -81.50
N GLU H 2916 52.02 73.01 -81.05
CA GLU H 2916 50.94 73.50 -81.92
C GLU H 2916 51.49 74.45 -82.99
N LYS H 2917 52.53 75.21 -82.65
CA LYS H 2917 53.16 76.08 -83.64
C LYS H 2917 53.72 75.25 -84.81
N ALA H 2918 54.30 74.09 -84.50
CA ALA H 2918 55.15 73.38 -85.45
C ALA H 2918 54.50 73.20 -86.82
N ARG H 2919 53.23 72.81 -86.86
CA ARG H 2919 52.59 72.53 -88.14
C ARG H 2919 52.50 73.79 -89.01
N ASP H 2920 51.98 74.87 -88.43
CA ASP H 2920 51.83 76.11 -89.19
C ASP H 2920 53.19 76.70 -89.53
N ARG H 2921 54.16 76.58 -88.62
CA ARG H 2921 55.52 77.00 -88.93
C ARG H 2921 56.07 76.23 -90.12
N GLU H 2922 55.82 74.92 -90.16
CA GLU H 2922 56.27 74.11 -91.29
C GLU H 2922 55.61 74.56 -92.58
N LYS H 2923 54.31 74.86 -92.54
CA LYS H 2923 53.61 75.32 -93.74
C LYS H 2923 54.22 76.62 -94.27
N ALA H 2924 54.38 77.60 -93.38
CA ALA H 2924 54.97 78.87 -93.79
C ALA H 2924 56.41 78.67 -94.28
N GLN H 2925 57.15 77.80 -93.60
CA GLN H 2925 58.53 77.52 -93.99
C GLN H 2925 58.58 76.93 -95.38
N GLU H 2926 57.69 75.99 -95.69
CA GLU H 2926 57.66 75.40 -97.02
C GLU H 2926 57.34 76.45 -98.07
N LEU H 2927 56.38 77.34 -97.79
CA LEU H 2927 56.06 78.40 -98.74
C LEU H 2927 57.29 79.25 -99.02
N LEU H 2928 57.98 79.68 -97.97
CA LEU H 2928 59.13 80.56 -98.16
C LEU H 2928 60.30 79.81 -98.80
N LYS H 2929 60.43 78.52 -98.52
CA LYS H 2929 61.48 77.71 -99.12
C LYS H 2929 61.27 77.61 -100.64
N PHE H 2930 60.02 77.37 -101.05
CA PHE H 2930 59.74 77.37 -102.49
C PHE H 2930 59.95 78.77 -103.08
N LEU H 2931 59.65 79.81 -102.32
CA LEU H 2931 59.97 81.16 -102.79
C LEU H 2931 61.47 81.30 -103.06
N GLN H 2932 62.30 80.80 -102.14
CA GLN H 2932 63.74 80.91 -102.33
C GLN H 2932 64.21 80.10 -103.53
N MET H 2933 63.78 78.84 -103.65
CA MET H 2933 64.14 78.08 -104.83
C MET H 2933 63.59 78.70 -106.11
N ASN H 2934 62.60 79.58 -106.00
CA ASN H 2934 62.13 80.36 -107.13
C ASN H 2934 62.69 81.78 -107.12
N GLY H 2935 63.78 82.02 -106.37
CA GLY H 2935 64.44 83.31 -106.34
C GLY H 2935 63.76 84.34 -105.46
N TYR H 2936 62.46 84.19 -105.25
CA TYR H 2936 61.69 85.18 -104.50
C TYR H 2936 62.11 85.20 -103.04
N ALA H 2937 62.42 86.39 -102.54
CA ALA H 2937 62.92 86.58 -101.18
C ALA H 2937 62.16 87.72 -100.51
N VAL H 2938 61.75 87.49 -99.26
CA VAL H 2938 60.94 88.45 -98.51
C VAL H 2938 61.75 89.68 -98.17
N THR H 2939 61.06 90.77 -97.82
CA THR H 2939 61.69 92.04 -97.47
C THR H 2939 61.97 92.05 -95.97
N ARG H 2940 63.24 91.92 -95.62
CA ARG H 2940 63.66 91.98 -94.23
C ARG H 2940 63.92 93.40 -93.76
N GLY H 2941 64.08 94.36 -94.68
CA GLY H 2941 64.32 95.74 -94.31
C GLY H 2941 65.50 95.90 -93.37
N LEU H 2942 65.29 96.65 -92.29
CA LEU H 2942 66.28 96.79 -91.23
C LEU H 2942 65.86 96.13 -89.94
N LYS H 2943 64.67 95.53 -89.91
CA LYS H 2943 64.14 94.95 -88.68
C LYS H 2943 65.07 93.89 -88.13
N ASP H 2944 65.65 93.06 -89.01
CA ASP H 2944 66.46 91.95 -88.54
C ASP H 2944 67.65 92.43 -87.71
N MET H 2945 68.45 93.36 -88.25
CA MET H 2945 69.67 93.74 -87.55
C MET H 2945 69.41 94.84 -86.53
N GLU H 2946 68.20 95.41 -86.52
CA GLU H 2946 67.85 96.25 -85.37
C GLU H 2946 67.21 95.43 -84.26
N LEU H 2947 66.84 94.18 -84.56
CA LEU H 2947 66.48 93.23 -83.51
C LEU H 2947 67.71 92.50 -82.96
N ASP H 2948 68.71 92.28 -83.80
CA ASP H 2948 69.83 91.40 -83.45
C ASP H 2948 70.39 91.70 -82.07
N THR H 2949 70.66 92.98 -81.79
CA THR H 2949 71.22 93.38 -80.50
C THR H 2949 72.27 92.38 -80.04
N SER H 2950 72.01 91.68 -78.93
CA SER H 2950 72.88 90.61 -78.47
C SER H 2950 72.25 89.98 -77.24
N SER H 2951 72.80 88.82 -76.85
CA SER H 2951 72.29 88.13 -75.67
C SER H 2951 72.30 89.05 -74.46
N ILE H 2952 73.34 89.89 -74.33
CA ILE H 2952 73.42 90.79 -73.19
C ILE H 2952 72.24 91.74 -73.17
N GLU H 2953 71.90 92.33 -74.31
CA GLU H 2953 70.75 93.22 -74.38
C GLU H 2953 69.43 92.46 -74.27
N LYS H 2954 69.43 91.15 -74.48
CA LYS H 2954 68.21 90.36 -74.37
C LYS H 2954 68.01 89.73 -73.01
N ARG H 2955 69.01 89.79 -72.12
CA ARG H 2955 68.81 89.26 -70.78
C ARG H 2955 67.69 89.99 -70.07
N PHE H 2956 66.95 89.26 -69.24
CA PHE H 2956 65.81 89.86 -68.54
C PHE H 2956 66.27 91.01 -67.64
N ALA H 2957 67.36 90.81 -66.91
CA ALA H 2957 67.86 91.85 -66.03
C ALA H 2957 68.18 93.12 -66.80
N PHE H 2958 68.72 92.97 -68.01
CA PHE H 2958 69.05 94.14 -68.81
C PHE H 2958 67.82 94.98 -69.11
N GLY H 2959 66.75 94.34 -69.60
CA GLY H 2959 65.54 95.08 -69.89
C GLY H 2959 64.92 95.68 -68.65
N PHE H 2960 64.92 94.91 -67.56
CA PHE H 2960 64.37 95.42 -66.31
C PHE H 2960 65.11 96.67 -65.86
N LEU H 2961 66.43 96.66 -65.94
CA LEU H 2961 67.21 97.82 -65.51
C LEU H 2961 67.02 98.99 -66.46
N GLN H 2962 66.87 98.72 -67.76
CA GLN H 2962 66.59 99.79 -68.70
C GLN H 2962 65.27 100.48 -68.35
N GLN H 2963 64.24 99.69 -68.07
CA GLN H 2963 62.96 100.28 -67.69
C GLN H 2963 63.07 101.06 -66.40
N LEU H 2964 63.81 100.51 -65.43
CA LEU H 2964 63.99 101.22 -64.16
C LEU H 2964 64.68 102.57 -64.38
N LEU H 2965 65.69 102.60 -65.25
CA LEU H 2965 66.40 103.85 -65.50
C LEU H 2965 65.49 104.85 -66.21
N ARG H 2966 64.67 104.40 -67.16
CA ARG H 2966 63.73 105.30 -67.81
C ARG H 2966 62.75 105.88 -66.79
N TRP H 2967 62.24 105.03 -65.90
CA TRP H 2967 61.34 105.53 -64.87
C TRP H 2967 62.06 106.47 -63.91
N MET H 2968 63.36 106.27 -63.73
CA MET H 2968 64.14 107.20 -62.91
C MET H 2968 64.23 108.57 -63.58
N ASP H 2969 64.38 108.57 -64.91
CA ASP H 2969 64.33 109.83 -65.65
C ASP H 2969 62.98 110.51 -65.48
N ILE H 2970 61.89 109.75 -65.52
CA ILE H 2970 60.57 110.32 -65.26
C ILE H 2970 60.50 110.86 -63.82
N SER H 2971 61.18 110.16 -62.91
CA SER H 2971 61.22 110.59 -61.51
C SER H 2971 61.85 111.96 -61.38
N GLN H 2972 62.94 112.18 -62.11
CA GLN H 2972 63.54 113.51 -62.09
C GLN H 2972 62.51 114.57 -62.44
N GLU H 2973 61.73 114.33 -63.50
CA GLU H 2973 60.79 115.34 -63.96
C GLU H 2973 59.71 115.62 -62.92
N PHE H 2974 59.02 114.58 -62.43
CA PHE H 2974 57.93 114.95 -61.52
C PHE H 2974 58.43 115.32 -60.13
N ILE H 2975 59.62 114.90 -59.71
CA ILE H 2975 60.12 115.42 -58.44
C ILE H 2975 60.46 116.89 -58.60
N ALA H 2976 61.00 117.29 -59.75
CA ALA H 2976 61.21 118.71 -60.00
C ALA H 2976 59.90 119.47 -59.93
N HIS H 2977 58.86 118.94 -60.56
CA HIS H 2977 57.55 119.61 -60.54
C HIS H 2977 57.01 119.71 -59.12
N LEU H 2978 57.11 118.62 -58.36
CA LEU H 2978 56.59 118.62 -56.99
C LEU H 2978 57.34 119.63 -56.14
N GLU H 2979 58.66 119.70 -56.30
CA GLU H 2979 59.44 120.70 -55.56
C GLU H 2979 58.98 122.10 -55.94
N ALA H 2980 58.79 122.36 -57.24
CA ALA H 2980 58.38 123.69 -57.68
C ALA H 2980 57.04 124.08 -57.07
N VAL H 2981 56.07 123.16 -57.09
CA VAL H 2981 54.74 123.48 -56.56
C VAL H 2981 54.79 123.63 -55.05
N VAL H 2982 55.57 122.80 -54.35
CA VAL H 2982 55.64 122.90 -52.90
C VAL H 2982 56.29 124.21 -52.48
N SER H 2983 57.29 124.66 -53.23
CA SER H 2983 57.95 125.92 -52.90
C SER H 2983 56.97 127.08 -52.94
N SER H 2984 56.16 127.15 -53.98
CA SER H 2984 55.17 128.20 -54.13
C SER H 2984 54.10 127.76 -55.12
N GLY H 2985 52.99 128.50 -55.14
CA GLY H 2985 51.92 128.23 -56.08
C GLY H 2985 51.26 126.89 -55.87
N ARG H 2986 50.50 126.76 -54.79
CA ARG H 2986 49.83 125.50 -54.47
C ARG H 2986 49.08 124.96 -55.68
N VAL H 2987 49.45 123.76 -56.12
CA VAL H 2987 48.78 123.06 -57.21
C VAL H 2987 48.37 121.69 -56.71
N GLU H 2988 47.06 121.43 -56.69
CA GLU H 2988 46.53 120.13 -56.31
C GLU H 2988 46.27 119.22 -57.50
N LYS H 2989 46.48 119.72 -58.72
CA LYS H 2989 46.26 118.88 -59.91
C LYS H 2989 47.18 117.68 -59.91
N SER H 2990 48.46 117.88 -59.62
CA SER H 2990 49.44 116.81 -59.67
C SER H 2990 49.34 116.11 -61.02
N PRO H 2991 49.79 116.74 -62.10
CA PRO H 2991 49.58 116.14 -63.43
C PRO H 2991 50.29 114.81 -63.60
N HIS H 2992 51.21 114.49 -62.68
CA HIS H 2992 51.92 113.22 -62.70
C HIS H 2992 51.46 112.31 -61.56
N GLU H 2993 50.27 112.58 -61.01
CA GLU H 2993 49.87 111.91 -59.77
C GLU H 2993 50.04 110.40 -59.87
N GLN H 2994 49.59 109.81 -60.97
CA GLN H 2994 49.71 108.36 -61.10
C GLN H 2994 51.17 107.95 -61.27
N GLU H 2995 51.99 108.83 -61.85
CA GLU H 2995 53.42 108.55 -61.93
C GLU H 2995 54.04 108.48 -60.53
N ILE H 2996 53.72 109.46 -59.67
CA ILE H 2996 54.20 109.40 -58.29
C ILE H 2996 53.74 108.11 -57.63
N LYS H 2997 52.45 107.79 -57.77
CA LYS H 2997 51.92 106.64 -57.07
C LYS H 2997 52.59 105.36 -57.55
N PHE H 2998 52.77 105.21 -58.86
CA PHE H 2998 53.48 104.05 -59.38
C PHE H 2998 54.90 103.99 -58.82
N PHE H 2999 55.65 105.08 -58.95
CA PHE H 2999 57.04 105.05 -58.54
C PHE H 2999 57.18 104.70 -57.06
N ALA H 3000 56.24 105.17 -56.24
CA ALA H 3000 56.35 104.97 -54.80
C ALA H 3000 55.74 103.67 -54.31
N LYS H 3001 54.80 103.08 -55.05
CA LYS H 3001 54.10 101.91 -54.59
C LYS H 3001 54.48 100.62 -55.30
N ILE H 3002 55.17 100.69 -56.44
CA ILE H 3002 55.49 99.50 -57.20
C ILE H 3002 57.00 99.38 -57.37
N LEU H 3003 57.61 100.37 -58.00
CA LEU H 3003 59.02 100.28 -58.34
C LEU H 3003 59.88 100.11 -57.09
N LEU H 3004 59.62 100.92 -56.06
CA LEU H 3004 60.46 100.87 -54.88
C LEU H 3004 60.39 99.52 -54.18
N PRO H 3005 59.22 98.98 -53.81
CA PRO H 3005 59.19 97.62 -53.27
C PRO H 3005 59.77 96.61 -54.25
N LEU H 3006 59.49 96.79 -55.54
CA LEU H 3006 60.04 95.89 -56.55
C LEU H 3006 61.57 95.93 -56.50
N ILE H 3007 62.16 97.08 -56.83
CA ILE H 3007 63.61 97.23 -56.77
C ILE H 3007 64.15 96.58 -55.50
N ASN H 3008 63.54 96.89 -54.35
CA ASN H 3008 64.03 96.34 -53.09
C ASN H 3008 64.09 94.82 -53.13
N GLN H 3009 62.97 94.17 -53.44
CA GLN H 3009 62.92 92.71 -53.37
C GLN H 3009 63.78 92.07 -54.44
N TYR H 3010 63.74 92.62 -55.65
CA TYR H 3010 64.51 92.06 -56.76
C TYR H 3010 66.00 92.09 -56.47
N PHE H 3011 66.52 93.23 -56.01
CA PHE H 3011 67.95 93.32 -55.75
C PHE H 3011 68.35 92.76 -54.40
N THR H 3012 67.38 92.46 -53.53
CA THR H 3012 67.69 91.64 -52.37
C THR H 3012 67.85 90.18 -52.74
N ASN H 3013 67.06 89.70 -53.70
CA ASN H 3013 67.18 88.31 -54.13
C ASN H 3013 68.38 88.11 -55.03
N HIS H 3014 68.41 88.77 -56.19
CA HIS H 3014 69.49 88.59 -57.16
C HIS H 3014 70.63 89.56 -56.85
N CYS H 3015 71.20 89.38 -55.67
CA CYS H 3015 72.33 90.19 -55.23
C CYS H 3015 73.67 89.60 -55.64
N LEU H 3016 73.83 88.28 -55.54
CA LEU H 3016 75.10 87.66 -55.90
C LEU H 3016 75.30 87.71 -57.41
N TYR H 3017 74.23 87.64 -58.19
CA TYR H 3017 74.36 87.67 -59.63
C TYR H 3017 75.03 88.95 -60.10
N PHE H 3018 74.68 90.09 -59.50
CA PHE H 3018 75.25 91.36 -59.90
C PHE H 3018 76.64 91.59 -59.35
N LEU H 3019 77.06 90.80 -58.36
CA LEU H 3019 78.39 90.94 -57.78
C LEU H 3019 79.37 89.90 -58.27
N SER H 3020 78.89 88.83 -58.91
CA SER H 3020 79.77 87.78 -59.41
C SER H 3020 80.55 88.27 -60.62
N THR H 3021 81.75 87.75 -60.78
CA THR H 3021 82.60 88.02 -61.92
C THR H 3021 83.02 86.71 -62.59
N PRO H 3022 83.43 86.74 -63.86
CA PRO H 3022 83.79 85.50 -64.54
C PRO H 3022 84.82 84.69 -63.76
N ALA H 3023 85.79 85.38 -63.16
CA ALA H 3023 86.81 84.69 -62.38
C ALA H 3023 86.20 84.08 -61.12
N LYS H 3024 85.32 84.81 -60.45
CA LYS H 3024 84.78 84.43 -59.14
C LYS H 3024 83.27 84.60 -59.16
N VAL H 3025 82.55 83.48 -59.18
CA VAL H 3025 81.09 83.48 -59.25
C VAL H 3025 80.58 83.12 -57.85
N LEU H 3026 79.94 84.10 -57.19
CA LEU H 3026 79.37 83.87 -55.88
C LEU H 3026 77.97 83.27 -55.95
N GLY H 3027 77.19 83.62 -56.96
CA GLY H 3027 75.84 83.11 -57.06
C GLY H 3027 75.79 81.65 -57.44
N SER H 3028 74.57 81.12 -57.44
CA SER H 3028 74.39 79.71 -57.83
C SER H 3028 74.86 79.50 -59.26
N GLY H 3029 74.51 80.41 -60.17
CA GLY H 3029 74.94 80.31 -61.53
C GLY H 3029 74.70 81.60 -62.29
N GLY H 3030 75.65 81.98 -63.15
CA GLY H 3030 75.52 83.19 -63.92
C GLY H 3030 76.20 84.37 -63.27
N HIS H 3031 76.70 85.29 -64.09
CA HIS H 3031 77.35 86.50 -63.62
C HIS H 3031 76.90 87.67 -64.46
N ALA H 3032 76.60 88.79 -63.81
CA ALA H 3032 76.09 89.95 -64.52
C ALA H 3032 77.14 90.49 -65.49
N SER H 3033 76.67 90.98 -66.63
CA SER H 3033 77.57 91.58 -67.60
C SER H 3033 78.02 92.95 -67.12
N ASN H 3034 79.11 93.44 -67.73
CA ASN H 3034 79.62 94.76 -67.37
C ASN H 3034 78.57 95.84 -67.59
N LYS H 3035 77.78 95.71 -68.66
CA LYS H 3035 76.74 96.69 -68.91
C LYS H 3035 75.68 96.66 -67.80
N GLU H 3036 75.32 95.47 -67.32
CA GLU H 3036 74.37 95.37 -66.23
C GLU H 3036 74.93 96.00 -64.95
N LYS H 3037 76.20 95.73 -64.66
CA LYS H 3037 76.82 96.34 -63.49
C LYS H 3037 76.83 97.86 -63.60
N GLU H 3038 77.16 98.39 -64.77
CA GLU H 3038 77.13 99.83 -64.97
C GLU H 3038 75.73 100.38 -64.79
N MET H 3039 74.72 99.67 -65.30
CA MET H 3039 73.35 100.15 -65.17
C MET H 3039 72.90 100.19 -63.72
N ILE H 3040 73.24 99.16 -62.94
CA ILE H 3040 72.85 99.18 -61.52
C ILE H 3040 73.57 100.29 -60.79
N THR H 3041 74.84 100.53 -61.10
CA THR H 3041 75.55 101.64 -60.49
C THR H 3041 74.88 102.96 -60.82
N SER H 3042 74.51 103.14 -62.09
CA SER H 3042 73.85 104.37 -62.49
C SER H 3042 72.51 104.53 -61.79
N LEU H 3043 71.78 103.42 -61.62
CA LEU H 3043 70.52 103.47 -60.89
C LEU H 3043 70.74 103.96 -59.47
N PHE H 3044 71.75 103.41 -58.79
CA PHE H 3044 72.02 103.84 -57.43
C PHE H 3044 72.35 105.32 -57.38
N CYS H 3045 73.23 105.77 -58.26
CA CYS H 3045 73.62 107.18 -58.24
C CYS H 3045 72.43 108.08 -58.52
N LYS H 3046 71.59 107.71 -59.50
CA LYS H 3046 70.45 108.54 -59.85
C LYS H 3046 69.45 108.61 -58.72
N LEU H 3047 69.18 107.48 -58.06
CA LEU H 3047 68.24 107.50 -56.94
C LEU H 3047 68.78 108.33 -55.78
N ALA H 3048 70.07 108.22 -55.49
CA ALA H 3048 70.66 109.03 -54.43
C ALA H 3048 70.53 110.51 -54.76
N ALA H 3049 70.84 110.89 -56.01
CA ALA H 3049 70.71 112.27 -56.42
C ALA H 3049 69.27 112.74 -56.29
N LEU H 3050 68.32 111.88 -56.68
CA LEU H 3050 66.91 112.22 -56.55
C LEU H 3050 66.54 112.53 -55.11
N VAL H 3051 67.01 111.69 -54.18
CA VAL H 3051 66.66 111.87 -52.77
C VAL H 3051 67.39 113.02 -52.11
N ARG H 3052 68.54 113.44 -52.65
CA ARG H 3052 69.36 114.43 -51.98
C ARG H 3052 68.53 115.65 -51.58
N HIS H 3053 68.52 115.96 -50.27
CA HIS H 3053 67.87 117.16 -49.75
C HIS H 3053 66.39 117.20 -50.09
N ARG H 3054 65.76 116.04 -50.27
CA ARG H 3054 64.35 115.99 -50.66
C ARG H 3054 63.62 114.87 -49.95
N VAL H 3055 64.00 114.57 -48.71
CA VAL H 3055 63.35 113.48 -47.98
C VAL H 3055 61.90 113.82 -47.69
N SER H 3056 61.63 115.08 -47.29
CA SER H 3056 60.27 115.46 -46.95
C SER H 3056 59.32 115.28 -48.12
N LEU H 3057 59.76 115.66 -49.33
CA LEU H 3057 58.92 115.53 -50.50
C LEU H 3057 58.37 114.11 -50.63
N PHE H 3058 59.24 113.11 -50.47
CA PHE H 3058 58.77 111.73 -50.48
C PHE H 3058 57.92 111.43 -49.25
N GLY H 3059 58.26 112.02 -48.12
CA GLY H 3059 57.43 111.85 -46.93
C GLY H 3059 57.42 110.39 -46.46
N THR H 3060 56.23 109.81 -46.39
CA THR H 3060 56.08 108.48 -45.83
C THR H 3060 56.83 107.42 -46.62
N ASP H 3061 57.18 107.70 -47.88
CA ASP H 3061 57.93 106.75 -48.69
C ASP H 3061 59.44 106.88 -48.52
N ALA H 3062 59.90 107.90 -47.80
CA ALA H 3062 61.34 108.07 -47.61
C ALA H 3062 61.99 106.83 -47.01
N PRO H 3063 61.40 106.16 -46.02
CA PRO H 3063 62.00 104.91 -45.54
C PRO H 3063 62.19 103.90 -46.66
N ALA H 3064 61.20 103.80 -47.55
CA ALA H 3064 61.29 102.88 -48.66
C ALA H 3064 62.43 103.25 -49.59
N VAL H 3065 62.58 104.54 -49.88
CA VAL H 3065 63.65 104.96 -50.77
C VAL H 3065 65.00 104.67 -50.14
N VAL H 3066 65.13 104.92 -48.84
CA VAL H 3066 66.39 104.66 -48.16
C VAL H 3066 66.70 103.17 -48.18
N ASN H 3067 65.68 102.33 -47.97
CA ASN H 3067 65.91 100.89 -48.03
C ASN H 3067 66.37 100.46 -49.42
N CYS H 3068 65.76 101.03 -50.46
CA CYS H 3068 66.19 100.72 -51.82
C CYS H 3068 67.64 101.15 -52.02
N LEU H 3069 68.02 102.31 -51.49
CA LEU H 3069 69.40 102.75 -51.61
C LEU H 3069 70.34 101.78 -50.91
N HIS H 3070 69.96 101.29 -49.73
CA HIS H 3070 70.78 100.31 -49.03
C HIS H 3070 70.97 99.06 -49.88
N ILE H 3071 69.88 98.57 -50.48
CA ILE H 3071 69.96 97.34 -51.27
C ILE H 3071 70.88 97.55 -52.46
N LEU H 3072 70.71 98.66 -53.17
CA LEU H 3072 71.55 98.91 -54.33
C LEU H 3072 73.01 99.05 -53.93
N ALA H 3073 73.28 99.76 -52.83
CA ALA H 3073 74.65 99.91 -52.36
C ALA H 3073 75.28 98.57 -52.06
N ARG H 3074 74.52 97.67 -51.43
CA ARG H 3074 75.04 96.33 -51.16
C ARG H 3074 75.10 95.46 -52.41
N SER H 3075 74.47 95.87 -53.51
CA SER H 3075 74.51 95.10 -54.75
C SER H 3075 75.41 95.74 -55.81
N LEU H 3076 76.14 96.80 -55.47
CA LEU H 3076 76.92 97.57 -56.44
C LEU H 3076 78.31 96.94 -56.60
N ASP H 3077 78.75 96.75 -57.85
CA ASP H 3077 80.08 96.21 -58.17
C ASP H 3077 81.01 97.36 -58.56
N ALA H 3078 81.47 98.08 -57.53
CA ALA H 3078 82.26 99.27 -57.76
C ALA H 3078 83.59 98.94 -58.43
N ARG H 3079 84.23 97.84 -58.04
CA ARG H 3079 85.52 97.49 -58.62
C ARG H 3079 85.43 97.45 -60.15
N THR H 3080 84.56 96.59 -60.68
CA THR H 3080 84.44 96.46 -62.12
C THR H 3080 83.99 97.78 -62.74
N VAL H 3081 83.00 98.43 -62.14
CA VAL H 3081 82.46 99.64 -62.75
C VAL H 3081 83.56 100.69 -62.91
N MET H 3082 84.41 100.84 -61.89
CA MET H 3082 85.48 101.83 -61.96
C MET H 3082 86.58 101.40 -62.91
N LYS H 3083 86.99 100.14 -62.83
CA LYS H 3083 88.12 99.68 -63.64
C LYS H 3083 87.81 99.77 -65.12
N SER H 3084 86.60 99.38 -65.53
CA SER H 3084 86.20 99.41 -66.92
C SER H 3084 84.73 99.79 -66.99
N GLY H 3085 84.45 101.04 -67.33
CA GLY H 3085 83.09 101.51 -67.44
C GLY H 3085 83.01 102.85 -68.14
N PRO H 3086 81.81 103.22 -68.58
CA PRO H 3086 81.65 104.52 -69.25
C PRO H 3086 82.03 105.68 -68.34
N GLU H 3087 82.64 106.69 -68.95
CA GLU H 3087 83.00 107.88 -68.19
C GLU H 3087 81.77 108.51 -67.54
N ILE H 3088 80.61 108.34 -68.15
CA ILE H 3088 79.39 108.91 -67.57
C ILE H 3088 79.08 108.24 -66.23
N VAL H 3089 79.12 106.91 -66.19
CA VAL H 3089 78.85 106.19 -64.95
C VAL H 3089 79.91 106.51 -63.92
N LYS H 3090 81.18 106.53 -64.34
CA LYS H 3090 82.25 106.82 -63.40
C LYS H 3090 82.07 108.21 -62.79
N ALA H 3091 81.76 109.20 -63.62
CA ALA H 3091 81.52 110.54 -63.12
C ALA H 3091 80.31 110.59 -62.20
N GLY H 3092 79.29 109.80 -62.49
CA GLY H 3092 78.14 109.76 -61.62
C GLY H 3092 78.51 109.29 -60.22
N LEU H 3093 79.27 108.22 -60.13
CA LEU H 3093 79.66 107.70 -58.82
C LEU H 3093 80.58 108.69 -58.10
N ARG H 3094 81.52 109.28 -58.83
CA ARG H 3094 82.41 110.26 -58.23
C ARG H 3094 81.62 111.45 -57.71
N SER H 3095 80.63 111.91 -58.47
CA SER H 3095 79.79 113.01 -58.02
C SER H 3095 78.99 112.63 -56.78
N PHE H 3096 78.52 111.38 -56.71
CA PHE H 3096 77.85 110.94 -55.50
C PHE H 3096 78.76 111.11 -54.29
N PHE H 3097 79.99 110.60 -54.39
CA PHE H 3097 80.90 110.71 -53.25
C PHE H 3097 81.20 112.16 -52.91
N GLU H 3098 81.41 113.00 -53.94
CA GLU H 3098 81.75 114.39 -53.70
C GLU H 3098 80.61 115.13 -53.01
N SER H 3099 79.38 114.88 -53.48
CA SER H 3099 78.21 115.51 -52.86
C SER H 3099 78.03 115.02 -51.42
N ALA H 3100 78.28 113.74 -51.18
CA ALA H 3100 78.20 113.22 -49.81
C ALA H 3100 79.19 113.94 -48.91
N SER H 3101 80.42 114.13 -49.39
CA SER H 3101 81.43 114.83 -48.59
C SER H 3101 80.99 116.25 -48.29
N GLU H 3102 80.46 116.94 -49.30
CA GLU H 3102 80.00 118.32 -49.08
C GLU H 3102 78.89 118.37 -48.04
N ASP H 3103 77.92 117.46 -48.16
CA ASP H 3103 76.81 117.46 -47.21
C ASP H 3103 77.29 117.16 -45.80
N ILE H 3104 78.24 116.24 -45.66
CA ILE H 3104 78.77 115.93 -44.34
C ILE H 3104 79.47 117.14 -43.76
N GLU H 3105 80.23 117.87 -44.58
CA GLU H 3105 80.90 119.07 -44.08
C GLU H 3105 79.88 120.10 -43.61
N LYS H 3106 78.82 120.31 -44.38
CA LYS H 3106 77.79 121.26 -43.98
C LYS H 3106 77.13 120.84 -42.69
N MET H 3107 76.82 119.55 -42.55
CA MET H 3107 76.22 119.07 -41.31
C MET H 3107 77.15 119.30 -40.14
N VAL H 3108 78.45 119.04 -40.33
CA VAL H 3108 79.40 119.20 -39.24
C VAL H 3108 79.48 120.65 -38.79
N GLU H 3109 79.57 121.57 -39.75
CA GLU H 3109 79.67 122.98 -39.37
C GLU H 3109 78.39 123.45 -38.69
N ASN H 3110 77.23 123.02 -39.19
CA ASN H 3110 75.98 123.41 -38.55
C ASN H 3110 75.91 122.88 -37.12
N LEU H 3111 76.29 121.62 -36.91
CA LEU H 3111 76.29 121.07 -35.56
C LEU H 3111 77.24 121.85 -34.66
N ARG H 3112 78.42 122.19 -35.19
CA ARG H 3112 79.35 123.00 -34.42
C ARG H 3112 78.76 124.37 -34.08
N LEU H 3113 77.84 124.84 -34.91
CA LEU H 3113 77.18 126.12 -34.67
C LEU H 3113 78.20 127.25 -34.63
N LYS H 3124 65.72 126.39 -41.73
CA LYS H 3124 65.49 126.19 -43.16
C LYS H 3124 66.47 125.16 -43.73
N GLY H 3125 67.32 125.58 -44.67
CA GLY H 3125 68.34 124.69 -45.20
C GLY H 3125 69.06 123.92 -44.12
N VAL H 3126 69.25 124.53 -42.94
CA VAL H 3126 69.92 123.83 -41.85
C VAL H 3126 69.13 122.59 -41.45
N GLY H 3127 67.83 122.75 -41.21
CA GLY H 3127 67.01 121.61 -40.83
C GLY H 3127 66.90 120.60 -41.95
N GLN H 3128 66.73 121.07 -43.17
CA GLN H 3128 66.65 120.16 -44.31
C GLN H 3128 67.91 119.30 -44.39
N ASN H 3129 69.07 119.94 -44.35
CA ASN H 3129 70.33 119.21 -44.46
C ASN H 3129 70.53 118.26 -43.30
N LEU H 3130 70.22 118.70 -42.08
CA LEU H 3130 70.40 117.83 -40.92
C LEU H 3130 69.55 116.58 -41.05
N THR H 3131 68.26 116.76 -41.39
CA THR H 3131 67.38 115.62 -41.54
C THR H 3131 67.86 114.70 -42.66
N TYR H 3132 68.25 115.28 -43.80
CA TYR H 3132 68.69 114.46 -44.91
C TYR H 3132 69.90 113.64 -44.53
N THR H 3133 70.93 114.26 -43.98
CA THR H 3133 72.15 113.53 -43.66
C THR H 3133 71.91 112.49 -42.57
N THR H 3134 71.09 112.84 -41.56
CA THR H 3134 70.90 111.90 -40.46
C THR H 3134 69.90 110.80 -40.77
N VAL H 3135 69.15 110.89 -41.87
CA VAL H 3135 68.18 109.87 -42.21
C VAL H 3135 68.57 109.05 -43.43
N ALA H 3136 69.18 109.65 -44.46
CA ALA H 3136 69.47 108.93 -45.68
C ALA H 3136 70.97 108.79 -45.91
N LEU H 3137 71.70 109.90 -45.91
CA LEU H 3137 73.11 109.88 -46.28
C LEU H 3137 73.92 108.97 -45.36
N LEU H 3138 73.96 109.29 -44.07
CA LEU H 3138 74.85 108.60 -43.16
C LEU H 3138 74.60 107.10 -43.20
N PRO H 3139 73.35 106.64 -43.11
CA PRO H 3139 73.11 105.20 -43.25
C PRO H 3139 73.54 104.64 -44.58
N VAL H 3140 73.17 105.29 -45.69
CA VAL H 3140 73.52 104.78 -47.01
C VAL H 3140 75.03 104.82 -47.22
N LEU H 3141 75.66 105.92 -46.81
CA LEU H 3141 77.11 106.02 -46.96
C LEU H 3141 77.83 104.96 -46.13
N THR H 3142 77.34 104.72 -44.91
CA THR H 3142 77.91 103.67 -44.07
C THR H 3142 77.77 102.31 -44.74
N THR H 3143 76.60 102.03 -45.30
CA THR H 3143 76.40 100.74 -45.97
C THR H 3143 77.32 100.60 -47.17
N LEU H 3144 77.50 101.67 -47.94
CA LEU H 3144 78.39 101.61 -49.09
C LEU H 3144 79.82 101.34 -48.66
N PHE H 3145 80.28 102.04 -47.62
CA PHE H 3145 81.65 101.83 -47.15
C PHE H 3145 81.83 100.42 -46.61
N GLN H 3146 80.83 99.91 -45.88
CA GLN H 3146 80.92 98.54 -45.37
C GLN H 3146 80.99 97.54 -46.52
N HIS H 3147 80.19 97.76 -47.56
CA HIS H 3147 80.22 96.87 -48.72
C HIS H 3147 81.60 96.89 -49.38
N ILE H 3148 82.16 98.08 -49.58
CA ILE H 3148 83.49 98.18 -50.18
C ILE H 3148 84.51 97.47 -49.33
N ALA H 3149 84.48 97.68 -48.02
CA ALA H 3149 85.44 97.05 -47.13
C ALA H 3149 85.31 95.53 -47.17
N GLN H 3150 84.08 95.03 -47.15
CA GLN H 3150 83.88 93.59 -47.16
C GLN H 3150 84.40 92.95 -48.43
N HIS H 3151 84.15 93.58 -49.58
CA HIS H 3151 84.57 93.01 -50.85
C HIS H 3151 85.96 93.46 -51.29
N GLN H 3152 86.68 94.18 -50.43
CA GLN H 3152 88.04 94.61 -50.75
C GLN H 3152 88.08 95.40 -52.05
N PHE H 3153 87.07 96.25 -52.23
CA PHE H 3153 87.04 97.16 -53.37
C PHE H 3153 87.78 98.46 -53.10
N GLY H 3154 88.29 98.67 -51.88
CA GLY H 3154 88.90 99.93 -51.56
C GLY H 3154 90.10 100.26 -52.43
N ASP H 3155 90.92 99.26 -52.73
CA ASP H 3155 92.11 99.47 -53.55
C ASP H 3155 91.76 99.82 -54.99
N ASP H 3156 90.50 99.67 -55.40
CA ASP H 3156 90.09 99.94 -56.77
C ASP H 3156 89.09 101.08 -56.89
N VAL H 3157 88.33 101.38 -55.85
CA VAL H 3157 87.26 102.37 -55.94
C VAL H 3157 87.72 103.70 -55.35
N ILE H 3158 88.31 103.65 -54.17
CA ILE H 3158 88.66 104.88 -53.46
C ILE H 3158 90.02 105.35 -53.95
N LEU H 3159 90.04 106.03 -55.09
CA LEU H 3159 91.25 106.60 -55.65
C LEU H 3159 90.95 107.96 -56.24
N ASP H 3160 91.99 108.80 -56.30
CA ASP H 3160 91.93 110.08 -57.00
C ASP H 3160 90.80 110.91 -56.38
N ASP H 3161 89.81 111.36 -57.16
CA ASP H 3161 88.79 112.27 -56.64
C ASP H 3161 88.01 111.61 -55.51
N VAL H 3162 87.70 110.33 -55.65
CA VAL H 3162 87.00 109.62 -54.59
C VAL H 3162 87.84 109.61 -53.32
N GLN H 3163 89.15 109.44 -53.46
CA GLN H 3163 90.04 109.47 -52.30
C GLN H 3163 90.02 110.84 -51.64
N VAL H 3164 90.02 111.90 -52.45
CA VAL H 3164 89.96 113.25 -51.87
C VAL H 3164 88.66 113.45 -51.13
N SER H 3165 87.55 113.01 -51.71
CA SER H 3165 86.27 113.15 -51.04
C SER H 3165 86.24 112.38 -49.73
N CYS H 3166 86.84 111.19 -49.71
CA CYS H 3166 86.89 110.41 -48.49
C CYS H 3166 87.78 111.07 -47.44
N TYR H 3167 88.89 111.68 -47.84
CA TYR H 3167 89.65 112.51 -46.91
C TYR H 3167 88.77 113.58 -46.30
N ARG H 3168 88.01 114.30 -47.13
CA ARG H 3168 87.20 115.38 -46.59
C ARG H 3168 86.17 114.85 -45.60
N THR H 3169 85.49 113.75 -45.95
CA THR H 3169 84.49 113.17 -45.05
C THR H 3169 85.13 112.74 -43.74
N LEU H 3170 86.22 111.97 -43.81
CA LEU H 3170 86.91 111.50 -42.62
C LEU H 3170 87.33 112.66 -41.73
N CYS H 3171 87.97 113.66 -42.33
CA CYS H 3171 88.51 114.77 -41.56
C CYS H 3171 87.43 115.62 -40.93
N SER H 3172 86.29 115.81 -41.60
CA SER H 3172 85.18 116.54 -41.00
C SER H 3172 84.55 115.76 -39.85
N ILE H 3173 84.29 114.46 -40.05
CA ILE H 3173 83.67 113.68 -38.98
C ILE H 3173 84.57 113.66 -37.76
N TYR H 3174 85.86 113.44 -37.95
CA TYR H 3174 86.76 113.44 -36.80
C TYR H 3174 86.87 114.83 -36.19
N SER H 3175 87.03 115.86 -37.01
CA SER H 3175 87.16 117.21 -36.48
C SER H 3175 85.95 117.61 -35.66
N LEU H 3176 84.79 117.02 -35.92
CA LEU H 3176 83.62 117.27 -35.07
C LEU H 3176 83.86 116.92 -33.61
N GLY H 3177 84.95 116.22 -33.28
CA GLY H 3177 85.12 115.75 -31.92
C GLY H 3177 85.16 116.87 -30.88
N THR H 3178 85.78 117.99 -31.24
CA THR H 3178 85.98 119.06 -30.24
C THR H 3178 84.65 119.57 -29.71
N THR H 3179 83.59 119.48 -30.50
CA THR H 3179 82.30 120.01 -30.10
C THR H 3179 81.67 119.13 -29.02
N ARG H 3180 80.85 119.76 -28.17
CA ARG H 3180 80.19 119.06 -27.06
C ARG H 3180 78.71 119.42 -26.96
N ASN H 3181 78.04 119.65 -28.09
CA ASN H 3181 76.65 120.06 -28.04
C ASN H 3181 75.75 118.84 -27.79
N PRO H 3182 74.55 119.05 -27.25
CA PRO H 3182 73.63 117.92 -27.07
C PRO H 3182 73.27 117.24 -28.38
N TYR H 3183 73.18 117.99 -29.47
CA TYR H 3183 72.91 117.37 -30.77
C TYR H 3183 74.02 116.40 -31.14
N VAL H 3184 75.26 116.80 -30.94
CA VAL H 3184 76.39 115.89 -31.13
C VAL H 3184 76.24 114.69 -30.19
N GLU H 3185 75.83 114.94 -28.95
CA GLU H 3185 75.70 113.83 -28.01
C GLU H 3185 74.75 112.77 -28.54
N LYS H 3186 73.83 113.15 -29.42
CA LYS H 3186 72.91 112.21 -30.03
C LYS H 3186 73.44 111.63 -31.33
N LEU H 3187 74.20 112.40 -32.09
CA LEU H 3187 74.68 111.95 -33.39
C LEU H 3187 75.99 111.18 -33.35
N ARG H 3188 76.68 111.16 -32.20
CA ARG H 3188 78.00 110.52 -32.14
C ARG H 3188 77.97 109.08 -32.61
N PRO H 3189 77.00 108.25 -32.21
CA PRO H 3189 77.03 106.84 -32.62
C PRO H 3189 77.05 106.63 -34.12
N ALA H 3190 76.16 107.31 -34.84
CA ALA H 3190 76.09 107.14 -36.28
C ALA H 3190 77.37 107.61 -36.95
N LEU H 3191 77.89 108.75 -36.52
CA LEU H 3191 79.14 109.25 -37.08
C LEU H 3191 80.29 108.29 -36.80
N GLY H 3192 80.32 107.70 -35.60
CA GLY H 3192 81.38 106.75 -35.29
C GLY H 3192 81.30 105.51 -36.15
N GLU H 3193 80.09 104.99 -36.36
CA GLU H 3193 79.95 103.82 -37.23
C GLU H 3193 80.38 104.14 -38.66
N CYS H 3194 79.97 105.31 -39.17
CA CYS H 3194 80.37 105.70 -40.51
C CYS H 3194 81.88 105.83 -40.61
N LEU H 3195 82.51 106.43 -39.60
CA LEU H 3195 83.96 106.58 -39.62
C LEU H 3195 84.65 105.24 -39.55
N ALA H 3196 84.12 104.30 -38.76
CA ALA H 3196 84.71 102.98 -38.68
C ALA H 3196 84.68 102.30 -40.04
N ARG H 3197 83.53 102.35 -40.71
CA ARG H 3197 83.45 101.73 -42.03
C ARG H 3197 84.38 102.43 -43.02
N LEU H 3198 84.44 103.76 -42.96
CA LEU H 3198 85.33 104.49 -43.86
C LEU H 3198 86.78 104.10 -43.63
N ALA H 3199 87.18 103.95 -42.37
CA ALA H 3199 88.55 103.54 -42.07
C ALA H 3199 88.81 102.12 -42.57
N ALA H 3200 87.82 101.25 -42.45
CA ALA H 3200 87.96 99.90 -42.98
C ALA H 3200 88.08 99.88 -44.49
N ALA H 3201 87.50 100.87 -45.17
CA ALA H 3201 87.49 100.87 -46.64
C ALA H 3201 88.64 101.64 -47.26
N MET H 3202 89.09 102.73 -46.64
CA MET H 3202 90.04 103.64 -47.24
C MET H 3202 91.37 102.92 -47.50
N PRO H 3203 91.98 103.08 -48.67
CA PRO H 3203 93.19 102.34 -49.01
C PRO H 3203 94.50 103.02 -48.63
N VAL H 3204 94.47 104.08 -47.83
CA VAL H 3204 95.67 104.81 -47.44
C VAL H 3204 95.75 104.87 -45.93
N ALA H 3205 96.94 104.64 -45.40
CA ALA H 3205 97.18 104.70 -43.95
C ALA H 3205 97.20 106.16 -43.53
N PHE H 3206 96.00 106.74 -43.39
CA PHE H 3206 95.91 108.16 -43.07
C PHE H 3206 96.47 108.48 -41.69
N LEU H 3207 96.62 107.48 -40.83
CA LEU H 3207 97.24 107.70 -39.53
C LEU H 3207 98.76 107.48 -39.55
N GLU H 3208 99.32 107.12 -40.71
CA GLU H 3208 100.75 106.90 -40.85
C GLU H 3208 101.23 107.62 -42.09
N PRO H 3209 101.14 108.94 -42.12
CA PRO H 3209 101.57 109.68 -43.31
C PRO H 3209 103.05 109.53 -43.60
N GLU H 3210 103.87 109.22 -42.61
CA GLU H 3210 105.31 109.15 -42.82
C GLU H 3210 105.67 108.09 -43.85
N LEU H 3211 105.02 106.94 -43.77
CA LEU H 3211 105.29 105.82 -44.66
C LEU H 3211 104.38 105.81 -45.88
N ASN H 3212 103.93 106.99 -46.32
CA ASN H 3212 103.01 107.03 -47.45
C ASN H 3212 103.74 106.90 -48.79
N GLU H 3213 105.06 107.02 -48.79
CA GLU H 3213 105.80 106.95 -50.05
C GLU H 3213 105.61 105.60 -50.73
N TYR H 3214 105.38 104.54 -49.96
CA TYR H 3214 105.29 103.19 -50.49
C TYR H 3214 103.86 102.76 -50.79
N ASN H 3215 102.90 103.67 -50.69
CA ASN H 3215 101.51 103.35 -50.96
C ASN H 3215 101.22 103.58 -52.44
N ALA H 3216 100.88 102.52 -53.16
CA ALA H 3216 100.58 102.60 -54.58
C ALA H 3216 99.16 103.08 -54.86
N CYS H 3217 98.32 103.19 -53.83
CA CYS H 3217 96.95 103.66 -54.00
C CYS H 3217 96.78 105.12 -53.62
N SER H 3218 97.76 105.72 -52.96
CA SER H 3218 97.65 107.11 -52.55
C SER H 3218 97.60 108.02 -53.77
N VAL H 3219 96.78 109.06 -53.69
CA VAL H 3219 96.70 110.03 -54.78
C VAL H 3219 98.07 110.66 -55.01
N TYR H 3220 98.84 110.85 -53.94
CA TYR H 3220 100.16 111.47 -54.08
C TYR H 3220 101.11 110.63 -54.91
N THR H 3221 100.79 109.36 -55.14
CA THR H 3221 101.56 108.50 -56.01
C THR H 3221 100.90 108.31 -57.37
N THR H 3222 99.58 108.08 -57.38
CA THR H 3222 98.89 107.88 -58.66
C THR H 3222 98.96 109.13 -59.53
N LYS H 3223 98.77 110.29 -58.94
CA LYS H 3223 98.85 111.55 -59.67
C LYS H 3223 100.28 112.07 -59.66
N SER H 3224 100.56 112.97 -60.61
CA SER H 3224 101.88 113.55 -60.75
C SER H 3224 101.96 114.89 -60.01
N PRO H 3225 103.16 115.32 -59.61
CA PRO H 3225 103.28 116.64 -58.97
C PRO H 3225 102.77 117.77 -59.84
N ARG H 3226 102.95 117.67 -61.15
CA ARG H 3226 102.34 118.66 -62.05
C ARG H 3226 100.84 118.71 -61.82
N GLU H 3227 100.19 117.56 -61.85
CA GLU H 3227 98.80 117.45 -61.39
C GLU H 3227 98.79 117.56 -59.88
N ARG H 3228 97.62 117.45 -59.26
CA ARG H 3228 97.47 117.54 -57.81
C ARG H 3228 97.63 119.00 -57.38
N ALA H 3229 98.03 119.87 -58.31
CA ALA H 3229 98.00 121.31 -58.06
C ALA H 3229 96.91 121.97 -58.87
N ILE H 3230 96.56 121.39 -60.02
CA ILE H 3230 95.36 121.81 -60.73
C ILE H 3230 94.14 121.56 -59.86
N LEU H 3231 94.24 120.61 -58.93
CA LEU H 3231 93.28 120.47 -57.85
C LEU H 3231 93.82 121.23 -56.62
N GLY H 3232 93.05 121.22 -55.55
CA GLY H 3232 93.44 121.89 -54.33
C GLY H 3232 94.29 121.06 -53.39
N LEU H 3233 94.81 119.94 -53.85
CA LEU H 3233 95.57 119.05 -52.98
C LEU H 3233 96.80 119.77 -52.47
N PRO H 3234 97.13 119.66 -51.18
CA PRO H 3234 98.34 120.30 -50.66
C PRO H 3234 99.60 119.57 -51.12
N ASN H 3235 100.73 120.24 -50.93
CA ASN H 3235 102.00 119.69 -51.40
C ASN H 3235 102.36 118.39 -50.68
N SER H 3236 102.11 118.33 -49.38
CA SER H 3236 102.51 117.20 -48.56
C SER H 3236 101.28 116.44 -48.08
N VAL H 3237 101.39 115.12 -48.01
CA VAL H 3237 100.28 114.29 -47.56
C VAL H 3237 99.91 114.64 -46.13
N GLU H 3238 100.92 114.95 -45.30
CA GLU H 3238 100.64 115.36 -43.93
C GLU H 3238 99.67 116.53 -43.89
N GLU H 3239 99.75 117.40 -44.90
CA GLU H 3239 98.95 118.62 -44.91
C GLU H 3239 97.53 118.42 -45.42
N MET H 3240 97.14 117.19 -45.75
CA MET H 3240 95.75 116.98 -46.15
C MET H 3240 94.81 117.53 -45.10
N CYS H 3241 95.01 117.13 -43.84
CA CYS H 3241 94.52 117.89 -42.70
C CYS H 3241 95.17 117.35 -41.43
N PRO H 3242 95.78 118.21 -40.61
CA PRO H 3242 96.53 117.71 -39.44
C PRO H 3242 95.70 117.51 -38.18
N ASP H 3243 94.38 117.66 -38.25
CA ASP H 3243 93.57 117.52 -37.04
C ASP H 3243 93.67 116.12 -36.46
N ILE H 3244 93.66 115.10 -37.30
CA ILE H 3244 93.78 113.73 -36.81
C ILE H 3244 95.22 113.48 -36.38
N PRO H 3245 95.46 113.03 -35.14
CA PRO H 3245 96.83 112.72 -34.73
C PRO H 3245 97.35 111.46 -35.42
N VAL H 3246 98.66 111.33 -35.42
CA VAL H 3246 99.27 110.13 -35.99
C VAL H 3246 98.98 108.93 -35.08
N LEU H 3247 99.27 107.73 -35.61
CA LEU H 3247 98.90 106.51 -34.90
C LEU H 3247 99.57 106.43 -33.53
N GLU H 3248 100.86 106.75 -33.47
CA GLU H 3248 101.57 106.63 -32.19
C GLU H 3248 100.96 107.54 -31.14
N ARG H 3249 100.74 108.82 -31.50
CA ARG H 3249 100.16 109.74 -30.53
C ARG H 3249 98.75 109.32 -30.13
N LEU H 3250 97.96 108.86 -31.09
CA LEU H 3250 96.59 108.46 -30.77
C LEU H 3250 96.58 107.27 -29.82
N MET H 3251 97.43 106.28 -30.07
CA MET H 3251 97.53 105.13 -29.18
C MET H 3251 98.00 105.56 -27.81
N ALA H 3252 98.98 106.46 -27.75
CA ALA H 3252 99.47 106.94 -26.46
C ALA H 3252 98.37 107.63 -25.68
N GLU H 3253 97.57 108.46 -26.36
CA GLU H 3253 96.48 109.15 -25.67
C GLU H 3253 95.45 108.17 -25.15
N ILE H 3254 95.09 107.18 -25.96
CA ILE H 3254 94.10 106.20 -25.50
C ILE H 3254 94.64 105.44 -24.30
N GLY H 3255 95.90 105.01 -24.35
CA GLY H 3255 96.48 104.32 -23.22
C GLY H 3255 96.52 105.19 -21.98
N GLY H 3256 96.85 106.48 -22.15
CA GLY H 3256 96.87 107.38 -21.01
C GLY H 3256 95.52 107.52 -20.38
N LEU H 3257 94.47 107.69 -21.19
CA LEU H 3257 93.13 107.76 -20.65
C LEU H 3257 92.75 106.49 -19.91
N ALA H 3258 93.02 105.33 -20.52
CA ALA H 3258 92.65 104.07 -19.89
C ALA H 3258 93.35 103.89 -18.56
N GLU H 3259 94.65 104.21 -18.50
CA GLU H 3259 95.37 104.09 -17.24
C GLU H 3259 94.89 105.09 -16.21
N SER H 3260 94.62 106.33 -16.62
CA SER H 3260 94.10 107.34 -15.71
C SER H 3260 92.70 106.99 -15.22
N GLY H 3261 92.01 106.06 -15.87
CA GLY H 3261 90.73 105.62 -15.37
C GLY H 3261 89.65 106.68 -15.45
N ALA H 3262 89.57 107.36 -16.58
CA ALA H 3262 88.51 108.33 -16.82
C ALA H 3262 87.19 107.61 -17.05
N ARG H 3263 86.11 108.37 -16.92
CA ARG H 3263 84.76 107.86 -17.15
C ARG H 3263 84.30 108.25 -18.56
N TYR H 3264 83.17 107.66 -18.98
CA TYR H 3264 82.67 107.92 -20.32
C TYR H 3264 82.45 109.41 -20.55
N THR H 3265 82.10 110.15 -19.50
CA THR H 3265 81.82 111.56 -19.67
C THR H 3265 83.06 112.33 -20.10
N GLU H 3266 84.22 111.96 -19.58
CA GLU H 3266 85.43 112.75 -19.84
C GLU H 3266 85.92 112.58 -21.27
N MET H 3267 85.65 111.46 -21.91
CA MET H 3267 86.13 111.19 -23.27
C MET H 3267 85.00 110.62 -24.11
N PRO H 3268 83.95 111.39 -24.36
CA PRO H 3268 82.88 110.89 -25.23
C PRO H 3268 83.36 110.62 -26.64
N HIS H 3269 84.24 111.50 -27.14
CA HIS H 3269 84.73 111.36 -28.51
C HIS H 3269 85.57 110.11 -28.67
N VAL H 3270 86.47 109.84 -27.72
CA VAL H 3270 87.36 108.70 -27.86
C VAL H 3270 86.56 107.40 -27.88
N ILE H 3271 85.55 107.30 -27.01
CA ILE H 3271 84.83 106.05 -26.87
C ILE H 3271 83.85 105.84 -28.03
N GLU H 3272 83.41 106.92 -28.67
CA GLU H 3272 82.37 106.83 -29.68
C GLU H 3272 82.89 106.86 -31.11
N ILE H 3273 84.02 107.53 -31.37
CA ILE H 3273 84.48 107.73 -32.72
C ILE H 3273 85.91 107.23 -32.89
N THR H 3274 86.83 107.72 -32.06
CA THR H 3274 88.23 107.36 -32.23
C THR H 3274 88.42 105.85 -32.10
N LEU H 3275 87.91 105.26 -31.02
CA LEU H 3275 88.12 103.83 -30.80
C LEU H 3275 87.49 102.98 -31.90
N PRO H 3276 86.24 103.20 -32.30
CA PRO H 3276 85.71 102.45 -33.44
C PRO H 3276 86.52 102.64 -34.71
N MET H 3277 87.11 103.82 -34.92
CA MET H 3277 87.94 104.02 -36.09
C MET H 3277 89.18 103.13 -36.04
N LEU H 3278 89.83 103.06 -34.87
CA LEU H 3278 91.02 102.22 -34.75
C LEU H 3278 90.68 100.74 -34.85
N CYS H 3279 89.58 100.32 -34.24
CA CYS H 3279 89.18 98.92 -34.30
C CYS H 3279 88.95 98.42 -35.71
N SER H 3280 88.91 99.31 -36.68
CA SER H 3280 88.81 98.94 -38.10
C SER H 3280 90.08 99.27 -38.86
N TYR H 3281 90.78 100.34 -38.47
CA TYR H 3281 92.03 100.69 -39.14
C TYR H 3281 93.11 99.65 -38.86
N LEU H 3282 93.27 99.26 -37.60
CA LEU H 3282 94.35 98.34 -37.25
C LEU H 3282 94.19 96.98 -37.89
N PRO H 3283 93.04 96.30 -37.82
CA PRO H 3283 92.92 95.00 -38.48
C PRO H 3283 93.20 95.07 -39.97
N ARG H 3284 92.77 96.14 -40.64
CA ARG H 3284 92.95 96.23 -42.08
C ARG H 3284 94.42 96.37 -42.45
N TRP H 3285 95.12 97.29 -41.78
CA TRP H 3285 96.51 97.56 -42.14
C TRP H 3285 97.48 96.57 -41.55
N TRP H 3286 97.08 95.79 -40.55
CA TRP H 3286 97.92 94.69 -40.10
C TRP H 3286 98.18 93.69 -41.21
N GLU H 3287 97.12 93.36 -41.96
CA GLU H 3287 97.26 92.39 -43.04
C GLU H 3287 98.27 92.85 -44.08
N ARG H 3288 98.36 94.17 -44.30
CA ARG H 3288 99.15 94.73 -45.37
C ARG H 3288 100.46 95.34 -44.88
N GLY H 3289 100.72 95.27 -43.58
CA GLY H 3289 101.96 95.76 -43.03
C GLY H 3289 102.92 94.63 -42.74
N PRO H 3290 104.00 94.91 -42.00
CA PRO H 3290 104.91 93.84 -41.63
C PRO H 3290 104.24 92.82 -40.73
N GLU H 3291 104.93 91.74 -40.39
CA GLU H 3291 104.35 90.71 -39.53
C GLU H 3291 103.03 90.21 -40.11
N ALA H 3292 103.02 90.01 -41.43
CA ALA H 3292 101.84 89.55 -42.13
C ALA H 3292 102.21 88.35 -43.01
N PRO H 3293 101.23 87.51 -43.35
CA PRO H 3293 101.47 86.48 -44.34
C PRO H 3293 102.30 87.03 -45.49
N PRO H 3294 103.49 86.49 -45.73
CA PRO H 3294 104.34 86.98 -46.82
C PRO H 3294 104.20 86.16 -48.09
N PRO H 3295 103.12 86.33 -48.87
CA PRO H 3295 103.09 85.71 -50.19
C PRO H 3295 103.86 86.49 -51.25
N ALA H 3296 104.05 87.80 -51.04
CA ALA H 3296 104.73 88.65 -52.01
C ALA H 3296 106.23 88.76 -51.78
N LEU H 3297 106.75 88.18 -50.70
CA LEU H 3297 108.19 88.25 -50.45
C LEU H 3297 109.04 87.69 -51.57
N PRO H 3298 108.65 86.62 -52.28
CA PRO H 3298 109.48 86.12 -53.37
C PRO H 3298 109.91 87.21 -54.33
N ALA H 3299 108.99 88.13 -54.63
CA ALA H 3299 109.34 89.29 -55.43
C ALA H 3299 109.99 90.36 -54.56
N GLY H 3300 110.56 91.37 -55.22
CA GLY H 3300 111.15 92.48 -54.49
C GLY H 3300 110.08 93.37 -53.90
N ALA H 3301 109.37 92.85 -52.90
CA ALA H 3301 108.23 93.56 -52.35
C ALA H 3301 108.67 94.92 -51.82
N PRO H 3302 107.98 96.00 -52.18
CA PRO H 3302 108.36 97.31 -51.66
C PRO H 3302 108.13 97.37 -50.17
N PRO H 3303 108.75 98.32 -49.47
CA PRO H 3303 108.57 98.42 -48.03
C PRO H 3303 107.09 98.55 -47.69
N PRO H 3304 106.64 97.92 -46.61
CA PRO H 3304 105.23 98.08 -46.23
C PRO H 3304 104.91 99.54 -45.93
N CYS H 3305 103.73 99.95 -46.36
CA CYS H 3305 103.32 101.34 -46.20
C CYS H 3305 102.89 101.67 -44.78
N THR H 3306 102.79 100.68 -43.90
CA THR H 3306 102.36 100.87 -42.53
C THR H 3306 103.32 100.19 -41.58
N ALA H 3307 103.08 100.39 -40.29
CA ALA H 3307 103.90 99.78 -39.24
C ALA H 3307 103.07 99.01 -38.22
N VAL H 3308 101.81 98.70 -38.55
CA VAL H 3308 100.94 98.02 -37.59
C VAL H 3308 101.46 96.62 -37.36
N THR H 3309 101.57 96.24 -36.08
CA THR H 3309 101.99 94.91 -35.67
C THR H 3309 101.01 94.37 -34.66
N SER H 3310 101.18 93.11 -34.28
CA SER H 3310 100.32 92.51 -33.28
C SER H 3310 100.37 93.29 -31.97
N ASP H 3311 101.48 93.99 -31.73
CA ASP H 3311 101.61 94.76 -30.50
C ASP H 3311 100.56 95.86 -30.42
N HIS H 3312 100.30 96.54 -31.53
CA HIS H 3312 99.29 97.59 -31.55
C HIS H 3312 97.92 97.02 -31.21
N LEU H 3313 97.57 95.90 -31.83
CA LEU H 3313 96.26 95.30 -31.57
C LEU H 3313 96.14 94.83 -30.13
N ASN H 3314 97.19 94.20 -29.60
CA ASN H 3314 97.16 93.76 -28.21
C ASN H 3314 96.98 94.94 -27.27
N SER H 3315 97.73 96.02 -27.51
CA SER H 3315 97.61 97.19 -26.66
C SER H 3315 96.22 97.80 -26.74
N LEU H 3316 95.65 97.88 -27.95
CA LEU H 3316 94.32 98.45 -28.08
C LEU H 3316 93.29 97.61 -27.34
N LEU H 3317 93.37 96.29 -27.48
CA LEU H 3317 92.41 95.44 -26.78
C LEU H 3317 92.55 95.56 -25.26
N GLY H 3318 93.79 95.60 -24.78
CA GLY H 3318 94.00 95.81 -23.35
C GLY H 3318 93.41 97.12 -22.88
N ASN H 3319 93.62 98.19 -23.66
CA ASN H 3319 93.09 99.50 -23.29
C ASN H 3319 91.56 99.48 -23.30
N ILE H 3320 90.95 98.83 -24.27
CA ILE H 3320 89.48 98.77 -24.31
C ILE H 3320 88.95 98.03 -23.09
N LEU H 3321 89.58 96.91 -22.74
CA LEU H 3321 89.15 96.19 -21.55
C LEU H 3321 89.32 97.06 -20.30
N ARG H 3322 90.43 97.78 -20.22
CA ARG H 3322 90.66 98.64 -19.05
C ARG H 3322 89.59 99.73 -18.97
N ILE H 3323 89.22 100.30 -20.12
CA ILE H 3323 88.21 101.36 -20.14
C ILE H 3323 86.86 100.81 -19.69
N ILE H 3324 86.48 99.63 -20.20
CA ILE H 3324 85.22 99.04 -19.78
C ILE H 3324 85.24 98.76 -18.29
N VAL H 3325 86.37 98.28 -17.77
CA VAL H 3325 86.48 98.05 -16.33
C VAL H 3325 86.29 99.35 -15.57
N ASN H 3326 86.93 100.42 -16.05
CA ASN H 3326 86.80 101.71 -15.38
C ASN H 3326 85.35 102.18 -15.34
N ASN H 3327 84.65 102.06 -16.45
CA ASN H 3327 83.25 102.47 -16.52
C ASN H 3327 82.31 101.37 -16.03
N LEU H 3328 82.86 100.33 -15.42
CA LEU H 3328 82.07 99.23 -14.93
C LEU H 3328 81.20 99.67 -13.76
N GLY H 3329 79.92 99.31 -13.80
CA GLY H 3329 78.98 99.55 -12.73
C GLY H 3329 78.13 100.79 -12.90
N ILE H 3330 78.48 101.66 -13.83
CA ILE H 3330 77.74 102.91 -14.04
C ILE H 3330 76.28 102.59 -14.35
N ASP H 3331 75.38 103.47 -13.91
CA ASP H 3331 73.95 103.23 -14.12
C ASP H 3331 73.60 103.22 -15.60
N GLU H 3332 74.13 104.18 -16.36
CA GLU H 3332 73.82 104.34 -17.78
C GLU H 3332 75.10 104.26 -18.59
N ALA H 3333 75.28 103.16 -19.32
CA ALA H 3333 76.45 102.97 -20.15
C ALA H 3333 76.08 102.34 -21.48
N SER H 3334 75.06 102.88 -22.15
CA SER H 3334 74.59 102.32 -23.42
C SER H 3334 75.69 102.17 -24.46
N TRP H 3335 76.85 102.78 -24.25
CA TRP H 3335 77.91 102.72 -25.26
C TRP H 3335 78.69 101.42 -25.20
N MET H 3336 78.60 100.68 -24.10
CA MET H 3336 79.38 99.45 -23.97
C MET H 3336 78.99 98.42 -25.04
N LYS H 3337 77.69 98.29 -25.32
CA LYS H 3337 77.28 97.30 -26.30
C LYS H 3337 77.88 97.60 -27.66
N ARG H 3338 77.90 98.87 -28.06
CA ARG H 3338 78.51 99.23 -29.35
C ARG H 3338 80.01 99.02 -29.32
N LEU H 3339 80.66 99.39 -28.21
CA LEU H 3339 82.11 99.27 -28.14
C LEU H 3339 82.55 97.81 -28.22
N ALA H 3340 81.83 96.92 -27.56
CA ALA H 3340 82.17 95.50 -27.61
C ALA H 3340 82.08 94.97 -29.03
N VAL H 3341 81.02 95.33 -29.74
CA VAL H 3341 80.86 94.87 -31.12
C VAL H 3341 81.96 95.42 -31.99
N PHE H 3342 82.33 96.69 -31.78
CA PHE H 3342 83.40 97.27 -32.58
C PHE H 3342 84.75 96.65 -32.27
N ALA H 3343 84.95 96.19 -31.03
CA ALA H 3343 86.25 95.65 -30.64
C ALA H 3343 86.34 94.15 -30.88
N GLN H 3344 85.24 93.48 -31.22
CA GLN H 3344 85.31 92.05 -31.51
C GLN H 3344 86.29 91.69 -32.63
N PRO H 3345 86.31 92.37 -33.78
CA PRO H 3345 87.18 91.94 -34.87
C PRO H 3345 88.66 91.92 -34.53
N ILE H 3346 89.07 92.74 -33.56
CA ILE H 3346 90.48 92.88 -33.22
C ILE H 3346 90.96 91.84 -32.22
N VAL H 3347 90.05 91.01 -31.68
CA VAL H 3347 90.45 90.05 -30.65
C VAL H 3347 91.30 88.93 -31.23
N SER H 3348 91.09 88.57 -32.50
CA SER H 3348 91.72 87.38 -33.04
C SER H 3348 93.24 87.41 -32.88
N ARG H 3349 93.84 88.61 -32.89
CA ARG H 3349 95.28 88.73 -32.78
C ARG H 3349 95.73 89.04 -31.36
N ALA H 3350 94.90 88.76 -30.37
CA ALA H 3350 95.29 88.97 -28.98
C ALA H 3350 96.44 88.04 -28.61
N ARG H 3351 97.23 88.48 -27.64
CA ARG H 3351 98.45 87.76 -27.26
C ARG H 3351 98.21 86.99 -25.97
N PRO H 3352 98.86 85.83 -25.76
CA PRO H 3352 98.50 85.00 -24.59
C PRO H 3352 98.58 85.70 -23.24
N GLU H 3353 99.54 86.60 -23.03
CA GLU H 3353 99.63 87.26 -21.74
C GLU H 3353 98.39 88.09 -21.43
N LEU H 3354 97.58 88.41 -22.44
CA LEU H 3354 96.38 89.18 -22.19
C LEU H 3354 95.50 88.51 -21.16
N LEU H 3355 95.44 87.18 -21.17
CA LEU H 3355 94.61 86.47 -20.20
C LEU H 3355 94.87 86.96 -18.79
N ARG H 3356 96.07 86.70 -18.29
CA ARG H 3356 96.39 87.08 -16.91
C ARG H 3356 96.44 88.58 -16.73
N SER H 3357 96.88 89.31 -17.75
CA SER H 3357 97.02 90.75 -17.60
C SER H 3357 95.67 91.42 -17.36
N HIS H 3358 94.67 91.11 -18.17
CA HIS H 3358 93.41 91.84 -18.16
C HIS H 3358 92.20 90.97 -17.86
N PHE H 3359 92.08 89.81 -18.51
CA PHE H 3359 90.81 89.09 -18.47
C PHE H 3359 90.54 88.53 -17.08
N ILE H 3360 91.56 87.98 -16.43
CA ILE H 3360 91.38 87.34 -15.13
C ILE H 3360 90.90 88.37 -14.10
N PRO H 3361 91.60 89.51 -13.93
CA PRO H 3361 91.11 90.49 -12.96
C PRO H 3361 89.72 91.01 -13.27
N THR H 3362 89.41 91.22 -14.56
CA THR H 3362 88.11 91.78 -14.93
C THR H 3362 86.98 90.82 -14.54
N ILE H 3363 87.10 89.56 -14.96
CA ILE H 3363 86.07 88.59 -14.63
C ILE H 3363 86.04 88.33 -13.14
N GLY H 3364 87.17 88.47 -12.46
CA GLY H 3364 87.16 88.34 -11.02
C GLY H 3364 86.32 89.42 -10.35
N ARG H 3365 86.51 90.67 -10.78
CA ARG H 3365 85.68 91.76 -10.28
C ARG H 3365 84.20 91.49 -10.58
N LEU H 3366 83.93 91.03 -11.79
CA LEU H 3366 82.54 90.80 -12.19
C LEU H 3366 81.91 89.69 -11.35
N ARG H 3367 82.67 88.63 -11.07
CA ARG H 3367 82.19 87.57 -10.20
C ARG H 3367 81.93 88.11 -8.80
N LYS H 3368 82.82 88.95 -8.29
CA LYS H 3368 82.62 89.52 -6.96
C LYS H 3368 81.32 90.31 -6.91
N ARG H 3369 81.06 91.12 -7.92
CA ARG H 3369 79.83 91.89 -7.96
C ARG H 3369 78.61 90.96 -8.01
N ALA H 3370 78.69 89.92 -8.83
CA ALA H 3370 77.59 88.98 -8.91
C ALA H 3370 77.32 88.34 -7.55
N GLY H 3371 78.38 87.95 -6.85
CA GLY H 3371 78.22 87.36 -5.54
C GLY H 3371 77.58 88.32 -4.54
N LYS H 3372 78.00 89.59 -4.57
CA LYS H 3372 77.40 90.57 -3.68
C LYS H 3372 75.91 90.72 -3.95
N VAL H 3373 75.53 90.82 -5.22
CA VAL H 3373 74.12 91.00 -5.54
C VAL H 3373 73.33 89.75 -5.15
N VAL H 3374 73.94 88.57 -5.30
CA VAL H 3374 73.26 87.34 -4.88
C VAL H 3374 73.06 87.33 -3.38
N ALA H 3375 74.06 87.79 -2.63
CA ALA H 3375 73.91 87.88 -1.18
C ALA H 3375 72.77 88.82 -0.81
N GLU H 3376 72.67 89.96 -1.50
CA GLU H 3376 71.56 90.87 -1.26
C GLU H 3376 70.23 90.19 -1.56
N GLU H 3377 70.18 89.42 -2.65
CA GLU H 3377 68.97 88.65 -2.96
C GLU H 3377 68.60 87.72 -1.82
N GLU H 3378 69.59 87.01 -1.27
CA GLU H 3378 69.31 86.09 -0.17
C GLU H 3378 68.79 86.84 1.05
N GLN H 3379 69.38 88.00 1.35
CA GLN H 3379 68.90 88.78 2.47
C GLN H 3379 67.44 89.22 2.27
N LEU H 3380 67.10 89.65 1.05
CA LEU H 3380 65.72 90.01 0.78
C LEU H 3380 64.78 88.83 0.97
N ARG H 3381 65.17 87.65 0.47
CA ARG H 3381 64.33 86.47 0.67
C ARG H 3381 64.21 86.13 2.15
N LEU H 3382 65.26 86.36 2.93
CA LEU H 3382 65.15 86.19 4.38
C LEU H 3382 64.11 87.14 4.95
N GLU H 3383 64.11 88.39 4.49
CA GLU H 3383 63.09 89.34 4.90
C GLU H 3383 61.78 89.03 4.17
N ALA H 3384 60.71 89.75 4.54
CA ALA H 3384 59.38 89.47 4.02
C ALA H 3384 58.56 90.74 4.01
N LYS H 3385 57.38 90.66 3.39
CA LYS H 3385 56.40 91.75 3.32
C LYS H 3385 57.09 92.98 2.73
N ALA H 3386 56.94 94.17 3.32
CA ALA H 3386 57.51 95.37 2.73
C ALA H 3386 59.02 95.29 2.64
N GLU H 3387 59.65 94.65 3.63
CA GLU H 3387 61.10 94.48 3.59
C GLU H 3387 61.53 93.69 2.37
N ALA H 3388 60.80 92.63 2.05
CA ALA H 3388 61.10 91.87 0.84
C ALA H 3388 60.70 92.64 -0.41
N GLU H 3389 59.51 93.24 -0.41
CA GLU H 3389 59.09 94.02 -1.57
C GLU H 3389 60.02 95.21 -1.79
N GLU H 3390 60.36 95.91 -0.71
CA GLU H 3390 61.31 97.01 -0.82
C GLU H 3390 62.73 96.46 -0.97
N GLY H 3391 63.49 97.09 -1.85
CA GLY H 3391 64.83 96.62 -2.16
C GLY H 3391 64.81 95.55 -3.24
N GLU H 3392 63.61 95.00 -3.51
CA GLU H 3392 63.49 94.05 -4.60
C GLU H 3392 63.80 94.72 -5.93
N LEU H 3393 63.27 95.92 -6.15
CA LEU H 3393 63.63 96.68 -7.35
C LEU H 3393 65.10 97.06 -7.34
N LEU H 3394 65.66 97.32 -6.15
CA LEU H 3394 67.08 97.64 -6.07
C LEU H 3394 67.93 96.49 -6.58
N VAL H 3395 67.65 95.28 -6.10
CA VAL H 3395 68.41 94.12 -6.53
C VAL H 3395 68.15 93.83 -8.01
N ARG H 3396 66.91 94.05 -8.47
CA ARG H 3396 66.63 93.87 -9.89
C ARG H 3396 67.47 94.81 -10.75
N ASP H 3397 67.59 96.07 -10.33
CA ASP H 3397 68.40 97.01 -11.09
C ASP H 3397 69.88 96.66 -11.01
N GLU H 3398 70.34 96.19 -9.84
CA GLU H 3398 71.73 95.76 -9.73
C GLU H 3398 72.02 94.60 -10.68
N PHE H 3399 71.11 93.63 -10.74
CA PHE H 3399 71.26 92.54 -11.70
C PHE H 3399 71.19 93.05 -13.13
N SER H 3400 70.38 94.09 -13.38
CA SER H 3400 70.32 94.65 -14.72
C SER H 3400 71.66 95.23 -15.15
N VAL H 3401 72.28 96.03 -14.29
CA VAL H 3401 73.58 96.60 -14.62
C VAL H 3401 74.63 95.50 -14.74
N LEU H 3402 74.55 94.48 -13.88
CA LEU H 3402 75.50 93.37 -13.97
C LEU H 3402 75.34 92.64 -15.29
N CYS H 3403 74.11 92.40 -15.72
CA CYS H 3403 73.89 91.76 -17.02
C CYS H 3403 74.39 92.62 -18.16
N ARG H 3404 74.23 93.95 -18.06
CA ARG H 3404 74.77 94.81 -19.09
C ARG H 3404 76.29 94.64 -19.18
N ASP H 3405 76.97 94.65 -18.03
CA ASP H 3405 78.41 94.47 -18.04
C ASP H 3405 78.81 93.10 -18.59
N LEU H 3406 78.05 92.06 -18.22
CA LEU H 3406 78.33 90.72 -18.70
C LEU H 3406 78.21 90.65 -20.21
N TYR H 3407 77.16 91.26 -20.76
CA TYR H 3407 76.95 91.21 -22.20
C TYR H 3407 77.88 92.16 -22.91
N ALA H 3408 78.54 93.04 -22.15
CA ALA H 3408 79.55 93.90 -22.74
C ALA H 3408 80.90 93.19 -22.80
N LEU H 3409 81.18 92.31 -21.83
CA LEU H 3409 82.49 91.67 -21.74
C LEU H 3409 82.55 90.28 -22.34
N TYR H 3410 81.61 89.39 -22.01
CA TYR H 3410 81.68 88.03 -22.55
C TYR H 3410 81.80 87.99 -24.07
N PRO H 3411 81.11 88.82 -24.85
CA PRO H 3411 81.29 88.72 -26.30
C PRO H 3411 82.75 88.82 -26.71
N LEU H 3412 83.57 89.59 -25.98
CA LEU H 3412 85.00 89.61 -26.24
C LEU H 3412 85.68 88.36 -25.70
N LEU H 3413 85.26 87.89 -24.52
CA LEU H 3413 85.92 86.75 -23.90
C LEU H 3413 85.78 85.51 -24.76
N ILE H 3414 84.60 85.29 -25.32
CA ILE H 3414 84.34 84.11 -26.13
C ILE H 3414 85.32 84.03 -27.29
N ARG H 3415 85.53 85.15 -27.98
CA ARG H 3415 86.47 85.15 -29.09
C ARG H 3415 87.88 84.83 -28.63
N TYR H 3416 88.30 85.41 -27.50
CA TYR H 3416 89.62 85.12 -26.97
C TYR H 3416 89.74 83.65 -26.61
N VAL H 3417 88.67 83.07 -26.07
CA VAL H 3417 88.68 81.64 -25.74
C VAL H 3417 88.76 80.80 -27.01
N ASP H 3418 87.94 81.14 -28.00
CA ASP H 3418 87.86 80.33 -29.21
C ASP H 3418 89.20 80.26 -29.93
N ASN H 3419 90.06 81.26 -29.73
CA ASN H 3419 91.36 81.27 -30.41
C ASN H 3419 92.47 80.65 -29.58
N ASN H 3420 92.26 80.50 -28.27
CA ASN H 3420 93.28 79.93 -27.40
C ASN H 3420 92.84 78.64 -26.74
N ARG H 3421 91.66 78.14 -27.08
CA ARG H 3421 91.22 76.86 -26.52
C ARG H 3421 92.21 75.77 -26.88
N ALA H 3422 92.67 75.75 -28.13
CA ALA H 3422 93.57 74.70 -28.58
C ALA H 3422 94.81 74.65 -27.72
N HIS H 3423 95.47 75.80 -27.55
CA HIS H 3423 96.69 75.84 -26.75
C HIS H 3423 96.41 75.50 -25.29
N TRP H 3424 95.31 76.03 -24.74
CA TRP H 3424 95.01 75.76 -23.34
C TRP H 3424 94.80 74.27 -23.10
N LEU H 3425 94.08 73.60 -24.00
CA LEU H 3425 93.82 72.18 -23.83
C LEU H 3425 95.05 71.33 -24.12
N THR H 3426 95.84 71.70 -25.12
CA THR H 3426 97.06 70.95 -25.41
C THR H 3426 98.02 71.01 -24.23
N GLU H 3427 98.29 72.20 -23.73
CA GLU H 3427 99.18 72.38 -22.58
C GLU H 3427 98.38 72.95 -21.42
N PRO H 3428 98.32 72.28 -20.28
CA PRO H 3428 97.51 72.80 -19.16
C PRO H 3428 97.95 74.20 -18.77
N ASN H 3429 96.98 75.04 -18.44
CA ASN H 3429 97.22 76.43 -18.08
C ASN H 3429 96.49 76.75 -16.78
N PRO H 3430 97.21 76.98 -15.67
CA PRO H 3430 96.51 77.33 -14.43
C PRO H 3430 95.65 78.59 -14.55
N ASN H 3431 96.09 79.56 -15.36
CA ASN H 3431 95.28 80.74 -15.58
C ASN H 3431 93.97 80.39 -16.27
N ALA H 3432 94.03 79.49 -17.27
CA ALA H 3432 92.82 79.05 -17.92
C ALA H 3432 91.91 78.33 -16.94
N GLU H 3433 92.50 77.52 -16.05
CA GLU H 3433 91.69 76.84 -15.04
C GLU H 3433 91.00 77.85 -14.13
N GLU H 3434 91.71 78.89 -13.72
CA GLU H 3434 91.11 79.91 -12.86
C GLU H 3434 89.99 80.64 -13.59
N LEU H 3435 90.19 80.91 -14.89
CA LEU H 3435 89.12 81.52 -15.67
C LEU H 3435 87.91 80.61 -15.72
N PHE H 3436 88.12 79.31 -15.86
CA PHE H 3436 87.01 78.37 -15.82
C PHE H 3436 86.30 78.45 -14.49
N ARG H 3437 87.05 78.52 -13.39
CA ARG H 3437 86.41 78.61 -12.08
C ARG H 3437 85.55 79.87 -11.97
N MET H 3438 86.07 80.99 -12.44
CA MET H 3438 85.31 82.23 -12.37
C MET H 3438 84.03 82.15 -13.19
N VAL H 3439 84.13 81.72 -14.45
CA VAL H 3439 82.95 81.64 -15.29
C VAL H 3439 81.97 80.63 -14.72
N GLY H 3440 82.48 79.54 -14.13
CA GLY H 3440 81.60 78.55 -13.54
C GLY H 3440 80.84 79.10 -12.36
N GLU H 3441 81.52 79.85 -11.49
CA GLU H 3441 80.83 80.46 -10.36
C GLU H 3441 79.76 81.44 -10.83
N ILE H 3442 80.06 82.22 -11.87
CA ILE H 3442 79.05 83.14 -12.39
C ILE H 3442 77.85 82.36 -12.93
N PHE H 3443 78.09 81.25 -13.63
CA PHE H 3443 76.98 80.46 -14.13
C PHE H 3443 76.18 79.84 -12.98
N ILE H 3444 76.88 79.40 -11.93
CA ILE H 3444 76.20 78.83 -10.77
C ILE H 3444 75.28 79.87 -10.15
N TYR H 3445 75.76 81.11 -10.05
CA TYR H 3445 74.91 82.19 -9.57
C TYR H 3445 73.71 82.39 -10.50
N TRP H 3446 73.96 82.40 -11.81
CA TRP H 3446 72.85 82.54 -12.76
C TRP H 3446 71.80 81.47 -12.53
N SER H 3447 72.22 80.25 -12.23
CA SER H 3447 71.26 79.16 -12.03
C SER H 3447 70.56 79.29 -10.69
N LYS H 3448 71.31 79.49 -9.61
CA LYS H 3448 70.72 79.58 -8.28
C LYS H 3448 69.78 80.77 -8.19
N SER H 3449 70.31 81.99 -8.29
CA SER H 3449 69.48 83.17 -8.22
C SER H 3449 68.57 83.24 -9.44
N HIS H 3450 67.34 83.70 -9.22
CA HIS H 3450 66.32 83.64 -10.26
C HIS H 3450 65.94 84.99 -10.82
N ASN H 3451 66.12 86.07 -10.07
CA ASN H 3451 65.92 87.41 -10.64
C ASN H 3451 66.91 87.65 -11.78
N PHE H 3452 68.14 87.17 -11.62
CA PHE H 3452 69.18 87.42 -12.59
C PHE H 3452 68.77 86.94 -13.98
N LYS H 3453 67.96 85.87 -14.03
CA LYS H 3453 67.48 85.38 -15.32
C LYS H 3453 66.56 86.38 -16.00
N ARG H 3454 65.54 86.89 -15.27
CA ARG H 3454 64.68 87.89 -15.88
C ARG H 3454 65.48 89.11 -16.29
N GLU H 3455 66.44 89.52 -15.46
CA GLU H 3455 67.19 90.73 -15.79
C GLU H 3455 68.00 90.54 -17.06
N GLU H 3456 68.66 89.39 -17.21
CA GLU H 3456 69.39 89.11 -18.45
C GLU H 3456 68.44 89.11 -19.64
N GLN H 3457 67.31 88.42 -19.52
CA GLN H 3457 66.37 88.31 -20.63
C GLN H 3457 65.82 89.69 -21.01
N ASN H 3458 65.48 90.50 -20.01
CA ASN H 3458 64.96 91.83 -20.27
C ASN H 3458 66.02 92.69 -20.94
N PHE H 3459 67.27 92.61 -20.46
CA PHE H 3459 68.34 93.35 -21.10
C PHE H 3459 68.45 93.00 -22.58
N VAL H 3460 68.54 91.70 -22.87
CA VAL H 3460 68.78 91.29 -24.25
C VAL H 3460 67.62 91.70 -25.15
N VAL H 3461 66.38 91.49 -24.68
CA VAL H 3461 65.25 91.84 -25.53
C VAL H 3461 65.15 93.35 -25.71
N GLN H 3462 65.34 94.12 -24.63
CA GLN H 3462 65.19 95.57 -24.72
C GLN H 3462 66.25 96.18 -25.63
N ASN H 3463 67.48 95.69 -25.56
CA ASN H 3463 68.53 96.24 -26.39
C ASN H 3463 68.58 95.61 -27.78
N GLU H 3464 67.83 94.53 -28.02
CA GLU H 3464 67.79 93.89 -29.33
C GLU H 3464 69.19 93.56 -29.83
N ILE H 3465 70.04 93.11 -28.92
CA ILE H 3465 71.39 92.69 -29.26
C ILE H 3465 71.33 91.21 -29.62
N ASN H 3466 71.81 90.88 -30.81
CA ASN H 3466 71.72 89.50 -31.29
C ASN H 3466 72.88 88.68 -30.74
N ASN H 3467 72.55 87.73 -29.86
CA ASN H 3467 73.59 86.89 -29.26
C ASN H 3467 74.26 86.02 -30.31
N MET H 3468 73.52 85.63 -31.35
CA MET H 3468 74.09 84.80 -32.40
C MET H 3468 75.27 85.48 -33.08
N SER H 3469 75.17 86.79 -33.28
CA SER H 3469 76.26 87.53 -33.90
C SER H 3469 77.53 87.43 -33.07
N PHE H 3470 77.40 87.60 -31.74
CA PHE H 3470 78.57 87.48 -30.87
C PHE H 3470 79.11 86.06 -30.89
N LEU H 3471 78.23 85.07 -30.83
CA LEU H 3471 78.69 83.68 -30.79
C LEU H 3471 79.43 83.31 -32.07
N THR H 3472 78.91 83.71 -33.22
CA THR H 3472 79.54 83.37 -34.50
C THR H 3472 80.68 84.33 -34.82
N TYR H 3504 67.29 86.17 -25.62
CA TYR H 3504 66.08 85.64 -26.25
C TYR H 3504 65.76 84.25 -25.69
N SER H 3505 66.63 83.29 -25.98
CA SER H 3505 66.48 81.93 -25.48
C SER H 3505 67.61 81.59 -24.51
N VAL H 3506 67.41 80.51 -23.76
CA VAL H 3506 68.45 80.06 -22.84
C VAL H 3506 69.72 79.73 -23.61
N GLN H 3507 69.57 79.13 -24.80
CA GLN H 3507 70.73 78.84 -25.63
C GLN H 3507 71.46 80.13 -25.99
N THR H 3508 70.72 81.18 -26.36
CA THR H 3508 71.35 82.44 -26.72
C THR H 3508 72.02 83.09 -25.52
N SER H 3509 71.50 82.85 -24.31
CA SER H 3509 72.06 83.44 -23.10
C SER H 3509 73.57 83.25 -23.05
N LEU H 3510 74.32 84.35 -23.03
CA LEU H 3510 75.77 84.25 -23.02
C LEU H 3510 76.29 83.64 -21.73
N ILE H 3511 75.51 83.70 -20.65
CA ILE H 3511 75.99 83.17 -19.37
C ILE H 3511 76.24 81.68 -19.49
N VAL H 3512 75.33 80.95 -20.13
CA VAL H 3512 75.50 79.51 -20.28
C VAL H 3512 76.40 79.20 -21.46
N ALA H 3513 76.34 80.00 -22.52
CA ALA H 3513 77.16 79.73 -23.69
C ALA H 3513 78.64 79.85 -23.37
N THR H 3514 79.02 80.88 -22.62
CA THR H 3514 80.42 81.07 -22.27
C THR H 3514 80.93 79.89 -21.44
N LEU H 3515 80.11 79.40 -20.52
CA LEU H 3515 80.54 78.25 -19.72
C LEU H 3515 80.61 76.99 -20.57
N LYS H 3516 79.66 76.81 -21.50
CA LYS H 3516 79.74 75.64 -22.37
C LYS H 3516 81.00 75.70 -23.22
N LYS H 3517 81.47 76.91 -23.52
CA LYS H 3517 82.71 77.05 -24.26
C LYS H 3517 83.94 76.81 -23.39
N MET H 3518 83.89 77.19 -22.12
CA MET H 3518 85.00 76.98 -21.20
C MET H 3518 85.01 75.61 -20.55
N LEU H 3519 83.94 74.83 -20.71
CA LEU H 3519 83.82 73.57 -19.97
C LEU H 3519 84.94 72.59 -20.29
N PRO H 3520 85.31 72.37 -21.55
CA PRO H 3520 86.38 71.42 -21.84
C PRO H 3520 87.64 71.71 -21.05
N ILE H 3521 87.97 72.99 -20.90
CA ILE H 3521 89.14 73.37 -20.12
C ILE H 3521 88.99 72.96 -18.67
N GLY H 3522 87.77 72.84 -18.18
CA GLY H 3522 87.54 72.41 -16.81
C GLY H 3522 87.59 70.91 -16.67
N LEU H 3523 86.94 70.21 -17.60
CA LEU H 3523 87.00 68.75 -17.59
C LEU H 3523 88.44 68.27 -17.79
N ASN H 3524 89.26 69.08 -18.45
CA ASN H 3524 90.63 68.67 -18.75
C ASN H 3524 91.49 68.54 -17.50
N MET H 3525 91.12 69.20 -16.40
CA MET H 3525 91.87 69.04 -15.16
C MET H 3525 91.36 67.89 -14.31
N CYS H 3526 90.32 67.18 -14.77
CA CYS H 3526 89.80 66.01 -14.09
C CYS H 3526 90.34 64.77 -14.77
N ALA H 3527 91.09 63.97 -14.04
CA ALA H 3527 91.63 62.75 -14.61
C ALA H 3527 90.50 61.78 -14.91
N PRO H 3528 90.70 60.86 -15.86
CA PRO H 3528 89.61 59.92 -16.19
C PRO H 3528 89.15 59.10 -15.00
N THR H 3529 90.05 58.80 -14.06
CA THR H 3529 89.68 57.99 -12.90
C THR H 3529 88.61 58.67 -12.07
N ASP H 3530 88.43 59.98 -12.23
CA ASP H 3530 87.56 60.76 -11.37
C ASP H 3530 86.12 60.82 -11.85
N GLN H 3531 85.78 60.09 -12.91
CA GLN H 3531 84.43 60.19 -13.45
C GLN H 3531 83.38 59.71 -12.46
N ASP H 3532 83.64 58.59 -11.78
CA ASP H 3532 82.68 58.07 -10.80
C ASP H 3532 82.52 59.03 -9.62
N LEU H 3533 83.62 59.62 -9.15
CA LEU H 3533 83.51 60.63 -8.10
C LEU H 3533 82.70 61.82 -8.58
N ILE H 3534 82.88 62.21 -9.85
CA ILE H 3534 82.08 63.31 -10.39
C ILE H 3534 80.61 62.95 -10.36
N VAL H 3535 80.27 61.71 -10.71
CA VAL H 3535 78.86 61.29 -10.68
C VAL H 3535 78.32 61.34 -9.24
N LEU H 3536 79.11 60.87 -8.29
CA LEU H 3536 78.67 60.91 -6.89
C LEU H 3536 78.43 62.35 -6.43
N ALA H 3537 79.35 63.25 -6.77
CA ALA H 3537 79.20 64.64 -6.38
C ALA H 3537 77.99 65.27 -7.04
N LYS H 3538 77.74 64.94 -8.31
CA LYS H 3538 76.51 65.36 -8.96
C LYS H 3538 75.28 64.85 -8.23
N ALA H 3539 75.32 63.63 -7.69
CA ALA H 3539 74.22 63.12 -6.89
C ALA H 3539 74.03 63.94 -5.62
N ARG H 3540 75.12 64.27 -4.93
CA ARG H 3540 75.00 65.10 -3.73
C ARG H 3540 74.37 66.45 -4.06
N TYR H 3541 74.87 67.11 -5.11
CA TYR H 3541 74.31 68.41 -5.47
C TYR H 3541 72.83 68.29 -5.86
N ALA H 3542 72.44 67.12 -6.36
CA ALA H 3542 71.01 66.86 -6.53
C ALA H 3542 70.30 66.79 -5.19
N LEU H 3543 70.94 66.16 -4.20
CA LEU H 3543 70.43 66.18 -2.83
C LEU H 3543 70.48 67.56 -2.19
N LYS H 3544 71.03 68.55 -2.90
CA LYS H 3544 71.00 69.94 -2.45
C LYS H 3544 71.91 70.16 -1.25
N ASP H 3545 73.09 69.55 -1.31
CA ASP H 3545 74.10 69.77 -0.29
C ASP H 3545 74.95 70.99 -0.62
N THR H 3546 75.45 71.64 0.41
CA THR H 3546 76.30 72.80 0.20
C THR H 3546 77.65 72.35 -0.36
N ASP H 3547 78.40 73.32 -0.88
CA ASP H 3547 79.71 73.00 -1.42
C ASP H 3547 80.59 72.35 -0.36
N GLU H 3548 80.53 72.85 0.87
CA GLU H 3548 81.30 72.24 1.95
C GLU H 3548 80.86 70.82 2.22
N GLU H 3549 79.54 70.57 2.17
CA GLU H 3549 79.05 69.21 2.39
C GLU H 3549 79.57 68.26 1.32
N VAL H 3550 79.57 68.70 0.07
CA VAL H 3550 80.08 67.83 -1.00
C VAL H 3550 81.59 67.64 -0.85
N ARG H 3551 82.29 68.69 -0.43
CA ARG H 3551 83.73 68.59 -0.21
C ARG H 3551 84.03 67.54 0.85
N GLU H 3552 83.28 67.56 1.96
CA GLU H 3552 83.49 66.57 3.02
C GLU H 3552 83.11 65.18 2.53
N PHE H 3553 82.03 65.06 1.78
CA PHE H 3553 81.62 63.77 1.24
C PHE H 3553 82.74 63.15 0.42
N LEU H 3554 83.31 63.92 -0.51
CA LEU H 3554 84.40 63.40 -1.31
C LEU H 3554 85.61 63.09 -0.44
N GLN H 3555 85.92 63.97 0.51
CA GLN H 3555 87.07 63.76 1.37
C GLN H 3555 86.99 62.40 2.06
N ASN H 3556 85.84 62.08 2.65
CA ASN H 3556 85.75 60.81 3.37
C ASN H 3556 85.61 59.63 2.40
N ASN H 3557 84.86 59.80 1.32
CA ASN H 3557 84.80 58.77 0.29
C ASN H 3557 85.87 59.01 -0.77
N LEU H 3558 87.11 59.22 -0.33
CA LEU H 3558 88.23 59.26 -1.26
C LEU H 3558 88.28 57.99 -2.12
N ASN H 3559 87.83 56.86 -1.58
CA ASN H 3559 87.76 55.64 -2.36
C ASN H 3559 86.57 55.75 -3.30
N LEU H 3560 86.20 54.65 -3.97
CA LEU H 3560 85.22 54.68 -5.05
C LEU H 3560 85.75 55.50 -6.22
N GLN H 3561 87.02 55.28 -6.53
CA GLN H 3561 87.71 55.96 -7.63
C GLN H 3561 87.85 55.01 -8.80
N GLY H 3562 87.46 55.46 -9.98
CA GLY H 3562 87.50 54.63 -11.17
C GLY H 3562 88.81 53.86 -11.32
N LYS H 3563 88.72 52.54 -11.33
CA LYS H 3563 89.91 51.70 -11.43
C LYS H 3563 90.24 51.44 -12.89
N VAL H 3564 91.54 51.51 -13.22
CA VAL H 3564 91.96 51.40 -14.61
C VAL H 3564 91.61 50.03 -15.16
N GLU H 3565 91.86 48.97 -14.38
CA GLU H 3565 91.58 47.62 -14.85
C GLU H 3565 90.09 47.39 -15.09
N GLY H 3566 89.22 48.25 -14.55
CA GLY H 3566 87.80 48.01 -14.66
C GLY H 3566 87.31 47.93 -16.09
N SER H 3567 87.74 48.88 -16.93
CA SER H 3567 87.29 48.92 -18.31
C SER H 3567 88.42 49.37 -19.23
N PRO H 3568 88.42 48.94 -20.49
CA PRO H 3568 89.42 49.47 -21.44
C PRO H 3568 89.33 50.97 -21.60
N SER H 3569 88.13 51.54 -21.49
CA SER H 3569 87.99 52.99 -21.64
C SER H 3569 88.89 53.73 -20.66
N LEU H 3570 88.84 53.34 -19.38
CA LEU H 3570 89.72 53.93 -18.39
C LEU H 3570 91.18 53.57 -18.60
N ARG H 3571 91.49 52.71 -19.58
CA ARG H 3571 92.88 52.41 -19.90
C ARG H 3571 93.42 53.35 -20.98
N TRP H 3572 92.75 53.42 -22.12
CA TRP H 3572 93.22 54.31 -23.18
C TRP H 3572 93.04 55.78 -22.80
N GLN H 3573 91.92 56.10 -22.16
CA GLN H 3573 91.75 57.46 -21.66
C GLN H 3573 92.88 57.84 -20.71
N MET H 3574 93.19 56.94 -19.77
CA MET H 3574 94.21 57.23 -18.76
C MET H 3574 95.59 57.32 -19.42
N ALA H 3575 95.87 56.47 -20.40
CA ALA H 3575 97.15 56.55 -21.09
C ALA H 3575 97.30 57.88 -21.80
N LEU H 3576 96.27 58.29 -22.54
CA LEU H 3576 96.32 59.58 -23.21
C LEU H 3576 96.50 60.70 -22.20
N TYR H 3577 95.86 60.58 -21.03
CA TYR H 3577 95.91 61.64 -20.03
C TYR H 3577 97.30 61.74 -19.41
N ARG H 3578 97.89 60.59 -19.05
CA ARG H 3578 99.30 60.53 -18.71
C ARG H 3578 100.18 61.17 -19.78
N GLY H 3579 99.80 61.00 -21.05
CA GLY H 3579 100.65 61.47 -22.12
C GLY H 3579 100.98 62.95 -22.03
N VAL H 3580 100.01 63.76 -21.61
CA VAL H 3580 100.18 65.21 -21.55
C VAL H 3580 101.36 65.53 -20.64
N PRO H 3581 102.33 66.33 -21.08
CA PRO H 3581 103.47 66.66 -20.21
C PRO H 3581 103.00 67.39 -18.96
N GLY H 3582 103.65 67.08 -17.83
CA GLY H 3582 103.42 67.76 -16.58
C GLY H 3582 102.33 67.13 -15.72
N ARG H 3583 101.61 66.13 -16.23
CA ARG H 3583 100.51 65.52 -15.49
C ARG H 3583 101.05 64.29 -14.75
N GLU H 3584 102.10 64.52 -13.96
CA GLU H 3584 102.68 63.46 -13.15
C GLU H 3584 102.66 63.81 -11.67
N GLU H 3585 102.96 65.07 -11.34
CA GLU H 3585 102.89 65.50 -9.94
C GLU H 3585 101.47 65.79 -9.49
N ASP H 3586 100.57 66.14 -10.42
CA ASP H 3586 99.19 66.43 -10.08
C ASP H 3586 98.47 65.16 -9.65
N ALA H 3587 97.31 65.36 -9.00
CA ALA H 3587 96.49 64.25 -8.51
C ALA H 3587 97.17 63.53 -7.35
N ASP H 3588 98.32 64.03 -6.91
CA ASP H 3588 98.96 63.49 -5.71
C ASP H 3588 98.25 63.95 -4.46
N ASP H 3589 97.54 65.07 -4.53
CA ASP H 3589 96.98 65.72 -3.35
C ASP H 3589 95.50 65.42 -3.22
N PRO H 3590 95.08 64.62 -2.23
CA PRO H 3590 93.63 64.34 -2.09
C PRO H 3590 92.81 65.61 -1.99
N GLU H 3591 93.34 66.63 -1.31
CA GLU H 3591 92.63 67.91 -1.30
C GLU H 3591 92.48 68.46 -2.72
N LYS H 3592 93.51 68.33 -3.55
CA LYS H 3592 93.42 68.78 -4.94
C LYS H 3592 92.32 68.05 -5.69
N ILE H 3593 92.32 66.71 -5.58
CA ILE H 3593 91.29 65.92 -6.27
C ILE H 3593 89.91 66.35 -5.83
N VAL H 3594 89.70 66.51 -4.52
CA VAL H 3594 88.37 66.89 -4.06
C VAL H 3594 88.01 68.27 -4.58
N ARG H 3595 89.00 69.17 -4.65
CA ARG H 3595 88.72 70.53 -5.12
C ARG H 3595 88.07 70.38 -6.49
N ARG H 3596 88.83 69.72 -7.37
CA ARG H 3596 88.46 69.70 -8.78
C ARG H 3596 87.14 68.97 -8.99
N VAL H 3597 86.96 67.82 -8.32
CA VAL H 3597 85.73 67.07 -8.51
C VAL H 3597 84.54 67.88 -8.02
N GLN H 3598 84.65 68.52 -6.85
CA GLN H 3598 83.53 69.31 -6.37
C GLN H 3598 83.17 70.40 -7.36
N GLU H 3599 84.17 71.13 -7.85
CA GLU H 3599 83.89 72.26 -8.74
C GLU H 3599 83.22 71.80 -10.03
N VAL H 3600 83.84 70.83 -10.71
CA VAL H 3600 83.31 70.41 -12.00
C VAL H 3600 81.96 69.74 -11.83
N SER H 3601 81.77 68.99 -10.74
CA SER H 3601 80.49 68.35 -10.49
C SER H 3601 79.38 69.38 -10.31
N ALA H 3602 79.66 70.44 -9.54
CA ALA H 3602 78.67 71.49 -9.37
C ALA H 3602 78.30 72.12 -10.70
N VAL H 3603 79.32 72.43 -11.51
CA VAL H 3603 79.06 73.07 -12.80
C VAL H 3603 78.20 72.16 -13.67
N LEU H 3604 78.55 70.87 -13.72
CA LEU H 3604 77.80 69.94 -14.56
C LEU H 3604 76.37 69.78 -14.07
N TYR H 3605 76.18 69.72 -12.75
CA TYR H 3605 74.83 69.59 -12.20
C TYR H 3605 73.95 70.76 -12.62
N HIS H 3606 74.44 71.98 -12.41
CA HIS H 3606 73.65 73.14 -12.78
C HIS H 3606 73.43 73.23 -14.28
N LEU H 3607 74.42 72.82 -15.07
CA LEU H 3607 74.25 72.81 -16.52
C LEU H 3607 73.16 71.82 -16.92
N ASP H 3608 73.09 70.69 -16.20
CA ASP H 3608 72.03 69.71 -16.46
C ASP H 3608 70.66 70.34 -16.21
N GLN H 3609 70.50 70.96 -15.04
CA GLN H 3609 69.22 71.61 -14.76
C GLN H 3609 68.88 72.62 -15.85
N THR H 3610 69.86 73.41 -16.27
CA THR H 3610 69.62 74.43 -17.28
C THR H 3610 69.16 73.79 -18.60
N GLU H 3611 69.91 72.79 -19.07
CA GLU H 3611 69.66 72.26 -20.41
C GLU H 3611 68.35 71.49 -20.46
N HIS H 3612 68.00 70.77 -19.39
CA HIS H 3612 66.71 70.12 -19.34
C HIS H 3612 65.85 70.81 -18.28
N PRO H 3613 64.87 71.66 -18.67
CA PRO H 3613 64.08 72.36 -17.66
C PRO H 3613 63.27 71.42 -16.78
N VAL H 3634 34.09 88.21 -27.04
CA VAL H 3634 34.35 89.64 -26.87
C VAL H 3634 33.52 90.19 -25.71
N ALA H 3635 32.64 89.34 -25.16
CA ALA H 3635 31.76 89.79 -24.08
C ALA H 3635 32.55 90.32 -22.89
N CYS H 3636 33.75 89.78 -22.65
CA CYS H 3636 34.54 90.22 -21.51
C CYS H 3636 34.84 91.71 -21.60
N PHE H 3637 35.28 92.17 -22.77
CA PHE H 3637 35.52 93.59 -22.97
C PHE H 3637 34.21 94.36 -23.12
N ARG H 3638 33.26 93.79 -23.85
CA ARG H 3638 31.98 94.46 -24.10
C ARG H 3638 31.20 94.63 -22.80
N MET H 3639 30.63 95.82 -22.62
CA MET H 3639 29.78 96.15 -21.48
C MET H 3639 28.32 96.08 -21.90
N THR H 3640 27.46 95.67 -20.98
CA THR H 3640 26.00 95.74 -21.14
C THR H 3640 25.41 96.37 -19.88
N PRO H 3641 25.71 97.64 -19.63
CA PRO H 3641 25.17 98.27 -18.42
C PRO H 3641 23.66 98.34 -18.46
N LEU H 3642 23.04 98.21 -17.28
CA LEU H 3642 21.60 98.31 -17.19
C LEU H 3642 21.10 99.71 -17.53
N TYR H 3643 21.90 100.74 -17.27
CA TYR H 3643 21.43 102.11 -17.45
C TYR H 3643 21.25 102.48 -18.92
N ASN H 3644 21.75 101.67 -19.86
CA ASN H 3644 21.52 101.91 -21.28
C ASN H 3644 20.28 101.21 -21.81
N LEU H 3645 19.74 100.26 -21.07
CA LEU H 3645 18.59 99.50 -21.55
C LEU H 3645 17.37 100.42 -21.61
N PRO H 3646 16.47 100.23 -22.58
CA PRO H 3646 15.28 101.09 -22.65
C PRO H 3646 14.41 100.92 -21.42
N THR H 3647 13.70 101.99 -21.07
CA THR H 3647 12.98 102.02 -19.79
C THR H 3647 11.94 100.92 -19.70
N HIS H 3648 11.17 100.69 -20.77
CA HIS H 3648 10.12 99.68 -20.70
C HIS H 3648 10.69 98.28 -20.57
N ARG H 3649 11.78 97.98 -21.29
CA ARG H 3649 12.42 96.68 -21.13
C ARG H 3649 12.94 96.50 -19.72
N ALA H 3650 13.54 97.56 -19.15
CA ALA H 3650 14.00 97.51 -17.78
C ALA H 3650 12.85 97.27 -16.82
N CYS H 3651 11.70 97.89 -17.08
CA CYS H 3651 10.53 97.67 -16.24
C CYS H 3651 10.08 96.21 -16.28
N ASN H 3652 10.06 95.63 -17.48
CA ASN H 3652 9.66 94.23 -17.57
C ASN H 3652 10.63 93.32 -16.82
N MET H 3653 11.93 93.58 -16.97
CA MET H 3653 12.91 92.80 -16.22
C MET H 3653 12.73 92.98 -14.72
N PHE H 3654 12.47 94.20 -14.27
CA PHE H 3654 12.26 94.44 -12.85
C PHE H 3654 11.03 93.70 -12.35
N LEU H 3655 9.95 93.71 -13.14
CA LEU H 3655 8.76 92.98 -12.71
C LEU H 3655 9.06 91.50 -12.56
N GLU H 3656 9.74 90.91 -13.55
CA GLU H 3656 10.08 89.49 -13.43
C GLU H 3656 10.93 89.23 -12.18
N SER H 3657 11.98 90.01 -11.99
CA SER H 3657 12.84 89.83 -10.84
C SER H 3657 12.05 89.97 -9.55
N TYR H 3658 11.51 91.16 -9.30
CA TYR H 3658 10.72 91.42 -8.11
C TYR H 3658 9.74 90.28 -7.83
N LYS H 3659 9.03 89.81 -8.85
CA LYS H 3659 8.12 88.69 -8.65
C LYS H 3659 8.86 87.49 -8.10
N ALA H 3660 9.98 87.12 -8.72
CA ALA H 3660 10.69 85.92 -8.29
C ALA H 3660 11.34 86.06 -6.92
N SER H 3661 11.76 87.28 -6.57
CA SER H 3661 12.66 87.46 -5.43
C SER H 3661 11.93 87.93 -4.17
N TRP H 3662 10.90 88.76 -4.31
CA TRP H 3662 10.21 89.33 -3.16
C TRP H 3662 8.81 88.75 -2.98
N ILE H 3663 7.97 88.79 -4.01
CA ILE H 3663 6.61 88.30 -3.86
C ILE H 3663 6.61 86.79 -3.65
N LEU H 3664 7.35 86.06 -4.47
CA LEU H 3664 7.32 84.61 -4.39
C LEU H 3664 7.89 84.12 -3.06
N THR H 3665 8.96 84.76 -2.58
CA THR H 3665 9.56 84.34 -1.32
C THR H 3665 8.64 84.59 -0.13
N GLU H 3666 7.79 85.61 -0.21
CA GLU H 3666 6.89 85.93 0.89
C GLU H 3666 6.05 84.71 1.26
N ASP H 3667 5.97 84.43 2.55
CA ASP H 3667 5.24 83.28 3.06
C ASP H 3667 4.01 83.75 3.83
N HIS H 3668 2.83 83.43 3.31
CA HIS H 3668 1.57 83.69 3.98
C HIS H 3668 0.98 82.35 4.41
N SER H 3669 0.59 82.26 5.68
CA SER H 3669 -0.03 81.05 6.22
C SER H 3669 -1.50 81.37 6.49
N PHE H 3670 -2.35 81.15 5.50
CA PHE H 3670 -3.77 81.37 5.62
C PHE H 3670 -4.60 80.10 5.63
N GLU H 3671 -3.98 78.93 5.42
CA GLU H 3671 -4.74 77.71 5.25
C GLU H 3671 -5.48 77.34 6.53
N ASP H 3672 -4.81 77.44 7.68
CA ASP H 3672 -5.46 77.10 8.94
C ASP H 3672 -6.63 78.02 9.21
N ARG H 3673 -6.43 79.33 9.03
CA ARG H 3673 -7.51 80.28 9.25
C ARG H 3673 -8.68 80.00 8.31
N MET H 3674 -8.39 79.73 7.04
CA MET H 3674 -9.45 79.47 6.07
C MET H 3674 -10.24 78.24 6.45
N ILE H 3675 -9.54 77.16 6.82
CA ILE H 3675 -10.24 75.91 7.15
C ILE H 3675 -11.05 76.08 8.42
N ASP H 3676 -10.52 76.80 9.41
CA ASP H 3676 -11.30 77.03 10.61
C ASP H 3676 -12.56 77.84 10.31
N ASP H 3677 -12.43 78.89 9.50
CA ASP H 3677 -13.59 79.71 9.16
C ASP H 3677 -14.63 78.89 8.41
N LEU H 3678 -14.19 78.07 7.46
CA LEU H 3678 -15.11 77.25 6.69
C LEU H 3678 -15.73 76.13 7.51
N SER H 3679 -15.02 75.63 8.52
CA SER H 3679 -15.54 74.58 9.37
C SER H 3679 -16.55 75.08 10.38
N LYS H 3680 -16.40 76.30 10.87
CA LYS H 3680 -17.36 76.85 11.82
C LYS H 3680 -18.72 77.01 11.14
N ALA H 3681 -19.75 76.41 11.73
CA ALA H 3681 -21.12 76.70 11.36
C ALA H 3681 -21.67 77.79 12.27
N GLY H 3682 -22.81 78.35 11.89
CA GLY H 3682 -23.38 79.47 12.63
C GLY H 3682 -24.88 79.52 12.55
N GLU H 3683 -25.49 79.93 13.66
CA GLU H 3683 -26.91 80.29 13.73
C GLU H 3683 -27.80 79.07 13.60
N GLN H 3684 -27.19 77.89 13.46
CA GLN H 3684 -27.95 76.65 13.57
C GLN H 3684 -28.88 76.69 14.78
N GLU H 3685 -28.48 77.41 15.84
CA GLU H 3685 -29.33 77.57 17.00
C GLU H 3685 -30.54 78.47 16.73
N GLU H 3686 -30.36 79.57 15.99
CA GLU H 3686 -31.51 80.46 15.78
C GLU H 3686 -32.54 79.79 14.90
N GLU H 3687 -32.10 79.10 13.84
CA GLU H 3687 -33.08 78.40 13.03
C GLU H 3687 -33.52 77.08 13.66
N GLU H 3688 -32.78 76.59 14.65
CA GLU H 3688 -33.19 75.44 15.46
C GLU H 3688 -33.74 74.32 14.57
N GLU H 3689 -33.00 73.99 13.51
CA GLU H 3689 -33.44 72.94 12.59
C GLU H 3689 -33.60 71.63 13.34
N GLU H 3690 -34.83 71.13 13.41
CA GLU H 3690 -35.12 69.86 14.05
C GLU H 3690 -34.83 68.67 13.15
N VAL H 3691 -34.50 68.90 11.88
CA VAL H 3691 -34.08 67.83 10.99
C VAL H 3691 -32.72 67.34 11.48
N GLU H 3692 -32.67 66.08 11.92
CA GLU H 3692 -31.42 65.54 12.46
C GLU H 3692 -30.31 65.59 11.42
N GLU H 3693 -30.66 65.58 10.14
CA GLU H 3693 -29.67 65.76 9.09
C GLU H 3693 -29.27 67.24 9.04
N LYS H 3694 -28.44 67.67 9.98
CA LYS H 3694 -27.98 69.05 10.00
C LYS H 3694 -27.34 69.40 8.66
N LYS H 3695 -27.70 70.56 8.13
CA LYS H 3695 -27.18 70.95 6.83
C LYS H 3695 -25.65 70.97 6.88
N PRO H 3696 -24.97 70.49 5.84
CA PRO H 3696 -23.51 70.51 5.86
C PRO H 3696 -22.96 71.92 5.99
N ASP H 3697 -21.90 72.06 6.77
CA ASP H 3697 -21.23 73.34 6.93
C ASP H 3697 -20.38 73.64 5.70
N PRO H 3698 -19.95 74.89 5.53
CA PRO H 3698 -19.32 75.29 4.26
C PRO H 3698 -18.20 74.38 3.79
N LEU H 3699 -17.33 73.94 4.70
CA LEU H 3699 -16.26 73.03 4.30
C LEU H 3699 -16.82 71.70 3.80
N HIS H 3700 -17.85 71.19 4.49
CA HIS H 3700 -18.51 69.96 4.04
C HIS H 3700 -19.10 70.16 2.65
N GLN H 3701 -19.73 71.31 2.42
CA GLN H 3701 -20.31 71.57 1.11
C GLN H 3701 -19.25 71.64 0.03
N LEU H 3702 -18.09 72.23 0.34
CA LEU H 3702 -17.00 72.26 -0.63
C LEU H 3702 -16.54 70.85 -0.98
N VAL H 3703 -16.34 70.02 0.04
CA VAL H 3703 -15.91 68.64 -0.21
C VAL H 3703 -16.96 67.90 -1.02
N LEU H 3704 -18.23 68.12 -0.71
CA LEU H 3704 -19.30 67.47 -1.46
C LEU H 3704 -19.31 67.93 -2.91
N HIS H 3705 -19.05 69.20 -3.16
CA HIS H 3705 -18.99 69.70 -4.53
C HIS H 3705 -17.88 69.01 -5.30
N PHE H 3706 -16.71 68.88 -4.68
CA PHE H 3706 -15.61 68.22 -5.38
C PHE H 3706 -15.89 66.72 -5.58
N SER H 3707 -16.57 66.08 -4.63
CA SER H 3707 -16.97 64.70 -4.83
C SER H 3707 -17.94 64.59 -6.00
N ARG H 3708 -18.87 65.53 -6.11
CA ARG H 3708 -19.76 65.58 -7.26
C ARG H 3708 -18.97 65.66 -8.55
N THR H 3709 -18.02 66.58 -8.62
CA THR H 3709 -17.22 66.72 -9.83
C THR H 3709 -16.48 65.43 -10.15
N ALA H 3710 -15.91 64.77 -9.14
CA ALA H 3710 -15.20 63.53 -9.37
C ALA H 3710 -16.12 62.42 -9.86
N LEU H 3711 -17.33 62.33 -9.29
CA LEU H 3711 -18.25 61.26 -9.62
C LEU H 3711 -18.96 61.49 -10.95
N THR H 3712 -18.96 62.71 -11.47
CA THR H 3712 -19.61 62.95 -12.76
C THR H 3712 -19.01 62.03 -13.82
N GLU H 3713 -19.88 61.36 -14.58
CA GLU H 3713 -19.42 60.45 -15.61
C GLU H 3713 -18.82 61.25 -16.75
N LYS H 3714 -17.58 60.93 -17.12
CA LYS H 3714 -16.84 61.74 -18.08
C LYS H 3714 -15.70 60.93 -18.63
N SER H 3715 -15.22 61.32 -19.82
CA SER H 3715 -14.15 60.59 -20.48
C SER H 3715 -12.83 60.78 -19.76
N LYS H 3716 -12.55 62.01 -19.30
CA LYS H 3716 -11.30 62.30 -18.62
C LYS H 3716 -11.57 63.32 -17.52
N LEU H 3717 -10.57 63.53 -16.68
CA LEU H 3717 -10.67 64.50 -15.58
C LEU H 3717 -10.02 65.80 -16.04
N ASP H 3718 -10.84 66.80 -16.32
CA ASP H 3718 -10.33 68.08 -16.77
C ASP H 3718 -9.55 68.76 -15.65
N GLU H 3719 -8.44 69.40 -16.02
CA GLU H 3719 -7.60 70.08 -15.04
C GLU H 3719 -8.37 71.24 -14.42
N ASP H 3720 -8.36 71.31 -13.09
CA ASP H 3720 -9.21 72.24 -12.34
C ASP H 3720 -8.36 72.99 -11.32
N TYR H 3721 -8.09 74.27 -11.60
CA TYR H 3721 -7.23 75.05 -10.71
C TYR H 3721 -7.89 75.22 -9.35
N LEU H 3722 -9.22 75.36 -9.32
CA LEU H 3722 -9.92 75.49 -8.05
C LEU H 3722 -9.72 74.25 -7.19
N TYR H 3723 -9.89 73.07 -7.79
CA TYR H 3723 -9.69 71.84 -7.02
C TYR H 3723 -8.26 71.76 -6.52
N MET H 3724 -7.30 72.08 -7.38
CA MET H 3724 -5.92 72.01 -6.93
C MET H 3724 -5.64 72.96 -5.77
N ALA H 3725 -6.14 74.19 -5.87
CA ALA H 3725 -5.90 75.17 -4.82
C ALA H 3725 -6.51 74.74 -3.50
N TYR H 3726 -7.75 74.24 -3.54
CA TYR H 3726 -8.41 73.86 -2.31
C TYR H 3726 -7.84 72.57 -1.75
N ALA H 3727 -7.41 71.65 -2.60
CA ALA H 3727 -6.71 70.47 -2.12
C ALA H 3727 -5.41 70.84 -1.43
N ASP H 3728 -4.67 71.80 -1.99
CA ASP H 3728 -3.44 72.26 -1.34
C ASP H 3728 -3.75 72.92 0.00
N ILE H 3729 -4.80 73.73 0.06
CA ILE H 3729 -5.17 74.36 1.33
C ILE H 3729 -5.51 73.30 2.37
N MET H 3730 -6.34 72.32 1.99
CA MET H 3730 -6.72 71.28 2.94
C MET H 3730 -5.50 70.48 3.38
N ALA H 3731 -4.61 70.16 2.45
CA ALA H 3731 -3.42 69.39 2.81
C ALA H 3731 -2.52 70.17 3.77
N LYS H 3732 -2.35 71.47 3.53
CA LYS H 3732 -1.52 72.26 4.42
C LYS H 3732 -2.18 72.49 5.77
N SER H 3733 -3.51 72.36 5.83
CA SER H 3733 -4.19 72.51 7.12
C SER H 3733 -3.72 71.48 8.12
N CYS H 3734 -3.37 70.28 7.65
CA CYS H 3734 -2.85 69.22 8.51
C CYS H 3734 -1.34 69.32 8.53
N HIS H 3735 -0.80 70.00 9.54
CA HIS H 3735 0.59 70.42 9.52
C HIS H 3735 1.55 69.23 9.60
N LEU H 3736 1.38 68.38 10.61
CA LEU H 3736 2.37 67.35 10.89
C LEU H 3736 3.73 67.98 11.12
N GLU H 3737 3.86 68.78 12.16
CA GLU H 3737 5.13 69.43 12.48
C GLU H 3737 6.09 68.44 13.12
N VAL H 3752 17.06 70.64 21.14
CA VAL H 3752 16.63 70.17 22.45
C VAL H 3752 15.85 68.86 22.30
N GLU H 3753 15.15 68.47 23.36
CA GLU H 3753 14.33 67.26 23.36
C GLU H 3753 12.92 67.63 23.79
N VAL H 3754 11.97 67.53 22.86
CA VAL H 3754 10.58 67.83 23.18
C VAL H 3754 10.04 66.79 24.15
N SER H 3755 9.28 67.26 25.14
CA SER H 3755 8.79 66.38 26.18
C SER H 3755 7.78 65.38 25.63
N PHE H 3756 7.54 64.33 26.42
CA PHE H 3756 6.53 63.34 26.03
C PHE H 3756 5.15 63.96 25.92
N GLU H 3757 4.81 64.84 26.86
CA GLU H 3757 3.53 65.54 26.78
C GLU H 3757 3.46 66.39 25.51
N GLU H 3758 4.56 67.04 25.16
CA GLU H 3758 4.59 67.82 23.92
C GLU H 3758 4.36 66.95 22.70
N LYS H 3759 5.02 65.79 22.66
CA LYS H 3759 4.82 64.89 21.53
C LYS H 3759 3.36 64.46 21.44
N GLU H 3760 2.79 64.03 22.57
CA GLU H 3760 1.40 63.59 22.56
C GLU H 3760 0.46 64.71 22.16
N MET H 3761 0.79 65.93 22.56
CA MET H 3761 -0.08 67.06 22.26
C MET H 3761 -0.03 67.40 20.78
N GLU H 3762 1.15 67.33 20.18
CA GLU H 3762 1.25 67.50 18.73
C GLU H 3762 0.46 66.40 18.02
N LYS H 3763 0.54 65.18 18.53
CA LYS H 3763 -0.21 64.08 17.94
C LYS H 3763 -1.71 64.37 17.98
N GLN H 3764 -2.19 64.88 19.11
CA GLN H 3764 -3.61 65.20 19.23
C GLN H 3764 -4.01 66.34 18.30
N ARG H 3765 -3.17 67.37 18.16
CA ARG H 3765 -3.47 68.40 17.19
C ARG H 3765 -3.61 67.81 15.79
N LEU H 3766 -2.68 66.93 15.41
CA LEU H 3766 -2.72 66.37 14.06
C LEU H 3766 -3.99 65.55 13.88
N LEU H 3767 -4.37 64.77 14.89
CA LEU H 3767 -5.60 64.00 14.80
C LEU H 3767 -6.81 64.92 14.64
N TYR H 3768 -6.87 66.02 15.38
CA TYR H 3768 -7.99 66.93 15.25
C TYR H 3768 -8.03 67.57 13.87
N GLN H 3769 -6.87 67.98 13.37
CA GLN H 3769 -6.82 68.60 12.05
C GLN H 3769 -7.26 67.63 10.98
N GLN H 3770 -6.85 66.37 11.09
CA GLN H 3770 -7.28 65.37 10.12
C GLN H 3770 -8.76 65.04 10.27
N SER H 3771 -9.29 65.12 11.50
CA SER H 3771 -10.71 64.90 11.71
C SER H 3771 -11.54 65.98 11.04
N ARG H 3772 -11.10 67.24 11.12
CA ARG H 3772 -11.86 68.30 10.47
C ARG H 3772 -12.16 67.95 9.03
N LEU H 3773 -11.26 67.21 8.37
CA LEU H 3773 -11.44 66.85 6.97
C LEU H 3773 -12.14 65.52 6.78
N HIS H 3774 -11.69 64.45 7.43
CA HIS H 3774 -12.28 63.15 7.13
C HIS H 3774 -13.63 62.98 7.78
N ASN H 3775 -14.05 63.88 8.67
CA ASN H 3775 -15.42 63.89 9.13
C ASN H 3775 -16.35 64.58 8.14
N ARG H 3776 -15.81 65.06 7.01
CA ARG H 3776 -16.58 65.79 6.02
C ARG H 3776 -16.47 65.18 4.63
N GLY H 3777 -15.97 63.95 4.51
CA GLY H 3777 -15.92 63.26 3.25
C GLY H 3777 -14.61 63.37 2.48
N ALA H 3778 -13.55 63.87 3.12
CA ALA H 3778 -12.30 64.07 2.40
C ALA H 3778 -11.73 62.75 1.89
N ALA H 3779 -11.81 61.68 2.68
CA ALA H 3779 -11.25 60.41 2.26
C ALA H 3779 -11.97 59.86 1.03
N GLU H 3780 -13.31 59.89 1.07
CA GLU H 3780 -14.08 59.45 -0.09
C GLU H 3780 -13.77 60.31 -1.30
N MET H 3781 -13.62 61.61 -1.10
CA MET H 3781 -13.29 62.48 -2.22
C MET H 3781 -11.93 62.11 -2.82
N VAL H 3782 -10.96 61.82 -1.96
CA VAL H 3782 -9.63 61.46 -2.44
C VAL H 3782 -9.69 60.19 -3.28
N LEU H 3783 -10.40 59.19 -2.77
CA LEU H 3783 -10.51 57.94 -3.53
C LEU H 3783 -11.25 58.17 -4.85
N GLN H 3784 -12.32 58.95 -4.82
CA GLN H 3784 -13.07 59.21 -6.04
C GLN H 3784 -12.22 59.93 -7.08
N MET H 3785 -11.42 60.91 -6.65
CA MET H 3785 -10.56 61.62 -7.60
C MET H 3785 -9.44 60.74 -8.14
N ILE H 3786 -8.85 59.87 -7.31
CA ILE H 3786 -7.86 58.95 -7.83
C ILE H 3786 -8.48 58.03 -8.87
N SER H 3787 -9.70 57.53 -8.60
CA SER H 3787 -10.36 56.69 -9.59
C SER H 3787 -10.68 57.47 -10.85
N ALA H 3788 -11.06 58.75 -10.70
CA ALA H 3788 -11.48 59.54 -11.85
C ALA H 3788 -10.31 59.92 -12.74
N CYS H 3789 -9.10 60.07 -12.18
CA CYS H 3789 -7.97 60.44 -13.02
C CYS H 3789 -7.70 59.38 -14.09
N LYS H 3790 -8.17 58.16 -13.89
CA LYS H 3790 -8.06 57.09 -14.89
C LYS H 3790 -6.62 56.87 -15.31
N GLY H 3791 -5.72 56.89 -14.32
CA GLY H 3791 -4.34 56.56 -14.58
C GLY H 3791 -3.56 57.58 -15.38
N GLU H 3792 -4.02 58.82 -15.41
CA GLU H 3792 -3.35 59.89 -16.14
C GLU H 3792 -2.57 60.74 -15.16
N THR H 3793 -1.26 60.76 -15.30
CA THR H 3793 -0.42 61.57 -14.43
C THR H 3793 -0.71 63.06 -14.68
N GLY H 3794 -0.65 63.85 -13.62
CA GLY H 3794 -0.87 65.26 -13.75
C GLY H 3794 -0.99 65.94 -12.41
N ALA H 3795 -1.19 67.26 -12.46
CA ALA H 3795 -1.34 68.04 -11.25
C ALA H 3795 -2.58 67.65 -10.45
N MET H 3796 -3.66 67.27 -11.12
CA MET H 3796 -4.85 66.84 -10.41
C MET H 3796 -4.55 65.67 -9.49
N VAL H 3797 -3.96 64.61 -10.05
CA VAL H 3797 -3.65 63.44 -9.24
C VAL H 3797 -2.54 63.73 -8.24
N SER H 3798 -1.58 64.60 -8.58
CA SER H 3798 -0.56 64.96 -7.60
C SER H 3798 -1.18 65.61 -6.38
N SER H 3799 -2.09 66.57 -6.59
CA SER H 3799 -2.75 67.22 -5.47
C SER H 3799 -3.60 66.23 -4.69
N THR H 3800 -4.30 65.33 -5.39
CA THR H 3800 -5.11 64.34 -4.70
C THR H 3800 -4.25 63.45 -3.81
N LEU H 3801 -3.11 63.00 -4.33
CA LEU H 3801 -2.24 62.12 -3.55
C LEU H 3801 -1.67 62.87 -2.35
N LYS H 3802 -1.28 64.13 -2.54
CA LYS H 3802 -0.77 64.89 -1.40
C LYS H 3802 -1.83 65.09 -0.34
N LEU H 3803 -3.09 65.35 -0.74
CA LEU H 3803 -4.15 65.47 0.24
C LEU H 3803 -4.37 64.14 0.97
N GLY H 3804 -4.35 63.03 0.24
CA GLY H 3804 -4.51 61.74 0.88
C GLY H 3804 -3.43 61.49 1.90
N ILE H 3805 -2.18 61.76 1.54
CA ILE H 3805 -1.08 61.60 2.49
C ILE H 3805 -1.29 62.52 3.69
N SER H 3806 -1.74 63.74 3.45
CA SER H 3806 -1.92 64.69 4.55
C SER H 3806 -2.92 64.18 5.55
N ILE H 3807 -4.05 63.62 5.08
CA ILE H 3807 -5.06 63.13 6.01
C ILE H 3807 -4.76 61.73 6.54
N LEU H 3808 -3.82 61.01 5.93
CA LEU H 3808 -3.45 59.68 6.40
C LEU H 3808 -2.19 59.66 7.26
N ASN H 3809 -1.46 60.76 7.34
CA ASN H 3809 -0.18 60.76 8.05
C ASN H 3809 -0.36 60.31 9.48
N GLY H 3810 0.63 59.57 9.98
CA GLY H 3810 0.53 58.96 11.28
C GLY H 3810 -0.25 57.67 11.32
N GLY H 3811 -0.59 57.10 10.16
CA GLY H 3811 -1.37 55.89 10.12
C GLY H 3811 -2.75 56.06 10.73
N ASN H 3812 -3.46 57.11 10.31
CA ASN H 3812 -4.76 57.40 10.88
C ASN H 3812 -5.71 56.21 10.69
N ALA H 3813 -6.04 55.54 11.79
CA ALA H 3813 -6.87 54.34 11.72
C ALA H 3813 -8.28 54.68 11.26
N GLU H 3814 -8.84 55.79 11.72
CA GLU H 3814 -10.18 56.17 11.33
C GLU H 3814 -10.27 56.43 9.83
N VAL H 3815 -9.29 57.15 9.29
CA VAL H 3815 -9.26 57.42 7.86
C VAL H 3815 -9.08 56.13 7.08
N GLN H 3816 -8.20 55.24 7.57
CA GLN H 3816 -8.01 53.96 6.90
C GLN H 3816 -9.32 53.18 6.86
N GLN H 3817 -10.05 53.14 7.97
CA GLN H 3817 -11.31 52.42 8.02
C GLN H 3817 -12.32 53.03 7.06
N LYS H 3818 -12.40 54.37 7.02
CA LYS H 3818 -13.35 55.01 6.11
C LYS H 3818 -13.02 54.68 4.66
N MET H 3819 -11.74 54.76 4.29
CA MET H 3819 -11.35 54.45 2.92
C MET H 3819 -11.67 53.01 2.57
N LEU H 3820 -11.34 52.07 3.46
CA LEU H 3820 -11.58 50.67 3.16
C LEU H 3820 -13.08 50.39 3.04
N ASP H 3821 -13.88 50.96 3.94
CA ASP H 3821 -15.32 50.76 3.87
C ASP H 3821 -15.88 51.32 2.57
N TYR H 3822 -15.43 52.51 2.17
CA TYR H 3822 -15.91 53.08 0.92
C TYR H 3822 -15.56 52.18 -0.25
N LEU H 3823 -14.32 51.72 -0.32
CA LEU H 3823 -13.90 50.89 -1.44
C LEU H 3823 -14.70 49.60 -1.49
N LYS H 3824 -14.86 48.94 -0.33
CA LYS H 3824 -15.56 47.66 -0.32
C LYS H 3824 -17.05 47.84 -0.60
N ASP H 3825 -17.62 48.98 -0.23
CA ASP H 3825 -19.04 49.21 -0.50
C ASP H 3825 -19.28 49.52 -1.97
N LYS H 3826 -18.41 50.32 -2.58
CA LYS H 3826 -18.64 50.71 -3.97
C LYS H 3826 -18.23 49.61 -4.94
N LYS H 3827 -17.22 48.81 -4.60
CA LYS H 3827 -16.82 47.69 -5.44
C LYS H 3827 -16.46 48.14 -6.85
N GLU H 3828 -15.73 49.25 -6.93
CA GLU H 3828 -15.31 49.82 -8.20
C GLU H 3828 -13.88 49.39 -8.50
N VAL H 3829 -13.63 48.99 -9.75
CA VAL H 3829 -12.32 48.51 -10.17
C VAL H 3829 -11.47 49.70 -10.62
N GLY H 3830 -12.12 50.85 -10.79
CA GLY H 3830 -11.45 52.03 -11.30
C GLY H 3830 -10.31 52.48 -10.42
N PHE H 3831 -10.47 52.39 -9.10
CA PHE H 3831 -9.44 52.87 -8.20
C PHE H 3831 -8.12 52.13 -8.41
N PHE H 3832 -8.17 50.80 -8.36
CA PHE H 3832 -6.93 50.04 -8.50
C PHE H 3832 -6.44 50.03 -9.93
N GLN H 3833 -7.33 50.09 -10.92
CA GLN H 3833 -6.86 50.23 -12.28
C GLN H 3833 -6.07 51.53 -12.46
N SER H 3834 -6.57 52.63 -11.89
CA SER H 3834 -5.86 53.89 -11.96
C SER H 3834 -4.53 53.83 -11.23
N ILE H 3835 -4.52 53.20 -10.05
CA ILE H 3835 -3.27 53.08 -9.30
C ILE H 3835 -2.24 52.30 -10.12
N GLN H 3836 -2.66 51.19 -10.72
CA GLN H 3836 -1.75 50.39 -11.51
C GLN H 3836 -1.22 51.16 -12.71
N ALA H 3837 -2.09 51.90 -13.39
CA ALA H 3837 -1.65 52.68 -14.54
C ALA H 3837 -0.65 53.75 -14.13
N LEU H 3838 -0.93 54.45 -13.03
CA LEU H 3838 0.02 55.46 -12.56
C LEU H 3838 1.36 54.82 -12.21
N MET H 3839 1.33 53.68 -11.52
CA MET H 3839 2.55 53.03 -11.11
C MET H 3839 3.36 52.57 -12.31
N GLN H 3840 2.68 52.14 -13.38
CA GLN H 3840 3.39 51.80 -14.61
C GLN H 3840 3.97 53.03 -15.29
N THR H 3841 3.29 54.18 -15.20
CA THR H 3841 3.82 55.40 -15.80
C THR H 3841 4.96 56.01 -14.99
N CYS H 3842 5.13 55.62 -13.73
CA CYS H 3842 6.24 56.14 -12.95
C CYS H 3842 7.56 55.83 -13.64
N SER H 3843 8.47 56.80 -13.61
CA SER H 3843 9.71 56.73 -14.38
C SER H 3843 10.88 56.29 -13.51
N VAL H 3844 11.97 55.89 -14.17
CA VAL H 3844 13.19 55.45 -13.51
C VAL H 3844 14.39 56.16 -14.13
N LEU H 3845 15.59 55.81 -13.70
CA LEU H 3845 16.80 56.43 -14.23
C LEU H 3845 16.94 56.12 -15.70
N ASP H 3846 17.22 57.15 -16.50
CA ASP H 3846 17.35 57.02 -17.95
C ASP H 3846 18.70 57.56 -18.38
N LEU H 3847 19.58 56.67 -18.83
CA LEU H 3847 20.95 57.08 -19.13
C LEU H 3847 21.01 57.86 -20.43
N ASN H 3848 20.16 57.54 -21.41
CA ASN H 3848 20.13 58.34 -22.63
C ASN H 3848 19.76 59.78 -22.32
N ALA H 3849 18.75 59.97 -21.48
CA ALA H 3849 18.39 61.33 -21.05
C ALA H 3849 19.52 61.97 -20.28
N PHE H 3850 20.21 61.19 -19.43
CA PHE H 3850 21.32 61.75 -18.68
C PHE H 3850 22.41 62.26 -19.61
N GLU H 3851 22.77 61.48 -20.62
CA GLU H 3851 23.81 61.89 -21.55
C GLU H 3851 23.38 63.09 -22.37
N ARG H 3852 22.12 63.12 -22.79
CA ARG H 3852 21.62 64.28 -23.53
C ARG H 3852 21.70 65.53 -22.66
N GLN H 3853 21.33 65.40 -21.39
CA GLN H 3853 21.43 66.54 -20.47
C GLN H 3853 22.88 66.96 -20.29
N ASN H 3854 23.80 66.00 -20.22
CA ASN H 3854 25.21 66.33 -20.08
C ASN H 3854 25.70 67.14 -21.27
N LYS H 3855 25.34 66.73 -22.49
CA LYS H 3855 25.76 67.48 -23.66
C LYS H 3855 25.08 68.85 -23.71
N ALA H 3856 23.82 68.93 -23.30
CA ALA H 3856 23.15 70.23 -23.27
C ALA H 3856 23.86 71.18 -22.31
N GLU H 3857 24.24 70.68 -21.14
CA GLU H 3857 24.98 71.51 -20.19
C GLU H 3857 26.34 71.90 -20.75
N GLY H 3858 27.02 70.95 -21.40
CA GLY H 3858 28.31 71.27 -22.01
C GLY H 3858 28.19 72.40 -23.01
N LEU H 3859 27.11 72.41 -23.79
CA LEU H 3859 26.82 73.56 -24.63
C LEU H 3859 26.57 74.79 -23.76
N GLY H 3860 27.16 75.91 -24.14
CA GLY H 3860 26.98 77.16 -23.42
C GLY H 3860 26.59 78.28 -24.36
N MET H 3861 25.49 78.97 -24.05
CA MET H 3861 25.00 80.03 -24.93
C MET H 3861 26.07 81.08 -25.15
N VAL H 3862 26.28 81.47 -26.42
CA VAL H 3862 27.30 82.45 -26.74
C VAL H 3862 26.84 83.85 -26.33
N ASN H 3863 25.70 84.28 -26.87
CA ASN H 3863 25.12 85.55 -26.48
C ASN H 3863 24.79 85.53 -24.99
N GLU H 3864 24.52 86.71 -24.43
CA GLU H 3864 24.27 86.84 -23.00
C GLU H 3864 23.27 85.81 -22.53
N ASP H 3865 23.73 84.91 -21.65
CA ASP H 3865 22.92 83.77 -21.23
C ASP H 3865 21.58 84.22 -20.68
N GLY H 3866 21.59 85.15 -19.74
CA GLY H 3866 20.34 85.62 -19.16
C GLY H 3866 19.40 86.20 -20.19
N THR H 3867 19.95 86.98 -21.13
CA THR H 3867 19.12 87.55 -22.19
C THR H 3867 18.55 86.45 -23.10
N VAL H 3868 19.18 85.28 -23.11
CA VAL H 3868 18.74 84.19 -23.98
C VAL H 3868 18.25 83.04 -23.09
N ILE H 3869 17.81 81.95 -23.70
CA ILE H 3869 17.23 80.82 -22.95
C ILE H 3869 18.08 80.46 -21.74
N ASN H 3870 19.39 80.68 -21.80
CA ASN H 3870 20.27 80.42 -20.66
C ASN H 3870 20.25 78.93 -20.29
N ARG H 3871 20.03 78.09 -21.28
CA ARG H 3871 19.94 76.65 -21.08
C ARG H 3871 18.89 76.32 -20.03
N GLN H 3872 17.68 76.82 -20.28
CA GLN H 3872 16.54 76.61 -19.39
C GLN H 3872 16.04 75.17 -19.56
N ASN H 3873 16.85 74.23 -19.08
CA ASN H 3873 16.57 72.82 -19.15
C ASN H 3873 16.29 72.27 -17.75
N GLY H 3874 15.14 71.62 -17.59
CA GLY H 3874 14.81 71.00 -16.33
C GLY H 3874 15.35 69.60 -16.23
N GLU H 3875 15.26 69.05 -15.02
CA GLU H 3875 15.74 67.69 -14.79
C GLU H 3875 14.96 66.71 -15.64
N LYS H 3876 15.67 66.02 -16.53
CA LYS H 3876 15.07 65.03 -17.41
C LYS H 3876 15.21 63.61 -16.89
N VAL H 3877 16.04 63.39 -15.88
CA VAL H 3877 16.25 62.07 -15.32
C VAL H 3877 15.40 61.94 -14.06
N MET H 3878 14.44 61.03 -14.08
CA MET H 3878 13.47 60.86 -13.00
C MET H 3878 12.89 62.22 -12.61
N ALA H 3879 12.21 62.84 -13.57
CA ALA H 3879 11.59 64.14 -13.32
C ALA H 3879 10.37 64.04 -12.41
N ASP H 3880 9.78 62.86 -12.26
CA ASP H 3880 8.61 62.65 -11.44
C ASP H 3880 8.92 61.89 -10.16
N ASP H 3881 10.13 62.04 -9.62
CA ASP H 3881 10.49 61.33 -8.39
C ASP H 3881 9.57 61.73 -7.26
N GLU H 3882 9.20 63.00 -7.19
CA GLU H 3882 8.28 63.45 -6.15
C GLU H 3882 6.94 62.74 -6.25
N PHE H 3883 6.41 62.62 -7.47
CA PHE H 3883 5.14 61.93 -7.64
C PHE H 3883 5.26 60.46 -7.29
N THR H 3884 6.36 59.81 -7.69
CA THR H 3884 6.52 58.40 -7.36
C THR H 3884 6.59 58.20 -5.85
N GLN H 3885 7.33 59.06 -5.16
CA GLN H 3885 7.39 58.98 -3.72
C GLN H 3885 6.04 59.22 -3.09
N ASP H 3886 5.26 60.17 -3.61
CA ASP H 3886 3.94 60.41 -3.06
C ASP H 3886 3.04 59.19 -3.25
N LEU H 3887 3.08 58.57 -4.43
CA LEU H 3887 2.25 57.41 -4.69
C LEU H 3887 2.58 56.29 -3.72
N PHE H 3888 3.87 55.98 -3.59
CA PHE H 3888 4.23 54.86 -2.73
C PHE H 3888 4.07 55.19 -1.25
N ARG H 3889 4.20 56.46 -0.87
CA ARG H 3889 3.89 56.87 0.49
C ARG H 3889 2.42 56.70 0.78
N PHE H 3890 1.56 57.04 -0.18
CA PHE H 3890 0.12 56.83 0.00
C PHE H 3890 -0.19 55.36 0.20
N LEU H 3891 0.39 54.51 -0.65
CA LEU H 3891 0.14 53.08 -0.51
C LEU H 3891 0.65 52.56 0.84
N GLN H 3892 1.82 53.01 1.28
CA GLN H 3892 2.33 52.60 2.58
C GLN H 3892 1.41 53.08 3.70
N LEU H 3893 0.97 54.33 3.64
CA LEU H 3893 0.10 54.87 4.67
C LEU H 3893 -1.22 54.14 4.75
N LEU H 3894 -1.70 53.57 3.64
CA LEU H 3894 -2.91 52.77 3.71
C LEU H 3894 -2.74 51.58 4.64
N CYS H 3895 -1.59 50.91 4.60
CA CYS H 3895 -1.35 49.72 5.40
C CYS H 3895 -0.65 50.00 6.71
N GLU H 3896 -0.20 51.22 6.96
CA GLU H 3896 0.61 51.48 8.14
C GLU H 3896 -0.17 51.18 9.41
N GLY H 3897 0.53 50.69 10.43
CA GLY H 3897 -0.09 50.24 11.64
C GLY H 3897 -0.49 48.79 11.66
N HIS H 3898 0.01 48.00 10.71
CA HIS H 3898 -0.35 46.58 10.59
C HIS H 3898 -1.86 46.43 10.40
N ASN H 3899 -2.39 47.16 9.42
CA ASN H 3899 -3.80 47.07 9.07
C ASN H 3899 -3.97 45.85 8.16
N ASN H 3900 -4.33 44.73 8.77
CA ASN H 3900 -4.44 43.49 8.02
C ASN H 3900 -5.48 43.59 6.91
N ASP H 3901 -6.54 44.38 7.12
CA ASP H 3901 -7.61 44.45 6.14
C ASP H 3901 -7.11 45.07 4.84
N PHE H 3902 -6.46 46.24 4.92
CA PHE H 3902 -5.82 46.77 3.72
C PHE H 3902 -4.69 45.90 3.22
N GLN H 3903 -3.90 45.30 4.11
CA GLN H 3903 -2.81 44.45 3.65
C GLN H 3903 -3.34 43.34 2.76
N ASN H 3904 -4.55 42.84 3.04
CA ASN H 3904 -5.14 41.81 2.20
C ASN H 3904 -5.85 42.42 0.99
N TYR H 3905 -6.51 43.57 1.17
CA TYR H 3905 -7.26 44.16 0.08
C TYR H 3905 -6.34 44.60 -1.06
N LEU H 3906 -5.17 45.13 -0.72
CA LEU H 3906 -4.23 45.56 -1.75
C LEU H 3906 -3.75 44.38 -2.60
N ARG H 3907 -3.91 43.15 -2.11
CA ARG H 3907 -3.54 41.97 -2.86
C ARG H 3907 -4.72 41.39 -3.63
N THR H 3908 -5.87 41.24 -2.99
CA THR H 3908 -7.06 40.67 -3.63
C THR H 3908 -8.29 41.46 -3.21
N GLN H 3909 -8.97 42.05 -4.18
CA GLN H 3909 -10.26 42.70 -3.96
C GLN H 3909 -11.35 41.66 -4.20
N THR H 3910 -11.79 41.03 -3.11
CA THR H 3910 -12.70 39.89 -3.22
C THR H 3910 -14.01 40.26 -3.92
N GLY H 3911 -14.64 41.35 -3.49
CA GLY H 3911 -15.93 41.70 -4.06
C GLY H 3911 -15.86 42.08 -5.52
N ASN H 3912 -14.79 42.77 -5.91
CA ASN H 3912 -14.71 43.30 -7.26
C ASN H 3912 -14.74 42.18 -8.29
N THR H 3913 -15.16 42.52 -9.51
CA THR H 3913 -15.19 41.54 -10.59
C THR H 3913 -13.77 41.13 -11.00
N THR H 3914 -12.86 42.09 -11.03
CA THR H 3914 -11.46 41.83 -11.35
C THR H 3914 -10.57 42.42 -10.26
N THR H 3915 -9.51 41.70 -9.92
CA THR H 3915 -8.58 42.12 -8.89
C THR H 3915 -7.24 42.48 -9.49
N ILE H 3916 -6.53 43.39 -8.82
CA ILE H 3916 -5.19 43.81 -9.21
C ILE H 3916 -4.29 43.65 -8.00
N ASN H 3917 -3.15 43.01 -8.19
CA ASN H 3917 -2.22 42.74 -7.09
C ASN H 3917 -1.24 43.90 -6.98
N ILE H 3918 -1.57 44.87 -6.14
CA ILE H 3918 -0.72 46.04 -5.97
C ILE H 3918 0.63 45.64 -5.40
N ILE H 3919 0.69 44.54 -4.64
CA ILE H 3919 1.97 44.06 -4.15
C ILE H 3919 2.89 43.73 -5.33
N ILE H 3920 2.37 42.97 -6.29
CA ILE H 3920 3.17 42.59 -7.45
C ILE H 3920 3.47 43.81 -8.33
N CYS H 3921 2.54 44.77 -8.42
CA CYS H 3921 2.85 45.98 -9.17
C CYS H 3921 4.01 46.74 -8.54
N THR H 3922 4.02 46.84 -7.21
CA THR H 3922 5.15 47.47 -6.52
C THR H 3922 6.44 46.71 -6.78
N VAL H 3923 6.40 45.39 -6.74
CA VAL H 3923 7.59 44.60 -7.03
C VAL H 3923 8.09 44.87 -8.45
N ASP H 3924 7.16 44.97 -9.39
CA ASP H 3924 7.55 45.24 -10.78
C ASP H 3924 8.24 46.58 -10.91
N TYR H 3925 7.67 47.62 -10.28
CA TYR H 3925 8.34 48.92 -10.33
C TYR H 3925 9.71 48.85 -9.67
N LEU H 3926 9.83 48.13 -8.56
CA LEU H 3926 11.12 48.00 -7.91
C LEU H 3926 12.13 47.33 -8.83
N LEU H 3927 11.70 46.30 -9.56
CA LEU H 3927 12.61 45.64 -10.49
C LEU H 3927 13.06 46.59 -11.58
N ARG H 3928 12.15 47.38 -12.13
CA ARG H 3928 12.53 48.35 -13.14
C ARG H 3928 13.56 49.34 -12.58
N LEU H 3929 13.30 49.85 -11.37
CA LEU H 3929 14.22 50.81 -10.77
C LEU H 3929 15.58 50.17 -10.52
N GLN H 3930 15.61 48.92 -10.05
CA GLN H 3930 16.87 48.24 -9.81
C GLN H 3930 17.66 48.09 -11.10
N GLU H 3931 16.98 47.72 -12.19
CA GLU H 3931 17.68 47.59 -13.46
C GLU H 3931 18.26 48.93 -13.89
N SER H 3932 17.49 50.01 -13.75
CA SER H 3932 18.00 51.32 -14.12
C SER H 3932 19.21 51.70 -13.29
N ILE H 3933 19.16 51.44 -11.98
CA ILE H 3933 20.28 51.79 -11.11
C ILE H 3933 21.52 50.97 -11.46
N SER H 3934 21.33 49.69 -11.78
CA SER H 3934 22.47 48.87 -12.19
C SER H 3934 23.09 49.40 -13.47
N ASP H 3935 22.26 49.79 -14.43
CA ASP H 3935 22.78 50.38 -15.66
C ASP H 3935 23.58 51.63 -15.37
N PHE H 3936 23.06 52.48 -14.49
CA PHE H 3936 23.73 53.75 -14.19
C PHE H 3936 25.05 53.51 -13.48
N TYR H 3937 25.09 52.53 -12.56
CA TYR H 3937 26.34 52.14 -11.94
C TYR H 3937 27.34 51.66 -12.99
N TRP H 3938 26.92 50.73 -13.86
CA TRP H 3938 27.82 50.27 -14.90
C TRP H 3938 28.36 51.42 -15.73
N TYR H 3939 27.53 52.43 -15.98
CA TYR H 3939 28.01 53.62 -16.68
C TYR H 3939 29.15 54.28 -15.90
N TYR H 3940 28.99 54.41 -14.59
CA TYR H 3940 30.01 55.09 -13.78
C TYR H 3940 31.10 54.17 -13.23
N SER H 3941 31.12 52.89 -13.64
CA SER H 3941 32.05 51.95 -13.03
C SER H 3941 33.50 52.30 -13.34
N GLY H 3942 33.79 52.57 -14.60
CA GLY H 3942 35.16 52.87 -15.01
C GLY H 3942 35.68 54.16 -14.43
N LYS H 3943 34.84 55.19 -14.41
CA LYS H 3943 35.26 56.51 -13.97
C LYS H 3943 35.74 56.46 -12.53
N ASP H 3944 36.82 57.19 -12.24
CA ASP H 3944 37.40 57.18 -10.90
C ASP H 3944 36.47 57.84 -9.89
N VAL H 3945 35.87 58.97 -10.25
CA VAL H 3945 35.00 59.72 -9.35
C VAL H 3945 33.70 60.02 -10.06
N ILE H 3946 32.66 60.25 -9.26
CA ILE H 3946 31.33 60.55 -9.78
C ILE H 3946 31.10 62.05 -9.66
N GLU H 3947 30.65 62.66 -10.75
CA GLU H 3947 30.43 64.10 -10.76
C GLU H 3947 29.09 64.45 -10.11
N GLU H 3948 28.85 65.76 -9.98
CA GLU H 3948 27.78 66.25 -9.12
C GLU H 3948 26.41 65.82 -9.60
N GLN H 3949 26.16 65.92 -10.91
CA GLN H 3949 24.86 65.52 -11.43
C GLN H 3949 24.64 64.02 -11.29
N GLY H 3950 25.70 63.23 -11.48
CA GLY H 3950 25.60 61.82 -11.22
C GLY H 3950 25.24 61.53 -9.77
N LYS H 3951 25.84 62.26 -8.84
CA LYS H 3951 25.51 62.09 -7.44
C LYS H 3951 24.06 62.43 -7.17
N ARG H 3952 23.58 63.53 -7.75
CA ARG H 3952 22.19 63.92 -7.55
C ARG H 3952 21.23 62.87 -8.10
N ASN H 3953 21.54 62.31 -9.27
CA ASN H 3953 20.67 61.29 -9.83
C ASN H 3953 20.69 60.02 -8.99
N PHE H 3954 21.86 59.60 -8.51
CA PHE H 3954 21.90 58.49 -7.57
C PHE H 3954 21.05 58.78 -6.34
N SER H 3955 21.15 59.98 -5.80
CA SER H 3955 20.39 60.30 -4.58
C SER H 3955 18.90 60.23 -4.84
N LYS H 3956 18.44 60.76 -5.98
CA LYS H 3956 17.02 60.67 -6.30
C LYS H 3956 16.55 59.23 -6.43
N ALA H 3957 17.27 58.44 -7.23
CA ALA H 3957 16.89 57.04 -7.41
C ALA H 3957 16.89 56.29 -6.08
N MET H 3958 17.87 56.59 -5.23
CA MET H 3958 18.00 55.87 -3.97
C MET H 3958 16.91 56.28 -2.98
N SER H 3959 16.51 57.55 -2.97
CA SER H 3959 15.37 57.94 -2.15
C SER H 3959 14.11 57.22 -2.60
N VAL H 3960 13.88 57.14 -3.92
CA VAL H 3960 12.70 56.46 -4.41
C VAL H 3960 12.75 54.98 -4.02
N ALA H 3961 13.91 54.35 -4.17
CA ALA H 3961 14.04 52.94 -3.81
C ALA H 3961 13.80 52.72 -2.33
N LYS H 3962 14.30 53.64 -1.49
CA LYS H 3962 14.04 53.54 -0.07
C LYS H 3962 12.55 53.61 0.23
N GLN H 3963 11.84 54.53 -0.41
CA GLN H 3963 10.40 54.62 -0.19
C GLN H 3963 9.70 53.33 -0.62
N VAL H 3964 10.12 52.76 -1.75
CA VAL H 3964 9.48 51.54 -2.23
C VAL H 3964 9.73 50.39 -1.26
N PHE H 3965 10.96 50.29 -0.75
CA PHE H 3965 11.26 49.24 0.22
C PHE H 3965 10.42 49.41 1.48
N ASN H 3966 10.27 50.64 1.95
CA ASN H 3966 9.41 50.89 3.09
C ASN H 3966 7.98 50.47 2.81
N SER H 3967 7.47 50.75 1.62
CA SER H 3967 6.11 50.34 1.27
C SER H 3967 5.97 48.82 1.29
N LEU H 3968 6.96 48.10 0.75
CA LEU H 3968 6.87 46.64 0.78
C LEU H 3968 6.91 46.11 2.21
N THR H 3969 7.79 46.67 3.04
CA THR H 3969 7.84 46.25 4.43
C THR H 3969 6.51 46.49 5.12
N GLU H 3970 5.88 47.63 4.85
CA GLU H 3970 4.57 47.90 5.42
C GLU H 3970 3.51 46.95 4.89
N TYR H 3971 3.62 46.53 3.64
CA TYR H 3971 2.70 45.52 3.12
C TYR H 3971 2.80 44.22 3.90
N ILE H 3972 4.02 43.76 4.20
CA ILE H 3972 4.20 42.42 4.72
C ILE H 3972 4.15 42.34 6.24
N GLN H 3973 4.53 43.39 6.96
CA GLN H 3973 4.61 43.27 8.41
C GLN H 3973 3.25 43.04 9.03
N GLY H 3974 3.23 42.38 10.18
CA GLY H 3974 2.03 42.14 10.94
C GLY H 3974 1.93 40.75 11.53
N PRO H 3975 2.37 39.70 10.81
CA PRO H 3975 2.69 39.56 9.39
C PRO H 3975 1.45 39.25 8.56
N CYS H 3976 1.40 39.73 7.33
CA CYS H 3976 0.35 39.38 6.39
C CYS H 3976 0.84 38.20 5.58
N THR H 3977 0.42 37.00 5.98
CA THR H 3977 0.95 35.79 5.36
C THR H 3977 0.65 35.74 3.87
N GLY H 3978 -0.52 36.22 3.47
CA GLY H 3978 -0.84 36.26 2.06
C GLY H 3978 0.16 37.08 1.26
N ASN H 3979 0.48 38.27 1.75
CA ASN H 3979 1.46 39.10 1.07
C ASN H 3979 2.85 38.48 1.12
N GLN H 3980 3.19 37.82 2.23
CA GLN H 3980 4.48 37.16 2.30
C GLN H 3980 4.60 36.10 1.22
N GLN H 3981 3.57 35.26 1.07
CA GLN H 3981 3.59 34.25 0.01
C GLN H 3981 3.65 34.89 -1.36
N SER H 3982 2.87 35.94 -1.57
CA SER H 3982 2.82 36.59 -2.87
C SER H 3982 4.19 37.13 -3.25
N LEU H 3983 4.88 37.77 -2.30
CA LEU H 3983 6.22 38.27 -2.59
C LEU H 3983 7.23 37.14 -2.76
N ALA H 3984 7.07 36.05 -1.99
CA ALA H 3984 7.97 34.92 -2.15
C ALA H 3984 7.88 34.35 -3.56
N HIS H 3985 6.69 34.37 -4.15
CA HIS H 3985 6.49 33.87 -5.51
C HIS H 3985 6.53 34.98 -6.55
N SER H 3986 7.34 36.00 -6.35
CA SER H 3986 7.42 37.14 -7.25
C SER H 3986 8.85 37.33 -7.74
N ARG H 3987 9.06 38.42 -8.48
CA ARG H 3987 10.37 38.78 -8.99
C ARG H 3987 11.19 39.57 -7.99
N LEU H 3988 10.78 39.57 -6.72
CA LEU H 3988 11.49 40.35 -5.72
C LEU H 3988 12.92 39.86 -5.54
N TRP H 3989 13.13 38.55 -5.63
CA TRP H 3989 14.46 38.01 -5.39
C TRP H 3989 15.47 38.53 -6.41
N ASP H 3990 15.06 38.66 -7.68
CA ASP H 3990 15.95 39.18 -8.68
C ASP H 3990 16.34 40.62 -8.37
N ALA H 3991 15.36 41.43 -7.95
CA ALA H 3991 15.65 42.80 -7.57
C ALA H 3991 16.63 42.85 -6.41
N VAL H 3992 16.45 41.97 -5.42
CA VAL H 3992 17.36 41.95 -4.29
C VAL H 3992 18.76 41.57 -4.73
N VAL H 3993 18.87 40.61 -5.65
CA VAL H 3993 20.19 40.20 -6.13
C VAL H 3993 20.89 41.37 -6.83
N GLY H 3994 20.18 42.06 -7.72
CA GLY H 3994 20.77 43.19 -8.39
C GLY H 3994 21.15 44.29 -7.42
N PHE H 3995 20.30 44.56 -6.44
CA PHE H 3995 20.61 45.57 -5.45
C PHE H 3995 21.83 45.19 -4.63
N LEU H 3996 21.98 43.90 -4.31
CA LEU H 3996 23.16 43.47 -3.58
C LEU H 3996 24.43 43.69 -4.39
N HIS H 3997 24.39 43.37 -5.67
CA HIS H 3997 25.56 43.62 -6.51
C HIS H 3997 25.91 45.09 -6.53
N VAL H 3998 24.91 45.94 -6.76
CA VAL H 3998 25.16 47.38 -6.82
C VAL H 3998 25.69 47.87 -5.48
N PHE H 3999 25.10 47.42 -4.38
CA PHE H 3999 25.53 47.84 -3.05
C PHE H 3999 27.00 47.49 -2.83
N ALA H 4000 27.37 46.25 -3.11
CA ALA H 4000 28.74 45.82 -2.87
C ALA H 4000 29.72 46.70 -3.64
N HIS H 4001 29.50 46.83 -4.95
CA HIS H 4001 30.48 47.55 -5.75
C HIS H 4001 30.48 49.04 -5.44
N MET H 4002 29.30 49.63 -5.24
CA MET H 4002 29.24 51.06 -4.93
C MET H 4002 29.86 51.36 -3.58
N MET H 4003 29.68 50.49 -2.59
CA MET H 4003 30.34 50.71 -1.31
C MET H 4003 31.85 50.67 -1.49
N MET H 4004 32.35 49.63 -2.16
CA MET H 4004 33.80 49.50 -2.32
C MET H 4004 34.37 50.71 -3.06
N LYS H 4005 33.62 51.26 -4.01
CA LYS H 4005 34.11 52.43 -4.74
C LYS H 4005 34.01 53.69 -3.90
N LEU H 4006 32.81 54.02 -3.43
CA LEU H 4006 32.58 55.25 -2.70
C LEU H 4006 33.43 55.35 -1.45
N ALA H 4007 33.88 54.23 -0.90
CA ALA H 4007 34.74 54.31 0.27
C ALA H 4007 36.05 55.03 -0.03
N GLN H 4008 36.62 54.78 -1.21
CA GLN H 4008 37.96 55.25 -1.52
C GLN H 4008 38.07 56.75 -1.63
N ASP H 4009 36.95 57.48 -1.67
CA ASP H 4009 36.96 58.93 -1.75
C ASP H 4009 36.22 59.53 -0.56
N SER H 4010 36.55 60.77 -0.25
CA SER H 4010 35.96 61.49 0.87
C SER H 4010 34.97 62.56 0.46
N SER H 4011 34.95 62.94 -0.82
CA SER H 4011 34.00 63.95 -1.28
C SER H 4011 32.59 63.39 -1.44
N GLN H 4012 32.41 62.08 -1.26
CA GLN H 4012 31.14 61.41 -1.49
C GLN H 4012 30.70 60.59 -0.28
N ILE H 4013 31.10 61.04 0.91
CA ILE H 4013 30.68 60.39 2.14
C ILE H 4013 29.16 60.43 2.26
N GLU H 4014 28.55 61.54 1.83
CA GLU H 4014 27.10 61.65 1.92
C GLU H 4014 26.41 60.59 1.07
N LEU H 4015 26.87 60.39 -0.16
CA LEU H 4015 26.30 59.35 -0.99
C LEU H 4015 26.51 57.98 -0.37
N LEU H 4016 27.69 57.74 0.20
CA LEU H 4016 27.92 56.45 0.84
C LEU H 4016 26.95 56.24 2.00
N LYS H 4017 26.72 57.29 2.79
CA LYS H 4017 25.78 57.19 3.90
C LYS H 4017 24.37 56.86 3.41
N GLU H 4018 23.93 57.54 2.35
CA GLU H 4018 22.60 57.29 1.83
C GLU H 4018 22.48 55.86 1.29
N LEU H 4019 23.53 55.39 0.62
CA LEU H 4019 23.55 54.00 0.16
C LEU H 4019 23.42 53.03 1.31
N LEU H 4020 24.16 53.30 2.39
CA LEU H 4020 24.10 52.42 3.56
C LEU H 4020 22.70 52.42 4.18
N ASP H 4021 22.06 53.58 4.22
CA ASP H 4021 20.69 53.64 4.75
C ASP H 4021 19.75 52.81 3.89
N LEU H 4022 19.86 52.93 2.56
CA LEU H 4022 19.04 52.13 1.67
C LEU H 4022 19.27 50.65 1.89
N GLN H 4023 20.53 50.26 2.08
CA GLN H 4023 20.85 48.86 2.35
C GLN H 4023 20.19 48.39 3.65
N LYS H 4024 20.22 49.22 4.68
CA LYS H 4024 19.55 48.86 5.92
C LYS H 4024 18.06 48.63 5.68
N ASP H 4025 17.44 49.50 4.88
CA ASP H 4025 16.02 49.33 4.61
C ASP H 4025 15.73 48.04 3.86
N MET H 4026 16.59 47.68 2.90
CA MET H 4026 16.43 46.40 2.22
C MET H 4026 16.51 45.23 3.20
N VAL H 4027 17.50 45.27 4.10
CA VAL H 4027 17.65 44.17 5.05
C VAL H 4027 16.45 44.10 5.98
N VAL H 4028 15.91 45.27 6.36
CA VAL H 4028 14.72 45.28 7.20
C VAL H 4028 13.54 44.64 6.47
N MET H 4029 13.42 44.92 5.17
CA MET H 4029 12.34 44.30 4.39
C MET H 4029 12.50 42.78 4.37
N LEU H 4030 13.73 42.31 4.19
CA LEU H 4030 13.96 40.86 4.20
C LEU H 4030 13.59 40.25 5.56
N LEU H 4031 14.01 40.92 6.64
CA LEU H 4031 13.66 40.40 7.97
C LEU H 4031 12.16 40.36 8.15
N SER H 4032 11.45 41.39 7.69
CA SER H 4032 9.99 41.37 7.75
C SER H 4032 9.42 40.20 6.97
N LEU H 4033 10.01 39.89 5.81
CA LEU H 4033 9.60 38.69 5.08
C LEU H 4033 9.78 37.44 5.92
N LEU H 4034 10.80 37.39 6.77
CA LEU H 4034 11.05 36.23 7.62
C LEU H 4034 10.20 36.22 8.89
N GLU H 4035 9.16 37.02 8.96
CA GLU H 4035 8.28 37.00 10.13
C GLU H 4035 7.40 35.76 10.09
N GLY H 4036 7.10 35.22 11.27
CA GLY H 4036 6.31 34.00 11.33
C GLY H 4036 6.95 32.82 10.66
N ASN H 4037 8.28 32.83 10.55
CA ASN H 4037 8.99 31.80 9.83
C ASN H 4037 8.83 30.44 10.51
N VAL H 4038 8.92 29.38 9.72
CA VAL H 4038 8.94 28.02 10.22
C VAL H 4038 10.23 27.36 9.77
N VAL H 4039 10.58 26.26 10.43
CA VAL H 4039 11.78 25.54 10.06
C VAL H 4039 11.61 24.94 8.67
N ASN H 4040 12.63 25.09 7.84
CA ASN H 4040 12.58 24.64 6.45
C ASN H 4040 11.41 25.29 5.71
N GLY H 4041 11.06 26.52 6.08
CA GLY H 4041 9.99 27.20 5.40
C GLY H 4041 10.35 27.56 3.98
N MET H 4042 9.31 27.76 3.16
CA MET H 4042 9.51 28.05 1.75
C MET H 4042 10.22 29.38 1.56
N ILE H 4043 9.79 30.41 2.31
CA ILE H 4043 10.43 31.73 2.18
C ILE H 4043 11.88 31.64 2.62
N ALA H 4044 12.15 30.92 3.70
CA ALA H 4044 13.52 30.76 4.17
C ALA H 4044 14.38 30.08 3.11
N ARG H 4045 13.87 29.01 2.52
CA ARG H 4045 14.64 28.31 1.50
C ARG H 4045 14.90 29.19 0.29
N GLN H 4046 13.89 29.96 -0.13
CA GLN H 4046 14.08 30.82 -1.28
C GLN H 4046 15.06 31.95 -0.98
N MET H 4047 15.05 32.45 0.25
CA MET H 4047 16.01 33.49 0.61
C MET H 4047 17.42 32.92 0.67
N VAL H 4048 17.56 31.68 1.13
CA VAL H 4048 18.87 31.02 1.11
C VAL H 4048 19.35 30.87 -0.32
N ASP H 4049 18.45 30.47 -1.23
CA ASP H 4049 18.82 30.35 -2.64
C ASP H 4049 19.26 31.70 -3.19
N MET H 4050 18.54 32.77 -2.84
CA MET H 4050 18.91 34.10 -3.31
C MET H 4050 20.30 34.49 -2.81
N LEU H 4051 20.59 34.24 -1.54
CA LEU H 4051 21.91 34.57 -1.01
C LEU H 4051 22.99 33.76 -1.71
N VAL H 4052 22.74 32.47 -1.92
CA VAL H 4052 23.73 31.64 -2.60
C VAL H 4052 23.97 32.17 -4.01
N GLU H 4053 22.91 32.59 -4.69
CA GLU H 4053 23.08 33.16 -6.03
C GLU H 4053 23.92 34.42 -5.99
N SER H 4054 23.71 35.27 -4.99
CA SER H 4054 24.47 36.52 -4.84
C SER H 4054 25.62 36.38 -3.85
N SER H 4055 26.22 35.20 -3.77
CA SER H 4055 27.22 34.94 -2.73
C SER H 4055 28.36 35.95 -2.73
N SER H 4056 28.97 36.17 -3.89
CA SER H 4056 30.19 36.98 -3.94
C SER H 4056 29.94 38.39 -3.44
N ASN H 4057 28.82 38.99 -3.87
CA ASN H 4057 28.50 40.35 -3.42
C ASN H 4057 28.28 40.39 -1.91
N VAL H 4058 27.60 39.37 -1.37
CA VAL H 4058 27.43 39.30 0.08
C VAL H 4058 28.78 39.21 0.77
N GLU H 4059 29.70 38.42 0.21
CA GLU H 4059 31.02 38.30 0.79
C GLU H 4059 31.73 39.66 0.80
N MET H 4060 31.63 40.41 -0.29
CA MET H 4060 32.26 41.73 -0.33
C MET H 4060 31.65 42.65 0.71
N ILE H 4061 30.33 42.64 0.85
CA ILE H 4061 29.67 43.48 1.85
C ILE H 4061 30.16 43.12 3.24
N LEU H 4062 30.22 41.82 3.54
CA LEU H 4062 30.65 41.39 4.86
C LEU H 4062 32.09 41.79 5.13
N LYS H 4063 32.96 41.68 4.12
CA LYS H 4063 34.34 42.10 4.29
C LYS H 4063 34.42 43.60 4.59
N PHE H 4064 33.67 44.41 3.84
CA PHE H 4064 33.65 45.84 4.11
C PHE H 4064 33.27 46.10 5.56
N PHE H 4065 32.18 45.49 6.01
CA PHE H 4065 31.69 45.76 7.35
C PHE H 4065 32.70 45.31 8.41
N ASP H 4066 33.29 44.12 8.25
CA ASP H 4066 34.21 43.64 9.27
C ASP H 4066 35.47 44.50 9.31
N MET H 4067 35.94 44.94 8.14
CA MET H 4067 37.10 45.83 8.12
C MET H 4067 36.83 47.10 8.92
N PHE H 4068 35.72 47.78 8.60
CA PHE H 4068 35.48 49.05 9.27
C PHE H 4068 34.94 48.87 10.69
N LEU H 4069 34.64 47.63 11.10
CA LEU H 4069 34.37 47.38 12.51
C LEU H 4069 35.66 47.15 13.28
N LYS H 4070 36.58 46.36 12.71
CA LYS H 4070 37.87 46.15 13.36
C LYS H 4070 38.68 47.44 13.43
N LEU H 4071 38.43 48.38 12.51
CA LEU H 4071 39.20 49.61 12.50
C LEU H 4071 39.06 50.36 13.83
N LYS H 4072 37.81 50.55 14.26
CA LYS H 4072 37.57 51.34 15.50
C LYS H 4072 38.33 50.67 16.64
N ASP H 4073 38.30 49.33 16.69
CA ASP H 4073 38.99 48.58 17.76
C ASP H 4073 40.49 48.90 17.70
N ILE H 4074 41.11 48.75 16.55
CA ILE H 4074 42.59 48.94 16.45
C ILE H 4074 42.92 50.40 16.84
N VAL H 4075 42.10 51.35 16.36
CA VAL H 4075 42.37 52.78 16.68
C VAL H 4075 42.35 52.92 18.20
N GLY H 4076 41.40 52.28 18.88
CA GLY H 4076 41.38 52.30 20.35
C GLY H 4076 42.56 51.55 20.92
N SER H 4077 42.99 50.47 20.24
CA SER H 4077 44.10 49.63 20.75
C SER H 4077 45.31 50.51 21.05
N GLU H 4078 45.91 50.34 22.23
CA GLU H 4078 47.06 51.18 22.63
C GLU H 4078 48.23 50.92 21.66
N ALA H 4079 48.35 49.68 21.17
CA ALA H 4079 49.42 49.37 20.20
C ALA H 4079 49.39 50.40 19.07
N PHE H 4080 48.20 50.68 18.54
CA PHE H 4080 48.07 51.71 17.47
C PHE H 4080 48.44 53.05 18.06
N GLN H 4081 47.84 53.40 19.20
CA GLN H 4081 48.09 54.74 19.81
C GLN H 4081 49.60 54.87 20.06
N ASP H 4082 50.27 53.77 20.39
CA ASP H 4082 51.73 53.81 20.59
C ASP H 4082 52.40 54.09 19.25
N TYR H 4083 52.06 53.32 18.21
CA TYR H 4083 52.68 53.51 16.89
C TYR H 4083 52.49 54.95 16.46
N VAL H 4084 51.53 55.65 17.08
CA VAL H 4084 51.32 57.10 16.77
C VAL H 4084 52.35 57.91 17.58
N THR H 4085 53.35 58.47 16.90
CA THR H 4085 54.38 59.27 17.59
C THR H 4085 54.03 60.74 17.43
N ASP H 4086 53.49 61.11 16.27
CA ASP H 4086 53.09 62.53 16.03
C ASP H 4086 52.23 63.01 17.20
N PRO H 4087 52.56 64.16 17.83
CA PRO H 4087 51.80 64.68 18.94
C PRO H 4087 50.36 64.99 18.56
N ARG H 4088 50.16 65.54 17.36
CA ARG H 4088 48.80 65.94 16.91
C ARG H 4088 47.90 64.69 16.87
N GLY H 4089 48.48 63.52 16.58
CA GLY H 4089 47.71 62.26 16.56
C GLY H 4089 47.75 61.62 15.19
N LEU H 4090 47.86 62.44 14.15
CA LEU H 4090 47.83 61.91 12.76
C LEU H 4090 49.09 61.07 12.49
N ILE H 4091 48.92 59.76 12.37
CA ILE H 4091 50.07 58.87 12.03
C ILE H 4091 50.40 59.07 10.54
N SER H 4092 51.55 58.57 10.08
CA SER H 4092 51.94 58.73 8.66
C SER H 4092 51.33 57.61 7.82
N LYS H 4093 51.15 57.84 6.51
CA LYS H 4093 50.61 56.79 5.63
C LYS H 4093 51.53 55.57 5.74
N LYS H 4094 52.84 55.78 5.73
CA LYS H 4094 53.79 54.66 5.91
C LYS H 4094 53.68 54.11 7.34
N ASP H 4095 53.35 54.99 8.29
CA ASP H 4095 53.27 54.59 9.73
C ASP H 4095 51.96 53.84 10.01
N PHE H 4096 50.84 54.30 9.45
CA PHE H 4096 49.57 53.54 9.61
C PHE H 4096 49.82 52.14 9.07
N GLN H 4097 50.49 52.06 7.92
CA GLN H 4097 50.83 50.74 7.34
C GLN H 4097 51.48 49.90 8.44
N LYS H 4098 52.32 50.52 9.27
CA LYS H 4098 53.02 49.79 10.36
C LYS H 4098 52.01 49.32 11.43
N ALA H 4099 51.11 50.21 11.87
CA ALA H 4099 50.16 49.83 12.94
C ALA H 4099 49.42 48.58 12.51
N MET H 4100 48.88 48.60 11.29
CA MET H 4100 48.13 47.42 10.77
C MET H 4100 49.09 46.23 10.71
N ASP H 4101 50.32 46.45 10.23
CA ASP H 4101 51.32 45.36 10.15
C ASP H 4101 51.46 44.71 11.53
N SER H 4102 51.53 45.53 12.59
CA SER H 4102 51.73 44.99 13.96
C SER H 4102 50.60 44.01 14.33
N GLN H 4103 49.34 44.45 14.22
CA GLN H 4103 48.20 43.60 14.65
C GLN H 4103 48.12 42.34 13.77
N LYS H 4104 48.76 42.35 12.61
CA LYS H 4104 48.69 41.19 11.68
C LYS H 4104 47.20 40.80 11.52
N GLN H 4105 46.30 41.76 11.64
CA GLN H 4105 44.84 41.50 11.51
C GLN H 4105 44.43 41.68 10.04
N PHE H 4106 44.46 42.91 9.51
CA PHE H 4106 44.14 43.18 8.12
C PHE H 4106 45.22 42.62 7.20
N THR H 4107 44.80 42.06 6.07
CA THR H 4107 45.74 41.52 5.11
C THR H 4107 46.22 42.62 4.17
N GLY H 4108 47.35 42.38 3.49
CA GLY H 4108 48.00 43.38 2.69
C GLY H 4108 47.07 44.25 1.86
N PRO H 4109 46.32 43.63 0.94
CA PRO H 4109 45.36 44.40 0.14
C PRO H 4109 44.35 45.14 0.99
N GLU H 4110 43.97 44.55 2.13
CA GLU H 4110 43.03 45.22 3.02
C GLU H 4110 43.63 46.50 3.57
N ILE H 4111 44.91 46.45 3.94
CA ILE H 4111 45.59 47.65 4.43
C ILE H 4111 45.71 48.67 3.31
N GLN H 4112 45.96 48.21 2.08
CA GLN H 4112 46.00 49.13 0.94
C GLN H 4112 44.67 49.83 0.77
N PHE H 4113 43.57 49.09 0.86
CA PHE H 4113 42.24 49.68 0.75
C PHE H 4113 41.98 50.68 1.88
N LEU H 4114 42.39 50.33 3.10
CA LEU H 4114 42.21 51.25 4.22
C LEU H 4114 43.00 52.52 4.00
N LEU H 4115 44.21 52.41 3.47
CA LEU H 4115 45.00 53.59 3.16
C LEU H 4115 44.30 54.43 2.10
N SER H 4116 43.79 53.79 1.04
CA SER H 4116 43.07 54.51 0.00
C SER H 4116 41.88 55.26 0.58
N CYS H 4117 41.19 54.67 1.54
CA CYS H 4117 40.07 55.30 2.21
C CYS H 4117 40.50 56.25 3.32
N SER H 4118 41.81 56.31 3.61
CA SER H 4118 42.30 57.06 4.76
C SER H 4118 42.04 58.55 4.66
N GLU H 4119 41.90 59.08 3.45
CA GLU H 4119 41.76 60.53 3.26
C GLU H 4119 42.99 61.25 3.83
N ALA H 4120 44.17 60.77 3.44
CA ALA H 4120 45.40 61.35 3.94
C ALA H 4120 45.54 62.80 3.50
N ASP H 4121 46.03 63.63 4.41
CA ASP H 4121 46.24 65.04 4.11
C ASP H 4121 47.45 65.21 3.21
N GLU H 4122 47.72 66.48 2.86
CA GLU H 4122 48.86 66.77 1.99
C GLU H 4122 50.16 66.24 2.56
N ASN H 4123 50.21 66.13 3.90
CA ASN H 4123 51.43 65.64 4.58
C ASN H 4123 51.22 64.19 5.05
N GLU H 4124 50.40 63.43 4.32
CA GLU H 4124 50.17 62.00 4.66
C GLU H 4124 49.74 61.88 6.13
N MET H 4125 48.94 62.83 6.61
CA MET H 4125 48.47 62.82 8.02
C MET H 4125 47.05 62.24 8.09
N ILE H 4126 46.81 61.27 8.98
CA ILE H 4126 45.49 60.58 9.03
C ILE H 4126 44.86 60.75 10.42
N ASN H 4127 43.85 61.62 10.56
CA ASN H 4127 43.13 61.75 11.85
C ASN H 4127 42.42 60.43 12.11
N CYS H 4128 43.14 59.42 12.59
CA CYS H 4128 42.56 58.07 12.75
C CYS H 4128 41.26 58.13 13.58
N GLU H 4129 41.19 59.00 14.58
CA GLU H 4129 39.91 59.12 15.34
C GLU H 4129 38.77 59.25 14.33
N GLU H 4130 38.94 60.12 13.33
CA GLU H 4130 37.90 60.35 12.32
C GLU H 4130 37.83 59.19 11.34
N PHE H 4131 38.99 58.67 10.96
CA PHE H 4131 39.04 57.51 10.05
C PHE H 4131 38.19 56.37 10.60
N ALA H 4132 38.41 56.02 11.86
CA ALA H 4132 37.67 54.92 12.46
C ALA H 4132 36.21 55.26 12.65
N ASN H 4133 35.91 56.50 13.03
CA ASN H 4133 34.54 56.89 13.36
C ASN H 4133 33.72 57.24 12.12
N ARG H 4134 34.31 57.23 10.92
CA ARG H 4134 33.58 57.65 9.74
C ARG H 4134 32.32 56.81 9.52
N PHE H 4135 32.45 55.48 9.49
CA PHE H 4135 31.35 54.60 9.18
C PHE H 4135 30.84 53.81 10.39
N GLN H 4136 31.42 54.01 11.56
CA GLN H 4136 31.17 53.10 12.67
C GLN H 4136 29.68 52.94 12.95
N GLU H 4137 28.91 54.03 12.83
CA GLU H 4137 27.48 53.94 13.14
C GLU H 4137 26.71 53.21 12.06
N PRO H 4138 26.65 53.69 10.80
CA PRO H 4138 25.89 52.95 9.78
C PRO H 4138 26.40 51.55 9.58
N ALA H 4139 27.73 51.39 9.61
CA ALA H 4139 28.31 50.06 9.48
C ALA H 4139 27.82 49.16 10.60
N ARG H 4140 27.81 49.65 11.83
CA ARG H 4140 27.36 48.81 12.95
C ARG H 4140 25.89 48.44 12.79
N ASP H 4141 25.06 49.40 12.40
CA ASP H 4141 23.63 49.13 12.27
C ASP H 4141 23.37 48.06 11.22
N ILE H 4142 23.92 48.26 10.01
CA ILE H 4142 23.67 47.31 8.93
C ILE H 4142 24.31 45.97 9.25
N GLY H 4143 25.48 45.98 9.87
CA GLY H 4143 26.11 44.72 10.24
C GLY H 4143 25.28 43.94 11.23
N PHE H 4144 24.72 44.62 12.22
CA PHE H 4144 23.86 43.94 13.17
C PHE H 4144 22.64 43.35 12.48
N ASN H 4145 22.01 44.12 11.60
CA ASN H 4145 20.83 43.60 10.92
C ASN H 4145 21.18 42.40 10.04
N VAL H 4146 22.34 42.46 9.37
CA VAL H 4146 22.76 41.34 8.54
C VAL H 4146 23.06 40.12 9.41
N ALA H 4147 23.67 40.33 10.57
CA ALA H 4147 23.92 39.22 11.48
C ALA H 4147 22.62 38.61 11.96
N VAL H 4148 21.62 39.44 12.25
CA VAL H 4148 20.33 38.92 12.66
C VAL H 4148 19.70 38.10 11.53
N LEU H 4149 19.79 38.61 10.31
CA LEU H 4149 19.25 37.88 9.17
C LEU H 4149 19.92 36.52 9.02
N LEU H 4150 21.25 36.49 9.06
CA LEU H 4150 21.97 35.24 8.89
C LEU H 4150 21.69 34.28 10.03
N THR H 4151 21.59 34.77 11.27
CA THR H 4151 21.25 33.90 12.39
C THR H 4151 19.86 33.32 12.22
N ASN H 4152 18.90 34.15 11.81
CA ASN H 4152 17.55 33.66 11.57
C ASN H 4152 17.55 32.55 10.53
N LEU H 4153 18.21 32.78 9.41
CA LEU H 4153 18.24 31.77 8.36
C LEU H 4153 18.94 30.50 8.82
N SER H 4154 20.05 30.66 9.55
CA SER H 4154 20.79 29.48 10.01
C SER H 4154 19.96 28.65 10.97
N GLU H 4155 19.20 29.30 11.86
CA GLU H 4155 18.40 28.57 12.82
C GLU H 4155 17.08 28.05 12.26
N HIS H 4156 16.61 28.57 11.13
CA HIS H 4156 15.38 28.07 10.54
C HIS H 4156 15.60 27.20 9.31
N VAL H 4157 16.83 27.07 8.83
CA VAL H 4157 17.17 26.13 7.76
C VAL H 4157 18.37 25.33 8.24
N PRO H 4158 18.21 24.48 9.25
CA PRO H 4158 19.39 23.96 9.95
C PRO H 4158 20.35 23.17 9.08
N HIS H 4159 19.87 22.41 8.10
CA HIS H 4159 20.71 21.54 7.29
C HIS H 4159 20.82 22.12 5.89
N ASP H 4160 21.86 22.91 5.65
CA ASP H 4160 22.12 23.45 4.33
C ASP H 4160 23.60 23.81 4.19
N PRO H 4161 24.41 22.97 3.53
CA PRO H 4161 25.84 23.31 3.40
C PRO H 4161 26.08 24.64 2.73
N ARG H 4162 25.22 25.01 1.78
CA ARG H 4162 25.38 26.28 1.09
C ARG H 4162 25.29 27.44 2.08
N LEU H 4163 24.34 27.37 3.01
CA LEU H 4163 24.24 28.38 4.06
C LEU H 4163 25.40 28.26 5.05
N ARG H 4164 25.86 27.04 5.29
CA ARG H 4164 26.98 26.83 6.21
C ARG H 4164 28.21 27.58 5.73
N ASN H 4165 28.43 27.57 4.41
CA ASN H 4165 29.55 28.30 3.84
C ASN H 4165 29.43 29.80 4.13
N PHE H 4166 28.23 30.35 3.97
CA PHE H 4166 28.04 31.77 4.29
C PHE H 4166 28.32 32.05 5.75
N LEU H 4167 27.86 31.17 6.64
CA LEU H 4167 28.13 31.40 8.05
C LEU H 4167 29.62 31.38 8.34
N GLU H 4168 30.36 30.46 7.72
CA GLU H 4168 31.81 30.47 7.87
C GLU H 4168 32.39 31.79 7.38
N LEU H 4169 31.91 32.27 6.23
CA LEU H 4169 32.42 33.55 5.70
C LEU H 4169 32.14 34.70 6.63
N ALA H 4170 30.95 34.74 7.23
CA ALA H 4170 30.51 35.85 8.07
C ALA H 4170 30.84 35.64 9.54
N GLU H 4171 31.65 34.62 9.85
CA GLU H 4171 31.97 34.34 11.25
C GLU H 4171 32.45 35.58 11.99
N SER H 4172 33.23 36.44 11.34
CA SER H 4172 33.78 37.61 12.02
C SER H 4172 32.67 38.53 12.51
N ILE H 4173 31.73 38.89 11.62
CA ILE H 4173 30.65 39.78 12.02
C ILE H 4173 29.78 39.12 13.08
N LEU H 4174 29.50 37.84 12.93
CA LEU H 4174 28.68 37.14 13.92
C LEU H 4174 29.37 37.14 15.27
N GLU H 4175 30.67 36.90 15.30
CA GLU H 4175 31.39 36.95 16.57
C GLU H 4175 31.36 38.35 17.17
N TYR H 4176 31.53 39.38 16.33
CA TYR H 4176 31.54 40.74 16.85
C TYR H 4176 30.20 41.08 17.47
N PHE H 4177 29.10 40.66 16.84
CA PHE H 4177 27.76 41.03 17.29
C PHE H 4177 27.16 40.00 18.24
N ARG H 4178 27.87 38.93 18.57
CA ARG H 4178 27.34 37.87 19.42
C ARG H 4178 26.83 38.41 20.74
N PRO H 4179 27.60 39.25 21.45
CA PRO H 4179 27.12 39.74 22.75
C PRO H 4179 25.93 40.69 22.66
N TYR H 4180 25.54 41.12 21.46
CA TYR H 4180 24.47 42.09 21.31
C TYR H 4180 23.22 41.53 20.61
N LEU H 4181 23.27 40.29 20.14
CA LEU H 4181 22.14 39.71 19.42
C LEU H 4181 21.27 38.96 20.42
N GLY H 4182 20.29 39.64 21.00
CA GLY H 4182 19.38 38.99 21.91
C GLY H 4182 18.34 38.16 21.18
N ARG H 4183 17.96 37.06 21.83
CA ARG H 4183 17.10 36.05 21.20
C ARG H 4183 16.15 35.49 22.25
N ILE H 4184 14.85 35.49 21.94
CA ILE H 4184 13.85 34.93 22.85
C ILE H 4184 12.86 34.10 22.04
N GLU H 4185 12.03 33.35 22.78
CA GLU H 4185 10.97 32.55 22.19
C GLU H 4185 9.63 32.95 22.80
N ILE H 4186 8.60 33.04 21.96
CA ILE H 4186 7.26 33.38 22.41
C ILE H 4186 6.26 32.45 21.75
N MET H 4187 5.03 32.45 22.26
CA MET H 4187 3.92 31.82 21.57
C MET H 4187 3.25 32.88 20.71
N GLY H 4188 3.54 32.86 19.41
CA GLY H 4188 3.15 33.94 18.53
C GLY H 4188 1.69 33.87 18.12
N ALA H 4189 1.30 34.86 17.32
CA ALA H 4189 -0.08 34.94 16.85
C ALA H 4189 -0.43 33.73 15.99
N SER H 4190 0.56 33.07 15.41
CA SER H 4190 0.33 31.92 14.56
C SER H 4190 0.07 30.66 15.37
N ARG H 4191 0.00 30.80 16.70
CA ARG H 4191 -0.23 29.69 17.61
C ARG H 4191 0.92 28.68 17.58
N ARG H 4192 2.10 29.12 17.14
CA ARG H 4192 3.30 28.32 17.14
C ARG H 4192 4.39 29.06 17.89
N ILE H 4193 5.34 28.32 18.46
CA ILE H 4193 6.48 28.96 19.09
C ILE H 4193 7.31 29.65 18.02
N GLU H 4194 7.55 30.93 18.21
CA GLU H 4194 8.34 31.74 17.30
C GLU H 4194 9.54 32.29 18.04
N ARG H 4195 10.61 32.56 17.29
CA ARG H 4195 11.86 33.05 17.84
C ARG H 4195 12.08 34.48 17.36
N ILE H 4196 12.31 35.39 18.30
CA ILE H 4196 12.45 36.81 18.04
C ILE H 4196 13.88 37.23 18.33
N TYR H 4197 14.45 38.02 17.42
CA TYR H 4197 15.80 38.53 17.53
C TYR H 4197 15.75 40.04 17.67
N PHE H 4198 16.58 40.59 18.57
CA PHE H 4198 16.60 42.01 18.83
C PHE H 4198 18.01 42.41 19.27
N GLU H 4199 18.17 43.70 19.57
CA GLU H 4199 19.45 44.28 19.88
C GLU H 4199 19.55 44.57 21.37
N ILE H 4200 20.67 44.19 21.97
CA ILE H 4200 20.98 44.50 23.36
C ILE H 4200 22.11 45.52 23.37
N SER H 4201 21.93 46.61 24.10
CA SER H 4201 22.94 47.65 24.12
C SER H 4201 24.03 47.33 25.14
N GLU H 4202 25.24 47.83 24.86
CA GLU H 4202 26.37 47.57 25.74
C GLU H 4202 26.11 48.13 27.14
N THR H 4203 25.50 49.31 27.22
CA THR H 4203 25.18 49.89 28.52
C THR H 4203 24.25 48.97 29.30
N ASN H 4204 23.22 48.46 28.64
CA ASN H 4204 22.28 47.56 29.31
C ASN H 4204 22.97 46.30 29.78
N ARG H 4205 23.84 45.72 28.95
CA ARG H 4205 24.51 44.48 29.37
C ARG H 4205 25.45 44.74 30.53
N ALA H 4206 26.17 45.86 30.52
CA ALA H 4206 27.05 46.17 31.64
C ALA H 4206 26.25 46.38 32.91
N GLN H 4207 25.12 47.08 32.81
CA GLN H 4207 24.27 47.27 33.98
C GLN H 4207 23.75 45.93 34.50
N TRP H 4208 23.42 45.02 33.58
CA TRP H 4208 22.99 43.70 34.00
C TRP H 4208 24.10 42.94 34.73
N GLU H 4209 25.33 43.07 34.25
CA GLU H 4209 26.45 42.39 34.89
C GLU H 4209 26.89 43.06 36.19
N MET H 4210 26.42 44.27 36.44
CA MET H 4210 26.75 44.93 37.70
C MET H 4210 26.37 44.02 38.87
N PRO H 4211 27.22 43.88 39.89
CA PRO H 4211 26.95 42.86 40.92
C PRO H 4211 25.65 43.05 41.68
N GLN H 4212 25.20 44.29 41.87
CA GLN H 4212 23.95 44.51 42.61
C GLN H 4212 22.79 43.84 41.90
N VAL H 4213 22.74 43.97 40.56
CA VAL H 4213 21.65 43.39 39.80
C VAL H 4213 21.68 41.86 39.92
N LYS H 4214 22.87 41.28 39.98
CA LYS H 4214 22.97 39.83 40.16
C LYS H 4214 22.37 39.41 41.50
N GLU H 4215 22.66 40.18 42.56
CA GLU H 4215 22.07 39.87 43.86
C GLU H 4215 20.55 39.99 43.81
N SER H 4216 20.06 41.02 43.13
CA SER H 4216 18.61 41.18 43.01
C SER H 4216 18.00 39.98 42.27
N LYS H 4217 18.64 39.53 41.19
CA LYS H 4217 18.13 38.37 40.47
C LYS H 4217 18.12 37.13 41.36
N ARG H 4218 19.19 36.93 42.12
CA ARG H 4218 19.25 35.76 43.00
C ARG H 4218 18.12 35.81 44.02
N GLN H 4219 17.89 36.98 44.62
CA GLN H 4219 16.82 37.10 45.59
C GLN H 4219 15.47 36.84 44.94
N PHE H 4220 15.26 37.36 43.73
CA PHE H 4220 13.99 37.16 43.03
C PHE H 4220 13.76 35.68 42.74
N ILE H 4221 14.80 34.99 42.28
CA ILE H 4221 14.67 33.56 41.99
C ILE H 4221 14.33 32.80 43.26
N PHE H 4222 15.03 33.13 44.36
CA PHE H 4222 14.75 32.49 45.64
C PHE H 4222 13.28 32.68 46.02
N ASP H 4223 12.80 33.92 45.94
CA ASP H 4223 11.41 34.19 46.31
C ASP H 4223 10.44 33.42 45.43
N VAL H 4224 10.64 33.46 44.11
CA VAL H 4224 9.70 32.79 43.21
C VAL H 4224 9.66 31.30 43.50
N VAL H 4225 10.83 30.68 43.66
CA VAL H 4225 10.86 29.23 43.83
C VAL H 4225 10.25 28.83 45.16
N ASN H 4226 10.58 29.55 46.24
CA ASN H 4226 10.14 29.13 47.56
C ASN H 4226 8.72 29.58 47.89
N GLU H 4227 8.49 30.89 47.97
CA GLU H 4227 7.18 31.36 48.42
C GLU H 4227 6.23 31.57 47.24
N GLY H 4228 6.77 31.89 46.06
CA GLY H 4228 5.93 32.12 44.91
C GLY H 4228 5.22 30.85 44.47
N GLY H 4229 4.14 31.06 43.73
CA GLY H 4229 3.33 29.98 43.17
C GLY H 4229 3.75 29.65 41.75
N GLU H 4230 2.76 29.25 40.94
CA GLU H 4230 2.99 28.92 39.54
C GLU H 4230 2.11 29.70 38.59
N SER H 4231 0.87 30.03 38.98
CA SER H 4231 0.02 30.83 38.12
C SER H 4231 0.50 32.28 38.06
N GLU H 4232 1.11 32.77 39.13
CA GLU H 4232 1.60 34.13 39.21
C GLU H 4232 3.09 34.24 38.91
N LYS H 4233 3.73 33.15 38.49
CA LYS H 4233 5.17 33.18 38.26
C LYS H 4233 5.55 34.20 37.21
N MET H 4234 4.85 34.21 36.07
CA MET H 4234 5.18 35.16 35.01
C MET H 4234 4.84 36.59 35.42
N GLU H 4235 3.77 36.78 36.19
CA GLU H 4235 3.46 38.11 36.70
C GLU H 4235 4.60 38.63 37.55
N MET H 4236 5.09 37.81 38.48
CA MET H 4236 6.21 38.24 39.33
C MET H 4236 7.46 38.47 38.49
N PHE H 4237 7.69 37.63 37.48
CA PHE H 4237 8.85 37.81 36.62
C PHE H 4237 8.80 39.15 35.90
N VAL H 4238 7.64 39.50 35.35
CA VAL H 4238 7.53 40.76 34.62
C VAL H 4238 7.68 41.93 35.57
N SER H 4239 7.14 41.81 36.79
CA SER H 4239 7.32 42.87 37.78
C SER H 4239 8.80 43.05 38.10
N PHE H 4240 9.53 41.94 38.25
CA PHE H 4240 10.96 42.01 38.53
C PHE H 4240 11.70 42.67 37.38
N CYS H 4241 11.33 42.32 36.14
CA CYS H 4241 11.97 42.94 34.98
C CYS H 4241 11.72 44.44 34.97
N GLU H 4242 10.50 44.87 35.29
CA GLU H 4242 10.21 46.30 35.31
C GLU H 4242 11.02 47.01 36.38
N ASP H 4243 11.11 46.42 37.58
CA ASP H 4243 11.91 47.02 38.63
C ASP H 4243 13.37 47.12 38.22
N THR H 4244 13.90 46.06 37.59
CA THR H 4244 15.29 46.08 37.15
C THR H 4244 15.52 47.16 36.10
N ILE H 4245 14.56 47.32 35.18
CA ILE H 4245 14.70 48.35 34.16
C ILE H 4245 14.75 49.72 34.79
N PHE H 4246 13.86 49.98 35.75
CA PHE H 4246 13.87 51.29 36.41
C PHE H 4246 15.18 51.50 37.17
N GLU H 4247 15.67 50.44 37.83
CA GLU H 4247 16.94 50.56 38.53
C GLU H 4247 18.08 50.89 37.59
N MET H 4248 18.10 50.26 36.41
CA MET H 4248 19.15 50.58 35.44
C MET H 4248 19.02 52.01 34.93
N GLN H 4249 17.79 52.50 34.76
CA GLN H 4249 17.63 53.90 34.38
C GLN H 4249 18.20 54.83 35.45
N ILE H 4250 17.94 54.52 36.72
CA ILE H 4250 18.48 55.33 37.80
C ILE H 4250 20.00 55.28 37.80
N ALA H 4251 20.56 54.08 37.60
CA ALA H 4251 22.01 53.94 37.56
C ALA H 4251 22.61 54.77 36.44
N ALA H 4252 21.99 54.73 35.26
CA ALA H 4252 22.47 55.53 34.15
C ALA H 4252 22.40 57.02 34.48
N GLN H 4253 21.31 57.44 35.12
CA GLN H 4253 21.18 58.85 35.49
C GLN H 4253 22.33 59.27 36.42
N ILE H 4254 22.54 58.51 37.50
CA ILE H 4254 23.53 58.93 38.49
C ILE H 4254 24.94 58.81 37.93
N SER H 4255 25.19 57.86 37.04
CA SER H 4255 26.53 57.60 36.55
C SER H 4255 27.14 58.87 35.97
N GLU H 4256 28.38 59.16 36.36
CA GLU H 4256 29.07 60.35 35.88
C GLU H 4256 29.52 60.15 34.44
N PRO H 4257 29.57 61.23 33.63
CA PRO H 4257 30.03 61.11 32.24
C PRO H 4257 31.53 60.88 32.13
N ARG H 4318 55.85 37.79 80.67
CA ARG H 4318 55.52 39.13 80.12
C ARG H 4318 54.28 39.68 80.85
N ARG H 4319 54.08 41.00 80.82
CA ARG H 4319 52.87 41.64 81.42
C ARG H 4319 52.11 42.35 80.29
N LEU H 4320 50.80 42.14 80.19
CA LEU H 4320 49.95 42.75 79.13
C LEU H 4320 48.99 43.76 79.76
N THR H 4321 48.96 44.99 79.25
CA THR H 4321 48.05 46.04 79.71
C THR H 4321 46.66 45.70 79.26
N ALA H 4322 45.62 46.08 79.99
CA ALA H 4322 44.23 45.86 79.55
C ALA H 4322 44.04 46.65 78.25
N ARG H 4323 44.57 47.86 78.17
CA ARG H 4323 44.50 48.67 76.92
C ARG H 4323 45.25 47.96 75.79
N GLU H 4324 46.42 47.39 76.10
CA GLU H 4324 47.24 46.70 75.07
C GLU H 4324 46.44 45.52 74.54
N ALA H 4325 45.77 44.78 75.44
CA ALA H 4325 44.90 43.66 75.05
C ALA H 4325 43.75 44.22 74.22
N ALA H 4326 43.20 45.36 74.61
CA ALA H 4326 42.05 46.00 73.93
C ALA H 4326 42.39 46.41 72.49
N THR H 4327 43.59 46.94 72.24
CA THR H 4327 43.96 47.47 70.91
C THR H 4327 44.09 46.31 69.94
N ALA H 4328 44.62 45.17 70.36
CA ALA H 4328 44.83 44.00 69.48
C ALA H 4328 43.50 43.32 69.17
N VAL H 4329 42.62 43.21 70.16
CA VAL H 4329 41.29 42.54 70.00
C VAL H 4329 40.46 43.33 68.99
N ALA H 4330 40.50 44.67 69.05
CA ALA H 4330 39.69 45.54 68.18
C ALA H 4330 40.09 45.33 66.72
N ALA H 4331 41.38 45.20 66.45
CA ALA H 4331 41.88 44.98 65.06
C ALA H 4331 41.30 43.68 64.55
N LEU H 4332 41.24 42.64 65.40
CA LEU H 4332 40.73 41.31 65.00
C LEU H 4332 39.26 41.42 64.61
N LEU H 4333 38.47 42.19 65.37
CA LEU H 4333 37.01 42.26 65.14
C LEU H 4333 36.74 43.06 63.85
N TRP H 4334 37.45 44.18 63.69
CA TRP H 4334 37.28 45.00 62.47
C TRP H 4334 37.58 44.13 61.25
N ALA H 4335 38.61 43.30 61.35
CA ALA H 4335 38.99 42.42 60.21
C ALA H 4335 37.84 41.46 59.91
N LEU H 4336 37.19 40.93 60.94
CA LEU H 4336 36.01 40.06 60.70
C LEU H 4336 34.97 40.88 59.93
N VAL H 4337 34.78 42.15 60.32
CA VAL H 4337 33.74 42.94 59.68
C VAL H 4337 34.13 43.29 58.25
N THR H 4338 35.38 43.70 58.04
CA THR H 4338 35.83 44.03 56.69
C THR H 4338 35.78 42.82 55.77
N ARG H 4339 36.18 41.65 56.28
CA ARG H 4339 36.11 40.44 55.47
C ARG H 4339 34.67 40.14 55.07
N ALA H 4340 33.74 40.28 56.01
CA ALA H 4340 32.33 40.06 55.72
C ALA H 4340 31.57 41.39 55.73
N PHE H 4538 23.79 82.55 38.69
CA PHE H 4538 24.46 81.69 39.67
C PHE H 4538 23.57 80.50 40.05
N TRP H 4539 22.26 80.64 39.83
CA TRP H 4539 21.36 79.52 40.05
C TRP H 4539 21.79 78.30 39.23
N GLY H 4540 22.22 78.52 37.99
CA GLY H 4540 22.70 77.41 37.19
C GLY H 4540 23.92 76.73 37.80
N GLU H 4541 24.85 77.53 38.31
CA GLU H 4541 26.03 76.96 38.94
C GLU H 4541 25.65 76.14 40.17
N LEU H 4542 24.74 76.67 40.99
CA LEU H 4542 24.29 75.91 42.15
C LEU H 4542 23.61 74.62 41.72
N GLU H 4543 22.80 74.67 40.67
CA GLU H 4543 22.10 73.47 40.22
C GLU H 4543 23.09 72.40 39.76
N VAL H 4544 24.09 72.80 38.96
CA VAL H 4544 25.06 71.82 38.48
C VAL H 4544 25.86 71.24 39.64
N GLN H 4545 26.28 72.09 40.58
CA GLN H 4545 27.04 71.61 41.72
C GLN H 4545 26.20 70.66 42.57
N ARG H 4546 24.92 71.00 42.79
CA ARG H 4546 24.03 70.16 43.58
C ARG H 4546 23.82 68.81 42.91
N VAL H 4547 23.63 68.81 41.59
CA VAL H 4547 23.43 67.56 40.88
C VAL H 4547 24.67 66.70 40.97
N LYS H 4548 25.85 67.31 40.82
CA LYS H 4548 27.10 66.56 40.98
C LYS H 4548 27.19 65.95 42.38
N PHE H 4549 26.86 66.75 43.40
CA PHE H 4549 26.95 66.28 44.78
C PHE H 4549 26.02 65.10 45.02
N LEU H 4550 24.76 65.23 44.60
CA LEU H 4550 23.79 64.17 44.79
C LEU H 4550 24.18 62.91 44.02
N ASN H 4551 24.69 63.08 42.80
CA ASN H 4551 25.15 61.92 42.04
C ASN H 4551 26.31 61.23 42.74
N TYR H 4552 27.23 62.01 43.30
CA TYR H 4552 28.34 61.41 44.04
C TYR H 4552 27.83 60.62 45.24
N LEU H 4553 26.89 61.19 45.99
CA LEU H 4553 26.33 60.49 47.14
C LEU H 4553 25.63 59.21 46.70
N SER H 4554 24.84 59.27 45.63
CA SER H 4554 24.15 58.09 45.15
C SER H 4554 25.13 57.01 44.71
N ARG H 4555 26.20 57.40 44.04
CA ARG H 4555 27.20 56.44 43.63
C ARG H 4555 27.92 55.80 44.81
N ASN H 4556 28.17 56.55 45.88
CA ASN H 4556 28.95 56.06 47.00
C ASN H 4556 28.09 55.81 48.24
N PHE H 4557 26.81 55.54 48.05
CA PHE H 4557 25.92 55.30 49.18
C PHE H 4557 26.43 54.15 50.06
N TYR H 4558 26.69 53.00 49.46
CA TYR H 4558 27.11 51.84 50.25
C TYR H 4558 28.46 52.08 50.91
N THR H 4559 29.38 52.72 50.20
CA THR H 4559 30.65 53.08 50.80
C THR H 4559 30.45 54.00 52.00
N LEU H 4560 29.50 54.92 51.89
CA LEU H 4560 29.21 55.81 53.01
C LEU H 4560 28.65 55.02 54.20
N ARG H 4561 27.81 54.02 53.94
CA ARG H 4561 27.32 53.18 55.03
C ARG H 4561 28.45 52.44 55.72
N PHE H 4562 29.37 51.87 54.94
CA PHE H 4562 30.51 51.19 55.54
C PHE H 4562 31.37 52.17 56.34
N LEU H 4563 31.54 53.38 55.83
CA LEU H 4563 32.30 54.39 56.57
C LEU H 4563 31.62 54.73 57.88
N ALA H 4564 30.30 54.83 57.88
CA ALA H 4564 29.57 55.10 59.11
C ALA H 4564 29.78 53.98 60.11
N LEU H 4565 29.74 52.73 59.63
CA LEU H 4565 29.98 51.60 60.52
C LEU H 4565 31.39 51.66 61.13
N PHE H 4566 32.38 51.98 60.31
CA PHE H 4566 33.75 52.08 60.81
C PHE H 4566 33.87 53.19 61.85
N LEU H 4567 33.23 54.33 61.59
CA LEU H 4567 33.26 55.43 62.54
C LEU H 4567 32.60 55.02 63.85
N ALA H 4568 31.51 54.28 63.78
CA ALA H 4568 30.85 53.80 64.99
C ALA H 4568 31.79 52.91 65.80
N PHE H 4569 32.48 51.99 65.13
CA PHE H 4569 33.42 51.13 65.85
C PHE H 4569 34.53 51.94 66.49
N ALA H 4570 35.08 52.92 65.76
CA ALA H 4570 36.15 53.73 66.35
C ALA H 4570 35.65 54.50 67.56
N ILE H 4571 34.46 55.08 67.46
CA ILE H 4571 33.90 55.84 68.56
C ILE H 4571 33.71 54.93 69.77
N ASN H 4572 33.23 53.71 69.56
CA ASN H 4572 33.00 52.82 70.69
C ASN H 4572 34.31 52.32 71.28
N PHE H 4573 35.32 52.11 70.45
CA PHE H 4573 36.65 51.72 70.99
C PHE H 4573 37.10 52.83 71.93
N ILE H 4574 36.98 54.08 71.49
CA ILE H 4574 37.37 55.18 72.36
C ILE H 4574 36.51 55.20 73.62
N LEU H 4575 35.20 54.98 73.48
CA LEU H 4575 34.31 54.92 74.63
C LEU H 4575 34.79 53.92 75.67
N LEU H 4576 35.46 52.85 75.24
CA LEU H 4576 35.89 51.78 76.19
C LEU H 4576 36.89 52.33 77.21
N PHE H 4577 37.27 53.60 77.12
CA PHE H 4577 38.31 54.15 78.02
C PHE H 4577 37.71 55.15 79.01
N TYR H 4578 36.38 55.26 79.09
CA TYR H 4578 35.82 56.14 80.11
C TYR H 4578 36.08 55.62 81.51
N LYS H 4579 36.01 56.56 82.45
CA LYS H 4579 36.14 56.31 83.87
C LYS H 4579 35.16 57.25 84.58
N VAL H 4580 34.70 56.85 85.75
CA VAL H 4580 33.76 57.64 86.54
C VAL H 4580 34.40 57.90 87.90
N SER H 4581 34.31 59.15 88.34
CA SER H 4581 34.89 59.54 89.62
C SER H 4581 33.91 60.43 90.36
N ASP H 4582 34.11 60.52 91.67
CA ASP H 4582 33.37 61.46 92.50
C ASP H 4582 34.02 62.83 92.56
N SER H 4583 35.28 62.94 92.11
CA SER H 4583 36.03 64.19 92.06
C SER H 4583 36.34 64.55 90.61
N PRO H 4584 36.55 65.82 90.29
CA PRO H 4584 36.81 66.20 88.91
C PRO H 4584 38.04 65.49 88.38
N PRO H 4585 38.26 65.51 87.06
CA PRO H 4585 39.38 64.81 86.42
C PRO H 4585 40.73 65.11 87.07
N ASN H 4624 25.74 65.06 95.06
CA ASN H 4624 26.36 63.76 94.87
C ASN H 4624 26.55 63.45 93.39
N MET H 4625 26.95 64.46 92.62
CA MET H 4625 27.15 64.24 91.19
C MET H 4625 28.48 63.54 90.93
N VAL H 4626 28.63 63.05 89.70
CA VAL H 4626 29.79 62.27 89.31
C VAL H 4626 30.34 62.80 87.99
N TYR H 4627 31.64 62.65 87.81
CA TYR H 4627 32.34 63.06 86.60
C TYR H 4627 32.61 61.82 85.76
N TYR H 4628 32.14 61.84 84.51
CA TYR H 4628 32.52 60.85 83.51
C TYR H 4628 33.60 61.46 82.64
N PHE H 4629 34.83 60.96 82.75
CA PHE H 4629 35.94 61.51 82.00
C PHE H 4629 36.73 60.39 81.34
N LEU H 4630 37.37 60.73 80.23
CA LEU H 4630 38.16 59.79 79.46
C LEU H 4630 39.57 59.72 80.05
N GLU H 4631 40.04 58.50 80.31
CA GLU H 4631 41.32 58.26 80.96
C GLU H 4631 42.27 57.63 79.96
N GLU H 4632 43.08 58.48 79.32
CA GLU H 4632 44.03 57.99 78.28
C GLU H 4632 45.40 58.62 78.51
N SER H 4633 46.46 57.83 78.42
CA SER H 4633 47.83 58.32 78.61
C SER H 4633 48.26 59.19 77.44
N THR H 4634 47.94 58.78 76.21
CA THR H 4634 48.37 59.53 75.04
C THR H 4634 47.80 60.94 75.04
N GLY H 4635 46.53 61.08 75.39
CA GLY H 4635 45.86 62.37 75.39
C GLY H 4635 45.31 62.80 74.05
N TYR H 4636 45.52 62.01 73.00
CA TYR H 4636 44.99 62.35 71.69
C TYR H 4636 43.57 61.82 71.47
N MET H 4637 43.10 60.97 72.39
CA MET H 4637 41.79 60.29 72.20
C MET H 4637 40.60 61.24 72.29
N GLU H 4638 40.60 62.19 73.23
CA GLU H 4638 39.46 63.08 73.40
C GLU H 4638 39.23 63.97 72.18
N PRO H 4639 40.24 64.66 71.64
CA PRO H 4639 40.03 65.35 70.37
C PRO H 4639 39.61 64.41 69.26
N ALA H 4640 40.20 63.21 69.26
CA ALA H 4640 39.80 62.21 68.28
C ALA H 4640 38.33 61.85 68.44
N LEU H 4641 37.88 61.71 69.69
CA LEU H 4641 36.47 61.42 69.92
C LEU H 4641 35.59 62.54 69.39
N ARG H 4642 35.97 63.80 69.64
CA ARG H 4642 35.16 64.91 69.17
C ARG H 4642 35.05 64.89 67.64
N CYS H 4643 36.19 64.81 66.95
CA CYS H 4643 36.16 64.85 65.50
C CYS H 4643 35.41 63.65 64.93
N LEU H 4644 35.62 62.47 65.53
CA LEU H 4644 34.94 61.28 65.04
C LEU H 4644 33.44 61.36 65.21
N SER H 4645 32.98 61.92 66.34
CA SER H 4645 31.54 62.07 66.53
C SER H 4645 30.96 63.03 65.51
N LEU H 4646 31.61 64.17 65.29
CA LEU H 4646 31.11 65.10 64.28
C LEU H 4646 31.07 64.44 62.91
N LEU H 4647 32.13 63.73 62.55
CA LEU H 4647 32.19 63.10 61.25
C LEU H 4647 31.13 62.02 61.11
N HIS H 4648 30.87 61.28 62.18
CA HIS H 4648 29.82 60.26 62.14
C HIS H 4648 28.46 60.89 61.90
N THR H 4649 28.15 61.99 62.58
CA THR H 4649 26.87 62.64 62.33
C THR H 4649 26.77 63.12 60.89
N LEU H 4650 27.85 63.72 60.37
CA LEU H 4650 27.83 64.18 58.98
C LEU H 4650 27.58 63.01 58.05
N VAL H 4651 28.26 61.88 58.27
CA VAL H 4651 28.12 60.74 57.38
C VAL H 4651 26.71 60.16 57.46
N ALA H 4652 26.10 60.18 58.64
CA ALA H 4652 24.72 59.71 58.75
C ALA H 4652 23.79 60.59 57.93
N PHE H 4653 23.97 61.91 58.01
CA PHE H 4653 23.16 62.81 57.18
C PHE H 4653 23.36 62.51 55.70
N LEU H 4654 24.61 62.33 55.29
CA LEU H 4654 24.90 62.03 53.88
C LEU H 4654 24.28 60.70 53.48
N CYS H 4655 24.23 59.73 54.40
CA CYS H 4655 23.60 58.46 54.08
C CYS H 4655 22.11 58.63 53.85
N ILE H 4656 21.44 59.45 54.68
CA ILE H 4656 20.03 59.71 54.44
C ILE H 4656 19.82 60.33 53.06
N ILE H 4657 20.65 61.32 52.71
CA ILE H 4657 20.50 61.96 51.41
C ILE H 4657 20.74 60.96 50.28
N GLY H 4658 21.78 60.13 50.42
CA GLY H 4658 22.07 59.15 49.39
C GLY H 4658 20.93 58.18 49.20
N TYR H 4659 20.35 57.69 50.29
CA TYR H 4659 19.18 56.83 50.19
C TYR H 4659 18.04 57.56 49.47
N ASN H 4660 17.73 58.77 49.92
CA ASN H 4660 16.65 59.53 49.31
C ASN H 4660 16.84 59.75 47.82
N CYS H 4661 18.09 59.83 47.35
CA CYS H 4661 18.37 60.06 45.95
C CYS H 4661 18.57 58.78 45.15
N LEU H 4662 18.78 57.65 45.80
CA LEU H 4662 19.10 56.42 45.07
C LEU H 4662 18.01 55.36 45.13
N LYS H 4663 17.38 55.17 46.28
CA LYS H 4663 16.46 54.04 46.46
C LYS H 4663 15.02 54.46 46.65
N VAL H 4664 14.76 55.65 47.16
CA VAL H 4664 13.38 56.14 47.24
C VAL H 4664 12.71 56.15 45.88
N PRO H 4665 13.38 56.53 44.79
CA PRO H 4665 12.71 56.51 43.49
C PRO H 4665 12.12 55.16 43.16
N LEU H 4666 12.81 54.08 43.51
CA LEU H 4666 12.26 52.75 43.25
C LEU H 4666 11.02 52.49 44.10
N VAL H 4667 11.01 52.94 45.35
CA VAL H 4667 9.85 52.76 46.20
C VAL H 4667 8.65 53.48 45.59
N ILE H 4668 8.85 54.73 45.18
CA ILE H 4668 7.76 55.48 44.56
C ILE H 4668 7.32 54.82 43.27
N PHE H 4669 8.27 54.32 42.49
CA PHE H 4669 7.93 53.66 41.23
C PHE H 4669 7.06 52.43 41.49
N LYS H 4670 7.43 51.61 42.47
CA LYS H 4670 6.65 50.42 42.76
C LYS H 4670 5.26 50.77 43.26
N ARG H 4671 5.16 51.77 44.15
CA ARG H 4671 3.85 52.17 44.65
C ARG H 4671 2.97 52.67 43.50
N GLU H 4672 3.51 53.53 42.64
CA GLU H 4672 2.72 54.06 41.53
C GLU H 4672 2.31 52.95 40.58
N LYS H 4673 3.22 52.03 40.30
CA LYS H 4673 2.93 50.92 39.40
C LYS H 4673 1.79 50.06 39.96
N GLU H 4674 1.88 49.69 41.23
CA GLU H 4674 0.84 48.86 41.83
C GLU H 4674 -0.50 49.59 41.81
N LEU H 4675 -0.50 50.88 42.15
CA LEU H 4675 -1.75 51.62 42.18
C LEU H 4675 -2.36 51.72 40.80
N ALA H 4676 -1.53 51.95 39.78
CA ALA H 4676 -2.03 52.03 38.42
C ALA H 4676 -2.64 50.70 37.98
N ARG H 4677 -1.95 49.59 38.29
CA ARG H 4677 -2.50 48.29 37.90
C ARG H 4677 -3.81 48.02 38.62
N LYS H 4678 -3.89 48.34 39.90
CA LYS H 4678 -5.14 48.17 40.64
C LYS H 4678 -6.25 49.03 40.07
N LEU H 4679 -5.94 50.25 39.66
CA LEU H 4679 -6.93 51.14 39.07
C LEU H 4679 -7.43 50.64 37.72
N GLU H 4680 -6.55 50.09 36.89
CA GLU H 4680 -6.91 49.73 35.52
C GLU H 4680 -7.45 48.33 35.37
N PHE H 4681 -7.06 47.39 36.23
CA PHE H 4681 -7.47 45.99 36.09
C PHE H 4681 -8.28 45.48 37.28
N ASP H 4682 -8.51 46.31 38.29
CA ASP H 4682 -9.33 45.90 39.42
C ASP H 4682 -10.41 46.92 39.74
N GLY H 4683 -10.29 48.13 39.20
CA GLY H 4683 -11.23 49.18 39.52
C GLY H 4683 -11.27 49.42 41.01
N LEU H 4684 -10.10 49.55 41.62
CA LEU H 4684 -10.03 49.58 43.08
C LEU H 4684 -10.84 50.73 43.65
N TYR H 4685 -10.78 51.91 43.02
CA TYR H 4685 -11.54 53.06 43.47
C TYR H 4685 -12.73 53.35 42.55
N ILE H 4686 -13.08 52.41 41.69
CA ILE H 4686 -14.19 52.59 40.76
C ILE H 4686 -15.23 51.50 41.01
N THR H 4687 -14.82 50.25 40.82
CA THR H 4687 -15.75 49.14 41.02
C THR H 4687 -15.83 48.76 42.49
N GLU H 4688 -14.71 48.80 43.19
CA GLU H 4688 -14.62 48.42 44.59
C GLU H 4688 -14.11 49.61 45.39
N GLN H 4689 -13.84 49.38 46.67
CA GLN H 4689 -13.24 50.35 47.55
C GLN H 4689 -12.27 49.64 48.48
N PRO H 4690 -11.25 50.34 48.97
CA PRO H 4690 -10.39 49.76 50.00
C PRO H 4690 -11.22 49.31 51.20
N GLU H 4691 -10.66 48.41 51.99
CA GLU H 4691 -11.38 47.76 53.08
C GLU H 4691 -11.39 48.59 54.36
N ASP H 4692 -10.81 49.78 54.34
CA ASP H 4692 -10.83 50.70 55.48
C ASP H 4692 -9.87 50.25 56.57
N ASP H 4693 -9.31 49.05 56.43
CA ASP H 4693 -8.16 48.67 57.25
C ASP H 4693 -6.89 48.69 56.41
N ASP H 4694 -7.03 48.77 55.09
CA ASP H 4694 -5.89 48.82 54.19
C ASP H 4694 -5.38 50.26 54.16
N VAL H 4695 -4.52 50.60 55.13
CA VAL H 4695 -4.02 51.96 55.26
C VAL H 4695 -3.30 52.37 53.98
N LYS H 4696 -2.68 51.42 53.30
CA LYS H 4696 -1.98 51.74 52.06
C LYS H 4696 -2.94 52.36 51.05
N GLY H 4697 -4.08 51.70 50.80
CA GLY H 4697 -5.06 52.23 49.87
C GLY H 4697 -5.71 53.51 50.37
N GLN H 4698 -6.01 53.55 51.68
CA GLN H 4698 -6.61 54.76 52.22
C GLN H 4698 -5.70 55.97 51.98
N TRP H 4699 -4.40 55.81 52.21
CA TRP H 4699 -3.46 56.90 51.92
C TRP H 4699 -3.35 57.16 50.43
N ASP H 4700 -3.35 56.10 49.62
CA ASP H 4700 -3.23 56.26 48.18
C ASP H 4700 -4.37 57.09 47.62
N ARG H 4701 -5.50 57.14 48.31
CA ARG H 4701 -6.67 57.93 47.82
C ARG H 4701 -6.27 59.39 47.63
N LEU H 4702 -5.02 59.76 47.91
CA LEU H 4702 -4.63 61.19 47.85
C LEU H 4702 -3.95 61.53 46.52
N VAL H 4703 -3.30 60.55 45.89
CA VAL H 4703 -2.52 60.85 44.65
C VAL H 4703 -3.42 60.69 43.42
N LEU H 4704 -4.61 60.12 43.59
CA LEU H 4704 -5.47 59.84 42.41
C LEU H 4704 -5.75 61.13 41.63
N ASN H 4705 -6.15 62.20 42.32
CA ASN H 4705 -6.53 63.46 41.62
C ASN H 4705 -5.28 64.30 41.34
N THR H 4706 -4.13 63.89 41.85
CA THR H 4706 -2.92 64.71 41.71
C THR H 4706 -2.54 64.80 40.24
N PRO H 4707 -2.15 65.99 39.74
CA PRO H 4707 -1.76 66.13 38.35
C PRO H 4707 -0.59 65.26 37.92
N SER H 4708 0.25 64.84 38.87
CA SER H 4708 1.47 64.07 38.52
C SER H 4708 1.40 62.64 39.07
N PHE H 4709 0.25 61.98 38.95
CA PHE H 4709 0.12 60.62 39.57
C PHE H 4709 1.22 59.72 39.02
N PRO H 4710 1.43 59.56 37.71
CA PRO H 4710 2.54 58.75 37.23
C PRO H 4710 3.78 59.59 36.99
N SER H 4711 4.54 59.87 38.06
CA SER H 4711 5.78 60.63 37.93
C SER H 4711 7.00 59.74 37.75
N ASN H 4712 7.04 58.58 38.41
CA ASN H 4712 8.12 57.63 38.24
C ASN H 4712 7.76 56.50 37.31
N TYR H 4713 6.56 55.92 37.46
CA TYR H 4713 6.09 54.93 36.52
C TYR H 4713 6.03 55.52 35.13
N TRP H 4714 6.56 54.79 34.14
CA TRP H 4714 6.70 55.32 32.80
C TRP H 4714 5.38 55.36 32.03
N ASP H 4715 4.36 54.64 32.47
CA ASP H 4715 3.08 54.63 31.77
C ASP H 4715 2.34 55.93 32.07
N LYS H 4716 2.39 56.88 31.13
CA LYS H 4716 1.74 58.17 31.28
C LYS H 4716 0.31 58.16 30.78
N PHE H 4717 -0.18 57.03 30.28
CA PHE H 4717 -1.54 56.92 29.76
C PHE H 4717 -2.50 56.28 30.75
N VAL H 4718 -2.04 56.06 31.98
CA VAL H 4718 -2.87 55.32 32.98
C VAL H 4718 -4.23 56.02 33.15
N LYS H 4719 -4.22 57.33 33.41
CA LYS H 4719 -5.50 58.04 33.70
C LYS H 4719 -6.50 57.80 32.56
N ARG H 4720 -6.06 57.97 31.31
CA ARG H 4720 -6.96 57.75 30.15
C ARG H 4720 -7.40 56.29 30.12
N LYS H 4721 -6.45 55.36 30.14
CA LYS H 4721 -6.79 53.94 30.06
C LYS H 4721 -7.92 53.60 31.02
N VAL H 4722 -7.73 53.99 32.28
CA VAL H 4722 -8.73 53.68 33.34
C VAL H 4722 -10.03 54.37 32.97
N LEU H 4723 -9.96 55.65 32.60
CA LEU H 4723 -11.19 56.43 32.29
C LEU H 4723 -11.98 55.66 31.23
N ASP H 4724 -11.36 55.36 30.10
CA ASP H 4724 -12.12 54.71 28.99
C ASP H 4724 -12.63 53.34 29.43
N LYS H 4725 -11.80 52.54 30.11
CA LYS H 4725 -12.21 51.16 30.46
C LYS H 4725 -13.42 51.13 31.40
N HIS H 4726 -13.45 51.97 32.43
CA HIS H 4726 -14.55 52.00 33.44
C HIS H 4726 -15.52 53.14 33.14
N GLY H 4727 -15.28 53.90 32.08
CA GLY H 4727 -16.08 55.11 31.83
C GLY H 4727 -17.54 54.82 31.58
N ASP H 4728 -17.89 53.79 30.81
CA ASP H 4728 -19.32 53.61 30.48
C ASP H 4728 -20.13 53.31 31.74
N ILE H 4729 -19.63 52.42 32.60
CA ILE H 4729 -20.39 52.00 33.83
C ILE H 4729 -20.54 53.16 34.84
N PHE H 4730 -19.48 53.94 35.07
CA PHE H 4730 -19.48 55.01 36.10
C PHE H 4730 -19.62 56.38 35.47
N GLY H 4731 -19.81 56.42 34.17
CA GLY H 4731 -19.92 57.70 33.44
C GLY H 4731 -18.53 58.20 33.15
N ARG H 4732 -18.41 59.31 32.44
CA ARG H 4732 -17.09 59.89 32.10
C ARG H 4732 -16.86 61.07 33.04
N GLU H 4733 -17.89 61.54 33.74
CA GLU H 4733 -17.71 62.60 34.76
C GLU H 4733 -17.30 62.14 36.18
N ARG H 4734 -17.76 61.01 36.71
CA ARG H 4734 -17.28 60.52 38.00
C ARG H 4734 -15.81 60.11 37.93
N ILE H 4735 -15.44 59.38 36.87
CA ILE H 4735 -14.04 58.98 36.73
C ILE H 4735 -13.15 60.20 36.55
N ALA H 4736 -13.60 61.18 35.76
CA ALA H 4736 -12.83 62.39 35.58
C ALA H 4736 -12.62 63.12 36.90
N GLU H 4737 -13.67 63.20 37.72
CA GLU H 4737 -13.55 63.83 39.02
C GLU H 4737 -12.57 63.07 39.91
N LEU H 4738 -12.67 61.74 39.93
CA LEU H 4738 -11.82 60.95 40.80
C LEU H 4738 -10.36 61.06 40.39
N LEU H 4739 -10.07 61.05 39.09
CA LEU H 4739 -8.70 61.09 38.60
C LEU H 4739 -8.21 62.51 38.34
N GLY H 4740 -9.01 63.52 38.65
CA GLY H 4740 -8.56 64.89 38.50
C GLY H 4740 -8.12 65.20 37.09
N MET H 4741 -8.86 64.69 36.12
CA MET H 4741 -8.59 64.92 34.71
C MET H 4741 -9.79 65.59 34.08
N ASP H 4742 -9.54 66.59 33.23
CA ASP H 4742 -10.60 67.43 32.66
C ASP H 4742 -10.82 67.03 31.21
N LEU H 4743 -11.99 66.44 30.94
CA LEU H 4743 -12.35 66.11 29.56
C LEU H 4743 -12.50 67.36 28.72
N ALA H 4744 -13.08 68.42 29.29
CA ALA H 4744 -13.16 69.69 28.60
C ALA H 4744 -11.78 70.12 28.14
N SER H 4745 -10.78 69.95 29.01
CA SER H 4745 -9.40 70.22 28.59
C SER H 4745 -8.98 69.25 27.49
N LEU H 4746 -9.22 67.95 27.68
CA LEU H 4746 -8.75 66.98 26.71
C LEU H 4746 -9.24 67.30 25.30
N GLU H 4747 -10.42 67.92 25.19
CA GLU H 4747 -10.98 68.27 23.89
C GLU H 4747 -10.57 69.68 23.42
N ILE H 4748 -10.67 70.68 24.29
CA ILE H 4748 -10.37 72.05 23.87
C ILE H 4748 -8.89 72.20 23.58
N THR H 4749 -8.05 71.41 24.26
CA THR H 4749 -6.61 71.43 23.96
C THR H 4749 -6.37 71.00 22.52
N ALA H 4750 -6.96 69.88 22.11
CA ALA H 4750 -6.82 69.43 20.74
C ALA H 4750 -7.37 70.47 19.77
N HIS H 4751 -8.52 71.06 20.09
CA HIS H 4751 -9.15 72.01 19.20
C HIS H 4751 -8.28 73.25 19.01
N ASN H 4752 -7.82 73.85 20.10
CA ASN H 4752 -6.98 75.04 20.04
C ASN H 4752 -6.36 75.22 21.41
N GLU H 4753 -5.07 75.53 21.45
CA GLU H 4753 -4.28 75.62 22.68
C GLU H 4753 -3.10 76.55 22.48
N ARG H 4754 -2.49 76.95 23.59
CA ARG H 4754 -1.34 77.82 23.57
C ARG H 4754 -0.20 77.24 24.39
N LYS H 4755 1.03 77.63 24.02
CA LYS H 4755 2.25 77.33 24.77
C LYS H 4755 2.80 78.62 25.34
N PRO H 4756 2.41 79.00 26.56
CA PRO H 4756 3.13 80.05 27.27
C PRO H 4756 4.33 79.49 28.03
N ASP H 4757 5.42 80.25 27.99
CA ASP H 4757 6.65 79.84 28.67
C ASP H 4757 6.85 80.70 29.91
N PRO H 4758 6.66 80.19 31.12
CA PRO H 4758 6.85 81.00 32.32
C PRO H 4758 8.30 81.46 32.43
N PRO H 4759 8.54 82.67 32.92
CA PRO H 4759 9.93 83.11 33.13
C PRO H 4759 10.67 82.17 34.05
N PRO H 4760 11.71 81.49 33.55
CA PRO H 4760 12.46 80.56 34.42
C PRO H 4760 12.96 81.22 35.69
N GLY H 4761 12.58 80.69 36.85
CA GLY H 4761 13.01 81.26 38.10
C GLY H 4761 12.47 80.49 39.28
N LEU H 4762 12.95 80.88 40.46
CA LEU H 4762 12.49 80.24 41.69
C LEU H 4762 11.00 80.44 41.89
N LEU H 4763 10.46 81.58 41.43
CA LEU H 4763 9.02 81.77 41.49
C LEU H 4763 8.29 80.72 40.67
N THR H 4764 8.78 80.47 39.46
CA THR H 4764 8.18 79.43 38.62
C THR H 4764 8.28 78.08 39.30
N TRP H 4765 9.46 77.78 39.87
CA TRP H 4765 9.63 76.51 40.58
C TRP H 4765 8.63 76.40 41.73
N ILE H 4766 8.38 77.51 42.44
CA ILE H 4766 7.47 77.49 43.58
C ILE H 4766 6.04 77.22 43.12
N MET H 4767 5.58 77.95 42.10
CA MET H 4767 4.22 77.71 41.62
C MET H 4767 4.08 76.31 41.04
N SER H 4768 5.15 75.74 40.49
CA SER H 4768 5.09 74.40 39.91
C SER H 4768 5.47 73.36 40.97
N ILE H 4769 4.65 73.29 42.03
CA ILE H 4769 4.88 72.27 43.09
C ILE H 4769 3.54 71.57 43.39
N ASP H 4770 3.45 70.27 43.13
CA ASP H 4770 2.19 69.52 43.38
C ASP H 4770 2.15 69.13 44.86
N VAL H 4771 1.74 70.07 45.72
CA VAL H 4771 1.77 69.80 47.19
C VAL H 4771 1.10 68.46 47.48
N LYS H 4772 -0.08 68.20 46.92
CA LYS H 4772 -0.80 66.95 47.25
C LYS H 4772 0.09 65.74 46.93
N TYR H 4773 0.72 65.75 45.75
CA TYR H 4773 1.64 64.63 45.40
C TYR H 4773 2.78 64.61 46.40
N GLN H 4774 3.45 65.75 46.55
CA GLN H 4774 4.59 65.83 47.50
C GLN H 4774 4.12 65.29 48.85
N ILE H 4775 2.93 65.68 49.29
CA ILE H 4775 2.47 65.25 50.64
C ILE H 4775 2.33 63.72 50.61
N TRP H 4776 1.76 63.19 49.52
CA TRP H 4776 1.60 61.73 49.36
C TRP H 4776 2.97 61.07 49.30
N LYS H 4777 3.93 61.68 48.61
CA LYS H 4777 5.27 61.09 48.44
C LYS H 4777 5.92 60.94 49.81
N PHE H 4778 5.81 61.93 50.69
CA PHE H 4778 6.44 61.97 52.01
C PHE H 4778 5.82 60.92 52.91
N GLY H 4779 4.51 60.73 52.83
CA GLY H 4779 3.89 59.65 53.58
C GLY H 4779 4.47 58.31 53.22
N VAL H 4780 4.62 58.04 51.93
CA VAL H 4780 5.18 56.77 51.49
C VAL H 4780 6.61 56.60 52.03
N ILE H 4781 7.42 57.64 51.91
CA ILE H 4781 8.82 57.54 52.33
C ILE H 4781 8.89 57.30 53.83
N PHE H 4782 8.14 58.05 54.62
CA PHE H 4782 8.20 57.94 56.06
C PHE H 4782 7.52 56.66 56.54
N THR H 4783 6.81 55.98 55.65
CA THR H 4783 6.33 54.64 55.95
C THR H 4783 7.28 53.55 55.44
N ASP H 4784 8.29 53.91 54.65
CA ASP H 4784 9.28 52.95 54.20
C ASP H 4784 10.18 52.54 55.36
N ASN H 4785 10.48 51.25 55.46
CA ASN H 4785 11.23 50.76 56.63
C ASN H 4785 12.68 51.22 56.61
N SER H 4786 13.36 51.09 55.46
CA SER H 4786 14.77 51.42 55.42
C SER H 4786 15.01 52.90 55.69
N PHE H 4787 14.14 53.76 55.16
CA PHE H 4787 14.27 55.19 55.44
C PHE H 4787 14.09 55.46 56.92
N LEU H 4788 13.14 54.79 57.56
CA LEU H 4788 12.97 54.96 59.00
C LEU H 4788 14.18 54.49 59.77
N TYR H 4789 14.80 53.38 59.34
CA TYR H 4789 16.01 52.92 59.98
C TYR H 4789 17.11 53.95 59.87
N LEU H 4790 17.28 54.54 58.69
CA LEU H 4790 18.31 55.56 58.52
C LEU H 4790 18.00 56.80 59.36
N GLY H 4791 16.73 57.18 59.45
CA GLY H 4791 16.36 58.31 60.28
C GLY H 4791 16.66 58.06 61.74
N TRP H 4792 16.36 56.86 62.22
CA TRP H 4792 16.68 56.50 63.59
C TRP H 4792 18.19 56.52 63.81
N TYR H 4793 18.95 56.03 62.82
CA TYR H 4793 20.40 56.11 62.89
C TYR H 4793 20.86 57.55 63.08
N MET H 4794 20.31 58.46 62.27
CA MET H 4794 20.67 59.88 62.39
C MET H 4794 20.27 60.44 63.75
N VAL H 4795 19.09 60.09 64.23
CA VAL H 4795 18.63 60.63 65.51
C VAL H 4795 19.54 60.18 66.64
N MET H 4796 19.90 58.89 66.65
CA MET H 4796 20.82 58.41 67.68
C MET H 4796 22.20 59.05 67.53
N SER H 4797 22.64 59.28 66.29
CA SER H 4797 23.92 59.96 66.09
C SER H 4797 23.89 61.36 66.66
N LEU H 4798 22.78 62.08 66.49
CA LEU H 4798 22.65 63.40 67.08
C LEU H 4798 22.63 63.32 68.61
N LEU H 4799 21.86 62.38 69.15
CA LEU H 4799 21.82 62.21 70.60
C LEU H 4799 23.19 61.86 71.16
N GLY H 4800 24.04 61.24 70.36
CA GLY H 4800 25.39 60.93 70.79
C GLY H 4800 26.23 62.14 71.13
N HIS H 4801 25.88 63.31 70.59
CA HIS H 4801 26.55 64.54 70.98
C HIS H 4801 26.01 65.09 72.28
N TYR H 4802 24.81 64.68 72.70
CA TYR H 4802 24.31 65.02 74.01
C TYR H 4802 24.91 64.08 75.06
N ASN H 4803 25.01 62.80 74.74
CA ASN H 4803 25.71 61.83 75.59
C ASN H 4803 26.43 60.85 74.68
N ASN H 4804 27.76 60.78 74.84
CA ASN H 4804 28.57 59.97 73.93
C ASN H 4804 28.16 58.51 73.94
N PHE H 4805 27.57 58.01 75.02
CA PHE H 4805 27.26 56.60 75.12
C PHE H 4805 26.07 56.20 74.25
N PHE H 4806 25.31 57.16 73.73
CA PHE H 4806 24.29 56.84 72.74
C PHE H 4806 24.89 56.34 71.44
N PHE H 4807 26.18 56.55 71.22
CA PHE H 4807 26.85 56.05 70.02
C PHE H 4807 26.99 54.53 70.03
N ALA H 4808 26.74 53.88 71.17
CA ALA H 4808 26.80 52.42 71.20
C ALA H 4808 25.62 51.82 70.45
N ALA H 4809 24.51 52.55 70.35
CA ALA H 4809 23.36 52.03 69.62
C ALA H 4809 23.70 51.72 68.18
N HIS H 4810 24.67 52.41 67.61
CA HIS H 4810 25.05 52.21 66.21
C HIS H 4810 25.84 50.92 66.00
N LEU H 4811 26.27 50.26 67.06
CA LEU H 4811 26.87 48.93 66.92
C LEU H 4811 25.85 47.89 66.51
N LEU H 4812 24.56 48.13 66.73
CA LEU H 4812 23.52 47.25 66.22
C LEU H 4812 23.45 47.26 64.71
N ASP H 4813 24.11 48.22 64.06
CA ASP H 4813 24.12 48.28 62.61
C ASP H 4813 24.84 47.12 61.97
N ILE H 4814 25.61 46.34 62.74
CA ILE H 4814 26.34 45.21 62.17
C ILE H 4814 25.36 44.16 61.66
N ALA H 4815 24.24 43.99 62.35
CA ALA H 4815 23.22 43.03 61.90
C ALA H 4815 22.70 43.41 60.52
N MET H 4816 22.42 44.71 60.32
CA MET H 4816 21.95 45.16 59.02
C MET H 4816 23.05 45.11 57.97
N GLY H 4817 24.28 45.43 58.36
CA GLY H 4817 25.37 45.54 57.41
C GLY H 4817 25.97 44.23 56.96
N VAL H 4818 26.57 43.48 57.89
CA VAL H 4818 27.28 42.27 57.53
C VAL H 4818 26.30 41.22 57.08
N LYS H 4819 26.59 40.60 55.93
CA LYS H 4819 25.66 39.62 55.36
C LYS H 4819 25.65 38.34 56.18
N THR H 4820 26.83 37.85 56.60
CA THR H 4820 26.89 36.63 57.37
C THR H 4820 26.09 36.77 58.66
N LEU H 4821 26.26 37.89 59.36
CA LEU H 4821 25.51 38.12 60.57
C LEU H 4821 24.02 38.23 60.28
N ARG H 4822 23.66 38.83 59.14
CA ARG H 4822 22.25 38.91 58.78
C ARG H 4822 21.67 37.52 58.62
N THR H 4823 22.39 36.61 57.98
CA THR H 4823 21.90 35.24 57.84
C THR H 4823 21.80 34.54 59.19
N ILE H 4824 22.83 34.69 60.02
CA ILE H 4824 22.81 34.04 61.34
C ILE H 4824 21.62 34.53 62.15
N LEU H 4825 21.30 35.81 62.06
CA LEU H 4825 20.18 36.36 62.81
C LEU H 4825 18.85 35.99 62.16
N SER H 4826 18.81 35.85 60.84
CA SER H 4826 17.62 35.34 60.19
C SER H 4826 17.31 33.93 60.65
N SER H 4827 18.34 33.17 61.01
CA SER H 4827 18.11 31.86 61.60
C SER H 4827 17.29 31.99 62.89
N VAL H 4828 17.62 32.97 63.73
CA VAL H 4828 16.88 33.16 64.96
C VAL H 4828 15.48 33.70 64.69
N THR H 4829 15.34 34.65 63.78
CA THR H 4829 14.05 35.29 63.54
C THR H 4829 13.13 34.47 62.66
N HIS H 4830 13.61 33.38 62.08
CA HIS H 4830 12.76 32.55 61.22
C HIS H 4830 11.58 32.00 62.01
N ASN H 4831 11.83 31.56 63.24
CA ASN H 4831 10.79 31.08 64.15
C ASN H 4831 10.60 32.04 65.32
N GLY H 4832 10.65 33.35 65.06
CA GLY H 4832 10.54 34.31 66.14
C GLY H 4832 9.21 34.24 66.85
N LYS H 4833 8.14 34.07 66.09
CA LYS H 4833 6.81 33.96 66.70
C LYS H 4833 6.75 32.75 67.63
N GLN H 4834 7.28 31.62 67.17
CA GLN H 4834 7.29 30.43 68.02
C GLN H 4834 8.15 30.64 69.26
N LEU H 4835 9.28 31.33 69.12
CA LEU H 4835 10.11 31.60 70.29
C LEU H 4835 9.37 32.45 71.31
N VAL H 4836 8.69 33.49 70.83
CA VAL H 4836 7.95 34.36 71.74
C VAL H 4836 6.83 33.59 72.43
N MET H 4837 6.11 32.76 71.67
CA MET H 4837 5.04 31.97 72.28
C MET H 4837 5.59 30.97 73.28
N THR H 4838 6.79 30.43 73.02
CA THR H 4838 7.41 29.52 73.97
C THR H 4838 7.77 30.24 75.26
N VAL H 4839 8.27 31.47 75.15
CA VAL H 4839 8.55 32.25 76.36
C VAL H 4839 7.25 32.51 77.13
N GLY H 4840 6.17 32.80 76.42
CA GLY H 4840 4.89 32.98 77.09
C GLY H 4840 4.44 31.71 77.82
N LEU H 4841 4.61 30.57 77.16
CA LEU H 4841 4.27 29.29 77.80
C LEU H 4841 5.11 29.07 79.05
N LEU H 4842 6.39 29.41 78.97
CA LEU H 4842 7.25 29.31 80.16
C LEU H 4842 6.73 30.19 81.28
N ALA H 4843 6.30 31.41 80.94
CA ALA H 4843 5.75 32.29 81.96
C ALA H 4843 4.51 31.68 82.60
N VAL H 4844 3.63 31.09 81.80
CA VAL H 4844 2.42 30.50 82.36
C VAL H 4844 2.75 29.32 83.25
N VAL H 4845 3.68 28.46 82.83
CA VAL H 4845 4.04 27.30 83.64
C VAL H 4845 4.66 27.74 84.96
N VAL H 4846 5.53 28.75 84.92
CA VAL H 4846 6.13 29.24 86.14
C VAL H 4846 5.07 29.86 87.04
N TYR H 4847 4.05 30.49 86.44
CA TYR H 4847 2.95 31.01 87.24
C TYR H 4847 2.21 29.89 87.97
N LEU H 4848 1.98 28.77 87.29
CA LEU H 4848 1.32 27.65 87.94
C LEU H 4848 2.17 27.13 89.10
N TYR H 4849 3.47 26.99 88.88
CA TYR H 4849 4.35 26.58 89.97
C TYR H 4849 4.32 27.57 91.12
N THR H 4850 4.25 28.87 90.79
CA THR H 4850 4.15 29.89 91.83
C THR H 4850 2.87 29.72 92.64
N VAL H 4851 1.76 29.43 91.96
CA VAL H 4851 0.50 29.22 92.67
C VAL H 4851 0.65 28.07 93.66
N VAL H 4852 1.21 26.95 93.19
CA VAL H 4852 1.35 25.80 94.08
C VAL H 4852 2.25 26.15 95.27
N ALA H 4853 3.38 26.80 95.00
CA ALA H 4853 4.31 27.13 96.08
C ALA H 4853 3.68 28.08 97.08
N PHE H 4854 2.96 29.09 96.59
CA PHE H 4854 2.30 30.04 97.48
C PHE H 4854 1.27 29.35 98.34
N ASN H 4855 0.53 28.40 97.79
CA ASN H 4855 -0.51 27.75 98.57
C ASN H 4855 0.05 26.75 99.58
N PHE H 4856 1.11 26.01 99.24
CA PHE H 4856 1.58 24.91 100.09
C PHE H 4856 2.97 25.16 100.65
N PHE H 4857 3.97 25.43 99.80
CA PHE H 4857 5.35 25.57 100.26
C PHE H 4857 5.70 27.05 100.43
N ARG H 4858 5.34 27.61 101.58
CA ARG H 4858 5.79 28.95 101.93
C ARG H 4858 6.89 28.95 102.98
N LYS H 4859 6.93 27.97 103.88
CA LYS H 4859 7.93 27.97 104.94
C LYS H 4859 9.35 27.86 104.37
N PHE H 4860 9.50 27.39 103.15
CA PHE H 4860 10.80 27.12 102.56
C PHE H 4860 11.37 28.31 101.78
N TYR H 4861 10.61 29.39 101.64
CA TYR H 4861 11.03 30.52 100.82
C TYR H 4861 11.59 31.66 101.66
N ASN H 4862 12.26 31.34 102.76
CA ASN H 4862 12.91 32.34 103.60
C ASN H 4862 14.35 32.49 103.13
N LYS H 4863 14.64 33.59 102.42
CA LYS H 4863 15.97 33.85 101.88
C LYS H 4863 16.80 34.75 102.78
N SER H 4864 16.60 34.65 104.09
CA SER H 4864 17.34 35.46 105.05
C SER H 4864 18.10 34.55 105.99
N GLU H 4865 19.32 34.97 106.33
CA GLU H 4865 20.16 34.26 107.29
C GLU H 4865 19.97 34.75 108.72
N ASP H 4866 19.57 36.01 108.89
CA ASP H 4866 19.33 36.57 110.22
C ASP H 4866 17.96 36.12 110.71
N GLU H 4867 17.94 35.27 111.74
CA GLU H 4867 16.68 34.76 112.26
C GLU H 4867 15.80 35.88 112.79
N ASP H 4868 16.39 36.99 113.22
CA ASP H 4868 15.60 38.09 113.76
C ASP H 4868 14.85 38.82 112.65
N GLU H 4869 15.37 38.77 111.41
CA GLU H 4869 14.81 39.51 110.28
C GLU H 4869 14.55 38.55 109.13
N PRO H 4870 13.41 37.85 109.12
CA PRO H 4870 13.12 36.96 108.00
C PRO H 4870 12.86 37.74 106.72
N ASP H 4871 13.15 37.09 105.59
CA ASP H 4871 12.87 37.64 104.26
C ASP H 4871 12.10 36.58 103.46
N MET H 4872 10.79 36.58 103.60
CA MET H 4872 9.97 35.60 102.90
C MET H 4872 9.68 36.08 101.48
N LYS H 4873 10.11 35.29 100.50
CA LYS H 4873 9.93 35.64 99.10
C LYS H 4873 8.65 35.08 98.52
N CYS H 4874 7.83 34.41 99.31
CA CYS H 4874 6.57 33.85 98.82
C CYS H 4874 5.43 34.09 99.79
N ASP H 4875 5.43 35.25 100.45
CA ASP H 4875 4.29 35.64 101.28
C ASP H 4875 3.27 36.46 100.52
N ASP H 4876 3.55 36.82 99.27
CA ASP H 4876 2.56 37.40 98.38
C ASP H 4876 2.80 36.87 96.98
N MET H 4877 1.74 36.80 96.19
CA MET H 4877 1.83 36.15 94.89
C MET H 4877 2.75 36.90 93.94
N MET H 4878 2.71 38.23 93.94
CA MET H 4878 3.57 38.98 93.05
C MET H 4878 5.05 38.72 93.37
N THR H 4879 5.39 38.80 94.66
CA THR H 4879 6.78 38.55 95.05
C THR H 4879 7.19 37.12 94.73
N CYS H 4880 6.31 36.16 94.98
CA CYS H 4880 6.66 34.77 94.72
C CYS H 4880 6.85 34.51 93.24
N TYR H 4881 5.98 35.09 92.40
CA TYR H 4881 6.12 34.92 90.96
C TYR H 4881 7.40 35.57 90.45
N LEU H 4882 7.72 36.77 90.95
CA LEU H 4882 8.98 37.40 90.57
C LEU H 4882 10.15 36.55 90.98
N PHE H 4883 10.14 36.03 92.22
CA PHE H 4883 11.21 35.17 92.66
C PHE H 4883 11.37 33.97 91.74
N HIS H 4884 10.27 33.28 91.45
CA HIS H 4884 10.37 32.13 90.57
C HIS H 4884 10.94 32.51 89.21
N MET H 4885 10.25 33.40 88.49
CA MET H 4885 10.68 33.74 87.13
C MET H 4885 12.11 34.27 87.08
N TYR H 4886 12.58 34.94 88.13
CA TYR H 4886 13.88 35.59 88.09
C TYR H 4886 15.00 34.67 88.56
N VAL H 4887 14.70 33.75 89.46
CA VAL H 4887 15.75 32.96 90.11
C VAL H 4887 15.68 31.50 89.72
N GLY H 4888 14.50 30.89 89.76
CA GLY H 4888 14.41 29.47 89.44
C GLY H 4888 14.74 29.18 87.99
N VAL H 4889 14.25 30.03 87.09
CA VAL H 4889 14.52 29.82 85.67
C VAL H 4889 16.01 29.92 85.38
N ARG H 4890 16.68 30.91 85.98
CA ARG H 4890 18.11 31.08 85.76
C ARG H 4890 18.96 30.08 86.52
N ALA H 4891 18.40 29.44 87.55
CA ALA H 4891 19.17 28.45 88.30
C ALA H 4891 19.44 27.23 87.45
N GLY H 4892 20.59 26.59 87.69
CA GLY H 4892 20.96 25.42 86.92
C GLY H 4892 20.04 24.24 87.13
N GLY H 4893 19.65 23.97 88.37
CA GLY H 4893 18.75 22.88 88.70
C GLY H 4893 17.35 23.30 89.09
N GLY H 4894 16.91 24.50 88.73
CA GLY H 4894 15.57 24.94 89.05
C GLY H 4894 15.49 25.64 90.38
N ILE H 4895 14.25 25.75 90.87
CA ILE H 4895 13.98 26.47 92.10
C ILE H 4895 14.60 25.77 93.29
N GLY H 4896 14.66 24.44 93.25
CA GLY H 4896 15.19 23.68 94.37
C GLY H 4896 16.62 24.03 94.72
N ASP H 4897 17.40 24.52 93.77
CA ASP H 4897 18.76 24.97 94.06
C ASP H 4897 18.79 26.15 95.02
N GLU H 4898 17.76 26.96 95.05
CA GLU H 4898 17.78 28.22 95.78
C GLU H 4898 16.89 28.25 96.99
N ILE H 4899 15.70 27.64 96.92
CA ILE H 4899 14.84 27.58 98.10
C ILE H 4899 15.27 26.43 99.01
N GLU H 4900 14.67 26.37 100.20
CA GLU H 4900 15.24 25.62 101.32
C GLU H 4900 15.26 24.11 101.06
N ASP H 4901 16.04 23.42 101.89
CA ASP H 4901 16.17 21.97 101.78
C ASP H 4901 14.92 21.28 102.30
N PRO H 4902 14.39 20.28 101.59
CA PRO H 4902 13.16 19.62 102.03
C PRO H 4902 13.37 18.48 103.03
N ALA H 4903 14.61 18.09 103.30
CA ALA H 4903 14.85 16.89 104.10
C ALA H 4903 14.26 17.05 105.50
N GLY H 4904 13.75 15.95 106.03
CA GLY H 4904 13.21 15.93 107.38
C GLY H 4904 11.98 16.79 107.55
N ASP H 4905 11.06 16.76 106.59
CA ASP H 4905 9.84 17.54 106.64
C ASP H 4905 8.67 16.67 106.21
N GLU H 4906 7.48 17.02 106.69
CA GLU H 4906 6.30 16.22 106.38
C GLU H 4906 5.97 16.27 104.89
N TYR H 4907 6.39 17.34 104.20
CA TYR H 4907 6.10 17.52 102.78
C TYR H 4907 7.30 17.20 101.90
N GLU H 4908 8.21 16.35 102.38
CA GLU H 4908 9.46 16.14 101.67
C GLU H 4908 9.22 15.53 100.30
N LEU H 4909 8.36 14.52 100.20
CA LEU H 4909 8.17 13.87 98.91
C LEU H 4909 7.38 14.75 97.95
N TYR H 4910 6.35 15.43 98.46
CA TYR H 4910 5.63 16.38 97.61
C TYR H 4910 6.59 17.43 97.06
N ARG H 4911 7.51 17.89 97.90
CA ARG H 4911 8.48 18.89 97.49
C ARG H 4911 9.53 18.36 96.52
N VAL H 4912 10.01 17.13 96.70
CA VAL H 4912 10.99 16.63 95.74
C VAL H 4912 10.32 16.44 94.39
N VAL H 4913 9.06 16.00 94.38
CA VAL H 4913 8.33 15.93 93.12
C VAL H 4913 8.19 17.31 92.51
N PHE H 4914 7.84 18.30 93.34
CA PHE H 4914 7.74 19.68 92.86
C PHE H 4914 9.03 20.13 92.18
N ASP H 4915 10.17 19.96 92.85
CA ASP H 4915 11.44 20.41 92.31
C ASP H 4915 11.85 19.65 91.06
N ILE H 4916 11.70 18.33 91.06
CA ILE H 4916 12.08 17.55 89.89
C ILE H 4916 11.23 17.93 88.69
N THR H 4917 9.92 18.08 88.89
CA THR H 4917 9.06 18.47 87.78
C THR H 4917 9.42 19.85 87.27
N PHE H 4918 9.69 20.79 88.18
CA PHE H 4918 10.14 22.11 87.74
C PHE H 4918 11.39 21.99 86.87
N PHE H 4919 12.37 21.23 87.34
CA PHE H 4919 13.62 21.10 86.60
C PHE H 4919 13.39 20.49 85.22
N PHE H 4920 12.57 19.45 85.14
CA PHE H 4920 12.38 18.76 83.87
C PHE H 4920 11.57 19.59 82.90
N PHE H 4921 10.45 20.16 83.35
CA PHE H 4921 9.58 20.88 82.43
C PHE H 4921 10.18 22.22 82.02
N VAL H 4922 10.72 22.98 82.98
CA VAL H 4922 11.17 24.33 82.69
C VAL H 4922 12.61 24.31 82.19
N ILE H 4923 13.53 23.78 83.00
CA ILE H 4923 14.93 23.87 82.66
C ILE H 4923 15.28 22.98 81.48
N VAL H 4924 14.72 21.78 81.42
CA VAL H 4924 15.17 20.79 80.44
C VAL H 4924 14.38 20.89 79.15
N ILE H 4925 13.05 20.95 79.24
CA ILE H 4925 12.21 20.77 78.06
C ILE H 4925 11.98 22.09 77.34
N LEU H 4926 11.49 23.11 78.05
CA LEU H 4926 11.18 24.36 77.37
C LEU H 4926 12.43 24.98 76.75
N LEU H 4927 13.52 25.00 77.49
CA LEU H 4927 14.78 25.43 76.89
C LEU H 4927 15.19 24.52 75.74
N ALA H 4928 14.94 23.22 75.86
CA ALA H 4928 15.16 22.33 74.73
C ALA H 4928 14.29 22.73 73.55
N ILE H 4929 13.08 23.20 73.80
CA ILE H 4929 12.22 23.66 72.71
C ILE H 4929 12.83 24.88 72.03
N ILE H 4930 13.40 25.80 72.80
CA ILE H 4930 14.01 26.98 72.21
C ILE H 4930 15.20 26.60 71.33
N GLN H 4931 16.12 25.81 71.89
CA GLN H 4931 17.24 25.33 71.09
C GLN H 4931 16.76 24.59 69.84
N GLY H 4932 15.70 23.79 69.97
CA GLY H 4932 15.20 23.06 68.83
C GLY H 4932 14.62 23.97 67.76
N LEU H 4933 13.93 25.03 68.17
CA LEU H 4933 13.41 25.98 67.19
C LEU H 4933 14.55 26.60 66.41
N ILE H 4934 15.62 27.02 67.09
CA ILE H 4934 16.74 27.62 66.37
C ILE H 4934 17.41 26.60 65.45
N ILE H 4935 17.64 25.39 65.95
CA ILE H 4935 18.34 24.38 65.17
C ILE H 4935 17.52 23.99 63.96
N ASP H 4936 16.20 23.95 64.09
CA ASP H 4936 15.34 23.61 62.97
C ASP H 4936 15.25 24.76 61.97
N ALA H 4937 15.36 26.00 62.46
CA ALA H 4937 15.39 27.14 61.54
C ALA H 4937 16.61 27.04 60.62
N PHE H 4938 17.76 26.70 61.19
CA PHE H 4938 18.94 26.51 60.36
C PHE H 4938 18.69 25.53 59.23
N GLY H 4939 18.18 24.35 59.56
CA GLY H 4939 17.94 23.31 58.58
C GLY H 4939 16.90 23.69 57.57
N GLU H 4940 15.85 24.38 58.00
CA GLU H 4940 14.82 24.82 57.07
C GLU H 4940 15.37 25.78 56.04
N LEU H 4941 16.20 26.73 56.48
CA LEU H 4941 16.81 27.66 55.53
C LEU H 4941 17.72 26.92 54.54
N ARG H 4942 18.51 25.98 55.05
CA ARG H 4942 19.37 25.20 54.16
C ARG H 4942 18.54 24.42 53.14
N ASP H 4943 17.43 23.85 53.59
CA ASP H 4943 16.57 23.09 52.69
C ASP H 4943 15.96 23.98 51.62
N GLN H 4944 15.58 25.20 52.00
CA GLN H 4944 15.03 26.13 51.01
C GLN H 4944 16.08 26.44 49.95
N GLN H 4945 17.32 26.71 50.37
CA GLN H 4945 18.37 26.98 49.39
C GLN H 4945 18.59 25.79 48.47
N GLU H 4946 18.61 24.58 49.04
CA GLU H 4946 18.83 23.39 48.23
C GLU H 4946 17.69 23.19 47.24
N GLN H 4947 16.46 23.47 47.66
CA GLN H 4947 15.32 23.34 46.77
C GLN H 4947 15.43 24.31 45.61
N VAL H 4948 15.83 25.55 45.88
CA VAL H 4948 16.02 26.52 44.81
C VAL H 4948 17.04 26.00 43.81
N LYS H 4949 18.18 25.53 44.31
CA LYS H 4949 19.23 25.04 43.42
C LYS H 4949 18.74 23.86 42.59
N GLU H 4950 18.04 22.92 43.23
CA GLU H 4950 17.58 21.73 42.52
C GLU H 4950 16.59 22.10 41.43
N ASP H 4951 15.66 23.00 41.73
CA ASP H 4951 14.70 23.41 40.72
C ASP H 4951 15.41 24.06 39.54
N MET H 4952 16.30 25.02 39.82
CA MET H 4952 16.99 25.71 38.74
C MET H 4952 17.88 24.79 37.92
N GLU H 4953 18.35 23.68 38.49
CA GLU H 4953 19.18 22.75 37.73
C GLU H 4953 18.38 21.61 37.12
N THR H 4954 17.10 21.46 37.47
CA THR H 4954 16.32 20.35 36.94
C THR H 4954 15.32 20.79 35.87
N LYS H 4955 14.75 21.98 35.98
CA LYS H 4955 13.75 22.42 35.02
C LYS H 4955 14.01 23.85 34.61
N CYS H 4956 13.55 24.19 33.40
CA CYS H 4956 13.68 25.55 32.90
C CYS H 4956 12.70 26.46 33.63
N PHE H 4957 13.16 27.68 33.92
CA PHE H 4957 12.33 28.63 34.64
C PHE H 4957 11.14 29.08 33.81
N ILE H 4958 11.34 29.25 32.50
CA ILE H 4958 10.32 29.84 31.64
C ILE H 4958 9.28 28.82 31.23
N CYS H 4959 9.70 27.78 30.50
CA CYS H 4959 8.73 26.85 29.93
C CYS H 4959 8.37 25.74 30.93
N GLY H 4960 9.30 25.39 31.81
CA GLY H 4960 9.06 24.37 32.80
C GLY H 4960 9.41 22.96 32.37
N ILE H 4961 9.85 22.77 31.12
CA ILE H 4961 10.23 21.43 30.67
C ILE H 4961 11.43 20.94 31.45
N GLY H 4962 11.50 19.62 31.64
CA GLY H 4962 12.57 19.04 32.41
C GLY H 4962 13.90 19.08 31.69
N SER H 4963 14.96 18.84 32.45
CA SER H 4963 16.31 18.93 31.89
C SER H 4963 16.63 17.74 31.00
N ASP H 4964 16.01 16.59 31.24
CA ASP H 4964 16.35 15.38 30.49
C ASP H 4964 16.02 15.55 29.01
N TYR H 4965 14.84 16.08 28.72
CA TYR H 4965 14.44 16.24 27.33
C TYR H 4965 15.45 17.06 26.55
N PHE H 4966 15.88 18.18 27.12
CA PHE H 4966 16.90 18.99 26.48
C PHE H 4966 18.23 18.26 26.41
N ASP H 4967 18.59 17.54 27.47
CA ASP H 4967 19.87 16.84 27.52
C ASP H 4967 19.93 15.70 26.52
N THR H 4968 18.81 15.32 25.91
CA THR H 4968 18.86 14.42 24.77
C THR H 4968 19.96 14.82 23.79
N THR H 4969 20.25 16.12 23.71
CA THR H 4969 21.32 16.67 22.89
C THR H 4969 22.51 17.07 23.77
N PRO H 4970 23.76 16.97 23.28
CA PRO H 4970 24.90 17.33 24.14
C PRO H 4970 24.80 18.74 24.71
N HIS H 4971 24.81 18.84 26.04
CA HIS H 4971 24.69 20.13 26.71
C HIS H 4971 23.41 20.85 26.30
N GLY H 4972 22.38 20.05 26.01
CA GLY H 4972 21.14 20.63 25.54
C GLY H 4972 20.49 21.56 26.54
N PHE H 4973 20.44 21.13 27.81
CA PHE H 4973 19.85 21.98 28.84
C PHE H 4973 20.64 23.26 29.02
N GLU H 4974 21.97 23.17 29.01
CA GLU H 4974 22.79 24.36 29.16
C GLU H 4974 22.52 25.34 28.02
N THR H 4975 22.47 24.83 26.78
CA THR H 4975 22.19 25.70 25.65
C THR H 4975 20.80 26.29 25.76
N HIS H 4976 19.82 25.50 26.19
CA HIS H 4976 18.46 26.00 26.29
C HIS H 4976 18.35 27.12 27.31
N THR H 4977 19.00 26.97 28.46
CA THR H 4977 18.91 27.95 29.52
C THR H 4977 19.84 29.14 29.31
N LEU H 4978 20.82 29.04 28.40
CA LEU H 4978 21.72 30.14 28.13
C LEU H 4978 21.36 30.94 26.89
N GLU H 4979 20.74 30.31 25.89
CA GLU H 4979 20.45 31.00 24.63
C GLU H 4979 18.96 31.01 24.32
N GLU H 4980 18.30 29.87 24.45
CA GLU H 4980 16.91 29.76 23.99
C GLU H 4980 15.96 30.47 24.93
N HIS H 4981 15.88 30.01 26.18
CA HIS H 4981 14.99 30.59 27.20
C HIS H 4981 15.86 31.20 28.29
N ASN H 4982 16.25 32.45 28.09
CA ASN H 4982 17.16 33.13 29.00
C ASN H 4982 16.43 34.30 29.67
N LEU H 4983 16.43 34.32 31.01
CA LEU H 4983 15.74 35.37 31.74
C LEU H 4983 16.33 36.73 31.40
N ALA H 4984 17.64 36.82 31.28
CA ALA H 4984 18.27 38.08 30.91
C ALA H 4984 17.78 38.53 29.53
N ASN H 4985 17.68 37.60 28.59
CA ASN H 4985 17.21 37.96 27.26
C ASN H 4985 15.77 38.46 27.31
N TYR H 4986 14.92 37.81 28.10
CA TYR H 4986 13.54 38.27 28.20
C TYR H 4986 13.48 39.68 28.79
N MET H 4987 14.23 39.94 29.85
CA MET H 4987 14.22 41.28 30.43
C MET H 4987 14.74 42.30 29.43
N PHE H 4988 15.80 41.95 28.71
CA PHE H 4988 16.34 42.86 27.70
C PHE H 4988 15.30 43.12 26.62
N PHE H 4989 14.51 42.12 26.27
CA PHE H 4989 13.45 42.33 25.29
C PHE H 4989 12.40 43.30 25.81
N LEU H 4990 12.00 43.15 27.08
CA LEU H 4990 11.05 44.11 27.63
C LEU H 4990 11.62 45.52 27.60
N MET H 4991 12.89 45.68 27.97
CA MET H 4991 13.51 47.01 27.92
C MET H 4991 13.52 47.55 26.50
N TYR H 4992 13.93 46.73 25.53
CA TYR H 4992 14.02 47.17 24.14
C TYR H 4992 12.65 47.54 23.60
N LEU H 4993 11.63 46.76 23.96
CA LEU H 4993 10.29 47.02 23.48
C LEU H 4993 9.71 48.28 24.12
N ILE H 4994 10.02 48.52 25.38
CA ILE H 4994 9.55 49.74 26.03
C ILE H 4994 10.21 50.97 25.41
N ASN H 4995 11.51 50.89 25.13
CA ASN H 4995 12.20 52.05 24.58
C ASN H 4995 11.82 52.29 23.12
N LYS H 4996 11.64 51.24 22.34
CA LYS H 4996 11.32 51.41 20.93
C LYS H 4996 9.95 52.05 20.77
N ASP H 4997 9.80 52.85 19.71
CA ASP H 4997 8.53 53.52 19.46
C ASP H 4997 7.50 52.53 18.93
N GLU H 4998 6.25 52.71 19.35
CA GLU H 4998 5.17 51.85 18.85
C GLU H 4998 5.07 51.93 17.34
N THR H 4999 5.33 53.11 16.76
CA THR H 4999 5.30 53.22 15.31
C THR H 4999 6.38 52.37 14.66
N GLU H 5000 7.51 52.19 15.33
CA GLU H 5000 8.60 51.37 14.80
C GLU H 5000 8.48 49.90 15.19
N HIS H 5001 7.56 49.56 16.08
CA HIS H 5001 7.36 48.15 16.42
C HIS H 5001 7.05 47.34 15.17
N THR H 5002 7.63 46.15 15.10
CA THR H 5002 7.31 45.20 14.04
C THR H 5002 6.07 44.40 14.44
N GLY H 5003 5.65 43.48 13.56
CA GLY H 5003 4.44 42.73 13.83
C GLY H 5003 4.54 41.90 15.09
N GLN H 5004 5.63 41.15 15.24
CA GLN H 5004 5.82 40.37 16.45
C GLN H 5004 5.97 41.27 17.67
N GLU H 5005 6.74 42.34 17.54
CA GLU H 5005 6.89 43.28 18.64
C GLU H 5005 5.56 43.92 19.00
N SER H 5006 4.75 44.27 17.98
CA SER H 5006 3.45 44.86 18.26
C SER H 5006 2.55 43.88 18.99
N TYR H 5007 2.57 42.61 18.58
CA TYR H 5007 1.76 41.60 19.24
C TYR H 5007 2.15 41.46 20.71
N VAL H 5008 3.45 41.34 20.97
CA VAL H 5008 3.91 41.22 22.35
C VAL H 5008 3.59 42.48 23.13
N TRP H 5009 3.67 43.65 22.49
CA TRP H 5009 3.38 44.91 23.16
C TRP H 5009 1.92 44.97 23.57
N LYS H 5010 1.01 44.54 22.69
CA LYS H 5010 -0.40 44.53 23.04
C LYS H 5010 -0.65 43.60 24.20
N MET H 5011 -0.07 42.40 24.16
CA MET H 5011 -0.29 41.46 25.26
C MET H 5011 0.28 42.00 26.57
N TYR H 5012 1.45 42.65 26.51
CA TYR H 5012 2.04 43.23 27.72
C TYR H 5012 1.16 44.34 28.27
N GLN H 5013 0.65 45.21 27.39
CA GLN H 5013 -0.25 46.28 27.85
C GLN H 5013 -1.49 45.72 28.50
N GLU H 5014 -2.03 44.62 27.97
CA GLU H 5014 -3.21 43.99 28.54
C GLU H 5014 -2.88 43.05 29.68
N ARG H 5015 -1.60 42.89 30.03
CA ARG H 5015 -1.20 42.02 31.13
C ARG H 5015 -1.60 40.57 30.88
N CYS H 5016 -1.47 40.14 29.62
CA CYS H 5016 -1.69 38.76 29.24
C CYS H 5016 -0.34 38.09 29.00
N TRP H 5017 -0.01 37.12 29.84
CA TRP H 5017 1.30 36.48 29.81
C TRP H 5017 1.27 35.16 29.05
N ASP H 5018 0.39 35.08 28.04
CA ASP H 5018 0.32 33.89 27.21
C ASP H 5018 1.39 33.85 26.13
N PHE H 5019 2.09 34.97 25.89
CA PHE H 5019 3.18 34.93 24.91
C PHE H 5019 4.40 34.24 25.47
N PHE H 5020 4.51 34.13 26.79
CA PHE H 5020 5.57 33.35 27.38
C PHE H 5020 5.35 31.88 27.08
N PRO H 5021 6.32 31.19 26.49
CA PRO H 5021 6.12 29.75 26.26
C PRO H 5021 5.91 29.01 27.57
N ALA H 5022 5.02 28.03 27.54
CA ALA H 5022 4.68 27.26 28.74
C ALA H 5022 4.50 25.81 28.33
N GLY H 5023 5.38 24.95 28.82
CA GLY H 5023 5.34 23.56 28.41
C GLY H 5023 5.63 23.32 26.96
N ASP H 5024 6.23 24.29 26.27
CA ASP H 5024 6.52 24.17 24.85
C ASP H 5024 7.76 24.99 24.54
N CYS H 5025 8.40 24.66 23.42
CA CYS H 5025 9.62 25.35 23.02
C CYS H 5025 9.82 25.15 21.53
N PHE H 5026 10.82 25.84 20.99
CA PHE H 5026 11.14 25.73 19.58
C PHE H 5026 11.52 24.30 19.22
N ARG H 5027 12.33 23.65 20.05
CA ARG H 5027 12.76 22.30 19.76
C ARG H 5027 11.59 21.34 19.71
N LYS H 5028 10.69 21.41 20.68
CA LYS H 5028 9.51 20.54 20.65
C LYS H 5028 8.61 20.87 19.47
N GLN H 5029 8.45 22.15 19.16
CA GLN H 5029 7.58 22.55 18.06
C GLN H 5029 8.07 21.94 16.75
N TYR H 5030 9.37 22.08 16.46
CA TYR H 5030 9.95 21.59 15.21
C TYR H 5030 10.82 20.37 15.43
N GLU H 5031 10.42 19.46 16.33
CA GLU H 5031 11.24 18.31 16.66
C GLU H 5031 11.59 17.48 15.42
N ASP H 5032 10.58 17.08 14.66
CA ASP H 5032 10.82 16.14 13.57
C ASP H 5032 11.56 16.80 12.40
N GLN H 5033 11.22 18.04 12.07
CA GLN H 5033 11.98 18.72 11.03
C GLN H 5033 13.41 18.99 11.48
N LEU H 5034 13.58 19.42 12.72
CA LEU H 5034 14.94 19.71 13.21
C LEU H 5034 15.79 18.45 13.23
N SER H 5035 15.23 17.33 13.65
CA SER H 5035 15.97 16.07 13.72
C SER H 5035 16.49 15.68 12.34
#